data_8V3Y
#
_entry.id   8V3Y
#
_cell.length_a   1.00
_cell.length_b   1.00
_cell.length_c   1.00
_cell.angle_alpha   90.00
_cell.angle_beta   90.00
_cell.angle_gamma   90.00
#
_symmetry.space_group_name_H-M   'P 1'
#
_entity_poly.entity_id   1
_entity_poly.type   'polypeptide(L)'
_entity_poly.pdbx_seq_one_letter_code
;MAIGLPSINISFKELATTVKERSARGIIAMVLKDAKALGLNEIHEKEDIPVDLSAENKEYINLALMGNVNTPNKLLVYVI
EGEADIQTALDFLETKEFNYLCMPKAVEADKTAIKNWIIKLRDIDKVKVKAVLGKVVGNHEGIINFTTEDVLVGEKKYSV
DEFTSRVAGLIAGTPLSQSVTYTKLSDVVDIPKMTKVDAESRVNKGELILIKEAGAIRIARGVNSLTELTAEKGEMFQKI
KIVDTLDIIHSDIRKVIIDDYIGKVTNSYDNKCLLIVAIKSYLEELEKSALIESDSTVEIDFEAQKSYLKSKGVDLSYMT
LQEIKEANTGSKVFLKAKIKVLDAMEDIDLSIEI
;
_entity_poly.pdbx_strand_id   B,D,E,A,F,C,J,P,S,G,V,M,K,Q,T,H,W,N,L,R,U,I,X,O,Z,b,c,Y,d,a
#
# COMPACT_ATOMS: atom_id res chain seq x y z
N ALA A 2 4.81 35.75 -69.87
CA ALA A 2 3.77 36.28 -70.73
C ALA A 2 2.72 35.22 -71.03
N ILE A 3 1.47 35.66 -71.22
CA ILE A 3 0.41 34.72 -71.51
C ILE A 3 0.50 34.28 -72.96
N GLY A 4 0.62 32.97 -73.16
CA GLY A 4 0.70 32.40 -74.49
C GLY A 4 -0.41 31.39 -74.72
N LEU A 5 -0.26 30.65 -75.81
CA LEU A 5 -1.23 29.60 -76.11
C LEU A 5 -1.16 28.52 -75.03
N PRO A 6 -2.27 27.86 -74.75
CA PRO A 6 -2.26 26.80 -73.73
C PRO A 6 -1.26 25.70 -74.09
N SER A 7 -0.58 25.19 -73.06
CA SER A 7 0.48 24.22 -73.26
C SER A 7 0.07 22.89 -72.64
N ILE A 8 0.06 21.84 -73.47
CA ILE A 8 -0.12 20.47 -73.01
C ILE A 8 1.07 19.68 -73.55
N ASN A 9 1.90 19.17 -72.65
CA ASN A 9 3.09 18.45 -73.06
C ASN A 9 3.26 17.20 -72.21
N ILE A 10 3.52 16.09 -72.88
CA ILE A 10 3.83 14.82 -72.23
C ILE A 10 5.27 14.46 -72.58
N SER A 11 6.06 14.16 -71.56
CA SER A 11 7.48 13.90 -71.73
C SER A 11 7.79 12.46 -71.32
N PHE A 12 8.62 11.80 -72.11
CA PHE A 12 9.04 10.43 -71.83
C PHE A 12 10.55 10.41 -71.60
N LYS A 13 10.97 9.86 -70.47
CA LYS A 13 12.37 9.75 -70.10
C LYS A 13 12.67 8.32 -69.68
N GLU A 14 13.94 7.95 -69.74
CA GLU A 14 14.33 6.61 -69.29
C GLU A 14 15.00 6.69 -67.92
N LEU A 15 14.74 5.69 -67.09
CA LEU A 15 15.44 5.57 -65.81
C LEU A 15 16.89 5.21 -66.09
N ALA A 16 17.72 6.25 -66.16
CA ALA A 16 19.12 6.07 -66.50
C ALA A 16 19.87 5.46 -65.34
N THR A 17 19.63 4.17 -65.07
CA THR A 17 20.40 3.47 -64.03
C THR A 17 21.87 3.53 -64.37
N THR A 18 22.66 4.05 -63.43
CA THR A 18 24.04 4.41 -63.72
C THR A 18 24.97 3.76 -62.72
N VAL A 19 26.00 3.12 -63.26
CA VAL A 19 27.19 2.74 -62.50
C VAL A 19 28.34 3.54 -63.07
N LYS A 20 29.12 4.18 -62.20
CA LYS A 20 30.13 5.13 -62.66
C LYS A 20 31.19 4.42 -63.49
N GLU A 21 31.60 5.06 -64.57
CA GLU A 21 32.67 4.55 -65.41
C GLU A 21 34.01 4.92 -64.81
N ARG A 22 34.76 3.91 -64.38
CA ARG A 22 36.07 4.11 -63.78
C ARG A 22 37.16 3.89 -64.82
N SER A 23 38.39 4.20 -64.43
CA SER A 23 39.52 4.07 -65.34
C SER A 23 39.66 2.63 -65.82
N ALA A 24 39.91 2.47 -67.12
CA ALA A 24 40.02 1.14 -67.70
C ALA A 24 41.29 0.45 -67.21
N ARG A 25 41.17 -0.84 -66.92
CA ARG A 25 42.30 -1.66 -66.52
C ARG A 25 42.35 -2.91 -67.39
N GLY A 26 43.55 -3.36 -67.71
CA GLY A 26 43.75 -4.50 -68.57
C GLY A 26 44.20 -4.19 -69.97
N ILE A 27 44.60 -2.95 -70.25
CA ILE A 27 45.09 -2.57 -71.56
C ILE A 27 46.59 -2.76 -71.59
N ILE A 28 47.11 -3.16 -72.74
CA ILE A 28 48.54 -3.40 -72.91
C ILE A 28 49.04 -2.50 -74.03
N ALA A 29 50.12 -1.78 -73.76
CA ALA A 29 50.82 -1.01 -74.78
C ALA A 29 51.88 -1.90 -75.40
N MET A 30 51.78 -2.12 -76.70
CA MET A 30 52.72 -2.98 -77.43
C MET A 30 53.39 -2.16 -78.51
N VAL A 31 54.72 -2.22 -78.55
CA VAL A 31 55.50 -1.50 -79.53
C VAL A 31 56.38 -2.50 -80.27
N LEU A 32 56.52 -2.30 -81.59
CA LEU A 32 57.27 -3.20 -82.44
C LEU A 32 57.73 -2.45 -83.67
N LYS A 33 58.85 -2.90 -84.24
CA LYS A 33 59.45 -2.25 -85.40
C LYS A 33 59.22 -3.09 -86.65
N ASP A 34 58.74 -2.44 -87.71
CA ASP A 34 58.52 -3.08 -88.99
C ASP A 34 58.46 -2.02 -90.09
N ALA A 35 58.44 -2.49 -91.33
CA ALA A 35 58.28 -1.62 -92.48
C ALA A 35 56.86 -1.65 -93.06
N LYS A 36 55.93 -2.35 -92.42
CA LYS A 36 54.57 -2.47 -92.91
C LYS A 36 53.58 -2.09 -91.82
N ALA A 37 52.48 -1.46 -92.22
CA ALA A 37 51.39 -1.07 -91.32
C ALA A 37 51.93 -0.26 -90.13
N LEU A 38 52.69 0.78 -90.44
CA LEU A 38 53.33 1.57 -89.40
C LEU A 38 52.29 2.31 -88.57
N GLY A 39 52.67 2.62 -87.33
CA GLY A 39 51.76 3.28 -86.41
C GLY A 39 50.97 2.28 -85.59
N LEU A 40 50.01 2.81 -84.83
CA LEU A 40 49.14 1.97 -84.02
C LEU A 40 48.29 1.08 -84.92
N ASN A 41 47.91 -0.09 -84.39
CA ASN A 41 47.16 -1.06 -85.16
C ASN A 41 45.85 -1.49 -84.52
N GLU A 42 45.70 -1.28 -83.21
CA GLU A 42 44.41 -1.40 -82.52
C GLU A 42 43.82 -2.80 -82.67
N ILE A 43 44.54 -3.79 -82.13
CA ILE A 43 44.07 -5.19 -82.15
C ILE A 43 43.22 -5.36 -80.90
N HIS A 44 41.95 -4.96 -81.01
CA HIS A 44 41.03 -5.13 -79.90
C HIS A 44 40.57 -6.57 -79.77
N GLU A 45 40.57 -7.30 -80.87
CA GLU A 45 40.06 -8.66 -80.90
C GLU A 45 41.19 -9.64 -81.18
N LYS A 46 41.15 -10.80 -80.53
CA LYS A 46 42.17 -11.81 -80.71
C LYS A 46 42.29 -12.26 -82.16
N GLU A 47 41.17 -12.44 -82.84
CA GLU A 47 41.20 -13.08 -84.15
C GLU A 47 41.84 -12.18 -85.21
N ASP A 48 41.44 -10.92 -85.28
CA ASP A 48 41.84 -10.07 -86.40
C ASP A 48 43.29 -9.62 -86.20
N ILE A 49 44.09 -9.74 -87.25
CA ILE A 49 45.50 -9.35 -87.27
C ILE A 49 45.81 -8.75 -88.63
N PRO A 50 46.50 -7.62 -88.70
CA PRO A 50 46.96 -7.11 -89.99
C PRO A 50 47.89 -8.11 -90.66
N VAL A 51 47.76 -8.23 -91.98
CA VAL A 51 48.41 -9.34 -92.69
C VAL A 51 49.81 -8.97 -93.15
N ASP A 52 50.07 -7.70 -93.44
CA ASP A 52 51.37 -7.32 -93.97
C ASP A 52 52.49 -7.49 -92.95
N LEU A 53 52.15 -7.63 -91.68
CA LEU A 53 53.17 -7.86 -90.65
C LEU A 53 53.82 -9.22 -90.84
N SER A 54 55.06 -9.32 -90.37
CA SER A 54 55.83 -10.54 -90.51
C SER A 54 55.20 -11.67 -89.68
N ALA A 55 55.44 -12.90 -90.12
CA ALA A 55 54.90 -14.05 -89.39
C ALA A 55 55.47 -14.15 -87.98
N GLU A 56 56.78 -13.90 -87.84
CA GLU A 56 57.39 -13.95 -86.51
C GLU A 56 56.77 -12.93 -85.56
N ASN A 57 56.56 -11.71 -86.03
CA ASN A 57 55.87 -10.72 -85.22
C ASN A 57 54.44 -11.15 -84.93
N LYS A 58 53.81 -11.87 -85.86
CA LYS A 58 52.49 -12.43 -85.56
C LYS A 58 52.58 -13.44 -84.42
N GLU A 59 53.65 -14.24 -84.38
CA GLU A 59 53.86 -15.12 -83.24
C GLU A 59 54.00 -14.33 -81.95
N TYR A 60 54.73 -13.21 -82.00
CA TYR A 60 54.82 -12.37 -80.81
C TYR A 60 53.46 -11.89 -80.34
N ILE A 61 52.62 -11.45 -81.29
CA ILE A 61 51.25 -11.07 -80.92
C ILE A 61 50.53 -12.24 -80.29
N ASN A 62 50.66 -13.44 -80.86
CA ASN A 62 49.95 -14.59 -80.33
C ASN A 62 50.37 -14.90 -78.91
N LEU A 63 51.67 -14.86 -78.63
CA LEU A 63 52.11 -14.96 -77.23
C LEU A 63 51.49 -13.86 -76.38
N ALA A 64 51.35 -12.66 -76.93
CA ALA A 64 50.75 -11.58 -76.16
C ALA A 64 49.27 -11.80 -75.85
N LEU A 65 48.53 -12.51 -76.71
CA LEU A 65 47.08 -12.56 -76.55
C LEU A 65 46.65 -13.48 -75.41
N MET A 66 47.35 -14.59 -75.20
CA MET A 66 46.89 -15.59 -74.26
C MET A 66 46.86 -15.03 -72.84
N GLY A 67 45.65 -14.79 -72.34
CA GLY A 67 45.49 -14.23 -71.01
C GLY A 67 45.64 -15.27 -69.93
N ASN A 68 45.81 -14.80 -68.69
CA ASN A 68 46.00 -15.71 -67.57
C ASN A 68 44.69 -16.39 -67.18
N VAL A 69 43.73 -15.62 -66.70
CA VAL A 69 42.38 -16.10 -66.46
C VAL A 69 41.45 -15.76 -67.61
N ASN A 70 41.56 -14.55 -68.14
CA ASN A 70 40.75 -14.11 -69.27
C ASN A 70 41.63 -13.31 -70.22
N THR A 71 41.12 -13.09 -71.42
CA THR A 71 41.85 -12.36 -72.43
C THR A 71 42.07 -10.92 -71.96
N PRO A 72 43.19 -10.30 -72.32
CA PRO A 72 43.38 -8.87 -72.00
C PRO A 72 42.27 -8.03 -72.62
N ASN A 73 41.87 -6.99 -71.90
CA ASN A 73 40.72 -6.18 -72.32
C ASN A 73 40.95 -5.52 -73.66
N LYS A 74 42.15 -5.00 -73.89
CA LYS A 74 42.43 -4.29 -75.13
C LYS A 74 43.93 -4.31 -75.39
N LEU A 75 44.31 -4.61 -76.63
CA LEU A 75 45.70 -4.68 -77.03
C LEU A 75 45.98 -3.58 -78.05
N LEU A 76 46.98 -2.75 -77.76
CA LEU A 76 47.39 -1.67 -78.66
C LEU A 76 48.81 -1.93 -79.13
N VAL A 77 48.98 -2.17 -80.42
CA VAL A 77 50.29 -2.42 -81.01
C VAL A 77 50.62 -1.30 -81.97
N TYR A 78 51.73 -0.61 -81.73
CA TYR A 78 52.21 0.46 -82.58
C TYR A 78 53.45 -0.01 -83.33
N VAL A 79 53.40 0.10 -84.66
CA VAL A 79 54.52 -0.30 -85.51
C VAL A 79 55.35 0.94 -85.81
N ILE A 80 56.67 0.82 -85.61
CA ILE A 80 57.59 1.92 -85.79
C ILE A 80 58.57 1.56 -86.91
N GLU A 81 59.02 2.58 -87.62
CA GLU A 81 60.05 2.39 -88.63
C GLU A 81 61.39 2.11 -87.96
N GLY A 82 62.20 1.28 -88.60
CA GLY A 82 63.49 0.91 -88.03
C GLY A 82 64.38 2.13 -87.86
N GLU A 83 65.15 2.13 -86.78
CA GLU A 83 66.14 3.14 -86.43
C GLU A 83 65.53 4.53 -86.20
N ALA A 84 64.21 4.61 -86.05
CA ALA A 84 63.57 5.90 -85.76
C ALA A 84 63.71 6.31 -84.31
N ASP A 85 64.59 5.66 -83.54
CA ASP A 85 64.78 5.88 -82.12
C ASP A 85 63.48 5.57 -81.36
N ILE A 86 63.45 5.83 -80.06
CA ILE A 86 62.31 5.43 -79.25
C ILE A 86 61.38 6.60 -78.99
N GLN A 87 61.90 7.83 -78.98
CA GLN A 87 61.07 8.99 -78.65
C GLN A 87 59.89 9.15 -79.59
N THR A 88 60.10 8.84 -80.87
CA THR A 88 59.02 8.98 -81.86
C THR A 88 57.81 8.14 -81.46
N ALA A 89 58.05 6.90 -81.04
CA ALA A 89 56.96 6.11 -80.49
C ALA A 89 56.50 6.63 -79.14
N LEU A 90 57.44 7.13 -78.33
CA LEU A 90 57.13 7.46 -76.95
C LEU A 90 56.10 8.57 -76.86
N ASP A 91 56.21 9.59 -77.70
CA ASP A 91 55.21 10.65 -77.69
C ASP A 91 53.85 10.10 -78.08
N PHE A 92 53.82 9.23 -79.09
CA PHE A 92 52.57 8.60 -79.51
C PHE A 92 51.91 7.89 -78.34
N LEU A 93 52.71 7.13 -77.56
CA LEU A 93 52.13 6.44 -76.40
C LEU A 93 51.69 7.42 -75.32
N GLU A 94 52.46 8.50 -75.09
CA GLU A 94 52.01 9.48 -74.09
C GLU A 94 50.68 10.12 -74.50
N THR A 95 50.35 10.10 -75.80
CA THR A 95 49.08 10.66 -76.23
C THR A 95 47.90 9.90 -75.63
N LYS A 96 47.97 8.57 -75.60
CA LYS A 96 46.85 7.74 -75.14
C LYS A 96 47.17 7.04 -73.83
N GLU A 97 46.14 6.42 -73.25
CA GLU A 97 46.28 5.74 -71.98
C GLU A 97 46.54 4.25 -72.18
N PHE A 98 47.19 3.64 -71.19
CA PHE A 98 47.54 2.22 -71.21
C PHE A 98 47.99 1.81 -69.83
N ASN A 99 48.31 0.53 -69.68
CA ASN A 99 48.76 0.00 -68.40
C ASN A 99 50.15 -0.58 -68.44
N TYR A 100 50.46 -1.45 -69.41
CA TYR A 100 51.73 -2.16 -69.46
C TYR A 100 52.35 -2.01 -70.84
N LEU A 101 53.67 -1.87 -70.88
CA LEU A 101 54.42 -1.69 -72.12
C LEU A 101 55.50 -2.75 -72.22
N CYS A 102 55.81 -3.18 -73.46
CA CYS A 102 56.81 -4.22 -73.66
C CYS A 102 57.45 -4.08 -75.04
N MET A 103 58.70 -4.56 -75.12
CA MET A 103 59.60 -4.54 -76.29
C MET A 103 60.24 -5.92 -76.46
N PRO A 104 59.87 -6.68 -77.48
CA PRO A 104 60.60 -7.92 -77.76
C PRO A 104 62.02 -7.67 -78.25
N LYS A 105 62.17 -6.78 -79.22
CA LYS A 105 63.45 -6.47 -79.83
C LYS A 105 63.93 -5.11 -79.35
N ALA A 106 65.02 -5.09 -78.58
CA ALA A 106 65.58 -3.83 -78.11
C ALA A 106 67.01 -4.07 -77.65
N VAL A 107 67.87 -3.09 -77.95
CA VAL A 107 69.22 -3.07 -77.41
C VAL A 107 69.20 -2.40 -76.05
N GLU A 108 70.29 -2.55 -75.31
CA GLU A 108 70.34 -2.04 -73.94
C GLU A 108 70.12 -0.54 -73.87
N ALA A 109 70.52 0.18 -74.93
CA ALA A 109 70.26 1.62 -74.98
C ALA A 109 68.76 1.90 -74.99
N ASP A 110 68.01 1.11 -75.74
CA ASP A 110 66.55 1.26 -75.74
C ASP A 110 65.97 1.01 -74.36
N LYS A 111 66.46 -0.03 -73.66
CA LYS A 111 65.96 -0.30 -72.32
C LYS A 111 66.28 0.84 -71.37
N THR A 112 67.48 1.42 -71.48
CA THR A 112 67.82 2.56 -70.64
C THR A 112 66.90 3.74 -70.92
N ALA A 113 66.64 4.01 -72.20
CA ALA A 113 65.74 5.10 -72.57
C ALA A 113 64.34 4.86 -72.00
N ILE A 114 63.83 3.64 -72.12
CA ILE A 114 62.48 3.34 -71.65
C ILE A 114 62.40 3.47 -70.13
N LYS A 115 63.42 2.97 -69.43
CA LYS A 115 63.39 3.05 -67.97
C LYS A 115 63.45 4.50 -67.50
N ASN A 116 64.30 5.32 -68.14
CA ASN A 116 64.35 6.74 -67.79
C ASN A 116 63.02 7.41 -68.06
N TRP A 117 62.41 7.11 -69.20
CA TRP A 117 61.10 7.66 -69.55
C TRP A 117 60.07 7.29 -68.50
N ILE A 118 60.05 6.02 -68.08
CA ILE A 118 59.04 5.58 -67.12
C ILE A 118 59.23 6.26 -65.77
N ILE A 119 60.48 6.34 -65.31
CA ILE A 119 60.73 6.99 -64.02
C ILE A 119 60.32 8.45 -64.07
N LYS A 120 60.67 9.15 -65.16
CA LYS A 120 60.32 10.56 -65.23
C LYS A 120 58.81 10.75 -65.36
N LEU A 121 58.13 9.84 -66.04
CA LEU A 121 56.70 10.00 -66.26
C LEU A 121 55.88 9.67 -65.02
N ARG A 122 56.37 8.74 -64.19
CA ARG A 122 55.60 8.35 -63.01
C ARG A 122 55.66 9.41 -61.92
N ASP A 123 56.64 10.31 -61.98
CA ASP A 123 56.82 11.26 -60.89
C ASP A 123 56.63 12.71 -61.34
N ILE A 124 56.94 13.02 -62.60
CA ILE A 124 56.78 14.38 -63.08
C ILE A 124 55.35 14.61 -63.56
N ASP A 125 54.85 13.73 -64.42
CA ASP A 125 53.52 13.86 -65.00
C ASP A 125 52.43 13.23 -64.13
N LYS A 126 52.79 12.59 -63.03
CA LYS A 126 51.83 12.00 -62.10
C LYS A 126 50.92 11.00 -62.80
N VAL A 127 51.49 10.21 -63.71
CA VAL A 127 50.77 9.17 -64.42
C VAL A 127 51.39 7.83 -64.07
N LYS A 128 50.56 6.89 -63.63
CA LYS A 128 51.03 5.60 -63.13
C LYS A 128 50.97 4.58 -64.27
N VAL A 129 52.14 4.22 -64.79
CA VAL A 129 52.28 3.19 -65.80
C VAL A 129 53.45 2.29 -65.43
N LYS A 130 53.49 1.11 -66.04
CA LYS A 130 54.53 0.13 -65.79
C LYS A 130 54.93 -0.56 -67.09
N ALA A 131 56.12 -1.15 -67.09
CA ALA A 131 56.61 -1.86 -68.27
C ALA A 131 57.55 -2.97 -67.82
N VAL A 132 57.61 -4.03 -68.61
CA VAL A 132 58.46 -5.19 -68.35
C VAL A 132 59.64 -5.14 -69.29
N LEU A 133 60.84 -5.33 -68.75
CA LEU A 133 62.07 -5.22 -69.50
C LEU A 133 62.86 -6.52 -69.41
N GLY A 134 63.68 -6.77 -70.44
CA GLY A 134 64.39 -8.04 -70.51
C GLY A 134 65.40 -8.21 -69.40
N LYS A 135 66.28 -7.23 -69.21
CA LYS A 135 67.31 -7.33 -68.18
C LYS A 135 67.76 -5.93 -67.81
N VAL A 136 67.22 -5.40 -66.71
CA VAL A 136 67.62 -4.11 -66.17
C VAL A 136 67.71 -4.23 -64.67
N VAL A 137 68.47 -3.32 -64.06
CA VAL A 137 68.61 -3.28 -62.62
C VAL A 137 67.97 -1.99 -62.15
N GLY A 138 67.02 -1.48 -62.93
CA GLY A 138 66.31 -0.28 -62.52
C GLY A 138 65.61 -0.50 -61.19
N ASN A 139 65.76 0.49 -60.31
CA ASN A 139 65.38 0.32 -58.91
C ASN A 139 64.07 1.00 -58.58
N HIS A 140 63.14 1.03 -59.53
CA HIS A 140 61.88 1.75 -59.37
C HIS A 140 60.71 0.77 -59.40
N GLU A 141 59.55 1.24 -58.91
CA GLU A 141 58.37 0.41 -58.93
C GLU A 141 57.80 0.26 -60.33
N GLY A 142 58.22 1.10 -61.26
CA GLY A 142 57.61 1.12 -62.57
C GLY A 142 58.05 0.04 -63.53
N ILE A 143 59.05 -0.77 -63.17
CA ILE A 143 59.58 -1.78 -64.08
C ILE A 143 59.64 -3.11 -63.35
N ILE A 144 59.37 -4.19 -64.08
CA ILE A 144 59.45 -5.55 -63.57
C ILE A 144 60.51 -6.28 -64.38
N ASN A 145 61.50 -6.85 -63.69
CA ASN A 145 62.68 -7.42 -64.35
C ASN A 145 62.55 -8.94 -64.36
N PHE A 146 61.98 -9.47 -65.44
CA PHE A 146 61.92 -10.90 -65.66
C PHE A 146 63.20 -11.36 -66.33
N THR A 147 63.80 -12.43 -65.82
CA THR A 147 65.10 -12.86 -66.33
C THR A 147 65.16 -14.39 -66.32
N THR A 148 65.02 -15.00 -67.49
CA THR A 148 65.18 -16.43 -67.66
C THR A 148 65.64 -16.70 -69.08
N GLU A 149 66.66 -17.54 -69.23
CA GLU A 149 67.32 -17.75 -70.50
C GLU A 149 66.86 -19.05 -71.14
N ASP A 150 66.79 -19.04 -72.47
CA ASP A 150 66.52 -20.23 -73.27
C ASP A 150 65.16 -20.86 -72.90
N VAL A 151 64.11 -20.08 -73.08
CA VAL A 151 62.76 -20.55 -72.82
C VAL A 151 62.23 -21.24 -74.08
N LEU A 152 61.77 -22.49 -73.92
CA LEU A 152 61.31 -23.29 -75.05
C LEU A 152 59.79 -23.34 -75.04
N VAL A 153 59.18 -22.68 -76.02
CA VAL A 153 57.74 -22.70 -76.21
C VAL A 153 57.46 -23.18 -77.63
N GLY A 154 56.72 -24.29 -77.75
CA GLY A 154 56.38 -24.81 -79.05
C GLY A 154 57.58 -25.20 -79.88
N GLU A 155 58.53 -25.94 -79.28
CA GLU A 155 59.68 -26.47 -79.99
C GLU A 155 60.62 -25.35 -80.43
N LYS A 156 60.33 -24.12 -79.98
CA LYS A 156 61.10 -22.95 -80.38
C LYS A 156 61.77 -22.33 -79.17
N LYS A 157 63.06 -21.99 -79.33
CA LYS A 157 63.81 -21.28 -78.31
C LYS A 157 63.38 -19.82 -78.27
N TYR A 158 63.34 -19.26 -77.07
CA TYR A 158 63.01 -17.86 -76.86
C TYR A 158 63.96 -17.25 -75.85
N SER A 159 64.53 -16.10 -76.20
CA SER A 159 65.33 -15.35 -75.24
C SER A 159 64.40 -14.61 -74.29
N VAL A 160 65.00 -14.01 -73.26
CA VAL A 160 64.23 -13.32 -72.23
C VAL A 160 63.45 -12.15 -72.84
N ASP A 161 64.09 -11.38 -73.70
CA ASP A 161 63.46 -10.19 -74.26
C ASP A 161 62.22 -10.55 -75.07
N GLU A 162 62.31 -11.63 -75.86
CA GLU A 162 61.16 -12.07 -76.63
C GLU A 162 60.05 -12.59 -75.72
N PHE A 163 60.41 -13.26 -74.63
CA PHE A 163 59.42 -13.81 -73.73
C PHE A 163 58.75 -12.75 -72.86
N THR A 164 59.34 -11.55 -72.78
CA THR A 164 58.73 -10.48 -71.99
C THR A 164 57.31 -10.18 -72.45
N SER A 165 57.01 -10.38 -73.73
CA SER A 165 55.64 -10.19 -74.21
C SER A 165 54.69 -11.17 -73.54
N ARG A 166 55.08 -12.44 -73.47
CA ARG A 166 54.25 -13.43 -72.81
C ARG A 166 54.10 -13.11 -71.33
N VAL A 167 55.18 -12.65 -70.69
CA VAL A 167 55.09 -12.26 -69.28
C VAL A 167 54.10 -11.12 -69.09
N ALA A 168 54.17 -10.11 -69.96
CA ALA A 168 53.27 -8.97 -69.84
C ALA A 168 51.82 -9.38 -70.05
N GLY A 169 51.56 -10.23 -71.04
CA GLY A 169 50.20 -10.73 -71.23
C GLY A 169 49.71 -11.52 -70.05
N LEU A 170 50.59 -12.35 -69.46
CA LEU A 170 50.22 -13.11 -68.28
C LEU A 170 49.87 -12.19 -67.11
N ILE A 171 50.66 -11.13 -66.92
CA ILE A 171 50.39 -10.19 -65.83
C ILE A 171 49.04 -9.49 -66.07
N ALA A 172 48.81 -9.02 -67.29
CA ALA A 172 47.59 -8.25 -67.54
C ALA A 172 46.34 -9.12 -67.55
N GLY A 173 46.51 -10.42 -67.77
CA GLY A 173 45.35 -11.30 -67.79
C GLY A 173 44.65 -11.42 -66.45
N THR A 174 45.42 -11.46 -65.36
CA THR A 174 44.85 -11.75 -64.06
C THR A 174 43.96 -10.62 -63.57
N PRO A 175 42.91 -10.94 -62.81
CA PRO A 175 42.13 -9.90 -62.14
C PRO A 175 42.90 -9.26 -61.01
N LEU A 176 42.39 -8.17 -60.45
CA LEU A 176 43.07 -7.53 -59.33
C LEU A 176 42.87 -8.30 -58.02
N SER A 177 41.81 -9.10 -57.94
CA SER A 177 41.55 -9.83 -56.70
C SER A 177 42.65 -10.86 -56.43
N GLN A 178 43.12 -11.54 -57.46
CA GLN A 178 44.12 -12.58 -57.29
C GLN A 178 45.50 -12.04 -57.63
N SER A 179 46.51 -12.85 -57.34
CA SER A 179 47.90 -12.50 -57.57
C SER A 179 48.50 -13.39 -58.66
N VAL A 180 49.77 -13.12 -58.99
CA VAL A 180 50.45 -13.83 -60.07
C VAL A 180 51.24 -15.02 -59.56
N THR A 181 51.59 -15.05 -58.28
CA THR A 181 52.48 -16.08 -57.73
C THR A 181 51.92 -17.48 -57.98
N TYR A 182 52.80 -18.38 -58.40
CA TYR A 182 52.50 -19.81 -58.51
C TYR A 182 51.36 -20.05 -59.50
N THR A 183 51.60 -19.65 -60.75
CA THR A 183 50.63 -19.81 -61.81
C THR A 183 51.22 -20.67 -62.90
N LYS A 184 50.45 -21.66 -63.36
CA LYS A 184 50.93 -22.64 -64.31
C LYS A 184 51.05 -22.03 -65.71
N LEU A 185 52.11 -22.41 -66.41
CA LEU A 185 52.32 -22.04 -67.81
C LEU A 185 52.45 -23.33 -68.61
N SER A 186 51.32 -23.85 -69.09
CA SER A 186 51.33 -25.10 -69.85
C SER A 186 52.10 -24.98 -71.17
N ASP A 187 52.32 -23.78 -71.66
CA ASP A 187 53.01 -23.62 -72.94
C ASP A 187 54.48 -24.03 -72.84
N VAL A 188 55.18 -23.53 -71.82
CA VAL A 188 56.60 -23.81 -71.67
C VAL A 188 56.78 -25.25 -71.22
N VAL A 189 57.80 -25.92 -71.78
CA VAL A 189 57.97 -27.34 -71.52
C VAL A 189 59.31 -27.63 -70.82
N ASP A 190 60.25 -26.69 -70.86
CA ASP A 190 61.47 -26.90 -70.10
C ASP A 190 62.19 -25.58 -69.83
N ILE A 191 62.94 -25.56 -68.72
CA ILE A 191 63.86 -24.48 -68.39
C ILE A 191 65.19 -25.08 -67.98
N PRO A 192 66.29 -24.38 -68.29
CA PRO A 192 67.59 -24.81 -67.78
C PRO A 192 67.57 -25.02 -66.27
N LYS A 193 68.14 -26.13 -65.82
CA LYS A 193 68.05 -26.53 -64.43
C LYS A 193 68.84 -25.58 -63.53
N MET A 194 68.32 -25.36 -62.33
CA MET A 194 68.88 -24.38 -61.41
C MET A 194 68.28 -24.60 -60.02
N THR A 195 69.10 -24.43 -58.99
CA THR A 195 68.77 -24.89 -57.64
C THR A 195 67.88 -23.90 -56.91
N LYS A 196 67.40 -24.33 -55.74
CA LYS A 196 66.44 -23.55 -54.97
C LYS A 196 67.12 -22.37 -54.26
N VAL A 197 68.31 -22.59 -53.70
CA VAL A 197 69.00 -21.50 -53.02
C VAL A 197 69.37 -20.40 -54.02
N ASP A 198 69.68 -20.79 -55.26
CA ASP A 198 69.90 -19.80 -56.30
C ASP A 198 68.61 -19.00 -56.56
N ALA A 199 67.46 -19.67 -56.53
CA ALA A 199 66.20 -18.96 -56.69
C ALA A 199 65.97 -17.98 -55.56
N GLU A 200 66.28 -18.39 -54.32
CA GLU A 200 66.22 -17.47 -53.19
C GLU A 200 67.09 -16.24 -53.44
N SER A 201 68.31 -16.46 -53.91
CA SER A 201 69.23 -15.34 -54.14
C SER A 201 68.68 -14.40 -55.21
N ARG A 202 68.20 -14.95 -56.33
CA ARG A 202 67.69 -14.09 -57.41
C ARG A 202 66.43 -13.34 -56.98
N VAL A 203 65.52 -14.02 -56.29
CA VAL A 203 64.30 -13.35 -55.85
C VAL A 203 64.63 -12.23 -54.87
N ASN A 204 65.59 -12.48 -53.96
CA ASN A 204 65.97 -11.45 -53.01
C ASN A 204 66.62 -10.25 -53.70
N LYS A 205 67.02 -10.41 -54.97
CA LYS A 205 67.60 -9.30 -55.72
C LYS A 205 66.54 -8.44 -56.39
N GLY A 206 65.26 -8.75 -56.23
CA GLY A 206 64.21 -8.09 -56.97
C GLY A 206 63.99 -8.66 -58.36
N GLU A 207 64.80 -9.65 -58.76
CA GLU A 207 64.67 -10.28 -60.06
C GLU A 207 63.43 -11.18 -60.07
N LEU A 208 62.79 -11.27 -61.23
CA LEU A 208 61.65 -12.16 -61.41
C LEU A 208 62.13 -13.44 -62.11
N ILE A 209 61.79 -14.59 -61.55
CA ILE A 209 62.35 -15.86 -61.98
C ILE A 209 61.22 -16.86 -62.25
N LEU A 210 61.52 -17.81 -63.13
CA LEU A 210 60.61 -18.91 -63.44
C LEU A 210 61.13 -20.17 -62.78
N ILE A 211 60.24 -20.94 -62.15
CA ILE A 211 60.64 -22.07 -61.35
C ILE A 211 59.90 -23.32 -61.79
N LYS A 212 60.57 -24.46 -61.59
CA LYS A 212 60.00 -25.79 -61.80
C LYS A 212 59.70 -26.38 -60.43
N GLU A 213 58.41 -26.49 -60.11
CA GLU A 213 58.01 -26.98 -58.81
C GLU A 213 56.62 -27.58 -58.97
N ALA A 214 56.34 -28.60 -58.17
CA ALA A 214 55.15 -29.46 -58.32
C ALA A 214 55.19 -30.08 -59.72
N GLY A 215 54.01 -30.33 -60.29
CA GLY A 215 53.97 -31.01 -61.58
C GLY A 215 54.21 -30.12 -62.76
N ALA A 216 53.87 -28.84 -62.66
CA ALA A 216 53.88 -27.94 -63.80
C ALA A 216 54.96 -26.88 -63.64
N ILE A 217 54.95 -25.93 -64.57
CA ILE A 217 55.93 -24.86 -64.60
C ILE A 217 55.25 -23.56 -64.19
N ARG A 218 55.78 -22.91 -63.15
CA ARG A 218 55.05 -21.81 -62.52
C ARG A 218 55.96 -20.64 -62.23
N ILE A 219 55.35 -19.45 -62.13
CA ILE A 219 56.05 -18.26 -61.69
C ILE A 219 56.29 -18.34 -60.19
N ALA A 220 57.48 -17.92 -59.77
CA ALA A 220 57.90 -18.05 -58.38
C ALA A 220 57.85 -16.68 -57.71
N ARG A 221 56.70 -16.37 -57.09
CA ARG A 221 56.54 -15.18 -56.25
C ARG A 221 56.94 -13.92 -57.03
N GLY A 222 56.08 -13.57 -57.99
CA GLY A 222 56.23 -12.32 -58.70
C GLY A 222 56.33 -11.11 -57.79
N VAL A 223 57.48 -10.43 -57.84
CA VAL A 223 57.73 -9.25 -57.02
C VAL A 223 58.23 -8.12 -57.90
N ASN A 224 58.34 -6.94 -57.30
CA ASN A 224 58.77 -5.74 -58.00
C ASN A 224 60.28 -5.76 -58.22
N SER A 225 60.81 -4.64 -58.70
CA SER A 225 62.23 -4.55 -59.01
C SER A 225 63.03 -3.77 -57.97
N LEU A 226 62.37 -2.97 -57.14
CA LEU A 226 63.11 -2.15 -56.19
C LEU A 226 63.69 -3.02 -55.07
N THR A 227 64.88 -2.63 -54.60
CA THR A 227 65.60 -3.41 -53.59
C THR A 227 65.85 -2.68 -52.29
N GLU A 228 66.15 -1.38 -52.32
CA GLU A 228 66.40 -0.62 -51.10
C GLU A 228 65.08 -0.12 -50.53
N LEU A 229 64.95 -0.19 -49.21
CA LEU A 229 63.71 0.15 -48.53
C LEU A 229 63.95 1.39 -47.68
N THR A 230 63.46 2.53 -48.14
CA THR A 230 63.59 3.77 -47.40
C THR A 230 62.55 3.81 -46.28
N ALA A 231 62.65 4.85 -45.44
CA ALA A 231 61.61 5.06 -44.45
C ALA A 231 60.31 5.50 -45.11
N GLU A 232 60.41 6.00 -46.35
CA GLU A 232 59.22 6.39 -47.09
C GLU A 232 58.58 5.19 -47.77
N LYS A 233 59.35 4.47 -48.60
CA LYS A 233 58.84 3.33 -49.35
C LYS A 233 58.96 2.09 -48.49
N GLY A 234 57.82 1.59 -48.01
CA GLY A 234 57.81 0.43 -47.15
C GLY A 234 57.92 -0.87 -47.90
N GLU A 235 57.86 -1.97 -47.14
CA GLU A 235 58.05 -3.29 -47.72
C GLU A 235 56.95 -3.61 -48.72
N MET A 236 55.71 -3.25 -48.40
CA MET A 236 54.58 -3.62 -49.23
C MET A 236 54.70 -3.07 -50.65
N PHE A 237 55.49 -2.03 -50.87
CA PHE A 237 55.68 -1.49 -52.20
C PHE A 237 56.42 -2.45 -53.12
N GLN A 238 56.81 -3.62 -52.62
CA GLN A 238 57.55 -4.59 -53.40
C GLN A 238 56.65 -5.61 -54.09
N LYS A 239 55.36 -5.64 -53.75
CA LYS A 239 54.44 -6.61 -54.32
C LYS A 239 53.69 -6.01 -55.49
N ILE A 240 53.54 -6.79 -56.57
CA ILE A 240 52.91 -6.29 -57.77
C ILE A 240 51.44 -5.95 -57.51
N LYS A 241 50.74 -6.82 -56.78
CA LYS A 241 49.31 -6.61 -56.56
C LYS A 241 49.04 -5.31 -55.81
N ILE A 242 49.83 -5.03 -54.79
CA ILE A 242 49.59 -3.84 -53.97
C ILE A 242 49.87 -2.58 -54.77
N VAL A 243 50.98 -2.54 -55.50
CA VAL A 243 51.28 -1.34 -56.27
C VAL A 243 50.25 -1.15 -57.38
N ASP A 244 49.73 -2.25 -57.92
CA ASP A 244 48.73 -2.14 -58.97
C ASP A 244 47.42 -1.58 -58.44
N THR A 245 46.95 -2.08 -57.30
CA THR A 245 45.72 -1.52 -56.74
C THR A 245 45.91 -0.08 -56.29
N LEU A 246 47.11 0.28 -55.85
CA LEU A 246 47.38 1.68 -55.53
C LEU A 246 47.29 2.55 -56.78
N ASP A 247 47.84 2.07 -57.89
CA ASP A 247 47.74 2.83 -59.14
C ASP A 247 46.29 3.01 -59.57
N ILE A 248 45.48 1.96 -59.44
CA ILE A 248 44.08 2.07 -59.80
C ILE A 248 43.37 3.09 -58.91
N ILE A 249 43.65 3.05 -57.61
CA ILE A 249 43.04 4.01 -56.69
C ILE A 249 43.41 5.43 -57.09
N HIS A 250 44.69 5.66 -57.37
CA HIS A 250 45.15 6.99 -57.74
C HIS A 250 44.44 7.48 -58.99
N SER A 251 44.36 6.63 -60.02
CA SER A 251 43.76 7.06 -61.27
C SER A 251 42.29 7.40 -61.08
N ASP A 252 41.55 6.54 -60.35
CA ASP A 252 40.13 6.79 -60.16
C ASP A 252 39.89 8.09 -59.39
N ILE A 253 40.64 8.28 -58.30
CA ILE A 253 40.44 9.48 -57.48
C ILE A 253 40.75 10.72 -58.29
N ARG A 254 41.86 10.71 -59.03
CA ARG A 254 42.22 11.88 -59.81
C ARG A 254 41.18 12.16 -60.87
N LYS A 255 40.67 11.14 -61.55
CA LYS A 255 39.69 11.36 -62.61
C LYS A 255 38.41 11.96 -62.04
N VAL A 256 37.93 11.44 -60.91
CA VAL A 256 36.73 12.01 -60.30
C VAL A 256 36.96 13.47 -59.94
N ILE A 257 38.09 13.75 -59.28
CA ILE A 257 38.36 15.09 -58.79
C ILE A 257 38.41 16.09 -59.95
N ILE A 258 39.17 15.75 -61.00
CA ILE A 258 39.30 16.70 -62.10
C ILE A 258 37.98 16.83 -62.85
N ASP A 259 37.21 15.75 -62.97
CA ASP A 259 36.03 15.80 -63.81
C ASP A 259 34.89 16.56 -63.16
N ASP A 260 34.79 16.57 -61.83
CA ASP A 260 33.60 17.17 -61.23
C ASP A 260 33.94 18.36 -60.33
N TYR A 261 34.88 18.22 -59.39
CA TYR A 261 35.04 19.21 -58.34
C TYR A 261 36.07 20.29 -58.67
N ILE A 262 36.55 20.38 -59.90
CA ILE A 262 37.58 21.35 -60.25
C ILE A 262 36.92 22.55 -60.93
N GLY A 263 36.98 23.70 -60.27
CA GLY A 263 36.50 24.94 -60.84
C GLY A 263 35.00 25.03 -60.97
N LYS A 264 34.26 24.20 -60.24
CA LYS A 264 32.81 24.20 -60.33
C LYS A 264 32.09 24.32 -58.99
N VAL A 265 32.78 24.14 -57.87
CA VAL A 265 32.16 24.24 -56.56
C VAL A 265 32.98 25.20 -55.71
N THR A 266 32.29 25.98 -54.88
CA THR A 266 32.96 26.96 -54.03
C THR A 266 33.71 26.27 -52.89
N ASN A 267 34.88 26.81 -52.57
CA ASN A 267 35.70 26.28 -51.48
C ASN A 267 35.12 26.74 -50.15
N SER A 268 34.23 25.93 -49.57
CA SER A 268 33.67 26.20 -48.26
C SER A 268 33.65 24.90 -47.49
N TYR A 269 33.46 25.01 -46.17
CA TYR A 269 33.56 23.84 -45.32
C TYR A 269 32.54 22.78 -45.72
N ASP A 270 31.31 23.20 -46.02
CA ASP A 270 30.28 22.25 -46.40
C ASP A 270 30.63 21.53 -47.70
N ASN A 271 31.22 22.25 -48.65
CA ASN A 271 31.68 21.60 -49.88
C ASN A 271 32.80 20.62 -49.58
N LYS A 272 33.68 20.95 -48.62
CA LYS A 272 34.71 20.00 -48.21
C LYS A 272 34.09 18.75 -47.62
N CYS A 273 33.04 18.90 -46.81
CA CYS A 273 32.36 17.73 -46.25
C CYS A 273 31.74 16.88 -47.34
N LEU A 274 31.13 17.52 -48.35
CA LEU A 274 30.55 16.77 -49.45
C LEU A 274 31.62 16.01 -50.23
N LEU A 275 32.77 16.65 -50.47
CA LEU A 275 33.86 15.96 -51.15
C LEU A 275 34.37 14.78 -50.33
N ILE A 276 34.48 14.95 -49.02
CA ILE A 276 34.93 13.86 -48.15
C ILE A 276 33.93 12.72 -48.21
N VAL A 277 32.64 13.03 -48.20
CA VAL A 277 31.63 11.98 -48.27
C VAL A 277 31.72 11.23 -49.58
N ALA A 278 31.93 11.95 -50.69
CA ALA A 278 32.07 11.28 -51.99
C ALA A 278 33.29 10.37 -52.01
N ILE A 279 34.41 10.84 -51.46
CA ILE A 279 35.63 10.04 -51.43
C ILE A 279 35.40 8.78 -50.60
N LYS A 280 34.78 8.93 -49.44
CA LYS A 280 34.52 7.78 -48.57
C LYS A 280 33.57 6.81 -49.25
N SER A 281 32.59 7.31 -49.99
CA SER A 281 31.69 6.44 -50.73
C SER A 281 32.44 5.62 -51.76
N TYR A 282 33.36 6.27 -52.49
CA TYR A 282 34.15 5.51 -53.46
C TYR A 282 35.02 4.46 -52.77
N LEU A 283 35.62 4.81 -51.64
CA LEU A 283 36.46 3.85 -50.93
C LEU A 283 35.64 2.66 -50.43
N GLU A 284 34.44 2.92 -49.92
CA GLU A 284 33.58 1.83 -49.47
C GLU A 284 33.16 0.95 -50.65
N GLU A 285 32.85 1.57 -51.79
CA GLU A 285 32.54 0.80 -52.98
C GLU A 285 33.69 -0.10 -53.37
N LEU A 286 34.91 0.41 -53.32
CA LEU A 286 36.07 -0.43 -53.60
C LEU A 286 36.22 -1.54 -52.57
N GLU A 287 35.93 -1.23 -51.30
CA GLU A 287 36.01 -2.25 -50.26
C GLU A 287 35.05 -3.39 -50.52
N LYS A 288 33.88 -3.09 -51.10
CA LYS A 288 32.93 -4.16 -51.41
C LYS A 288 33.54 -5.22 -52.32
N SER A 289 34.45 -4.83 -53.21
CA SER A 289 35.09 -5.81 -54.09
C SER A 289 36.24 -6.53 -53.43
N ALA A 290 36.45 -6.34 -52.13
CA ALA A 290 37.48 -7.00 -51.34
C ALA A 290 38.89 -6.69 -51.83
N LEU A 291 39.20 -5.41 -52.09
CA LEU A 291 40.56 -5.03 -52.42
C LEU A 291 41.26 -4.36 -51.24
N ILE A 292 40.49 -3.74 -50.35
CA ILE A 292 41.05 -3.13 -49.15
C ILE A 292 40.24 -3.60 -47.94
N GLU A 293 40.68 -3.23 -46.74
CA GLU A 293 39.96 -3.63 -45.54
C GLU A 293 38.63 -2.88 -45.43
N SER A 294 37.77 -3.39 -44.55
CA SER A 294 36.42 -2.87 -44.46
C SER A 294 36.40 -1.43 -43.95
N ASP A 295 37.11 -1.16 -42.87
CA ASP A 295 37.04 0.13 -42.21
C ASP A 295 38.18 1.03 -42.69
N SER A 296 37.82 2.19 -43.22
CA SER A 296 38.77 3.21 -43.64
C SER A 296 38.22 4.56 -43.24
N THR A 297 39.10 5.55 -43.07
CA THR A 297 38.70 6.87 -42.63
C THR A 297 39.31 7.93 -43.53
N VAL A 298 38.56 9.00 -43.77
CA VAL A 298 39.03 10.16 -44.51
C VAL A 298 38.68 11.41 -43.70
N GLU A 299 39.64 12.29 -43.53
CA GLU A 299 39.44 13.48 -42.72
C GLU A 299 40.28 14.62 -43.28
N ILE A 300 39.80 15.84 -43.09
CA ILE A 300 40.53 17.01 -43.54
C ILE A 300 41.85 17.10 -42.81
N ASP A 301 42.93 17.30 -43.57
CA ASP A 301 44.25 17.42 -42.98
C ASP A 301 44.29 18.66 -42.12
N PHE A 302 44.87 18.54 -40.93
CA PHE A 302 44.86 19.64 -39.96
C PHE A 302 46.21 20.34 -39.91
N GLU A 303 47.29 19.59 -39.77
CA GLU A 303 48.60 20.19 -39.58
C GLU A 303 49.04 20.97 -40.81
N ALA A 304 48.77 20.43 -42.01
CA ALA A 304 49.12 21.16 -43.22
C ALA A 304 48.33 22.46 -43.33
N GLN A 305 47.05 22.42 -42.95
CA GLN A 305 46.24 23.64 -42.96
C GLN A 305 46.79 24.67 -41.98
N LYS A 306 47.17 24.23 -40.77
CA LYS A 306 47.72 25.15 -39.80
C LYS A 306 49.03 25.76 -40.29
N SER A 307 49.88 24.94 -40.89
CA SER A 307 51.13 25.46 -41.45
C SER A 307 50.88 26.46 -42.56
N TYR A 308 49.90 26.17 -43.42
CA TYR A 308 49.56 27.10 -44.49
C TYR A 308 49.06 28.43 -43.94
N LEU A 309 48.20 28.37 -42.92
CA LEU A 309 47.71 29.61 -42.31
C LEU A 309 48.85 30.39 -41.67
N LYS A 310 49.74 29.72 -40.94
CA LYS A 310 50.86 30.41 -40.31
C LYS A 310 51.79 31.00 -41.36
N SER A 311 51.91 30.36 -42.51
CA SER A 311 52.74 30.92 -43.59
C SER A 311 52.14 32.21 -44.13
N LYS A 312 50.86 32.44 -43.89
CA LYS A 312 50.18 33.65 -44.33
C LYS A 312 50.21 34.75 -43.28
N GLY A 313 50.69 34.46 -42.08
CA GLY A 313 50.81 35.48 -41.05
C GLY A 313 49.59 35.67 -40.18
N VAL A 314 48.54 34.87 -40.37
CA VAL A 314 47.37 34.99 -39.52
C VAL A 314 47.72 34.55 -38.10
N ASP A 315 47.06 35.16 -37.12
CA ASP A 315 47.27 34.81 -35.72
C ASP A 315 46.26 33.73 -35.35
N LEU A 316 46.77 32.52 -35.10
CA LEU A 316 45.94 31.38 -34.77
C LEU A 316 46.07 30.96 -33.31
N SER A 317 46.56 31.84 -32.45
CA SER A 317 46.82 31.46 -31.06
C SER A 317 45.54 31.12 -30.31
N TYR A 318 44.50 31.94 -30.48
CA TYR A 318 43.32 31.80 -29.62
C TYR A 318 42.24 30.95 -30.28
N MET A 319 42.19 30.91 -31.61
CA MET A 319 41.14 30.16 -32.28
C MET A 319 41.29 28.67 -32.01
N THR A 320 40.17 28.01 -31.74
CA THR A 320 40.17 26.60 -31.40
C THR A 320 40.38 25.76 -32.66
N LEU A 321 40.75 24.49 -32.44
CA LEU A 321 40.97 23.56 -33.54
C LEU A 321 39.78 23.53 -34.50
N GLN A 322 38.56 23.53 -33.96
CA GLN A 322 37.38 23.54 -34.81
C GLN A 322 37.35 24.84 -35.62
N GLU A 323 37.63 25.96 -34.97
CA GLU A 323 37.73 27.23 -35.68
C GLU A 323 38.87 27.22 -36.68
N ILE A 324 39.96 26.51 -36.35
CA ILE A 324 41.06 26.39 -37.30
C ILE A 324 40.61 25.69 -38.58
N LYS A 325 39.82 24.62 -38.42
CA LYS A 325 39.27 23.94 -39.59
C LYS A 325 38.24 24.82 -40.30
N GLU A 326 37.60 25.73 -39.56
CA GLU A 326 36.66 26.67 -40.16
C GLU A 326 37.34 27.60 -41.15
N ALA A 327 38.62 27.90 -40.94
CA ALA A 327 39.26 29.03 -41.61
C ALA A 327 39.29 28.84 -43.11
N ASN A 328 39.16 29.95 -43.83
CA ASN A 328 39.22 29.93 -45.28
C ASN A 328 40.65 29.64 -45.76
N THR A 329 40.76 28.93 -46.87
CA THR A 329 42.05 28.57 -47.44
C THR A 329 42.30 29.19 -48.81
N GLY A 330 41.25 29.61 -49.52
CA GLY A 330 41.45 30.23 -50.81
C GLY A 330 41.87 29.28 -51.90
N SER A 331 40.97 28.41 -52.35
CA SER A 331 41.17 27.51 -53.49
C SER A 331 42.16 26.39 -53.17
N LYS A 332 42.49 26.20 -51.90
CA LYS A 332 43.33 25.08 -51.51
C LYS A 332 42.56 24.13 -50.60
N VAL A 333 42.72 22.84 -50.83
CA VAL A 333 42.08 21.80 -50.04
C VAL A 333 43.16 20.84 -49.55
N PHE A 334 43.09 20.49 -48.27
CA PHE A 334 44.04 19.55 -47.66
C PHE A 334 43.27 18.43 -47.00
N LEU A 335 43.56 17.18 -47.41
CA LEU A 335 42.85 16.02 -46.90
C LEU A 335 43.84 14.89 -46.70
N LYS A 336 43.54 14.04 -45.71
CA LYS A 336 44.32 12.83 -45.46
C LYS A 336 43.38 11.66 -45.24
N ALA A 337 43.81 10.47 -45.65
CA ALA A 337 42.97 9.27 -45.58
C ALA A 337 43.83 8.07 -45.25
N LYS A 338 43.24 7.12 -44.51
CA LYS A 338 43.94 5.91 -44.08
C LYS A 338 43.23 4.68 -44.61
N ILE A 339 43.97 3.80 -45.28
CA ILE A 339 43.43 2.56 -45.83
C ILE A 339 44.39 1.42 -45.53
N LYS A 340 43.86 0.20 -45.59
CA LYS A 340 44.64 -1.02 -45.42
C LYS A 340 44.41 -1.92 -46.62
N VAL A 341 45.48 -2.32 -47.28
CA VAL A 341 45.42 -3.07 -48.53
C VAL A 341 45.59 -4.55 -48.22
N LEU A 342 44.66 -5.37 -48.72
CA LEU A 342 44.75 -6.80 -48.54
C LEU A 342 45.73 -7.41 -49.55
N ASP A 343 46.08 -8.66 -49.33
CA ASP A 343 46.98 -9.40 -50.20
C ASP A 343 46.53 -10.85 -50.28
N ALA A 344 46.94 -11.53 -51.34
CA ALA A 344 46.55 -12.93 -51.52
C ALA A 344 47.38 -13.84 -50.62
N MET A 345 46.79 -14.97 -50.23
CA MET A 345 47.52 -15.93 -49.42
C MET A 345 48.76 -16.43 -50.16
N GLU A 346 49.90 -16.37 -49.48
CA GLU A 346 51.16 -16.77 -50.08
C GLU A 346 51.94 -17.78 -49.25
N ASP A 347 51.96 -17.64 -47.93
CA ASP A 347 52.68 -18.56 -47.05
C ASP A 347 51.71 -19.08 -46.02
N ILE A 348 51.64 -20.41 -45.88
CA ILE A 348 50.73 -21.06 -44.95
C ILE A 348 51.54 -21.91 -44.00
N ASP A 349 51.31 -21.73 -42.70
CA ASP A 349 52.02 -22.46 -41.66
C ASP A 349 50.99 -23.25 -40.87
N LEU A 350 51.05 -24.57 -40.97
CA LEU A 350 50.13 -25.47 -40.29
C LEU A 350 50.90 -26.33 -39.31
N SER A 351 50.40 -26.43 -38.08
CA SER A 351 51.02 -27.22 -37.03
C SER A 351 50.03 -28.25 -36.52
N ILE A 352 50.37 -29.53 -36.66
CA ILE A 352 49.51 -30.62 -36.24
C ILE A 352 50.25 -31.43 -35.19
N GLU A 353 49.60 -31.68 -34.06
CA GLU A 353 50.15 -32.53 -33.03
C GLU A 353 49.23 -33.75 -32.89
N ILE A 354 49.82 -34.91 -32.62
CA ILE A 354 49.07 -36.15 -32.56
C ILE A 354 48.33 -36.27 -31.24
N ALA B 2 63.11 -10.97 -45.62
CA ALA B 2 63.23 -10.85 -47.06
C ALA B 2 62.22 -11.76 -47.77
N ILE B 3 61.81 -11.36 -48.97
CA ILE B 3 60.84 -12.13 -49.71
C ILE B 3 61.54 -13.30 -50.40
N GLY B 4 61.08 -14.52 -50.09
CA GLY B 4 61.63 -15.71 -50.69
C GLY B 4 60.53 -16.52 -51.38
N LEU B 5 60.89 -17.74 -51.74
CA LEU B 5 59.93 -18.62 -52.38
C LEU B 5 58.80 -18.94 -51.40
N PRO B 6 57.58 -19.17 -51.88
CA PRO B 6 56.48 -19.48 -50.97
C PRO B 6 56.78 -20.72 -50.13
N SER B 7 56.37 -20.67 -48.87
CA SER B 7 56.65 -21.75 -47.92
C SER B 7 55.34 -22.38 -47.48
N ILE B 8 55.20 -23.68 -47.72
CA ILE B 8 54.11 -24.48 -47.18
C ILE B 8 54.74 -25.59 -46.36
N ASN B 9 54.45 -25.61 -45.07
CA ASN B 9 55.05 -26.58 -44.17
C ASN B 9 54.01 -27.14 -43.22
N ILE B 10 54.00 -28.47 -43.11
CA ILE B 10 53.16 -29.19 -42.16
C ILE B 10 54.07 -29.85 -41.14
N SER B 11 53.79 -29.60 -39.86
CA SER B 11 54.63 -30.09 -38.77
C SER B 11 53.84 -31.08 -37.93
N PHE B 12 54.48 -32.17 -37.54
CA PHE B 12 53.89 -33.18 -36.67
C PHE B 12 54.66 -33.23 -35.36
N LYS B 13 53.95 -33.14 -34.25
CA LYS B 13 54.55 -33.16 -32.92
C LYS B 13 53.80 -34.12 -32.04
N GLU B 14 54.47 -34.66 -31.03
CA GLU B 14 53.80 -35.52 -30.07
C GLU B 14 53.31 -34.72 -28.88
N LEU B 15 52.17 -35.13 -28.33
CA LEU B 15 51.72 -34.61 -27.04
C LEU B 15 52.61 -35.21 -25.95
N ALA B 16 53.68 -34.48 -25.64
CA ALA B 16 54.68 -34.98 -24.71
C ALA B 16 54.15 -34.91 -23.28
N THR B 17 53.18 -35.76 -22.95
CA THR B 17 52.70 -35.84 -21.58
C THR B 17 53.86 -36.21 -20.66
N THR B 18 53.96 -35.50 -19.55
CA THR B 18 55.16 -35.55 -18.74
C THR B 18 54.81 -35.69 -17.26
N VAL B 19 55.46 -36.64 -16.61
CA VAL B 19 55.53 -36.72 -15.16
C VAL B 19 56.99 -36.54 -14.79
N LYS B 20 57.28 -35.57 -13.93
CA LYS B 20 58.67 -35.17 -13.69
C LYS B 20 59.47 -36.34 -13.12
N GLU B 21 60.69 -36.48 -13.62
CA GLU B 21 61.60 -37.51 -13.15
C GLU B 21 62.26 -37.06 -11.86
N ARG B 22 61.91 -37.71 -10.76
CA ARG B 22 62.47 -37.38 -9.46
C ARG B 22 63.65 -38.29 -9.16
N SER B 23 64.38 -37.94 -8.09
CA SER B 23 65.55 -38.70 -7.71
C SER B 23 65.20 -40.15 -7.43
N ALA B 24 66.00 -41.07 -7.98
CA ALA B 24 65.72 -42.49 -7.84
C ALA B 24 65.89 -42.93 -6.40
N ARG B 25 64.99 -43.80 -5.95
CA ARG B 25 65.03 -44.36 -4.61
C ARG B 25 64.92 -45.87 -4.68
N GLY B 26 65.67 -46.55 -3.82
CA GLY B 26 65.69 -48.00 -3.80
C GLY B 26 66.95 -48.65 -4.33
N ILE B 27 68.01 -47.89 -4.52
CA ILE B 27 69.27 -48.43 -5.02
C ILE B 27 70.15 -48.79 -3.83
N ILE B 28 70.88 -49.90 -3.95
CA ILE B 28 71.73 -50.40 -2.87
C ILE B 28 73.17 -50.38 -3.35
N ALA B 29 74.05 -49.80 -2.55
CA ALA B 29 75.49 -49.82 -2.81
C ALA B 29 76.07 -51.04 -2.14
N MET B 30 76.67 -51.92 -2.93
CA MET B 30 77.26 -53.16 -2.43
C MET B 30 78.74 -53.16 -2.75
N VAL B 31 79.55 -53.39 -1.72
CA VAL B 31 81.00 -53.42 -1.86
C VAL B 31 81.51 -54.72 -1.24
N LEU B 32 82.49 -55.33 -1.90
CA LEU B 32 82.97 -56.65 -1.53
C LEU B 32 84.38 -56.83 -2.08
N LYS B 33 85.18 -57.65 -1.41
CA LYS B 33 86.57 -57.88 -1.77
C LYS B 33 86.73 -59.24 -2.44
N ASP B 34 87.43 -59.25 -3.58
CA ASP B 34 87.72 -60.47 -4.32
C ASP B 34 88.89 -60.22 -5.26
N ALA B 35 89.34 -61.30 -5.90
CA ALA B 35 90.38 -61.24 -6.91
C ALA B 35 89.84 -61.43 -8.32
N LYS B 36 88.53 -61.51 -8.50
CA LYS B 36 87.92 -61.73 -9.79
C LYS B 36 86.86 -60.66 -10.06
N ALA B 37 86.75 -60.27 -11.33
CA ALA B 37 85.75 -59.30 -11.77
C ALA B 37 85.80 -58.02 -10.93
N LEU B 38 86.99 -57.46 -10.79
CA LEU B 38 87.15 -56.27 -9.97
C LEU B 38 86.44 -55.08 -10.62
N GLY B 39 86.08 -54.12 -9.78
CA GLY B 39 85.28 -53.00 -10.23
C GLY B 39 83.80 -53.22 -10.00
N LEU B 40 83.02 -52.24 -10.46
CA LEU B 40 81.57 -52.36 -10.33
C LEU B 40 81.06 -53.49 -11.21
N ASN B 41 79.88 -54.01 -10.86
CA ASN B 41 79.31 -55.13 -11.58
C ASN B 41 77.89 -54.91 -12.06
N GLU B 42 77.13 -54.02 -11.41
CA GLU B 42 75.85 -53.53 -11.91
C GLU B 42 74.88 -54.70 -12.13
N ILE B 43 74.49 -55.32 -11.02
CA ILE B 43 73.50 -56.42 -11.06
C ILE B 43 72.12 -55.77 -10.96
N HIS B 44 71.61 -55.35 -12.12
CA HIS B 44 70.27 -54.80 -12.17
C HIS B 44 69.22 -55.90 -12.09
N GLU B 45 69.52 -57.06 -12.66
CA GLU B 45 68.59 -58.18 -12.71
C GLU B 45 68.99 -59.22 -11.67
N LYS B 46 67.99 -59.77 -10.98
CA LYS B 46 68.25 -60.78 -9.95
C LYS B 46 69.03 -61.96 -10.50
N GLU B 47 68.76 -62.38 -11.73
CA GLU B 47 69.41 -63.57 -12.27
C GLU B 47 70.80 -63.25 -12.81
N ASP B 48 71.03 -62.01 -13.25
CA ASP B 48 72.29 -61.64 -13.89
C ASP B 48 73.40 -61.63 -12.85
N ILE B 49 74.16 -62.71 -12.78
CA ILE B 49 75.23 -62.83 -11.79
C ILE B 49 76.52 -63.23 -12.49
N PRO B 50 77.61 -62.47 -12.32
CA PRO B 50 78.90 -62.89 -12.87
C PRO B 50 79.37 -64.19 -12.23
N VAL B 51 80.12 -64.99 -12.99
CA VAL B 51 80.41 -66.35 -12.57
C VAL B 51 81.75 -66.45 -11.86
N ASP B 52 82.74 -65.63 -12.24
CA ASP B 52 84.07 -65.80 -11.69
C ASP B 52 84.15 -65.51 -10.20
N LEU B 53 83.19 -64.74 -9.66
CA LEU B 53 83.20 -64.45 -8.23
C LEU B 53 82.85 -65.68 -7.43
N SER B 54 83.26 -65.67 -6.16
CA SER B 54 83.14 -66.84 -5.31
C SER B 54 81.69 -67.21 -5.04
N ALA B 55 81.46 -68.49 -4.76
CA ALA B 55 80.11 -68.98 -4.50
C ALA B 55 79.52 -68.37 -3.23
N GLU B 56 80.32 -68.29 -2.16
CA GLU B 56 79.81 -67.71 -0.93
C GLU B 56 79.39 -66.25 -1.14
N ASN B 57 80.19 -65.50 -1.88
CA ASN B 57 79.79 -64.15 -2.25
C ASN B 57 78.52 -64.15 -3.06
N LYS B 58 78.31 -65.18 -3.88
CA LYS B 58 77.03 -65.32 -4.57
C LYS B 58 75.90 -65.49 -3.58
N GLU B 59 76.12 -66.24 -2.50
CA GLU B 59 75.10 -66.36 -1.46
C GLU B 59 74.81 -65.01 -0.81
N TYR B 60 75.84 -64.23 -0.54
CA TYR B 60 75.60 -62.88 0.00
C TYR B 60 74.78 -62.04 -0.96
N ILE B 61 75.08 -62.14 -2.26
CA ILE B 61 74.28 -61.42 -3.26
C ILE B 61 72.83 -61.87 -3.18
N ASN B 62 72.60 -63.18 -3.09
CA ASN B 62 71.23 -63.69 -3.03
C ASN B 62 70.51 -63.19 -1.80
N LEU B 63 71.18 -63.18 -0.65
CA LEU B 63 70.59 -62.59 0.55
C LEU B 63 70.20 -61.14 0.31
N ALA B 64 71.07 -60.37 -0.36
CA ALA B 64 70.74 -58.99 -0.66
C ALA B 64 69.61 -58.87 -1.69
N LEU B 65 69.35 -59.91 -2.47
CA LEU B 65 68.40 -59.81 -3.58
C LEU B 65 66.95 -59.80 -3.09
N MET B 66 66.62 -60.63 -2.11
CA MET B 66 65.23 -60.78 -1.70
C MET B 66 64.72 -59.54 -1.01
N GLY B 67 63.74 -58.88 -1.64
CA GLY B 67 63.19 -57.63 -1.12
C GLY B 67 62.09 -57.88 -0.11
N ASN B 68 61.61 -56.79 0.49
CA ASN B 68 60.57 -56.89 1.51
C ASN B 68 59.19 -57.08 0.87
N VAL B 69 58.72 -56.07 0.14
CA VAL B 69 57.52 -56.18 -0.68
C VAL B 69 57.87 -56.47 -2.13
N ASN B 70 58.88 -55.78 -2.66
CA ASN B 70 59.31 -55.96 -4.03
C ASN B 70 60.83 -55.96 -4.08
N THR B 71 61.36 -56.44 -5.20
CA THR B 71 62.79 -56.49 -5.39
C THR B 71 63.37 -55.08 -5.41
N PRO B 72 64.56 -54.87 -4.86
CA PRO B 72 65.19 -53.55 -4.96
C PRO B 72 65.37 -53.15 -6.42
N ASN B 73 65.20 -51.85 -6.68
CA ASN B 73 65.16 -51.37 -8.06
C ASN B 73 66.49 -51.60 -8.77
N LYS B 74 67.60 -51.39 -8.08
CA LYS B 74 68.91 -51.54 -8.71
C LYS B 74 69.95 -51.86 -7.66
N LEU B 75 70.84 -52.80 -7.98
CA LEU B 75 71.90 -53.21 -7.08
C LEU B 75 73.25 -52.95 -7.74
N LEU B 76 74.11 -52.21 -7.05
CA LEU B 76 75.45 -51.90 -7.53
C LEU B 76 76.45 -52.64 -6.65
N VAL B 77 77.21 -53.55 -7.25
CA VAL B 77 78.20 -54.35 -6.53
C VAL B 77 79.58 -53.94 -7.01
N TYR B 78 80.42 -53.49 -6.08
CA TYR B 78 81.80 -53.14 -6.36
C TYR B 78 82.74 -54.19 -5.78
N VAL B 79 83.58 -54.76 -6.65
CA VAL B 79 84.58 -55.73 -6.24
C VAL B 79 85.92 -55.02 -6.11
N ILE B 80 86.54 -55.15 -4.95
CA ILE B 80 87.77 -54.45 -4.64
C ILE B 80 88.86 -55.47 -4.35
N GLU B 81 90.08 -55.11 -4.70
CA GLU B 81 91.24 -55.94 -4.38
C GLU B 81 91.48 -55.93 -2.87
N GLY B 82 91.93 -57.06 -2.35
CA GLY B 82 92.14 -57.17 -0.92
C GLY B 82 93.21 -56.20 -0.43
N GLU B 83 93.05 -55.74 0.79
CA GLU B 83 93.97 -54.85 1.49
C GLU B 83 94.15 -53.50 0.81
N ALA B 84 93.29 -53.15 -0.14
CA ALA B 84 93.35 -51.84 -0.76
C ALA B 84 92.70 -50.75 0.09
N ASP B 85 92.31 -51.08 1.33
CA ASP B 85 91.63 -50.18 2.24
C ASP B 85 90.30 -49.75 1.64
N ILE B 86 89.64 -48.75 2.22
CA ILE B 86 88.28 -48.43 1.81
C ILE B 86 88.25 -47.24 0.87
N GLN B 87 89.10 -46.23 1.07
CA GLN B 87 88.96 -44.98 0.33
C GLN B 87 89.07 -45.21 -1.19
N THR B 88 89.83 -46.22 -1.62
CA THR B 88 89.91 -46.54 -3.03
C THR B 88 88.53 -46.83 -3.61
N ALA B 89 87.74 -47.65 -2.92
CA ALA B 89 86.35 -47.87 -3.32
C ALA B 89 85.50 -46.63 -3.04
N LEU B 90 85.80 -45.92 -1.97
CA LEU B 90 84.93 -44.85 -1.50
C LEU B 90 84.85 -43.73 -2.52
N ASP B 91 85.96 -43.39 -3.16
CA ASP B 91 85.92 -42.41 -4.24
C ASP B 91 85.03 -42.88 -5.37
N PHE B 92 85.19 -44.16 -5.75
CA PHE B 92 84.38 -44.74 -6.81
C PHE B 92 82.89 -44.59 -6.51
N LEU B 93 82.50 -44.90 -5.27
CA LEU B 93 81.09 -44.78 -4.91
C LEU B 93 80.63 -43.31 -4.86
N GLU B 94 81.42 -42.43 -4.24
CA GLU B 94 80.96 -41.05 -4.13
C GLU B 94 80.86 -40.38 -5.49
N THR B 95 81.47 -40.99 -6.50
CA THR B 95 81.24 -40.51 -7.87
C THR B 95 79.76 -40.61 -8.25
N LYS B 96 79.11 -41.72 -7.91
CA LYS B 96 77.73 -42.00 -8.31
C LYS B 96 76.75 -41.97 -7.15
N GLU B 97 75.48 -42.15 -7.48
CA GLU B 97 74.40 -42.03 -6.50
C GLU B 97 73.93 -43.39 -6.03
N PHE B 98 73.41 -43.42 -4.80
CA PHE B 98 72.87 -44.64 -4.21
C PHE B 98 72.08 -44.26 -2.96
N ASN B 99 71.61 -45.28 -2.24
CA ASN B 99 70.85 -45.07 -1.01
C ASN B 99 71.46 -45.75 0.19
N TYR B 100 71.84 -47.03 0.08
CA TYR B 100 72.29 -47.81 1.22
C TYR B 100 73.56 -48.55 0.87
N LEU B 101 74.47 -48.67 1.84
CA LEU B 101 75.76 -49.30 1.66
C LEU B 101 76.03 -50.28 2.80
N CYS B 102 76.74 -51.37 2.50
CA CYS B 102 77.04 -52.35 3.54
C CYS B 102 78.27 -53.17 3.17
N MET B 103 78.83 -53.83 4.19
CA MET B 103 80.04 -54.66 4.19
C MET B 103 79.76 -55.99 4.88
N PRO B 104 79.82 -57.12 4.17
CA PRO B 104 79.79 -58.42 4.86
C PRO B 104 81.06 -58.67 5.66
N LYS B 105 82.21 -58.45 5.03
CA LYS B 105 83.51 -58.69 5.64
C LYS B 105 84.18 -57.36 5.95
N ALA B 106 84.38 -57.09 7.24
CA ALA B 106 85.05 -55.85 7.63
C ALA B 106 85.57 -55.98 9.06
N VAL B 107 86.81 -55.55 9.24
CA VAL B 107 87.43 -55.46 10.55
C VAL B 107 87.10 -54.07 11.11
N GLU B 108 87.09 -53.94 12.45
CA GLU B 108 86.41 -52.79 13.06
C GLU B 108 87.01 -51.47 12.63
N ALA B 109 88.27 -51.47 12.19
CA ALA B 109 88.86 -50.26 11.62
C ALA B 109 88.10 -49.85 10.37
N ASP B 110 87.67 -50.82 9.56
CA ASP B 110 86.84 -50.52 8.40
C ASP B 110 85.53 -49.87 8.83
N LYS B 111 84.90 -50.39 9.88
CA LYS B 111 83.67 -49.78 10.36
C LYS B 111 83.89 -48.34 10.82
N THR B 112 85.00 -48.10 11.53
CA THR B 112 85.28 -46.74 11.97
C THR B 112 85.49 -45.80 10.79
N ALA B 113 86.26 -46.23 9.79
CA ALA B 113 86.50 -45.40 8.63
C ALA B 113 85.21 -45.13 7.86
N ILE B 114 84.36 -46.16 7.72
CA ILE B 114 83.12 -46.00 6.98
C ILE B 114 82.19 -45.03 7.70
N LYS B 115 82.09 -45.15 9.03
CA LYS B 115 81.22 -44.24 9.77
C LYS B 115 81.73 -42.81 9.69
N ASN B 116 83.05 -42.62 9.78
CA ASN B 116 83.60 -41.28 9.65
C ASN B 116 83.30 -40.70 8.27
N TRP B 117 83.49 -41.52 7.23
CA TRP B 117 83.20 -41.06 5.87
C TRP B 117 81.74 -40.69 5.71
N ILE B 118 80.83 -41.49 6.26
CA ILE B 118 79.42 -41.22 6.13
C ILE B 118 79.05 -39.91 6.83
N ILE B 119 79.57 -39.72 8.05
CA ILE B 119 79.28 -38.48 8.77
C ILE B 119 79.80 -37.28 8.01
N LYS B 120 81.04 -37.35 7.51
CA LYS B 120 81.60 -36.21 6.81
C LYS B 120 80.83 -35.93 5.52
N LEU B 121 80.36 -36.98 4.85
CA LEU B 121 79.67 -36.78 3.58
C LEU B 121 78.26 -36.23 3.79
N ARG B 122 77.62 -36.57 4.90
CA ARG B 122 76.25 -36.12 5.10
C ARG B 122 76.15 -34.64 5.48
N ASP B 123 77.22 -34.09 6.07
CA ASP B 123 77.13 -32.69 6.52
C ASP B 123 78.04 -31.77 5.73
N ILE B 124 79.11 -32.29 5.12
CA ILE B 124 80.01 -31.43 4.36
C ILE B 124 79.54 -31.32 2.91
N ASP B 125 79.33 -32.45 2.25
CA ASP B 125 78.92 -32.47 0.86
C ASP B 125 77.42 -32.36 0.67
N LYS B 126 76.66 -32.32 1.76
CA LYS B 126 75.21 -32.13 1.71
C LYS B 126 74.53 -33.22 0.86
N VAL B 127 75.03 -34.45 0.99
CA VAL B 127 74.46 -35.59 0.30
C VAL B 127 73.93 -36.56 1.34
N LYS B 128 72.67 -36.96 1.20
CA LYS B 128 71.99 -37.79 2.20
C LYS B 128 72.10 -39.25 1.78
N VAL B 129 72.97 -39.99 2.46
CA VAL B 129 73.11 -41.43 2.27
C VAL B 129 73.17 -42.09 3.65
N LYS B 130 72.95 -43.40 3.65
CA LYS B 130 72.93 -44.19 4.88
C LYS B 130 73.62 -45.52 4.66
N ALA B 131 74.03 -46.15 5.75
CA ALA B 131 74.70 -47.45 5.68
C ALA B 131 74.39 -48.24 6.95
N VAL B 132 74.47 -49.56 6.83
CA VAL B 132 74.22 -50.48 7.94
C VAL B 132 75.52 -51.17 8.30
N LEU B 133 75.85 -51.16 9.59
CA LEU B 133 77.12 -51.70 10.08
C LEU B 133 76.86 -52.81 11.08
N GLY B 134 77.84 -53.72 11.21
CA GLY B 134 77.65 -54.87 12.07
C GLY B 134 77.52 -54.50 13.54
N LYS B 135 78.45 -53.70 14.05
CA LYS B 135 78.42 -53.34 15.47
C LYS B 135 79.20 -52.04 15.65
N VAL B 136 78.48 -50.93 15.73
CA VAL B 136 79.07 -49.62 15.98
C VAL B 136 78.15 -48.84 16.90
N VAL B 137 78.71 -47.82 17.55
CA VAL B 137 77.95 -47.03 18.50
C VAL B 137 77.91 -45.60 17.96
N GLY B 138 78.07 -45.47 16.65
CA GLY B 138 77.98 -44.15 16.03
C GLY B 138 76.60 -43.55 16.26
N ASN B 139 76.59 -42.29 16.71
CA ASN B 139 75.36 -41.65 17.15
C ASN B 139 74.82 -40.66 16.13
N HIS B 140 74.95 -41.00 14.85
CA HIS B 140 74.41 -40.18 13.77
C HIS B 140 73.18 -40.87 13.19
N GLU B 141 72.27 -40.09 12.64
CA GLU B 141 71.07 -40.67 12.04
C GLU B 141 71.40 -41.45 10.79
N GLY B 142 72.59 -41.25 10.23
CA GLY B 142 72.95 -41.86 8.97
C GLY B 142 73.39 -43.29 9.01
N ILE B 143 73.54 -43.89 10.19
CA ILE B 143 73.97 -45.27 10.32
C ILE B 143 72.94 -46.03 11.14
N ILE B 144 72.78 -47.31 10.83
CA ILE B 144 71.82 -48.18 11.51
C ILE B 144 72.60 -49.37 12.06
N ASN B 145 72.44 -49.63 13.36
CA ASN B 145 73.25 -50.63 14.05
C ASN B 145 72.39 -51.85 14.33
N PHE B 146 72.45 -52.82 13.43
CA PHE B 146 71.79 -54.10 13.63
C PHE B 146 72.74 -55.03 14.38
N THR B 147 72.25 -55.64 15.45
CA THR B 147 73.11 -56.44 16.32
C THR B 147 72.35 -57.68 16.77
N THR B 148 72.61 -58.81 16.11
CA THR B 148 72.07 -60.10 16.51
C THR B 148 73.02 -61.17 16.02
N GLU B 149 73.43 -62.06 16.91
CA GLU B 149 74.49 -63.03 16.63
C GLU B 149 73.91 -64.42 16.44
N ASP B 150 74.66 -65.25 15.70
CA ASP B 150 74.31 -66.65 15.46
C ASP B 150 72.95 -66.78 14.79
N VAL B 151 72.79 -66.07 13.68
CA VAL B 151 71.56 -66.13 12.90
C VAL B 151 71.64 -67.33 11.95
N LEU B 152 70.65 -68.20 12.01
CA LEU B 152 70.64 -69.43 11.21
C LEU B 152 69.67 -69.27 10.06
N VAL B 153 70.21 -69.20 8.85
CA VAL B 153 69.42 -69.12 7.62
C VAL B 153 69.84 -70.27 6.71
N GLY B 154 68.89 -71.14 6.38
CA GLY B 154 69.19 -72.27 5.51
C GLY B 154 70.27 -73.18 6.07
N GLU B 155 70.03 -73.71 7.27
CA GLU B 155 70.94 -74.59 8.01
C GLU B 155 72.38 -74.11 7.99
N LYS B 156 72.58 -72.80 7.90
CA LYS B 156 73.91 -72.21 7.95
C LYS B 156 73.93 -71.09 8.98
N LYS B 157 75.01 -71.04 9.75
CA LYS B 157 75.21 -69.96 10.71
C LYS B 157 75.68 -68.70 9.99
N TYR B 158 75.21 -67.55 10.47
CA TYR B 158 75.61 -66.26 9.93
C TYR B 158 75.92 -65.30 11.07
N SER B 159 77.06 -64.65 10.99
CA SER B 159 77.37 -63.59 11.94
C SER B 159 76.57 -62.34 11.61
N VAL B 160 76.64 -61.35 12.51
CA VAL B 160 75.90 -60.12 12.32
C VAL B 160 76.37 -59.39 11.07
N ASP B 161 77.69 -59.33 10.86
CA ASP B 161 78.22 -58.62 9.70
C ASP B 161 77.76 -59.26 8.41
N GLU B 162 77.71 -60.59 8.35
CA GLU B 162 77.22 -61.27 7.15
C GLU B 162 75.74 -60.98 6.94
N PHE B 163 74.97 -60.93 8.02
CA PHE B 163 73.53 -60.71 7.90
C PHE B 163 73.16 -59.25 7.62
N THR B 164 74.12 -58.34 7.76
CA THR B 164 73.84 -56.94 7.44
C THR B 164 73.37 -56.77 6.00
N SER B 165 73.85 -57.61 5.09
CA SER B 165 73.39 -57.54 3.70
C SER B 165 71.90 -57.83 3.60
N ARG B 166 71.44 -58.88 4.28
CA ARG B 166 70.02 -59.19 4.29
C ARG B 166 69.22 -58.08 4.94
N VAL B 167 69.74 -57.49 6.02
CA VAL B 167 69.05 -56.37 6.67
C VAL B 167 68.89 -55.20 5.70
N ALA B 168 69.97 -54.88 4.97
CA ALA B 168 69.91 -53.77 4.03
C ALA B 168 68.93 -54.04 2.90
N GLY B 169 68.94 -55.27 2.38
CA GLY B 169 67.96 -55.61 1.35
C GLY B 169 66.54 -55.51 1.87
N LEU B 170 66.31 -55.94 3.11
CA LEU B 170 64.99 -55.83 3.72
C LEU B 170 64.57 -54.37 3.82
N ILE B 171 65.48 -53.49 4.23
CA ILE B 171 65.13 -52.09 4.37
C ILE B 171 64.83 -51.48 3.01
N ALA B 172 65.66 -51.77 2.00
CA ALA B 172 65.47 -51.14 0.70
C ALA B 172 64.25 -51.69 -0.03
N GLY B 173 63.82 -52.91 0.30
CA GLY B 173 62.69 -53.49 -0.40
C GLY B 173 61.38 -52.76 -0.15
N THR B 174 61.17 -52.30 1.08
CA THR B 174 59.88 -51.76 1.45
C THR B 174 59.63 -50.42 0.77
N PRO B 175 58.36 -50.08 0.49
CA PRO B 175 58.04 -48.75 -0.01
C PRO B 175 58.19 -47.68 1.05
N LEU B 176 57.99 -46.42 0.69
CA LEU B 176 58.10 -45.34 1.67
C LEU B 176 56.82 -45.19 2.49
N SER B 177 55.69 -45.63 1.96
CA SER B 177 54.43 -45.50 2.70
C SER B 177 54.45 -46.33 3.97
N GLN B 178 54.98 -47.54 3.90
CA GLN B 178 54.99 -48.45 5.03
C GLN B 178 56.29 -48.36 5.81
N SER B 179 56.32 -49.01 6.96
CA SER B 179 57.48 -49.03 7.83
C SER B 179 58.04 -50.44 7.93
N VAL B 180 59.21 -50.56 8.58
CA VAL B 180 59.90 -51.83 8.69
C VAL B 180 59.47 -52.63 9.92
N THR B 181 58.91 -51.95 10.92
CA THR B 181 58.57 -52.60 12.19
C THR B 181 57.65 -53.80 11.99
N TYR B 182 57.97 -54.90 12.67
CA TYR B 182 57.10 -56.07 12.74
C TYR B 182 56.88 -56.68 11.36
N THR B 183 57.98 -57.09 10.74
CA THR B 183 57.96 -57.69 9.41
C THR B 183 58.52 -59.10 9.50
N LYS B 184 57.82 -60.05 8.89
CA LYS B 184 58.18 -61.45 8.96
C LYS B 184 59.43 -61.74 8.12
N LEU B 185 60.29 -62.60 8.66
CA LEU B 185 61.45 -63.12 7.95
C LEU B 185 61.33 -64.64 7.94
N SER B 186 60.66 -65.18 6.93
CA SER B 186 60.45 -66.62 6.85
C SER B 186 61.74 -67.39 6.65
N ASP B 187 62.82 -66.74 6.22
CA ASP B 187 64.06 -67.45 5.97
C ASP B 187 64.70 -67.91 7.26
N VAL B 188 64.78 -67.03 8.26
CA VAL B 188 65.43 -67.37 9.52
C VAL B 188 64.54 -68.32 10.30
N VAL B 189 65.15 -69.32 10.94
CA VAL B 189 64.37 -70.36 11.60
C VAL B 189 64.61 -70.39 13.10
N ASP B 190 65.71 -69.78 13.56
CA ASP B 190 65.90 -69.67 15.00
C ASP B 190 66.86 -68.52 15.33
N ILE B 191 66.74 -68.04 16.56
CA ILE B 191 67.61 -66.99 17.12
C ILE B 191 67.94 -67.40 18.55
N PRO B 192 69.11 -67.06 19.08
CA PRO B 192 69.38 -67.31 20.50
C PRO B 192 68.31 -66.68 21.38
N LYS B 193 67.88 -67.42 22.40
CA LYS B 193 66.80 -66.98 23.25
C LYS B 193 67.24 -65.81 24.13
N MET B 194 66.32 -64.88 24.37
CA MET B 194 66.62 -63.67 25.09
C MET B 194 65.31 -63.00 25.53
N THR B 195 65.32 -62.42 26.72
CA THR B 195 64.09 -61.97 27.35
C THR B 195 63.61 -60.64 26.78
N LYS B 196 62.38 -60.29 27.14
CA LYS B 196 61.74 -59.09 26.59
C LYS B 196 62.31 -57.80 27.18
N VAL B 197 62.56 -57.80 28.49
CA VAL B 197 63.10 -56.59 29.12
C VAL B 197 64.49 -56.29 28.59
N ASP B 198 65.27 -57.33 28.31
CA ASP B 198 66.56 -57.12 27.67
C ASP B 198 66.40 -56.46 26.31
N ALA B 199 65.40 -56.90 25.53
CA ALA B 199 65.14 -56.30 24.23
C ALA B 199 64.75 -54.85 24.38
N GLU B 200 63.95 -54.53 25.41
CA GLU B 200 63.65 -53.13 25.69
C GLU B 200 64.91 -52.34 25.95
N SER B 201 65.84 -52.93 26.72
CA SER B 201 67.09 -52.25 27.01
C SER B 201 67.89 -51.98 25.74
N ARG B 202 67.98 -52.98 24.85
CA ARG B 202 68.74 -52.78 23.61
C ARG B 202 68.08 -51.74 22.72
N VAL B 203 66.75 -51.77 22.62
CA VAL B 203 66.05 -50.81 21.78
C VAL B 203 66.24 -49.40 22.31
N ASN B 204 66.19 -49.23 23.64
CA ASN B 204 66.44 -47.92 24.23
C ASN B 204 67.86 -47.43 23.96
N LYS B 205 68.76 -48.34 23.58
CA LYS B 205 70.13 -47.95 23.27
C LYS B 205 70.30 -47.48 21.84
N GLY B 206 69.24 -47.47 21.04
CA GLY B 206 69.36 -47.23 19.62
C GLY B 206 69.77 -48.44 18.81
N GLU B 207 69.99 -49.56 19.47
CA GLU B 207 70.39 -50.80 18.80
C GLU B 207 69.20 -51.41 18.07
N LEU B 208 69.45 -52.04 16.94
CA LEU B 208 68.42 -52.74 16.19
C LEU B 208 68.58 -54.24 16.40
N ILE B 209 67.48 -54.91 16.78
CA ILE B 209 67.52 -56.30 17.18
C ILE B 209 66.41 -57.07 16.47
N LEU B 210 66.55 -58.39 16.50
CA LEU B 210 65.53 -59.31 15.99
C LEU B 210 64.84 -59.96 17.18
N ILE B 211 63.52 -60.13 17.09
CA ILE B 211 62.72 -60.54 18.23
C ILE B 211 61.91 -61.79 17.87
N LYS B 212 61.55 -62.53 18.91
CA LYS B 212 60.68 -63.70 18.81
C LYS B 212 59.32 -63.35 19.40
N GLU B 213 58.33 -63.20 18.52
CA GLU B 213 56.97 -62.90 18.97
C GLU B 213 55.99 -63.34 17.90
N ALA B 214 54.73 -63.47 18.30
CA ALA B 214 53.66 -63.97 17.45
C ALA B 214 54.09 -65.35 16.92
N GLY B 215 53.72 -65.68 15.69
CA GLY B 215 54.08 -66.98 15.15
C GLY B 215 55.46 -67.02 14.52
N ALA B 216 55.84 -65.98 13.79
CA ALA B 216 57.05 -65.98 13.00
C ALA B 216 58.11 -65.09 13.64
N ILE B 217 59.19 -64.88 12.90
CA ILE B 217 60.30 -64.05 13.37
C ILE B 217 60.19 -62.69 12.70
N ARG B 218 60.27 -61.62 13.50
CA ARG B 218 59.96 -60.29 13.04
C ARG B 218 60.96 -59.27 13.59
N ILE B 219 61.08 -58.16 12.87
CA ILE B 219 61.91 -57.05 13.32
C ILE B 219 61.16 -56.26 14.38
N ALA B 220 61.86 -55.90 15.46
CA ALA B 220 61.25 -55.23 16.60
C ALA B 220 61.53 -53.73 16.53
N ARG B 221 60.65 -53.00 15.87
CA ARG B 221 60.66 -51.54 15.86
C ARG B 221 62.02 -51.01 15.39
N GLY B 222 62.24 -51.16 14.08
CA GLY B 222 63.41 -50.57 13.46
C GLY B 222 63.57 -49.09 13.76
N VAL B 223 64.63 -48.73 14.48
CA VAL B 223 64.92 -47.35 14.82
C VAL B 223 66.35 -47.02 14.43
N ASN B 224 66.70 -45.75 14.56
CA ASN B 224 68.01 -45.26 14.15
C ASN B 224 69.04 -45.50 15.26
N SER B 225 70.25 -44.99 15.04
CA SER B 225 71.35 -45.27 15.96
C SER B 225 71.57 -44.16 16.98
N LEU B 226 71.09 -42.94 16.71
CA LEU B 226 71.39 -41.84 17.62
C LEU B 226 70.59 -41.98 18.91
N THR B 227 71.20 -41.56 20.01
CA THR B 227 70.59 -41.68 21.33
C THR B 227 70.38 -40.36 22.04
N GLU B 228 71.26 -39.39 21.86
CA GLU B 228 71.12 -38.09 22.53
C GLU B 228 70.20 -37.19 21.71
N LEU B 229 69.27 -36.55 22.40
CA LEU B 229 68.27 -35.69 21.76
C LEU B 229 68.56 -34.25 22.12
N THR B 230 69.11 -33.49 21.18
CA THR B 230 69.40 -32.09 21.39
C THR B 230 68.12 -31.28 21.25
N ALA B 231 68.21 -29.97 21.51
CA ALA B 231 67.08 -29.08 21.24
C ALA B 231 66.87 -28.93 19.73
N GLU B 232 67.89 -29.25 18.94
CA GLU B 232 67.77 -29.16 17.49
C GLU B 232 67.19 -30.44 16.92
N LYS B 233 67.70 -31.60 17.34
CA LYS B 233 67.27 -32.89 16.82
C LYS B 233 66.17 -33.43 17.71
N GLY B 234 64.95 -33.50 17.18
CA GLY B 234 63.82 -33.96 17.95
C GLY B 234 63.68 -35.48 17.94
N GLU B 235 62.58 -35.93 18.55
CA GLU B 235 62.35 -37.37 18.69
C GLU B 235 62.19 -38.03 17.33
N MET B 236 61.44 -37.40 16.42
CA MET B 236 61.13 -38.02 15.13
C MET B 236 62.38 -38.34 14.33
N PHE B 237 63.51 -37.69 14.62
CA PHE B 237 64.74 -37.99 13.91
C PHE B 237 65.28 -39.37 14.25
N GLN B 238 64.58 -40.13 15.10
CA GLN B 238 65.02 -41.47 15.48
C GLN B 238 64.34 -42.56 14.67
N LYS B 239 63.20 -42.29 14.05
CA LYS B 239 62.49 -43.27 13.25
C LYS B 239 63.07 -43.33 11.84
N ILE B 240 63.21 -44.54 11.31
CA ILE B 240 63.84 -44.70 9.99
C ILE B 240 62.99 -44.06 8.90
N LYS B 241 61.67 -44.29 8.95
CA LYS B 241 60.80 -43.81 7.88
C LYS B 241 60.83 -42.29 7.76
N ILE B 242 60.82 -41.59 8.89
CA ILE B 242 60.78 -40.13 8.88
C ILE B 242 62.07 -39.57 8.29
N VAL B 243 63.21 -40.09 8.74
CA VAL B 243 64.47 -39.57 8.21
C VAL B 243 64.60 -39.91 6.73
N ASP B 244 64.05 -41.05 6.31
CA ASP B 244 64.13 -41.43 4.90
C ASP B 244 63.30 -40.49 4.03
N THR B 245 62.08 -40.18 4.46
CA THR B 245 61.27 -39.26 3.66
C THR B 245 61.86 -37.85 3.69
N LEU B 246 62.50 -37.46 4.80
CA LEU B 246 63.21 -36.19 4.81
C LEU B 246 64.34 -36.18 3.79
N ASP B 247 65.09 -37.28 3.69
CA ASP B 247 66.17 -37.34 2.72
C ASP B 247 65.64 -37.24 1.29
N ILE B 248 64.54 -37.94 0.99
CA ILE B 248 64.04 -37.88 -0.38
C ILE B 248 63.51 -36.49 -0.71
N ILE B 249 62.88 -35.83 0.26
CA ILE B 249 62.43 -34.46 0.06
C ILE B 249 63.62 -33.56 -0.24
N HIS B 250 64.69 -33.70 0.54
CA HIS B 250 65.88 -32.89 0.34
C HIS B 250 66.45 -33.07 -1.06
N SER B 251 66.59 -34.34 -1.48
CA SER B 251 67.18 -34.61 -2.79
C SER B 251 66.33 -34.04 -3.91
N ASP B 252 65.01 -34.22 -3.82
CA ASP B 252 64.13 -33.72 -4.88
C ASP B 252 64.20 -32.20 -4.98
N ILE B 253 64.11 -31.51 -3.84
CA ILE B 253 64.12 -30.05 -3.86
C ILE B 253 65.44 -29.54 -4.41
N ARG B 254 66.55 -30.13 -3.96
CA ARG B 254 67.85 -29.67 -4.44
C ARG B 254 67.99 -29.89 -5.93
N LYS B 255 67.55 -31.06 -6.42
CA LYS B 255 67.68 -31.34 -7.85
C LYS B 255 66.88 -30.35 -8.68
N VAL B 256 65.64 -30.07 -8.27
CA VAL B 256 64.83 -29.09 -9.00
C VAL B 256 65.54 -27.74 -9.02
N ILE B 257 65.99 -27.28 -7.86
CA ILE B 257 66.57 -25.95 -7.75
C ILE B 257 67.81 -25.83 -8.64
N ILE B 258 68.71 -26.81 -8.55
CA ILE B 258 69.95 -26.71 -9.31
C ILE B 258 69.67 -26.87 -10.80
N ASP B 259 68.68 -27.69 -11.17
CA ASP B 259 68.49 -27.98 -12.58
C ASP B 259 67.81 -26.84 -13.31
N ASP B 260 66.91 -26.10 -12.64
CA ASP B 260 66.05 -25.21 -13.40
C ASP B 260 66.14 -23.75 -12.97
N TYR B 261 66.26 -23.47 -11.66
CA TYR B 261 66.17 -22.10 -11.17
C TYR B 261 67.53 -21.45 -10.87
N ILE B 262 68.65 -22.11 -11.15
CA ILE B 262 69.95 -21.54 -10.79
C ILE B 262 70.52 -20.83 -12.01
N GLY B 263 70.96 -19.60 -11.81
CA GLY B 263 71.66 -18.85 -12.84
C GLY B 263 70.86 -18.60 -14.11
N LYS B 264 69.54 -18.74 -14.04
CA LYS B 264 68.69 -18.58 -15.21
C LYS B 264 67.51 -17.66 -15.00
N VAL B 265 67.23 -17.24 -13.78
CA VAL B 265 66.09 -16.38 -13.48
C VAL B 265 66.56 -15.17 -12.71
N THR B 266 66.09 -13.99 -13.10
CA THR B 266 66.45 -12.77 -12.40
C THR B 266 65.88 -12.76 -10.98
N ASN B 267 66.67 -12.25 -10.04
CA ASN B 267 66.26 -12.22 -8.64
C ASN B 267 65.32 -11.05 -8.42
N SER B 268 64.02 -11.28 -8.62
CA SER B 268 63.01 -10.26 -8.40
C SER B 268 61.83 -10.89 -7.69
N TYR B 269 61.00 -10.05 -7.08
CA TYR B 269 59.93 -10.54 -6.22
C TYR B 269 59.02 -11.50 -6.96
N ASP B 270 58.66 -11.19 -8.19
CA ASP B 270 57.78 -12.07 -8.95
C ASP B 270 58.43 -13.43 -9.19
N ASN B 271 59.74 -13.45 -9.42
CA ASN B 271 60.44 -14.72 -9.55
C ASN B 271 60.42 -15.50 -8.24
N LYS B 272 60.54 -14.79 -7.11
CA LYS B 272 60.40 -15.45 -5.81
C LYS B 272 59.01 -16.08 -5.66
N CYS B 273 57.98 -15.34 -6.08
CA CYS B 273 56.63 -15.88 -6.00
C CYS B 273 56.49 -17.13 -6.87
N LEU B 274 57.06 -17.11 -8.07
CA LEU B 274 57.00 -18.29 -8.93
C LEU B 274 57.72 -19.47 -8.30
N LEU B 275 58.88 -19.24 -7.69
CA LEU B 275 59.60 -20.31 -7.01
C LEU B 275 58.79 -20.87 -5.85
N ILE B 276 58.15 -19.99 -5.09
CA ILE B 276 57.31 -20.43 -3.98
C ILE B 276 56.15 -21.28 -4.49
N VAL B 277 55.54 -20.87 -5.59
CA VAL B 277 54.43 -21.63 -6.16
C VAL B 277 54.91 -23.01 -6.60
N ALA B 278 56.08 -23.08 -7.24
CA ALA B 278 56.60 -24.37 -7.68
C ALA B 278 56.88 -25.28 -6.49
N ILE B 279 57.48 -24.73 -5.43
CA ILE B 279 57.79 -25.53 -4.25
C ILE B 279 56.51 -26.05 -3.60
N LYS B 280 55.51 -25.18 -3.48
CA LYS B 280 54.23 -25.59 -2.89
C LYS B 280 53.56 -26.65 -3.75
N SER B 281 53.67 -26.53 -5.07
CA SER B 281 53.11 -27.56 -5.95
C SER B 281 53.77 -28.90 -5.72
N TYR B 282 55.10 -28.91 -5.61
CA TYR B 282 55.78 -30.18 -5.34
C TYR B 282 55.37 -30.75 -3.99
N LEU B 283 55.25 -29.89 -2.97
CA LEU B 283 54.87 -30.37 -1.65
C LEU B 283 53.46 -30.96 -1.68
N GLU B 284 52.53 -30.31 -2.38
CA GLU B 284 51.18 -30.86 -2.50
C GLU B 284 51.19 -32.18 -3.24
N GLU B 285 52.01 -32.28 -4.29
CA GLU B 285 52.11 -33.54 -5.02
C GLU B 285 52.60 -34.66 -4.11
N LEU B 286 53.59 -34.36 -3.26
CA LEU B 286 54.04 -35.37 -2.30
C LEU B 286 52.95 -35.69 -1.28
N GLU B 287 52.17 -34.69 -0.88
CA GLU B 287 51.07 -34.92 0.04
C GLU B 287 50.05 -35.88 -0.54
N LYS B 288 49.87 -35.84 -1.86
CA LYS B 288 48.93 -36.77 -2.50
C LYS B 288 49.27 -38.22 -2.20
N SER B 289 50.57 -38.57 -2.22
CA SER B 289 50.98 -39.94 -1.94
C SER B 289 50.91 -40.29 -0.47
N ALA B 290 50.32 -39.43 0.36
CA ALA B 290 50.16 -39.66 1.80
C ALA B 290 51.49 -39.84 2.52
N LEU B 291 52.48 -38.99 2.25
CA LEU B 291 53.71 -39.03 3.02
C LEU B 291 53.77 -37.89 4.03
N ILE B 292 53.09 -36.77 3.76
CA ILE B 292 53.03 -35.65 4.69
C ILE B 292 51.59 -35.23 4.87
N GLU B 293 51.34 -34.35 5.83
CA GLU B 293 49.97 -33.89 6.09
C GLU B 293 49.49 -32.98 4.96
N SER B 294 48.18 -32.74 4.96
CA SER B 294 47.56 -32.04 3.83
C SER B 294 48.01 -30.59 3.73
N ASP B 295 48.01 -29.87 4.85
CA ASP B 295 48.22 -28.43 4.84
C ASP B 295 49.66 -28.10 5.18
N SER B 296 50.37 -27.51 4.22
CA SER B 296 51.73 -27.05 4.41
C SER B 296 51.86 -25.66 3.80
N THR B 297 52.79 -24.87 4.32
CA THR B 297 52.96 -23.49 3.88
C THR B 297 54.41 -23.21 3.55
N VAL B 298 54.64 -22.42 2.51
CA VAL B 298 55.96 -21.94 2.13
C VAL B 298 55.89 -20.43 1.96
N GLU B 299 56.77 -19.71 2.64
CA GLU B 299 56.70 -18.27 2.65
C GLU B 299 58.13 -17.75 2.83
N ILE B 300 58.42 -16.62 2.20
CA ILE B 300 59.77 -16.09 2.20
C ILE B 300 60.21 -15.74 3.61
N ASP B 301 61.39 -16.22 3.99
CA ASP B 301 61.92 -15.96 5.32
C ASP B 301 62.13 -14.46 5.50
N PHE B 302 61.54 -13.91 6.56
CA PHE B 302 61.54 -12.47 6.77
C PHE B 302 62.68 -12.02 7.68
N GLU B 303 62.86 -12.71 8.80
CA GLU B 303 63.87 -12.28 9.78
C GLU B 303 65.27 -12.40 9.21
N ALA B 304 65.54 -13.47 8.46
CA ALA B 304 66.85 -13.61 7.83
C ALA B 304 67.09 -12.50 6.82
N GLN B 305 66.06 -12.13 6.07
CA GLN B 305 66.19 -11.02 5.12
C GLN B 305 66.48 -9.71 5.84
N LYS B 306 65.78 -9.45 6.94
CA LYS B 306 66.05 -8.23 7.70
C LYS B 306 67.47 -8.22 8.24
N SER B 307 67.93 -9.36 8.76
CA SER B 307 69.30 -9.45 9.27
C SER B 307 70.31 -9.22 8.15
N TYR B 308 70.05 -9.78 6.97
CA TYR B 308 70.95 -9.55 5.84
C TYR B 308 70.99 -8.09 5.44
N LEU B 309 69.83 -7.44 5.39
CA LEU B 309 69.79 -6.03 5.03
C LEU B 309 70.54 -5.19 6.06
N LYS B 310 70.34 -5.47 7.34
CA LYS B 310 71.07 -4.73 8.37
C LYS B 310 72.56 -4.98 8.29
N SER B 311 72.96 -6.20 7.96
CA SER B 311 74.39 -6.52 7.89
C SER B 311 75.09 -5.75 6.78
N LYS B 312 74.34 -5.32 5.76
CA LYS B 312 74.90 -4.55 4.66
C LYS B 312 74.90 -3.05 4.95
N GLY B 313 73.94 -2.56 5.73
CA GLY B 313 73.97 -1.18 6.16
C GLY B 313 72.81 -0.32 5.73
N VAL B 314 71.68 -0.91 5.36
CA VAL B 314 70.52 -0.12 4.99
C VAL B 314 69.83 0.41 6.24
N ASP B 315 69.16 1.55 6.09
CA ASP B 315 68.33 2.09 7.17
C ASP B 315 66.89 1.65 6.90
N LEU B 316 66.45 0.64 7.63
CA LEU B 316 65.14 0.05 7.45
C LEU B 316 64.13 0.47 8.50
N SER B 317 64.37 1.58 9.19
CA SER B 317 63.51 1.97 10.30
C SER B 317 62.08 2.27 9.85
N TYR B 318 61.95 2.99 8.73
CA TYR B 318 60.62 3.50 8.36
C TYR B 318 59.92 2.58 7.36
N MET B 319 60.69 1.88 6.52
CA MET B 319 60.06 1.04 5.50
C MET B 319 59.24 -0.07 6.15
N THR B 320 58.04 -0.28 5.62
CA THR B 320 57.13 -1.28 6.16
C THR B 320 57.66 -2.67 5.87
N LEU B 321 57.17 -3.64 6.66
CA LEU B 321 57.58 -5.04 6.48
C LEU B 321 57.34 -5.49 5.04
N GLN B 322 56.26 -5.01 4.42
CA GLN B 322 56.02 -5.33 3.01
C GLN B 322 57.13 -4.75 2.14
N GLU B 323 57.53 -3.51 2.40
CA GLU B 323 58.67 -2.93 1.71
C GLU B 323 59.96 -3.67 2.04
N ILE B 324 60.04 -4.23 3.25
CA ILE B 324 61.20 -5.03 3.62
C ILE B 324 61.29 -6.26 2.71
N LYS B 325 60.15 -6.91 2.46
CA LYS B 325 60.16 -8.02 1.51
C LYS B 325 60.40 -7.55 0.09
N GLU B 326 60.04 -6.30 -0.21
CA GLU B 326 60.30 -5.74 -1.54
C GLU B 326 61.80 -5.65 -1.83
N ALA B 327 62.60 -5.41 -0.80
CA ALA B 327 63.98 -4.98 -1.01
C ALA B 327 64.80 -5.99 -1.79
N ASN B 328 65.70 -5.48 -2.62
CA ASN B 328 66.60 -6.33 -3.38
C ASN B 328 67.60 -7.01 -2.45
N THR B 329 67.97 -8.24 -2.80
CA THR B 329 68.92 -9.01 -2.00
C THR B 329 70.21 -9.32 -2.74
N GLY B 330 70.21 -9.22 -4.07
CA GLY B 330 71.44 -9.47 -4.81
C GLY B 330 71.86 -10.92 -4.86
N SER B 331 71.12 -11.76 -5.58
CA SER B 331 71.47 -13.15 -5.86
C SER B 331 71.34 -14.05 -4.63
N LYS B 332 70.70 -13.56 -3.57
CA LYS B 332 70.42 -14.40 -2.42
C LYS B 332 68.92 -14.50 -2.19
N VAL B 333 68.46 -15.72 -1.88
CA VAL B 333 67.05 -15.99 -1.63
C VAL B 333 66.92 -16.66 -0.27
N PHE B 334 65.94 -16.23 0.52
CA PHE B 334 65.68 -16.80 1.83
C PHE B 334 64.22 -17.24 1.92
N LEU B 335 64.02 -18.51 2.25
CA LEU B 335 62.68 -19.08 2.34
C LEU B 335 62.61 -20.02 3.53
N LYS B 336 61.41 -20.15 4.11
CA LYS B 336 61.16 -21.08 5.19
C LYS B 336 59.83 -21.79 4.93
N ALA B 337 59.74 -23.05 5.37
CA ALA B 337 58.57 -23.87 5.13
C ALA B 337 58.20 -24.65 6.37
N LYS B 338 56.93 -25.04 6.46
CA LYS B 338 56.40 -25.84 7.56
C LYS B 338 55.66 -27.05 7.00
N ILE B 339 56.03 -28.24 7.45
CA ILE B 339 55.40 -29.49 7.02
C ILE B 339 55.22 -30.38 8.24
N LYS B 340 54.31 -31.35 8.08
CA LYS B 340 54.06 -32.37 9.10
C LYS B 340 54.20 -33.74 8.46
N VAL B 341 55.08 -34.57 9.02
CA VAL B 341 55.43 -35.87 8.46
C VAL B 341 54.58 -36.93 9.13
N LEU B 342 53.89 -37.73 8.32
CA LEU B 342 53.08 -38.83 8.85
C LEU B 342 53.95 -40.02 9.22
N ASP B 343 53.37 -40.94 9.97
CA ASP B 343 54.05 -42.16 10.38
C ASP B 343 53.05 -43.31 10.36
N ALA B 344 53.57 -44.53 10.33
CA ALA B 344 52.71 -45.71 10.30
C ALA B 344 52.24 -46.06 11.71
N MET B 345 51.03 -46.62 11.81
CA MET B 345 50.51 -47.04 13.10
C MET B 345 51.42 -48.09 13.71
N GLU B 346 51.79 -47.87 14.97
CA GLU B 346 52.66 -48.79 15.69
C GLU B 346 52.10 -49.23 17.03
N ASP B 347 51.42 -48.35 17.76
CA ASP B 347 50.88 -48.68 19.08
C ASP B 347 49.40 -48.36 19.08
N ILE B 348 48.57 -49.35 19.40
CA ILE B 348 47.12 -49.20 19.46
C ILE B 348 46.67 -49.45 20.88
N ASP B 349 45.90 -48.52 21.43
CA ASP B 349 45.34 -48.64 22.77
C ASP B 349 43.83 -48.69 22.65
N LEU B 350 43.24 -49.84 22.96
CA LEU B 350 41.81 -50.05 22.86
C LEU B 350 41.24 -50.33 24.24
N SER B 351 40.15 -49.64 24.58
CA SER B 351 39.49 -49.79 25.87
C SER B 351 38.06 -50.22 25.65
N ILE B 352 37.74 -51.44 26.10
CA ILE B 352 36.40 -52.01 25.95
C ILE B 352 35.78 -52.11 27.33
N GLU B 353 34.59 -51.55 27.49
CA GLU B 353 33.86 -51.63 28.74
C GLU B 353 32.61 -52.48 28.52
N ILE B 354 32.37 -53.42 29.42
CA ILE B 354 31.28 -54.36 29.27
C ILE B 354 29.95 -53.70 29.66
N ALA C 2 60.03 -43.21 26.22
CA ALA C 2 61.14 -43.75 25.45
C ALA C 2 60.64 -44.77 24.42
N ILE C 3 61.46 -45.01 23.41
CA ILE C 3 61.09 -45.93 22.35
C ILE C 3 61.26 -47.37 22.82
N GLY C 4 60.15 -48.09 22.91
CA GLY C 4 60.16 -49.48 23.34
C GLY C 4 59.47 -50.37 22.34
N LEU C 5 59.26 -51.62 22.76
CA LEU C 5 58.59 -52.58 21.89
C LEU C 5 57.15 -52.13 21.63
N PRO C 6 56.60 -52.43 20.46
CA PRO C 6 55.22 -52.03 20.18
C PRO C 6 54.25 -52.64 21.19
N SER C 7 53.26 -51.85 21.58
CA SER C 7 52.31 -52.24 22.61
C SER C 7 50.91 -52.34 22.00
N ILE C 8 50.33 -53.53 22.08
CA ILE C 8 48.92 -53.75 21.77
C ILE C 8 48.27 -54.27 23.04
N ASN C 9 47.30 -53.51 23.56
CA ASN C 9 46.65 -53.87 24.81
C ASN C 9 45.15 -53.67 24.70
N ILE C 10 44.41 -54.71 25.09
CA ILE C 10 42.95 -54.68 25.13
C ILE C 10 42.54 -54.71 26.60
N SER C 11 41.71 -53.76 27.00
CA SER C 11 41.31 -53.59 28.39
C SER C 11 39.81 -53.81 28.52
N PHE C 12 39.41 -54.53 29.57
CA PHE C 12 38.01 -54.78 29.88
C PHE C 12 37.69 -54.19 31.24
N LYS C 13 36.64 -53.37 31.29
CA LYS C 13 36.19 -52.74 32.53
C LYS C 13 34.69 -52.92 32.67
N GLU C 14 34.22 -53.01 33.90
CA GLU C 14 32.78 -53.07 34.14
C GLU C 14 32.19 -51.68 34.26
N LEU C 15 30.95 -51.53 33.80
CA LEU C 15 30.19 -50.31 34.09
C LEU C 15 29.82 -50.32 35.57
N ALA C 16 30.69 -49.71 36.37
CA ALA C 16 30.50 -49.71 37.81
C ALA C 16 29.36 -48.77 38.19
N THR C 17 28.13 -49.16 37.85
CA THR C 17 26.97 -48.39 38.27
C THR C 17 26.95 -48.31 39.79
N THR C 18 26.63 -47.14 40.32
CA THR C 18 26.84 -46.88 41.72
C THR C 18 25.68 -46.07 42.30
N VAL C 19 25.18 -46.55 43.43
CA VAL C 19 24.37 -45.76 44.34
C VAL C 19 25.17 -45.62 45.62
N LYS C 20 25.31 -44.39 46.11
CA LYS C 20 26.24 -44.14 47.20
C LYS C 20 25.81 -44.89 48.46
N GLU C 21 26.78 -45.46 49.15
CA GLU C 21 26.52 -46.17 50.41
C GLU C 21 26.39 -45.15 51.53
N ARG C 22 25.17 -45.01 52.04
CA ARG C 22 24.90 -44.09 53.13
C ARG C 22 24.94 -44.85 54.46
N SER C 23 24.83 -44.07 55.55
CA SER C 23 24.92 -44.66 56.88
C SER C 23 23.82 -45.68 57.09
N ALA C 24 24.17 -46.82 57.68
CA ALA C 24 23.20 -47.86 57.97
C ALA C 24 22.23 -47.39 59.04
N ARG C 25 20.96 -47.72 58.87
CA ARG C 25 19.92 -47.40 59.83
C ARG C 25 19.11 -48.65 60.15
N GLY C 26 18.73 -48.80 61.41
CA GLY C 26 18.00 -49.96 61.86
C GLY C 26 18.78 -50.95 62.69
N ILE C 27 19.94 -50.57 63.20
CA ILE C 27 20.76 -51.44 64.02
C ILE C 27 20.43 -51.19 65.49
N ILE C 28 20.38 -52.26 66.28
CA ILE C 28 20.01 -52.19 67.67
C ILE C 28 21.19 -52.64 68.52
N ALA C 29 21.56 -51.82 69.51
CA ALA C 29 22.58 -52.18 70.48
C ALA C 29 21.89 -52.80 71.68
N MET C 30 22.27 -54.03 72.01
CA MET C 30 21.63 -54.80 73.07
C MET C 30 22.69 -55.24 74.06
N VAL C 31 22.51 -54.90 75.33
CA VAL C 31 23.50 -55.18 76.36
C VAL C 31 22.82 -55.97 77.48
N LEU C 32 23.46 -57.07 77.88
CA LEU C 32 22.87 -58.01 78.82
C LEU C 32 23.99 -58.65 79.64
N LYS C 33 23.64 -59.10 80.84
CA LYS C 33 24.60 -59.70 81.77
C LYS C 33 24.37 -61.20 81.87
N ASP C 34 25.45 -61.97 81.75
CA ASP C 34 25.39 -63.41 81.87
C ASP C 34 26.76 -63.94 82.25
N ALA C 35 26.83 -65.25 82.47
CA ALA C 35 28.07 -65.95 82.74
C ALA C 35 28.55 -66.79 81.57
N LYS C 36 27.93 -66.65 80.39
CA LYS C 36 28.31 -67.42 79.22
C LYS C 36 28.30 -66.53 77.98
N ALA C 37 29.18 -66.87 77.03
CA ALA C 37 29.27 -66.17 75.74
C ALA C 37 29.44 -64.67 75.94
N LEU C 38 30.39 -64.30 76.81
CA LEU C 38 30.58 -62.90 77.15
C LEU C 38 31.09 -62.11 75.95
N GLY C 39 30.81 -60.81 75.95
CA GLY C 39 31.14 -59.96 74.84
C GLY C 39 30.03 -59.91 73.81
N LEU C 40 30.34 -59.30 72.68
CA LEU C 40 29.37 -59.19 71.59
C LEU C 40 29.06 -60.57 71.02
N ASN C 41 27.86 -60.70 70.45
CA ASN C 41 27.42 -61.97 69.91
C ASN C 41 26.98 -61.92 68.46
N GLU C 42 26.64 -60.73 67.94
CA GLU C 42 26.41 -60.52 66.51
C GLU C 42 25.30 -61.43 65.97
N ILE C 43 24.09 -61.19 66.46
CA ILE C 43 22.91 -61.94 65.98
C ILE C 43 22.37 -61.15 64.79
N HIS C 44 22.96 -61.41 63.63
CA HIS C 44 22.48 -60.77 62.40
C HIS C 44 21.24 -61.48 61.89
N GLU C 45 21.09 -62.76 62.19
CA GLU C 45 19.99 -63.57 61.70
C GLU C 45 19.05 -63.91 62.85
N LYS C 46 17.75 -63.87 62.57
CA LYS C 46 16.75 -64.18 63.58
C LYS C 46 16.96 -65.56 64.20
N GLU C 47 17.25 -66.57 63.38
CA GLU C 47 17.37 -67.93 63.89
C GLU C 47 18.71 -68.15 64.57
N ASP C 48 19.75 -67.42 64.16
CA ASP C 48 21.09 -67.65 64.67
C ASP C 48 21.17 -67.22 66.13
N ILE C 49 21.02 -68.18 67.04
CA ILE C 49 21.02 -67.88 68.47
C ILE C 49 22.04 -68.76 69.18
N PRO C 50 23.05 -68.19 69.82
CA PRO C 50 23.96 -69.01 70.63
C PRO C 50 23.22 -69.68 71.77
N VAL C 51 23.68 -70.88 72.14
CA VAL C 51 22.87 -71.75 72.99
C VAL C 51 23.19 -71.59 74.47
N ASP C 52 24.42 -71.21 74.81
CA ASP C 52 24.83 -71.25 76.21
C ASP C 52 24.10 -70.22 77.08
N LEU C 53 23.47 -69.21 76.47
CA LEU C 53 22.77 -68.22 77.27
C LEU C 53 21.48 -68.80 77.84
N SER C 54 20.97 -68.13 78.87
CA SER C 54 19.81 -68.61 79.60
C SER C 54 18.55 -68.53 78.73
N ALA C 55 17.54 -69.31 79.11
CA ALA C 55 16.30 -69.34 78.35
C ALA C 55 15.56 -68.02 78.40
N GLU C 56 15.51 -67.38 79.58
CA GLU C 56 14.80 -66.11 79.71
C GLU C 56 15.43 -65.03 78.83
N ASN C 57 16.76 -65.02 78.74
CA ASN C 57 17.43 -64.12 77.82
C ASN C 57 17.09 -64.45 76.38
N LYS C 58 16.88 -65.74 76.07
CA LYS C 58 16.40 -66.10 74.74
C LYS C 58 15.02 -65.52 74.49
N GLU C 59 14.14 -65.55 75.49
CA GLU C 59 12.84 -64.91 75.33
C GLU C 59 12.99 -63.42 75.09
N TYR C 60 13.90 -62.78 75.82
CA TYR C 60 14.12 -61.35 75.66
C TYR C 60 14.58 -61.01 74.24
N ILE C 61 15.57 -61.74 73.74
CA ILE C 61 16.06 -61.46 72.40
C ILE C 61 14.98 -61.79 71.37
N ASN C 62 14.16 -62.81 71.63
CA ASN C 62 13.04 -63.11 70.75
C ASN C 62 12.06 -61.94 70.67
N LEU C 63 11.74 -61.34 71.82
CA LEU C 63 10.95 -60.12 71.80
C LEU C 63 11.64 -59.04 70.97
N ALA C 64 12.97 -58.95 71.09
CA ALA C 64 13.70 -57.95 70.32
C ALA C 64 13.64 -58.20 68.82
N LEU C 65 13.49 -59.44 68.36
CA LEU C 65 13.59 -59.69 66.92
C LEU C 65 12.37 -59.21 66.17
N MET C 66 11.17 -59.34 66.76
CA MET C 66 9.95 -59.09 66.00
C MET C 66 9.83 -57.62 65.64
N GLY C 67 10.03 -57.33 64.35
CA GLY C 67 9.98 -55.96 63.86
C GLY C 67 8.55 -55.49 63.64
N ASN C 68 8.40 -54.18 63.43
CA ASN C 68 7.08 -53.61 63.23
C ASN C 68 6.54 -53.93 61.85
N VAL C 69 7.21 -53.42 60.80
CA VAL C 69 6.90 -53.76 59.43
C VAL C 69 7.83 -54.85 58.91
N ASN C 70 9.12 -54.73 59.20
CA ASN C 70 10.11 -55.70 58.78
C ASN C 70 11.09 -55.94 59.92
N THR C 71 11.85 -57.02 59.80
CA THR C 71 12.83 -57.35 60.81
C THR C 71 13.91 -56.27 60.87
N PRO C 72 14.44 -55.95 62.06
CA PRO C 72 15.58 -55.03 62.13
C PRO C 72 16.75 -55.54 61.31
N ASN C 73 17.46 -54.61 60.68
CA ASN C 73 18.51 -54.99 59.74
C ASN C 73 19.63 -55.77 60.43
N LYS C 74 20.02 -55.36 61.62
CA LYS C 74 21.11 -56.03 62.31
C LYS C 74 20.96 -55.83 63.81
N LEU C 75 21.19 -56.90 64.57
CA LEU C 75 21.08 -56.87 66.02
C LEU C 75 22.43 -57.21 66.63
N LEU C 76 22.90 -56.35 67.53
CA LEU C 76 24.17 -56.56 68.24
C LEU C 76 23.86 -56.78 69.70
N VAL C 77 24.23 -57.95 70.23
CA VAL C 77 24.03 -58.29 71.63
C VAL C 77 25.39 -58.47 72.26
N TYR C 78 25.66 -57.69 73.31
CA TYR C 78 26.91 -57.78 74.05
C TYR C 78 26.61 -58.33 75.44
N VAL C 79 27.28 -59.43 75.79
CA VAL C 79 27.11 -60.08 77.09
C VAL C 79 28.22 -59.59 78.01
N ILE C 80 27.83 -59.15 79.21
CA ILE C 80 28.76 -58.57 80.16
C ILE C 80 28.77 -59.43 81.42
N GLU C 81 29.92 -59.47 82.08
CA GLU C 81 30.03 -60.12 83.37
C GLU C 81 29.29 -59.29 84.41
N GLY C 82 28.60 -60.00 85.32
CA GLY C 82 27.83 -59.30 86.34
C GLY C 82 28.71 -58.45 87.22
N GLU C 83 28.15 -57.31 87.67
CA GLU C 83 28.79 -56.35 88.56
C GLU C 83 30.07 -55.75 87.98
N ALA C 84 30.32 -55.92 86.69
CA ALA C 84 31.47 -55.29 86.06
C ALA C 84 31.22 -53.82 85.72
N ASP C 85 30.20 -53.22 86.32
CA ASP C 85 29.80 -51.84 86.05
C ASP C 85 29.38 -51.68 84.60
N ILE C 86 29.15 -50.44 84.17
CA ILE C 86 28.52 -50.18 82.89
C ILE C 86 29.54 -49.60 81.89
N GLN C 87 30.55 -48.90 82.39
CA GLN C 87 31.56 -48.31 81.51
C GLN C 87 32.30 -49.37 80.70
N THR C 88 32.47 -50.57 81.26
CA THR C 88 33.18 -51.61 80.52
C THR C 88 32.47 -51.95 79.23
N ALA C 89 31.15 -52.13 79.28
CA ALA C 89 30.40 -52.31 78.04
C ALA C 89 30.39 -51.03 77.20
N LEU C 90 30.25 -49.88 77.85
CA LEU C 90 30.10 -48.61 77.13
C LEU C 90 31.28 -48.32 76.22
N ASP C 91 32.50 -48.63 76.67
CA ASP C 91 33.65 -48.48 75.77
C ASP C 91 33.51 -49.35 74.54
N PHE C 92 33.11 -50.61 74.76
CA PHE C 92 32.96 -51.54 73.64
C PHE C 92 31.94 -51.01 72.64
N LEU C 93 30.82 -50.49 73.12
CA LEU C 93 29.81 -49.97 72.20
C LEU C 93 30.27 -48.69 71.50
N GLU C 94 30.88 -47.75 72.22
CA GLU C 94 31.28 -46.51 71.55
C GLU C 94 32.37 -46.78 70.53
N THR C 95 33.04 -47.93 70.63
CA THR C 95 33.93 -48.34 69.56
C THR C 95 33.17 -48.53 68.24
N LYS C 96 31.97 -49.12 68.30
CA LYS C 96 31.20 -49.48 67.12
C LYS C 96 30.02 -48.54 66.90
N GLU C 97 29.32 -48.74 65.78
CA GLU C 97 28.18 -47.91 65.43
C GLU C 97 26.86 -48.64 65.68
N PHE C 98 25.82 -47.86 65.97
CA PHE C 98 24.51 -48.41 66.29
C PHE C 98 23.49 -47.28 66.27
N ASN C 99 22.23 -47.63 66.51
CA ASN C 99 21.14 -46.67 66.53
C ASN C 99 20.42 -46.59 67.87
N TYR C 100 19.97 -47.72 68.41
CA TYR C 100 19.23 -47.74 69.66
C TYR C 100 19.86 -48.72 70.65
N LEU C 101 19.74 -48.40 71.93
CA LEU C 101 20.29 -49.21 73.01
C LEU C 101 19.20 -49.52 74.04
N CYS C 102 19.26 -50.71 74.62
CA CYS C 102 18.26 -51.13 75.60
C CYS C 102 18.89 -52.12 76.57
N MET C 103 18.30 -52.19 77.78
CA MET C 103 18.74 -53.06 78.86
C MET C 103 17.54 -53.58 79.64
N PRO C 104 17.31 -54.90 79.66
CA PRO C 104 16.20 -55.44 80.45
C PRO C 104 16.39 -55.28 81.95
N LYS C 105 17.54 -55.72 82.46
CA LYS C 105 17.82 -55.70 83.89
C LYS C 105 18.82 -54.60 84.20
N ALA C 106 18.36 -53.58 84.94
CA ALA C 106 19.24 -52.49 85.34
C ALA C 106 18.68 -51.85 86.60
N VAL C 107 19.58 -51.43 87.48
CA VAL C 107 19.22 -50.68 88.65
C VAL C 107 19.13 -49.20 88.28
N GLU C 108 18.52 -48.41 89.17
CA GLU C 108 18.34 -47.00 88.88
C GLU C 108 19.67 -46.29 88.67
N ALA C 109 20.72 -46.71 89.37
CA ALA C 109 22.04 -46.14 89.14
C ALA C 109 22.51 -46.43 87.73
N ASP C 110 22.25 -47.64 87.22
CA ASP C 110 22.61 -47.96 85.85
C ASP C 110 21.88 -47.05 84.87
N LYS C 111 20.59 -46.82 85.09
CA LYS C 111 19.84 -45.93 84.20
C LYS C 111 20.40 -44.52 84.25
N THR C 112 20.76 -44.04 85.44
CA THR C 112 21.37 -42.71 85.54
C THR C 112 22.68 -42.64 84.76
N ALA C 113 23.51 -43.68 84.89
CA ALA C 113 24.78 -43.70 84.18
C ALA C 113 24.57 -43.69 82.68
N ILE C 114 23.63 -44.51 82.19
CA ILE C 114 23.37 -44.57 80.75
C ILE C 114 22.83 -43.24 80.24
N LYS C 115 21.96 -42.60 81.03
CA LYS C 115 21.43 -41.30 80.63
C LYS C 115 22.54 -40.27 80.52
N ASN C 116 23.43 -40.22 81.53
CA ASN C 116 24.52 -39.26 81.49
C ASN C 116 25.43 -39.53 80.30
N TRP C 117 25.73 -40.81 80.04
CA TRP C 117 26.57 -41.15 78.90
C TRP C 117 25.93 -40.71 77.59
N ILE C 118 24.64 -40.94 77.43
CA ILE C 118 23.97 -40.57 76.18
C ILE C 118 23.99 -39.06 75.99
N ILE C 119 23.68 -38.32 77.06
CA ILE C 119 23.67 -36.86 76.96
C ILE C 119 25.06 -36.33 76.61
N LYS C 120 26.09 -36.87 77.24
CA LYS C 120 27.44 -36.39 76.97
C LYS C 120 27.90 -36.79 75.57
N LEU C 121 27.47 -37.96 75.09
CA LEU C 121 27.95 -38.44 73.80
C LEU C 121 27.25 -37.73 72.65
N ARG C 122 25.97 -37.36 72.83
CA ARG C 122 25.26 -36.69 71.74
C ARG C 122 25.74 -35.27 71.53
N ASP C 123 26.44 -34.69 72.50
CA ASP C 123 26.81 -33.29 72.42
C ASP C 123 28.32 -33.10 72.32
N ILE C 124 29.08 -33.81 73.15
CA ILE C 124 30.53 -33.66 73.15
C ILE C 124 31.15 -34.32 71.91
N ASP C 125 30.83 -35.59 71.70
CA ASP C 125 31.40 -36.35 70.60
C ASP C 125 30.64 -36.16 69.29
N LYS C 126 29.52 -35.43 69.31
CA LYS C 126 28.73 -35.14 68.11
C LYS C 126 28.35 -36.41 67.37
N VAL C 127 27.94 -37.43 68.11
CA VAL C 127 27.44 -38.68 67.55
C VAL C 127 25.99 -38.85 68.01
N LYS C 128 25.09 -39.04 67.06
CA LYS C 128 23.66 -39.09 67.33
C LYS C 128 23.24 -40.54 67.56
N VAL C 129 22.95 -40.87 68.82
CA VAL C 129 22.43 -42.17 69.20
C VAL C 129 21.29 -41.95 70.18
N LYS C 130 20.50 -43.00 70.39
CA LYS C 130 19.34 -42.95 71.27
C LYS C 130 19.21 -44.27 72.03
N ALA C 131 18.47 -44.22 73.12
CA ALA C 131 18.23 -45.40 73.93
C ALA C 131 16.92 -45.25 74.69
N VAL C 132 16.27 -46.39 74.94
CA VAL C 132 15.00 -46.42 75.66
C VAL C 132 15.26 -46.96 77.06
N LEU C 133 14.66 -46.31 78.06
CA LEU C 133 14.88 -46.65 79.45
C LEU C 133 13.55 -46.94 80.13
N GLY C 134 13.62 -47.73 81.21
CA GLY C 134 12.39 -48.17 81.87
C GLY C 134 11.62 -47.03 82.52
N LYS C 135 12.30 -46.20 83.32
CA LYS C 135 11.62 -45.13 84.02
C LYS C 135 12.66 -44.07 84.39
N VAL C 136 12.72 -43.01 83.59
CA VAL C 136 13.60 -41.88 83.83
C VAL C 136 12.85 -40.60 83.49
N VAL C 137 13.34 -39.49 84.04
CA VAL C 137 12.73 -38.19 83.78
C VAL C 137 13.76 -37.33 83.06
N GLY C 138 14.73 -37.98 82.43
CA GLY C 138 15.72 -37.24 81.66
C GLY C 138 15.04 -36.47 80.53
N ASN C 139 15.45 -35.21 80.38
CA ASN C 139 14.75 -34.29 79.48
C ASN C 139 15.56 -34.03 78.21
N HIS C 140 16.17 -35.05 77.65
CA HIS C 140 16.93 -34.94 76.42
C HIS C 140 16.23 -35.72 75.32
N GLU C 141 16.49 -35.32 74.07
CA GLU C 141 15.87 -36.00 72.94
C GLU C 141 16.39 -37.41 72.78
N GLY C 142 17.56 -37.70 73.34
CA GLY C 142 18.20 -38.98 73.13
C GLY C 142 17.63 -40.14 73.90
N ILE C 143 16.71 -39.91 74.81
CA ILE C 143 16.13 -40.98 75.63
C ILE C 143 14.63 -41.01 75.40
N ILE C 144 14.05 -42.20 75.51
CA ILE C 144 12.61 -42.41 75.34
C ILE C 144 12.11 -43.12 76.59
N ASN C 145 11.10 -42.54 77.24
CA ASN C 145 10.64 -43.02 78.54
C ASN C 145 9.32 -43.77 78.36
N PHE C 146 9.42 -45.07 78.10
CA PHE C 146 8.25 -45.93 78.05
C PHE C 146 7.91 -46.37 79.47
N THR C 147 6.64 -46.20 79.86
CA THR C 147 6.25 -46.48 81.24
C THR C 147 4.87 -47.12 81.24
N THR C 148 4.83 -48.44 81.38
CA THR C 148 3.59 -49.19 81.52
C THR C 148 3.90 -50.47 82.27
N GLU C 149 3.16 -50.73 83.33
CA GLU C 149 3.47 -51.82 84.25
C GLU C 149 2.54 -53.00 84.05
N ASP C 150 3.03 -54.18 84.43
CA ASP C 150 2.25 -55.43 84.40
C ASP C 150 1.74 -55.74 83.00
N VAL C 151 2.68 -55.82 82.06
CA VAL C 151 2.35 -56.16 80.68
C VAL C 151 2.35 -57.67 80.52
N LEU C 152 1.26 -58.21 80.00
CA LEU C 152 1.08 -59.65 79.87
C LEU C 152 1.24 -60.05 78.41
N VAL C 153 2.33 -60.75 78.10
CA VAL C 153 2.61 -61.26 76.77
C VAL C 153 2.83 -62.77 76.87
N GLY C 154 1.98 -63.54 76.20
CA GLY C 154 2.11 -64.99 76.21
C GLY C 154 2.01 -65.57 77.60
N GLU C 155 0.92 -65.26 78.31
CA GLU C 155 0.62 -65.68 79.67
C GLU C 155 1.81 -65.52 80.61
N LYS C 156 2.65 -64.51 80.36
CA LYS C 156 3.74 -64.16 81.26
C LYS C 156 3.65 -62.68 81.61
N LYS C 157 3.90 -62.36 82.87
CA LYS C 157 3.97 -60.98 83.32
C LYS C 157 5.31 -60.39 82.96
N TYR C 158 5.30 -59.13 82.54
CA TYR C 158 6.53 -58.41 82.20
C TYR C 158 6.49 -57.02 82.83
N SER C 159 7.60 -56.66 83.48
CA SER C 159 7.73 -55.30 83.98
C SER C 159 8.12 -54.38 82.84
N VAL C 160 8.16 -53.08 83.14
CA VAL C 160 8.47 -52.08 82.12
C VAL C 160 9.88 -52.27 81.59
N ASP C 161 10.84 -52.52 82.48
CA ASP C 161 12.24 -52.63 82.06
C ASP C 161 12.44 -53.79 81.09
N GLU C 162 11.79 -54.92 81.35
CA GLU C 162 11.92 -56.06 80.46
C GLU C 162 11.23 -55.80 79.13
N PHE C 163 10.12 -55.06 79.14
CA PHE C 163 9.39 -54.76 77.91
C PHE C 163 10.06 -53.66 77.09
N THR C 164 11.03 -52.95 77.66
CA THR C 164 11.75 -51.95 76.89
C THR C 164 12.41 -52.56 75.66
N SER C 165 12.82 -53.82 75.74
CA SER C 165 13.40 -54.48 74.57
C SER C 165 12.39 -54.59 73.44
N ARG C 166 11.16 -54.99 73.77
CA ARG C 166 10.12 -55.08 72.75
C ARG C 166 9.81 -53.70 72.19
N VAL C 167 9.79 -52.67 73.05
CA VAL C 167 9.54 -51.31 72.58
C VAL C 167 10.63 -50.88 71.59
N ALA C 168 11.89 -51.17 71.93
CA ALA C 168 13.00 -50.77 71.06
C ALA C 168 12.94 -51.50 69.72
N GLY C 169 12.63 -52.80 69.75
CA GLY C 169 12.46 -53.52 68.49
C GLY C 169 11.32 -52.96 67.66
N LEU C 170 10.22 -52.59 68.32
CA LEU C 170 9.10 -51.98 67.62
C LEU C 170 9.52 -50.67 66.95
N ILE C 171 10.29 -49.84 67.66
CA ILE C 171 10.73 -48.58 67.09
C ILE C 171 11.66 -48.81 65.91
N ALA C 172 12.61 -49.73 66.05
CA ALA C 172 13.59 -49.94 64.99
C ALA C 172 12.98 -50.62 63.77
N GLY C 173 11.89 -51.36 63.95
CA GLY C 173 11.30 -52.07 62.83
C GLY C 173 10.74 -51.15 61.76
N THR C 174 10.11 -50.05 62.17
CA THR C 174 9.39 -49.21 61.23
C THR C 174 10.35 -48.48 60.29
N PRO C 175 9.92 -48.21 59.06
CA PRO C 175 10.72 -47.37 58.17
C PRO C 175 10.68 -45.92 58.58
N LEU C 176 11.51 -45.08 57.96
CA LEU C 176 11.51 -43.66 58.29
C LEU C 176 10.31 -42.93 57.71
N SER C 177 9.71 -43.46 56.64
CA SER C 177 8.57 -42.79 56.02
C SER C 177 7.37 -42.76 56.96
N GLN C 178 7.14 -43.85 57.68
CA GLN C 178 5.99 -43.96 58.57
C GLN C 178 6.37 -43.62 59.99
N SER C 179 5.35 -43.51 60.84
CA SER C 179 5.53 -43.21 62.24
C SER C 179 5.13 -44.40 63.10
N VAL C 180 5.33 -44.26 64.41
CA VAL C 180 5.07 -45.35 65.35
C VAL C 180 3.67 -45.28 65.96
N THR C 181 3.06 -44.10 65.96
CA THR C 181 1.78 -43.90 66.64
C THR C 181 0.71 -44.84 66.11
N TYR C 182 -0.09 -45.38 67.03
CA TYR C 182 -1.28 -46.16 66.70
C TYR C 182 -0.91 -47.40 65.90
N THR C 183 -0.04 -48.22 66.49
CA THR C 183 0.39 -49.47 65.89
C THR C 183 -0.04 -50.61 66.79
N LYS C 184 -0.68 -51.61 66.20
CA LYS C 184 -1.21 -52.74 66.95
C LYS C 184 -0.09 -53.65 67.42
N LEU C 185 -0.24 -54.15 68.65
CA LEU C 185 0.65 -55.16 69.22
C LEU C 185 -0.19 -56.39 69.51
N SER C 186 -0.30 -57.28 68.53
CA SER C 186 -1.10 -58.49 68.70
C SER C 186 -0.56 -59.41 69.78
N ASP C 187 0.69 -59.22 70.20
CA ASP C 187 1.28 -60.10 71.21
C ASP C 187 0.61 -59.90 72.57
N VAL C 188 0.47 -58.65 73.00
CA VAL C 188 -0.09 -58.36 74.31
C VAL C 188 -1.59 -58.63 74.30
N VAL C 189 -2.14 -59.02 75.45
CA VAL C 189 -3.54 -59.39 75.51
C VAL C 189 -4.31 -58.51 76.49
N ASP C 190 -3.62 -57.88 77.45
CA ASP C 190 -4.31 -56.98 78.36
C ASP C 190 -3.34 -56.01 79.01
N ILE C 191 -3.87 -54.83 79.36
CA ILE C 191 -3.15 -53.79 80.08
C ILE C 191 -3.97 -53.47 81.33
N PRO C 192 -3.35 -53.01 82.41
CA PRO C 192 -4.15 -52.48 83.53
C PRO C 192 -5.04 -51.34 83.07
N LYS C 193 -6.27 -51.33 83.55
CA LYS C 193 -7.24 -50.34 83.10
C LYS C 193 -6.92 -48.97 83.69
N MET C 194 -7.14 -47.94 82.86
CA MET C 194 -6.76 -46.58 83.22
C MET C 194 -7.41 -45.61 82.24
N THR C 195 -7.88 -44.48 82.75
CA THR C 195 -8.77 -43.60 82.02
C THR C 195 -8.03 -42.80 80.96
N LYS C 196 -8.81 -42.15 80.10
CA LYS C 196 -8.24 -41.42 78.96
C LYS C 196 -7.60 -40.11 79.40
N VAL C 197 -8.23 -39.39 80.33
CA VAL C 197 -7.68 -38.11 80.77
C VAL C 197 -6.34 -38.33 81.47
N ASP C 198 -6.22 -39.45 82.20
CA ASP C 198 -4.93 -39.80 82.77
C ASP C 198 -3.88 -40.01 81.68
N ALA C 199 -4.27 -40.67 80.60
CA ALA C 199 -3.35 -40.87 79.48
C ALA C 199 -2.92 -39.53 78.88
N GLU C 200 -3.87 -38.60 78.75
CA GLU C 200 -3.52 -37.26 78.31
C GLU C 200 -2.49 -36.62 79.23
N SER C 201 -2.69 -36.79 80.54
CA SER C 201 -1.75 -36.23 81.51
C SER C 201 -0.35 -36.83 81.34
N ARG C 202 -0.27 -38.15 81.21
CA ARG C 202 1.04 -38.78 81.05
C ARG C 202 1.71 -38.37 79.75
N VAL C 203 0.94 -38.29 78.66
CA VAL C 203 1.52 -37.90 77.37
C VAL C 203 2.04 -36.47 77.45
N ASN C 204 1.29 -35.59 78.11
CA ASN C 204 1.74 -34.20 78.26
C ASN C 204 3.03 -34.11 79.07
N LYS C 205 3.36 -35.15 79.83
CA LYS C 205 4.59 -35.17 80.60
C LYS C 205 5.79 -35.63 79.78
N GLY C 206 5.60 -35.99 78.52
CA GLY C 206 6.64 -36.62 77.74
C GLY C 206 6.77 -38.11 77.95
N GLU C 207 5.97 -38.68 78.83
CA GLU C 207 5.98 -40.12 79.09
C GLU C 207 5.35 -40.85 77.91
N LEU C 208 5.89 -42.03 77.60
CA LEU C 208 5.34 -42.88 76.54
C LEU C 208 4.53 -44.00 77.16
N ILE C 209 3.28 -44.15 76.72
CA ILE C 209 2.34 -45.07 77.34
C ILE C 209 1.69 -45.96 76.28
N LEU C 210 1.01 -46.99 76.76
CA LEU C 210 0.30 -47.94 75.91
C LEU C 210 -1.19 -47.89 76.24
N ILE C 211 -2.02 -47.77 75.22
CA ILE C 211 -3.45 -47.54 75.41
C ILE C 211 -4.22 -48.63 74.67
N LYS C 212 -5.31 -49.07 75.28
CA LYS C 212 -6.27 -49.96 74.64
C LYS C 212 -7.37 -49.10 74.02
N GLU C 213 -7.44 -49.09 72.69
CA GLU C 213 -8.45 -48.33 71.98
C GLU C 213 -8.71 -49.04 70.66
N ALA C 214 -9.95 -48.92 70.18
CA ALA C 214 -10.46 -49.70 69.04
C ALA C 214 -10.32 -51.18 69.36
N GLY C 215 -10.03 -52.01 68.35
CA GLY C 215 -10.06 -53.45 68.53
C GLY C 215 -8.86 -54.02 69.28
N ALA C 216 -7.70 -53.38 69.15
CA ALA C 216 -6.46 -53.92 69.69
C ALA C 216 -5.80 -52.95 70.65
N ILE C 217 -4.58 -53.29 71.06
CA ILE C 217 -3.79 -52.41 71.91
C ILE C 217 -2.74 -51.73 71.06
N ARG C 218 -2.66 -50.40 71.16
CA ARG C 218 -1.83 -49.60 70.27
C ARG C 218 -1.04 -48.56 71.06
N ILE C 219 0.07 -48.13 70.48
CA ILE C 219 0.89 -47.07 71.07
C ILE C 219 0.16 -45.74 70.95
N ALA C 220 0.31 -44.91 71.99
CA ALA C 220 -0.40 -43.64 72.09
C ALA C 220 0.55 -42.51 71.77
N ARG C 221 0.65 -42.15 70.49
CA ARG C 221 1.35 -40.95 70.03
C ARG C 221 2.79 -40.92 70.60
N GLY C 222 3.60 -41.83 70.04
CA GLY C 222 5.00 -41.89 70.39
C GLY C 222 5.69 -40.53 70.34
N VAL C 223 6.15 -40.07 71.50
CA VAL C 223 6.77 -38.76 71.63
C VAL C 223 8.07 -38.90 72.40
N ASN C 224 8.88 -37.83 72.34
CA ASN C 224 10.17 -37.84 72.99
C ASN C 224 10.03 -37.64 74.50
N SER C 225 11.17 -37.46 75.17
CA SER C 225 11.15 -37.34 76.62
C SER C 225 11.27 -35.90 77.10
N LEU C 226 11.74 -34.98 76.26
CA LEU C 226 11.94 -33.61 76.71
C LEU C 226 10.60 -32.91 76.89
N THR C 227 10.52 -32.04 77.89
CA THR C 227 9.29 -31.32 78.20
C THR C 227 9.40 -29.81 78.10
N GLU C 228 10.55 -29.22 78.41
CA GLU C 228 10.70 -27.77 78.34
C GLU C 228 11.10 -27.36 76.93
N LEU C 229 10.43 -26.36 76.40
CA LEU C 229 10.66 -25.88 75.04
C LEU C 229 11.37 -24.54 75.09
N THR C 230 12.65 -24.52 74.73
CA THR C 230 13.40 -23.28 74.69
C THR C 230 13.08 -22.52 73.41
N ALA C 231 13.63 -21.31 73.29
CA ALA C 231 13.56 -20.60 72.03
C ALA C 231 14.43 -21.28 70.99
N GLU C 232 15.37 -22.11 71.43
CA GLU C 232 16.23 -22.84 70.52
C GLU C 232 15.58 -24.15 70.08
N LYS C 233 14.94 -24.85 71.02
CA LYS C 233 14.35 -26.16 70.73
C LYS C 233 12.85 -25.98 70.53
N GLY C 234 12.40 -26.16 69.28
CA GLY C 234 11.00 -25.98 68.96
C GLY C 234 10.18 -27.23 69.22
N GLU C 235 8.91 -27.14 68.82
CA GLU C 235 7.97 -28.23 69.10
C GLU C 235 8.36 -29.51 68.36
N MET C 236 8.79 -29.38 67.10
CA MET C 236 9.08 -30.56 66.29
C MET C 236 10.17 -31.44 66.91
N PHE C 237 10.99 -30.89 67.78
CA PHE C 237 12.03 -31.69 68.43
C PHE C 237 11.45 -32.70 69.41
N GLN C 238 10.12 -32.72 69.59
CA GLN C 238 9.48 -33.66 70.49
C GLN C 238 8.99 -34.92 69.78
N LYS C 239 8.93 -34.91 68.45
CA LYS C 239 8.46 -36.04 67.67
C LYS C 239 9.61 -37.00 67.38
N ILE C 240 9.34 -38.29 67.49
CA ILE C 240 10.38 -39.29 67.26
C ILE C 240 10.81 -39.28 65.80
N LYS C 241 9.85 -39.24 64.87
CA LYS C 241 10.18 -39.32 63.45
C LYS C 241 11.06 -38.16 63.01
N ILE C 242 10.76 -36.96 63.49
CA ILE C 242 11.51 -35.78 63.06
C ILE C 242 12.93 -35.83 63.59
N VAL C 243 13.10 -36.18 64.87
CA VAL C 243 14.45 -36.25 65.42
C VAL C 243 15.25 -37.37 64.73
N ASP C 244 14.57 -38.45 64.34
CA ASP C 244 15.27 -39.54 63.67
C ASP C 244 15.74 -39.13 62.28
N THR C 245 14.89 -38.45 61.51
CA THR C 245 15.33 -38.01 60.20
C THR C 245 16.41 -36.95 60.30
N LEU C 246 16.35 -36.10 61.33
CA LEU C 246 17.44 -35.17 61.56
C LEU C 246 18.74 -35.90 61.84
N ASP C 247 18.69 -36.96 62.66
CA ASP C 247 19.90 -37.72 62.97
C ASP C 247 20.50 -38.35 61.71
N ILE C 248 19.67 -38.95 60.87
CA ILE C 248 20.23 -39.60 59.69
C ILE C 248 20.79 -38.56 58.73
N ILE C 249 20.13 -37.40 58.60
CA ILE C 249 20.67 -36.32 57.77
C ILE C 249 22.04 -35.91 58.28
N HIS C 250 22.16 -35.71 59.60
CA HIS C 250 23.42 -35.30 60.18
C HIS C 250 24.52 -36.31 59.89
N SER C 251 24.23 -37.60 60.11
CA SER C 251 25.25 -38.62 59.93
C SER C 251 25.70 -38.69 58.48
N ASP C 252 24.75 -38.65 57.54
CA ASP C 252 25.12 -38.74 56.13
C ASP C 252 25.97 -37.54 55.71
N ILE C 253 25.58 -36.33 56.11
CA ILE C 253 26.33 -35.15 55.73
C ILE C 253 27.74 -35.21 56.30
N ARG C 254 27.85 -35.59 57.57
CA ARG C 254 29.18 -35.70 58.18
C ARG C 254 30.04 -36.70 57.45
N LYS C 255 29.48 -37.87 57.13
CA LYS C 255 30.28 -38.92 56.48
C LYS C 255 30.76 -38.46 55.12
N VAL C 256 29.88 -37.85 54.32
CA VAL C 256 30.29 -37.34 53.02
C VAL C 256 31.41 -36.31 53.17
N ILE C 257 31.24 -35.38 54.11
CA ILE C 257 32.21 -34.31 54.28
C ILE C 257 33.58 -34.86 54.63
N ILE C 258 33.62 -35.78 55.61
CA ILE C 258 34.93 -36.28 56.03
C ILE C 258 35.53 -37.16 54.94
N ASP C 259 34.72 -37.94 54.24
CA ASP C 259 35.28 -38.88 53.27
C ASP C 259 35.79 -38.21 52.01
N ASP C 260 35.20 -37.07 51.62
CA ASP C 260 35.53 -36.50 50.31
C ASP C 260 36.23 -35.15 50.38
N TYR C 261 35.76 -34.24 51.22
CA TYR C 261 36.12 -32.83 51.11
C TYR C 261 36.99 -32.33 52.25
N ILE C 262 37.72 -33.20 52.94
CA ILE C 262 38.59 -32.77 54.01
C ILE C 262 40.03 -32.96 53.56
N GLY C 263 40.83 -31.91 53.68
CA GLY C 263 42.25 -32.00 53.39
C GLY C 263 42.60 -32.41 51.97
N LYS C 264 41.65 -32.36 51.06
CA LYS C 264 41.88 -32.79 49.69
C LYS C 264 41.48 -31.76 48.63
N VAL C 265 40.78 -30.70 49.01
CA VAL C 265 40.32 -29.69 48.06
C VAL C 265 40.77 -28.32 48.55
N THR C 266 41.32 -27.53 47.64
CA THR C 266 41.76 -26.19 47.99
C THR C 266 40.57 -25.30 48.33
N ASN C 267 40.73 -24.51 49.38
CA ASN C 267 39.66 -23.64 49.85
C ASN C 267 39.56 -22.43 48.93
N SER C 268 38.74 -22.53 47.90
CA SER C 268 38.52 -21.42 46.98
C SER C 268 37.04 -21.32 46.71
N TYR C 269 36.65 -20.22 46.05
CA TYR C 269 35.23 -19.97 45.81
C TYR C 269 34.60 -21.09 45.00
N ASP C 270 35.28 -21.52 43.94
CA ASP C 270 34.71 -22.54 43.06
C ASP C 270 34.56 -23.87 43.78
N ASN C 271 35.53 -24.23 44.63
CA ASN C 271 35.39 -25.43 45.43
C ASN C 271 34.20 -25.33 46.38
N LYS C 272 33.99 -24.15 46.95
CA LYS C 272 32.81 -23.94 47.80
C LYS C 272 31.53 -24.14 46.99
N CYS C 273 31.49 -23.62 45.77
CA CYS C 273 30.31 -23.79 44.93
C CYS C 273 30.07 -25.27 44.62
N LEU C 274 31.14 -26.01 44.34
CA LEU C 274 30.99 -27.44 44.06
C LEU C 274 30.49 -28.19 45.29
N LEU C 275 31.00 -27.84 46.47
CA LEU C 275 30.52 -28.47 47.70
C LEU C 275 29.04 -28.15 47.93
N ILE C 276 28.64 -26.91 47.67
CA ILE C 276 27.24 -26.53 47.79
C ILE C 276 26.37 -27.34 46.83
N VAL C 277 26.85 -27.52 45.60
CA VAL C 277 26.08 -28.30 44.62
C VAL C 277 25.94 -29.74 45.09
N ALA C 278 27.01 -30.31 45.63
CA ALA C 278 26.92 -31.69 46.13
C ALA C 278 25.93 -31.80 47.28
N ILE C 279 25.95 -30.83 48.19
CA ILE C 279 25.03 -30.85 49.33
C ILE C 279 23.59 -30.75 48.84
N LYS C 280 23.34 -29.82 47.90
CA LYS C 280 21.99 -29.67 47.37
C LYS C 280 21.54 -30.92 46.63
N SER C 281 22.45 -31.59 45.93
CA SER C 281 22.11 -32.83 45.26
C SER C 281 21.69 -33.89 46.27
N TYR C 282 22.44 -34.02 47.36
CA TYR C 282 22.05 -34.98 48.38
C TYR C 282 20.69 -34.63 48.99
N LEU C 283 20.46 -33.35 49.25
CA LEU C 283 19.17 -32.96 49.83
C LEU C 283 18.03 -33.27 48.87
N GLU C 284 18.21 -33.01 47.58
CA GLU C 284 17.18 -33.34 46.61
C GLU C 284 16.95 -34.85 46.54
N GLU C 285 18.02 -35.63 46.61
CA GLU C 285 17.88 -37.08 46.61
C GLU C 285 17.07 -37.55 47.81
N LEU C 286 17.31 -36.96 48.98
CA LEU C 286 16.50 -37.28 50.14
C LEU C 286 15.07 -36.83 49.96
N GLU C 287 14.86 -35.69 49.31
CA GLU C 287 13.51 -35.21 49.04
C GLU C 287 12.75 -36.19 48.16
N LYS C 288 13.44 -36.90 47.27
CA LYS C 288 12.79 -37.88 46.42
C LYS C 288 12.05 -38.94 47.24
N SER C 289 12.65 -39.39 48.35
CA SER C 289 12.03 -40.40 49.18
C SER C 289 10.94 -39.85 50.08
N ALA C 290 10.52 -38.60 49.87
CA ALA C 290 9.45 -37.96 50.62
C ALA C 290 9.74 -37.86 52.12
N LEU C 291 10.94 -37.44 52.49
CA LEU C 291 11.22 -37.18 53.90
C LEU C 291 11.24 -35.70 54.22
N ILE C 292 11.54 -34.85 53.24
CA ILE C 292 11.53 -33.41 53.42
C ILE C 292 10.72 -32.77 52.31
N GLU C 293 10.45 -31.47 52.42
CA GLU C 293 9.69 -30.77 51.40
C GLU C 293 10.51 -30.62 50.13
N SER C 294 9.84 -30.20 49.06
CA SER C 294 10.46 -30.20 47.75
C SER C 294 11.55 -29.13 47.64
N ASP C 295 11.26 -27.92 48.10
CA ASP C 295 12.15 -26.79 47.87
C ASP C 295 13.01 -26.53 49.09
N SER C 296 14.33 -26.66 48.92
CA SER C 296 15.30 -26.36 49.96
C SER C 296 16.46 -25.59 49.32
N THR C 297 17.13 -24.78 50.11
CA THR C 297 18.20 -23.94 49.60
C THR C 297 19.44 -24.05 50.48
N VAL C 298 20.61 -23.99 49.85
CA VAL C 298 21.89 -23.96 50.55
C VAL C 298 22.68 -22.77 50.00
N GLU C 299 23.23 -21.97 50.91
CA GLU C 299 23.87 -20.73 50.51
C GLU C 299 24.88 -20.39 51.59
N ILE C 300 26.03 -19.82 51.20
CA ILE C 300 27.12 -19.60 52.14
C ILE C 300 26.65 -18.69 53.27
N ASP C 301 27.03 -19.04 54.49
CA ASP C 301 26.63 -18.26 55.66
C ASP C 301 27.45 -16.98 55.69
N PHE C 302 26.86 -15.90 55.18
CA PHE C 302 27.57 -14.65 54.96
C PHE C 302 27.90 -13.90 56.25
N GLU C 303 26.95 -13.80 57.17
CA GLU C 303 27.15 -12.99 58.37
C GLU C 303 28.27 -13.56 59.23
N ALA C 304 28.33 -14.89 59.34
CA ALA C 304 29.42 -15.51 60.08
C ALA C 304 30.76 -15.23 59.41
N GLN C 305 30.78 -15.22 58.07
CA GLN C 305 32.01 -14.90 57.35
C GLN C 305 32.45 -13.46 57.62
N LYS C 306 31.50 -12.52 57.63
CA LYS C 306 31.85 -11.14 57.95
C LYS C 306 32.37 -11.02 59.37
N SER C 307 31.73 -11.71 60.32
CA SER C 307 32.21 -11.68 61.69
C SER C 307 33.63 -12.23 61.79
N TYR C 308 33.90 -13.32 61.09
CA TYR C 308 35.24 -13.90 61.10
C TYR C 308 36.26 -12.94 60.50
N LEU C 309 35.92 -12.31 59.38
CA LEU C 309 36.84 -11.38 58.74
C LEU C 309 37.13 -10.19 59.64
N LYS C 310 36.09 -9.63 60.26
CA LYS C 310 36.28 -8.50 61.16
C LYS C 310 37.09 -8.90 62.38
N SER C 311 36.92 -10.14 62.85
CA SER C 311 37.68 -10.61 64.00
C SER C 311 39.17 -10.66 63.69
N LYS C 312 39.53 -10.89 62.43
CA LYS C 312 40.92 -10.87 62.01
C LYS C 312 41.47 -9.47 61.84
N GLY C 313 40.62 -8.49 61.54
CA GLY C 313 41.05 -7.11 61.44
C GLY C 313 41.02 -6.51 60.06
N VAL C 314 40.37 -7.16 59.09
CA VAL C 314 40.31 -6.60 57.75
C VAL C 314 39.44 -5.36 57.72
N ASP C 315 39.72 -4.47 56.77
CA ASP C 315 38.87 -3.31 56.53
C ASP C 315 37.87 -3.70 55.46
N LEU C 316 36.63 -3.96 55.89
CA LEU C 316 35.57 -4.40 55.01
C LEU C 316 34.55 -3.31 54.71
N SER C 317 34.90 -2.04 54.93
CA SER C 317 33.92 -0.98 54.78
C SER C 317 33.48 -0.81 53.34
N TYR C 318 34.43 -0.75 52.41
CA TYR C 318 34.08 -0.40 51.02
C TYR C 318 33.78 -1.64 50.19
N MET C 319 34.43 -2.76 50.48
CA MET C 319 34.20 -3.97 49.70
C MET C 319 32.75 -4.43 49.86
N THR C 320 32.17 -4.88 48.74
CA THR C 320 30.74 -5.09 48.65
C THR C 320 30.38 -6.50 49.12
N LEU C 321 29.07 -6.72 49.28
CA LEU C 321 28.51 -8.03 49.65
C LEU C 321 29.23 -9.16 48.94
N GLN C 322 29.22 -9.15 47.60
CA GLN C 322 29.88 -10.20 46.85
C GLN C 322 31.37 -10.19 47.11
N GLU C 323 32.00 -9.01 47.02
CA GLU C 323 33.42 -8.88 47.29
C GLU C 323 33.78 -9.44 48.66
N ILE C 324 32.88 -9.26 49.63
CA ILE C 324 33.04 -9.96 50.90
C ILE C 324 32.97 -11.46 50.68
N LYS C 325 32.11 -11.91 49.76
CA LYS C 325 31.87 -13.34 49.63
C LYS C 325 33.10 -14.10 49.12
N GLU C 326 33.81 -13.60 48.10
CA GLU C 326 34.93 -14.44 47.64
C GLU C 326 36.14 -14.33 48.56
N ALA C 327 36.07 -13.46 49.57
CA ALA C 327 37.24 -13.21 50.40
C ALA C 327 37.76 -14.50 51.03
N ASN C 328 39.09 -14.61 51.10
CA ASN C 328 39.72 -15.83 51.60
C ASN C 328 39.45 -16.01 53.08
N THR C 329 39.31 -17.26 53.50
CA THR C 329 39.01 -17.61 54.89
C THR C 329 40.09 -18.46 55.54
N GLY C 330 40.93 -19.13 54.74
CA GLY C 330 41.99 -19.94 55.32
C GLY C 330 41.54 -21.20 56.01
N SER C 331 41.07 -22.18 55.24
CA SER C 331 40.72 -23.53 55.71
C SER C 331 39.45 -23.53 56.54
N LYS C 332 38.66 -22.45 56.50
CA LYS C 332 37.38 -22.43 57.17
C LYS C 332 36.26 -22.18 56.18
N VAL C 333 35.16 -22.92 56.32
CA VAL C 333 34.01 -22.83 55.44
C VAL C 333 32.77 -22.57 56.29
N PHE C 334 31.92 -21.65 55.83
CA PHE C 334 30.68 -21.31 56.51
C PHE C 334 29.51 -21.44 55.56
N LEU C 335 28.52 -22.24 55.94
CA LEU C 335 27.36 -22.50 55.10
C LEU C 335 26.11 -22.56 55.96
N LYS C 336 24.97 -22.23 55.36
CA LYS C 336 23.68 -22.36 56.00
C LYS C 336 22.67 -22.90 54.99
N ALA C 337 21.78 -23.78 55.46
CA ALA C 337 20.81 -24.44 54.60
C ALA C 337 19.46 -24.50 55.30
N LYS C 338 18.38 -24.35 54.52
CA LYS C 338 17.02 -24.35 55.02
C LYS C 338 16.25 -25.52 54.44
N ILE C 339 15.64 -26.32 55.32
CA ILE C 339 14.83 -27.47 54.92
C ILE C 339 13.54 -27.47 55.71
N LYS C 340 12.56 -28.21 55.20
CA LYS C 340 11.28 -28.40 55.88
C LYS C 340 11.00 -29.90 55.98
N VAL C 341 10.79 -30.37 57.21
CA VAL C 341 10.64 -31.79 57.50
C VAL C 341 9.16 -32.14 57.48
N LEU C 342 8.81 -33.18 56.73
CA LEU C 342 7.44 -33.65 56.69
C LEU C 342 7.14 -34.54 57.89
N ASP C 343 5.85 -34.78 58.13
CA ASP C 343 5.39 -35.64 59.21
C ASP C 343 4.19 -36.44 58.71
N ALA C 344 3.84 -37.48 59.47
CA ALA C 344 2.73 -38.34 59.08
C ALA C 344 1.41 -37.80 59.60
N MET C 345 0.34 -38.09 58.87
CA MET C 345 -0.99 -37.66 59.31
C MET C 345 -1.32 -38.28 60.66
N GLU C 346 -1.73 -37.43 61.60
CA GLU C 346 -2.03 -37.88 62.95
C GLU C 346 -3.37 -37.40 63.47
N ASP C 347 -3.82 -36.21 63.08
CA ASP C 347 -5.11 -35.66 63.51
C ASP C 347 -5.86 -35.21 62.27
N ILE C 348 -7.09 -35.68 62.13
CA ILE C 348 -7.93 -35.36 60.97
C ILE C 348 -9.20 -34.69 61.48
N ASP C 349 -9.54 -33.54 60.89
CA ASP C 349 -10.73 -32.79 61.25
C ASP C 349 -11.61 -32.73 60.01
N LEU C 350 -12.75 -33.41 60.05
CA LEU C 350 -13.68 -33.46 58.94
C LEU C 350 -15.00 -32.83 59.38
N SER C 351 -15.51 -31.92 58.54
CA SER C 351 -16.76 -31.22 58.82
C SER C 351 -17.73 -31.49 57.67
N ILE C 352 -18.89 -32.06 58.01
CA ILE C 352 -19.91 -32.41 57.03
C ILE C 352 -21.20 -31.70 57.43
N GLU C 353 -21.81 -30.99 56.49
CA GLU C 353 -23.12 -30.39 56.72
C GLU C 353 -24.10 -31.07 55.77
N ILE C 354 -25.35 -31.22 56.23
CA ILE C 354 -26.35 -31.95 55.48
C ILE C 354 -26.92 -31.07 54.37
N ALA D 2 -0.40 -28.39 73.37
CA ALA D 2 0.27 -29.56 73.93
C ALA D 2 -0.08 -30.81 73.14
N ILE D 3 0.86 -31.75 73.08
CA ILE D 3 0.63 -32.99 72.35
C ILE D 3 -0.27 -33.90 73.16
N GLY D 4 -1.40 -34.29 72.57
CA GLY D 4 -2.35 -35.17 73.22
C GLY D 4 -2.59 -36.41 72.40
N LEU D 5 -3.62 -37.16 72.81
CA LEU D 5 -4.00 -38.35 72.08
C LEU D 5 -4.47 -37.95 70.67
N PRO D 6 -4.28 -38.82 69.68
CA PRO D 6 -4.76 -38.50 68.33
C PRO D 6 -6.26 -38.24 68.32
N SER D 7 -6.67 -37.24 67.55
CA SER D 7 -8.06 -36.80 67.50
C SER D 7 -8.63 -37.04 66.12
N ILE D 8 -9.70 -37.82 66.04
CA ILE D 8 -10.49 -37.98 64.83
C ILE D 8 -11.92 -37.60 65.17
N ASN D 9 -12.44 -36.57 64.48
CA ASN D 9 -13.78 -36.09 64.77
C ASN D 9 -14.51 -35.79 63.47
N ILE D 10 -15.75 -36.27 63.40
CA ILE D 10 -16.64 -35.98 62.28
C ILE D 10 -17.81 -35.18 62.84
N SER D 11 -18.08 -34.04 62.22
CA SER D 11 -19.12 -33.12 62.69
C SER D 11 -20.23 -33.04 61.66
N PHE D 12 -21.47 -33.05 62.15
CA PHE D 12 -22.64 -32.91 61.30
C PHE D 12 -23.38 -31.63 61.67
N LYS D 13 -23.64 -30.79 60.67
CA LYS D 13 -24.31 -29.52 60.87
C LYS D 13 -25.44 -29.41 59.85
N GLU D 14 -26.42 -28.56 60.16
CA GLU D 14 -27.49 -28.30 59.21
C GLU D 14 -27.21 -27.02 58.43
N LEU D 15 -27.60 -27.02 57.15
CA LEU D 15 -27.59 -25.78 56.37
C LEU D 15 -28.74 -24.90 56.88
N ALA D 16 -28.40 -24.07 57.86
CA ALA D 16 -29.41 -23.25 58.51
C ALA D 16 -29.84 -22.10 57.60
N THR D 17 -30.59 -22.43 56.54
CA THR D 17 -31.14 -21.39 55.69
C THR D 17 -32.02 -20.47 56.53
N THR D 18 -31.90 -19.17 56.31
CA THR D 18 -32.48 -18.20 57.22
C THR D 18 -33.13 -17.07 56.45
N VAL D 19 -34.38 -16.78 56.83
CA VAL D 19 -35.03 -15.53 56.50
C VAL D 19 -35.23 -14.78 57.82
N LYS D 20 -34.84 -13.51 57.84
CA LYS D 20 -34.80 -12.78 59.10
C LYS D 20 -36.21 -12.63 59.67
N GLU D 21 -36.33 -12.80 60.98
CA GLU D 21 -37.59 -12.62 61.67
C GLU D 21 -37.83 -11.14 61.93
N ARG D 22 -38.82 -10.58 61.26
CA ARG D 22 -39.17 -9.18 61.43
C ARG D 22 -40.30 -9.02 62.43
N SER D 23 -40.57 -7.76 62.78
CA SER D 23 -41.61 -7.47 63.76
C SER D 23 -42.96 -8.01 63.29
N ALA D 24 -43.67 -8.65 64.22
CA ALA D 24 -44.96 -9.26 63.88
C ALA D 24 -46.00 -8.18 63.57
N ARG D 25 -46.80 -8.43 62.55
CA ARG D 25 -47.90 -7.55 62.18
C ARG D 25 -49.18 -8.35 62.09
N GLY D 26 -50.28 -7.74 62.52
CA GLY D 26 -51.56 -8.41 62.54
C GLY D 26 -52.08 -8.79 63.90
N ILE D 27 -51.46 -8.32 64.98
CA ILE D 27 -51.90 -8.62 66.32
C ILE D 27 -52.86 -7.54 66.78
N ILE D 28 -53.89 -7.93 67.53
CA ILE D 28 -54.91 -7.02 68.02
C ILE D 28 -54.88 -7.07 69.54
N ALA D 29 -54.83 -5.89 70.16
CA ALA D 29 -54.97 -5.77 71.61
C ALA D 29 -56.44 -5.60 71.93
N MET D 30 -56.99 -6.52 72.70
CA MET D 30 -58.39 -6.50 73.09
C MET D 30 -58.50 -6.35 74.59
N VAL D 31 -59.32 -5.41 75.03
CA VAL D 31 -59.53 -5.14 76.45
C VAL D 31 -61.03 -5.10 76.72
N LEU D 32 -61.43 -5.72 77.83
CA LEU D 32 -62.83 -5.86 78.19
C LEU D 32 -62.93 -6.06 79.69
N LYS D 33 -64.07 -5.66 80.25
CA LYS D 33 -64.29 -5.72 81.70
C LYS D 33 -65.28 -6.84 82.02
N ASP D 34 -64.92 -7.67 83.00
CA ASP D 34 -65.75 -8.77 83.46
C ASP D 34 -65.32 -9.18 84.86
N ALA D 35 -66.11 -10.07 85.46
CA ALA D 35 -65.79 -10.66 86.75
C ALA D 35 -65.27 -12.08 86.65
N LYS D 36 -65.05 -12.59 85.43
CA LYS D 36 -64.58 -13.95 85.23
C LYS D 36 -63.36 -13.96 84.32
N ALA D 37 -62.42 -14.87 84.62
CA ALA D 37 -61.22 -15.06 83.82
C ALA D 37 -60.48 -13.75 83.60
N LEU D 38 -60.19 -13.05 84.69
CA LEU D 38 -59.57 -11.74 84.62
C LEU D 38 -58.14 -11.85 84.08
N GLY D 39 -57.66 -10.75 83.52
CA GLY D 39 -56.35 -10.74 82.91
C GLY D 39 -56.40 -11.12 81.45
N LEU D 40 -55.22 -11.29 80.87
CA LEU D 40 -55.12 -11.70 79.47
C LEU D 40 -55.69 -13.11 79.30
N ASN D 41 -56.16 -13.40 78.09
CA ASN D 41 -56.75 -14.68 77.80
C ASN D 41 -56.14 -15.38 76.60
N GLU D 42 -55.47 -14.64 75.72
CA GLU D 42 -54.60 -15.22 74.68
C GLU D 42 -55.41 -16.15 73.75
N ILE D 43 -56.34 -15.55 73.03
CA ILE D 43 -57.16 -16.30 72.07
C ILE D 43 -56.42 -16.25 70.74
N HIS D 44 -55.48 -17.17 70.57
CA HIS D 44 -54.75 -17.25 69.32
C HIS D 44 -55.59 -17.90 68.24
N GLU D 45 -56.49 -18.81 68.63
CA GLU D 45 -57.28 -19.59 67.70
C GLU D 45 -58.73 -19.10 67.71
N LYS D 46 -59.33 -19.03 66.52
CA LYS D 46 -60.72 -18.62 66.41
C LYS D 46 -61.64 -19.52 67.21
N GLU D 47 -61.36 -20.82 67.24
CA GLU D 47 -62.32 -21.76 67.81
C GLU D 47 -62.39 -21.65 69.34
N ASP D 48 -61.24 -21.73 70.01
CA ASP D 48 -61.24 -21.85 71.46
C ASP D 48 -61.60 -20.51 72.09
N ILE D 49 -62.50 -20.56 73.08
CA ILE D 49 -62.97 -19.38 73.81
C ILE D 49 -63.18 -19.78 75.26
N PRO D 50 -62.69 -18.99 76.23
CA PRO D 50 -63.02 -19.27 77.63
C PRO D 50 -64.53 -19.21 77.86
N VAL D 51 -65.02 -20.12 78.69
CA VAL D 51 -66.45 -20.34 78.78
C VAL D 51 -67.11 -19.43 79.82
N ASP D 52 -66.38 -19.04 80.87
CA ASP D 52 -66.99 -18.24 81.93
C ASP D 52 -67.35 -16.83 81.47
N LEU D 53 -66.83 -16.40 80.32
CA LEU D 53 -67.15 -15.08 79.81
C LEU D 53 -68.62 -15.00 79.38
N SER D 54 -69.15 -13.79 79.43
CA SER D 54 -70.55 -13.58 79.10
C SER D 54 -70.81 -13.82 77.61
N ALA D 55 -72.06 -14.14 77.28
CA ALA D 55 -72.40 -14.46 75.90
C ALA D 55 -72.23 -13.24 74.99
N GLU D 56 -72.66 -12.07 75.44
CA GLU D 56 -72.51 -10.87 74.61
C GLU D 56 -71.05 -10.55 74.37
N ASN D 57 -70.20 -10.76 75.38
CA ASN D 57 -68.77 -10.61 75.16
C ASN D 57 -68.24 -11.64 74.17
N LYS D 58 -68.82 -12.85 74.19
CA LYS D 58 -68.44 -13.84 73.18
C LYS D 58 -68.80 -13.37 71.79
N GLU D 59 -69.97 -12.73 71.64
CA GLU D 59 -70.31 -12.13 70.36
C GLU D 59 -69.32 -11.04 69.97
N TYR D 60 -68.90 -10.24 70.94
CA TYR D 60 -67.89 -9.22 70.66
C TYR D 60 -66.62 -9.85 70.11
N ILE D 61 -66.16 -10.93 70.73
CA ILE D 61 -65.00 -11.65 70.22
C ILE D 61 -65.26 -12.15 68.81
N ASN D 62 -66.47 -12.67 68.56
CA ASN D 62 -66.79 -13.19 67.23
C ASN D 62 -66.70 -12.11 66.17
N LEU D 63 -67.26 -10.93 66.44
CA LEU D 63 -67.09 -9.81 65.52
C LEU D 63 -65.62 -9.47 65.32
N ALA D 64 -64.84 -9.50 66.40
CA ALA D 64 -63.40 -9.23 66.26
C ALA D 64 -62.69 -10.30 65.45
N LEU D 65 -63.25 -11.51 65.36
CA LEU D 65 -62.53 -12.64 64.77
C LEU D 65 -62.51 -12.57 63.25
N MET D 66 -63.61 -12.16 62.63
CA MET D 66 -63.72 -12.25 61.18
C MET D 66 -62.79 -11.25 60.50
N GLY D 67 -61.75 -11.78 59.85
CA GLY D 67 -60.79 -10.93 59.16
C GLY D 67 -61.31 -10.47 57.81
N ASN D 68 -60.64 -9.47 57.25
CA ASN D 68 -61.07 -8.91 55.96
C ASN D 68 -60.70 -9.85 54.83
N VAL D 69 -59.41 -10.08 54.61
CA VAL D 69 -58.93 -11.07 53.67
C VAL D 69 -58.63 -12.39 54.36
N ASN D 70 -57.94 -12.34 55.50
CA ASN D 70 -57.62 -13.52 56.26
C ASN D 70 -57.78 -13.23 57.75
N THR D 71 -57.77 -14.29 58.54
CA THR D 71 -57.95 -14.15 59.98
C THR D 71 -56.79 -13.34 60.57
N PRO D 72 -57.04 -12.54 61.60
CA PRO D 72 -55.94 -11.85 62.29
C PRO D 72 -54.91 -12.85 62.81
N ASN D 73 -53.65 -12.44 62.78
CA ASN D 73 -52.56 -13.36 63.13
C ASN D 73 -52.67 -13.81 64.58
N LYS D 74 -52.98 -12.90 65.49
CA LYS D 74 -53.05 -13.25 66.90
C LYS D 74 -53.94 -12.25 67.61
N LEU D 75 -54.83 -12.76 68.46
CA LEU D 75 -55.75 -11.95 69.23
C LEU D 75 -55.40 -12.04 70.71
N LEU D 76 -55.17 -10.88 71.33
CA LEU D 76 -54.85 -10.80 72.75
C LEU D 76 -55.98 -10.04 73.44
N VAL D 77 -56.74 -10.74 74.27
CA VAL D 77 -57.86 -10.15 75.00
C VAL D 77 -57.54 -10.18 76.49
N TYR D 78 -57.63 -9.02 77.13
CA TYR D 78 -57.38 -8.90 78.56
C TYR D 78 -58.68 -8.52 79.26
N VAL D 79 -59.04 -9.31 80.27
CA VAL D 79 -60.23 -9.06 81.08
C VAL D 79 -59.84 -8.28 82.31
N ILE D 80 -60.55 -7.19 82.57
CA ILE D 80 -60.28 -6.31 83.70
C ILE D 80 -61.46 -6.36 84.65
N GLU D 81 -61.20 -6.02 85.91
CA GLU D 81 -62.26 -5.85 86.89
C GLU D 81 -62.95 -4.52 86.66
N GLY D 82 -64.27 -4.51 86.87
CA GLY D 82 -65.02 -3.28 86.69
C GLY D 82 -64.54 -2.20 87.63
N GLU D 83 -64.56 -0.96 87.15
CA GLU D 83 -64.17 0.24 87.88
C GLU D 83 -62.71 0.22 88.33
N ALA D 84 -61.90 -0.69 87.80
CA ALA D 84 -60.47 -0.70 88.10
C ALA D 84 -59.70 0.35 87.33
N ASP D 85 -60.39 1.31 86.70
CA ASP D 85 -59.80 2.37 85.92
C ASP D 85 -59.05 1.80 84.72
N ILE D 86 -58.32 2.66 84.01
CA ILE D 86 -57.73 2.30 82.72
C ILE D 86 -56.25 1.95 82.86
N GLN D 87 -55.55 2.60 83.80
CA GLN D 87 -54.12 2.36 83.95
C GLN D 87 -53.82 0.93 84.38
N THR D 88 -54.72 0.33 85.17
CA THR D 88 -54.51 -1.03 85.67
C THR D 88 -54.46 -2.03 84.53
N ALA D 89 -55.08 -1.71 83.40
CA ALA D 89 -54.89 -2.52 82.21
C ALA D 89 -53.74 -2.01 81.36
N LEU D 90 -53.58 -0.68 81.32
CA LEU D 90 -52.60 -0.06 80.42
C LEU D 90 -51.19 -0.51 80.73
N ASP D 91 -50.85 -0.71 82.00
CA ASP D 91 -49.52 -1.21 82.33
C ASP D 91 -49.31 -2.59 81.71
N PHE D 92 -50.31 -3.46 81.87
CA PHE D 92 -50.23 -4.80 81.33
C PHE D 92 -50.04 -4.76 79.81
N LEU D 93 -50.80 -3.90 79.13
CA LEU D 93 -50.68 -3.82 77.68
C LEU D 93 -49.32 -3.26 77.25
N GLU D 94 -48.82 -2.21 77.92
CA GLU D 94 -47.54 -1.67 77.49
C GLU D 94 -46.41 -2.64 77.81
N THR D 95 -46.66 -3.63 78.66
CA THR D 95 -45.67 -4.67 78.90
C THR D 95 -45.36 -5.45 77.61
N LYS D 96 -46.40 -5.78 76.83
CA LYS D 96 -46.25 -6.62 75.65
C LYS D 96 -46.51 -5.84 74.37
N GLU D 97 -46.20 -6.47 73.24
CA GLU D 97 -46.33 -5.82 71.94
C GLU D 97 -47.68 -6.13 71.31
N PHE D 98 -48.13 -5.21 70.46
CA PHE D 98 -49.42 -5.33 69.77
C PHE D 98 -49.47 -4.27 68.68
N ASN D 99 -50.57 -4.27 67.93
CA ASN D 99 -50.76 -3.32 66.84
C ASN D 99 -51.97 -2.43 67.04
N TYR D 100 -53.14 -3.01 67.32
CA TYR D 100 -54.38 -2.25 67.41
C TYR D 100 -55.09 -2.57 68.71
N LEU D 101 -55.69 -1.54 69.31
CA LEU D 101 -56.40 -1.66 70.58
C LEU D 101 -57.83 -1.13 70.43
N CYS D 102 -58.77 -1.71 71.18
CA CYS D 102 -60.16 -1.29 71.08
C CYS D 102 -60.92 -1.61 72.37
N MET D 103 -61.88 -0.74 72.68
CA MET D 103 -62.82 -0.79 73.80
C MET D 103 -64.26 -0.80 73.26
N PRO D 104 -64.98 -1.89 73.42
CA PRO D 104 -66.41 -1.87 73.09
C PRO D 104 -67.21 -1.00 74.04
N LYS D 105 -67.01 -1.22 75.34
CA LYS D 105 -67.75 -0.49 76.38
C LYS D 105 -66.81 0.46 77.11
N ALA D 106 -67.06 1.77 76.96
CA ALA D 106 -66.26 2.77 77.63
C ALA D 106 -67.01 4.09 77.66
N VAL D 107 -66.81 4.83 78.75
CA VAL D 107 -67.34 6.18 78.86
C VAL D 107 -66.32 7.15 78.25
N GLU D 108 -66.77 8.39 78.03
CA GLU D 108 -65.93 9.38 77.37
C GLU D 108 -64.64 9.64 78.12
N ALA D 109 -64.67 9.53 79.45
CA ALA D 109 -63.44 9.69 80.23
C ALA D 109 -62.43 8.60 79.88
N ASP D 110 -62.91 7.38 79.70
CA ASP D 110 -62.03 6.29 79.26
C ASP D 110 -61.41 6.60 77.92
N LYS D 111 -62.21 7.11 76.98
CA LYS D 111 -61.68 7.45 75.66
C LYS D 111 -60.62 8.54 75.76
N THR D 112 -60.85 9.55 76.59
CA THR D 112 -59.85 10.59 76.78
C THR D 112 -58.57 10.02 77.35
N ALA D 113 -58.68 9.15 78.34
CA ALA D 113 -57.50 8.53 78.93
C ALA D 113 -56.73 7.72 77.89
N ILE D 114 -57.43 6.95 77.07
CA ILE D 114 -56.77 6.12 76.08
C ILE D 114 -56.08 6.98 75.02
N LYS D 115 -56.76 8.05 74.58
CA LYS D 115 -56.16 8.90 73.56
C LYS D 115 -54.91 9.60 74.10
N ASN D 116 -54.96 10.07 75.35
CA ASN D 116 -53.78 10.68 75.94
C ASN D 116 -52.64 9.67 76.07
N TRP D 117 -52.97 8.47 76.51
CA TRP D 117 -51.94 7.43 76.64
C TRP D 117 -51.29 7.13 75.29
N ILE D 118 -52.11 6.99 74.25
CA ILE D 118 -51.59 6.66 72.93
C ILE D 118 -50.69 7.79 72.43
N ILE D 119 -51.14 9.04 72.58
CA ILE D 119 -50.33 10.16 72.11
C ILE D 119 -49.00 10.20 72.83
N LYS D 120 -49.00 10.02 74.15
CA LYS D 120 -47.74 10.07 74.87
C LYS D 120 -46.85 8.89 74.54
N LEU D 121 -47.44 7.72 74.30
CA LEU D 121 -46.64 6.52 74.04
C LEU D 121 -46.03 6.56 72.65
N ARG D 122 -46.69 7.22 71.71
CA ARG D 122 -46.15 7.28 70.35
C ARG D 122 -45.01 8.30 70.24
N ASP D 123 -44.90 9.23 71.18
CA ASP D 123 -43.94 10.31 71.00
C ASP D 123 -42.80 10.27 72.02
N ILE D 124 -43.09 9.90 73.27
CA ILE D 124 -42.01 9.82 74.26
C ILE D 124 -41.38 8.43 74.25
N ASP D 125 -42.19 7.39 74.30
CA ASP D 125 -41.68 6.03 74.35
C ASP D 125 -41.26 5.49 72.99
N LYS D 126 -41.51 6.24 71.91
CA LYS D 126 -41.06 5.87 70.57
C LYS D 126 -41.56 4.50 70.15
N VAL D 127 -42.80 4.19 70.53
CA VAL D 127 -43.45 2.95 70.15
C VAL D 127 -44.67 3.29 69.31
N LYS D 128 -44.78 2.67 68.14
CA LYS D 128 -45.83 2.99 67.17
C LYS D 128 -46.99 2.02 67.36
N VAL D 129 -48.08 2.50 67.95
CA VAL D 129 -49.30 1.73 68.11
C VAL D 129 -50.48 2.62 67.74
N LYS D 130 -51.62 1.98 67.50
CA LYS D 130 -52.83 2.68 67.10
C LYS D 130 -54.04 2.03 67.78
N ALA D 131 -55.13 2.80 67.86
CA ALA D 131 -56.36 2.31 68.46
C ALA D 131 -57.54 2.98 67.79
N VAL D 132 -58.69 2.29 67.79
CA VAL D 132 -59.92 2.78 67.21
C VAL D 132 -60.88 3.15 68.34
N LEU D 133 -61.47 4.34 68.25
CA LEU D 133 -62.32 4.88 69.29
C LEU D 133 -63.70 5.21 68.74
N GLY D 134 -64.70 5.15 69.61
CA GLY D 134 -66.07 5.35 69.16
C GLY D 134 -66.33 6.74 68.62
N LYS D 135 -65.97 7.77 69.38
CA LYS D 135 -66.22 9.14 68.96
C LYS D 135 -65.25 10.05 69.69
N VAL D 136 -64.16 10.43 69.02
CA VAL D 136 -63.18 11.38 69.53
C VAL D 136 -62.76 12.29 68.39
N VAL D 137 -62.24 13.47 68.78
CA VAL D 137 -61.83 14.46 67.80
C VAL D 137 -60.32 14.64 67.92
N GLY D 138 -59.63 13.62 68.41
CA GLY D 138 -58.19 13.71 68.53
C GLY D 138 -57.54 13.87 67.17
N ASN D 139 -56.50 14.69 67.11
CA ASN D 139 -55.85 15.07 65.85
C ASN D 139 -54.49 14.41 65.71
N HIS D 140 -54.34 13.17 66.16
CA HIS D 140 -53.08 12.45 66.06
C HIS D 140 -53.25 11.26 65.13
N GLU D 141 -52.12 10.78 64.60
CA GLU D 141 -52.18 9.62 63.71
C GLU D 141 -52.54 8.34 64.45
N GLY D 142 -52.43 8.35 65.78
CA GLY D 142 -52.61 7.12 66.52
C GLY D 142 -54.03 6.65 66.70
N ILE D 143 -55.03 7.43 66.32
CA ILE D 143 -56.43 7.09 66.57
C ILE D 143 -57.19 7.19 65.26
N ILE D 144 -58.13 6.27 65.07
CA ILE D 144 -59.03 6.28 63.92
C ILE D 144 -60.44 6.42 64.45
N ASN D 145 -61.17 7.44 63.97
CA ASN D 145 -62.47 7.80 64.51
C ASN D 145 -63.57 7.30 63.58
N PHE D 146 -64.03 6.08 63.82
CA PHE D 146 -65.16 5.53 63.10
C PHE D 146 -66.45 6.00 63.76
N THR D 147 -67.40 6.45 62.97
CA THR D 147 -68.63 7.02 63.52
C THR D 147 -69.81 6.69 62.62
N THR D 148 -70.62 5.72 63.05
CA THR D 148 -71.87 5.38 62.37
C THR D 148 -72.79 4.75 63.39
N GLU D 149 -73.99 5.29 63.51
CA GLU D 149 -74.92 4.91 64.57
C GLU D 149 -75.96 3.91 64.07
N ASP D 150 -76.45 3.09 65.00
CA ASP D 150 -77.53 2.15 64.73
C ASP D 150 -77.16 1.17 63.62
N VAL D 151 -76.04 0.47 63.82
CA VAL D 151 -75.58 -0.52 62.86
C VAL D 151 -76.26 -1.86 63.19
N LEU D 152 -76.92 -2.44 62.20
CA LEU D 152 -77.67 -3.68 62.37
C LEU D 152 -76.89 -4.84 61.79
N VAL D 153 -76.40 -5.72 62.66
CA VAL D 153 -75.70 -6.94 62.26
C VAL D 153 -76.41 -8.12 62.89
N GLY D 154 -76.86 -9.05 62.06
CA GLY D 154 -77.53 -10.24 62.54
C GLY D 154 -78.78 -9.96 63.35
N GLU D 155 -79.64 -9.07 62.84
CA GLU D 155 -80.93 -8.76 63.44
C GLU D 155 -80.72 -8.10 64.80
N LYS D 156 -79.52 -7.56 65.03
CA LYS D 156 -79.19 -6.94 66.30
C LYS D 156 -78.66 -5.54 66.07
N LYS D 157 -79.12 -4.60 66.89
CA LYS D 157 -78.61 -3.24 66.85
C LYS D 157 -77.26 -3.15 67.54
N TYR D 158 -76.38 -2.33 66.98
CA TYR D 158 -75.06 -2.09 67.56
C TYR D 158 -74.76 -0.61 67.53
N SER D 159 -74.27 -0.08 68.65
CA SER D 159 -73.79 1.29 68.68
C SER D 159 -72.41 1.36 68.04
N VAL D 160 -71.93 2.59 67.86
CA VAL D 160 -70.62 2.79 67.25
C VAL D 160 -69.52 2.15 68.10
N ASP D 161 -69.60 2.34 69.42
CA ASP D 161 -68.58 1.79 70.32
C ASP D 161 -68.54 0.27 70.24
N GLU D 162 -69.70 -0.36 70.17
CA GLU D 162 -69.74 -1.82 70.04
C GLU D 162 -69.12 -2.26 68.71
N PHE D 163 -69.41 -1.53 67.64
CA PHE D 163 -68.98 -1.92 66.30
C PHE D 163 -67.51 -1.63 66.07
N THR D 164 -66.88 -0.82 66.93
CA THR D 164 -65.45 -0.55 66.80
C THR D 164 -64.62 -1.82 66.78
N SER D 165 -65.06 -2.86 67.50
CA SER D 165 -64.34 -4.13 67.49
C SER D 165 -64.31 -4.73 66.09
N ARG D 166 -65.46 -4.73 65.42
CA ARG D 166 -65.51 -5.24 64.04
C ARG D 166 -64.66 -4.38 63.13
N VAL D 167 -64.69 -3.06 63.31
CA VAL D 167 -63.85 -2.18 62.48
C VAL D 167 -62.38 -2.53 62.65
N ALA D 168 -61.94 -2.71 63.91
CA ALA D 168 -60.53 -3.02 64.16
C ALA D 168 -60.15 -4.37 63.58
N GLY D 169 -61.04 -5.36 63.71
CA GLY D 169 -60.76 -6.66 63.11
C GLY D 169 -60.62 -6.57 61.60
N LEU D 170 -61.50 -5.80 60.96
CA LEU D 170 -61.41 -5.62 59.52
C LEU D 170 -60.10 -4.94 59.13
N ILE D 171 -59.68 -3.93 59.89
CA ILE D 171 -58.44 -3.23 59.57
C ILE D 171 -57.26 -4.18 59.71
N ALA D 172 -57.22 -4.98 60.79
CA ALA D 172 -56.08 -5.86 61.00
C ALA D 172 -56.08 -7.04 60.03
N GLY D 173 -57.24 -7.39 59.49
CA GLY D 173 -57.30 -8.53 58.58
C GLY D 173 -56.56 -8.31 57.28
N THR D 174 -56.65 -7.09 56.74
CA THR D 174 -56.11 -6.84 55.41
C THR D 174 -54.58 -6.90 55.41
N PRO D 175 -53.98 -7.30 54.28
CA PRO D 175 -52.52 -7.22 54.17
C PRO D 175 -52.05 -5.78 53.99
N LEU D 176 -50.74 -5.56 54.00
CA LEU D 176 -50.22 -4.22 53.80
C LEU D 176 -50.22 -3.81 52.33
N SER D 177 -50.20 -4.78 51.42
CA SER D 177 -50.18 -4.44 50.00
C SER D 177 -51.45 -3.71 49.58
N GLN D 178 -52.60 -4.16 50.08
CA GLN D 178 -53.87 -3.55 49.71
C GLN D 178 -54.32 -2.56 50.76
N SER D 179 -55.40 -1.84 50.45
CA SER D 179 -55.96 -0.84 51.33
C SER D 179 -57.34 -1.25 51.81
N VAL D 180 -57.94 -0.40 52.65
CA VAL D 180 -59.24 -0.70 53.26
C VAL D 180 -60.39 -0.10 52.47
N THR D 181 -60.14 0.92 51.66
CA THR D 181 -61.20 1.64 50.98
C THR D 181 -62.05 0.71 50.12
N TYR D 182 -63.37 0.90 50.19
CA TYR D 182 -64.32 0.24 49.30
C TYR D 182 -64.27 -1.28 49.46
N THR D 183 -64.53 -1.72 50.69
CA THR D 183 -64.53 -3.14 51.02
C THR D 183 -65.90 -3.54 51.53
N LYS D 184 -66.45 -4.62 50.99
CA LYS D 184 -67.79 -5.05 51.31
C LYS D 184 -67.86 -5.68 52.70
N LEU D 185 -68.96 -5.39 53.39
CA LEU D 185 -69.27 -5.99 54.69
C LEU D 185 -70.61 -6.70 54.55
N SER D 186 -70.58 -7.97 54.16
CA SER D 186 -71.81 -8.73 53.95
C SER D 186 -72.60 -8.92 55.24
N ASP D 187 -71.98 -8.71 56.41
CA ASP D 187 -72.69 -8.91 57.67
C ASP D 187 -73.77 -7.85 57.86
N VAL D 188 -73.42 -6.58 57.65
CA VAL D 188 -74.37 -5.50 57.89
C VAL D 188 -75.42 -5.48 56.77
N VAL D 189 -76.67 -5.23 57.15
CA VAL D 189 -77.77 -5.35 56.19
C VAL D 189 -78.50 -4.03 56.00
N ASP D 190 -78.33 -3.08 56.93
CA ASP D 190 -78.91 -1.76 56.72
C ASP D 190 -78.20 -0.71 57.55
N ILE D 191 -78.26 0.53 57.06
CA ILE D 191 -77.68 1.69 57.73
C ILE D 191 -78.63 2.87 57.59
N PRO D 192 -78.68 3.73 58.61
CA PRO D 192 -79.48 4.96 58.48
C PRO D 192 -79.09 5.74 57.23
N LYS D 193 -80.11 6.20 56.50
CA LYS D 193 -79.88 6.85 55.22
C LYS D 193 -79.27 8.23 55.41
N MET D 194 -78.43 8.62 54.45
CA MET D 194 -77.67 9.86 54.55
C MET D 194 -77.07 10.18 53.19
N THR D 195 -77.03 11.46 52.86
CA THR D 195 -76.71 11.88 51.50
C THR D 195 -75.21 11.85 51.23
N LYS D 196 -74.85 12.05 49.97
CA LYS D 196 -73.46 11.97 49.55
C LYS D 196 -72.67 13.20 49.99
N VAL D 197 -73.27 14.38 49.93
CA VAL D 197 -72.56 15.60 50.31
C VAL D 197 -72.26 15.58 51.80
N ASP D 198 -73.17 15.03 52.60
CA ASP D 198 -72.90 14.86 54.03
C ASP D 198 -71.73 13.92 54.25
N ALA D 199 -71.64 12.86 53.46
CA ALA D 199 -70.48 11.96 53.55
C ALA D 199 -69.20 12.68 53.19
N GLU D 200 -69.23 13.51 52.16
CA GLU D 200 -68.06 14.29 51.79
C GLU D 200 -67.63 15.19 52.94
N SER D 201 -68.60 15.88 53.56
CA SER D 201 -68.28 16.76 54.67
C SER D 201 -67.68 15.99 55.84
N ARG D 202 -68.25 14.83 56.16
CA ARG D 202 -67.75 14.05 57.29
C ARG D 202 -66.36 13.50 57.02
N VAL D 203 -66.11 13.03 55.79
CA VAL D 203 -64.78 12.54 55.45
C VAL D 203 -63.76 13.66 55.51
N ASN D 204 -64.14 14.85 55.04
CA ASN D 204 -63.23 15.99 55.11
C ASN D 204 -62.93 16.38 56.55
N LYS D 205 -63.73 15.90 57.51
CA LYS D 205 -63.47 16.17 58.91
C LYS D 205 -62.49 15.20 59.53
N GLY D 206 -61.97 14.24 58.76
CA GLY D 206 -61.18 13.16 59.32
C GLY D 206 -62.00 12.03 59.90
N GLU D 207 -63.32 12.16 59.88
CA GLU D 207 -64.20 11.12 60.41
C GLU D 207 -64.23 9.93 59.47
N LEU D 208 -64.38 8.73 60.02
CA LEU D 208 -64.51 7.52 59.23
C LEU D 208 -65.96 7.06 59.27
N ILE D 209 -66.55 6.83 58.09
CA ILE D 209 -67.97 6.54 57.97
C ILE D 209 -68.17 5.30 57.11
N LEU D 210 -69.39 4.77 57.18
CA LEU D 210 -69.80 3.61 56.39
C LEU D 210 -70.84 4.06 55.38
N ILE D 211 -70.67 3.67 54.12
CA ILE D 211 -71.51 4.15 53.04
C ILE D 211 -72.15 2.98 52.32
N LYS D 212 -73.33 3.25 51.77
CA LYS D 212 -74.06 2.31 50.92
C LYS D 212 -73.89 2.74 49.47
N GLU D 213 -73.15 1.94 48.70
CA GLU D 213 -72.86 2.28 47.32
C GLU D 213 -72.65 0.97 46.57
N ALA D 214 -73.04 0.97 45.30
CA ALA D 214 -73.13 -0.25 44.49
C ALA D 214 -74.10 -1.21 45.18
N GLY D 215 -73.82 -2.52 45.09
CA GLY D 215 -74.77 -3.50 45.59
C GLY D 215 -74.71 -3.74 47.08
N ALA D 216 -73.56 -3.49 47.71
CA ALA D 216 -73.34 -3.85 49.09
C ALA D 216 -72.96 -2.64 49.94
N ILE D 217 -72.60 -2.90 51.18
CA ILE D 217 -72.12 -1.87 52.09
C ILE D 217 -70.61 -1.89 52.10
N ARG D 218 -69.99 -0.73 51.95
CA ARG D 218 -68.55 -0.64 51.84
C ARG D 218 -68.01 0.53 52.66
N ILE D 219 -66.76 0.39 53.09
CA ILE D 219 -66.07 1.47 53.76
C ILE D 219 -65.73 2.55 52.74
N ALA D 220 -65.99 3.81 53.10
CA ALA D 220 -65.82 4.93 52.21
C ALA D 220 -64.49 5.62 52.51
N ARG D 221 -63.43 5.17 51.87
CA ARG D 221 -62.11 5.82 51.93
C ARG D 221 -61.64 5.99 53.38
N GLY D 222 -61.26 4.85 53.97
CA GLY D 222 -60.62 4.88 55.27
C GLY D 222 -59.46 5.86 55.34
N VAL D 223 -59.61 6.90 56.16
CA VAL D 223 -58.58 7.91 56.36
C VAL D 223 -58.35 8.10 57.85
N ASN D 224 -57.34 8.91 58.16
CA ASN D 224 -56.88 9.10 59.52
C ASN D 224 -57.75 10.13 60.25
N SER D 225 -57.34 10.45 61.48
CA SER D 225 -58.14 11.36 62.29
C SER D 225 -57.62 12.79 62.28
N LEU D 226 -56.35 13.01 61.93
CA LEU D 226 -55.81 14.35 61.97
C LEU D 226 -56.38 15.21 60.84
N THR D 227 -56.55 16.49 61.11
CA THR D 227 -57.13 17.42 60.15
C THR D 227 -56.20 18.55 59.76
N GLU D 228 -55.36 19.03 60.67
CA GLU D 228 -54.45 20.14 60.38
C GLU D 228 -53.17 19.62 59.77
N LEU D 229 -52.74 20.24 58.68
CA LEU D 229 -51.55 19.83 57.94
C LEU D 229 -50.46 20.87 58.16
N THR D 230 -49.45 20.52 58.94
CA THR D 230 -48.33 21.42 59.18
C THR D 230 -47.37 21.34 58.00
N ALA D 231 -46.32 22.17 58.04
CA ALA D 231 -45.26 22.05 57.06
C ALA D 231 -44.45 20.79 57.30
N GLU D 232 -44.52 20.25 58.51
CA GLU D 232 -43.84 19.00 58.82
C GLU D 232 -44.69 17.81 58.40
N LYS D 233 -45.95 17.76 58.86
CA LYS D 233 -46.83 16.64 58.61
C LYS D 233 -47.54 16.85 57.27
N GLY D 234 -47.15 16.09 56.26
CA GLY D 234 -47.70 16.25 54.94
C GLY D 234 -49.03 15.57 54.77
N GLU D 235 -49.56 15.68 53.55
CA GLU D 235 -50.88 15.12 53.25
C GLU D 235 -50.88 13.60 53.40
N MET D 236 -49.81 12.94 52.94
CA MET D 236 -49.77 11.49 52.94
C MET D 236 -49.91 10.90 54.33
N PHE D 237 -49.64 11.67 55.37
CA PHE D 237 -49.80 11.18 56.74
C PHE D 237 -51.26 10.96 57.10
N GLN D 238 -52.19 11.22 56.19
CA GLN D 238 -53.61 11.05 56.46
C GLN D 238 -54.16 9.71 56.02
N LYS D 239 -53.38 8.90 55.30
CA LYS D 239 -53.83 7.62 54.81
C LYS D 239 -53.38 6.50 55.74
N ILE D 240 -54.28 5.56 56.01
CA ILE D 240 -53.96 4.48 56.96
C ILE D 240 -52.83 3.63 56.44
N LYS D 241 -52.86 3.28 55.14
CA LYS D 241 -51.85 2.38 54.59
C LYS D 241 -50.46 2.96 54.71
N ILE D 242 -50.29 4.26 54.43
CA ILE D 242 -48.97 4.86 54.45
C ILE D 242 -48.43 4.93 55.87
N VAL D 243 -49.26 5.36 56.82
CA VAL D 243 -48.77 5.45 58.19
C VAL D 243 -48.47 4.06 58.73
N ASP D 244 -49.23 3.05 58.29
CA ASP D 244 -48.98 1.69 58.77
C ASP D 244 -47.66 1.15 58.24
N THR D 245 -47.38 1.35 56.95
CA THR D 245 -46.10 0.87 56.43
C THR D 245 -44.94 1.65 57.02
N LEU D 246 -45.15 2.94 57.33
CA LEU D 246 -44.11 3.70 58.03
C LEU D 246 -43.83 3.11 59.41
N ASP D 247 -44.89 2.74 60.13
CA ASP D 247 -44.69 2.13 61.45
C ASP D 247 -43.93 0.82 61.34
N ILE D 248 -44.26 0.01 60.32
CA ILE D 248 -43.55 -1.26 60.13
C ILE D 248 -42.07 -1.01 59.87
N ILE D 249 -41.77 -0.03 58.99
CA ILE D 249 -40.37 0.29 58.70
C ILE D 249 -39.64 0.70 59.97
N HIS D 250 -40.27 1.59 60.75
CA HIS D 250 -39.65 2.07 61.98
C HIS D 250 -39.34 0.91 62.92
N SER D 251 -40.32 0.04 63.16
CA SER D 251 -40.11 -1.04 64.11
C SER D 251 -39.02 -1.99 63.64
N ASP D 252 -39.03 -2.36 62.36
CA ASP D 252 -38.03 -3.29 61.86
C ASP D 252 -36.62 -2.71 61.97
N ILE D 253 -36.45 -1.46 61.53
CA ILE D 253 -35.11 -0.86 61.56
C ILE D 253 -34.63 -0.71 62.98
N ARG D 254 -35.51 -0.27 63.89
CA ARG D 254 -35.10 -0.13 65.29
C ARG D 254 -34.70 -1.48 65.87
N LYS D 255 -35.46 -2.53 65.59
CA LYS D 255 -35.13 -3.84 66.15
C LYS D 255 -33.78 -4.32 65.63
N VAL D 256 -33.52 -4.17 64.34
CA VAL D 256 -32.22 -4.58 63.79
C VAL D 256 -31.10 -3.81 64.48
N ILE D 257 -31.26 -2.49 64.57
CA ILE D 257 -30.20 -1.65 65.12
C ILE D 257 -29.89 -2.03 66.56
N ILE D 258 -30.93 -2.17 67.38
CA ILE D 258 -30.68 -2.46 68.79
C ILE D 258 -30.14 -3.88 68.95
N ASP D 259 -30.58 -4.81 68.11
CA ASP D 259 -30.21 -6.21 68.32
C ASP D 259 -28.76 -6.48 67.89
N ASP D 260 -28.25 -5.75 66.89
CA ASP D 260 -26.96 -6.12 66.36
C ASP D 260 -25.90 -5.04 66.58
N TYR D 261 -26.19 -3.79 66.18
CA TYR D 261 -25.15 -2.78 66.06
C TYR D 261 -24.96 -1.91 67.30
N ILE D 262 -25.58 -2.25 68.42
CA ILE D 262 -25.50 -1.43 69.62
C ILE D 262 -24.49 -2.04 70.57
N GLY D 263 -23.39 -1.32 70.80
CA GLY D 263 -22.41 -1.71 71.79
C GLY D 263 -21.55 -2.90 71.41
N LYS D 264 -21.57 -3.28 70.13
CA LYS D 264 -20.81 -4.42 69.66
C LYS D 264 -19.87 -4.13 68.51
N VAL D 265 -19.94 -2.96 67.91
CA VAL D 265 -19.10 -2.62 66.76
C VAL D 265 -18.51 -1.23 66.95
N THR D 266 -17.24 -1.08 66.60
CA THR D 266 -16.55 0.18 66.80
C THR D 266 -17.05 1.24 65.83
N ASN D 267 -17.17 2.46 66.34
CA ASN D 267 -17.63 3.59 65.53
C ASN D 267 -16.50 4.05 64.62
N SER D 268 -16.44 3.51 63.41
CA SER D 268 -15.45 3.92 62.43
C SER D 268 -16.14 4.05 61.08
N TYR D 269 -15.44 4.69 60.14
CA TYR D 269 -16.05 4.98 58.85
C TYR D 269 -16.47 3.70 58.14
N ASP D 270 -15.61 2.68 58.17
CA ASP D 270 -15.94 1.42 57.50
C ASP D 270 -17.14 0.74 58.15
N ASN D 271 -17.24 0.80 59.47
CA ASN D 271 -18.42 0.26 60.15
C ASN D 271 -19.67 1.03 59.75
N LYS D 272 -19.55 2.35 59.57
CA LYS D 272 -20.68 3.13 59.10
C LYS D 272 -21.10 2.69 57.69
N CYS D 273 -20.12 2.43 56.82
CA CYS D 273 -20.44 1.95 55.49
C CYS D 273 -21.15 0.61 55.55
N LEU D 274 -20.70 -0.29 56.42
CA LEU D 274 -21.35 -1.58 56.55
C LEU D 274 -22.78 -1.44 57.05
N LEU D 275 -23.00 -0.55 58.03
CA LEU D 275 -24.35 -0.31 58.51
C LEU D 275 -25.24 0.25 57.41
N ILE D 276 -24.71 1.18 56.62
CA ILE D 276 -25.46 1.75 55.51
C ILE D 276 -25.83 0.67 54.51
N VAL D 277 -24.89 -0.23 54.22
CA VAL D 277 -25.17 -1.32 53.28
C VAL D 277 -26.26 -2.23 53.82
N ALA D 278 -26.21 -2.54 55.12
CA ALA D 278 -27.26 -3.38 55.69
C ALA D 278 -28.62 -2.71 55.61
N ILE D 279 -28.68 -1.41 55.92
CA ILE D 279 -29.95 -0.69 55.86
C ILE D 279 -30.49 -0.66 54.43
N LYS D 280 -29.61 -0.41 53.45
CA LYS D 280 -30.04 -0.39 52.07
C LYS D 280 -30.52 -1.77 51.62
N SER D 281 -29.86 -2.82 52.11
CA SER D 281 -30.32 -4.17 51.79
C SER D 281 -31.72 -4.41 52.34
N TYR D 282 -31.98 -3.99 53.57
CA TYR D 282 -33.33 -4.15 54.11
C TYR D 282 -34.35 -3.36 53.30
N LEU D 283 -34.01 -2.13 52.91
CA LEU D 283 -34.94 -1.33 52.13
C LEU D 283 -35.23 -1.98 50.79
N GLU D 284 -34.20 -2.50 50.13
CA GLU D 284 -34.40 -3.17 48.85
C GLU D 284 -35.27 -4.42 49.02
N GLU D 285 -35.03 -5.18 50.09
CA GLU D 285 -35.87 -6.34 50.37
C GLU D 285 -37.32 -5.94 50.53
N LEU D 286 -37.57 -4.85 51.25
CA LEU D 286 -38.94 -4.34 51.36
C LEU D 286 -39.48 -3.91 50.01
N GLU D 287 -38.61 -3.36 49.16
CA GLU D 287 -39.04 -2.92 47.84
C GLU D 287 -39.52 -4.10 46.99
N LYS D 288 -38.90 -5.27 47.16
CA LYS D 288 -39.38 -6.44 46.44
C LYS D 288 -40.85 -6.74 46.71
N SER D 289 -41.32 -6.47 47.93
CA SER D 289 -42.72 -6.73 48.25
C SER D 289 -43.65 -5.66 47.73
N ALA D 290 -43.15 -4.70 46.95
CA ALA D 290 -43.93 -3.63 46.34
C ALA D 290 -44.61 -2.75 47.38
N LEU D 291 -43.90 -2.34 48.43
CA LEU D 291 -44.45 -1.37 49.36
C LEU D 291 -43.87 0.02 49.16
N ILE D 292 -42.66 0.11 48.59
CA ILE D 292 -42.05 1.40 48.30
C ILE D 292 -41.53 1.39 46.87
N GLU D 293 -41.09 2.53 46.38
CA GLU D 293 -40.58 2.61 45.01
C GLU D 293 -39.25 1.88 44.91
N SER D 294 -38.84 1.63 43.66
CA SER D 294 -37.68 0.78 43.40
C SER D 294 -36.39 1.43 43.90
N ASP D 295 -36.17 2.69 43.57
CA ASP D 295 -34.90 3.35 43.84
C ASP D 295 -35.02 4.14 45.14
N SER D 296 -34.13 3.85 46.08
CA SER D 296 -34.02 4.58 47.33
C SER D 296 -32.54 4.73 47.68
N THR D 297 -32.22 5.75 48.48
CA THR D 297 -30.83 6.04 48.81
C THR D 297 -30.67 6.24 50.30
N VAL D 298 -29.53 5.79 50.83
CA VAL D 298 -29.14 6.02 52.22
C VAL D 298 -27.70 6.55 52.20
N GLU D 299 -27.46 7.65 52.89
CA GLU D 299 -26.17 8.32 52.77
C GLU D 299 -25.96 9.13 54.05
N ILE D 300 -24.73 9.10 54.55
CA ILE D 300 -24.46 9.62 55.89
C ILE D 300 -24.77 11.10 55.98
N ASP D 301 -25.53 11.48 57.01
CA ASP D 301 -25.94 12.86 57.18
C ASP D 301 -24.71 13.73 57.36
N PHE D 302 -24.62 14.80 56.58
CA PHE D 302 -23.42 15.64 56.54
C PHE D 302 -23.60 16.90 57.38
N GLU D 303 -24.71 17.61 57.20
CA GLU D 303 -24.91 18.88 57.87
C GLU D 303 -25.00 18.71 59.38
N ALA D 304 -25.70 17.67 59.83
CA ALA D 304 -25.79 17.42 61.27
C ALA D 304 -24.42 17.08 61.83
N GLN D 305 -23.62 16.31 61.10
CA GLN D 305 -22.27 16.00 61.54
C GLN D 305 -21.42 17.25 61.65
N LYS D 306 -21.51 18.14 60.65
CA LYS D 306 -20.75 19.38 60.70
C LYS D 306 -21.18 20.25 61.88
N SER D 307 -22.48 20.33 62.13
CA SER D 307 -22.97 21.10 63.27
C SER D 307 -22.46 20.50 64.58
N TYR D 308 -22.47 19.17 64.69
CA TYR D 308 -21.97 18.51 65.89
C TYR D 308 -20.49 18.80 66.11
N LEU D 309 -19.70 18.73 65.04
CA LEU D 309 -18.28 19.03 65.16
C LEU D 309 -18.05 20.48 65.57
N LYS D 310 -18.78 21.41 64.96
CA LYS D 310 -18.64 22.82 65.31
C LYS D 310 -19.06 23.07 66.75
N SER D 311 -20.04 22.31 67.25
CA SER D 311 -20.45 22.45 68.65
C SER D 311 -19.34 22.01 69.59
N LYS D 312 -18.39 21.24 69.10
CA LYS D 312 -17.26 20.78 69.90
C LYS D 312 -16.05 21.72 69.82
N GLY D 313 -16.08 22.70 68.93
CA GLY D 313 -15.01 23.67 68.83
C GLY D 313 -13.90 23.31 67.87
N VAL D 314 -14.00 22.19 67.16
CA VAL D 314 -12.98 21.83 66.19
C VAL D 314 -13.02 22.82 65.03
N ASP D 315 -11.86 23.04 64.42
CA ASP D 315 -11.75 23.95 63.27
C ASP D 315 -11.87 23.10 62.01
N LEU D 316 -12.97 23.27 61.29
CA LEU D 316 -13.24 22.53 60.07
C LEU D 316 -13.10 23.39 58.82
N SER D 317 -12.44 24.54 58.92
CA SER D 317 -12.38 25.46 57.79
C SER D 317 -11.65 24.85 56.59
N TYR D 318 -10.52 24.18 56.84
CA TYR D 318 -9.67 23.75 55.73
C TYR D 318 -9.95 22.33 55.30
N MET D 319 -10.41 21.47 56.21
CA MET D 319 -10.66 20.08 55.85
C MET D 319 -11.78 19.99 54.83
N THR D 320 -11.58 19.15 53.82
CA THR D 320 -12.54 19.00 52.74
C THR D 320 -13.75 18.20 53.22
N LEU D 321 -14.77 18.13 52.37
CA LEU D 321 -16.00 17.42 52.73
C LEU D 321 -15.71 15.95 52.99
N GLN D 322 -14.82 15.36 52.19
CA GLN D 322 -14.46 13.96 52.37
C GLN D 322 -13.82 13.80 53.75
N GLU D 323 -12.98 14.76 54.12
CA GLU D 323 -12.30 14.76 55.41
C GLU D 323 -13.28 15.02 56.54
N ILE D 324 -14.26 15.89 56.32
CA ILE D 324 -15.26 16.16 57.36
C ILE D 324 -16.07 14.91 57.64
N LYS D 325 -16.41 14.15 56.61
CA LYS D 325 -17.10 12.88 56.84
C LYS D 325 -16.18 11.86 57.51
N GLU D 326 -14.86 12.01 57.31
CA GLU D 326 -13.91 11.10 57.94
C GLU D 326 -13.90 11.25 59.46
N ALA D 327 -14.20 12.45 59.95
CA ALA D 327 -13.87 12.80 61.33
C ALA D 327 -14.60 11.90 62.33
N ASN D 328 -13.92 11.64 63.45
CA ASN D 328 -14.51 10.84 64.51
C ASN D 328 -15.65 11.59 65.18
N THR D 329 -16.67 10.84 65.60
CA THR D 329 -17.83 11.41 66.25
C THR D 329 -17.99 10.96 67.69
N GLY D 330 -17.36 9.85 68.08
CA GLY D 330 -17.47 9.40 69.45
C GLY D 330 -18.82 8.83 69.82
N SER D 331 -19.17 7.65 69.29
CA SER D 331 -20.38 6.91 69.64
C SER D 331 -21.64 7.57 69.11
N LYS D 332 -21.49 8.54 68.22
CA LYS D 332 -22.65 9.15 67.57
C LYS D 332 -22.65 8.85 66.08
N VAL D 333 -23.82 8.49 65.55
CA VAL D 333 -23.99 8.18 64.13
C VAL D 333 -25.13 9.04 63.59
N PHE D 334 -24.91 9.66 62.44
CA PHE D 334 -25.91 10.48 61.79
C PHE D 334 -26.11 9.99 60.36
N LEU D 335 -27.35 9.62 60.04
CA LEU D 335 -27.67 9.08 58.73
C LEU D 335 -29.00 9.64 58.25
N LYS D 336 -29.12 9.81 56.93
CA LYS D 336 -30.36 10.23 56.31
C LYS D 336 -30.66 9.33 55.12
N ALA D 337 -31.94 9.04 54.91
CA ALA D 337 -32.37 8.15 53.84
C ALA D 337 -33.65 8.68 53.22
N LYS D 338 -33.81 8.46 51.92
CA LYS D 338 -34.95 8.98 51.16
C LYS D 338 -35.68 7.83 50.48
N ILE D 339 -36.99 7.73 50.71
CA ILE D 339 -37.81 6.68 50.14
C ILE D 339 -39.11 7.28 49.61
N LYS D 340 -39.77 6.53 48.74
CA LYS D 340 -41.07 6.92 48.19
C LYS D 340 -42.06 5.78 48.43
N VAL D 341 -43.19 6.10 49.05
CA VAL D 341 -44.16 5.11 49.49
C VAL D 341 -45.28 5.03 48.46
N LEU D 342 -45.59 3.82 48.01
CA LEU D 342 -46.68 3.63 47.06
C LEU D 342 -48.02 3.61 47.78
N ASP D 343 -49.08 3.70 47.00
CA ASP D 343 -50.44 3.68 47.51
C ASP D 343 -51.33 2.90 46.55
N ALA D 344 -52.46 2.41 47.05
CA ALA D 344 -53.38 1.65 46.23
C ALA D 344 -54.19 2.57 45.33
N MET D 345 -54.59 2.06 44.17
CA MET D 345 -55.44 2.84 43.27
C MET D 345 -56.73 3.21 43.96
N GLU D 346 -57.07 4.50 43.90
CA GLU D 346 -58.28 4.99 44.55
C GLU D 346 -59.17 5.80 43.61
N ASP D 347 -58.60 6.64 42.74
CA ASP D 347 -59.36 7.46 41.81
C ASP D 347 -58.86 7.19 40.40
N ILE D 348 -59.79 6.86 39.50
CA ILE D 348 -59.46 6.57 38.11
C ILE D 348 -60.21 7.56 37.24
N ASP D 349 -59.48 8.22 36.33
CA ASP D 349 -60.05 9.18 35.40
C ASP D 349 -59.82 8.66 34.00
N LEU D 350 -60.90 8.25 33.33
CA LEU D 350 -60.84 7.73 31.98
C LEU D 350 -61.58 8.67 31.04
N SER D 351 -60.96 8.99 29.91
CA SER D 351 -61.53 9.87 28.91
C SER D 351 -61.59 9.13 27.57
N ILE D 352 -62.80 8.97 27.05
CA ILE D 352 -63.04 8.27 25.80
C ILE D 352 -63.59 9.27 24.79
N GLU D 353 -62.97 9.32 23.62
CA GLU D 353 -63.45 10.17 22.53
C GLU D 353 -63.92 9.28 21.39
N ILE D 354 -65.06 9.61 20.82
CA ILE D 354 -65.66 8.78 19.78
C ILE D 354 -64.96 9.00 18.45
N ALA E 2 -58.62 18.27 49.18
CA ALA E 2 -59.12 17.49 50.31
C ALA E 2 -59.56 16.11 49.85
N ILE E 3 -59.50 15.13 50.76
CA ILE E 3 -59.89 13.78 50.41
C ILE E 3 -61.39 13.64 50.47
N GLY E 4 -61.99 13.27 49.34
CA GLY E 4 -63.42 13.03 49.26
C GLY E 4 -63.68 11.57 48.96
N LEU E 5 -64.93 11.29 48.60
CA LEU E 5 -65.29 9.94 48.20
C LEU E 5 -64.53 9.57 46.92
N PRO E 6 -64.20 8.30 46.72
CA PRO E 6 -63.49 7.91 45.51
C PRO E 6 -64.29 8.27 44.27
N SER E 7 -63.59 8.72 43.23
CA SER E 7 -64.22 9.19 42.01
C SER E 7 -63.85 8.27 40.85
N ILE E 8 -64.85 7.69 40.21
CA ILE E 8 -64.70 6.96 38.96
C ILE E 8 -65.59 7.64 37.94
N ASN E 9 -65.00 8.17 36.88
CA ASN E 9 -65.73 8.91 35.88
C ASN E 9 -65.27 8.52 34.48
N ILE E 10 -66.25 8.29 33.61
CA ILE E 10 -66.00 8.00 32.20
C ILE E 10 -66.62 9.13 31.39
N SER E 11 -65.83 9.72 30.50
CA SER E 11 -66.25 10.87 29.71
C SER E 11 -66.26 10.50 28.23
N PHE E 12 -67.30 10.94 27.53
CA PHE E 12 -67.42 10.73 26.09
C PHE E 12 -67.41 12.07 25.39
N LYS E 13 -66.53 12.23 24.41
CA LYS E 13 -66.39 13.46 23.66
C LYS E 13 -66.39 13.14 22.17
N GLU E 14 -66.94 14.05 21.37
CA GLU E 14 -66.90 13.91 19.93
C GLU E 14 -65.60 14.51 19.37
N LEU E 15 -65.08 13.88 18.32
CA LEU E 15 -64.00 14.48 17.55
C LEU E 15 -64.57 15.66 16.76
N ALA E 16 -64.47 16.84 17.38
CA ALA E 16 -65.03 18.04 16.77
C ALA E 16 -64.15 18.50 15.62
N THR E 17 -64.11 17.73 14.53
CA THR E 17 -63.39 18.17 13.34
C THR E 17 -63.98 19.48 12.85
N THR E 18 -63.11 20.37 12.41
CA THR E 18 -63.52 21.74 12.19
C THR E 18 -62.89 22.30 10.92
N VAL E 19 -63.75 22.92 10.11
CA VAL E 19 -63.32 23.82 9.05
C VAL E 19 -63.85 25.20 9.42
N LYS E 20 -62.96 26.17 9.50
CA LYS E 20 -63.32 27.47 10.07
C LYS E 20 -64.44 28.12 9.26
N GLU E 21 -65.38 28.72 9.98
CA GLU E 21 -66.49 29.43 9.35
C GLU E 21 -66.04 30.81 8.92
N ARG E 22 -65.95 31.03 7.62
CA ARG E 22 -65.54 32.31 7.08
C ARG E 22 -66.75 33.16 6.74
N SER E 23 -66.50 34.43 6.44
CA SER E 23 -67.58 35.36 6.14
C SER E 23 -68.39 34.87 4.95
N ALA E 24 -69.71 34.92 5.10
CA ALA E 24 -70.61 34.42 4.06
C ALA E 24 -70.51 35.28 2.81
N ARG E 25 -70.53 34.64 1.65
CA ARG E 25 -70.50 35.32 0.37
C ARG E 25 -71.62 34.80 -0.51
N GLY E 26 -72.23 35.71 -1.27
CA GLY E 26 -73.33 35.36 -2.14
C GLY E 26 -74.69 35.83 -1.70
N ILE E 27 -74.77 36.72 -0.72
CA ILE E 27 -76.04 37.25 -0.24
C ILE E 27 -76.36 38.53 -0.99
N ILE E 28 -77.63 38.72 -1.30
CA ILE E 28 -78.09 39.88 -2.06
C ILE E 28 -79.01 40.70 -1.19
N ALA E 29 -78.76 41.99 -1.11
CA ALA E 29 -79.64 42.93 -0.42
C ALA E 29 -80.65 43.45 -1.41
N MET E 30 -81.93 43.21 -1.15
CA MET E 30 -83.01 43.61 -2.03
C MET E 30 -83.93 44.57 -1.28
N VAL E 31 -84.17 45.72 -1.86
CA VAL E 31 -85.03 46.74 -1.27
C VAL E 31 -86.07 47.15 -2.31
N LEU E 32 -87.31 47.35 -1.84
CA LEU E 32 -88.44 47.61 -2.71
C LEU E 32 -89.53 48.31 -1.89
N LYS E 33 -90.35 49.10 -2.59
CA LYS E 33 -91.40 49.88 -1.94
C LYS E 33 -92.76 49.26 -2.23
N ASP E 34 -93.57 49.13 -1.17
CA ASP E 34 -94.92 48.59 -1.27
C ASP E 34 -95.71 49.00 -0.03
N ALA E 35 -96.99 48.63 -0.03
CA ALA E 35 -97.86 48.84 1.12
C ALA E 35 -98.22 47.55 1.83
N LYS E 36 -97.63 46.42 1.43
CA LYS E 36 -97.92 45.13 2.04
C LYS E 36 -96.62 44.45 2.47
N ALA E 37 -96.71 43.75 3.60
CA ALA E 37 -95.58 42.99 4.14
C ALA E 37 -94.34 43.85 4.27
N LEU E 38 -94.49 45.00 4.92
CA LEU E 38 -93.38 45.93 5.05
C LEU E 38 -92.28 45.33 5.92
N GLY E 39 -91.06 45.80 5.69
CA GLY E 39 -89.91 45.26 6.38
C GLY E 39 -89.22 44.17 5.59
N LEU E 40 -88.25 43.55 6.24
CA LEU E 40 -87.54 42.43 5.63
C LEU E 40 -88.48 41.26 5.42
N ASN E 41 -88.15 40.42 4.44
CA ASN E 41 -89.01 39.30 4.10
C ASN E 41 -88.28 37.96 4.08
N GLU E 42 -86.95 37.96 3.97
CA GLU E 42 -86.13 36.78 4.23
C GLU E 42 -86.50 35.61 3.30
N ILE E 43 -86.28 35.83 2.00
CA ILE E 43 -86.53 34.78 0.99
C ILE E 43 -85.23 33.99 0.86
N HIS E 44 -85.06 33.02 1.74
CA HIS E 44 -83.89 32.14 1.67
C HIS E 44 -84.11 31.05 0.63
N GLU E 45 -85.37 30.72 0.34
CA GLU E 45 -85.72 29.68 -0.60
C GLU E 45 -86.40 30.29 -1.81
N LYS E 46 -86.06 29.78 -3.00
CA LYS E 46 -86.60 30.34 -4.23
C LYS E 46 -88.13 30.30 -4.25
N GLU E 47 -88.74 29.22 -3.78
CA GLU E 47 -90.18 29.10 -3.87
C GLU E 47 -90.89 29.94 -2.80
N ASP E 48 -90.23 30.16 -1.67
CA ASP E 48 -90.86 30.86 -0.54
C ASP E 48 -91.08 32.32 -0.89
N ILE E 49 -92.29 32.65 -1.32
CA ILE E 49 -92.62 34.03 -1.71
C ILE E 49 -93.86 34.49 -0.97
N PRO E 50 -93.82 35.62 -0.27
CA PRO E 50 -95.03 36.16 0.33
C PRO E 50 -96.04 36.56 -0.74
N VAL E 51 -97.33 36.46 -0.38
CA VAL E 51 -98.37 36.57 -1.40
C VAL E 51 -98.94 37.99 -1.49
N ASP E 52 -98.97 38.74 -0.38
CA ASP E 52 -99.63 40.03 -0.39
C ASP E 52 -98.91 41.05 -1.27
N LEU E 53 -97.63 40.85 -1.55
CA LEU E 53 -96.91 41.79 -2.39
C LEU E 53 -97.37 41.67 -3.84
N SER E 54 -97.13 42.73 -4.61
CA SER E 54 -97.66 42.85 -5.95
C SER E 54 -97.06 41.79 -6.88
N ALA E 55 -97.82 41.46 -7.93
CA ALA E 55 -97.38 40.44 -8.88
C ALA E 55 -96.14 40.90 -9.65
N GLU E 56 -96.12 42.15 -10.09
CA GLU E 56 -94.96 42.64 -10.83
C GLU E 56 -93.71 42.59 -9.97
N ASN E 57 -93.83 42.96 -8.69
CA ASN E 57 -92.71 42.79 -7.78
C ASN E 57 -92.31 41.34 -7.63
N LYS E 58 -93.28 40.42 -7.71
CA LYS E 58 -92.95 39.00 -7.74
C LYS E 58 -92.10 38.68 -8.97
N GLU E 59 -92.42 39.29 -10.11
CA GLU E 59 -91.59 39.09 -11.29
C GLU E 59 -90.17 39.60 -11.07
N TYR E 60 -90.04 40.78 -10.44
CA TYR E 60 -88.69 41.27 -10.13
C TYR E 60 -87.94 40.29 -9.23
N ILE E 61 -88.63 39.73 -8.24
CA ILE E 61 -88.01 38.71 -7.39
C ILE E 61 -87.55 37.52 -8.23
N ASN E 62 -88.40 37.06 -9.15
CA ASN E 62 -88.03 35.92 -9.99
C ASN E 62 -86.80 36.24 -10.84
N LEU E 63 -86.74 37.43 -11.42
CA LEU E 63 -85.54 37.84 -12.14
C LEU E 63 -84.32 37.79 -11.24
N ALA E 64 -84.45 38.25 -10.00
CA ALA E 64 -83.33 38.17 -9.07
C ALA E 64 -82.99 36.74 -8.67
N LEU E 65 -83.94 35.80 -8.81
CA LEU E 65 -83.74 34.45 -8.30
C LEU E 65 -82.79 33.64 -9.17
N MET E 66 -82.91 33.75 -10.49
CA MET E 66 -82.14 32.89 -11.39
C MET E 66 -80.65 33.22 -11.32
N GLY E 67 -79.87 32.29 -10.77
CA GLY E 67 -78.45 32.49 -10.62
C GLY E 67 -77.68 32.19 -11.89
N ASN E 68 -76.39 32.54 -11.89
CA ASN E 68 -75.56 32.35 -13.07
C ASN E 68 -75.17 30.88 -13.22
N VAL E 69 -74.39 30.36 -12.28
CA VAL E 69 -74.07 28.95 -12.21
C VAL E 69 -74.97 28.23 -11.21
N ASN E 70 -75.17 28.84 -10.05
CA ASN E 70 -76.03 28.28 -9.02
C ASN E 70 -76.88 29.39 -8.42
N THR E 71 -77.94 28.99 -7.72
CA THR E 71 -78.82 29.96 -7.09
C THR E 71 -78.05 30.75 -6.03
N PRO E 72 -78.33 32.05 -5.89
CA PRO E 72 -77.71 32.81 -4.80
C PRO E 72 -78.01 32.18 -3.44
N ASN E 73 -77.02 32.23 -2.56
CA ASN E 73 -77.12 31.52 -1.29
C ASN E 73 -78.28 32.03 -0.43
N LYS E 74 -78.47 33.35 -0.40
CA LYS E 74 -79.52 33.91 0.45
C LYS E 74 -79.95 35.25 -0.12
N LEU E 75 -81.25 35.50 -0.14
CA LEU E 75 -81.82 36.73 -0.65
C LEU E 75 -82.59 37.43 0.46
N LEU E 76 -82.26 38.69 0.71
CA LEU E 76 -82.94 39.50 1.73
C LEU E 76 -83.70 40.61 1.03
N VAL E 77 -85.02 40.59 1.16
CA VAL E 77 -85.90 41.58 0.53
C VAL E 77 -86.51 42.43 1.63
N TYR E 78 -86.28 43.75 1.57
CA TYR E 78 -86.88 44.69 2.50
C TYR E 78 -87.94 45.52 1.79
N VAL E 79 -89.15 45.52 2.35
CA VAL E 79 -90.26 46.28 1.81
C VAL E 79 -90.40 47.57 2.62
N ILE E 80 -90.42 48.70 1.93
CA ILE E 80 -90.44 50.00 2.56
C ILE E 80 -91.72 50.72 2.16
N GLU E 81 -92.22 51.56 3.06
CA GLU E 81 -93.37 52.40 2.74
C GLU E 81 -92.96 53.47 1.74
N GLY E 82 -93.88 53.82 0.86
CA GLY E 82 -93.58 54.82 -0.16
C GLY E 82 -93.25 56.16 0.46
N GLU E 83 -92.34 56.88 -0.20
CA GLU E 83 -91.91 58.23 0.17
C GLU E 83 -91.22 58.30 1.52
N ALA E 84 -90.85 57.16 2.10
CA ALA E 84 -90.10 57.15 3.35
C ALA E 84 -88.62 57.46 3.15
N ASP E 85 -88.22 57.83 1.93
CA ASP E 85 -86.84 58.13 1.58
C ASP E 85 -85.96 56.90 1.77
N ILE E 86 -84.64 57.06 1.64
CA ILE E 86 -83.75 55.91 1.57
C ILE E 86 -83.12 55.61 2.92
N GLN E 87 -82.79 56.62 3.72
CA GLN E 87 -82.04 56.38 4.95
C GLN E 87 -82.81 55.51 5.93
N THR E 88 -84.15 55.57 5.91
CA THR E 88 -84.94 54.72 6.78
C THR E 88 -84.65 53.24 6.52
N ALA E 89 -84.60 52.85 5.25
CA ALA E 89 -84.17 51.50 4.93
C ALA E 89 -82.68 51.32 5.16
N LEU E 90 -81.90 52.36 4.93
CA LEU E 90 -80.44 52.25 4.95
C LEU E 90 -79.93 51.85 6.32
N ASP E 91 -80.52 52.41 7.39
CA ASP E 91 -80.17 51.98 8.73
C ASP E 91 -80.45 50.49 8.90
N PHE E 92 -81.62 50.05 8.45
CA PHE E 92 -81.99 48.65 8.56
C PHE E 92 -80.94 47.76 7.90
N LEU E 93 -80.52 48.13 6.68
CA LEU E 93 -79.52 47.30 6.01
C LEU E 93 -78.16 47.36 6.69
N GLU E 94 -77.70 48.55 7.08
CA GLU E 94 -76.37 48.63 7.66
C GLU E 94 -76.31 47.88 8.99
N THR E 95 -77.48 47.59 9.58
CA THR E 95 -77.48 46.75 10.76
C THR E 95 -76.93 45.35 10.47
N LYS E 96 -77.32 44.75 9.34
CA LYS E 96 -76.93 43.38 8.98
C LYS E 96 -75.96 43.33 7.80
N GLU E 97 -75.50 42.12 7.50
CA GLU E 97 -74.47 41.93 6.49
C GLU E 97 -75.06 41.48 5.16
N PHE E 98 -74.36 41.80 4.08
CA PHE E 98 -74.78 41.43 2.74
C PHE E 98 -73.62 41.67 1.77
N ASN E 99 -73.90 41.47 0.48
CA ASN E 99 -72.90 41.69 -0.56
C ASN E 99 -73.32 42.71 -1.60
N TYR E 100 -74.52 42.57 -2.17
CA TYR E 100 -74.94 43.40 -3.29
C TYR E 100 -76.33 43.98 -3.02
N LEU E 101 -76.55 45.20 -3.45
CA LEU E 101 -77.80 45.93 -3.24
C LEU E 101 -78.28 46.54 -4.55
N CYS E 102 -79.60 46.62 -4.73
CA CYS E 102 -80.15 47.20 -5.95
C CYS E 102 -81.56 47.71 -5.73
N MET E 103 -82.00 48.57 -6.65
CA MET E 103 -83.28 49.27 -6.70
C MET E 103 -83.91 49.12 -8.09
N PRO E 104 -85.06 48.45 -8.22
CA PRO E 104 -85.78 48.49 -9.49
C PRO E 104 -86.37 49.87 -9.76
N LYS E 105 -87.06 50.41 -8.77
CA LYS E 105 -87.74 51.70 -8.89
C LYS E 105 -86.99 52.75 -8.08
N ALA E 106 -86.43 53.74 -8.77
CA ALA E 106 -85.72 54.81 -8.09
C ALA E 106 -85.60 56.01 -9.01
N VAL E 107 -85.82 57.19 -8.42
CA VAL E 107 -85.59 58.46 -9.10
C VAL E 107 -84.15 58.89 -8.79
N GLU E 108 -83.56 59.72 -9.65
CA GLU E 108 -82.10 59.86 -9.65
C GLU E 108 -81.60 60.41 -8.32
N ALA E 109 -82.45 61.08 -7.55
CA ALA E 109 -82.07 61.49 -6.20
C ALA E 109 -81.79 60.28 -5.32
N ASP E 110 -82.59 59.23 -5.48
CA ASP E 110 -82.33 57.98 -4.77
C ASP E 110 -80.98 57.40 -5.16
N LYS E 111 -80.64 57.43 -6.45
CA LYS E 111 -79.34 56.94 -6.89
C LYS E 111 -78.21 57.75 -6.27
N THR E 112 -78.36 59.07 -6.24
CA THR E 112 -77.32 59.91 -5.64
C THR E 112 -77.16 59.59 -4.15
N ALA E 113 -78.28 59.45 -3.43
CA ALA E 113 -78.20 59.12 -2.02
C ALA E 113 -77.52 57.77 -1.81
N ILE E 114 -77.88 56.78 -2.62
CA ILE E 114 -77.31 55.45 -2.47
C ILE E 114 -75.82 55.46 -2.75
N LYS E 115 -75.40 56.16 -3.80
CA LYS E 115 -73.98 56.20 -4.13
C LYS E 115 -73.18 56.91 -3.06
N ASN E 116 -73.72 58.02 -2.52
CA ASN E 116 -73.02 58.70 -1.44
C ASN E 116 -72.92 57.82 -0.21
N TRP E 117 -74.01 57.12 0.13
CA TRP E 117 -73.98 56.21 1.27
C TRP E 117 -72.95 55.11 1.08
N ILE E 118 -72.88 54.55 -0.13
CA ILE E 118 -71.94 53.46 -0.39
C ILE E 118 -70.50 53.95 -0.26
N ILE E 119 -70.21 55.13 -0.83
CA ILE E 119 -68.84 55.65 -0.75
C ILE E 119 -68.47 55.94 0.70
N LYS E 120 -69.39 56.53 1.46
CA LYS E 120 -69.06 56.83 2.86
C LYS E 120 -68.92 55.56 3.68
N LEU E 121 -69.69 54.53 3.37
CA LEU E 121 -69.65 53.31 4.17
C LEU E 121 -68.42 52.48 3.86
N ARG E 122 -67.95 52.51 2.60
CA ARG E 122 -66.78 51.70 2.26
C ARG E 122 -65.49 52.30 2.81
N ASP E 123 -65.50 53.58 3.15
CA ASP E 123 -64.25 54.24 3.53
C ASP E 123 -64.25 54.68 4.99
N ILE E 124 -65.41 54.95 5.56
CA ILE E 124 -65.47 55.40 6.95
C ILE E 124 -65.64 54.20 7.88
N ASP E 125 -66.65 53.39 7.62
CA ASP E 125 -66.94 52.24 8.46
C ASP E 125 -66.11 51.01 8.11
N LYS E 126 -65.28 51.09 7.07
CA LYS E 126 -64.39 50.00 6.68
C LYS E 126 -65.15 48.71 6.42
N VAL E 127 -66.31 48.83 5.77
CA VAL E 127 -67.12 47.68 5.38
C VAL E 127 -67.21 47.65 3.86
N LYS E 128 -66.88 46.51 3.28
CA LYS E 128 -66.78 46.36 1.83
C LYS E 128 -68.11 45.81 1.30
N VAL E 129 -68.90 46.68 0.69
CA VAL E 129 -70.14 46.30 0.03
C VAL E 129 -70.20 46.98 -1.33
N LYS E 130 -71.08 46.48 -2.19
CA LYS E 130 -71.23 47.00 -3.55
C LYS E 130 -72.70 47.04 -3.93
N ALA E 131 -73.01 47.85 -4.95
CA ALA E 131 -74.38 47.97 -5.42
C ALA E 131 -74.37 48.28 -6.91
N VAL E 132 -75.46 47.94 -7.59
CA VAL E 132 -75.63 48.16 -9.01
C VAL E 132 -76.73 49.19 -9.22
N LEU E 133 -76.44 50.21 -10.03
CA LEU E 133 -77.35 51.32 -10.26
C LEU E 133 -77.70 51.43 -11.74
N GLY E 134 -78.86 52.01 -12.01
CA GLY E 134 -79.34 52.09 -13.37
C GLY E 134 -78.47 52.93 -14.27
N LYS E 135 -78.17 54.17 -13.84
CA LYS E 135 -77.38 55.08 -14.66
C LYS E 135 -76.75 56.12 -13.74
N VAL E 136 -75.49 55.91 -13.40
CA VAL E 136 -74.72 56.85 -12.59
C VAL E 136 -73.29 56.89 -13.13
N VAL E 137 -72.59 57.96 -12.79
CA VAL E 137 -71.23 58.16 -13.28
C VAL E 137 -70.31 58.18 -12.05
N GLY E 138 -70.77 57.58 -10.96
CA GLY E 138 -69.93 57.48 -9.78
C GLY E 138 -68.65 56.71 -10.08
N ASN E 139 -67.53 57.28 -9.65
CA ASN E 139 -66.21 56.77 -10.03
C ASN E 139 -65.55 56.00 -8.89
N HIS E 140 -66.32 55.24 -8.13
CA HIS E 140 -65.80 54.42 -7.05
C HIS E 140 -65.89 52.94 -7.43
N GLU E 141 -65.14 52.11 -6.72
CA GLU E 141 -65.21 50.68 -7.01
C GLU E 141 -66.50 50.08 -6.49
N GLY E 142 -67.18 50.75 -5.58
CA GLY E 142 -68.34 50.17 -4.94
C GLY E 142 -69.60 50.12 -5.77
N ILE E 143 -69.62 50.74 -6.94
CA ILE E 143 -70.81 50.79 -7.78
C ILE E 143 -70.47 50.24 -9.15
N ILE E 144 -71.45 49.58 -9.77
CA ILE E 144 -71.32 49.04 -11.13
C ILE E 144 -72.44 49.63 -11.97
N ASN E 145 -72.07 50.26 -13.09
CA ASN E 145 -73.02 51.01 -13.90
C ASN E 145 -73.39 50.20 -15.13
N PHE E 146 -74.48 49.45 -15.02
CA PHE E 146 -75.03 48.74 -16.17
C PHE E 146 -75.98 49.66 -16.91
N THR E 147 -75.80 49.76 -18.23
CA THR E 147 -76.58 50.72 -19.01
C THR E 147 -76.95 50.08 -20.34
N THR E 148 -78.19 49.61 -20.45
CA THR E 148 -78.74 49.10 -21.69
C THR E 148 -80.25 49.24 -21.63
N GLU E 149 -80.83 49.85 -22.65
CA GLU E 149 -82.23 50.23 -22.63
C GLU E 149 -83.06 49.31 -23.53
N ASP E 150 -84.36 49.24 -23.22
CA ASP E 150 -85.33 48.47 -24.01
C ASP E 150 -84.93 47.00 -24.08
N VAL E 151 -84.70 46.40 -22.92
CA VAL E 151 -84.36 44.98 -22.84
C VAL E 151 -85.65 44.17 -22.83
N LEU E 152 -85.76 43.22 -23.75
CA LEU E 152 -86.97 42.42 -23.91
C LEU E 152 -86.75 41.03 -23.32
N VAL E 153 -87.42 40.74 -22.21
CA VAL E 153 -87.37 39.44 -21.56
C VAL E 153 -88.80 38.93 -21.43
N GLY E 154 -89.08 37.79 -22.04
CA GLY E 154 -90.40 37.21 -21.97
C GLY E 154 -91.48 38.12 -22.52
N GLU E 155 -91.32 38.52 -23.79
CA GLU E 155 -92.23 39.41 -24.53
C GLU E 155 -92.64 40.64 -23.71
N LYS E 156 -91.78 41.07 -22.79
CA LYS E 156 -92.02 42.27 -22.01
C LYS E 156 -90.82 43.19 -22.08
N LYS E 157 -91.08 44.49 -22.17
CA LYS E 157 -90.03 45.49 -22.14
C LYS E 157 -89.58 45.75 -20.71
N TYR E 158 -88.28 45.97 -20.54
CA TYR E 158 -87.71 46.29 -19.25
C TYR E 158 -86.73 47.44 -19.39
N SER E 159 -86.87 48.44 -18.53
CA SER E 159 -85.89 49.52 -18.49
C SER E 159 -84.62 49.04 -17.82
N VAL E 160 -83.59 49.88 -17.88
CA VAL E 160 -82.30 49.52 -17.30
C VAL E 160 -82.44 49.31 -15.79
N ASP E 161 -83.19 50.21 -15.12
CA ASP E 161 -83.35 50.10 -13.69
C ASP E 161 -84.06 48.81 -13.30
N GLU E 162 -85.05 48.40 -14.10
CA GLU E 162 -85.73 47.13 -13.84
C GLU E 162 -84.78 45.96 -14.02
N PHE E 163 -83.92 46.01 -15.04
CA PHE E 163 -83.02 44.91 -15.32
C PHE E 163 -81.83 44.85 -14.37
N THR E 164 -81.59 45.91 -13.59
CA THR E 164 -80.50 45.88 -12.62
C THR E 164 -80.65 44.71 -11.66
N SER E 165 -81.88 44.31 -11.33
CA SER E 165 -82.08 43.16 -10.46
C SER E 165 -81.53 41.88 -11.10
N ARG E 166 -81.83 41.67 -12.37
CA ARG E 166 -81.31 40.49 -13.06
C ARG E 166 -79.79 40.56 -13.15
N VAL E 167 -79.24 41.75 -13.39
CA VAL E 167 -77.78 41.90 -13.44
C VAL E 167 -77.17 41.53 -12.09
N ALA E 168 -77.75 42.01 -11.00
CA ALA E 168 -77.21 41.71 -9.67
C ALA E 168 -77.30 40.22 -9.36
N GLY E 169 -78.42 39.58 -9.70
CA GLY E 169 -78.51 38.14 -9.52
C GLY E 169 -77.48 37.39 -10.33
N LEU E 170 -77.27 37.84 -11.57
CA LEU E 170 -76.26 37.22 -12.42
C LEU E 170 -74.87 37.33 -11.81
N ILE E 171 -74.56 38.51 -11.26
CA ILE E 171 -73.24 38.70 -10.65
C ILE E 171 -73.09 37.81 -9.41
N ALA E 172 -74.13 37.76 -8.56
CA ALA E 172 -73.99 37.03 -7.31
C ALA E 172 -74.02 35.53 -7.51
N GLY E 173 -74.61 35.06 -8.61
CA GLY E 173 -74.69 33.62 -8.84
C GLY E 173 -73.33 32.99 -9.07
N THR E 174 -72.45 33.68 -9.79
CA THR E 174 -71.20 33.07 -10.22
C THR E 174 -70.27 32.82 -9.03
N PRO E 175 -69.44 31.77 -9.10
CA PRO E 175 -68.43 31.56 -8.07
C PRO E 175 -67.31 32.59 -8.15
N LEU E 176 -66.37 32.54 -7.22
CA LEU E 176 -65.25 33.47 -7.25
C LEU E 176 -64.17 33.03 -8.21
N SER E 177 -64.09 31.74 -8.51
CA SER E 177 -63.04 31.25 -9.41
C SER E 177 -63.23 31.80 -10.82
N GLN E 178 -64.47 31.87 -11.28
CA GLN E 178 -64.77 32.31 -12.63
C GLN E 178 -65.12 33.79 -12.67
N SER E 179 -65.25 34.32 -13.88
CA SER E 179 -65.60 35.71 -14.10
C SER E 179 -66.95 35.81 -14.81
N VAL E 180 -67.45 37.05 -14.92
CA VAL E 180 -68.76 37.29 -15.50
C VAL E 180 -68.70 37.49 -17.01
N THR E 181 -67.55 37.86 -17.55
CA THR E 181 -67.44 38.21 -18.96
C THR E 181 -67.88 37.06 -19.86
N TYR E 182 -68.63 37.40 -20.91
CA TYR E 182 -68.98 36.45 -21.97
C TYR E 182 -69.81 35.30 -21.40
N THR E 183 -70.95 35.65 -20.82
CA THR E 183 -71.87 34.69 -20.24
C THR E 183 -73.22 34.82 -20.89
N LYS E 184 -73.79 33.70 -21.32
CA LYS E 184 -75.04 33.69 -22.06
C LYS E 184 -76.22 34.04 -21.17
N LEU E 185 -77.14 34.82 -21.72
CA LEU E 185 -78.41 35.13 -21.08
C LEU E 185 -79.52 34.65 -22.02
N SER E 186 -79.91 33.39 -21.86
CA SER E 186 -80.92 32.80 -22.74
C SER E 186 -82.28 33.45 -22.60
N ASP E 187 -82.52 34.18 -21.51
CA ASP E 187 -83.83 34.81 -21.31
C ASP E 187 -84.05 35.94 -22.29
N VAL E 188 -83.06 36.82 -22.44
CA VAL E 188 -83.20 37.97 -23.34
C VAL E 188 -83.16 37.50 -24.78
N VAL E 189 -84.02 38.11 -25.62
CA VAL E 189 -84.15 37.64 -27.00
C VAL E 189 -83.77 38.72 -28.00
N ASP E 190 -83.72 39.98 -27.57
CA ASP E 190 -83.23 41.02 -28.46
C ASP E 190 -82.78 42.24 -27.68
N ILE E 191 -81.90 43.03 -28.31
CA ILE E 191 -81.41 44.30 -27.79
C ILE E 191 -81.39 45.27 -28.95
N PRO E 192 -81.59 46.57 -28.73
CA PRO E 192 -81.43 47.54 -29.82
C PRO E 192 -80.05 47.43 -30.45
N LYS E 193 -80.01 47.48 -31.78
CA LYS E 193 -78.77 47.27 -32.51
C LYS E 193 -77.82 48.44 -32.28
N MET E 194 -76.53 48.12 -32.22
CA MET E 194 -75.50 49.11 -31.92
C MET E 194 -74.14 48.54 -32.32
N THR E 195 -73.28 49.42 -32.83
CA THR E 195 -72.05 48.98 -33.48
C THR E 195 -70.97 48.63 -32.46
N LYS E 196 -69.92 47.99 -32.96
CA LYS E 196 -68.86 47.46 -32.10
C LYS E 196 -67.97 48.57 -31.55
N VAL E 197 -67.60 49.53 -32.40
CA VAL E 197 -66.72 50.61 -31.94
C VAL E 197 -67.42 51.45 -30.88
N ASP E 198 -68.72 51.63 -31.01
CA ASP E 198 -69.49 52.30 -29.96
C ASP E 198 -69.39 51.53 -28.66
N ALA E 199 -69.49 50.20 -28.72
CA ALA E 199 -69.36 49.38 -27.51
C ALA E 199 -67.98 49.53 -26.90
N GLU E 200 -66.94 49.58 -27.73
CA GLU E 200 -65.60 49.86 -27.23
C GLU E 200 -65.57 51.20 -26.49
N SER E 201 -66.22 52.21 -27.05
CA SER E 201 -66.25 53.52 -26.40
C SER E 201 -66.95 53.44 -25.04
N ARG E 202 -68.09 52.75 -24.97
CA ARG E 202 -68.80 52.66 -23.69
C ARG E 202 -67.98 51.89 -22.65
N VAL E 203 -67.34 50.79 -23.08
CA VAL E 203 -66.54 50.01 -22.15
C VAL E 203 -65.36 50.84 -21.63
N ASN E 204 -64.73 51.61 -22.52
CA ASN E 204 -63.64 52.48 -22.08
C ASN E 204 -64.11 53.54 -21.10
N LYS E 205 -65.42 53.79 -21.04
CA LYS E 205 -65.96 54.76 -20.09
C LYS E 205 -66.22 54.17 -18.72
N GLY E 206 -65.95 52.89 -18.52
CA GLY E 206 -66.34 52.21 -17.30
C GLY E 206 -67.79 51.74 -17.29
N GLU E 207 -68.54 52.03 -18.35
CA GLU E 207 -69.91 51.60 -18.45
C GLU E 207 -70.00 50.11 -18.71
N LEU E 208 -71.01 49.46 -18.15
CA LEU E 208 -71.26 48.04 -18.39
C LEU E 208 -72.41 47.90 -19.37
N ILE E 209 -72.19 47.12 -20.45
CA ILE E 209 -73.14 47.02 -21.53
C ILE E 209 -73.39 45.56 -21.87
N LEU E 210 -74.48 45.34 -22.60
CA LEU E 210 -74.85 44.02 -23.11
C LEU E 210 -74.57 43.98 -24.61
N ILE E 211 -74.00 42.87 -25.07
CA ILE E 211 -73.57 42.77 -26.46
C ILE E 211 -74.19 41.55 -27.11
N LYS E 212 -74.34 41.62 -28.43
CA LYS E 212 -74.80 40.52 -29.25
C LYS E 212 -73.61 40.00 -30.05
N GLU E 213 -73.14 38.81 -29.67
CA GLU E 213 -71.94 38.25 -30.29
C GLU E 213 -72.04 36.74 -30.21
N ALA E 214 -71.47 36.08 -31.21
CA ALA E 214 -71.58 34.63 -31.41
C ALA E 214 -73.08 34.30 -31.53
N GLY E 215 -73.48 33.12 -31.05
CA GLY E 215 -74.84 32.68 -31.23
C GLY E 215 -75.84 33.32 -30.29
N ALA E 216 -75.40 33.72 -29.10
CA ALA E 216 -76.31 34.16 -28.06
C ALA E 216 -76.02 35.60 -27.65
N ILE E 217 -76.66 36.01 -26.56
CA ILE E 217 -76.47 37.34 -25.99
C ILE E 217 -75.67 37.21 -24.70
N ARG E 218 -74.61 38.01 -24.58
CA ARG E 218 -73.62 37.79 -23.52
C ARG E 218 -73.15 39.11 -22.94
N ILE E 219 -72.62 39.02 -21.71
CA ILE E 219 -72.00 40.17 -21.07
C ILE E 219 -70.68 40.48 -21.77
N ALA E 220 -70.43 41.77 -22.01
CA ALA E 220 -69.27 42.22 -22.75
C ALA E 220 -68.24 42.79 -21.78
N ARG E 221 -67.39 41.92 -21.24
CA ARG E 221 -66.27 42.32 -20.39
C ARG E 221 -66.74 43.21 -19.24
N GLY E 222 -67.45 42.57 -18.31
CA GLY E 222 -67.86 43.23 -17.09
C GLY E 222 -66.72 43.90 -16.35
N VAL E 223 -66.77 45.22 -16.25
CA VAL E 223 -65.74 46.00 -15.57
C VAL E 223 -66.40 46.93 -14.56
N ASN E 224 -65.56 47.63 -13.81
CA ASN E 224 -66.00 48.48 -12.73
C ASN E 224 -66.41 49.85 -13.24
N SER E 225 -66.71 50.76 -12.32
CA SER E 225 -67.20 52.07 -12.71
C SER E 225 -66.13 53.14 -12.72
N LEU E 226 -65.04 52.95 -11.99
CA LEU E 226 -64.02 54.00 -11.91
C LEU E 226 -63.27 54.12 -13.21
N THR E 227 -62.88 55.36 -13.55
CA THR E 227 -62.18 55.63 -14.80
C THR E 227 -60.80 56.24 -14.61
N GLU E 228 -60.60 57.06 -13.58
CA GLU E 228 -59.30 57.67 -13.34
C GLU E 228 -58.41 56.72 -12.55
N LEU E 229 -57.16 56.59 -12.98
CA LEU E 229 -56.22 55.67 -12.37
C LEU E 229 -55.14 56.48 -11.65
N THR E 230 -55.23 56.53 -10.32
CA THR E 230 -54.25 57.24 -9.53
C THR E 230 -52.97 56.43 -9.43
N ALA E 231 -51.96 57.00 -8.78
CA ALA E 231 -50.71 56.27 -8.56
C ALA E 231 -50.91 55.15 -7.54
N GLU E 232 -51.93 55.29 -6.70
CA GLU E 232 -52.21 54.27 -5.69
C GLU E 232 -53.14 53.20 -6.26
N LYS E 233 -54.16 53.61 -6.98
CA LYS E 233 -55.16 52.69 -7.52
C LYS E 233 -54.73 52.25 -8.92
N GLY E 234 -54.28 51.01 -9.04
CA GLY E 234 -53.79 50.52 -10.31
C GLY E 234 -54.87 49.99 -11.21
N GLU E 235 -54.43 49.39 -12.33
CA GLU E 235 -55.36 48.92 -13.34
C GLU E 235 -56.26 47.82 -12.79
N MET E 236 -55.70 46.88 -12.03
CA MET E 236 -56.47 45.72 -11.59
C MET E 236 -57.66 46.10 -10.73
N PHE E 237 -57.67 47.30 -10.16
CA PHE E 237 -58.83 47.73 -9.38
C PHE E 237 -60.06 47.98 -10.25
N GLN E 238 -59.96 47.73 -11.56
CA GLN E 238 -61.07 47.95 -12.47
C GLN E 238 -61.84 46.67 -12.78
N LYS E 239 -61.26 45.50 -12.52
CA LYS E 239 -61.91 44.23 -12.78
C LYS E 239 -62.77 43.82 -11.59
N ILE E 240 -63.96 43.31 -11.88
CA ILE E 240 -64.90 42.96 -10.81
C ILE E 240 -64.34 41.83 -9.95
N LYS E 241 -63.77 40.80 -10.58
CA LYS E 241 -63.32 39.62 -9.85
C LYS E 241 -62.22 39.99 -8.84
N ILE E 242 -61.28 40.83 -9.25
CA ILE E 242 -60.16 41.17 -8.38
C ILE E 242 -60.63 41.95 -7.17
N VAL E 243 -61.48 42.95 -7.39
CA VAL E 243 -61.97 43.73 -6.26
C VAL E 243 -62.83 42.87 -5.34
N ASP E 244 -63.54 41.89 -5.91
CA ASP E 244 -64.38 41.03 -5.08
C ASP E 244 -63.54 40.13 -4.20
N THR E 245 -62.48 39.53 -4.76
CA THR E 245 -61.62 38.68 -3.93
C THR E 245 -60.86 39.51 -2.91
N LEU E 246 -60.52 40.76 -3.24
CA LEU E 246 -59.93 41.63 -2.25
C LEU E 246 -60.89 41.89 -1.09
N ASP E 247 -62.17 42.12 -1.41
CA ASP E 247 -63.16 42.35 -0.37
C ASP E 247 -63.30 41.13 0.54
N ILE E 248 -63.34 39.93 -0.04
CA ILE E 248 -63.52 38.75 0.80
C ILE E 248 -62.28 38.53 1.66
N ILE E 249 -61.09 38.80 1.13
CA ILE E 249 -59.87 38.71 1.93
C ILE E 249 -59.95 39.66 3.11
N HIS E 250 -60.36 40.91 2.84
CA HIS E 250 -60.46 41.91 3.90
C HIS E 250 -61.41 41.44 5.00
N SER E 251 -62.59 40.97 4.61
CA SER E 251 -63.59 40.57 5.59
C SER E 251 -63.08 39.41 6.43
N ASP E 252 -62.48 38.40 5.80
CA ASP E 252 -62.00 37.25 6.54
C ASP E 252 -60.91 37.64 7.53
N ILE E 253 -59.93 38.41 7.08
CA ILE E 253 -58.83 38.79 7.96
C ILE E 253 -59.34 39.60 9.13
N ARG E 254 -60.22 40.57 8.86
CA ARG E 254 -60.75 41.40 9.93
C ARG E 254 -61.54 40.57 10.93
N LYS E 255 -62.36 39.64 10.44
CA LYS E 255 -63.16 38.83 11.35
C LYS E 255 -62.27 37.98 12.25
N VAL E 256 -61.24 37.35 11.68
CA VAL E 256 -60.33 36.55 12.49
C VAL E 256 -59.68 37.42 13.57
N ILE E 257 -59.16 38.57 13.16
CA ILE E 257 -58.43 39.43 14.08
C ILE E 257 -59.33 39.88 15.22
N ILE E 258 -60.52 40.37 14.90
CA ILE E 258 -61.39 40.88 15.96
C ILE E 258 -61.90 39.75 16.82
N ASP E 259 -62.10 38.56 16.27
CA ASP E 259 -62.72 37.50 17.04
C ASP E 259 -61.74 36.85 18.01
N ASP E 260 -60.46 36.74 17.64
CA ASP E 260 -59.59 35.87 18.41
C ASP E 260 -58.37 36.59 19.00
N TYR E 261 -57.74 37.51 18.26
CA TYR E 261 -56.48 38.09 18.69
C TYR E 261 -56.61 39.47 19.34
N ILE E 262 -57.82 39.99 19.56
CA ILE E 262 -57.96 41.34 20.09
C ILE E 262 -58.16 41.24 21.60
N GLY E 263 -57.38 42.02 22.34
CA GLY E 263 -57.56 42.14 23.77
C GLY E 263 -57.39 40.85 24.55
N LYS E 264 -56.76 39.85 23.95
CA LYS E 264 -56.60 38.55 24.58
C LYS E 264 -55.19 37.99 24.56
N VAL E 265 -54.27 38.63 23.84
CA VAL E 265 -52.90 38.15 23.73
C VAL E 265 -51.95 39.30 24.04
N THR E 266 -50.93 39.01 24.83
CA THR E 266 -49.94 40.03 25.18
C THR E 266 -49.12 40.42 23.96
N ASN E 267 -48.83 41.72 23.85
CA ASN E 267 -48.08 42.24 22.72
C ASN E 267 -46.59 41.95 22.92
N SER E 268 -46.15 40.78 22.47
CA SER E 268 -44.75 40.41 22.55
C SER E 268 -44.35 39.75 21.25
N TYR E 269 -43.03 39.71 21.01
CA TYR E 269 -42.52 39.26 19.72
C TYR E 269 -43.04 37.88 19.35
N ASP E 270 -43.07 36.96 20.31
CA ASP E 270 -43.54 35.60 20.02
C ASP E 270 -45.01 35.61 19.62
N ASN E 271 -45.81 36.47 20.24
CA ASN E 271 -47.20 36.60 19.84
C ASN E 271 -47.30 37.16 18.43
N LYS E 272 -46.44 38.10 18.07
CA LYS E 272 -46.41 38.59 16.69
C LYS E 272 -46.07 37.47 15.72
N CYS E 273 -45.11 36.63 16.08
CA CYS E 273 -44.76 35.50 15.22
C CYS E 273 -45.94 34.56 15.05
N LEU E 274 -46.67 34.28 16.14
CA LEU E 274 -47.84 33.42 16.04
C LEU E 274 -48.91 34.03 15.13
N LEU E 275 -49.13 35.34 15.26
CA LEU E 275 -50.09 36.02 14.39
C LEU E 275 -49.66 35.94 12.93
N ILE E 276 -48.37 36.13 12.66
CA ILE E 276 -47.86 36.03 11.30
C ILE E 276 -48.08 34.63 10.76
N VAL E 277 -47.82 33.61 11.58
CA VAL E 277 -48.02 32.23 11.14
C VAL E 277 -49.49 31.98 10.82
N ALA E 278 -50.39 32.47 11.65
CA ALA E 278 -51.82 32.27 11.39
C ALA E 278 -52.24 32.96 10.09
N ILE E 279 -51.76 34.18 9.88
CA ILE E 279 -52.11 34.91 8.66
C ILE E 279 -51.59 34.18 7.43
N LYS E 280 -50.34 33.72 7.49
CA LYS E 280 -49.77 32.99 6.37
C LYS E 280 -50.52 31.68 6.12
N SER E 281 -50.96 31.02 7.19
CA SER E 281 -51.74 29.80 7.01
C SER E 281 -53.04 30.10 6.29
N TYR E 282 -53.73 31.17 6.68
CA TYR E 282 -54.96 31.52 5.97
C TYR E 282 -54.70 31.85 4.51
N LEU E 283 -53.62 32.59 4.25
CA LEU E 283 -53.30 32.94 2.87
C LEU E 283 -53.00 31.71 2.03
N GLU E 284 -52.26 30.75 2.59
CA GLU E 284 -52.00 29.51 1.86
C GLU E 284 -53.28 28.74 1.63
N GLU E 285 -54.17 28.71 2.63
CA GLU E 285 -55.45 28.04 2.46
C GLU E 285 -56.24 28.64 1.31
N LEU E 286 -56.26 29.97 1.21
CA LEU E 286 -56.91 30.61 0.07
C LEU E 286 -56.19 30.29 -1.22
N GLU E 287 -54.86 30.22 -1.19
CA GLU E 287 -54.09 29.86 -2.38
C GLU E 287 -54.49 28.48 -2.89
N LYS E 288 -54.87 27.58 -1.98
CA LYS E 288 -55.30 26.25 -2.41
C LYS E 288 -56.47 26.30 -3.38
N SER E 289 -57.45 27.17 -3.10
CA SER E 289 -58.60 27.30 -3.98
C SER E 289 -58.30 28.04 -5.27
N ALA E 290 -57.03 28.31 -5.56
CA ALA E 290 -56.59 28.99 -6.78
C ALA E 290 -57.19 30.37 -6.95
N LEU E 291 -57.18 31.19 -5.89
CA LEU E 291 -57.59 32.58 -6.04
C LEU E 291 -56.39 33.52 -6.08
N ILE E 292 -55.28 33.14 -5.47
CA ILE E 292 -54.06 33.94 -5.51
C ILE E 292 -52.89 33.05 -5.91
N GLU E 293 -51.73 33.65 -6.16
CA GLU E 293 -50.57 32.89 -6.58
C GLU E 293 -50.02 32.08 -5.41
N SER E 294 -49.10 31.17 -5.74
CA SER E 294 -48.63 30.20 -4.76
C SER E 294 -47.81 30.85 -3.65
N ASP E 295 -46.87 31.72 -4.02
CA ASP E 295 -45.91 32.24 -3.06
C ASP E 295 -46.32 33.63 -2.59
N SER E 296 -46.60 33.76 -1.31
CA SER E 296 -46.90 35.03 -0.67
C SER E 296 -46.13 35.11 0.64
N THR E 297 -45.86 36.33 1.07
CA THR E 297 -45.04 36.54 2.27
C THR E 297 -45.72 37.54 3.20
N VAL E 298 -45.60 37.30 4.50
CA VAL E 298 -46.04 38.22 5.54
C VAL E 298 -44.87 38.45 6.47
N GLU E 299 -44.60 39.72 6.77
CA GLU E 299 -43.36 40.08 7.45
C GLU E 299 -43.62 41.40 8.16
N ILE E 300 -43.19 41.48 9.43
CA ILE E 300 -43.57 42.61 10.27
C ILE E 300 -43.01 43.90 9.70
N ASP E 301 -43.89 44.89 9.53
CA ASP E 301 -43.52 46.16 8.92
C ASP E 301 -42.38 46.79 9.71
N PHE E 302 -41.38 47.29 8.99
CA PHE E 302 -40.17 47.81 9.62
C PHE E 302 -40.21 49.34 9.69
N GLU E 303 -40.42 49.99 8.55
CA GLU E 303 -40.32 51.45 8.49
C GLU E 303 -41.37 52.13 9.37
N ALA E 304 -42.58 51.59 9.38
CA ALA E 304 -43.62 52.15 10.24
C ALA E 304 -43.25 52.02 11.71
N GLN E 305 -42.66 50.88 12.09
CA GLN E 305 -42.22 50.70 13.46
C GLN E 305 -41.11 51.68 13.82
N LYS E 306 -40.15 51.89 12.91
CA LYS E 306 -39.09 52.86 13.17
C LYS E 306 -39.67 54.26 13.33
N SER E 307 -40.61 54.63 12.46
CA SER E 307 -41.23 55.95 12.56
C SER E 307 -41.98 56.11 13.86
N TYR E 308 -42.68 55.05 14.29
CA TYR E 308 -43.40 55.11 15.56
C TYR E 308 -42.43 55.28 16.73
N LEU E 309 -41.33 54.53 16.72
CA LEU E 309 -40.35 54.66 17.80
C LEU E 309 -39.75 56.06 17.82
N LYS E 310 -39.41 56.61 16.65
CA LYS E 310 -38.85 57.95 16.61
C LYS E 310 -39.86 58.99 17.07
N SER E 311 -41.13 58.80 16.73
CA SER E 311 -42.16 59.75 17.15
C SER E 311 -42.33 59.77 18.66
N LYS E 312 -41.92 58.70 19.34
CA LYS E 312 -42.00 58.62 20.79
C LYS E 312 -40.78 59.23 21.48
N GLY E 313 -39.63 59.26 20.82
CA GLY E 313 -38.46 59.88 21.38
C GLY E 313 -37.34 58.95 21.77
N VAL E 314 -37.39 57.68 21.36
CA VAL E 314 -36.32 56.76 21.69
C VAL E 314 -35.12 57.04 20.80
N ASP E 315 -33.92 56.75 21.32
CA ASP E 315 -32.68 56.89 20.56
C ASP E 315 -32.36 55.52 19.97
N LEU E 316 -32.58 55.40 18.66
CA LEU E 316 -32.39 54.13 17.96
C LEU E 316 -31.14 54.11 17.09
N SER E 317 -30.17 54.98 17.36
CA SER E 317 -29.01 55.09 16.48
C SER E 317 -28.18 53.80 16.47
N TYR E 318 -27.95 53.22 17.64
CA TYR E 318 -27.00 52.11 17.72
C TYR E 318 -27.67 50.75 17.66
N MET E 319 -28.91 50.66 18.13
CA MET E 319 -29.58 49.35 18.17
C MET E 319 -29.77 48.81 16.75
N THR E 320 -29.46 47.53 16.59
CA THR E 320 -29.53 46.88 15.30
C THR E 320 -30.98 46.74 14.86
N LEU E 321 -31.17 46.56 13.55
CA LEU E 321 -32.51 46.38 13.00
C LEU E 321 -33.26 45.24 13.70
N GLN E 322 -32.55 44.17 14.04
CA GLN E 322 -33.17 43.08 14.78
C GLN E 322 -33.62 43.56 16.15
N GLU E 323 -32.77 44.33 16.83
CA GLU E 323 -33.16 44.93 18.10
C GLU E 323 -34.30 45.93 17.90
N ILE E 324 -34.36 46.58 16.74
CA ILE E 324 -35.46 47.48 16.44
C ILE E 324 -36.77 46.71 16.39
N LYS E 325 -36.77 45.52 15.76
CA LYS E 325 -37.96 44.69 15.77
C LYS E 325 -38.24 44.15 17.17
N GLU E 326 -37.20 44.00 17.99
CA GLU E 326 -37.39 43.57 19.38
C GLU E 326 -38.23 44.57 20.16
N ALA E 327 -38.12 45.86 19.83
CA ALA E 327 -38.61 46.91 20.71
C ALA E 327 -40.10 46.79 20.98
N ASN E 328 -40.50 47.14 22.20
CA ASN E 328 -41.91 47.15 22.56
C ASN E 328 -42.63 48.28 21.86
N THR E 329 -43.89 48.04 21.50
CA THR E 329 -44.71 49.03 20.82
C THR E 329 -45.90 49.49 21.64
N GLY E 330 -46.31 48.72 22.64
CA GLY E 330 -47.42 49.13 23.48
C GLY E 330 -48.77 49.06 22.79
N SER E 331 -49.27 47.84 22.53
CA SER E 331 -50.61 47.60 22.02
C SER E 331 -50.76 48.00 20.55
N LYS E 332 -49.65 48.27 19.88
CA LYS E 332 -49.70 48.54 18.45
C LYS E 332 -48.92 47.49 17.68
N VAL E 333 -49.50 47.02 16.57
CA VAL E 333 -48.89 46.01 15.72
C VAL E 333 -48.84 46.54 14.29
N PHE E 334 -47.69 46.38 13.64
CA PHE E 334 -47.51 46.81 12.26
C PHE E 334 -47.02 45.63 11.42
N LEU E 335 -47.76 45.32 10.36
CA LEU E 335 -47.44 44.19 9.49
C LEU E 335 -47.68 44.59 8.05
N LYS E 336 -46.92 43.96 7.15
CA LYS E 336 -47.10 44.14 5.71
C LYS E 336 -47.01 42.79 5.02
N ALA E 337 -47.80 42.61 3.96
CA ALA E 337 -47.85 41.36 3.24
C ALA E 337 -47.97 41.62 1.74
N LYS E 338 -47.46 40.68 0.94
CA LYS E 338 -47.47 40.78 -0.52
C LYS E 338 -48.15 39.56 -1.11
N ILE E 339 -49.13 39.78 -1.99
CA ILE E 339 -49.86 38.71 -2.65
C ILE E 339 -50.00 39.04 -4.13
N LYS E 340 -50.26 38.01 -4.93
CA LYS E 340 -50.53 38.16 -6.35
C LYS E 340 -51.89 37.54 -6.67
N VAL E 341 -52.78 38.34 -7.24
CA VAL E 341 -54.16 37.95 -7.47
C VAL E 341 -54.27 37.41 -8.90
N LEU E 342 -54.81 36.20 -9.04
CA LEU E 342 -55.01 35.61 -10.35
C LEU E 342 -56.25 36.19 -11.01
N ASP E 343 -56.37 35.95 -12.32
CA ASP E 343 -57.52 36.39 -13.10
C ASP E 343 -57.86 35.32 -14.12
N ALA E 344 -59.07 35.39 -14.68
CA ALA E 344 -59.50 34.40 -15.65
C ALA E 344 -59.01 34.78 -17.05
N MET E 345 -58.73 33.77 -17.87
CA MET E 345 -58.30 34.04 -19.23
C MET E 345 -59.38 34.79 -19.99
N GLU E 346 -58.99 35.90 -20.61
CA GLU E 346 -59.93 36.74 -21.33
C GLU E 346 -59.50 37.07 -22.74
N ASP E 347 -58.20 37.19 -23.00
CA ASP E 347 -57.67 37.48 -24.33
C ASP E 347 -56.63 36.42 -24.68
N ILE E 348 -56.82 35.75 -25.81
CA ILE E 348 -55.91 34.72 -26.28
C ILE E 348 -55.36 35.14 -27.64
N ASP E 349 -54.04 35.10 -27.76
CA ASP E 349 -53.35 35.42 -29.01
C ASP E 349 -52.64 34.17 -29.48
N LEU E 350 -53.09 33.62 -30.60
CA LEU E 350 -52.52 32.41 -31.17
C LEU E 350 -51.92 32.72 -32.52
N SER E 351 -50.69 32.27 -32.74
CA SER E 351 -49.97 32.48 -33.99
C SER E 351 -49.62 31.13 -34.60
N ILE E 352 -50.16 30.86 -35.78
CA ILE E 352 -49.93 29.62 -36.49
C ILE E 352 -49.19 29.94 -37.78
N GLU E 353 -48.07 29.27 -38.01
CA GLU E 353 -47.31 29.42 -39.24
C GLU E 353 -47.35 28.11 -40.00
N ILE E 354 -47.64 28.19 -41.29
CA ILE E 354 -47.80 27.00 -42.12
C ILE E 354 -46.44 26.41 -42.47
N ALA F 2 -56.03 50.37 -22.56
CA ALA F 2 -57.42 50.48 -22.12
C ALA F 2 -58.15 49.17 -22.29
N ILE F 3 -59.13 48.92 -21.41
CA ILE F 3 -59.88 47.68 -21.48
C ILE F 3 -60.93 47.77 -22.58
N GLY F 4 -60.86 46.85 -23.54
CA GLY F 4 -61.82 46.79 -24.62
C GLY F 4 -62.52 45.43 -24.64
N LEU F 5 -63.22 45.20 -25.75
CA LEU F 5 -63.88 43.91 -25.93
C LEU F 5 -62.82 42.81 -25.98
N PRO F 6 -63.13 41.62 -25.47
CA PRO F 6 -62.16 40.52 -25.52
C PRO F 6 -61.76 40.20 -26.96
N SER F 7 -60.48 39.91 -27.15
CA SER F 7 -59.92 39.69 -28.47
C SER F 7 -59.47 38.24 -28.59
N ILE F 8 -60.02 37.53 -29.58
CA ILE F 8 -59.53 36.22 -29.98
C ILE F 8 -59.13 36.33 -31.44
N ASN F 9 -57.85 36.09 -31.72
CA ASN F 9 -57.33 36.22 -33.07
C ASN F 9 -56.41 35.06 -33.41
N ILE F 10 -56.63 34.47 -34.58
CA ILE F 10 -55.79 33.41 -35.12
C ILE F 10 -55.08 33.96 -36.35
N SER F 11 -53.77 33.80 -36.39
CA SER F 11 -52.95 34.37 -37.45
C SER F 11 -52.25 33.25 -38.21
N PHE F 12 -52.21 33.38 -39.54
CA PHE F 12 -51.53 32.42 -40.40
C PHE F 12 -50.42 33.12 -41.15
N LYS F 13 -49.22 32.58 -41.09
CA LYS F 13 -48.06 33.14 -41.77
C LYS F 13 -47.33 32.03 -42.51
N GLU F 14 -46.67 32.40 -43.61
CA GLU F 14 -45.87 31.44 -44.35
C GLU F 14 -44.44 31.42 -43.82
N LEU F 15 -43.82 30.24 -43.86
CA LEU F 15 -42.38 30.12 -43.62
C LEU F 15 -41.66 30.68 -44.84
N ALA F 16 -41.30 31.96 -44.75
CA ALA F 16 -40.67 32.65 -45.86
C ALA F 16 -39.22 32.19 -46.01
N THR F 17 -39.03 30.96 -46.48
CA THR F 17 -37.68 30.48 -46.77
C THR F 17 -37.03 31.38 -47.80
N THR F 18 -35.89 31.94 -47.45
CA THR F 18 -35.32 33.03 -48.23
C THR F 18 -33.86 32.74 -48.56
N VAL F 19 -33.54 32.87 -49.84
CA VAL F 19 -32.17 32.97 -50.31
C VAL F 19 -32.02 34.37 -50.89
N LYS F 20 -30.98 35.08 -50.48
CA LYS F 20 -30.87 36.50 -50.81
C LYS F 20 -30.77 36.70 -52.32
N GLU F 21 -31.47 37.71 -52.82
CA GLU F 21 -31.42 38.06 -54.23
C GLU F 21 -30.17 38.89 -54.50
N ARG F 22 -29.22 38.31 -55.22
CA ARG F 22 -27.98 38.99 -55.56
C ARG F 22 -28.09 39.63 -56.94
N SER F 23 -27.07 40.42 -57.28
CA SER F 23 -27.07 41.13 -58.55
C SER F 23 -27.15 40.15 -59.70
N ALA F 24 -28.00 40.47 -60.68
CA ALA F 24 -28.18 39.61 -61.84
C ALA F 24 -26.93 39.61 -62.70
N ARG F 25 -26.58 38.44 -63.21
CA ARG F 25 -25.43 38.29 -64.10
C ARG F 25 -25.85 37.51 -65.34
N GLY F 26 -25.30 37.92 -66.49
CA GLY F 26 -25.64 37.31 -67.76
C GLY F 26 -26.52 38.14 -68.66
N ILE F 27 -26.66 39.42 -68.40
CA ILE F 27 -27.47 40.31 -69.23
C ILE F 27 -26.58 40.99 -70.24
N ILE F 28 -27.08 41.13 -71.47
CA ILE F 28 -26.32 41.70 -72.57
C ILE F 28 -27.01 42.97 -73.00
N ALA F 29 -26.25 44.05 -73.12
CA ALA F 29 -26.73 45.31 -73.66
C ALA F 29 -26.44 45.30 -75.16
N MET F 30 -27.49 45.42 -75.96
CA MET F 30 -27.37 45.40 -77.41
C MET F 30 -27.89 46.73 -77.96
N VAL F 31 -27.08 47.39 -78.78
CA VAL F 31 -27.43 48.69 -79.32
C VAL F 31 -27.22 48.67 -80.82
N LEU F 32 -28.22 49.13 -81.57
CA LEU F 32 -28.27 49.00 -83.01
C LEU F 32 -29.07 50.18 -83.59
N LYS F 33 -28.79 50.53 -84.84
CA LYS F 33 -29.41 51.65 -85.52
C LYS F 33 -30.41 51.16 -86.56
N ASP F 34 -31.61 51.73 -86.55
CA ASP F 34 -32.64 51.37 -87.52
C ASP F 34 -33.63 52.52 -87.63
N ALA F 35 -34.58 52.36 -88.56
CA ALA F 35 -35.68 53.29 -88.73
C ALA F 35 -37.00 52.75 -88.22
N LYS F 36 -37.00 51.63 -87.51
CA LYS F 36 -38.23 51.02 -87.00
C LYS F 36 -38.00 50.51 -85.59
N ALA F 37 -39.08 50.50 -84.81
CA ALA F 37 -39.08 50.00 -83.44
C ALA F 37 -37.96 50.62 -82.61
N LEU F 38 -37.88 51.95 -82.67
CA LEU F 38 -36.79 52.66 -82.02
C LEU F 38 -36.88 52.53 -80.50
N GLY F 39 -35.73 52.66 -79.84
CA GLY F 39 -35.67 52.48 -78.41
C GLY F 39 -35.38 51.03 -78.03
N LEU F 40 -35.48 50.77 -76.73
CA LEU F 40 -35.27 49.41 -76.25
C LEU F 40 -36.37 48.49 -76.75
N ASN F 41 -36.06 47.20 -76.79
CA ASN F 41 -37.03 46.22 -77.29
C ASN F 41 -37.24 45.04 -76.37
N GLU F 42 -36.32 44.77 -75.44
CA GLU F 42 -36.51 43.80 -74.37
C GLU F 42 -36.80 42.40 -74.94
N ILE F 43 -35.78 41.84 -75.60
CA ILE F 43 -35.88 40.46 -76.14
C ILE F 43 -35.43 39.54 -75.01
N HIS F 44 -36.36 39.23 -74.12
CA HIS F 44 -36.07 38.30 -73.04
C HIS F 44 -36.12 36.85 -73.56
N GLU F 45 -36.94 36.60 -74.57
CA GLU F 45 -37.13 35.27 -75.11
C GLU F 45 -36.46 35.16 -76.48
N LYS F 46 -35.84 34.01 -76.72
CA LYS F 46 -35.16 33.79 -78.00
C LYS F 46 -36.09 33.96 -79.19
N GLU F 47 -37.34 33.48 -79.07
CA GLU F 47 -38.24 33.52 -80.22
C GLU F 47 -38.89 34.88 -80.38
N ASP F 48 -39.03 35.63 -79.28
CA ASP F 48 -39.73 36.91 -79.31
C ASP F 48 -38.90 37.93 -80.08
N ILE F 49 -39.21 38.14 -81.34
CA ILE F 49 -38.44 39.04 -82.19
C ILE F 49 -39.38 40.05 -82.86
N PRO F 50 -39.12 41.35 -82.74
CA PRO F 50 -39.92 42.34 -83.47
C PRO F 50 -39.78 42.16 -84.96
N VAL F 51 -40.85 42.47 -85.69
CA VAL F 51 -40.91 42.13 -87.10
C VAL F 51 -40.47 43.29 -88.00
N ASP F 52 -40.69 44.53 -87.58
CA ASP F 52 -40.47 45.67 -88.46
C ASP F 52 -38.99 45.90 -88.77
N LEU F 53 -38.09 45.42 -87.91
CA LEU F 53 -36.67 45.67 -88.10
C LEU F 53 -36.11 44.78 -89.23
N SER F 54 -34.90 45.12 -89.66
CA SER F 54 -34.34 44.53 -90.88
C SER F 54 -33.95 43.07 -90.67
N ALA F 55 -33.80 42.35 -91.79
CA ALA F 55 -33.50 40.94 -91.74
C ALA F 55 -32.08 40.68 -91.24
N GLU F 56 -31.10 41.43 -91.77
CA GLU F 56 -29.73 41.28 -91.28
C GLU F 56 -29.65 41.53 -89.79
N ASN F 57 -30.52 42.40 -89.28
CA ASN F 57 -30.59 42.59 -87.83
C ASN F 57 -31.15 41.37 -87.12
N LYS F 58 -32.10 40.66 -87.75
CA LYS F 58 -32.51 39.37 -87.19
C LYS F 58 -31.34 38.41 -87.14
N GLU F 59 -30.50 38.40 -88.18
CA GLU F 59 -29.34 37.53 -88.16
C GLU F 59 -28.40 37.91 -87.03
N TYR F 60 -28.18 39.22 -86.83
CA TYR F 60 -27.32 39.68 -85.74
C TYR F 60 -27.87 39.24 -84.38
N ILE F 61 -29.17 39.40 -84.18
CA ILE F 61 -29.80 38.97 -82.93
C ILE F 61 -29.62 37.47 -82.75
N ASN F 62 -29.81 36.70 -83.83
CA ASN F 62 -29.69 35.26 -83.75
C ASN F 62 -28.27 34.85 -83.35
N LEU F 63 -27.26 35.51 -83.93
CA LEU F 63 -25.89 35.24 -83.50
C LEU F 63 -25.72 35.55 -82.01
N ALA F 64 -26.29 36.66 -81.55
CA ALA F 64 -26.20 36.99 -80.14
C ALA F 64 -26.97 36.01 -79.25
N LEU F 65 -27.93 35.27 -79.81
CA LEU F 65 -28.81 34.43 -79.00
C LEU F 65 -28.12 33.15 -78.55
N MET F 66 -27.30 32.54 -79.42
CA MET F 66 -26.74 31.24 -79.11
C MET F 66 -25.70 31.34 -78.01
N GLY F 67 -26.06 30.85 -76.82
CA GLY F 67 -25.17 30.88 -75.68
C GLY F 67 -24.12 29.79 -75.76
N ASN F 68 -23.06 29.94 -74.95
CA ASN F 68 -21.98 28.96 -74.98
C ASN F 68 -22.40 27.66 -74.32
N VAL F 69 -22.73 27.71 -73.03
CA VAL F 69 -23.29 26.57 -72.32
C VAL F 69 -24.81 26.65 -72.26
N ASN F 70 -25.34 27.83 -71.94
CA ASN F 70 -26.77 28.04 -71.87
C ASN F 70 -27.10 29.41 -72.44
N THR F 71 -28.38 29.61 -72.72
CA THR F 71 -28.83 30.87 -73.29
C THR F 71 -28.59 32.00 -72.29
N PRO F 72 -28.22 33.20 -72.76
CA PRO F 72 -28.10 34.33 -71.84
C PRO F 72 -29.42 34.61 -71.14
N ASN F 73 -29.32 35.03 -69.87
CA ASN F 73 -30.52 35.17 -69.05
C ASN F 73 -31.47 36.23 -69.61
N LYS F 74 -30.92 37.34 -70.08
CA LYS F 74 -31.77 38.42 -70.59
C LYS F 74 -30.99 39.23 -71.60
N LEU F 75 -31.66 39.58 -72.70
CA LEU F 75 -31.07 40.37 -73.77
C LEU F 75 -31.82 41.68 -73.92
N LEU F 76 -31.09 42.79 -73.84
CA LEU F 76 -31.65 44.12 -73.99
C LEU F 76 -31.10 44.73 -75.26
N VAL F 77 -31.97 44.99 -76.23
CA VAL F 77 -31.58 45.60 -77.50
C VAL F 77 -32.28 46.94 -77.63
N TYR F 78 -31.50 47.98 -77.88
CA TYR F 78 -32.02 49.33 -78.05
C TYR F 78 -31.78 49.78 -79.48
N VAL F 79 -32.84 50.21 -80.15
CA VAL F 79 -32.78 50.70 -81.53
C VAL F 79 -32.65 52.22 -81.50
N ILE F 80 -31.68 52.74 -82.23
CA ILE F 80 -31.40 54.17 -82.25
C ILE F 80 -31.60 54.69 -83.67
N GLU F 81 -32.03 55.94 -83.75
CA GLU F 81 -32.11 56.63 -85.04
C GLU F 81 -30.70 56.88 -85.56
N GLY F 82 -30.53 56.73 -86.87
CA GLY F 82 -29.22 56.92 -87.45
C GLY F 82 -28.71 58.33 -87.26
N GLU F 83 -27.39 58.46 -87.12
CA GLU F 83 -26.66 59.72 -86.97
C GLU F 83 -27.07 60.51 -85.74
N ALA F 84 -27.78 59.89 -84.80
CA ALA F 84 -28.12 60.55 -83.55
C ALA F 84 -26.97 60.53 -82.54
N ASP F 85 -25.75 60.27 -83.00
CA ASP F 85 -24.58 60.12 -82.12
C ASP F 85 -24.80 58.97 -81.15
N ILE F 86 -23.93 58.83 -80.16
CA ILE F 86 -24.01 57.68 -79.27
C ILE F 86 -24.55 58.07 -77.90
N GLN F 87 -24.39 59.34 -77.51
CA GLN F 87 -24.78 59.76 -76.17
C GLN F 87 -26.26 59.56 -75.93
N THR F 88 -27.09 59.72 -76.97
CA THR F 88 -28.53 59.53 -76.81
C THR F 88 -28.84 58.14 -76.30
N ALA F 89 -28.24 57.11 -76.90
CA ALA F 89 -28.40 55.76 -76.37
C ALA F 89 -27.69 55.60 -75.04
N LEU F 90 -26.50 56.20 -74.90
CA LEU F 90 -25.67 55.99 -73.72
C LEU F 90 -26.38 56.40 -72.44
N ASP F 91 -27.12 57.50 -72.47
CA ASP F 91 -27.90 57.89 -71.30
C ASP F 91 -28.93 56.82 -70.97
N PHE F 92 -29.61 56.30 -71.99
CA PHE F 92 -30.61 55.27 -71.78
C PHE F 92 -30.00 54.05 -71.11
N LEU F 93 -28.84 53.61 -71.60
CA LEU F 93 -28.21 52.43 -71.01
C LEU F 93 -27.71 52.70 -69.59
N GLU F 94 -27.08 53.85 -69.34
CA GLU F 94 -26.59 54.10 -67.99
C GLU F 94 -27.74 54.24 -67.01
N THR F 95 -28.94 54.52 -67.52
CA THR F 95 -30.11 54.46 -66.65
C THR F 95 -30.36 53.05 -66.14
N LYS F 96 -30.16 52.04 -66.98
CA LYS F 96 -30.46 50.65 -66.66
C LYS F 96 -29.19 49.88 -66.33
N GLU F 97 -29.38 48.62 -65.90
CA GLU F 97 -28.28 47.77 -65.54
C GLU F 97 -28.03 46.70 -66.61
N PHE F 98 -26.78 46.27 -66.72
CA PHE F 98 -26.38 45.31 -67.74
C PHE F 98 -24.97 44.81 -67.42
N ASN F 99 -24.47 43.92 -68.28
CA ASN F 99 -23.13 43.35 -68.11
C ASN F 99 -22.22 43.63 -69.29
N TYR F 100 -22.66 43.33 -70.51
CA TYR F 100 -21.83 43.50 -71.70
C TYR F 100 -22.57 44.31 -72.76
N LEU F 101 -21.82 45.07 -73.53
CA LEU F 101 -22.36 45.94 -74.58
C LEU F 101 -21.65 45.65 -75.90
N CYS F 102 -22.37 45.83 -77.01
CA CYS F 102 -21.80 45.56 -78.33
C CYS F 102 -22.50 46.39 -79.41
N MET F 103 -21.76 46.61 -80.51
CA MET F 103 -22.17 47.29 -81.77
C MET F 103 -21.68 46.51 -82.98
N PRO F 104 -22.57 46.02 -83.83
CA PRO F 104 -22.13 45.46 -85.11
C PRO F 104 -21.59 46.53 -86.05
N LYS F 105 -22.34 47.60 -86.25
CA LYS F 105 -21.97 48.67 -87.17
C LYS F 105 -21.57 49.92 -86.40
N ALA F 106 -20.29 50.28 -86.48
CA ALA F 106 -19.81 51.48 -85.82
C ALA F 106 -18.55 51.95 -86.52
N VAL F 107 -18.40 53.27 -86.58
CA VAL F 107 -17.19 53.88 -87.12
C VAL F 107 -16.14 53.95 -86.03
N GLU F 108 -14.90 54.23 -86.43
CA GLU F 108 -13.79 54.27 -85.48
C GLU F 108 -14.03 55.34 -84.40
N ALA F 109 -14.62 56.48 -84.79
CA ALA F 109 -14.95 57.50 -83.81
C ALA F 109 -15.95 56.97 -82.80
N ASP F 110 -16.90 56.16 -83.25
CA ASP F 110 -17.85 55.54 -82.33
C ASP F 110 -17.14 54.65 -81.32
N LYS F 111 -16.18 53.84 -81.80
CA LYS F 111 -15.44 52.98 -80.88
C LYS F 111 -14.65 53.80 -79.88
N THR F 112 -14.04 54.90 -80.34
CA THR F 112 -13.30 55.76 -79.41
C THR F 112 -14.23 56.34 -78.34
N ALA F 113 -15.41 56.81 -78.76
CA ALA F 113 -16.36 57.38 -77.81
C ALA F 113 -16.82 56.34 -76.80
N ILE F 114 -17.11 55.12 -77.27
CA ILE F 114 -17.58 54.07 -76.36
C ILE F 114 -16.47 53.70 -75.39
N LYS F 115 -15.23 53.62 -75.86
CA LYS F 115 -14.12 53.31 -74.98
C LYS F 115 -13.97 54.37 -73.90
N ASN F 116 -14.03 55.64 -74.29
CA ASN F 116 -13.92 56.73 -73.31
C ASN F 116 -15.05 56.66 -72.30
N TRP F 117 -16.27 56.42 -72.77
CA TRP F 117 -17.41 56.33 -71.86
C TRP F 117 -17.24 55.18 -70.87
N ILE F 118 -16.78 54.02 -71.35
CA ILE F 118 -16.62 52.88 -70.46
C ILE F 118 -15.53 53.14 -69.43
N ILE F 119 -14.41 53.73 -69.86
CA ILE F 119 -13.34 54.03 -68.92
C ILE F 119 -13.82 55.01 -67.86
N LYS F 120 -14.57 56.04 -68.28
CA LYS F 120 -15.11 57.00 -67.32
C LYS F 120 -16.09 56.34 -66.35
N LEU F 121 -16.96 55.48 -66.87
CA LEU F 121 -18.04 54.93 -66.04
C LEU F 121 -17.51 53.90 -65.06
N ARG F 122 -16.45 53.18 -65.42
CA ARG F 122 -15.92 52.17 -64.51
C ARG F 122 -15.16 52.81 -63.35
N ASP F 123 -14.75 54.06 -63.49
CA ASP F 123 -13.90 54.67 -62.48
C ASP F 123 -14.60 55.77 -61.70
N ILE F 124 -15.13 56.78 -62.39
CA ILE F 124 -15.78 57.88 -61.69
C ILE F 124 -17.10 57.44 -61.08
N ASP F 125 -17.92 56.72 -61.84
CA ASP F 125 -19.23 56.29 -61.37
C ASP F 125 -19.19 55.00 -60.58
N LYS F 126 -18.05 54.33 -60.52
CA LYS F 126 -17.87 53.11 -59.73
C LYS F 126 -18.91 52.05 -60.07
N VAL F 127 -19.18 51.89 -61.36
CA VAL F 127 -20.07 50.85 -61.87
C VAL F 127 -19.26 49.97 -62.81
N LYS F 128 -19.25 48.67 -62.55
CA LYS F 128 -18.41 47.72 -63.27
C LYS F 128 -19.19 47.16 -64.46
N VAL F 129 -18.84 47.60 -65.67
CA VAL F 129 -19.41 47.08 -66.90
C VAL F 129 -18.26 46.84 -67.89
N LYS F 130 -18.57 46.08 -68.93
CA LYS F 130 -17.60 45.75 -69.97
C LYS F 130 -18.27 45.76 -71.33
N ALA F 131 -17.46 45.86 -72.38
CA ALA F 131 -17.96 45.83 -73.74
C ALA F 131 -16.86 45.34 -74.67
N VAL F 132 -17.28 44.72 -75.77
CA VAL F 132 -16.37 44.17 -76.77
C VAL F 132 -16.41 45.05 -78.02
N LEU F 133 -15.24 45.35 -78.57
CA LEU F 133 -15.11 46.26 -79.70
C LEU F 133 -14.37 45.58 -80.83
N GLY F 134 -14.59 46.08 -82.05
CA GLY F 134 -14.01 45.45 -83.23
C GLY F 134 -12.50 45.52 -83.26
N LYS F 135 -11.95 46.72 -83.09
CA LYS F 135 -10.49 46.90 -83.17
C LYS F 135 -10.12 48.17 -82.41
N VAL F 136 -9.65 48.00 -81.18
CA VAL F 136 -9.17 49.11 -80.36
C VAL F 136 -7.94 48.65 -79.60
N VAL F 137 -7.16 49.63 -79.13
CA VAL F 137 -5.92 49.35 -78.42
C VAL F 137 -6.06 49.90 -77.01
N GLY F 138 -7.30 50.05 -76.54
CA GLY F 138 -7.51 50.53 -75.19
C GLY F 138 -6.91 49.59 -74.16
N ASN F 139 -6.31 50.17 -73.13
CA ASN F 139 -5.56 49.41 -72.13
C ASN F 139 -6.32 49.30 -70.81
N HIS F 140 -7.63 49.12 -70.86
CA HIS F 140 -8.45 49.01 -69.67
C HIS F 140 -9.09 47.62 -69.63
N GLU F 141 -9.36 47.14 -68.42
CA GLU F 141 -9.98 45.83 -68.28
C GLU F 141 -11.41 45.83 -68.83
N GLY F 142 -12.00 47.00 -69.00
CA GLY F 142 -13.39 47.08 -69.40
C GLY F 142 -13.67 46.82 -70.85
N ILE F 143 -12.66 46.67 -71.69
CA ILE F 143 -12.85 46.42 -73.11
C ILE F 143 -12.15 45.12 -73.47
N ILE F 144 -12.70 44.42 -74.46
CA ILE F 144 -12.13 43.18 -74.98
C ILE F 144 -11.96 43.34 -76.48
N ASN F 145 -10.73 43.14 -76.96
CA ASN F 145 -10.39 43.43 -78.35
C ASN F 145 -10.32 42.12 -79.13
N PHE F 146 -11.44 41.70 -79.68
CA PHE F 146 -11.49 40.55 -80.57
C PHE F 146 -11.17 41.02 -81.98
N THR F 147 -10.24 40.32 -82.63
CA THR F 147 -9.78 40.75 -83.95
C THR F 147 -9.50 39.54 -84.81
N THR F 148 -10.45 39.20 -85.69
CA THR F 148 -10.26 38.14 -86.67
C THR F 148 -11.12 38.47 -87.88
N GLU F 149 -10.50 38.54 -89.05
CA GLU F 149 -11.16 39.05 -90.24
C GLU F 149 -11.60 37.90 -91.14
N ASP F 150 -12.60 38.19 -91.97
CA ASP F 150 -13.08 37.24 -92.99
C ASP F 150 -13.60 35.96 -92.36
N VAL F 151 -14.55 36.11 -91.45
CA VAL F 151 -15.13 34.97 -90.75
C VAL F 151 -16.33 34.48 -91.55
N LEU F 152 -16.38 33.18 -91.83
CA LEU F 152 -17.43 32.58 -92.64
C LEU F 152 -18.34 31.75 -91.74
N VAL F 153 -19.58 32.22 -91.56
CA VAL F 153 -20.60 31.50 -90.82
C VAL F 153 -21.83 31.37 -91.71
N GLY F 154 -22.23 30.13 -91.96
CA GLY F 154 -23.40 29.88 -92.80
C GLY F 154 -23.25 30.47 -94.19
N GLU F 155 -22.18 30.07 -94.90
CA GLU F 155 -21.85 30.51 -96.25
C GLU F 155 -21.93 32.03 -96.42
N LYS F 156 -21.80 32.77 -95.32
CA LYS F 156 -21.81 34.22 -95.36
C LYS F 156 -20.54 34.76 -94.72
N LYS F 157 -20.00 35.81 -95.34
CA LYS F 157 -18.83 36.49 -94.81
C LYS F 157 -19.25 37.46 -93.71
N TYR F 158 -18.40 37.56 -92.68
CA TYR F 158 -18.63 38.47 -91.57
C TYR F 158 -17.33 39.17 -91.22
N SER F 159 -17.41 40.49 -91.05
CA SER F 159 -16.26 41.24 -90.57
C SER F 159 -16.14 41.09 -89.05
N VAL F 160 -15.05 41.62 -88.51
CA VAL F 160 -14.79 41.51 -87.08
C VAL F 160 -15.89 42.20 -86.27
N ASP F 161 -16.29 43.39 -86.71
CA ASP F 161 -17.30 44.14 -85.96
C ASP F 161 -18.64 43.41 -85.95
N GLU F 162 -18.99 42.77 -87.08
CA GLU F 162 -20.22 41.99 -87.11
C GLU F 162 -20.15 40.81 -86.16
N PHE F 163 -18.99 40.14 -86.09
CA PHE F 163 -18.83 38.96 -85.25
C PHE F 163 -18.66 39.32 -83.77
N THR F 164 -18.44 40.59 -83.44
CA THR F 164 -18.37 40.97 -82.03
C THR F 164 -19.63 40.58 -81.28
N SER F 165 -20.79 40.60 -81.94
CA SER F 165 -22.02 40.19 -81.30
C SER F 165 -21.96 38.72 -80.89
N ARG F 166 -21.50 37.86 -81.79
CA ARG F 166 -21.38 36.44 -81.47
C ARG F 166 -20.38 36.23 -80.35
N VAL F 167 -19.26 36.96 -80.38
CA VAL F 167 -18.27 36.84 -79.32
C VAL F 167 -18.87 37.21 -77.97
N ALA F 168 -19.60 38.32 -77.93
CA ALA F 168 -20.21 38.77 -76.67
C ALA F 168 -21.25 37.78 -76.18
N GLY F 169 -22.06 37.23 -77.08
CA GLY F 169 -23.03 36.23 -76.67
C GLY F 169 -22.37 34.99 -76.10
N LEU F 170 -21.28 34.55 -76.73
CA LEU F 170 -20.54 33.39 -76.22
C LEU F 170 -19.96 33.68 -74.84
N ILE F 171 -19.42 34.88 -74.64
CA ILE F 171 -18.86 35.24 -73.35
C ILE F 171 -19.94 35.23 -72.28
N ALA F 172 -21.10 35.82 -72.58
CA ALA F 172 -22.16 35.89 -71.57
C ALA F 172 -22.79 34.52 -71.33
N GLY F 173 -22.69 33.60 -72.29
CA GLY F 173 -23.31 32.30 -72.11
C GLY F 173 -22.68 31.48 -71.00
N THR F 174 -21.35 31.51 -70.89
CA THR F 174 -20.66 30.62 -69.98
C THR F 174 -20.95 30.98 -68.52
N PRO F 175 -20.96 29.99 -67.63
CA PRO F 175 -21.06 30.28 -66.20
C PRO F 175 -19.78 30.88 -65.65
N LEU F 176 -19.81 31.35 -64.41
CA LEU F 176 -18.61 31.92 -63.80
C LEU F 176 -17.62 30.84 -63.38
N SER F 177 -18.08 29.62 -63.13
CA SER F 177 -17.18 28.56 -62.70
C SER F 177 -16.18 28.21 -63.79
N GLN F 178 -16.63 28.18 -65.05
CA GLN F 178 -15.77 27.80 -66.16
C GLN F 178 -15.20 29.04 -66.85
N SER F 179 -14.26 28.80 -67.75
CA SER F 179 -13.62 29.86 -68.52
C SER F 179 -14.00 29.74 -69.99
N VAL F 180 -13.50 30.69 -70.79
CA VAL F 180 -13.82 30.75 -72.20
C VAL F 180 -12.78 30.06 -73.07
N THR F 181 -11.56 29.88 -72.56
CA THR F 181 -10.46 29.35 -73.36
C THR F 181 -10.80 27.98 -73.94
N TYR F 182 -10.45 27.79 -75.20
CA TYR F 182 -10.56 26.49 -75.87
C TYR F 182 -12.01 25.99 -75.89
N THR F 183 -12.86 26.78 -76.54
CA THR F 183 -14.26 26.42 -76.72
C THR F 183 -14.56 26.32 -78.21
N LYS F 184 -15.20 25.23 -78.60
CA LYS F 184 -15.48 24.98 -80.01
C LYS F 184 -16.66 25.80 -80.49
N LEU F 185 -16.53 26.34 -81.70
CA LEU F 185 -17.59 27.08 -82.37
C LEU F 185 -17.94 26.33 -83.64
N SER F 186 -18.91 25.43 -83.55
CA SER F 186 -19.31 24.62 -84.70
C SER F 186 -19.91 25.45 -85.83
N ASP F 187 -20.30 26.69 -85.55
CA ASP F 187 -20.92 27.53 -86.59
C ASP F 187 -19.92 27.89 -87.68
N VAL F 188 -18.73 28.37 -87.29
CA VAL F 188 -17.74 28.77 -88.27
C VAL F 188 -17.15 27.54 -88.93
N VAL F 189 -16.75 27.69 -90.20
CA VAL F 189 -16.28 26.54 -90.96
C VAL F 189 -14.89 26.79 -91.55
N ASP F 190 -14.48 28.07 -91.64
CA ASP F 190 -13.12 28.35 -92.05
C ASP F 190 -12.68 29.72 -91.56
N ILE F 191 -11.37 29.88 -91.43
CA ILE F 191 -10.72 31.12 -91.01
C ILE F 191 -9.46 31.27 -91.86
N PRO F 192 -9.04 32.49 -92.21
CA PRO F 192 -7.78 32.65 -92.94
C PRO F 192 -6.62 31.99 -92.20
N LYS F 193 -5.78 31.30 -92.96
CA LYS F 193 -4.68 30.54 -92.36
C LYS F 193 -3.61 31.48 -91.82
N MET F 194 -3.04 31.08 -90.68
CA MET F 194 -2.13 31.95 -89.94
C MET F 194 -1.36 31.11 -88.93
N THR F 195 -0.07 31.39 -88.82
CA THR F 195 0.86 30.52 -88.11
C THR F 195 0.72 30.65 -86.59
N LYS F 196 1.34 29.71 -85.89
CA LYS F 196 1.20 29.65 -84.43
C LYS F 196 2.00 30.74 -83.74
N VAL F 197 3.23 31.00 -84.22
CA VAL F 197 4.06 32.01 -83.57
C VAL F 197 3.44 33.40 -83.73
N ASP F 198 2.80 33.66 -84.87
CA ASP F 198 2.09 34.92 -85.03
C ASP F 198 0.94 35.02 -84.05
N ALA F 199 0.23 33.91 -83.81
CA ALA F 199 -0.83 33.90 -82.82
C ALA F 199 -0.29 34.19 -81.43
N GLU F 200 0.87 33.62 -81.10
CA GLU F 200 1.53 33.97 -79.85
C GLU F 200 1.81 35.47 -79.78
N SER F 201 2.27 36.06 -80.87
CA SER F 201 2.54 37.49 -80.90
C SER F 201 1.27 38.30 -80.63
N ARG F 202 0.16 37.93 -81.30
CA ARG F 202 -1.08 38.68 -81.08
C ARG F 202 -1.58 38.52 -79.65
N VAL F 203 -1.52 37.31 -79.11
CA VAL F 203 -1.99 37.09 -77.75
C VAL F 203 -1.16 37.90 -76.76
N ASN F 204 0.16 37.96 -76.97
CA ASN F 204 1.00 38.75 -76.10
C ASN F 204 0.68 40.24 -76.17
N LYS F 205 -0.02 40.67 -77.22
CA LYS F 205 -0.42 42.06 -77.35
C LYS F 205 -1.70 42.38 -76.59
N GLY F 206 -2.33 41.40 -75.95
CA GLY F 206 -3.65 41.58 -75.40
C GLY F 206 -4.76 41.39 -76.41
N GLU F 207 -4.42 41.13 -77.66
CA GLU F 207 -5.40 40.90 -78.71
C GLU F 207 -6.08 39.55 -78.52
N LEU F 208 -7.38 39.49 -78.82
CA LEU F 208 -8.13 38.25 -78.74
C LEU F 208 -8.33 37.70 -80.14
N ILE F 209 -7.92 36.45 -80.36
CA ILE F 209 -7.91 35.86 -81.69
C ILE F 209 -8.62 34.52 -81.66
N LEU F 210 -8.87 33.99 -82.86
CA LEU F 210 -9.53 32.71 -83.05
C LEU F 210 -8.58 31.78 -83.81
N ILE F 211 -8.41 30.56 -83.29
CA ILE F 211 -7.39 29.66 -83.81
C ILE F 211 -8.07 28.36 -84.23
N LYS F 212 -7.58 27.78 -85.32
CA LYS F 212 -7.95 26.43 -85.73
C LYS F 212 -6.93 25.45 -85.19
N GLU F 213 -7.39 24.56 -84.29
CA GLU F 213 -6.52 23.56 -83.71
C GLU F 213 -7.39 22.39 -83.28
N ALA F 214 -6.83 21.19 -83.37
CA ALA F 214 -7.54 19.93 -83.13
C ALA F 214 -8.72 19.85 -84.11
N GLY F 215 -9.83 19.28 -83.68
CA GLY F 215 -10.93 19.01 -84.59
C GLY F 215 -11.64 20.22 -85.11
N ALA F 216 -11.85 21.23 -84.27
CA ALA F 216 -12.74 22.34 -84.61
C ALA F 216 -12.06 23.68 -84.39
N ILE F 217 -12.86 24.74 -84.45
CA ILE F 217 -12.38 26.09 -84.23
C ILE F 217 -12.57 26.47 -82.78
N ARG F 218 -11.51 26.92 -82.12
CA ARG F 218 -11.55 27.21 -80.70
C ARG F 218 -10.95 28.58 -80.40
N ILE F 219 -11.44 29.18 -79.32
CA ILE F 219 -10.89 30.44 -78.84
C ILE F 219 -9.54 30.20 -78.19
N ALA F 220 -8.59 31.09 -78.46
CA ALA F 220 -7.22 30.95 -78.00
C ALA F 220 -7.01 31.79 -76.74
N ARG F 221 -7.26 31.21 -75.57
CA ARG F 221 -6.89 31.80 -74.29
C ARG F 221 -7.43 33.24 -74.18
N GLY F 222 -8.74 33.31 -74.01
CA GLY F 222 -9.38 34.59 -73.78
C GLY F 222 -8.71 35.41 -72.69
N VAL F 223 -8.16 36.56 -73.06
CA VAL F 223 -7.51 37.47 -72.14
C VAL F 223 -8.09 38.87 -72.33
N ASN F 224 -7.71 39.76 -71.42
CA ASN F 224 -8.21 41.13 -71.45
C ASN F 224 -7.46 41.95 -72.50
N SER F 225 -7.67 43.27 -72.45
CA SER F 225 -7.06 44.14 -73.44
C SER F 225 -5.83 44.88 -72.91
N LEU F 226 -5.70 45.01 -71.59
CA LEU F 226 -4.58 45.78 -71.04
C LEU F 226 -3.28 45.02 -71.22
N THR F 227 -2.20 45.77 -71.46
CA THR F 227 -0.88 45.18 -71.70
C THR F 227 0.17 45.60 -70.69
N GLU F 228 0.11 46.82 -70.16
CA GLU F 228 1.10 47.28 -69.21
C GLU F 228 0.68 46.87 -67.80
N LEU F 229 1.64 46.36 -67.02
CA LEU F 229 1.39 45.87 -65.67
C LEU F 229 2.07 46.80 -64.69
N THR F 230 1.28 47.51 -63.88
CA THR F 230 1.82 48.38 -62.87
C THR F 230 2.10 47.59 -61.60
N ALA F 231 2.66 48.27 -60.60
CA ALA F 231 2.82 47.63 -59.29
C ALA F 231 1.48 47.49 -58.60
N GLU F 232 0.47 48.24 -59.06
CA GLU F 232 -0.87 48.13 -58.49
C GLU F 232 -1.71 47.10 -59.24
N LYS F 233 -1.67 47.15 -60.58
CA LYS F 233 -2.46 46.25 -61.41
C LYS F 233 -1.62 45.04 -61.77
N GLY F 234 -1.81 43.94 -61.06
CA GLY F 234 -1.01 42.76 -61.25
C GLY F 234 -1.39 41.97 -62.48
N GLU F 235 -0.70 40.83 -62.65
CA GLU F 235 -0.90 40.01 -63.84
C GLU F 235 -2.32 39.49 -63.92
N MET F 236 -2.87 39.02 -62.79
CA MET F 236 -4.16 38.34 -62.80
C MET F 236 -5.29 39.24 -63.29
N PHE F 237 -5.10 40.55 -63.32
CA PHE F 237 -6.11 41.44 -63.88
C PHE F 237 -6.24 41.31 -65.38
N GLN F 238 -5.49 40.40 -66.00
CA GLN F 238 -5.56 40.19 -67.44
C GLN F 238 -6.51 39.08 -67.84
N LYS F 239 -6.95 38.25 -66.90
CA LYS F 239 -7.84 37.14 -67.18
C LYS F 239 -9.29 37.60 -67.12
N ILE F 240 -10.10 37.14 -68.07
CA ILE F 240 -11.50 37.53 -68.09
C ILE F 240 -12.24 36.99 -66.87
N LYS F 241 -12.00 35.73 -66.53
CA LYS F 241 -12.73 35.09 -65.44
C LYS F 241 -12.49 35.81 -64.12
N ILE F 242 -11.23 36.18 -63.85
CA ILE F 242 -10.89 36.80 -62.58
C ILE F 242 -11.52 38.19 -62.48
N VAL F 243 -11.42 38.98 -63.55
CA VAL F 243 -12.01 40.31 -63.50
C VAL F 243 -13.53 40.22 -63.39
N ASP F 244 -14.14 39.20 -63.99
CA ASP F 244 -15.57 39.04 -63.90
C ASP F 244 -16.02 38.69 -62.47
N THR F 245 -15.30 37.76 -61.83
CA THR F 245 -15.67 37.43 -60.46
C THR F 245 -15.42 38.60 -59.52
N LEU F 246 -14.37 39.38 -59.79
CA LEU F 246 -14.17 40.59 -58.99
C LEU F 246 -15.33 41.56 -59.16
N ASP F 247 -15.81 41.72 -60.40
CA ASP F 247 -16.93 42.62 -60.64
C ASP F 247 -18.18 42.17 -59.90
N ILE F 248 -18.49 40.87 -59.93
CA ILE F 248 -19.72 40.43 -59.28
C ILE F 248 -19.58 40.56 -57.76
N ILE F 249 -18.40 40.28 -57.22
CA ILE F 249 -18.17 40.50 -55.79
C ILE F 249 -18.42 41.95 -55.43
N HIS F 250 -17.86 42.87 -56.21
CA HIS F 250 -18.03 44.29 -55.95
C HIS F 250 -19.49 44.67 -55.95
N SER F 251 -20.23 44.25 -56.98
CA SER F 251 -21.62 44.65 -57.09
C SER F 251 -22.44 44.12 -55.93
N ASP F 252 -22.24 42.85 -55.57
CA ASP F 252 -23.03 42.26 -54.49
C ASP F 252 -22.75 42.96 -53.17
N ILE F 253 -21.47 43.17 -52.84
CA ILE F 253 -21.14 43.78 -51.56
C ILE F 253 -21.67 45.21 -51.50
N ARG F 254 -21.51 45.97 -52.59
CA ARG F 254 -22.02 47.34 -52.60
C ARG F 254 -23.53 47.36 -52.43
N LYS F 255 -24.24 46.47 -53.12
CA LYS F 255 -25.69 46.45 -53.01
C LYS F 255 -26.14 46.13 -51.59
N VAL F 256 -25.51 45.14 -50.96
CA VAL F 256 -25.84 44.82 -49.58
C VAL F 256 -25.61 46.02 -48.68
N ILE F 257 -24.45 46.67 -48.84
CA ILE F 257 -24.08 47.77 -47.97
C ILE F 257 -25.09 48.91 -48.08
N ILE F 258 -25.43 49.29 -49.31
CA ILE F 258 -26.35 50.42 -49.46
C ILE F 258 -27.75 50.04 -49.00
N ASP F 259 -28.20 48.82 -49.30
CA ASP F 259 -29.58 48.47 -49.02
C ASP F 259 -29.83 48.24 -47.54
N ASP F 260 -28.80 47.88 -46.76
CA ASP F 260 -29.05 47.50 -45.38
C ASP F 260 -28.37 48.46 -44.40
N TYR F 261 -27.07 48.68 -44.53
CA TYR F 261 -26.27 49.23 -43.43
C TYR F 261 -26.02 50.73 -43.57
N ILE F 262 -26.63 51.40 -44.53
CA ILE F 262 -26.39 52.82 -44.76
C ILE F 262 -27.48 53.61 -44.07
N GLY F 263 -27.08 54.47 -43.12
CA GLY F 263 -28.02 55.35 -42.46
C GLY F 263 -29.05 54.69 -41.58
N LYS F 264 -28.83 53.43 -41.19
CA LYS F 264 -29.79 52.72 -40.35
C LYS F 264 -29.18 52.09 -39.11
N VAL F 265 -27.86 52.10 -38.97
CA VAL F 265 -27.19 51.47 -37.84
C VAL F 265 -26.22 52.47 -37.23
N THR F 266 -26.21 52.55 -35.90
CA THR F 266 -25.30 53.44 -35.21
C THR F 266 -23.86 52.96 -35.36
N ASN F 267 -22.96 53.91 -35.60
CA ASN F 267 -21.55 53.60 -35.79
C ASN F 267 -20.91 53.31 -34.45
N SER F 268 -20.90 52.04 -34.06
CA SER F 268 -20.26 51.63 -32.81
C SER F 268 -19.47 50.37 -33.08
N TYR F 269 -18.67 49.96 -32.09
CA TYR F 269 -17.80 48.81 -32.27
C TYR F 269 -18.61 47.56 -32.58
N ASP F 270 -19.68 47.32 -31.81
CA ASP F 270 -20.46 46.10 -32.00
C ASP F 270 -21.14 46.07 -33.36
N ASN F 271 -21.62 47.22 -33.83
CA ASN F 271 -22.17 47.27 -35.18
C ASN F 271 -21.11 46.95 -36.22
N LYS F 272 -19.89 47.44 -36.02
CA LYS F 272 -18.80 47.10 -36.92
C LYS F 272 -18.53 45.61 -36.92
N CYS F 273 -18.55 44.99 -35.74
CA CYS F 273 -18.34 43.54 -35.67
C CYS F 273 -19.45 42.79 -36.40
N LEU F 274 -20.69 43.24 -36.26
CA LEU F 274 -21.80 42.59 -36.95
C LEU F 274 -21.65 42.73 -38.46
N LEU F 275 -21.25 43.91 -38.92
CA LEU F 275 -21.03 44.11 -40.36
C LEU F 275 -19.91 43.21 -40.87
N ILE F 276 -18.84 43.08 -40.09
CA ILE F 276 -17.74 42.19 -40.46
C ILE F 276 -18.23 40.76 -40.56
N VAL F 277 -19.05 40.33 -39.61
CA VAL F 277 -19.57 38.97 -39.63
C VAL F 277 -20.44 38.76 -40.87
N ALA F 278 -21.27 39.73 -41.22
CA ALA F 278 -22.10 39.60 -42.41
C ALA F 278 -21.26 39.49 -43.66
N ILE F 279 -20.21 40.32 -43.77
CA ILE F 279 -19.34 40.26 -44.93
C ILE F 279 -18.64 38.91 -45.01
N LYS F 280 -18.14 38.41 -43.88
CA LYS F 280 -17.49 37.11 -43.88
C LYS F 280 -18.46 36.01 -44.26
N SER F 281 -19.71 36.10 -43.81
CA SER F 281 -20.71 35.11 -44.18
C SER F 281 -20.95 35.13 -45.69
N TYR F 282 -21.05 36.31 -46.28
CA TYR F 282 -21.21 36.36 -47.73
C TYR F 282 -20.02 35.77 -48.45
N LEU F 283 -18.81 36.08 -47.98
CA LEU F 283 -17.61 35.55 -48.62
C LEU F 283 -17.58 34.03 -48.52
N GLU F 284 -17.94 33.48 -47.36
CA GLU F 284 -17.98 32.03 -47.22
C GLU F 284 -19.03 31.42 -48.16
N GLU F 285 -20.18 32.07 -48.29
CA GLU F 285 -21.21 31.58 -49.20
C GLU F 285 -20.70 31.56 -50.63
N LEU F 286 -19.96 32.60 -51.04
CA LEU F 286 -19.35 32.58 -52.36
C LEU F 286 -18.30 31.48 -52.47
N GLU F 287 -17.55 31.23 -51.40
CA GLU F 287 -16.56 30.17 -51.40
C GLU F 287 -17.21 28.81 -51.63
N LYS F 288 -18.45 28.64 -51.15
CA LYS F 288 -19.14 27.37 -51.37
C LYS F 288 -19.26 27.04 -52.85
N SER F 289 -19.55 28.03 -53.69
CA SER F 289 -19.69 27.79 -55.13
C SER F 289 -18.35 27.63 -55.83
N ALA F 290 -17.25 27.52 -55.08
CA ALA F 290 -15.91 27.31 -55.61
C ALA F 290 -15.45 28.42 -56.54
N LEU F 291 -15.64 29.69 -56.15
CA LEU F 291 -15.09 30.80 -56.91
C LEU F 291 -13.86 31.39 -56.24
N ILE F 292 -13.72 31.24 -54.93
CA ILE F 292 -12.55 31.72 -54.22
C ILE F 292 -12.03 30.61 -53.32
N GLU F 293 -10.84 30.81 -52.74
CA GLU F 293 -10.26 29.81 -51.86
C GLU F 293 -11.04 29.73 -50.56
N SER F 294 -10.76 28.68 -49.79
CA SER F 294 -11.56 28.40 -48.60
C SER F 294 -11.37 29.45 -47.52
N ASP F 295 -10.12 29.79 -47.22
CA ASP F 295 -9.82 30.62 -46.06
C ASP F 295 -9.65 32.08 -46.49
N SER F 296 -10.52 32.94 -45.97
CA SER F 296 -10.44 34.37 -46.20
C SER F 296 -10.71 35.08 -44.88
N THR F 297 -10.18 36.28 -44.72
CA THR F 297 -10.30 37.02 -43.47
C THR F 297 -10.75 38.44 -43.74
N VAL F 298 -11.55 38.98 -42.83
CA VAL F 298 -11.97 40.38 -42.86
C VAL F 298 -11.67 40.97 -41.49
N GLU F 299 -11.04 42.14 -41.47
CA GLU F 299 -10.49 42.68 -40.24
C GLU F 299 -10.39 44.18 -40.40
N ILE F 300 -10.75 44.92 -39.34
CA ILE F 300 -10.89 46.37 -39.45
C ILE F 300 -9.56 47.01 -39.80
N ASP F 301 -9.58 47.86 -40.83
CA ASP F 301 -8.35 48.44 -41.36
C ASP F 301 -7.81 49.45 -40.35
N PHE F 302 -6.84 49.01 -39.57
CA PHE F 302 -6.35 49.77 -38.42
C PHE F 302 -5.47 50.96 -38.80
N GLU F 303 -4.57 50.79 -39.77
CA GLU F 303 -3.63 51.86 -40.09
C GLU F 303 -4.36 53.08 -40.65
N ALA F 304 -5.36 52.85 -41.50
CA ALA F 304 -6.15 53.96 -42.00
C ALA F 304 -6.90 54.66 -40.87
N GLN F 305 -7.38 53.89 -39.89
CA GLN F 305 -8.04 54.49 -38.75
C GLN F 305 -7.10 55.36 -37.94
N LYS F 306 -5.86 54.88 -37.73
CA LYS F 306 -4.88 55.70 -37.04
C LYS F 306 -4.56 56.98 -37.80
N SER F 307 -4.41 56.86 -39.12
CA SER F 307 -4.16 58.05 -39.93
C SER F 307 -5.30 59.05 -39.81
N TYR F 308 -6.54 58.55 -39.86
CA TYR F 308 -7.70 59.43 -39.72
C TYR F 308 -7.73 60.10 -38.36
N LEU F 309 -7.47 59.35 -37.29
CA LEU F 309 -7.49 59.93 -35.95
C LEU F 309 -6.41 60.98 -35.78
N LYS F 310 -5.20 60.69 -36.27
CA LYS F 310 -4.12 61.66 -36.17
C LYS F 310 -4.41 62.90 -37.01
N SER F 311 -5.09 62.73 -38.15
CA SER F 311 -5.44 63.87 -38.98
C SER F 311 -6.39 64.80 -38.26
N LYS F 312 -7.22 64.28 -37.36
CA LYS F 312 -8.13 65.09 -36.56
C LYS F 312 -7.40 65.79 -35.41
N GLY F 313 -6.32 65.21 -34.91
CA GLY F 313 -5.54 65.84 -33.86
C GLY F 313 -5.56 65.15 -32.52
N VAL F 314 -6.05 63.92 -32.44
CA VAL F 314 -6.08 63.21 -31.17
C VAL F 314 -4.67 62.85 -30.73
N ASP F 315 -4.48 62.70 -29.42
CA ASP F 315 -3.22 62.20 -28.87
C ASP F 315 -3.38 60.70 -28.69
N LEU F 316 -2.75 59.94 -29.59
CA LEU F 316 -2.84 58.49 -29.57
C LEU F 316 -1.56 57.83 -29.08
N SER F 317 -0.69 58.57 -28.38
CA SER F 317 0.60 58.03 -27.98
C SER F 317 0.46 56.89 -26.98
N TYR F 318 -0.36 57.08 -25.94
CA TYR F 318 -0.40 56.09 -24.86
C TYR F 318 -1.50 55.06 -25.08
N MET F 319 -2.59 55.42 -25.73
CA MET F 319 -3.67 54.47 -25.96
C MET F 319 -3.19 53.34 -26.86
N THR F 320 -3.58 52.12 -26.50
CA THR F 320 -3.02 50.93 -27.12
C THR F 320 -3.74 50.62 -28.43
N LEU F 321 -3.28 49.58 -29.12
CA LEU F 321 -3.93 49.21 -30.38
C LEU F 321 -5.40 48.82 -30.15
N GLN F 322 -5.68 48.07 -29.08
CA GLN F 322 -7.05 47.66 -28.77
C GLN F 322 -7.92 48.88 -28.45
N GLU F 323 -7.34 49.79 -27.68
CA GLU F 323 -7.97 51.04 -27.29
C GLU F 323 -8.15 51.96 -28.49
N ILE F 324 -7.12 52.03 -29.35
CA ILE F 324 -7.26 52.80 -30.58
C ILE F 324 -8.37 52.23 -31.43
N LYS F 325 -8.55 50.90 -31.41
CA LYS F 325 -9.53 50.29 -32.30
C LYS F 325 -10.96 50.70 -31.95
N GLU F 326 -11.32 50.79 -30.66
CA GLU F 326 -12.71 51.19 -30.42
C GLU F 326 -12.95 52.67 -30.73
N ALA F 327 -11.89 53.45 -30.93
CA ALA F 327 -12.03 54.90 -30.95
C ALA F 327 -13.06 55.35 -31.97
N ASN F 328 -13.88 56.33 -31.57
CA ASN F 328 -14.98 56.77 -32.41
C ASN F 328 -14.47 57.44 -33.68
N THR F 329 -15.16 57.18 -34.79
CA THR F 329 -14.76 57.68 -36.09
C THR F 329 -15.76 58.66 -36.68
N GLY F 330 -17.00 58.69 -36.19
CA GLY F 330 -17.97 59.64 -36.70
C GLY F 330 -18.46 59.35 -38.10
N SER F 331 -19.24 58.28 -38.28
CA SER F 331 -19.90 57.94 -39.53
C SER F 331 -18.93 57.46 -40.61
N LYS F 332 -17.70 57.11 -40.22
CA LYS F 332 -16.76 56.52 -41.17
C LYS F 332 -16.33 55.14 -40.70
N VAL F 333 -16.25 54.20 -41.64
CA VAL F 333 -15.87 52.82 -41.36
C VAL F 333 -14.71 52.46 -42.28
N PHE F 334 -13.71 51.78 -41.73
CA PHE F 334 -12.54 51.34 -42.47
C PHE F 334 -12.36 49.84 -42.28
N LEU F 335 -12.29 49.10 -43.39
CA LEU F 335 -12.17 47.66 -43.34
C LEU F 335 -11.23 47.18 -44.44
N LYS F 336 -10.56 46.06 -44.19
CA LYS F 336 -9.73 45.41 -45.19
C LYS F 336 -9.98 43.91 -45.13
N ALA F 337 -10.00 43.28 -46.30
CA ALA F 337 -10.28 41.85 -46.41
C ALA F 337 -9.38 41.22 -47.45
N LYS F 338 -8.94 39.99 -47.18
CA LYS F 338 -8.03 39.25 -48.05
C LYS F 338 -8.72 38.03 -48.60
N ILE F 339 -8.67 37.85 -49.93
CA ILE F 339 -9.25 36.70 -50.59
C ILE F 339 -8.27 36.17 -51.63
N LYS F 340 -8.50 34.92 -52.04
CA LYS F 340 -7.72 34.28 -53.10
C LYS F 340 -8.67 33.76 -54.16
N VAL F 341 -8.45 34.15 -55.41
CA VAL F 341 -9.37 33.85 -56.50
C VAL F 341 -8.85 32.64 -57.25
N LEU F 342 -9.72 31.64 -57.42
CA LEU F 342 -9.36 30.45 -58.17
C LEU F 342 -9.44 30.71 -59.67
N ASP F 343 -8.86 29.80 -60.45
CA ASP F 343 -8.88 29.88 -61.90
C ASP F 343 -9.04 28.49 -62.47
N ALA F 344 -9.39 28.41 -63.75
CA ALA F 344 -9.59 27.12 -64.40
C ALA F 344 -8.27 26.57 -64.93
N MET F 345 -8.16 25.25 -64.99
CA MET F 345 -6.96 24.63 -65.54
C MET F 345 -6.76 25.05 -66.99
N GLU F 346 -5.56 25.51 -67.30
CA GLU F 346 -5.23 25.95 -68.65
C GLU F 346 -3.95 25.34 -69.19
N ASP F 347 -2.94 25.09 -68.35
CA ASP F 347 -1.69 24.51 -68.78
C ASP F 347 -1.38 23.31 -67.91
N ILE F 348 -1.13 22.16 -68.52
CA ILE F 348 -0.88 20.92 -67.81
C ILE F 348 0.48 20.38 -68.23
N ASP F 349 1.31 20.05 -67.25
CA ASP F 349 2.65 19.55 -67.49
C ASP F 349 2.74 18.16 -66.86
N LEU F 350 2.87 17.14 -67.70
CA LEU F 350 2.94 15.75 -67.27
C LEU F 350 4.29 15.18 -67.67
N SER F 351 4.95 14.50 -66.72
CA SER F 351 6.25 13.89 -66.95
C SER F 351 6.16 12.41 -66.64
N ILE F 352 6.47 11.57 -67.63
CA ILE F 352 6.43 10.12 -67.49
C ILE F 352 7.81 9.58 -67.79
N GLU F 353 8.31 8.72 -66.91
CA GLU F 353 9.57 8.01 -67.15
C GLU F 353 9.25 6.53 -67.26
N ILE F 354 9.98 5.83 -68.11
CA ILE F 354 9.71 4.44 -68.38
C ILE F 354 10.29 3.55 -67.28
N ALA G 2 -15.39 69.08 -45.44
CA ALA G 2 -16.68 69.42 -46.05
C ALA G 2 -17.51 68.17 -46.29
N ILE G 3 -18.80 68.25 -45.92
CA ILE G 3 -19.67 67.10 -46.08
C ILE G 3 -20.10 66.97 -47.53
N GLY G 4 -19.88 65.78 -48.10
CA GLY G 4 -20.29 65.50 -49.46
C GLY G 4 -21.27 64.35 -49.50
N LEU G 5 -21.51 63.87 -50.72
CA LEU G 5 -22.38 62.72 -50.88
C LEU G 5 -21.77 61.50 -50.18
N PRO G 6 -22.58 60.59 -49.66
CA PRO G 6 -22.03 59.40 -49.00
C PRO G 6 -21.15 58.60 -49.95
N SER G 7 -20.05 58.07 -49.43
CA SER G 7 -19.04 57.40 -50.22
C SER G 7 -18.98 55.93 -49.86
N ILE G 8 -19.18 55.06 -50.85
CA ILE G 8 -18.98 53.63 -50.72
C ILE G 8 -18.01 53.22 -51.82
N ASN G 9 -16.82 52.78 -51.44
CA ASN G 9 -15.80 52.44 -52.41
C ASN G 9 -15.17 51.09 -52.07
N ILE G 10 -15.00 50.27 -53.10
CA ILE G 10 -14.37 48.97 -52.98
C ILE G 10 -13.14 48.97 -53.88
N SER G 11 -11.99 48.61 -53.31
CA SER G 11 -10.73 48.65 -54.03
C SER G 11 -10.10 47.26 -54.04
N PHE G 12 -9.64 46.83 -55.22
CA PHE G 12 -8.93 45.58 -55.39
C PHE G 12 -7.49 45.89 -55.76
N LYS G 13 -6.55 45.19 -55.13
CA LYS G 13 -5.13 45.37 -55.39
C LYS G 13 -4.44 44.01 -55.34
N GLU G 14 -3.42 43.82 -56.18
CA GLU G 14 -2.62 42.61 -56.10
C GLU G 14 -1.46 42.78 -55.13
N LEU G 15 -1.24 41.76 -54.31
CA LEU G 15 -0.10 41.74 -53.39
C LEU G 15 1.17 41.63 -54.23
N ALA G 16 1.80 42.78 -54.44
CA ALA G 16 2.96 42.85 -55.33
C ALA G 16 4.19 42.24 -54.66
N THR G 17 4.23 40.92 -54.59
CA THR G 17 5.43 40.24 -54.10
C THR G 17 6.62 40.63 -54.95
N THR G 18 7.60 41.26 -54.33
CA THR G 18 8.68 41.91 -55.06
C THR G 18 10.02 41.41 -54.57
N VAL G 19 10.87 41.03 -55.53
CA VAL G 19 12.29 40.83 -55.29
C VAL G 19 13.01 41.98 -55.98
N LYS G 20 13.96 42.60 -55.29
CA LYS G 20 14.59 43.79 -55.82
C LYS G 20 15.38 43.47 -57.08
N GLU G 21 15.35 44.39 -58.03
CA GLU G 21 16.07 44.23 -59.29
C GLU G 21 17.49 44.76 -59.13
N ARG G 22 18.46 43.90 -59.38
CA ARG G 22 19.86 44.27 -59.29
C ARG G 22 20.45 44.47 -60.68
N SER G 23 21.67 44.99 -60.71
CA SER G 23 22.31 45.31 -61.98
C SER G 23 22.45 44.06 -62.85
N ALA G 24 22.11 44.20 -64.12
CA ALA G 24 22.16 43.07 -65.03
C ALA G 24 23.59 42.60 -65.23
N ARG G 25 23.77 41.28 -65.26
CA ARG G 25 25.08 40.68 -65.46
C ARG G 25 24.98 39.60 -66.54
N GLY G 26 26.06 39.42 -67.27
CA GLY G 26 26.11 38.43 -68.33
C GLY G 26 25.88 38.96 -69.72
N ILE G 27 25.91 40.27 -69.91
CA ILE G 27 25.70 40.85 -71.24
C ILE G 27 27.05 41.20 -71.85
N ILE G 28 27.12 41.16 -73.16
CA ILE G 28 28.34 41.40 -73.91
C ILE G 28 28.11 42.58 -74.84
N ALA G 29 29.11 43.43 -74.97
CA ALA G 29 29.11 44.48 -75.97
C ALA G 29 30.16 44.13 -77.01
N MET G 30 29.71 43.81 -78.22
CA MET G 30 30.57 43.37 -79.30
C MET G 30 30.65 44.51 -80.31
N VAL G 31 31.85 44.99 -80.60
CA VAL G 31 32.02 46.13 -81.48
C VAL G 31 32.86 45.70 -82.68
N LEU G 32 32.43 46.11 -83.87
CA LEU G 32 32.93 45.60 -85.15
C LEU G 32 32.76 46.66 -86.22
N LYS G 33 33.46 46.48 -87.35
CA LYS G 33 33.43 47.41 -88.46
C LYS G 33 32.80 46.77 -89.70
N ASP G 34 31.92 47.50 -90.36
CA ASP G 34 31.29 47.07 -91.61
C ASP G 34 30.70 48.29 -92.31
N ALA G 35 30.19 48.06 -93.51
CA ALA G 35 29.48 49.07 -94.27
C ALA G 35 27.99 48.78 -94.40
N LYS G 36 27.50 47.71 -93.78
CA LYS G 36 26.09 47.37 -93.81
C LYS G 36 25.51 47.45 -92.41
N ALA G 37 24.31 48.04 -92.31
CA ALA G 37 23.58 48.15 -91.05
C ALA G 37 24.45 48.76 -89.95
N LEU G 38 25.01 49.93 -90.25
CA LEU G 38 25.88 50.60 -89.29
C LEU G 38 25.10 50.97 -88.03
N GLY G 39 25.79 50.87 -86.90
CA GLY G 39 25.15 51.09 -85.61
C GLY G 39 24.90 49.80 -84.85
N LEU G 40 24.21 49.96 -83.73
CA LEU G 40 23.90 48.81 -82.89
C LEU G 40 22.84 47.94 -83.55
N ASN G 41 22.83 46.66 -83.19
CA ASN G 41 21.86 45.72 -83.74
C ASN G 41 21.05 44.97 -82.68
N GLU G 42 21.51 44.94 -81.43
CA GLU G 42 20.74 44.39 -80.32
C GLU G 42 20.37 42.93 -80.58
N ILE G 43 21.39 42.09 -80.59
CA ILE G 43 21.19 40.65 -80.87
C ILE G 43 20.90 39.99 -79.53
N HIS G 44 19.63 40.02 -79.15
CA HIS G 44 19.22 39.38 -77.90
C HIS G 44 19.00 37.89 -78.11
N GLU G 45 18.71 37.48 -79.35
CA GLU G 45 18.38 36.11 -79.67
C GLU G 45 19.45 35.53 -80.58
N LYS G 46 19.79 34.26 -80.36
CA LYS G 46 20.82 33.61 -81.15
C LYS G 46 20.48 33.60 -82.64
N GLU G 47 19.24 33.28 -82.99
CA GLU G 47 18.91 33.07 -84.40
C GLU G 47 18.51 34.37 -85.09
N ASP G 48 18.24 35.42 -84.33
CA ASP G 48 18.00 36.74 -84.91
C ASP G 48 19.31 37.33 -85.41
N ILE G 49 19.64 37.08 -86.67
CA ILE G 49 20.86 37.60 -87.28
C ILE G 49 20.52 38.47 -88.48
N PRO G 50 21.01 39.70 -88.56
CA PRO G 50 20.80 40.50 -89.77
C PRO G 50 21.49 39.88 -90.97
N VAL G 51 20.90 40.08 -92.15
CA VAL G 51 21.36 39.35 -93.33
C VAL G 51 22.39 40.14 -94.14
N ASP G 52 22.36 41.47 -94.06
CA ASP G 52 23.22 42.27 -94.93
C ASP G 52 24.68 42.21 -94.51
N LEU G 53 24.98 41.90 -93.25
CA LEU G 53 26.36 41.89 -92.79
C LEU G 53 27.13 40.71 -93.39
N SER G 54 28.46 40.81 -93.32
CA SER G 54 29.33 39.87 -94.00
C SER G 54 29.27 38.47 -93.37
N ALA G 55 29.68 37.48 -94.15
CA ALA G 55 29.61 36.09 -93.69
C ALA G 55 30.60 35.81 -92.57
N GLU G 56 31.84 36.26 -92.72
CA GLU G 56 32.83 36.01 -91.67
C GLU G 56 32.44 36.73 -90.38
N ASN G 57 31.79 37.88 -90.49
CA ASN G 57 31.28 38.52 -89.29
C ASN G 57 30.12 37.73 -88.70
N LYS G 58 29.27 37.13 -89.55
CA LYS G 58 28.25 36.22 -89.05
C LYS G 58 28.88 35.09 -88.25
N GLU G 59 30.02 34.59 -88.75
CA GLU G 59 30.75 33.54 -88.06
C GLU G 59 31.22 34.05 -86.71
N TYR G 60 31.68 35.31 -86.68
CA TYR G 60 32.14 35.92 -85.43
C TYR G 60 31.02 35.99 -84.40
N ILE G 61 29.84 36.46 -84.79
CA ILE G 61 28.72 36.45 -83.85
C ILE G 61 28.43 35.02 -83.42
N ASN G 62 28.49 34.07 -84.36
CA ASN G 62 28.22 32.68 -84.01
C ASN G 62 29.17 32.17 -82.93
N LEU G 63 30.46 32.49 -83.04
CA LEU G 63 31.39 32.14 -81.97
C LEU G 63 31.00 32.82 -80.67
N ALA G 64 30.61 34.10 -80.74
CA ALA G 64 30.22 34.81 -79.52
C ALA G 64 28.95 34.24 -78.90
N LEU G 65 28.13 33.53 -79.66
CA LEU G 65 26.82 33.10 -79.20
C LEU G 65 26.90 31.95 -78.20
N MET G 66 27.79 30.99 -78.45
CA MET G 66 27.84 29.79 -77.63
C MET G 66 28.49 30.09 -76.29
N GLY G 67 27.69 30.10 -75.24
CA GLY G 67 28.19 30.36 -73.89
C GLY G 67 28.82 29.10 -73.29
N ASN G 68 29.46 29.28 -72.13
CA ASN G 68 30.09 28.15 -71.46
C ASN G 68 29.05 27.22 -70.86
N VAL G 69 28.35 27.68 -69.83
CA VAL G 69 27.34 26.89 -69.15
C VAL G 69 25.96 27.11 -69.76
N ASN G 70 25.59 28.35 -70.01
CA ASN G 70 24.35 28.68 -70.67
C ASN G 70 24.60 29.82 -71.64
N THR G 71 23.55 30.19 -72.37
CA THR G 71 23.66 31.26 -73.35
C THR G 71 23.94 32.58 -72.65
N PRO G 72 24.71 33.49 -73.26
CA PRO G 72 24.87 34.82 -72.67
C PRO G 72 23.53 35.51 -72.52
N ASN G 73 23.42 36.34 -71.47
CA ASN G 73 22.15 36.96 -71.15
C ASN G 73 21.66 37.85 -72.29
N LYS G 74 22.55 38.64 -72.87
CA LYS G 74 22.19 39.54 -73.96
C LYS G 74 23.45 39.99 -74.67
N LEU G 75 23.36 40.20 -75.98
CA LEU G 75 24.50 40.58 -76.79
C LEU G 75 24.23 41.90 -77.49
N LEU G 76 25.17 42.83 -77.40
CA LEU G 76 25.12 44.11 -78.10
C LEU G 76 26.22 44.12 -79.15
N VAL G 77 25.85 44.32 -80.41
CA VAL G 77 26.81 44.42 -81.50
C VAL G 77 26.68 45.80 -82.13
N TYR G 78 27.78 46.55 -82.12
CA TYR G 78 27.85 47.85 -82.76
C TYR G 78 28.67 47.76 -84.04
N VAL G 79 28.04 48.13 -85.15
CA VAL G 79 28.71 48.19 -86.45
C VAL G 79 29.21 49.61 -86.66
N ILE G 80 30.50 49.74 -86.95
CA ILE G 80 31.13 51.05 -87.12
C ILE G 80 31.64 51.15 -88.55
N GLU G 81 31.75 52.39 -89.02
CA GLU G 81 32.33 52.63 -90.33
C GLU G 81 33.85 52.44 -90.28
N GLY G 82 34.40 51.91 -91.37
CA GLY G 82 35.84 51.76 -91.46
C GLY G 82 36.53 53.10 -91.34
N GLU G 83 37.65 53.12 -90.60
CA GLU G 83 38.50 54.28 -90.38
C GLU G 83 37.82 55.38 -89.57
N ALA G 84 36.65 55.10 -88.98
CA ALA G 84 35.98 56.08 -88.13
C ALA G 84 36.60 56.16 -86.75
N ASP G 85 37.75 55.50 -86.52
CA ASP G 85 38.44 55.48 -85.24
C ASP G 85 37.59 54.82 -84.15
N ILE G 86 38.04 54.87 -82.92
CA ILE G 86 37.38 54.15 -81.84
C ILE G 86 36.41 55.05 -81.07
N GLN G 87 36.76 56.33 -80.91
CA GLN G 87 35.99 57.22 -80.03
C GLN G 87 34.54 57.35 -80.50
N THR G 88 34.30 57.32 -81.81
CA THR G 88 32.95 57.50 -82.32
C THR G 88 32.02 56.43 -81.77
N ALA G 89 32.46 55.17 -81.77
CA ALA G 89 31.66 54.12 -81.14
C ALA G 89 31.76 54.18 -79.62
N LEU G 90 32.92 54.59 -79.10
CA LEU G 90 33.13 54.58 -77.65
C LEU G 90 32.14 55.48 -76.94
N ASP G 91 31.78 56.60 -77.56
CA ASP G 91 30.74 57.45 -76.99
C ASP G 91 29.41 56.71 -76.91
N PHE G 92 29.07 55.96 -77.96
CA PHE G 92 27.86 55.16 -77.94
C PHE G 92 27.89 54.13 -76.81
N LEU G 93 29.03 53.47 -76.64
CA LEU G 93 29.13 52.48 -75.56
C LEU G 93 29.02 53.12 -74.18
N GLU G 94 29.70 54.24 -73.95
CA GLU G 94 29.58 54.85 -72.62
C GLU G 94 28.19 55.42 -72.41
N THR G 95 27.45 55.66 -73.49
CA THR G 95 26.04 56.04 -73.34
C THR G 95 25.24 54.92 -72.68
N LYS G 96 25.56 53.67 -73.01
CA LYS G 96 24.83 52.50 -72.52
C LYS G 96 25.64 51.79 -71.44
N GLU G 97 25.04 50.74 -70.88
CA GLU G 97 25.68 49.97 -69.83
C GLU G 97 25.91 48.53 -70.28
N PHE G 98 27.11 48.02 -69.99
CA PHE G 98 27.53 46.71 -70.46
C PHE G 98 28.53 46.11 -69.48
N ASN G 99 29.05 44.94 -69.84
CA ASN G 99 30.02 44.22 -69.02
C ASN G 99 31.33 43.96 -69.73
N TYR G 100 31.30 43.40 -70.94
CA TYR G 100 32.50 43.00 -71.65
C TYR G 100 32.50 43.60 -73.05
N LEU G 101 33.70 43.86 -73.57
CA LEU G 101 33.89 44.51 -74.86
C LEU G 101 34.92 43.72 -75.67
N CYS G 102 34.76 43.71 -76.99
CA CYS G 102 35.67 42.96 -77.85
C CYS G 102 35.72 43.53 -79.26
N MET G 103 36.87 43.32 -79.91
CA MET G 103 37.23 43.55 -81.33
C MET G 103 38.01 42.36 -81.89
N PRO G 104 37.45 41.65 -82.85
CA PRO G 104 38.27 40.71 -83.62
C PRO G 104 39.31 41.41 -84.48
N LYS G 105 38.87 42.37 -85.31
CA LYS G 105 39.75 43.04 -86.26
C LYS G 105 40.17 44.39 -85.71
N ALA G 106 41.41 44.49 -85.24
CA ALA G 106 41.92 45.75 -84.72
C ALA G 106 43.44 45.78 -84.83
N VAL G 107 43.96 46.98 -85.07
CA VAL G 107 45.39 47.21 -85.10
C VAL G 107 45.84 47.58 -83.69
N GLU G 108 47.16 47.53 -83.46
CA GLU G 108 47.70 47.79 -82.13
C GLU G 108 47.30 49.17 -81.62
N ALA G 109 47.14 50.14 -82.52
CA ALA G 109 46.68 51.46 -82.11
C ALA G 109 45.27 51.39 -81.52
N ASP G 110 44.39 50.60 -82.13
CA ASP G 110 43.05 50.43 -81.57
C ASP G 110 43.11 49.79 -80.20
N LYS G 111 43.96 48.77 -80.03
CA LYS G 111 44.09 48.15 -78.73
C LYS G 111 44.58 49.13 -77.67
N THR G 112 45.56 49.96 -78.04
CA THR G 112 46.06 50.97 -77.10
C THR G 112 44.96 51.95 -76.73
N ALA G 113 44.19 52.41 -77.72
CA ALA G 113 43.09 53.33 -77.43
C ALA G 113 42.07 52.69 -76.50
N ILE G 114 41.72 51.43 -76.75
CA ILE G 114 40.73 50.75 -75.91
C ILE G 114 41.26 50.58 -74.49
N LYS G 115 42.53 50.21 -74.35
CA LYS G 115 43.08 50.01 -73.01
C LYS G 115 43.14 51.31 -72.23
N ASN G 116 43.53 52.41 -72.90
CA ASN G 116 43.55 53.70 -72.23
C ASN G 116 42.14 54.12 -71.82
N TRP G 117 41.17 53.94 -72.72
CA TRP G 117 39.78 54.25 -72.39
C TRP G 117 39.32 53.46 -71.19
N ILE G 118 39.65 52.16 -71.14
CA ILE G 118 39.18 51.32 -70.06
C ILE G 118 39.81 51.72 -68.73
N ILE G 119 41.12 51.97 -68.72
CA ILE G 119 41.78 52.31 -67.46
C ILE G 119 41.29 53.66 -66.95
N LYS G 120 41.05 54.61 -67.86
CA LYS G 120 40.55 55.91 -67.41
C LYS G 120 39.10 55.82 -66.95
N LEU G 121 38.30 54.96 -67.60
CA LEU G 121 36.88 54.90 -67.26
C LEU G 121 36.64 54.13 -65.97
N ARG G 122 37.48 53.15 -65.66
CA ARG G 122 37.28 52.37 -64.44
C ARG G 122 37.63 53.17 -63.20
N ASP G 123 38.31 54.29 -63.34
CA ASP G 123 38.72 55.06 -62.18
C ASP G 123 38.08 56.44 -62.14
N ILE G 124 38.10 57.16 -63.25
CA ILE G 124 37.57 58.53 -63.26
C ILE G 124 36.05 58.50 -63.06
N ASP G 125 35.35 57.65 -63.80
CA ASP G 125 33.90 57.63 -63.80
C ASP G 125 33.31 56.60 -62.84
N LYS G 126 34.15 55.84 -62.14
CA LYS G 126 33.68 54.84 -61.18
C LYS G 126 32.71 53.85 -61.83
N VAL G 127 33.01 53.47 -63.07
CA VAL G 127 32.21 52.52 -63.82
C VAL G 127 33.06 51.27 -64.07
N LYS G 128 32.53 50.11 -63.73
CA LYS G 128 33.28 48.86 -63.74
C LYS G 128 32.92 48.04 -64.97
N VAL G 129 33.81 48.06 -65.96
CA VAL G 129 33.67 47.24 -67.16
C VAL G 129 35.02 46.61 -67.47
N LYS G 130 35.00 45.58 -68.30
CA LYS G 130 36.21 44.85 -68.68
C LYS G 130 36.17 44.55 -70.17
N ALA G 131 37.35 44.23 -70.71
CA ALA G 131 37.46 43.87 -72.12
C ALA G 131 38.63 42.92 -72.30
N VAL G 132 38.56 42.10 -73.34
CA VAL G 132 39.59 41.13 -73.67
C VAL G 132 40.28 41.58 -74.96
N LEU G 133 41.61 41.47 -75.00
CA LEU G 133 42.41 41.95 -76.10
C LEU G 133 43.41 40.88 -76.54
N GLY G 134 43.78 40.92 -77.82
CA GLY G 134 44.57 39.85 -78.39
C GLY G 134 45.97 39.77 -77.80
N LYS G 135 46.69 40.90 -77.79
CA LYS G 135 48.06 40.90 -77.28
C LYS G 135 48.33 42.28 -76.68
N VAL G 136 48.22 42.38 -75.36
CA VAL G 136 48.51 43.62 -74.64
C VAL G 136 49.30 43.27 -73.39
N VAL G 137 49.95 44.28 -72.83
CA VAL G 137 50.81 44.09 -71.66
C VAL G 137 50.33 45.01 -70.55
N GLY G 138 49.07 45.45 -70.64
CA GLY G 138 48.53 46.31 -69.61
C GLY G 138 48.46 45.60 -68.27
N ASN G 139 48.59 46.37 -67.20
CA ASN G 139 48.68 45.84 -65.85
C ASN G 139 47.46 46.19 -65.01
N HIS G 140 46.28 46.21 -65.62
CA HIS G 140 45.05 46.56 -64.93
C HIS G 140 44.10 45.36 -64.94
N GLU G 141 43.32 45.24 -63.87
CA GLU G 141 42.39 44.13 -63.76
C GLU G 141 41.29 44.20 -64.81
N GLY G 142 41.12 45.37 -65.44
CA GLY G 142 40.06 45.54 -66.39
C GLY G 142 40.29 44.94 -67.75
N ILE G 143 41.47 44.38 -68.01
CA ILE G 143 41.80 43.80 -69.31
C ILE G 143 42.24 42.36 -69.08
N ILE G 144 41.87 41.49 -70.02
CA ILE G 144 42.23 40.08 -69.99
C ILE G 144 43.12 39.81 -71.19
N ASN G 145 44.35 39.36 -70.93
CA ASN G 145 45.34 39.14 -71.99
C ASN G 145 45.39 37.66 -72.31
N PHE G 146 44.64 37.25 -73.33
CA PHE G 146 44.70 35.89 -73.84
C PHE G 146 45.50 35.87 -75.13
N THR G 147 46.47 34.97 -75.21
CA THR G 147 47.34 34.92 -76.39
C THR G 147 47.58 33.46 -76.73
N THR G 148 47.07 33.03 -77.88
CA THR G 148 47.31 31.69 -78.40
C THR G 148 47.19 31.75 -79.91
N GLU G 149 48.22 31.27 -80.60
CA GLU G 149 48.32 31.43 -82.04
C GLU G 149 47.87 30.15 -82.75
N ASP G 150 47.37 30.33 -83.97
CA ASP G 150 47.01 29.22 -84.86
C ASP G 150 45.94 28.33 -84.25
N VAL G 151 44.86 28.95 -83.81
CA VAL G 151 43.73 28.21 -83.25
C VAL G 151 42.94 27.59 -84.40
N LEU G 152 42.74 26.27 -84.34
CA LEU G 152 42.03 25.54 -85.38
C LEU G 152 40.68 25.12 -84.86
N VAL G 153 39.62 25.74 -85.38
CA VAL G 153 38.25 25.36 -85.06
C VAL G 153 37.51 25.14 -86.36
N GLY G 154 37.03 23.91 -86.57
CA GLY G 154 36.28 23.58 -87.76
C GLY G 154 37.07 23.80 -89.04
N GLU G 155 38.25 23.20 -89.13
CA GLU G 155 39.12 23.19 -90.31
C GLU G 155 39.47 24.60 -90.80
N LYS G 156 39.30 25.60 -89.95
CA LYS G 156 39.68 26.97 -90.28
C LYS G 156 40.63 27.50 -89.22
N LYS G 157 41.68 28.18 -89.66
CA LYS G 157 42.64 28.80 -88.76
C LYS G 157 42.04 30.04 -88.14
N TYR G 158 42.54 30.41 -86.96
CA TYR G 158 42.11 31.60 -86.26
C TYR G 158 43.31 32.31 -85.67
N SER G 159 43.34 33.63 -85.79
CA SER G 159 44.29 34.41 -85.02
C SER G 159 43.75 34.63 -83.61
N VAL G 160 44.64 35.05 -82.72
CA VAL G 160 44.23 35.31 -81.34
C VAL G 160 43.17 36.40 -81.29
N ASP G 161 43.33 37.43 -82.12
CA ASP G 161 42.39 38.56 -82.11
C ASP G 161 40.99 38.11 -82.48
N GLU G 162 40.86 37.20 -83.44
CA GLU G 162 39.55 36.70 -83.81
C GLU G 162 38.97 35.79 -82.73
N PHE G 163 39.82 35.00 -82.08
CA PHE G 163 39.36 34.12 -81.01
C PHE G 163 39.03 34.89 -79.72
N THR G 164 39.38 36.17 -79.66
CA THR G 164 38.97 36.99 -78.54
C THR G 164 37.45 36.97 -78.34
N SER G 165 36.70 36.96 -79.44
CA SER G 165 35.24 36.90 -79.32
C SER G 165 34.80 35.62 -78.65
N ARG G 166 35.39 34.48 -79.05
CA ARG G 166 35.00 33.21 -78.47
C ARG G 166 35.34 33.15 -76.99
N VAL G 167 36.54 33.61 -76.60
CA VAL G 167 36.92 33.53 -75.19
C VAL G 167 36.06 34.48 -74.36
N ALA G 168 35.74 35.66 -74.91
CA ALA G 168 34.87 36.59 -74.21
C ALA G 168 33.49 35.99 -73.99
N GLY G 169 32.95 35.33 -75.02
CA GLY G 169 31.69 34.62 -74.84
C GLY G 169 31.79 33.53 -73.78
N LEU G 170 32.93 32.85 -73.73
CA LEU G 170 33.15 31.84 -72.71
C LEU G 170 33.05 32.43 -71.31
N ILE G 171 33.73 33.55 -71.06
CA ILE G 171 33.68 34.16 -69.74
C ILE G 171 32.28 34.70 -69.44
N ALA G 172 31.60 35.23 -70.46
CA ALA G 172 30.27 35.77 -70.24
C ALA G 172 29.26 34.68 -69.90
N GLY G 173 29.41 33.49 -70.49
CA GLY G 173 28.41 32.45 -70.30
C GLY G 173 28.37 31.92 -68.88
N THR G 174 29.53 31.79 -68.24
CA THR G 174 29.61 31.09 -66.96
C THR G 174 28.88 31.87 -65.86
N PRO G 175 28.30 31.17 -64.88
CA PRO G 175 27.69 31.86 -63.74
C PRO G 175 28.73 32.47 -62.81
N LEU G 176 28.28 33.01 -61.67
CA LEU G 176 29.19 33.62 -60.73
C LEU G 176 29.76 32.62 -59.74
N SER G 177 29.00 31.58 -59.39
CA SER G 177 29.46 30.63 -58.39
C SER G 177 30.67 29.86 -58.88
N GLN G 178 30.71 29.53 -60.16
CA GLN G 178 31.77 28.72 -60.73
C GLN G 178 32.85 29.59 -61.35
N SER G 179 34.02 28.99 -61.55
CA SER G 179 35.14 29.67 -62.18
C SER G 179 35.34 29.14 -63.59
N VAL G 180 36.25 29.79 -64.33
CA VAL G 180 36.52 29.44 -65.71
C VAL G 180 37.59 28.37 -65.84
N THR G 181 38.37 28.13 -64.78
CA THR G 181 39.51 27.24 -64.84
C THR G 181 39.08 25.82 -65.20
N TYR G 182 39.85 25.18 -66.07
CA TYR G 182 39.66 23.77 -66.44
C TYR G 182 38.28 23.56 -67.05
N THR G 183 38.04 24.24 -68.17
CA THR G 183 36.75 24.18 -68.86
C THR G 183 36.97 23.67 -70.27
N LYS G 184 36.14 22.73 -70.69
CA LYS G 184 36.28 22.06 -71.96
C LYS G 184 35.95 23.01 -73.11
N LEU G 185 36.63 22.81 -74.23
CA LEU G 185 36.31 23.47 -75.50
C LEU G 185 36.24 22.39 -76.58
N SER G 186 35.05 21.81 -76.77
CA SER G 186 34.87 20.81 -77.79
C SER G 186 35.00 21.36 -79.20
N ASP G 187 34.95 22.69 -79.35
CA ASP G 187 35.05 23.29 -80.69
C ASP G 187 36.45 23.10 -81.26
N VAL G 188 37.48 23.42 -80.46
CA VAL G 188 38.84 23.39 -80.96
C VAL G 188 39.31 21.95 -81.15
N VAL G 189 40.26 21.75 -82.06
CA VAL G 189 40.71 20.41 -82.38
C VAL G 189 42.23 20.29 -82.28
N ASP G 190 42.94 21.42 -82.36
CA ASP G 190 44.39 21.34 -82.40
C ASP G 190 44.97 22.63 -81.84
N ILE G 191 45.99 22.47 -81.00
CA ILE G 191 46.76 23.61 -80.47
C ILE G 191 48.23 23.35 -80.71
N PRO G 192 48.98 24.41 -81.03
CA PRO G 192 50.42 24.25 -81.25
C PRO G 192 51.11 23.63 -80.04
N LYS G 193 52.06 22.74 -80.30
CA LYS G 193 52.75 22.01 -79.25
C LYS G 193 53.55 22.98 -78.40
N MET G 194 53.31 22.96 -77.09
CA MET G 194 53.98 23.85 -76.17
C MET G 194 54.15 23.14 -74.83
N THR G 195 55.31 23.33 -74.20
CA THR G 195 55.67 22.55 -73.04
C THR G 195 55.04 23.11 -71.76
N LYS G 196 55.12 22.33 -70.70
CA LYS G 196 54.45 22.69 -69.45
C LYS G 196 55.18 23.80 -68.71
N VAL G 197 56.51 23.76 -68.68
CA VAL G 197 57.26 24.79 -67.98
C VAL G 197 57.05 26.15 -68.64
N ASP G 198 56.96 26.16 -69.97
CA ASP G 198 56.63 27.39 -70.67
C ASP G 198 55.23 27.87 -70.29
N ALA G 199 54.29 26.93 -70.11
CA ALA G 199 52.96 27.31 -69.68
C ALA G 199 52.97 27.95 -68.30
N GLU G 200 53.76 27.39 -67.38
CA GLU G 200 53.89 28.01 -66.06
C GLU G 200 54.50 29.39 -66.17
N SER G 201 55.50 29.55 -67.03
CA SER G 201 56.11 30.86 -67.20
C SER G 201 55.10 31.88 -67.72
N ARG G 202 54.33 31.50 -68.75
CA ARG G 202 53.33 32.42 -69.30
C ARG G 202 52.25 32.75 -68.28
N VAL G 203 51.80 31.77 -67.52
CA VAL G 203 50.79 32.02 -66.50
C VAL G 203 51.32 32.99 -65.45
N ASN G 204 52.58 32.81 -65.06
CA ASN G 204 53.18 33.72 -64.08
C ASN G 204 53.30 35.14 -64.62
N LYS G 205 53.21 35.31 -65.93
CA LYS G 205 53.23 36.64 -66.53
C LYS G 205 51.86 37.32 -66.53
N GLY G 206 50.83 36.65 -66.00
CA GLY G 206 49.48 37.15 -66.10
C GLY G 206 48.80 36.85 -67.41
N GLU G 207 49.55 36.34 -68.39
CA GLU G 207 48.99 35.96 -69.68
C GLU G 207 48.10 34.74 -69.52
N LEU G 208 46.96 34.74 -70.21
CA LEU G 208 46.01 33.63 -70.16
C LEU G 208 46.18 32.77 -71.40
N ILE G 209 46.46 31.48 -71.20
CA ILE G 209 46.82 30.59 -72.29
C ILE G 209 45.83 29.44 -72.37
N LEU G 210 45.93 28.70 -73.48
CA LEU G 210 45.12 27.52 -73.73
C LEU G 210 46.04 26.29 -73.67
N ILE G 211 45.64 25.31 -72.86
CA ILE G 211 46.51 24.17 -72.57
C ILE G 211 45.78 22.88 -72.94
N LYS G 212 46.56 21.85 -73.28
CA LYS G 212 46.05 20.53 -73.58
C LYS G 212 46.38 19.60 -72.42
N GLU G 213 45.35 19.13 -71.72
CA GLU G 213 45.53 18.21 -70.61
C GLU G 213 44.26 17.38 -70.46
N ALA G 214 44.39 16.25 -69.77
CA ALA G 214 43.28 15.31 -69.62
C ALA G 214 42.81 14.91 -71.03
N GLY G 215 41.49 14.78 -71.22
CA GLY G 215 40.99 14.32 -72.50
C GLY G 215 40.88 15.40 -73.55
N ALA G 216 40.57 16.63 -73.16
CA ALA G 216 40.24 17.69 -74.11
C ALA G 216 41.11 18.92 -73.88
N ILE G 217 40.78 19.99 -74.61
CA ILE G 217 41.47 21.26 -74.46
C ILE G 217 40.75 22.10 -73.43
N ARG G 218 41.51 22.71 -72.51
CA ARG G 218 40.92 23.35 -71.35
C ARG G 218 41.63 24.67 -71.04
N ILE G 219 40.87 25.60 -70.46
CA ILE G 219 41.44 26.84 -69.94
C ILE G 219 42.31 26.52 -68.74
N ALA G 220 43.43 27.25 -68.61
CA ALA G 220 44.39 27.03 -67.53
C ALA G 220 44.40 28.24 -66.61
N ARG G 221 43.52 28.24 -65.61
CA ARG G 221 43.57 29.17 -64.50
C ARG G 221 43.49 30.63 -64.97
N GLY G 222 42.31 30.98 -65.44
CA GLY G 222 42.05 32.34 -65.90
C GLY G 222 42.34 33.40 -64.86
N VAL G 223 43.21 34.35 -65.20
CA VAL G 223 43.59 35.45 -64.32
C VAL G 223 43.67 36.73 -65.14
N ASN G 224 43.60 37.87 -64.44
CA ASN G 224 43.72 39.15 -65.10
C ASN G 224 45.16 39.40 -65.55
N SER G 225 45.39 40.59 -66.09
CA SER G 225 46.69 40.88 -66.71
C SER G 225 47.63 41.63 -65.78
N LEU G 226 47.20 41.97 -64.56
CA LEU G 226 48.09 42.68 -63.66
C LEU G 226 49.13 41.73 -63.09
N THR G 227 50.34 42.26 -62.87
CA THR G 227 51.45 41.45 -62.39
C THR G 227 52.11 42.00 -61.14
N GLU G 228 52.24 43.32 -61.01
CA GLU G 228 52.87 43.91 -59.84
C GLU G 228 51.84 44.05 -58.73
N LEU G 229 52.22 43.66 -57.52
CA LEU G 229 51.33 43.65 -56.36
C LEU G 229 51.69 44.83 -55.47
N THR G 230 50.74 45.72 -55.24
CA THR G 230 50.96 46.89 -54.40
C THR G 230 50.49 46.60 -52.98
N ALA G 231 50.58 47.62 -52.13
CA ALA G 231 50.16 47.48 -50.74
C ALA G 231 48.66 47.24 -50.64
N GLU G 232 47.87 47.92 -51.48
CA GLU G 232 46.42 47.80 -51.37
C GLU G 232 45.87 46.77 -52.37
N LYS G 233 46.42 46.74 -53.57
CA LYS G 233 46.04 45.73 -54.56
C LYS G 233 46.70 44.41 -54.18
N GLY G 234 46.00 43.60 -53.40
CA GLY G 234 46.55 42.36 -52.91
C GLY G 234 46.46 41.23 -53.92
N GLU G 235 46.78 40.03 -53.43
CA GLU G 235 46.87 38.86 -54.30
C GLU G 235 45.51 38.55 -54.93
N MET G 236 44.46 38.48 -54.11
CA MET G 236 43.15 38.03 -54.58
C MET G 236 42.62 38.89 -55.72
N PHE G 237 43.17 40.08 -55.94
CA PHE G 237 42.76 40.89 -57.08
C PHE G 237 43.19 40.28 -58.41
N GLN G 238 44.03 39.26 -58.38
CA GLN G 238 44.51 38.64 -59.61
C GLN G 238 43.57 37.56 -60.13
N LYS G 239 42.49 37.25 -59.43
CA LYS G 239 41.56 36.22 -59.85
C LYS G 239 40.34 36.85 -60.51
N ILE G 240 39.92 36.29 -61.64
CA ILE G 240 38.80 36.84 -62.40
C ILE G 240 37.51 36.77 -61.58
N LYS G 241 37.26 35.64 -60.94
CA LYS G 241 36.03 35.48 -60.17
C LYS G 241 35.94 36.50 -59.05
N ILE G 242 37.06 36.74 -58.37
CA ILE G 242 37.07 37.67 -57.25
C ILE G 242 36.75 39.08 -57.71
N VAL G 243 37.41 39.53 -58.79
CA VAL G 243 37.17 40.88 -59.27
C VAL G 243 35.75 41.01 -59.80
N ASP G 244 35.21 39.94 -60.40
CA ASP G 244 33.85 39.99 -60.93
C ASP G 244 32.83 40.13 -59.81
N THR G 245 32.98 39.35 -58.74
CA THR G 245 32.02 39.48 -57.65
C THR G 245 32.17 40.82 -56.93
N LEU G 246 33.40 41.33 -56.82
CA LEU G 246 33.57 42.68 -56.29
C LEU G 246 32.86 43.71 -57.15
N ASP G 247 32.95 43.54 -58.48
CA ASP G 247 32.34 44.51 -59.38
C ASP G 247 30.83 44.51 -59.26
N ILE G 248 30.21 43.33 -59.19
CA ILE G 248 28.76 43.30 -59.06
C ILE G 248 28.33 43.86 -57.71
N ILE G 249 29.10 43.57 -56.66
CA ILE G 249 28.81 44.16 -55.35
C ILE G 249 28.80 45.68 -55.45
N HIS G 250 29.85 46.23 -56.06
CA HIS G 250 29.96 47.69 -56.19
C HIS G 250 28.78 48.28 -56.94
N SER G 251 28.45 47.68 -58.09
CA SER G 251 27.37 48.24 -58.91
C SER G 251 26.05 48.21 -58.18
N ASP G 252 25.73 47.08 -57.52
CA ASP G 252 24.46 46.98 -56.82
C ASP G 252 24.38 47.98 -55.68
N ILE G 253 25.47 48.10 -54.90
CA ILE G 253 25.45 49.01 -53.76
C ILE G 253 25.28 50.44 -54.25
N ARG G 254 26.00 50.82 -55.30
CA ARG G 254 25.88 52.17 -55.84
C ARG G 254 24.47 52.45 -56.32
N LYS G 255 23.87 51.50 -57.05
CA LYS G 255 22.53 51.74 -57.58
C LYS G 255 21.52 51.91 -56.46
N VAL G 256 21.61 51.07 -55.42
CA VAL G 256 20.70 51.22 -54.28
C VAL G 256 20.88 52.59 -53.64
N ILE G 257 22.14 52.99 -53.43
CA ILE G 257 22.43 54.24 -52.74
C ILE G 257 21.84 55.41 -53.51
N ILE G 258 22.08 55.46 -54.83
CA ILE G 258 21.61 56.61 -55.58
C ILE G 258 20.08 56.60 -55.70
N ASP G 259 19.48 55.42 -55.91
CA ASP G 259 18.05 55.38 -56.18
C ASP G 259 17.22 55.64 -54.94
N ASP G 260 17.75 55.34 -53.75
CA ASP G 260 16.92 55.43 -52.55
C ASP G 260 17.29 56.58 -51.62
N TYR G 261 18.56 56.65 -51.19
CA TYR G 261 18.94 57.47 -50.05
C TYR G 261 19.63 58.78 -50.42
N ILE G 262 19.61 59.17 -51.69
CA ILE G 262 20.24 60.42 -52.11
C ILE G 262 19.15 61.48 -52.21
N GLY G 263 19.38 62.61 -51.54
CA GLY G 263 18.49 63.75 -51.62
C GLY G 263 17.08 63.50 -51.10
N LYS G 264 16.87 62.41 -50.35
CA LYS G 264 15.55 62.08 -49.86
C LYS G 264 15.48 61.77 -48.37
N VAL G 265 16.61 61.51 -47.71
CA VAL G 265 16.63 61.17 -46.30
C VAL G 265 17.54 62.16 -45.58
N THR G 266 17.06 62.68 -44.46
CA THR G 266 17.86 63.62 -43.67
C THR G 266 19.03 62.92 -43.02
N ASN G 267 20.20 63.56 -43.09
CA ASN G 267 21.41 62.98 -42.54
C ASN G 267 21.35 63.08 -41.02
N SER G 268 20.87 62.02 -40.39
CA SER G 268 20.79 61.96 -38.93
C SER G 268 21.25 60.57 -38.49
N TYR G 269 21.48 60.43 -37.19
CA TYR G 269 22.05 59.19 -36.67
C TYR G 269 21.13 58.00 -36.95
N ASP G 270 19.82 58.18 -36.74
CA ASP G 270 18.89 57.09 -36.98
C ASP G 270 18.82 56.73 -38.45
N ASN G 271 18.88 57.73 -39.34
CA ASN G 271 18.93 57.43 -40.76
C ASN G 271 20.20 56.67 -41.11
N LYS G 272 21.32 57.01 -40.47
CA LYS G 272 22.55 56.25 -40.68
C LYS G 272 22.38 54.80 -40.23
N CYS G 273 21.71 54.59 -39.10
CA CYS G 273 21.46 53.23 -38.63
C CYS G 273 20.59 52.47 -39.63
N LEU G 274 19.59 53.15 -40.20
CA LEU G 274 18.76 52.51 -41.22
C LEU G 274 19.58 52.14 -42.45
N LEU G 275 20.49 53.01 -42.86
CA LEU G 275 21.39 52.70 -43.96
C LEU G 275 22.23 51.47 -43.65
N ILE G 276 22.78 51.40 -42.45
CA ILE G 276 23.59 50.25 -42.06
C ILE G 276 22.76 48.97 -42.12
N VAL G 277 21.53 49.03 -41.61
CA VAL G 277 20.67 47.86 -41.60
C VAL G 277 20.38 47.39 -43.03
N ALA G 278 20.05 48.34 -43.92
CA ALA G 278 19.76 47.97 -45.30
C ALA G 278 20.99 47.35 -45.98
N ILE G 279 22.15 47.94 -45.74
CA ILE G 279 23.38 47.43 -46.33
C ILE G 279 23.65 46.01 -45.85
N LYS G 280 23.49 45.78 -44.55
CA LYS G 280 23.73 44.46 -43.99
C LYS G 280 22.72 43.44 -44.53
N SER G 281 21.47 43.87 -44.70
CA SER G 281 20.46 42.96 -45.26
C SER G 281 20.83 42.56 -46.68
N TYR G 282 21.27 43.51 -47.49
CA TYR G 282 21.70 43.16 -48.84
C TYR G 282 22.90 42.21 -48.82
N LEU G 283 23.84 42.45 -47.91
CA LEU G 283 25.00 41.58 -47.82
C LEU G 283 24.60 40.16 -47.42
N GLU G 284 23.66 40.03 -46.49
CA GLU G 284 23.18 38.71 -46.11
C GLU G 284 22.49 38.02 -47.28
N GLU G 285 21.70 38.77 -48.05
CA GLU G 285 21.05 38.19 -49.22
C GLU G 285 22.10 37.69 -50.20
N LEU G 286 23.17 38.47 -50.41
CA LEU G 286 24.25 38.00 -51.27
C LEU G 286 24.92 36.76 -50.70
N GLU G 287 25.06 36.70 -49.38
CA GLU G 287 25.63 35.51 -48.74
C GLU G 287 24.79 34.28 -49.02
N LYS G 288 23.47 34.44 -49.06
CA LYS G 288 22.59 33.29 -49.32
C LYS G 288 22.94 32.60 -50.63
N SER G 289 23.40 33.35 -51.64
CA SER G 289 23.79 32.75 -52.90
C SER G 289 25.17 32.10 -52.85
N ALA G 290 25.78 32.03 -51.67
CA ALA G 290 27.09 31.42 -51.46
C ALA G 290 28.19 32.09 -52.29
N LEU G 291 28.23 33.43 -52.31
CA LEU G 291 29.32 34.11 -52.98
C LEU G 291 30.32 34.71 -52.00
N ILE G 292 29.90 34.96 -50.77
CA ILE G 292 30.80 35.51 -49.76
C ILE G 292 30.67 34.71 -48.47
N GLU G 293 31.61 34.91 -47.55
CA GLU G 293 31.58 34.26 -46.26
C GLU G 293 30.39 34.79 -45.45
N SER G 294 29.81 33.92 -44.62
CA SER G 294 28.54 34.22 -43.99
C SER G 294 28.62 35.48 -43.13
N ASP G 295 29.59 35.53 -42.22
CA ASP G 295 29.65 36.61 -41.23
C ASP G 295 30.35 37.82 -41.82
N SER G 296 29.66 38.97 -41.77
CA SER G 296 30.22 40.24 -42.20
C SER G 296 29.70 41.35 -41.30
N THR G 297 30.48 42.40 -41.12
CA THR G 297 30.13 43.49 -40.22
C THR G 297 30.19 44.81 -40.96
N VAL G 298 29.13 45.61 -40.83
CA VAL G 298 29.09 46.97 -41.36
C VAL G 298 28.80 47.91 -40.19
N GLU G 299 29.61 48.96 -40.06
CA GLU G 299 29.45 49.90 -38.97
C GLU G 299 30.03 51.24 -39.39
N ILE G 300 29.69 52.27 -38.61
CA ILE G 300 30.09 53.63 -38.95
C ILE G 300 31.59 53.79 -38.81
N ASP G 301 32.23 54.32 -39.85
CA ASP G 301 33.65 54.62 -39.81
C ASP G 301 33.89 55.77 -38.86
N PHE G 302 34.78 55.56 -37.89
CA PHE G 302 34.97 56.55 -36.83
C PHE G 302 36.22 57.38 -37.05
N GLU G 303 37.28 56.79 -37.62
CA GLU G 303 38.51 57.54 -37.84
C GLU G 303 38.31 58.69 -38.81
N ALA G 304 37.63 58.41 -39.93
CA ALA G 304 37.40 59.46 -40.93
C ALA G 304 36.51 60.56 -40.38
N GLN G 305 35.47 60.18 -39.63
CA GLN G 305 34.59 61.18 -39.03
C GLN G 305 35.34 62.04 -38.01
N LYS G 306 36.19 61.41 -37.21
CA LYS G 306 36.99 62.17 -36.24
C LYS G 306 37.92 63.14 -36.96
N SER G 307 38.57 62.69 -38.04
CA SER G 307 39.45 63.57 -38.79
C SER G 307 38.67 64.73 -39.41
N TYR G 308 37.47 64.45 -39.95
CA TYR G 308 36.67 65.51 -40.55
C TYR G 308 36.23 66.52 -39.50
N LEU G 309 35.82 66.05 -38.32
CA LEU G 309 35.45 66.96 -37.25
C LEU G 309 36.65 67.81 -36.81
N LYS G 310 37.83 67.21 -36.76
CA LYS G 310 39.03 67.99 -36.46
C LYS G 310 39.27 69.04 -37.54
N SER G 311 38.98 68.70 -38.79
CA SER G 311 39.25 69.62 -39.90
C SER G 311 38.41 70.88 -39.81
N LYS G 312 37.20 70.80 -39.25
CA LYS G 312 36.35 71.97 -39.09
C LYS G 312 36.64 72.73 -37.82
N GLY G 313 37.59 72.26 -37.00
CA GLY G 313 38.02 72.99 -35.83
C GLY G 313 37.25 72.73 -34.56
N VAL G 314 36.37 71.73 -34.53
CA VAL G 314 35.64 71.43 -33.31
C VAL G 314 36.60 70.86 -32.27
N ASP G 315 36.34 71.15 -31.00
CA ASP G 315 37.19 70.69 -29.91
C ASP G 315 36.54 69.41 -29.38
N LEU G 316 37.16 68.27 -29.69
CA LEU G 316 36.62 66.96 -29.36
C LEU G 316 37.46 66.21 -28.34
N SER G 317 38.28 66.92 -27.55
CA SER G 317 39.14 66.26 -26.58
C SER G 317 38.31 65.53 -25.52
N TYR G 318 37.24 66.18 -25.04
CA TYR G 318 36.47 65.60 -23.94
C TYR G 318 35.37 64.67 -24.46
N MET G 319 34.88 64.92 -25.67
CA MET G 319 33.74 64.17 -26.17
C MET G 319 34.08 62.69 -26.34
N THR G 320 33.17 61.83 -25.90
CA THR G 320 33.40 60.40 -25.89
C THR G 320 33.02 59.79 -27.24
N LEU G 321 33.50 58.56 -27.48
CA LEU G 321 33.40 57.93 -28.80
C LEU G 321 31.98 57.96 -29.34
N GLN G 322 31.01 57.52 -28.53
CA GLN G 322 29.62 57.53 -28.99
C GLN G 322 29.16 58.95 -29.30
N GLU G 323 29.59 59.92 -28.49
CA GLU G 323 29.21 61.30 -28.75
C GLU G 323 29.89 61.83 -30.00
N ILE G 324 31.11 61.37 -30.29
CA ILE G 324 31.76 61.72 -31.55
C ILE G 324 30.98 61.17 -32.72
N LYS G 325 30.51 59.92 -32.61
CA LYS G 325 29.69 59.35 -33.68
C LYS G 325 28.35 60.05 -33.77
N GLU G 326 27.91 60.68 -32.69
CA GLU G 326 26.60 61.33 -32.68
C GLU G 326 26.63 62.64 -33.44
N ALA G 327 27.80 63.27 -33.54
CA ALA G 327 27.89 64.65 -34.03
C ALA G 327 27.42 64.76 -35.48
N ASN G 328 26.83 65.90 -35.80
CA ASN G 328 26.34 66.16 -37.15
C ASN G 328 27.51 66.27 -38.12
N THR G 329 27.30 65.77 -39.33
CA THR G 329 28.33 65.79 -40.37
C THR G 329 27.96 66.67 -41.55
N GLY G 330 26.68 67.00 -41.72
CA GLY G 330 26.29 67.85 -42.83
C GLY G 330 26.36 67.19 -44.19
N SER G 331 25.45 66.25 -44.46
CA SER G 331 25.30 65.58 -45.75
C SER G 331 26.49 64.66 -46.06
N LYS G 332 27.37 64.46 -45.08
CA LYS G 332 28.48 63.52 -45.27
C LYS G 332 28.24 62.26 -44.47
N VAL G 333 28.45 61.12 -45.13
CA VAL G 333 28.30 59.81 -44.50
C VAL G 333 29.60 59.04 -44.66
N PHE G 334 30.13 58.53 -43.55
CA PHE G 334 31.36 57.74 -43.54
C PHE G 334 31.07 56.35 -43.00
N LEU G 335 31.37 55.33 -43.81
CA LEU G 335 31.05 53.96 -43.45
C LEU G 335 32.18 53.05 -43.89
N LYS G 336 32.42 52.00 -43.10
CA LYS G 336 33.40 50.97 -43.43
C LYS G 336 32.80 49.61 -43.12
N ALA G 337 33.15 48.62 -43.94
CA ALA G 337 32.60 47.28 -43.83
C ALA G 337 33.67 46.26 -44.17
N LYS G 338 33.47 45.02 -43.72
CA LYS G 338 34.41 43.93 -43.96
C LYS G 338 33.67 42.72 -44.46
N ILE G 339 34.27 42.02 -45.43
CA ILE G 339 33.71 40.81 -45.99
C ILE G 339 34.84 39.85 -46.34
N LYS G 340 34.47 38.60 -46.61
CA LYS G 340 35.40 37.58 -47.08
C LYS G 340 34.79 36.88 -48.28
N VAL G 341 35.52 36.87 -49.38
CA VAL G 341 35.01 36.40 -50.67
C VAL G 341 35.46 34.96 -50.88
N LEU G 342 34.52 34.09 -51.20
CA LEU G 342 34.85 32.69 -51.46
C LEU G 342 35.42 32.51 -52.85
N ASP G 343 36.05 31.37 -53.07
CA ASP G 343 36.63 31.00 -54.36
C ASP G 343 36.37 29.52 -54.62
N ALA G 344 36.42 29.13 -55.88
CA ALA G 344 36.25 27.73 -56.23
C ALA G 344 37.51 26.94 -55.90
N MET G 345 37.34 25.68 -55.53
CA MET G 345 38.49 24.82 -55.25
C MET G 345 39.34 24.70 -56.50
N GLU G 346 40.65 24.89 -56.34
CA GLU G 346 41.56 24.90 -57.46
C GLU G 346 42.72 23.93 -57.31
N ASP G 347 43.22 23.71 -56.09
CA ASP G 347 44.34 22.84 -55.84
C ASP G 347 43.99 21.92 -54.68
N ILE G 348 44.02 20.61 -54.91
CA ILE G 348 43.67 19.62 -53.91
C ILE G 348 44.89 18.79 -53.59
N ASP G 349 45.21 18.67 -52.30
CA ASP G 349 46.36 17.92 -51.83
C ASP G 349 45.82 16.82 -50.93
N LEU G 350 45.95 15.57 -51.38
CA LEU G 350 45.47 14.41 -50.65
C LEU G 350 46.66 13.53 -50.28
N SER G 351 46.80 13.23 -49.00
CA SER G 351 47.90 12.42 -48.49
C SER G 351 47.33 11.13 -47.93
N ILE G 352 47.82 10.00 -48.42
CA ILE G 352 47.34 8.68 -48.02
C ILE G 352 48.52 7.90 -47.45
N GLU G 353 48.36 7.35 -46.25
CA GLU G 353 49.31 6.40 -45.70
C GLU G 353 48.62 5.04 -45.62
N ILE G 354 49.36 4.00 -46.01
CA ILE G 354 48.81 2.66 -46.13
C ILE G 354 48.60 2.04 -44.75
N ALA H 2 53.34 32.52 -56.37
CA ALA H 2 52.92 32.82 -57.74
C ALA H 2 51.93 31.78 -58.23
N ILE H 3 50.94 32.23 -59.00
CA ILE H 3 49.93 31.32 -59.51
C ILE H 3 50.50 30.49 -60.64
N GLY H 4 50.37 29.17 -60.52
CA GLY H 4 50.78 28.25 -61.57
C GLY H 4 49.63 27.41 -62.03
N LEU H 5 49.95 26.38 -62.82
CA LEU H 5 48.93 25.47 -63.29
C LEU H 5 48.30 24.75 -62.09
N PRO H 6 47.02 24.44 -62.14
CA PRO H 6 46.37 23.77 -61.02
C PRO H 6 47.02 22.43 -60.73
N SER H 7 47.13 22.10 -59.44
CA SER H 7 47.85 20.91 -59.00
C SER H 7 46.90 19.98 -58.27
N ILE H 8 46.85 18.73 -58.72
CA ILE H 8 46.15 17.65 -58.02
C ILE H 8 47.18 16.55 -57.79
N ASN H 9 47.45 16.24 -56.53
CA ASN H 9 48.47 15.26 -56.20
C ASN H 9 47.95 14.30 -55.13
N ILE H 10 48.20 13.02 -55.36
CA ILE H 10 47.88 11.96 -54.41
C ILE H 10 49.19 11.29 -54.01
N SER H 11 49.43 11.22 -52.70
CA SER H 11 50.68 10.68 -52.16
C SER H 11 50.39 9.45 -51.33
N PHE H 12 51.16 8.39 -51.56
CA PHE H 12 51.09 7.16 -50.78
C PHE H 12 52.37 7.03 -49.97
N LYS H 13 52.22 6.83 -48.66
CA LYS H 13 53.34 6.72 -47.75
C LYS H 13 53.12 5.55 -46.79
N GLU H 14 54.21 5.04 -46.24
CA GLU H 14 54.12 3.91 -45.33
C GLU H 14 54.02 4.37 -43.89
N LEU H 15 53.23 3.66 -43.10
CA LEU H 15 53.24 3.83 -41.64
C LEU H 15 54.49 3.13 -41.09
N ALA H 16 55.59 3.88 -41.09
CA ALA H 16 56.88 3.30 -40.73
C ALA H 16 56.96 3.04 -39.23
N THR H 17 56.27 2.00 -38.77
CA THR H 17 56.37 1.60 -37.37
C THR H 17 57.82 1.26 -37.05
N THR H 18 58.39 1.99 -36.11
CA THR H 18 59.82 1.94 -35.87
C THR H 18 60.09 1.64 -34.40
N VAL H 19 60.96 0.65 -34.18
CA VAL H 19 61.59 0.43 -32.88
C VAL H 19 63.03 0.87 -33.01
N LYS H 20 63.52 1.63 -32.04
CA LYS H 20 64.83 2.24 -32.16
C LYS H 20 65.91 1.17 -32.21
N GLU H 21 66.94 1.42 -33.00
CA GLU H 21 68.06 0.49 -33.12
C GLU H 21 69.11 0.81 -32.05
N ARG H 22 69.46 -0.20 -31.27
CA ARG H 22 70.43 -0.06 -30.20
C ARG H 22 71.73 -0.75 -30.57
N SER H 23 72.72 -0.58 -29.69
CA SER H 23 74.04 -1.14 -29.97
C SER H 23 73.97 -2.65 -30.12
N ALA H 24 74.65 -3.16 -31.14
CA ALA H 24 74.69 -4.60 -31.37
C ALA H 24 75.42 -5.30 -30.23
N ARG H 25 74.86 -6.42 -29.78
CA ARG H 25 75.43 -7.22 -28.72
C ARG H 25 75.48 -8.67 -29.14
N GLY H 26 76.53 -9.37 -28.69
CA GLY H 26 76.73 -10.75 -29.06
C GLY H 26 77.72 -10.97 -30.18
N ILE H 27 78.48 -9.97 -30.57
CA ILE H 27 79.45 -10.10 -31.64
C ILE H 27 80.82 -10.35 -31.04
N ILE H 28 81.64 -11.13 -31.74
CA ILE H 28 82.95 -11.54 -31.27
C ILE H 28 83.98 -11.12 -32.30
N ALA H 29 85.14 -10.66 -31.83
CA ALA H 29 86.29 -10.42 -32.68
C ALA H 29 87.37 -11.41 -32.31
N MET H 30 87.73 -12.27 -33.24
CA MET H 30 88.79 -13.25 -33.06
C MET H 30 89.95 -12.85 -33.97
N VAL H 31 91.12 -12.71 -33.38
CA VAL H 31 92.32 -12.42 -34.15
C VAL H 31 93.22 -13.65 -34.10
N LEU H 32 93.93 -13.90 -35.21
CA LEU H 32 94.67 -15.14 -35.38
C LEU H 32 95.81 -14.89 -36.35
N LYS H 33 96.80 -15.80 -36.31
CA LYS H 33 97.97 -15.72 -37.18
C LYS H 33 97.99 -16.89 -38.15
N ASP H 34 98.19 -16.57 -39.43
CA ASP H 34 98.31 -17.58 -40.48
C ASP H 34 99.00 -16.95 -41.68
N ALA H 35 99.33 -17.80 -42.65
CA ALA H 35 99.91 -17.36 -43.92
C ALA H 35 98.89 -17.33 -45.05
N LYS H 36 97.64 -17.68 -44.79
CA LYS H 36 96.61 -17.73 -45.82
C LYS H 36 95.43 -16.85 -45.42
N ALA H 37 94.83 -16.22 -46.42
CA ALA H 37 93.64 -15.38 -46.24
C ALA H 37 93.85 -14.33 -45.16
N LEU H 38 94.96 -13.61 -45.26
CA LEU H 38 95.30 -12.60 -44.27
C LEU H 38 94.26 -11.49 -44.26
N GLY H 39 93.99 -10.96 -43.08
CA GLY H 39 92.96 -9.96 -42.90
C GLY H 39 91.69 -10.53 -42.32
N LEU H 40 90.70 -9.65 -42.21
CA LEU H 40 89.40 -10.07 -41.67
C LEU H 40 88.70 -10.99 -42.66
N ASN H 41 87.82 -11.85 -42.13
CA ASN H 41 87.09 -12.80 -42.97
C ASN H 41 85.58 -12.74 -42.77
N GLU H 42 85.10 -12.19 -41.66
CA GLU H 42 83.67 -11.94 -41.45
C GLU H 42 82.88 -13.26 -41.55
N ILE H 43 83.11 -14.12 -40.57
CA ILE H 43 82.40 -15.41 -40.50
C ILE H 43 81.11 -15.12 -39.74
N HIS H 44 80.11 -14.66 -40.48
CA HIS H 44 78.80 -14.42 -39.87
C HIS H 44 78.00 -15.71 -39.77
N GLU H 45 78.32 -16.69 -40.59
CA GLU H 45 77.58 -17.93 -40.67
C GLU H 45 78.45 -19.10 -40.20
N LYS H 46 77.86 -19.97 -39.39
CA LYS H 46 78.57 -21.17 -38.92
C LYS H 46 79.06 -22.03 -40.08
N GLU H 47 78.29 -22.12 -41.16
CA GLU H 47 78.62 -23.05 -42.23
C GLU H 47 79.79 -22.58 -43.07
N ASP H 48 79.82 -21.29 -43.41
CA ASP H 48 80.75 -20.78 -44.41
C ASP H 48 82.12 -20.56 -43.79
N ILE H 49 83.06 -21.46 -44.07
CA ILE H 49 84.43 -21.37 -43.56
C ILE H 49 85.40 -21.34 -44.74
N PRO H 50 86.38 -20.44 -44.74
CA PRO H 50 87.38 -20.45 -45.81
C PRO H 50 88.22 -21.72 -45.77
N VAL H 51 88.70 -22.13 -46.95
CA VAL H 51 89.33 -23.43 -47.07
C VAL H 51 90.85 -23.36 -46.93
N ASP H 52 91.46 -22.22 -47.27
CA ASP H 52 92.92 -22.16 -47.27
C ASP H 52 93.52 -22.15 -45.88
N LEU H 53 92.76 -21.76 -44.86
CA LEU H 53 93.30 -21.69 -43.51
C LEU H 53 93.52 -23.09 -42.95
N SER H 54 94.32 -23.16 -41.89
CA SER H 54 94.73 -24.43 -41.32
C SER H 54 93.55 -25.17 -40.70
N ALA H 55 93.65 -26.51 -40.72
CA ALA H 55 92.60 -27.33 -40.13
C ALA H 55 92.51 -27.12 -38.62
N GLU H 56 93.65 -26.94 -37.95
CA GLU H 56 93.63 -26.67 -36.53
C GLU H 56 92.92 -25.36 -36.22
N ASN H 57 93.18 -24.33 -37.03
CA ASN H 57 92.44 -23.08 -36.86
C ASN H 57 90.97 -23.23 -37.25
N LYS H 58 90.67 -24.12 -38.20
CA LYS H 58 89.28 -24.44 -38.47
C LYS H 58 88.61 -25.01 -37.21
N GLU H 59 89.33 -25.85 -36.50
CA GLU H 59 88.84 -26.43 -35.25
C GLU H 59 88.63 -25.32 -34.24
N TYR H 60 89.56 -24.38 -34.18
CA TYR H 60 89.44 -23.25 -33.26
C TYR H 60 88.15 -22.46 -33.52
N ILE H 61 87.90 -22.14 -34.79
CA ILE H 61 86.65 -21.47 -35.14
C ILE H 61 85.47 -22.32 -34.73
N ASN H 62 85.56 -23.64 -34.96
CA ASN H 62 84.46 -24.53 -34.60
C ASN H 62 84.13 -24.45 -33.12
N LEU H 63 85.16 -24.45 -32.27
CA LEU H 63 84.92 -24.25 -30.84
C LEU H 63 84.26 -22.91 -30.58
N ALA H 64 84.73 -21.86 -31.25
CA ALA H 64 84.12 -20.55 -31.06
C ALA H 64 82.68 -20.48 -31.54
N LEU H 65 82.26 -21.41 -32.41
CA LEU H 65 80.96 -21.32 -33.06
C LEU H 65 79.82 -21.69 -32.11
N MET H 66 79.99 -22.75 -31.33
CA MET H 66 78.90 -23.24 -30.50
C MET H 66 78.62 -22.30 -29.33
N GLY H 67 77.45 -21.68 -29.33
CA GLY H 67 77.06 -20.77 -28.27
C GLY H 67 76.48 -21.52 -27.08
N ASN H 68 76.26 -20.78 -25.99
CA ASN H 68 75.71 -21.40 -24.78
C ASN H 68 74.22 -21.67 -24.96
N VAL H 69 73.43 -20.60 -25.07
CA VAL H 69 71.99 -20.73 -25.26
C VAL H 69 71.62 -20.73 -26.74
N ASN H 70 72.17 -19.81 -27.51
CA ASN H 70 71.95 -19.75 -28.94
C ASN H 70 73.26 -19.41 -29.63
N THR H 71 73.22 -19.42 -30.95
CA THR H 71 74.40 -19.11 -31.73
C THR H 71 74.83 -17.66 -31.50
N PRO H 72 76.12 -17.37 -31.48
CA PRO H 72 76.55 -15.97 -31.37
C PRO H 72 76.00 -15.14 -32.51
N ASN H 73 75.72 -13.87 -32.21
CA ASN H 73 75.07 -13.00 -33.19
C ASN H 73 75.92 -12.84 -34.45
N LYS H 74 77.23 -12.63 -34.28
CA LYS H 74 78.11 -12.45 -35.41
C LYS H 74 79.55 -12.66 -34.93
N LEU H 75 80.41 -13.09 -35.85
CA LEU H 75 81.81 -13.39 -35.53
C LEU H 75 82.71 -12.68 -36.52
N LEU H 76 83.73 -12.01 -35.99
CA LEU H 76 84.79 -11.38 -36.79
C LEU H 76 86.09 -12.12 -36.54
N VAL H 77 86.71 -12.60 -37.61
CA VAL H 77 87.99 -13.30 -37.53
C VAL H 77 89.01 -12.54 -38.36
N TYR H 78 90.10 -12.14 -37.72
CA TYR H 78 91.23 -11.50 -38.40
C TYR H 78 92.41 -12.45 -38.46
N VAL H 79 92.96 -12.62 -39.66
CA VAL H 79 94.18 -13.37 -39.87
C VAL H 79 95.34 -12.40 -39.97
N ILE H 80 96.35 -12.57 -39.11
CA ILE H 80 97.48 -11.68 -39.07
C ILE H 80 98.71 -12.44 -39.55
N GLU H 81 99.69 -11.69 -40.04
CA GLU H 81 100.95 -12.29 -40.44
C GLU H 81 101.79 -12.63 -39.22
N GLY H 82 102.52 -13.74 -39.31
CA GLY H 82 103.40 -14.13 -38.23
C GLY H 82 104.42 -13.05 -37.93
N GLU H 83 104.66 -12.82 -36.64
CA GLU H 83 105.62 -11.85 -36.11
C GLU H 83 105.30 -10.42 -36.51
N ALA H 84 104.08 -10.14 -36.96
CA ALA H 84 103.68 -8.78 -37.27
C ALA H 84 103.27 -7.98 -36.03
N ASP H 85 103.52 -8.53 -34.83
CA ASP H 85 103.19 -7.90 -33.56
C ASP H 85 101.67 -7.75 -33.41
N ILE H 86 101.24 -7.03 -32.38
CA ILE H 86 99.81 -6.96 -32.07
C ILE H 86 99.20 -5.67 -32.59
N GLN H 87 99.94 -4.56 -32.56
CA GLN H 87 99.38 -3.25 -32.88
C GLN H 87 98.83 -3.20 -34.30
N THR H 88 99.44 -3.95 -35.23
CA THR H 88 98.99 -3.92 -36.61
C THR H 88 97.53 -4.33 -36.73
N ALA H 89 97.14 -5.42 -36.06
CA ALA H 89 95.74 -5.80 -36.02
C ALA H 89 94.96 -4.94 -35.03
N LEU H 90 95.62 -4.44 -33.98
CA LEU H 90 94.91 -3.67 -32.96
C LEU H 90 94.31 -2.41 -33.55
N ASP H 91 95.02 -1.73 -34.44
CA ASP H 91 94.46 -0.57 -35.12
C ASP H 91 93.23 -0.97 -35.94
N PHE H 92 93.32 -2.11 -36.62
CA PHE H 92 92.17 -2.61 -37.38
C PHE H 92 90.96 -2.77 -36.48
N LEU H 93 91.14 -3.41 -35.31
CA LEU H 93 90.01 -3.58 -34.41
C LEU H 93 89.51 -2.24 -33.86
N GLU H 94 90.42 -1.29 -33.59
CA GLU H 94 89.96 0.03 -33.18
C GLU H 94 89.10 0.68 -34.26
N THR H 95 89.36 0.34 -35.53
CA THR H 95 88.55 0.91 -36.60
C THR H 95 87.08 0.49 -36.48
N LYS H 96 86.81 -0.78 -36.20
CA LYS H 96 85.47 -1.30 -36.17
C LYS H 96 84.99 -1.55 -34.75
N GLU H 97 83.79 -2.13 -34.65
CA GLU H 97 83.14 -2.34 -33.37
C GLU H 97 83.07 -3.83 -33.03
N PHE H 98 83.29 -4.15 -31.75
CA PHE H 98 83.26 -5.53 -31.29
C PHE H 98 82.94 -5.54 -29.80
N ASN H 99 82.79 -6.75 -29.25
CA ASN H 99 82.52 -6.94 -27.83
C ASN H 99 83.62 -7.73 -27.12
N TYR H 100 84.01 -8.88 -27.67
CA TYR H 100 84.98 -9.76 -27.03
C TYR H 100 86.12 -10.07 -27.99
N LEU H 101 87.32 -10.24 -27.44
CA LEU H 101 88.53 -10.50 -28.20
C LEU H 101 89.27 -11.67 -27.57
N CYS H 102 89.92 -12.49 -28.41
CA CYS H 102 90.57 -13.68 -27.89
C CYS H 102 91.73 -14.13 -28.79
N MET H 103 92.63 -14.90 -28.19
CA MET H 103 93.89 -15.47 -28.67
C MET H 103 94.09 -16.93 -28.25
N PRO H 104 93.96 -17.87 -29.17
CA PRO H 104 94.41 -19.24 -28.87
C PRO H 104 95.92 -19.33 -28.75
N LYS H 105 96.63 -18.77 -29.73
CA LYS H 105 98.09 -18.79 -29.75
C LYS H 105 98.65 -17.41 -29.45
N ALA H 106 99.28 -17.28 -28.28
CA ALA H 106 99.92 -16.03 -27.89
C ALA H 106 101.00 -16.29 -26.86
N VAL H 107 102.05 -15.48 -26.91
CA VAL H 107 103.07 -15.49 -25.87
C VAL H 107 102.68 -14.48 -24.79
N GLU H 108 103.34 -14.60 -23.63
CA GLU H 108 103.00 -13.75 -22.49
C GLU H 108 103.16 -12.27 -22.84
N ALA H 109 104.12 -11.94 -23.70
CA ALA H 109 104.29 -10.56 -24.13
C ALA H 109 103.05 -10.07 -24.89
N ASP H 110 102.49 -10.93 -25.75
CA ASP H 110 101.26 -10.56 -26.44
C ASP H 110 100.12 -10.34 -25.47
N LYS H 111 100.00 -11.21 -24.46
CA LYS H 111 98.95 -11.02 -23.46
C LYS H 111 99.11 -9.70 -22.72
N THR H 112 100.36 -9.37 -22.35
CA THR H 112 100.59 -8.09 -21.67
C THR H 112 100.22 -6.92 -22.58
N ALA H 113 100.57 -7.00 -23.86
CA ALA H 113 100.22 -5.94 -24.79
C ALA H 113 98.72 -5.78 -24.91
N ILE H 114 97.98 -6.90 -25.01
CA ILE H 114 96.53 -6.83 -25.11
C ILE H 114 95.94 -6.25 -23.84
N LYS H 115 96.47 -6.64 -22.69
CA LYS H 115 95.95 -6.12 -21.42
C LYS H 115 96.14 -4.61 -21.33
N ASN H 116 97.34 -4.13 -21.69
CA ASN H 116 97.59 -2.69 -21.65
C ASN H 116 96.69 -1.96 -22.63
N TRP H 117 96.54 -2.50 -23.85
CA TRP H 117 95.65 -1.88 -24.82
C TRP H 117 94.23 -1.80 -24.30
N ILE H 118 93.74 -2.87 -23.68
CA ILE H 118 92.37 -2.89 -23.20
C ILE H 118 92.17 -1.88 -22.07
N ILE H 119 93.09 -1.84 -21.11
CA ILE H 119 92.89 -0.93 -19.98
C ILE H 119 92.99 0.52 -20.44
N LYS H 120 93.88 0.80 -21.39
CA LYS H 120 93.97 2.18 -21.89
C LYS H 120 92.76 2.55 -22.73
N LEU H 121 92.21 1.60 -23.48
CA LEU H 121 91.11 1.91 -24.38
C LEU H 121 89.80 2.06 -23.62
N ARG H 122 89.63 1.31 -22.53
CA ARG H 122 88.38 1.41 -21.78
C ARG H 122 88.29 2.71 -20.98
N ASP H 123 89.39 3.45 -20.88
CA ASP H 123 89.37 4.68 -20.07
C ASP H 123 89.64 5.92 -20.92
N ILE H 124 90.67 5.89 -21.76
CA ILE H 124 90.99 7.06 -22.58
C ILE H 124 89.92 7.29 -23.63
N ASP H 125 89.52 6.23 -24.33
CA ASP H 125 88.62 6.36 -25.47
C ASP H 125 87.15 6.17 -25.10
N LYS H 126 86.84 5.84 -23.85
CA LYS H 126 85.46 5.65 -23.40
C LYS H 126 84.72 4.63 -24.26
N VAL H 127 85.42 3.55 -24.61
CA VAL H 127 84.85 2.45 -25.37
C VAL H 127 84.92 1.21 -24.49
N LYS H 128 83.77 0.55 -24.30
CA LYS H 128 83.64 -0.55 -23.36
C LYS H 128 83.73 -1.86 -24.14
N VAL H 129 84.88 -2.53 -24.04
CA VAL H 129 85.10 -3.84 -24.64
C VAL H 129 85.83 -4.70 -23.63
N LYS H 130 85.85 -6.01 -23.88
CA LYS H 130 86.46 -6.97 -22.97
C LYS H 130 87.16 -8.07 -23.77
N ALA H 131 88.06 -8.78 -23.10
CA ALA H 131 88.76 -9.89 -23.72
C ALA H 131 89.11 -10.92 -22.65
N VAL H 132 89.27 -12.17 -23.09
CA VAL H 132 89.60 -13.29 -22.21
C VAL H 132 91.03 -13.73 -22.51
N LEU H 133 91.80 -14.00 -21.45
CA LEU H 133 93.21 -14.35 -21.56
C LEU H 133 93.52 -15.58 -20.71
N GLY H 134 94.50 -16.36 -21.16
CA GLY H 134 94.76 -17.65 -20.55
C GLY H 134 95.27 -17.55 -19.13
N LYS H 135 96.31 -16.73 -18.91
CA LYS H 135 96.85 -16.56 -17.57
C LYS H 135 97.30 -15.11 -17.43
N VAL H 136 96.49 -14.31 -16.75
CA VAL H 136 96.82 -12.92 -16.46
C VAL H 136 96.39 -12.61 -15.03
N VAL H 137 96.94 -11.54 -14.49
CA VAL H 137 96.68 -11.16 -13.11
C VAL H 137 96.21 -9.71 -13.08
N GLY H 138 95.76 -9.22 -14.24
CA GLY H 138 95.27 -7.86 -14.30
C GLY H 138 94.06 -7.66 -13.39
N ASN H 139 93.96 -6.48 -12.81
CA ASN H 139 92.94 -6.17 -11.82
C ASN H 139 91.85 -5.28 -12.40
N HIS H 140 91.49 -5.48 -13.66
CA HIS H 140 90.51 -4.65 -14.33
C HIS H 140 89.34 -5.50 -14.79
N GLU H 141 88.15 -4.88 -14.81
CA GLU H 141 86.95 -5.60 -15.22
C GLU H 141 87.01 -6.03 -16.68
N GLY H 142 87.87 -5.40 -17.47
CA GLY H 142 87.89 -5.65 -18.89
C GLY H 142 88.52 -6.95 -19.32
N ILE H 143 89.14 -7.69 -18.40
CA ILE H 143 89.79 -8.95 -18.73
C ILE H 143 89.18 -10.05 -17.87
N ILE H 144 88.98 -11.22 -18.48
CA ILE H 144 88.44 -12.39 -17.82
C ILE H 144 89.55 -13.42 -17.73
N ASN H 145 89.91 -13.79 -16.50
CA ASN H 145 91.04 -14.71 -16.28
C ASN H 145 90.49 -16.11 -16.02
N PHE H 146 90.51 -16.94 -17.06
CA PHE H 146 90.14 -18.34 -16.94
C PHE H 146 91.40 -19.19 -16.99
N THR H 147 91.54 -20.11 -16.02
CA THR H 147 92.76 -20.91 -15.92
C THR H 147 92.38 -22.34 -15.55
N THR H 148 92.42 -23.23 -16.53
CA THR H 148 92.21 -24.65 -16.31
C THR H 148 93.08 -25.41 -17.29
N GLU H 149 93.91 -26.32 -16.79
CA GLU H 149 94.91 -27.00 -17.59
C GLU H 149 94.41 -28.39 -17.99
N ASP H 150 94.93 -28.87 -19.13
CA ASP H 150 94.70 -30.24 -19.59
C ASP H 150 93.21 -30.51 -19.82
N VAL H 151 92.57 -29.64 -20.60
CA VAL H 151 91.17 -29.82 -20.93
C VAL H 151 91.05 -30.83 -22.06
N LEU H 152 90.24 -31.87 -21.85
CA LEU H 152 90.07 -32.94 -22.82
C LEU H 152 88.68 -32.80 -23.45
N VAL H 153 88.65 -32.44 -24.74
CA VAL H 153 87.42 -32.39 -25.51
C VAL H 153 87.61 -33.23 -26.77
N GLY H 154 86.85 -34.31 -26.88
CA GLY H 154 86.95 -35.20 -28.03
C GLY H 154 88.34 -35.77 -28.23
N GLU H 155 88.80 -36.57 -27.27
CA GLU H 155 90.07 -37.29 -27.30
C GLU H 155 91.26 -36.42 -27.68
N LYS H 156 91.16 -35.11 -27.46
CA LYS H 156 92.27 -34.21 -27.70
C LYS H 156 92.48 -33.31 -26.49
N LYS H 157 93.75 -33.08 -26.16
CA LYS H 157 94.12 -32.17 -25.09
C LYS H 157 94.00 -30.73 -25.57
N TYR H 158 93.76 -29.83 -24.62
CA TYR H 158 93.70 -28.41 -24.90
C TYR H 158 94.44 -27.64 -23.82
N SER H 159 95.22 -26.65 -24.23
CA SER H 159 95.76 -25.71 -23.26
C SER H 159 94.71 -24.67 -22.91
N VAL H 160 94.98 -23.91 -21.85
CA VAL H 160 94.05 -22.87 -21.42
C VAL H 160 93.90 -21.82 -22.51
N ASP H 161 95.00 -21.43 -23.15
CA ASP H 161 94.94 -20.43 -24.21
C ASP H 161 94.08 -20.91 -25.37
N GLU H 162 94.16 -22.20 -25.70
CA GLU H 162 93.34 -22.73 -26.78
C GLU H 162 91.86 -22.73 -26.39
N PHE H 163 91.55 -23.06 -25.14
CA PHE H 163 90.17 -23.08 -24.69
C PHE H 163 89.60 -21.69 -24.42
N THR H 164 90.45 -20.65 -24.48
CA THR H 164 89.95 -19.29 -24.36
C THR H 164 88.88 -18.99 -25.40
N SER H 165 89.07 -19.48 -26.63
CA SER H 165 88.06 -19.26 -27.67
C SER H 165 86.74 -19.88 -27.30
N ARG H 166 86.76 -21.12 -26.81
CA ARG H 166 85.51 -21.79 -26.45
C ARG H 166 84.81 -21.07 -25.31
N VAL H 167 85.54 -20.67 -24.27
CA VAL H 167 84.87 -20.01 -23.15
C VAL H 167 84.34 -18.64 -23.58
N ALA H 168 85.11 -17.91 -24.40
CA ALA H 168 84.64 -16.62 -24.88
C ALA H 168 83.37 -16.75 -25.69
N GLY H 169 83.30 -17.76 -26.57
CA GLY H 169 82.07 -18.04 -27.27
C GLY H 169 80.94 -18.39 -26.32
N LEU H 170 81.27 -19.08 -25.23
CA LEU H 170 80.26 -19.41 -24.23
C LEU H 170 79.65 -18.15 -23.62
N ILE H 171 80.50 -17.19 -23.24
CA ILE H 171 79.94 -15.94 -22.68
C ILE H 171 79.17 -15.19 -23.75
N ALA H 172 79.66 -15.19 -24.99
CA ALA H 172 78.99 -14.43 -26.04
C ALA H 172 77.61 -15.00 -26.36
N GLY H 173 77.45 -16.32 -26.26
CA GLY H 173 76.18 -16.92 -26.65
C GLY H 173 75.03 -16.56 -25.73
N THR H 174 75.29 -16.48 -24.43
CA THR H 174 74.21 -16.34 -23.47
C THR H 174 73.53 -14.97 -23.58
N PRO H 175 72.24 -14.89 -23.30
CA PRO H 175 71.55 -13.60 -23.32
C PRO H 175 71.90 -12.73 -22.13
N LEU H 176 71.29 -11.55 -22.04
CA LEU H 176 71.59 -10.65 -20.93
C LEU H 176 70.83 -11.03 -19.66
N SER H 177 69.63 -11.59 -19.81
CA SER H 177 68.80 -11.88 -18.64
C SER H 177 69.44 -12.94 -17.75
N GLN H 178 70.05 -13.96 -18.35
CA GLN H 178 70.61 -15.06 -17.60
C GLN H 178 72.09 -14.84 -17.33
N SER H 179 72.62 -15.61 -16.40
CA SER H 179 74.03 -15.56 -16.04
C SER H 179 74.75 -16.81 -16.55
N VAL H 180 76.08 -16.74 -16.54
CA VAL H 180 76.90 -17.85 -17.02
C VAL H 180 77.08 -18.94 -15.97
N THR H 181 76.81 -18.62 -14.70
CA THR H 181 77.09 -19.54 -13.61
C THR H 181 76.29 -20.83 -13.76
N TYR H 182 76.96 -21.95 -13.45
CA TYR H 182 76.32 -23.26 -13.36
C TYR H 182 75.69 -23.66 -14.69
N THR H 183 76.54 -23.67 -15.73
CA THR H 183 76.12 -24.02 -17.08
C THR H 183 76.90 -25.24 -17.54
N LYS H 184 76.18 -26.26 -18.00
CA LYS H 184 76.79 -27.52 -18.37
C LYS H 184 77.58 -27.40 -19.66
N LEU H 185 78.60 -28.24 -19.79
CA LEU H 185 79.44 -28.31 -20.99
C LEU H 185 79.50 -29.77 -21.43
N SER H 186 78.64 -30.14 -22.37
CA SER H 186 78.61 -31.52 -22.85
C SER H 186 79.82 -31.89 -23.69
N ASP H 187 80.65 -30.91 -24.07
CA ASP H 187 81.78 -31.20 -24.94
C ASP H 187 82.94 -31.83 -24.16
N VAL H 188 83.38 -31.15 -23.10
CA VAL H 188 84.54 -31.63 -22.35
C VAL H 188 84.16 -32.86 -21.53
N VAL H 189 85.12 -33.77 -21.38
CA VAL H 189 84.82 -35.07 -20.78
C VAL H 189 85.62 -35.29 -19.50
N ASP H 190 86.76 -34.60 -19.34
CA ASP H 190 87.61 -34.89 -18.20
C ASP H 190 88.30 -33.61 -17.75
N ILE H 191 88.36 -33.43 -16.44
CA ILE H 191 89.08 -32.32 -15.82
C ILE H 191 90.00 -32.86 -14.75
N PRO H 192 91.21 -32.30 -14.64
CA PRO H 192 92.13 -32.73 -13.58
C PRO H 192 91.51 -32.60 -12.20
N LYS H 193 91.78 -33.59 -11.34
CA LYS H 193 91.20 -33.64 -10.02
C LYS H 193 91.66 -32.43 -9.21
N MET H 194 90.69 -31.73 -8.62
CA MET H 194 90.97 -30.55 -7.82
C MET H 194 89.94 -30.47 -6.70
N THR H 195 90.41 -30.10 -5.52
CA THR H 195 89.56 -30.12 -4.33
C THR H 195 88.71 -28.85 -4.25
N LYS H 196 87.71 -28.89 -3.36
CA LYS H 196 86.74 -27.80 -3.27
C LYS H 196 87.32 -26.59 -2.56
N VAL H 197 88.14 -26.81 -1.54
CA VAL H 197 88.74 -25.67 -0.83
C VAL H 197 89.69 -24.91 -1.75
N ASP H 198 90.39 -25.63 -2.63
CA ASP H 198 91.22 -24.96 -3.63
C ASP H 198 90.36 -24.17 -4.60
N ALA H 199 89.17 -24.68 -4.90
CA ALA H 199 88.23 -23.92 -5.73
C ALA H 199 87.80 -22.63 -5.05
N GLU H 200 87.51 -22.70 -3.75
CA GLU H 200 87.21 -21.49 -2.99
C GLU H 200 88.36 -20.50 -3.07
N SER H 201 89.58 -20.98 -2.86
CA SER H 201 90.74 -20.10 -2.91
C SER H 201 90.89 -19.45 -4.28
N ARG H 202 90.78 -20.23 -5.35
CA ARG H 202 90.98 -19.69 -6.69
C ARG H 202 89.87 -18.71 -7.06
N VAL H 203 88.63 -19.02 -6.70
CA VAL H 203 87.52 -18.11 -6.98
C VAL H 203 87.71 -16.80 -6.22
N ASN H 204 88.18 -16.89 -4.97
CA ASN H 204 88.42 -15.67 -4.20
C ASN H 204 89.57 -14.85 -4.78
N LYS H 205 90.36 -15.44 -5.67
CA LYS H 205 91.41 -14.70 -6.36
C LYS H 205 90.91 -13.98 -7.60
N GLY H 206 89.61 -14.04 -7.89
CA GLY H 206 89.08 -13.50 -9.11
C GLY H 206 89.24 -14.41 -10.31
N GLU H 207 89.98 -15.49 -10.16
CA GLU H 207 90.20 -16.44 -11.24
C GLU H 207 88.94 -17.26 -11.51
N LEU H 208 88.66 -17.52 -12.77
CA LEU H 208 87.48 -18.28 -13.18
C LEU H 208 87.88 -19.70 -13.55
N ILE H 209 87.29 -20.69 -12.86
CA ILE H 209 87.73 -22.07 -12.94
C ILE H 209 86.62 -22.95 -13.47
N LEU H 210 86.98 -24.21 -13.71
CA LEU H 210 86.05 -25.26 -14.13
C LEU H 210 85.90 -26.26 -13.00
N ILE H 211 84.65 -26.61 -12.69
CA ILE H 211 84.35 -27.44 -11.53
C ILE H 211 83.49 -28.62 -11.99
N LYS H 212 83.76 -29.78 -11.42
CA LYS H 212 82.95 -30.98 -11.64
C LYS H 212 82.00 -31.13 -10.46
N GLU H 213 80.70 -30.94 -10.72
CA GLU H 213 79.68 -31.10 -9.70
C GLU H 213 78.37 -31.53 -10.36
N ALA H 214 77.52 -32.16 -9.57
CA ALA H 214 76.23 -32.69 -10.06
C ALA H 214 76.53 -33.63 -11.23
N GLY H 215 75.69 -33.61 -12.26
CA GLY H 215 75.83 -34.53 -13.36
C GLY H 215 77.06 -34.32 -14.23
N ALA H 216 77.37 -33.07 -14.58
CA ALA H 216 78.37 -32.79 -15.61
C ALA H 216 79.30 -31.66 -15.16
N ILE H 217 80.12 -31.21 -16.11
CA ILE H 217 81.06 -30.13 -15.87
C ILE H 217 80.36 -28.80 -16.10
N ARG H 218 80.70 -27.80 -15.29
CA ARG H 218 79.97 -26.54 -15.29
C ARG H 218 80.85 -25.38 -14.83
N ILE H 219 80.42 -24.17 -15.19
CA ILE H 219 81.08 -22.95 -14.76
C ILE H 219 80.80 -22.71 -13.28
N ALA H 220 81.79 -22.15 -12.58
CA ALA H 220 81.67 -21.81 -11.16
C ALA H 220 81.69 -20.30 -11.00
N ARG H 221 80.53 -19.67 -11.11
CA ARG H 221 80.33 -18.28 -10.71
C ARG H 221 81.29 -17.34 -11.44
N GLY H 222 81.02 -17.18 -12.73
CA GLY H 222 81.82 -16.31 -13.57
C GLY H 222 81.95 -14.90 -13.04
N VAL H 223 83.19 -14.44 -12.84
CA VAL H 223 83.48 -13.13 -12.30
C VAL H 223 84.66 -12.53 -13.05
N ASN H 224 84.79 -11.21 -12.97
CA ASN H 224 85.92 -10.53 -13.59
C ASN H 224 87.20 -10.81 -12.82
N SER H 225 88.29 -10.19 -13.27
CA SER H 225 89.61 -10.47 -12.72
C SER H 225 90.01 -9.50 -11.62
N LEU H 226 89.21 -8.47 -11.35
CA LEU H 226 89.60 -7.52 -10.31
C LEU H 226 89.39 -8.10 -8.93
N THR H 227 90.29 -7.78 -8.02
CA THR H 227 90.26 -8.30 -6.66
C THR H 227 90.25 -7.22 -5.59
N GLU H 228 90.94 -6.11 -5.80
CA GLU H 228 90.94 -5.02 -4.84
C GLU H 228 89.67 -4.19 -5.02
N LEU H 229 89.11 -3.73 -3.91
CA LEU H 229 87.85 -3.00 -3.90
C LEU H 229 88.12 -1.57 -3.46
N THR H 230 87.81 -0.61 -4.31
CA THR H 230 88.01 0.79 -3.99
C THR H 230 86.72 1.38 -3.43
N ALA H 231 86.75 2.69 -3.15
CA ALA H 231 85.56 3.36 -2.63
C ALA H 231 84.46 3.43 -3.67
N GLU H 232 84.83 3.61 -4.93
CA GLU H 232 83.82 3.79 -5.97
C GLU H 232 83.54 2.49 -6.71
N LYS H 233 84.55 1.64 -6.87
CA LYS H 233 84.37 0.33 -7.47
C LYS H 233 83.89 -0.64 -6.41
N GLY H 234 82.58 -0.83 -6.31
CA GLY H 234 82.00 -1.64 -5.27
C GLY H 234 81.96 -3.12 -5.61
N GLU H 235 81.21 -3.85 -4.79
CA GLU H 235 81.17 -5.31 -4.94
C GLU H 235 80.53 -5.73 -6.25
N MET H 236 79.44 -5.09 -6.64
CA MET H 236 78.71 -5.51 -7.83
C MET H 236 79.55 -5.42 -9.10
N PHE H 237 80.63 -4.64 -9.08
CA PHE H 237 81.48 -4.55 -10.26
C PHE H 237 82.25 -5.84 -10.51
N GLN H 238 82.21 -6.78 -9.58
CA GLN H 238 82.91 -8.04 -9.73
C GLN H 238 82.07 -9.10 -10.45
N LYS H 239 80.83 -8.80 -10.78
CA LYS H 239 79.97 -9.75 -11.48
C LYS H 239 79.94 -9.44 -12.97
N ILE H 240 80.09 -10.48 -13.79
CA ILE H 240 80.14 -10.30 -15.23
C ILE H 240 78.83 -9.72 -15.76
N LYS H 241 77.70 -10.23 -15.29
CA LYS H 241 76.41 -9.77 -15.78
C LYS H 241 76.22 -8.29 -15.49
N ILE H 242 76.61 -7.84 -14.30
CA ILE H 242 76.41 -6.45 -13.91
C ILE H 242 77.24 -5.53 -14.80
N VAL H 243 78.52 -5.86 -14.99
CA VAL H 243 79.37 -4.99 -15.81
C VAL H 243 78.91 -5.01 -17.25
N ASP H 244 78.39 -6.15 -17.73
CA ASP H 244 77.94 -6.23 -19.11
C ASP H 244 76.71 -5.36 -19.33
N THR H 245 75.74 -5.42 -18.42
CA THR H 245 74.57 -4.56 -18.58
C THR H 245 74.94 -3.09 -18.40
N LEU H 246 75.90 -2.78 -17.53
CA LEU H 246 76.39 -1.40 -17.46
C LEU H 246 76.98 -0.95 -18.77
N ASP H 247 77.76 -1.82 -19.43
CA ASP H 247 78.38 -1.45 -20.70
C ASP H 247 77.32 -1.20 -21.78
N ILE H 248 76.29 -2.05 -21.84
CA ILE H 248 75.29 -1.84 -22.89
C ILE H 248 74.51 -0.56 -22.61
N ILE H 249 74.21 -0.27 -21.33
CA ILE H 249 73.57 1.00 -20.99
C ILE H 249 74.43 2.16 -21.47
N HIS H 250 75.72 2.12 -21.16
CA HIS H 250 76.62 3.20 -21.54
C HIS H 250 76.63 3.42 -23.04
N SER H 251 76.81 2.34 -23.80
CA SER H 251 76.92 2.47 -25.25
C SER H 251 75.64 3.01 -25.86
N ASP H 252 74.49 2.49 -25.42
CA ASP H 252 73.22 2.95 -25.98
C ASP H 252 73.00 4.42 -25.67
N ILE H 253 73.26 4.83 -24.43
CA ILE H 253 73.01 6.21 -24.03
C ILE H 253 73.92 7.14 -24.81
N ARG H 254 75.20 6.76 -24.95
CA ARG H 254 76.14 7.58 -25.69
C ARG H 254 75.72 7.72 -27.14
N LYS H 255 75.29 6.62 -27.77
CA LYS H 255 74.89 6.67 -29.17
C LYS H 255 73.68 7.58 -29.36
N VAL H 256 72.69 7.47 -28.49
CA VAL H 256 71.52 8.35 -28.59
C VAL H 256 71.96 9.81 -28.45
N ILE H 257 72.80 10.09 -27.46
CA ILE H 257 73.23 11.46 -27.19
C ILE H 257 73.93 12.05 -28.40
N ILE H 258 74.88 11.32 -28.99
CA ILE H 258 75.63 11.90 -30.10
C ILE H 258 74.75 12.02 -31.33
N ASP H 259 73.89 11.03 -31.59
CA ASP H 259 73.14 11.03 -32.83
C ASP H 259 72.03 12.08 -32.83
N ASP H 260 71.50 12.45 -31.67
CA ASP H 260 70.32 13.30 -31.66
C ASP H 260 70.57 14.71 -31.11
N TYR H 261 71.09 14.84 -29.88
CA TYR H 261 71.06 16.12 -29.19
C TYR H 261 72.41 16.82 -29.16
N ILE H 262 73.32 16.52 -30.08
CA ILE H 262 74.61 17.21 -30.13
C ILE H 262 74.59 18.16 -31.32
N GLY H 263 74.89 19.43 -31.06
CA GLY H 263 74.99 20.43 -32.09
C GLY H 263 73.72 20.71 -32.86
N LYS H 264 72.57 20.26 -32.34
CA LYS H 264 71.30 20.45 -33.02
C LYS H 264 70.19 21.03 -32.17
N VAL H 265 70.36 21.08 -30.85
CA VAL H 265 69.33 21.59 -29.95
C VAL H 265 69.95 22.64 -29.05
N THR H 266 69.28 23.79 -28.93
CA THR H 266 69.78 24.88 -28.10
C THR H 266 69.72 24.49 -26.62
N ASN H 267 70.78 24.83 -25.90
CA ASN H 267 70.89 24.52 -24.48
C ASN H 267 69.97 25.48 -23.72
N SER H 268 68.78 25.02 -23.38
CA SER H 268 67.83 25.79 -22.60
C SER H 268 67.13 24.86 -21.62
N TYR H 269 66.41 25.46 -20.66
CA TYR H 269 65.79 24.65 -19.62
C TYR H 269 64.80 23.65 -20.19
N ASP H 270 63.98 24.09 -21.15
CA ASP H 270 62.98 23.18 -21.72
C ASP H 270 63.65 22.07 -22.52
N ASN H 271 64.75 22.38 -23.22
CA ASN H 271 65.48 21.33 -23.92
C ASN H 271 66.08 20.34 -22.92
N LYS H 272 66.56 20.84 -21.78
CA LYS H 272 67.06 19.94 -20.74
C LYS H 272 65.95 19.03 -20.23
N CYS H 273 64.74 19.58 -20.03
CA CYS H 273 63.62 18.76 -19.60
C CYS H 273 63.28 17.70 -20.64
N LEU H 274 63.34 18.07 -21.92
CA LEU H 274 63.09 17.09 -22.98
C LEU H 274 64.14 15.99 -22.96
N LEU H 275 65.41 16.35 -22.76
CA LEU H 275 66.45 15.35 -22.64
C LEU H 275 66.19 14.42 -21.46
N ILE H 276 65.78 14.98 -20.33
CA ILE H 276 65.47 14.16 -19.16
C ILE H 276 64.34 13.19 -19.46
N VAL H 277 63.29 13.67 -20.14
CA VAL H 277 62.16 12.81 -20.46
C VAL H 277 62.58 11.68 -21.38
N ALA H 278 63.40 11.98 -22.39
CA ALA H 278 63.87 10.94 -23.30
C ALA H 278 64.72 9.92 -22.57
N ILE H 279 65.58 10.39 -21.68
CA ILE H 279 66.44 9.49 -20.89
C ILE H 279 65.56 8.55 -20.07
N LYS H 280 64.57 9.10 -19.39
CA LYS H 280 63.70 8.29 -18.55
C LYS H 280 62.90 7.30 -19.38
N SER H 281 62.45 7.72 -20.56
CA SER H 281 61.72 6.80 -21.43
C SER H 281 62.57 5.62 -21.83
N TYR H 282 63.83 5.88 -22.21
CA TYR H 282 64.72 4.78 -22.54
C TYR H 282 64.96 3.88 -21.33
N LEU H 283 65.09 4.47 -20.14
CA LEU H 283 65.32 3.67 -18.94
C LEU H 283 64.13 2.76 -18.65
N GLU H 284 62.90 3.28 -18.79
CA GLU H 284 61.74 2.45 -18.57
C GLU H 284 61.64 1.35 -19.62
N GLU H 285 62.00 1.67 -20.86
CA GLU H 285 62.03 0.64 -21.90
C GLU H 285 62.99 -0.48 -21.53
N LEU H 286 64.17 -0.13 -21.03
CA LEU H 286 65.12 -1.14 -20.57
C LEU H 286 64.56 -1.92 -19.39
N GLU H 287 63.86 -1.25 -18.48
CA GLU H 287 63.29 -1.93 -17.33
C GLU H 287 62.25 -2.96 -17.76
N LYS H 288 61.50 -2.66 -18.83
CA LYS H 288 60.51 -3.62 -19.33
C LYS H 288 61.13 -4.97 -19.64
N SER H 289 62.38 -4.99 -20.08
CA SER H 289 63.06 -6.26 -20.37
C SER H 289 63.58 -6.95 -19.12
N ALA H 290 63.29 -6.41 -17.93
CA ALA H 290 63.70 -6.98 -16.65
C ALA H 290 65.21 -7.06 -16.50
N LEU H 291 65.94 -6.01 -16.86
CA LEU H 291 67.37 -5.97 -16.59
C LEU H 291 67.72 -5.05 -15.43
N ILE H 292 66.86 -4.07 -15.15
CA ILE H 292 67.07 -3.17 -14.03
C ILE H 292 65.80 -3.12 -13.19
N GLU H 293 65.87 -2.45 -12.04
CA GLU H 293 64.71 -2.35 -11.17
C GLU H 293 63.66 -1.43 -11.77
N SER H 294 62.44 -1.52 -11.24
CA SER H 294 61.31 -0.83 -11.84
C SER H 294 61.47 0.68 -11.79
N ASP H 295 61.74 1.22 -10.60
CA ASP H 295 61.69 2.66 -10.39
C ASP H 295 63.12 3.22 -10.51
N SER H 296 63.27 4.28 -11.28
CA SER H 296 64.53 5.01 -11.41
C SER H 296 64.21 6.49 -11.57
N THR H 297 65.15 7.34 -11.14
CA THR H 297 64.95 8.78 -11.16
C THR H 297 66.10 9.45 -11.90
N VAL H 298 65.76 10.33 -12.83
CA VAL H 298 66.73 11.15 -13.55
C VAL H 298 66.34 12.61 -13.38
N GLU H 299 67.28 13.43 -12.94
CA GLU H 299 67.01 14.85 -12.75
C GLU H 299 68.33 15.62 -12.81
N ILE H 300 68.21 16.94 -12.84
CA ILE H 300 69.37 17.79 -13.06
C ILE H 300 70.29 17.79 -11.86
N ASP H 301 71.57 17.54 -12.11
CA ASP H 301 72.58 17.58 -11.05
C ASP H 301 72.83 19.03 -10.65
N PHE H 302 72.57 19.34 -9.38
CA PHE H 302 72.67 20.72 -8.94
C PHE H 302 74.02 21.04 -8.31
N GLU H 303 74.69 20.04 -7.73
CA GLU H 303 75.99 20.30 -7.11
C GLU H 303 77.00 20.77 -8.16
N ALA H 304 77.10 20.05 -9.27
CA ALA H 304 78.07 20.40 -10.30
C ALA H 304 77.73 21.75 -10.94
N GLN H 305 76.45 22.01 -11.18
CA GLN H 305 76.05 23.28 -11.76
C GLN H 305 76.36 24.44 -10.82
N LYS H 306 76.09 24.26 -9.53
CA LYS H 306 76.43 25.30 -8.55
C LYS H 306 77.93 25.54 -8.52
N SER H 307 78.74 24.47 -8.55
CA SER H 307 80.18 24.63 -8.56
C SER H 307 80.64 25.37 -9.81
N TYR H 308 80.06 25.03 -10.97
CA TYR H 308 80.43 25.69 -12.21
C TYR H 308 80.08 27.16 -12.18
N LEU H 309 78.90 27.49 -11.63
CA LEU H 309 78.51 28.90 -11.53
C LEU H 309 79.44 29.65 -10.57
N LYS H 310 79.84 29.02 -9.47
CA LYS H 310 80.82 29.65 -8.60
C LYS H 310 82.16 29.83 -9.30
N SER H 311 82.49 28.91 -10.22
CA SER H 311 83.78 28.99 -10.91
C SER H 311 83.87 30.21 -11.81
N LYS H 312 82.74 30.64 -12.38
CA LYS H 312 82.73 31.82 -13.24
C LYS H 312 82.52 33.11 -12.46
N GLY H 313 82.34 33.04 -11.14
CA GLY H 313 82.25 34.22 -10.32
C GLY H 313 80.87 34.84 -10.22
N VAL H 314 79.81 34.11 -10.55
CA VAL H 314 78.47 34.67 -10.48
C VAL H 314 78.07 34.86 -9.02
N ASP H 315 77.20 35.85 -8.78
CA ASP H 315 76.68 36.12 -7.46
C ASP H 315 75.42 35.28 -7.26
N LEU H 316 75.59 34.14 -6.59
CA LEU H 316 74.53 33.15 -6.42
C LEU H 316 74.05 33.03 -4.98
N SER H 317 74.42 33.98 -4.11
CA SER H 317 74.00 33.90 -2.72
C SER H 317 72.49 34.05 -2.59
N TYR H 318 71.88 34.90 -3.41
CA TYR H 318 70.47 35.21 -3.24
C TYR H 318 69.58 34.40 -4.17
N MET H 319 70.12 33.90 -5.28
CA MET H 319 69.28 33.14 -6.20
C MET H 319 68.83 31.83 -5.57
N THR H 320 67.53 31.56 -5.68
CA THR H 320 66.91 30.41 -5.06
C THR H 320 67.17 29.15 -5.91
N LEU H 321 67.01 27.99 -5.28
CA LEU H 321 67.29 26.69 -5.91
C LEU H 321 66.88 26.66 -7.38
N GLN H 322 65.60 26.93 -7.68
CA GLN H 322 65.14 26.81 -9.05
C GLN H 322 65.73 27.89 -9.94
N GLU H 323 66.09 29.05 -9.38
CA GLU H 323 66.87 30.01 -10.15
C GLU H 323 68.22 29.43 -10.53
N ILE H 324 68.87 28.73 -9.59
CA ILE H 324 70.18 28.15 -9.85
C ILE H 324 70.08 27.08 -10.92
N LYS H 325 69.01 26.28 -10.87
CA LYS H 325 68.80 25.29 -11.94
C LYS H 325 68.45 25.99 -13.25
N GLU H 326 67.85 27.18 -13.18
CA GLU H 326 67.40 27.89 -14.37
C GLU H 326 68.55 28.60 -15.06
N ALA H 327 69.64 28.85 -14.35
CA ALA H 327 70.70 29.70 -14.87
C ALA H 327 71.34 29.09 -16.12
N ASN H 328 71.72 29.97 -17.05
CA ASN H 328 72.36 29.51 -18.27
C ASN H 328 73.72 28.89 -17.96
N THR H 329 74.02 27.79 -18.65
CA THR H 329 75.29 27.08 -18.46
C THR H 329 76.23 27.21 -19.64
N GLY H 330 75.73 27.64 -20.80
CA GLY H 330 76.60 27.79 -21.96
C GLY H 330 77.08 26.48 -22.55
N SER H 331 76.17 25.71 -23.16
CA SER H 331 76.49 24.49 -23.89
C SER H 331 76.94 23.36 -22.98
N LYS H 332 76.93 23.59 -21.67
CA LYS H 332 77.24 22.52 -20.74
C LYS H 332 75.95 21.98 -20.11
N VAL H 333 75.87 20.65 -19.99
CA VAL H 333 74.73 19.99 -19.38
C VAL H 333 75.25 19.08 -18.26
N PHE H 334 74.65 19.23 -17.08
CA PHE H 334 75.00 18.41 -15.92
C PHE H 334 73.80 17.59 -15.50
N LEU H 335 73.97 16.28 -15.41
CA LEU H 335 72.87 15.37 -15.17
C LEU H 335 73.34 14.22 -14.30
N LYS H 336 72.49 13.80 -13.37
CA LYS H 336 72.76 12.63 -12.54
C LYS H 336 71.50 11.79 -12.42
N ALA H 337 71.67 10.49 -12.27
CA ALA H 337 70.56 9.54 -12.23
C ALA H 337 70.92 8.37 -11.35
N LYS H 338 69.90 7.63 -10.92
CA LYS H 338 70.07 6.47 -10.04
C LYS H 338 69.27 5.29 -10.56
N ILE H 339 69.83 4.10 -10.43
CA ILE H 339 69.21 2.86 -10.89
C ILE H 339 69.59 1.73 -9.95
N LYS H 340 68.89 0.62 -10.07
CA LYS H 340 69.21 -0.61 -9.36
C LYS H 340 69.23 -1.76 -10.36
N VAL H 341 70.32 -2.51 -10.38
CA VAL H 341 70.55 -3.54 -11.38
C VAL H 341 70.22 -4.90 -10.77
N LEU H 342 69.37 -5.66 -11.44
CA LEU H 342 69.01 -6.98 -10.97
C LEU H 342 70.12 -7.98 -11.27
N ASP H 343 70.03 -9.15 -10.62
CA ASP H 343 70.99 -10.23 -10.81
C ASP H 343 70.25 -11.56 -10.77
N ALA H 344 70.91 -12.61 -11.26
CA ALA H 344 70.29 -13.92 -11.28
C ALA H 344 70.37 -14.58 -9.91
N MET H 345 69.41 -15.45 -9.62
CA MET H 345 69.44 -16.21 -8.37
C MET H 345 70.71 -17.05 -8.30
N GLU H 346 71.43 -16.94 -7.19
CA GLU H 346 72.72 -17.59 -7.04
C GLU H 346 72.82 -18.47 -5.81
N ASP H 347 72.28 -18.03 -4.67
CA ASP H 347 72.39 -18.76 -3.42
C ASP H 347 71.02 -18.81 -2.76
N ILE H 348 70.49 -20.00 -2.55
CA ILE H 348 69.16 -20.19 -2.00
C ILE H 348 69.29 -20.86 -0.65
N ASP H 349 68.69 -20.23 0.38
CA ASP H 349 68.71 -20.75 1.74
C ASP H 349 67.29 -21.09 2.14
N LEU H 350 67.02 -22.39 2.27
CA LEU H 350 65.69 -22.88 2.62
C LEU H 350 65.76 -23.51 4.00
N SER H 351 64.91 -23.04 4.90
CA SER H 351 64.85 -23.55 6.27
C SER H 351 63.51 -24.25 6.48
N ILE H 352 63.54 -25.57 6.62
CA ILE H 352 62.35 -26.38 6.77
C ILE H 352 62.22 -26.77 8.23
N GLU H 353 61.04 -26.53 8.80
CA GLU H 353 60.75 -26.92 10.17
C GLU H 353 59.63 -27.94 10.14
N ILE H 354 59.80 -29.01 10.92
CA ILE H 354 58.85 -30.11 10.91
C ILE H 354 57.71 -29.83 11.87
N ALA I 2 83.16 -12.49 0.72
CA ALA I 2 83.85 -12.87 -0.50
C ALA I 2 83.01 -13.86 -1.30
N ILE I 3 83.16 -13.82 -2.62
CA ILE I 3 82.38 -14.71 -3.47
C ILE I 3 82.99 -16.10 -3.47
N GLY I 4 82.15 -17.10 -3.19
CA GLY I 4 82.56 -18.49 -3.24
C GLY I 4 81.68 -19.29 -4.18
N LEU I 5 81.84 -20.60 -4.11
CA LEU I 5 81.00 -21.48 -4.91
C LEU I 5 79.54 -21.30 -4.50
N PRO I 6 78.60 -21.39 -5.44
CA PRO I 6 77.19 -21.21 -5.08
C PRO I 6 76.74 -22.22 -4.03
N SER I 7 75.90 -21.76 -3.12
CA SER I 7 75.46 -22.58 -1.99
C SER I 7 73.95 -22.80 -2.07
N ILE I 8 73.54 -24.07 -2.08
CA ILE I 8 72.15 -24.45 -1.93
C ILE I 8 72.07 -25.36 -0.71
N ASN I 9 71.33 -24.94 0.31
CA ASN I 9 71.26 -25.70 1.55
C ASN I 9 69.80 -25.80 2.01
N ILE I 10 69.43 -27.01 2.41
CA ILE I 10 68.12 -27.30 2.99
C ILE I 10 68.34 -27.76 4.41
N SER I 11 67.67 -27.11 5.36
CA SER I 11 67.84 -27.40 6.77
C SER I 11 66.52 -27.87 7.36
N PHE I 12 66.55 -28.97 8.09
CA PHE I 12 65.39 -29.50 8.80
C PHE I 12 65.60 -29.28 10.28
N LYS I 13 64.61 -28.68 10.94
CA LYS I 13 64.69 -28.38 12.36
C LYS I 13 63.40 -28.81 13.06
N GLU I 14 63.52 -29.14 14.34
CA GLU I 14 62.37 -29.56 15.11
C GLU I 14 61.70 -28.39 15.82
N LEU I 15 60.37 -28.45 15.90
CA LEU I 15 59.62 -27.54 16.77
C LEU I 15 59.81 -28.00 18.21
N ALA I 16 60.84 -27.43 18.84
CA ALA I 16 61.17 -27.79 20.21
C ALA I 16 60.15 -27.19 21.17
N THR I 17 58.93 -27.69 21.15
CA THR I 17 57.92 -27.24 22.10
C THR I 17 58.41 -27.50 23.51
N THR I 18 58.58 -26.43 24.28
CA THR I 18 59.28 -26.50 25.55
C THR I 18 58.39 -25.98 26.66
N VAL I 19 58.30 -26.78 27.72
CA VAL I 19 57.78 -26.32 29.00
C VAL I 19 58.99 -26.22 29.94
N LYS I 20 59.08 -25.12 30.67
CA LYS I 20 60.27 -24.87 31.47
C LYS I 20 60.41 -25.92 32.56
N GLU I 21 61.66 -26.30 32.84
CA GLU I 21 61.94 -27.27 33.89
C GLU I 21 62.11 -26.56 35.21
N ARG I 22 61.34 -26.97 36.20
CA ARG I 22 61.38 -26.38 37.53
C ARG I 22 62.04 -27.34 38.51
N SER I 23 62.19 -26.87 39.75
CA SER I 23 62.88 -27.66 40.76
C SER I 23 62.16 -28.99 40.99
N ALA I 24 62.95 -30.06 41.08
CA ALA I 24 62.39 -31.37 41.38
C ALA I 24 61.79 -31.38 42.77
N ARG I 25 60.59 -31.92 42.90
CA ARG I 25 59.90 -32.01 44.17
C ARG I 25 59.40 -33.43 44.38
N GLY I 26 59.50 -33.92 45.61
CA GLY I 26 59.08 -35.25 45.95
C GLY I 26 60.19 -36.26 46.14
N ILE I 27 61.43 -35.82 46.35
CA ILE I 27 62.54 -36.73 46.54
C ILE I 27 62.93 -36.72 48.01
N ILE I 28 63.45 -37.86 48.48
CA ILE I 28 63.77 -38.07 49.88
C ILE I 28 65.24 -38.43 50.00
N ALA I 29 65.91 -37.86 51.00
CA ALA I 29 67.26 -38.25 51.36
C ALA I 29 67.20 -39.05 52.66
N MET I 30 67.63 -40.30 52.61
CA MET I 30 67.53 -41.21 53.73
C MET I 30 68.93 -41.63 54.14
N VAL I 31 69.26 -41.43 55.41
CA VAL I 31 70.60 -41.71 55.90
C VAL I 31 70.53 -42.83 56.93
N LEU I 32 71.50 -43.75 56.85
CA LEU I 32 71.50 -44.95 57.67
C LEU I 32 72.95 -45.41 57.85
N LYS I 33 73.16 -46.25 58.86
CA LYS I 33 74.49 -46.78 59.18
C LYS I 33 74.53 -48.28 58.93
N ASP I 34 75.65 -48.74 58.37
CA ASP I 34 75.84 -50.15 58.05
C ASP I 34 77.32 -50.42 57.82
N ALA I 35 77.62 -51.67 57.46
CA ALA I 35 78.95 -52.08 57.05
C ALA I 35 78.99 -52.60 55.62
N LYS I 36 77.86 -52.58 54.91
CA LYS I 36 77.78 -53.08 53.54
C LYS I 36 77.29 -51.97 52.63
N ALA I 37 77.89 -51.89 51.44
CA ALA I 37 77.51 -50.93 50.40
C ALA I 37 77.50 -49.51 50.95
N LEU I 38 78.59 -49.13 51.60
CA LEU I 38 78.70 -47.80 52.18
C LEU I 38 78.62 -46.73 51.10
N GLY I 39 77.98 -45.63 51.43
CA GLY I 39 77.74 -44.57 50.46
C GLY I 39 76.31 -44.56 49.96
N LEU I 40 76.07 -43.69 48.99
CA LEU I 40 74.74 -43.58 48.40
C LEU I 40 74.43 -44.81 47.55
N ASN I 41 73.13 -45.09 47.40
CA ASN I 41 72.69 -46.23 46.63
C ASN I 41 71.69 -45.88 45.54
N GLU I 42 71.06 -44.71 45.60
CA GLU I 42 70.24 -44.18 44.51
C GLU I 42 69.09 -45.16 44.19
N ILE I 43 68.19 -45.30 45.14
CA ILE I 43 67.04 -46.23 45.00
C ILE I 43 65.93 -45.43 44.32
N HIS I 44 66.00 -45.39 42.99
CA HIS I 44 64.94 -44.70 42.24
C HIS I 44 63.71 -45.58 42.11
N GLU I 45 63.89 -46.89 42.18
CA GLU I 45 62.82 -47.83 41.92
C GLU I 45 62.48 -48.62 43.18
N LYS I 46 61.18 -48.84 43.40
CA LYS I 46 60.73 -49.63 44.52
C LYS I 46 61.30 -51.04 44.49
N GLU I 47 61.41 -51.63 43.30
CA GLU I 47 61.78 -53.04 43.19
C GLU I 47 63.26 -53.26 43.46
N ASP I 48 64.13 -52.39 42.94
CA ASP I 48 65.56 -52.63 42.95
C ASP I 48 66.17 -52.28 44.29
N ILE I 49 66.40 -53.29 45.12
CA ILE I 49 66.99 -53.11 46.45
C ILE I 49 68.31 -53.89 46.51
N PRO I 50 69.39 -53.30 47.02
CA PRO I 50 70.63 -54.05 47.19
C PRO I 50 70.48 -55.18 48.20
N VAL I 51 71.27 -56.24 47.99
CA VAL I 51 71.07 -57.45 48.77
C VAL I 51 71.99 -57.51 49.99
N ASP I 52 73.16 -56.89 49.92
CA ASP I 52 74.12 -57.03 51.01
C ASP I 52 73.67 -56.32 52.30
N LEU I 53 72.79 -55.34 52.19
CA LEU I 53 72.35 -54.62 53.38
C LEU I 53 71.43 -55.50 54.23
N SER I 54 71.25 -55.08 55.48
CA SER I 54 70.54 -55.89 56.46
C SER I 54 69.05 -55.99 56.14
N ALA I 55 68.40 -57.00 56.71
CA ALA I 55 66.98 -57.23 56.44
C ALA I 55 66.10 -56.14 57.03
N GLU I 56 66.34 -55.77 58.30
CA GLU I 56 65.54 -54.71 58.90
C GLU I 56 65.76 -53.38 58.20
N ASN I 57 66.96 -53.18 57.64
CA ASN I 57 67.19 -52.01 56.82
C ASN I 57 66.34 -52.05 55.56
N LYS I 58 66.25 -53.22 54.91
CA LYS I 58 65.28 -53.40 53.84
C LYS I 58 63.88 -53.04 54.33
N GLU I 59 63.61 -53.35 55.60
CA GLU I 59 62.32 -53.08 56.22
C GLU I 59 61.99 -51.59 56.32
N TYR I 60 62.96 -50.77 56.72
CA TYR I 60 62.75 -49.32 56.76
C TYR I 60 62.67 -48.74 55.34
N ILE I 61 63.47 -49.26 54.41
CA ILE I 61 63.32 -48.80 53.04
C ILE I 61 61.91 -49.09 52.52
N ASN I 62 61.41 -50.29 52.82
CA ASN I 62 60.05 -50.64 52.40
C ASN I 62 59.02 -49.69 52.97
N LEU I 63 59.16 -49.33 54.26
CA LEU I 63 58.24 -48.36 54.84
C LEU I 63 58.33 -47.03 54.11
N ALA I 64 59.54 -46.59 53.78
CA ALA I 64 59.69 -45.33 53.07
C ALA I 64 59.16 -45.39 51.63
N LEU I 65 59.06 -46.59 51.06
CA LEU I 65 58.69 -46.73 49.65
C LEU I 65 57.23 -46.37 49.40
N MET I 66 56.33 -46.80 50.28
CA MET I 66 54.90 -46.58 50.04
C MET I 66 54.53 -45.12 50.28
N GLY I 67 54.02 -44.47 49.24
CA GLY I 67 53.62 -43.07 49.32
C GLY I 67 52.17 -42.91 49.72
N ASN I 68 51.77 -41.65 49.94
CA ASN I 68 50.40 -41.38 50.37
C ASN I 68 49.44 -41.54 49.18
N VAL I 69 49.57 -40.68 48.18
CA VAL I 69 48.72 -40.72 47.00
C VAL I 69 49.39 -41.48 45.87
N ASN I 70 50.67 -41.19 45.62
CA ASN I 70 51.44 -41.93 44.63
C ASN I 70 52.83 -42.19 45.19
N THR I 71 53.61 -42.95 44.43
CA THR I 71 54.95 -43.29 44.86
C THR I 71 55.81 -42.02 44.94
N PRO I 72 56.75 -41.94 45.88
CA PRO I 72 57.68 -40.80 45.89
C PRO I 72 58.45 -40.71 44.59
N ASN I 73 58.75 -39.48 44.18
CA ASN I 73 59.37 -39.26 42.88
C ASN I 73 60.73 -39.95 42.79
N LYS I 74 61.54 -39.85 43.84
CA LYS I 74 62.85 -40.48 43.85
C LYS I 74 63.31 -40.60 45.30
N LEU I 75 64.24 -41.52 45.55
CA LEU I 75 64.72 -41.77 46.90
C LEU I 75 66.25 -41.85 46.89
N LEU I 76 66.87 -41.12 47.81
CA LEU I 76 68.32 -41.19 48.03
C LEU I 76 68.58 -41.82 49.40
N VAL I 77 69.33 -42.90 49.41
CA VAL I 77 69.71 -43.57 50.65
C VAL I 77 71.23 -43.53 50.77
N TYR I 78 71.72 -42.98 51.87
CA TYR I 78 73.14 -42.91 52.15
C TYR I 78 73.50 -43.87 53.27
N VAL I 79 74.41 -44.79 52.99
CA VAL I 79 74.92 -45.72 53.98
C VAL I 79 76.21 -45.13 54.56
N ILE I 80 76.26 -45.03 55.89
CA ILE I 80 77.39 -44.44 56.57
C ILE I 80 78.03 -45.49 57.47
N GLU I 81 79.30 -45.29 57.77
CA GLU I 81 80.00 -46.17 58.69
C GLU I 81 79.59 -45.85 60.12
N GLY I 82 79.50 -46.90 60.94
CA GLY I 82 79.16 -46.70 62.34
C GLY I 82 80.19 -45.81 63.03
N GLU I 83 79.70 -44.91 63.87
CA GLU I 83 80.49 -43.98 64.68
C GLU I 83 81.26 -42.98 63.83
N ALA I 84 80.95 -42.87 62.54
CA ALA I 84 81.59 -41.86 61.70
C ALA I 84 80.99 -40.47 61.88
N ASP I 85 80.14 -40.29 62.89
CA ASP I 85 79.48 -39.02 63.19
C ASP I 85 78.56 -38.60 62.04
N ILE I 86 78.04 -37.39 62.10
CA ILE I 86 77.03 -36.95 61.15
C ILE I 86 77.63 -36.13 60.02
N GLN I 87 78.67 -35.33 60.33
CA GLN I 87 79.20 -34.38 59.35
C GLN I 87 79.74 -35.08 58.12
N THR I 88 80.29 -36.28 58.27
CA THR I 88 80.86 -37.00 57.13
C THR I 88 79.81 -37.24 56.05
N ALA I 89 78.61 -37.66 56.47
CA ALA I 89 77.52 -37.78 55.51
C ALA I 89 76.93 -36.42 55.15
N LEU I 90 76.90 -35.49 56.11
CA LEU I 90 76.25 -34.21 55.89
C LEU I 90 76.91 -33.44 54.74
N ASP I 91 78.23 -33.56 54.62
CA ASP I 91 78.91 -32.95 53.48
C ASP I 91 78.42 -33.57 52.17
N PHE I 92 78.26 -34.89 52.14
CA PHE I 92 77.76 -35.55 50.94
C PHE I 92 76.37 -35.03 50.58
N LEU I 93 75.49 -34.92 51.58
CA LEU I 93 74.13 -34.45 51.30
C LEU I 93 74.12 -32.99 50.84
N GLU I 94 74.89 -32.11 51.49
CA GLU I 94 74.88 -30.72 51.04
C GLU I 94 75.52 -30.58 49.68
N THR I 95 76.34 -31.54 49.27
CA THR I 95 76.84 -31.55 47.90
C THR I 95 75.69 -31.70 46.91
N LYS I 96 74.75 -32.59 47.20
CA LYS I 96 73.60 -32.85 46.33
C LYS I 96 72.39 -32.03 46.77
N GLU I 97 71.29 -32.22 46.05
CA GLU I 97 70.06 -31.49 46.33
C GLU I 97 68.92 -32.45 46.64
N PHE I 98 68.12 -32.10 47.64
CA PHE I 98 67.07 -32.98 48.13
C PHE I 98 65.98 -32.14 48.79
N ASN I 99 64.98 -32.82 49.34
CA ASN I 99 63.84 -32.18 50.00
C ASN I 99 63.72 -32.57 51.47
N TYR I 100 63.70 -33.85 51.78
CA TYR I 100 63.43 -34.32 53.14
C TYR I 100 64.54 -35.25 53.60
N LEU I 101 64.79 -35.28 54.90
CA LEU I 101 65.84 -36.08 55.51
C LEU I 101 65.29 -36.86 56.70
N CYS I 102 65.75 -38.09 56.86
CA CYS I 102 65.27 -38.92 57.96
C CYS I 102 66.33 -39.96 58.32
N MET I 103 66.34 -40.36 59.59
CA MET I 103 67.21 -41.38 60.13
C MET I 103 66.50 -42.15 61.23
N PRO I 104 66.28 -43.45 61.06
CA PRO I 104 65.62 -44.23 62.12
C PRO I 104 66.47 -44.40 63.38
N LYS I 105 67.71 -44.85 63.22
CA LYS I 105 68.58 -45.15 64.34
C LYS I 105 69.51 -43.97 64.61
N ALA I 106 69.22 -43.22 65.68
CA ALA I 106 70.03 -42.07 66.03
C ALA I 106 69.84 -41.75 67.50
N VAL I 107 70.92 -41.29 68.12
CA VAL I 107 70.89 -40.84 69.50
C VAL I 107 70.54 -39.36 69.53
N GLU I 108 70.18 -38.87 70.72
CA GLU I 108 69.75 -37.48 70.84
C GLU I 108 70.83 -36.51 70.38
N ALA I 109 72.11 -36.89 70.53
CA ALA I 109 73.18 -36.04 70.03
C ALA I 109 73.12 -35.91 68.52
N ASP I 110 72.82 -37.02 67.82
CA ASP I 110 72.66 -36.96 66.38
C ASP I 110 71.51 -36.04 66.00
N LYS I 111 70.39 -36.14 66.73
CA LYS I 111 69.26 -35.27 66.44
C LYS I 111 69.63 -33.81 66.63
N THR I 112 70.36 -33.49 67.70
CA THR I 112 70.79 -32.12 67.92
C THR I 112 71.69 -31.63 66.80
N ALA I 113 72.63 -32.48 66.37
CA ALA I 113 73.50 -32.09 65.26
C ALA I 113 72.71 -31.83 64.00
N ILE I 114 71.74 -32.70 63.70
CA ILE I 114 70.94 -32.53 62.48
C ILE I 114 70.11 -31.24 62.57
N LYS I 115 69.52 -30.97 63.73
CA LYS I 115 68.68 -29.78 63.86
C LYS I 115 69.53 -28.51 63.71
N ASN I 116 70.72 -28.49 64.31
CA ASN I 116 71.60 -27.34 64.15
C ASN I 116 72.01 -27.15 62.69
N TRP I 117 72.37 -28.26 62.04
CA TRP I 117 72.74 -28.20 60.62
C TRP I 117 71.59 -27.64 59.78
N ILE I 118 70.37 -28.10 60.06
CA ILE I 118 69.22 -27.66 59.28
C ILE I 118 68.94 -26.18 59.49
N ILE I 119 68.95 -25.72 60.75
CA ILE I 119 68.62 -24.32 60.98
C ILE I 119 69.68 -23.41 60.39
N LYS I 120 70.95 -23.82 60.43
CA LYS I 120 71.99 -22.98 59.84
C LYS I 120 71.92 -23.02 58.31
N LEU I 121 71.63 -24.18 57.73
CA LEU I 121 71.64 -24.30 56.27
C LEU I 121 70.44 -23.60 55.65
N ARG I 122 69.33 -23.51 56.39
CA ARG I 122 68.17 -22.81 55.86
C ARG I 122 68.34 -21.29 55.93
N ASP I 123 69.34 -20.81 56.65
CA ASP I 123 69.46 -19.36 56.83
C ASP I 123 70.70 -18.80 56.15
N ILE I 124 71.90 -19.29 56.51
CA ILE I 124 73.10 -18.74 55.89
C ILE I 124 73.22 -19.17 54.44
N ASP I 125 72.90 -20.43 54.14
CA ASP I 125 73.08 -20.95 52.80
C ASP I 125 71.87 -20.73 51.90
N LYS I 126 70.76 -20.23 52.43
CA LYS I 126 69.58 -19.90 51.62
C LYS I 126 69.09 -21.11 50.84
N VAL I 127 69.13 -22.28 51.47
CA VAL I 127 68.65 -23.52 50.87
C VAL I 127 67.51 -24.05 51.73
N LYS I 128 66.38 -24.35 51.09
CA LYS I 128 65.15 -24.70 51.79
C LYS I 128 65.00 -26.23 51.79
N VAL I 129 65.30 -26.85 52.92
CA VAL I 129 65.12 -28.28 53.12
C VAL I 129 64.50 -28.49 54.50
N LYS I 130 64.02 -29.72 54.72
CA LYS I 130 63.36 -30.08 55.97
C LYS I 130 63.70 -31.51 56.35
N ALA I 131 63.46 -31.84 57.61
CA ALA I 131 63.70 -33.19 58.11
C ALA I 131 62.73 -33.47 59.25
N VAL I 132 62.50 -34.76 59.50
CA VAL I 132 61.61 -35.22 60.56
C VAL I 132 62.43 -35.97 61.61
N LEU I 133 62.16 -35.69 62.88
CA LEU I 133 62.94 -36.23 63.99
C LEU I 133 62.01 -36.81 65.04
N GLY I 134 62.51 -37.83 65.75
CA GLY I 134 61.67 -38.59 66.66
C GLY I 134 61.15 -37.78 67.84
N LYS I 135 62.04 -37.03 68.49
CA LYS I 135 61.64 -36.23 69.65
C LYS I 135 62.57 -35.03 69.74
N VAL I 136 62.10 -33.88 69.25
CA VAL I 136 62.85 -32.63 69.32
C VAL I 136 61.87 -31.51 69.67
N VAL I 137 62.42 -30.43 70.21
CA VAL I 137 61.61 -29.31 70.67
C VAL I 137 62.04 -28.06 69.91
N GLY I 138 62.72 -28.26 68.79
CA GLY I 138 63.14 -27.13 67.99
C GLY I 138 61.95 -26.32 67.51
N ASN I 139 62.13 -25.01 67.43
CA ASN I 139 61.06 -24.07 67.10
C ASN I 139 61.19 -23.51 65.70
N HIS I 140 61.66 -24.32 64.76
CA HIS I 140 61.86 -23.89 63.38
C HIS I 140 60.96 -24.69 62.45
N GLU I 141 60.53 -24.04 61.37
CA GLU I 141 59.66 -24.72 60.42
C GLU I 141 60.39 -25.85 59.69
N GLY I 142 61.70 -25.87 59.76
CA GLY I 142 62.47 -26.87 59.04
C GLY I 142 62.44 -28.25 59.61
N ILE I 143 61.85 -28.44 60.80
CA ILE I 143 61.82 -29.73 61.46
C ILE I 143 60.37 -30.08 61.77
N ILE I 144 60.01 -31.34 61.57
CA ILE I 144 58.68 -31.87 61.88
C ILE I 144 58.81 -32.77 63.10
N ASN I 145 58.07 -32.46 64.15
CA ASN I 145 58.17 -33.21 65.42
C ASN I 145 57.01 -34.19 65.51
N PHE I 146 57.28 -35.44 65.14
CA PHE I 146 56.32 -36.51 65.27
C PHE I 146 56.67 -37.37 66.48
N THR I 147 55.68 -37.58 67.36
CA THR I 147 55.94 -38.33 68.60
C THR I 147 54.74 -39.22 68.89
N THR I 148 54.88 -40.51 68.61
CA THR I 148 53.88 -41.51 68.98
C THR I 148 54.61 -42.80 69.32
N GLU I 149 54.32 -43.36 70.48
CA GLU I 149 55.07 -44.51 71.00
C GLU I 149 54.28 -45.79 70.83
N ASP I 150 55.01 -46.91 70.78
CA ASP I 150 54.43 -48.25 70.78
C ASP I 150 53.48 -48.46 69.60
N VAL I 151 54.02 -48.28 68.40
CA VAL I 151 53.23 -48.45 67.19
C VAL I 151 53.29 -49.92 66.76
N LEU I 152 52.13 -50.49 66.45
CA LEU I 152 52.03 -51.88 66.01
C LEU I 152 51.66 -51.89 64.53
N VAL I 153 52.61 -52.27 63.69
CA VAL I 153 52.39 -52.46 62.26
C VAL I 153 52.91 -53.84 61.87
N GLY I 154 52.02 -54.68 61.35
CA GLY I 154 52.42 -56.01 60.93
C GLY I 154 52.99 -56.85 62.05
N GLU I 155 52.28 -56.88 63.19
CA GLU I 155 52.62 -57.67 64.37
C GLU I 155 54.01 -57.35 64.93
N LYS I 156 54.58 -56.21 64.53
CA LYS I 156 55.87 -55.78 65.06
C LYS I 156 55.72 -54.39 65.67
N LYS I 157 56.35 -54.21 66.82
CA LYS I 157 56.41 -52.90 67.46
C LYS I 157 57.36 -51.99 66.72
N TYR I 158 57.14 -50.68 66.86
CA TYR I 158 57.97 -49.67 66.22
C TYR I 158 58.26 -48.54 67.19
N SER I 159 59.50 -48.08 67.18
CA SER I 159 59.82 -46.83 67.84
C SER I 159 59.43 -45.65 66.95
N VAL I 160 59.21 -44.50 67.57
CA VAL I 160 58.86 -43.30 66.81
C VAL I 160 60.00 -42.93 65.87
N ASP I 161 61.24 -43.03 66.35
CA ASP I 161 62.39 -42.79 65.48
C ASP I 161 62.38 -43.76 64.30
N GLU I 162 61.92 -44.99 64.52
CA GLU I 162 61.79 -45.93 63.41
C GLU I 162 60.65 -45.53 62.48
N PHE I 163 59.55 -45.03 63.06
CA PHE I 163 58.41 -44.58 62.26
C PHE I 163 58.71 -43.31 61.46
N THR I 164 59.82 -42.65 61.77
CA THR I 164 60.17 -41.42 61.05
C THR I 164 60.27 -41.65 59.55
N SER I 165 60.83 -42.78 59.14
CA SER I 165 60.95 -43.07 57.71
C SER I 165 59.58 -43.13 57.05
N ARG I 166 58.64 -43.85 57.66
CA ARG I 166 57.32 -43.99 57.05
C ARG I 166 56.58 -42.66 57.02
N VAL I 167 56.67 -41.87 58.09
CA VAL I 167 55.93 -40.60 58.09
C VAL I 167 56.55 -39.65 57.08
N ALA I 168 57.88 -39.67 56.94
CA ALA I 168 58.53 -38.84 55.94
C ALA I 168 58.11 -39.23 54.53
N GLY I 169 58.05 -40.54 54.26
CA GLY I 169 57.53 -40.98 52.97
C GLY I 169 56.08 -40.58 52.78
N LEU I 170 55.31 -40.58 53.86
CA LEU I 170 53.91 -40.15 53.80
C LEU I 170 53.82 -38.70 53.34
N ILE I 171 54.62 -37.82 53.93
CA ILE I 171 54.58 -36.41 53.53
C ILE I 171 55.13 -36.23 52.12
N ALA I 172 56.14 -37.01 51.75
CA ALA I 172 56.74 -36.86 50.43
C ALA I 172 55.79 -37.31 49.33
N GLY I 173 54.98 -38.33 49.58
CA GLY I 173 54.13 -38.87 48.53
C GLY I 173 53.04 -37.91 48.08
N THR I 174 52.48 -37.14 49.02
CA THR I 174 51.30 -36.34 48.70
C THR I 174 51.65 -35.23 47.71
N PRO I 175 50.69 -34.86 46.85
CA PRO I 175 50.92 -33.73 45.93
C PRO I 175 50.92 -32.40 46.66
N LEU I 176 51.02 -31.31 45.90
CA LEU I 176 51.04 -29.99 46.52
C LEU I 176 49.65 -29.43 46.74
N SER I 177 48.69 -29.79 45.90
CA SER I 177 47.34 -29.23 46.02
C SER I 177 46.67 -29.72 47.30
N GLN I 178 46.93 -30.95 47.69
CA GLN I 178 46.28 -31.54 48.85
C GLN I 178 47.12 -31.37 50.10
N SER I 179 46.52 -31.65 51.24
CA SER I 179 47.19 -31.57 52.53
C SER I 179 47.29 -32.96 53.16
N VAL I 180 48.09 -33.03 54.22
CA VAL I 180 48.29 -34.30 54.92
C VAL I 180 47.19 -34.60 55.93
N THR I 181 46.45 -33.58 56.36
CA THR I 181 45.48 -33.73 57.42
C THR I 181 44.43 -34.79 57.07
N TYR I 182 44.11 -35.65 58.04
CA TYR I 182 43.02 -36.60 57.94
C TYR I 182 43.25 -37.59 56.80
N THR I 183 44.37 -38.30 56.88
CA THR I 183 44.78 -39.24 55.85
C THR I 183 44.87 -40.64 56.44
N LYS I 184 44.36 -41.62 55.70
CA LYS I 184 44.24 -42.98 56.19
C LYS I 184 45.60 -43.64 56.27
N LEU I 185 45.75 -44.55 57.24
CA LEU I 185 46.92 -45.42 57.33
C LEU I 185 46.44 -46.85 57.55
N SER I 186 46.23 -47.59 56.46
CA SER I 186 45.80 -48.97 56.56
C SER I 186 46.87 -49.89 57.12
N ASP I 187 48.13 -49.45 57.14
CA ASP I 187 49.19 -50.31 57.64
C ASP I 187 49.09 -50.51 59.15
N VAL I 188 48.87 -49.43 59.89
CA VAL I 188 48.88 -49.51 61.34
C VAL I 188 47.59 -50.18 61.83
N VAL I 189 47.67 -50.82 62.99
CA VAL I 189 46.52 -51.56 63.51
C VAL I 189 46.19 -51.15 64.93
N ASP I 190 47.16 -50.59 65.65
CA ASP I 190 46.93 -50.29 67.06
C ASP I 190 47.71 -49.07 67.49
N ILE I 191 47.04 -48.20 68.26
CA ILE I 191 47.68 -47.04 68.88
C ILE I 191 47.31 -47.02 70.36
N PRO I 192 48.27 -46.66 71.22
CA PRO I 192 47.97 -46.55 72.64
C PRO I 192 46.81 -45.61 72.91
N LYS I 193 45.95 -46.01 73.82
CA LYS I 193 44.74 -45.24 74.12
C LYS I 193 45.15 -43.89 74.68
N MET I 194 44.61 -42.83 74.06
CA MET I 194 44.99 -41.48 74.43
C MET I 194 43.80 -40.56 74.16
N THR I 195 43.51 -39.69 75.14
CA THR I 195 42.26 -38.93 75.12
C THR I 195 42.33 -37.76 74.16
N LYS I 196 41.15 -37.18 73.91
CA LYS I 196 41.05 -36.10 72.92
C LYS I 196 41.64 -34.80 73.45
N VAL I 197 41.42 -34.48 74.72
CA VAL I 197 41.92 -33.22 75.26
C VAL I 197 43.44 -33.23 75.30
N ASP I 198 44.04 -34.38 75.60
CA ASP I 198 45.50 -34.49 75.54
C ASP I 198 45.99 -34.30 74.12
N ALA I 199 45.26 -34.82 73.13
CA ALA I 199 45.63 -34.62 71.74
C ALA I 199 45.58 -33.14 71.37
N GLU I 200 44.54 -32.44 71.82
CA GLU I 200 44.45 -31.02 71.55
C GLU I 200 45.62 -30.27 72.18
N SER I 201 45.96 -30.62 73.42
CA SER I 201 47.08 -29.98 74.09
C SER I 201 48.39 -30.24 73.34
N ARG I 202 48.60 -31.48 72.91
CA ARG I 202 49.83 -31.82 72.19
C ARG I 202 49.89 -31.10 70.84
N VAL I 203 48.76 -30.99 70.15
CA VAL I 203 48.74 -30.31 68.87
C VAL I 203 49.07 -28.83 69.06
N ASN I 204 48.54 -28.22 70.12
CA ASN I 204 48.86 -26.81 70.37
C ASN I 204 50.33 -26.61 70.69
N LYS I 205 51.04 -27.67 71.09
CA LYS I 205 52.47 -27.59 71.32
C LYS I 205 53.28 -27.56 70.03
N GLY I 206 52.64 -27.77 68.87
CA GLY I 206 53.34 -27.96 67.63
C GLY I 206 53.71 -29.40 67.34
N GLU I 207 53.51 -30.28 68.31
CA GLU I 207 53.79 -31.70 68.13
C GLU I 207 52.79 -32.31 67.14
N LEU I 208 53.28 -33.18 66.27
CA LEU I 208 52.44 -33.85 65.28
C LEU I 208 52.07 -35.24 65.81
N ILE I 209 50.76 -35.50 65.95
CA ILE I 209 50.28 -36.65 66.68
C ILE I 209 49.42 -37.52 65.76
N LEU I 210 49.28 -38.79 66.15
CA LEU I 210 48.45 -39.76 65.44
C LEU I 210 47.19 -40.03 66.27
N ILE I 211 46.03 -39.97 65.63
CA ILE I 211 44.76 -40.02 66.33
C ILE I 211 43.91 -41.12 65.71
N LYS I 212 43.15 -41.81 66.57
CA LYS I 212 42.16 -42.79 66.14
C LYS I 212 40.80 -42.10 66.13
N GLU I 213 40.17 -42.04 64.96
CA GLU I 213 38.86 -41.42 64.80
C GLU I 213 38.19 -41.99 63.57
N ALA I 214 36.86 -41.99 63.59
CA ALA I 214 36.05 -42.52 62.49
C ALA I 214 36.48 -43.96 62.22
N GLY I 215 36.58 -44.33 60.95
CA GLY I 215 36.86 -45.71 60.61
C GLY I 215 38.24 -46.21 60.99
N ALA I 216 39.29 -45.43 60.72
CA ALA I 216 40.65 -45.92 60.85
C ALA I 216 41.54 -44.88 61.50
N ILE I 217 42.84 -45.16 61.51
CA ILE I 217 43.83 -44.26 62.09
C ILE I 217 44.17 -43.18 61.07
N ARG I 218 44.38 -41.96 61.54
CA ARG I 218 44.57 -40.81 60.66
C ARG I 218 45.49 -39.80 61.30
N ILE I 219 46.12 -38.99 60.45
CA ILE I 219 46.95 -37.88 60.92
C ILE I 219 46.05 -36.70 61.31
N ALA I 220 46.45 -35.99 62.37
CA ALA I 220 45.67 -34.88 62.90
C ALA I 220 46.38 -33.57 62.61
N ARG I 221 46.08 -32.96 61.47
CA ARG I 221 46.43 -31.57 61.19
C ARG I 221 47.94 -31.34 61.28
N GLY I 222 48.64 -31.90 60.30
CA GLY I 222 50.08 -31.77 60.23
C GLY I 222 50.57 -30.33 60.25
N VAL I 223 51.42 -30.00 61.22
CA VAL I 223 51.95 -28.65 61.38
C VAL I 223 53.43 -28.76 61.73
N ASN I 224 54.15 -27.65 61.50
CA ASN I 224 55.56 -27.61 61.83
C ASN I 224 55.76 -27.59 63.35
N SER I 225 57.04 -27.49 63.74
CA SER I 225 57.38 -27.57 65.15
C SER I 225 57.49 -26.22 65.82
N LEU I 226 57.40 -25.12 65.08
CA LEU I 226 57.51 -23.81 65.70
C LEU I 226 56.28 -23.51 66.53
N THR I 227 56.48 -22.84 67.66
CA THR I 227 55.39 -22.54 68.58
C THR I 227 55.21 -21.06 68.85
N GLU I 228 56.30 -20.31 69.04
CA GLU I 228 56.18 -18.87 69.29
C GLU I 228 55.97 -18.14 67.98
N LEU I 229 55.15 -17.11 68.00
CA LEU I 229 54.80 -16.34 66.81
C LEU I 229 55.45 -14.96 66.91
N THR I 230 56.26 -14.61 65.92
CA THR I 230 56.95 -13.33 65.92
C THR I 230 56.16 -12.31 65.09
N ALA I 231 56.73 -11.11 64.97
CA ALA I 231 56.06 -10.07 64.20
C ALA I 231 56.24 -10.28 62.70
N GLU I 232 57.08 -11.25 62.32
CA GLU I 232 57.28 -11.51 60.90
C GLU I 232 56.88 -12.94 60.53
N LYS I 233 57.02 -13.87 61.47
CA LYS I 233 56.56 -15.25 61.27
C LYS I 233 55.12 -15.33 61.73
N GLY I 234 54.18 -15.43 60.78
CA GLY I 234 52.78 -15.38 61.10
C GLY I 234 52.17 -16.75 61.36
N GLU I 235 50.85 -16.74 61.59
CA GLU I 235 50.14 -17.98 61.85
C GLU I 235 50.19 -18.90 60.64
N MET I 236 50.06 -18.35 59.44
CA MET I 236 50.08 -19.16 58.23
C MET I 236 51.39 -19.91 58.06
N PHE I 237 52.47 -19.44 58.70
CA PHE I 237 53.75 -20.14 58.62
C PHE I 237 53.73 -21.46 59.36
N GLN I 238 52.69 -21.72 60.17
CA GLN I 238 52.62 -22.94 60.95
C GLN I 238 52.02 -24.11 60.20
N LYS I 239 51.56 -23.90 58.96
CA LYS I 239 50.98 -24.98 58.17
C LYS I 239 52.03 -25.57 57.23
N ILE I 240 52.06 -26.90 57.16
CA ILE I 240 53.07 -27.57 56.35
C ILE I 240 52.91 -27.23 54.87
N LYS I 241 51.67 -27.25 54.38
CA LYS I 241 51.42 -26.96 52.97
C LYS I 241 51.88 -25.56 52.60
N ILE I 242 51.64 -24.59 53.48
CA ILE I 242 52.02 -23.21 53.19
C ILE I 242 53.53 -23.08 53.08
N VAL I 243 54.27 -23.65 54.04
CA VAL I 243 55.71 -23.52 53.99
C VAL I 243 56.29 -24.30 52.81
N ASP I 244 55.65 -25.40 52.43
CA ASP I 244 56.14 -26.18 51.29
C ASP I 244 55.97 -25.40 49.99
N THR I 245 54.80 -24.79 49.79
CA THR I 245 54.62 -24.01 48.57
C THR I 245 55.51 -22.78 48.57
N LEU I 246 55.76 -22.18 49.73
CA LEU I 246 56.72 -21.09 49.80
C LEU I 246 58.11 -21.55 49.38
N ASP I 247 58.51 -22.74 49.84
CA ASP I 247 59.84 -23.25 49.51
C ASP I 247 59.97 -23.51 48.01
N ILE I 248 58.96 -24.10 47.39
CA ILE I 248 59.08 -24.37 45.95
C ILE I 248 59.08 -23.06 45.17
N ILE I 249 58.28 -22.07 45.60
CA ILE I 249 58.32 -20.77 44.96
C ILE I 249 59.73 -20.19 45.04
N HIS I 250 60.32 -20.22 46.23
CA HIS I 250 61.65 -19.66 46.42
C HIS I 250 62.67 -20.35 45.52
N SER I 251 62.68 -21.67 45.51
CA SER I 251 63.69 -22.40 44.76
C SER I 251 63.56 -22.15 43.26
N ASP I 252 62.32 -22.20 42.74
CA ASP I 252 62.13 -21.97 41.33
C ASP I 252 62.55 -20.56 40.93
N ILE I 253 62.18 -19.57 41.73
CA ILE I 253 62.51 -18.19 41.40
C ILE I 253 64.02 -18.00 41.42
N ARG I 254 64.68 -18.57 42.44
CA ARG I 254 66.13 -18.51 42.52
C ARG I 254 66.79 -19.11 41.29
N LYS I 255 66.34 -20.30 40.88
CA LYS I 255 66.97 -20.98 39.75
C LYS I 255 66.79 -20.17 38.47
N VAL I 256 65.59 -19.64 38.24
CA VAL I 256 65.38 -18.82 37.05
C VAL I 256 66.31 -17.61 37.08
N ILE I 257 66.38 -16.94 38.22
CA ILE I 257 67.16 -15.70 38.32
C ILE I 257 68.62 -15.97 38.03
N ILE I 258 69.18 -17.02 38.65
CA ILE I 258 70.61 -17.25 38.47
C ILE I 258 70.90 -17.73 37.05
N ASP I 259 70.06 -18.62 36.50
CA ASP I 259 70.36 -19.20 35.21
C ASP I 259 70.20 -18.20 34.07
N ASP I 260 69.32 -17.22 34.22
CA ASP I 260 68.98 -16.36 33.08
C ASP I 260 69.58 -14.97 33.18
N TYR I 261 69.31 -14.24 34.26
CA TYR I 261 69.53 -12.79 34.30
C TYR I 261 70.76 -12.37 35.09
N ILE I 262 71.60 -13.31 35.51
CA ILE I 262 72.77 -12.99 36.32
C ILE I 262 73.96 -12.82 35.39
N GLY I 263 74.54 -11.62 35.39
CA GLY I 263 75.72 -11.35 34.59
C GLY I 263 75.51 -11.41 33.09
N LYS I 264 74.27 -11.33 32.61
CA LYS I 264 73.99 -11.42 31.19
C LYS I 264 73.10 -10.33 30.65
N VAL I 265 72.49 -9.52 31.52
CA VAL I 265 71.60 -8.44 31.09
C VAL I 265 72.03 -7.16 31.79
N THR I 266 72.07 -6.07 31.04
CA THR I 266 72.47 -4.80 31.59
C THR I 266 71.38 -4.23 32.49
N ASN I 267 71.79 -3.70 33.64
CA ASN I 267 70.85 -3.16 34.61
C ASN I 267 70.34 -1.83 34.06
N SER I 268 69.11 -1.84 33.56
CA SER I 268 68.48 -0.64 33.04
C SER I 268 66.98 -0.77 33.26
N TYR I 269 66.26 0.34 33.05
CA TYR I 269 64.83 0.36 33.35
C TYR I 269 64.08 -0.67 32.51
N ASP I 270 64.40 -0.74 31.21
CA ASP I 270 63.70 -1.67 30.34
C ASP I 270 64.00 -3.12 30.72
N ASN I 271 65.25 -3.41 31.06
CA ASN I 271 65.58 -4.76 31.52
C ASN I 271 64.84 -5.10 32.81
N LYS I 272 64.69 -4.11 33.69
CA LYS I 272 63.91 -4.32 34.90
C LYS I 272 62.45 -4.63 34.57
N CYS I 273 61.90 -3.91 33.58
CA CYS I 273 60.52 -4.17 33.18
C CYS I 273 60.35 -5.57 32.61
N LEU I 274 61.30 -6.02 31.79
CA LEU I 274 61.24 -7.39 31.29
C LEU I 274 61.37 -8.41 32.42
N LEU I 275 62.24 -8.14 33.40
CA LEU I 275 62.33 -9.03 34.55
C LEU I 275 61.01 -9.12 35.29
N ILE I 276 60.36 -7.98 35.50
CA ILE I 276 59.07 -7.96 36.18
C ILE I 276 58.04 -8.76 35.39
N VAL I 277 58.03 -8.60 34.07
CA VAL I 277 57.08 -9.32 33.24
C VAL I 277 57.30 -10.82 33.34
N ALA I 278 58.56 -11.26 33.29
CA ALA I 278 58.85 -12.68 33.41
C ALA I 278 58.42 -13.21 34.78
N ILE I 279 58.68 -12.44 35.83
CA ILE I 279 58.28 -12.84 37.17
C ILE I 279 56.78 -13.02 37.24
N LYS I 280 56.03 -12.04 36.71
CA LYS I 280 54.58 -12.10 36.75
C LYS I 280 54.05 -13.27 35.92
N SER I 281 54.70 -13.55 34.79
CA SER I 281 54.28 -14.68 33.97
C SER I 281 54.45 -15.99 34.74
N TYR I 282 55.58 -16.16 35.41
CA TYR I 282 55.77 -17.37 36.22
C TYR I 282 54.74 -17.46 37.33
N LEU I 283 54.46 -16.34 38.01
CA LEU I 283 53.48 -16.38 39.09
C LEU I 283 52.09 -16.73 38.58
N GLU I 284 51.70 -16.20 37.43
CA GLU I 284 50.41 -16.55 36.85
C GLU I 284 50.37 -18.03 36.49
N GLU I 285 51.47 -18.55 35.93
CA GLU I 285 51.54 -19.97 35.62
C GLU I 285 51.34 -20.81 36.87
N LEU I 286 51.99 -20.40 37.97
CA LEU I 286 51.78 -21.11 39.23
C LEU I 286 50.34 -21.01 39.72
N GLU I 287 49.72 -19.84 39.51
CA GLU I 287 48.32 -19.68 39.90
C GLU I 287 47.42 -20.64 39.13
N LYS I 288 47.76 -20.90 37.87
CA LYS I 288 46.96 -21.81 37.05
C LYS I 288 46.82 -23.18 37.71
N SER I 289 47.85 -23.64 38.42
CA SER I 289 47.79 -24.92 39.11
C SER I 289 47.01 -24.84 40.42
N ALA I 290 46.35 -23.72 40.70
CA ALA I 290 45.54 -23.52 41.89
C ALA I 290 46.33 -23.67 43.19
N LEU I 291 47.55 -23.14 43.24
CA LEU I 291 48.29 -23.13 44.49
C LEU I 291 48.27 -21.78 45.17
N ILE I 292 48.06 -20.70 44.41
CA ILE I 292 47.97 -19.36 44.97
C ILE I 292 46.73 -18.67 44.44
N GLU I 293 46.41 -17.50 44.99
CA GLU I 293 45.24 -16.76 44.55
C GLU I 293 45.47 -16.19 43.15
N SER I 294 44.38 -15.86 42.47
CA SER I 294 44.45 -15.48 41.07
C SER I 294 45.26 -14.21 40.86
N ASP I 295 44.92 -13.15 41.59
CA ASP I 295 45.49 -11.83 41.33
C ASP I 295 46.70 -11.59 42.23
N SER I 296 47.82 -11.20 41.62
CA SER I 296 49.03 -10.85 42.33
C SER I 296 49.71 -9.70 41.58
N THR I 297 50.48 -8.89 42.31
CA THR I 297 51.14 -7.73 41.74
C THR I 297 52.62 -7.77 42.04
N VAL I 298 53.44 -7.53 41.02
CA VAL I 298 54.88 -7.40 41.16
C VAL I 298 55.29 -6.06 40.57
N GLU I 299 56.03 -5.28 41.36
CA GLU I 299 56.48 -3.97 40.91
C GLU I 299 57.75 -3.59 41.67
N ILE I 300 58.41 -2.55 41.16
CA ILE I 300 59.71 -2.16 41.70
C ILE I 300 59.56 -1.60 43.11
N ASP I 301 60.38 -2.11 44.02
CA ASP I 301 60.39 -1.61 45.40
C ASP I 301 61.01 -0.23 45.43
N PHE I 302 60.22 0.77 45.82
CA PHE I 302 60.66 2.15 45.77
C PHE I 302 61.34 2.60 47.05
N GLU I 303 60.88 2.14 48.22
CA GLU I 303 61.45 2.62 49.47
C GLU I 303 62.92 2.22 49.60
N ALA I 304 63.24 0.98 49.26
CA ALA I 304 64.63 0.53 49.35
C ALA I 304 65.51 1.28 48.37
N GLN I 305 65.03 1.52 47.16
CA GLN I 305 65.80 2.27 46.18
C GLN I 305 66.03 3.70 46.63
N LYS I 306 65.00 4.33 47.21
CA LYS I 306 65.16 5.68 47.75
C LYS I 306 66.19 5.71 48.87
N SER I 307 66.14 4.73 49.76
CA SER I 307 67.13 4.65 50.83
C SER I 307 68.53 4.47 50.29
N TYR I 308 68.68 3.62 49.27
CA TYR I 308 69.99 3.40 48.66
C TYR I 308 70.51 4.69 48.02
N LEU I 309 69.64 5.41 47.32
CA LEU I 309 70.06 6.67 46.71
C LEU I 309 70.46 7.70 47.76
N LYS I 310 69.72 7.76 48.87
CA LYS I 310 70.13 8.64 49.95
C LYS I 310 71.47 8.21 50.55
N SER I 311 71.73 6.90 50.56
CA SER I 311 72.97 6.40 51.14
C SER I 311 74.19 6.86 50.34
N LYS I 312 74.04 7.06 49.04
CA LYS I 312 75.15 7.52 48.21
C LYS I 312 75.22 9.04 48.13
N GLY I 313 74.31 9.75 48.80
CA GLY I 313 74.39 11.19 48.89
C GLY I 313 73.78 11.97 47.75
N VAL I 314 73.01 11.32 46.87
CA VAL I 314 72.40 12.04 45.76
C VAL I 314 71.29 12.95 46.29
N ASP I 315 71.08 14.06 45.60
CA ASP I 315 70.03 15.02 45.95
C ASP I 315 68.77 14.64 45.19
N LEU I 316 67.81 14.05 45.91
CA LEU I 316 66.55 13.62 45.33
C LEU I 316 65.37 14.43 45.83
N SER I 317 65.60 15.64 46.34
CA SER I 317 64.51 16.47 46.83
C SER I 317 63.56 16.85 45.71
N TYR I 318 64.12 17.19 44.54
CA TYR I 318 63.27 17.68 43.44
C TYR I 318 62.89 16.55 42.49
N MET I 319 63.70 15.50 42.41
CA MET I 319 63.38 14.40 41.51
C MET I 319 62.10 13.71 41.94
N THR I 320 61.19 13.51 40.99
CA THR I 320 59.86 13.00 41.30
C THR I 320 59.81 11.48 41.20
N LEU I 321 58.64 10.93 41.56
CA LEU I 321 58.47 9.50 41.75
C LEU I 321 59.09 8.67 40.63
N GLN I 322 58.60 8.83 39.41
CA GLN I 322 59.09 8.00 38.31
C GLN I 322 60.56 8.30 38.02
N GLU I 323 60.98 9.55 38.22
CA GLU I 323 62.39 9.88 38.06
C GLU I 323 63.25 9.17 39.09
N ILE I 324 62.77 9.07 40.34
CA ILE I 324 63.49 8.32 41.36
C ILE I 324 63.56 6.85 40.98
N LYS I 325 62.48 6.32 40.40
CA LYS I 325 62.51 4.92 39.96
C LYS I 325 63.46 4.74 38.78
N GLU I 326 63.67 5.80 38.00
CA GLU I 326 64.49 5.68 36.79
C GLU I 326 65.98 5.73 37.12
N ALA I 327 66.33 6.21 38.31
CA ALA I 327 67.74 6.45 38.63
C ALA I 327 68.56 5.17 38.56
N ASN I 328 69.79 5.31 38.08
CA ASN I 328 70.68 4.15 37.96
C ASN I 328 71.03 3.62 39.34
N THR I 329 71.06 2.30 39.46
CA THR I 329 71.35 1.63 40.73
C THR I 329 72.69 0.92 40.74
N GLY I 330 73.27 0.63 39.58
CA GLY I 330 74.56 -0.03 39.55
C GLY I 330 74.52 -1.50 39.96
N SER I 331 73.90 -2.35 39.13
CA SER I 331 73.88 -3.80 39.32
C SER I 331 73.02 -4.22 40.50
N LYS I 332 72.35 -3.26 41.15
CA LYS I 332 71.44 -3.60 42.23
C LYS I 332 69.99 -3.51 41.75
N VAL I 333 69.20 -4.52 42.10
CA VAL I 333 67.79 -4.59 41.74
C VAL I 333 66.97 -4.74 43.01
N PHE I 334 65.96 -3.90 43.17
CA PHE I 334 65.06 -3.95 44.31
C PHE I 334 63.64 -4.20 43.82
N LEU I 335 63.01 -5.23 44.38
CA LEU I 335 61.70 -5.66 43.90
C LEU I 335 60.87 -6.14 45.07
N LYS I 336 59.57 -5.84 45.02
CA LYS I 336 58.62 -6.29 46.03
C LYS I 336 57.38 -6.84 45.32
N ALA I 337 56.77 -7.87 45.91
CA ALA I 337 55.61 -8.52 45.33
C ALA I 337 54.69 -9.00 46.44
N LYS I 338 53.43 -9.22 46.10
CA LYS I 338 52.42 -9.70 47.05
C LYS I 338 51.63 -10.83 46.42
N ILE I 339 51.34 -11.85 47.23
CA ILE I 339 50.59 -13.02 46.80
C ILE I 339 49.69 -13.48 47.95
N LYS I 340 48.71 -14.30 47.61
CA LYS I 340 47.85 -14.93 48.59
C LYS I 340 47.83 -16.43 48.34
N VAL I 341 48.12 -17.21 49.37
CA VAL I 341 48.33 -18.65 49.25
C VAL I 341 47.08 -19.37 49.72
N LEU I 342 46.59 -20.29 48.90
CA LEU I 342 45.40 -21.06 49.25
C LEU I 342 45.75 -22.18 50.22
N ASP I 343 44.73 -22.75 50.83
CA ASP I 343 44.87 -23.86 51.76
C ASP I 343 43.71 -24.82 51.58
N ALA I 344 43.87 -26.04 52.09
CA ALA I 344 42.83 -27.05 51.96
C ALA I 344 41.70 -26.80 52.94
N MET I 345 40.49 -27.23 52.56
CA MET I 345 39.36 -27.15 53.47
C MET I 345 39.63 -28.01 54.70
N GLU I 346 39.53 -27.40 55.87
CA GLU I 346 39.86 -28.08 57.12
C GLU I 346 38.77 -28.01 58.17
N ASP I 347 38.03 -26.91 58.27
CA ASP I 347 36.99 -26.76 59.27
C ASP I 347 35.73 -26.26 58.59
N ILE I 348 34.65 -27.03 58.69
CA ILE I 348 33.39 -26.71 58.02
C ILE I 348 32.33 -26.49 59.08
N ASP I 349 31.65 -25.34 58.99
CA ASP I 349 30.58 -24.99 59.91
C ASP I 349 29.30 -24.82 59.12
N LEU I 350 28.35 -25.73 59.32
CA LEU I 350 27.08 -25.73 58.63
C LEU I 350 25.96 -25.53 59.64
N SER I 351 25.11 -24.52 59.40
CA SER I 351 24.00 -24.20 60.27
C SER I 351 22.70 -24.44 59.52
N ILE I 352 21.81 -25.24 60.11
CA ILE I 352 20.56 -25.62 59.50
C ILE I 352 19.42 -25.15 60.40
N GLU I 353 18.45 -24.44 59.82
CA GLU I 353 17.21 -24.13 60.52
C GLU I 353 16.07 -24.84 59.82
N ILE I 354 15.24 -25.52 60.59
CA ILE I 354 14.16 -26.33 60.06
C ILE I 354 13.00 -25.45 59.59
N ALA J 2 44.74 -20.67 68.17
CA ALA J 2 45.44 -21.92 68.39
C ALA J 2 44.86 -23.04 67.52
N ILE J 3 45.73 -23.77 66.83
CA ILE J 3 45.27 -24.83 65.96
C ILE J 3 44.88 -26.05 66.79
N GLY J 4 43.66 -26.54 66.59
CA GLY J 4 43.19 -27.73 67.26
C GLY J 4 42.83 -28.82 66.26
N LEU J 5 42.15 -29.84 66.76
CA LEU J 5 41.69 -30.90 65.89
C LEU J 5 40.70 -30.33 64.88
N PRO J 6 40.66 -30.86 63.66
CA PRO J 6 39.68 -30.39 62.68
C PRO J 6 38.26 -30.55 63.21
N SER J 7 37.44 -29.55 62.96
CA SER J 7 36.09 -29.49 63.52
C SER J 7 35.06 -29.47 62.40
N ILE J 8 34.13 -30.43 62.44
CA ILE J 8 32.98 -30.45 61.57
C ILE J 8 31.75 -30.48 62.46
N ASN J 9 30.91 -29.46 62.36
CA ASN J 9 29.74 -29.37 63.22
C ASN J 9 28.50 -29.05 62.39
N ILE J 10 27.43 -29.77 62.68
CA ILE J 10 26.13 -29.57 62.04
C ILE J 10 25.15 -29.17 63.13
N SER J 11 24.48 -28.04 62.94
CA SER J 11 23.58 -27.49 63.94
C SER J 11 22.18 -27.38 63.36
N PHE J 12 21.19 -27.86 64.10
CA PHE J 12 19.78 -27.73 63.74
C PHE J 12 19.13 -26.76 64.72
N LYS J 13 18.44 -25.76 64.18
CA LYS J 13 17.80 -24.74 65.00
C LYS J 13 16.37 -24.51 64.51
N GLU J 14 15.52 -24.00 65.39
CA GLU J 14 14.13 -23.75 65.03
C GLU J 14 13.94 -22.31 64.56
N LEU J 15 13.11 -22.15 63.53
CA LEU J 15 12.66 -20.82 63.11
C LEU J 15 11.61 -20.34 64.13
N ALA J 16 12.12 -19.74 65.20
CA ALA J 16 11.26 -19.36 66.32
C ALA J 16 10.37 -18.18 65.95
N THR J 17 9.35 -18.42 65.13
CA THR J 17 8.39 -17.36 64.82
C THR J 17 7.73 -16.88 66.10
N THR J 18 7.91 -15.61 66.39
CA THR J 18 7.55 -15.07 67.70
C THR J 18 6.62 -13.88 67.53
N VAL J 19 5.53 -13.91 68.28
CA VAL J 19 4.70 -12.73 68.50
C VAL J 19 4.93 -12.30 69.95
N LYS J 20 5.15 -11.00 70.15
CA LYS J 20 5.53 -10.53 71.47
C LYS J 20 4.41 -10.77 72.47
N GLU J 21 4.80 -11.10 73.70
CA GLU J 21 3.83 -11.33 74.76
C GLU J 21 3.53 -10.02 75.47
N ARG J 22 2.26 -9.65 75.49
CA ARG J 22 1.82 -8.42 76.14
C ARG J 22 1.14 -8.76 77.47
N SER J 23 0.87 -7.70 78.23
CA SER J 23 0.31 -7.88 79.57
C SER J 23 -1.03 -8.60 79.50
N ALA J 24 -1.21 -9.58 80.38
CA ALA J 24 -2.43 -10.37 80.38
C ALA J 24 -3.63 -9.50 80.75
N ARG J 25 -4.74 -9.75 80.08
CA ARG J 25 -5.99 -9.04 80.34
C ARG J 25 -7.12 -10.03 80.48
N GLY J 26 -8.10 -9.69 81.31
CA GLY J 26 -9.26 -10.54 81.52
C GLY J 26 -9.22 -11.39 82.77
N ILE J 27 -8.29 -11.14 83.68
CA ILE J 27 -8.20 -11.93 84.90
C ILE J 27 -8.83 -11.15 86.05
N ILE J 28 -9.38 -11.89 87.00
CA ILE J 28 -10.13 -11.32 88.12
C ILE J 28 -9.47 -11.74 89.42
N ALA J 29 -9.41 -10.83 90.38
CA ALA J 29 -8.99 -11.14 91.74
C ALA J 29 -10.21 -11.07 92.63
N MET J 30 -10.55 -12.18 93.27
CA MET J 30 -11.74 -12.32 94.09
C MET J 30 -11.31 -12.50 95.53
N VAL J 31 -11.80 -11.65 96.42
CA VAL J 31 -11.40 -11.69 97.81
C VAL J 31 -12.62 -11.99 98.67
N LEU J 32 -12.46 -12.91 99.61
CA LEU J 32 -13.57 -13.43 100.40
C LEU J 32 -13.05 -13.90 101.75
N LYS J 33 -13.97 -14.07 102.70
CA LYS J 33 -13.64 -14.48 104.05
C LYS J 33 -14.23 -15.85 104.35
N ASP J 34 -13.42 -16.72 104.94
CA ASP J 34 -13.84 -18.05 105.35
C ASP J 34 -12.83 -18.60 106.35
N ALA J 35 -13.15 -19.77 106.89
CA ALA J 35 -12.24 -20.50 107.76
C ALA J 35 -11.72 -21.79 107.13
N LYS J 36 -12.07 -22.06 105.87
CA LYS J 36 -11.59 -23.24 105.17
C LYS J 36 -10.71 -22.83 104.01
N ALA J 37 -9.59 -23.55 103.86
CA ALA J 37 -8.66 -23.34 102.75
C ALA J 37 -8.25 -21.88 102.63
N LEU J 38 -7.75 -21.33 103.73
CA LEU J 38 -7.35 -19.93 103.75
C LEU J 38 -6.21 -19.68 102.77
N GLY J 39 -6.23 -18.52 102.14
CA GLY J 39 -5.25 -18.19 101.13
C GLY J 39 -5.83 -18.25 99.72
N LEU J 40 -4.95 -18.07 98.75
CA LEU J 40 -5.37 -18.11 97.36
C LEU J 40 -5.68 -19.54 96.94
N ASN J 41 -6.52 -19.67 95.91
CA ASN J 41 -6.92 -20.98 95.42
C ASN J 41 -6.68 -21.17 93.92
N GLU J 42 -6.52 -20.09 93.15
CA GLU J 42 -6.14 -20.16 91.74
C GLU J 42 -7.14 -21.00 90.94
N ILE J 43 -8.36 -20.47 90.84
CA ILE J 43 -9.44 -21.16 90.13
C ILE J 43 -9.31 -20.76 88.65
N HIS J 44 -8.43 -21.48 87.95
CA HIS J 44 -8.25 -21.21 86.52
C HIS J 44 -9.36 -21.85 85.71
N GLU J 45 -9.98 -22.90 86.24
CA GLU J 45 -10.97 -23.67 85.52
C GLU J 45 -12.33 -23.54 86.20
N LYS J 46 -13.38 -23.42 85.40
CA LYS J 46 -14.73 -23.30 85.93
C LYS J 46 -15.11 -24.50 86.79
N GLU J 47 -14.69 -25.70 86.40
CA GLU J 47 -15.16 -26.91 87.09
C GLU J 47 -14.38 -27.13 88.38
N ASP J 48 -13.09 -26.77 88.40
CA ASP J 48 -12.23 -27.06 89.54
C ASP J 48 -12.60 -26.16 90.72
N ILE J 49 -13.41 -26.68 91.64
CA ILE J 49 -13.84 -25.93 92.81
C ILE J 49 -13.44 -26.69 94.07
N PRO J 50 -12.81 -26.05 95.06
CA PRO J 50 -12.53 -26.72 96.32
C PRO J 50 -13.81 -27.06 97.06
N VAL J 51 -13.75 -28.13 97.86
CA VAL J 51 -14.98 -28.67 98.45
C VAL J 51 -15.22 -28.14 99.86
N ASP J 52 -14.16 -27.78 100.59
CA ASP J 52 -14.34 -27.41 102.00
C ASP J 52 -15.04 -26.06 102.17
N LEU J 53 -14.97 -25.18 101.18
CA LEU J 53 -15.56 -23.87 101.31
C LEU J 53 -17.08 -23.96 101.29
N SER J 54 -17.72 -22.89 101.76
CA SER J 54 -19.17 -22.87 101.94
C SER J 54 -19.89 -22.94 100.59
N ALA J 55 -21.09 -23.52 100.61
CA ALA J 55 -21.90 -23.62 99.40
C ALA J 55 -22.31 -22.24 98.90
N GLU J 56 -22.61 -21.32 99.81
CA GLU J 56 -22.94 -19.96 99.41
C GLU J 56 -21.77 -19.32 98.66
N ASN J 57 -20.55 -19.50 99.15
CA ASN J 57 -19.39 -19.01 98.43
C ASN J 57 -19.16 -19.78 97.13
N LYS J 58 -19.55 -21.06 97.09
CA LYS J 58 -19.51 -21.79 95.83
C LYS J 58 -20.41 -21.12 94.79
N GLU J 59 -21.61 -20.72 95.20
CA GLU J 59 -22.53 -20.09 94.25
C GLU J 59 -22.05 -18.67 93.91
N TYR J 60 -21.38 -18.01 94.86
CA TYR J 60 -20.72 -16.74 94.56
C TYR J 60 -19.71 -16.91 93.43
N ILE J 61 -18.83 -17.91 93.56
CA ILE J 61 -17.88 -18.21 92.50
C ILE J 61 -18.62 -18.51 91.21
N ASN J 62 -19.72 -19.27 91.30
CA ASN J 62 -20.49 -19.62 90.11
C ASN J 62 -20.98 -18.37 89.38
N LEU J 63 -21.50 -17.39 90.13
CA LEU J 63 -21.86 -16.12 89.51
C LEU J 63 -20.65 -15.47 88.85
N ALA J 64 -19.51 -15.50 89.53
CA ALA J 64 -18.30 -14.92 88.95
C ALA J 64 -17.82 -15.68 87.72
N LEU J 65 -18.27 -16.90 87.51
CA LEU J 65 -17.71 -17.76 86.47
C LEU J 65 -18.24 -17.42 85.08
N MET J 66 -19.53 -17.17 84.95
CA MET J 66 -20.13 -16.95 83.64
C MET J 66 -19.74 -15.58 83.09
N GLY J 67 -19.00 -15.57 81.99
CA GLY J 67 -18.57 -14.33 81.37
C GLY J 67 -19.60 -13.84 80.37
N ASN J 68 -19.43 -12.58 79.96
CA ASN J 68 -20.35 -11.99 78.98
C ASN J 68 -20.27 -12.70 77.64
N VAL J 69 -19.15 -12.54 76.95
CA VAL J 69 -18.96 -13.13 75.63
C VAL J 69 -18.27 -14.49 75.72
N ASN J 70 -17.19 -14.57 76.48
CA ASN J 70 -16.50 -15.83 76.72
C ASN J 70 -16.15 -15.90 78.20
N THR J 71 -15.62 -17.05 78.59
CA THR J 71 -15.22 -17.25 79.98
C THR J 71 -14.10 -16.29 80.34
N PRO J 72 -14.04 -15.81 81.59
CA PRO J 72 -12.91 -14.99 82.01
C PRO J 72 -11.60 -15.76 81.83
N ASN J 73 -10.54 -15.02 81.50
CA ASN J 73 -9.27 -15.65 81.16
C ASN J 73 -8.74 -16.47 82.33
N LYS J 74 -8.80 -15.94 83.54
CA LYS J 74 -8.31 -16.63 84.72
C LYS J 74 -8.87 -15.94 85.96
N LEU J 75 -9.06 -16.71 87.03
CA LEU J 75 -9.69 -16.20 88.23
C LEU J 75 -8.79 -16.45 89.44
N LEU J 76 -8.58 -15.42 90.24
CA LEU J 76 -7.88 -15.53 91.52
C LEU J 76 -8.87 -15.31 92.65
N VAL J 77 -8.93 -16.25 93.57
CA VAL J 77 -9.78 -16.14 94.75
C VAL J 77 -8.89 -16.26 95.99
N TYR J 78 -8.94 -15.24 96.84
CA TYR J 78 -8.21 -15.24 98.11
C TYR J 78 -9.19 -15.41 99.26
N VAL J 79 -8.95 -16.43 100.08
CA VAL J 79 -9.73 -16.68 101.29
C VAL J 79 -8.99 -16.03 102.45
N ILE J 80 -9.69 -15.17 103.19
CA ILE J 80 -9.11 -14.46 104.31
C ILE J 80 -9.79 -14.90 105.58
N GLU J 81 -9.08 -14.75 106.69
CA GLU J 81 -9.65 -15.05 107.99
C GLU J 81 -10.60 -13.94 108.43
N GLY J 82 -11.68 -14.33 109.09
CA GLY J 82 -12.61 -13.34 109.60
C GLY J 82 -11.94 -12.37 110.56
N GLU J 83 -12.27 -11.09 110.40
CA GLU J 83 -11.78 -9.99 111.22
C GLU J 83 -10.28 -9.77 111.08
N ALA J 84 -9.63 -10.37 110.08
CA ALA J 84 -8.22 -10.13 109.83
C ALA J 84 -7.99 -8.80 109.11
N ASP J 85 -9.01 -7.95 109.00
CA ASP J 85 -8.94 -6.66 108.31
C ASP J 85 -8.64 -6.87 106.83
N ILE J 86 -8.38 -5.78 106.12
CA ILE J 86 -8.23 -5.84 104.66
C ILE J 86 -6.76 -5.85 104.24
N GLN J 87 -5.91 -5.16 104.99
CA GLN J 87 -4.51 -4.99 104.58
C GLN J 87 -3.79 -6.33 104.46
N THR J 88 -4.15 -7.31 105.30
CA THR J 88 -3.48 -8.60 105.27
C THR J 88 -3.59 -9.25 103.90
N ALA J 89 -4.80 -9.24 103.31
CA ALA J 89 -4.94 -9.73 101.95
C ALA J 89 -4.44 -8.72 100.93
N LEU J 90 -4.55 -7.43 101.25
CA LEU J 90 -4.16 -6.40 100.29
C LEU J 90 -2.69 -6.51 99.92
N ASP J 91 -1.84 -6.83 100.90
CA ASP J 91 -0.44 -7.05 100.61
C ASP J 91 -0.25 -8.24 99.67
N PHE J 92 -1.01 -9.32 99.89
CA PHE J 92 -0.92 -10.47 99.01
C PHE J 92 -1.29 -10.11 97.58
N LEU J 93 -2.38 -9.35 97.41
CA LEU J 93 -2.77 -8.95 96.06
C LEU J 93 -1.76 -8.00 95.44
N GLU J 94 -1.21 -7.06 96.22
CA GLU J 94 -0.23 -6.14 95.64
C GLU J 94 1.04 -6.89 95.26
N THR J 95 1.28 -8.04 95.88
CA THR J 95 2.41 -8.88 95.47
C THR J 95 2.25 -9.36 94.04
N LYS J 96 1.03 -9.75 93.66
CA LYS J 96 0.75 -10.32 92.35
C LYS J 96 0.09 -9.28 91.44
N GLU J 97 -0.17 -9.70 90.20
CA GLU J 97 -0.75 -8.80 89.22
C GLU J 97 -2.15 -9.26 88.82
N PHE J 98 -3.05 -8.29 88.67
CA PHE J 98 -4.46 -8.57 88.40
C PHE J 98 -5.07 -7.39 87.68
N ASN J 99 -6.38 -7.51 87.40
CA ASN J 99 -7.13 -6.47 86.71
C ASN J 99 -8.29 -5.93 87.55
N TYR J 100 -9.15 -6.80 88.07
CA TYR J 100 -10.36 -6.40 88.77
C TYR J 100 -10.41 -7.05 90.15
N LEU J 101 -11.01 -6.35 91.09
CA LEU J 101 -11.14 -6.81 92.47
C LEU J 101 -12.57 -6.68 92.95
N CYS J 102 -13.03 -7.63 93.75
CA CYS J 102 -14.40 -7.62 94.23
C CYS J 102 -14.50 -8.38 95.55
N MET J 103 -15.44 -7.94 96.39
CA MET J 103 -15.77 -8.55 97.67
C MET J 103 -17.25 -8.38 97.93
N PRO J 104 -18.02 -9.47 97.96
CA PRO J 104 -19.46 -9.34 98.27
C PRO J 104 -19.74 -8.95 99.71
N LYS J 105 -19.18 -9.68 100.66
CA LYS J 105 -19.45 -9.46 102.07
C LYS J 105 -18.45 -8.46 102.65
N ALA J 106 -18.92 -7.24 102.87
CA ALA J 106 -18.07 -6.19 103.41
C ALA J 106 -18.93 -5.08 104.01
N VAL J 107 -18.45 -4.50 105.10
CA VAL J 107 -19.08 -3.34 105.68
C VAL J 107 -18.48 -2.09 105.03
N GLU J 108 -19.15 -0.95 105.23
CA GLU J 108 -18.73 0.29 104.58
C GLU J 108 -17.29 0.64 104.91
N ALA J 109 -16.80 0.24 106.09
CA ALA J 109 -15.41 0.47 106.45
C ALA J 109 -14.47 -0.25 105.50
N ASP J 110 -14.80 -1.51 105.16
CA ASP J 110 -13.99 -2.25 104.21
C ASP J 110 -13.99 -1.58 102.84
N LYS J 111 -15.16 -1.09 102.40
CA LYS J 111 -15.24 -0.40 101.12
C LYS J 111 -14.38 0.86 101.13
N THR J 112 -14.42 1.62 102.23
CA THR J 112 -13.59 2.81 102.32
C THR J 112 -12.11 2.47 102.27
N ALA J 113 -11.71 1.40 102.98
CA ALA J 113 -10.32 0.98 102.94
C ALA J 113 -9.90 0.60 101.53
N ILE J 114 -10.77 -0.15 100.83
CA ILE J 114 -10.44 -0.58 99.47
C ILE J 114 -10.33 0.60 98.53
N LYS J 115 -11.25 1.57 98.67
CA LYS J 115 -11.22 2.73 97.77
C LYS J 115 -9.97 3.56 98.01
N ASN J 116 -9.59 3.76 99.27
CA ASN J 116 -8.36 4.49 99.56
C ASN J 116 -7.14 3.75 99.01
N TRP J 117 -7.10 2.44 99.20
CA TRP J 117 -6.01 1.64 98.68
C TRP J 117 -5.91 1.77 97.16
N ILE J 118 -7.04 1.70 96.47
CA ILE J 118 -7.01 1.70 95.02
C ILE J 118 -6.62 3.07 94.49
N ILE J 119 -7.12 4.16 95.11
CA ILE J 119 -6.78 5.48 94.59
C ILE J 119 -5.30 5.77 94.82
N LYS J 120 -4.74 5.32 95.95
CA LYS J 120 -3.31 5.54 96.17
C LYS J 120 -2.47 4.65 95.27
N LEU J 121 -2.91 3.41 95.03
CA LEU J 121 -2.10 2.49 94.24
C LEU J 121 -2.11 2.87 92.77
N ARG J 122 -3.18 3.50 92.30
CA ARG J 122 -3.21 3.93 90.90
C ARG J 122 -2.37 5.19 90.69
N ASP J 123 -1.91 5.83 91.76
CA ASP J 123 -1.23 7.11 91.60
C ASP J 123 0.24 7.07 92.01
N ILE J 124 0.55 6.69 93.24
CA ILE J 124 1.96 6.67 93.65
C ILE J 124 2.69 5.51 92.98
N ASP J 125 2.06 4.34 92.92
CA ASP J 125 2.73 3.16 92.41
C ASP J 125 2.62 2.98 90.90
N LYS J 126 1.84 3.83 90.22
CA LYS J 126 1.68 3.77 88.76
C LYS J 126 1.24 2.38 88.29
N VAL J 127 0.36 1.76 89.07
CA VAL J 127 -0.20 0.45 88.74
C VAL J 127 -1.69 0.63 88.47
N LYS J 128 -2.15 0.12 87.32
CA LYS J 128 -3.49 0.37 86.83
C LYS J 128 -4.37 -0.86 87.09
N VAL J 129 -5.18 -0.77 88.15
CA VAL J 129 -6.15 -1.81 88.47
C VAL J 129 -7.45 -1.12 88.86
N LYS J 130 -8.55 -1.88 88.80
CA LYS J 130 -9.87 -1.36 89.10
C LYS J 130 -10.62 -2.33 90.00
N ALA J 131 -11.66 -1.82 90.66
CA ALA J 131 -12.51 -2.65 91.50
C ALA J 131 -13.92 -2.09 91.51
N VAL J 132 -14.88 -2.97 91.76
CA VAL J 132 -16.30 -2.61 91.82
C VAL J 132 -16.78 -2.74 93.25
N LEU J 133 -17.62 -1.80 93.67
CA LEU J 133 -18.14 -1.74 95.03
C LEU J 133 -19.65 -1.65 95.04
N GLY J 134 -20.25 -2.13 96.12
CA GLY J 134 -21.70 -2.12 96.22
C GLY J 134 -22.29 -0.73 96.24
N LYS J 135 -21.72 0.16 97.05
CA LYS J 135 -22.24 1.53 97.15
C LYS J 135 -21.10 2.43 97.63
N VAL J 136 -20.49 3.15 96.70
CA VAL J 136 -19.45 4.12 96.99
C VAL J 136 -19.73 5.38 96.18
N VAL J 137 -19.16 6.50 96.64
CA VAL J 137 -19.38 7.78 96.00
C VAL J 137 -18.03 8.34 95.56
N GLY J 138 -17.02 7.46 95.49
CA GLY J 138 -15.71 7.91 95.08
C GLY J 138 -15.72 8.45 93.65
N ASN J 139 -14.87 9.43 93.40
CA ASN J 139 -14.85 10.15 92.14
C ASN J 139 -13.64 9.79 91.29
N HIS J 140 -13.20 8.53 91.33
CA HIS J 140 -12.03 8.08 90.60
C HIS J 140 -12.44 7.06 89.56
N GLU J 141 -11.73 7.08 88.42
CA GLU J 141 -12.03 6.15 87.35
C GLU J 141 -11.76 4.71 87.74
N GLY J 142 -11.00 4.50 88.81
CA GLY J 142 -10.63 3.16 89.21
C GLY J 142 -11.70 2.36 89.92
N ILE J 143 -12.85 2.97 90.19
CA ILE J 143 -13.93 2.30 90.91
C ILE J 143 -15.19 2.38 90.07
N ILE J 144 -15.98 1.31 90.09
CA ILE J 144 -17.25 1.22 89.38
C ILE J 144 -18.36 1.10 90.40
N ASN J 145 -19.27 2.07 90.41
CA ASN J 145 -20.36 2.11 91.39
C ASN J 145 -21.62 1.56 90.75
N PHE J 146 -21.96 0.33 91.11
CA PHE J 146 -23.19 -0.30 90.65
C PHE J 146 -24.17 -0.39 91.82
N THR J 147 -25.42 0.03 91.59
CA THR J 147 -26.42 0.04 92.66
C THR J 147 -27.75 -0.43 92.10
N THR J 148 -28.18 -1.61 92.53
CA THR J 148 -29.51 -2.13 92.20
C THR J 148 -29.94 -3.06 93.31
N GLU J 149 -31.07 -2.75 93.94
CA GLU J 149 -31.54 -3.46 95.11
C GLU J 149 -32.46 -4.61 94.71
N ASP J 150 -32.49 -5.64 95.56
CA ASP J 150 -33.45 -6.74 95.44
C ASP J 150 -33.36 -7.43 94.08
N VAL J 151 -32.15 -7.85 93.73
CA VAL J 151 -31.94 -8.56 92.48
C VAL J 151 -32.37 -10.00 92.65
N LEU J 152 -33.26 -10.46 91.77
CA LEU J 152 -33.80 -11.83 91.83
C LEU J 152 -33.19 -12.64 90.70
N VAL J 153 -32.35 -13.62 91.05
CA VAL J 153 -31.78 -14.56 90.10
C VAL J 153 -32.05 -15.97 90.60
N GLY J 154 -32.88 -16.71 89.86
CA GLY J 154 -33.20 -18.08 90.22
C GLY J 154 -33.82 -18.21 91.60
N GLU J 155 -34.93 -17.52 91.81
CA GLU J 155 -35.73 -17.57 93.05
C GLU J 155 -34.92 -17.24 94.30
N LYS J 156 -33.79 -16.54 94.12
CA LYS J 156 -33.00 -16.09 95.25
C LYS J 156 -32.86 -14.57 95.20
N LYS J 157 -32.97 -13.95 96.37
CA LYS J 157 -32.73 -12.52 96.51
C LYS J 157 -31.25 -12.25 96.67
N TYR J 158 -30.77 -11.22 95.97
CA TYR J 158 -29.38 -10.80 96.05
C TYR J 158 -29.32 -9.33 96.41
N SER J 159 -28.40 -8.99 97.31
CA SER J 159 -28.09 -7.59 97.56
C SER J 159 -27.15 -7.09 96.48
N VAL J 160 -26.99 -5.76 96.45
CA VAL J 160 -26.07 -5.15 95.49
C VAL J 160 -24.65 -5.65 95.71
N ASP J 161 -24.23 -5.74 96.97
CA ASP J 161 -22.88 -6.19 97.27
C ASP J 161 -22.66 -7.61 96.80
N GLU J 162 -23.67 -8.48 96.94
CA GLU J 162 -23.54 -9.84 96.45
C GLU J 162 -23.45 -9.90 94.93
N PHE J 163 -24.22 -9.05 94.25
CA PHE J 163 -24.21 -9.03 92.80
C PHE J 163 -23.00 -8.31 92.21
N THR J 164 -22.18 -7.68 93.07
CA THR J 164 -20.92 -7.10 92.60
C THR J 164 -20.06 -8.14 91.91
N SER J 165 -20.04 -9.37 92.42
CA SER J 165 -19.25 -10.42 91.78
C SER J 165 -19.75 -10.69 90.37
N ARG J 166 -21.06 -10.78 90.19
CA ARG J 166 -21.62 -11.07 88.88
C ARG J 166 -21.33 -9.95 87.89
N VAL J 167 -21.49 -8.70 88.32
CA VAL J 167 -21.24 -7.59 87.39
C VAL J 167 -19.76 -7.50 87.05
N ALA J 168 -18.89 -7.77 88.04
CA ALA J 168 -17.45 -7.79 87.75
C ALA J 168 -17.10 -8.88 86.75
N GLY J 169 -17.72 -10.06 86.89
CA GLY J 169 -17.52 -11.09 85.89
C GLY J 169 -18.01 -10.67 84.53
N LEU J 170 -19.11 -9.93 84.47
CA LEU J 170 -19.60 -9.41 83.19
C LEU J 170 -18.58 -8.51 82.53
N ILE J 171 -18.02 -7.55 83.29
CA ILE J 171 -17.04 -6.65 82.68
C ILE J 171 -15.78 -7.41 82.29
N ALA J 172 -15.39 -8.40 83.08
CA ALA J 172 -14.18 -9.17 82.75
C ALA J 172 -14.38 -10.01 81.50
N GLY J 173 -15.57 -10.55 81.28
CA GLY J 173 -15.77 -11.47 80.17
C GLY J 173 -15.65 -10.81 78.81
N THR J 174 -16.11 -9.57 78.68
CA THR J 174 -16.21 -8.95 77.37
C THR J 174 -14.83 -8.67 76.78
N PRO J 175 -14.70 -8.70 75.45
CA PRO J 175 -13.44 -8.32 74.82
C PRO J 175 -13.19 -6.83 74.88
N LEU J 176 -12.14 -6.36 74.18
CA LEU J 176 -11.83 -4.94 74.20
C LEU J 176 -12.53 -4.18 73.09
N SER J 177 -12.79 -4.82 71.95
CA SER J 177 -13.41 -4.14 70.83
C SER J 177 -14.83 -3.70 71.16
N GLN J 178 -15.56 -4.52 71.90
CA GLN J 178 -16.95 -4.24 72.20
C GLN J 178 -17.09 -3.57 73.56
N SER J 179 -18.24 -2.95 73.79
CA SER J 179 -18.55 -2.30 75.04
C SER J 179 -19.56 -3.12 75.83
N VAL J 180 -19.81 -2.69 77.06
CA VAL J 180 -20.72 -3.41 77.95
C VAL J 180 -22.16 -2.94 77.80
N THR J 181 -22.37 -1.78 77.18
CA THR J 181 -23.69 -1.17 77.11
C THR J 181 -24.67 -2.06 76.36
N TYR J 182 -25.89 -2.16 76.90
CA TYR J 182 -27.00 -2.87 76.27
C TYR J 182 -26.67 -4.35 76.08
N THR J 183 -26.36 -5.00 77.20
CA THR J 183 -26.02 -6.42 77.20
C THR J 183 -27.03 -7.18 78.04
N LYS J 184 -27.54 -8.27 77.49
CA LYS J 184 -28.63 -9.02 78.11
C LYS J 184 -28.11 -9.86 79.27
N LEU J 185 -28.95 -9.99 80.30
CA LEU J 185 -28.69 -10.87 81.44
C LEU J 185 -29.85 -11.86 81.52
N SER J 186 -29.69 -13.02 80.90
CA SER J 186 -30.73 -14.05 80.96
C SER J 186 -30.91 -14.63 82.34
N ASP J 187 -29.94 -14.43 83.24
CA ASP J 187 -30.04 -15.00 84.58
C ASP J 187 -31.11 -14.29 85.40
N VAL J 188 -31.13 -12.95 85.37
CA VAL J 188 -32.05 -12.20 86.21
C VAL J 188 -33.47 -12.33 85.66
N VAL J 189 -34.45 -12.19 86.54
CA VAL J 189 -35.84 -12.39 86.14
C VAL J 189 -36.71 -11.20 86.56
N ASP J 190 -36.27 -10.42 87.54
CA ASP J 190 -37.11 -9.34 88.03
C ASP J 190 -36.26 -8.24 88.63
N ILE J 191 -36.62 -7.00 88.31
CA ILE J 191 -35.98 -5.81 88.88
C ILE J 191 -37.06 -4.89 89.41
N PRO J 192 -36.80 -4.24 90.54
CA PRO J 192 -37.76 -3.27 91.08
C PRO J 192 -38.09 -2.18 90.06
N LYS J 193 -39.37 -1.83 89.99
CA LYS J 193 -39.85 -0.89 88.99
C LYS J 193 -39.29 0.49 89.29
N MET J 194 -38.65 1.10 88.29
CA MET J 194 -38.06 2.41 88.44
C MET J 194 -38.18 3.16 87.12
N THR J 195 -38.55 4.43 87.20
CA THR J 195 -38.93 5.19 86.02
C THR J 195 -37.71 5.64 85.22
N LYS J 196 -37.96 6.10 83.99
CA LYS J 196 -36.88 6.42 83.06
C LYS J 196 -36.17 7.72 83.45
N VAL J 197 -36.93 8.72 83.93
CA VAL J 197 -36.30 9.96 84.36
C VAL J 197 -35.39 9.72 85.55
N ASP J 198 -35.79 8.79 86.43
CA ASP J 198 -34.91 8.39 87.52
C ASP J 198 -33.64 7.75 86.98
N ALA J 199 -33.76 6.95 85.92
CA ALA J 199 -32.58 6.34 85.32
C ALA J 199 -31.65 7.41 84.76
N GLU J 200 -32.20 8.41 84.09
CA GLU J 200 -31.40 9.55 83.65
C GLU J 200 -30.67 10.19 84.82
N SER J 201 -31.39 10.44 85.91
CA SER J 201 -30.79 11.09 87.07
C SER J 201 -29.63 10.28 87.62
N ARG J 202 -29.85 8.98 87.82
CA ARG J 202 -28.79 8.13 88.37
C ARG J 202 -27.60 8.03 87.42
N VAL J 203 -27.85 7.94 86.11
CA VAL J 203 -26.76 7.83 85.16
C VAL J 203 -25.91 9.09 85.17
N ASN J 204 -26.56 10.27 85.22
CA ASN J 204 -25.78 11.51 85.29
C ASN J 204 -25.00 11.62 86.59
N LYS J 205 -25.36 10.82 87.61
CA LYS J 205 -24.58 10.79 88.85
C LYS J 205 -23.34 9.90 88.74
N GLY J 206 -23.06 9.33 87.57
CA GLY J 206 -21.99 8.37 87.43
C GLY J 206 -22.35 6.99 87.91
N GLU J 207 -23.56 6.78 88.37
CA GLU J 207 -23.98 5.50 88.91
C GLU J 207 -24.30 4.53 87.79
N LEU J 208 -23.95 3.26 87.96
CA LEU J 208 -24.25 2.22 86.98
C LEU J 208 -25.46 1.43 87.46
N ILE J 209 -26.51 1.37 86.64
CA ILE J 209 -27.78 0.80 87.05
C ILE J 209 -28.22 -0.28 86.06
N LEU J 210 -29.24 -1.02 86.47
CA LEU J 210 -29.87 -2.04 85.64
C LEU J 210 -31.22 -1.52 85.16
N ILE J 211 -31.48 -1.67 83.86
CA ILE J 211 -32.68 -1.10 83.25
C ILE J 211 -33.42 -2.21 82.53
N LYS J 212 -34.74 -2.05 82.43
CA LYS J 212 -35.60 -2.96 81.71
C LYS J 212 -36.06 -2.28 80.42
N GLU J 213 -35.58 -2.78 79.29
CA GLU J 213 -35.96 -2.25 77.99
C GLU J 213 -35.86 -3.36 76.97
N ALA J 214 -36.56 -3.17 75.85
CA ALA J 214 -36.68 -4.19 74.80
C ALA J 214 -37.23 -5.46 75.47
N GLY J 215 -36.70 -6.62 75.08
CA GLY J 215 -37.25 -7.87 75.57
C GLY J 215 -36.67 -8.34 76.89
N ALA J 216 -35.43 -7.97 77.19
CA ALA J 216 -34.71 -8.56 78.32
C ALA J 216 -34.16 -7.48 79.25
N ILE J 217 -33.43 -7.93 80.26
CA ILE J 217 -32.77 -7.05 81.22
C ILE J 217 -31.37 -6.73 80.70
N ARG J 218 -31.01 -5.45 80.68
CA ARG J 218 -29.79 -5.02 80.01
C ARG J 218 -29.05 -3.99 80.84
N ILE J 219 -27.74 -3.91 80.60
CA ILE J 219 -26.91 -2.86 81.15
C ILE J 219 -27.24 -1.54 80.46
N ALA J 220 -27.17 -0.44 81.23
CA ALA J 220 -27.49 0.89 80.70
C ALA J 220 -26.25 1.75 80.75
N ARG J 221 -25.43 1.68 79.70
CA ARG J 221 -24.34 2.62 79.45
C ARG J 221 -23.36 2.66 80.63
N GLY J 222 -22.61 1.56 80.76
CA GLY J 222 -21.60 1.46 81.80
C GLY J 222 -20.57 2.57 81.77
N VAL J 223 -20.43 3.29 82.90
CA VAL J 223 -19.48 4.39 83.03
C VAL J 223 -18.85 4.31 84.42
N ASN J 224 -17.70 4.96 84.56
CA ASN J 224 -17.01 5.00 85.84
C ASN J 224 -17.77 5.89 86.83
N SER J 225 -17.18 6.04 88.02
CA SER J 225 -17.87 6.74 89.09
C SER J 225 -17.49 8.21 89.20
N LEU J 226 -16.56 8.70 88.38
CA LEU J 226 -16.18 10.10 88.48
C LEU J 226 -17.26 10.98 87.86
N THR J 227 -17.47 12.14 88.47
CA THR J 227 -18.50 13.07 88.03
C THR J 227 -17.98 14.47 87.75
N GLU J 228 -17.00 14.95 88.52
CA GLU J 228 -16.43 16.26 88.28
C GLU J 228 -15.42 16.18 87.15
N LEU J 229 -15.40 17.20 86.29
CA LEU J 229 -14.55 17.23 85.12
C LEU J 229 -13.48 18.29 85.31
N THR J 230 -12.22 17.88 85.22
CA THR J 230 -11.11 18.80 85.40
C THR J 230 -10.56 19.24 84.04
N ALA J 231 -9.49 20.03 84.08
CA ALA J 231 -8.89 20.53 82.85
C ALA J 231 -8.04 19.44 82.19
N GLU J 232 -7.78 18.34 82.90
CA GLU J 232 -6.99 17.26 82.32
C GLU J 232 -7.81 16.00 82.16
N LYS J 233 -8.77 15.77 83.06
CA LYS J 233 -9.68 14.63 82.96
C LYS J 233 -10.91 15.06 82.18
N GLY J 234 -11.05 14.56 80.95
CA GLY J 234 -12.12 14.97 80.07
C GLY J 234 -13.30 14.03 80.07
N GLU J 235 -14.22 14.32 79.14
CA GLU J 235 -15.44 13.52 79.04
C GLU J 235 -15.13 12.08 78.66
N MET J 236 -14.19 11.89 77.72
CA MET J 236 -13.86 10.55 77.27
C MET J 236 -13.31 9.68 78.40
N PHE J 237 -12.81 10.28 79.47
CA PHE J 237 -12.33 9.51 80.60
C PHE J 237 -13.46 8.87 81.39
N GLN J 238 -14.71 9.23 81.09
CA GLN J 238 -15.86 8.69 81.81
C GLN J 238 -16.36 7.37 81.23
N LYS J 239 -15.79 6.91 80.12
CA LYS J 239 -16.22 5.66 79.50
C LYS J 239 -15.30 4.51 79.93
N ILE J 240 -15.92 3.38 80.27
CA ILE J 240 -15.15 2.23 80.75
C ILE J 240 -14.22 1.72 79.66
N LYS J 241 -14.71 1.61 78.43
CA LYS J 241 -13.89 1.08 77.35
C LYS J 241 -12.67 1.95 77.11
N ILE J 242 -12.84 3.28 77.16
CA ILE J 242 -11.74 4.19 76.90
C ILE J 242 -10.66 4.04 77.97
N VAL J 243 -11.06 4.02 79.24
CA VAL J 243 -10.07 3.90 80.31
C VAL J 243 -9.40 2.53 80.27
N ASP J 244 -10.14 1.49 79.87
CA ASP J 244 -9.56 0.16 79.79
C ASP J 244 -8.49 0.08 78.70
N THR J 245 -8.79 0.63 77.52
CA THR J 245 -7.78 0.58 76.46
C THR J 245 -6.58 1.47 76.80
N LEU J 246 -6.82 2.61 77.46
CA LEU J 246 -5.68 3.41 77.93
C LEU J 246 -4.84 2.62 78.91
N ASP J 247 -5.48 1.86 79.80
CA ASP J 247 -4.75 1.12 80.82
C ASP J 247 -3.87 0.03 80.18
N ILE J 248 -4.42 -0.71 79.22
CA ILE J 248 -3.61 -1.74 78.59
C ILE J 248 -2.48 -1.12 77.78
N ILE J 249 -2.74 0.02 77.13
CA ILE J 249 -1.66 0.74 76.44
C ILE J 249 -0.54 1.05 77.42
N HIS J 250 -0.88 1.63 78.56
CA HIS J 250 0.12 2.02 79.54
C HIS J 250 0.93 0.83 80.01
N SER J 251 0.24 -0.26 80.37
CA SER J 251 0.94 -1.42 80.92
C SER J 251 1.89 -2.02 79.88
N ASP J 252 1.44 -2.16 78.64
CA ASP J 252 2.30 -2.74 77.62
C ASP J 252 3.52 -1.87 77.35
N ILE J 253 3.30 -0.56 77.25
CA ILE J 253 4.41 0.34 76.96
C ILE J 253 5.43 0.30 78.10
N ARG J 254 4.94 0.33 79.33
CA ARG J 254 5.84 0.27 80.48
C ARG J 254 6.64 -1.01 80.50
N LYS J 255 5.99 -2.15 80.26
CA LYS J 255 6.69 -3.42 80.29
C LYS J 255 7.77 -3.48 79.21
N VAL J 256 7.46 -3.03 78.00
CA VAL J 256 8.47 -3.00 76.94
C VAL J 256 9.64 -2.13 77.36
N ILE J 257 9.35 -0.94 77.88
CA ILE J 257 10.40 0.01 78.23
C ILE J 257 11.33 -0.59 79.27
N ILE J 258 10.76 -1.17 80.33
CA ILE J 258 11.64 -1.68 81.40
C ILE J 258 12.40 -2.91 80.92
N ASP J 259 11.75 -3.79 80.15
CA ASP J 259 12.38 -5.05 79.80
C ASP J 259 13.49 -4.88 78.76
N ASP J 260 13.40 -3.85 77.91
CA ASP J 260 14.36 -3.74 76.81
C ASP J 260 15.35 -2.59 76.96
N TYR J 261 14.86 -1.36 77.13
CA TYR J 261 15.67 -0.18 76.93
C TYR J 261 16.16 0.46 78.23
N ILE J 262 16.04 -0.22 79.36
CA ILE J 262 16.50 0.33 80.63
C ILE J 262 17.86 -0.28 80.94
N GLY J 263 18.84 0.57 81.22
CA GLY J 263 20.16 0.13 81.62
C GLY J 263 20.92 -0.69 80.60
N LYS J 264 20.49 -0.68 79.33
CA LYS J 264 21.11 -1.48 78.31
C LYS J 264 21.44 -0.74 77.03
N VAL J 265 20.87 0.45 76.82
CA VAL J 265 21.10 1.21 75.60
C VAL J 265 21.62 2.59 75.98
N THR J 266 22.69 3.03 75.32
CA THR J 266 23.26 4.33 75.59
C THR J 266 22.34 5.44 75.11
N ASN J 267 22.17 6.46 75.95
CA ASN J 267 21.29 7.57 75.65
C ASN J 267 21.96 8.45 74.58
N SER J 268 21.62 8.20 73.32
CA SER J 268 22.13 9.00 72.22
C SER J 268 20.99 9.24 71.25
N TYR J 269 21.23 10.12 70.27
CA TYR J 269 20.18 10.49 69.33
C TYR J 269 19.66 9.28 68.56
N ASP J 270 20.57 8.43 68.07
CA ASP J 270 20.15 7.30 67.27
C ASP J 270 19.38 6.28 68.11
N ASN J 271 19.80 6.06 69.36
CA ASN J 271 19.04 5.19 70.23
C ASN J 271 17.64 5.74 70.48
N LYS J 272 17.53 7.06 70.63
CA LYS J 272 16.21 7.68 70.75
C LYS J 272 15.38 7.42 69.50
N CYS J 273 16.00 7.51 68.32
CA CYS J 273 15.26 7.27 67.08
C CYS J 273 14.76 5.83 67.01
N LEU J 274 15.59 4.87 67.40
CA LEU J 274 15.14 3.48 67.45
C LEU J 274 14.02 3.29 68.46
N LEU J 275 14.10 3.96 69.61
CA LEU J 275 13.02 3.88 70.59
C LEU J 275 11.71 4.40 70.00
N ILE J 276 11.77 5.53 69.29
CA ILE J 276 10.59 6.09 68.66
C ILE J 276 10.03 5.13 67.63
N VAL J 277 10.90 4.50 66.84
CA VAL J 277 10.45 3.57 65.81
C VAL J 277 9.76 2.37 66.44
N ALA J 278 10.33 1.84 67.52
CA ALA J 278 9.70 0.70 68.18
C ALA J 278 8.34 1.08 68.76
N ILE J 279 8.26 2.27 69.37
CA ILE J 279 6.99 2.73 69.93
C ILE J 279 5.94 2.84 68.83
N LYS J 280 6.32 3.45 67.71
CA LYS J 280 5.38 3.61 66.60
C LYS J 280 4.95 2.27 66.03
N SER J 281 5.88 1.31 65.94
CA SER J 281 5.54 -0.01 65.45
C SER J 281 4.52 -0.69 66.35
N TYR J 282 4.71 -0.58 67.67
CA TYR J 282 3.73 -1.15 68.59
C TYR J 282 2.38 -0.46 68.43
N LEU J 283 2.38 0.86 68.26
CA LEU J 283 1.11 1.57 68.10
C LEU J 283 0.40 1.13 66.82
N GLU J 284 1.14 0.94 65.74
CA GLU J 284 0.52 0.46 64.50
C GLU J 284 -0.05 -0.94 64.68
N GLU J 285 0.69 -1.81 65.38
CA GLU J 285 0.18 -3.15 65.64
C GLU J 285 -1.12 -3.08 66.44
N LEU J 286 -1.18 -2.19 67.43
CA LEU J 286 -2.42 -2.01 68.18
C LEU J 286 -3.53 -1.48 67.29
N GLU J 287 -3.19 -0.60 66.35
CA GLU J 287 -4.17 -0.08 65.40
C GLU J 287 -4.76 -1.21 64.57
N LYS J 288 -3.94 -2.21 64.21
CA LYS J 288 -4.43 -3.32 63.41
C LYS J 288 -5.63 -4.02 64.06
N SER J 289 -5.66 -4.05 65.39
CA SER J 289 -6.79 -4.66 66.08
C SER J 289 -8.00 -3.74 66.16
N ALA J 290 -7.96 -2.58 65.51
CA ALA J 290 -9.05 -1.62 65.46
C ALA J 290 -9.43 -1.10 66.85
N LEU J 291 -8.45 -0.76 67.67
CA LEU J 291 -8.75 -0.13 68.96
C LEU J 291 -8.50 1.37 68.95
N ILE J 292 -7.63 1.85 68.07
CA ILE J 292 -7.34 3.28 67.98
C ILE J 292 -7.40 3.73 66.53
N GLU J 293 -7.42 5.04 66.33
CA GLU J 293 -7.44 5.62 65.00
C GLU J 293 -6.12 5.30 64.30
N SER J 294 -6.18 5.13 62.98
CA SER J 294 -5.04 4.61 62.24
C SER J 294 -3.81 5.50 62.37
N ASP J 295 -3.96 6.79 62.10
CA ASP J 295 -2.81 7.69 62.03
C ASP J 295 -2.46 8.21 63.43
N SER J 296 -1.21 8.05 63.83
CA SER J 296 -0.69 8.56 65.09
C SER J 296 0.76 8.96 64.90
N THR J 297 1.21 9.94 65.69
CA THR J 297 2.55 10.48 65.55
C THR J 297 3.29 10.39 66.88
N VAL J 298 4.51 9.89 66.85
CA VAL J 298 5.39 9.86 68.00
C VAL J 298 6.68 10.58 67.63
N GLU J 299 7.08 11.55 68.45
CA GLU J 299 8.28 12.32 68.18
C GLU J 299 8.82 12.88 69.48
N ILE J 300 10.06 13.39 69.42
CA ILE J 300 10.73 13.84 70.62
C ILE J 300 10.07 15.11 71.16
N ASP J 301 9.75 15.10 72.45
CA ASP J 301 9.23 16.28 73.11
C ASP J 301 10.33 17.32 73.21
N PHE J 302 10.07 18.52 72.71
CA PHE J 302 11.11 19.54 72.67
C PHE J 302 10.97 20.58 73.76
N GLU J 303 9.75 20.91 74.18
CA GLU J 303 9.57 21.94 75.21
C GLU J 303 10.21 21.50 76.53
N ALA J 304 9.96 20.25 76.93
CA ALA J 304 10.53 19.75 78.17
C ALA J 304 12.05 19.69 78.10
N GLN J 305 12.60 19.26 76.96
CA GLN J 305 14.04 19.21 76.81
C GLN J 305 14.65 20.61 76.85
N LYS J 306 14.01 21.58 76.21
CA LYS J 306 14.48 22.95 76.27
C LYS J 306 14.46 23.48 77.70
N SER J 307 13.39 23.22 78.43
CA SER J 307 13.31 23.65 79.82
C SER J 307 14.40 23.00 80.66
N TYR J 308 14.64 21.71 80.46
CA TYR J 308 15.67 21.01 81.23
C TYR J 308 17.05 21.56 80.90
N LEU J 309 17.33 21.83 79.63
CA LEU J 309 18.60 22.42 79.26
C LEU J 309 18.78 23.80 79.87
N LYS J 310 17.70 24.59 79.90
CA LYS J 310 17.78 25.88 80.57
C LYS J 310 18.06 25.70 82.07
N SER J 311 17.50 24.64 82.66
CA SER J 311 17.65 24.44 84.09
C SER J 311 19.10 24.19 84.49
N LYS J 312 19.89 23.58 83.60
CA LYS J 312 21.30 23.35 83.88
C LYS J 312 22.18 24.53 83.50
N GLY J 313 21.59 25.61 82.97
CA GLY J 313 22.32 26.82 82.69
C GLY J 313 23.02 26.89 81.35
N VAL J 314 22.74 25.96 80.43
CA VAL J 314 23.38 26.01 79.13
C VAL J 314 22.86 27.22 78.35
N ASP J 315 23.72 27.76 77.49
CA ASP J 315 23.36 28.89 76.64
C ASP J 315 22.81 28.34 75.33
N LEU J 316 21.50 28.39 75.19
CA LEU J 316 20.81 27.81 74.04
C LEU J 316 20.22 28.87 73.12
N SER J 317 20.74 30.10 73.16
CA SER J 317 20.19 31.17 72.33
C SER J 317 20.45 30.93 70.85
N TYR J 318 21.67 30.52 70.51
CA TYR J 318 22.06 30.46 69.10
C TYR J 318 21.79 29.09 68.48
N MET J 319 21.91 28.02 69.27
CA MET J 319 21.71 26.69 68.71
C MET J 319 20.28 26.52 68.23
N THR J 320 20.13 26.01 67.02
CA THR J 320 18.83 25.91 66.37
C THR J 320 18.07 24.68 66.89
N LEU J 321 16.80 24.59 66.48
CA LEU J 321 15.91 23.51 66.90
C LEU J 321 16.61 22.15 66.91
N GLN J 322 17.13 21.72 65.76
CA GLN J 322 17.72 20.40 65.70
C GLN J 322 18.97 20.29 66.58
N GLU J 323 19.72 21.39 66.75
CA GLU J 323 20.81 21.36 67.71
C GLU J 323 20.30 21.12 69.13
N ILE J 324 19.18 21.75 69.49
CA ILE J 324 18.60 21.53 70.80
C ILE J 324 18.17 20.08 70.95
N LYS J 325 17.69 19.47 69.85
CA LYS J 325 17.33 18.06 69.92
C LYS J 325 18.56 17.17 70.05
N GLU J 326 19.68 17.58 69.45
CA GLU J 326 20.89 16.76 69.53
C GLU J 326 21.51 16.78 70.92
N ALA J 327 21.28 17.85 71.69
CA ALA J 327 22.02 18.07 72.92
C ALA J 327 21.86 16.90 73.88
N ASN J 328 22.96 16.52 74.52
CA ASN J 328 22.95 15.41 75.46
C ASN J 328 22.07 15.73 76.65
N THR J 329 21.33 14.73 77.12
CA THR J 329 20.42 14.90 78.25
C THR J 329 20.90 14.16 79.49
N GLY J 330 21.80 13.19 79.35
CA GLY J 330 22.28 12.46 80.50
C GLY J 330 21.26 11.51 81.09
N SER J 331 20.94 10.42 80.38
CA SER J 331 20.07 9.35 80.86
C SER J 331 18.62 9.79 80.97
N LYS J 332 18.30 10.99 80.50
CA LYS J 332 16.93 11.45 80.50
C LYS J 332 16.36 11.41 79.09
N VAL J 333 15.13 10.92 78.95
CA VAL J 333 14.44 10.82 77.68
C VAL J 333 13.09 11.53 77.80
N PHE J 334 12.79 12.42 76.86
CA PHE J 334 11.55 13.16 76.84
C PHE J 334 10.83 12.90 75.52
N LEU J 335 9.61 12.40 75.60
CA LEU J 335 8.86 11.99 74.43
C LEU J 335 7.39 12.35 74.61
N LYS J 336 6.75 12.76 73.52
CA LYS J 336 5.31 13.01 73.50
C LYS J 336 4.72 12.45 72.22
N ALA J 337 3.51 11.93 72.30
CA ALA J 337 2.84 11.30 71.17
C ALA J 337 1.33 11.47 71.31
N LYS J 338 0.64 11.47 70.17
CA LYS J 338 -0.80 11.69 70.13
C LYS J 338 -1.49 10.49 69.49
N ILE J 339 -2.69 10.18 69.99
CA ILE J 339 -3.51 9.10 69.46
C ILE J 339 -4.96 9.51 69.55
N LYS J 340 -5.82 8.75 68.86
CA LYS J 340 -7.26 8.91 68.93
C LYS J 340 -7.90 7.55 69.16
N VAL J 341 -8.72 7.45 70.20
CA VAL J 341 -9.25 6.18 70.66
C VAL J 341 -10.67 6.03 70.13
N LEU J 342 -10.95 4.88 69.52
CA LEU J 342 -12.28 4.62 68.99
C LEU J 342 -13.22 4.18 70.10
N ASP J 343 -14.52 4.23 69.79
CA ASP J 343 -15.56 3.80 70.72
C ASP J 343 -16.64 3.05 69.95
N ALA J 344 -17.41 2.25 70.66
CA ALA J 344 -18.51 1.53 70.04
C ALA J 344 -19.68 2.46 69.76
N MET J 345 -20.41 2.21 68.67
CA MET J 345 -21.55 3.04 68.35
C MET J 345 -22.61 2.92 69.45
N GLU J 346 -23.09 4.08 69.91
CA GLU J 346 -23.97 4.13 71.07
C GLU J 346 -25.28 4.86 70.80
N ASP J 347 -25.26 5.93 69.99
CA ASP J 347 -26.45 6.71 69.70
C ASP J 347 -26.54 6.90 68.20
N ILE J 348 -27.65 6.45 67.61
CA ILE J 348 -27.86 6.51 66.17
C ILE J 348 -29.04 7.41 65.89
N ASP J 349 -28.83 8.40 65.02
CA ASP J 349 -29.85 9.36 64.65
C ASP J 349 -30.10 9.20 63.16
N LEU J 350 -31.28 8.69 62.81
CA LEU J 350 -31.65 8.46 61.42
C LEU J 350 -32.82 9.35 61.06
N SER J 351 -32.66 10.14 60.00
CA SER J 351 -33.69 11.07 59.53
C SER J 351 -34.14 10.64 58.15
N ILE J 352 -35.44 10.42 58.00
CA ILE J 352 -36.04 9.95 56.76
C ILE J 352 -37.04 10.99 56.28
N GLU J 353 -36.91 11.41 55.02
CA GLU J 353 -37.94 12.23 54.37
C GLU J 353 -38.57 11.40 53.28
N ILE J 354 -39.89 11.39 53.23
CA ILE J 354 -40.63 10.58 52.29
C ILE J 354 -40.59 11.19 50.89
N ALA K 2 -24.54 15.83 79.28
CA ALA K 2 -24.24 14.71 80.15
C ALA K 2 -24.63 13.40 79.48
N ILE K 3 -24.06 12.30 79.97
CA ILE K 3 -24.38 10.99 79.41
C ILE K 3 -25.74 10.54 79.92
N GLY K 4 -26.60 10.11 78.99
CA GLY K 4 -27.89 9.56 79.34
C GLY K 4 -28.06 8.19 78.73
N LEU K 5 -29.28 7.67 78.84
CA LEU K 5 -29.58 6.38 78.26
C LEU K 5 -29.41 6.45 76.74
N PRO K 6 -28.96 5.37 76.10
CA PRO K 6 -28.71 5.41 74.66
C PRO K 6 -29.97 5.77 73.88
N SER K 7 -29.77 6.55 72.81
CA SER K 7 -30.86 7.09 72.02
C SER K 7 -30.84 6.50 70.62
N ILE K 8 -31.96 5.88 70.23
CA ILE K 8 -32.19 5.45 68.85
C ILE K 8 -33.50 6.08 68.40
N ASN K 9 -33.43 6.93 67.39
CA ASN K 9 -34.61 7.65 66.94
C ASN K 9 -34.68 7.65 65.41
N ILE K 10 -35.87 7.38 64.90
CA ILE K 10 -36.15 7.42 63.47
C ILE K 10 -37.22 8.49 63.26
N SER K 11 -36.95 9.43 62.36
CA SER K 11 -37.84 10.55 62.11
C SER K 11 -38.30 10.52 60.65
N PHE K 12 -39.62 10.67 60.46
CA PHE K 12 -40.21 10.75 59.13
C PHE K 12 -40.70 12.18 58.92
N LYS K 13 -40.31 12.77 57.79
CA LYS K 13 -40.66 14.14 57.47
C LYS K 13 -41.11 14.24 56.02
N GLU K 14 -41.93 15.23 55.72
CA GLU K 14 -42.41 15.43 54.36
C GLU K 14 -41.48 16.33 53.57
N LEU K 15 -41.31 16.02 52.28
CA LEU K 15 -40.66 16.93 51.35
C LEU K 15 -41.66 18.03 50.99
N ALA K 16 -41.66 19.06 51.83
CA ALA K 16 -42.66 20.12 51.71
C ALA K 16 -42.39 21.00 50.49
N THR K 17 -42.66 20.47 49.30
CA THR K 17 -42.53 21.27 48.09
C THR K 17 -43.45 22.48 48.17
N THR K 18 -42.85 23.66 48.16
CA THR K 18 -43.58 24.87 48.47
C THR K 18 -43.43 25.87 47.33
N VAL K 19 -44.57 26.41 46.90
CA VAL K 19 -44.61 27.59 46.05
C VAL K 19 -45.10 28.74 46.92
N LYS K 20 -44.42 29.88 46.84
CA LYS K 20 -44.71 30.97 47.75
C LYS K 20 -46.13 31.49 47.54
N GLU K 21 -46.78 31.88 48.63
CA GLU K 21 -48.12 32.43 48.57
C GLU K 21 -48.06 33.92 48.35
N ARG K 22 -48.76 34.40 47.33
CA ARG K 22 -48.77 35.82 46.98
C ARG K 22 -50.12 36.42 47.33
N SER K 23 -50.22 37.73 47.12
CA SER K 23 -51.45 38.46 47.45
C SER K 23 -52.62 37.90 46.66
N ALA K 24 -53.74 37.68 47.35
CA ALA K 24 -54.94 37.20 46.68
C ALA K 24 -55.47 38.24 45.71
N ARG K 25 -55.86 37.79 44.53
CA ARG K 25 -56.40 38.66 43.50
C ARG K 25 -57.69 38.07 42.95
N GLY K 26 -58.62 38.94 42.60
CA GLY K 26 -59.92 38.52 42.11
C GLY K 26 -61.03 38.55 43.14
N ILE K 27 -60.81 39.16 44.28
CA ILE K 27 -61.83 39.22 45.32
C ILE K 27 -62.54 40.57 45.24
N ILE K 28 -63.83 40.57 45.56
CA ILE K 28 -64.68 41.73 45.45
C ILE K 28 -65.29 42.03 46.81
N ALA K 29 -65.37 43.30 47.17
CA ALA K 29 -66.11 43.73 48.34
C ALA K 29 -67.32 44.54 47.86
N MET K 30 -68.51 44.02 48.15
CA MET K 30 -69.75 44.70 47.82
C MET K 30 -70.41 45.14 49.12
N VAL K 31 -70.70 46.42 49.21
CA VAL K 31 -71.41 46.96 50.36
C VAL K 31 -72.82 47.35 49.93
N LEU K 32 -73.78 47.17 50.82
CA LEU K 32 -75.19 47.30 50.48
C LEU K 32 -75.97 47.66 51.74
N LYS K 33 -77.18 48.19 51.53
CA LYS K 33 -78.06 48.59 52.63
C LYS K 33 -79.32 47.73 52.64
N ASP K 34 -79.64 47.20 53.83
CA ASP K 34 -80.84 46.41 54.03
C ASP K 34 -81.17 46.39 55.52
N ALA K 35 -82.33 45.84 55.83
CA ALA K 35 -82.77 45.65 57.21
C ALA K 35 -82.61 44.22 57.70
N LYS K 36 -82.09 43.32 56.85
CA LYS K 36 -81.95 41.91 57.20
C LYS K 36 -80.50 41.48 57.01
N ALA K 37 -80.04 40.60 57.89
CA ALA K 37 -78.70 40.02 57.82
C ALA K 37 -77.63 41.10 57.74
N LEU K 38 -77.72 42.08 58.65
CA LEU K 38 -76.79 43.19 58.65
C LEU K 38 -75.37 42.68 58.94
N GLY K 39 -74.40 43.32 58.30
CA GLY K 39 -73.02 42.90 58.42
C GLY K 39 -72.57 42.11 57.19
N LEU K 40 -71.31 41.66 57.26
CA LEU K 40 -70.76 40.88 56.17
C LEU K 40 -71.45 39.52 56.09
N ASN K 41 -71.51 38.97 54.87
CA ASN K 41 -72.15 37.68 54.65
C ASN K 41 -71.23 36.65 54.02
N GLU K 42 -70.15 37.07 53.37
CA GLU K 42 -69.10 36.17 52.88
C GLU K 42 -69.69 35.12 51.91
N ILE K 43 -70.15 35.63 50.77
CA ILE K 43 -70.72 34.76 49.72
C ILE K 43 -69.54 34.33 48.84
N HIS K 44 -68.86 33.28 49.27
CA HIS K 44 -67.76 32.73 48.47
C HIS K 44 -68.31 31.88 47.33
N GLU K 45 -69.49 31.30 47.51
CA GLU K 45 -70.07 30.38 46.55
C GLU K 45 -71.25 31.03 45.85
N LYS K 46 -71.37 30.77 44.55
CA LYS K 46 -72.43 31.38 43.75
C LYS K 46 -73.82 31.05 44.28
N GLU K 47 -74.05 29.78 44.63
CA GLU K 47 -75.41 29.36 45.00
C GLU K 47 -75.68 29.57 46.48
N ASP K 48 -74.64 29.86 47.27
CA ASP K 48 -74.82 30.11 48.70
C ASP K 48 -75.34 31.52 48.92
N ILE K 49 -76.66 31.69 48.96
CA ILE K 49 -77.26 33.01 49.06
C ILE K 49 -78.17 33.08 50.28
N PRO K 50 -77.99 34.05 51.17
CA PRO K 50 -78.92 34.21 52.30
C PRO K 50 -80.32 34.54 51.81
N VAL K 51 -81.32 34.10 52.57
CA VAL K 51 -82.69 34.16 52.09
C VAL K 51 -83.43 35.40 52.57
N ASP K 52 -83.04 35.96 53.72
CA ASP K 52 -83.81 37.06 54.29
C ASP K 52 -83.63 38.36 53.52
N LEU K 53 -82.57 38.50 52.74
CA LEU K 53 -82.34 39.74 52.01
C LEU K 53 -83.33 39.87 50.85
N SER K 54 -83.45 41.09 50.35
CA SER K 54 -84.44 41.40 49.32
C SER K 54 -84.14 40.67 48.02
N ALA K 55 -85.20 40.35 47.28
CA ALA K 55 -85.05 39.68 46.00
C ALA K 55 -84.32 40.56 44.99
N GLU K 56 -84.58 41.87 45.02
CA GLU K 56 -83.87 42.78 44.13
C GLU K 56 -82.37 42.77 44.43
N ASN K 57 -82.01 42.78 45.71
CA ASN K 57 -80.60 42.67 46.07
C ASN K 57 -80.05 41.29 45.72
N LYS K 58 -80.88 40.25 45.79
CA LYS K 58 -80.47 38.94 45.28
C LYS K 58 -80.10 39.04 43.81
N GLU K 59 -80.90 39.78 43.04
CA GLU K 59 -80.59 39.99 41.62
C GLU K 59 -79.29 40.76 41.45
N TYR K 60 -79.05 41.75 42.31
CA TYR K 60 -77.78 42.47 42.27
C TYR K 60 -76.60 41.53 42.47
N ILE K 61 -76.69 40.66 43.49
CA ILE K 61 -75.64 39.67 43.71
C ILE K 61 -75.50 38.79 42.48
N ASN K 62 -76.63 38.37 41.89
CA ASN K 62 -76.59 37.52 40.71
C ASN K 62 -75.81 38.18 39.58
N LEU K 63 -76.05 39.47 39.34
CA LEU K 63 -75.27 40.18 38.34
C LEU K 63 -73.79 40.18 38.71
N ALA K 64 -73.48 40.40 39.99
CA ALA K 64 -72.09 40.38 40.41
C ALA K 64 -71.45 39.01 40.27
N LEU K 65 -72.25 37.94 40.20
CA LEU K 65 -71.71 36.59 40.25
C LEU K 65 -71.04 36.18 38.93
N MET K 66 -71.65 36.53 37.80
CA MET K 66 -71.15 36.06 36.52
C MET K 66 -69.87 36.80 36.13
N GLY K 67 -68.76 36.06 36.09
CA GLY K 67 -67.48 36.63 35.73
C GLY K 67 -67.31 36.70 34.21
N ASN K 68 -66.25 37.38 33.78
CA ASN K 68 -65.99 37.51 32.35
C ASN K 68 -65.46 36.19 31.79
N VAL K 69 -64.27 35.78 32.21
CA VAL K 69 -63.64 34.56 31.74
C VAL K 69 -63.95 33.40 32.68
N ASN K 70 -63.79 33.59 33.98
CA ASN K 70 -64.13 32.58 34.96
C ASN K 70 -64.85 33.27 36.13
N THR K 71 -65.29 32.45 37.07
CA THR K 71 -65.99 32.96 38.24
C THR K 71 -65.03 33.82 39.07
N PRO K 72 -65.51 34.89 39.69
CA PRO K 72 -64.65 35.65 40.60
C PRO K 72 -64.12 34.78 41.73
N ASN K 73 -62.91 35.08 42.16
CA ASN K 73 -62.24 34.23 43.14
C ASN K 73 -63.01 34.17 44.45
N LYS K 74 -63.50 35.31 44.93
CA LYS K 74 -64.24 35.36 46.18
C LYS K 74 -65.01 36.68 46.23
N LEU K 75 -66.13 36.67 46.95
CA LEU K 75 -67.00 37.84 47.04
C LEU K 75 -67.28 38.15 48.51
N LEU K 76 -67.13 39.42 48.87
CA LEU K 76 -67.49 39.93 50.20
C LEU K 76 -68.67 40.87 50.04
N VAL K 77 -69.74 40.60 50.78
CA VAL K 77 -70.93 41.43 50.77
C VAL K 77 -71.21 41.93 52.18
N TYR K 78 -71.27 43.24 52.34
CA TYR K 78 -71.62 43.88 53.61
C TYR K 78 -73.01 44.48 53.51
N VAL K 79 -73.88 44.13 54.46
CA VAL K 79 -75.19 44.74 54.60
C VAL K 79 -75.10 45.82 55.67
N ILE K 80 -75.49 47.04 55.31
CA ILE K 80 -75.40 48.17 56.22
C ILE K 80 -76.82 48.63 56.54
N GLU K 81 -76.95 49.28 57.69
CA GLU K 81 -78.24 49.85 58.08
C GLU K 81 -78.51 51.13 57.29
N GLY K 82 -79.78 51.34 56.97
CA GLY K 82 -80.16 52.56 56.26
C GLY K 82 -79.77 53.79 57.06
N GLU K 83 -79.24 54.79 56.35
CA GLU K 83 -78.82 56.08 56.88
C GLU K 83 -77.70 55.96 57.91
N ALA K 84 -76.99 54.83 57.96
CA ALA K 84 -75.85 54.69 58.84
C ALA K 84 -74.59 55.33 58.27
N ASP K 85 -74.71 56.09 57.18
CA ASP K 85 -73.59 56.75 56.51
C ASP K 85 -72.60 55.72 55.96
N ILE K 86 -71.46 56.20 55.48
CA ILE K 86 -70.51 55.32 54.79
C ILE K 86 -69.39 54.87 55.71
N GLN K 87 -68.94 55.75 56.62
CA GLN K 87 -67.75 55.48 57.42
C GLN K 87 -67.93 54.23 58.29
N THR K 88 -69.15 53.95 58.73
CA THR K 88 -69.39 52.79 59.59
C THR K 88 -68.96 51.51 58.90
N ALA K 89 -69.34 51.34 57.64
CA ALA K 89 -68.87 50.19 56.87
C ALA K 89 -67.43 50.38 56.40
N LEU K 90 -67.03 51.64 56.18
CA LEU K 90 -65.68 51.91 55.65
C LEU K 90 -64.61 51.41 56.61
N ASP K 91 -64.83 51.60 57.92
CA ASP K 91 -63.90 51.06 58.90
C ASP K 91 -63.83 49.54 58.80
N PHE K 92 -64.98 48.90 58.62
CA PHE K 92 -65.02 47.45 58.47
C PHE K 92 -64.17 47.01 57.28
N LEU K 93 -64.31 47.70 56.15
CA LEU K 93 -63.51 47.33 54.98
C LEU K 93 -62.03 47.61 55.20
N GLU K 94 -61.69 48.71 55.90
CA GLU K 94 -60.29 48.94 56.22
C GLU K 94 -59.74 47.82 57.09
N THR K 95 -60.60 47.17 57.87
CA THR K 95 -60.13 46.07 58.71
C THR K 95 -59.60 44.91 57.85
N LYS K 96 -60.30 44.57 56.78
CA LYS K 96 -59.95 43.42 55.96
C LYS K 96 -59.37 43.84 54.61
N GLU K 97 -59.11 42.84 53.77
CA GLU K 97 -58.48 43.06 52.48
C GLU K 97 -59.46 42.81 51.34
N PHE K 98 -59.37 43.64 50.31
CA PHE K 98 -60.24 43.53 49.14
C PHE K 98 -59.55 44.18 47.94
N ASN K 99 -60.20 44.07 46.79
CA ASN K 99 -59.69 44.66 45.55
C ASN K 99 -60.63 45.71 44.96
N TYR K 100 -61.92 45.39 44.83
CA TYR K 100 -62.88 46.28 44.19
C TYR K 100 -64.07 46.50 45.09
N LEU K 101 -64.64 47.71 45.04
CA LEU K 101 -65.77 48.10 45.86
C LEU K 101 -66.84 48.73 44.97
N CYS K 102 -68.11 48.54 45.34
CA CYS K 102 -69.19 49.04 44.50
C CYS K 102 -70.46 49.28 45.32
N MET K 103 -71.32 50.13 44.74
CA MET K 103 -72.63 50.65 45.21
C MET K 103 -73.67 50.68 44.11
N PRO K 104 -74.66 49.77 44.15
CA PRO K 104 -75.83 49.94 43.28
C PRO K 104 -76.68 51.14 43.70
N LYS K 105 -77.01 51.21 44.98
CA LYS K 105 -77.83 52.29 45.53
C LYS K 105 -76.97 53.27 46.30
N ALA K 106 -76.81 54.48 45.75
CA ALA K 106 -76.06 55.53 46.43
C ALA K 106 -76.46 56.88 45.85
N VAL K 107 -76.45 57.88 46.73
CA VAL K 107 -76.61 59.26 46.30
C VAL K 107 -75.23 59.84 46.02
N GLU K 108 -75.20 60.98 45.32
CA GLU K 108 -73.94 61.58 44.92
C GLU K 108 -73.05 61.90 46.12
N ALA K 109 -73.66 62.20 47.27
CA ALA K 109 -72.87 62.43 48.48
C ALA K 109 -72.09 61.19 48.88
N ASP K 110 -72.73 60.02 48.80
CA ASP K 110 -72.03 58.78 49.09
C ASP K 110 -70.89 58.55 48.11
N LYS K 111 -71.10 58.85 46.84
CA LYS K 111 -70.02 58.71 45.86
C LYS K 111 -68.86 59.63 46.18
N THR K 112 -69.16 60.87 46.57
CA THR K 112 -68.09 61.80 46.94
C THR K 112 -67.32 61.30 48.15
N ALA K 113 -68.03 60.80 49.16
CA ALA K 113 -67.35 60.26 50.34
C ALA K 113 -66.47 59.08 49.97
N ILE K 114 -66.98 58.19 49.11
CA ILE K 114 -66.21 57.01 48.71
C ILE K 114 -64.97 57.42 47.93
N LYS K 115 -65.11 58.39 47.02
CA LYS K 115 -63.97 58.79 46.21
C LYS K 115 -62.90 59.47 47.08
N ASN K 116 -63.33 60.31 48.03
CA ASN K 116 -62.35 60.92 48.94
C ASN K 116 -61.65 59.86 49.77
N TRP K 117 -62.40 58.89 50.29
CA TRP K 117 -61.81 57.80 51.06
C TRP K 117 -60.79 57.04 50.24
N ILE K 118 -61.13 56.69 49.01
CA ILE K 118 -60.22 55.91 48.17
C ILE K 118 -58.97 56.70 47.85
N ILE K 119 -59.12 57.98 47.51
CA ILE K 119 -57.96 58.80 47.18
C ILE K 119 -57.02 58.90 48.37
N LYS K 120 -57.57 59.16 49.56
CA LYS K 120 -56.71 59.29 50.73
C LYS K 120 -56.07 57.96 51.11
N LEU K 121 -56.80 56.85 50.94
CA LEU K 121 -56.30 55.56 51.38
C LEU K 121 -55.22 55.03 50.45
N ARG K 122 -55.32 55.33 49.15
CA ARG K 122 -54.32 54.85 48.21
C ARG K 122 -53.00 55.60 48.37
N ASP K 123 -52.99 56.68 49.14
CA ASP K 123 -51.79 57.51 49.21
C ASP K 123 -51.17 57.54 50.60
N ILE K 124 -52.00 57.57 51.65
CA ILE K 124 -51.44 57.74 52.99
C ILE K 124 -51.36 56.41 53.73
N ASP K 125 -52.18 55.44 53.35
CA ASP K 125 -52.04 54.08 53.87
C ASP K 125 -51.20 53.18 52.98
N LYS K 126 -50.84 53.62 51.79
CA LYS K 126 -50.07 52.81 50.84
C LYS K 126 -50.76 51.47 50.57
N VAL K 127 -52.08 51.50 50.47
CA VAL K 127 -52.90 50.34 50.15
C VAL K 127 -53.59 50.59 48.82
N LYS K 128 -53.40 49.68 47.87
CA LYS K 128 -53.87 49.88 46.49
C LYS K 128 -55.19 49.13 46.32
N VAL K 129 -56.29 49.88 46.27
CA VAL K 129 -57.60 49.35 46.00
C VAL K 129 -58.31 50.28 45.01
N LYS K 130 -59.36 49.74 44.39
CA LYS K 130 -60.10 50.48 43.37
C LYS K 130 -61.59 50.28 43.58
N ALA K 131 -62.38 51.18 43.00
CA ALA K 131 -63.83 51.07 43.06
C ALA K 131 -64.43 51.69 41.79
N VAL K 132 -65.62 51.22 41.44
CA VAL K 132 -66.35 51.71 40.28
C VAL K 132 -67.55 52.51 40.75
N LEU K 133 -67.79 53.66 40.11
CA LEU K 133 -68.83 54.58 40.50
C LEU K 133 -69.66 54.98 39.29
N GLY K 134 -70.95 55.23 39.54
CA GLY K 134 -71.89 55.46 38.44
C GLY K 134 -71.58 56.70 37.63
N LYS K 135 -71.34 57.82 38.31
CA LYS K 135 -71.10 59.08 37.60
C LYS K 135 -70.19 59.94 38.49
N VAL K 136 -68.90 59.95 38.17
CA VAL K 136 -67.91 60.73 38.90
C VAL K 136 -66.94 61.33 37.88
N VAL K 137 -66.20 62.34 38.35
CA VAL K 137 -65.28 63.06 37.48
C VAL K 137 -63.91 63.08 38.14
N GLY K 138 -63.70 62.18 39.11
CA GLY K 138 -62.43 62.12 39.79
C GLY K 138 -61.30 61.78 38.82
N ASN K 139 -60.13 62.37 39.07
CA ASN K 139 -58.99 62.26 38.18
C ASN K 139 -57.92 61.33 38.73
N HIS K 140 -58.32 60.26 39.39
CA HIS K 140 -57.40 59.32 40.00
C HIS K 140 -57.60 57.93 39.41
N GLU K 141 -56.51 57.15 39.40
CA GLU K 141 -56.57 55.80 38.85
C GLU K 141 -57.48 54.90 39.67
N GLY K 142 -57.70 55.24 40.93
CA GLY K 142 -58.43 54.38 41.83
C GLY K 142 -59.91 54.25 41.58
N ILE K 143 -60.47 55.08 40.71
CA ILE K 143 -61.91 55.06 40.43
C ILE K 143 -62.11 54.81 38.94
N ILE K 144 -63.10 53.99 38.61
CA ILE K 144 -63.46 53.67 37.24
C ILE K 144 -64.81 54.29 36.96
N ASN K 145 -64.86 55.19 35.98
CA ASN K 145 -66.08 55.94 35.67
C ASN K 145 -66.75 55.30 34.48
N PHE K 146 -67.79 54.50 34.74
CA PHE K 146 -68.61 53.91 33.70
C PHE K 146 -69.96 54.62 33.67
N THR K 147 -70.39 55.03 32.48
CA THR K 147 -71.63 55.79 32.34
C THR K 147 -72.37 55.31 31.10
N THR K 148 -73.47 54.59 31.31
CA THR K 148 -74.36 54.19 30.23
C THR K 148 -75.77 54.09 30.80
N GLU K 149 -76.71 54.81 30.19
CA GLU K 149 -78.06 54.92 30.71
C GLU K 149 -79.00 53.96 30.01
N ASP K 150 -80.06 53.56 30.71
CA ASP K 150 -81.14 52.75 30.17
C ASP K 150 -80.63 51.42 29.64
N VAL K 151 -79.85 50.72 30.46
CA VAL K 151 -79.35 49.40 30.10
C VAL K 151 -80.46 48.38 30.28
N LEU K 152 -80.74 47.61 29.23
CA LEU K 152 -81.80 46.62 29.24
C LEU K 152 -81.18 45.23 29.29
N VAL K 153 -81.37 44.53 30.41
CA VAL K 153 -80.95 43.15 30.56
C VAL K 153 -82.13 42.33 31.04
N GLY K 154 -82.56 41.38 30.21
CA GLY K 154 -83.69 40.55 30.55
C GLY K 154 -84.96 41.32 30.84
N GLU K 155 -85.46 42.04 29.84
CA GLU K 155 -86.71 42.79 29.88
C GLU K 155 -86.84 43.70 31.10
N LYS K 156 -85.71 44.10 31.70
CA LYS K 156 -85.72 45.04 32.81
C LYS K 156 -84.71 46.15 32.54
N LYS K 157 -85.09 47.37 32.88
CA LYS K 157 -84.20 48.52 32.78
C LYS K 157 -83.22 48.53 33.94
N TYR K 158 -82.06 49.14 33.70
CA TYR K 158 -81.04 49.30 34.72
C TYR K 158 -80.48 50.71 34.66
N SER K 159 -80.29 51.32 35.82
CA SER K 159 -79.51 52.55 35.87
C SER K 159 -78.02 52.22 35.83
N VAL K 160 -77.23 53.26 35.60
CA VAL K 160 -75.77 53.08 35.58
C VAL K 160 -75.28 52.59 36.94
N ASP K 161 -75.82 53.17 38.02
CA ASP K 161 -75.39 52.78 39.36
C ASP K 161 -75.68 51.32 39.63
N GLU K 162 -76.82 50.83 39.14
CA GLU K 162 -77.14 49.42 39.33
C GLU K 162 -76.20 48.53 38.52
N PHE K 163 -75.88 48.93 37.29
CA PHE K 163 -74.98 48.14 36.46
C PHE K 163 -73.52 48.24 36.90
N THR K 164 -73.21 49.13 37.85
CA THR K 164 -71.86 49.16 38.40
C THR K 164 -71.43 47.80 38.94
N SER K 165 -72.35 47.09 39.60
CA SER K 165 -72.02 45.78 40.12
C SER K 165 -71.64 44.81 39.01
N ARG K 166 -72.42 44.80 37.93
CA ARG K 166 -72.14 43.89 36.83
C ARG K 166 -70.79 44.20 36.18
N VAL K 167 -70.51 45.48 35.93
CA VAL K 167 -69.25 45.81 35.28
C VAL K 167 -68.07 45.51 36.21
N ALA K 168 -68.23 45.80 37.50
CA ALA K 168 -67.16 45.49 38.45
C ALA K 168 -66.87 43.99 38.50
N GLY K 169 -67.92 43.18 38.51
CA GLY K 169 -67.72 41.74 38.41
C GLY K 169 -67.04 41.36 37.11
N LEU K 170 -67.36 42.07 36.03
CA LEU K 170 -66.71 41.81 34.75
C LEU K 170 -65.19 42.03 34.85
N ILE K 171 -64.77 43.16 35.45
CA ILE K 171 -63.33 43.38 35.59
C ILE K 171 -62.72 42.37 36.53
N ALA K 172 -63.43 42.00 37.59
CA ALA K 172 -62.87 41.05 38.55
C ALA K 172 -62.68 39.67 37.95
N GLY K 173 -63.57 39.26 37.04
CA GLY K 173 -63.48 37.92 36.51
C GLY K 173 -62.27 37.67 35.64
N THR K 174 -61.87 38.67 34.85
CA THR K 174 -60.84 38.45 33.84
C THR K 174 -59.48 38.19 34.49
N PRO K 175 -58.64 37.37 33.85
CA PRO K 175 -57.29 37.14 34.38
C PRO K 175 -56.39 38.35 34.17
N LEU K 176 -55.14 38.24 34.62
CA LEU K 176 -54.21 39.36 34.49
C LEU K 176 -53.61 39.46 33.10
N SER K 177 -53.44 38.33 32.41
CA SER K 177 -52.77 38.35 31.11
C SER K 177 -53.61 39.07 30.07
N GLN K 178 -54.92 38.91 30.14
CA GLN K 178 -55.82 39.49 29.15
C GLN K 178 -56.34 40.85 29.59
N SER K 179 -56.89 41.59 28.63
CA SER K 179 -57.47 42.89 28.89
C SER K 179 -58.99 42.82 28.79
N VAL K 180 -59.65 43.86 29.29
CA VAL K 180 -61.11 43.92 29.27
C VAL K 180 -61.66 44.39 27.93
N THR K 181 -60.82 45.01 27.11
CA THR K 181 -61.28 45.63 25.87
C THR K 181 -61.89 44.61 24.92
N TYR K 182 -63.01 45.00 24.30
CA TYR K 182 -63.64 44.26 23.22
C TYR K 182 -64.07 42.87 23.68
N THR K 183 -64.96 42.87 24.67
CA THR K 183 -65.46 41.65 25.29
C THR K 183 -66.97 41.58 25.15
N LYS K 184 -67.47 40.40 24.80
CA LYS K 184 -68.90 40.18 24.60
C LYS K 184 -69.67 40.33 25.90
N LEU K 185 -70.91 40.80 25.77
CA LEU K 185 -71.88 40.83 26.86
C LEU K 185 -73.19 40.25 26.33
N SER K 186 -73.36 38.94 26.49
CA SER K 186 -74.58 38.30 26.01
C SER K 186 -75.81 38.69 26.81
N ASP K 187 -75.63 39.26 27.99
CA ASP K 187 -76.78 39.62 28.82
C ASP K 187 -77.51 40.83 28.26
N VAL K 188 -76.77 41.86 27.85
CA VAL K 188 -77.38 43.10 27.40
C VAL K 188 -78.01 42.87 26.02
N VAL K 189 -79.17 43.51 25.80
CA VAL K 189 -79.90 43.30 24.57
C VAL K 189 -80.10 44.62 23.82
N ASP K 190 -80.05 45.75 24.52
CA ASP K 190 -80.35 47.02 23.88
C ASP K 190 -79.65 48.13 24.63
N ILE K 191 -79.15 49.11 23.87
CA ILE K 191 -78.50 50.31 24.39
C ILE K 191 -79.04 51.51 23.62
N PRO K 192 -79.16 52.68 24.24
CA PRO K 192 -79.55 53.87 23.47
C PRO K 192 -78.60 54.13 22.31
N LYS K 193 -79.16 54.57 21.19
CA LYS K 193 -78.39 54.84 19.99
C LYS K 193 -77.43 55.99 20.25
N MET K 194 -76.16 55.77 19.92
CA MET K 194 -75.12 56.76 20.17
C MET K 194 -74.08 56.66 19.07
N THR K 195 -73.63 57.81 18.58
CA THR K 195 -72.75 57.86 17.41
C THR K 195 -71.29 57.62 17.79
N LYS K 196 -70.48 57.37 16.77
CA LYS K 196 -69.09 56.97 16.99
C LYS K 196 -68.22 58.16 17.40
N VAL K 197 -68.46 59.34 16.81
CA VAL K 197 -67.67 60.51 17.19
C VAL K 197 -67.93 60.89 18.63
N ASP K 198 -69.18 60.71 19.09
CA ASP K 198 -69.46 60.92 20.50
C ASP K 198 -68.73 59.89 21.36
N ALA K 199 -68.59 58.67 20.86
CA ALA K 199 -67.82 57.67 21.59
C ALA K 199 -66.35 58.08 21.70
N GLU K 200 -65.79 58.62 20.62
CA GLU K 200 -64.43 59.16 20.69
C GLU K 200 -64.33 60.25 21.74
N SER K 201 -65.29 61.17 21.75
CA SER K 201 -65.25 62.27 22.72
C SER K 201 -65.32 61.74 24.15
N ARG K 202 -66.25 60.82 24.42
CA ARG K 202 -66.42 60.31 25.78
C ARG K 202 -65.21 59.50 26.22
N VAL K 203 -64.65 58.68 25.33
CA VAL K 203 -63.47 57.90 25.68
C VAL K 203 -62.29 58.83 25.98
N ASN K 204 -62.14 59.89 25.17
CA ASN K 204 -61.08 60.85 25.42
C ASN K 204 -61.30 61.62 26.73
N LYS K 205 -62.52 61.58 27.26
CA LYS K 205 -62.79 62.18 28.55
C LYS K 205 -62.39 61.28 29.71
N GLY K 206 -61.80 60.12 29.44
CA GLY K 206 -61.52 59.15 30.47
C GLY K 206 -62.71 58.30 30.86
N GLU K 207 -63.87 58.56 30.28
CA GLU K 207 -65.09 57.83 30.60
C GLU K 207 -65.05 56.44 29.98
N LEU K 208 -65.58 55.45 30.69
CA LEU K 208 -65.68 54.09 30.17
C LEU K 208 -67.07 53.90 29.57
N ILE K 209 -67.12 53.48 28.30
CA ILE K 209 -68.35 53.52 27.53
C ILE K 209 -68.70 52.13 27.02
N LEU K 210 -69.96 51.97 26.66
CA LEU K 210 -70.48 50.72 26.09
C LEU K 210 -70.81 50.96 24.62
N ILE K 211 -70.32 50.07 23.76
CA ILE K 211 -70.38 50.30 22.32
C ILE K 211 -70.96 49.08 21.63
N LYS K 212 -71.80 49.33 20.63
CA LYS K 212 -72.39 48.30 19.78
C LYS K 212 -71.58 48.23 18.49
N GLU K 213 -70.88 47.12 18.28
CA GLU K 213 -70.10 46.92 17.08
C GLU K 213 -70.00 45.42 16.80
N ALA K 214 -69.81 45.10 15.53
CA ALA K 214 -69.73 43.71 15.06
C ALA K 214 -70.99 42.97 15.52
N GLY K 215 -70.84 41.71 15.93
CA GLY K 215 -72.00 40.91 16.28
C GLY K 215 -72.73 41.35 17.52
N ALA K 216 -72.02 41.68 18.60
CA ALA K 216 -72.62 41.84 19.91
C ALA K 216 -72.19 43.16 20.55
N ILE K 217 -72.52 43.29 21.83
CA ILE K 217 -72.18 44.48 22.60
C ILE K 217 -70.88 44.24 23.35
N ARG K 218 -70.02 45.25 23.39
CA ARG K 218 -68.65 45.07 23.85
C ARG K 218 -68.13 46.30 24.57
N ILE K 219 -67.23 46.06 25.52
CA ILE K 219 -66.51 47.14 26.19
C ILE K 219 -65.56 47.81 25.20
N ALA K 220 -65.46 49.13 25.29
CA ALA K 220 -64.65 49.91 24.35
C ALA K 220 -63.46 50.49 25.09
N ARG K 221 -62.38 49.71 25.17
CA ARG K 221 -61.08 50.19 25.65
C ARG K 221 -61.15 50.73 27.07
N GLY K 222 -61.33 49.80 28.01
CA GLY K 222 -61.39 50.15 29.41
C GLY K 222 -60.19 50.92 29.91
N VAL K 223 -60.43 52.11 30.49
CA VAL K 223 -59.38 52.97 31.00
C VAL K 223 -59.83 53.58 32.32
N ASN K 224 -58.86 54.07 33.09
CA ASN K 224 -59.17 54.74 34.34
C ASN K 224 -59.80 56.10 34.09
N SER K 225 -60.08 56.81 35.18
CA SER K 225 -60.80 58.06 35.08
C SER K 225 -59.89 59.28 35.02
N LEU K 226 -58.57 59.11 35.13
CA LEU K 226 -57.69 60.26 35.10
C LEU K 226 -57.54 60.77 33.67
N THR K 227 -57.45 62.08 33.52
CA THR K 227 -57.33 62.72 32.22
C THR K 227 -56.13 63.62 32.08
N GLU K 228 -55.72 64.31 33.15
CA GLU K 228 -54.55 65.17 33.11
C GLU K 228 -53.30 64.31 33.27
N LEU K 229 -52.24 64.67 32.54
CA LEU K 229 -51.00 63.90 32.51
C LEU K 229 -49.89 64.74 33.11
N THR K 230 -49.33 64.28 34.22
CA THR K 230 -48.24 65.01 34.87
C THR K 230 -46.90 64.50 34.36
N ALA K 231 -45.82 65.00 34.96
CA ALA K 231 -44.48 64.60 34.55
C ALA K 231 -44.20 63.14 34.93
N GLU K 232 -44.72 62.70 36.07
CA GLU K 232 -44.41 61.35 36.54
C GLU K 232 -45.54 60.38 36.23
N LYS K 233 -46.77 60.88 36.16
CA LYS K 233 -47.92 60.08 35.75
C LYS K 233 -47.98 60.06 34.23
N GLY K 234 -47.40 59.04 33.61
CA GLY K 234 -47.32 58.97 32.17
C GLY K 234 -48.55 58.35 31.53
N GLU K 235 -48.41 58.07 30.24
CA GLU K 235 -49.55 57.57 29.46
C GLU K 235 -50.00 56.20 29.94
N MET K 236 -49.05 55.30 30.22
CA MET K 236 -49.40 53.93 30.58
C MET K 236 -50.25 53.86 31.85
N PHE K 237 -50.22 54.90 32.68
CA PHE K 237 -51.02 54.89 33.90
C PHE K 237 -52.51 54.99 33.60
N GLN K 238 -52.88 55.25 32.35
CA GLN K 238 -54.29 55.36 31.97
C GLN K 238 -54.90 54.02 31.57
N LYS K 239 -54.12 52.95 31.56
CA LYS K 239 -54.63 51.63 31.19
C LYS K 239 -54.89 50.80 32.44
N ILE K 240 -56.06 50.16 32.47
CA ILE K 240 -56.45 49.40 33.65
C ILE K 240 -55.50 48.24 33.90
N LYS K 241 -55.11 47.52 32.84
CA LYS K 241 -54.24 46.38 33.00
C LYS K 241 -52.90 46.78 33.60
N ILE K 242 -52.35 47.91 33.15
CA ILE K 242 -51.04 48.35 33.61
C ILE K 242 -51.10 48.70 35.09
N VAL K 243 -52.11 49.47 35.50
CA VAL K 243 -52.20 49.86 36.89
C VAL K 243 -52.46 48.65 37.78
N ASP K 244 -53.23 47.68 37.26
CA ASP K 244 -53.53 46.49 38.06
C ASP K 244 -52.26 45.67 38.29
N THR K 245 -51.46 45.45 37.23
CA THR K 245 -50.24 44.69 37.44
C THR K 245 -49.25 45.46 38.31
N LEU K 246 -49.23 46.79 38.22
CA LEU K 246 -48.41 47.57 39.15
C LEU K 246 -48.85 47.35 40.58
N ASP K 247 -50.16 47.33 40.82
CA ASP K 247 -50.68 47.14 42.17
C ASP K 247 -50.29 45.78 42.73
N ILE K 248 -50.43 44.73 41.91
CA ILE K 248 -50.10 43.41 42.43
C ILE K 248 -48.60 43.30 42.70
N ILE K 249 -47.77 43.90 41.84
CA ILE K 249 -46.34 43.93 42.10
C ILE K 249 -46.06 44.61 43.44
N HIS K 250 -46.67 45.77 43.65
CA HIS K 250 -46.45 46.52 44.89
C HIS K 250 -46.81 45.69 46.10
N SER K 251 -48.01 45.11 46.10
CA SER K 251 -48.49 44.38 47.27
C SER K 251 -47.60 43.17 47.55
N ASP K 252 -47.23 42.43 46.50
CA ASP K 252 -46.39 41.25 46.71
C ASP K 252 -45.04 41.62 47.29
N ILE K 253 -44.38 42.63 46.72
CA ILE K 253 -43.06 43.01 47.20
C ILE K 253 -43.15 43.52 48.64
N ARG K 254 -44.16 44.33 48.94
CA ARG K 254 -44.31 44.84 50.30
C ARG K 254 -44.51 43.71 51.29
N LYS K 255 -45.36 42.73 50.95
CA LYS K 255 -45.62 41.64 51.88
C LYS K 255 -44.38 40.81 52.12
N VAL K 256 -43.62 40.52 51.06
CA VAL K 256 -42.36 39.80 51.24
C VAL K 256 -41.42 40.58 52.16
N ILE K 257 -41.30 41.89 51.91
CA ILE K 257 -40.39 42.72 52.68
C ILE K 257 -40.75 42.69 54.16
N ILE K 258 -42.03 42.91 54.48
CA ILE K 258 -42.40 42.98 55.89
C ILE K 258 -42.28 41.61 56.54
N ASP K 259 -42.66 40.55 55.83
CA ASP K 259 -42.69 39.23 56.47
C ASP K 259 -41.31 38.68 56.71
N ASP K 260 -40.33 39.05 55.88
CA ASP K 260 -39.02 38.38 55.96
C ASP K 260 -37.90 39.26 56.49
N TYR K 261 -37.63 40.40 55.86
CA TYR K 261 -36.40 41.14 56.13
C TYR K 261 -36.60 42.37 56.99
N ILE K 262 -37.65 42.42 57.80
CA ILE K 262 -37.88 43.56 58.68
C ILE K 262 -37.58 43.14 60.12
N GLY K 263 -36.54 43.75 60.69
CA GLY K 263 -36.19 43.52 62.07
C GLY K 263 -35.58 42.16 62.34
N LYS K 264 -35.20 41.43 61.29
CA LYS K 264 -34.64 40.09 61.44
C LYS K 264 -33.30 39.90 60.77
N VAL K 265 -32.85 40.84 59.94
CA VAL K 265 -31.57 40.73 59.24
C VAL K 265 -30.79 42.02 59.46
N THR K 266 -29.52 41.87 59.79
CA THR K 266 -28.66 43.03 60.01
C THR K 266 -28.39 43.77 58.71
N ASN K 267 -28.46 45.09 58.77
CA ASN K 267 -28.24 45.93 57.60
C ASN K 267 -26.75 45.93 57.29
N SER K 268 -26.35 45.13 56.31
CA SER K 268 -24.96 45.07 55.88
C SER K 268 -24.95 44.87 54.37
N TYR K 269 -23.78 45.04 53.77
CA TYR K 269 -23.67 44.99 52.32
C TYR K 269 -24.11 43.64 51.77
N ASP K 270 -23.68 42.55 52.42
CA ASP K 270 -24.05 41.22 51.94
C ASP K 270 -25.54 40.97 52.09
N ASN K 271 -26.14 41.46 53.18
CA ASN K 271 -27.59 41.34 53.32
C ASN K 271 -28.32 42.14 52.24
N LYS K 272 -27.78 43.30 51.88
CA LYS K 272 -28.36 44.07 50.78
C LYS K 272 -28.27 43.30 49.47
N CYS K 273 -27.13 42.64 49.23
CA CYS K 273 -26.99 41.83 48.02
C CYS K 273 -27.99 40.68 48.02
N LEU K 274 -28.21 40.06 49.19
CA LEU K 274 -29.20 39.00 49.28
C LEU K 274 -30.61 39.51 48.99
N LEU K 275 -30.94 40.69 49.50
CA LEU K 275 -32.23 41.30 49.20
C LEU K 275 -32.38 41.55 47.70
N ILE K 276 -31.33 42.07 47.07
CA ILE K 276 -31.35 42.31 45.64
C ILE K 276 -31.60 41.02 44.88
N VAL K 277 -30.91 39.95 45.28
CA VAL K 277 -31.08 38.66 44.61
C VAL K 277 -32.49 38.15 44.76
N ALA K 278 -33.06 38.27 45.96
CA ALA K 278 -34.43 37.81 46.18
C ALA K 278 -35.42 38.58 45.33
N ILE K 279 -35.26 39.90 45.26
CA ILE K 279 -36.16 40.71 44.46
C ILE K 279 -36.05 40.34 43.00
N LYS K 280 -34.82 40.15 42.50
CA LYS K 280 -34.63 39.76 41.12
C LYS K 280 -35.25 38.40 40.83
N SER K 281 -35.12 37.46 41.76
CA SER K 281 -35.74 36.15 41.57
C SER K 281 -37.25 36.26 41.47
N TYR K 282 -37.86 37.06 42.35
CA TYR K 282 -39.31 37.25 42.25
C TYR K 282 -39.69 37.89 40.93
N LEU K 283 -38.90 38.86 40.47
CA LEU K 283 -39.21 39.52 39.20
C LEU K 283 -39.12 38.55 38.03
N GLU K 284 -38.11 37.68 38.02
CA GLU K 284 -38.02 36.68 36.96
C GLU K 284 -39.19 35.71 37.02
N GLU K 285 -39.61 35.34 38.23
CA GLU K 285 -40.78 34.48 38.36
C GLU K 285 -42.01 35.15 37.77
N LEU K 286 -42.19 36.44 38.03
CA LEU K 286 -43.29 37.17 37.41
C LEU K 286 -43.14 37.23 35.91
N GLU K 287 -41.92 37.35 35.42
CA GLU K 287 -41.68 37.37 33.97
C GLU K 287 -42.12 36.07 33.32
N LYS K 288 -41.90 34.95 34.01
CA LYS K 288 -42.32 33.66 33.46
C LYS K 288 -43.80 33.63 33.12
N SER K 289 -44.62 34.34 33.88
CA SER K 289 -46.05 34.39 33.59
C SER K 289 -46.39 35.36 32.47
N ALA K 290 -45.40 35.97 31.84
CA ALA K 290 -45.58 36.90 30.73
C ALA K 290 -46.39 38.13 31.09
N LEU K 291 -46.12 38.74 32.24
CA LEU K 291 -46.77 40.00 32.57
C LEU K 291 -45.84 41.19 32.40
N ILE K 292 -44.53 40.97 32.49
CA ILE K 292 -43.55 42.02 32.27
C ILE K 292 -42.53 41.56 31.25
N GLU K 293 -41.64 42.47 30.83
CA GLU K 293 -40.64 42.13 29.84
C GLU K 293 -39.58 41.22 30.45
N SER K 294 -38.81 40.56 29.58
CA SER K 294 -37.89 39.52 30.02
C SER K 294 -36.80 40.08 30.94
N ASP K 295 -36.12 41.13 30.50
CA ASP K 295 -34.92 41.60 31.18
C ASP K 295 -35.30 42.76 32.09
N SER K 296 -34.85 42.70 33.34
CA SER K 296 -35.02 43.77 34.31
C SER K 296 -33.78 43.83 35.19
N THR K 297 -33.50 45.01 35.73
CA THR K 297 -32.30 45.22 36.53
C THR K 297 -32.68 45.85 37.86
N VAL K 298 -32.15 45.29 38.95
CA VAL K 298 -32.31 45.84 40.29
C VAL K 298 -30.91 46.08 40.86
N GLU K 299 -30.68 47.28 41.39
CA GLU K 299 -29.38 47.62 41.92
C GLU K 299 -29.53 48.69 42.99
N ILE K 300 -28.43 48.91 43.73
CA ILE K 300 -28.47 49.85 44.84
C ILE K 300 -28.54 51.27 44.32
N ASP K 301 -29.49 52.04 44.85
CA ASP K 301 -29.66 53.43 44.47
C ASP K 301 -28.54 54.26 45.08
N PHE K 302 -27.69 54.83 44.22
CA PHE K 302 -26.52 55.55 44.71
C PHE K 302 -26.82 57.03 44.97
N GLU K 303 -27.72 57.63 44.20
CA GLU K 303 -28.00 59.05 44.39
C GLU K 303 -28.56 59.33 45.78
N ALA K 304 -29.57 58.55 46.19
CA ALA K 304 -30.19 58.77 47.49
C ALA K 304 -29.21 58.49 48.62
N GLN K 305 -28.40 57.44 48.49
CA GLN K 305 -27.43 57.12 49.53
C GLN K 305 -26.36 58.21 49.64
N LYS K 306 -25.90 58.73 48.51
CA LYS K 306 -24.95 59.83 48.53
C LYS K 306 -25.56 61.06 49.19
N SER K 307 -26.81 61.37 48.86
CA SER K 307 -27.47 62.50 49.49
C SER K 307 -27.62 62.30 50.99
N TYR K 308 -27.96 61.09 51.42
CA TYR K 308 -28.10 60.81 52.84
C TYR K 308 -26.77 60.95 53.56
N LEU K 309 -25.69 60.46 52.95
CA LEU K 309 -24.37 60.59 53.56
C LEU K 309 -23.96 62.05 53.65
N LYS K 310 -24.27 62.85 52.62
CA LYS K 310 -24.00 64.29 52.71
C LYS K 310 -24.85 64.95 53.79
N SER K 311 -26.05 64.40 54.05
CA SER K 311 -26.92 64.99 55.05
C SER K 311 -26.35 64.84 56.45
N LYS K 312 -25.62 63.77 56.72
CA LYS K 312 -25.03 63.55 58.03
C LYS K 312 -23.65 64.18 58.15
N GLY K 313 -23.15 64.82 57.10
CA GLY K 313 -21.90 65.55 57.18
C GLY K 313 -20.65 64.73 56.98
N VAL K 314 -20.74 63.53 56.41
CA VAL K 314 -19.56 62.71 56.20
C VAL K 314 -18.68 63.34 55.14
N ASP K 315 -17.38 63.10 55.25
CA ASP K 315 -16.40 63.58 54.26
C ASP K 315 -16.31 62.52 53.17
N LEU K 316 -17.02 62.74 52.08
CA LEU K 316 -17.18 61.75 51.02
C LEU K 316 -16.48 62.17 49.73
N SER K 317 -15.60 63.16 49.77
CA SER K 317 -14.92 63.62 48.56
C SER K 317 -13.97 62.56 48.02
N TYR K 318 -13.32 61.81 48.90
CA TYR K 318 -12.24 60.92 48.47
C TYR K 318 -12.70 59.48 48.33
N MET K 319 -13.72 59.06 49.09
CA MET K 319 -14.19 57.69 48.97
C MET K 319 -14.80 57.46 47.59
N THR K 320 -14.46 56.32 46.98
CA THR K 320 -14.86 56.05 45.61
C THR K 320 -16.27 55.47 45.58
N LEU K 321 -16.74 55.17 44.36
CA LEU K 321 -18.08 54.63 44.15
C LEU K 321 -18.38 53.47 45.09
N GLN K 322 -17.59 52.39 45.01
CA GLN K 322 -17.88 51.21 45.80
C GLN K 322 -17.67 51.47 47.29
N GLU K 323 -16.80 52.42 47.64
CA GLU K 323 -16.75 52.85 49.04
C GLU K 323 -18.05 53.51 49.46
N ILE K 324 -18.62 54.35 48.60
CA ILE K 324 -19.87 55.02 48.92
C ILE K 324 -20.99 54.00 49.10
N LYS K 325 -21.07 53.03 48.19
CA LYS K 325 -22.08 51.99 48.34
C LYS K 325 -21.81 51.11 49.56
N GLU K 326 -20.54 50.99 49.94
CA GLU K 326 -20.18 50.12 51.06
C GLU K 326 -20.47 50.78 52.40
N ALA K 327 -20.63 52.10 52.41
CA ALA K 327 -20.75 52.84 53.66
C ALA K 327 -22.00 52.42 54.43
N ASN K 328 -21.88 52.41 55.75
CA ASN K 328 -23.01 52.05 56.60
C ASN K 328 -24.12 53.10 56.49
N THR K 329 -25.36 52.64 56.50
CA THR K 329 -26.52 53.51 56.38
C THR K 329 -27.36 53.55 57.65
N GLY K 330 -27.22 52.58 58.53
CA GLY K 330 -28.00 52.58 59.76
C GLY K 330 -29.46 52.28 59.57
N SER K 331 -29.80 51.04 59.23
CA SER K 331 -31.17 50.54 59.12
C SER K 331 -31.92 51.16 57.95
N LYS K 332 -31.23 51.98 57.15
CA LYS K 332 -31.85 52.51 55.93
C LYS K 332 -31.33 51.77 54.71
N VAL K 333 -32.26 51.41 53.81
CA VAL K 333 -31.93 50.73 52.57
C VAL K 333 -32.50 51.54 51.42
N PHE K 334 -31.66 51.82 50.43
CA PHE K 334 -32.07 52.57 49.24
C PHE K 334 -31.88 51.69 48.02
N LEU K 335 -32.94 51.51 47.25
CA LEU K 335 -32.93 50.57 46.14
C LEU K 335 -33.72 51.15 44.97
N LYS K 336 -33.24 50.91 43.76
CA LYS K 336 -33.93 51.32 42.55
C LYS K 336 -33.91 50.17 41.55
N ALA K 337 -34.96 50.09 40.73
CA ALA K 337 -35.13 49.00 39.77
C ALA K 337 -35.89 49.51 38.56
N LYS K 338 -35.76 48.79 37.45
CA LYS K 338 -36.39 49.17 36.19
C LYS K 338 -37.03 47.94 35.55
N ILE K 339 -38.21 48.14 34.96
CA ILE K 339 -38.97 47.07 34.33
C ILE K 339 -39.71 47.63 33.12
N LYS K 340 -40.23 46.72 32.30
CA LYS K 340 -41.09 47.07 31.17
C LYS K 340 -42.33 46.19 31.22
N VAL K 341 -43.50 46.82 31.18
CA VAL K 341 -44.78 46.13 31.38
C VAL K 341 -45.42 45.90 30.02
N LEU K 342 -45.78 44.65 29.75
CA LEU K 342 -46.43 44.31 28.50
C LEU K 342 -47.90 44.72 28.51
N ASP K 343 -48.50 44.75 27.33
CA ASP K 343 -49.90 45.09 27.18
C ASP K 343 -50.51 44.20 26.09
N ALA K 344 -51.83 44.12 26.07
CA ALA K 344 -52.52 43.30 25.08
C ALA K 344 -52.57 44.01 23.74
N MET K 345 -52.62 43.22 22.66
CA MET K 345 -52.75 43.80 21.33
C MET K 345 -54.06 44.59 21.23
N GLU K 346 -53.95 45.82 20.75
CA GLU K 346 -55.10 46.71 20.71
C GLU K 346 -55.38 47.30 19.33
N ASP K 347 -54.35 47.67 18.59
CA ASP K 347 -54.51 48.29 17.29
C ASP K 347 -53.57 47.62 16.31
N ILE K 348 -54.13 47.07 15.23
CA ILE K 348 -53.36 46.31 14.25
C ILE K 348 -53.44 47.04 12.92
N ASP K 349 -52.29 47.31 12.32
CA ASP K 349 -52.19 48.00 11.04
C ASP K 349 -51.53 47.05 10.05
N LEU K 350 -52.29 46.60 9.05
CA LEU K 350 -51.80 45.68 8.04
C LEU K 350 -51.82 46.37 6.70
N SER K 351 -50.68 46.34 6.00
CA SER K 351 -50.52 46.98 4.70
C SER K 351 -50.25 45.91 3.65
N ILE K 352 -51.18 45.76 2.72
CA ILE K 352 -51.07 44.77 1.65
C ILE K 352 -50.91 45.51 0.33
N GLU K 353 -49.90 45.14 -0.45
CA GLU K 353 -49.77 45.64 -1.81
C GLU K 353 -49.90 44.46 -2.76
N ILE K 354 -50.62 44.67 -3.86
CA ILE K 354 -50.97 43.60 -4.78
C ILE K 354 -49.77 43.21 -5.64
N ALA L 2 -54.01 60.59 21.98
CA ALA L 2 -55.17 60.32 22.81
C ALA L 2 -55.75 58.94 22.49
N ILE L 3 -56.28 58.28 23.52
CA ILE L 3 -56.83 56.94 23.32
C ILE L 3 -58.22 57.03 22.71
N GLY L 4 -58.42 56.33 21.60
CA GLY L 4 -59.72 56.26 20.96
C GLY L 4 -60.18 54.82 20.85
N LEU L 5 -61.25 54.64 20.08
CA LEU L 5 -61.75 53.30 19.84
C LEU L 5 -60.68 52.47 19.12
N PRO L 6 -60.57 51.18 19.41
CA PRO L 6 -59.54 50.36 18.76
C PRO L 6 -59.69 50.36 17.24
N SER L 7 -58.57 50.39 16.55
CA SER L 7 -58.54 50.53 15.10
C SER L 7 -57.94 49.28 14.46
N ILE L 8 -58.69 48.67 13.54
CA ILE L 8 -58.20 47.59 12.69
C ILE L 8 -58.39 48.05 11.25
N ASN L 9 -57.30 48.17 10.51
CA ASN L 9 -57.37 48.66 9.14
C ASN L 9 -56.52 47.78 8.22
N ILE L 10 -57.15 47.33 7.14
CA ILE L 10 -56.48 46.60 6.08
C ILE L 10 -56.40 47.50 4.86
N SER L 11 -55.21 47.67 4.32
CA SER L 11 -54.99 48.58 3.20
C SER L 11 -54.46 47.81 2.01
N PHE L 12 -55.05 48.06 0.83
CA PHE L 12 -54.60 47.50 -0.43
C PHE L 12 -54.06 48.62 -1.31
N LYS L 13 -52.87 48.43 -1.84
CA LYS L 13 -52.23 49.42 -2.70
C LYS L 13 -51.58 48.71 -3.88
N GLU L 14 -51.36 49.45 -4.96
CA GLU L 14 -50.75 48.88 -6.15
C GLU L 14 -49.23 49.05 -6.12
N LEU L 15 -48.53 48.05 -6.64
CA LEU L 15 -47.10 48.18 -6.92
C LEU L 15 -46.95 49.02 -8.19
N ALA L 16 -46.91 50.33 -7.99
CA ALA L 16 -46.89 51.26 -9.11
C ALA L 16 -45.53 51.24 -9.80
N THR L 17 -45.26 50.18 -10.55
CA THR L 17 -44.04 50.12 -11.34
C THR L 17 -44.01 51.27 -12.33
N THR L 18 -43.01 52.13 -12.20
CA THR L 18 -43.00 53.41 -12.91
C THR L 18 -41.73 53.53 -13.72
N VAL L 19 -41.91 53.91 -14.98
CA VAL L 19 -40.82 54.40 -15.82
C VAL L 19 -41.05 55.89 -16.01
N LYS L 20 -40.00 56.69 -15.85
CA LYS L 20 -40.16 58.13 -15.84
C LYS L 20 -40.63 58.61 -17.21
N GLU L 21 -41.52 59.60 -17.20
CA GLU L 21 -42.02 60.19 -18.43
C GLU L 21 -41.07 61.29 -18.90
N ARG L 22 -40.63 61.18 -20.15
CA ARG L 22 -39.72 62.16 -20.74
C ARG L 22 -40.46 63.01 -21.76
N SER L 23 -39.74 63.96 -22.33
CA SER L 23 -40.33 64.88 -23.28
C SER L 23 -40.89 64.13 -24.49
N ALA L 24 -42.10 64.51 -24.90
CA ALA L 24 -42.69 63.92 -26.09
C ALA L 24 -41.87 64.30 -27.32
N ARG L 25 -41.58 63.31 -28.16
CA ARG L 25 -40.83 63.50 -29.38
C ARG L 25 -41.56 62.87 -30.54
N GLY L 26 -41.51 63.54 -31.69
CA GLY L 26 -42.21 63.06 -32.87
C GLY L 26 -43.51 63.76 -33.19
N ILE L 27 -43.75 64.93 -32.61
CA ILE L 27 -44.98 65.67 -32.89
C ILE L 27 -44.66 66.83 -33.82
N ILE L 28 -45.64 67.19 -34.65
CA ILE L 28 -45.47 68.22 -35.66
C ILE L 28 -46.50 69.31 -35.41
N ALA L 29 -46.09 70.56 -35.59
CA ALA L 29 -47.01 71.69 -35.59
C ALA L 29 -47.12 72.20 -37.01
N MET L 30 -48.30 72.03 -37.60
CA MET L 30 -48.55 72.39 -38.99
C MET L 30 -49.48 73.59 -38.97
N VAL L 31 -49.08 74.67 -39.62
CA VAL L 31 -49.84 75.91 -39.59
C VAL L 31 -50.17 76.32 -41.03
N LEU L 32 -51.41 76.77 -41.23
CA LEU L 32 -52.01 76.99 -42.55
C LEU L 32 -53.08 78.06 -42.45
N LYS L 33 -53.48 78.60 -43.60
CA LYS L 33 -54.49 79.65 -43.69
C LYS L 33 -55.75 79.16 -44.39
N ASP L 34 -56.91 79.57 -43.87
CA ASP L 34 -58.20 79.20 -44.44
C ASP L 34 -59.27 80.12 -43.87
N ALA L 35 -60.51 79.85 -44.28
CA ALA L 35 -61.68 80.51 -43.72
C ALA L 35 -62.63 79.55 -43.02
N LYS L 36 -62.27 78.28 -42.93
CA LYS L 36 -63.11 77.28 -42.27
C LYS L 36 -62.35 76.65 -41.11
N ALA L 37 -63.06 76.42 -40.01
CA ALA L 37 -62.51 75.76 -38.83
C ALA L 37 -61.22 76.44 -38.36
N LEU L 38 -61.28 77.76 -38.22
CA LEU L 38 -60.11 78.52 -37.81
C LEU L 38 -59.66 78.09 -36.42
N GLY L 39 -58.35 78.09 -36.21
CA GLY L 39 -57.78 77.60 -34.98
C GLY L 39 -57.19 76.22 -35.12
N LEU L 40 -56.76 75.68 -33.99
CA LEU L 40 -56.16 74.34 -33.98
C LEU L 40 -57.24 73.29 -34.21
N ASN L 41 -56.81 72.15 -34.74
CA ASN L 41 -57.74 71.05 -35.03
C ASN L 41 -57.33 69.73 -34.40
N GLU L 42 -56.08 69.59 -33.97
CA GLU L 42 -55.63 68.44 -33.18
C GLU L 42 -55.87 67.13 -33.93
N ILE L 43 -55.13 66.97 -35.03
CA ILE L 43 -55.26 65.77 -35.87
C ILE L 43 -54.28 64.74 -35.30
N HIS L 44 -54.75 64.01 -34.29
CA HIS L 44 -53.93 62.94 -33.72
C HIS L 44 -53.97 61.69 -34.60
N GLU L 45 -55.05 61.51 -35.34
CA GLU L 45 -55.28 60.30 -36.10
C GLU L 45 -55.25 60.58 -37.59
N LYS L 46 -54.63 59.67 -38.35
CA LYS L 46 -54.59 59.79 -39.80
C LYS L 46 -55.99 59.84 -40.40
N GLU L 47 -56.92 59.06 -39.86
CA GLU L 47 -58.23 58.92 -40.49
C GLU L 47 -59.09 60.16 -40.29
N ASP L 48 -59.09 60.72 -39.08
CA ASP L 48 -60.05 61.75 -38.70
C ASP L 48 -59.63 63.11 -39.25
N ILE L 49 -60.24 63.53 -40.35
CA ILE L 49 -59.94 64.81 -40.97
C ILE L 49 -61.22 65.65 -41.03
N PRO L 50 -61.19 66.93 -40.66
CA PRO L 50 -62.38 67.77 -40.77
C PRO L 50 -62.80 67.96 -42.22
N VAL L 51 -64.10 68.16 -42.42
CA VAL L 51 -64.63 68.15 -43.78
C VAL L 51 -64.74 69.56 -44.37
N ASP L 52 -64.92 70.59 -43.53
CA ASP L 52 -65.14 71.92 -44.05
C ASP L 52 -63.91 72.50 -44.73
N LEU L 53 -62.71 72.05 -44.36
CA LEU L 53 -61.50 72.59 -44.96
C LEU L 53 -61.37 72.14 -46.42
N SER L 54 -60.52 72.86 -47.15
CA SER L 54 -60.41 72.67 -48.59
C SER L 54 -59.79 71.33 -48.93
N ALA L 55 -60.03 70.87 -50.17
CA ALA L 55 -59.55 69.56 -50.59
C ALA L 55 -58.03 69.52 -50.71
N GLU L 56 -57.43 70.54 -51.31
CA GLU L 56 -55.97 70.55 -51.43
C GLU L 56 -55.31 70.65 -50.05
N ASN L 57 -55.98 71.31 -49.11
CA ASN L 57 -55.50 71.31 -47.73
C ASN L 57 -55.54 69.91 -47.15
N LYS L 58 -56.63 69.17 -47.38
CA LYS L 58 -56.66 67.75 -47.05
C LYS L 58 -55.47 67.03 -47.68
N GLU L 59 -55.08 67.45 -48.88
CA GLU L 59 -53.99 66.79 -49.58
C GLU L 59 -52.65 67.04 -48.88
N TYR L 60 -52.38 68.27 -48.45
CA TYR L 60 -51.11 68.50 -47.75
C TYR L 60 -51.12 67.81 -46.39
N ILE L 61 -52.27 67.75 -45.72
CA ILE L 61 -52.33 66.96 -44.50
C ILE L 61 -51.98 65.50 -44.80
N ASN L 62 -52.51 64.97 -45.91
CA ASN L 62 -52.21 63.61 -46.30
C ASN L 62 -50.72 63.40 -46.53
N LEU L 63 -50.07 64.35 -47.21
CA LEU L 63 -48.62 64.26 -47.38
C LEU L 63 -47.91 64.23 -46.03
N ALA L 64 -48.32 65.10 -45.11
CA ALA L 64 -47.69 65.11 -43.80
C ALA L 64 -47.98 63.85 -42.99
N LEU L 65 -49.04 63.12 -43.34
CA LEU L 65 -49.45 61.97 -42.53
C LEU L 65 -48.48 60.80 -42.66
N MET L 66 -48.03 60.50 -43.88
CA MET L 66 -47.17 59.33 -44.10
C MET L 66 -45.77 59.58 -43.57
N GLY L 67 -45.38 58.83 -42.54
CA GLY L 67 -44.07 58.96 -41.95
C GLY L 67 -43.02 58.16 -42.71
N ASN L 68 -41.76 58.34 -42.31
CA ASN L 68 -40.67 57.61 -42.96
C ASN L 68 -40.67 56.15 -42.51
N VAL L 69 -40.41 55.91 -41.23
CA VAL L 69 -40.39 54.56 -40.68
C VAL L 69 -41.74 54.17 -40.09
N ASN L 70 -42.31 55.04 -39.27
CA ASN L 70 -43.64 54.82 -38.72
C ASN L 70 -44.40 56.14 -38.75
N THR L 71 -45.66 56.07 -38.35
CA THR L 71 -46.52 57.24 -38.37
C THR L 71 -46.00 58.28 -37.36
N PRO L 72 -46.13 59.57 -37.66
CA PRO L 72 -45.78 60.59 -36.66
C PRO L 72 -46.61 60.42 -35.40
N ASN L 73 -45.99 60.76 -34.26
CA ASN L 73 -46.62 60.51 -32.97
C ASN L 73 -47.94 61.30 -32.84
N LYS L 74 -47.93 62.57 -33.25
CA LYS L 74 -49.10 63.41 -33.12
C LYS L 74 -48.93 64.64 -33.99
N LEU L 75 -50.00 65.08 -34.64
CA LEU L 75 -49.95 66.21 -35.56
C LEU L 75 -50.84 67.33 -35.04
N LEU L 76 -50.31 68.54 -34.99
CA LEU L 76 -51.05 69.74 -34.64
C LEU L 76 -51.20 70.60 -35.89
N VAL L 77 -52.44 70.91 -36.25
CA VAL L 77 -52.72 71.77 -37.40
C VAL L 77 -53.45 73.02 -36.90
N TYR L 78 -52.88 74.18 -37.18
CA TYR L 78 -53.47 75.47 -36.83
C TYR L 78 -53.97 76.15 -38.10
N VAL L 79 -55.25 76.51 -38.10
CA VAL L 79 -55.86 77.24 -39.20
C VAL L 79 -55.91 78.72 -38.83
N ILE L 80 -55.38 79.57 -39.70
CA ILE L 80 -55.30 80.99 -39.44
C ILE L 80 -56.11 81.72 -40.51
N GLU L 81 -56.56 82.93 -40.16
CA GLU L 81 -57.26 83.77 -41.11
C GLU L 81 -56.27 84.38 -42.10
N GLY L 82 -56.71 84.50 -43.35
CA GLY L 82 -55.87 85.14 -44.36
C GLY L 82 -55.52 86.55 -43.96
N GLU L 83 -54.25 86.92 -44.20
CA GLU L 83 -53.69 88.25 -43.94
C GLU L 83 -53.66 88.59 -42.45
N ALA L 84 -53.85 87.61 -41.57
CA ALA L 84 -53.74 87.86 -40.13
C ALA L 84 -52.29 87.88 -39.66
N ASP L 85 -51.33 87.87 -40.58
CA ASP L 85 -49.90 87.88 -40.28
C ASP L 85 -49.50 86.62 -39.52
N ILE L 86 -48.26 86.56 -39.04
CA ILE L 86 -47.72 85.35 -38.46
C ILE L 86 -47.83 85.36 -36.93
N GLN L 87 -47.65 86.54 -36.31
CA GLN L 87 -47.57 86.61 -34.86
C GLN L 87 -48.83 86.11 -34.18
N THR L 88 -50.00 86.32 -34.81
CA THR L 88 -51.26 85.89 -34.21
C THR L 88 -51.26 84.40 -33.95
N ALA L 89 -50.80 83.61 -34.91
CA ALA L 89 -50.65 82.17 -34.68
C ALA L 89 -49.43 81.87 -33.84
N LEU L 90 -48.36 82.64 -33.99
CA LEU L 90 -47.12 82.36 -33.30
C LEU L 90 -47.30 82.38 -31.80
N ASP L 91 -48.14 83.28 -31.30
CA ASP L 91 -48.45 83.29 -29.88
C ASP L 91 -49.13 81.99 -29.46
N PHE L 92 -50.06 81.51 -30.28
CA PHE L 92 -50.72 80.23 -29.99
C PHE L 92 -49.71 79.10 -29.91
N LEU L 93 -48.80 79.04 -30.89
CA LEU L 93 -47.81 77.96 -30.88
C LEU L 93 -46.86 78.06 -29.70
N GLU L 94 -46.37 79.27 -29.37
CA GLU L 94 -45.45 79.35 -28.25
C GLU L 94 -46.17 79.07 -26.93
N THR L 95 -47.50 79.21 -26.91
CA THR L 95 -48.26 78.78 -25.74
C THR L 95 -48.13 77.27 -25.53
N LYS L 96 -48.19 76.50 -26.60
CA LYS L 96 -48.09 75.04 -26.54
C LYS L 96 -46.66 74.59 -26.82
N GLU L 97 -46.48 73.27 -26.82
CA GLU L 97 -45.15 72.69 -27.02
C GLU L 97 -45.17 71.75 -28.23
N PHE L 98 -44.10 71.82 -29.03
CA PHE L 98 -44.03 71.10 -30.29
C PHE L 98 -42.56 70.86 -30.65
N ASN L 99 -42.35 70.26 -31.82
CA ASN L 99 -41.02 69.97 -32.33
C ASN L 99 -40.74 70.63 -33.67
N TYR L 100 -41.62 70.48 -34.65
CA TYR L 100 -41.38 70.93 -36.00
C TYR L 100 -42.53 71.80 -36.49
N LEU L 101 -42.21 72.77 -37.34
CA LEU L 101 -43.18 73.74 -37.84
C LEU L 101 -43.06 73.84 -39.36
N CYS L 102 -44.18 74.12 -40.03
CA CYS L 102 -44.16 74.21 -41.48
C CYS L 102 -45.31 75.07 -42.01
N MET L 103 -45.09 75.62 -43.21
CA MET L 103 -46.01 76.38 -44.10
C MET L 103 -45.84 75.98 -45.55
N PRO L 104 -46.87 75.42 -46.17
CA PRO L 104 -46.87 75.30 -47.64
C PRO L 104 -47.01 76.64 -48.33
N LYS L 105 -48.02 77.42 -47.95
CA LYS L 105 -48.32 78.68 -48.61
C LYS L 105 -47.77 79.84 -47.78
N ALA L 106 -46.66 80.41 -48.22
CA ALA L 106 -46.06 81.53 -47.51
C ALA L 106 -45.22 82.36 -48.47
N VAL L 107 -45.23 83.67 -48.24
CA VAL L 107 -44.38 84.59 -48.98
C VAL L 107 -43.05 84.72 -48.24
N GLU L 108 -42.05 85.28 -48.93
CA GLU L 108 -40.71 85.39 -48.36
C GLU L 108 -40.73 86.20 -47.06
N ALA L 109 -41.65 87.16 -46.94
CA ALA L 109 -41.76 87.91 -45.69
C ALA L 109 -42.17 87.00 -44.55
N ASP L 110 -43.10 86.08 -44.80
CA ASP L 110 -43.49 85.12 -43.77
C ASP L 110 -42.31 84.24 -43.38
N LYS L 111 -41.52 83.80 -44.36
CA LYS L 111 -40.34 82.99 -44.05
C LYS L 111 -39.36 83.77 -43.19
N THR L 112 -39.14 85.04 -43.50
CA THR L 112 -38.23 85.85 -42.69
C THR L 112 -38.75 86.01 -41.28
N ALA L 113 -40.06 86.25 -41.13
CA ALA L 113 -40.64 86.37 -39.80
C ALA L 113 -40.47 85.08 -39.01
N ILE L 114 -40.71 83.93 -39.65
CA ILE L 114 -40.59 82.65 -38.96
C ILE L 114 -39.15 82.40 -38.56
N LYS L 115 -38.20 82.70 -39.44
CA LYS L 115 -36.80 82.45 -39.12
C LYS L 115 -36.34 83.33 -37.97
N ASN L 116 -36.75 84.61 -37.96
CA ASN L 116 -36.40 85.48 -36.84
C ASN L 116 -37.02 84.98 -35.54
N TRP L 117 -38.29 84.57 -35.59
CA TRP L 117 -38.94 84.03 -34.40
C TRP L 117 -38.20 82.81 -33.89
N ILE L 118 -37.79 81.93 -34.79
CA ILE L 118 -37.12 80.69 -34.38
C ILE L 118 -35.77 80.99 -33.75
N ILE L 119 -34.97 81.86 -34.38
CA ILE L 119 -33.64 82.11 -33.84
C ILE L 119 -33.74 82.81 -32.49
N LYS L 120 -34.72 83.70 -32.32
CA LYS L 120 -34.86 84.35 -31.02
C LYS L 120 -35.39 83.39 -29.97
N LEU L 121 -36.33 82.51 -30.34
CA LEU L 121 -36.94 81.64 -29.36
C LEU L 121 -35.98 80.55 -28.92
N ARG L 122 -35.05 80.15 -29.79
CA ARG L 122 -34.08 79.13 -29.40
C ARG L 122 -32.97 79.71 -28.52
N ASP L 123 -32.90 81.04 -28.41
CA ASP L 123 -31.79 81.64 -27.67
C ASP L 123 -32.24 82.33 -26.39
N ILE L 124 -33.15 83.29 -26.48
CA ILE L 124 -33.59 83.98 -25.27
C ILE L 124 -34.47 83.07 -24.42
N ASP L 125 -35.37 82.33 -25.05
CA ASP L 125 -36.35 81.53 -24.31
C ASP L 125 -35.86 80.13 -23.97
N LYS L 126 -34.70 79.72 -24.46
CA LYS L 126 -34.12 78.41 -24.15
C LYS L 126 -35.09 77.27 -24.48
N VAL L 127 -35.78 77.38 -25.60
CA VAL L 127 -36.69 76.35 -26.08
C VAL L 127 -36.18 75.84 -27.42
N LYS L 128 -36.03 74.53 -27.52
CA LYS L 128 -35.38 73.91 -28.69
C LYS L 128 -36.46 73.40 -29.63
N VAL L 129 -36.68 74.14 -30.72
CA VAL L 129 -37.61 73.74 -31.78
C VAL L 129 -36.95 74.04 -33.12
N LYS L 130 -37.56 73.49 -34.18
CA LYS L 130 -37.02 73.63 -35.53
C LYS L 130 -38.16 73.76 -36.53
N ALA L 131 -37.82 74.25 -37.73
CA ALA L 131 -38.79 74.38 -38.80
C ALA L 131 -38.07 74.28 -40.13
N VAL L 132 -38.83 73.95 -41.18
CA VAL L 132 -38.29 73.76 -42.52
C VAL L 132 -38.91 74.80 -43.45
N LEU L 133 -38.09 75.35 -44.34
CA LEU L 133 -38.48 76.41 -45.26
C LEU L 133 -38.07 76.08 -46.68
N GLY L 134 -38.78 76.66 -47.64
CA GLY L 134 -38.47 76.40 -49.05
C GLY L 134 -37.20 77.08 -49.52
N LYS L 135 -37.11 78.40 -49.31
CA LYS L 135 -35.91 79.15 -49.68
C LYS L 135 -35.55 80.07 -48.51
N VAL L 136 -34.57 79.64 -47.71
CA VAL L 136 -33.96 80.49 -46.70
C VAL L 136 -32.46 80.27 -46.75
N VAL L 137 -31.72 81.26 -46.27
CA VAL L 137 -30.26 81.21 -46.30
C VAL L 137 -29.77 81.43 -44.87
N GLY L 138 -30.67 81.23 -43.90
CA GLY L 138 -30.28 81.40 -42.51
C GLY L 138 -29.22 80.39 -42.11
N ASN L 139 -28.36 80.79 -41.19
CA ASN L 139 -27.20 80.01 -40.80
C ASN L 139 -27.34 79.45 -39.39
N HIS L 140 -28.55 79.01 -39.03
CA HIS L 140 -28.82 78.49 -37.70
C HIS L 140 -29.26 77.03 -37.81
N GLU L 141 -28.96 76.26 -36.77
CA GLU L 141 -29.33 74.85 -36.76
C GLU L 141 -30.84 74.67 -36.72
N GLY L 142 -31.58 75.69 -36.32
CA GLY L 142 -33.01 75.56 -36.15
C GLY L 142 -33.82 75.53 -37.41
N ILE L 143 -33.20 75.74 -38.58
CA ILE L 143 -33.91 75.79 -39.85
C ILE L 143 -33.29 74.79 -40.80
N ILE L 144 -34.13 74.07 -41.53
CA ILE L 144 -33.71 73.11 -42.55
C ILE L 144 -34.05 73.69 -43.91
N ASN L 145 -33.04 73.84 -44.76
CA ASN L 145 -33.22 74.47 -46.07
C ASN L 145 -33.30 73.39 -47.13
N PHE L 146 -34.53 73.12 -47.57
CA PHE L 146 -34.78 72.14 -48.62
C PHE L 146 -35.09 72.88 -49.91
N THR L 147 -34.36 72.57 -50.98
CA THR L 147 -34.54 73.28 -52.25
C THR L 147 -34.53 72.27 -53.39
N THR L 148 -35.72 71.94 -53.90
CA THR L 148 -35.85 71.14 -55.10
C THR L 148 -37.14 71.56 -55.81
N GLU L 149 -37.03 71.88 -57.09
CA GLU L 149 -38.14 72.44 -57.85
C GLU L 149 -38.77 71.37 -58.73
N ASP L 150 -40.05 71.58 -59.03
CA ASP L 150 -40.79 70.74 -59.98
C ASP L 150 -40.85 69.28 -59.51
N VAL L 151 -41.34 69.07 -58.30
CA VAL L 151 -41.48 67.73 -57.76
C VAL L 151 -42.78 67.14 -58.27
N LEU L 152 -42.71 65.95 -58.88
CA LEU L 152 -43.86 65.29 -59.46
C LEU L 152 -44.25 64.11 -58.56
N VAL L 153 -45.41 64.22 -57.92
CA VAL L 153 -45.97 63.13 -57.12
C VAL L 153 -47.40 62.90 -57.56
N GLY L 154 -47.68 61.70 -58.06
CA GLY L 154 -49.02 61.35 -58.49
C GLY L 154 -49.58 62.29 -59.55
N GLU L 155 -48.82 62.49 -60.63
CA GLU L 155 -49.19 63.31 -61.78
C GLU L 155 -49.52 64.75 -61.38
N LYS L 156 -49.02 65.20 -60.23
CA LYS L 156 -49.19 66.57 -59.79
C LYS L 156 -47.84 67.22 -59.58
N LYS L 157 -47.73 68.47 -60.03
CA LYS L 157 -46.56 69.28 -59.77
C LYS L 157 -46.65 69.90 -58.38
N TYR L 158 -45.53 69.92 -57.68
CA TYR L 158 -45.46 70.51 -56.35
C TYR L 158 -44.34 71.54 -56.30
N SER L 159 -44.60 72.66 -55.64
CA SER L 159 -43.54 73.59 -55.35
C SER L 159 -42.69 73.07 -54.21
N VAL L 160 -41.52 73.69 -54.01
CA VAL L 160 -40.68 73.32 -52.89
C VAL L 160 -41.38 73.62 -51.57
N ASP L 161 -42.00 74.79 -51.46
CA ASP L 161 -42.80 75.11 -50.28
C ASP L 161 -43.95 74.11 -50.13
N GLU L 162 -44.43 73.58 -51.25
CA GLU L 162 -45.51 72.60 -51.20
C GLU L 162 -45.02 71.31 -50.56
N PHE L 163 -43.80 70.89 -50.91
CA PHE L 163 -43.22 69.65 -50.43
C PHE L 163 -42.55 69.80 -49.07
N THR L 164 -42.49 71.03 -48.53
CA THR L 164 -41.99 71.21 -47.18
C THR L 164 -42.75 70.37 -46.18
N SER L 165 -44.07 70.25 -46.34
CA SER L 165 -44.86 69.43 -45.43
C SER L 165 -44.41 67.97 -45.48
N ARG L 166 -44.21 67.44 -46.69
CA ARG L 166 -43.81 66.04 -46.83
C ARG L 166 -42.44 65.79 -46.23
N VAL L 167 -41.47 66.69 -46.48
CA VAL L 167 -40.13 66.46 -45.96
C VAL L 167 -40.14 66.58 -44.43
N ALA L 168 -40.92 67.53 -43.89
CA ALA L 168 -41.01 67.65 -42.44
C ALA L 168 -41.63 66.40 -41.83
N GLY L 169 -42.67 65.85 -42.46
CA GLY L 169 -43.23 64.60 -41.99
C GLY L 169 -42.23 63.46 -42.04
N LEU L 170 -41.40 63.44 -43.08
CA LEU L 170 -40.38 62.41 -43.17
C LEU L 170 -39.38 62.50 -42.02
N ILE L 171 -38.93 63.71 -41.70
CA ILE L 171 -37.98 63.87 -40.59
C ILE L 171 -38.66 63.52 -39.26
N ALA L 172 -39.93 63.86 -39.12
CA ALA L 172 -40.64 63.57 -37.88
C ALA L 172 -40.84 62.07 -37.70
N GLY L 173 -41.10 61.33 -38.78
CA GLY L 173 -41.41 59.92 -38.65
C GLY L 173 -40.25 59.08 -38.16
N THR L 174 -39.03 59.40 -38.59
CA THR L 174 -37.89 58.54 -38.32
C THR L 174 -37.57 58.49 -36.83
N PRO L 175 -37.09 57.36 -36.34
CA PRO L 175 -36.69 57.28 -34.92
C PRO L 175 -35.41 58.04 -34.65
N LEU L 176 -34.90 57.95 -33.42
CA LEU L 176 -33.69 58.67 -33.06
C LEU L 176 -32.43 57.89 -33.39
N SER L 177 -32.49 56.56 -33.34
CA SER L 177 -31.30 55.75 -33.59
C SER L 177 -30.85 55.86 -35.03
N GLN L 178 -31.79 55.98 -35.96
CA GLN L 178 -31.49 56.01 -37.38
C GLN L 178 -31.36 57.44 -37.87
N SER L 179 -30.85 57.59 -39.09
CA SER L 179 -30.70 58.88 -39.73
C SER L 179 -31.59 58.97 -40.96
N VAL L 180 -31.71 60.18 -41.50
CA VAL L 180 -32.53 60.42 -42.67
C VAL L 180 -31.81 60.09 -43.96
N THR L 181 -30.48 60.03 -43.93
CA THR L 181 -29.69 59.87 -45.15
C THR L 181 -30.06 58.60 -45.89
N TYR L 182 -30.20 58.72 -47.21
CA TYR L 182 -30.37 57.58 -48.11
C TYR L 182 -31.66 56.82 -47.79
N THR L 183 -32.78 57.52 -47.91
CA THR L 183 -34.08 56.96 -47.60
C THR L 183 -34.96 57.01 -48.86
N LYS L 184 -35.66 55.92 -49.12
CA LYS L 184 -36.49 55.80 -50.30
C LYS L 184 -37.69 56.74 -50.21
N LEU L 185 -38.13 57.23 -51.37
CA LEU L 185 -39.35 58.01 -51.51
C LEU L 185 -40.16 57.41 -52.66
N SER L 186 -40.99 56.41 -52.36
CA SER L 186 -41.77 55.76 -53.39
C SER L 186 -42.83 56.65 -54.00
N ASP L 187 -43.24 57.71 -53.31
CA ASP L 187 -44.26 58.60 -53.84
C ASP L 187 -43.74 59.39 -55.04
N VAL L 188 -42.52 59.92 -54.92
CA VAL L 188 -41.95 60.76 -55.97
C VAL L 188 -41.61 59.90 -57.19
N VAL L 189 -41.81 60.47 -58.38
CA VAL L 189 -41.61 59.71 -59.61
C VAL L 189 -40.58 60.36 -60.52
N ASP L 190 -40.36 61.67 -60.38
CA ASP L 190 -39.49 62.35 -61.33
C ASP L 190 -38.87 63.59 -60.69
N ILE L 191 -37.61 63.82 -61.02
CA ILE L 191 -36.88 65.03 -60.60
C ILE L 191 -36.19 65.61 -61.81
N PRO L 192 -36.11 66.95 -61.88
CA PRO L 192 -35.33 67.59 -62.94
C PRO L 192 -33.89 67.09 -62.95
N LYS L 193 -33.37 66.86 -64.15
CA LYS L 193 -32.04 66.29 -64.30
C LYS L 193 -31.01 67.27 -63.74
N MET L 194 -30.16 66.77 -62.86
CA MET L 194 -29.17 67.61 -62.20
C MET L 194 -27.94 66.76 -61.90
N THR L 195 -26.76 67.33 -62.16
CA THR L 195 -25.53 66.56 -62.16
C THR L 195 -25.01 66.34 -60.73
N LYS L 196 -24.01 65.47 -60.63
CA LYS L 196 -23.49 65.08 -59.33
C LYS L 196 -22.63 66.18 -58.70
N VAL L 197 -21.80 66.84 -59.51
CA VAL L 197 -20.92 67.88 -58.97
C VAL L 197 -21.73 69.05 -58.46
N ASP L 198 -22.82 69.38 -59.15
CA ASP L 198 -23.71 70.43 -58.66
C ASP L 198 -24.36 70.02 -57.33
N ALA L 199 -24.71 68.74 -57.20
CA ALA L 199 -25.26 68.25 -55.94
C ALA L 199 -24.24 68.37 -54.82
N GLU L 200 -22.98 68.03 -55.09
CA GLU L 200 -21.95 68.16 -54.09
C GLU L 200 -21.78 69.62 -53.67
N SER L 201 -21.78 70.52 -54.66
CA SER L 201 -21.64 71.94 -54.35
C SER L 201 -22.81 72.43 -53.51
N ARG L 202 -24.03 72.02 -53.86
CA ARG L 202 -25.21 72.44 -53.10
C ARG L 202 -25.18 71.89 -51.68
N VAL L 203 -24.75 70.64 -51.52
CA VAL L 203 -24.67 70.06 -50.19
C VAL L 203 -23.66 70.81 -49.34
N ASN L 204 -22.53 71.20 -49.93
CA ASN L 204 -21.55 71.97 -49.17
C ASN L 204 -22.08 73.35 -48.79
N LYS L 205 -23.15 73.80 -49.44
CA LYS L 205 -23.76 75.07 -49.09
C LYS L 205 -24.69 74.99 -47.89
N GLY L 206 -24.77 73.84 -47.23
CA GLY L 206 -25.75 73.62 -46.19
C GLY L 206 -27.12 73.24 -46.71
N GLU L 207 -27.30 73.26 -48.02
CA GLU L 207 -28.57 72.91 -48.64
C GLU L 207 -28.86 71.41 -48.52
N LEU L 208 -30.13 71.08 -48.30
CA LEU L 208 -30.57 69.69 -48.30
C LEU L 208 -31.24 69.39 -49.64
N ILE L 209 -30.66 68.47 -50.41
CA ILE L 209 -31.04 68.24 -51.80
C ILE L 209 -31.62 66.84 -51.96
N LEU L 210 -32.38 66.67 -53.03
CA LEU L 210 -32.94 65.38 -53.41
C LEU L 210 -32.18 64.84 -54.61
N ILE L 211 -31.76 63.58 -54.53
CA ILE L 211 -30.87 63.00 -55.54
C ILE L 211 -31.48 61.70 -56.05
N LYS L 212 -31.35 61.48 -57.35
CA LYS L 212 -31.70 60.20 -57.98
C LYS L 212 -30.45 59.35 -58.06
N GLU L 213 -30.47 58.22 -57.35
CA GLU L 213 -29.33 57.31 -57.33
C GLU L 213 -29.81 55.92 -56.93
N ALA L 214 -29.06 54.91 -57.38
CA ALA L 214 -29.40 53.50 -57.15
C ALA L 214 -30.82 53.26 -57.69
N GLY L 215 -31.61 52.47 -56.99
CA GLY L 215 -32.92 52.10 -57.49
C GLY L 215 -33.92 53.23 -57.57
N ALA L 216 -34.02 54.05 -56.54
CA ALA L 216 -35.10 55.03 -56.42
C ALA L 216 -34.58 56.40 -56.01
N ILE L 217 -35.50 57.28 -55.66
CA ILE L 217 -35.16 58.64 -55.24
C ILE L 217 -34.87 58.64 -53.75
N ARG L 218 -33.80 59.31 -53.34
CA ARG L 218 -33.31 59.25 -51.98
C ARG L 218 -32.81 60.61 -51.52
N ILE L 219 -32.85 60.81 -50.20
CA ILE L 219 -32.30 62.01 -49.59
C ILE L 219 -30.78 61.89 -49.49
N ALA L 220 -30.08 63.01 -49.70
CA ALA L 220 -28.63 63.03 -49.70
C ALA L 220 -28.12 63.73 -48.46
N ARG L 221 -27.92 62.97 -47.39
CA ARG L 221 -27.15 63.42 -46.22
C ARG L 221 -27.76 64.68 -45.61
N GLY L 222 -28.92 64.50 -44.99
CA GLY L 222 -29.61 65.60 -44.34
C GLY L 222 -28.77 66.35 -43.33
N VAL L 223 -28.63 67.66 -43.53
CA VAL L 223 -27.84 68.52 -42.66
C VAL L 223 -28.58 69.83 -42.44
N ASN L 224 -28.21 70.54 -41.38
CA ASN L 224 -28.82 71.82 -41.10
C ASN L 224 -28.34 72.88 -42.10
N SER L 225 -28.79 74.11 -41.88
CA SER L 225 -28.51 75.18 -42.83
C SER L 225 -27.28 76.00 -42.46
N LEU L 226 -26.68 75.76 -41.30
CA LEU L 226 -25.51 76.55 -40.93
C LEU L 226 -24.30 76.14 -41.77
N THR L 227 -23.47 77.12 -42.12
CA THR L 227 -22.32 76.89 -42.97
C THR L 227 -21.00 77.34 -42.35
N GLU L 228 -20.99 78.45 -41.62
CA GLU L 228 -19.76 78.92 -40.98
C GLU L 228 -19.57 78.21 -39.66
N LEU L 229 -18.33 77.81 -39.37
CA LEU L 229 -18.00 77.05 -38.18
C LEU L 229 -17.24 77.96 -37.22
N THR L 230 -17.79 78.16 -36.03
CA THR L 230 -17.13 78.99 -35.03
C THR L 230 -16.25 78.12 -34.12
N ALA L 231 -15.64 78.76 -33.13
CA ALA L 231 -14.79 78.03 -32.21
C ALA L 231 -15.60 77.07 -31.35
N GLU L 232 -16.85 77.42 -31.05
CA GLU L 232 -17.66 76.57 -30.18
C GLU L 232 -18.63 75.72 -30.99
N LYS L 233 -19.23 76.30 -32.03
CA LYS L 233 -20.10 75.54 -32.93
C LYS L 233 -19.23 74.76 -33.90
N GLY L 234 -18.87 73.54 -33.52
CA GLY L 234 -17.98 72.73 -34.31
C GLY L 234 -18.67 71.99 -35.43
N GLU L 235 -17.93 71.07 -36.03
CA GLU L 235 -18.39 70.39 -37.24
C GLU L 235 -19.64 69.57 -36.96
N MET L 236 -19.62 68.74 -35.91
CA MET L 236 -20.69 67.77 -35.70
C MET L 236 -22.03 68.44 -35.43
N PHE L 237 -22.04 69.74 -35.13
CA PHE L 237 -23.30 70.46 -35.00
C PHE L 237 -24.05 70.55 -36.32
N GLN L 238 -23.41 70.20 -37.43
CA GLN L 238 -24.03 70.28 -38.75
C GLN L 238 -24.87 69.07 -39.09
N LYS L 239 -24.88 68.04 -38.25
CA LYS L 239 -25.67 66.84 -38.50
C LYS L 239 -27.02 66.93 -37.80
N ILE L 240 -28.07 66.56 -38.52
CA ILE L 240 -29.43 66.67 -37.97
C ILE L 240 -29.60 65.75 -36.77
N LYS L 241 -29.12 64.51 -36.87
CA LYS L 241 -29.28 63.56 -35.77
C LYS L 241 -28.58 64.06 -34.50
N ILE L 242 -27.41 64.65 -34.66
CA ILE L 242 -26.66 65.13 -33.49
C ILE L 242 -27.42 66.24 -32.79
N VAL L 243 -27.91 67.22 -33.55
CA VAL L 243 -28.60 68.34 -32.93
C VAL L 243 -29.92 67.87 -32.33
N ASP L 244 -30.56 66.87 -32.94
CA ASP L 244 -31.82 66.37 -32.40
C ASP L 244 -31.60 65.67 -31.06
N THR L 245 -30.58 64.82 -30.97
CA THR L 245 -30.32 64.16 -29.69
C THR L 245 -29.86 65.16 -28.65
N LEU L 246 -29.12 66.19 -29.04
CA LEU L 246 -28.78 67.25 -28.09
C LEU L 246 -30.03 67.94 -27.58
N ASP L 247 -31.00 68.21 -28.46
CA ASP L 247 -32.22 68.89 -28.04
C ASP L 247 -33.02 68.05 -27.07
N ILE L 248 -33.16 66.75 -27.34
CA ILE L 248 -33.93 65.93 -26.41
C ILE L 248 -33.21 65.81 -25.08
N ILE L 249 -31.88 65.70 -25.09
CA ILE L 249 -31.12 65.70 -23.84
C ILE L 249 -31.42 66.97 -23.05
N HIS L 250 -31.32 68.12 -23.72
CA HIS L 250 -31.55 69.39 -23.04
C HIS L 250 -32.94 69.45 -22.42
N SER L 251 -33.96 69.11 -23.20
CA SER L 251 -35.33 69.26 -22.72
C SER L 251 -35.60 68.33 -21.54
N ASP L 252 -35.16 67.07 -21.64
CA ASP L 252 -35.39 66.12 -20.55
C ASP L 252 -34.68 66.57 -19.27
N ILE L 253 -33.43 67.01 -19.41
CA ILE L 253 -32.66 67.40 -18.24
C ILE L 253 -33.30 68.61 -17.58
N ARG L 254 -33.72 69.60 -18.39
CA ARG L 254 -34.37 70.77 -17.85
C ARG L 254 -35.66 70.42 -17.13
N LYS L 255 -36.47 69.54 -17.72
CA LYS L 255 -37.74 69.18 -17.10
C LYS L 255 -37.52 68.49 -15.76
N VAL L 256 -36.55 67.57 -15.70
CA VAL L 256 -36.25 66.92 -14.42
C VAL L 256 -35.82 67.96 -13.39
N ILE L 257 -34.93 68.87 -13.80
CA ILE L 257 -34.38 69.85 -12.86
C ILE L 257 -35.49 70.73 -12.29
N ILE L 258 -36.38 71.22 -13.16
CA ILE L 258 -37.42 72.12 -12.65
C ILE L 258 -38.43 71.34 -11.82
N ASP L 259 -38.77 70.11 -12.22
CA ASP L 259 -39.85 69.41 -11.54
C ASP L 259 -39.42 68.92 -10.17
N ASP L 260 -38.14 68.63 -9.96
CA ASP L 260 -37.73 67.98 -8.71
C ASP L 260 -36.93 68.89 -7.78
N TYR L 261 -35.82 69.46 -8.25
CA TYR L 261 -34.83 70.03 -7.35
C TYR L 261 -34.88 71.56 -7.28
N ILE L 262 -35.93 72.18 -7.82
CA ILE L 262 -36.03 73.64 -7.81
C ILE L 262 -36.89 74.03 -6.63
N GLY L 263 -36.30 74.78 -5.69
CA GLY L 263 -37.03 75.30 -4.54
C GLY L 263 -37.52 74.24 -3.59
N LYS L 264 -36.94 73.04 -3.65
CA LYS L 264 -37.38 71.94 -2.80
C LYS L 264 -36.25 71.22 -2.08
N VAL L 265 -34.99 71.49 -2.42
CA VAL L 265 -33.85 70.83 -1.79
C VAL L 265 -32.85 71.90 -1.38
N THR L 266 -32.32 71.77 -0.16
CA THR L 266 -31.36 72.74 0.33
C THR L 266 -30.02 72.58 -0.37
N ASN L 267 -29.43 73.71 -0.75
CA ASN L 267 -28.17 73.71 -1.47
C ASN L 267 -27.06 73.35 -0.49
N SER L 268 -26.65 72.08 -0.50
CA SER L 268 -25.55 71.62 0.34
C SER L 268 -24.76 70.59 -0.45
N TYR L 269 -23.60 70.22 0.09
CA TYR L 269 -22.71 69.31 -0.63
C TYR L 269 -23.39 67.98 -0.91
N ASP L 270 -24.07 67.42 0.10
CA ASP L 270 -24.71 66.12 -0.08
C ASP L 270 -25.84 66.19 -1.10
N ASN L 271 -26.62 67.27 -1.07
CA ASN L 271 -27.66 67.44 -2.08
C ASN L 271 -27.06 67.56 -3.47
N LYS L 272 -25.92 68.23 -3.59
CA LYS L 272 -25.22 68.28 -4.86
C LYS L 272 -24.79 66.90 -5.32
N CYS L 273 -24.30 66.07 -4.38
CA CYS L 273 -23.89 64.72 -4.74
C CYS L 273 -25.07 63.89 -5.22
N LEU L 274 -26.23 64.01 -4.55
CA LEU L 274 -27.41 63.31 -5.02
C LEU L 274 -27.86 63.81 -6.40
N LEU L 275 -27.76 65.12 -6.64
CA LEU L 275 -28.08 65.64 -7.96
C LEU L 275 -27.17 65.05 -9.03
N ILE L 276 -25.87 64.98 -8.72
CA ILE L 276 -24.92 64.40 -9.67
C ILE L 276 -25.25 62.94 -9.94
N VAL L 277 -25.60 62.20 -8.89
CA VAL L 277 -25.93 60.78 -9.06
C VAL L 277 -27.15 60.63 -9.94
N ALA L 278 -28.19 61.45 -9.71
CA ALA L 278 -29.38 61.36 -10.55
C ALA L 278 -29.07 61.71 -12.00
N ILE L 279 -28.25 62.73 -12.21
CA ILE L 279 -27.86 63.12 -13.56
C ILE L 279 -27.16 61.96 -14.26
N LYS L 280 -26.21 61.34 -13.56
CA LYS L 280 -25.45 60.23 -14.14
C LYS L 280 -26.36 59.05 -14.42
N SER L 281 -27.32 58.78 -13.54
CA SER L 281 -28.25 57.69 -13.78
C SER L 281 -29.07 57.93 -15.04
N TYR L 282 -29.56 59.15 -15.22
CA TYR L 282 -30.31 59.45 -16.44
C TYR L 282 -29.42 59.31 -17.67
N LEU L 283 -28.17 59.77 -17.59
CA LEU L 283 -27.28 59.67 -18.75
C LEU L 283 -26.99 58.21 -19.09
N GLU L 284 -26.78 57.37 -18.09
CA GLU L 284 -26.57 55.95 -18.34
C GLU L 284 -27.81 55.32 -18.96
N GLU L 285 -28.98 55.70 -18.48
CA GLU L 285 -30.22 55.19 -19.07
C GLU L 285 -30.33 55.58 -20.53
N LEU L 286 -29.97 56.82 -20.87
CA LEU L 286 -29.94 57.22 -22.27
C LEU L 286 -28.92 56.43 -23.07
N GLU L 287 -27.76 56.14 -22.46
CA GLU L 287 -26.76 55.33 -23.13
C GLU L 287 -27.30 53.94 -23.47
N LYS L 288 -28.14 53.40 -22.58
CA LYS L 288 -28.70 52.07 -22.83
C LYS L 288 -29.42 51.99 -24.17
N SER L 289 -30.07 53.07 -24.60
CA SER L 289 -30.74 53.09 -25.88
C SER L 289 -29.79 53.29 -27.05
N ALA L 290 -28.48 53.28 -26.80
CA ALA L 290 -27.44 53.41 -27.82
C ALA L 290 -27.52 54.74 -28.57
N LEU L 291 -27.76 55.84 -27.86
CA LEU L 291 -27.71 57.15 -28.51
C LEU L 291 -26.41 57.89 -28.20
N ILE L 292 -25.75 57.55 -27.09
CA ILE L 292 -24.48 58.18 -26.73
C ILE L 292 -23.48 57.08 -26.39
N GLU L 293 -22.22 57.47 -26.21
CA GLU L 293 -21.18 56.51 -25.88
C GLU L 293 -21.37 56.01 -24.44
N SER L 294 -20.78 54.86 -24.16
CA SER L 294 -21.03 54.17 -22.89
C SER L 294 -20.57 55.01 -21.70
N ASP L 295 -19.32 55.46 -21.71
CA ASP L 295 -18.71 56.09 -20.55
C ASP L 295 -18.87 57.60 -20.63
N SER L 296 -19.40 58.19 -19.55
CA SER L 296 -19.51 59.63 -19.41
C SER L 296 -19.27 60.01 -17.96
N THR L 297 -18.82 61.24 -17.73
CA THR L 297 -18.49 61.71 -16.39
C THR L 297 -19.21 63.01 -16.10
N VAL L 298 -19.84 63.09 -14.92
CA VAL L 298 -20.46 64.31 -14.43
C VAL L 298 -19.87 64.63 -13.08
N GLU L 299 -19.40 65.87 -12.91
CA GLU L 299 -18.78 66.28 -11.66
C GLU L 299 -18.91 67.79 -11.53
N ILE L 300 -18.66 68.27 -10.30
CA ILE L 300 -18.87 69.68 -9.99
C ILE L 300 -17.87 70.54 -10.73
N ASP L 301 -18.37 71.59 -11.38
CA ASP L 301 -17.51 72.54 -12.08
C ASP L 301 -16.74 73.37 -11.07
N PHE L 302 -15.42 73.26 -11.11
CA PHE L 302 -14.58 73.87 -10.09
C PHE L 302 -14.16 75.29 -10.46
N GLU L 303 -13.83 75.54 -11.73
CA GLU L 303 -13.33 76.85 -12.11
C GLU L 303 -14.39 77.94 -11.93
N ALA L 304 -15.63 77.63 -12.31
CA ALA L 304 -16.70 78.61 -12.15
C ALA L 304 -16.96 78.91 -10.68
N GLN L 305 -16.94 77.89 -9.83
CA GLN L 305 -17.12 78.11 -8.41
C GLN L 305 -15.98 78.93 -7.82
N LYS L 306 -14.75 78.65 -8.25
CA LYS L 306 -13.61 79.44 -7.79
C LYS L 306 -13.75 80.90 -8.20
N SER L 307 -14.18 81.14 -9.45
CA SER L 307 -14.39 82.51 -9.90
C SER L 307 -15.48 83.20 -9.10
N TYR L 308 -16.57 82.47 -8.81
CA TYR L 308 -17.66 83.06 -8.04
C TYR L 308 -17.20 83.40 -6.63
N LEU L 309 -16.41 82.52 -6.01
CA LEU L 309 -15.90 82.81 -4.67
C LEU L 309 -14.95 84.01 -4.69
N LYS L 310 -14.12 84.12 -5.72
CA LYS L 310 -13.28 85.31 -5.84
C LYS L 310 -14.11 86.56 -6.04
N SER L 311 -15.25 86.43 -6.72
CA SER L 311 -16.09 87.60 -6.98
C SER L 311 -16.68 88.17 -5.70
N LYS L 312 -16.96 87.34 -4.72
CA LYS L 312 -17.50 87.81 -3.45
C LYS L 312 -16.41 88.23 -2.47
N GLY L 313 -15.14 88.10 -2.85
CA GLY L 313 -14.05 88.60 -2.04
C GLY L 313 -13.54 87.67 -0.97
N VAL L 314 -13.95 86.39 -0.98
CA VAL L 314 -13.48 85.46 0.04
C VAL L 314 -12.00 85.19 -0.17
N ASP L 315 -11.29 84.91 0.92
CA ASP L 315 -9.86 84.59 0.88
C ASP L 315 -9.72 83.09 0.74
N LEU L 316 -9.32 82.65 -0.46
CA LEU L 316 -9.21 81.24 -0.78
C LEU L 316 -7.77 80.82 -1.06
N SER L 317 -6.79 81.60 -0.61
CA SER L 317 -5.40 81.26 -0.88
C SER L 317 -5.00 79.94 -0.21
N TYR L 318 -5.45 79.73 1.03
CA TYR L 318 -5.02 78.54 1.76
C TYR L 318 -6.03 77.41 1.64
N MET L 319 -7.30 77.73 1.37
CA MET L 319 -8.29 76.67 1.24
C MET L 319 -7.97 75.78 0.05
N THR L 320 -7.97 74.46 0.30
CA THR L 320 -7.54 73.51 -0.70
C THR L 320 -8.72 73.03 -1.54
N LEU L 321 -8.40 72.18 -2.53
CA LEU L 321 -9.33 71.81 -3.59
C LEU L 321 -10.69 71.40 -3.03
N GLN L 322 -10.72 70.32 -2.25
CA GLN L 322 -11.99 69.84 -1.72
C GLN L 322 -12.64 70.89 -0.83
N GLU L 323 -11.83 71.65 -0.07
CA GLU L 323 -12.39 72.71 0.75
C GLU L 323 -13.04 73.79 -0.10
N ILE L 324 -12.43 74.13 -1.23
CA ILE L 324 -13.07 75.08 -2.15
C ILE L 324 -14.37 74.50 -2.68
N LYS L 325 -14.40 73.19 -2.94
CA LYS L 325 -15.64 72.59 -3.42
C LYS L 325 -16.71 72.57 -2.35
N GLU L 326 -16.30 72.54 -1.07
CA GLU L 326 -17.26 72.47 0.02
C GLU L 326 -17.95 73.80 0.26
N ALA L 327 -17.32 74.90 -0.16
CA ALA L 327 -17.77 76.23 0.24
C ALA L 327 -19.20 76.49 -0.19
N ASN L 328 -19.95 77.17 0.67
CA ASN L 328 -21.34 77.48 0.37
C ASN L 328 -21.43 78.43 -0.82
N THR L 329 -22.42 78.18 -1.68
CA THR L 329 -22.61 78.97 -2.88
C THR L 329 -23.87 79.82 -2.84
N GLY L 330 -24.82 79.51 -1.98
CA GLY L 330 -26.04 80.29 -1.89
C GLY L 330 -26.97 80.11 -3.06
N SER L 331 -27.59 78.93 -3.19
CA SER L 331 -28.61 78.64 -4.20
C SER L 331 -28.03 78.57 -5.61
N LYS L 332 -26.71 78.69 -5.74
CA LYS L 332 -26.08 78.54 -7.04
C LYS L 332 -25.41 77.18 -7.16
N VAL L 333 -25.63 76.51 -8.28
CA VAL L 333 -25.05 75.21 -8.56
C VAL L 333 -24.28 75.29 -9.86
N PHE L 334 -23.02 74.86 -9.84
CA PHE L 334 -22.16 74.84 -11.01
C PHE L 334 -21.77 73.40 -11.32
N LEU L 335 -22.01 72.96 -12.56
CA LEU L 335 -21.81 71.58 -12.93
C LEU L 335 -21.29 71.51 -14.36
N LYS L 336 -20.39 70.57 -14.60
CA LYS L 336 -19.85 70.32 -15.93
C LYS L 336 -19.86 68.81 -16.19
N ALA L 337 -20.10 68.43 -17.44
CA ALA L 337 -20.18 67.04 -17.84
C ALA L 337 -19.67 66.87 -19.26
N LYS L 338 -19.28 65.64 -19.59
CA LYS L 338 -18.77 65.32 -20.92
C LYS L 338 -19.44 64.05 -21.43
N ILE L 339 -19.77 64.04 -22.72
CA ILE L 339 -20.41 62.90 -23.37
C ILE L 339 -19.86 62.78 -24.79
N LYS L 340 -20.08 61.61 -25.39
CA LYS L 340 -19.75 61.37 -26.78
C LYS L 340 -20.97 60.81 -27.48
N VAL L 341 -21.36 61.45 -28.58
CA VAL L 341 -22.60 61.17 -29.27
C VAL L 341 -22.31 60.30 -30.49
N LEU L 342 -23.03 59.20 -30.61
CA LEU L 342 -22.85 58.30 -31.75
C LEU L 342 -23.54 58.86 -33.00
N ASP L 343 -23.23 58.27 -34.13
CA ASP L 343 -23.82 58.64 -35.41
C ASP L 343 -24.00 57.40 -36.26
N ALA L 344 -24.81 57.52 -37.31
CA ALA L 344 -25.08 56.38 -38.18
C ALA L 344 -23.92 56.15 -39.13
N MET L 345 -23.75 54.90 -39.54
CA MET L 345 -22.75 54.57 -40.56
C MET L 345 -23.09 55.31 -41.86
N GLU L 346 -22.13 56.08 -42.37
CA GLU L 346 -22.38 56.93 -43.52
C GLU L 346 -21.39 56.71 -44.66
N ASP L 347 -20.12 56.49 -44.36
CA ASP L 347 -19.09 56.31 -45.39
C ASP L 347 -18.27 55.09 -45.05
N ILE L 348 -18.24 54.13 -45.97
CA ILE L 348 -17.57 52.85 -45.75
C ILE L 348 -16.44 52.73 -46.76
N ASP L 349 -15.23 52.48 -46.26
CA ASP L 349 -14.05 52.30 -47.10
C ASP L 349 -13.53 50.89 -46.88
N LEU L 350 -13.65 50.06 -47.91
CA LEU L 350 -13.20 48.67 -47.86
C LEU L 350 -12.09 48.47 -48.87
N SER L 351 -10.96 47.97 -48.40
CA SER L 351 -9.79 47.72 -49.24
C SER L 351 -9.54 46.22 -49.30
N ILE L 352 -9.49 45.68 -50.52
CA ILE L 352 -9.32 44.25 -50.73
C ILE L 352 -8.02 44.04 -51.50
N GLU L 353 -7.15 43.18 -50.98
CA GLU L 353 -5.98 42.74 -51.72
C GLU L 353 -6.16 41.27 -52.07
N ILE L 354 -5.92 40.92 -53.33
CA ILE L 354 -6.21 39.59 -53.81
C ILE L 354 -5.14 38.61 -53.36
N ALA M 2 24.59 -5.07 -77.51
CA ALA M 2 23.83 -4.40 -78.56
C ALA M 2 22.72 -5.30 -79.10
N ILE M 3 21.90 -4.77 -79.99
CA ILE M 3 20.79 -5.54 -80.54
C ILE M 3 21.29 -6.38 -81.70
N GLY M 4 21.11 -7.70 -81.59
CA GLY M 4 21.50 -8.62 -82.63
C GLY M 4 20.31 -9.47 -83.09
N LEU M 5 20.63 -10.51 -83.84
CA LEU M 5 19.60 -11.45 -84.27
C LEU M 5 19.03 -12.17 -83.06
N PRO M 6 17.78 -12.63 -83.13
CA PRO M 6 17.20 -13.37 -82.01
C PRO M 6 18.04 -14.61 -81.69
N SER M 7 18.18 -14.88 -80.39
CA SER M 7 19.04 -15.96 -79.91
C SER M 7 18.18 -17.05 -79.29
N ILE M 8 18.23 -18.25 -79.87
CA ILE M 8 17.65 -19.45 -79.28
C ILE M 8 18.78 -20.46 -79.17
N ASN M 9 19.14 -20.82 -77.94
CA ASN M 9 20.22 -21.75 -77.71
C ASN M 9 19.80 -22.81 -76.70
N ILE M 10 20.11 -24.06 -77.01
CA ILE M 10 19.82 -25.19 -76.15
C ILE M 10 21.15 -25.80 -75.73
N SER M 11 21.37 -25.90 -74.42
CA SER M 11 22.62 -26.39 -73.88
C SER M 11 22.38 -27.65 -73.08
N PHE M 12 23.17 -28.68 -73.36
CA PHE M 12 23.15 -29.92 -72.60
C PHE M 12 24.44 -30.02 -71.80
N LYS M 13 24.30 -30.20 -70.48
CA LYS M 13 25.44 -30.31 -69.58
C LYS M 13 25.24 -31.51 -68.68
N GLU M 14 26.34 -32.13 -68.27
CA GLU M 14 26.27 -33.35 -67.48
C GLU M 14 26.50 -33.08 -66.01
N LEU M 15 25.83 -33.84 -65.16
CA LEU M 15 26.05 -33.78 -63.71
C LEU M 15 27.43 -34.37 -63.40
N ALA M 16 28.39 -33.48 -63.21
CA ALA M 16 29.75 -33.92 -62.94
C ALA M 16 29.87 -34.45 -61.51
N THR M 17 29.23 -35.60 -61.25
CA THR M 17 29.35 -36.21 -59.94
C THR M 17 30.80 -36.51 -59.63
N THR M 18 31.36 -35.79 -58.67
CA THR M 18 32.79 -35.76 -58.48
C THR M 18 33.13 -36.13 -57.04
N VAL M 19 34.07 -37.07 -56.91
CA VAL M 19 34.76 -37.33 -55.66
C VAL M 19 36.20 -36.88 -55.87
N LYS M 20 36.69 -36.02 -54.98
CA LYS M 20 37.98 -35.37 -55.21
C LYS M 20 39.10 -36.40 -55.32
N GLU M 21 40.01 -36.17 -56.25
CA GLU M 21 41.16 -37.04 -56.44
C GLU M 21 42.23 -36.68 -55.41
N ARG M 22 42.72 -37.68 -54.71
CA ARG M 22 43.76 -37.51 -53.71
C ARG M 22 45.07 -38.10 -54.21
N SER M 23 46.13 -37.86 -53.46
CA SER M 23 47.45 -38.33 -53.84
C SER M 23 47.47 -39.86 -53.93
N ALA M 24 48.06 -40.37 -55.01
CA ALA M 24 48.10 -41.80 -55.23
C ALA M 24 48.99 -42.48 -54.19
N ARG M 25 48.56 -43.64 -53.72
CA ARG M 25 49.27 -44.41 -52.71
C ARG M 25 49.43 -45.85 -53.16
N GLY M 26 50.55 -46.44 -52.80
CA GLY M 26 50.83 -47.83 -53.13
C GLY M 26 51.82 -48.06 -54.24
N ILE M 27 52.45 -47.02 -54.77
CA ILE M 27 53.40 -47.15 -55.86
C ILE M 27 54.77 -47.45 -55.29
N ILE M 28 55.50 -48.34 -55.96
CA ILE M 28 56.84 -48.76 -55.54
C ILE M 28 57.84 -48.34 -56.61
N ALA M 29 58.95 -47.78 -56.19
CA ALA M 29 60.04 -47.41 -57.08
C ALA M 29 61.10 -48.50 -57.02
N MET M 30 61.40 -49.10 -58.17
CA MET M 30 62.34 -50.20 -58.26
C MET M 30 63.55 -49.74 -59.06
N VAL M 31 64.75 -49.99 -58.52
CA VAL M 31 65.99 -49.63 -59.17
C VAL M 31 66.83 -50.89 -59.36
N LEU M 32 67.33 -51.08 -60.57
CA LEU M 32 68.08 -52.28 -60.91
C LEU M 32 69.13 -51.92 -61.96
N LYS M 33 70.22 -52.68 -61.95
CA LYS M 33 71.36 -52.44 -62.84
C LYS M 33 71.47 -53.55 -63.87
N ASP M 34 71.68 -53.14 -65.13
CA ASP M 34 71.80 -54.09 -66.24
C ASP M 34 72.48 -53.39 -67.41
N ALA M 35 72.49 -54.07 -68.54
CA ALA M 35 72.98 -53.52 -69.80
C ALA M 35 71.89 -53.48 -70.88
N LYS M 36 70.65 -53.82 -70.54
CA LYS M 36 69.57 -53.87 -71.52
C LYS M 36 68.34 -53.16 -70.98
N ALA M 37 67.60 -52.54 -71.91
CA ALA M 37 66.37 -51.81 -71.59
C ALA M 37 66.60 -50.78 -70.49
N LEU M 38 67.65 -49.97 -70.67
CA LEU M 38 67.96 -48.96 -69.68
C LEU M 38 66.87 -47.90 -69.62
N GLY M 39 66.76 -47.27 -68.46
CA GLY M 39 65.68 -46.32 -68.22
C GLY M 39 64.52 -46.98 -67.50
N LEU M 40 63.50 -46.17 -67.25
CA LEU M 40 62.30 -46.67 -66.59
C LEU M 40 61.56 -47.62 -67.53
N ASN M 41 60.92 -48.63 -66.94
CA ASN M 41 60.23 -49.65 -67.72
C ASN M 41 58.72 -49.67 -67.49
N GLU M 42 58.24 -49.12 -66.38
CA GLU M 42 56.82 -48.88 -66.17
C GLU M 42 56.00 -50.17 -66.25
N ILE M 43 56.26 -51.06 -65.29
CA ILE M 43 55.54 -52.34 -65.21
C ILE M 43 54.27 -52.07 -64.41
N HIS M 44 53.26 -51.55 -65.10
CA HIS M 44 51.97 -51.30 -64.45
C HIS M 44 51.20 -52.60 -64.27
N GLU M 45 51.39 -53.54 -65.18
CA GLU M 45 50.65 -54.80 -65.17
C GLU M 45 51.58 -55.95 -64.79
N LYS M 46 51.06 -56.87 -63.99
CA LYS M 46 51.85 -58.02 -63.54
C LYS M 46 52.35 -58.86 -64.72
N GLU M 47 51.53 -59.01 -65.75
CA GLU M 47 51.85 -59.98 -66.79
C GLU M 47 52.99 -59.51 -67.69
N ASP M 48 53.03 -58.22 -68.03
CA ASP M 48 53.96 -57.75 -69.05
C ASP M 48 55.31 -57.43 -68.41
N ILE M 49 56.36 -58.07 -68.93
CA ILE M 49 57.74 -57.86 -68.48
C ILE M 49 58.60 -57.69 -69.73
N PRO M 50 59.54 -56.76 -69.75
CA PRO M 50 60.49 -56.70 -70.87
C PRO M 50 61.26 -58.01 -70.99
N VAL M 51 61.49 -58.43 -72.23
CA VAL M 51 62.08 -59.75 -72.46
C VAL M 51 63.60 -59.70 -72.47
N ASP M 52 64.18 -58.52 -72.66
CA ASP M 52 65.63 -58.42 -72.80
C ASP M 52 66.35 -58.44 -71.45
N LEU M 53 65.64 -58.20 -70.35
CA LEU M 53 66.29 -58.18 -69.05
C LEU M 53 66.64 -59.60 -68.60
N SER M 54 67.56 -59.69 -67.64
CA SER M 54 68.09 -60.97 -67.20
C SER M 54 67.02 -61.78 -66.47
N ALA M 55 67.25 -63.09 -66.40
CA ALA M 55 66.27 -63.98 -65.79
C ALA M 55 66.13 -63.75 -64.29
N GLU M 56 67.25 -63.67 -63.58
CA GLU M 56 67.16 -63.46 -62.13
C GLU M 56 66.50 -62.12 -61.82
N ASN M 57 66.74 -61.11 -62.67
CA ASN M 57 66.02 -59.86 -62.52
C ASN M 57 64.52 -60.06 -62.68
N LYS M 58 64.13 -60.89 -63.65
CA LYS M 58 62.73 -61.25 -63.76
C LYS M 58 62.22 -61.88 -62.46
N GLU M 59 63.05 -62.70 -61.82
CA GLU M 59 62.65 -63.31 -60.56
C GLU M 59 62.40 -62.26 -59.48
N TYR M 60 63.28 -61.26 -59.34
CA TYR M 60 63.00 -60.27 -58.31
C TYR M 60 61.79 -59.42 -58.66
N ILE M 61 61.53 -59.19 -59.94
CA ILE M 61 60.26 -58.55 -60.29
C ILE M 61 59.08 -59.41 -59.85
N ASN M 62 59.16 -60.73 -60.08
CA ASN M 62 58.06 -61.59 -59.64
C ASN M 62 57.87 -61.53 -58.13
N LEU M 63 58.97 -61.51 -57.38
CA LEU M 63 58.86 -61.36 -55.93
C LEU M 63 58.17 -60.07 -55.56
N ALA M 64 58.52 -58.97 -56.24
CA ALA M 64 57.90 -57.69 -55.95
C ALA M 64 56.44 -57.62 -56.40
N LEU M 65 56.02 -58.49 -57.32
CA LEU M 65 54.68 -58.39 -57.88
C LEU M 65 53.60 -58.86 -56.90
N MET M 66 53.85 -59.96 -56.21
CA MET M 66 52.82 -60.54 -55.35
C MET M 66 52.60 -59.66 -54.11
N GLY M 67 51.41 -59.06 -54.03
CA GLY M 67 51.07 -58.19 -52.91
C GLY M 67 50.60 -58.99 -51.70
N ASN M 68 50.41 -58.28 -50.59
CA ASN M 68 50.01 -58.94 -49.35
C ASN M 68 48.52 -59.27 -49.37
N VAL M 69 47.67 -58.24 -49.42
CA VAL M 69 46.24 -58.43 -49.59
C VAL M 69 45.83 -58.32 -51.06
N ASN M 70 46.35 -57.32 -51.75
CA ASN M 70 46.03 -57.11 -53.15
C ASN M 70 47.29 -56.72 -53.91
N THR M 71 47.24 -56.88 -55.22
CA THR M 71 48.37 -56.54 -56.07
C THR M 71 48.67 -55.05 -55.95
N PRO M 72 49.94 -54.64 -55.92
CA PRO M 72 50.26 -53.21 -55.93
C PRO M 72 49.65 -52.53 -57.14
N ASN M 73 49.13 -51.32 -56.92
CA ASN M 73 48.38 -50.63 -57.95
C ASN M 73 49.27 -50.24 -59.13
N LYS M 74 50.53 -49.91 -58.85
CA LYS M 74 51.43 -49.45 -59.91
C LYS M 74 52.86 -49.67 -59.46
N LEU M 75 53.71 -50.13 -60.39
CA LEU M 75 55.10 -50.42 -60.11
C LEU M 75 55.98 -49.74 -61.14
N LEU M 76 57.01 -49.04 -60.66
CA LEU M 76 58.00 -48.39 -61.52
C LEU M 76 59.35 -49.06 -61.28
N VAL M 77 59.99 -49.50 -62.36
CA VAL M 77 61.32 -50.10 -62.29
C VAL M 77 62.24 -49.30 -63.19
N TYR M 78 63.39 -48.91 -62.67
CA TYR M 78 64.39 -48.13 -63.41
C TYR M 78 65.63 -48.98 -63.62
N VAL M 79 66.07 -49.08 -64.86
CA VAL M 79 67.26 -49.84 -65.22
C VAL M 79 68.41 -48.86 -65.39
N ILE M 80 69.52 -49.13 -64.69
CA ILE M 80 70.67 -48.23 -64.68
C ILE M 80 71.89 -48.98 -65.18
N GLU M 81 72.72 -48.27 -65.94
CA GLU M 81 74.03 -48.78 -66.33
C GLU M 81 74.88 -49.02 -65.10
N GLY M 82 75.61 -50.13 -65.11
CA GLY M 82 76.48 -50.44 -63.99
C GLY M 82 77.54 -49.37 -63.80
N GLU M 83 77.95 -49.19 -62.54
CA GLU M 83 78.98 -48.23 -62.12
C GLU M 83 78.60 -46.78 -62.38
N ALA M 84 77.34 -46.51 -62.74
CA ALA M 84 76.90 -45.14 -62.93
C ALA M 84 76.60 -44.44 -61.61
N ASP M 85 76.93 -45.07 -60.48
CA ASP M 85 76.66 -44.52 -59.15
C ASP M 85 75.18 -44.31 -58.93
N ILE M 86 74.83 -43.64 -57.84
CA ILE M 86 73.43 -43.55 -57.43
C ILE M 86 72.76 -42.29 -57.96
N GLN M 87 73.44 -41.15 -57.89
CA GLN M 87 72.78 -39.86 -58.15
C GLN M 87 72.16 -39.79 -59.53
N THR M 88 72.76 -40.49 -60.51
CA THR M 88 72.19 -40.48 -61.86
C THR M 88 70.76 -41.01 -61.87
N ALA M 89 70.53 -42.13 -61.19
CA ALA M 89 69.18 -42.62 -61.03
C ALA M 89 68.38 -41.77 -60.04
N LEU M 90 69.08 -41.23 -59.04
CA LEU M 90 68.40 -40.54 -57.95
C LEU M 90 67.66 -39.31 -58.46
N ASP M 91 68.29 -38.53 -59.34
CA ASP M 91 67.62 -37.38 -59.92
C ASP M 91 66.38 -37.80 -60.69
N PHE M 92 66.51 -38.86 -61.50
CA PHE M 92 65.38 -39.34 -62.29
C PHE M 92 64.22 -39.72 -61.38
N LEU M 93 64.51 -40.35 -60.25
CA LEU M 93 63.46 -40.63 -59.28
C LEU M 93 62.90 -39.36 -58.66
N GLU M 94 63.74 -38.35 -58.40
CA GLU M 94 63.19 -37.11 -57.85
C GLU M 94 62.26 -36.42 -58.83
N THR M 95 62.38 -36.70 -60.13
CA THR M 95 61.43 -36.13 -61.08
C THR M 95 60.00 -36.61 -60.81
N LYS M 96 59.83 -37.88 -60.48
CA LYS M 96 58.51 -38.48 -60.39
C LYS M 96 58.17 -38.90 -58.96
N GLU M 97 56.88 -39.06 -58.71
CA GLU M 97 56.42 -39.42 -57.37
C GLU M 97 56.42 -40.93 -57.18
N PHE M 98 56.53 -41.35 -55.92
CA PHE M 98 56.51 -42.76 -55.55
C PHE M 98 56.38 -42.84 -54.03
N ASN M 99 56.29 -44.07 -53.53
CA ASN M 99 56.14 -44.30 -52.09
C ASN M 99 57.30 -45.08 -51.50
N TYR M 100 57.66 -46.22 -52.09
CA TYR M 100 58.65 -47.11 -51.52
C TYR M 100 59.74 -47.41 -52.54
N LEU M 101 60.98 -47.50 -52.07
CA LEU M 101 62.14 -47.71 -52.92
C LEU M 101 62.93 -48.91 -52.41
N CYS M 102 63.41 -49.74 -53.33
CA CYS M 102 64.18 -50.92 -52.96
C CYS M 102 65.24 -51.21 -54.01
N MET M 103 66.34 -51.80 -53.56
CA MET M 103 67.50 -52.16 -54.39
C MET M 103 68.05 -53.51 -53.98
N PRO M 104 67.97 -54.52 -54.84
CA PRO M 104 68.53 -55.83 -54.51
C PRO M 104 70.05 -55.82 -54.39
N LYS M 105 70.73 -55.25 -55.38
CA LYS M 105 72.19 -55.23 -55.42
C LYS M 105 72.71 -53.85 -55.03
N ALA M 106 73.40 -53.78 -53.90
CA ALA M 106 73.93 -52.51 -53.43
C ALA M 106 75.08 -52.77 -52.48
N VAL M 107 76.13 -51.97 -52.63
CA VAL M 107 77.25 -51.99 -51.70
C VAL M 107 76.96 -51.01 -50.58
N GLU M 108 77.75 -51.12 -49.50
CA GLU M 108 77.51 -50.30 -48.31
C GLU M 108 77.62 -48.82 -48.63
N ALA M 109 78.46 -48.46 -49.62
CA ALA M 109 78.51 -47.08 -50.07
C ALA M 109 77.17 -46.66 -50.67
N ASP M 110 76.57 -47.54 -51.48
CA ASP M 110 75.26 -47.24 -52.04
C ASP M 110 74.21 -47.11 -50.94
N LYS M 111 74.26 -47.98 -49.93
CA LYS M 111 73.32 -47.88 -48.82
C LYS M 111 73.48 -46.56 -48.08
N THR M 112 74.72 -46.13 -47.85
CA THR M 112 74.95 -44.84 -47.22
C THR M 112 74.39 -43.71 -48.08
N ALA M 113 74.57 -43.80 -49.40
CA ALA M 113 74.01 -42.80 -50.29
C ALA M 113 72.51 -42.73 -50.19
N ILE M 114 71.84 -43.88 -50.18
CA ILE M 114 70.38 -43.90 -50.05
C ILE M 114 69.96 -43.30 -48.71
N LYS M 115 70.64 -43.68 -47.63
CA LYS M 115 70.30 -43.16 -46.32
C LYS M 115 70.39 -41.64 -46.29
N ASN M 116 71.51 -41.09 -46.76
CA ASN M 116 71.70 -39.64 -46.75
C ASN M 116 70.67 -38.95 -47.64
N TRP M 117 70.43 -39.49 -48.84
CA TRP M 117 69.47 -38.89 -49.76
C TRP M 117 68.07 -38.86 -49.16
N ILE M 118 67.64 -39.98 -48.57
CA ILE M 118 66.30 -40.05 -48.00
C ILE M 118 66.16 -39.08 -46.83
N ILE M 119 67.17 -39.03 -45.95
CA ILE M 119 67.09 -38.12 -44.82
C ILE M 119 67.03 -36.67 -45.29
N LYS M 120 67.85 -36.31 -46.27
CA LYS M 120 67.83 -34.94 -46.76
C LYS M 120 66.50 -34.62 -47.45
N LEU M 121 65.95 -35.58 -48.18
CA LEU M 121 64.77 -35.29 -49.00
C LEU M 121 63.51 -35.23 -48.15
N ARG M 122 63.45 -36.00 -47.05
CA ARG M 122 62.25 -35.98 -46.24
C ARG M 122 62.09 -34.69 -45.46
N ASP M 123 63.19 -33.98 -45.20
CA ASP M 123 63.10 -32.76 -44.40
C ASP M 123 63.33 -31.50 -45.22
N ILE M 124 64.42 -31.43 -45.98
CA ILE M 124 64.76 -30.21 -46.69
C ILE M 124 63.71 -29.88 -47.75
N ASP M 125 63.36 -30.85 -48.59
CA ASP M 125 62.45 -30.62 -49.69
C ASP M 125 61.00 -30.85 -49.33
N LYS M 126 60.72 -31.33 -48.12
CA LYS M 126 59.36 -31.63 -47.68
C LYS M 126 58.67 -32.58 -48.66
N VAL M 127 59.44 -33.50 -49.21
CA VAL M 127 58.93 -34.57 -50.06
C VAL M 127 59.12 -35.87 -49.29
N LYS M 128 58.02 -36.60 -49.10
CA LYS M 128 57.97 -37.70 -48.16
C LYS M 128 57.98 -39.04 -48.90
N VAL M 129 59.10 -39.74 -48.83
CA VAL M 129 59.23 -41.09 -49.35
C VAL M 129 59.93 -41.94 -48.31
N LYS M 130 59.84 -43.27 -48.49
CA LYS M 130 60.49 -44.22 -47.61
C LYS M 130 61.17 -45.30 -48.45
N ALA M 131 62.14 -45.99 -47.85
CA ALA M 131 62.83 -47.05 -48.55
C ALA M 131 63.27 -48.11 -47.54
N VAL M 132 63.37 -49.35 -48.02
CA VAL M 132 63.83 -50.47 -47.21
C VAL M 132 65.26 -50.78 -47.62
N LEU M 133 66.08 -51.21 -46.65
CA LEU M 133 67.49 -51.41 -46.89
C LEU M 133 67.97 -52.67 -46.16
N GLY M 134 69.08 -53.23 -46.64
CA GLY M 134 69.50 -54.54 -46.18
C GLY M 134 69.91 -54.57 -44.73
N LYS M 135 71.05 -53.94 -44.41
CA LYS M 135 71.54 -53.95 -43.03
C LYS M 135 72.09 -52.55 -42.73
N VAL M 136 71.21 -51.67 -42.27
CA VAL M 136 71.56 -50.28 -41.98
C VAL M 136 70.98 -49.91 -40.63
N VAL M 137 71.71 -49.06 -39.91
CA VAL M 137 71.31 -48.63 -38.58
C VAL M 137 70.77 -47.20 -38.72
N GLY M 138 70.15 -46.91 -39.85
CA GLY M 138 69.57 -45.60 -40.05
C GLY M 138 68.59 -45.24 -38.95
N ASN M 139 68.62 -43.99 -38.52
CA ASN M 139 67.84 -43.55 -37.37
C ASN M 139 66.72 -42.60 -37.78
N HIS M 140 66.09 -42.85 -38.91
CA HIS M 140 65.01 -42.01 -39.42
C HIS M 140 63.80 -42.88 -39.74
N GLU M 141 62.61 -42.30 -39.62
CA GLU M 141 61.39 -43.06 -39.88
C GLU M 141 61.31 -43.51 -41.33
N GLY M 142 62.07 -42.88 -42.22
CA GLY M 142 62.05 -43.27 -43.61
C GLY M 142 62.86 -44.48 -43.95
N ILE M 143 63.55 -45.08 -42.98
CA ILE M 143 64.40 -46.23 -43.19
C ILE M 143 63.78 -47.42 -42.47
N ILE M 144 63.54 -48.50 -43.21
CA ILE M 144 63.05 -49.75 -42.65
C ILE M 144 64.17 -50.78 -42.77
N ASN M 145 64.57 -51.36 -41.64
CA ASN M 145 65.73 -52.23 -41.58
C ASN M 145 65.26 -53.67 -41.42
N PHE M 146 65.17 -54.38 -42.54
CA PHE M 146 64.78 -55.78 -42.52
C PHE M 146 66.03 -56.65 -42.57
N THR M 147 66.08 -57.67 -41.70
CA THR M 147 67.30 -58.45 -41.54
C THR M 147 66.94 -59.90 -41.27
N THR M 148 67.12 -60.76 -42.28
CA THR M 148 66.97 -62.19 -42.11
C THR M 148 67.79 -62.88 -43.20
N GLU M 149 68.78 -63.66 -42.80
CA GLU M 149 69.72 -64.26 -43.72
C GLU M 149 69.29 -65.68 -44.08
N ASP M 150 69.80 -66.17 -45.21
CA ASP M 150 69.61 -67.55 -45.64
C ASP M 150 68.13 -67.89 -45.76
N VAL M 151 67.37 -67.00 -46.37
CA VAL M 151 65.95 -67.23 -46.60
C VAL M 151 65.79 -68.20 -47.76
N LEU M 152 65.07 -69.29 -47.53
CA LEU M 152 64.83 -70.31 -48.54
C LEU M 152 63.37 -70.23 -48.97
N VAL M 153 63.14 -69.77 -50.21
CA VAL M 153 61.82 -69.76 -50.82
C VAL M 153 61.93 -70.45 -52.17
N GLY M 154 61.17 -71.52 -52.35
CA GLY M 154 61.22 -72.29 -53.59
C GLY M 154 62.61 -72.80 -53.92
N GLU M 155 63.17 -73.62 -53.03
CA GLU M 155 64.50 -74.23 -53.16
C GLU M 155 65.56 -73.28 -53.70
N LYS M 156 65.57 -72.03 -53.24
CA LYS M 156 66.64 -71.10 -53.55
C LYS M 156 67.04 -70.33 -52.30
N LYS M 157 68.33 -70.05 -52.18
CA LYS M 157 68.85 -69.21 -51.12
C LYS M 157 68.83 -67.75 -51.55
N TYR M 158 68.32 -66.89 -50.68
CA TYR M 158 68.27 -65.47 -50.94
C TYR M 158 68.92 -64.71 -49.79
N SER M 159 69.83 -63.80 -50.13
CA SER M 159 70.39 -62.91 -49.14
C SER M 159 69.35 -61.86 -48.75
N VAL M 160 69.64 -61.15 -47.66
CA VAL M 160 68.69 -60.17 -47.15
C VAL M 160 68.47 -59.05 -48.17
N ASP M 161 69.53 -58.62 -48.85
CA ASP M 161 69.40 -57.56 -49.84
C ASP M 161 68.45 -57.96 -50.96
N GLU M 162 68.58 -59.19 -51.46
CA GLU M 162 67.70 -59.64 -52.53
C GLU M 162 66.26 -59.77 -52.03
N PHE M 163 66.08 -60.25 -50.81
CA PHE M 163 64.75 -60.44 -50.25
C PHE M 163 64.06 -59.11 -49.93
N THR M 164 64.81 -58.02 -49.83
CA THR M 164 64.20 -56.72 -49.54
C THR M 164 63.13 -56.35 -50.56
N SER M 165 63.26 -56.85 -51.80
CA SER M 165 62.24 -56.55 -52.81
C SER M 165 60.91 -57.16 -52.44
N ARG M 166 60.91 -58.45 -52.09
CA ARG M 166 59.67 -59.09 -51.62
C ARG M 166 59.15 -58.43 -50.36
N VAL M 167 60.05 -58.03 -49.46
CA VAL M 167 59.59 -57.32 -48.25
C VAL M 167 58.85 -56.05 -48.64
N ALA M 168 59.45 -55.24 -49.51
CA ALA M 168 58.84 -53.97 -49.89
C ALA M 168 57.49 -54.20 -50.56
N GLY M 169 57.40 -55.22 -51.41
CA GLY M 169 56.09 -55.59 -51.94
C GLY M 169 55.11 -55.94 -50.86
N LEU M 170 55.60 -56.60 -49.80
CA LEU M 170 54.72 -56.99 -48.70
C LEU M 170 54.12 -55.77 -48.00
N ILE M 171 54.94 -54.77 -47.68
CA ILE M 171 54.37 -53.54 -47.11
C ILE M 171 53.45 -52.86 -48.10
N ALA M 172 53.87 -52.74 -49.36
CA ALA M 172 53.09 -51.96 -50.31
C ALA M 172 51.73 -52.59 -50.60
N GLY M 173 51.60 -53.90 -50.43
CA GLY M 173 50.34 -54.55 -50.73
C GLY M 173 49.21 -54.17 -49.79
N THR M 174 49.53 -54.03 -48.50
CA THR M 174 48.49 -53.91 -47.49
C THR M 174 47.72 -52.59 -47.61
N PRO M 175 46.44 -52.60 -47.26
CA PRO M 175 45.70 -51.33 -47.18
C PRO M 175 46.14 -50.51 -45.98
N LEU M 176 45.61 -49.29 -45.86
CA LEU M 176 45.98 -48.45 -44.72
C LEU M 176 45.23 -48.83 -43.46
N SER M 177 44.11 -49.54 -43.59
CA SER M 177 43.32 -49.91 -42.41
C SER M 177 44.03 -50.96 -41.57
N GLN M 178 44.87 -51.77 -42.21
CA GLN M 178 45.52 -52.89 -41.53
C GLN M 178 47.01 -52.65 -41.37
N SER M 179 47.61 -53.39 -40.45
CA SER M 179 49.04 -53.36 -40.21
C SER M 179 49.71 -54.56 -40.86
N VAL M 180 51.05 -54.58 -40.81
CA VAL M 180 51.80 -55.66 -41.43
C VAL M 180 52.15 -56.77 -40.45
N THR M 181 51.83 -56.60 -39.16
CA THR M 181 52.22 -57.58 -38.16
C THR M 181 51.48 -58.89 -38.35
N TYR M 182 52.19 -60.00 -38.19
CA TYR M 182 51.60 -61.34 -38.13
C TYR M 182 50.89 -61.69 -39.44
N THR M 183 51.63 -61.57 -40.54
CA THR M 183 51.15 -61.95 -41.85
C THR M 183 51.97 -63.12 -42.38
N LYS M 184 51.30 -64.21 -42.69
CA LYS M 184 51.97 -65.43 -43.15
C LYS M 184 52.53 -65.23 -44.55
N LEU M 185 53.69 -65.84 -44.78
CA LEU M 185 54.33 -65.85 -46.09
C LEU M 185 54.43 -67.31 -46.53
N SER M 186 53.42 -67.79 -47.26
CA SER M 186 53.37 -69.18 -47.66
C SER M 186 54.48 -69.56 -48.63
N ASP M 187 55.10 -68.58 -49.30
CA ASP M 187 56.15 -68.89 -50.26
C ASP M 187 57.39 -69.42 -49.56
N VAL M 188 57.86 -68.73 -48.52
CA VAL M 188 59.07 -69.15 -47.83
C VAL M 188 58.77 -70.34 -46.94
N VAL M 189 59.70 -71.28 -46.87
CA VAL M 189 59.43 -72.56 -46.22
C VAL M 189 60.27 -72.77 -44.97
N ASP M 190 61.48 -72.20 -44.89
CA ASP M 190 62.25 -72.36 -43.67
C ASP M 190 63.13 -71.15 -43.41
N ILE M 191 63.24 -70.79 -42.13
CA ILE M 191 64.15 -69.77 -41.64
C ILE M 191 65.17 -70.42 -40.73
N PRO M 192 66.42 -69.94 -40.76
CA PRO M 192 67.40 -70.38 -39.76
C PRO M 192 66.86 -70.23 -38.34
N LYS M 193 66.98 -71.30 -37.56
CA LYS M 193 66.39 -71.34 -36.24
C LYS M 193 67.04 -70.32 -35.31
N MET M 194 66.20 -69.67 -34.49
CA MET M 194 66.66 -68.61 -33.62
C MET M 194 65.66 -68.44 -32.48
N THR M 195 66.16 -68.10 -31.30
CA THR M 195 65.34 -68.14 -30.09
C THR M 195 64.42 -66.93 -30.01
N LYS M 196 63.58 -66.94 -28.96
CA LYS M 196 62.58 -65.89 -28.81
C LYS M 196 63.15 -64.66 -28.10
N VAL M 197 64.00 -64.86 -27.09
CA VAL M 197 64.54 -63.73 -26.34
C VAL M 197 65.43 -62.88 -27.24
N ASP M 198 66.20 -63.52 -28.12
CA ASP M 198 67.01 -62.76 -29.07
C ASP M 198 66.13 -61.97 -30.02
N ALA M 199 65.00 -62.54 -30.43
CA ALA M 199 64.07 -61.82 -31.29
C ALA M 199 63.50 -60.61 -30.57
N GLU M 200 63.15 -60.77 -29.29
CA GLU M 200 62.63 -59.66 -28.51
C GLU M 200 63.67 -58.54 -28.42
N SER M 201 64.91 -58.90 -28.09
CA SER M 201 65.97 -57.90 -28.00
C SER M 201 66.17 -57.19 -29.33
N ARG M 202 66.23 -57.97 -30.42
CA ARG M 202 66.50 -57.39 -31.74
C ARG M 202 65.37 -56.47 -32.17
N VAL M 203 64.12 -56.86 -31.91
CA VAL M 203 62.99 -55.97 -32.20
C VAL M 203 63.12 -54.68 -31.39
N ASN M 204 63.54 -54.80 -30.13
CA ASN M 204 63.76 -53.59 -29.34
C ASN M 204 64.84 -52.69 -29.93
N LYS M 205 65.74 -53.26 -30.74
CA LYS M 205 66.77 -52.47 -31.39
C LYS M 205 66.28 -51.74 -32.63
N GLY M 206 64.97 -51.68 -32.87
CA GLY M 206 64.45 -51.09 -34.07
C GLY M 206 64.59 -51.96 -35.31
N GLU M 207 64.83 -53.25 -35.14
CA GLU M 207 65.10 -54.13 -36.27
C GLU M 207 63.84 -54.92 -36.62
N LEU M 208 63.64 -55.19 -37.90
CA LEU M 208 62.47 -55.93 -38.35
C LEU M 208 62.92 -57.30 -38.86
N ILE M 209 62.29 -58.37 -38.35
CA ILE M 209 62.77 -59.73 -38.57
C ILE M 209 61.59 -60.65 -38.84
N LEU M 210 61.90 -61.81 -39.44
CA LEU M 210 60.95 -62.89 -39.62
C LEU M 210 60.99 -63.79 -38.39
N ILE M 211 59.81 -64.26 -37.98
CA ILE M 211 59.70 -65.11 -36.81
C ILE M 211 58.89 -66.34 -37.20
N LYS M 212 59.24 -67.48 -36.60
CA LYS M 212 58.50 -68.72 -36.77
C LYS M 212 57.61 -68.94 -35.56
N GLU M 213 56.30 -68.82 -35.78
CA GLU M 213 55.33 -69.01 -34.70
C GLU M 213 54.03 -69.50 -35.30
N ALA M 214 53.24 -70.16 -34.46
CA ALA M 214 51.97 -70.76 -34.87
C ALA M 214 52.24 -71.67 -36.07
N GLY M 215 51.34 -71.68 -37.05
CA GLY M 215 51.50 -72.59 -38.18
C GLY M 215 52.63 -72.25 -39.12
N ALA M 216 52.79 -70.98 -39.49
CA ALA M 216 53.67 -70.59 -40.57
C ALA M 216 54.57 -69.43 -40.17
N ILE M 217 55.41 -69.00 -41.11
CA ILE M 217 56.34 -67.90 -40.89
C ILE M 217 55.59 -66.58 -41.10
N ARG M 218 55.76 -65.66 -40.15
CA ARG M 218 55.02 -64.40 -40.17
C ARG M 218 55.91 -63.24 -39.74
N ILE M 219 55.43 -62.02 -40.02
CA ILE M 219 56.13 -60.81 -39.62
C ILE M 219 55.93 -60.58 -38.12
N ALA M 220 56.97 -60.11 -37.45
CA ALA M 220 56.94 -59.86 -36.01
C ALA M 220 56.96 -58.36 -35.75
N ARG M 221 55.78 -57.76 -35.68
CA ARG M 221 55.60 -56.38 -35.22
C ARG M 221 56.53 -55.42 -35.95
N GLY M 222 56.20 -55.21 -37.23
CA GLY M 222 56.97 -54.30 -38.07
C GLY M 222 57.05 -52.89 -37.53
N VAL M 223 58.29 -52.38 -37.41
CA VAL M 223 58.55 -51.04 -36.91
C VAL M 223 59.66 -50.41 -37.74
N ASN M 224 59.80 -49.09 -37.62
CA ASN M 224 60.87 -48.40 -38.32
C ASN M 224 62.21 -48.65 -37.64
N SER M 225 63.22 -47.89 -38.09
CA SER M 225 64.56 -48.12 -37.61
C SER M 225 65.01 -47.12 -36.55
N LEU M 226 64.16 -46.16 -36.18
CA LEU M 226 64.57 -45.19 -35.16
C LEU M 226 64.45 -45.80 -33.78
N THR M 227 65.43 -45.48 -32.92
CA THR M 227 65.46 -46.01 -31.57
C THR M 227 65.53 -44.95 -30.48
N GLU M 228 66.28 -43.87 -30.69
CA GLU M 228 66.35 -42.81 -29.69
C GLU M 228 65.09 -41.96 -29.75
N LEU M 229 64.34 -41.95 -28.67
CA LEU M 229 63.11 -41.20 -28.54
C LEU M 229 63.43 -39.79 -28.08
N THR M 230 62.92 -38.79 -28.78
CA THR M 230 63.10 -37.41 -28.37
C THR M 230 61.81 -36.87 -27.76
N ALA M 231 61.79 -35.58 -27.47
CA ALA M 231 60.61 -34.98 -26.85
C ALA M 231 59.47 -34.83 -27.83
N GLU M 232 59.77 -34.40 -29.05
CA GLU M 232 58.71 -34.19 -30.04
C GLU M 232 58.42 -35.47 -30.83
N LYS M 233 59.43 -36.32 -31.03
CA LYS M 233 59.23 -37.60 -31.69
C LYS M 233 58.85 -38.63 -30.62
N GLY M 234 57.55 -38.86 -30.46
CA GLY M 234 57.07 -39.76 -29.42
C GLY M 234 57.06 -41.21 -29.84
N GLU M 235 56.35 -42.00 -29.03
CA GLU M 235 56.34 -43.45 -29.22
C GLU M 235 55.70 -43.82 -30.55
N MET M 236 54.53 -43.24 -30.86
CA MET M 236 53.78 -43.65 -32.04
C MET M 236 54.54 -43.41 -33.33
N PHE M 237 55.59 -42.59 -33.32
CA PHE M 237 56.41 -42.42 -34.51
C PHE M 237 57.23 -43.66 -34.82
N GLN M 238 57.11 -44.71 -34.01
CA GLN M 238 57.84 -45.95 -34.25
C GLN M 238 57.02 -47.00 -34.99
N LYS M 239 55.78 -46.70 -35.34
CA LYS M 239 54.89 -47.63 -36.01
C LYS M 239 54.80 -47.30 -37.49
N ILE M 240 54.85 -48.33 -38.33
CA ILE M 240 54.78 -48.10 -39.77
C ILE M 240 53.41 -47.54 -40.17
N LYS M 241 52.34 -48.11 -39.62
CA LYS M 241 51.00 -47.68 -40.00
C LYS M 241 50.75 -46.21 -39.65
N ILE M 242 51.17 -45.80 -38.46
CA ILE M 242 50.89 -44.44 -38.01
C ILE M 242 51.68 -43.44 -38.85
N VAL M 243 52.97 -43.72 -39.08
CA VAL M 243 53.77 -42.80 -39.89
C VAL M 243 53.23 -42.76 -41.32
N ASP M 244 52.71 -43.89 -41.81
CA ASP M 244 52.18 -43.91 -43.17
C ASP M 244 50.91 -43.08 -43.30
N THR M 245 49.99 -43.20 -42.33
CA THR M 245 48.79 -42.39 -42.42
C THR M 245 49.08 -40.90 -42.23
N LEU M 246 50.03 -40.56 -41.34
CA LEU M 246 50.47 -39.17 -41.25
C LEU M 246 51.06 -38.70 -42.58
N ASP M 247 51.79 -39.58 -43.25
CA ASP M 247 52.35 -39.27 -44.56
C ASP M 247 51.28 -38.91 -45.56
N ILE M 248 50.22 -39.73 -45.64
CA ILE M 248 49.18 -39.46 -46.62
C ILE M 248 48.45 -38.17 -46.27
N ILE M 249 48.26 -37.90 -44.98
CA ILE M 249 47.63 -36.64 -44.58
C ILE M 249 48.46 -35.45 -45.07
N HIS M 250 49.77 -35.51 -44.84
CA HIS M 250 50.65 -34.43 -45.26
C HIS M 250 50.54 -34.19 -46.76
N SER M 251 50.68 -35.27 -47.55
CA SER M 251 50.69 -35.09 -49.01
C SER M 251 49.36 -34.54 -49.50
N ASP M 252 48.25 -35.07 -48.98
CA ASP M 252 46.94 -34.61 -49.43
C ASP M 252 46.72 -33.14 -49.12
N ILE M 253 46.99 -32.74 -47.88
CA ILE M 253 46.74 -31.36 -47.49
C ILE M 253 47.64 -30.41 -48.29
N ARG M 254 48.91 -30.78 -48.47
CA ARG M 254 49.79 -29.92 -49.24
C ARG M 254 49.30 -29.75 -50.67
N LYS M 255 48.86 -30.86 -51.30
CA LYS M 255 48.38 -30.76 -52.67
C LYS M 255 47.15 -29.88 -52.76
N VAL M 256 46.20 -30.03 -51.83
CA VAL M 256 45.00 -29.19 -51.85
C VAL M 256 45.38 -27.72 -51.72
N ILE M 257 46.27 -27.42 -50.77
CA ILE M 257 46.64 -26.03 -50.50
C ILE M 257 47.30 -25.41 -51.72
N ILE M 258 48.26 -26.12 -52.32
CA ILE M 258 48.96 -25.53 -53.46
C ILE M 258 48.01 -25.39 -54.65
N ASP M 259 47.08 -26.33 -54.83
CA ASP M 259 46.24 -26.30 -56.02
C ASP M 259 45.20 -25.18 -55.95
N ASP M 260 44.54 -25.01 -54.80
CA ASP M 260 43.36 -24.15 -54.76
C ASP M 260 43.60 -22.79 -54.12
N TYR M 261 44.38 -22.73 -53.04
CA TYR M 261 44.35 -21.57 -52.16
C TYR M 261 45.61 -20.71 -52.26
N ILE M 262 46.51 -20.98 -53.20
CA ILE M 262 47.75 -20.24 -53.32
C ILE M 262 47.61 -19.24 -54.46
N GLY M 263 47.70 -17.96 -54.12
CA GLY M 263 47.68 -16.91 -55.12
C GLY M 263 46.34 -16.70 -55.80
N LYS M 264 45.26 -17.17 -55.17
CA LYS M 264 43.92 -17.02 -55.72
C LYS M 264 42.88 -16.57 -54.72
N VAL M 265 43.22 -16.45 -53.44
CA VAL M 265 42.28 -16.00 -52.43
C VAL M 265 42.95 -14.92 -51.60
N THR M 266 42.21 -13.84 -51.34
CA THR M 266 42.73 -12.74 -50.55
C THR M 266 42.82 -13.12 -49.08
N ASN M 267 43.89 -12.70 -48.42
CA ASN M 267 44.10 -13.00 -47.02
C ASN M 267 43.16 -12.16 -46.18
N SER M 268 42.04 -12.75 -45.76
CA SER M 268 41.08 -12.06 -44.92
C SER M 268 40.50 -13.06 -43.94
N TYR M 269 39.85 -12.54 -42.90
CA TYR M 269 39.32 -13.40 -41.85
C TYR M 269 38.34 -14.42 -42.40
N ASP M 270 37.44 -13.98 -43.28
CA ASP M 270 36.44 -14.89 -43.84
C ASP M 270 37.08 -15.96 -44.71
N ASN M 271 38.10 -15.58 -45.50
CA ASN M 271 38.80 -16.57 -46.31
C ASN M 271 39.51 -17.60 -45.43
N LYS M 272 40.09 -17.13 -44.33
CA LYS M 272 40.71 -18.07 -43.39
C LYS M 272 39.68 -19.01 -42.79
N CYS M 273 38.51 -18.50 -42.45
CA CYS M 273 37.45 -19.36 -41.93
C CYS M 273 37.04 -20.40 -42.97
N LEU M 274 36.95 -19.99 -44.23
CA LEU M 274 36.60 -20.94 -45.30
C LEU M 274 37.68 -22.02 -45.44
N LEU M 275 38.95 -21.63 -45.36
CA LEU M 275 40.02 -22.61 -45.41
C LEU M 275 39.93 -23.59 -44.25
N ILE M 276 39.63 -23.07 -43.06
CA ILE M 276 39.47 -23.93 -41.89
C ILE M 276 38.35 -24.94 -42.13
N VAL M 277 37.23 -24.47 -42.68
CA VAL M 277 36.10 -25.35 -42.92
C VAL M 277 36.48 -26.44 -43.93
N ALA M 278 37.20 -26.07 -44.98
CA ALA M 278 37.61 -27.07 -45.98
C ALA M 278 38.53 -28.11 -45.36
N ILE M 279 39.49 -27.67 -44.54
CA ILE M 279 40.41 -28.61 -43.91
C ILE M 279 39.66 -29.55 -42.98
N LYS M 280 38.73 -29.01 -42.20
CA LYS M 280 37.95 -29.86 -41.29
C LYS M 280 37.09 -30.85 -42.08
N SER M 281 36.56 -30.43 -43.23
CA SER M 281 35.79 -31.35 -44.06
C SER M 281 36.65 -32.50 -44.55
N TYR M 282 37.88 -32.19 -44.99
CA TYR M 282 38.77 -33.26 -45.42
C TYR M 282 39.10 -34.20 -44.27
N LEU M 283 39.34 -33.65 -43.07
CA LEU M 283 39.65 -34.49 -41.94
C LEU M 283 38.48 -35.41 -41.59
N GLU M 284 37.26 -34.89 -41.64
CA GLU M 284 36.09 -35.72 -41.39
C GLU M 284 35.97 -36.82 -42.44
N GLU M 285 36.24 -36.49 -43.70
CA GLU M 285 36.19 -37.50 -44.76
C GLU M 285 37.19 -38.60 -44.48
N LEU M 286 38.41 -38.24 -44.06
CA LEU M 286 39.39 -39.26 -43.69
C LEU M 286 38.92 -40.08 -42.49
N GLU M 287 38.25 -39.43 -41.54
CA GLU M 287 37.76 -40.14 -40.38
C GLU M 287 36.74 -41.20 -40.77
N LYS M 288 35.94 -40.91 -41.80
CA LYS M 288 34.97 -41.91 -42.27
C LYS M 288 35.64 -43.20 -42.68
N SER M 289 36.82 -43.12 -43.28
CA SER M 289 37.56 -44.33 -43.65
C SER M 289 38.19 -45.03 -42.45
N ALA M 290 37.90 -44.56 -41.23
CA ALA M 290 38.40 -45.15 -39.98
C ALA M 290 39.92 -45.15 -39.90
N LEU M 291 40.56 -44.01 -40.15
CA LEU M 291 42.00 -43.92 -39.94
C LEU M 291 42.36 -43.03 -38.75
N ILE M 292 41.46 -42.14 -38.36
CA ILE M 292 41.67 -41.29 -37.18
C ILE M 292 40.44 -41.35 -36.29
N GLU M 293 40.55 -40.80 -35.09
CA GLU M 293 39.42 -40.79 -34.17
C GLU M 293 38.35 -39.83 -34.69
N SER M 294 37.12 -40.03 -34.21
CA SER M 294 35.97 -39.31 -34.77
C SER M 294 36.12 -37.82 -34.63
N ASP M 295 36.39 -37.33 -33.42
CA ASP M 295 36.40 -35.90 -33.15
C ASP M 295 37.80 -35.35 -33.42
N SER M 296 37.86 -34.31 -34.24
CA SER M 296 39.09 -33.58 -34.50
C SER M 296 38.78 -32.09 -34.56
N THR M 297 39.76 -31.27 -34.23
CA THR M 297 39.57 -29.83 -34.17
C THR M 297 40.66 -29.12 -34.96
N VAL M 298 40.27 -28.08 -35.69
CA VAL M 298 41.18 -27.20 -36.42
C VAL M 298 40.78 -25.77 -36.13
N GLU M 299 41.76 -24.91 -35.85
CA GLU M 299 41.47 -23.53 -35.53
C GLU M 299 42.72 -22.69 -35.76
N ILE M 300 42.53 -21.37 -35.73
CA ILE M 300 43.62 -20.44 -36.01
C ILE M 300 44.64 -20.48 -34.88
N ASP M 301 45.91 -20.50 -35.24
CA ASP M 301 46.99 -20.53 -34.26
C ASP M 301 47.23 -19.13 -33.71
N PHE M 302 46.73 -18.88 -32.51
CA PHE M 302 46.79 -17.55 -31.94
C PHE M 302 48.19 -17.14 -31.49
N GLU M 303 48.95 -18.06 -30.89
CA GLU M 303 50.24 -17.69 -30.31
C GLU M 303 51.22 -17.23 -31.37
N ALA M 304 51.31 -17.96 -32.48
CA ALA M 304 52.23 -17.58 -33.55
C ALA M 304 51.81 -16.25 -34.17
N GLN M 305 50.50 -16.04 -34.33
CA GLN M 305 50.03 -14.76 -34.86
C GLN M 305 50.40 -13.61 -33.94
N LYS M 306 50.22 -13.79 -32.63
CA LYS M 306 50.57 -12.75 -31.68
C LYS M 306 52.06 -12.45 -31.72
N SER M 307 52.89 -13.50 -31.79
CA SER M 307 54.33 -13.29 -31.85
C SER M 307 54.72 -12.54 -33.12
N TYR M 308 54.12 -12.92 -34.25
CA TYR M 308 54.43 -12.24 -35.51
C TYR M 308 54.01 -10.78 -35.47
N LEU M 309 52.83 -10.49 -34.91
CA LEU M 309 52.41 -9.11 -34.78
C LEU M 309 53.36 -8.33 -33.88
N LYS M 310 53.79 -8.94 -32.78
CA LYS M 310 54.75 -8.29 -31.89
C LYS M 310 56.06 -8.01 -32.61
N SER M 311 56.45 -8.90 -33.53
CA SER M 311 57.68 -8.68 -34.29
C SER M 311 57.58 -7.45 -35.19
N LYS M 312 56.36 -6.99 -35.47
CA LYS M 312 56.15 -5.78 -36.25
C LYS M 312 55.99 -4.54 -35.39
N GLY M 313 56.05 -4.67 -34.06
CA GLY M 313 55.95 -3.53 -33.19
C GLY M 313 54.56 -3.02 -32.94
N VAL M 314 53.53 -3.72 -33.43
CA VAL M 314 52.16 -3.28 -33.19
C VAL M 314 51.85 -3.35 -31.70
N ASP M 315 50.95 -2.47 -31.25
CA ASP M 315 50.60 -2.39 -29.83
C ASP M 315 49.30 -3.16 -29.61
N LEU M 316 49.44 -4.43 -29.24
CA LEU M 316 48.30 -5.29 -28.96
C LEU M 316 47.93 -5.30 -27.48
N SER M 317 48.42 -4.33 -26.70
CA SER M 317 48.08 -4.26 -25.29
C SER M 317 46.59 -4.04 -25.09
N TYR M 318 45.99 -3.19 -25.92
CA TYR M 318 44.58 -2.85 -25.75
C TYR M 318 43.67 -3.81 -26.51
N MET M 319 44.12 -4.29 -27.66
CA MET M 319 43.29 -5.14 -28.50
C MET M 319 42.96 -6.45 -27.78
N THR M 320 41.69 -6.84 -27.87
CA THR M 320 41.22 -8.07 -27.25
C THR M 320 41.59 -9.26 -28.11
N LEU M 321 41.49 -10.46 -27.52
CA LEU M 321 41.86 -11.69 -28.19
C LEU M 321 41.20 -11.79 -29.57
N GLN M 322 39.89 -11.59 -29.62
CA GLN M 322 39.14 -11.76 -30.86
C GLN M 322 39.61 -10.76 -31.90
N GLU M 323 39.80 -9.50 -31.47
CA GLU M 323 40.34 -8.47 -32.36
C GLU M 323 41.74 -8.82 -32.83
N ILE M 324 42.55 -9.40 -31.94
CA ILE M 324 43.88 -9.84 -32.34
C ILE M 324 43.78 -10.88 -33.46
N LYS M 325 42.80 -11.78 -33.35
CA LYS M 325 42.62 -12.77 -34.41
C LYS M 325 42.24 -12.10 -35.72
N GLU M 326 41.39 -11.06 -35.68
CA GLU M 326 41.01 -10.39 -36.93
C GLU M 326 42.15 -9.57 -37.52
N ALA M 327 43.22 -9.35 -36.77
CA ALA M 327 44.27 -8.45 -37.23
C ALA M 327 44.90 -8.94 -38.52
N ASN M 328 45.23 -8.00 -39.39
CA ASN M 328 45.80 -8.33 -40.69
C ASN M 328 47.21 -8.87 -40.52
N THR M 329 47.56 -9.88 -41.32
CA THR M 329 48.87 -10.52 -41.26
C THR M 329 49.66 -10.39 -42.54
N GLY M 330 49.03 -10.02 -43.66
CA GLY M 330 49.77 -9.81 -44.88
C GLY M 330 50.30 -11.08 -45.53
N SER M 331 49.40 -11.90 -46.10
CA SER M 331 49.74 -13.04 -46.93
C SER M 331 50.35 -14.19 -46.14
N LYS M 332 50.22 -14.16 -44.81
CA LYS M 332 50.65 -15.30 -44.01
C LYS M 332 49.51 -15.81 -43.15
N VAL M 333 49.42 -17.14 -43.04
CA VAL M 333 48.36 -17.81 -42.30
C VAL M 333 48.99 -18.72 -41.26
N PHE M 334 48.38 -18.79 -40.09
CA PHE M 334 48.85 -19.63 -39.00
C PHE M 334 47.68 -20.45 -38.46
N LEU M 335 47.79 -21.78 -38.55
CA LEU M 335 46.72 -22.67 -38.12
C LEU M 335 47.32 -23.82 -37.33
N LYS M 336 46.54 -24.33 -36.38
CA LYS M 336 46.92 -25.49 -35.59
C LYS M 336 45.75 -26.46 -35.52
N ALA M 337 46.04 -27.75 -35.53
CA ALA M 337 45.02 -28.79 -35.53
C ALA M 337 45.43 -29.92 -34.61
N LYS M 338 44.44 -30.63 -34.08
CA LYS M 338 44.65 -31.74 -33.16
C LYS M 338 43.91 -32.96 -33.68
N ILE M 339 44.64 -34.06 -33.85
CA ILE M 339 44.06 -35.31 -34.35
C ILE M 339 44.57 -36.47 -33.50
N LYS M 340 43.86 -37.60 -33.60
CA LYS M 340 44.22 -38.83 -32.91
C LYS M 340 44.23 -39.97 -33.91
N VAL M 341 45.38 -40.63 -34.04
CA VAL M 341 45.58 -41.68 -35.04
C VAL M 341 45.23 -43.02 -34.40
N LEU M 342 44.42 -43.82 -35.10
CA LEU M 342 44.09 -45.15 -34.61
C LEU M 342 45.19 -46.13 -34.99
N ASP M 343 45.10 -47.34 -34.43
CA ASP M 343 46.07 -48.40 -34.70
C ASP M 343 45.38 -49.74 -34.65
N ALA M 344 46.03 -50.76 -35.20
CA ALA M 344 45.44 -52.10 -35.25
C ALA M 344 45.63 -52.82 -33.92
N MET M 345 44.69 -53.72 -33.60
CA MET M 345 44.83 -54.54 -32.41
C MET M 345 46.08 -55.40 -32.50
N GLU M 346 46.95 -55.28 -31.51
CA GLU M 346 48.19 -56.04 -31.48
C GLU M 346 48.42 -56.80 -30.19
N ASP M 347 48.00 -56.28 -29.04
CA ASP M 347 48.19 -56.94 -27.77
C ASP M 347 46.86 -57.05 -27.06
N ILE M 348 46.41 -58.28 -26.82
CA ILE M 348 45.13 -58.55 -26.18
C ILE M 348 45.38 -59.32 -24.89
N ASP M 349 44.81 -58.82 -23.80
CA ASP M 349 44.95 -59.42 -22.48
C ASP M 349 43.56 -59.81 -21.98
N LEU M 350 43.33 -61.11 -21.82
CA LEU M 350 42.04 -61.63 -21.40
C LEU M 350 42.18 -62.30 -20.04
N SER M 351 41.29 -61.94 -19.12
CA SER M 351 41.29 -62.48 -17.77
C SER M 351 39.97 -63.21 -17.52
N ILE M 352 40.05 -64.52 -17.32
CA ILE M 352 38.88 -65.36 -17.12
C ILE M 352 38.91 -65.89 -15.69
N GLU M 353 37.81 -65.73 -14.97
CA GLU M 353 37.68 -66.25 -13.62
C GLU M 353 36.69 -67.40 -13.65
N ILE M 354 36.99 -68.47 -12.92
CA ILE M 354 36.15 -69.66 -12.91
C ILE M 354 34.96 -69.44 -11.98
N ALA N 2 58.79 -50.98 -23.78
CA ALA N 2 59.38 -51.07 -25.12
C ALA N 2 58.55 -51.95 -26.02
N ILE N 3 58.84 -51.91 -27.32
CA ILE N 3 58.08 -52.71 -28.27
C ILE N 3 58.64 -54.12 -28.33
N GLY N 4 57.79 -55.10 -28.01
CA GLY N 4 58.19 -56.49 -28.03
C GLY N 4 57.32 -57.29 -28.99
N LEU N 5 57.40 -58.60 -28.84
CA LEU N 5 56.57 -59.49 -29.65
C LEU N 5 55.11 -59.30 -29.26
N PRO N 6 54.16 -59.59 -30.15
CA PRO N 6 52.74 -59.49 -29.79
C PRO N 6 52.42 -60.41 -28.63
N SER N 7 51.56 -59.92 -27.73
CA SER N 7 51.24 -60.63 -26.50
C SER N 7 49.77 -61.03 -26.50
N ILE N 8 49.52 -62.33 -26.44
CA ILE N 8 48.19 -62.89 -26.22
C ILE N 8 48.28 -63.80 -25.01
N ASN N 9 47.55 -63.47 -23.95
CA ASN N 9 47.60 -64.23 -22.72
C ASN N 9 46.19 -64.41 -22.16
N ILE N 10 45.87 -65.64 -21.83
CA ILE N 10 44.60 -65.99 -21.19
C ILE N 10 44.91 -66.49 -19.80
N SER N 11 44.29 -65.87 -18.80
CA SER N 11 44.55 -66.18 -17.40
C SER N 11 43.30 -66.73 -16.76
N PHE N 12 43.44 -67.83 -16.02
CA PHE N 12 42.36 -68.44 -15.26
C PHE N 12 42.63 -68.24 -13.78
N LYS N 13 41.66 -67.69 -13.07
CA LYS N 13 41.79 -67.40 -11.65
C LYS N 13 40.55 -67.89 -10.93
N GLU N 14 40.69 -68.18 -9.64
CA GLU N 14 39.60 -68.77 -8.87
C GLU N 14 38.87 -67.70 -8.07
N LEU N 15 37.56 -67.88 -7.92
CA LEU N 15 36.77 -67.06 -7.00
C LEU N 15 37.08 -67.51 -5.56
N ALA N 16 38.05 -66.83 -4.97
CA ALA N 16 38.49 -67.19 -3.63
C ALA N 16 37.45 -66.78 -2.59
N THR N 17 36.30 -67.45 -2.61
CA THR N 17 35.29 -67.20 -1.59
C THR N 17 35.86 -67.49 -0.21
N THR N 18 36.02 -66.44 0.59
CA THR N 18 36.80 -66.53 1.79
C THR N 18 35.98 -66.06 2.99
N VAL N 19 36.00 -66.89 4.03
CA VAL N 19 35.57 -66.48 5.37
C VAL N 19 36.83 -66.42 6.23
N LYS N 20 37.06 -65.28 6.87
CA LYS N 20 38.32 -65.06 7.55
C LYS N 20 38.53 -66.09 8.64
N GLU N 21 39.77 -66.58 8.74
CA GLU N 21 40.13 -67.52 9.79
C GLU N 21 40.33 -66.78 11.10
N ARG N 22 39.65 -67.24 12.15
CA ARG N 22 39.78 -66.68 13.48
C ARG N 22 40.59 -67.60 14.37
N SER N 23 40.92 -67.11 15.56
CA SER N 23 41.72 -67.88 16.50
C SER N 23 41.01 -69.18 16.86
N ALA N 24 41.75 -70.28 16.81
CA ALA N 24 41.18 -71.59 17.10
C ALA N 24 40.78 -71.68 18.57
N ARG N 25 39.65 -72.33 18.82
CA ARG N 25 39.10 -72.46 20.16
C ARG N 25 38.70 -73.91 20.42
N GLY N 26 38.84 -74.33 21.68
CA GLY N 26 38.49 -75.67 22.09
C GLY N 26 39.65 -76.62 22.29
N ILE N 27 40.88 -76.15 22.18
CA ILE N 27 42.06 -77.00 22.31
C ILE N 27 42.41 -77.15 23.79
N ILE N 28 42.65 -78.39 24.21
CA ILE N 28 43.00 -78.70 25.59
C ILE N 28 44.47 -79.07 25.65
N ALA N 29 45.17 -78.53 26.63
CA ALA N 29 46.57 -78.86 26.88
C ALA N 29 46.64 -79.86 28.02
N MET N 30 47.25 -81.01 27.75
CA MET N 30 47.31 -82.10 28.71
C MET N 30 48.76 -82.35 29.05
N VAL N 31 49.09 -82.36 30.33
CA VAL N 31 50.46 -82.57 30.80
C VAL N 31 50.48 -83.72 31.78
N LEU N 32 51.40 -84.66 31.57
CA LEU N 32 51.46 -85.88 32.35
C LEU N 32 52.90 -86.36 32.40
N LYS N 33 53.21 -87.14 33.44
CA LYS N 33 54.57 -87.64 33.67
C LYS N 33 54.62 -89.14 33.46
N ASP N 34 55.69 -89.61 32.83
CA ASP N 34 55.90 -91.02 32.55
C ASP N 34 57.36 -91.25 32.24
N ALA N 35 57.66 -92.46 31.75
CA ALA N 35 58.99 -92.83 31.30
C ALA N 35 59.03 -93.22 29.83
N LYS N 36 57.90 -93.16 29.13
CA LYS N 36 57.83 -93.56 27.73
C LYS N 36 57.15 -92.48 26.90
N ALA N 37 57.55 -92.39 25.64
CA ALA N 37 56.98 -91.45 24.67
C ALA N 37 57.04 -90.02 25.19
N LEU N 38 58.21 -89.64 25.71
CA LEU N 38 58.39 -88.29 26.23
C LEU N 38 58.30 -87.27 25.11
N GLY N 39 57.95 -86.05 25.47
CA GLY N 39 57.62 -85.02 24.50
C GLY N 39 56.12 -84.97 24.27
N LEU N 40 55.72 -84.07 23.39
CA LEU N 40 54.31 -83.98 23.02
C LEU N 40 53.92 -85.19 22.18
N ASN N 41 52.64 -85.59 22.30
CA ASN N 41 52.15 -86.76 21.58
C ASN N 41 51.09 -86.43 20.54
N GLU N 42 50.45 -85.27 20.64
CA GLU N 42 49.59 -84.75 19.57
C GLU N 42 48.45 -85.72 19.24
N ILE N 43 47.57 -85.92 20.22
CA ILE N 43 46.41 -86.80 20.04
C ILE N 43 45.29 -85.94 19.46
N HIS N 44 45.34 -85.78 18.14
CA HIS N 44 44.30 -85.03 17.45
C HIS N 44 43.04 -85.87 17.31
N GLU N 45 43.18 -87.19 17.27
CA GLU N 45 42.07 -88.10 17.03
C GLU N 45 41.82 -88.96 18.28
N LYS N 46 40.55 -89.19 18.58
CA LYS N 46 40.18 -89.99 19.74
C LYS N 46 40.75 -91.40 19.66
N GLU N 47 40.79 -91.99 18.47
CA GLU N 47 41.09 -93.42 18.37
C GLU N 47 42.56 -93.71 18.63
N ASP N 48 43.47 -92.87 18.13
CA ASP N 48 44.88 -93.21 18.14
C ASP N 48 45.52 -92.76 19.46
N ILE N 49 46.16 -93.71 20.14
CA ILE N 49 46.85 -93.44 21.40
C ILE N 49 48.22 -94.11 21.33
N PRO N 50 49.29 -93.47 21.80
CA PRO N 50 50.57 -94.16 21.90
C PRO N 50 50.46 -95.37 22.81
N VAL N 51 51.16 -96.45 22.43
CA VAL N 51 50.97 -97.73 23.10
C VAL N 51 51.88 -97.88 24.31
N ASP N 52 53.01 -97.16 24.33
CA ASP N 52 53.99 -97.37 25.39
C ASP N 52 53.58 -96.73 26.71
N LEU N 53 52.65 -95.79 26.69
CA LEU N 53 52.27 -95.10 27.93
C LEU N 53 51.46 -96.03 28.83
N SER N 54 51.39 -95.66 30.10
CA SER N 54 50.79 -96.52 31.11
C SER N 54 49.27 -96.64 30.91
N ALA N 55 48.70 -97.68 31.53
CA ALA N 55 47.27 -97.95 31.35
C ALA N 55 46.42 -96.88 32.01
N GLU N 56 46.72 -96.54 33.27
CA GLU N 56 45.90 -95.55 33.97
C GLU N 56 45.97 -94.20 33.28
N ASN N 57 47.13 -93.86 32.71
CA ASN N 57 47.23 -92.65 31.91
C ASN N 57 46.35 -92.74 30.67
N LYS N 58 46.27 -93.92 30.07
CA LYS N 58 45.31 -94.11 28.98
C LYS N 58 43.89 -93.85 29.46
N GLU N 59 43.56 -94.29 30.66
CA GLU N 59 42.24 -94.03 31.22
C GLU N 59 41.99 -92.53 31.38
N TYR N 60 42.97 -91.79 31.88
CA TYR N 60 42.81 -90.34 31.98
C TYR N 60 42.61 -89.72 30.61
N ILE N 61 43.32 -90.22 29.60
CA ILE N 61 43.11 -89.74 28.24
C ILE N 61 41.66 -89.99 27.82
N ASN N 62 41.14 -91.19 28.08
CA ASN N 62 39.76 -91.48 27.70
C ASN N 62 38.78 -90.57 28.40
N LEU N 63 39.00 -90.28 29.69
CA LEU N 63 38.14 -89.34 30.38
C LEU N 63 38.18 -87.97 29.72
N ALA N 64 39.38 -87.52 29.33
CA ALA N 64 39.49 -86.24 28.65
C ALA N 64 38.87 -86.24 27.26
N LEU N 65 38.77 -87.40 26.62
CA LEU N 65 38.34 -87.47 25.23
C LEU N 65 36.85 -87.20 25.09
N MET N 66 36.03 -87.80 25.94
CA MET N 66 34.58 -87.67 25.78
C MET N 66 34.12 -86.26 26.14
N GLY N 67 33.66 -85.53 25.13
CA GLY N 67 33.28 -84.14 25.30
C GLY N 67 31.87 -84.00 25.87
N ASN N 68 31.49 -82.74 26.14
CA ASN N 68 30.17 -82.48 26.70
C ASN N 68 29.08 -82.58 25.63
N VAL N 69 29.14 -81.72 24.62
CA VAL N 69 28.23 -81.78 23.49
C VAL N 69 28.88 -82.44 22.29
N ASN N 70 30.12 -82.06 21.96
CA ASN N 70 30.85 -82.64 20.86
C ASN N 70 32.28 -82.90 21.30
N THR N 71 32.95 -83.77 20.56
CA THR N 71 34.34 -84.10 20.86
C THR N 71 35.21 -82.86 20.76
N PRO N 72 36.17 -82.67 21.66
CA PRO N 72 37.10 -81.55 21.51
C PRO N 72 37.80 -81.58 20.17
N ASN N 73 37.93 -80.41 19.55
CA ASN N 73 38.42 -80.34 18.18
C ASN N 73 39.87 -80.76 18.08
N LYS N 74 40.65 -80.55 19.14
CA LYS N 74 42.07 -80.83 19.08
C LYS N 74 42.61 -80.94 20.49
N LEU N 75 43.49 -81.91 20.72
CA LEU N 75 44.01 -82.21 22.04
C LEU N 75 45.53 -82.31 22.00
N LEU N 76 46.19 -81.67 22.96
CA LEU N 76 47.64 -81.71 23.11
C LEU N 76 47.97 -82.40 24.42
N VAL N 77 48.85 -83.39 24.37
CA VAL N 77 49.28 -84.11 25.56
C VAL N 77 50.81 -84.07 25.63
N TYR N 78 51.34 -83.71 26.79
CA TYR N 78 52.78 -83.66 27.02
C TYR N 78 53.19 -84.71 28.04
N VAL N 79 54.25 -85.46 27.71
CA VAL N 79 54.84 -86.44 28.61
C VAL N 79 56.14 -85.84 29.14
N ILE N 80 56.29 -85.80 30.46
CA ILE N 80 57.44 -85.18 31.09
C ILE N 80 58.12 -86.20 31.99
N GLU N 81 59.45 -86.18 31.97
CA GLU N 81 60.23 -86.98 32.90
C GLU N 81 59.91 -86.57 34.32
N GLY N 82 59.78 -87.55 35.20
CA GLY N 82 59.45 -87.28 36.58
C GLY N 82 60.51 -86.41 37.24
N GLU N 83 60.07 -85.59 38.20
CA GLU N 83 60.92 -84.69 38.99
C GLU N 83 61.61 -83.62 38.15
N ALA N 84 61.22 -83.47 36.88
CA ALA N 84 61.78 -82.41 36.05
C ALA N 84 61.20 -81.04 36.39
N ASP N 85 60.39 -80.95 37.45
CA ASP N 85 59.73 -79.72 37.85
C ASP N 85 58.78 -79.26 36.75
N ILE N 86 58.18 -78.09 36.89
CA ILE N 86 57.19 -77.65 35.91
C ILE N 86 57.81 -76.84 34.78
N GLN N 87 58.74 -75.94 35.08
CA GLN N 87 59.16 -74.94 34.10
C GLN N 87 59.70 -75.57 32.82
N THR N 88 60.31 -76.75 32.92
CA THR N 88 60.81 -77.43 31.73
C THR N 88 59.69 -77.70 30.75
N ALA N 89 58.55 -78.19 31.22
CA ALA N 89 57.37 -78.32 30.35
C ALA N 89 56.74 -76.96 30.08
N LEU N 90 56.83 -76.05 31.05
CA LEU N 90 56.09 -74.80 30.97
C LEU N 90 56.55 -73.97 29.78
N ASP N 91 57.85 -73.91 29.55
CA ASP N 91 58.36 -73.20 28.38
C ASP N 91 57.82 -73.81 27.09
N PHE N 92 57.82 -75.15 27.03
CA PHE N 92 57.39 -75.83 25.81
C PHE N 92 55.91 -75.53 25.53
N LEU N 93 55.08 -75.49 26.58
CA LEU N 93 53.70 -75.07 26.37
C LEU N 93 53.60 -73.59 26.01
N GLU N 94 54.44 -72.73 26.59
CA GLU N 94 54.44 -71.33 26.18
C GLU N 94 54.78 -71.19 24.71
N THR N 95 55.43 -72.19 24.12
CA THR N 95 55.74 -72.12 22.69
C THR N 95 54.47 -72.04 21.84
N LYS N 96 53.46 -72.83 22.16
CA LYS N 96 52.28 -72.94 21.31
C LYS N 96 51.05 -72.34 21.98
N GLU N 97 49.97 -72.28 21.21
CA GLU N 97 48.68 -71.82 21.73
C GLU N 97 47.88 -72.99 22.28
N PHE N 98 47.00 -72.67 23.23
CA PHE N 98 46.07 -73.64 23.82
C PHE N 98 45.03 -72.85 24.61
N ASN N 99 44.04 -73.57 25.13
CA ASN N 99 42.96 -72.95 25.88
C ASN N 99 42.91 -73.41 27.33
N TYR N 100 42.90 -74.72 27.58
CA TYR N 100 42.71 -75.26 28.92
C TYR N 100 43.84 -76.23 29.24
N LEU N 101 44.29 -76.21 30.49
CA LEU N 101 45.41 -77.02 30.95
C LEU N 101 45.01 -77.78 32.21
N CYS N 102 45.49 -79.01 32.35
CA CYS N 102 45.16 -79.82 33.51
C CYS N 102 46.28 -80.81 33.81
N MET N 103 46.42 -81.17 35.09
CA MET N 103 47.38 -82.12 35.60
C MET N 103 46.71 -83.07 36.59
N PRO N 104 46.67 -84.37 36.29
CA PRO N 104 46.13 -85.32 37.28
C PRO N 104 47.02 -85.46 38.52
N LYS N 105 48.30 -85.70 38.31
CA LYS N 105 49.24 -85.95 39.40
C LYS N 105 50.05 -84.69 39.68
N ALA N 106 49.77 -84.03 40.80
CA ALA N 106 50.47 -82.80 41.11
C ALA N 106 50.48 -82.59 42.62
N VAL N 107 51.61 -82.13 43.12
CA VAL N 107 51.75 -81.76 44.53
C VAL N 107 51.37 -80.29 44.69
N GLU N 108 51.18 -79.88 45.94
CA GLU N 108 50.75 -78.50 46.21
C GLU N 108 51.78 -77.49 45.71
N ALA N 109 53.06 -77.86 45.72
CA ALA N 109 54.07 -76.99 45.13
C ALA N 109 53.84 -76.83 43.63
N ASP N 110 53.50 -77.92 42.95
CA ASP N 110 53.18 -77.83 41.53
C ASP N 110 51.94 -76.96 41.30
N LYS N 111 50.93 -77.09 42.17
CA LYS N 111 49.73 -76.28 42.03
C LYS N 111 50.06 -74.80 42.21
N THR N 112 50.90 -74.48 43.20
CA THR N 112 51.33 -73.10 43.38
C THR N 112 52.09 -72.59 42.16
N ALA N 113 52.94 -73.44 41.59
CA ALA N 113 53.67 -73.05 40.39
C ALA N 113 52.72 -72.74 39.24
N ILE N 114 51.71 -73.59 39.03
CA ILE N 114 50.74 -73.34 37.96
C ILE N 114 49.98 -72.05 38.22
N LYS N 115 49.55 -71.85 39.47
CA LYS N 115 48.81 -70.63 39.81
C LYS N 115 49.64 -69.39 39.49
N ASN N 116 50.88 -69.34 39.97
CA ASN N 116 51.72 -68.18 39.74
C ASN N 116 52.00 -68.00 38.25
N TRP N 117 52.29 -69.10 37.55
CA TRP N 117 52.56 -69.02 36.12
C TRP N 117 51.40 -68.39 35.38
N ILE N 118 50.19 -68.90 35.63
CA ILE N 118 49.02 -68.44 34.90
C ILE N 118 48.71 -67.00 35.23
N ILE N 119 48.82 -66.62 36.51
CA ILE N 119 48.54 -65.24 36.88
C ILE N 119 49.52 -64.29 36.20
N LYS N 120 50.80 -64.67 36.15
CA LYS N 120 51.77 -63.79 35.50
C LYS N 120 51.57 -63.76 33.98
N LEU N 121 51.14 -64.88 33.40
CA LEU N 121 51.05 -64.95 31.94
C LEU N 121 49.81 -64.22 31.43
N ARG N 122 48.71 -64.25 32.19
CA ARG N 122 47.50 -63.58 31.73
C ARG N 122 47.61 -62.06 31.85
N ASP N 123 48.58 -61.56 32.60
CA ASP N 123 48.65 -60.14 32.88
C ASP N 123 49.86 -59.48 32.23
N ILE N 124 51.01 -60.15 32.26
CA ILE N 124 52.22 -59.55 31.68
C ILE N 124 52.28 -59.79 30.18
N ASP N 125 52.16 -61.04 29.76
CA ASP N 125 52.33 -61.42 28.36
C ASP N 125 51.08 -61.23 27.53
N LYS N 126 49.95 -60.85 28.15
CA LYS N 126 48.70 -60.59 27.45
C LYS N 126 48.26 -61.80 26.62
N VAL N 127 48.45 -63.00 27.18
CA VAL N 127 47.99 -64.24 26.57
C VAL N 127 46.94 -64.84 27.47
N LYS N 128 45.78 -65.15 26.92
CA LYS N 128 44.61 -65.56 27.69
C LYS N 128 44.49 -67.08 27.67
N VAL N 129 44.84 -67.72 28.79
CA VAL N 129 44.67 -69.15 28.97
C VAL N 129 44.09 -69.39 30.35
N LYS N 130 43.50 -70.58 30.54
CA LYS N 130 42.93 -70.97 31.81
C LYS N 130 43.33 -72.40 32.14
N ALA N 131 43.23 -72.75 33.42
CA ALA N 131 43.54 -74.09 33.88
C ALA N 131 42.65 -74.45 35.05
N VAL N 132 42.47 -75.75 35.26
CA VAL N 132 41.66 -76.28 36.35
C VAL N 132 42.57 -76.94 37.37
N LEU N 133 42.27 -76.76 38.65
CA LEU N 133 43.14 -77.23 39.73
C LEU N 133 42.32 -77.98 40.77
N GLY N 134 42.98 -78.93 41.44
CA GLY N 134 42.27 -79.80 42.37
C GLY N 134 41.71 -79.05 43.57
N LYS N 135 42.57 -78.36 44.31
CA LYS N 135 42.11 -77.61 45.48
C LYS N 135 43.02 -76.40 45.64
N VAL N 136 42.60 -75.28 45.05
CA VAL N 136 43.36 -74.03 45.10
C VAL N 136 42.37 -72.88 45.26
N VAL N 137 42.72 -71.96 46.16
CA VAL N 137 41.83 -70.88 46.55
C VAL N 137 42.22 -69.61 45.81
N GLY N 138 42.90 -69.76 44.68
CA GLY N 138 43.38 -68.60 43.95
C GLY N 138 42.24 -67.68 43.54
N ASN N 139 42.51 -66.38 43.58
CA ASN N 139 41.48 -65.36 43.35
C ASN N 139 41.56 -64.76 41.95
N HIS N 140 41.90 -65.56 40.96
CA HIS N 140 41.97 -65.09 39.58
C HIS N 140 40.92 -65.80 38.74
N GLU N 141 40.33 -65.07 37.79
CA GLU N 141 39.33 -65.69 36.91
C GLU N 141 39.96 -66.73 36.01
N GLY N 142 41.28 -66.76 35.92
CA GLY N 142 41.96 -67.67 35.03
C GLY N 142 42.08 -69.10 35.52
N ILE N 143 41.64 -69.39 36.74
CA ILE N 143 41.69 -70.74 37.29
C ILE N 143 40.30 -71.13 37.76
N ILE N 144 39.98 -72.41 37.64
CA ILE N 144 38.70 -72.96 38.08
C ILE N 144 38.97 -73.97 39.17
N ASN N 145 38.29 -73.83 40.30
CA ASN N 145 38.52 -74.67 41.47
C ASN N 145 37.38 -75.68 41.58
N PHE N 146 37.63 -76.90 41.12
CA PHE N 146 36.65 -77.98 41.22
C PHE N 146 36.97 -78.83 42.44
N THR N 147 35.96 -79.13 43.24
CA THR N 147 36.20 -79.80 44.52
C THR N 147 35.09 -80.83 44.75
N THR N 148 35.39 -82.10 44.50
CA THR N 148 34.48 -83.19 44.80
C THR N 148 35.30 -84.47 44.98
N GLU N 149 35.18 -85.07 46.16
CA GLU N 149 36.01 -86.21 46.52
C GLU N 149 35.23 -87.51 46.33
N ASP N 150 35.99 -88.61 46.22
CA ASP N 150 35.43 -89.96 46.18
C ASP N 150 34.41 -90.12 45.04
N VAL N 151 34.77 -89.59 43.88
CA VAL N 151 33.91 -89.70 42.71
C VAL N 151 34.03 -91.11 42.16
N LEU N 152 32.89 -91.79 42.01
CA LEU N 152 32.84 -93.17 41.55
C LEU N 152 32.38 -93.18 40.09
N VAL N 153 33.29 -93.49 39.18
CA VAL N 153 32.99 -93.62 37.77
C VAL N 153 33.35 -95.03 37.34
N GLY N 154 32.34 -95.83 37.01
CA GLY N 154 32.57 -97.21 36.60
C GLY N 154 33.35 -98.01 37.62
N GLU N 155 32.73 -98.27 38.77
CA GLU N 155 33.28 -99.07 39.86
C GLU N 155 34.73 -98.72 40.21
N LYS N 156 35.12 -97.47 40.01
CA LYS N 156 36.45 -97.01 40.36
C LYS N 156 36.36 -95.70 41.12
N LYS N 157 37.23 -95.56 42.11
CA LYS N 157 37.34 -94.33 42.88
C LYS N 157 38.32 -93.38 42.21
N TYR N 158 37.92 -92.11 42.11
CA TYR N 158 38.78 -91.07 41.57
C TYR N 158 38.85 -89.90 42.55
N SER N 159 40.06 -89.48 42.88
CA SER N 159 40.23 -88.28 43.65
C SER N 159 39.93 -87.05 42.80
N VAL N 160 39.86 -85.90 43.45
CA VAL N 160 39.55 -84.66 42.74
C VAL N 160 40.59 -84.37 41.67
N ASP N 161 41.86 -84.64 41.98
CA ASP N 161 42.93 -84.33 41.03
C ASP N 161 42.77 -85.11 39.74
N GLU N 162 42.46 -86.41 39.83
CA GLU N 162 42.28 -87.20 38.62
C GLU N 162 41.06 -86.75 37.83
N PHE N 163 39.96 -86.44 38.53
CA PHE N 163 38.74 -86.05 37.85
C PHE N 163 38.82 -84.64 37.26
N THR N 164 39.86 -83.88 37.61
CA THR N 164 40.08 -82.60 36.96
C THR N 164 40.17 -82.74 35.44
N SER N 165 40.78 -83.83 34.96
CA SER N 165 40.88 -84.03 33.51
C SER N 165 39.50 -84.15 32.87
N ARG N 166 38.63 -84.96 33.46
CA ARG N 166 37.28 -85.12 32.92
C ARG N 166 36.50 -83.81 32.96
N VAL N 167 36.58 -83.07 34.07
CA VAL N 167 35.79 -81.84 34.15
C VAL N 167 36.32 -80.81 33.15
N ALA N 168 37.63 -80.76 32.96
CA ALA N 168 38.20 -79.85 31.98
C ALA N 168 37.77 -80.23 30.56
N GLY N 169 37.78 -81.53 30.25
CA GLY N 169 37.32 -81.96 28.94
C GLY N 169 35.87 -81.61 28.70
N LEU N 170 35.03 -81.80 29.72
CA LEU N 170 33.63 -81.44 29.59
C LEU N 170 33.47 -79.95 29.38
N ILE N 171 34.27 -79.14 30.08
CA ILE N 171 34.20 -77.69 29.92
C ILE N 171 34.57 -77.30 28.49
N ALA N 172 35.64 -77.90 27.96
CA ALA N 172 36.07 -77.54 26.62
C ALA N 172 35.12 -78.07 25.55
N GLY N 173 34.36 -79.11 25.86
CA GLY N 173 33.47 -79.68 24.85
C GLY N 173 32.35 -78.74 24.44
N THR N 174 31.82 -77.97 25.39
CA THR N 174 30.61 -77.20 25.13
C THR N 174 30.87 -76.07 24.14
N PRO N 175 29.86 -75.70 23.35
CA PRO N 175 30.01 -74.53 22.48
C PRO N 175 29.97 -73.24 23.27
N LEU N 176 30.32 -72.12 22.62
CA LEU N 176 30.30 -70.83 23.31
C LEU N 176 28.89 -70.31 23.52
N SER N 177 27.94 -70.76 22.70
CA SER N 177 26.56 -70.27 22.83
C SER N 177 25.90 -70.79 24.10
N GLN N 178 26.36 -71.93 24.60
CA GLN N 178 25.75 -72.55 25.75
C GLN N 178 26.62 -72.39 26.99
N SER N 179 26.03 -72.65 28.15
CA SER N 179 26.75 -72.63 29.41
C SER N 179 26.96 -74.06 29.91
N VAL N 180 27.66 -74.19 31.04
CA VAL N 180 27.97 -75.50 31.58
C VAL N 180 27.05 -75.91 32.71
N THR N 181 26.15 -75.03 33.14
CA THR N 181 25.32 -75.31 34.31
C THR N 181 24.33 -76.43 34.01
N TYR N 182 24.11 -77.29 35.01
CA TYR N 182 23.04 -78.29 34.97
C TYR N 182 23.22 -79.24 33.80
N THR N 183 24.36 -79.91 33.78
CA THR N 183 24.70 -80.87 32.74
C THR N 183 24.88 -82.25 33.35
N LYS N 184 24.14 -83.22 32.84
CA LYS N 184 24.19 -84.57 33.34
C LYS N 184 25.50 -85.24 32.93
N LEU N 185 26.01 -86.10 33.83
CA LEU N 185 27.18 -86.91 33.56
C LEU N 185 26.78 -88.37 33.79
N SER N 186 26.40 -89.05 32.72
CA SER N 186 25.94 -90.43 32.84
C SER N 186 27.02 -91.39 33.32
N ASP N 187 28.30 -91.02 33.20
CA ASP N 187 29.37 -91.93 33.59
C ASP N 187 29.43 -92.09 35.10
N VAL N 188 29.40 -90.99 35.85
CA VAL N 188 29.45 -91.08 37.30
C VAL N 188 28.11 -91.58 37.83
N VAL N 189 28.17 -92.46 38.83
CA VAL N 189 26.95 -93.13 39.29
C VAL N 189 26.62 -92.76 40.73
N ASP N 190 27.61 -92.38 41.53
CA ASP N 190 27.30 -91.90 42.87
C ASP N 190 28.41 -90.98 43.38
N ILE N 191 28.00 -90.04 44.22
CA ILE N 191 28.93 -89.16 44.94
C ILE N 191 28.56 -89.13 46.40
N PRO N 192 29.50 -88.76 47.27
CA PRO N 192 29.17 -88.62 48.69
C PRO N 192 28.03 -87.64 48.91
N LYS N 193 27.11 -88.02 49.79
CA LYS N 193 25.92 -87.20 50.02
C LYS N 193 26.29 -85.93 50.76
N MET N 194 25.50 -84.89 50.53
CA MET N 194 25.84 -83.56 51.02
C MET N 194 24.62 -82.67 50.90
N THR N 195 24.42 -81.80 51.88
CA THR N 195 23.18 -81.04 51.98
C THR N 195 23.16 -79.87 51.00
N LYS N 196 21.99 -79.26 50.85
CA LYS N 196 21.83 -78.16 49.91
C LYS N 196 22.43 -76.86 50.44
N VAL N 197 22.25 -76.58 51.74
CA VAL N 197 22.70 -75.32 52.30
C VAL N 197 24.24 -75.24 52.26
N ASP N 198 24.91 -76.36 52.53
CA ASP N 198 26.36 -76.37 52.43
C ASP N 198 26.82 -76.14 51.00
N ALA N 199 26.09 -76.71 50.03
CA ALA N 199 26.43 -76.47 48.63
C ALA N 199 26.25 -75.00 48.27
N GLU N 200 25.18 -74.39 48.76
CA GLU N 200 24.98 -72.96 48.53
C GLU N 200 26.13 -72.15 49.09
N SER N 201 26.52 -72.42 50.33
CA SER N 201 27.63 -71.69 50.94
C SER N 201 28.91 -71.90 50.14
N ARG N 202 29.19 -73.15 49.77
CA ARG N 202 30.44 -73.46 49.08
C ARG N 202 30.49 -72.80 47.71
N VAL N 203 29.37 -72.79 46.99
CA VAL N 203 29.31 -72.09 45.70
C VAL N 203 29.56 -70.60 45.92
N ASN N 204 29.01 -70.05 47.01
CA ASN N 204 29.28 -68.65 47.33
C ASN N 204 30.77 -68.41 47.59
N LYS N 205 31.50 -69.45 48.02
CA LYS N 205 32.94 -69.32 48.20
C LYS N 205 33.72 -69.39 46.89
N GLY N 206 33.04 -69.40 45.74
CA GLY N 206 33.71 -69.47 44.47
C GLY N 206 34.17 -70.86 44.07
N GLU N 207 33.70 -71.90 44.72
CA GLU N 207 34.12 -73.26 44.41
C GLU N 207 33.07 -73.94 43.55
N LEU N 208 33.52 -74.80 42.64
CA LEU N 208 32.62 -75.51 41.73
C LEU N 208 32.47 -76.95 42.20
N ILE N 209 31.23 -77.40 42.37
CA ILE N 209 30.94 -78.70 42.96
C ILE N 209 29.93 -79.46 42.14
N LEU N 210 29.85 -80.76 42.39
CA LEU N 210 28.89 -81.65 41.76
C LEU N 210 27.69 -81.83 42.68
N ILE N 211 26.48 -81.69 42.12
CA ILE N 211 25.25 -81.72 42.90
C ILE N 211 24.35 -82.79 42.33
N LYS N 212 23.71 -83.54 43.22
CA LYS N 212 22.71 -84.54 42.85
C LYS N 212 21.33 -83.90 42.94
N GLU N 213 20.68 -83.74 41.80
CA GLU N 213 19.34 -83.17 41.76
C GLU N 213 18.62 -83.70 40.53
N ALA N 214 17.29 -83.69 40.60
CA ALA N 214 16.45 -84.26 39.54
C ALA N 214 16.89 -85.70 39.30
N GLY N 215 16.91 -86.13 38.04
CA GLY N 215 17.22 -87.51 37.74
C GLY N 215 18.65 -87.92 37.97
N ALA N 216 19.61 -87.09 37.57
CA ALA N 216 21.01 -87.48 37.52
C ALA N 216 21.90 -86.47 38.24
N ILE N 217 23.20 -86.65 38.10
CA ILE N 217 24.19 -85.77 38.71
C ILE N 217 24.54 -84.66 37.72
N ARG N 218 24.48 -83.41 38.18
CA ARG N 218 24.66 -82.26 37.30
C ARG N 218 25.67 -81.30 37.87
N ILE N 219 26.18 -80.43 36.98
CA ILE N 219 27.04 -79.32 37.39
C ILE N 219 26.20 -78.25 38.08
N ALA N 220 26.79 -77.59 39.08
CA ALA N 220 26.09 -76.57 39.84
C ALA N 220 26.66 -75.20 39.49
N ARG N 221 26.13 -74.59 38.43
CA ARG N 221 26.39 -73.21 38.06
C ARG N 221 27.89 -72.88 38.11
N GLY N 222 28.61 -73.46 37.13
CA GLY N 222 30.04 -73.26 37.05
C GLY N 222 30.50 -71.82 37.06
N VAL N 223 31.40 -71.49 37.98
CA VAL N 223 31.93 -70.15 38.14
C VAL N 223 33.43 -70.23 38.37
N ASN N 224 34.10 -69.08 38.22
CA ASN N 224 35.54 -69.02 38.43
C ASN N 224 35.86 -69.10 39.91
N SER N 225 37.14 -68.92 40.21
CA SER N 225 37.60 -69.04 41.59
C SER N 225 37.70 -67.69 42.30
N LEU N 226 37.44 -66.58 41.61
CA LEU N 226 37.57 -65.28 42.25
C LEU N 226 36.34 -65.00 43.12
N THR N 227 36.57 -64.38 44.27
CA THR N 227 35.50 -64.03 45.19
C THR N 227 35.51 -62.57 45.61
N GLU N 228 36.68 -61.93 45.67
CA GLU N 228 36.75 -60.52 46.01
C GLU N 228 36.40 -59.68 44.78
N LEU N 229 35.35 -58.87 44.92
CA LEU N 229 34.87 -58.02 43.84
C LEU N 229 35.48 -56.64 43.99
N THR N 230 36.06 -56.13 42.92
CA THR N 230 36.62 -54.79 42.91
C THR N 230 35.69 -53.86 42.13
N ALA N 231 36.14 -52.62 41.91
CA ALA N 231 35.31 -51.65 41.20
C ALA N 231 35.25 -51.95 39.71
N GLU N 232 36.40 -52.29 39.11
CA GLU N 232 36.42 -52.56 37.67
C GLU N 232 36.06 -54.00 37.36
N LYS N 233 36.41 -54.93 38.25
CA LYS N 233 36.02 -56.32 38.10
C LYS N 233 34.62 -56.49 38.66
N GLY N 234 33.61 -56.42 37.80
CA GLY N 234 32.24 -56.48 38.23
C GLY N 234 31.75 -57.90 38.43
N GLU N 235 30.42 -58.01 38.57
CA GLU N 235 29.80 -59.31 38.86
C GLU N 235 30.01 -60.27 37.70
N MET N 236 29.77 -59.83 36.47
CA MET N 236 29.78 -60.73 35.33
C MET N 236 31.15 -61.36 35.08
N PHE N 237 32.21 -60.83 35.69
CA PHE N 237 33.52 -61.47 35.57
C PHE N 237 33.60 -62.77 36.36
N GLN N 238 32.49 -63.22 36.95
CA GLN N 238 32.49 -64.44 37.74
C GLN N 238 31.93 -65.63 36.98
N LYS N 239 31.36 -65.41 35.80
CA LYS N 239 30.78 -66.49 34.99
C LYS N 239 31.79 -66.98 33.97
N ILE N 240 31.83 -68.30 33.78
CA ILE N 240 32.80 -68.89 32.87
C ILE N 240 32.50 -68.47 31.43
N LYS N 241 31.23 -68.49 31.04
CA LYS N 241 30.87 -68.19 29.65
C LYS N 241 31.28 -66.77 29.26
N ILE N 242 31.04 -65.80 30.15
CA ILE N 242 31.33 -64.41 29.82
C ILE N 242 32.84 -64.20 29.70
N VAL N 243 33.62 -64.74 30.64
CA VAL N 243 35.06 -64.57 30.55
C VAL N 243 35.60 -65.29 29.32
N ASP N 244 34.98 -66.40 28.93
CA ASP N 244 35.43 -67.12 27.73
C ASP N 244 35.20 -66.31 26.47
N THR N 245 34.00 -65.73 26.33
CA THR N 245 33.76 -64.93 25.12
C THR N 245 34.60 -63.66 25.13
N LEU N 246 34.88 -63.09 26.30
CA LEU N 246 35.82 -61.97 26.34
C LEU N 246 37.20 -62.38 25.87
N ASP N 247 37.65 -63.57 26.29
CA ASP N 247 38.96 -64.04 25.87
C ASP N 247 39.02 -64.23 24.36
N ILE N 248 37.98 -64.80 23.77
CA ILE N 248 38.01 -65.02 22.33
C ILE N 248 37.98 -63.70 21.58
N ILE N 249 37.22 -62.72 22.09
CA ILE N 249 37.21 -61.39 21.48
C ILE N 249 38.60 -60.79 21.50
N HIS N 250 39.25 -60.86 22.67
CA HIS N 250 40.60 -60.32 22.80
C HIS N 250 41.55 -60.94 21.79
N SER N 251 41.57 -62.27 21.73
CA SER N 251 42.51 -62.96 20.85
C SER N 251 42.25 -62.61 19.39
N ASP N 252 40.99 -62.60 18.97
CA ASP N 252 40.67 -62.31 17.58
C ASP N 252 41.09 -60.90 17.20
N ILE N 253 40.72 -59.92 18.02
CA ILE N 253 41.04 -58.53 17.69
C ILE N 253 42.54 -58.32 17.67
N ARG N 254 43.26 -58.89 18.64
CA ARG N 254 44.71 -58.74 18.67
C ARG N 254 45.33 -59.34 17.42
N LYS N 255 44.89 -60.53 17.02
CA LYS N 255 45.46 -61.17 15.84
C LYS N 255 45.21 -60.34 14.59
N VAL N 256 43.99 -59.82 14.43
CA VAL N 256 43.70 -58.98 13.26
C VAL N 256 44.61 -57.76 13.25
N ILE N 257 44.74 -57.10 14.41
CA ILE N 257 45.51 -55.86 14.48
C ILE N 257 46.96 -56.13 14.12
N ILE N 258 47.56 -57.16 14.72
CA ILE N 258 48.97 -57.41 14.45
C ILE N 258 49.17 -57.86 13.01
N ASP N 259 48.23 -58.61 12.44
CA ASP N 259 48.42 -59.15 11.11
C ASP N 259 48.30 -58.09 10.03
N ASP N 260 47.37 -57.14 10.18
CA ASP N 260 47.03 -56.27 9.05
C ASP N 260 47.50 -54.83 9.22
N TYR N 261 47.31 -54.23 10.39
CA TYR N 261 47.41 -52.79 10.53
C TYR N 261 48.70 -52.34 11.22
N ILE N 262 49.64 -53.25 11.47
CA ILE N 262 50.87 -52.89 12.17
C ILE N 262 51.97 -52.68 11.14
N GLY N 263 52.51 -51.46 11.10
CA GLY N 263 53.61 -51.15 10.22
C GLY N 263 53.30 -51.20 8.74
N LYS N 264 52.03 -51.11 8.35
CA LYS N 264 51.65 -51.15 6.94
C LYS N 264 50.66 -50.08 6.53
N VAL N 265 50.16 -49.28 7.47
CA VAL N 265 49.21 -48.22 7.16
C VAL N 265 49.65 -46.95 7.86
N THR N 266 49.58 -45.83 7.15
CA THR N 266 49.97 -44.55 7.72
C THR N 266 48.96 -44.08 8.74
N ASN N 267 49.45 -43.60 9.87
CA ASN N 267 48.60 -43.13 10.95
C ASN N 267 47.97 -41.80 10.56
N SER N 268 46.78 -41.86 9.99
CA SER N 268 46.06 -40.65 9.62
C SER N 268 44.59 -40.84 10.00
N TYR N 269 43.83 -39.74 9.92
CA TYR N 269 42.44 -39.76 10.33
C TYR N 269 41.64 -40.79 9.53
N ASP N 270 41.83 -40.82 8.22
CA ASP N 270 41.06 -41.73 7.38
C ASP N 270 41.41 -43.18 7.66
N ASN N 271 42.69 -43.46 7.91
CA ASN N 271 43.09 -44.82 8.28
C ASN N 271 42.46 -45.23 9.61
N LYS N 272 42.38 -44.29 10.56
CA LYS N 272 41.70 -44.57 11.82
C LYS N 272 40.22 -44.88 11.58
N CYS N 273 39.58 -44.12 10.70
CA CYS N 273 38.18 -44.40 10.39
C CYS N 273 38.03 -45.78 9.77
N LEU N 274 38.94 -46.16 8.89
CA LEU N 274 38.88 -47.49 8.28
C LEU N 274 39.07 -48.58 9.33
N LEU N 275 39.99 -48.38 10.27
CA LEU N 275 40.17 -49.35 11.33
C LEU N 275 38.92 -49.46 12.20
N ILE N 276 38.28 -48.34 12.49
CA ILE N 276 37.03 -48.36 13.25
C ILE N 276 35.98 -49.17 12.51
N VAL N 277 35.86 -48.95 11.20
CA VAL N 277 34.88 -49.67 10.40
C VAL N 277 35.15 -51.17 10.43
N ALA N 278 36.42 -51.56 10.30
CA ALA N 278 36.77 -52.98 10.33
C ALA N 278 36.42 -53.60 11.68
N ILE N 279 36.73 -52.90 12.77
CA ILE N 279 36.43 -53.42 14.10
C ILE N 279 34.93 -53.58 14.28
N LYS N 280 34.16 -52.57 13.84
CA LYS N 280 32.71 -52.65 13.95
C LYS N 280 32.16 -53.81 13.13
N SER N 281 32.73 -54.04 11.95
CA SER N 281 32.29 -55.16 11.13
C SER N 281 32.53 -56.49 11.83
N TYR N 282 33.70 -56.65 12.46
CA TYR N 282 33.95 -57.88 13.20
C TYR N 282 32.99 -58.04 14.36
N LEU N 283 32.71 -56.94 15.07
CA LEU N 283 31.78 -57.02 16.19
C LEU N 283 30.38 -57.42 15.73
N GLU N 284 29.93 -56.86 14.61
CA GLU N 284 28.62 -57.25 14.07
C GLU N 284 28.62 -58.73 13.66
N GLU N 285 29.72 -59.19 13.08
CA GLU N 285 29.81 -60.60 12.72
C GLU N 285 29.68 -61.49 13.94
N LEU N 286 30.36 -61.12 15.04
CA LEU N 286 30.19 -61.87 16.28
C LEU N 286 28.77 -61.77 16.82
N GLU N 287 28.14 -60.61 16.62
CA GLU N 287 26.75 -60.45 17.05
C GLU N 287 25.84 -61.44 16.33
N LYS N 288 26.11 -61.68 15.04
CA LYS N 288 25.27 -62.61 14.28
C LYS N 288 25.24 -63.99 14.91
N SER N 289 26.36 -64.44 15.49
CA SER N 289 26.40 -65.72 16.17
C SER N 289 25.73 -65.69 17.54
N ALA N 290 25.07 -64.58 17.89
CA ALA N 290 24.34 -64.43 19.15
C ALA N 290 25.23 -64.60 20.38
N LEU N 291 26.35 -63.88 20.44
CA LEU N 291 27.17 -63.89 21.65
C LEU N 291 27.13 -62.55 22.36
N ILE N 292 26.81 -61.46 21.65
CA ILE N 292 26.67 -60.16 22.28
C ILE N 292 25.35 -59.53 21.84
N GLU N 293 24.99 -58.42 22.47
CA GLU N 293 23.74 -57.74 22.13
C GLU N 293 23.83 -57.14 20.73
N SER N 294 22.67 -56.81 20.17
CA SER N 294 22.60 -56.39 18.77
C SER N 294 23.41 -55.14 18.50
N ASP N 295 23.21 -54.10 19.31
CA ASP N 295 23.82 -52.79 19.05
C ASP N 295 25.13 -52.67 19.82
N SER N 296 26.18 -52.29 19.12
CA SER N 296 27.48 -52.01 19.72
C SER N 296 28.07 -50.77 19.06
N THR N 297 28.89 -50.04 19.80
CA THR N 297 29.47 -48.79 19.30
C THR N 297 30.97 -48.80 19.49
N VAL N 298 31.69 -48.29 18.50
CA VAL N 298 33.14 -48.12 18.55
C VAL N 298 33.45 -46.73 18.01
N GLU N 299 34.31 -46.00 18.71
CA GLU N 299 34.67 -44.66 18.29
C GLU N 299 36.01 -44.27 18.91
N ILE N 300 36.56 -43.16 18.42
CA ILE N 300 37.88 -42.71 18.84
C ILE N 300 37.82 -42.23 20.28
N ASP N 301 38.80 -42.64 21.08
CA ASP N 301 38.86 -42.27 22.49
C ASP N 301 39.40 -40.84 22.62
N PHE N 302 38.51 -39.90 22.87
CA PHE N 302 38.88 -38.49 22.89
C PHE N 302 39.66 -38.10 24.14
N GLU N 303 39.29 -38.64 25.31
CA GLU N 303 39.91 -38.23 26.57
C GLU N 303 41.41 -38.55 26.57
N ALA N 304 41.75 -39.79 26.21
CA ALA N 304 43.16 -40.19 26.22
C ALA N 304 43.95 -39.41 25.20
N GLN N 305 43.36 -39.16 24.03
CA GLN N 305 44.04 -38.36 23.02
C GLN N 305 44.32 -36.94 23.50
N LYS N 306 43.32 -36.33 24.15
CA LYS N 306 43.52 -34.98 24.66
C LYS N 306 44.59 -34.96 25.74
N SER N 307 44.59 -35.96 26.64
CA SER N 307 45.61 -36.02 27.67
C SER N 307 47.00 -36.19 27.06
N TYR N 308 47.11 -37.04 26.05
CA TYR N 308 48.39 -37.26 25.39
C TYR N 308 48.89 -35.98 24.71
N LEU N 309 47.99 -35.26 24.03
CA LEU N 309 48.38 -34.00 23.41
C LEU N 309 48.83 -32.99 24.46
N LYS N 310 48.12 -32.93 25.59
CA LYS N 310 48.53 -32.04 26.67
C LYS N 310 49.90 -32.42 27.20
N SER N 311 50.21 -33.72 27.24
CA SER N 311 51.51 -34.16 27.70
C SER N 311 52.62 -33.70 26.77
N LYS N 312 52.28 -33.34 25.53
CA LYS N 312 53.24 -32.83 24.56
C LYS N 312 53.34 -31.31 24.59
N GLY N 313 52.52 -30.63 25.38
CA GLY N 313 52.59 -29.19 25.50
C GLY N 313 51.86 -28.42 24.42
N VAL N 314 51.21 -29.10 23.48
CA VAL N 314 50.49 -28.40 22.44
C VAL N 314 49.31 -27.65 23.06
N ASP N 315 48.96 -26.52 22.47
CA ASP N 315 47.90 -25.64 22.99
C ASP N 315 46.59 -25.93 22.25
N LEU N 316 45.69 -26.63 22.93
CA LEU N 316 44.38 -26.94 22.38
C LEU N 316 43.29 -26.04 22.94
N SER N 317 43.65 -24.85 23.42
CA SER N 317 42.66 -23.95 24.00
C SER N 317 41.63 -23.52 22.96
N TYR N 318 42.08 -23.20 21.75
CA TYR N 318 41.15 -22.71 20.72
C TYR N 318 40.65 -23.84 19.83
N MET N 319 41.40 -24.94 19.74
CA MET N 319 40.99 -26.04 18.87
C MET N 319 39.67 -26.64 19.33
N THR N 320 38.76 -26.83 18.38
CA THR N 320 37.46 -27.39 18.66
C THR N 320 37.57 -28.91 18.75
N LEU N 321 36.51 -29.55 19.24
CA LEU N 321 36.52 -30.99 19.49
C LEU N 321 36.95 -31.76 18.24
N GLN N 322 36.31 -31.49 17.10
CA GLN N 322 36.61 -32.24 15.88
C GLN N 322 38.04 -31.98 15.44
N GLU N 323 38.51 -30.73 15.59
CA GLU N 323 39.90 -30.43 15.30
C GLU N 323 40.84 -31.19 16.22
N ILE N 324 40.46 -31.34 17.48
CA ILE N 324 41.28 -32.11 18.41
C ILE N 324 41.37 -33.56 17.96
N LYS N 325 40.24 -34.14 17.54
CA LYS N 325 40.27 -35.51 17.03
C LYS N 325 41.15 -35.62 15.80
N GLU N 326 41.11 -34.62 14.92
CA GLU N 326 41.88 -34.69 13.68
C GLU N 326 43.37 -34.53 13.92
N ALA N 327 43.76 -34.12 15.13
CA ALA N 327 45.16 -33.81 15.41
C ALA N 327 46.03 -35.05 15.23
N ASN N 328 47.23 -34.83 14.69
CA ASN N 328 48.17 -35.92 14.48
C ASN N 328 48.72 -36.40 15.82
N THR N 329 48.87 -37.72 15.96
CA THR N 329 49.34 -38.32 17.19
C THR N 329 50.68 -39.03 17.05
N GLY N 330 51.12 -39.31 15.83
CA GLY N 330 52.43 -39.92 15.65
C GLY N 330 52.51 -41.37 16.07
N SER N 331 51.92 -42.28 15.29
CA SER N 331 52.06 -43.72 15.44
C SER N 331 51.34 -44.26 16.67
N LYS N 332 50.48 -43.46 17.28
CA LYS N 332 49.68 -43.95 18.39
C LYS N 332 48.19 -43.78 18.09
N VAL N 333 47.41 -44.78 18.49
CA VAL N 333 45.97 -44.81 18.25
C VAL N 333 45.26 -45.02 19.57
N PHE N 334 44.13 -44.34 19.76
CA PHE N 334 43.33 -44.46 20.96
C PHE N 334 41.86 -44.68 20.58
N LEU N 335 41.31 -45.82 20.97
CA LEU N 335 39.94 -46.17 20.64
C LEU N 335 39.25 -46.73 21.86
N LYS N 336 37.94 -46.51 21.93
CA LYS N 336 37.12 -47.06 23.00
C LYS N 336 35.85 -47.66 22.40
N ALA N 337 35.35 -48.73 23.01
CA ALA N 337 34.20 -49.45 22.49
C ALA N 337 33.27 -49.83 23.64
N LYS N 338 32.02 -50.10 23.31
CA LYS N 338 31.00 -50.48 24.28
C LYS N 338 30.23 -51.68 23.75
N ILE N 339 30.19 -52.77 24.52
CA ILE N 339 29.50 -53.99 24.14
C ILE N 339 28.72 -54.52 25.32
N LYS N 340 27.78 -55.41 25.03
CA LYS N 340 26.95 -56.07 26.04
C LYS N 340 26.94 -57.57 25.78
N VAL N 341 27.40 -58.34 26.76
CA VAL N 341 27.57 -59.78 26.61
C VAL N 341 26.31 -60.47 27.10
N LEU N 342 25.80 -61.40 26.30
CA LEU N 342 24.63 -62.16 26.69
C LEU N 342 25.03 -63.33 27.57
N ASP N 343 24.02 -64.00 28.13
CA ASP N 343 24.23 -65.16 28.99
C ASP N 343 23.06 -66.12 28.85
N ALA N 344 23.27 -67.36 29.29
CA ALA N 344 22.23 -68.37 29.18
C ALA N 344 21.20 -68.21 30.29
N MET N 345 19.96 -68.60 30.01
CA MET N 345 18.93 -68.59 31.04
C MET N 345 19.32 -69.53 32.17
N GLU N 346 19.27 -69.01 33.39
CA GLU N 346 19.67 -69.77 34.56
C GLU N 346 18.68 -69.70 35.70
N ASP N 347 17.92 -68.61 35.84
CA ASP N 347 16.98 -68.42 36.93
C ASP N 347 15.67 -67.91 36.36
N ILE N 348 14.63 -68.74 36.44
CA ILE N 348 13.32 -68.43 35.87
C ILE N 348 12.30 -68.39 36.99
N ASP N 349 11.54 -67.30 37.06
CA ASP N 349 10.52 -67.07 38.07
C ASP N 349 9.18 -66.91 37.39
N LEU N 350 8.28 -67.87 37.61
CA LEU N 350 6.97 -67.87 36.98
C LEU N 350 5.90 -67.71 38.06
N SER N 351 5.00 -66.76 37.85
CA SER N 351 3.93 -66.47 38.80
C SER N 351 2.59 -66.70 38.12
N ILE N 352 1.88 -67.74 38.54
CA ILE N 352 0.59 -68.11 37.97
C ILE N 352 -0.49 -67.78 38.98
N GLU N 353 -1.47 -66.99 38.55
CA GLU N 353 -2.62 -66.67 39.38
C GLU N 353 -3.85 -67.34 38.81
N ILE N 354 -4.66 -67.93 39.66
CA ILE N 354 -5.83 -68.67 39.24
C ILE N 354 -6.94 -67.74 38.78
N ALA O 2 23.70 -63.05 45.98
CA ALA O 2 24.95 -63.61 45.53
C ALA O 2 24.73 -64.76 44.56
N ILE O 3 25.81 -65.44 44.20
CA ILE O 3 25.72 -66.55 43.26
C ILE O 3 25.33 -67.83 43.99
N GLY O 4 24.10 -68.29 43.74
CA GLY O 4 23.59 -69.49 44.38
C GLY O 4 23.20 -70.54 43.36
N LEU O 5 22.51 -71.56 43.84
CA LEU O 5 22.04 -72.61 42.97
C LEU O 5 20.97 -72.06 42.03
N PRO O 6 20.78 -72.67 40.86
CA PRO O 6 19.72 -72.20 39.96
C PRO O 6 18.35 -72.28 40.62
N SER O 7 17.52 -71.28 40.34
CA SER O 7 16.22 -71.15 40.99
C SER O 7 15.11 -71.28 39.94
N ILE O 8 14.26 -72.29 40.12
CA ILE O 8 13.03 -72.43 39.36
C ILE O 8 11.89 -72.52 40.35
N ASN O 9 10.97 -71.57 40.30
CA ASN O 9 9.87 -71.52 41.24
C ASN O 9 8.58 -71.11 40.54
N ILE O 10 7.53 -71.88 40.80
CA ILE O 10 6.20 -71.61 40.29
C ILE O 10 5.30 -71.29 41.47
N SER O 11 4.64 -70.14 41.41
CA SER O 11 3.82 -69.66 42.50
C SER O 11 2.36 -69.58 42.05
N PHE O 12 1.46 -70.06 42.91
CA PHE O 12 0.03 -69.99 42.66
C PHE O 12 -0.61 -69.06 43.68
N LYS O 13 -1.38 -68.09 43.19
CA LYS O 13 -2.04 -67.12 44.06
C LYS O 13 -3.47 -66.93 43.59
N GLU O 14 -4.35 -66.56 44.52
CA GLU O 14 -5.76 -66.37 44.20
C GLU O 14 -6.04 -64.95 43.75
N LEU O 15 -7.01 -64.79 42.86
CA LEU O 15 -7.56 -63.48 42.52
C LEU O 15 -8.50 -63.05 43.64
N ALA O 16 -7.92 -62.35 44.62
CA ALA O 16 -8.67 -61.98 45.81
C ALA O 16 -9.69 -60.89 45.50
N THR O 17 -10.75 -61.25 44.78
CA THR O 17 -11.83 -60.31 44.52
C THR O 17 -12.42 -59.84 45.84
N THR O 18 -12.29 -58.54 46.11
CA THR O 18 -12.56 -58.02 47.43
C THR O 18 -13.57 -56.88 47.36
N VAL O 19 -14.57 -56.97 48.22
CA VAL O 19 -15.45 -55.85 48.54
C VAL O 19 -15.17 -55.49 50.00
N LYS O 20 -14.83 -54.23 50.25
CA LYS O 20 -14.36 -53.84 51.57
C LYS O 20 -15.42 -54.09 52.62
N GLU O 21 -14.99 -54.57 53.78
CA GLU O 21 -15.88 -54.83 54.90
C GLU O 21 -16.14 -53.54 55.66
N ARG O 22 -17.40 -53.14 55.73
CA ARG O 22 -17.80 -51.95 56.46
C ARG O 22 -18.33 -52.33 57.83
N SER O 23 -18.60 -51.32 58.64
CA SER O 23 -19.07 -51.54 60.00
C SER O 23 -20.38 -52.31 59.99
N ALA O 24 -20.47 -53.34 60.82
CA ALA O 24 -21.67 -54.15 60.88
C ALA O 24 -22.83 -53.34 61.44
N ARG O 25 -24.02 -53.55 60.87
CA ARG O 25 -25.22 -52.83 61.27
C ARG O 25 -26.36 -53.81 61.50
N GLY O 26 -27.25 -53.46 62.44
CA GLY O 26 -28.39 -54.28 62.75
C GLY O 26 -28.28 -55.10 64.02
N ILE O 27 -27.23 -54.93 64.80
CA ILE O 27 -27.03 -55.71 66.01
C ILE O 27 -27.76 -55.06 67.15
N ILE O 28 -28.47 -55.87 67.94
CA ILE O 28 -29.26 -55.38 69.07
C ILE O 28 -28.61 -55.87 70.35
N ALA O 29 -28.41 -54.97 71.31
CA ALA O 29 -27.85 -55.30 72.60
C ALA O 29 -29.00 -55.43 73.59
N MET O 30 -29.07 -56.58 74.26
CA MET O 30 -30.17 -56.91 75.15
C MET O 30 -29.60 -57.11 76.55
N VAL O 31 -30.21 -56.47 77.54
CA VAL O 31 -29.78 -56.59 78.93
C VAL O 31 -30.96 -57.04 79.78
N LEU O 32 -30.72 -58.07 80.59
CA LEU O 32 -31.76 -58.66 81.42
C LEU O 32 -31.14 -59.14 82.71
N LYS O 33 -31.96 -59.23 83.76
CA LYS O 33 -31.50 -59.61 85.09
C LYS O 33 -32.08 -60.96 85.49
N ASP O 34 -31.24 -61.81 86.06
CA ASP O 34 -31.64 -63.15 86.47
C ASP O 34 -30.63 -63.69 87.48
N ALA O 35 -30.81 -64.97 87.81
CA ALA O 35 -29.86 -65.71 88.64
C ALA O 35 -29.24 -66.87 87.91
N LYS O 36 -29.49 -67.02 86.60
CA LYS O 36 -28.98 -68.15 85.83
C LYS O 36 -28.35 -67.66 84.54
N ALA O 37 -27.29 -68.36 84.13
CA ALA O 37 -26.57 -68.06 82.88
C ALA O 37 -26.13 -66.59 82.83
N LEU O 38 -25.52 -66.13 83.91
CA LEU O 38 -25.10 -64.74 83.98
C LEU O 38 -24.00 -64.46 82.95
N GLY O 39 -23.92 -63.20 82.54
CA GLY O 39 -23.04 -62.83 81.46
C GLY O 39 -23.75 -62.80 80.13
N LEU O 40 -22.99 -62.47 79.09
CA LEU O 40 -23.55 -62.47 77.75
C LEU O 40 -23.88 -63.90 77.31
N ASN O 41 -24.90 -64.03 76.46
CA ASN O 41 -25.34 -65.33 76.01
C ASN O 41 -25.24 -65.53 74.50
N GLU O 42 -25.10 -64.46 73.73
CA GLU O 42 -24.74 -64.53 72.32
C GLU O 42 -25.75 -65.38 71.53
N ILE O 43 -26.98 -64.87 71.46
CA ILE O 43 -28.05 -65.56 70.71
C ILE O 43 -27.94 -65.08 69.27
N HIS O 44 -27.04 -65.72 68.51
CA HIS O 44 -26.89 -65.39 67.11
C HIS O 44 -28.00 -66.03 66.27
N GLU O 45 -28.61 -67.09 66.79
CA GLU O 45 -29.61 -67.85 66.06
C GLU O 45 -30.95 -67.77 66.79
N LYS O 46 -32.03 -67.61 66.02
CA LYS O 46 -33.37 -67.57 66.61
C LYS O 46 -33.68 -68.85 67.38
N GLU O 47 -33.19 -70.00 66.91
CA GLU O 47 -33.51 -71.26 67.56
C GLU O 47 -32.78 -71.42 68.89
N ASP O 48 -31.50 -71.08 68.93
CA ASP O 48 -30.66 -71.41 70.08
C ASP O 48 -30.95 -70.47 71.24
N ILE O 49 -31.71 -70.97 72.21
CA ILE O 49 -32.02 -70.21 73.42
C ILE O 49 -31.56 -71.02 74.62
N PRO O 50 -30.82 -70.44 75.56
CA PRO O 50 -30.47 -71.16 76.79
C PRO O 50 -31.72 -71.59 77.54
N VAL O 51 -31.65 -72.77 78.14
CA VAL O 51 -32.83 -73.35 78.76
C VAL O 51 -33.00 -72.90 80.20
N ASP O 52 -31.89 -72.64 80.91
CA ASP O 52 -31.97 -72.35 82.33
C ASP O 52 -32.57 -70.99 82.64
N LEU O 53 -32.72 -70.12 81.65
CA LEU O 53 -33.31 -68.81 81.91
C LEU O 53 -34.82 -68.91 82.07
N SER O 54 -35.41 -67.84 82.58
CA SER O 54 -36.83 -67.85 82.93
C SER O 54 -37.71 -67.91 81.69
N ALA O 55 -38.94 -68.39 81.88
CA ALA O 55 -39.87 -68.52 80.76
C ALA O 55 -40.28 -67.17 80.20
N GLU O 56 -40.68 -66.24 81.08
CA GLU O 56 -41.06 -64.91 80.62
C GLU O 56 -39.90 -64.22 79.92
N ASN O 57 -38.68 -64.43 80.42
CA ASN O 57 -37.51 -63.94 79.71
C ASN O 57 -37.42 -64.52 78.32
N LYS O 58 -37.66 -65.83 78.19
CA LYS O 58 -37.73 -66.44 76.87
C LYS O 58 -38.75 -65.74 75.99
N GLU O 59 -39.90 -65.37 76.58
CA GLU O 59 -40.92 -64.68 75.81
C GLU O 59 -40.42 -63.34 75.27
N TYR O 60 -39.74 -62.55 76.11
CA TYR O 60 -39.23 -61.29 75.58
C TYR O 60 -38.15 -61.51 74.54
N ILE O 61 -37.36 -62.60 74.66
CA ILE O 61 -36.45 -62.92 73.57
C ILE O 61 -37.22 -63.19 72.28
N ASN O 62 -38.31 -63.97 72.36
CA ASN O 62 -39.09 -64.24 71.14
C ASN O 62 -39.66 -62.95 70.56
N LEU O 63 -40.13 -62.04 71.41
CA LEU O 63 -40.59 -60.75 70.91
C LEU O 63 -39.48 -60.01 70.18
N ALA O 64 -38.26 -60.02 70.74
CA ALA O 64 -37.15 -59.35 70.07
C ALA O 64 -36.69 -60.05 68.80
N LEU O 65 -36.98 -61.36 68.67
CA LEU O 65 -36.44 -62.14 67.56
C LEU O 65 -37.11 -61.79 66.23
N MET O 66 -38.44 -61.68 66.23
CA MET O 66 -39.15 -61.47 64.97
C MET O 66 -38.90 -60.05 64.46
N GLY O 67 -38.19 -59.97 63.33
CA GLY O 67 -37.83 -58.69 62.75
C GLY O 67 -38.97 -58.09 61.94
N ASN O 68 -38.77 -56.84 61.50
CA ASN O 68 -39.79 -56.15 60.73
C ASN O 68 -39.86 -56.67 59.30
N VAL O 69 -38.78 -56.53 58.55
CA VAL O 69 -38.68 -57.09 57.21
C VAL O 69 -37.92 -58.41 57.21
N ASN O 70 -36.80 -58.47 57.91
CA ASN O 70 -36.00 -59.67 58.01
C ASN O 70 -35.49 -59.83 59.44
N THR O 71 -35.06 -61.05 59.75
CA THR O 71 -34.56 -61.34 61.09
C THR O 71 -33.31 -60.49 61.36
N PRO O 72 -33.15 -59.96 62.57
CA PRO O 72 -31.92 -59.24 62.90
C PRO O 72 -30.70 -60.13 62.69
N ASN O 73 -29.65 -59.53 62.13
CA ASN O 73 -28.48 -60.31 61.73
C ASN O 73 -27.77 -60.92 62.93
N LYS O 74 -27.81 -60.24 64.08
CA LYS O 74 -27.11 -60.72 65.26
C LYS O 74 -27.73 -60.09 66.49
N LEU O 75 -27.91 -60.89 67.54
CA LEU O 75 -28.54 -60.44 68.78
C LEU O 75 -27.59 -60.73 69.94
N LEU O 76 -27.47 -59.77 70.84
CA LEU O 76 -26.61 -59.87 72.02
C LEU O 76 -27.45 -59.68 73.26
N VAL O 77 -27.47 -60.67 74.14
CA VAL O 77 -28.23 -60.61 75.38
C VAL O 77 -27.25 -60.80 76.55
N TYR O 78 -27.34 -59.91 77.53
CA TYR O 78 -26.50 -59.98 78.71
C TYR O 78 -27.37 -60.23 79.94
N VAL O 79 -26.99 -61.21 80.75
CA VAL O 79 -27.68 -61.52 81.99
C VAL O 79 -26.89 -60.93 83.14
N ILE O 80 -27.57 -60.18 84.00
CA ILE O 80 -26.92 -59.48 85.11
C ILE O 80 -27.57 -59.92 86.42
N GLU O 81 -26.74 -60.02 87.45
CA GLU O 81 -27.25 -60.26 88.79
C GLU O 81 -28.11 -59.08 89.22
N GLY O 82 -29.22 -59.39 89.89
CA GLY O 82 -30.10 -58.35 90.36
C GLY O 82 -29.40 -57.42 91.34
N GLU O 83 -29.81 -56.15 91.34
CA GLU O 83 -29.31 -55.10 92.20
C GLU O 83 -27.82 -54.79 91.98
N ALA O 84 -27.22 -55.35 90.93
CA ALA O 84 -25.83 -55.01 90.60
C ALA O 84 -25.70 -53.64 89.96
N ASP O 85 -26.78 -52.86 89.91
CA ASP O 85 -26.81 -51.54 89.30
C ASP O 85 -26.50 -51.63 87.81
N ILE O 86 -26.38 -50.49 87.15
CA ILE O 86 -26.30 -50.47 85.69
C ILE O 86 -24.85 -50.53 85.21
N GLN O 87 -23.94 -49.82 85.89
CA GLN O 87 -22.60 -49.64 85.33
C GLN O 87 -21.85 -50.96 85.18
N THR O 88 -22.13 -51.95 86.05
CA THR O 88 -21.46 -53.24 85.94
C THR O 88 -21.69 -53.87 84.59
N ALA O 89 -22.94 -53.88 84.12
CA ALA O 89 -23.23 -54.34 82.76
C ALA O 89 -22.79 -53.30 81.73
N LEU O 90 -22.86 -52.03 82.09
CA LEU O 90 -22.61 -50.97 81.12
C LEU O 90 -21.19 -51.01 80.60
N ASP O 91 -20.21 -51.26 81.49
CA ASP O 91 -18.83 -51.39 81.05
C ASP O 91 -18.65 -52.58 80.11
N PHE O 92 -19.28 -53.70 80.45
CA PHE O 92 -19.22 -54.88 79.61
C PHE O 92 -19.75 -54.57 78.21
N LEU O 93 -20.82 -53.79 78.13
CA LEU O 93 -21.32 -53.36 76.82
C LEU O 93 -20.37 -52.38 76.14
N GLU O 94 -19.74 -51.48 76.91
CA GLU O 94 -18.77 -50.57 76.30
C GLU O 94 -17.61 -51.34 75.69
N THR O 95 -17.35 -52.56 76.18
CA THR O 95 -16.30 -53.37 75.58
C THR O 95 -16.59 -53.69 74.12
N LYS O 96 -17.85 -54.00 73.79
CA LYS O 96 -18.21 -54.51 72.48
C LYS O 96 -19.05 -53.51 71.70
N GLU O 97 -19.13 -53.72 70.40
CA GLU O 97 -19.93 -52.87 69.53
C GLU O 97 -21.36 -53.36 69.45
N PHE O 98 -22.28 -52.43 69.21
CA PHE O 98 -23.70 -52.72 69.10
C PHE O 98 -24.40 -51.48 68.56
N ASN O 99 -25.68 -51.63 68.24
CA ASN O 99 -26.46 -50.54 67.68
C ASN O 99 -27.60 -50.09 68.57
N TYR O 100 -28.42 -51.01 69.07
CA TYR O 100 -29.62 -50.67 69.83
C TYR O 100 -29.62 -51.42 71.16
N LEU O 101 -30.09 -50.74 72.20
CA LEU O 101 -30.09 -51.27 73.56
C LEU O 101 -31.49 -51.17 74.14
N CYS O 102 -31.92 -52.20 74.87
CA CYS O 102 -33.25 -52.21 75.46
C CYS O 102 -33.25 -52.96 76.78
N MET O 103 -34.17 -52.58 77.66
CA MET O 103 -34.36 -53.14 78.99
C MET O 103 -35.85 -53.30 79.29
N PRO O 104 -36.34 -54.53 79.44
CA PRO O 104 -37.74 -54.73 79.83
C PRO O 104 -38.05 -54.25 81.23
N LYS O 105 -37.24 -54.67 82.20
CA LYS O 105 -37.46 -54.33 83.60
C LYS O 105 -36.45 -53.30 84.05
N ALA O 106 -36.92 -52.10 84.38
CA ALA O 106 -36.03 -51.04 84.83
C ALA O 106 -36.82 -50.03 85.65
N VAL O 107 -36.15 -49.52 86.70
CA VAL O 107 -36.70 -48.45 87.50
C VAL O 107 -36.26 -47.12 86.91
N GLU O 108 -36.91 -46.05 87.35
CA GLU O 108 -36.64 -44.73 86.78
C GLU O 108 -35.20 -44.30 87.04
N ALA O 109 -34.61 -44.76 88.14
CA ALA O 109 -33.19 -44.51 88.37
C ALA O 109 -32.34 -45.17 87.29
N ASP O 110 -32.68 -46.41 86.92
CA ASP O 110 -31.97 -47.08 85.84
C ASP O 110 -32.16 -46.33 84.52
N LYS O 111 -33.37 -45.82 84.27
CA LYS O 111 -33.60 -45.06 83.05
C LYS O 111 -32.77 -43.79 83.03
N THR O 112 -32.68 -43.09 84.16
CA THR O 112 -31.86 -41.88 84.24
C THR O 112 -30.39 -42.20 83.99
N ALA O 113 -29.90 -43.29 84.61
CA ALA O 113 -28.52 -43.69 84.39
C ALA O 113 -28.26 -44.02 82.93
N ILE O 114 -29.20 -44.74 82.31
CA ILE O 114 -29.03 -45.12 80.90
C ILE O 114 -28.99 -43.87 80.03
N LYS O 115 -29.90 -42.93 80.28
CA LYS O 115 -29.94 -41.72 79.47
C LYS O 115 -28.65 -40.91 79.61
N ASN O 116 -28.18 -40.74 80.86
CA ASN O 116 -26.95 -39.99 81.06
C ASN O 116 -25.76 -40.68 80.39
N TRP O 117 -25.68 -42.00 80.53
CA TRP O 117 -24.63 -42.77 79.88
C TRP O 117 -24.66 -42.58 78.36
N ILE O 118 -25.84 -42.69 77.77
CA ILE O 118 -25.95 -42.61 76.31
C ILE O 118 -25.56 -41.23 75.84
N ILE O 119 -26.03 -40.18 76.53
CA ILE O 119 -25.71 -38.82 76.14
C ILE O 119 -24.21 -38.58 76.24
N LYS O 120 -23.58 -39.05 77.31
CA LYS O 120 -22.14 -38.82 77.44
C LYS O 120 -21.35 -39.62 76.42
N LEU O 121 -21.83 -40.83 76.09
CA LEU O 121 -21.04 -41.69 75.20
C LEU O 121 -21.16 -41.25 73.75
N ARG O 122 -22.31 -40.72 73.35
CA ARG O 122 -22.46 -40.29 71.97
C ARG O 122 -21.66 -39.03 71.68
N ASP O 123 -21.20 -38.33 72.72
CA ASP O 123 -20.53 -37.05 72.52
C ASP O 123 -19.06 -37.09 72.90
N ILE O 124 -18.75 -37.49 74.14
CA ILE O 124 -17.37 -37.47 74.60
C ILE O 124 -16.54 -38.53 73.87
N ASP O 125 -17.05 -39.76 73.80
CA ASP O 125 -16.29 -40.87 73.25
C ASP O 125 -16.49 -41.05 71.75
N LYS O 126 -17.36 -40.26 71.13
CA LYS O 126 -17.60 -40.30 69.68
C LYS O 126 -17.97 -41.72 69.22
N VAL O 127 -18.79 -42.39 70.01
CA VAL O 127 -19.33 -43.70 69.67
C VAL O 127 -20.83 -43.56 69.49
N LYS O 128 -21.34 -43.99 68.35
CA LYS O 128 -22.72 -43.72 67.94
C LYS O 128 -23.57 -44.96 68.18
N VAL O 129 -24.25 -45.00 69.32
CA VAL O 129 -25.24 -46.03 69.62
C VAL O 129 -26.50 -45.35 70.13
N LYS O 130 -27.62 -46.08 70.08
CA LYS O 130 -28.90 -45.57 70.51
C LYS O 130 -29.61 -46.61 71.38
N ALA O 131 -30.64 -46.15 72.09
CA ALA O 131 -31.42 -47.04 72.94
C ALA O 131 -32.85 -46.54 73.02
N VAL O 132 -33.77 -47.45 73.29
CA VAL O 132 -35.19 -47.14 73.44
C VAL O 132 -35.54 -47.22 74.92
N LEU O 133 -36.50 -46.40 75.34
CA LEU O 133 -36.86 -46.27 76.74
C LEU O 133 -38.37 -46.20 76.90
N GLY O 134 -38.85 -46.60 78.09
CA GLY O 134 -40.29 -46.67 78.31
C GLY O 134 -40.95 -45.31 78.40
N LYS O 135 -40.50 -44.48 79.33
CA LYS O 135 -41.11 -43.17 79.52
C LYS O 135 -40.00 -42.20 79.96
N VAL O 136 -39.39 -41.55 78.98
CA VAL O 136 -38.24 -40.66 79.21
C VAL O 136 -38.34 -39.49 78.24
N VAL O 137 -38.04 -38.31 78.75
CA VAL O 137 -38.21 -37.08 77.99
C VAL O 137 -36.84 -36.58 77.57
N GLY O 138 -35.89 -37.50 77.42
CA GLY O 138 -34.55 -37.14 76.98
C GLY O 138 -34.60 -36.43 75.64
N ASN O 139 -33.83 -35.35 75.52
CA ASN O 139 -33.88 -34.48 74.36
C ASN O 139 -32.69 -34.70 73.42
N HIS O 140 -32.27 -35.95 73.25
CA HIS O 140 -31.17 -36.30 72.38
C HIS O 140 -31.64 -37.34 71.37
N GLU O 141 -31.00 -37.36 70.20
CA GLU O 141 -31.41 -38.32 69.18
C GLU O 141 -31.10 -39.75 69.61
N GLY O 142 -30.29 -39.93 70.63
CA GLY O 142 -29.92 -41.26 71.05
C GLY O 142 -30.97 -42.02 71.82
N ILE O 143 -32.07 -41.37 72.20
CA ILE O 143 -33.14 -42.00 72.96
C ILE O 143 -34.41 -41.94 72.12
N ILE O 144 -35.07 -43.08 71.96
CA ILE O 144 -36.36 -43.18 71.29
C ILE O 144 -37.40 -43.43 72.37
N ASN O 145 -38.40 -42.55 72.43
CA ASN O 145 -39.38 -42.56 73.51
C ASN O 145 -40.67 -43.18 73.00
N PHE O 146 -40.80 -44.49 73.17
CA PHE O 146 -42.02 -45.19 72.83
C PHE O 146 -42.87 -45.36 74.08
N THR O 147 -44.15 -45.03 74.00
CA THR O 147 -45.04 -45.16 75.15
C THR O 147 -46.45 -45.45 74.66
N THR O 148 -46.93 -46.66 74.94
CA THR O 148 -48.30 -47.05 74.66
C THR O 148 -48.70 -48.10 75.69
N GLU O 149 -49.74 -47.82 76.46
CA GLU O 149 -50.10 -48.64 77.61
C GLU O 149 -51.06 -49.77 77.21
N ASP O 150 -51.03 -50.84 77.99
CA ASP O 150 -51.99 -51.93 77.89
C ASP O 150 -52.02 -52.55 76.49
N VAL O 151 -50.84 -52.80 75.96
CA VAL O 151 -50.73 -53.46 74.66
C VAL O 151 -51.03 -54.93 74.84
N LEU O 152 -51.99 -55.44 74.08
CA LEU O 152 -52.42 -56.84 74.16
C LEU O 152 -51.87 -57.59 72.97
N VAL O 153 -50.93 -58.51 73.21
CA VAL O 153 -50.37 -59.37 72.19
C VAL O 153 -50.61 -60.81 72.59
N GLY O 154 -51.50 -61.49 71.86
CA GLY O 154 -51.81 -62.86 72.16
C GLY O 154 -52.32 -63.06 73.57
N GLU O 155 -53.53 -62.54 73.85
CA GLU O 155 -54.22 -62.67 75.13
C GLU O 155 -53.34 -62.39 76.34
N LYS O 156 -52.33 -61.54 76.17
CA LYS O 156 -51.46 -61.14 77.28
C LYS O 156 -51.34 -59.62 77.31
N LYS O 157 -51.39 -59.08 78.52
CA LYS O 157 -51.15 -57.66 78.75
C LYS O 157 -49.66 -57.39 78.87
N TYR O 158 -49.20 -56.36 78.18
CA TYR O 158 -47.80 -55.95 78.23
C TYR O 158 -47.71 -54.48 78.59
N SER O 159 -46.87 -54.17 79.57
CA SER O 159 -46.57 -52.79 79.86
C SER O 159 -45.64 -52.22 78.79
N VAL O 160 -45.51 -50.90 78.77
CA VAL O 160 -44.69 -50.25 77.75
C VAL O 160 -43.23 -50.69 77.86
N ASP O 161 -42.72 -50.81 79.09
CA ASP O 161 -41.32 -51.20 79.27
C ASP O 161 -41.05 -52.58 78.69
N GLU O 162 -41.96 -53.54 78.92
CA GLU O 162 -41.76 -54.87 78.38
C GLU O 162 -41.86 -54.87 76.86
N PHE O 163 -42.78 -54.09 76.30
CA PHE O 163 -42.98 -54.08 74.86
C PHE O 163 -41.89 -53.32 74.12
N THR O 164 -41.08 -52.52 74.84
CA THR O 164 -39.97 -51.84 74.19
C THR O 164 -39.02 -52.80 73.51
N SER O 165 -38.94 -54.05 73.99
CA SER O 165 -38.10 -55.05 73.34
C SER O 165 -38.59 -55.33 71.92
N ARG O 166 -39.90 -55.55 71.77
CA ARG O 166 -40.47 -55.73 70.45
C ARG O 166 -40.31 -54.49 69.58
N VAL O 167 -40.49 -53.31 70.17
CA VAL O 167 -40.30 -52.08 69.39
C VAL O 167 -38.87 -52.01 68.85
N ALA O 168 -37.88 -52.27 69.70
CA ALA O 168 -36.49 -52.21 69.27
C ALA O 168 -36.17 -53.27 68.23
N GLY O 169 -36.70 -54.48 68.40
CA GLY O 169 -36.47 -55.52 67.41
C GLY O 169 -37.04 -55.14 66.06
N LEU O 170 -38.26 -54.60 66.05
CA LEU O 170 -38.86 -54.16 64.80
C LEU O 170 -38.05 -53.04 64.16
N ILE O 171 -37.54 -52.12 64.99
CA ILE O 171 -36.73 -51.03 64.46
C ILE O 171 -35.46 -51.56 63.81
N ALA O 172 -34.79 -52.50 64.48
CA ALA O 172 -33.54 -53.01 63.94
C ALA O 172 -33.76 -53.93 62.74
N GLY O 173 -34.97 -54.49 62.60
CA GLY O 173 -35.22 -55.40 61.50
C GLY O 173 -35.18 -54.72 60.15
N THR O 174 -35.68 -53.50 60.06
CA THR O 174 -35.86 -52.85 58.77
C THR O 174 -34.51 -52.50 58.13
N PRO O 175 -34.44 -52.50 56.80
CA PRO O 175 -33.22 -52.04 56.12
C PRO O 175 -33.05 -50.54 56.23
N LEU O 176 -31.97 -50.02 55.65
CA LEU O 176 -31.73 -48.58 55.68
C LEU O 176 -32.46 -47.84 54.57
N SER O 177 -32.77 -48.52 53.47
CA SER O 177 -33.44 -47.86 52.36
C SER O 177 -34.85 -47.44 52.73
N GLN O 178 -35.50 -48.21 53.60
CA GLN O 178 -36.87 -47.91 53.99
C GLN O 178 -36.92 -47.28 55.38
N SER O 179 -38.11 -46.78 55.73
CA SER O 179 -38.36 -46.18 57.03
C SER O 179 -39.24 -47.09 57.87
N VAL O 180 -39.29 -46.80 59.17
CA VAL O 180 -40.10 -47.59 60.09
C VAL O 180 -41.55 -47.12 60.13
N THR O 181 -41.86 -46.00 59.50
CA THR O 181 -43.19 -45.41 59.61
C THR O 181 -44.23 -46.28 58.93
N TYR O 182 -45.41 -46.37 59.55
CA TYR O 182 -46.63 -46.81 58.89
C TYR O 182 -46.53 -48.30 58.51
N THR O 183 -46.16 -49.10 59.50
CA THR O 183 -45.92 -50.53 59.32
C THR O 183 -46.85 -51.33 60.21
N LYS O 184 -47.45 -52.36 59.64
CA LYS O 184 -48.41 -53.20 60.37
C LYS O 184 -47.69 -54.09 61.37
N LEU O 185 -48.42 -54.45 62.43
CA LEU O 185 -47.96 -55.40 63.44
C LEU O 185 -49.09 -56.42 63.63
N SER O 186 -49.00 -57.55 62.91
CA SER O 186 -50.06 -58.54 62.96
C SER O 186 -50.20 -59.20 64.34
N ASP O 187 -49.16 -59.15 65.16
CA ASP O 187 -49.22 -59.83 66.46
C ASP O 187 -50.18 -59.12 67.41
N VAL O 188 -50.08 -57.80 67.52
CA VAL O 188 -50.94 -57.06 68.43
C VAL O 188 -52.35 -57.00 67.85
N VAL O 189 -53.35 -57.15 68.72
CA VAL O 189 -54.73 -57.29 68.24
C VAL O 189 -55.61 -56.12 68.69
N ASP O 190 -55.29 -55.48 69.81
CA ASP O 190 -56.09 -54.33 70.21
C ASP O 190 -55.25 -53.33 71.00
N ILE O 191 -55.57 -52.05 70.81
CA ILE O 191 -54.94 -50.95 71.53
C ILE O 191 -56.01 -50.11 72.19
N PRO O 192 -55.72 -49.60 73.39
CA PRO O 192 -56.65 -48.65 74.02
C PRO O 192 -56.99 -47.49 73.08
N LYS O 193 -58.28 -47.17 73.02
CA LYS O 193 -58.77 -46.19 72.06
C LYS O 193 -58.37 -44.78 72.47
N MET O 194 -58.01 -43.97 71.47
CA MET O 194 -57.57 -42.60 71.69
C MET O 194 -57.71 -41.83 70.38
N THR O 195 -58.12 -40.58 70.48
CA THR O 195 -58.53 -39.80 69.32
C THR O 195 -57.33 -39.39 68.48
N LYS O 196 -57.63 -38.86 67.28
CA LYS O 196 -56.58 -38.51 66.33
C LYS O 196 -55.85 -37.23 66.75
N VAL O 197 -56.59 -36.24 67.26
CA VAL O 197 -55.95 -34.98 67.63
C VAL O 197 -54.98 -35.17 68.78
N ASP O 198 -55.33 -36.06 69.72
CA ASP O 198 -54.40 -36.37 70.81
C ASP O 198 -53.13 -37.00 70.27
N ALA O 199 -53.26 -37.92 69.30
CA ALA O 199 -52.09 -38.54 68.71
C ALA O 199 -51.23 -37.51 67.99
N GLU O 200 -51.86 -36.58 67.28
CA GLU O 200 -51.10 -35.55 66.58
C GLU O 200 -50.34 -34.69 67.56
N SER O 201 -51.01 -34.24 68.62
CA SER O 201 -50.32 -33.42 69.62
C SER O 201 -49.18 -34.19 70.27
N ARG O 202 -49.40 -35.46 70.60
CA ARG O 202 -48.37 -36.24 71.27
C ARG O 202 -47.18 -36.50 70.35
N VAL O 203 -47.43 -36.75 69.06
CA VAL O 203 -46.34 -36.91 68.10
C VAL O 203 -45.55 -35.62 67.99
N ASN O 204 -46.23 -34.48 68.02
CA ASN O 204 -45.52 -33.20 68.02
C ASN O 204 -44.64 -33.05 69.26
N LYS O 205 -44.93 -33.78 70.34
CA LYS O 205 -44.14 -33.71 71.55
C LYS O 205 -42.88 -34.58 71.49
N GLY O 206 -42.51 -35.09 70.32
CA GLY O 206 -41.35 -35.95 70.20
C GLY O 206 -41.58 -37.39 70.64
N GLU O 207 -42.81 -37.77 70.94
CA GLU O 207 -43.12 -39.11 71.40
C GLU O 207 -43.53 -40.00 70.23
N LEU O 208 -43.12 -41.26 70.27
CA LEU O 208 -43.50 -42.24 69.25
C LEU O 208 -44.62 -43.11 69.82
N ILE O 209 -45.73 -43.20 69.08
CA ILE O 209 -46.95 -43.83 69.58
C ILE O 209 -47.50 -44.80 68.55
N LEU O 210 -48.34 -45.71 69.01
CA LEU O 210 -48.98 -46.73 68.20
C LEU O 210 -50.41 -46.31 67.89
N ILE O 211 -50.80 -46.36 66.63
CA ILE O 211 -52.07 -45.81 66.18
C ILE O 211 -52.86 -46.91 65.47
N LYS O 212 -54.17 -46.93 65.71
CA LYS O 212 -55.11 -47.80 65.01
C LYS O 212 -55.73 -47.01 63.86
N GLU O 213 -55.39 -47.38 62.63
CA GLU O 213 -55.96 -46.72 61.46
C GLU O 213 -55.74 -47.64 60.26
N ALA O 214 -56.61 -47.52 59.27
CA ALA O 214 -56.74 -48.47 58.16
C ALA O 214 -57.07 -49.84 58.75
N GLY O 215 -56.59 -50.91 58.10
CA GLY O 215 -56.99 -52.24 58.50
C GLY O 215 -56.40 -52.73 59.80
N ALA O 216 -55.13 -52.40 60.07
CA ALA O 216 -54.40 -53.00 61.18
C ALA O 216 -53.77 -51.93 62.06
N ILE O 217 -53.06 -52.39 63.09
CA ILE O 217 -52.36 -51.51 64.01
C ILE O 217 -50.98 -51.21 63.46
N ARG O 218 -50.62 -49.94 63.40
CA ARG O 218 -49.42 -49.50 62.70
C ARG O 218 -48.70 -48.38 63.45
N ILE O 219 -47.40 -48.27 63.20
CA ILE O 219 -46.59 -47.20 63.77
C ILE O 219 -46.92 -45.89 63.07
N ALA O 220 -46.86 -44.79 63.81
CA ALA O 220 -47.20 -43.47 63.30
C ALA O 220 -45.96 -42.58 63.29
N ARG O 221 -45.31 -42.49 62.13
CA ARG O 221 -44.26 -41.51 61.84
C ARG O 221 -43.22 -41.48 62.95
N GLY O 222 -42.44 -42.55 63.01
CA GLY O 222 -41.39 -42.68 63.99
C GLY O 222 -40.38 -41.56 63.99
N VAL O 223 -40.16 -40.95 65.16
CA VAL O 223 -39.23 -39.84 65.33
C VAL O 223 -38.48 -40.01 66.64
N ASN O 224 -37.38 -39.27 66.77
CA ASN O 224 -36.58 -39.30 67.98
C ASN O 224 -37.28 -38.56 69.10
N SER O 225 -36.60 -38.47 70.25
CA SER O 225 -37.20 -37.86 71.42
C SER O 225 -36.84 -36.39 71.58
N LEU O 226 -36.01 -35.83 70.70
CA LEU O 226 -35.65 -34.43 70.83
C LEU O 226 -36.78 -33.54 70.32
N THR O 227 -36.99 -32.42 71.00
CA THR O 227 -38.04 -31.48 70.64
C THR O 227 -37.54 -30.07 70.38
N GLU O 228 -36.51 -29.62 71.09
CA GLU O 228 -35.97 -28.30 70.89
C GLU O 228 -35.15 -28.27 69.61
N LEU O 229 -35.26 -27.18 68.85
CA LEU O 229 -34.55 -27.03 67.59
C LEU O 229 -33.54 -25.90 67.74
N THR O 230 -32.28 -26.21 67.49
CA THR O 230 -31.23 -25.19 67.52
C THR O 230 -30.83 -24.82 66.10
N ALA O 231 -29.78 -24.00 65.98
CA ALA O 231 -29.35 -23.54 64.66
C ALA O 231 -28.67 -24.66 63.88
N GLU O 232 -27.80 -25.43 64.55
CA GLU O 232 -27.09 -26.49 63.86
C GLU O 232 -27.88 -27.79 63.84
N LYS O 233 -28.68 -28.04 64.87
CA LYS O 233 -29.57 -29.20 64.91
C LYS O 233 -30.85 -28.84 64.16
N GLY O 234 -30.90 -29.14 62.87
CA GLY O 234 -32.01 -28.75 62.05
C GLY O 234 -33.18 -29.71 62.14
N GLU O 235 -34.11 -29.54 61.20
CA GLU O 235 -35.34 -30.33 61.21
C GLU O 235 -35.05 -31.80 60.94
N MET O 236 -34.20 -32.09 59.95
CA MET O 236 -33.97 -33.46 59.53
C MET O 236 -33.33 -34.31 60.63
N PHE O 237 -32.78 -33.69 61.67
CA PHE O 237 -32.22 -34.47 62.76
C PHE O 237 -33.29 -35.13 63.62
N GLN O 238 -34.56 -34.93 63.28
CA GLN O 238 -35.65 -35.51 64.05
C GLN O 238 -36.13 -36.85 63.48
N LYS O 239 -35.61 -37.26 62.33
CA LYS O 239 -36.03 -38.49 61.68
C LYS O 239 -35.09 -39.63 62.06
N ILE O 240 -35.66 -40.80 62.32
CA ILE O 240 -34.84 -41.96 62.68
C ILE O 240 -33.96 -42.39 61.52
N LYS O 241 -34.52 -42.43 60.31
CA LYS O 241 -33.77 -42.92 59.16
C LYS O 241 -32.55 -42.05 58.88
N ILE O 242 -32.72 -40.73 58.94
CA ILE O 242 -31.63 -39.82 58.60
C ILE O 242 -30.52 -39.90 59.64
N VAL O 243 -30.87 -39.89 60.92
CA VAL O 243 -29.85 -39.99 61.95
C VAL O 243 -29.15 -41.35 61.88
N ASP O 244 -29.88 -42.38 61.48
CA ASP O 244 -29.28 -43.72 61.38
C ASP O 244 -28.25 -43.75 60.25
N THR O 245 -28.60 -43.24 59.07
CA THR O 245 -27.64 -43.25 57.99
C THR O 245 -26.45 -42.34 58.28
N LEU O 246 -26.68 -41.23 58.99
CA LEU O 246 -25.56 -40.39 59.42
C LEU O 246 -24.64 -41.17 60.35
N ASP O 247 -25.21 -41.95 61.27
CA ASP O 247 -24.38 -42.73 62.19
C ASP O 247 -23.54 -43.74 61.43
N ILE O 248 -24.13 -44.40 60.43
CA ILE O 248 -23.37 -45.40 59.69
C ILE O 248 -22.26 -44.73 58.89
N ILE O 249 -22.51 -43.54 58.34
CA ILE O 249 -21.47 -42.82 57.62
C ILE O 249 -20.31 -42.49 58.56
N HIS O 250 -20.65 -41.99 59.75
CA HIS O 250 -19.62 -41.65 60.73
C HIS O 250 -18.76 -42.86 61.04
N SER O 251 -19.39 -43.98 61.38
CA SER O 251 -18.64 -45.16 61.80
C SER O 251 -17.75 -45.67 60.67
N ASP O 252 -18.28 -45.73 59.45
CA ASP O 252 -17.50 -46.24 58.33
C ASP O 252 -16.29 -45.36 58.05
N ILE O 253 -16.49 -44.04 57.98
CA ILE O 253 -15.38 -43.16 57.65
C ILE O 253 -14.33 -43.20 58.76
N ARG O 254 -14.77 -43.21 60.03
CA ARG O 254 -13.81 -43.27 61.12
C ARG O 254 -13.00 -44.54 61.06
N LYS O 255 -13.65 -45.69 60.80
CA LYS O 255 -12.91 -46.95 60.74
C LYS O 255 -11.89 -46.93 59.61
N VAL O 256 -12.28 -46.43 58.44
CA VAL O 256 -11.33 -46.36 57.32
C VAL O 256 -10.13 -45.50 57.70
N ILE O 257 -10.40 -44.33 58.28
CA ILE O 257 -9.33 -43.39 58.60
C ILE O 257 -8.36 -44.01 59.61
N ILE O 258 -8.89 -44.59 60.68
CA ILE O 258 -8.00 -45.15 61.69
C ILE O 258 -7.25 -46.36 61.14
N ASP O 259 -7.88 -47.14 60.28
CA ASP O 259 -7.25 -48.38 59.83
C ASP O 259 -6.13 -48.12 58.83
N ASP O 260 -6.28 -47.13 57.95
CA ASP O 260 -5.38 -47.03 56.81
C ASP O 260 -4.45 -45.82 56.87
N TYR O 261 -4.96 -44.65 57.23
CA TYR O 261 -4.24 -43.39 57.00
C TYR O 261 -3.61 -42.81 58.27
N ILE O 262 -3.67 -43.51 59.40
CA ILE O 262 -3.15 -42.99 60.65
C ILE O 262 -1.75 -43.54 60.86
N GLY O 263 -0.76 -42.65 60.90
CA GLY O 263 0.60 -43.02 61.20
C GLY O 263 1.26 -43.87 60.14
N LYS O 264 0.76 -43.81 58.90
CA LYS O 264 1.33 -44.59 57.81
C LYS O 264 1.51 -43.81 56.52
N VAL O 265 1.05 -42.57 56.46
CA VAL O 265 1.19 -41.75 55.26
C VAL O 265 1.70 -40.38 55.66
N THR O 266 2.68 -39.87 54.91
CA THR O 266 3.24 -38.56 55.19
C THR O 266 2.24 -37.47 54.85
N ASN O 267 2.17 -36.46 55.73
CA ASN O 267 1.26 -35.34 55.54
C ASN O 267 1.78 -34.43 54.45
N SER O 268 1.30 -34.62 53.24
CA SER O 268 1.70 -33.78 52.10
C SER O 268 0.48 -33.53 51.24
N TYR O 269 0.62 -32.59 50.30
CA TYR O 269 -0.49 -32.21 49.45
C TYR O 269 -1.02 -33.40 48.65
N ASP O 270 -0.12 -34.19 48.07
CA ASP O 270 -0.54 -35.31 47.25
C ASP O 270 -1.24 -36.39 48.08
N ASN O 271 -0.75 -36.64 49.29
CA ASN O 271 -1.42 -37.58 50.16
C ASN O 271 -2.81 -37.09 50.54
N LYS O 272 -2.95 -35.78 50.77
CA LYS O 272 -4.26 -35.20 51.05
C LYS O 272 -5.20 -35.39 49.87
N CYS O 273 -4.70 -35.17 48.65
CA CYS O 273 -5.53 -35.37 47.47
C CYS O 273 -5.96 -36.84 47.36
N LEU O 274 -5.05 -37.76 47.66
CA LEU O 274 -5.40 -39.18 47.62
C LEU O 274 -6.48 -39.51 48.64
N LEU O 275 -6.36 -38.94 49.85
CA LEU O 275 -7.38 -39.16 50.87
C LEU O 275 -8.72 -38.61 50.43
N ILE O 276 -8.73 -37.43 49.81
CA ILE O 276 -9.97 -36.85 49.29
C ILE O 276 -10.58 -37.78 48.25
N VAL O 277 -9.76 -38.31 47.36
CA VAL O 277 -10.27 -39.21 46.32
C VAL O 277 -10.89 -40.46 46.94
N ALA O 278 -10.22 -41.02 47.96
CA ALA O 278 -10.76 -42.21 48.61
C ALA O 278 -12.10 -41.92 49.28
N ILE O 279 -12.19 -40.78 49.97
CA ILE O 279 -13.44 -40.42 50.64
C ILE O 279 -14.55 -40.23 49.62
N LYS O 280 -14.25 -39.55 48.52
CA LYS O 280 -15.24 -39.36 47.46
C LYS O 280 -15.69 -40.70 46.88
N SER O 281 -14.75 -41.63 46.71
CA SER O 281 -15.11 -42.94 46.20
C SER O 281 -16.08 -43.66 47.14
N TYR O 282 -15.80 -43.59 48.44
CA TYR O 282 -16.72 -44.22 49.39
C TYR O 282 -18.09 -43.56 49.35
N LEU O 283 -18.12 -42.23 49.25
CA LEU O 283 -19.41 -41.54 49.19
C LEU O 283 -20.20 -41.93 47.94
N GLU O 284 -19.52 -42.05 46.80
CA GLU O 284 -20.20 -42.49 45.59
C GLU O 284 -20.73 -43.91 45.75
N GLU O 285 -19.94 -44.78 46.38
CA GLU O 285 -20.40 -46.14 46.61
C GLU O 285 -21.66 -46.15 47.46
N LEU O 286 -21.69 -45.33 48.51
CA LEU O 286 -22.91 -45.21 49.31
C LEU O 286 -24.06 -44.66 48.50
N GLU O 287 -23.79 -43.72 47.60
CA GLU O 287 -24.84 -43.16 46.76
C GLU O 287 -25.45 -44.24 45.87
N LYS O 288 -24.64 -45.18 45.40
CA LYS O 288 -25.17 -46.26 44.56
C LYS O 288 -26.27 -47.04 45.26
N SER O 289 -26.14 -47.23 46.58
CA SER O 289 -27.17 -47.92 47.34
C SER O 289 -28.39 -47.06 47.60
N ALA O 290 -28.45 -45.86 47.01
CA ALA O 290 -29.58 -44.93 47.13
C ALA O 290 -29.86 -44.51 48.57
N LEU O 291 -28.84 -44.06 49.29
CA LEU O 291 -29.07 -43.49 50.62
C LEU O 291 -28.84 -41.99 50.64
N ILE O 292 -28.03 -41.47 49.71
CA ILE O 292 -27.81 -40.03 49.60
C ILE O 292 -28.04 -39.61 48.17
N GLU O 293 -28.05 -38.31 47.92
CA GLU O 293 -28.25 -37.80 46.57
C GLU O 293 -27.05 -38.13 45.70
N SER O 294 -27.23 -37.96 44.38
CA SER O 294 -26.20 -38.39 43.43
C SER O 294 -24.92 -37.59 43.60
N ASP O 295 -24.99 -36.27 43.38
CA ASP O 295 -23.81 -35.43 43.38
C ASP O 295 -23.45 -35.06 44.81
N SER O 296 -22.19 -35.26 45.17
CA SER O 296 -21.65 -34.83 46.45
C SER O 296 -20.24 -34.31 46.23
N THR O 297 -19.81 -33.39 47.09
CA THR O 297 -18.50 -32.77 46.94
C THR O 297 -17.71 -32.87 48.23
N VAL O 298 -16.41 -33.16 48.10
CA VAL O 298 -15.48 -33.17 49.22
C VAL O 298 -14.23 -32.41 48.79
N GLU O 299 -13.75 -31.52 49.64
CA GLU O 299 -12.59 -30.71 49.31
C GLU O 299 -11.94 -30.21 50.58
N ILE O 300 -10.74 -29.65 50.42
CA ILE O 300 -9.96 -29.20 51.56
C ILE O 300 -10.62 -27.98 52.22
N ASP O 301 -10.63 -27.97 53.54
CA ASP O 301 -11.24 -26.88 54.29
C ASP O 301 -10.25 -25.73 54.42
N PHE O 302 -10.48 -24.66 53.64
CA PHE O 302 -9.53 -23.57 53.59
C PHE O 302 -9.61 -22.65 54.80
N GLU O 303 -10.80 -22.40 55.32
CA GLU O 303 -10.96 -21.45 56.42
C GLU O 303 -10.20 -21.91 57.67
N ALA O 304 -10.42 -23.15 58.09
CA ALA O 304 -9.77 -23.65 59.29
C ALA O 304 -8.27 -23.72 59.13
N GLN O 305 -7.81 -24.13 57.94
CA GLN O 305 -6.37 -24.18 57.68
C GLN O 305 -5.76 -22.78 57.76
N LYS O 306 -6.43 -21.79 57.17
CA LYS O 306 -5.91 -20.42 57.24
C LYS O 306 -5.86 -19.93 58.67
N SER O 307 -6.91 -20.21 59.46
CA SER O 307 -6.92 -19.78 60.85
C SER O 307 -5.78 -20.45 61.63
N TYR O 308 -5.57 -21.75 61.40
CA TYR O 308 -4.49 -22.46 62.09
C TYR O 308 -3.13 -21.90 61.71
N LEU O 309 -2.92 -21.60 60.43
CA LEU O 309 -1.67 -20.98 60.02
C LEU O 309 -1.48 -19.62 60.70
N LYS O 310 -2.54 -18.83 60.77
CA LYS O 310 -2.47 -17.55 61.45
C LYS O 310 -2.14 -17.72 62.91
N SER O 311 -2.60 -18.81 63.52
CA SER O 311 -2.31 -19.06 64.93
C SER O 311 -0.82 -19.30 65.16
N LYS O 312 -0.08 -19.66 64.10
CA LYS O 312 1.37 -19.84 64.19
C LYS O 312 2.13 -18.57 63.85
N GLY O 313 1.45 -17.49 63.50
CA GLY O 313 2.11 -16.24 63.20
C GLY O 313 2.69 -16.14 61.81
N VAL O 314 2.52 -17.16 60.98
CA VAL O 314 3.05 -17.09 59.62
C VAL O 314 2.34 -15.98 58.84
N ASP O 315 3.07 -15.35 57.93
CA ASP O 315 2.55 -14.21 57.16
C ASP O 315 2.03 -14.70 55.82
N LEU O 316 0.71 -14.78 55.72
CA LEU O 316 0.04 -15.21 54.49
C LEU O 316 -0.47 -14.03 53.66
N SER O 317 0.05 -12.83 53.90
CA SER O 317 -0.44 -11.65 53.19
C SER O 317 -0.21 -11.76 51.69
N TYR O 318 0.98 -12.23 51.29
CA TYR O 318 1.29 -12.31 49.87
C TYR O 318 0.94 -13.67 49.28
N MET O 319 0.89 -14.71 50.11
CA MET O 319 0.59 -16.04 49.61
C MET O 319 -0.81 -16.09 49.02
N THR O 320 -0.92 -16.66 47.82
CA THR O 320 -2.19 -16.79 47.13
C THR O 320 -2.96 -17.99 47.67
N LEU O 321 -4.25 -18.04 47.34
CA LEU O 321 -5.13 -19.10 47.85
C LEU O 321 -4.52 -20.48 47.64
N GLN O 322 -4.10 -20.78 46.42
CA GLN O 322 -3.57 -22.10 46.12
C GLN O 322 -2.28 -22.37 46.91
N GLU O 323 -1.41 -21.36 47.01
CA GLU O 323 -0.22 -21.49 47.82
C GLU O 323 -0.57 -21.73 49.28
N ILE O 324 -1.60 -21.05 49.78
CA ILE O 324 -2.04 -21.26 51.15
C ILE O 324 -2.49 -22.71 51.35
N LYS O 325 -3.20 -23.26 50.36
CA LYS O 325 -3.61 -24.65 50.47
C LYS O 325 -2.41 -25.60 50.48
N GLU O 326 -1.39 -25.31 49.68
CA GLU O 326 -0.22 -26.20 49.67
C GLU O 326 0.61 -26.07 50.94
N ALA O 327 0.33 -25.06 51.77
CA ALA O 327 1.18 -24.79 52.91
C ALA O 327 1.19 -25.98 53.87
N ASN O 328 2.33 -26.22 54.49
CA ASN O 328 2.47 -27.32 55.43
C ASN O 328 1.66 -27.06 56.69
N THR O 329 1.09 -28.13 57.26
CA THR O 329 0.29 -28.03 58.46
C THR O 329 0.83 -28.86 59.61
N GLY O 330 1.72 -29.81 59.34
CA GLY O 330 2.31 -30.57 60.43
C GLY O 330 1.39 -31.57 61.09
N SER O 331 1.05 -32.66 60.40
CA SER O 331 0.33 -33.80 60.96
C SER O 331 -1.14 -33.48 61.24
N LYS O 332 -1.63 -32.34 60.76
CA LYS O 332 -3.05 -32.04 60.90
C LYS O 332 -3.69 -31.84 59.53
N VAL O 333 -4.92 -32.33 59.39
CA VAL O 333 -5.65 -32.29 58.13
C VAL O 333 -7.01 -31.64 58.39
N PHE O 334 -7.46 -30.82 57.44
CA PHE O 334 -8.75 -30.14 57.53
C PHE O 334 -9.51 -30.34 56.23
N LEU O 335 -10.69 -30.97 56.33
CA LEU O 335 -11.50 -31.26 55.16
C LEU O 335 -12.95 -30.94 55.46
N LYS O 336 -13.69 -30.55 54.42
CA LYS O 336 -15.12 -30.30 54.52
C LYS O 336 -15.82 -30.96 53.35
N ALA O 337 -17.03 -31.46 53.59
CA ALA O 337 -17.80 -32.19 52.59
C ALA O 337 -19.26 -31.78 52.64
N LYS O 338 -19.95 -31.92 51.51
CA LYS O 338 -21.35 -31.56 51.39
C LYS O 338 -22.13 -32.73 50.82
N ILE O 339 -23.16 -33.17 51.54
CA ILE O 339 -24.00 -34.29 51.13
C ILE O 339 -25.46 -33.94 51.32
N LYS O 340 -26.33 -34.72 50.68
CA LYS O 340 -27.77 -34.57 50.79
C LYS O 340 -28.39 -35.94 51.05
N VAL O 341 -29.08 -36.09 52.17
CA VAL O 341 -29.62 -37.37 52.61
C VAL O 341 -31.03 -37.50 52.09
N LEU O 342 -31.34 -38.64 51.47
CA LEU O 342 -32.69 -38.90 50.98
C LEU O 342 -33.59 -39.39 52.12
N ASP O 343 -34.88 -39.49 51.84
CA ASP O 343 -35.85 -39.97 52.80
C ASP O 343 -36.98 -40.68 52.07
N ALA O 344 -37.73 -41.50 52.81
CA ALA O 344 -38.83 -42.24 52.21
C ALA O 344 -40.04 -41.35 52.01
N MET O 345 -40.83 -41.64 50.97
CA MET O 345 -42.07 -40.91 50.76
C MET O 345 -43.00 -41.09 51.95
N GLU O 346 -43.50 -39.97 52.46
CA GLU O 346 -44.33 -39.98 53.65
C GLU O 346 -45.62 -39.19 53.52
N ASP O 347 -45.64 -38.13 52.72
CA ASP O 347 -46.82 -37.28 52.57
C ASP O 347 -47.03 -37.01 51.09
N ILE O 348 -48.12 -37.54 50.54
CA ILE O 348 -48.42 -37.42 49.12
C ILE O 348 -49.68 -36.59 48.95
N ASP O 349 -49.58 -35.55 48.14
CA ASP O 349 -50.70 -34.66 47.84
C ASP O 349 -50.96 -34.70 46.35
N LEU O 350 -52.13 -35.21 45.97
CA LEU O 350 -52.53 -35.32 44.57
C LEU O 350 -53.77 -34.47 44.33
N SER O 351 -53.73 -33.67 43.27
CA SER O 351 -54.84 -32.79 42.91
C SER O 351 -55.38 -33.23 41.55
N ILE O 352 -56.64 -33.64 41.53
CA ILE O 352 -57.29 -34.12 40.32
C ILE O 352 -58.41 -33.14 39.97
N GLU O 353 -58.42 -32.69 38.72
CA GLU O 353 -59.47 -31.81 38.24
C GLU O 353 -60.25 -32.54 37.14
N ILE O 354 -61.56 -32.41 37.17
CA ILE O 354 -62.43 -33.13 36.23
C ILE O 354 -62.37 -32.48 34.86
N ALA P 2 -44.77 -28.58 61.68
CA ALA P 2 -44.40 -29.59 62.66
C ALA P 2 -44.64 -30.99 62.11
N ILE P 3 -44.11 -31.99 62.82
CA ILE P 3 -44.25 -33.37 62.36
C ILE P 3 -45.56 -33.95 62.84
N GLY P 4 -46.48 -34.19 61.91
CA GLY P 4 -47.78 -34.76 62.23
C GLY P 4 -47.94 -36.14 61.63
N LEU P 5 -49.17 -36.61 61.68
CA LEU P 5 -49.48 -37.91 61.08
C LEU P 5 -49.29 -37.81 59.57
N PRO P 6 -48.98 -38.94 58.90
CA PRO P 6 -48.84 -38.90 57.44
C PRO P 6 -50.12 -38.42 56.78
N SER P 7 -49.97 -37.62 55.73
CA SER P 7 -51.09 -36.99 55.05
C SER P 7 -51.22 -37.56 53.64
N ILE P 8 -52.37 -38.16 53.36
CA ILE P 8 -52.75 -38.55 52.01
C ILE P 8 -54.10 -37.91 51.72
N ASN P 9 -54.12 -37.00 50.75
CA ASN P 9 -55.35 -36.27 50.43
C ASN P 9 -55.55 -36.25 48.93
N ILE P 10 -56.78 -36.50 48.52
CA ILE P 10 -57.18 -36.49 47.12
C ILE P 10 -58.24 -35.41 46.95
N SER P 11 -57.99 -34.50 46.01
CA SER P 11 -58.85 -33.34 45.81
C SER P 11 -59.42 -33.37 44.40
N PHE P 12 -60.73 -33.14 44.29
CA PHE P 12 -61.41 -33.02 43.01
C PHE P 12 -61.92 -31.60 42.86
N LYS P 13 -61.57 -30.94 41.75
CA LYS P 13 -61.99 -29.58 41.48
C LYS P 13 -62.50 -29.48 40.05
N GLU P 14 -63.39 -28.52 39.80
CA GLU P 14 -63.96 -28.34 38.48
C GLU P 14 -63.09 -27.44 37.61
N LEU P 15 -63.10 -27.70 36.30
CA LEU P 15 -62.58 -26.75 35.33
C LEU P 15 -63.62 -25.65 35.14
N ALA P 16 -63.46 -24.60 35.95
CA ALA P 16 -64.45 -23.54 35.97
C ALA P 16 -64.38 -22.70 34.70
N THR P 17 -64.82 -23.26 33.58
CA THR P 17 -64.88 -22.52 32.34
C THR P 17 -65.79 -21.32 32.51
N THR P 18 -65.22 -20.12 32.41
CA THR P 18 -65.91 -18.91 32.82
C THR P 18 -65.88 -17.89 31.71
N VAL P 19 -67.06 -17.34 31.42
CA VAL P 19 -67.19 -16.13 30.62
C VAL P 19 -67.71 -15.05 31.55
N LYS P 20 -67.01 -13.91 31.59
CA LYS P 20 -67.29 -12.91 32.61
C LYS P 20 -68.71 -12.39 32.47
N GLU P 21 -69.38 -12.20 33.60
CA GLU P 21 -70.72 -11.65 33.64
C GLU P 21 -70.65 -10.14 33.48
N ARG P 22 -71.37 -9.62 32.50
CA ARG P 22 -71.43 -8.18 32.25
C ARG P 22 -72.76 -7.64 32.72
N SER P 23 -72.88 -6.31 32.70
CA SER P 23 -74.09 -5.65 33.16
C SER P 23 -75.29 -6.10 32.35
N ALA P 24 -76.37 -6.43 33.03
CA ALA P 24 -77.58 -6.90 32.36
C ALA P 24 -78.21 -5.78 31.54
N ARG P 25 -78.71 -6.12 30.37
CA ARG P 25 -79.32 -5.16 29.46
C ARG P 25 -80.66 -5.69 28.97
N GLY P 26 -81.62 -4.77 28.78
CA GLY P 26 -82.93 -5.13 28.31
C GLY P 26 -84.04 -5.09 29.33
N ILE P 27 -83.79 -4.58 30.52
CA ILE P 27 -84.77 -4.58 31.60
C ILE P 27 -85.59 -3.29 31.53
N ILE P 28 -86.90 -3.44 31.70
CA ILE P 28 -87.83 -2.32 31.61
C ILE P 28 -88.34 -2.00 33.01
N ALA P 29 -88.38 -0.71 33.35
CA ALA P 29 -88.95 -0.25 34.60
C ALA P 29 -90.35 0.28 34.31
N MET P 30 -91.35 -0.32 34.93
CA MET P 30 -92.74 0.02 34.69
C MET P 30 -93.34 0.58 35.98
N VAL P 31 -94.00 1.73 35.87
CA VAL P 31 -94.63 2.38 37.01
C VAL P 31 -96.09 2.66 36.67
N LEU P 32 -96.98 2.31 37.59
CA LEU P 32 -98.41 2.36 37.35
C LEU P 32 -99.10 2.56 38.70
N LYS P 33 -100.24 3.24 38.69
CA LYS P 33 -100.95 3.58 39.91
C LYS P 33 -102.24 2.78 40.03
N ASP P 34 -102.54 2.32 41.24
CA ASP P 34 -103.70 1.49 41.51
C ASP P 34 -104.00 1.49 43.00
N ALA P 35 -104.89 0.57 43.39
CA ALA P 35 -105.22 0.33 44.78
C ALA P 35 -105.00 -1.12 45.20
N LYS P 36 -104.44 -1.95 44.33
CA LYS P 36 -104.22 -3.36 44.62
C LYS P 36 -102.80 -3.77 44.23
N ALA P 37 -102.26 -4.73 44.97
CA ALA P 37 -100.92 -5.28 44.72
C ALA P 37 -99.87 -4.18 44.64
N LEU P 38 -99.90 -3.28 45.62
CA LEU P 38 -98.97 -2.16 45.63
C LEU P 38 -97.54 -2.65 45.82
N GLY P 39 -96.59 -1.86 45.33
CA GLY P 39 -95.20 -2.26 45.33
C GLY P 39 -94.80 -2.92 44.01
N LEU P 40 -93.55 -3.32 43.96
CA LEU P 40 -93.05 -4.01 42.78
C LEU P 40 -93.74 -5.37 42.64
N ASN P 41 -93.91 -5.82 41.39
CA ASN P 41 -94.59 -7.07 41.13
C ASN P 41 -93.73 -8.09 40.39
N GLU P 42 -92.64 -7.65 39.75
CA GLU P 42 -91.61 -8.55 39.23
C GLU P 42 -92.20 -9.55 38.23
N ILE P 43 -92.66 -9.01 37.09
CA ILE P 43 -93.23 -9.85 36.02
C ILE P 43 -92.04 -10.26 35.15
N HIS P 44 -91.35 -11.32 35.59
CA HIS P 44 -90.24 -11.85 34.80
C HIS P 44 -90.75 -12.68 33.63
N GLU P 45 -91.94 -13.23 33.75
CA GLU P 45 -92.50 -14.13 32.76
C GLU P 45 -93.73 -13.50 32.13
N LYS P 46 -93.88 -13.68 30.81
CA LYS P 46 -95.02 -13.13 30.10
C LYS P 46 -96.34 -13.67 30.62
N GLU P 47 -96.39 -14.95 31.01
CA GLU P 47 -97.66 -15.58 31.30
C GLU P 47 -98.24 -15.11 32.63
N ASP P 48 -97.41 -14.94 33.66
CA ASP P 48 -97.91 -14.71 35.00
C ASP P 48 -98.16 -13.22 35.22
N ILE P 49 -99.38 -12.88 35.62
CA ILE P 49 -99.79 -11.51 35.91
C ILE P 49 -100.55 -11.53 37.23
N PRO P 50 -100.35 -10.56 38.12
CA PRO P 50 -101.21 -10.48 39.30
C PRO P 50 -102.66 -10.28 38.90
N VAL P 51 -103.56 -10.90 39.67
CA VAL P 51 -104.96 -10.95 39.26
C VAL P 51 -105.74 -9.76 39.77
N ASP P 52 -105.30 -9.13 40.86
CA ASP P 52 -106.09 -8.06 41.47
C ASP P 52 -106.00 -6.75 40.71
N LEU P 53 -104.99 -6.58 39.84
CA LEU P 53 -104.84 -5.33 39.12
C LEU P 53 -105.94 -5.18 38.08
N SER P 54 -106.18 -3.93 37.68
CA SER P 54 -107.28 -3.61 36.78
C SER P 54 -107.05 -4.20 35.39
N ALA P 55 -108.15 -4.37 34.65
CA ALA P 55 -108.09 -5.01 33.34
C ALA P 55 -107.30 -4.16 32.34
N GLU P 56 -107.57 -2.86 32.28
CA GLU P 56 -106.85 -2.02 31.33
C GLU P 56 -105.36 -1.98 31.67
N ASN P 57 -105.03 -2.04 32.97
CA ASN P 57 -103.64 -2.19 33.35
C ASN P 57 -103.05 -3.47 32.82
N LYS P 58 -103.82 -4.56 32.87
CA LYS P 58 -103.39 -5.79 32.24
C LYS P 58 -103.12 -5.57 30.75
N GLU P 59 -103.97 -4.78 30.09
CA GLU P 59 -103.74 -4.51 28.67
C GLU P 59 -102.42 -3.79 28.44
N TYR P 60 -102.10 -2.78 29.24
CA TYR P 60 -100.82 -2.11 28.99
C TYR P 60 -99.64 -3.02 29.31
N ILE P 61 -99.78 -3.92 30.29
CA ILE P 61 -98.74 -4.94 30.48
C ILE P 61 -98.60 -5.80 29.23
N ASN P 62 -99.73 -6.22 28.63
CA ASN P 62 -99.65 -7.03 27.42
C ASN P 62 -98.95 -6.27 26.30
N LEU P 63 -99.26 -4.98 26.14
CA LEU P 63 -98.57 -4.18 25.13
C LEU P 63 -97.07 -4.16 25.39
N ALA P 64 -96.68 -4.00 26.66
CA ALA P 64 -95.25 -3.97 26.98
C ALA P 64 -94.58 -5.33 26.82
N LEU P 65 -95.34 -6.42 26.85
CA LEU P 65 -94.76 -7.75 26.84
C LEU P 65 -94.18 -8.12 25.47
N MET P 66 -94.93 -7.85 24.40
CA MET P 66 -94.50 -8.27 23.08
C MET P 66 -93.30 -7.46 22.61
N GLY P 67 -92.16 -8.14 22.51
CA GLY P 67 -90.92 -7.50 22.13
C GLY P 67 -90.80 -7.29 20.63
N ASN P 68 -89.74 -6.61 20.22
CA ASN P 68 -89.55 -6.31 18.80
C ASN P 68 -89.05 -7.54 18.05
N VAL P 69 -87.86 -8.03 18.37
CA VAL P 69 -87.32 -9.26 17.81
C VAL P 69 -87.50 -10.43 18.78
N ASN P 70 -87.22 -10.20 20.06
CA ASN P 70 -87.37 -11.23 21.08
C ASN P 70 -88.03 -10.60 22.30
N THR P 71 -88.60 -11.46 23.14
CA THR P 71 -89.25 -11.00 24.36
C THR P 71 -88.24 -10.31 25.26
N PRO P 72 -88.60 -9.22 25.93
CA PRO P 72 -87.69 -8.60 26.89
C PRO P 72 -87.28 -9.60 27.96
N ASN P 73 -86.00 -9.56 28.32
CA ASN P 73 -85.45 -10.58 29.22
C ASN P 73 -86.06 -10.48 30.62
N LYS P 74 -86.39 -9.27 31.06
CA LYS P 74 -86.90 -9.09 32.40
C LYS P 74 -87.69 -7.79 32.47
N LEU P 75 -88.81 -7.82 33.19
CA LEU P 75 -89.70 -6.67 33.31
C LEU P 75 -90.02 -6.42 34.77
N LEU P 76 -89.87 -5.18 35.21
CA LEU P 76 -90.21 -4.76 36.56
C LEU P 76 -91.37 -3.76 36.48
N VAL P 77 -92.43 -4.02 37.24
CA VAL P 77 -93.59 -3.14 37.31
C VAL P 77 -93.78 -2.73 38.76
N TYR P 78 -93.94 -1.43 39.00
CA TYR P 78 -94.16 -0.90 40.34
C TYR P 78 -95.57 -0.32 40.42
N VAL P 79 -96.30 -0.73 41.45
CA VAL P 79 -97.65 -0.23 41.69
C VAL P 79 -97.59 0.80 42.81
N ILE P 80 -98.16 1.98 42.56
CA ILE P 80 -98.10 3.09 43.50
C ILE P 80 -99.51 3.54 43.84
N GLU P 81 -99.71 3.90 45.10
CA GLU P 81 -100.95 4.52 45.52
C GLU P 81 -101.12 5.86 44.81
N GLY P 82 -102.36 6.14 44.41
CA GLY P 82 -102.63 7.39 43.71
C GLY P 82 -102.30 8.59 44.56
N GLU P 83 -101.91 9.68 43.90
CA GLU P 83 -101.58 10.97 44.52
C GLU P 83 -100.37 10.90 45.44
N ALA P 84 -99.63 9.79 45.44
CA ALA P 84 -98.42 9.70 46.24
C ALA P 84 -97.24 10.42 45.59
N ASP P 85 -97.48 11.19 44.53
CA ASP P 85 -96.43 11.92 43.82
C ASP P 85 -95.40 10.96 43.25
N ILE P 86 -94.30 11.51 42.74
CA ILE P 86 -93.34 10.70 41.99
C ILE P 86 -92.20 10.20 42.88
N GLN P 87 -91.67 11.07 43.76
CA GLN P 87 -90.43 10.74 44.46
C GLN P 87 -90.54 9.47 45.29
N THR P 88 -91.73 9.16 45.80
CA THR P 88 -91.90 7.94 46.58
C THR P 88 -91.55 6.71 45.75
N ALA P 89 -92.05 6.63 44.53
CA ALA P 89 -91.64 5.56 43.63
C ALA P 89 -90.22 5.76 43.13
N LEU P 90 -89.82 7.02 42.97
CA LEU P 90 -88.54 7.32 42.35
C LEU P 90 -87.38 6.76 43.18
N ASP P 91 -87.44 6.92 44.50
CA ASP P 91 -86.40 6.36 45.36
C ASP P 91 -86.36 4.84 45.22
N PHE P 92 -87.53 4.21 45.19
CA PHE P 92 -87.60 2.77 45.04
C PHE P 92 -86.93 2.32 43.75
N LEU P 93 -87.13 3.08 42.67
CA LEU P 93 -86.43 2.75 41.43
C LEU P 93 -84.94 3.00 41.52
N GLU P 94 -84.53 4.09 42.20
CA GLU P 94 -83.09 4.30 42.37
C GLU P 94 -82.45 3.17 43.16
N THR P 95 -83.24 2.45 43.95
CA THR P 95 -82.70 1.30 44.67
C THR P 95 -82.21 0.22 43.69
N LYS P 96 -82.93 0.01 42.59
CA LYS P 96 -82.67 -1.09 41.69
C LYS P 96 -82.19 -0.62 40.33
N GLU P 97 -81.52 -1.51 39.61
CA GLU P 97 -81.03 -1.19 38.28
C GLU P 97 -82.08 -1.49 37.22
N PHE P 98 -82.04 -0.73 36.13
CA PHE P 98 -82.95 -0.91 35.01
C PHE P 98 -82.41 -0.14 33.82
N ASN P 99 -83.12 -0.23 32.70
CA ASN P 99 -82.71 0.46 31.48
C ASN P 99 -83.72 1.49 31.00
N TYR P 100 -84.99 1.12 30.89
CA TYR P 100 -86.00 1.99 30.31
C TYR P 100 -87.18 2.13 31.25
N LEU P 101 -87.75 3.33 31.31
CA LEU P 101 -88.83 3.66 32.23
C LEU P 101 -90.00 4.26 31.44
N CYS P 102 -91.22 3.87 31.79
CA CYS P 102 -92.39 4.37 31.10
C CYS P 102 -93.55 4.52 32.07
N MET P 103 -94.43 5.49 31.76
CA MET P 103 -95.63 5.82 32.52
C MET P 103 -96.81 6.05 31.59
N PRO P 104 -97.84 5.21 31.64
CA PRO P 104 -99.05 5.46 30.84
C PRO P 104 -99.81 6.70 31.29
N LYS P 105 -100.08 6.80 32.59
CA LYS P 105 -100.85 7.89 33.15
C LYS P 105 -99.94 8.88 33.87
N ALA P 106 -99.83 10.09 33.32
CA ALA P 106 -98.97 11.10 33.92
C ALA P 106 -99.45 12.47 33.51
N VAL P 107 -99.47 13.39 34.46
CA VAL P 107 -99.76 14.78 34.20
C VAL P 107 -98.45 15.50 33.86
N GLU P 108 -98.58 16.70 33.30
CA GLU P 108 -97.40 17.43 32.85
C GLU P 108 -96.44 17.72 34.00
N ALA P 109 -96.97 17.88 35.22
CA ALA P 109 -96.12 18.01 36.39
C ALA P 109 -95.30 16.74 36.59
N ASP P 110 -95.93 15.58 36.44
CA ASP P 110 -95.21 14.32 36.55
C ASP P 110 -94.14 14.20 35.47
N LYS P 111 -94.46 14.61 34.24
CA LYS P 111 -93.49 14.56 33.16
C LYS P 111 -92.30 15.47 33.46
N THR P 112 -92.56 16.66 33.98
CA THR P 112 -91.47 17.54 34.38
C THR P 112 -90.62 16.91 35.47
N ALA P 113 -91.26 16.25 36.43
CA ALA P 113 -90.52 15.57 37.48
C ALA P 113 -89.62 14.48 36.91
N ILE P 114 -90.15 13.67 35.99
CA ILE P 114 -89.34 12.61 35.38
C ILE P 114 -88.16 13.21 34.62
N LYS P 115 -88.42 14.26 33.84
CA LYS P 115 -87.33 14.85 33.06
C LYS P 115 -86.24 15.39 33.97
N ASN P 116 -86.61 16.13 35.01
CA ASN P 116 -85.62 16.68 35.92
C ASN P 116 -84.84 15.58 36.63
N TRP P 117 -85.55 14.54 37.09
CA TRP P 117 -84.90 13.43 37.77
C TRP P 117 -83.91 12.73 36.86
N ILE P 118 -84.30 12.46 35.62
CA ILE P 118 -83.42 11.75 34.70
C ILE P 118 -82.20 12.61 34.37
N ILE P 119 -82.40 13.90 34.13
CA ILE P 119 -81.29 14.78 33.80
C ILE P 119 -80.31 14.85 34.97
N LYS P 120 -80.81 14.98 36.19
CA LYS P 120 -79.92 15.03 37.35
C LYS P 120 -79.21 13.70 37.55
N LEU P 121 -79.90 12.58 37.30
CA LEU P 121 -79.35 11.29 37.66
C LEU P 121 -78.33 10.80 36.64
N ARG P 122 -78.49 11.19 35.38
CA ARG P 122 -77.54 10.74 34.37
C ARG P 122 -76.18 11.40 34.53
N ASP P 123 -76.12 12.58 35.15
CA ASP P 123 -74.87 13.31 35.25
C ASP P 123 -74.32 13.34 36.67
N ILE P 124 -75.13 13.70 37.65
CA ILE P 124 -74.64 13.88 39.02
C ILE P 124 -74.21 12.54 39.60
N ASP P 125 -75.05 11.53 39.50
CA ASP P 125 -74.79 10.24 40.11
C ASP P 125 -74.06 9.27 39.19
N LYS P 126 -73.85 9.64 37.93
CA LYS P 126 -73.16 8.79 36.97
C LYS P 126 -73.81 7.41 36.86
N VAL P 127 -75.13 7.38 37.00
CA VAL P 127 -75.93 6.18 36.78
C VAL P 127 -76.82 6.46 35.58
N LYS P 128 -76.73 5.60 34.57
CA LYS P 128 -77.25 5.89 33.23
C LYS P 128 -78.55 5.13 33.01
N VAL P 129 -79.64 5.87 32.86
CA VAL P 129 -80.94 5.31 32.51
C VAL P 129 -81.59 6.21 31.48
N LYS P 130 -82.61 5.69 30.80
CA LYS P 130 -83.38 6.44 29.82
C LYS P 130 -84.87 6.17 30.05
N ALA P 131 -85.70 7.09 29.54
CA ALA P 131 -87.14 6.94 29.67
C ALA P 131 -87.82 7.60 28.48
N VAL P 132 -88.99 7.06 28.13
CA VAL P 132 -89.81 7.59 27.03
C VAL P 132 -90.94 8.40 27.63
N LEU P 133 -91.35 9.46 26.95
CA LEU P 133 -92.33 10.39 27.46
C LEU P 133 -93.32 10.77 26.37
N GLY P 134 -94.52 11.17 26.80
CA GLY P 134 -95.59 11.43 25.84
C GLY P 134 -95.32 12.63 24.96
N LYS P 135 -95.31 13.83 25.55
CA LYS P 135 -95.11 15.05 24.78
C LYS P 135 -94.23 15.97 25.61
N VAL P 136 -92.91 15.86 25.42
CA VAL P 136 -91.93 16.60 26.20
C VAL P 136 -90.77 16.98 25.31
N VAL P 137 -90.31 18.22 25.49
CA VAL P 137 -89.28 18.81 24.62
C VAL P 137 -87.96 18.80 25.37
N GLY P 138 -87.77 17.77 26.20
CA GLY P 138 -86.51 17.64 26.91
C GLY P 138 -85.34 17.59 25.96
N ASN P 139 -84.22 18.19 26.37
CA ASN P 139 -83.05 18.33 25.51
C ASN P 139 -81.89 17.46 25.97
N HIS P 140 -82.18 16.24 26.42
CA HIS P 140 -81.15 15.33 26.89
C HIS P 140 -81.29 14.00 26.16
N GLU P 141 -80.16 13.32 25.97
CA GLU P 141 -80.17 12.05 25.27
C GLU P 141 -80.96 10.99 26.03
N GLY P 142 -81.21 11.20 27.31
CA GLY P 142 -81.97 10.25 28.09
C GLY P 142 -83.47 10.35 27.91
N ILE P 143 -83.95 11.29 27.11
CA ILE P 143 -85.37 11.50 26.89
C ILE P 143 -85.69 11.15 25.44
N ILE P 144 -86.64 10.24 25.25
CA ILE P 144 -87.13 9.87 23.93
C ILE P 144 -88.55 10.41 23.82
N ASN P 145 -88.80 11.24 22.81
CA ASN P 145 -90.07 11.94 22.67
C ASN P 145 -90.85 11.33 21.53
N PHE P 146 -91.68 10.34 21.85
CA PHE P 146 -92.58 9.73 20.87
C PHE P 146 -93.93 10.42 20.95
N THR P 147 -94.40 10.90 19.81
CA THR P 147 -95.60 11.74 19.79
C THR P 147 -96.45 11.36 18.59
N THR P 148 -97.52 10.60 18.84
CA THR P 148 -98.41 10.15 17.78
C THR P 148 -99.77 9.89 18.40
N GLU P 149 -100.80 10.57 17.90
CA GLU P 149 -102.12 10.59 18.52
C GLU P 149 -103.08 9.68 17.78
N ASP P 150 -104.15 9.28 18.49
CA ASP P 150 -105.26 8.53 17.92
C ASP P 150 -104.79 7.23 17.26
N VAL P 151 -103.89 6.54 17.95
CA VAL P 151 -103.41 5.24 17.46
C VAL P 151 -104.50 4.20 17.67
N LEU P 152 -104.87 3.50 16.61
CA LEU P 152 -105.88 2.45 16.66
C LEU P 152 -105.20 1.10 16.51
N VAL P 153 -105.17 0.34 17.59
CA VAL P 153 -104.69 -1.04 17.57
C VAL P 153 -105.76 -1.92 18.21
N GLY P 154 -106.21 -2.93 17.46
CA GLY P 154 -107.27 -3.81 17.93
C GLY P 154 -108.53 -3.06 18.30
N GLU P 155 -109.14 -2.39 17.33
CA GLU P 155 -110.38 -1.61 17.47
C GLU P 155 -110.46 -0.82 18.77
N LYS P 156 -109.35 -0.20 19.18
CA LYS P 156 -109.32 0.64 20.36
C LYS P 156 -108.47 1.87 20.10
N LYS P 157 -108.94 3.01 20.60
CA LYS P 157 -108.17 4.26 20.55
C LYS P 157 -107.20 4.32 21.71
N TYR P 158 -105.97 4.72 21.41
CA TYR P 158 -104.94 4.90 22.43
C TYR P 158 -104.31 6.27 22.30
N SER P 159 -104.21 6.98 23.41
CA SER P 159 -103.47 8.23 23.44
C SER P 159 -101.97 7.93 23.41
N VAL P 160 -101.18 8.96 23.13
CA VAL P 160 -99.74 8.77 23.02
C VAL P 160 -99.14 8.32 24.36
N ASP P 161 -99.68 8.83 25.46
CA ASP P 161 -99.17 8.44 26.78
C ASP P 161 -99.37 6.96 27.02
N GLU P 162 -100.52 6.42 26.63
CA GLU P 162 -100.76 4.99 26.81
C GLU P 162 -99.90 4.16 25.85
N PHE P 163 -99.69 4.65 24.64
CA PHE P 163 -98.87 3.94 23.67
C PHE P 163 -97.39 3.98 24.00
N THR P 164 -96.99 4.86 24.95
CA THR P 164 -95.59 4.90 25.36
C THR P 164 -95.11 3.55 25.87
N SER P 165 -95.97 2.79 26.55
CA SER P 165 -95.56 1.48 27.05
C SER P 165 -95.19 0.54 25.91
N ARG P 166 -96.06 0.43 24.90
CA ARG P 166 -95.77 -0.43 23.77
C ARG P 166 -94.53 0.01 23.02
N VAL P 167 -94.38 1.31 22.77
CA VAL P 167 -93.21 1.74 22.01
C VAL P 167 -91.93 1.46 22.81
N ALA P 168 -91.96 1.73 24.13
CA ALA P 168 -90.79 1.48 24.96
C ALA P 168 -90.42 0.00 24.94
N GLY P 169 -91.42 -0.88 25.01
CA GLY P 169 -91.14 -2.29 24.82
C GLY P 169 -90.52 -2.57 23.46
N LEU P 170 -90.95 -1.82 22.44
CA LEU P 170 -90.42 -2.02 21.10
C LEU P 170 -88.93 -1.71 21.05
N ILE P 171 -88.49 -0.59 21.64
CA ILE P 171 -87.03 -0.36 21.70
C ILE P 171 -86.35 -1.43 22.54
N ALA P 172 -86.92 -1.77 23.69
CA ALA P 172 -86.24 -2.67 24.60
C ALA P 172 -86.06 -4.07 23.99
N GLY P 173 -86.95 -4.46 23.08
CA GLY P 173 -86.86 -5.80 22.51
C GLY P 173 -85.65 -6.00 21.62
N THR P 174 -85.28 -4.99 20.85
CA THR P 174 -84.29 -5.18 19.81
C THR P 174 -82.90 -5.43 20.39
N PRO P 175 -82.06 -6.19 19.68
CA PRO P 175 -80.66 -6.35 20.10
C PRO P 175 -79.85 -5.09 19.86
N LEU P 176 -78.58 -5.10 20.26
CA LEU P 176 -77.74 -3.93 20.03
C LEU P 176 -77.14 -3.93 18.62
N SER P 177 -77.15 -5.08 17.94
CA SER P 177 -76.58 -5.13 16.60
C SER P 177 -77.46 -4.38 15.60
N GLN P 178 -78.74 -4.27 15.89
CA GLN P 178 -79.68 -3.66 14.96
C GLN P 178 -80.26 -2.36 15.52
N SER P 179 -80.81 -1.56 14.63
CA SER P 179 -81.48 -0.32 14.99
C SER P 179 -82.99 -0.51 14.98
N VAL P 180 -83.70 0.54 15.39
CA VAL P 180 -85.16 0.47 15.45
C VAL P 180 -85.82 1.07 14.21
N THR P 181 -85.04 1.64 13.30
CA THR P 181 -85.61 2.32 12.15
C THR P 181 -86.30 1.33 11.22
N TYR P 182 -87.45 1.74 10.68
CA TYR P 182 -88.15 1.00 9.64
C TYR P 182 -88.55 -0.39 10.12
N THR P 183 -89.26 -0.43 11.24
CA THR P 183 -89.77 -1.66 11.81
C THR P 183 -91.29 -1.62 11.79
N LYS P 184 -91.89 -2.59 11.10
CA LYS P 184 -93.34 -2.63 10.97
C LYS P 184 -93.97 -3.14 12.25
N LEU P 185 -95.17 -2.65 12.52
CA LEU P 185 -95.96 -3.06 13.69
C LEU P 185 -97.29 -3.61 13.19
N SER P 186 -97.39 -4.94 13.15
CA SER P 186 -98.60 -5.58 12.63
C SER P 186 -99.82 -5.32 13.49
N ASP P 187 -99.65 -4.95 14.76
CA ASP P 187 -100.80 -4.75 15.64
C ASP P 187 -101.60 -3.52 15.24
N VAL P 188 -100.92 -2.38 15.03
CA VAL P 188 -101.62 -1.16 14.65
C VAL P 188 -102.11 -1.28 13.22
N VAL P 189 -103.32 -0.78 12.97
CA VAL P 189 -103.96 -1.02 11.68
C VAL P 189 -104.21 0.27 10.92
N ASP P 190 -104.37 1.39 11.63
CA ASP P 190 -104.54 2.66 10.90
C ASP P 190 -103.97 3.80 11.72
N ILE P 191 -103.53 4.83 11.00
CA ILE P 191 -102.92 6.02 11.59
C ILE P 191 -103.53 7.24 10.93
N PRO P 192 -103.85 8.28 11.72
CA PRO P 192 -104.28 9.54 11.12
C PRO P 192 -103.29 10.03 10.07
N LYS P 193 -103.82 10.39 8.91
CA LYS P 193 -103.02 10.67 7.73
C LYS P 193 -102.24 11.97 7.88
N MET P 194 -101.02 11.97 7.37
CA MET P 194 -100.10 13.07 7.58
C MET P 194 -99.06 13.05 6.46
N THR P 195 -98.67 14.24 6.00
CA THR P 195 -97.85 14.36 4.81
C THR P 195 -96.39 14.03 5.10
N LYS P 196 -95.61 13.88 4.04
CA LYS P 196 -94.20 13.51 4.18
C LYS P 196 -93.35 14.70 4.61
N VAL P 197 -93.63 15.88 4.08
CA VAL P 197 -92.79 17.04 4.40
C VAL P 197 -92.94 17.44 5.87
N ASP P 198 -94.16 17.35 6.40
CA ASP P 198 -94.35 17.62 7.82
C ASP P 198 -93.63 16.59 8.68
N ALA P 199 -93.62 15.32 8.24
CA ALA P 199 -92.88 14.30 8.96
C ALA P 199 -91.39 14.59 8.94
N GLU P 200 -90.88 15.07 7.80
CA GLU P 200 -89.47 15.44 7.72
C GLU P 200 -89.15 16.56 8.70
N SER P 201 -90.00 17.59 8.75
CA SER P 201 -89.78 18.68 9.68
C SER P 201 -89.86 18.19 11.12
N ARG P 202 -90.81 17.31 11.42
CA ARG P 202 -90.98 16.79 12.77
C ARG P 202 -89.76 15.98 13.20
N VAL P 203 -89.25 15.13 12.32
CA VAL P 203 -88.06 14.36 12.63
C VAL P 203 -86.87 15.27 12.86
N ASN P 204 -86.72 16.30 12.01
CA ASN P 204 -85.64 17.25 12.21
C ASN P 204 -85.73 17.96 13.55
N LYS P 205 -86.93 18.05 14.12
CA LYS P 205 -87.11 18.71 15.41
C LYS P 205 -86.83 17.81 16.59
N GLY P 206 -86.22 16.65 16.38
CA GLY P 206 -85.91 15.74 17.46
C GLY P 206 -87.06 14.90 17.94
N GLU P 207 -88.22 14.99 17.28
CA GLU P 207 -89.40 14.25 17.70
C GLU P 207 -89.48 12.91 16.98
N LEU P 208 -89.86 11.86 17.72
CA LEU P 208 -90.01 10.53 17.14
C LEU P 208 -91.45 10.36 16.68
N ILE P 209 -91.63 9.92 15.44
CA ILE P 209 -92.94 9.89 14.79
C ILE P 209 -93.16 8.54 14.15
N LEU P 210 -94.42 8.19 13.94
CA LEU P 210 -94.80 6.94 13.32
C LEU P 210 -95.46 7.23 11.97
N ILE P 211 -94.94 6.60 10.91
CA ILE P 211 -95.32 6.94 9.55
C ILE P 211 -95.81 5.71 8.81
N LYS P 212 -96.59 5.95 7.77
CA LYS P 212 -97.11 4.92 6.87
C LYS P 212 -96.31 4.94 5.58
N GLU P 213 -95.62 3.83 5.30
CA GLU P 213 -94.86 3.71 4.07
C GLU P 213 -94.71 2.25 3.72
N ALA P 214 -94.52 1.98 2.43
CA ALA P 214 -94.44 0.61 1.90
C ALA P 214 -95.72 -0.12 2.32
N GLY P 215 -95.61 -1.40 2.67
CA GLY P 215 -96.79 -2.19 2.97
C GLY P 215 -97.43 -1.90 4.31
N ALA P 216 -96.64 -1.61 5.33
CA ALA P 216 -97.14 -1.55 6.70
C ALA P 216 -96.70 -0.26 7.39
N ILE P 217 -97.16 -0.09 8.62
CA ILE P 217 -96.84 1.09 9.41
C ILE P 217 -95.53 0.83 10.15
N ARG P 218 -94.54 1.70 9.92
CA ARG P 218 -93.20 1.46 10.45
C ARG P 218 -92.64 2.72 11.09
N ILE P 219 -91.68 2.51 11.99
CA ILE P 219 -90.99 3.61 12.67
C ILE P 219 -90.03 4.29 11.69
N ALA P 220 -89.89 5.61 11.82
CA ALA P 220 -89.09 6.40 10.91
C ALA P 220 -87.90 6.99 11.66
N ARG P 221 -86.75 6.32 11.58
CA ARG P 221 -85.46 6.85 12.01
C ARG P 221 -85.52 7.39 13.44
N GLY P 222 -85.62 6.43 14.37
CA GLY P 222 -85.64 6.75 15.79
C GLY P 222 -84.44 7.54 16.27
N VAL P 223 -84.70 8.68 16.93
CA VAL P 223 -83.65 9.56 17.45
C VAL P 223 -84.08 10.07 18.81
N ASN P 224 -83.11 10.59 19.56
CA ASN P 224 -83.42 11.17 20.87
C ASN P 224 -84.08 12.53 20.72
N SER P 225 -84.23 13.21 21.85
CA SER P 225 -84.95 14.48 21.86
C SER P 225 -84.04 15.69 21.81
N LEU P 226 -82.72 15.50 21.79
CA LEU P 226 -81.83 16.65 21.76
C LEU P 226 -81.75 17.23 20.35
N THR P 227 -81.72 18.55 20.26
CA THR P 227 -81.66 19.23 18.97
C THR P 227 -80.52 20.23 18.84
N GLU P 228 -80.17 20.96 19.90
CA GLU P 228 -79.05 21.88 19.86
C GLU P 228 -77.75 21.11 19.97
N LEU P 229 -76.94 21.18 18.93
CA LEU P 229 -75.65 20.50 18.86
C LEU P 229 -74.60 21.40 19.48
N THR P 230 -73.76 20.83 20.34
CA THR P 230 -72.66 21.56 20.93
C THR P 230 -71.33 21.07 20.34
N ALA P 231 -70.23 21.58 20.89
CA ALA P 231 -68.91 21.20 20.38
C ALA P 231 -68.55 19.78 20.77
N GLU P 232 -68.81 19.40 22.02
CA GLU P 232 -68.44 18.07 22.49
C GLU P 232 -69.53 17.04 22.19
N LYS P 233 -70.79 17.46 22.21
CA LYS P 233 -71.89 16.59 21.84
C LYS P 233 -72.09 16.66 20.33
N GLY P 234 -71.51 15.72 19.60
CA GLY P 234 -71.55 15.74 18.16
C GLY P 234 -72.82 15.12 17.60
N GLU P 235 -72.75 14.82 16.29
CA GLU P 235 -73.92 14.35 15.57
C GLU P 235 -74.35 12.98 16.09
N MET P 236 -73.40 12.05 16.24
CA MET P 236 -73.75 10.67 16.58
C MET P 236 -74.46 10.56 17.92
N PHE P 237 -74.37 11.58 18.77
CA PHE P 237 -75.11 11.55 20.02
C PHE P 237 -76.61 11.68 19.81
N GLN P 238 -77.06 11.78 18.56
CA GLN P 238 -78.48 11.89 18.25
C GLN P 238 -79.09 10.55 17.88
N LYS P 239 -78.31 9.47 17.87
CA LYS P 239 -78.79 8.15 17.49
C LYS P 239 -79.02 7.29 18.72
N ILE P 240 -80.12 6.55 18.73
CA ILE P 240 -80.43 5.70 19.87
C ILE P 240 -79.42 4.58 19.99
N LYS P 241 -79.08 3.94 18.87
CA LYS P 241 -78.17 2.80 18.92
C LYS P 241 -76.80 3.20 19.44
N ILE P 242 -76.27 4.33 18.98
CA ILE P 242 -74.92 4.74 19.37
C ILE P 242 -74.88 5.11 20.85
N VAL P 243 -75.87 5.88 21.31
CA VAL P 243 -75.89 6.25 22.72
C VAL P 243 -76.07 5.01 23.58
N ASP P 244 -76.83 4.02 23.09
CA ASP P 244 -77.06 2.80 23.87
C ASP P 244 -75.78 1.98 23.99
N THR P 245 -75.04 1.82 22.90
CA THR P 245 -73.80 1.05 23.01
C THR P 245 -72.75 1.78 23.85
N LEU P 246 -72.68 3.12 23.75
CA LEU P 246 -71.83 3.86 24.66
C LEU P 246 -72.26 3.65 26.11
N ASP P 247 -73.57 3.58 26.34
CA ASP P 247 -74.10 3.32 27.67
C ASP P 247 -73.60 2.00 28.22
N ILE P 248 -73.70 0.94 27.41
CA ILE P 248 -73.28 -0.37 27.92
C ILE P 248 -71.78 -0.40 28.16
N ILE P 249 -71.01 0.31 27.33
CA ILE P 249 -69.57 0.40 27.56
C ILE P 249 -69.29 1.03 28.91
N HIS P 250 -69.95 2.17 29.18
CA HIS P 250 -69.75 2.86 30.45
C HIS P 250 -70.05 1.96 31.63
N SER P 251 -71.23 1.32 31.61
CA SER P 251 -71.62 0.51 32.76
C SER P 251 -70.66 -0.65 32.97
N ASP P 252 -70.28 -1.33 31.89
CA ASP P 252 -69.39 -2.49 32.01
C ASP P 252 -68.04 -2.09 32.58
N ILE P 253 -67.44 -1.03 32.02
CA ILE P 253 -66.11 -0.64 32.48
C ILE P 253 -66.15 -0.19 33.93
N ARG P 254 -67.18 0.58 34.30
CA ARG P 254 -67.28 1.03 35.69
C ARG P 254 -67.41 -0.15 36.64
N LYS P 255 -68.23 -1.14 36.29
CA LYS P 255 -68.40 -2.30 37.16
C LYS P 255 -67.09 -3.07 37.30
N VAL P 256 -66.37 -3.27 36.20
CA VAL P 256 -65.09 -3.98 36.28
C VAL P 256 -64.12 -3.23 37.20
N ILE P 257 -64.03 -1.91 37.00
CA ILE P 257 -63.06 -1.11 37.77
C ILE P 257 -63.39 -1.17 39.26
N ILE P 258 -64.67 -0.98 39.61
CA ILE P 258 -65.00 -0.98 41.03
C ILE P 258 -64.82 -2.37 41.63
N ASP P 259 -65.09 -3.42 40.87
CA ASP P 259 -65.04 -4.75 41.44
C ASP P 259 -63.61 -5.22 41.68
N ASP P 260 -62.71 -4.99 40.72
CA ASP P 260 -61.40 -5.64 40.78
C ASP P 260 -60.26 -4.71 41.22
N TYR P 261 -60.23 -3.47 40.73
CA TYR P 261 -59.03 -2.66 40.77
C TYR P 261 -59.08 -1.55 41.82
N ILE P 262 -60.11 -1.51 42.66
CA ILE P 262 -60.26 -0.44 43.63
C ILE P 262 -59.82 -0.96 44.99
N GLY P 263 -58.77 -0.36 45.54
CA GLY P 263 -58.31 -0.69 46.88
C GLY P 263 -57.68 -2.05 47.01
N LYS P 264 -57.24 -2.63 45.89
CA LYS P 264 -56.62 -3.94 45.90
C LYS P 264 -55.35 -4.04 45.07
N VAL P 265 -54.99 -2.99 44.34
CA VAL P 265 -53.77 -3.00 43.54
C VAL P 265 -52.98 -1.73 43.84
N THR P 266 -51.68 -1.88 44.02
CA THR P 266 -50.83 -0.73 44.28
C THR P 266 -50.66 0.10 43.02
N ASN P 267 -50.76 1.42 43.18
CA ASN P 267 -50.66 2.35 42.06
C ASN P 267 -49.20 2.43 41.61
N SER P 268 -48.85 1.63 40.61
CA SER P 268 -47.49 1.65 40.07
C SER P 268 -47.58 1.52 38.56
N TYR P 269 -46.45 1.74 37.89
CA TYR P 269 -46.43 1.74 36.43
C TYR P 269 -46.88 0.40 35.87
N ASP P 270 -46.37 -0.70 36.44
CA ASP P 270 -46.71 -2.02 35.91
C ASP P 270 -48.18 -2.34 36.14
N ASN P 271 -48.72 -1.93 37.30
CA ASN P 271 -50.15 -2.14 37.53
C ASN P 271 -50.99 -1.33 36.54
N LYS P 272 -50.55 -0.11 36.22
CA LYS P 272 -51.23 0.67 35.20
C LYS P 272 -51.19 -0.03 33.85
N CYS P 273 -50.04 -0.60 33.50
CA CYS P 273 -49.95 -1.33 32.23
C CYS P 273 -50.89 -2.52 32.22
N LEU P 274 -51.00 -3.24 33.34
CA LEU P 274 -51.92 -4.37 33.42
C LEU P 274 -53.37 -3.91 33.27
N LEU P 275 -53.72 -2.79 33.89
CA LEU P 275 -55.07 -2.25 33.74
C LEU P 275 -55.34 -1.89 32.29
N ILE P 276 -54.37 -1.28 31.62
CA ILE P 276 -54.51 -0.95 30.21
C ILE P 276 -54.76 -2.20 29.39
N VAL P 277 -53.99 -3.26 29.66
CA VAL P 277 -54.15 -4.50 28.91
C VAL P 277 -55.54 -5.08 29.12
N ALA P 278 -56.03 -5.05 30.37
CA ALA P 278 -57.37 -5.58 30.64
C ALA P 278 -58.44 -4.79 29.90
N ILE P 279 -58.32 -3.45 29.91
CA ILE P 279 -59.31 -2.63 29.24
C ILE P 279 -59.30 -2.90 27.73
N LYS P 280 -58.10 -3.00 27.15
CA LYS P 280 -58.00 -3.30 25.73
C LYS P 280 -58.59 -4.66 25.41
N SER P 281 -58.38 -5.63 26.29
CA SER P 281 -58.97 -6.95 26.07
C SER P 281 -60.49 -6.88 26.06
N TYR P 282 -61.07 -6.13 26.99
CA TYR P 282 -62.52 -5.98 26.99
C TYR P 282 -63.00 -5.29 25.72
N LEU P 283 -62.29 -4.27 25.27
CA LEU P 283 -62.69 -3.57 24.05
C LEU P 283 -62.63 -4.51 22.84
N GLU P 284 -61.59 -5.33 22.76
CA GLU P 284 -61.50 -6.29 21.66
C GLU P 284 -62.66 -7.29 21.73
N GLU P 285 -63.01 -7.75 22.93
CA GLU P 285 -64.12 -8.66 23.08
C GLU P 285 -65.41 -8.03 22.59
N LEU P 286 -65.64 -6.76 22.93
CA LEU P 286 -66.80 -6.05 22.41
C LEU P 286 -66.75 -5.90 20.90
N GLU P 287 -65.55 -5.69 20.36
CA GLU P 287 -65.41 -5.57 18.91
C GLU P 287 -65.82 -6.86 18.21
N LYS P 288 -65.53 -8.01 18.83
CA LYS P 288 -65.95 -9.28 18.24
C LYS P 288 -67.45 -9.35 18.01
N SER P 289 -68.23 -8.77 18.91
CA SER P 289 -69.68 -8.73 18.73
C SER P 289 -70.12 -7.73 17.67
N ALA P 290 -69.17 -7.11 16.96
CA ALA P 290 -69.44 -6.14 15.90
C ALA P 290 -70.22 -4.93 16.36
N LEU P 291 -69.79 -4.29 17.45
CA LEU P 291 -70.42 -3.05 17.87
C LEU P 291 -69.51 -1.84 17.67
N ILE P 292 -68.20 -2.07 17.58
CA ILE P 292 -67.26 -0.99 17.32
C ILE P 292 -66.31 -1.42 16.21
N GLU P 293 -65.52 -0.48 15.70
CA GLU P 293 -64.56 -0.80 14.65
C GLU P 293 -63.43 -1.65 15.22
N SER P 294 -62.74 -2.35 14.33
CA SER P 294 -61.77 -3.37 14.76
C SER P 294 -60.66 -2.76 15.60
N ASP P 295 -60.02 -1.71 15.12
CA ASP P 295 -58.85 -1.15 15.77
C ASP P 295 -59.28 -0.13 16.82
N SER P 296 -58.74 -0.26 18.02
CA SER P 296 -58.97 0.68 19.11
C SER P 296 -57.71 0.78 19.95
N THR P 297 -57.42 1.98 20.45
CA THR P 297 -56.20 2.24 21.20
C THR P 297 -56.55 2.80 22.57
N VAL P 298 -55.94 2.22 23.61
CA VAL P 298 -56.04 2.73 24.97
C VAL P 298 -54.63 2.93 25.50
N GLU P 299 -54.38 4.09 26.10
CA GLU P 299 -53.05 4.42 26.59
C GLU P 299 -53.16 5.46 27.70
N ILE P 300 -52.03 5.70 28.35
CA ILE P 300 -52.01 6.61 29.49
C ILE P 300 -52.18 8.05 29.02
N ASP P 301 -53.01 8.79 29.74
CA ASP P 301 -53.26 10.19 29.40
C ASP P 301 -52.13 11.06 29.92
N PHE P 302 -51.24 11.46 29.02
CA PHE P 302 -50.04 12.18 29.43
C PHE P 302 -50.32 13.62 29.83
N GLU P 303 -51.21 14.32 29.12
CA GLU P 303 -51.40 15.74 29.37
C GLU P 303 -51.96 16.00 30.76
N ALA P 304 -52.99 15.25 31.15
CA ALA P 304 -53.58 15.44 32.47
C ALA P 304 -52.60 15.10 33.57
N GLN P 305 -51.81 14.03 33.38
CA GLN P 305 -50.80 13.67 34.37
C GLN P 305 -49.76 14.76 34.51
N LYS P 306 -49.32 15.34 33.39
CA LYS P 306 -48.34 16.42 33.45
C LYS P 306 -48.91 17.62 34.17
N SER P 307 -50.17 17.97 33.88
CA SER P 307 -50.80 19.10 34.55
C SER P 307 -50.91 18.85 36.05
N TYR P 308 -51.28 17.63 36.44
CA TYR P 308 -51.39 17.30 37.86
C TYR P 308 -50.03 17.40 38.55
N LEU P 309 -48.98 16.88 37.91
CA LEU P 309 -47.65 17.00 38.47
C LEU P 309 -47.24 18.46 38.62
N LYS P 310 -47.53 19.28 37.61
CA LYS P 310 -47.22 20.70 37.68
C LYS P 310 -47.97 21.36 38.83
N SER P 311 -49.21 20.93 39.08
CA SER P 311 -49.97 21.48 40.20
C SER P 311 -49.33 21.15 41.54
N LYS P 312 -48.44 20.15 41.56
CA LYS P 312 -47.72 19.79 42.77
C LYS P 312 -46.37 20.49 42.88
N GLY P 313 -46.00 21.30 41.90
CA GLY P 313 -44.76 22.04 41.96
C GLY P 313 -43.52 21.26 41.58
N VAL P 314 -43.67 20.01 41.13
CA VAL P 314 -42.49 19.24 40.73
C VAL P 314 -41.86 19.88 39.50
N ASP P 315 -40.55 19.70 39.38
CA ASP P 315 -39.78 20.30 38.28
C ASP P 315 -39.58 19.25 37.19
N LEU P 316 -40.47 19.24 36.22
CA LEU P 316 -40.41 18.30 35.10
C LEU P 316 -39.69 18.89 33.90
N SER P 317 -38.94 19.98 34.09
CA SER P 317 -38.21 20.58 32.98
C SER P 317 -37.16 19.62 32.43
N TYR P 318 -36.47 18.90 33.32
CA TYR P 318 -35.40 18.01 32.88
C TYR P 318 -35.93 16.62 32.55
N MET P 319 -36.97 16.17 33.25
CA MET P 319 -37.47 14.82 33.04
C MET P 319 -38.01 14.65 31.63
N THR P 320 -37.66 13.53 31.01
CA THR P 320 -38.10 13.20 29.67
C THR P 320 -39.53 12.66 29.72
N LEU P 321 -40.17 12.62 28.54
CA LEU P 321 -41.55 12.18 28.43
C LEU P 321 -41.76 10.84 29.13
N GLN P 322 -40.91 9.86 28.82
CA GLN P 322 -41.09 8.51 29.34
C GLN P 322 -40.95 8.51 30.86
N GLU P 323 -39.95 9.24 31.36
CA GLU P 323 -39.77 9.39 32.80
C GLU P 323 -40.96 10.09 33.43
N ILE P 324 -41.52 11.08 32.74
CA ILE P 324 -42.72 11.74 33.25
C ILE P 324 -43.85 10.73 33.39
N LYS P 325 -43.98 9.81 32.43
CA LYS P 325 -45.00 8.79 32.55
C LYS P 325 -44.77 7.89 33.75
N GLU P 326 -43.50 7.55 34.03
CA GLU P 326 -43.24 6.69 35.20
C GLU P 326 -43.44 7.42 36.52
N ALA P 327 -43.59 8.74 36.48
CA ALA P 327 -43.62 9.51 37.73
C ALA P 327 -44.81 9.10 38.59
N ASN P 328 -44.60 9.10 39.90
CA ASN P 328 -45.64 8.69 40.83
C ASN P 328 -46.76 9.72 40.85
N THR P 329 -48.00 9.24 41.00
CA THR P 329 -49.17 10.10 41.03
C THR P 329 -49.95 10.01 42.33
N GLY P 330 -49.71 8.97 43.14
CA GLY P 330 -50.38 8.88 44.42
C GLY P 330 -51.86 8.56 44.35
N SER P 331 -52.22 7.33 43.99
CA SER P 331 -53.58 6.81 44.05
C SER P 331 -54.48 7.43 42.99
N LYS P 332 -53.91 8.09 41.99
CA LYS P 332 -54.72 8.60 40.89
C LYS P 332 -54.19 8.07 39.56
N VAL P 333 -55.11 7.74 38.65
CA VAL P 333 -54.79 7.20 37.34
C VAL P 333 -55.44 8.07 36.29
N PHE P 334 -54.75 8.27 35.16
CA PHE P 334 -55.25 9.05 34.04
C PHE P 334 -55.05 8.26 32.75
N LEU P 335 -56.15 7.95 32.07
CA LEU P 335 -56.11 7.16 30.85
C LEU P 335 -57.02 7.80 29.81
N LYS P 336 -56.65 7.63 28.54
CA LYS P 336 -57.46 8.09 27.43
C LYS P 336 -57.56 6.98 26.40
N ALA P 337 -58.71 6.91 25.71
CA ALA P 337 -58.99 5.84 24.76
C ALA P 337 -59.65 6.42 23.52
N LYS P 338 -59.56 5.69 22.42
CA LYS P 338 -60.14 6.10 21.14
C LYS P 338 -60.87 4.92 20.52
N ILE P 339 -62.16 5.09 20.23
CA ILE P 339 -62.99 4.05 19.66
C ILE P 339 -63.83 4.63 18.53
N LYS P 340 -64.36 3.75 17.70
CA LYS P 340 -65.23 4.11 16.59
C LYS P 340 -66.47 3.24 16.62
N VAL P 341 -67.64 3.85 16.81
CA VAL P 341 -68.90 3.15 16.96
C VAL P 341 -69.50 2.92 15.58
N LEU P 342 -69.92 1.69 15.31
CA LEU P 342 -70.59 1.38 14.06
C LEU P 342 -72.07 1.74 14.15
N ASP P 343 -72.73 1.69 12.99
CA ASP P 343 -74.16 2.00 12.91
C ASP P 343 -74.80 1.14 11.83
N ALA P 344 -76.13 1.05 11.87
CA ALA P 344 -76.85 0.22 10.91
C ALA P 344 -76.99 0.94 9.58
N MET P 345 -77.07 0.17 8.50
CA MET P 345 -77.33 0.75 7.18
C MET P 345 -78.67 1.44 7.17
N GLU P 346 -78.68 2.72 6.82
CA GLU P 346 -79.90 3.52 6.80
C GLU P 346 -80.16 4.23 5.49
N ASP P 347 -79.15 4.76 4.84
CA ASP P 347 -79.31 5.48 3.58
C ASP P 347 -78.43 4.83 2.52
N ILE P 348 -79.04 4.33 1.46
CA ILE P 348 -78.34 3.66 0.38
C ILE P 348 -78.59 4.42 -0.92
N ASP P 349 -77.50 4.77 -1.61
CA ASP P 349 -77.56 5.50 -2.87
C ASP P 349 -76.94 4.65 -3.95
N LEU P 350 -77.75 4.22 -4.91
CA LEU P 350 -77.31 3.33 -5.98
C LEU P 350 -77.41 4.08 -7.30
N SER P 351 -76.33 4.04 -8.08
CA SER P 351 -76.26 4.70 -9.38
C SER P 351 -76.01 3.65 -10.46
N ILE P 352 -76.98 3.48 -11.35
CA ILE P 352 -76.91 2.50 -12.43
C ILE P 352 -76.81 3.24 -13.74
N GLU P 353 -75.82 2.87 -14.56
CA GLU P 353 -75.67 3.44 -15.89
C GLU P 353 -75.97 2.36 -16.91
N ILE P 354 -76.74 2.72 -17.93
CA ILE P 354 -77.15 1.77 -18.95
C ILE P 354 -76.01 1.49 -19.92
N ALA Q 2 -79.10 17.44 7.92
CA ALA Q 2 -79.84 17.07 9.12
C ALA Q 2 -80.42 15.67 8.98
N ILE Q 3 -81.00 15.16 10.06
CA ILE Q 3 -81.56 13.82 10.05
C ILE Q 3 -82.97 13.85 9.46
N GLY Q 4 -83.14 13.16 8.33
CA GLY Q 4 -84.42 13.10 7.65
C GLY Q 4 -84.91 11.67 7.54
N LEU Q 5 -85.91 11.49 6.68
CA LEU Q 5 -86.43 10.17 6.42
C LEU Q 5 -85.38 9.32 5.72
N PRO Q 6 -85.41 7.99 5.87
CA PRO Q 6 -84.45 7.15 5.17
C PRO Q 6 -84.56 7.34 3.67
N SER Q 7 -83.40 7.33 3.00
CA SER Q 7 -83.32 7.62 1.57
C SER Q 7 -82.84 6.39 0.82
N ILE Q 8 -83.67 5.88 -0.08
CA ILE Q 8 -83.29 4.85 -1.03
C ILE Q 8 -83.61 5.39 -2.42
N ASN Q 9 -82.58 5.54 -3.25
CA ASN Q 9 -82.76 6.11 -4.58
C ASN Q 9 -81.94 5.33 -5.59
N ILE Q 10 -82.58 4.97 -6.70
CA ILE Q 10 -81.93 4.29 -7.82
C ILE Q 10 -81.98 5.23 -9.01
N SER Q 11 -80.81 5.50 -9.60
CA SER Q 11 -80.68 6.45 -10.69
C SER Q 11 -80.20 5.72 -11.93
N PHE Q 12 -80.84 6.00 -13.06
CA PHE Q 12 -80.45 5.46 -14.36
C PHE Q 12 -79.93 6.60 -15.22
N LYS Q 13 -78.74 6.42 -15.79
CA LYS Q 13 -78.12 7.44 -16.63
C LYS Q 13 -77.54 6.77 -17.87
N GLU Q 14 -77.39 7.55 -18.94
CA GLU Q 14 -76.90 7.02 -20.19
C GLU Q 14 -75.39 7.21 -20.30
N LEU Q 15 -74.74 6.26 -20.99
CA LEU Q 15 -73.36 6.45 -21.44
C LEU Q 15 -73.35 7.41 -22.62
N ALA Q 16 -73.16 8.68 -22.31
CA ALA Q 16 -73.23 9.71 -23.34
C ALA Q 16 -72.00 9.65 -24.23
N THR Q 17 -71.90 8.59 -25.04
CA THR Q 17 -70.80 8.48 -26.00
C THR Q 17 -70.85 9.66 -26.95
N THR Q 18 -69.84 10.52 -26.86
CA THR Q 18 -69.91 11.83 -27.50
C THR Q 18 -68.69 12.04 -28.38
N VAL Q 19 -68.95 12.46 -29.62
CA VAL Q 19 -67.95 13.02 -30.50
C VAL Q 19 -68.26 14.51 -30.62
N LYS Q 20 -67.28 15.35 -30.34
CA LYS Q 20 -67.55 16.78 -30.24
C LYS Q 20 -68.07 17.33 -31.57
N GLU Q 21 -69.05 18.21 -31.48
CA GLU Q 21 -69.61 18.85 -32.66
C GLU Q 21 -68.72 19.99 -33.10
N ARG Q 22 -68.24 19.92 -34.35
CA ARG Q 22 -67.41 20.96 -34.92
C ARG Q 22 -68.24 21.85 -35.83
N SER Q 23 -67.63 22.94 -36.29
CA SER Q 23 -68.32 23.89 -37.13
C SER Q 23 -68.80 23.22 -38.42
N ALA Q 24 -70.06 23.47 -38.77
CA ALA Q 24 -70.64 22.86 -39.96
C ALA Q 24 -69.98 23.42 -41.21
N ARG Q 25 -69.75 22.54 -42.18
CA ARG Q 25 -69.09 22.90 -43.43
C ARG Q 25 -69.87 22.37 -44.62
N GLY Q 26 -69.81 23.11 -45.73
CA GLY Q 26 -70.50 22.73 -46.94
C GLY Q 26 -71.78 23.48 -47.24
N ILE Q 27 -72.12 24.49 -46.46
CA ILE Q 27 -73.36 25.24 -46.65
C ILE Q 27 -73.14 26.34 -47.67
N ILE Q 28 -74.03 26.43 -48.64
CA ILE Q 28 -73.96 27.44 -49.69
C ILE Q 28 -75.03 28.49 -49.43
N ALA Q 29 -74.69 29.75 -49.59
CA ALA Q 29 -75.62 30.87 -49.43
C ALA Q 29 -76.03 31.35 -50.81
N MET Q 30 -77.34 31.38 -51.06
CA MET Q 30 -77.89 31.74 -52.36
C MET Q 30 -78.68 33.03 -52.21
N VAL Q 31 -78.41 34.00 -53.07
CA VAL Q 31 -79.12 35.27 -53.05
C VAL Q 31 -79.69 35.53 -54.44
N LEU Q 32 -80.97 35.89 -54.49
CA LEU Q 32 -81.69 36.04 -55.75
C LEU Q 32 -82.80 37.05 -55.57
N LYS Q 33 -83.19 37.69 -56.67
CA LYS Q 33 -84.21 38.73 -56.65
C LYS Q 33 -85.47 38.27 -57.39
N ASP Q 34 -86.62 38.57 -56.80
CA ASP Q 34 -87.91 38.19 -57.36
C ASP Q 34 -89.00 39.05 -56.73
N ALA Q 35 -90.24 38.67 -56.99
CA ALA Q 35 -91.40 39.31 -56.40
C ALA Q 35 -92.24 38.37 -55.55
N LYS Q 36 -91.81 37.12 -55.38
CA LYS Q 36 -92.57 36.13 -54.63
C LYS Q 36 -91.67 35.41 -53.64
N ALA Q 37 -92.27 35.00 -52.51
CA ALA Q 37 -91.58 34.24 -51.47
C ALA Q 37 -90.34 34.96 -50.99
N LEU Q 38 -90.48 36.26 -50.72
CA LEU Q 38 -89.35 37.06 -50.28
C LEU Q 38 -88.88 36.60 -48.90
N GLY Q 39 -87.61 36.85 -48.62
CA GLY Q 39 -86.98 36.31 -47.43
C GLY Q 39 -86.22 35.04 -47.75
N LEU Q 40 -85.63 34.46 -46.71
CA LEU Q 40 -84.94 33.19 -46.87
C LEU Q 40 -85.95 32.08 -47.12
N ASN Q 41 -85.53 31.08 -47.90
CA ASN Q 41 -86.42 29.98 -48.24
C ASN Q 41 -85.94 28.64 -47.70
N GLU Q 42 -84.66 28.50 -47.34
CA GLU Q 42 -84.16 27.39 -46.54
C GLU Q 42 -84.43 26.05 -47.24
N ILE Q 43 -83.78 25.86 -48.38
CA ILE Q 43 -83.95 24.64 -49.17
C ILE Q 43 -82.91 23.65 -48.67
N HIS Q 44 -83.29 22.92 -47.61
CA HIS Q 44 -82.41 21.88 -47.07
C HIS Q 44 -82.44 20.64 -47.95
N GLU Q 45 -83.55 20.40 -48.64
CA GLU Q 45 -83.74 19.18 -49.41
C GLU Q 45 -83.83 19.51 -50.90
N LYS Q 46 -83.21 18.65 -51.71
CA LYS Q 46 -83.21 18.86 -53.16
C LYS Q 46 -84.61 18.87 -53.74
N GLU Q 47 -85.52 18.04 -53.22
CA GLU Q 47 -86.80 17.85 -53.87
C GLU Q 47 -87.72 19.06 -53.69
N ASP Q 48 -87.74 19.65 -52.50
CA ASP Q 48 -88.76 20.66 -52.19
C ASP Q 48 -88.29 22.03 -52.66
N ILE Q 49 -89.10 22.69 -53.48
CA ILE Q 49 -88.82 24.03 -53.99
C ILE Q 49 -90.10 24.85 -53.84
N PRO Q 50 -90.02 26.11 -53.41
CA PRO Q 50 -91.21 26.96 -53.42
C PRO Q 50 -91.75 27.11 -54.84
N VAL Q 51 -93.07 27.15 -54.95
CA VAL Q 51 -93.70 27.07 -56.27
C VAL Q 51 -93.89 28.45 -56.89
N ASP Q 52 -93.94 29.51 -56.08
CA ASP Q 52 -94.25 30.83 -56.62
C ASP Q 52 -93.07 31.47 -57.33
N LEU Q 53 -91.85 30.99 -57.10
CA LEU Q 53 -90.69 31.61 -57.72
C LEU Q 53 -90.63 31.28 -59.20
N SER Q 54 -89.85 32.08 -59.93
CA SER Q 54 -89.82 32.00 -61.38
C SER Q 54 -89.17 30.70 -61.86
N ALA Q 55 -89.44 30.35 -63.12
CA ALA Q 55 -88.94 29.09 -63.67
C ALA Q 55 -87.43 29.11 -63.83
N GLU Q 56 -86.87 30.17 -64.43
CA GLU Q 56 -85.44 30.22 -64.64
C GLU Q 56 -84.69 30.22 -63.32
N ASN Q 57 -85.25 30.86 -62.29
CA ASN Q 57 -84.67 30.78 -60.96
C ASN Q 57 -84.71 29.35 -60.43
N LYS Q 58 -85.78 28.61 -60.72
CA LYS Q 58 -85.79 27.19 -60.39
C LYS Q 58 -84.67 26.46 -61.08
N GLU Q 59 -84.40 26.80 -62.35
CA GLU Q 59 -83.28 26.18 -63.06
C GLU Q 59 -81.95 26.48 -62.38
N TYR Q 60 -81.74 27.73 -61.95
CA TYR Q 60 -80.51 28.04 -61.23
C TYR Q 60 -80.42 27.24 -59.94
N ILE Q 61 -81.54 27.06 -59.25
CA ILE Q 61 -81.55 26.22 -58.06
C ILE Q 61 -81.11 24.79 -58.42
N ASN Q 62 -81.65 24.25 -59.51
CA ASN Q 62 -81.27 22.89 -59.90
C ASN Q 62 -79.78 22.79 -60.21
N LEU Q 63 -79.23 23.80 -60.90
CA LEU Q 63 -77.79 23.80 -61.15
C LEU Q 63 -77.02 23.79 -59.83
N ALA Q 64 -77.45 24.59 -58.86
CA ALA Q 64 -76.78 24.62 -57.57
C ALA Q 64 -76.94 23.32 -56.80
N LEU Q 65 -78.01 22.57 -57.06
CA LEU Q 65 -78.32 21.40 -56.25
C LEU Q 65 -77.36 20.24 -56.51
N MET Q 66 -77.08 19.97 -57.79
CA MET Q 66 -76.26 18.81 -58.12
C MET Q 66 -74.80 19.04 -57.71
N GLY Q 67 -74.36 18.28 -56.71
CA GLY Q 67 -73.03 18.45 -56.15
C GLY Q 67 -71.97 17.73 -56.96
N ASN Q 68 -70.70 17.93 -56.57
CA ASN Q 68 -69.59 17.32 -57.29
C ASN Q 68 -69.47 15.84 -56.96
N VAL Q 69 -69.20 15.52 -55.70
CA VAL Q 69 -69.15 14.13 -55.24
C VAL Q 69 -70.45 13.75 -54.54
N ASN Q 70 -70.94 14.59 -53.64
CA ASN Q 70 -72.17 14.34 -52.92
C ASN Q 70 -72.99 15.63 -52.87
N THR Q 71 -74.28 15.46 -52.61
CA THR Q 71 -75.17 16.61 -52.52
C THR Q 71 -74.73 17.53 -51.39
N PRO Q 72 -74.79 18.85 -51.57
CA PRO Q 72 -74.47 19.76 -50.47
C PRO Q 72 -75.37 19.49 -49.27
N ASN Q 73 -74.77 19.55 -48.08
CA ASN Q 73 -75.48 19.16 -46.87
C ASN Q 73 -76.63 20.12 -46.56
N LYS Q 74 -76.50 21.39 -46.94
CA LYS Q 74 -77.53 22.37 -46.63
C LYS Q 74 -77.38 23.56 -47.56
N LEU Q 75 -78.50 24.06 -48.05
CA LEU Q 75 -78.52 25.18 -48.98
C LEU Q 75 -79.46 26.26 -48.45
N LEU Q 76 -78.98 27.50 -48.46
CA LEU Q 76 -79.76 28.66 -48.02
C LEU Q 76 -79.95 29.59 -49.21
N VAL Q 77 -81.19 29.96 -49.49
CA VAL Q 77 -81.51 30.86 -50.59
C VAL Q 77 -82.30 32.03 -50.03
N TYR Q 78 -81.89 33.24 -50.39
CA TYR Q 78 -82.56 34.47 -49.98
C TYR Q 78 -83.20 35.13 -51.20
N VAL Q 79 -84.47 35.50 -51.06
CA VAL Q 79 -85.20 36.24 -52.10
C VAL Q 79 -85.27 37.69 -51.67
N ILE Q 80 -84.84 38.59 -52.55
CA ILE Q 80 -84.76 40.01 -52.25
C ILE Q 80 -85.60 40.78 -53.26
N GLU Q 81 -86.29 41.80 -52.76
CA GLU Q 81 -86.99 42.73 -53.63
C GLU Q 81 -85.99 43.43 -54.54
N GLY Q 82 -86.38 43.59 -55.80
CA GLY Q 82 -85.49 44.24 -56.76
C GLY Q 82 -85.17 45.66 -56.34
N GLU Q 83 -83.96 46.11 -56.72
CA GLU Q 83 -83.43 47.45 -56.45
C GLU Q 83 -83.28 47.76 -54.97
N ALA Q 84 -83.41 46.75 -54.09
CA ALA Q 84 -83.19 46.96 -52.67
C ALA Q 84 -81.72 47.07 -52.31
N ASP Q 85 -80.83 47.12 -53.30
CA ASP Q 85 -79.39 47.18 -53.11
C ASP Q 85 -78.92 45.92 -52.40
N ILE Q 86 -77.64 45.86 -52.01
CA ILE Q 86 -77.10 44.64 -51.43
C ILE Q 86 -77.20 44.64 -49.91
N GLN Q 87 -76.90 45.76 -49.25
CA GLN Q 87 -76.72 45.74 -47.80
C GLN Q 87 -77.95 45.22 -47.06
N THR Q 88 -79.14 45.42 -47.62
CA THR Q 88 -80.36 44.93 -46.98
C THR Q 88 -80.30 43.41 -46.81
N ALA Q 89 -79.92 42.69 -47.87
CA ALA Q 89 -79.71 41.26 -47.75
C ALA Q 89 -78.42 40.95 -46.98
N LEU Q 90 -77.41 41.80 -47.13
CA LEU Q 90 -76.10 41.52 -46.58
C LEU Q 90 -76.14 41.42 -45.07
N ASP Q 91 -76.91 42.29 -44.42
CA ASP Q 91 -77.07 42.19 -42.97
C ASP Q 91 -77.71 40.86 -42.59
N PHE Q 92 -78.73 40.45 -43.35
CA PHE Q 92 -79.42 39.20 -43.04
C PHE Q 92 -78.46 38.02 -43.15
N LEU Q 93 -77.59 38.03 -44.16
CA LEU Q 93 -76.57 36.99 -44.25
C LEU Q 93 -75.55 37.09 -43.13
N GLU Q 94 -75.21 38.31 -42.71
CA GLU Q 94 -74.31 38.43 -41.56
C GLU Q 94 -74.94 37.84 -40.30
N THR Q 95 -76.27 37.76 -40.26
CA THR Q 95 -76.93 37.18 -39.10
C THR Q 95 -76.54 35.71 -38.92
N LYS Q 96 -76.50 34.93 -40.00
CA LYS Q 96 -76.28 33.50 -39.91
C LYS Q 96 -74.95 33.09 -40.54
N GLU Q 97 -74.56 31.85 -40.28
CA GLU Q 97 -73.32 31.31 -40.80
C GLU Q 97 -73.53 30.69 -42.18
N PHE Q 98 -72.45 30.67 -42.97
CA PHE Q 98 -72.45 30.06 -44.29
C PHE Q 98 -71.01 29.93 -44.75
N ASN Q 99 -70.82 29.29 -45.90
CA ASN Q 99 -69.49 29.09 -46.46
C ASN Q 99 -69.30 29.79 -47.80
N TYR Q 100 -70.20 29.58 -48.76
CA TYR Q 100 -70.06 30.10 -50.11
C TYR Q 100 -71.29 30.90 -50.49
N LEU Q 101 -71.06 32.00 -51.21
CA LEU Q 101 -72.12 32.91 -51.62
C LEU Q 101 -72.02 33.18 -53.11
N CYS Q 102 -73.16 33.25 -53.80
CA CYS Q 102 -73.17 33.46 -55.23
C CYS Q 102 -74.42 34.24 -55.64
N MET Q 103 -74.28 34.99 -56.74
CA MET Q 103 -75.33 35.81 -57.33
C MET Q 103 -75.36 35.61 -58.84
N PRO Q 104 -76.45 35.08 -59.39
CA PRO Q 104 -76.57 34.97 -60.84
C PRO Q 104 -76.72 36.31 -61.52
N LYS Q 105 -77.64 37.14 -61.04
CA LYS Q 105 -77.93 38.43 -61.64
C LYS Q 105 -77.30 39.53 -60.80
N ALA Q 106 -76.28 40.19 -61.35
CA ALA Q 106 -75.62 41.25 -60.61
C ALA Q 106 -74.93 42.19 -61.58
N VAL Q 107 -75.00 43.48 -61.25
CA VAL Q 107 -74.30 44.50 -62.01
C VAL Q 107 -72.92 44.70 -61.39
N GLU Q 108 -72.05 45.39 -62.13
CA GLU Q 108 -70.68 45.59 -61.67
C GLU Q 108 -70.63 46.34 -60.35
N ALA Q 109 -71.59 47.24 -60.11
CA ALA Q 109 -71.69 47.89 -58.81
C ALA Q 109 -71.97 46.86 -57.72
N ASP Q 110 -72.87 45.91 -58.00
CA ASP Q 110 -73.13 44.85 -57.03
C ASP Q 110 -71.88 44.02 -56.79
N LYS Q 111 -71.12 43.71 -57.85
CA LYS Q 111 -69.90 42.95 -57.69
C LYS Q 111 -68.88 43.69 -56.83
N THR Q 112 -68.75 45.00 -57.05
CA THR Q 112 -67.86 45.80 -56.22
C THR Q 112 -68.32 45.78 -54.76
N ALA Q 113 -69.62 45.89 -54.53
CA ALA Q 113 -70.13 45.83 -53.17
C ALA Q 113 -69.81 44.50 -52.51
N ILE Q 114 -70.00 43.40 -53.23
CA ILE Q 114 -69.70 42.08 -52.67
C ILE Q 114 -68.22 41.97 -52.35
N LYS Q 115 -67.36 42.42 -53.27
CA LYS Q 115 -65.93 42.31 -53.04
C LYS Q 115 -65.50 43.11 -51.81
N ASN Q 116 -65.97 44.35 -51.71
CA ASN Q 116 -65.60 45.17 -50.56
C ASN Q 116 -66.12 44.57 -49.26
N TRP Q 117 -67.37 44.09 -49.28
CA TRP Q 117 -67.94 43.48 -48.08
C TRP Q 117 -67.14 42.27 -47.64
N ILE Q 118 -66.79 41.39 -48.58
CA ILE Q 118 -66.06 40.18 -48.23
C ILE Q 118 -64.68 40.53 -47.70
N ILE Q 119 -63.99 41.47 -48.34
CA ILE Q 119 -62.66 41.84 -47.89
C ILE Q 119 -62.71 42.42 -46.48
N LYS Q 120 -63.69 43.29 -46.21
CA LYS Q 120 -63.78 43.88 -44.88
C LYS Q 120 -64.19 42.83 -43.85
N LEU Q 121 -65.03 41.87 -44.23
CA LEU Q 121 -65.55 40.93 -43.25
C LEU Q 121 -64.52 39.86 -42.89
N ARG Q 122 -63.69 39.45 -43.86
CA ARG Q 122 -62.71 38.43 -43.56
C ARG Q 122 -61.58 38.94 -42.69
N ASP Q 123 -61.43 40.25 -42.58
CA ASP Q 123 -60.29 40.83 -41.88
C ASP Q 123 -60.70 41.55 -40.60
N ILE Q 124 -61.81 42.28 -40.62
CA ILE Q 124 -62.22 43.04 -39.45
C ILE Q 124 -62.98 42.15 -38.47
N ASP Q 125 -64.03 41.48 -38.95
CA ASP Q 125 -64.89 40.68 -38.09
C ASP Q 125 -64.35 39.28 -37.82
N LYS Q 126 -63.24 38.90 -38.44
CA LYS Q 126 -62.62 37.60 -38.24
C LYS Q 126 -63.60 36.45 -38.51
N VAL Q 127 -64.41 36.62 -39.55
CA VAL Q 127 -65.32 35.58 -40.02
C VAL Q 127 -64.87 35.16 -41.41
N LYS Q 128 -64.66 33.87 -41.59
CA LYS Q 128 -64.04 33.33 -42.80
C LYS Q 128 -65.13 32.80 -43.74
N VAL Q 129 -65.45 33.60 -44.76
CA VAL Q 129 -66.36 33.18 -45.81
C VAL Q 129 -65.75 33.55 -47.15
N LYS Q 130 -66.24 32.91 -48.21
CA LYS Q 130 -65.77 33.14 -49.56
C LYS Q 130 -66.95 33.27 -50.51
N ALA Q 131 -66.69 33.84 -51.68
CA ALA Q 131 -67.73 34.01 -52.68
C ALA Q 131 -67.11 33.92 -54.07
N VAL Q 132 -67.95 33.55 -55.05
CA VAL Q 132 -67.53 33.42 -56.44
C VAL Q 132 -68.19 34.55 -57.24
N LEU Q 133 -67.43 35.13 -58.16
CA LEU Q 133 -67.88 36.29 -58.91
C LEU Q 133 -67.61 36.10 -60.40
N GLY Q 134 -68.48 36.69 -61.22
CA GLY Q 134 -68.40 36.46 -62.66
C GLY Q 134 -67.14 37.00 -63.28
N LYS Q 135 -66.82 38.27 -63.00
CA LYS Q 135 -65.64 38.90 -63.59
C LYS Q 135 -65.16 39.96 -62.61
N VAL Q 136 -64.21 39.58 -61.75
CA VAL Q 136 -63.68 40.47 -60.72
C VAL Q 136 -62.20 40.14 -60.52
N VAL Q 137 -61.39 41.19 -60.41
CA VAL Q 137 -59.95 41.04 -60.31
C VAL Q 137 -59.54 41.26 -58.86
N GLY Q 138 -60.43 40.87 -57.94
CA GLY Q 138 -60.10 41.00 -56.53
C GLY Q 138 -58.85 40.23 -56.17
N ASN Q 139 -58.04 40.81 -55.30
CA ASN Q 139 -56.75 40.23 -54.92
C ASN Q 139 -56.80 39.60 -53.54
N HIS Q 140 -57.90 38.94 -53.19
CA HIS Q 140 -58.08 38.32 -51.89
C HIS Q 140 -58.43 36.85 -52.08
N GLU Q 141 -58.03 36.03 -51.11
CA GLU Q 141 -58.32 34.60 -51.22
C GLU Q 141 -59.81 34.32 -51.12
N GLY Q 142 -60.59 35.27 -50.64
CA GLY Q 142 -62.02 35.07 -50.51
C GLY Q 142 -62.80 35.23 -51.79
N ILE Q 143 -62.13 35.56 -52.89
CA ILE Q 143 -62.78 35.75 -54.18
C ILE Q 143 -62.27 34.70 -55.15
N ILE Q 144 -63.18 33.96 -55.76
CA ILE Q 144 -62.86 33.01 -56.83
C ILE Q 144 -63.40 33.57 -58.13
N ASN Q 145 -62.51 33.75 -59.11
CA ASN Q 145 -62.86 34.41 -60.36
C ASN Q 145 -62.99 33.36 -61.45
N PHE Q 146 -64.23 33.00 -61.78
CA PHE Q 146 -64.50 32.04 -62.83
C PHE Q 146 -64.87 32.79 -64.11
N THR Q 147 -64.27 32.39 -65.23
CA THR Q 147 -64.45 33.13 -66.48
C THR Q 147 -64.54 32.14 -67.64
N THR Q 148 -65.75 31.88 -68.11
CA THR Q 148 -65.97 31.06 -69.29
C THR Q 148 -67.29 31.47 -69.93
N GLU Q 149 -67.22 31.92 -71.18
CA GLU Q 149 -68.37 32.49 -71.87
C GLU Q 149 -69.11 31.43 -72.67
N ASP Q 150 -70.39 31.69 -72.93
CA ASP Q 150 -71.20 30.91 -73.86
C ASP Q 150 -71.19 29.42 -73.51
N VAL Q 151 -71.37 29.13 -72.23
CA VAL Q 151 -71.41 27.74 -71.78
C VAL Q 151 -72.75 27.14 -72.16
N LEU Q 152 -72.71 26.01 -72.88
CA LEU Q 152 -73.90 25.35 -73.38
C LEU Q 152 -74.18 24.13 -72.51
N VAL Q 153 -75.24 24.20 -71.71
CA VAL Q 153 -75.69 23.10 -70.88
C VAL Q 153 -77.13 22.78 -71.27
N GLY Q 154 -77.33 21.61 -71.87
CA GLY Q 154 -78.65 21.21 -72.30
C GLY Q 154 -79.30 22.20 -73.23
N GLU Q 155 -78.75 22.33 -74.44
CA GLU Q 155 -79.24 23.20 -75.52
C GLU Q 155 -79.60 24.61 -75.04
N LYS Q 156 -78.91 25.08 -74.00
CA LYS Q 156 -79.16 26.42 -73.47
C LYS Q 156 -77.84 27.14 -73.27
N LYS Q 157 -77.81 28.40 -73.68
CA LYS Q 157 -76.67 29.27 -73.45
C LYS Q 157 -76.72 29.86 -72.05
N TYR Q 158 -75.58 29.85 -71.37
CA TYR Q 158 -75.45 30.47 -70.06
C TYR Q 158 -74.25 31.40 -70.06
N SER Q 159 -74.47 32.63 -69.61
CA SER Q 159 -73.35 33.53 -69.40
C SER Q 159 -72.59 33.12 -68.13
N VAL Q 160 -71.43 33.75 -67.94
CA VAL Q 160 -70.59 33.40 -66.80
C VAL Q 160 -71.32 33.63 -65.49
N ASP Q 161 -72.07 34.73 -65.39
CA ASP Q 161 -72.73 35.07 -64.14
C ASP Q 161 -73.73 34.01 -63.72
N GLU Q 162 -74.54 33.51 -64.66
CA GLU Q 162 -75.50 32.48 -64.30
C GLU Q 162 -74.80 31.17 -63.92
N PHE Q 163 -73.75 30.81 -64.67
CA PHE Q 163 -73.06 29.56 -64.41
C PHE Q 163 -72.25 29.58 -63.12
N THR Q 164 -71.99 30.77 -62.55
CA THR Q 164 -71.29 30.84 -61.27
C THR Q 164 -72.00 30.02 -60.20
N SER Q 165 -73.33 29.90 -60.28
CA SER Q 165 -74.06 29.08 -59.31
C SER Q 165 -73.65 27.62 -59.40
N ARG Q 166 -73.56 27.08 -60.61
CA ARG Q 166 -73.08 25.71 -60.79
C ARG Q 166 -71.63 25.56 -60.33
N VAL Q 167 -70.78 26.55 -60.63
CA VAL Q 167 -69.40 26.47 -60.18
C VAL Q 167 -69.34 26.39 -58.65
N ALA Q 168 -70.11 27.25 -57.97
CA ALA Q 168 -70.10 27.26 -56.51
C ALA Q 168 -70.65 25.96 -55.94
N GLY Q 169 -71.72 25.42 -56.54
CA GLY Q 169 -72.25 24.16 -56.07
C GLY Q 169 -71.27 23.03 -56.21
N LEU Q 170 -70.57 22.97 -57.36
CA LEU Q 170 -69.57 21.93 -57.55
C LEU Q 170 -68.43 22.09 -56.56
N ILE Q 171 -68.03 23.34 -56.28
CA ILE Q 171 -66.95 23.57 -55.32
C ILE Q 171 -67.36 23.09 -53.94
N ALA Q 172 -68.58 23.41 -53.52
CA ALA Q 172 -69.02 23.02 -52.17
C ALA Q 172 -69.30 21.53 -52.08
N GLY Q 173 -69.55 20.87 -53.21
CA GLY Q 173 -69.87 19.45 -53.16
C GLY Q 173 -68.70 18.59 -52.70
N THR Q 174 -67.48 18.95 -53.10
CA THR Q 174 -66.33 18.09 -52.88
C THR Q 174 -65.97 18.02 -51.40
N PRO Q 175 -65.41 16.88 -50.96
CA PRO Q 175 -64.90 16.79 -49.59
C PRO Q 175 -63.59 17.57 -49.42
N LEU Q 176 -63.10 17.67 -48.19
CA LEU Q 176 -61.85 18.37 -47.95
C LEU Q 176 -60.65 17.51 -48.30
N SER Q 177 -60.80 16.19 -48.35
CA SER Q 177 -59.67 15.32 -48.66
C SER Q 177 -59.28 15.45 -50.12
N GLN Q 178 -60.19 15.91 -50.96
CA GLN Q 178 -59.95 15.99 -52.39
C GLN Q 178 -59.86 17.43 -52.86
N SER Q 179 -59.29 17.61 -54.05
CA SER Q 179 -59.22 18.91 -54.69
C SER Q 179 -60.25 19.00 -55.81
N VAL Q 180 -60.34 20.18 -56.42
CA VAL Q 180 -61.32 20.40 -57.48
C VAL Q 180 -60.74 20.25 -58.87
N THR Q 181 -59.43 20.04 -58.98
CA THR Q 181 -58.78 20.02 -60.29
C THR Q 181 -59.20 18.80 -61.09
N TYR Q 182 -59.38 18.98 -62.40
CA TYR Q 182 -59.58 17.89 -63.34
C TYR Q 182 -60.83 17.08 -63.00
N THR Q 183 -61.96 17.78 -62.96
CA THR Q 183 -63.24 17.16 -62.66
C THR Q 183 -64.16 17.30 -63.87
N LYS Q 184 -64.69 16.18 -64.33
CA LYS Q 184 -65.58 16.17 -65.48
C LYS Q 184 -66.94 16.74 -65.11
N LEU Q 185 -67.55 17.43 -66.07
CA LEU Q 185 -68.90 17.97 -65.95
C LEU Q 185 -69.71 17.42 -67.12
N SER Q 186 -70.41 16.32 -66.89
CA SER Q 186 -71.17 15.67 -67.95
C SER Q 186 -72.31 16.54 -68.48
N ASP Q 187 -72.76 17.52 -67.70
CA ASP Q 187 -73.89 18.34 -68.14
C ASP Q 187 -73.51 19.24 -69.31
N VAL Q 188 -72.38 19.96 -69.20
CA VAL Q 188 -71.96 20.83 -70.30
C VAL Q 188 -71.44 19.99 -71.45
N VAL Q 189 -71.78 20.39 -72.67
CA VAL Q 189 -71.49 19.57 -73.84
C VAL Q 189 -70.52 20.25 -74.79
N ASP Q 190 -70.45 21.58 -74.77
CA ASP Q 190 -69.44 22.26 -75.56
C ASP Q 190 -69.14 23.63 -74.99
N ILE Q 191 -67.90 24.08 -75.20
CA ILE Q 191 -67.47 25.44 -74.85
C ILE Q 191 -66.72 26.03 -76.02
N PRO Q 192 -66.61 27.36 -76.07
CA PRO Q 192 -65.82 28.00 -77.13
C PRO Q 192 -64.39 27.47 -77.16
N LYS Q 193 -63.89 27.23 -78.36
CA LYS Q 193 -62.54 26.70 -78.53
C LYS Q 193 -61.49 27.76 -78.23
N MET Q 194 -60.42 27.34 -77.56
CA MET Q 194 -59.38 28.26 -77.14
C MET Q 194 -58.11 27.47 -76.85
N THR Q 195 -56.97 28.07 -77.18
CA THR Q 195 -55.71 27.33 -77.23
C THR Q 195 -55.15 27.08 -75.83
N LYS Q 196 -54.12 26.23 -75.79
CA LYS Q 196 -53.53 25.83 -74.51
C LYS Q 196 -52.68 26.94 -73.90
N VAL Q 197 -51.90 27.64 -74.73
CA VAL Q 197 -51.01 28.68 -74.20
C VAL Q 197 -51.82 29.82 -73.59
N ASP Q 198 -52.98 30.14 -74.20
CA ASP Q 198 -53.85 31.14 -73.62
C ASP Q 198 -54.35 30.68 -72.25
N ALA Q 199 -54.70 29.40 -72.12
CA ALA Q 199 -55.13 28.89 -70.83
C ALA Q 199 -54.02 28.98 -69.80
N GLU Q 200 -52.79 28.65 -70.20
CA GLU Q 200 -51.66 28.75 -69.27
C GLU Q 200 -51.48 30.18 -68.79
N SER Q 201 -51.44 31.13 -69.72
CA SER Q 201 -51.27 32.53 -69.35
C SER Q 201 -52.41 33.00 -68.45
N ARG Q 202 -53.64 32.65 -68.81
CA ARG Q 202 -54.79 33.14 -68.06
C ARG Q 202 -54.84 32.55 -66.65
N VAL Q 203 -54.51 31.26 -66.52
CA VAL Q 203 -54.41 30.67 -65.19
C VAL Q 203 -53.33 31.35 -64.37
N ASN Q 204 -52.22 31.71 -65.04
CA ASN Q 204 -51.19 32.48 -64.35
C ASN Q 204 -51.71 33.83 -63.87
N LYS Q 205 -52.74 34.37 -64.52
CA LYS Q 205 -53.38 35.60 -64.06
C LYS Q 205 -54.32 35.39 -62.89
N GLY Q 206 -54.34 34.20 -62.29
CA GLY Q 206 -55.22 33.93 -61.18
C GLY Q 206 -56.66 33.67 -61.54
N GLU Q 207 -56.97 33.45 -62.81
CA GLU Q 207 -58.34 33.22 -63.23
C GLU Q 207 -58.61 31.74 -63.37
N LEU Q 208 -59.83 31.31 -63.05
CA LEU Q 208 -60.21 29.91 -63.14
C LEU Q 208 -61.08 29.71 -64.38
N ILE Q 209 -60.70 28.76 -65.23
CA ILE Q 209 -61.33 28.56 -66.52
C ILE Q 209 -61.63 27.08 -66.74
N LEU Q 210 -62.52 26.82 -67.70
CA LEU Q 210 -62.88 25.48 -68.12
C LEU Q 210 -62.04 25.08 -69.32
N ILE Q 211 -61.52 23.85 -69.29
CA ILE Q 211 -60.59 23.38 -70.31
C ILE Q 211 -61.13 22.06 -70.86
N LYS Q 212 -61.01 21.91 -72.18
CA LYS Q 212 -61.37 20.67 -72.87
C LYS Q 212 -60.09 19.84 -73.05
N GLU Q 213 -60.02 18.72 -72.34
CA GLU Q 213 -58.88 17.82 -72.45
C GLU Q 213 -59.34 16.41 -72.13
N ALA Q 214 -58.59 15.44 -72.64
CA ALA Q 214 -58.94 14.02 -72.51
C ALA Q 214 -60.37 13.85 -73.04
N GLY Q 215 -61.15 12.99 -72.38
CA GLY Q 215 -62.48 12.70 -72.88
C GLY Q 215 -63.48 13.84 -72.79
N ALA Q 216 -63.53 14.52 -71.65
CA ALA Q 216 -64.59 15.46 -71.35
C ALA Q 216 -64.04 16.83 -70.96
N ILE Q 217 -64.93 17.68 -70.48
CA ILE Q 217 -64.56 19.03 -70.05
C ILE Q 217 -64.27 19.01 -68.55
N ARG Q 218 -63.11 19.55 -68.17
CA ARG Q 218 -62.65 19.47 -66.79
C ARG Q 218 -62.24 20.84 -66.26
N ILE Q 219 -62.16 20.92 -64.93
CA ILE Q 219 -61.62 22.10 -64.27
C ILE Q 219 -60.10 22.12 -64.41
N ALA Q 220 -59.53 23.32 -64.51
CA ALA Q 220 -58.09 23.49 -64.69
C ALA Q 220 -57.49 24.11 -63.44
N ARG Q 221 -57.14 23.27 -62.48
CA ARG Q 221 -56.36 23.66 -61.30
C ARG Q 221 -56.96 24.91 -60.65
N GLY Q 222 -58.12 24.69 -60.03
CA GLY Q 222 -58.81 25.77 -59.33
C GLY Q 222 -57.93 26.50 -58.32
N VAL Q 223 -57.84 27.82 -58.47
CA VAL Q 223 -57.03 28.66 -57.61
C VAL Q 223 -57.81 29.92 -57.27
N ASN Q 224 -57.34 30.63 -56.24
CA ASN Q 224 -57.96 31.87 -55.84
C ASN Q 224 -57.66 32.98 -56.84
N SER Q 225 -58.11 34.19 -56.50
CA SER Q 225 -57.96 35.30 -57.43
C SER Q 225 -56.73 36.16 -57.14
N LEU Q 226 -55.98 35.86 -56.08
CA LEU Q 226 -54.83 36.70 -55.77
C LEU Q 226 -53.64 36.32 -56.64
N THR Q 227 -52.92 37.34 -57.10
CA THR Q 227 -51.73 37.14 -57.94
C THR Q 227 -50.47 37.78 -57.39
N GLU Q 228 -50.60 38.85 -56.62
CA GLU Q 228 -49.44 39.49 -56.00
C GLU Q 228 -49.07 38.73 -54.72
N LEU Q 229 -47.83 38.28 -54.65
CA LEU Q 229 -47.32 37.47 -53.55
C LEU Q 229 -46.53 38.37 -52.61
N THR Q 230 -46.87 38.34 -51.34
CA THR Q 230 -46.12 39.08 -50.33
C THR Q 230 -45.21 38.13 -49.55
N ALA Q 231 -44.58 38.66 -48.50
CA ALA Q 231 -43.65 37.84 -47.73
C ALA Q 231 -44.38 36.84 -46.85
N GLU Q 232 -45.48 37.26 -46.21
CA GLU Q 232 -46.21 36.35 -45.33
C GLU Q 232 -47.26 35.56 -46.10
N LYS Q 233 -47.82 36.13 -47.16
CA LYS Q 233 -48.74 35.41 -48.02
C LYS Q 233 -47.93 34.60 -49.02
N GLY Q 234 -47.64 33.34 -48.68
CA GLY Q 234 -46.80 32.51 -49.51
C GLY Q 234 -47.55 31.89 -50.67
N GLU Q 235 -46.88 30.94 -51.31
CA GLU Q 235 -47.43 30.30 -52.51
C GLU Q 235 -48.69 29.50 -52.18
N MET Q 236 -48.66 28.72 -51.09
CA MET Q 236 -49.76 27.82 -50.81
C MET Q 236 -51.06 28.56 -50.50
N PHE Q 237 -51.01 29.86 -50.26
CA PHE Q 237 -52.23 30.63 -50.09
C PHE Q 237 -52.98 30.82 -51.40
N GLN Q 238 -52.51 30.20 -52.48
CA GLN Q 238 -53.15 30.34 -53.78
C GLN Q 238 -54.01 29.14 -54.14
N LYS Q 239 -53.96 28.06 -53.36
CA LYS Q 239 -54.75 26.86 -53.61
C LYS Q 239 -56.03 26.89 -52.80
N ILE Q 240 -57.13 26.48 -53.43
CA ILE Q 240 -58.44 26.53 -52.76
C ILE Q 240 -58.47 25.55 -51.58
N LYS Q 241 -57.93 24.35 -51.77
CA LYS Q 241 -58.01 23.34 -50.72
C LYS Q 241 -57.30 23.78 -49.45
N ILE Q 242 -56.12 24.39 -49.60
CA ILE Q 242 -55.33 24.78 -48.44
C ILE Q 242 -56.01 25.91 -47.68
N VAL Q 243 -56.51 26.92 -48.40
CA VAL Q 243 -57.19 28.01 -47.72
C VAL Q 243 -58.47 27.51 -47.06
N ASP Q 244 -59.12 26.52 -47.66
CA ASP Q 244 -60.33 25.96 -47.07
C ASP Q 244 -60.05 25.25 -45.76
N THR Q 245 -59.02 24.40 -45.74
CA THR Q 245 -58.70 23.71 -44.49
C THR Q 245 -58.18 24.69 -43.43
N LEU Q 246 -57.49 25.75 -43.84
CA LEU Q 246 -57.11 26.78 -42.87
C LEU Q 246 -58.34 27.45 -42.28
N ASP Q 247 -59.34 27.73 -43.12
CA ASP Q 247 -60.56 28.35 -42.63
C ASP Q 247 -61.27 27.46 -41.62
N ILE Q 248 -61.35 26.16 -41.91
CA ILE Q 248 -62.06 25.27 -40.99
C ILE Q 248 -61.29 25.15 -39.68
N ILE Q 249 -59.95 25.13 -39.74
CA ILE Q 249 -59.16 25.10 -38.52
C ILE Q 249 -59.44 26.34 -37.68
N HIS Q 250 -59.43 27.51 -38.33
CA HIS Q 250 -59.70 28.76 -37.61
C HIS Q 250 -61.05 28.72 -36.92
N SER Q 251 -62.10 28.35 -37.66
CA SER Q 251 -63.43 28.36 -37.09
C SER Q 251 -63.55 27.39 -35.92
N ASP Q 252 -63.02 26.19 -36.07
CA ASP Q 252 -63.12 25.20 -35.00
C ASP Q 252 -62.40 25.65 -33.74
N ILE Q 253 -61.17 26.12 -33.89
CA ILE Q 253 -60.41 26.53 -32.71
C ILE Q 253 -61.06 27.72 -32.04
N ARG Q 254 -61.54 28.69 -32.82
CA ARG Q 254 -62.20 29.85 -32.24
C ARG Q 254 -63.44 29.43 -31.46
N LYS Q 255 -64.26 28.53 -32.04
CA LYS Q 255 -65.47 28.10 -31.35
C LYS Q 255 -65.14 27.39 -30.05
N VAL Q 256 -64.14 26.51 -30.06
CA VAL Q 256 -63.75 25.83 -28.83
C VAL Q 256 -63.31 26.83 -27.77
N ILE Q 257 -62.48 27.78 -28.17
CA ILE Q 257 -61.93 28.75 -27.21
C ILE Q 257 -63.04 29.57 -26.59
N ILE Q 258 -63.95 30.09 -27.42
CA ILE Q 258 -64.99 30.95 -26.88
C ILE Q 258 -65.95 30.14 -26.03
N ASP Q 259 -66.21 28.88 -26.40
CA ASP Q 259 -67.21 28.10 -25.68
C ASP Q 259 -66.72 27.65 -24.32
N ASP Q 260 -65.45 27.27 -24.21
CA ASP Q 260 -65.00 26.57 -23.00
C ASP Q 260 -64.10 27.40 -22.11
N TYR Q 261 -63.12 28.10 -22.66
CA TYR Q 261 -62.01 28.65 -21.88
C TYR Q 261 -62.13 30.15 -21.64
N ILE Q 262 -63.24 30.77 -22.02
CA ILE Q 262 -63.40 32.22 -21.87
C ILE Q 262 -64.18 32.50 -20.60
N GLY Q 263 -63.54 33.18 -19.66
CA GLY Q 263 -64.21 33.62 -18.45
C GLY Q 263 -64.62 32.51 -17.53
N LYS Q 264 -64.00 31.33 -17.64
CA LYS Q 264 -64.34 30.20 -16.81
C LYS Q 264 -63.13 29.47 -16.23
N VAL Q 265 -61.92 29.84 -16.60
CA VAL Q 265 -60.71 29.21 -16.09
C VAL Q 265 -59.72 30.29 -15.69
N THR Q 266 -59.10 30.11 -14.52
CA THR Q 266 -58.13 31.08 -14.04
C THR Q 266 -56.86 31.03 -14.88
N ASN Q 267 -56.34 32.21 -15.22
CA ASN Q 267 -55.14 32.32 -16.04
C ASN Q 267 -53.93 31.95 -15.18
N SER Q 268 -53.53 30.69 -15.24
CA SER Q 268 -52.36 30.22 -14.51
C SER Q 268 -51.57 29.28 -15.42
N TYR Q 269 -50.35 28.95 -14.99
CA TYR Q 269 -49.47 28.12 -15.81
C TYR Q 269 -50.10 26.77 -16.11
N ASP Q 270 -50.69 26.13 -15.11
CA ASP Q 270 -51.28 24.82 -15.32
C ASP Q 270 -52.48 24.88 -16.26
N ASN Q 271 -53.30 25.92 -16.14
CA ASN Q 271 -54.40 26.08 -17.07
C ASN Q 271 -53.91 26.29 -18.50
N LYS Q 272 -52.81 27.03 -18.65
CA LYS Q 272 -52.22 27.18 -19.98
C LYS Q 272 -51.74 25.85 -20.52
N CYS Q 273 -51.13 25.03 -19.66
CA CYS Q 273 -50.70 23.70 -20.10
C CYS Q 273 -51.89 22.85 -20.54
N LEU Q 274 -52.99 22.93 -19.80
CA LEU Q 274 -54.19 22.19 -20.17
C LEU Q 274 -54.74 22.66 -21.51
N LEU Q 275 -54.74 23.98 -21.73
CA LEU Q 275 -55.20 24.51 -23.01
C LEU Q 275 -54.31 24.02 -24.15
N ILE Q 276 -53.01 24.00 -23.93
CA ILE Q 276 -52.07 23.49 -24.93
C ILE Q 276 -52.40 22.04 -25.25
N VAL Q 277 -52.63 21.23 -24.21
CA VAL Q 277 -52.93 19.82 -24.43
C VAL Q 277 -54.21 19.66 -25.23
N ALA Q 278 -55.24 20.45 -24.92
CA ALA Q 278 -56.51 20.35 -25.66
C ALA Q 278 -56.31 20.72 -27.13
N ILE Q 279 -55.55 21.79 -27.38
CA ILE Q 279 -55.32 22.23 -28.76
C ILE Q 279 -54.56 21.14 -29.52
N LYS Q 280 -53.53 20.56 -28.89
CA LYS Q 280 -52.77 19.49 -29.54
C LYS Q 280 -53.65 18.29 -29.82
N SER Q 281 -54.56 17.96 -28.89
CA SER Q 281 -55.46 16.84 -29.13
C SER Q 281 -56.35 17.10 -30.34
N TYR Q 282 -56.89 18.32 -30.46
CA TYR Q 282 -57.70 18.63 -31.64
C TYR Q 282 -56.88 18.55 -32.91
N LEU Q 283 -55.64 19.04 -32.87
CA LEU Q 283 -54.80 18.98 -34.07
C LEU Q 283 -54.53 17.54 -34.47
N GLU Q 284 -54.25 16.67 -33.50
CA GLU Q 284 -54.04 15.25 -33.82
C GLU Q 284 -55.31 14.64 -34.40
N GLU Q 285 -56.47 15.01 -33.86
CA GLU Q 285 -57.73 14.48 -34.38
C GLU Q 285 -57.90 14.89 -35.84
N LEU Q 286 -57.59 16.15 -36.17
CA LEU Q 286 -57.64 16.57 -37.56
C LEU Q 286 -56.60 15.83 -38.41
N GLU Q 287 -55.45 15.54 -37.83
CA GLU Q 287 -54.43 14.78 -38.54
C GLU Q 287 -54.95 13.40 -38.93
N LYS Q 288 -55.76 12.79 -38.06
CA LYS Q 288 -56.30 11.47 -38.36
C LYS Q 288 -57.10 11.45 -39.65
N SER Q 289 -57.82 12.54 -39.95
CA SER Q 289 -58.56 12.64 -41.20
C SER Q 289 -57.67 12.91 -42.40
N ALA Q 290 -56.35 12.90 -42.23
CA ALA Q 290 -55.38 13.13 -43.29
C ALA Q 290 -55.53 14.49 -43.94
N LEU Q 291 -55.58 15.57 -43.15
CA LEU Q 291 -55.60 16.91 -43.73
C LEU Q 291 -54.30 17.66 -43.46
N ILE Q 292 -53.56 17.26 -42.42
CA ILE Q 292 -52.26 17.87 -42.14
C ILE Q 292 -51.23 16.77 -41.93
N GLU Q 293 -49.96 17.15 -41.85
CA GLU Q 293 -48.89 16.17 -41.66
C GLU Q 293 -48.99 15.58 -40.25
N SER Q 294 -48.32 14.44 -40.06
CA SER Q 294 -48.48 13.67 -38.83
C SER Q 294 -48.04 14.47 -37.60
N ASP Q 295 -46.84 15.03 -37.65
CA ASP Q 295 -46.26 15.68 -36.47
C ASP Q 295 -46.60 17.17 -36.50
N SER Q 296 -47.13 17.66 -35.38
CA SER Q 296 -47.40 19.08 -35.19
C SER Q 296 -46.99 19.45 -33.76
N THR Q 297 -46.63 20.71 -33.56
CA THR Q 297 -46.17 21.18 -32.26
C THR Q 297 -46.92 22.45 -31.87
N VAL Q 298 -47.28 22.54 -30.59
CA VAL Q 298 -47.90 23.72 -30.01
C VAL Q 298 -47.20 24.01 -28.69
N GLU Q 299 -46.85 25.27 -28.45
CA GLU Q 299 -46.17 25.64 -27.22
C GLU Q 299 -46.38 27.12 -26.96
N ILE Q 300 -45.99 27.54 -25.75
CA ILE Q 300 -46.22 28.91 -25.33
C ILE Q 300 -45.29 29.85 -26.09
N ASP Q 301 -45.86 30.97 -26.57
CA ASP Q 301 -45.09 31.93 -27.34
C ASP Q 301 -44.27 32.80 -26.40
N PHE Q 302 -42.96 32.52 -26.34
CA PHE Q 302 -42.09 33.19 -25.38
C PHE Q 302 -41.77 34.63 -25.79
N GLU Q 303 -41.57 34.89 -27.08
CA GLU Q 303 -41.15 36.22 -27.51
C GLU Q 303 -42.19 37.28 -27.19
N ALA Q 304 -43.45 37.02 -27.54
CA ALA Q 304 -44.50 37.98 -27.26
C ALA Q 304 -44.70 38.18 -25.77
N GLN Q 305 -44.61 37.10 -24.99
CA GLN Q 305 -44.72 37.22 -23.55
C GLN Q 305 -43.61 38.10 -22.98
N LYS Q 306 -42.38 37.88 -23.43
CA LYS Q 306 -41.27 38.70 -22.95
C LYS Q 306 -41.46 40.16 -23.32
N SER Q 307 -41.89 40.42 -24.55
CA SER Q 307 -42.13 41.80 -24.96
C SER Q 307 -43.23 42.45 -24.12
N TYR Q 308 -44.30 41.71 -23.86
CA TYR Q 308 -45.39 42.24 -23.04
C TYR Q 308 -44.92 42.55 -21.62
N LEU Q 309 -44.13 41.64 -21.03
CA LEU Q 309 -43.60 41.90 -19.70
C LEU Q 309 -42.70 43.12 -19.70
N LYS Q 310 -41.86 43.26 -20.73
CA LYS Q 310 -41.00 44.44 -20.84
C LYS Q 310 -41.84 45.71 -20.95
N SER Q 311 -42.98 45.64 -21.64
CA SER Q 311 -43.84 46.80 -21.74
C SER Q 311 -44.42 47.21 -20.40
N LYS Q 312 -44.40 46.31 -19.42
CA LYS Q 312 -44.86 46.62 -18.08
C LYS Q 312 -43.74 47.09 -17.16
N GLY Q 313 -42.51 47.13 -17.64
CA GLY Q 313 -41.40 47.61 -16.84
C GLY Q 313 -40.81 46.61 -15.88
N VAL Q 314 -41.34 45.39 -15.84
CA VAL Q 314 -40.79 44.38 -14.95
C VAL Q 314 -39.36 44.03 -15.39
N ASP Q 315 -38.51 43.69 -14.42
CA ASP Q 315 -37.10 43.42 -14.68
C ASP Q 315 -36.89 41.91 -14.83
N LEU Q 316 -36.65 41.49 -16.07
CA LEU Q 316 -36.40 40.09 -16.39
C LEU Q 316 -34.92 39.80 -16.60
N SER Q 317 -34.03 40.67 -16.12
CA SER Q 317 -32.60 40.45 -16.32
C SER Q 317 -32.14 39.18 -15.63
N TYR Q 318 -32.62 38.93 -14.41
CA TYR Q 318 -32.12 37.78 -13.66
C TYR Q 318 -33.02 36.55 -13.81
N MET Q 319 -34.32 36.74 -14.06
CA MET Q 319 -35.20 35.59 -14.17
C MET Q 319 -34.84 34.76 -15.40
N THR Q 320 -34.75 33.44 -15.20
CA THR Q 320 -34.36 32.52 -16.25
C THR Q 320 -35.54 32.29 -17.20
N LEU Q 321 -35.25 31.65 -18.33
CA LEU Q 321 -36.26 31.44 -19.37
C LEU Q 321 -37.52 30.80 -18.80
N GLN Q 322 -37.37 29.71 -18.06
CA GLN Q 322 -38.53 28.98 -17.56
C GLN Q 322 -39.28 29.84 -16.54
N GLU Q 323 -38.54 30.56 -15.70
CA GLU Q 323 -39.17 31.48 -14.76
C GLU Q 323 -39.92 32.58 -15.50
N ILE Q 324 -39.41 33.01 -16.65
CA ILE Q 324 -40.13 33.97 -17.47
C ILE Q 324 -41.43 33.37 -17.97
N LYS Q 325 -41.40 32.09 -18.35
CA LYS Q 325 -42.64 31.45 -18.80
C LYS Q 325 -43.67 31.37 -17.68
N GLU Q 326 -43.23 31.07 -16.45
CA GLU Q 326 -44.19 30.99 -15.34
C GLU Q 326 -44.74 32.36 -14.96
N ALA Q 327 -44.15 33.44 -15.47
CA ALA Q 327 -44.53 34.77 -15.01
C ALA Q 327 -45.99 35.06 -15.29
N ASN Q 328 -46.63 35.76 -14.35
CA ASN Q 328 -48.04 36.09 -14.49
C ASN Q 328 -48.23 37.12 -15.59
N THR Q 329 -49.31 36.97 -16.37
CA THR Q 329 -49.61 37.87 -17.48
C THR Q 329 -50.93 38.60 -17.31
N GLY Q 330 -51.80 38.16 -16.41
CA GLY Q 330 -53.04 38.89 -16.17
C GLY Q 330 -54.06 38.81 -17.29
N SER Q 331 -54.70 37.65 -17.46
CA SER Q 331 -55.83 37.47 -18.37
C SER Q 331 -55.42 37.51 -19.84
N LYS Q 332 -54.12 37.43 -20.11
CA LYS Q 332 -53.67 37.34 -21.50
C LYS Q 332 -52.85 36.07 -21.72
N VAL Q 333 -53.06 35.45 -22.87
CA VAL Q 333 -52.39 34.19 -23.23
C VAL Q 333 -51.70 34.38 -24.57
N PHE Q 334 -50.49 33.81 -24.70
CA PHE Q 334 -49.73 33.87 -25.93
C PHE Q 334 -49.25 32.48 -26.30
N LEU Q 335 -49.67 32.00 -27.47
CA LEU Q 335 -49.33 30.66 -27.93
C LEU Q 335 -48.94 30.71 -29.39
N LYS Q 336 -48.05 29.81 -29.78
CA LYS Q 336 -47.64 29.66 -31.17
C LYS Q 336 -47.62 28.18 -31.53
N ALA Q 337 -47.94 27.88 -32.79
CA ALA Q 337 -48.06 26.51 -33.26
C ALA Q 337 -47.45 26.37 -34.64
N LYS Q 338 -47.12 25.14 -35.01
CA LYS Q 338 -46.51 24.83 -36.29
C LYS Q 338 -47.21 23.63 -36.91
N ILE Q 339 -47.73 23.78 -38.12
CA ILE Q 339 -48.44 22.71 -38.83
C ILE Q 339 -47.98 22.69 -40.28
N LYS Q 340 -48.26 21.56 -40.93
CA LYS Q 340 -47.95 21.36 -42.34
C LYS Q 340 -49.18 20.81 -43.05
N VAL Q 341 -49.67 21.55 -44.04
CA VAL Q 341 -50.91 21.23 -44.72
C VAL Q 341 -50.57 20.36 -45.93
N LEU Q 342 -51.30 19.26 -46.10
CA LEU Q 342 -51.11 18.40 -47.25
C LEU Q 342 -51.91 18.92 -48.44
N ASP Q 343 -51.68 18.31 -49.60
CA ASP Q 343 -52.36 18.68 -50.82
C ASP Q 343 -52.51 17.45 -51.71
N ALA Q 344 -53.41 17.55 -52.69
CA ALA Q 344 -53.66 16.42 -53.59
C ALA Q 344 -52.59 16.34 -54.66
N MET Q 345 -52.32 15.12 -55.13
CA MET Q 345 -51.39 14.96 -56.24
C MET Q 345 -51.91 15.68 -57.48
N GLU Q 346 -51.05 16.50 -58.06
CA GLU Q 346 -51.42 17.30 -59.22
C GLU Q 346 -50.42 17.24 -60.36
N ASP Q 347 -49.14 17.02 -60.07
CA ASP Q 347 -48.09 17.00 -61.08
C ASP Q 347 -47.20 15.80 -60.84
N ILE Q 348 -47.26 14.83 -61.76
CA ILE Q 348 -46.51 13.58 -61.63
C ILE Q 348 -45.53 13.47 -62.79
N ASP Q 349 -44.26 13.24 -62.45
CA ASP Q 349 -43.19 13.12 -63.42
C ASP Q 349 -42.59 11.73 -63.31
N LEU Q 350 -42.77 10.92 -64.35
CA LEU Q 350 -42.29 9.55 -64.38
C LEU Q 350 -41.21 9.41 -65.43
N SER Q 351 -40.07 8.87 -65.05
CA SER Q 351 -38.93 8.68 -65.93
C SER Q 351 -38.65 7.19 -66.07
N ILE Q 352 -38.89 6.65 -67.25
CA ILE Q 352 -38.69 5.22 -67.53
C ILE Q 352 -37.50 5.08 -68.45
N GLU Q 353 -36.52 4.28 -68.03
CA GLU Q 353 -35.36 3.99 -68.85
C GLU Q 353 -35.43 2.52 -69.26
N ILE Q 354 -35.08 2.24 -70.51
CA ILE Q 354 -35.21 0.91 -71.06
C ILE Q 354 -34.09 0.01 -70.57
N ALA R 2 -44.40 28.96 -61.95
CA ALA R 2 -45.71 29.49 -61.59
C ALA R 2 -46.78 28.41 -61.66
N ILE R 3 -48.03 28.81 -61.41
CA ILE R 3 -49.13 27.85 -61.42
C ILE R 3 -49.63 27.66 -62.84
N GLY R 4 -49.38 26.48 -63.40
CA GLY R 4 -49.79 26.16 -64.74
C GLY R 4 -50.75 24.99 -64.77
N LEU R 5 -51.00 24.50 -65.98
CA LEU R 5 -51.86 23.33 -66.14
C LEU R 5 -51.21 22.11 -65.51
N PRO R 6 -51.98 21.11 -65.09
CA PRO R 6 -51.38 19.90 -64.54
C PRO R 6 -50.46 19.24 -65.56
N SER R 7 -49.34 18.70 -65.06
CA SER R 7 -48.31 18.12 -65.91
C SER R 7 -48.20 16.63 -65.63
N ILE R 8 -48.42 15.82 -66.67
CA ILE R 8 -48.15 14.39 -66.63
C ILE R 8 -47.24 14.08 -67.81
N ASN R 9 -46.04 13.58 -67.53
CA ASN R 9 -45.07 13.34 -68.57
C ASN R 9 -44.32 12.03 -68.29
N ILE R 10 -44.25 11.19 -69.31
CA ILE R 10 -43.51 9.93 -69.26
C ILE R 10 -42.36 10.04 -70.25
N SER R 11 -41.14 9.79 -69.77
CA SER R 11 -39.94 9.94 -70.58
C SER R 11 -39.27 8.59 -70.73
N PHE R 12 -38.82 8.29 -71.94
CA PHE R 12 -38.10 7.06 -72.24
C PHE R 12 -36.67 7.42 -72.64
N LYS R 13 -35.70 6.78 -71.99
CA LYS R 13 -34.29 7.03 -72.25
C LYS R 13 -33.55 5.70 -72.33
N GLU R 14 -32.54 5.64 -73.20
CA GLU R 14 -31.78 4.42 -73.37
C GLU R 14 -30.65 4.35 -72.34
N LEU R 15 -30.32 3.13 -71.92
CA LEU R 15 -29.13 2.89 -71.10
C LEU R 15 -27.89 3.00 -71.97
N ALA R 16 -27.31 4.20 -71.97
CA ALA R 16 -26.18 4.48 -72.84
C ALA R 16 -24.92 3.77 -72.34
N THR R 17 -24.89 2.45 -72.46
CA THR R 17 -23.70 1.69 -72.12
C THR R 17 -22.54 2.15 -73.00
N THR R 18 -21.51 2.69 -72.38
CA THR R 18 -20.49 3.41 -73.11
C THR R 18 -19.10 2.90 -72.75
N VAL R 19 -18.32 2.62 -73.78
CA VAL R 19 -16.88 2.43 -73.65
C VAL R 19 -16.22 3.59 -74.40
N LYS R 20 -15.36 4.32 -73.71
CA LYS R 20 -14.83 5.57 -74.25
C LYS R 20 -14.07 5.31 -75.54
N GLU R 21 -14.26 6.20 -76.51
CA GLU R 21 -13.56 6.11 -77.78
C GLU R 21 -12.18 6.70 -77.67
N ARG R 22 -11.17 5.89 -77.94
CA ARG R 22 -9.79 6.33 -77.91
C ARG R 22 -9.30 6.63 -79.32
N SER R 23 -8.09 7.17 -79.41
CA SER R 23 -7.52 7.55 -80.70
C SER R 23 -7.41 6.33 -81.60
N ALA R 24 -7.84 6.49 -82.85
CA ALA R 24 -7.80 5.39 -83.80
C ALA R 24 -6.36 5.05 -84.14
N ARG R 25 -6.08 3.76 -84.27
CA ARG R 25 -4.74 3.26 -84.57
C ARG R 25 -4.79 2.27 -85.72
N GLY R 26 -3.72 2.24 -86.50
CA GLY R 26 -3.61 1.34 -87.63
C GLY R 26 -3.83 1.97 -88.99
N ILE R 27 -4.00 3.28 -89.06
CA ILE R 27 -4.29 3.94 -90.33
C ILE R 27 -2.97 4.26 -91.03
N ILE R 28 -2.92 3.95 -92.32
CA ILE R 28 -1.73 4.17 -93.13
C ILE R 28 -2.01 5.29 -94.12
N ALA R 29 -1.08 6.23 -94.22
CA ALA R 29 -1.18 7.34 -95.15
C ALA R 29 -0.29 7.02 -96.35
N MET R 30 -0.88 7.03 -97.54
CA MET R 30 -0.19 6.65 -98.76
C MET R 30 -0.16 7.85 -99.70
N VAL R 31 1.02 8.15 -100.23
CA VAL R 31 1.19 9.27 -101.15
C VAL R 31 1.78 8.76 -102.45
N LEU R 32 1.17 9.15 -103.56
CA LEU R 32 1.56 8.70 -104.89
C LEU R 32 1.33 9.81 -105.88
N LYS R 33 2.10 9.79 -106.98
CA LYS R 33 2.03 10.82 -108.00
C LYS R 33 1.47 10.26 -109.29
N ASP R 34 0.55 11.00 -109.91
CA ASP R 34 -0.11 10.58 -111.13
C ASP R 34 -0.70 11.79 -111.82
N ALA R 35 -1.49 11.52 -112.86
CA ALA R 35 -2.25 12.52 -113.58
C ALA R 35 -3.75 12.28 -113.54
N LYS R 36 -4.20 11.30 -112.76
CA LYS R 36 -5.61 10.95 -112.68
C LYS R 36 -6.04 10.81 -111.23
N ALA R 37 -7.30 11.18 -110.97
CA ALA R 37 -7.91 11.08 -109.65
C ALA R 37 -7.05 11.76 -108.59
N LEU R 38 -6.64 12.99 -108.88
CA LEU R 38 -5.79 13.72 -107.96
C LEU R 38 -6.54 14.05 -106.68
N GLY R 39 -5.80 14.19 -105.59
CA GLY R 39 -6.39 14.34 -104.28
C GLY R 39 -6.45 13.00 -103.56
N LEU R 40 -6.97 13.05 -102.34
CA LEU R 40 -7.14 11.83 -101.57
C LEU R 40 -8.21 10.96 -102.21
N ASN R 41 -8.06 9.64 -102.05
CA ASN R 41 -9.00 8.70 -102.64
C ASN R 41 -9.74 7.83 -101.63
N GLU R 42 -9.23 7.75 -100.39
CA GLU R 42 -9.98 7.16 -99.26
C GLU R 42 -10.35 5.70 -99.57
N ILE R 43 -9.33 4.86 -99.66
CA ILE R 43 -9.54 3.42 -99.92
C ILE R 43 -9.75 2.78 -98.56
N HIS R 44 -11.00 2.84 -98.09
CA HIS R 44 -11.34 2.20 -96.82
C HIS R 44 -11.53 0.70 -97.00
N GLU R 45 -11.78 0.26 -98.22
CA GLU R 45 -12.08 -1.13 -98.50
C GLU R 45 -11.05 -1.71 -99.46
N LYS R 46 -10.63 -2.94 -99.20
CA LYS R 46 -9.67 -3.62 -100.07
C LYS R 46 -10.19 -3.73 -101.50
N GLU R 47 -11.49 -3.92 -101.67
CA GLU R 47 -12.05 -4.10 -103.01
C GLU R 47 -12.07 -2.80 -103.80
N ASP R 48 -12.49 -1.71 -103.16
CA ASP R 48 -12.80 -0.47 -103.87
C ASP R 48 -11.51 0.25 -104.28
N ILE R 49 -11.16 0.16 -105.56
CA ILE R 49 -9.98 0.84 -106.08
C ILE R 49 -10.43 1.72 -107.25
N PRO R 50 -10.01 2.99 -107.31
CA PRO R 50 -10.33 3.81 -108.48
C PRO R 50 -9.77 3.20 -109.76
N VAL R 51 -10.51 3.34 -110.85
CA VAL R 51 -10.19 2.61 -112.07
C VAL R 51 -9.21 3.38 -112.95
N ASP R 52 -9.17 4.70 -112.83
CA ASP R 52 -8.36 5.49 -113.75
C ASP R 52 -6.89 5.54 -113.39
N LEU R 53 -6.52 5.08 -112.19
CA LEU R 53 -5.11 5.12 -111.81
C LEU R 53 -4.33 4.01 -112.51
N SER R 54 -3.01 4.16 -112.53
CA SER R 54 -2.15 3.29 -113.31
C SER R 54 -2.12 1.87 -112.74
N ALA R 55 -1.73 0.92 -113.60
CA ALA R 55 -1.73 -0.49 -113.21
C ALA R 55 -0.69 -0.77 -112.14
N GLU R 56 0.55 -0.34 -112.35
CA GLU R 56 1.61 -0.61 -111.37
C GLU R 56 1.29 0.07 -110.05
N ASN R 57 0.68 1.26 -110.12
CA ASN R 57 0.18 1.89 -108.90
C ASN R 57 -0.82 0.99 -108.20
N LYS R 58 -1.79 0.45 -108.94
CA LYS R 58 -2.72 -0.50 -108.36
C LYS R 58 -1.98 -1.65 -107.69
N GLU R 59 -0.88 -2.10 -108.29
CA GLU R 59 -0.09 -3.16 -107.67
C GLU R 59 0.47 -2.72 -106.32
N TYR R 60 0.98 -1.49 -106.23
CA TYR R 60 1.45 -1.03 -104.92
C TYR R 60 0.31 -0.95 -103.91
N ILE R 61 -0.90 -0.57 -104.35
CA ILE R 61 -2.03 -0.64 -103.42
C ILE R 61 -2.25 -2.08 -102.94
N ASN R 62 -2.23 -3.05 -103.86
CA ASN R 62 -2.45 -4.43 -103.42
C ASN R 62 -1.36 -4.88 -102.45
N LEU R 63 -0.12 -4.47 -102.68
CA LEU R 63 0.93 -4.80 -101.71
C LEU R 63 0.62 -4.19 -100.35
N ALA R 64 0.15 -2.94 -100.32
CA ALA R 64 -0.16 -2.31 -99.05
C ALA R 64 -1.40 -2.89 -98.38
N LEU R 65 -2.29 -3.53 -99.15
CA LEU R 65 -3.57 -3.97 -98.61
C LEU R 65 -3.42 -5.17 -97.68
N MET R 66 -2.63 -6.17 -98.08
CA MET R 66 -2.51 -7.39 -97.30
C MET R 66 -1.71 -7.13 -96.02
N GLY R 67 -2.40 -7.19 -94.88
CA GLY R 67 -1.78 -6.92 -93.60
C GLY R 67 -1.05 -8.14 -93.04
N ASN R 68 -0.36 -7.93 -91.92
CA ASN R 68 0.40 -9.01 -91.31
C ASN R 68 -0.54 -10.03 -90.67
N VAL R 69 -1.28 -9.62 -89.64
CA VAL R 69 -2.21 -10.49 -88.95
C VAL R 69 -3.64 -10.25 -89.42
N ASN R 70 -4.04 -9.00 -89.58
CA ASN R 70 -5.35 -8.65 -90.08
C ASN R 70 -5.23 -7.47 -91.03
N THR R 71 -6.27 -7.27 -91.83
CA THR R 71 -6.28 -6.17 -92.77
C THR R 71 -6.20 -4.84 -92.03
N PRO R 72 -5.45 -3.87 -92.54
CA PRO R 72 -5.46 -2.54 -91.91
C PRO R 72 -6.86 -1.96 -91.85
N ASN R 73 -7.17 -1.32 -90.73
CA ASN R 73 -8.54 -0.87 -90.49
C ASN R 73 -8.95 0.21 -91.48
N LYS R 74 -8.01 1.05 -91.90
CA LYS R 74 -8.35 2.14 -92.82
C LYS R 74 -7.08 2.59 -93.53
N LEU R 75 -7.21 2.85 -94.83
CA LEU R 75 -6.09 3.24 -95.67
C LEU R 75 -6.41 4.56 -96.35
N LEU R 76 -5.43 5.47 -96.36
CA LEU R 76 -5.55 6.77 -97.01
C LEU R 76 -4.48 6.86 -98.09
N VAL R 77 -4.91 7.15 -99.32
CA VAL R 77 -4.00 7.33 -100.44
C VAL R 77 -4.23 8.71 -101.02
N TYR R 78 -3.14 9.44 -101.26
CA TYR R 78 -3.20 10.79 -101.82
C TYR R 78 -2.51 10.78 -103.18
N VAL R 79 -3.18 11.35 -104.18
CA VAL R 79 -2.64 11.46 -105.53
C VAL R 79 -2.19 12.90 -105.75
N ILE R 80 -0.95 13.07 -106.18
CA ILE R 80 -0.36 14.40 -106.36
C ILE R 80 0.14 14.53 -107.79
N GLU R 81 -0.01 15.73 -108.34
CA GLU R 81 0.58 16.06 -109.62
C GLU R 81 2.10 15.98 -109.53
N GLY R 82 2.71 15.45 -110.59
CA GLY R 82 4.16 15.32 -110.59
C GLY R 82 4.84 16.67 -110.49
N GLU R 83 6.02 16.67 -109.86
CA GLU R 83 6.86 17.84 -109.67
C GLU R 83 6.20 18.92 -108.81
N ALA R 84 5.06 18.64 -108.18
CA ALA R 84 4.46 19.59 -107.27
C ALA R 84 5.20 19.68 -105.93
N ASP R 85 6.35 19.02 -105.82
CA ASP R 85 7.16 18.99 -104.61
C ASP R 85 6.39 18.33 -103.47
N ILE R 86 6.96 18.34 -102.27
CA ILE R 86 6.41 17.54 -101.18
C ILE R 86 5.43 18.34 -100.33
N GLN R 87 5.70 19.62 -100.08
CA GLN R 87 4.93 20.37 -99.10
C GLN R 87 3.47 20.51 -99.50
N THR R 88 3.18 20.54 -100.80
CA THR R 88 1.79 20.66 -101.24
C THR R 88 0.96 19.49 -100.74
N ALA R 89 1.47 18.27 -100.87
CA ALA R 89 0.81 17.12 -100.27
C ALA R 89 0.95 17.14 -98.75
N LEU R 90 2.07 17.64 -98.26
CA LEU R 90 2.40 17.52 -96.85
C LEU R 90 1.42 18.30 -95.98
N ASP R 91 1.02 19.49 -96.43
CA ASP R 91 0.02 20.26 -95.69
C ASP R 91 -1.31 19.52 -95.66
N PHE R 92 -1.70 18.93 -96.79
CA PHE R 92 -2.93 18.15 -96.84
C PHE R 92 -2.88 17.01 -95.83
N LEU R 93 -1.73 16.35 -95.72
CA LEU R 93 -1.59 15.31 -94.70
C LEU R 93 -1.62 15.89 -93.29
N GLU R 94 -1.02 17.06 -93.08
CA GLU R 94 -1.10 17.68 -91.77
C GLU R 94 -2.53 17.99 -91.37
N THR R 95 -3.40 18.19 -92.36
CA THR R 95 -4.81 18.42 -92.06
C THR R 95 -5.43 17.24 -91.33
N LYS R 96 -5.13 16.02 -91.78
CA LYS R 96 -5.78 14.81 -91.29
C LYS R 96 -4.86 14.01 -90.39
N GLU R 97 -5.44 13.09 -89.65
CA GLU R 97 -4.68 12.22 -88.77
C GLU R 97 -4.31 10.92 -89.47
N PHE R 98 -3.18 10.34 -89.05
CA PHE R 98 -2.69 9.09 -89.62
C PHE R 98 -1.58 8.56 -88.71
N ASN R 99 -1.09 7.37 -89.04
CA ASN R 99 -0.04 6.73 -88.26
C ASN R 99 1.24 6.51 -89.05
N TYR R 100 1.16 5.94 -90.25
CA TYR R 100 2.34 5.56 -91.02
C TYR R 100 2.24 6.15 -92.42
N LEU R 101 3.39 6.58 -92.95
CA LEU R 101 3.47 7.24 -94.24
C LEU R 101 4.50 6.55 -95.11
N CYS R 102 4.21 6.39 -96.40
CA CYS R 102 5.12 5.71 -97.30
C CYS R 102 5.03 6.30 -98.70
N MET R 103 6.15 6.25 -99.41
CA MET R 103 6.31 6.75 -100.79
C MET R 103 7.09 5.75 -101.63
N PRO R 104 6.48 5.16 -102.65
CA PRO R 104 7.24 4.27 -103.55
C PRO R 104 8.26 5.02 -104.39
N LYS R 105 7.85 6.10 -105.03
CA LYS R 105 8.70 6.86 -105.94
C LYS R 105 9.15 8.15 -105.27
N ALA R 106 10.44 8.26 -104.98
CA ALA R 106 10.95 9.47 -104.35
C ALA R 106 12.45 9.55 -104.57
N VAL R 107 12.92 10.75 -104.88
CA VAL R 107 14.35 11.02 -104.97
C VAL R 107 14.88 11.34 -103.58
N GLU R 108 16.21 11.34 -103.44
CA GLU R 108 16.82 11.59 -102.15
C GLU R 108 16.45 12.96 -101.60
N ALA R 109 16.16 13.92 -102.48
CA ALA R 109 15.68 15.21 -102.02
C ALA R 109 14.33 15.09 -101.34
N ASP R 110 13.43 14.30 -101.91
CA ASP R 110 12.14 14.05 -101.28
C ASP R 110 12.33 13.34 -99.94
N LYS R 111 13.26 12.39 -99.87
CA LYS R 111 13.53 11.71 -98.61
C LYS R 111 14.04 12.69 -97.55
N THR R 112 14.94 13.60 -97.95
CA THR R 112 15.44 14.59 -97.01
C THR R 112 14.32 15.50 -96.52
N ALA R 113 13.45 15.94 -97.43
CA ALA R 113 12.32 16.79 -97.03
C ALA R 113 11.41 16.06 -96.08
N ILE R 114 11.12 14.78 -96.37
CA ILE R 114 10.23 13.99 -95.52
C ILE R 114 10.84 13.83 -94.13
N LYS R 115 12.14 13.53 -94.07
CA LYS R 115 12.80 13.34 -92.79
C LYS R 115 12.77 14.62 -91.97
N ASN R 116 13.10 15.76 -92.58
CA ASN R 116 13.08 17.03 -91.86
C ASN R 116 11.67 17.36 -91.37
N TRP R 117 10.67 17.14 -92.23
CA TRP R 117 9.29 17.38 -91.82
C TRP R 117 8.91 16.52 -90.63
N ILE R 118 9.24 15.22 -90.68
CA ILE R 118 8.83 14.31 -89.61
C ILE R 118 9.51 14.69 -88.31
N ILE R 119 10.81 15.01 -88.38
CA ILE R 119 11.54 15.38 -87.17
C ILE R 119 10.96 16.64 -86.55
N LYS R 120 10.64 17.64 -87.38
CA LYS R 120 10.08 18.87 -86.83
C LYS R 120 8.68 18.65 -86.28
N LEU R 121 7.89 17.78 -86.92
CA LEU R 121 6.50 17.63 -86.52
C LEU R 121 6.37 16.80 -85.25
N ARG R 122 7.25 15.81 -85.06
CA ARG R 122 7.16 15.00 -83.86
C ARG R 122 7.58 15.77 -82.61
N ASP R 123 8.26 16.90 -82.78
CA ASP R 123 8.80 17.63 -81.65
C ASP R 123 8.10 18.96 -81.41
N ILE R 124 8.08 19.82 -82.43
CA ILE R 124 7.51 21.16 -82.25
C ILE R 124 6.00 21.08 -82.06
N ASP R 125 5.31 20.34 -82.91
CA ASP R 125 3.86 20.30 -82.90
C ASP R 125 3.29 19.21 -82.00
N LYS R 126 4.14 18.38 -81.40
CA LYS R 126 3.70 17.34 -80.47
C LYS R 126 2.67 16.42 -81.10
N VAL R 127 2.88 16.08 -82.37
CA VAL R 127 2.04 15.13 -83.10
C VAL R 127 2.89 13.93 -83.42
N LYS R 128 2.42 12.74 -83.02
CA LYS R 128 3.22 11.52 -83.07
C LYS R 128 2.82 10.68 -84.27
N VAL R 129 3.58 10.82 -85.36
CA VAL R 129 3.43 9.98 -86.54
C VAL R 129 4.81 9.49 -86.97
N LYS R 130 4.83 8.43 -87.77
CA LYS R 130 6.08 7.83 -88.24
C LYS R 130 5.98 7.54 -89.73
N ALA R 131 7.13 7.28 -90.34
CA ALA R 131 7.18 6.95 -91.75
C ALA R 131 8.36 6.03 -92.03
N VAL R 132 8.25 5.26 -93.11
CA VAL R 132 9.29 4.34 -93.54
C VAL R 132 9.95 4.92 -94.79
N LEU R 133 11.24 4.67 -94.94
CA LEU R 133 12.03 5.29 -96.00
C LEU R 133 13.00 4.28 -96.60
N GLY R 134 13.36 4.51 -97.87
CA GLY R 134 14.13 3.52 -98.60
C GLY R 134 15.57 3.41 -98.12
N LYS R 135 16.32 4.51 -98.18
CA LYS R 135 17.71 4.49 -97.76
C LYS R 135 18.03 5.83 -97.11
N VAL R 136 17.83 5.91 -95.79
CA VAL R 136 18.03 7.13 -95.03
C VAL R 136 18.66 6.76 -93.70
N VAL R 137 19.58 7.61 -93.24
CA VAL R 137 20.28 7.36 -91.99
C VAL R 137 19.66 8.30 -90.96
N GLY R 138 18.38 8.62 -91.15
CA GLY R 138 17.69 9.46 -90.19
C GLY R 138 17.77 8.86 -88.80
N ASN R 139 18.26 9.66 -87.86
CA ASN R 139 18.62 9.18 -86.53
C ASN R 139 17.55 9.49 -85.50
N HIS R 140 16.28 9.47 -85.91
CA HIS R 140 15.17 9.75 -85.04
C HIS R 140 14.31 8.50 -84.89
N GLU R 141 13.64 8.38 -83.74
CA GLU R 141 12.78 7.21 -83.54
C GLU R 141 11.62 7.18 -84.51
N GLY R 142 11.31 8.30 -85.14
CA GLY R 142 10.21 8.38 -86.07
C GLY R 142 10.47 7.86 -87.46
N ILE R 143 11.69 7.38 -87.72
CA ILE R 143 12.08 6.88 -89.03
C ILE R 143 12.33 5.39 -88.92
N ILE R 144 11.82 4.62 -89.87
CA ILE R 144 12.12 3.21 -90.01
C ILE R 144 12.91 3.03 -91.31
N ASN R 145 14.11 2.48 -91.19
CA ASN R 145 15.02 2.40 -92.34
C ASN R 145 15.09 0.95 -92.80
N PHE R 146 14.23 0.60 -93.74
CA PHE R 146 14.26 -0.72 -94.36
C PHE R 146 15.02 -0.63 -95.68
N THR R 147 15.94 -1.56 -95.90
CA THR R 147 16.71 -1.56 -97.14
C THR R 147 17.11 -2.99 -97.47
N THR R 148 16.56 -3.50 -98.57
CA THR R 148 16.89 -4.82 -99.09
C THR R 148 16.69 -4.80 -100.59
N GLU R 149 17.74 -5.14 -101.34
CA GLU R 149 17.75 -4.97 -102.78
C GLU R 149 17.23 -6.21 -103.50
N ASP R 150 16.67 -5.99 -104.69
CA ASP R 150 16.32 -7.06 -105.62
C ASP R 150 15.36 -8.06 -104.99
N VAL R 151 14.34 -7.54 -104.31
CA VAL R 151 13.32 -8.39 -103.72
C VAL R 151 12.42 -8.91 -104.82
N LEU R 152 12.28 -10.23 -104.91
CA LEU R 152 11.48 -10.87 -105.95
C LEU R 152 10.17 -11.36 -105.32
N VAL R 153 9.06 -10.74 -105.73
CA VAL R 153 7.73 -11.13 -105.29
C VAL R 153 6.90 -11.47 -106.51
N GLY R 154 6.64 -12.76 -106.71
CA GLY R 154 5.86 -13.19 -107.86
C GLY R 154 6.48 -12.79 -109.18
N GLU R 155 7.63 -13.39 -109.51
CA GLU R 155 8.35 -13.19 -110.76
C GLU R 155 8.52 -11.73 -111.15
N LYS R 156 8.57 -10.84 -110.16
CA LYS R 156 8.79 -9.42 -110.40
C LYS R 156 9.89 -8.90 -109.49
N LYS R 157 10.78 -8.09 -110.06
CA LYS R 157 11.81 -7.40 -109.30
C LYS R 157 11.25 -6.13 -108.70
N TYR R 158 11.55 -5.91 -107.42
CA TYR R 158 11.13 -4.70 -106.72
C TYR R 158 12.32 -4.04 -106.08
N SER R 159 12.46 -2.73 -106.30
CA SER R 159 13.45 -1.96 -105.58
C SER R 159 12.99 -1.75 -104.14
N VAL R 160 13.91 -1.31 -103.30
CA VAL R 160 13.60 -1.12 -101.89
C VAL R 160 12.51 -0.06 -101.71
N ASP R 161 12.59 1.03 -102.49
CA ASP R 161 11.61 2.10 -102.35
C ASP R 161 10.20 1.59 -102.65
N GLU R 162 10.05 0.80 -103.71
CA GLU R 162 8.72 0.26 -104.03
C GLU R 162 8.24 -0.70 -102.97
N PHE R 163 9.13 -1.52 -102.44
CA PHE R 163 8.73 -2.53 -101.46
C PHE R 163 8.45 -1.95 -100.08
N THR R 164 8.88 -0.70 -99.84
CA THR R 164 8.58 -0.04 -98.58
C THR R 164 7.07 0.01 -98.31
N SER R 165 6.26 0.04 -99.37
CA SER R 165 4.81 0.03 -99.19
C SER R 165 4.35 -1.26 -98.52
N ARG R 166 4.83 -2.40 -99.00
CA ARG R 166 4.53 -3.68 -98.36
C ARG R 166 5.08 -3.73 -96.95
N VAL R 167 6.29 -3.22 -96.73
CA VAL R 167 6.85 -3.21 -95.38
C VAL R 167 5.94 -2.44 -94.43
N ALA R 168 5.51 -1.24 -94.84
CA ALA R 168 4.67 -0.41 -93.99
C ALA R 168 3.31 -1.07 -93.75
N GLY R 169 2.72 -1.67 -94.78
CA GLY R 169 1.46 -2.36 -94.59
C GLY R 169 1.57 -3.50 -93.60
N LEU R 170 2.65 -4.28 -93.70
CA LEU R 170 2.86 -5.38 -92.77
C LEU R 170 3.05 -4.85 -91.35
N ILE R 171 3.77 -3.73 -91.21
CA ILE R 171 3.98 -3.15 -89.89
C ILE R 171 2.65 -2.70 -89.29
N ALA R 172 1.81 -2.04 -90.08
CA ALA R 172 0.55 -1.54 -89.56
C ALA R 172 -0.45 -2.65 -89.31
N GLY R 173 -0.29 -3.79 -89.98
CA GLY R 173 -1.25 -4.88 -89.81
C GLY R 173 -1.24 -5.47 -88.42
N THR R 174 -0.07 -5.60 -87.81
CA THR R 174 0.06 -6.33 -86.57
C THR R 174 -0.62 -5.59 -85.41
N PRO R 175 -1.14 -6.32 -84.42
CA PRO R 175 -1.68 -5.67 -83.23
C PRO R 175 -0.60 -5.07 -82.35
N LEU R 176 -0.99 -4.46 -81.24
CA LEU R 176 -0.01 -3.88 -80.33
C LEU R 176 0.54 -4.91 -79.35
N SER R 177 -0.20 -5.97 -79.07
CA SER R 177 0.25 -6.97 -78.11
C SER R 177 1.49 -7.70 -78.63
N GLN R 178 1.56 -7.91 -79.95
CA GLN R 178 2.66 -8.65 -80.55
C GLN R 178 3.66 -7.70 -81.20
N SER R 179 4.81 -8.25 -81.58
CA SER R 179 5.86 -7.52 -82.25
C SER R 179 5.94 -7.92 -83.71
N VAL R 180 6.68 -7.14 -84.49
CA VAL R 180 6.85 -7.42 -85.91
C VAL R 180 7.98 -8.38 -86.19
N THR R 181 8.78 -8.71 -85.17
CA THR R 181 9.98 -9.50 -85.37
C THR R 181 9.65 -10.92 -85.81
N TYR R 182 10.44 -11.44 -86.74
CA TYR R 182 10.54 -12.88 -87.00
C TYR R 182 9.23 -13.40 -87.61
N THR R 183 8.72 -12.67 -88.58
CA THR R 183 7.44 -12.97 -89.21
C THR R 183 7.65 -13.37 -90.65
N LYS R 184 7.01 -14.47 -91.07
CA LYS R 184 7.15 -14.99 -92.41
C LYS R 184 6.37 -14.15 -93.41
N LEU R 185 6.91 -14.05 -94.62
CA LEU R 185 6.23 -13.43 -95.76
C LEU R 185 6.15 -14.46 -96.87
N SER R 186 4.99 -15.09 -97.02
CA SER R 186 4.83 -16.14 -98.01
C SER R 186 4.91 -15.63 -99.45
N ASP R 187 4.68 -14.34 -99.67
CA ASP R 187 4.66 -13.82 -101.03
C ASP R 187 6.06 -13.80 -101.64
N VAL R 188 7.05 -13.31 -100.90
CA VAL R 188 8.41 -13.22 -101.42
C VAL R 188 9.02 -14.61 -101.48
N VAL R 189 9.78 -14.87 -102.54
CA VAL R 189 10.27 -16.23 -102.78
C VAL R 189 11.80 -16.32 -102.72
N ASP R 190 12.52 -15.24 -103.03
CA ASP R 190 13.96 -15.30 -102.89
C ASP R 190 14.54 -13.92 -102.63
N ILE R 191 15.59 -13.89 -101.81
CA ILE R 191 16.36 -12.70 -101.45
C ILE R 191 17.81 -12.95 -101.88
N PRO R 192 18.55 -11.92 -102.30
CA PRO R 192 19.99 -12.10 -102.54
C PRO R 192 20.68 -12.63 -101.28
N LYS R 193 21.57 -13.59 -101.49
CA LYS R 193 22.23 -14.27 -100.37
C LYS R 193 23.24 -13.35 -99.70
N MET R 194 23.29 -13.42 -98.37
CA MET R 194 24.19 -12.59 -97.58
C MET R 194 24.39 -13.25 -96.22
N THR R 195 25.62 -13.19 -95.71
CA THR R 195 26.02 -13.98 -94.55
C THR R 195 25.38 -13.46 -93.27
N LYS R 196 25.53 -14.24 -92.20
CA LYS R 196 24.89 -13.91 -90.93
C LYS R 196 25.61 -12.78 -90.22
N VAL R 197 26.95 -12.77 -90.28
CA VAL R 197 27.71 -11.73 -89.57
C VAL R 197 27.44 -10.36 -90.16
N ASP R 198 27.29 -10.28 -91.49
CA ASP R 198 26.92 -9.02 -92.12
C ASP R 198 25.56 -8.55 -91.65
N ALA R 199 24.60 -9.46 -91.56
CA ALA R 199 23.27 -9.09 -91.07
C ALA R 199 23.34 -8.60 -89.63
N GLU R 200 24.14 -9.26 -88.80
CA GLU R 200 24.29 -8.83 -87.40
C GLU R 200 24.86 -7.43 -87.31
N SER R 201 25.94 -7.17 -88.05
CA SER R 201 26.54 -5.84 -88.03
C SER R 201 25.57 -4.79 -88.55
N ARG R 202 24.85 -5.12 -89.63
CA ARG R 202 23.90 -4.18 -90.20
C ARG R 202 22.76 -3.87 -89.25
N VAL R 203 22.26 -4.89 -88.54
CA VAL R 203 21.22 -4.66 -87.55
C VAL R 203 21.73 -3.77 -86.44
N ASN R 204 22.98 -3.96 -86.02
CA ASN R 204 23.56 -3.07 -85.02
C ASN R 204 23.66 -1.64 -85.52
N LYS R 205 23.63 -1.43 -86.84
CA LYS R 205 23.68 -0.09 -87.39
C LYS R 205 22.32 0.61 -87.42
N GLY R 206 21.31 0.05 -86.75
CA GLY R 206 19.99 0.64 -86.76
C GLY R 206 19.18 0.37 -88.01
N GLU R 207 19.67 -0.48 -88.91
CA GLU R 207 18.97 -0.77 -90.15
C GLU R 207 18.10 -2.01 -89.98
N LEU R 208 16.94 -2.02 -90.65
CA LEU R 208 16.04 -3.16 -90.63
C LEU R 208 16.26 -3.97 -91.90
N ILE R 209 16.46 -5.28 -91.76
CA ILE R 209 16.92 -6.12 -92.85
C ILE R 209 16.03 -7.36 -92.96
N LEU R 210 16.06 -7.97 -94.13
CA LEU R 210 15.30 -9.18 -94.43
C LEU R 210 16.26 -10.37 -94.49
N ILE R 211 15.95 -11.43 -93.76
CA ILE R 211 16.87 -12.54 -93.58
C ILE R 211 16.19 -13.84 -94.01
N LYS R 212 16.94 -14.66 -94.72
CA LYS R 212 16.53 -16.03 -95.06
C LYS R 212 17.05 -16.97 -93.99
N GLU R 213 16.13 -17.54 -93.22
CA GLU R 213 16.51 -18.48 -92.16
C GLU R 213 15.27 -19.25 -91.74
N ALA R 214 15.50 -20.47 -91.27
CA ALA R 214 14.44 -21.48 -91.08
C ALA R 214 13.79 -21.74 -92.44
N GLY R 215 12.49 -22.05 -92.43
CA GLY R 215 11.82 -22.46 -93.66
C GLY R 215 11.55 -21.34 -94.64
N ALA R 216 11.25 -20.14 -94.14
CA ALA R 216 10.78 -19.05 -94.99
C ALA R 216 11.60 -17.79 -94.76
N ILE R 217 11.20 -16.72 -95.44
CA ILE R 217 11.88 -15.43 -95.33
C ILE R 217 11.18 -14.61 -94.25
N ARG R 218 11.94 -14.14 -93.28
CA ARG R 218 11.37 -13.48 -92.11
C ARG R 218 12.11 -12.19 -91.79
N ILE R 219 11.42 -11.30 -91.08
CA ILE R 219 12.04 -10.08 -90.58
C ILE R 219 13.05 -10.42 -89.49
N ALA R 220 14.09 -9.59 -89.38
CA ALA R 220 15.16 -9.79 -88.42
C ALA R 220 15.12 -8.70 -87.36
N ARG R 221 14.41 -8.96 -86.27
CA ARG R 221 14.40 -8.10 -85.09
C ARG R 221 14.15 -6.64 -85.49
N GLY R 222 12.91 -6.39 -85.90
CA GLY R 222 12.49 -5.07 -86.28
C GLY R 222 12.86 -4.01 -85.25
N VAL R 223 13.77 -3.11 -85.62
CA VAL R 223 14.29 -2.09 -84.72
C VAL R 223 14.16 -0.73 -85.38
N ASN R 224 14.52 0.30 -84.62
CA ASN R 224 14.33 1.66 -85.05
C ASN R 224 15.62 2.24 -85.64
N SER R 225 15.49 3.41 -86.27
CA SER R 225 16.61 3.94 -87.03
C SER R 225 17.61 4.71 -86.17
N LEU R 226 17.28 5.05 -84.93
CA LEU R 226 18.21 5.80 -84.11
C LEU R 226 19.33 4.89 -83.63
N THR R 227 20.55 5.43 -83.60
CA THR R 227 21.74 4.67 -83.20
C THR R 227 22.46 5.26 -82.01
N GLU R 228 22.47 6.58 -81.85
CA GLU R 228 23.13 7.19 -80.71
C GLU R 228 22.26 7.00 -79.47
N LEU R 229 22.89 6.76 -78.32
CA LEU R 229 22.19 6.60 -77.06
C LEU R 229 22.56 7.78 -76.17
N THR R 230 21.54 8.51 -75.71
CA THR R 230 21.76 9.62 -74.80
C THR R 230 21.37 9.20 -73.39
N ALA R 231 21.38 10.16 -72.47
CA ALA R 231 21.05 9.87 -71.08
C ALA R 231 19.56 9.57 -70.92
N GLU R 232 18.70 10.34 -71.59
CA GLU R 232 17.27 10.16 -71.43
C GLU R 232 16.70 9.19 -72.47
N LYS R 233 17.30 9.15 -73.65
CA LYS R 233 16.90 8.18 -74.67
C LYS R 233 17.64 6.88 -74.41
N GLY R 234 17.00 5.96 -73.69
CA GLY R 234 17.64 4.72 -73.30
C GLY R 234 17.52 3.64 -74.36
N GLU R 235 17.81 2.41 -73.91
CA GLU R 235 17.81 1.28 -74.83
C GLU R 235 16.42 1.01 -75.39
N MET R 236 15.41 1.04 -74.53
CA MET R 236 14.06 0.65 -74.95
C MET R 236 13.48 1.56 -76.02
N PHE R 237 14.07 2.74 -76.23
CA PHE R 237 13.56 3.62 -77.27
C PHE R 237 13.95 3.15 -78.66
N GLN R 238 14.61 2.01 -78.78
CA GLN R 238 15.04 1.47 -80.05
C GLN R 238 14.07 0.44 -80.61
N LYS R 239 13.06 0.05 -79.85
CA LYS R 239 12.11 -0.98 -80.26
C LYS R 239 10.86 -0.34 -80.86
N ILE R 240 10.38 -0.93 -81.96
CA ILE R 240 9.18 -0.39 -82.60
C ILE R 240 7.96 -0.52 -81.69
N LYS R 241 7.80 -1.67 -81.05
CA LYS R 241 6.63 -1.92 -80.22
C LYS R 241 6.54 -0.92 -79.07
N ILE R 242 7.67 -0.67 -78.40
CA ILE R 242 7.66 0.19 -77.22
C ILE R 242 7.37 1.64 -77.61
N VAL R 243 8.02 2.12 -78.68
CA VAL R 243 7.77 3.49 -79.10
C VAL R 243 6.32 3.63 -79.59
N ASP R 244 5.78 2.57 -80.18
CA ASP R 244 4.41 2.62 -80.67
C ASP R 244 3.42 2.74 -79.52
N THR R 245 3.59 1.89 -78.49
CA THR R 245 2.67 1.99 -77.36
C THR R 245 2.84 3.30 -76.61
N LEU R 246 4.07 3.84 -76.54
CA LEU R 246 4.24 5.16 -75.96
C LEU R 246 3.48 6.22 -76.76
N ASP R 247 3.53 6.12 -78.09
CA ASP R 247 2.83 7.09 -78.92
C ASP R 247 1.32 7.03 -78.68
N ILE R 248 0.78 5.81 -78.56
CA ILE R 248 -0.66 5.69 -78.34
C ILE R 248 -1.04 6.25 -76.97
N ILE R 249 -0.19 6.03 -75.96
CA ILE R 249 -0.46 6.59 -74.64
C ILE R 249 -0.49 8.10 -74.71
N HIS R 250 0.50 8.69 -75.39
CA HIS R 250 0.55 10.13 -75.52
C HIS R 250 -0.72 10.67 -76.17
N SER R 251 -1.12 10.09 -77.30
CA SER R 251 -2.27 10.60 -78.02
C SER R 251 -3.55 10.49 -77.19
N ASP R 252 -3.74 9.34 -76.54
CA ASP R 252 -4.95 9.15 -75.75
C ASP R 252 -5.04 10.14 -74.60
N ILE R 253 -3.95 10.28 -73.84
CA ILE R 253 -3.98 11.16 -72.68
C ILE R 253 -4.18 12.61 -73.13
N ARG R 254 -3.50 13.02 -74.21
CA ARG R 254 -3.66 14.39 -74.68
C ARG R 254 -5.10 14.65 -75.12
N LYS R 255 -5.71 13.70 -75.83
CA LYS R 255 -7.09 13.88 -76.27
C LYS R 255 -8.04 14.00 -75.08
N VAL R 256 -7.86 13.13 -74.08
CA VAL R 256 -8.72 13.22 -72.89
C VAL R 256 -8.58 14.59 -72.23
N ILE R 257 -7.33 15.03 -72.04
CA ILE R 257 -7.07 16.29 -71.35
C ILE R 257 -7.71 17.45 -72.08
N ILE R 258 -7.48 17.55 -73.39
CA ILE R 258 -8.02 18.69 -74.13
C ILE R 258 -9.54 18.62 -74.18
N ASP R 259 -10.11 17.41 -74.26
CA ASP R 259 -11.55 17.30 -74.42
C ASP R 259 -12.31 17.62 -73.15
N ASP R 260 -11.78 17.24 -71.98
CA ASP R 260 -12.60 17.30 -70.78
C ASP R 260 -12.16 18.35 -69.76
N TYR R 261 -10.86 18.46 -69.51
CA TYR R 261 -10.37 19.20 -68.34
C TYR R 261 -9.80 20.57 -68.69
N ILE R 262 -9.88 21.01 -69.94
CA ILE R 262 -9.31 22.29 -70.35
C ILE R 262 -10.41 23.33 -70.35
N GLY R 263 -10.25 24.35 -69.50
CA GLY R 263 -11.19 25.45 -69.47
C GLY R 263 -12.56 25.13 -68.93
N LYS R 264 -12.71 24.03 -68.19
CA LYS R 264 -14.01 23.65 -67.65
C LYS R 264 -13.98 23.23 -66.19
N VAL R 265 -12.80 23.14 -65.58
CA VAL R 265 -12.68 22.74 -64.19
C VAL R 265 -11.77 23.73 -63.47
N THR R 266 -12.18 24.17 -62.28
CA THR R 266 -11.39 25.10 -61.52
C THR R 266 -10.12 24.43 -60.98
N ASN R 267 -9.02 25.15 -61.03
CA ASN R 267 -7.74 24.64 -60.58
C ASN R 267 -7.73 24.64 -59.05
N SER R 268 -8.03 23.49 -58.46
CA SER R 268 -8.02 23.34 -57.02
C SER R 268 -7.48 21.96 -56.67
N TYR R 269 -7.17 21.77 -55.38
CA TYR R 269 -6.57 20.51 -54.95
C TYR R 269 -7.49 19.33 -55.27
N ASP R 270 -8.79 19.47 -54.99
CA ASP R 270 -9.71 18.37 -55.21
C ASP R 270 -9.85 18.04 -56.70
N ASN R 271 -9.87 19.07 -57.55
CA ASN R 271 -9.92 18.83 -58.99
C ASN R 271 -8.66 18.12 -59.45
N LYS R 272 -7.50 18.49 -58.90
CA LYS R 272 -6.26 17.81 -59.22
C LYS R 272 -6.32 16.34 -58.82
N CYS R 273 -6.86 16.06 -57.63
CA CYS R 273 -6.99 14.68 -57.19
C CYS R 273 -7.92 13.90 -58.13
N LEU R 274 -9.01 14.53 -58.57
CA LEU R 274 -9.91 13.87 -59.51
C LEU R 274 -9.21 13.57 -60.83
N LEU R 275 -8.42 14.52 -61.33
CA LEU R 275 -7.66 14.29 -62.55
C LEU R 275 -6.67 13.15 -62.40
N ILE R 276 -6.00 13.09 -61.25
CA ILE R 276 -5.08 11.98 -60.98
C ILE R 276 -5.83 10.66 -60.99
N VAL R 277 -7.00 10.61 -60.37
CA VAL R 277 -7.77 9.37 -60.34
C VAL R 277 -8.17 8.95 -61.74
N ALA R 278 -8.60 9.91 -62.57
CA ALA R 278 -8.99 9.58 -63.94
C ALA R 278 -7.80 9.04 -64.73
N ILE R 279 -6.63 9.67 -64.59
CA ILE R 279 -5.45 9.20 -65.30
C ILE R 279 -5.07 7.79 -64.85
N LYS R 280 -5.11 7.55 -63.55
CA LYS R 280 -4.81 6.21 -63.04
C LYS R 280 -5.80 5.18 -63.56
N SER R 281 -7.08 5.56 -63.65
CA SER R 281 -8.07 4.64 -64.20
C SER R 281 -7.75 4.28 -65.65
N TYR R 282 -7.39 5.28 -66.45
CA TYR R 282 -7.03 4.98 -67.83
C TYR R 282 -5.80 4.09 -67.90
N LEU R 283 -4.80 4.34 -67.05
CA LEU R 283 -3.61 3.50 -67.06
C LEU R 283 -3.94 2.06 -66.68
N GLU R 284 -4.80 1.87 -65.68
CA GLU R 284 -5.20 0.52 -65.32
C GLU R 284 -5.94 -0.16 -66.47
N GLU R 285 -6.80 0.59 -67.16
CA GLU R 285 -7.52 0.03 -68.29
C GLU R 285 -6.54 -0.42 -69.37
N LEU R 286 -5.52 0.39 -69.65
CA LEU R 286 -4.49 -0.03 -70.60
C LEU R 286 -3.73 -1.25 -70.10
N GLU R 287 -3.50 -1.34 -68.79
CA GLU R 287 -2.82 -2.50 -68.24
C GLU R 287 -3.62 -3.77 -68.48
N LYS R 288 -4.96 -3.68 -68.39
CA LYS R 288 -5.78 -4.86 -68.60
C LYS R 288 -5.54 -5.48 -69.97
N SER R 289 -5.28 -4.65 -70.99
CA SER R 289 -4.97 -5.16 -72.32
C SER R 289 -3.55 -5.72 -72.42
N ALA R 290 -2.83 -5.81 -71.30
CA ALA R 290 -1.48 -6.37 -71.24
C ALA R 290 -0.48 -5.62 -72.12
N LEU R 291 -0.44 -4.28 -72.01
CA LEU R 291 0.59 -3.53 -72.71
C LEU R 291 1.62 -2.96 -71.75
N ILE R 292 1.25 -2.76 -70.48
CA ILE R 292 2.20 -2.30 -69.47
C ILE R 292 2.11 -3.20 -68.25
N GLU R 293 3.09 -3.10 -67.36
CA GLU R 293 3.10 -3.91 -66.15
C GLU R 293 1.97 -3.47 -65.23
N SER R 294 1.54 -4.39 -64.36
CA SER R 294 0.34 -4.18 -63.57
C SER R 294 0.40 -2.90 -62.75
N ASP R 295 1.31 -2.84 -61.78
CA ASP R 295 1.33 -1.72 -60.83
C ASP R 295 1.94 -0.51 -61.52
N SER R 296 1.25 0.63 -61.41
CA SER R 296 1.74 1.90 -61.90
C SER R 296 1.30 2.99 -60.92
N THR R 297 2.07 4.08 -60.86
CA THR R 297 1.80 5.15 -59.92
C THR R 297 1.75 6.48 -60.64
N VAL R 298 0.80 7.33 -60.25
CA VAL R 298 0.68 8.70 -60.72
C VAL R 298 0.43 9.59 -59.52
N GLU R 299 1.16 10.69 -59.43
CA GLU R 299 1.02 11.60 -58.29
C GLU R 299 1.52 12.97 -58.68
N ILE R 300 1.24 13.94 -57.80
CA ILE R 300 1.57 15.33 -58.08
C ILE R 300 3.08 15.53 -58.06
N ASP R 301 3.57 16.32 -59.03
CA ASP R 301 5.00 16.58 -59.14
C ASP R 301 5.39 17.70 -58.19
N PHE R 302 6.04 17.34 -57.09
CA PHE R 302 6.35 18.31 -56.05
C PHE R 302 7.53 19.22 -56.42
N GLU R 303 8.55 18.68 -57.09
CA GLU R 303 9.75 19.46 -57.36
C GLU R 303 9.45 20.65 -58.26
N ALA R 304 8.77 20.42 -59.38
CA ALA R 304 8.47 21.50 -60.30
C ALA R 304 7.55 22.53 -59.68
N GLN R 305 6.56 22.07 -58.91
CA GLN R 305 5.67 23.00 -58.23
C GLN R 305 6.43 23.87 -57.24
N LYS R 306 7.34 23.27 -56.47
CA LYS R 306 8.14 24.05 -55.53
C LYS R 306 9.01 25.06 -56.25
N SER R 307 9.63 24.66 -57.35
CA SER R 307 10.45 25.59 -58.12
C SER R 307 9.61 26.75 -58.67
N TYR R 308 8.42 26.44 -59.18
CA TYR R 308 7.54 27.48 -59.70
C TYR R 308 7.12 28.44 -58.60
N LEU R 309 6.79 27.93 -57.42
CA LEU R 309 6.45 28.80 -56.31
C LEU R 309 7.63 29.69 -55.93
N LYS R 310 8.84 29.12 -55.91
CA LYS R 310 10.02 29.92 -55.66
C LYS R 310 10.20 31.00 -56.71
N SER R 311 9.80 30.72 -57.95
CA SER R 311 9.95 31.72 -59.01
C SER R 311 9.05 32.93 -58.77
N LYS R 312 8.03 32.79 -57.93
CA LYS R 312 7.15 33.91 -57.58
C LYS R 312 7.59 34.61 -56.30
N GLY R 313 8.65 34.13 -55.66
CA GLY R 313 9.12 34.74 -54.43
C GLY R 313 8.32 34.36 -53.20
N VAL R 314 7.35 33.46 -53.33
CA VAL R 314 6.60 33.04 -52.14
C VAL R 314 7.54 32.32 -51.18
N ASP R 315 7.31 32.54 -49.89
CA ASP R 315 8.22 32.05 -48.84
C ASP R 315 7.69 30.73 -48.32
N LEU R 316 8.35 29.64 -48.71
CA LEU R 316 7.96 28.29 -48.32
C LEU R 316 8.83 27.73 -47.20
N SER R 317 9.55 28.58 -46.47
CA SER R 317 10.45 28.09 -45.44
C SER R 317 9.67 27.37 -44.33
N TYR R 318 8.50 27.90 -43.96
CA TYR R 318 7.76 27.28 -42.85
C TYR R 318 6.66 26.36 -43.34
N MET R 319 6.12 26.57 -44.54
CA MET R 319 5.04 25.69 -44.98
C MET R 319 5.58 24.28 -45.20
N THR R 320 4.83 23.30 -44.70
CA THR R 320 5.24 21.90 -44.75
C THR R 320 4.93 21.32 -46.13
N LEU R 321 5.48 20.13 -46.37
CA LEU R 321 5.34 19.48 -47.68
C LEU R 321 3.89 19.45 -48.14
N GLN R 322 2.99 18.97 -47.27
CA GLN R 322 1.58 18.85 -47.65
C GLN R 322 0.97 20.22 -47.92
N GLU R 323 1.31 21.20 -47.09
CA GLU R 323 0.85 22.57 -47.33
C GLU R 323 1.39 23.10 -48.65
N ILE R 324 2.64 22.78 -48.98
CA ILE R 324 3.20 23.19 -50.25
C ILE R 324 2.41 22.59 -51.41
N LYS R 325 2.02 21.31 -51.27
CA LYS R 325 1.21 20.70 -52.32
C LYS R 325 -0.15 21.38 -52.46
N GLU R 326 -0.77 21.77 -51.34
CA GLU R 326 -2.07 22.42 -51.44
C GLU R 326 -1.97 23.83 -51.98
N ALA R 327 -0.76 24.37 -52.09
CA ALA R 327 -0.59 25.76 -52.46
C ALA R 327 -1.15 26.03 -53.85
N ASN R 328 -1.72 27.21 -54.03
CA ASN R 328 -2.31 27.59 -55.30
C ASN R 328 -1.22 27.78 -56.35
N THR R 329 -1.52 27.40 -57.59
CA THR R 329 -0.58 27.53 -58.70
C THR R 329 -1.09 28.42 -59.82
N GLY R 330 -2.39 28.69 -59.88
CA GLY R 330 -2.91 29.58 -60.89
C GLY R 330 -2.94 29.01 -62.29
N SER R 331 -3.84 28.06 -62.55
CA SER R 331 -4.12 27.52 -63.89
C SER R 331 -3.00 26.65 -64.42
N LYS R 332 -2.01 26.31 -63.59
CA LYS R 332 -0.97 25.39 -64.03
C LYS R 332 -0.97 24.15 -63.15
N VAL R 333 -0.74 23.00 -63.78
CA VAL R 333 -0.76 21.70 -63.12
C VAL R 333 0.55 20.99 -63.40
N PHE R 334 1.09 20.30 -62.39
CA PHE R 334 2.32 19.55 -62.51
C PHE R 334 2.13 18.14 -61.97
N LEU R 335 2.31 17.15 -62.83
CA LEU R 335 2.10 15.76 -62.45
C LEU R 335 3.25 14.91 -63.00
N LYS R 336 3.58 13.84 -62.27
CA LYS R 336 4.58 12.89 -62.71
C LYS R 336 4.03 11.48 -62.53
N ALA R 337 4.38 10.59 -63.46
CA ALA R 337 3.87 9.22 -63.46
C ALA R 337 4.99 8.26 -63.77
N LYS R 338 4.86 7.02 -63.29
CA LYS R 338 5.86 5.98 -63.49
C LYS R 338 5.17 4.73 -64.02
N ILE R 339 5.68 4.20 -65.15
CA ILE R 339 5.11 3.03 -65.78
C ILE R 339 6.23 2.10 -66.24
N LYS R 340 5.85 0.87 -66.56
CA LYS R 340 6.76 -0.15 -67.06
C LYS R 340 6.15 -0.82 -68.27
N VAL R 341 6.81 -0.70 -69.42
CA VAL R 341 6.29 -1.18 -70.69
C VAL R 341 6.78 -2.61 -70.90
N LEU R 342 5.85 -3.49 -71.26
CA LEU R 342 6.20 -4.88 -71.55
C LEU R 342 6.72 -5.01 -72.98
N ASP R 343 7.24 -6.20 -73.30
CA ASP R 343 7.75 -6.49 -74.63
C ASP R 343 7.55 -7.97 -74.93
N ALA R 344 7.59 -8.32 -76.21
CA ALA R 344 7.40 -9.69 -76.62
C ALA R 344 8.66 -10.51 -76.37
N MET R 345 8.48 -11.81 -76.09
CA MET R 345 9.62 -12.70 -75.93
C MET R 345 10.42 -12.75 -77.22
N GLU R 346 11.73 -12.54 -77.11
CA GLU R 346 12.60 -12.46 -78.26
C GLU R 346 13.85 -13.34 -78.17
N ASP R 347 14.38 -13.53 -76.97
CA ASP R 347 15.60 -14.31 -76.78
C ASP R 347 15.40 -15.27 -75.62
N ILE R 348 15.40 -16.56 -75.93
CA ILE R 348 15.13 -17.61 -74.94
C ILE R 348 16.38 -18.45 -74.78
N ASP R 349 16.84 -18.59 -73.54
CA ASP R 349 18.02 -19.38 -73.20
C ASP R 349 17.60 -20.49 -72.26
N LEU R 350 17.73 -21.74 -72.72
CA LEU R 350 17.37 -22.91 -71.94
C LEU R 350 18.61 -23.74 -71.67
N SER R 351 18.78 -24.14 -70.42
CA SER R 351 19.91 -24.96 -69.99
C SER R 351 19.37 -26.30 -69.48
N ILE R 352 19.66 -27.36 -70.23
CA ILE R 352 19.20 -28.71 -69.91
C ILE R 352 20.37 -29.50 -69.36
N GLU R 353 20.19 -30.10 -68.19
CA GLU R 353 21.21 -30.93 -67.58
C GLU R 353 20.76 -32.38 -67.66
N ILE R 354 21.68 -33.26 -68.03
CA ILE R 354 21.37 -34.68 -68.20
C ILE R 354 21.36 -35.38 -66.84
N ALA S 2 35.81 -48.87 -68.60
CA ALA S 2 35.60 -48.02 -69.76
C ALA S 2 34.59 -48.65 -70.71
N ILE S 3 34.77 -48.38 -72.01
CA ILE S 3 33.89 -48.97 -73.01
C ILE S 3 34.54 -50.22 -73.58
N GLY S 4 33.89 -51.37 -73.36
CA GLY S 4 34.38 -52.64 -73.85
C GLY S 4 33.25 -53.44 -74.48
N LEU S 5 33.59 -54.66 -74.86
CA LEU S 5 32.59 -55.54 -75.47
C LEU S 5 31.51 -55.86 -74.45
N PRO S 6 30.28 -56.11 -74.89
CA PRO S 6 29.21 -56.45 -73.94
C PRO S 6 29.56 -57.73 -73.17
N SER S 7 29.20 -57.74 -71.89
CA SER S 7 29.55 -58.83 -71.00
C SER S 7 28.28 -59.54 -70.54
N ILE S 8 28.19 -60.82 -70.82
CA ILE S 8 27.16 -61.70 -70.26
C ILE S 8 27.87 -62.84 -69.57
N ASN S 9 27.66 -62.96 -68.26
CA ASN S 9 28.34 -63.97 -67.47
C ASN S 9 27.37 -64.64 -66.52
N ILE S 10 27.45 -65.96 -66.47
CA ILE S 10 26.69 -66.78 -65.53
C ILE S 10 27.69 -67.39 -64.56
N SER S 11 27.46 -67.17 -63.27
CA SER S 11 28.37 -67.63 -62.22
C SER S 11 27.64 -68.56 -61.27
N PHE S 12 28.26 -69.69 -60.96
CA PHE S 12 27.71 -70.67 -60.04
C PHE S 12 28.62 -70.75 -58.82
N LYS S 13 28.03 -70.75 -57.64
CA LYS S 13 28.78 -70.82 -56.39
C LYS S 13 28.19 -71.90 -55.50
N GLU S 14 29.07 -72.70 -54.90
CA GLU S 14 28.62 -73.74 -53.98
C GLU S 14 28.18 -73.12 -52.65
N LEU S 15 27.08 -73.62 -52.11
CA LEU S 15 26.57 -73.18 -50.81
C LEU S 15 27.45 -73.77 -49.72
N ALA S 16 28.46 -73.00 -49.34
CA ALA S 16 29.44 -73.47 -48.36
C ALA S 16 28.87 -73.46 -46.95
N THR S 17 28.01 -74.42 -46.64
CA THR S 17 27.52 -74.58 -45.28
C THR S 17 28.69 -74.89 -44.36
N THR S 18 29.05 -73.95 -43.50
CA THR S 18 30.30 -74.02 -42.76
C THR S 18 30.02 -74.04 -41.26
N VAL S 19 30.61 -75.03 -40.59
CA VAL S 19 30.72 -75.04 -39.15
C VAL S 19 32.18 -74.85 -38.81
N LYS S 20 32.48 -73.85 -37.97
CA LYS S 20 33.86 -73.46 -37.75
C LYS S 20 34.68 -74.60 -37.18
N GLU S 21 35.91 -74.73 -37.68
CA GLU S 21 36.85 -75.73 -37.18
C GLU S 21 37.47 -75.26 -35.88
N ARG S 22 37.58 -76.17 -34.92
CA ARG S 22 38.24 -75.89 -33.65
C ARG S 22 39.45 -76.78 -33.47
N SER S 23 40.21 -76.50 -32.42
CA SER S 23 41.46 -77.24 -32.19
C SER S 23 41.16 -78.71 -31.96
N ALA S 24 42.04 -79.56 -32.49
CA ALA S 24 41.84 -81.00 -32.37
C ALA S 24 42.05 -81.46 -30.94
N ARG S 25 41.27 -82.45 -30.51
CA ARG S 25 41.38 -83.03 -29.19
C ARG S 25 41.43 -84.55 -29.30
N GLY S 26 42.21 -85.18 -28.43
CA GLY S 26 42.33 -86.62 -28.40
C GLY S 26 43.60 -87.19 -28.99
N ILE S 27 44.54 -86.36 -29.38
CA ILE S 27 45.78 -86.82 -29.98
C ILE S 27 46.77 -87.21 -28.89
N ILE S 28 47.33 -88.41 -29.00
CA ILE S 28 48.28 -88.93 -28.03
C ILE S 28 49.66 -88.89 -28.65
N ALA S 29 50.63 -88.36 -27.91
CA ALA S 29 52.03 -88.35 -28.33
C ALA S 29 52.71 -89.59 -27.78
N MET S 30 53.16 -90.46 -28.67
CA MET S 30 53.84 -91.70 -28.30
C MET S 30 55.31 -91.57 -28.64
N VAL S 31 56.17 -91.76 -27.65
CA VAL S 31 57.61 -91.67 -27.85
C VAL S 31 58.25 -92.97 -27.37
N LEU S 32 59.18 -93.50 -28.18
CA LEU S 32 59.79 -94.78 -27.89
C LEU S 32 61.20 -94.80 -28.44
N LYS S 33 62.03 -95.69 -27.90
CA LYS S 33 63.42 -95.83 -28.30
C LYS S 33 63.64 -97.18 -28.96
N ASP S 34 64.20 -97.16 -30.17
CA ASP S 34 64.46 -98.38 -30.93
C ASP S 34 65.53 -98.11 -31.96
N ALA S 35 65.91 -99.17 -32.67
CA ALA S 35 66.86 -99.09 -33.77
C ALA S 35 66.20 -99.24 -35.13
N LYS S 36 64.87 -99.36 -35.18
CA LYS S 36 64.14 -99.56 -36.42
C LYS S 36 63.08 -98.47 -36.59
N ALA S 37 62.91 -98.03 -37.84
CA ALA S 37 61.89 -97.08 -38.22
C ALA S 37 61.97 -95.81 -37.36
N LEU S 38 63.16 -95.21 -37.32
CA LEU S 38 63.34 -93.97 -36.58
C LEU S 38 62.53 -92.85 -37.23
N GLY S 39 62.22 -91.84 -36.42
CA GLY S 39 61.30 -90.81 -36.85
C GLY S 39 59.88 -91.15 -36.47
N LEU S 40 58.98 -90.25 -36.84
CA LEU S 40 57.56 -90.49 -36.60
C LEU S 40 57.06 -91.62 -37.49
N ASN S 41 56.06 -92.36 -36.99
CA ASN S 41 55.46 -93.44 -37.75
C ASN S 41 54.00 -93.21 -38.10
N GLU S 42 53.34 -92.27 -37.42
CA GLU S 42 52.03 -91.76 -37.85
C GLU S 42 51.00 -92.89 -37.92
N ILE S 43 50.67 -93.43 -36.76
CA ILE S 43 49.67 -94.51 -36.65
C ILE S 43 48.32 -93.83 -36.42
N HIS S 44 47.70 -93.40 -37.52
CA HIS S 44 46.35 -92.87 -37.42
C HIS S 44 45.33 -94.00 -37.28
N GLU S 45 45.57 -95.10 -37.99
CA GLU S 45 44.63 -96.21 -38.03
C GLU S 45 45.07 -97.30 -37.05
N LYS S 46 44.08 -97.88 -36.37
CA LYS S 46 44.35 -98.98 -35.45
C LYS S 46 45.06 -100.15 -36.14
N GLU S 47 44.74 -100.40 -37.41
CA GLU S 47 45.21 -101.62 -38.05
C GLU S 47 46.68 -101.52 -38.45
N ASP S 48 47.07 -100.42 -39.11
CA ASP S 48 48.40 -100.36 -39.71
C ASP S 48 49.45 -100.15 -38.64
N ILE S 49 50.49 -100.99 -38.66
CA ILE S 49 51.57 -100.94 -37.69
C ILE S 49 52.88 -101.17 -38.44
N PRO S 50 53.93 -100.39 -38.17
CA PRO S 50 55.24 -100.68 -38.77
C PRO S 50 55.74 -102.05 -38.33
N VAL S 51 56.43 -102.73 -39.25
CA VAL S 51 56.74 -104.14 -39.04
C VAL S 51 58.08 -104.34 -38.35
N ASP S 52 59.06 -103.45 -38.59
CA ASP S 52 60.40 -103.67 -38.08
C ASP S 52 60.51 -103.44 -36.58
N LEU S 53 59.47 -102.92 -35.94
CA LEU S 53 59.53 -102.60 -34.52
C LEU S 53 59.60 -103.87 -33.69
N SER S 54 60.05 -103.71 -32.45
CA SER S 54 60.11 -104.84 -31.52
C SER S 54 58.70 -105.28 -31.14
N ALA S 55 58.55 -106.60 -30.95
CA ALA S 55 57.24 -107.17 -30.68
C ALA S 55 56.63 -106.62 -29.40
N GLU S 56 57.46 -106.48 -28.35
CA GLU S 56 56.97 -105.89 -27.12
C GLU S 56 56.50 -104.46 -27.34
N ASN S 57 57.20 -103.71 -28.19
CA ASN S 57 56.74 -102.38 -28.54
C ASN S 57 55.40 -102.43 -29.28
N LYS S 58 55.22 -103.43 -30.14
CA LYS S 58 53.92 -103.60 -30.78
C LYS S 58 52.82 -103.84 -29.75
N GLU S 59 53.09 -104.67 -28.74
CA GLU S 59 52.06 -104.92 -27.73
C GLU S 59 51.79 -103.68 -26.90
N TYR S 60 52.83 -102.85 -26.67
CA TYR S 60 52.60 -101.59 -25.97
C TYR S 60 51.68 -100.68 -26.75
N ILE S 61 51.93 -100.52 -28.05
CA ILE S 61 51.04 -99.65 -28.82
C ILE S 61 49.65 -100.26 -28.92
N ASN S 62 49.56 -101.60 -28.94
CA ASN S 62 48.24 -102.23 -28.89
C ASN S 62 47.49 -101.87 -27.62
N LEU S 63 48.18 -101.86 -26.48
CA LEU S 63 47.57 -101.31 -25.26
C LEU S 63 47.16 -99.86 -25.49
N ALA S 64 47.93 -99.13 -26.29
CA ALA S 64 47.61 -97.74 -26.54
C ALA S 64 46.32 -97.54 -27.34
N LEU S 65 46.14 -98.27 -28.41
CA LEU S 65 45.00 -98.06 -29.29
C LEU S 65 43.62 -98.25 -28.67
N MET S 66 43.52 -99.22 -27.77
CA MET S 66 42.22 -99.58 -27.19
C MET S 66 41.69 -98.45 -26.31
N GLY S 67 40.64 -97.79 -26.80
CA GLY S 67 40.13 -96.59 -26.16
C GLY S 67 39.10 -96.89 -25.08
N ASN S 68 38.84 -95.87 -24.25
CA ASN S 68 37.91 -96.03 -23.14
C ASN S 68 36.47 -96.14 -23.64
N VAL S 69 35.96 -95.08 -24.26
CA VAL S 69 34.66 -95.11 -24.92
C VAL S 69 34.80 -95.37 -26.42
N ASN S 70 35.73 -94.67 -27.07
CA ASN S 70 35.97 -94.84 -28.49
C ASN S 70 37.46 -94.77 -28.75
N THR S 71 37.86 -95.19 -29.94
CA THR S 71 39.26 -95.18 -30.30
C THR S 71 39.79 -93.74 -30.29
N PRO S 72 41.02 -93.52 -29.81
CA PRO S 72 41.63 -92.20 -29.96
C PRO S 72 41.66 -91.79 -31.43
N ASN S 73 41.31 -90.53 -31.68
CA ASN S 73 41.10 -90.09 -33.05
C ASN S 73 42.39 -90.12 -33.85
N LYS S 74 43.52 -89.89 -33.20
CA LYS S 74 44.79 -89.79 -33.91
C LYS S 74 45.92 -90.10 -32.95
N LEU S 75 46.89 -90.89 -33.40
CA LEU S 75 48.03 -91.29 -32.59
C LEU S 75 49.33 -90.91 -33.30
N LEU S 76 50.22 -90.25 -32.57
CA LEU S 76 51.54 -89.87 -33.07
C LEU S 76 52.59 -90.65 -32.30
N VAL S 77 53.33 -91.50 -33.01
CA VAL S 77 54.34 -92.35 -32.39
C VAL S 77 55.70 -91.95 -32.94
N TYR S 78 56.64 -91.67 -32.03
CA TYR S 78 58.00 -91.32 -32.38
C TYR S 78 58.99 -92.35 -31.86
N VAL S 79 59.85 -92.83 -32.75
CA VAL S 79 60.93 -93.75 -32.42
C VAL S 79 62.22 -92.96 -32.35
N ILE S 80 62.92 -93.07 -31.23
CA ILE S 80 64.18 -92.36 -31.03
C ILE S 80 65.31 -93.38 -30.99
N GLU S 81 66.51 -92.89 -31.25
CA GLU S 81 67.69 -93.73 -31.11
C GLU S 81 68.06 -93.86 -29.64
N GLY S 82 68.65 -94.99 -29.29
CA GLY S 82 69.06 -95.19 -27.91
C GLY S 82 70.10 -94.19 -27.48
N GLU S 83 70.07 -93.83 -26.19
CA GLU S 83 70.97 -92.89 -25.55
C GLU S 83 70.95 -91.49 -26.18
N ALA S 84 69.98 -91.21 -27.04
CA ALA S 84 69.89 -89.89 -27.67
C ALA S 84 69.33 -88.83 -26.74
N ASP S 85 69.10 -89.17 -25.46
CA ASP S 85 68.52 -88.26 -24.48
C ASP S 85 67.12 -87.84 -24.90
N ILE S 86 66.54 -86.87 -24.20
CA ILE S 86 65.13 -86.55 -24.40
C ILE S 86 64.95 -85.33 -25.29
N GLN S 87 65.79 -84.32 -25.14
CA GLN S 87 65.56 -83.05 -25.83
C GLN S 87 65.55 -83.22 -27.35
N THR S 88 66.31 -84.19 -27.86
CA THR S 88 66.29 -84.46 -29.29
C THR S 88 64.88 -84.79 -29.77
N ALA S 89 64.17 -85.63 -29.01
CA ALA S 89 62.77 -85.88 -29.31
C ALA S 89 61.89 -84.69 -28.98
N LEU S 90 62.22 -83.99 -27.88
CA LEU S 90 61.34 -82.93 -27.38
C LEU S 90 61.21 -81.80 -28.39
N ASP S 91 62.29 -81.45 -29.09
CA ASP S 91 62.19 -80.43 -30.13
C ASP S 91 61.24 -80.89 -31.23
N PHE S 92 61.39 -82.14 -31.67
CA PHE S 92 60.57 -82.66 -32.76
C PHE S 92 59.11 -82.66 -32.35
N LEU S 93 58.83 -82.93 -31.08
CA LEU S 93 57.45 -82.88 -30.59
C LEU S 93 56.92 -81.45 -30.51
N GLU S 94 57.70 -80.51 -29.96
CA GLU S 94 57.18 -79.15 -29.87
C GLU S 94 57.00 -78.54 -31.23
N THR S 95 57.55 -79.17 -32.28
CA THR S 95 57.23 -78.76 -33.64
C THR S 95 55.72 -78.75 -33.87
N LYS S 96 55.00 -79.76 -33.36
CA LYS S 96 53.58 -79.93 -33.64
C LYS S 96 52.72 -79.90 -32.38
N GLU S 97 51.43 -80.10 -32.60
CA GLU S 97 50.45 -80.11 -31.52
C GLU S 97 50.13 -81.53 -31.08
N PHE S 98 49.72 -81.66 -29.82
CA PHE S 98 49.33 -82.94 -29.24
C PHE S 98 48.69 -82.66 -27.88
N ASN S 99 48.23 -83.72 -27.22
CA ASN S 99 47.56 -83.60 -25.94
C ASN S 99 48.25 -84.34 -24.82
N TYR S 100 48.56 -85.63 -25.00
CA TYR S 100 49.11 -86.47 -23.95
C TYR S 100 50.38 -87.15 -24.42
N LEU S 101 51.38 -87.19 -23.55
CA LEU S 101 52.69 -87.73 -23.84
C LEU S 101 53.04 -88.80 -22.80
N CYS S 102 53.66 -89.89 -23.25
CA CYS S 102 54.00 -90.96 -22.32
C CYS S 102 55.21 -91.73 -22.82
N MET S 103 55.96 -92.27 -21.86
CA MET S 103 57.14 -93.10 -22.07
C MET S 103 57.03 -94.38 -21.26
N PRO S 104 56.99 -95.54 -21.90
CA PRO S 104 56.97 -96.80 -21.15
C PRO S 104 58.28 -97.06 -20.42
N LYS S 105 59.39 -96.96 -21.14
CA LYS S 105 60.71 -97.25 -20.59
C LYS S 105 61.48 -95.95 -20.36
N ALA S 106 61.71 -95.62 -19.10
CA ALA S 106 62.41 -94.39 -18.78
C ALA S 106 62.97 -94.49 -17.36
N VAL S 107 64.12 -93.87 -17.16
CA VAL S 107 64.74 -93.76 -15.85
C VAL S 107 64.16 -92.55 -15.13
N GLU S 108 64.43 -92.46 -13.83
CA GLU S 108 63.90 -91.35 -13.03
C GLU S 108 64.41 -90.01 -13.54
N ALA S 109 65.66 -89.96 -14.02
CA ALA S 109 66.18 -88.74 -14.59
C ALA S 109 65.37 -88.31 -15.81
N ASP S 110 64.94 -89.29 -16.62
CA ASP S 110 64.09 -88.97 -17.75
C ASP S 110 62.78 -88.34 -17.29
N LYS S 111 62.15 -88.92 -16.28
CA LYS S 111 60.90 -88.36 -15.77
C LYS S 111 61.10 -86.94 -15.25
N THR S 112 62.21 -86.70 -14.55
CA THR S 112 62.49 -85.35 -14.07
C THR S 112 62.64 -84.38 -15.23
N ALA S 113 63.38 -84.79 -16.26
CA ALA S 113 63.59 -83.90 -17.41
C ALA S 113 62.26 -83.57 -18.08
N ILE S 114 61.40 -84.57 -18.28
CA ILE S 114 60.10 -84.29 -18.91
C ILE S 114 59.25 -83.41 -18.02
N LYS S 115 59.33 -83.60 -16.69
CA LYS S 115 58.55 -82.77 -15.80
C LYS S 115 58.97 -81.30 -15.90
N ASN S 116 60.28 -81.05 -15.94
CA ASN S 116 60.74 -79.66 -16.10
C ASN S 116 60.34 -79.11 -17.45
N TRP S 117 60.46 -79.92 -18.51
CA TRP S 117 60.09 -79.48 -19.84
C TRP S 117 58.63 -79.06 -19.89
N ILE S 118 57.75 -79.86 -19.30
CA ILE S 118 56.33 -79.56 -19.35
C ILE S 118 55.99 -78.35 -18.49
N ILE S 119 56.57 -78.25 -17.29
CA ILE S 119 56.20 -77.13 -16.42
C ILE S 119 56.68 -75.82 -17.03
N LYS S 120 57.82 -75.83 -17.72
CA LYS S 120 58.28 -74.61 -18.37
C LYS S 120 57.48 -74.32 -19.63
N LEU S 121 57.06 -75.36 -20.35
CA LEU S 121 56.38 -75.15 -21.62
C LEU S 121 54.94 -74.67 -21.42
N ARG S 122 54.30 -75.10 -20.32
CA ARG S 122 52.92 -74.70 -20.10
C ARG S 122 52.81 -73.25 -19.69
N ASP S 123 53.90 -72.65 -19.20
CA ASP S 123 53.82 -71.28 -18.69
C ASP S 123 54.59 -70.30 -19.55
N ILE S 124 55.82 -70.63 -19.94
CA ILE S 124 56.62 -69.71 -20.73
C ILE S 124 56.06 -69.59 -22.14
N ASP S 125 55.73 -70.72 -22.76
CA ASP S 125 55.33 -70.73 -24.16
C ASP S 125 53.81 -70.72 -24.35
N LYS S 126 53.04 -70.73 -23.28
CA LYS S 126 51.57 -70.67 -23.37
C LYS S 126 51.02 -71.79 -24.25
N VAL S 127 51.63 -72.97 -24.15
CA VAL S 127 51.19 -74.15 -24.89
C VAL S 127 50.74 -75.19 -23.86
N LYS S 128 49.54 -75.73 -24.06
CA LYS S 128 48.87 -76.55 -23.05
C LYS S 128 48.96 -78.03 -23.44
N VAL S 129 49.82 -78.76 -22.74
CA VAL S 129 49.95 -80.20 -22.91
C VAL S 129 50.05 -80.85 -21.54
N LYS S 130 49.85 -82.16 -21.49
CA LYS S 130 49.96 -82.94 -20.27
C LYS S 130 50.65 -84.26 -20.55
N ALA S 131 51.01 -84.96 -19.48
CA ALA S 131 51.68 -86.25 -19.59
C ALA S 131 51.40 -87.08 -18.34
N VAL S 132 51.64 -88.39 -18.46
CA VAL S 132 51.43 -89.34 -17.38
C VAL S 132 52.77 -89.95 -17.02
N LEU S 133 53.13 -89.90 -15.74
CA LEU S 133 54.40 -90.42 -15.25
C LEU S 133 54.15 -91.46 -14.17
N GLY S 134 54.99 -92.49 -14.15
CA GLY S 134 54.80 -93.59 -13.23
C GLY S 134 55.00 -93.18 -11.77
N LYS S 135 56.13 -92.55 -11.47
CA LYS S 135 56.44 -92.19 -10.09
C LYS S 135 57.02 -90.77 -10.10
N VAL S 136 56.15 -89.77 -10.02
CA VAL S 136 56.54 -88.37 -10.00
C VAL S 136 55.61 -87.62 -9.07
N VAL S 137 56.19 -86.73 -8.27
CA VAL S 137 55.45 -86.01 -7.24
C VAL S 137 55.30 -84.55 -7.66
N GLY S 138 55.28 -84.33 -8.97
CA GLY S 138 55.15 -82.97 -9.47
C GLY S 138 53.89 -82.30 -8.95
N ASN S 139 54.04 -81.06 -8.48
CA ASN S 139 52.94 -80.29 -7.90
C ASN S 139 52.26 -79.41 -8.93
N HIS S 140 52.27 -79.81 -10.19
CA HIS S 140 51.63 -79.07 -11.26
C HIS S 140 50.52 -79.90 -11.88
N GLU S 141 49.48 -79.21 -12.36
CA GLU S 141 48.35 -79.91 -12.95
C GLU S 141 48.71 -80.59 -14.27
N GLY S 142 49.87 -80.25 -14.83
CA GLY S 142 50.27 -80.83 -16.09
C GLY S 142 50.80 -82.24 -16.04
N ILE S 143 50.94 -82.82 -14.85
CA ILE S 143 51.46 -84.17 -14.69
C ILE S 143 50.42 -85.01 -13.95
N ILE S 144 50.15 -86.20 -14.46
CA ILE S 144 49.28 -87.17 -13.82
C ILE S 144 50.15 -88.31 -13.31
N ASN S 145 50.05 -88.60 -12.02
CA ASN S 145 50.91 -89.60 -11.37
C ASN S 145 50.08 -90.83 -11.08
N PHE S 146 50.11 -91.80 -11.99
CA PHE S 146 49.44 -93.07 -11.79
C PHE S 146 50.44 -94.09 -11.25
N THR S 147 50.06 -94.78 -10.19
CA THR S 147 50.99 -95.70 -9.53
C THR S 147 50.22 -96.94 -9.09
N THR S 148 50.45 -98.05 -9.79
CA THR S 148 49.87 -99.34 -9.43
C THR S 148 50.83 -100.42 -9.89
N GLU S 149 51.47 -101.10 -8.95
CA GLU S 149 52.54 -102.02 -9.26
C GLU S 149 52.02 -103.43 -9.48
N ASP S 150 52.69 -104.16 -10.37
CA ASP S 150 52.46 -105.58 -10.58
C ASP S 150 51.01 -105.86 -11.02
N VAL S 151 50.65 -105.30 -12.17
CA VAL S 151 49.34 -105.56 -12.75
C VAL S 151 49.45 -106.73 -13.72
N LEU S 152 48.34 -107.41 -13.96
CA LEU S 152 48.30 -108.58 -14.83
C LEU S 152 47.22 -108.38 -15.88
N VAL S 153 47.61 -108.39 -17.15
CA VAL S 153 46.69 -108.27 -18.27
C VAL S 153 47.02 -109.35 -19.29
N GLY S 154 46.10 -110.31 -19.45
CA GLY S 154 46.29 -111.37 -20.43
C GLY S 154 47.52 -112.22 -20.18
N GLU S 155 47.70 -112.66 -18.93
CA GLU S 155 48.85 -113.47 -18.53
C GLU S 155 50.15 -112.73 -18.84
N LYS S 156 50.38 -111.62 -18.15
CA LYS S 156 51.61 -110.85 -18.28
C LYS S 156 51.69 -109.82 -17.17
N LYS S 157 52.86 -109.70 -16.57
CA LYS S 157 53.12 -108.68 -15.57
C LYS S 157 53.61 -107.40 -16.24
N TYR S 158 53.05 -106.28 -15.82
CA TYR S 158 53.40 -104.98 -16.37
C TYR S 158 53.84 -104.04 -15.26
N SER S 159 54.96 -103.37 -15.47
CA SER S 159 55.38 -102.32 -14.57
C SER S 159 54.44 -101.12 -14.71
N VAL S 160 54.42 -100.27 -13.68
CA VAL S 160 53.57 -99.08 -13.71
C VAL S 160 53.96 -98.20 -14.88
N ASP S 161 55.26 -98.02 -15.11
CA ASP S 161 55.72 -97.26 -16.26
C ASP S 161 55.25 -97.89 -17.55
N GLU S 162 55.10 -99.21 -17.58
CA GLU S 162 54.60 -99.87 -18.78
C GLU S 162 53.10 -99.65 -18.94
N PHE S 163 52.36 -99.69 -17.82
CA PHE S 163 50.92 -99.49 -17.87
C PHE S 163 50.51 -98.04 -18.10
N THR S 164 51.47 -97.11 -18.01
CA THR S 164 51.17 -95.72 -18.29
C THR S 164 50.59 -95.53 -19.68
N SER S 165 51.00 -96.37 -20.65
CA SER S 165 50.47 -96.24 -22.00
C SER S 165 48.98 -96.55 -22.04
N ARG S 166 48.56 -97.65 -21.42
CA ARG S 166 47.14 -97.96 -21.34
C ARG S 166 46.39 -96.89 -20.58
N VAL S 167 46.99 -96.37 -19.51
CA VAL S 167 46.34 -95.31 -18.74
C VAL S 167 46.08 -94.09 -19.61
N ALA S 168 47.10 -93.66 -20.35
CA ALA S 168 46.96 -92.49 -21.22
C ALA S 168 45.94 -92.72 -22.31
N GLY S 169 45.94 -93.91 -22.90
CA GLY S 169 44.90 -94.24 -23.88
C GLY S 169 43.52 -94.16 -23.28
N LEU S 170 43.37 -94.61 -22.04
CA LEU S 170 42.09 -94.54 -21.35
C LEU S 170 41.65 -93.09 -21.17
N ILE S 171 42.56 -92.21 -20.75
CA ILE S 171 42.18 -90.81 -20.57
C ILE S 171 41.81 -90.18 -21.91
N ALA S 172 42.58 -90.47 -22.96
CA ALA S 172 42.33 -89.81 -24.23
C ALA S 172 41.07 -90.35 -24.91
N GLY S 173 40.70 -91.60 -24.63
CA GLY S 173 39.54 -92.17 -25.30
C GLY S 173 38.23 -91.51 -24.91
N THR S 174 38.09 -91.13 -23.65
CA THR S 174 36.82 -90.64 -23.16
C THR S 174 36.48 -89.28 -23.76
N PRO S 175 35.19 -88.99 -23.96
CA PRO S 175 34.81 -87.65 -24.44
C PRO S 175 35.01 -86.59 -23.37
N LEU S 176 34.60 -85.35 -23.67
CA LEU S 176 34.71 -84.28 -22.69
C LEU S 176 33.44 -84.14 -21.86
N SER S 177 32.41 -84.93 -22.16
CA SER S 177 31.17 -84.84 -21.39
C SER S 177 31.27 -85.62 -20.09
N GLN S 178 31.48 -86.92 -20.17
CA GLN S 178 31.60 -87.75 -18.98
C GLN S 178 33.04 -87.76 -18.49
N SER S 179 33.25 -88.31 -17.30
CA SER S 179 34.55 -88.32 -16.64
C SER S 179 35.21 -89.69 -16.76
N VAL S 180 36.37 -89.82 -16.12
CA VAL S 180 37.11 -91.07 -16.13
C VAL S 180 36.92 -91.88 -14.85
N THR S 181 36.21 -91.33 -13.88
CA THR S 181 36.03 -92.00 -12.59
C THR S 181 35.14 -93.22 -12.74
N TYR S 182 35.49 -94.30 -12.05
CA TYR S 182 34.63 -95.47 -11.91
C TYR S 182 34.35 -96.11 -13.27
N THR S 183 35.41 -96.49 -13.96
CA THR S 183 35.32 -97.05 -15.29
C THR S 183 35.97 -98.42 -15.34
N LYS S 184 35.25 -99.40 -15.87
CA LYS S 184 35.69 -100.79 -15.90
C LYS S 184 36.87 -100.98 -16.84
N LEU S 185 37.79 -101.84 -16.42
CA LEU S 185 38.89 -102.33 -17.27
C LEU S 185 38.79 -103.85 -17.29
N SER S 186 38.09 -104.39 -18.28
CA SER S 186 37.95 -105.84 -18.37
C SER S 186 39.25 -106.54 -18.69
N ASP S 187 40.25 -105.83 -19.20
CA ASP S 187 41.50 -106.47 -19.60
C ASP S 187 42.32 -106.90 -18.40
N VAL S 188 42.46 -106.02 -17.41
CA VAL S 188 43.19 -106.39 -16.20
C VAL S 188 42.37 -107.39 -15.39
N VAL S 189 43.07 -108.32 -14.73
CA VAL S 189 42.39 -109.45 -14.11
C VAL S 189 42.80 -109.62 -12.65
N ASP S 190 43.94 -109.05 -12.24
CA ASP S 190 44.28 -109.06 -10.82
C ASP S 190 45.21 -107.91 -10.47
N ILE S 191 45.03 -107.41 -9.26
CA ILE S 191 45.87 -106.34 -8.69
C ILE S 191 46.18 -106.69 -7.24
N PRO S 192 47.39 -106.36 -6.79
CA PRO S 192 47.76 -106.66 -5.40
C PRO S 192 46.75 -106.13 -4.39
N LYS S 193 46.45 -106.96 -3.41
CA LYS S 193 45.44 -106.66 -2.40
C LYS S 193 45.87 -105.48 -1.54
N MET S 194 44.95 -104.52 -1.37
CA MET S 194 45.26 -103.27 -0.70
C MET S 194 44.00 -102.74 -0.05
N THR S 195 44.14 -102.13 1.12
CA THR S 195 42.99 -101.77 1.94
C THR S 195 42.42 -100.41 1.54
N LYS S 196 41.18 -100.18 1.95
CA LYS S 196 40.45 -99.00 1.50
C LYS S 196 40.98 -97.72 2.13
N VAL S 197 41.32 -97.76 3.42
CA VAL S 197 41.80 -96.55 4.09
C VAL S 197 43.14 -96.10 3.50
N ASP S 198 43.98 -97.07 3.14
CA ASP S 198 45.22 -96.72 2.46
C ASP S 198 44.94 -96.08 1.11
N ALA S 199 43.92 -96.57 0.40
CA ALA S 199 43.54 -95.95 -0.87
C ALA S 199 43.07 -94.53 -0.67
N GLU S 200 42.29 -94.28 0.37
CA GLU S 200 41.83 -92.93 0.65
C GLU S 200 43.00 -92.01 0.97
N SER S 201 43.94 -92.48 1.79
CA SER S 201 45.13 -91.69 2.08
C SER S 201 45.93 -91.41 0.82
N ARG S 202 46.07 -92.41 -0.03
CA ARG S 202 46.80 -92.25 -1.29
C ARG S 202 46.11 -91.23 -2.20
N VAL S 203 44.78 -91.25 -2.23
CA VAL S 203 44.02 -90.29 -3.03
C VAL S 203 44.28 -88.87 -2.52
N ASN S 204 44.29 -88.69 -1.19
CA ASN S 204 44.59 -87.37 -0.67
C ASN S 204 45.99 -86.88 -1.05
N LYS S 205 46.87 -87.80 -1.44
CA LYS S 205 48.21 -87.42 -1.87
C LYS S 205 48.26 -86.95 -3.31
N GLY S 206 47.12 -86.89 -4.00
CA GLY S 206 47.11 -86.58 -5.41
C GLY S 206 47.51 -87.73 -6.30
N GLU S 207 47.74 -88.91 -5.73
CA GLU S 207 48.16 -90.06 -6.50
C GLU S 207 46.96 -90.74 -7.14
N LEU S 208 47.14 -91.24 -8.35
CA LEU S 208 46.08 -91.96 -9.05
C LEU S 208 46.26 -93.46 -8.83
N ILE S 209 45.19 -94.13 -8.41
CA ILE S 209 45.26 -95.50 -7.94
C ILE S 209 44.15 -96.33 -8.58
N LEU S 210 44.49 -97.58 -8.88
CA LEU S 210 43.53 -98.57 -9.36
C LEU S 210 42.96 -99.31 -8.16
N ILE S 211 41.64 -99.48 -8.13
CA ILE S 211 40.95 -99.95 -6.92
C ILE S 211 40.05 -101.11 -7.27
N LYS S 212 39.90 -102.03 -6.31
CA LYS S 212 38.95 -103.13 -6.37
C LYS S 212 37.64 -102.70 -5.73
N GLU S 213 36.59 -102.63 -6.54
CA GLU S 213 35.25 -102.35 -6.05
C GLU S 213 34.24 -102.83 -7.08
N ALA S 214 33.03 -103.07 -6.62
CA ALA S 214 31.92 -103.57 -7.46
C ALA S 214 32.39 -104.85 -8.16
N GLY S 215 31.89 -105.11 -9.36
CA GLY S 215 32.21 -106.34 -10.05
C GLY S 215 33.60 -106.40 -10.64
N ALA S 216 34.06 -105.31 -11.25
CA ALA S 216 35.29 -105.31 -12.02
C ALA S 216 36.24 -104.22 -11.54
N ILE S 217 37.41 -104.18 -12.15
CA ILE S 217 38.43 -103.20 -11.80
C ILE S 217 38.02 -101.84 -12.35
N ARG S 218 38.18 -100.80 -11.54
CA ARG S 218 37.75 -99.46 -11.91
C ARG S 218 38.71 -98.42 -11.37
N ILE S 219 38.72 -97.25 -12.02
CA ILE S 219 39.59 -96.16 -11.60
C ILE S 219 38.86 -95.30 -10.55
N ALA S 220 39.61 -94.86 -9.54
CA ALA S 220 39.05 -94.13 -8.41
C ALA S 220 39.37 -92.65 -8.54
N ARG S 221 38.41 -91.88 -9.05
CA ARG S 221 38.42 -90.42 -8.98
C ARG S 221 39.75 -89.85 -9.47
N GLY S 222 39.95 -89.97 -10.78
CA GLY S 222 41.15 -89.44 -11.41
C GLY S 222 41.37 -87.97 -11.14
N VAL S 223 42.56 -87.63 -10.62
CA VAL S 223 42.93 -86.27 -10.30
C VAL S 223 44.37 -86.04 -10.74
N ASN S 224 44.72 -84.76 -10.91
CA ASN S 224 46.08 -84.40 -11.27
C ASN S 224 47.00 -84.57 -10.07
N SER S 225 48.28 -84.22 -10.26
CA SER S 225 49.27 -84.49 -9.24
C SER S 225 49.50 -83.33 -8.30
N LEU S 226 48.83 -82.19 -8.50
CA LEU S 226 49.06 -81.05 -7.61
C LEU S 226 48.40 -81.30 -6.26
N THR S 227 49.09 -80.89 -5.19
CA THR S 227 48.61 -81.10 -3.84
C THR S 227 48.48 -79.82 -3.02
N GLU S 228 49.27 -78.80 -3.34
CA GLU S 228 49.24 -77.55 -2.58
C GLU S 228 48.21 -76.64 -3.24
N LEU S 229 47.41 -75.95 -2.43
CA LEU S 229 46.31 -75.13 -2.90
C LEU S 229 46.63 -73.66 -2.61
N THR S 230 46.90 -72.89 -3.66
CA THR S 230 47.15 -71.47 -3.50
C THR S 230 45.83 -70.71 -3.45
N ALA S 231 45.92 -69.38 -3.45
CA ALA S 231 44.72 -68.56 -3.48
C ALA S 231 44.09 -68.57 -4.87
N GLU S 232 44.91 -68.66 -5.91
CA GLU S 232 44.37 -68.62 -7.27
C GLU S 232 44.12 -70.03 -7.80
N LYS S 233 44.94 -71.00 -7.41
CA LYS S 233 44.72 -72.39 -7.81
C LYS S 233 43.80 -73.04 -6.79
N GLY S 234 42.50 -73.04 -7.08
CA GLY S 234 41.52 -73.51 -6.14
C GLY S 234 41.31 -75.02 -6.21
N GLU S 235 40.26 -75.46 -5.52
CA GLU S 235 40.00 -76.90 -5.42
C GLU S 235 39.64 -77.50 -6.77
N MET S 236 38.85 -76.78 -7.58
CA MET S 236 38.42 -77.33 -8.86
C MET S 236 39.58 -77.56 -9.81
N PHE S 237 40.72 -76.89 -9.60
CA PHE S 237 41.87 -77.13 -10.45
C PHE S 237 42.47 -78.51 -10.24
N GLN S 238 41.88 -79.32 -9.36
CA GLN S 238 42.43 -80.64 -9.07
C GLN S 238 41.75 -81.76 -9.86
N LYS S 239 40.71 -81.45 -10.62
CA LYS S 239 40.00 -82.45 -11.40
C LYS S 239 40.46 -82.45 -12.84
N ILE S 240 40.60 -83.65 -13.42
CA ILE S 240 41.11 -83.76 -14.78
C ILE S 240 40.14 -83.13 -15.78
N LYS S 241 38.85 -83.38 -15.62
CA LYS S 241 37.86 -82.85 -16.55
C LYS S 241 37.89 -81.32 -16.56
N ILE S 242 38.01 -80.72 -15.38
CA ILE S 242 38.01 -79.26 -15.28
C ILE S 242 39.20 -78.68 -16.05
N VAL S 243 40.40 -79.21 -15.79
CA VAL S 243 41.58 -78.67 -16.43
C VAL S 243 41.54 -78.93 -17.94
N ASP S 244 40.95 -80.04 -18.35
CA ASP S 244 40.88 -80.35 -19.78
C ASP S 244 39.97 -79.38 -20.51
N THR S 245 38.78 -79.14 -19.97
CA THR S 245 37.89 -78.19 -20.64
C THR S 245 38.45 -76.78 -20.61
N LEU S 246 39.10 -76.37 -19.51
CA LEU S 246 39.76 -75.07 -19.51
C LEU S 246 40.83 -75.00 -20.58
N ASP S 247 41.59 -76.09 -20.75
CA ASP S 247 42.69 -76.08 -21.69
C ASP S 247 42.17 -75.93 -23.12
N ILE S 248 41.11 -76.66 -23.46
CA ILE S 248 40.59 -76.56 -24.82
C ILE S 248 39.97 -75.17 -25.05
N ILE S 249 39.35 -74.60 -24.02
CA ILE S 249 38.84 -73.22 -24.15
C ILE S 249 39.99 -72.28 -24.49
N HIS S 250 41.08 -72.40 -23.74
CA HIS S 250 42.25 -71.56 -24.00
C HIS S 250 42.73 -71.71 -25.44
N SER S 251 42.91 -72.95 -25.89
CA SER S 251 43.45 -73.17 -27.22
C SER S 251 42.55 -72.57 -28.30
N ASP S 252 41.25 -72.84 -28.20
CA ASP S 252 40.33 -72.35 -29.23
C ASP S 252 40.28 -70.83 -29.28
N ILE S 253 40.14 -70.20 -28.11
CA ILE S 253 40.05 -68.74 -28.09
C ILE S 253 41.34 -68.11 -28.61
N ARG S 254 42.49 -68.65 -28.20
CA ARG S 254 43.75 -68.12 -28.69
C ARG S 254 43.85 -68.26 -30.21
N LYS S 255 43.45 -69.41 -30.74
CA LYS S 255 43.56 -69.61 -32.18
C LYS S 255 42.66 -68.63 -32.94
N VAL S 256 41.44 -68.45 -32.48
CA VAL S 256 40.54 -67.49 -33.13
C VAL S 256 41.15 -66.09 -33.10
N ILE S 257 41.66 -65.70 -31.93
CA ILE S 257 42.22 -64.36 -31.76
C ILE S 257 43.37 -64.13 -32.73
N ILE S 258 44.31 -65.06 -32.80
CA ILE S 258 45.46 -64.84 -33.67
C ILE S 258 45.05 -64.90 -35.13
N ASP S 259 44.08 -65.75 -35.46
CA ASP S 259 43.74 -65.96 -36.86
C ASP S 259 42.97 -64.78 -37.44
N ASP S 260 42.12 -64.13 -36.64
CA ASP S 260 41.22 -63.12 -37.20
C ASP S 260 41.58 -61.70 -36.83
N TYR S 261 41.76 -61.40 -35.53
CA TYR S 261 41.75 -60.03 -35.05
C TYR S 261 43.13 -59.45 -34.80
N ILE S 262 44.19 -60.12 -35.28
CA ILE S 262 45.55 -59.63 -35.07
C ILE S 262 46.02 -58.99 -36.36
N GLY S 263 46.28 -57.69 -36.31
CA GLY S 263 46.83 -56.97 -37.45
C GLY S 263 45.87 -56.82 -38.61
N LYS S 264 44.56 -56.96 -38.36
CA LYS S 264 43.56 -56.82 -39.40
C LYS S 264 42.38 -55.96 -39.02
N VAL S 265 42.28 -55.51 -37.77
CA VAL S 265 41.16 -54.70 -37.32
C VAL S 265 41.71 -53.51 -36.54
N THR S 266 41.11 -52.34 -36.74
CA THR S 266 41.55 -51.14 -36.05
C THR S 266 41.03 -51.12 -34.62
N ASN S 267 41.92 -50.73 -33.70
CA ASN S 267 41.58 -50.70 -32.28
C ASN S 267 40.64 -49.53 -32.04
N SER S 268 39.34 -49.80 -32.03
CA SER S 268 38.34 -48.78 -31.76
C SER S 268 37.22 -49.41 -30.94
N TYR S 269 36.44 -48.56 -30.28
CA TYR S 269 35.40 -49.03 -29.38
C TYR S 269 34.45 -50.01 -30.07
N ASP S 270 34.06 -49.71 -31.31
CA ASP S 270 33.14 -50.59 -32.03
C ASP S 270 33.80 -51.93 -32.32
N ASN S 271 35.09 -51.93 -32.67
CA ASN S 271 35.78 -53.19 -32.88
C ASN S 271 35.89 -53.99 -31.58
N LYS S 272 36.09 -53.30 -30.46
CA LYS S 272 36.06 -53.98 -29.17
C LYS S 272 34.71 -54.63 -28.93
N CYS S 273 33.63 -53.94 -29.23
CA CYS S 273 32.30 -54.51 -29.07
C CYS S 273 32.11 -55.73 -29.95
N LEU S 274 32.60 -55.66 -31.19
CA LEU S 274 32.49 -56.80 -32.09
C LEU S 274 33.28 -58.00 -31.58
N LEU S 275 34.49 -57.76 -31.06
CA LEU S 275 35.27 -58.86 -30.51
C LEU S 275 34.58 -59.47 -29.29
N ILE S 276 34.00 -58.64 -28.44
CA ILE S 276 33.25 -59.14 -27.30
C ILE S 276 32.10 -60.02 -27.76
N VAL S 277 31.37 -59.57 -28.78
CA VAL S 277 30.25 -60.34 -29.29
C VAL S 277 30.70 -61.68 -29.84
N ALA S 278 31.83 -61.69 -30.56
CA ALA S 278 32.35 -62.95 -31.10
C ALA S 278 32.72 -63.92 -29.99
N ILE S 279 33.39 -63.40 -28.94
CA ILE S 279 33.78 -64.26 -27.83
C ILE S 279 32.55 -64.83 -27.13
N LYS S 280 31.55 -63.98 -26.90
CA LYS S 280 30.32 -64.44 -26.28
C LYS S 280 29.63 -65.49 -27.13
N SER S 281 29.66 -65.32 -28.45
CA SER S 281 29.07 -66.32 -29.34
C SER S 281 29.79 -67.65 -29.22
N TYR S 282 31.11 -67.64 -29.17
CA TYR S 282 31.84 -68.89 -29.02
C TYR S 282 31.50 -69.56 -27.69
N LEU S 283 31.45 -68.78 -26.61
CA LEU S 283 31.13 -69.37 -25.31
C LEU S 283 29.71 -69.94 -25.30
N GLU S 284 28.77 -69.26 -25.95
CA GLU S 284 27.41 -69.76 -26.06
C GLU S 284 27.40 -71.09 -26.82
N GLU S 285 28.14 -71.16 -27.93
CA GLU S 285 28.24 -72.40 -28.69
C GLU S 285 28.79 -73.52 -27.82
N LEU S 286 29.80 -73.23 -27.01
CA LEU S 286 30.30 -74.24 -26.07
C LEU S 286 29.25 -74.61 -25.05
N GLU S 287 28.41 -73.65 -24.65
CA GLU S 287 27.35 -73.94 -23.69
C GLU S 287 26.37 -74.95 -24.25
N LYS S 288 26.05 -74.87 -25.54
CA LYS S 288 25.20 -75.90 -26.14
C LYS S 288 25.76 -77.30 -25.95
N SER S 289 27.09 -77.45 -25.95
CA SER S 289 27.68 -78.76 -25.76
C SER S 289 27.61 -79.24 -24.31
N ALA S 290 27.02 -78.44 -23.42
CA ALA S 290 26.87 -78.76 -22.01
C ALA S 290 28.19 -78.95 -21.29
N LEU S 291 29.15 -78.05 -21.50
CA LEU S 291 30.39 -78.11 -20.75
C LEU S 291 30.51 -76.98 -19.74
N ILE S 292 29.75 -75.89 -19.92
CA ILE S 292 29.75 -74.79 -18.97
C ILE S 292 28.31 -74.42 -18.64
N GLU S 293 28.13 -73.58 -17.63
CA GLU S 293 26.81 -73.15 -17.22
C GLU S 293 26.22 -72.21 -18.27
N SER S 294 24.91 -72.06 -18.25
CA SER S 294 24.19 -71.33 -19.31
C SER S 294 24.64 -69.88 -19.38
N ASP S 295 24.63 -69.17 -18.25
CA ASP S 295 24.84 -67.72 -18.25
C ASP S 295 26.32 -67.41 -18.07
N SER S 296 26.91 -66.76 -19.06
CA SER S 296 28.28 -66.29 -19.00
C SER S 296 28.32 -64.86 -19.54
N THR S 297 29.17 -64.03 -18.94
CA THR S 297 29.25 -62.62 -19.29
C THR S 297 30.68 -62.26 -19.69
N VAL S 298 30.81 -61.56 -20.80
CA VAL S 298 32.10 -61.04 -21.26
C VAL S 298 31.96 -59.53 -21.40
N GLU S 299 32.92 -58.80 -20.84
CA GLU S 299 32.84 -57.34 -20.84
C GLU S 299 34.24 -56.76 -20.82
N ILE S 300 34.32 -55.47 -21.17
CA ILE S 300 35.61 -54.79 -21.20
C ILE S 300 36.12 -54.61 -19.78
N ASP S 301 37.43 -54.81 -19.60
CA ASP S 301 38.02 -54.77 -18.27
C ASP S 301 38.34 -53.33 -17.89
N PHE S 302 37.56 -52.78 -16.97
CA PHE S 302 37.62 -51.38 -16.59
C PHE S 302 38.87 -51.05 -15.77
N GLU S 303 39.20 -51.88 -14.78
CA GLU S 303 40.24 -51.53 -13.83
C GLU S 303 41.62 -51.50 -14.50
N ALA S 304 41.92 -52.51 -15.31
CA ALA S 304 43.22 -52.53 -15.98
C ALA S 304 43.34 -51.37 -16.97
N GLN S 305 42.25 -51.03 -17.64
CA GLN S 305 42.29 -49.89 -18.56
C GLN S 305 42.56 -48.60 -17.82
N LYS S 306 41.91 -48.41 -16.66
CA LYS S 306 42.17 -47.22 -15.87
C LYS S 306 43.61 -47.17 -15.39
N SER S 307 44.14 -48.30 -14.94
CA SER S 307 45.52 -48.34 -14.49
C SER S 307 46.48 -48.00 -15.62
N TYR S 308 46.24 -48.56 -16.81
CA TYR S 308 47.07 -48.26 -17.96
C TYR S 308 47.00 -46.78 -18.31
N LEU S 309 45.80 -46.20 -18.29
CA LEU S 309 45.66 -44.77 -18.60
C LEU S 309 46.42 -43.91 -17.60
N LYS S 310 46.34 -44.25 -16.31
CA LYS S 310 47.12 -43.53 -15.32
C LYS S 310 48.62 -43.71 -15.56
N SER S 311 49.03 -44.89 -16.02
CA SER S 311 50.44 -45.11 -16.29
C SER S 311 50.94 -44.21 -17.42
N LYS S 312 50.03 -43.68 -18.24
CA LYS S 312 50.38 -42.75 -19.30
C LYS S 312 50.26 -41.29 -18.90
N GLY S 313 49.73 -41.02 -17.70
CA GLY S 313 49.68 -39.66 -17.20
C GLY S 313 48.41 -38.89 -17.49
N VAL S 314 47.43 -39.50 -18.14
CA VAL S 314 46.18 -38.81 -18.42
C VAL S 314 45.42 -38.54 -17.13
N ASP S 315 44.66 -37.46 -17.11
CA ASP S 315 43.89 -37.06 -15.92
C ASP S 315 42.43 -37.46 -16.13
N LEU S 316 42.04 -38.58 -15.53
CA LEU S 316 40.68 -39.08 -15.62
C LEU S 316 39.85 -38.75 -14.38
N SER S 317 40.23 -37.72 -13.62
CA SER S 317 39.43 -37.31 -12.49
C SER S 317 38.05 -36.80 -12.94
N TYR S 318 37.98 -36.23 -14.15
CA TYR S 318 36.73 -35.67 -14.62
C TYR S 318 35.97 -36.62 -15.53
N MET S 319 36.68 -37.40 -16.35
CA MET S 319 36.01 -38.22 -17.34
C MET S 319 35.12 -39.26 -16.69
N THR S 320 33.90 -39.39 -17.22
CA THR S 320 32.95 -40.39 -16.76
C THR S 320 33.43 -41.78 -17.14
N LEU S 321 32.92 -42.78 -16.40
CA LEU S 321 33.34 -44.17 -16.64
C LEU S 321 33.09 -44.57 -18.10
N GLN S 322 31.99 -44.10 -18.70
CA GLN S 322 31.74 -44.41 -20.10
C GLN S 322 32.82 -43.81 -20.99
N GLU S 323 33.20 -42.56 -20.72
CA GLU S 323 34.27 -41.93 -21.48
C GLU S 323 35.60 -42.65 -21.23
N ILE S 324 35.82 -43.13 -20.01
CA ILE S 324 37.04 -43.86 -19.71
C ILE S 324 37.12 -45.13 -20.54
N LYS S 325 36.01 -45.87 -20.63
CA LYS S 325 35.99 -47.05 -21.48
C LYS S 325 36.14 -46.68 -22.95
N GLU S 326 35.66 -45.50 -23.34
CA GLU S 326 35.73 -45.10 -24.74
C GLU S 326 37.11 -44.60 -25.13
N ALA S 327 37.98 -44.39 -24.13
CA ALA S 327 39.27 -43.76 -24.40
C ALA S 327 40.14 -44.66 -25.28
N ASN S 328 41.01 -44.02 -26.05
CA ASN S 328 41.94 -44.76 -26.91
C ASN S 328 43.00 -45.44 -26.08
N THR S 329 43.41 -46.64 -26.50
CA THR S 329 44.41 -47.42 -25.79
C THR S 329 45.65 -47.71 -26.62
N GLY S 330 45.56 -47.61 -27.94
CA GLY S 330 46.74 -47.82 -28.77
C GLY S 330 47.20 -49.27 -28.85
N SER S 331 46.42 -50.13 -29.49
CA SER S 331 46.77 -51.53 -29.76
C SER S 331 46.79 -52.39 -28.51
N LYS S 332 46.19 -51.91 -27.42
CA LYS S 332 46.01 -52.76 -26.25
C LYS S 332 44.52 -52.99 -25.98
N VAL S 333 44.17 -54.22 -25.65
CA VAL S 333 42.79 -54.61 -25.36
C VAL S 333 42.77 -55.29 -24.00
N PHE S 334 41.82 -54.88 -23.15
CA PHE S 334 41.66 -55.47 -21.83
C PHE S 334 40.23 -55.98 -21.68
N LEU S 335 40.09 -57.27 -21.37
CA LEU S 335 38.79 -57.90 -21.27
C LEU S 335 38.75 -58.82 -20.07
N LYS S 336 37.56 -59.00 -19.51
CA LYS S 336 37.33 -59.91 -18.40
C LYS S 336 36.09 -60.75 -18.71
N ALA S 337 36.04 -61.97 -18.17
CA ALA S 337 34.95 -62.89 -18.45
C ALA S 337 34.61 -63.69 -17.20
N LYS S 338 33.37 -64.18 -17.15
CA LYS S 338 32.87 -64.99 -16.04
C LYS S 338 32.20 -66.24 -16.60
N ILE S 339 32.70 -67.41 -16.21
CA ILE S 339 32.11 -68.67 -16.63
C ILE S 339 32.05 -69.62 -15.43
N LYS S 340 31.16 -70.59 -15.53
CA LYS S 340 30.99 -71.64 -14.52
C LYS S 340 31.00 -72.99 -15.21
N VAL S 341 31.99 -73.82 -14.88
CA VAL S 341 32.23 -75.07 -15.60
C VAL S 341 31.51 -76.19 -14.86
N LEU S 342 30.77 -77.01 -15.61
CA LEU S 342 30.04 -78.11 -15.00
C LEU S 342 30.96 -79.28 -14.71
N ASP S 343 30.45 -80.25 -13.94
CA ASP S 343 31.18 -81.46 -13.61
C ASP S 343 30.21 -82.63 -13.54
N ALA S 344 30.74 -83.84 -13.72
CA ALA S 344 29.90 -85.03 -13.73
C ALA S 344 29.53 -85.43 -12.31
N MET S 345 28.38 -86.11 -12.18
CA MET S 345 27.95 -86.58 -10.87
C MET S 345 28.95 -87.56 -10.30
N GLU S 346 29.40 -87.29 -9.07
CA GLU S 346 30.42 -88.08 -8.42
C GLU S 346 30.01 -88.60 -7.05
N ASP S 347 29.24 -87.83 -6.28
CA ASP S 347 28.80 -88.23 -4.95
C ASP S 347 27.31 -87.96 -4.84
N ILE S 348 26.57 -88.95 -4.35
CA ILE S 348 25.11 -88.90 -4.33
C ILE S 348 24.64 -89.01 -2.89
N ASP S 349 23.75 -88.10 -2.49
CA ASP S 349 23.13 -88.11 -1.18
C ASP S 349 21.69 -88.59 -1.32
N LEU S 350 21.28 -89.52 -0.46
CA LEU S 350 19.93 -90.05 -0.48
C LEU S 350 19.51 -90.42 0.93
N SER S 351 18.46 -89.76 1.41
CA SER S 351 17.86 -90.05 2.70
C SER S 351 16.42 -90.47 2.46
N ILE S 352 16.04 -91.63 2.98
CA ILE S 352 14.72 -92.20 2.77
C ILE S 352 14.02 -92.30 4.11
N GLU S 353 12.78 -91.79 4.17
CA GLU S 353 11.95 -91.89 5.36
C GLU S 353 10.98 -93.05 5.17
N ILE S 354 10.81 -93.84 6.22
CA ILE S 354 9.92 -95.00 6.14
C ILE S 354 8.50 -94.58 6.48
N ALA T 2 37.94 -83.16 1.91
CA ALA T 2 38.97 -83.18 0.86
C ALA T 2 38.58 -84.13 -0.26
N ILE T 3 39.58 -84.63 -0.98
CA ILE T 3 39.32 -85.58 -2.05
C ILE T 3 39.41 -87.00 -1.53
N GLY T 4 38.34 -87.76 -1.72
CA GLY T 4 38.29 -89.14 -1.29
C GLY T 4 37.56 -90.00 -2.32
N LEU T 5 37.37 -91.26 -1.94
CA LEU T 5 36.66 -92.17 -2.82
C LEU T 5 35.21 -91.72 -2.97
N PRO T 6 34.57 -91.98 -4.11
CA PRO T 6 33.17 -91.58 -4.27
C PRO T 6 32.28 -92.23 -3.23
N SER T 7 31.30 -91.46 -2.76
CA SER T 7 30.41 -91.90 -1.69
C SER T 7 29.00 -92.06 -2.23
N ILE T 8 28.47 -93.28 -2.13
CA ILE T 8 27.07 -93.55 -2.42
C ILE T 8 26.48 -94.19 -1.16
N ASN T 9 25.50 -93.53 -0.56
CA ASN T 9 24.94 -93.99 0.69
C ASN T 9 23.42 -93.84 0.68
N ILE T 10 22.75 -94.88 1.19
CA ILE T 10 21.31 -94.90 1.35
C ILE T 10 21.01 -94.95 2.84
N SER T 11 20.20 -94.01 3.33
CA SER T 11 19.90 -93.90 4.75
C SER T 11 18.40 -94.04 4.97
N PHE T 12 18.03 -94.86 5.94
CA PHE T 12 16.64 -95.07 6.32
C PHE T 12 16.44 -94.56 7.74
N LYS T 13 15.37 -93.82 7.96
CA LYS T 13 15.05 -93.30 9.28
C LYS T 13 13.59 -93.60 9.60
N GLU T 14 13.34 -94.15 10.79
CA GLU T 14 11.98 -94.40 11.22
C GLU T 14 11.25 -93.08 11.46
N LEU T 15 9.98 -93.04 11.05
CA LEU T 15 9.13 -91.87 11.29
C LEU T 15 8.74 -91.84 12.76
N ALA T 16 9.55 -91.14 13.54
CA ALA T 16 9.36 -91.09 14.98
C ALA T 16 8.18 -90.21 15.36
N THR T 17 6.95 -90.69 15.13
CA THR T 17 5.77 -89.97 15.58
C THR T 17 5.78 -89.89 17.11
N THR T 18 5.95 -88.69 17.62
CA THR T 18 6.24 -88.51 19.04
C THR T 18 5.19 -87.62 19.68
N VAL T 19 4.66 -88.09 20.80
CA VAL T 19 3.86 -87.29 21.71
C VAL T 19 4.67 -87.13 22.99
N LYS T 20 4.86 -85.89 23.43
CA LYS T 20 5.78 -85.63 24.54
C LYS T 20 5.34 -86.37 25.80
N GLU T 21 6.32 -86.90 26.52
CA GLU T 21 6.08 -87.59 27.78
C GLU T 21 5.93 -86.56 28.90
N ARG T 22 4.90 -86.74 29.72
CA ARG T 22 4.66 -85.89 30.87
C ARG T 22 4.85 -86.68 32.16
N SER T 23 4.83 -85.95 33.28
CA SER T 23 5.08 -86.58 34.57
C SER T 23 4.02 -87.63 34.87
N ALA T 24 4.44 -88.73 35.48
CA ALA T 24 3.51 -89.82 35.78
C ALA T 24 2.53 -89.40 36.86
N ARG T 25 1.32 -89.96 36.79
CA ARG T 25 0.26 -89.69 37.75
C ARG T 25 -0.38 -91.00 38.19
N GLY T 26 -0.78 -91.06 39.45
CA GLY T 26 -1.47 -92.22 39.98
C GLY T 26 -0.62 -93.18 40.78
N ILE T 27 0.64 -92.89 40.99
CA ILE T 27 1.53 -93.77 41.75
C ILE T 27 1.30 -93.56 43.23
N ILE T 28 1.06 -94.67 43.93
CA ILE T 28 0.80 -94.65 45.37
C ILE T 28 2.02 -95.18 46.08
N ALA T 29 2.50 -94.44 47.08
CA ALA T 29 3.62 -94.84 47.92
C ALA T 29 3.07 -95.58 49.13
N MET T 30 3.40 -96.87 49.23
CA MET T 30 2.94 -97.71 50.32
C MET T 30 4.12 -98.02 51.24
N VAL T 31 3.97 -97.72 52.52
CA VAL T 31 5.01 -97.97 53.50
C VAL T 31 4.42 -98.79 54.64
N LEU T 32 5.12 -99.86 55.02
CA LEU T 32 4.60 -100.82 55.97
C LEU T 32 5.76 -101.47 56.69
N LYS T 33 5.54 -101.84 57.95
CA LYS T 33 6.57 -102.39 58.82
C LYS T 33 6.40 -103.89 58.95
N ASP T 34 7.50 -104.62 58.75
CA ASP T 34 7.49 -106.08 58.84
C ASP T 34 8.91 -106.58 59.06
N ALA T 35 9.03 -107.89 59.21
CA ALA T 35 10.32 -108.56 59.32
C ALA T 35 10.66 -109.40 58.11
N LYS T 36 9.86 -109.33 57.04
CA LYS T 36 10.08 -110.12 55.84
C LYS T 36 10.10 -109.22 54.62
N ALA T 37 10.99 -109.56 53.67
CA ALA T 37 11.11 -108.86 52.40
C ALA T 37 11.30 -107.36 52.61
N LEU T 38 12.29 -107.02 53.43
CA LEU T 38 12.55 -105.62 53.71
C LEU T 38 12.99 -104.88 52.45
N GLY T 39 12.78 -103.58 52.45
CA GLY T 39 12.99 -102.79 51.25
C GLY T 39 11.71 -102.71 50.43
N LEU T 40 11.82 -101.99 49.30
CA LEU T 40 10.68 -101.88 48.41
C LEU T 40 10.41 -103.21 47.71
N ASN T 41 9.18 -103.38 47.25
CA ASN T 41 8.80 -104.61 46.57
C ASN T 41 8.22 -104.39 45.18
N GLU T 42 7.81 -103.16 44.85
CA GLU T 42 7.46 -102.78 43.49
C GLU T 42 6.32 -103.67 42.96
N ILE T 43 5.14 -103.49 43.55
CA ILE T 43 3.95 -104.23 43.11
C ILE T 43 3.33 -103.41 41.99
N HIS T 44 3.85 -103.60 40.79
CA HIS T 44 3.28 -102.93 39.62
C HIS T 44 2.01 -103.65 39.17
N GLU T 45 1.94 -104.95 39.40
CA GLU T 45 0.85 -105.79 38.93
C GLU T 45 -0.04 -106.20 40.10
N LYS T 46 -1.36 -106.14 39.88
CA LYS T 46 -2.31 -106.56 40.90
C LYS T 46 -2.06 -108.00 41.36
N GLU T 47 -1.69 -108.89 40.44
CA GLU T 47 -1.63 -110.31 40.75
C GLU T 47 -0.45 -110.63 41.68
N ASP T 48 0.74 -110.14 41.36
CA ASP T 48 1.94 -110.61 42.04
C ASP T 48 2.05 -109.95 43.42
N ILE T 49 2.28 -110.78 44.44
CA ILE T 49 2.42 -110.33 45.82
C ILE T 49 3.56 -111.11 46.45
N PRO T 50 4.47 -110.47 47.19
CA PRO T 50 5.47 -111.24 47.93
C PRO T 50 4.82 -112.17 48.93
N VAL T 51 5.43 -113.34 49.11
CA VAL T 51 4.77 -114.41 49.86
C VAL T 51 5.08 -114.35 51.34
N ASP T 52 6.27 -113.87 51.73
CA ASP T 52 6.68 -113.93 53.13
C ASP T 52 5.96 -112.91 54.00
N LEU T 53 5.20 -112.00 53.41
CA LEU T 53 4.54 -110.95 54.17
C LEU T 53 3.42 -111.53 55.03
N SER T 54 3.04 -110.77 56.06
CA SER T 54 1.94 -111.17 56.92
C SER T 54 0.62 -111.14 56.15
N ALA T 55 -0.27 -112.08 56.49
CA ALA T 55 -1.52 -112.22 55.76
C ALA T 55 -2.37 -110.95 55.85
N GLU T 56 -2.47 -110.38 57.04
CA GLU T 56 -3.22 -109.13 57.19
C GLU T 56 -2.62 -108.03 56.34
N ASN T 57 -1.29 -108.01 56.23
CA ASN T 57 -0.66 -107.05 55.34
C ASN T 57 -1.03 -107.31 53.89
N LYS T 58 -1.11 -108.58 53.49
CA LYS T 58 -1.59 -108.89 52.14
C LYS T 58 -2.98 -108.36 51.92
N GLU T 59 -3.86 -108.50 52.93
CA GLU T 59 -5.23 -108.03 52.76
C GLU T 59 -5.28 -106.50 52.71
N TYR T 60 -4.37 -105.82 53.43
CA TYR T 60 -4.29 -104.37 53.29
C TYR T 60 -3.88 -103.98 51.87
N ILE T 61 -2.92 -104.68 51.30
CA ILE T 61 -2.58 -104.42 49.90
C ILE T 61 -3.79 -104.67 49.00
N ASN T 62 -4.50 -105.78 49.24
CA ASN T 62 -5.68 -106.09 48.43
C ASN T 62 -6.71 -104.95 48.49
N LEU T 63 -6.88 -104.35 49.67
CA LEU T 63 -7.68 -103.12 49.74
C LEU T 63 -7.06 -102.03 48.88
N ALA T 64 -5.73 -101.98 48.82
CA ALA T 64 -5.08 -100.92 48.06
C ALA T 64 -5.27 -101.04 46.55
N LEU T 65 -5.10 -102.23 46.00
CA LEU T 65 -5.16 -102.41 44.55
C LEU T 65 -6.45 -102.03 43.86
N MET T 66 -7.57 -102.30 44.53
CA MET T 66 -8.88 -102.10 43.91
C MET T 66 -9.16 -100.61 43.70
N GLY T 67 -9.06 -100.18 42.44
CA GLY T 67 -9.17 -98.77 42.10
C GLY T 67 -10.61 -98.30 42.04
N ASN T 68 -10.78 -96.98 42.07
CA ASN T 68 -12.11 -96.39 42.06
C ASN T 68 -12.77 -96.55 40.69
N VAL T 69 -12.18 -95.94 39.66
CA VAL T 69 -12.60 -96.16 38.29
C VAL T 69 -11.75 -97.23 37.62
N ASN T 70 -10.44 -97.15 37.77
CA ASN T 70 -9.52 -98.11 37.18
C ASN T 70 -8.40 -98.38 38.16
N THR T 71 -7.66 -99.45 37.89
CA THR T 71 -6.56 -99.84 38.76
C THR T 71 -5.50 -98.74 38.77
N PRO T 72 -4.90 -98.44 39.92
CA PRO T 72 -3.74 -97.54 39.94
C PRO T 72 -2.64 -98.06 39.02
N ASN T 73 -2.03 -97.15 38.27
CA ASN T 73 -1.09 -97.55 37.23
C ASN T 73 0.14 -98.22 37.82
N LYS T 74 0.56 -97.81 39.01
CA LYS T 74 1.75 -98.38 39.61
C LYS T 74 1.68 -98.19 41.13
N LEU T 75 2.05 -99.24 41.86
CA LEU T 75 2.08 -99.22 43.31
C LEU T 75 3.50 -99.50 43.79
N LEU T 76 3.99 -98.65 44.68
CA LEU T 76 5.29 -98.83 45.32
C LEU T 76 5.07 -99.12 46.79
N VAL T 77 5.51 -100.29 47.24
CA VAL T 77 5.33 -100.72 48.63
C VAL T 77 6.71 -100.87 49.26
N TYR T 78 6.90 -100.24 50.41
CA TYR T 78 8.16 -100.29 51.14
C TYR T 78 7.97 -101.04 52.44
N VAL T 79 8.86 -101.99 52.71
CA VAL T 79 8.86 -102.74 53.95
C VAL T 79 9.99 -102.21 54.83
N ILE T 80 9.66 -101.81 56.05
CA ILE T 80 10.61 -101.19 56.96
C ILE T 80 10.70 -102.04 58.24
N GLU T 81 11.92 -102.18 58.75
CA GLU T 81 12.13 -102.90 59.99
C GLU T 81 11.44 -102.17 61.14
N GLY T 82 10.96 -102.94 62.11
CA GLY T 82 10.27 -102.36 63.25
C GLY T 82 11.19 -101.46 64.06
N GLU T 83 10.58 -100.45 64.69
CA GLU T 83 11.24 -99.46 65.54
C GLU T 83 12.35 -98.68 64.82
N ALA T 84 12.44 -98.78 63.50
CA ALA T 84 13.46 -98.06 62.76
C ALA T 84 13.12 -96.58 62.57
N ASP T 85 12.03 -96.11 63.18
CA ASP T 85 11.56 -94.73 63.03
C ASP T 85 11.17 -94.48 61.58
N ILE T 86 10.86 -93.23 61.25
CA ILE T 86 10.26 -92.94 59.95
C ILE T 86 11.29 -92.43 58.94
N GLN T 87 12.26 -91.63 59.41
CA GLN T 87 13.17 -90.97 58.48
C GLN T 87 13.97 -91.98 57.66
N THR T 88 14.22 -93.16 58.21
CA THR T 88 14.92 -94.19 57.45
C THR T 88 14.15 -94.56 56.18
N ALA T 89 12.84 -94.72 56.30
CA ALA T 89 12.00 -94.91 55.12
C ALA T 89 11.91 -93.63 54.30
N LEU T 90 11.85 -92.48 54.98
CA LEU T 90 11.57 -91.22 54.30
C LEU T 90 12.68 -90.85 53.32
N ASP T 91 13.92 -91.17 53.65
CA ASP T 91 15.02 -90.89 52.71
C ASP T 91 14.83 -91.66 51.41
N PHE T 92 14.59 -92.96 51.51
CA PHE T 92 14.38 -93.78 50.31
C PHE T 92 13.15 -93.29 49.56
N LEU T 93 12.15 -92.81 50.29
CA LEU T 93 10.96 -92.28 49.63
C LEU T 93 11.26 -91.02 48.84
N GLU T 94 12.00 -90.06 49.43
CA GLU T 94 12.32 -88.85 48.69
C GLU T 94 13.30 -89.14 47.56
N THR T 95 13.95 -90.31 47.59
CA THR T 95 14.79 -90.71 46.47
C THR T 95 13.99 -90.80 45.18
N LYS T 96 12.78 -91.38 45.24
CA LYS T 96 11.97 -91.61 44.05
C LYS T 96 10.73 -90.73 44.06
N GLU T 97 10.00 -90.76 42.94
CA GLU T 97 8.78 -89.96 42.81
C GLU T 97 7.55 -90.80 43.16
N PHE T 98 6.50 -90.10 43.57
CA PHE T 98 5.23 -90.71 43.94
C PHE T 98 4.20 -89.62 44.09
N ASN T 99 2.96 -90.03 44.39
CA ASN T 99 1.86 -89.08 44.55
C ASN T 99 1.23 -89.14 45.94
N TYR T 100 0.87 -90.34 46.43
CA TYR T 100 0.14 -90.49 47.67
C TYR T 100 0.85 -91.49 48.57
N LEU T 101 0.91 -91.16 49.86
CA LEU T 101 1.60 -91.97 50.86
C LEU T 101 0.65 -92.26 52.01
N CYS T 102 0.74 -93.47 52.57
CA CYS T 102 -0.15 -93.85 53.66
C CYS T 102 0.52 -94.89 54.55
N MET T 103 0.10 -94.89 55.82
CA MET T 103 0.54 -95.80 56.85
C MET T 103 -0.67 -96.44 57.52
N PRO T 104 -0.84 -97.75 57.42
CA PRO T 104 -1.93 -98.41 58.15
C PRO T 104 -1.75 -98.33 59.66
N LYS T 105 -0.59 -98.75 60.16
CA LYS T 105 -0.32 -98.79 61.59
C LYS T 105 0.70 -97.72 61.96
N ALA T 106 0.25 -96.74 62.75
CA ALA T 106 1.14 -95.67 63.17
C ALA T 106 0.56 -94.99 64.41
N VAL T 107 1.45 -94.57 65.30
CA VAL T 107 1.05 -93.80 66.47
C VAL T 107 0.98 -92.33 66.08
N GLU T 108 0.37 -91.54 66.97
CA GLU T 108 0.18 -90.12 66.68
C GLU T 108 1.52 -89.40 66.48
N ALA T 109 2.58 -89.88 67.14
CA ALA T 109 3.90 -89.30 66.92
C ALA T 109 4.34 -89.51 65.48
N ASP T 110 4.09 -90.70 64.93
CA ASP T 110 4.43 -90.94 63.54
C ASP T 110 3.65 -90.00 62.62
N LYS T 111 2.36 -89.84 62.87
CA LYS T 111 1.55 -88.95 62.04
C LYS T 111 2.08 -87.52 62.10
N THR T 112 2.45 -87.06 63.30
CA THR T 112 3.03 -85.74 63.44
C THR T 112 4.32 -85.61 62.63
N ALA T 113 5.19 -86.63 62.71
CA ALA T 113 6.45 -86.58 61.99
C ALA T 113 6.22 -86.52 60.48
N ILE T 114 5.29 -87.33 59.97
CA ILE T 114 4.99 -87.30 58.54
C ILE T 114 4.39 -85.95 58.14
N LYS T 115 3.56 -85.38 59.01
CA LYS T 115 2.97 -84.08 58.68
C LYS T 115 4.04 -83.00 58.56
N ASN T 116 5.00 -82.99 59.50
CA ASN T 116 6.09 -82.02 59.40
C ASN T 116 6.94 -82.28 58.15
N TRP T 117 7.23 -83.55 57.87
CA TRP T 117 8.02 -83.89 56.69
C TRP T 117 7.36 -83.38 55.43
N ILE T 118 6.05 -83.58 55.30
CA ILE T 118 5.36 -83.17 54.08
C ILE T 118 5.26 -81.65 54.00
N ILE T 119 4.96 -80.97 55.10
CA ILE T 119 4.80 -79.53 55.01
C ILE T 119 6.13 -78.86 54.67
N LYS T 120 7.24 -79.42 55.17
CA LYS T 120 8.54 -78.87 54.82
C LYS T 120 8.93 -79.24 53.40
N LEU T 121 8.56 -80.44 52.94
CA LEU T 121 9.00 -80.90 51.64
C LEU T 121 8.24 -80.22 50.50
N ARG T 122 6.98 -79.88 50.73
CA ARG T 122 6.20 -79.24 49.68
C ARG T 122 6.65 -77.82 49.42
N ASP T 123 7.34 -77.20 50.37
CA ASP T 123 7.70 -75.80 50.23
C ASP T 123 9.20 -75.59 50.06
N ILE T 124 10.01 -76.19 50.92
CA ILE T 124 11.45 -75.99 50.87
C ILE T 124 12.04 -76.64 49.62
N ASP T 125 11.66 -77.88 49.36
CA ASP T 125 12.22 -78.64 48.24
C ASP T 125 11.41 -78.51 46.96
N LYS T 126 10.25 -77.86 47.01
CA LYS T 126 9.40 -77.67 45.83
C LYS T 126 9.06 -78.99 45.17
N VAL T 127 8.79 -80.00 45.98
CA VAL T 127 8.35 -81.31 45.52
C VAL T 127 6.94 -81.54 46.03
N LYS T 128 6.05 -81.92 45.13
CA LYS T 128 4.60 -81.92 45.39
C LYS T 128 4.11 -83.34 45.64
N VAL T 129 3.86 -83.66 46.91
CA VAL T 129 3.28 -84.93 47.31
C VAL T 129 2.19 -84.67 48.35
N LYS T 130 1.35 -85.68 48.55
CA LYS T 130 0.28 -85.62 49.54
C LYS T 130 0.20 -86.96 50.27
N ALA T 131 -0.58 -86.98 51.35
CA ALA T 131 -0.78 -88.20 52.12
C ALA T 131 -2.12 -88.14 52.84
N VAL T 132 -2.58 -89.31 53.29
CA VAL T 132 -3.84 -89.45 54.00
C VAL T 132 -3.55 -89.95 55.41
N LEU T 133 -4.08 -89.25 56.41
CA LEU T 133 -3.82 -89.57 57.81
C LEU T 133 -5.14 -89.75 58.55
N GLY T 134 -5.13 -90.64 59.54
CA GLY T 134 -6.37 -90.98 60.24
C GLY T 134 -6.91 -89.85 61.07
N LYS T 135 -6.11 -89.33 61.99
CA LYS T 135 -6.59 -88.29 62.91
C LYS T 135 -5.51 -87.21 62.97
N VAL T 136 -5.59 -86.23 62.07
CA VAL T 136 -4.64 -85.14 62.00
C VAL T 136 -5.39 -83.88 61.58
N VAL T 137 -5.05 -82.77 62.23
CA VAL T 137 -5.75 -81.51 62.04
C VAL T 137 -4.84 -80.55 61.29
N GLY T 138 -3.96 -81.10 60.46
CA GLY T 138 -3.04 -80.26 59.71
C GLY T 138 -3.78 -79.26 58.84
N ASN T 139 -3.34 -78.00 58.89
CA ASN T 139 -3.96 -76.90 58.17
C ASN T 139 -3.30 -76.66 56.82
N HIS T 140 -2.75 -77.70 56.21
CA HIS T 140 -2.11 -77.61 54.91
C HIS T 140 -2.86 -78.45 53.90
N GLU T 141 -2.85 -78.01 52.63
CA GLU T 141 -3.57 -78.74 51.60
C GLU T 141 -2.93 -80.09 51.30
N GLY T 142 -1.71 -80.32 51.78
CA GLY T 142 -1.02 -81.56 51.49
C GLY T 142 -1.43 -82.75 52.33
N ILE T 143 -2.35 -82.56 53.28
CA ILE T 143 -2.81 -83.64 54.15
C ILE T 143 -4.31 -83.79 53.99
N ILE T 144 -4.76 -85.02 53.81
CA ILE T 144 -6.18 -85.36 53.77
C ILE T 144 -6.52 -86.09 55.06
N ASN T 145 -7.50 -85.57 55.80
CA ASN T 145 -7.88 -86.13 57.10
C ASN T 145 -9.20 -86.87 56.94
N PHE T 146 -9.12 -88.17 56.74
CA PHE T 146 -10.31 -89.01 56.67
C PHE T 146 -10.53 -89.66 58.03
N THR T 147 -11.77 -89.58 58.52
CA THR T 147 -12.08 -90.08 59.85
C THR T 147 -13.47 -90.70 59.85
N THR T 148 -13.53 -92.03 59.94
CA THR T 148 -14.78 -92.75 60.11
C THR T 148 -14.47 -94.05 60.81
N GLU T 149 -14.96 -94.19 62.04
CA GLU T 149 -14.59 -95.29 62.91
C GLU T 149 -15.51 -96.48 62.71
N ASP T 150 -15.00 -97.66 63.07
CA ASP T 150 -15.78 -98.90 63.07
C ASP T 150 -16.36 -99.20 61.69
N VAL T 151 -15.47 -99.41 60.73
CA VAL T 151 -15.89 -99.71 59.36
C VAL T 151 -15.86 -101.22 59.15
N LEU T 152 -16.95 -101.75 58.62
CA LEU T 152 -17.08 -103.19 58.37
C LEU T 152 -17.14 -103.44 56.87
N VAL T 153 -16.19 -104.23 56.38
CA VAL T 153 -16.19 -104.71 55.01
C VAL T 153 -15.81 -106.19 55.00
N GLY T 154 -16.65 -107.02 54.39
CA GLY T 154 -16.39 -108.44 54.29
C GLY T 154 -16.26 -109.13 55.62
N GLU T 155 -17.16 -108.80 56.55
CA GLU T 155 -17.16 -109.36 57.90
C GLU T 155 -15.80 -109.12 58.57
N LYS T 156 -15.47 -107.85 58.83
CA LYS T 156 -14.24 -107.50 59.52
C LYS T 156 -14.30 -106.02 59.92
N LYS T 157 -13.94 -105.76 61.17
CA LYS T 157 -13.82 -104.40 61.66
C LYS T 157 -12.47 -103.81 61.26
N TYR T 158 -12.49 -102.55 60.83
CA TYR T 158 -11.29 -101.85 60.43
C TYR T 158 -11.20 -100.51 61.13
N SER T 159 -10.03 -100.22 61.68
CA SER T 159 -9.76 -98.89 62.21
C SER T 159 -9.62 -97.90 61.06
N VAL T 160 -9.82 -96.62 61.39
CA VAL T 160 -9.71 -95.57 60.38
C VAL T 160 -8.31 -95.57 59.76
N ASP T 161 -7.29 -95.75 60.61
CA ASP T 161 -5.92 -95.84 60.10
C ASP T 161 -5.75 -97.01 59.16
N GLU T 162 -6.46 -98.11 59.41
CA GLU T 162 -6.40 -99.26 58.50
C GLU T 162 -7.11 -98.94 57.19
N PHE T 163 -8.25 -98.26 57.26
CA PHE T 163 -9.03 -97.95 56.06
C PHE T 163 -8.42 -96.83 55.24
N THR T 164 -7.42 -96.12 55.77
CA THR T 164 -6.75 -95.09 55.00
C THR T 164 -6.16 -95.65 53.72
N SER T 165 -5.75 -96.92 53.72
CA SER T 165 -5.20 -97.53 52.51
C SER T 165 -6.26 -97.59 51.40
N ARG T 166 -7.46 -98.08 51.75
CA ARG T 166 -8.54 -98.11 50.78
C ARG T 166 -8.91 -96.70 50.32
N VAL T 167 -8.90 -95.75 51.25
CA VAL T 167 -9.22 -94.36 50.89
C VAL T 167 -8.22 -93.84 49.86
N ALA T 168 -6.92 -94.06 50.11
CA ALA T 168 -5.90 -93.58 49.19
C ALA T 168 -6.00 -94.28 47.84
N GLY T 169 -6.26 -95.58 47.84
CA GLY T 169 -6.43 -96.28 46.58
C GLY T 169 -7.60 -95.74 45.77
N LEU T 170 -8.72 -95.45 46.45
CA LEU T 170 -9.87 -94.86 45.78
C LEU T 170 -9.54 -93.49 45.22
N ILE T 171 -8.80 -92.68 45.99
CA ILE T 171 -8.44 -91.34 45.51
C ILE T 171 -7.57 -91.44 44.27
N ALA T 172 -6.57 -92.32 44.29
CA ALA T 172 -5.64 -92.39 43.17
C ALA T 172 -6.25 -93.06 41.95
N GLY T 173 -7.26 -93.91 42.15
CA GLY T 173 -7.84 -94.63 41.04
C GLY T 173 -8.55 -93.72 40.04
N THR T 174 -9.20 -92.68 40.54
CA THR T 174 -10.03 -91.85 39.68
C THR T 174 -9.18 -91.04 38.71
N PRO T 175 -9.70 -90.73 37.52
CA PRO T 175 -8.98 -89.86 36.59
C PRO T 175 -8.93 -88.42 37.08
N LEU T 176 -8.35 -87.53 36.27
CA LEU T 176 -8.31 -86.12 36.62
C LEU T 176 -9.50 -85.35 36.08
N SER T 177 -10.37 -86.00 35.31
CA SER T 177 -11.54 -85.31 34.78
C SER T 177 -12.65 -85.23 35.80
N GLN T 178 -13.18 -86.38 36.23
CA GLN T 178 -14.24 -86.42 37.22
C GLN T 178 -13.66 -86.32 38.62
N SER T 179 -14.52 -86.09 39.59
CA SER T 179 -14.14 -85.88 40.98
C SER T 179 -14.38 -87.13 41.81
N VAL T 180 -14.19 -86.98 43.13
CA VAL T 180 -14.40 -88.10 44.05
C VAL T 180 -15.69 -87.97 44.83
N THR T 181 -16.41 -86.85 44.69
CA THR T 181 -17.64 -86.64 45.43
C THR T 181 -18.71 -87.63 44.99
N TYR T 182 -19.42 -88.21 45.96
CA TYR T 182 -20.58 -89.06 45.70
C TYR T 182 -20.20 -90.27 44.84
N THR T 183 -19.35 -91.12 45.39
CA THR T 183 -18.91 -92.33 44.70
C THR T 183 -19.18 -93.54 45.58
N LYS T 184 -19.84 -94.54 45.01
CA LYS T 184 -20.26 -95.72 45.75
C LYS T 184 -19.07 -96.58 46.15
N LEU T 185 -19.22 -97.25 47.28
CA LEU T 185 -18.28 -98.27 47.75
C LEU T 185 -19.09 -99.52 48.06
N SER T 186 -19.21 -100.41 47.09
CA SER T 186 -19.98 -101.64 47.30
C SER T 186 -19.34 -102.56 48.33
N ASP T 187 -18.06 -102.37 48.65
CA ASP T 187 -17.37 -103.28 49.56
C ASP T 187 -17.87 -103.11 50.99
N VAL T 188 -17.92 -101.86 51.48
CA VAL T 188 -18.34 -101.63 52.85
C VAL T 188 -19.85 -101.86 52.97
N VAL T 189 -20.28 -102.34 54.13
CA VAL T 189 -21.65 -102.81 54.27
C VAL T 189 -22.39 -102.12 55.43
N ASP T 190 -21.65 -101.57 56.40
CA ASP T 190 -22.33 -100.81 57.44
C ASP T 190 -21.39 -99.82 58.09
N ILE T 191 -21.96 -98.70 58.53
CA ILE T 191 -21.24 -97.64 59.23
C ILE T 191 -22.09 -97.15 60.39
N PRO T 192 -21.45 -96.80 61.50
CA PRO T 192 -22.21 -96.32 62.67
C PRO T 192 -23.16 -95.19 62.33
N LYS T 193 -24.35 -95.26 62.91
CA LYS T 193 -25.43 -94.33 62.62
C LYS T 193 -25.06 -92.92 63.10
N MET T 194 -25.28 -91.95 62.22
CA MET T 194 -24.83 -90.59 62.47
C MET T 194 -25.73 -89.62 61.71
N THR T 195 -25.99 -88.45 62.31
CA THR T 195 -26.98 -87.54 61.79
C THR T 195 -26.38 -86.58 60.77
N LYS T 196 -27.27 -85.96 59.99
CA LYS T 196 -26.82 -85.17 58.84
C LYS T 196 -26.23 -83.84 59.27
N VAL T 197 -26.80 -83.19 60.29
CA VAL T 197 -26.29 -81.88 60.71
C VAL T 197 -24.90 -82.02 61.31
N ASP T 198 -24.66 -83.12 62.04
CA ASP T 198 -23.31 -83.37 62.56
C ASP T 198 -22.34 -83.56 61.40
N ALA T 199 -22.78 -84.25 60.35
CA ALA T 199 -21.94 -84.43 59.17
C ALA T 199 -21.63 -83.10 58.50
N GLU T 200 -22.62 -82.21 58.42
CA GLU T 200 -22.40 -80.90 57.82
C GLU T 200 -21.38 -80.10 58.64
N SER T 201 -21.53 -80.12 59.96
CA SER T 201 -20.56 -79.43 60.82
C SER T 201 -19.17 -80.03 60.65
N ARG T 202 -19.09 -81.35 60.57
CA ARG T 202 -17.80 -82.01 60.40
C ARG T 202 -17.17 -81.64 59.06
N VAL T 203 -17.98 -81.55 58.01
CA VAL T 203 -17.47 -81.14 56.70
C VAL T 203 -16.90 -79.73 56.77
N ASN T 204 -17.60 -78.83 57.46
CA ASN T 204 -17.05 -77.47 57.59
C ASN T 204 -15.73 -77.46 58.36
N LYS T 205 -15.44 -78.52 59.12
CA LYS T 205 -14.16 -78.61 59.81
C LYS T 205 -13.03 -79.07 58.91
N GLY T 206 -13.26 -79.25 57.61
CA GLY T 206 -12.26 -79.78 56.72
C GLY T 206 -12.07 -81.28 56.82
N GLU T 207 -12.89 -81.96 57.60
CA GLU T 207 -12.76 -83.39 57.81
C GLU T 207 -13.48 -84.15 56.71
N LEU T 208 -12.93 -85.29 56.30
CA LEU T 208 -13.53 -86.13 55.27
C LEU T 208 -14.16 -87.35 55.93
N ILE T 209 -15.42 -87.64 55.56
CA ILE T 209 -16.20 -88.67 56.25
C ILE T 209 -17.14 -89.34 55.26
N LEU T 210 -17.31 -90.66 55.44
CA LEU T 210 -18.24 -91.47 54.66
C LEU T 210 -19.67 -91.23 55.14
N ILE T 211 -20.63 -91.25 54.23
CA ILE T 211 -21.98 -90.84 54.54
C ILE T 211 -23.01 -91.85 54.02
N LYS T 212 -24.20 -91.78 54.60
CA LYS T 212 -25.37 -92.56 54.22
C LYS T 212 -26.38 -91.68 53.50
N GLU T 213 -26.35 -91.75 52.16
CA GLU T 213 -27.41 -91.18 51.34
C GLU T 213 -27.58 -92.05 50.10
N ALA T 214 -28.74 -91.92 49.46
CA ALA T 214 -29.09 -92.67 48.26
C ALA T 214 -28.98 -94.17 48.55
N GLY T 215 -28.65 -94.96 47.53
CA GLY T 215 -28.69 -96.41 47.66
C GLY T 215 -27.58 -97.00 48.49
N ALA T 216 -26.35 -96.52 48.31
CA ALA T 216 -25.17 -97.17 48.87
C ALA T 216 -24.28 -96.15 49.56
N ILE T 217 -23.15 -96.63 50.09
CA ILE T 217 -22.19 -95.77 50.77
C ILE T 217 -21.48 -94.91 49.74
N ARG T 218 -21.35 -93.62 50.04
CA ARG T 218 -20.66 -92.71 49.11
C ARG T 218 -19.82 -91.70 49.88
N ILE T 219 -18.76 -91.24 49.21
CA ILE T 219 -17.91 -90.20 49.76
C ILE T 219 -18.63 -88.86 49.68
N ALA T 220 -18.54 -88.08 50.75
CA ALA T 220 -19.26 -86.82 50.88
C ALA T 220 -18.30 -85.66 50.67
N ARG T 221 -18.17 -85.22 49.41
CA ARG T 221 -17.47 -83.99 49.05
C ARG T 221 -16.06 -83.96 49.64
N GLY T 222 -15.22 -84.80 49.07
CA GLY T 222 -13.82 -84.86 49.48
C GLY T 222 -13.12 -83.51 49.37
N VAL T 223 -12.49 -83.08 50.47
CA VAL T 223 -11.77 -81.82 50.53
C VAL T 223 -10.47 -82.01 51.31
N ASN T 224 -9.59 -81.01 51.21
CA ASN T 224 -8.35 -81.04 51.96
C ASN T 224 -8.59 -80.76 53.44
N SER T 225 -7.51 -80.73 54.21
CA SER T 225 -7.63 -80.57 55.65
C SER T 225 -7.45 -79.13 56.10
N LEU T 226 -7.09 -78.21 55.21
CA LEU T 226 -6.89 -76.84 55.63
C LEU T 226 -8.23 -76.17 55.91
N THR T 227 -8.27 -75.34 56.95
CA THR T 227 -9.50 -74.68 57.38
C THR T 227 -9.43 -73.17 57.36
N GLU T 228 -8.26 -72.59 57.59
CA GLU T 228 -8.11 -71.14 57.60
C GLU T 228 -7.87 -70.66 56.17
N LEU T 229 -8.41 -69.50 55.83
CA LEU T 229 -8.34 -68.95 54.49
C LEU T 229 -7.55 -67.65 54.53
N THR T 230 -6.43 -67.61 53.81
CA THR T 230 -5.64 -66.39 53.71
C THR T 230 -6.14 -65.55 52.54
N ALA T 231 -5.42 -64.47 52.24
CA ALA T 231 -5.74 -63.66 51.07
C ALA T 231 -5.28 -64.35 49.78
N GLU T 232 -4.15 -65.05 49.84
CA GLU T 232 -3.62 -65.70 48.64
C GLU T 232 -4.16 -67.12 48.50
N LYS T 233 -4.37 -67.82 49.62
CA LYS T 233 -4.96 -69.15 49.59
C LYS T 233 -6.47 -68.99 49.59
N GLY T 234 -7.08 -69.02 48.41
CA GLY T 234 -8.51 -68.80 48.29
C GLY T 234 -9.32 -70.04 48.56
N GLU T 235 -10.62 -69.93 48.26
CA GLU T 235 -11.55 -71.02 48.54
C GLU T 235 -11.21 -72.26 47.72
N MET T 236 -10.91 -72.09 46.44
CA MET T 236 -10.68 -73.23 45.56
C MET T 236 -9.54 -74.11 46.02
N PHE T 237 -8.62 -73.59 46.84
CA PHE T 237 -7.53 -74.40 47.35
C PHE T 237 -8.01 -75.48 48.32
N GLN T 238 -9.31 -75.56 48.57
CA GLN T 238 -9.85 -76.55 49.49
C GLN T 238 -10.38 -77.80 48.78
N LYS T 239 -10.45 -77.78 47.45
CA LYS T 239 -10.96 -78.92 46.69
C LYS T 239 -9.80 -79.78 46.22
N ILE T 240 -9.97 -81.10 46.33
CA ILE T 240 -8.88 -82.02 45.99
C ILE T 240 -8.57 -81.96 44.50
N LYS T 241 -9.60 -81.92 43.65
CA LYS T 241 -9.35 -81.89 42.21
C LYS T 241 -8.55 -80.66 41.80
N ILE T 242 -8.88 -79.51 42.40
CA ILE T 242 -8.20 -78.26 42.06
C ILE T 242 -6.72 -78.36 42.38
N VAL T 243 -6.41 -78.80 43.61
CA VAL T 243 -5.01 -78.87 44.01
C VAL T 243 -4.26 -79.92 43.20
N ASP T 244 -4.94 -81.01 42.83
CA ASP T 244 -4.28 -82.06 42.06
C ASP T 244 -3.91 -81.57 40.67
N THR T 245 -4.85 -80.91 39.97
CA THR T 245 -4.52 -80.42 38.65
C THR T 245 -3.47 -79.32 38.69
N LEU T 246 -3.53 -78.43 39.69
CA LEU T 246 -2.47 -77.43 39.84
C LEU T 246 -1.13 -78.09 40.07
N ASP T 247 -1.11 -79.15 40.88
CA ASP T 247 0.15 -79.80 41.22
C ASP T 247 0.77 -80.45 39.98
N ILE T 248 -0.05 -81.10 39.16
CA ILE T 248 0.48 -81.72 37.95
C ILE T 248 0.94 -80.65 36.97
N ILE T 249 0.26 -79.50 36.92
CA ILE T 249 0.72 -78.41 36.08
C ILE T 249 2.11 -77.98 36.50
N HIS T 250 2.30 -77.79 37.81
CA HIS T 250 3.60 -77.40 38.33
C HIS T 250 4.67 -78.41 37.92
N SER T 251 4.40 -79.70 38.15
CA SER T 251 5.42 -80.72 37.87
C SER T 251 5.80 -80.73 36.40
N ASP T 252 4.81 -80.73 35.51
CA ASP T 252 5.10 -80.80 34.08
C ASP T 252 5.89 -79.58 33.61
N ILE T 253 5.45 -78.40 34.01
CA ILE T 253 6.13 -77.19 33.54
C ILE T 253 7.56 -77.14 34.07
N ARG T 254 7.75 -77.50 35.34
CA ARG T 254 9.10 -77.52 35.90
C ARG T 254 10.00 -78.51 35.16
N LYS T 255 9.48 -79.70 34.86
CA LYS T 255 10.30 -80.69 34.18
C LYS T 255 10.69 -80.22 32.78
N VAL T 256 9.75 -79.64 32.04
CA VAL T 256 10.06 -79.12 30.71
C VAL T 256 11.13 -78.05 30.81
N ILE T 257 10.96 -77.12 31.76
CA ILE T 257 11.90 -76.02 31.91
C ILE T 257 13.29 -76.53 32.21
N ILE T 258 13.42 -77.42 33.18
CA ILE T 258 14.75 -77.88 33.57
C ILE T 258 15.36 -78.74 32.47
N ASP T 259 14.53 -79.45 31.70
CA ASP T 259 15.08 -80.36 30.70
C ASP T 259 15.57 -79.62 29.47
N ASP T 260 14.91 -78.53 29.07
CA ASP T 260 15.20 -77.93 27.78
C ASP T 260 15.93 -76.58 27.86
N TYR T 261 15.41 -75.64 28.64
CA TYR T 261 15.82 -74.25 28.53
C TYR T 261 16.84 -73.83 29.60
N ILE T 262 17.39 -74.77 30.35
CA ILE T 262 18.35 -74.43 31.40
C ILE T 262 19.75 -74.68 30.86
N GLY T 263 20.54 -73.62 30.77
CA GLY T 263 21.92 -73.73 30.35
C GLY T 263 22.10 -74.17 28.91
N LYS T 264 21.09 -73.93 28.07
CA LYS T 264 21.16 -74.30 26.67
C LYS T 264 20.69 -73.21 25.71
N VAL T 265 20.10 -72.14 26.20
CA VAL T 265 19.58 -71.07 25.36
C VAL T 265 20.02 -69.74 25.93
N THR T 266 20.38 -68.80 25.06
CA THR T 266 20.87 -67.50 25.50
C THR T 266 19.71 -66.60 25.90
N ASN T 267 19.87 -65.92 27.03
CA ASN T 267 18.84 -65.02 27.54
C ASN T 267 18.74 -63.80 26.63
N SER T 268 17.71 -63.78 25.80
CA SER T 268 17.46 -62.65 24.91
C SER T 268 15.96 -62.59 24.65
N TYR T 269 15.51 -61.47 24.08
CA TYR T 269 14.08 -61.26 23.88
C TYR T 269 13.47 -62.40 23.06
N ASP T 270 14.12 -62.78 21.96
CA ASP T 270 13.54 -63.79 21.08
C ASP T 270 13.45 -65.14 21.77
N ASN T 271 14.46 -65.50 22.57
CA ASN T 271 14.38 -66.75 23.32
C ASN T 271 13.27 -66.70 24.36
N LYS T 272 13.08 -65.54 24.99
CA LYS T 272 11.96 -65.39 25.92
C LYS T 272 10.63 -65.58 25.19
N CYS T 273 10.50 -65.02 23.99
CA CYS T 273 9.27 -65.20 23.22
C CYS T 273 9.04 -66.66 22.88
N LEU T 274 10.11 -67.37 22.51
CA LEU T 274 9.96 -68.79 22.20
C LEU T 274 9.54 -69.59 23.43
N LEU T 275 10.10 -69.25 24.59
CA LEU T 275 9.69 -69.92 25.82
C LEU T 275 8.22 -69.65 26.13
N ILE T 276 7.79 -68.41 25.94
CA ILE T 276 6.38 -68.07 26.14
C ILE T 276 5.50 -68.89 25.21
N VAL T 277 5.91 -69.02 23.95
CA VAL T 277 5.13 -69.78 22.98
C VAL T 277 5.03 -71.25 23.41
N ALA T 278 6.14 -71.82 23.87
CA ALA T 278 6.12 -73.21 24.31
C ALA T 278 5.18 -73.40 25.50
N ILE T 279 5.23 -72.47 26.47
CA ILE T 279 4.34 -72.57 27.62
C ILE T 279 2.89 -72.48 27.19
N LYS T 280 2.58 -71.54 26.29
CA LYS T 280 1.21 -71.41 25.79
C LYS T 280 0.77 -72.69 25.07
N SER T 281 1.68 -73.31 24.32
CA SER T 281 1.34 -74.55 23.64
C SER T 281 1.01 -75.66 24.63
N TYR T 282 1.80 -75.77 25.70
CA TYR T 282 1.50 -76.79 26.70
C TYR T 282 0.15 -76.52 27.36
N LEU T 283 -0.13 -75.26 27.69
CA LEU T 283 -1.40 -74.94 28.32
C LEU T 283 -2.56 -75.23 27.37
N GLU T 284 -2.40 -74.96 26.08
CA GLU T 284 -3.43 -75.29 25.11
C GLU T 284 -3.66 -76.80 25.07
N GLU T 285 -2.58 -77.57 25.09
CA GLU T 285 -2.70 -79.03 25.11
C GLU T 285 -3.48 -79.50 26.33
N LEU T 286 -3.21 -78.90 27.49
CA LEU T 286 -3.99 -79.22 28.68
C LEU T 286 -5.45 -78.80 28.53
N GLU T 287 -5.69 -77.66 27.87
CA GLU T 287 -7.06 -77.21 27.65
C GLU T 287 -7.85 -78.23 26.83
N LYS T 288 -7.20 -78.85 25.86
CA LYS T 288 -7.87 -79.90 25.09
C LYS T 288 -8.37 -81.03 25.97
N SER T 289 -7.67 -81.32 27.08
CA SER T 289 -8.11 -82.38 27.99
C SER T 289 -9.24 -81.93 28.90
N ALA T 290 -9.73 -80.71 28.74
CA ALA T 290 -10.82 -80.15 29.55
C ALA T 290 -10.48 -80.07 31.03
N LEU T 291 -9.29 -79.58 31.38
CA LEU T 291 -8.95 -79.37 32.78
C LEU T 291 -8.88 -77.89 33.13
N ILE T 292 -8.66 -77.02 32.14
CA ILE T 292 -8.67 -75.58 32.37
C ILE T 292 -9.60 -74.94 31.34
N GLU T 293 -9.87 -73.65 31.50
CA GLU T 293 -10.76 -72.97 30.58
C GLU T 293 -10.08 -72.75 29.23
N SER T 294 -10.85 -72.21 28.28
CA SER T 294 -10.38 -72.12 26.91
C SER T 294 -9.24 -71.11 26.77
N ASP T 295 -9.42 -69.91 27.31
CA ASP T 295 -8.51 -68.80 27.06
C ASP T 295 -7.56 -68.62 28.23
N SER T 296 -6.25 -68.72 27.95
CA SER T 296 -5.21 -68.45 28.93
C SER T 296 -4.15 -67.57 28.28
N THR T 297 -3.61 -66.64 29.05
CA THR T 297 -2.64 -65.68 28.53
C THR T 297 -1.35 -65.79 29.31
N VAL T 298 -0.23 -65.89 28.59
CA VAL T 298 1.10 -65.90 29.19
C VAL T 298 1.94 -64.84 28.50
N GLU T 299 2.59 -64.00 29.30
CA GLU T 299 3.47 -62.98 28.76
C GLU T 299 4.46 -62.54 29.82
N ILE T 300 5.40 -61.69 29.41
CA ILE T 300 6.50 -61.31 30.28
C ILE T 300 5.99 -60.47 31.44
N ASP T 301 6.60 -60.64 32.60
CA ASP T 301 6.20 -59.90 33.79
C ASP T 301 6.92 -58.56 33.84
N PHE T 302 6.17 -57.49 33.61
CA PHE T 302 6.75 -56.15 33.52
C PHE T 302 7.15 -55.61 34.89
N GLU T 303 6.31 -55.80 35.91
CA GLU T 303 6.54 -55.16 37.20
C GLU T 303 7.80 -55.68 37.86
N ALA T 304 7.97 -57.00 37.90
CA ALA T 304 9.14 -57.58 38.55
C ALA T 304 10.41 -57.20 37.79
N GLN T 305 10.35 -57.17 36.47
CA GLN T 305 11.52 -56.77 35.69
C GLN T 305 11.89 -55.32 35.96
N LYS T 306 10.90 -54.43 36.04
CA LYS T 306 11.18 -53.03 36.32
C LYS T 306 11.78 -52.88 37.72
N SER T 307 11.24 -53.61 38.70
CA SER T 307 11.80 -53.55 40.05
C SER T 307 13.24 -54.06 40.07
N TYR T 308 13.52 -55.15 39.35
CA TYR T 308 14.87 -55.66 39.29
C TYR T 308 15.83 -54.66 38.65
N LEU T 309 15.39 -54.01 37.58
CA LEU T 309 16.23 -53.01 36.93
C LEU T 309 16.53 -51.85 37.86
N LYS T 310 15.52 -51.36 38.59
CA LYS T 310 15.75 -50.32 39.58
C LYS T 310 16.69 -50.81 40.68
N SER T 311 16.64 -52.10 41.01
CA SER T 311 17.56 -52.62 42.01
C SER T 311 19.00 -52.60 41.51
N LYS T 312 19.20 -52.47 40.21
CA LYS T 312 20.52 -52.36 39.62
C LYS T 312 20.94 -50.92 39.37
N GLY T 313 20.08 -49.95 39.68
CA GLY T 313 20.44 -48.56 39.55
C GLY T 313 20.23 -47.93 38.19
N VAL T 314 19.79 -48.70 37.20
CA VAL T 314 19.56 -48.14 35.88
C VAL T 314 18.40 -47.15 35.94
N ASP T 315 18.44 -46.15 35.07
CA ASP T 315 17.43 -45.09 35.03
C ASP T 315 16.50 -45.35 33.86
N LEU T 316 15.27 -45.78 34.18
CA LEU T 316 14.27 -46.04 33.15
C LEU T 316 13.20 -44.95 33.09
N SER T 317 13.50 -43.76 33.60
CA SER T 317 12.55 -42.65 33.48
C SER T 317 12.30 -42.29 32.03
N TYR T 318 13.28 -42.58 31.16
CA TYR T 318 13.14 -42.20 29.76
C TYR T 318 12.71 -43.37 28.88
N MET T 319 13.21 -44.58 29.17
CA MET T 319 12.95 -45.70 28.28
C MET T 319 11.48 -46.08 28.27
N THR T 320 10.96 -46.35 27.07
CA THR T 320 9.58 -46.76 26.88
C THR T 320 9.37 -48.17 27.44
N LEU T 321 8.12 -48.46 27.81
CA LEU T 321 7.79 -49.78 28.35
C LEU T 321 8.23 -50.89 27.41
N GLN T 322 8.15 -50.65 26.10
CA GLN T 322 8.67 -51.62 25.15
C GLN T 322 10.17 -51.78 25.31
N GLU T 323 10.90 -50.68 25.40
CA GLU T 323 12.34 -50.75 25.64
C GLU T 323 12.65 -51.34 27.01
N ILE T 324 11.78 -51.10 27.99
CA ILE T 324 11.99 -51.68 29.31
C ILE T 324 11.90 -53.20 29.23
N LYS T 325 10.92 -53.72 28.50
CA LYS T 325 10.87 -55.16 28.27
C LYS T 325 12.03 -55.62 27.39
N GLU T 326 12.59 -54.71 26.59
CA GLU T 326 13.73 -55.06 25.74
C GLU T 326 15.01 -55.24 26.55
N ALA T 327 15.04 -54.70 27.76
CA ALA T 327 16.29 -54.57 28.49
C ALA T 327 16.88 -55.94 28.84
N ASN T 328 18.21 -56.00 28.88
CA ASN T 328 18.91 -57.21 29.28
C ASN T 328 18.73 -57.44 30.78
N THR T 329 18.62 -58.71 31.17
CA THR T 329 18.42 -59.08 32.55
C THR T 329 19.54 -59.96 33.11
N GLY T 330 20.31 -60.61 32.25
CA GLY T 330 21.43 -61.42 32.73
C GLY T 330 21.01 -62.70 33.44
N SER T 331 20.48 -63.67 32.70
CA SER T 331 20.14 -65.01 33.19
C SER T 331 18.95 -64.98 34.14
N LYS T 332 18.18 -63.91 34.14
CA LYS T 332 16.92 -63.90 34.88
C LYS T 332 15.76 -63.73 33.93
N VAL T 333 14.68 -64.49 34.17
CA VAL T 333 13.47 -64.43 33.38
C VAL T 333 12.29 -64.24 34.32
N PHE T 334 11.39 -63.32 33.99
CA PHE T 334 10.20 -63.04 34.78
C PHE T 334 8.97 -63.19 33.91
N LEU T 335 8.05 -64.07 34.33
CA LEU T 335 6.86 -64.36 33.56
C LEU T 335 5.67 -64.50 34.50
N LYS T 336 4.49 -64.09 34.03
CA LYS T 336 3.25 -64.26 34.76
C LYS T 336 2.18 -64.75 33.81
N ALA T 337 1.25 -65.56 34.33
CA ALA T 337 0.25 -66.23 33.50
C ALA T 337 -1.12 -66.15 34.17
N LYS T 338 -2.16 -66.29 33.35
CA LYS T 338 -3.55 -66.25 33.80
C LYS T 338 -4.27 -67.49 33.29
N ILE T 339 -4.83 -68.27 34.21
CA ILE T 339 -5.60 -69.47 33.86
C ILE T 339 -6.85 -69.54 34.72
N LYS T 340 -7.82 -70.32 34.25
CA LYS T 340 -9.05 -70.59 34.98
C LYS T 340 -9.31 -72.10 34.95
N VAL T 341 -9.31 -72.72 36.13
CA VAL T 341 -9.36 -74.17 36.24
C VAL T 341 -10.81 -74.60 36.43
N LEU T 342 -11.25 -75.59 35.65
CA LEU T 342 -12.61 -76.07 35.72
C LEU T 342 -12.80 -76.98 36.92
N ASP T 343 -14.07 -77.23 37.26
CA ASP T 343 -14.44 -78.13 38.34
C ASP T 343 -15.65 -78.95 37.94
N ALA T 344 -15.78 -80.14 38.52
CA ALA T 344 -16.88 -81.03 38.19
C ALA T 344 -18.18 -80.52 38.78
N MET T 345 -19.29 -80.89 38.15
CA MET T 345 -20.61 -80.49 38.64
C MET T 345 -20.82 -81.00 40.05
N GLU T 346 -21.19 -80.09 40.96
CA GLU T 346 -21.28 -80.39 42.37
C GLU T 346 -22.63 -80.06 43.00
N ASP T 347 -23.29 -78.99 42.57
CA ASP T 347 -24.57 -78.57 43.12
C ASP T 347 -25.46 -78.10 41.99
N ILE T 348 -26.70 -78.59 41.97
CA ILE T 348 -27.63 -78.34 40.88
C ILE T 348 -28.78 -77.49 41.39
N ASP T 349 -29.07 -76.40 40.69
CA ASP T 349 -30.24 -75.56 40.96
C ASP T 349 -31.27 -75.81 39.88
N LEU T 350 -32.51 -76.08 40.29
CA LEU T 350 -33.60 -76.34 39.36
C LEU T 350 -34.89 -75.76 39.90
N SER T 351 -35.49 -74.85 39.16
CA SER T 351 -36.78 -74.26 39.49
C SER T 351 -37.75 -74.55 38.36
N ILE T 352 -38.87 -75.18 38.69
CA ILE T 352 -39.87 -75.59 37.71
C ILE T 352 -41.16 -74.82 37.98
N GLU T 353 -41.71 -74.21 36.94
CA GLU T 353 -42.98 -73.50 37.02
C GLU T 353 -44.06 -74.41 36.45
N ILE T 354 -45.23 -74.41 37.09
CA ILE T 354 -46.32 -75.25 36.65
C ILE T 354 -47.17 -74.51 35.63
N ALA U 2 -20.49 -71.77 52.88
CA ALA U 2 -19.23 -72.48 53.06
C ALA U 2 -19.27 -73.83 52.38
N ILE U 3 -18.48 -74.78 52.91
CA ILE U 3 -18.47 -76.13 52.35
C ILE U 3 -19.49 -76.99 53.08
N GLY U 4 -20.44 -77.54 52.32
CA GLY U 4 -21.46 -78.40 52.86
C GLY U 4 -21.71 -79.58 51.95
N LEU U 5 -22.69 -80.39 52.33
CA LEU U 5 -23.05 -81.55 51.54
C LEU U 5 -23.61 -81.11 50.19
N PRO U 6 -23.51 -81.94 49.15
CA PRO U 6 -24.07 -81.55 47.85
C PRO U 6 -25.57 -81.28 47.96
N SER U 7 -26.02 -80.27 47.23
CA SER U 7 -27.42 -79.85 47.27
C SER U 7 -28.06 -80.10 45.91
N ILE U 8 -29.05 -80.98 45.88
CA ILE U 8 -29.90 -81.18 44.71
C ILE U 8 -31.33 -80.92 45.15
N ASN U 9 -31.95 -79.91 44.56
CA ASN U 9 -33.31 -79.54 44.94
C ASN U 9 -34.17 -79.28 43.70
N ILE U 10 -35.43 -79.65 43.82
CA ILE U 10 -36.44 -79.41 42.79
C ILE U 10 -37.54 -78.56 43.41
N SER U 11 -37.84 -77.42 42.80
CA SER U 11 -38.83 -76.49 43.32
C SER U 11 -39.95 -76.30 42.31
N PHE U 12 -41.18 -76.41 42.78
CA PHE U 12 -42.37 -76.17 41.97
C PHE U 12 -43.09 -74.94 42.50
N LYS U 13 -43.48 -74.05 41.59
CA LYS U 13 -44.20 -72.84 41.96
C LYS U 13 -45.43 -72.69 41.10
N GLU U 14 -46.57 -72.41 41.73
CA GLU U 14 -47.81 -72.18 41.01
C GLU U 14 -47.72 -70.87 40.23
N LEU U 15 -48.21 -70.90 38.99
CA LEU U 15 -48.27 -69.70 38.15
C LEU U 15 -49.40 -68.80 38.67
N ALA U 16 -49.02 -67.87 39.53
CA ALA U 16 -49.99 -67.00 40.17
C ALA U 16 -50.48 -65.92 39.22
N THR U 17 -51.35 -66.30 38.27
CA THR U 17 -51.99 -65.30 37.42
C THR U 17 -52.85 -64.37 38.27
N THR U 18 -52.39 -63.13 38.42
CA THR U 18 -52.97 -62.23 39.40
C THR U 18 -53.56 -61.02 38.71
N VAL U 19 -54.81 -60.72 39.06
CA VAL U 19 -55.47 -59.46 38.73
C VAL U 19 -55.64 -58.70 40.03
N LYS U 20 -55.13 -57.46 40.08
CA LYS U 20 -55.08 -56.72 41.32
C LYS U 20 -56.47 -56.53 41.91
N GLU U 21 -56.57 -56.71 43.22
CA GLU U 21 -57.83 -56.51 43.94
C GLU U 21 -58.06 -55.02 44.16
N ARG U 22 -59.31 -54.60 43.98
CA ARG U 22 -59.70 -53.22 44.22
C ARG U 22 -60.77 -53.16 45.30
N SER U 23 -61.07 -51.95 45.75
CA SER U 23 -62.03 -51.76 46.83
C SER U 23 -63.39 -52.30 46.44
N ALA U 24 -64.05 -52.97 47.38
CA ALA U 24 -65.35 -53.55 47.12
C ALA U 24 -66.41 -52.47 46.95
N ARG U 25 -67.35 -52.71 46.05
CA ARG U 25 -68.43 -51.79 45.77
C ARG U 25 -69.76 -52.52 45.78
N GLY U 26 -70.78 -51.90 46.38
CA GLY U 26 -72.11 -52.47 46.44
C GLY U 26 -72.57 -52.90 47.82
N ILE U 27 -71.78 -52.69 48.85
CA ILE U 27 -72.15 -53.09 50.20
C ILE U 27 -73.10 -52.06 50.79
N ILE U 28 -74.21 -52.54 51.34
CA ILE U 28 -75.24 -51.68 51.93
C ILE U 28 -75.19 -51.83 53.43
N ALA U 29 -75.14 -50.71 54.14
CA ALA U 29 -75.16 -50.69 55.59
C ALA U 29 -76.61 -50.55 56.04
N MET U 30 -77.12 -51.55 56.74
CA MET U 30 -78.50 -51.60 57.19
C MET U 30 -78.53 -51.47 58.70
N VAL U 31 -79.28 -50.50 59.21
CA VAL U 31 -79.42 -50.28 60.64
C VAL U 31 -80.90 -50.39 61.01
N LEU U 32 -81.17 -51.15 62.07
CA LEU U 32 -82.52 -51.34 62.53
C LEU U 32 -82.51 -51.44 64.05
N LYS U 33 -83.62 -51.05 64.66
CA LYS U 33 -83.76 -51.08 66.11
C LYS U 33 -84.76 -52.16 66.52
N ASP U 34 -84.31 -53.07 67.37
CA ASP U 34 -85.12 -54.22 67.78
C ASP U 34 -84.57 -54.77 69.08
N ALA U 35 -85.30 -55.73 69.65
CA ALA U 35 -84.90 -56.40 70.88
C ALA U 35 -84.35 -57.80 70.64
N LYS U 36 -84.24 -58.24 69.39
CA LYS U 36 -83.80 -59.58 69.08
C LYS U 36 -82.57 -59.53 68.18
N ALA U 37 -81.63 -60.43 68.45
CA ALA U 37 -80.41 -60.59 67.64
C ALA U 37 -79.66 -59.28 67.52
N LEU U 38 -79.33 -58.68 68.67
CA LEU U 38 -78.58 -57.45 68.67
C LEU U 38 -77.16 -57.69 68.13
N GLY U 39 -76.54 -56.61 67.65
CA GLY U 39 -75.32 -56.73 66.91
C GLY U 39 -75.60 -56.92 65.43
N LEU U 40 -74.52 -56.99 64.65
CA LEU U 40 -74.67 -57.20 63.23
C LEU U 40 -75.09 -58.64 62.95
N ASN U 41 -75.81 -58.82 61.85
CA ASN U 41 -76.29 -60.15 61.47
C ASN U 41 -75.66 -60.68 60.18
N GLU U 42 -75.06 -59.81 59.37
CA GLU U 42 -74.20 -60.22 58.25
C GLU U 42 -74.98 -61.10 57.28
N ILE U 43 -75.93 -60.48 56.58
CA ILE U 43 -76.78 -61.19 55.61
C ILE U 43 -76.09 -61.05 54.25
N HIS U 44 -75.17 -61.97 53.98
CA HIS U 44 -74.52 -61.99 52.67
C HIS U 44 -75.43 -62.61 51.63
N GLU U 45 -76.28 -63.55 52.05
CA GLU U 45 -77.09 -64.33 51.13
C GLU U 45 -78.54 -63.88 51.18
N LYS U 46 -79.18 -63.85 50.02
CA LYS U 46 -80.59 -63.48 49.94
C LYS U 46 -81.47 -64.39 50.77
N GLU U 47 -81.05 -65.64 50.98
CA GLU U 47 -81.92 -66.62 51.61
C GLU U 47 -81.93 -66.50 53.12
N ASP U 48 -80.76 -66.63 53.76
CA ASP U 48 -80.69 -66.76 55.21
C ASP U 48 -81.12 -65.46 55.89
N ILE U 49 -82.07 -65.57 56.80
CA ILE U 49 -82.57 -64.43 57.57
C ILE U 49 -82.66 -64.86 59.03
N PRO U 50 -82.22 -64.04 59.98
CA PRO U 50 -82.41 -64.37 61.39
C PRO U 50 -83.88 -64.52 61.73
N VAL U 51 -84.18 -65.49 62.60
CA VAL U 51 -85.58 -65.86 62.81
C VAL U 51 -86.22 -65.05 63.93
N ASP U 52 -85.45 -64.65 64.94
CA ASP U 52 -86.05 -63.96 66.09
C ASP U 52 -86.53 -62.56 65.74
N LEU U 53 -86.15 -62.02 64.60
CA LEU U 53 -86.58 -60.68 64.21
C LEU U 53 -88.08 -60.66 63.94
N SER U 54 -88.67 -59.49 64.11
CA SER U 54 -90.09 -59.32 63.82
C SER U 54 -90.34 -59.43 62.32
N ALA U 55 -91.53 -59.91 61.97
CA ALA U 55 -91.86 -60.14 60.57
C ALA U 55 -91.77 -58.85 59.75
N GLU U 56 -92.20 -57.73 60.33
CA GLU U 56 -92.12 -56.46 59.63
C GLU U 56 -90.68 -56.09 59.32
N ASN U 57 -89.77 -56.32 60.28
CA ASN U 57 -88.36 -56.16 59.99
C ASN U 57 -87.94 -57.01 58.80
N LYS U 58 -88.32 -58.29 58.82
CA LYS U 58 -88.03 -59.17 57.70
C LYS U 58 -88.54 -58.58 56.40
N GLU U 59 -89.69 -57.89 56.43
CA GLU U 59 -90.23 -57.35 55.19
C GLU U 59 -89.40 -56.18 54.69
N TYR U 60 -88.88 -55.33 55.59
CA TYR U 60 -87.96 -54.31 55.08
C TYR U 60 -86.69 -54.93 54.51
N ILE U 61 -86.12 -55.96 55.15
CA ILE U 61 -84.96 -56.59 54.52
C ILE U 61 -85.34 -57.15 53.15
N ASN U 62 -86.51 -57.80 53.06
CA ASN U 62 -86.96 -58.33 51.77
C ASN U 62 -86.98 -57.24 50.71
N LEU U 63 -87.59 -56.09 51.03
CA LEU U 63 -87.51 -54.97 50.09
C LEU U 63 -86.07 -54.63 49.74
N ALA U 64 -85.16 -54.80 50.70
CA ALA U 64 -83.77 -54.48 50.44
C ALA U 64 -83.10 -55.46 49.47
N LEU U 65 -83.42 -56.73 49.57
CA LEU U 65 -82.74 -57.78 48.81
C LEU U 65 -82.80 -57.76 47.28
N MET U 66 -83.94 -57.40 46.72
CA MET U 66 -84.06 -57.44 45.26
C MET U 66 -83.38 -56.23 44.62
N GLY U 67 -82.29 -56.49 43.91
CA GLY U 67 -81.48 -55.44 43.31
C GLY U 67 -82.08 -54.94 42.00
N ASN U 68 -81.56 -53.81 41.53
CA ASN U 68 -82.09 -53.19 40.33
C ASN U 68 -81.75 -54.00 39.09
N VAL U 69 -80.47 -54.16 38.79
CA VAL U 69 -80.00 -55.07 37.74
C VAL U 69 -79.69 -56.45 38.31
N ASN U 70 -78.97 -56.50 39.43
CA ASN U 70 -78.60 -57.76 40.05
C ASN U 70 -78.58 -57.58 41.56
N THR U 71 -78.50 -58.70 42.27
CA THR U 71 -78.52 -58.67 43.72
C THR U 71 -77.31 -57.89 44.24
N PRO U 72 -77.49 -57.09 45.30
CA PRO U 72 -76.32 -56.48 45.94
C PRO U 72 -75.34 -57.55 46.40
N ASN U 73 -74.05 -57.27 46.19
CA ASN U 73 -73.04 -58.29 46.41
C ASN U 73 -72.92 -58.65 47.88
N LYS U 74 -73.19 -57.71 48.77
CA LYS U 74 -73.05 -57.96 50.20
C LYS U 74 -73.94 -57.00 50.96
N LEU U 75 -74.60 -57.50 52.01
CA LEU U 75 -75.48 -56.71 52.84
C LEU U 75 -75.06 -56.83 54.30
N LEU U 76 -74.92 -55.69 54.97
CA LEU U 76 -74.61 -55.63 56.40
C LEU U 76 -75.79 -55.03 57.12
N VAL U 77 -76.34 -55.76 58.09
CA VAL U 77 -77.51 -55.33 58.84
C VAL U 77 -77.13 -55.23 60.31
N TYR U 78 -77.42 -54.09 60.92
CA TYR U 78 -77.17 -53.85 62.33
C TYR U 78 -78.48 -53.75 63.10
N VAL U 79 -78.55 -54.45 64.22
CA VAL U 79 -79.67 -54.37 65.15
C VAL U 79 -79.20 -53.61 66.37
N ILE U 80 -79.94 -52.57 66.76
CA ILE U 80 -79.58 -51.72 67.88
C ILE U 80 -80.73 -51.71 68.88
N GLU U 81 -80.37 -51.59 70.15
CA GLU U 81 -81.37 -51.55 71.21
C GLU U 81 -82.17 -50.25 71.15
N GLY U 82 -83.42 -50.33 71.58
CA GLY U 82 -84.26 -49.15 71.58
C GLY U 82 -83.70 -48.05 72.46
N GLU U 83 -83.79 -46.81 71.98
CA GLU U 83 -83.33 -45.61 72.65
C GLU U 83 -81.82 -45.57 72.87
N ALA U 84 -81.07 -46.44 72.20
CA ALA U 84 -79.61 -46.43 72.34
C ALA U 84 -78.95 -45.30 71.58
N ASP U 85 -79.73 -44.33 71.08
CA ASP U 85 -79.22 -43.17 70.36
C ASP U 85 -78.58 -43.64 69.05
N ILE U 86 -77.93 -42.74 68.31
CA ILE U 86 -77.38 -43.15 67.01
C ILE U 86 -75.89 -43.46 67.10
N GLN U 87 -75.14 -42.70 67.91
CA GLN U 87 -73.68 -42.82 67.89
C GLN U 87 -73.22 -44.21 68.31
N THR U 88 -73.99 -44.88 69.17
CA THR U 88 -73.61 -46.23 69.58
C THR U 88 -73.52 -47.16 68.38
N ALA U 89 -74.49 -47.08 67.47
CA ALA U 89 -74.38 -47.80 66.21
C ALA U 89 -73.30 -47.20 65.32
N LEU U 90 -73.20 -45.87 65.29
CA LEU U 90 -72.33 -45.20 64.34
C LEU U 90 -70.88 -45.62 64.51
N ASP U 91 -70.44 -45.84 65.77
CA ASP U 91 -69.08 -46.29 66.00
C ASP U 91 -68.85 -47.66 65.36
N PHE U 92 -69.77 -48.60 65.60
CA PHE U 92 -69.59 -49.94 65.09
C PHE U 92 -69.60 -49.92 63.56
N LEU U 93 -70.38 -49.01 62.98
CA LEU U 93 -70.37 -48.86 61.52
C LEU U 93 -69.07 -48.26 61.01
N GLU U 94 -68.53 -47.23 61.67
CA GLU U 94 -67.28 -46.67 61.17
C GLU U 94 -66.12 -47.63 61.38
N THR U 95 -66.36 -48.69 62.15
CA THR U 95 -65.34 -49.74 62.27
C THR U 95 -64.96 -50.31 60.91
N LYS U 96 -65.95 -50.59 60.05
CA LYS U 96 -65.68 -51.27 58.78
C LYS U 96 -66.00 -50.37 57.59
N GLU U 97 -65.93 -50.97 56.40
CA GLU U 97 -66.27 -50.28 55.17
C GLU U 97 -67.70 -50.59 54.73
N PHE U 98 -68.28 -49.65 54.00
CA PHE U 98 -69.62 -49.80 53.42
C PHE U 98 -69.81 -48.70 52.40
N ASN U 99 -70.96 -48.72 51.73
CA ASN U 99 -71.27 -47.73 50.71
C ASN U 99 -72.51 -46.91 51.02
N TYR U 100 -73.65 -47.55 51.28
CA TYR U 100 -74.91 -46.86 51.46
C TYR U 100 -75.55 -47.24 52.79
N LEU U 101 -76.17 -46.27 53.44
CA LEU U 101 -76.78 -46.44 54.74
C LEU U 101 -78.22 -45.93 54.72
N CYS U 102 -79.13 -46.69 55.32
CA CYS U 102 -80.53 -46.31 55.39
C CYS U 102 -81.13 -46.88 56.67
N MET U 103 -82.10 -46.15 57.25
CA MET U 103 -82.57 -46.53 58.57
C MET U 103 -84.06 -46.22 58.47
N PRO U 104 -84.92 -47.24 58.34
CA PRO U 104 -86.34 -46.98 58.03
C PRO U 104 -87.10 -46.15 59.05
N LYS U 105 -87.05 -46.52 60.34
CA LYS U 105 -87.75 -45.79 61.39
C LYS U 105 -86.82 -44.79 62.04
N ALA U 106 -87.12 -43.50 61.88
CA ALA U 106 -86.23 -42.48 62.40
C ALA U 106 -87.02 -41.20 62.66
N VAL U 107 -86.64 -40.52 63.73
CA VAL U 107 -87.16 -39.18 64.02
C VAL U 107 -86.26 -38.15 63.36
N GLU U 108 -86.75 -36.92 63.27
CA GLU U 108 -85.98 -35.86 62.61
C GLU U 108 -84.65 -35.62 63.33
N ALA U 109 -84.61 -35.85 64.65
CA ALA U 109 -83.35 -35.73 65.37
C ALA U 109 -82.34 -36.77 64.90
N ASP U 110 -82.81 -38.00 64.69
CA ASP U 110 -81.93 -39.04 64.16
C ASP U 110 -81.42 -38.67 62.78
N LYS U 111 -82.30 -38.16 61.92
CA LYS U 111 -81.89 -37.76 60.58
C LYS U 111 -80.84 -36.66 60.63
N THR U 112 -81.04 -35.67 61.50
CA THR U 112 -80.05 -34.61 61.64
C THR U 112 -78.72 -35.16 62.13
N ALA U 113 -78.76 -36.07 63.10
CA ALA U 113 -77.52 -36.64 63.62
C ALA U 113 -76.76 -37.38 62.53
N ILE U 114 -77.47 -38.18 61.72
CA ILE U 114 -76.81 -38.90 60.63
C ILE U 114 -76.25 -37.93 59.61
N LYS U 115 -76.99 -36.86 59.31
CA LYS U 115 -76.51 -35.90 58.32
C LYS U 115 -75.20 -35.24 58.79
N ASN U 116 -75.14 -34.83 60.06
CA ASN U 116 -73.90 -34.23 60.56
C ASN U 116 -72.78 -35.25 60.59
N TRP U 117 -73.08 -36.48 61.00
CA TRP U 117 -72.07 -37.53 61.03
C TRP U 117 -71.46 -37.72 59.64
N ILE U 118 -72.31 -37.80 58.61
CA ILE U 118 -71.80 -38.06 57.27
C ILE U 118 -71.03 -36.86 56.74
N ILE U 119 -71.53 -35.64 56.95
CA ILE U 119 -70.84 -34.49 56.38
C ILE U 119 -69.48 -34.31 57.03
N LYS U 120 -69.36 -34.62 58.33
CA LYS U 120 -68.06 -34.51 58.97
C LYS U 120 -67.15 -35.68 58.58
N LEU U 121 -67.73 -36.86 58.37
CA LEU U 121 -66.91 -38.03 58.08
C LEU U 121 -66.37 -38.00 56.66
N ARG U 122 -67.10 -37.41 55.72
CA ARG U 122 -66.64 -37.37 54.34
C ARG U 122 -65.49 -36.39 54.15
N ASP U 123 -65.32 -35.45 55.07
CA ASP U 123 -64.31 -34.41 54.88
C ASP U 123 -63.16 -34.52 55.89
N ILE U 124 -63.48 -34.67 57.17
CA ILE U 124 -62.43 -34.72 58.19
C ILE U 124 -61.66 -36.03 58.10
N ASP U 125 -62.37 -37.14 57.97
CA ASP U 125 -61.75 -38.46 58.01
C ASP U 125 -61.40 -39.02 56.63
N LYS U 126 -61.74 -38.32 55.55
CA LYS U 126 -61.43 -38.75 54.19
C LYS U 126 -61.99 -40.15 53.91
N VAL U 127 -63.21 -40.41 54.38
CA VAL U 127 -63.92 -41.65 54.10
C VAL U 127 -65.16 -41.30 53.29
N LYS U 128 -65.37 -42.03 52.19
CA LYS U 128 -66.41 -41.71 51.22
C LYS U 128 -67.58 -42.67 51.38
N VAL U 129 -68.64 -42.21 52.04
CA VAL U 129 -69.87 -42.97 52.22
C VAL U 129 -71.04 -42.06 51.88
N LYS U 130 -72.19 -42.69 51.63
CA LYS U 130 -73.42 -41.98 51.31
C LYS U 130 -74.59 -42.61 52.05
N ALA U 131 -75.71 -41.89 52.07
CA ALA U 131 -76.94 -42.39 52.66
C ALA U 131 -78.13 -41.75 51.97
N VAL U 132 -79.26 -42.46 52.01
CA VAL U 132 -80.52 -41.96 51.48
C VAL U 132 -81.40 -41.56 52.65
N LEU U 133 -82.03 -40.39 52.53
CA LEU U 133 -82.75 -39.78 53.65
C LEU U 133 -84.19 -39.50 53.24
N GLY U 134 -85.09 -39.57 54.23
CA GLY U 134 -86.49 -39.36 53.94
C GLY U 134 -86.82 -37.91 53.60
N LYS U 135 -86.72 -37.02 54.59
CA LYS U 135 -87.05 -35.62 54.37
C LYS U 135 -85.90 -34.78 54.95
N VAL U 136 -84.89 -34.53 54.12
CA VAL U 136 -83.70 -33.78 54.54
C VAL U 136 -83.25 -32.90 53.38
N VAL U 137 -82.91 -31.66 53.70
CA VAL U 137 -82.55 -30.66 52.70
C VAL U 137 -81.05 -30.42 52.69
N GLY U 138 -80.29 -31.42 53.12
CA GLY U 138 -78.84 -31.26 53.19
C GLY U 138 -78.25 -30.89 51.85
N ASN U 139 -77.35 -29.91 51.88
CA ASN U 139 -76.73 -29.34 50.68
C ASN U 139 -75.40 -30.00 50.37
N HIS U 140 -75.24 -31.29 50.68
CA HIS U 140 -74.02 -32.02 50.43
C HIS U 140 -74.31 -33.18 49.49
N GLU U 141 -73.32 -33.52 48.66
CA GLU U 141 -73.51 -34.60 47.69
C GLU U 141 -73.66 -35.95 48.37
N GLY U 142 -73.30 -36.05 49.65
CA GLY U 142 -73.35 -37.31 50.35
C GLY U 142 -74.70 -37.73 50.86
N ILE U 143 -75.73 -36.92 50.65
CA ILE U 143 -77.09 -37.22 51.10
C ILE U 143 -78.01 -37.26 49.89
N ILE U 144 -78.81 -38.31 49.79
CA ILE U 144 -79.83 -38.44 48.75
C ILE U 144 -81.19 -38.24 49.41
N ASN U 145 -81.96 -37.28 48.91
CA ASN U 145 -83.26 -36.94 49.50
C ASN U 145 -84.35 -37.46 48.58
N PHE U 146 -84.92 -38.60 48.95
CA PHE U 146 -86.02 -39.19 48.19
C PHE U 146 -87.33 -38.87 48.89
N THR U 147 -88.29 -38.34 48.13
CA THR U 147 -89.55 -37.87 48.73
C THR U 147 -90.71 -38.35 47.86
N THR U 148 -91.43 -39.36 48.35
CA THR U 148 -92.64 -39.82 47.69
C THR U 148 -93.51 -40.51 48.73
N GLU U 149 -94.64 -39.89 49.07
CA GLU U 149 -95.49 -40.34 50.15
C GLU U 149 -96.59 -41.26 49.63
N ASP U 150 -97.07 -42.13 50.52
CA ASP U 150 -98.21 -42.99 50.24
C ASP U 150 -97.92 -43.92 49.05
N VAL U 151 -96.90 -44.75 49.20
CA VAL U 151 -96.51 -45.69 48.15
C VAL U 151 -97.13 -47.04 48.46
N LEU U 152 -97.77 -47.64 47.45
CA LEU U 152 -98.43 -48.94 47.60
C LEU U 152 -97.69 -49.97 46.78
N VAL U 153 -97.24 -51.04 47.45
CA VAL U 153 -96.65 -52.20 46.79
C VAL U 153 -97.15 -53.45 47.49
N GLY U 154 -97.71 -54.37 46.70
CA GLY U 154 -98.20 -55.63 47.23
C GLY U 154 -99.29 -55.47 48.28
N GLU U 155 -100.23 -54.56 48.02
CA GLU U 155 -101.32 -54.26 48.94
C GLU U 155 -100.77 -53.87 50.31
N LYS U 156 -100.09 -52.72 50.36
CA LYS U 156 -99.57 -52.19 51.62
C LYS U 156 -99.10 -50.77 51.41
N LYS U 157 -99.48 -49.90 52.33
CA LYS U 157 -99.01 -48.52 52.35
C LYS U 157 -97.65 -48.43 53.02
N TYR U 158 -96.74 -47.70 52.39
CA TYR U 158 -95.40 -47.51 52.92
C TYR U 158 -95.09 -46.02 53.02
N SER U 159 -94.57 -45.62 54.18
CA SER U 159 -94.05 -44.27 54.32
C SER U 159 -92.76 -44.13 53.52
N VAL U 160 -92.41 -42.88 53.22
CA VAL U 160 -91.19 -42.62 52.47
C VAL U 160 -89.97 -43.16 53.20
N ASP U 161 -89.95 -43.00 54.53
CA ASP U 161 -88.84 -43.51 55.31
C ASP U 161 -88.74 -45.03 55.22
N GLU U 162 -89.88 -45.71 55.14
CA GLU U 162 -89.86 -47.15 54.94
C GLU U 162 -89.37 -47.51 53.54
N PHE U 163 -89.76 -46.72 52.54
CA PHE U 163 -89.36 -46.98 51.16
C PHE U 163 -87.91 -46.64 50.90
N THR U 164 -87.24 -46.03 51.88
CA THR U 164 -85.85 -45.66 51.74
C THR U 164 -85.02 -46.91 51.51
N SER U 165 -85.37 -47.99 52.20
CA SER U 165 -84.63 -49.24 52.04
C SER U 165 -84.70 -49.73 50.61
N ARG U 166 -85.89 -49.73 50.02
CA ARG U 166 -86.03 -50.21 48.65
C ARG U 166 -85.27 -49.33 47.67
N VAL U 167 -85.36 -48.01 47.82
CA VAL U 167 -84.68 -47.14 46.85
C VAL U 167 -83.17 -47.27 47.00
N ALA U 168 -82.68 -47.41 48.24
CA ALA U 168 -81.25 -47.59 48.44
C ALA U 168 -80.77 -48.91 47.84
N GLY U 169 -81.55 -49.98 48.02
CA GLY U 169 -81.18 -51.24 47.40
C GLY U 169 -81.15 -51.16 45.88
N LEU U 170 -82.12 -50.45 45.31
CA LEU U 170 -82.15 -50.26 43.86
C LEU U 170 -80.93 -49.48 43.40
N ILE U 171 -80.54 -48.44 44.14
CA ILE U 171 -79.37 -47.66 43.76
C ILE U 171 -78.11 -48.53 43.83
N ALA U 172 -77.96 -49.32 44.88
CA ALA U 172 -76.76 -50.12 45.03
C ALA U 172 -76.72 -51.29 44.04
N GLY U 173 -77.88 -51.74 43.58
CA GLY U 173 -77.90 -52.89 42.69
C GLY U 173 -77.27 -52.60 41.34
N THR U 174 -77.47 -51.40 40.81
CA THR U 174 -77.05 -51.11 39.46
C THR U 174 -75.52 -51.10 39.34
N PRO U 175 -74.98 -51.48 38.18
CA PRO U 175 -73.53 -51.38 37.97
C PRO U 175 -73.06 -49.94 37.86
N LEU U 176 -71.76 -49.74 37.60
CA LEU U 176 -71.24 -48.40 37.44
C LEU U 176 -71.25 -47.94 35.99
N SER U 177 -71.65 -48.81 35.06
CA SER U 177 -71.71 -48.42 33.66
C SER U 177 -72.97 -47.62 33.36
N GLN U 178 -74.13 -48.23 33.54
CA GLN U 178 -75.40 -47.55 33.30
C GLN U 178 -75.82 -46.78 34.55
N SER U 179 -76.85 -45.94 34.38
CA SER U 179 -77.32 -45.05 35.43
C SER U 179 -78.63 -45.54 36.02
N VAL U 180 -79.19 -44.73 36.92
CA VAL U 180 -80.45 -45.08 37.56
C VAL U 180 -81.64 -44.35 36.94
N THR U 181 -81.39 -43.44 36.00
CA THR U 181 -82.46 -42.68 35.39
C THR U 181 -83.34 -43.57 34.53
N TYR U 182 -84.67 -43.37 34.63
CA TYR U 182 -85.64 -44.02 33.76
C TYR U 182 -85.57 -45.54 33.90
N THR U 183 -85.84 -46.03 35.10
CA THR U 183 -85.80 -47.44 35.39
C THR U 183 -87.11 -47.88 36.04
N LYS U 184 -87.71 -48.92 35.50
CA LYS U 184 -89.01 -49.39 35.95
C LYS U 184 -88.92 -50.10 37.30
N LEU U 185 -90.00 -49.98 38.07
CA LEU U 185 -90.18 -50.74 39.30
C LEU U 185 -91.52 -51.47 39.17
N SER U 186 -91.45 -52.76 38.83
CA SER U 186 -92.68 -53.53 38.68
C SER U 186 -93.39 -53.76 40.00
N ASP U 187 -92.72 -53.56 41.13
CA ASP U 187 -93.34 -53.85 42.42
C ASP U 187 -94.41 -52.81 42.76
N VAL U 188 -94.10 -51.53 42.61
CA VAL U 188 -95.04 -50.49 42.99
C VAL U 188 -96.19 -50.45 41.98
N VAL U 189 -97.40 -50.16 42.47
CA VAL U 189 -98.59 -50.32 41.65
C VAL U 189 -99.44 -49.04 41.62
N ASP U 190 -99.25 -48.13 42.59
CA ASP U 190 -99.93 -46.84 42.49
C ASP U 190 -99.18 -45.77 43.27
N ILE U 191 -99.29 -44.54 42.77
CA ILE U 191 -98.70 -43.36 43.39
C ILE U 191 -99.70 -42.21 43.33
N PRO U 192 -99.69 -41.36 44.35
CA PRO U 192 -100.56 -40.17 44.31
C PRO U 192 -100.35 -39.35 43.05
N LYS U 193 -101.47 -38.94 42.44
CA LYS U 193 -101.46 -38.21 41.19
C LYS U 193 -100.88 -36.81 41.37
N MET U 194 -99.97 -36.43 40.47
CA MET U 194 -99.24 -35.19 40.61
C MET U 194 -98.75 -34.75 39.23
N THR U 195 -98.74 -33.43 38.99
CA THR U 195 -98.55 -32.91 37.65
C THR U 195 -97.07 -32.84 37.28
N LYS U 196 -96.82 -32.71 35.97
CA LYS U 196 -95.46 -32.75 35.45
C LYS U 196 -94.67 -31.51 35.84
N VAL U 197 -95.29 -30.33 35.80
CA VAL U 197 -94.58 -29.10 36.13
C VAL U 197 -94.16 -29.11 37.60
N ASP U 198 -94.99 -29.70 38.46
CA ASP U 198 -94.59 -29.87 39.85
C ASP U 198 -93.36 -30.77 39.95
N ALA U 199 -93.33 -31.86 39.18
CA ALA U 199 -92.17 -32.75 39.19
C ALA U 199 -90.92 -32.01 38.74
N GLU U 200 -91.04 -31.18 37.70
CA GLU U 200 -89.90 -30.39 37.26
C GLU U 200 -89.44 -29.45 38.37
N SER U 201 -90.38 -28.84 39.09
CA SER U 201 -90.03 -27.96 40.19
C SER U 201 -89.24 -28.72 41.27
N ARG U 202 -89.76 -29.88 41.69
CA ARG U 202 -89.05 -30.65 42.72
C ARG U 202 -87.69 -31.12 42.25
N VAL U 203 -87.57 -31.47 40.95
CA VAL U 203 -86.27 -31.85 40.41
C VAL U 203 -85.30 -30.68 40.48
N ASN U 204 -85.76 -29.47 40.17
CA ASN U 204 -84.90 -28.30 40.30
C ASN U 204 -84.45 -28.09 41.73
N LYS U 205 -85.24 -28.51 42.72
CA LYS U 205 -84.87 -28.38 44.12
C LYS U 205 -83.88 -29.44 44.57
N GLY U 206 -83.47 -30.34 43.69
CA GLY U 206 -82.57 -31.42 44.06
C GLY U 206 -83.25 -32.60 44.71
N GLU U 207 -84.57 -32.56 44.88
CA GLU U 207 -85.28 -33.67 45.48
C GLU U 207 -85.36 -34.83 44.50
N LEU U 208 -85.43 -36.06 45.02
CA LEU U 208 -85.61 -37.24 44.19
C LEU U 208 -87.07 -37.64 44.22
N ILE U 209 -87.65 -37.84 43.04
CA ILE U 209 -89.09 -38.02 42.89
C ILE U 209 -89.35 -39.25 42.04
N LEU U 210 -90.48 -39.90 42.30
CA LEU U 210 -90.96 -41.04 41.53
C LEU U 210 -92.15 -40.60 40.69
N ILE U 211 -92.06 -40.78 39.37
CA ILE U 211 -93.03 -40.23 38.45
C ILE U 211 -93.63 -41.33 37.58
N LYS U 212 -94.77 -41.01 36.97
CA LYS U 212 -95.51 -41.92 36.11
C LYS U 212 -95.35 -41.48 34.67
N GLU U 213 -94.61 -42.26 33.88
CA GLU U 213 -94.49 -42.05 32.45
C GLU U 213 -94.31 -43.39 31.77
N ALA U 214 -94.60 -43.41 30.47
CA ALA U 214 -94.52 -44.62 29.63
C ALA U 214 -95.36 -45.72 30.30
N GLY U 215 -94.94 -46.97 30.15
CA GLY U 215 -95.75 -48.08 30.60
C GLY U 215 -95.85 -48.22 32.12
N ALA U 216 -94.75 -48.06 32.83
CA ALA U 216 -94.69 -48.39 34.24
C ALA U 216 -94.09 -47.25 35.05
N ILE U 217 -94.01 -47.44 36.36
CA ILE U 217 -93.43 -46.45 37.26
C ILE U 217 -91.92 -46.47 37.10
N ARG U 218 -91.31 -45.28 37.08
CA ARG U 218 -89.90 -45.16 36.79
C ARG U 218 -89.29 -43.97 37.53
N ILE U 219 -88.00 -44.10 37.87
CA ILE U 219 -87.29 -43.04 38.55
C ILE U 219 -86.85 -41.97 37.57
N ALA U 220 -87.00 -40.72 37.96
CA ALA U 220 -86.76 -39.58 37.07
C ALA U 220 -85.47 -38.88 37.45
N ARG U 221 -84.37 -39.28 36.81
CA ARG U 221 -83.08 -38.57 36.86
C ARG U 221 -82.65 -38.35 38.32
N GLY U 222 -82.27 -39.45 38.95
CA GLY U 222 -81.75 -39.40 40.31
C GLY U 222 -80.54 -38.49 40.44
N VAL U 223 -80.59 -37.57 41.41
CA VAL U 223 -79.53 -36.59 41.63
C VAL U 223 -79.30 -36.45 43.13
N ASN U 224 -78.15 -35.88 43.48
CA ASN U 224 -77.82 -35.63 44.87
C ASN U 224 -78.69 -34.49 45.42
N SER U 225 -78.56 -34.26 46.72
CA SER U 225 -79.39 -33.26 47.38
C SER U 225 -78.75 -31.88 47.39
N LEU U 226 -77.54 -31.72 46.88
CA LEU U 226 -76.91 -30.42 46.88
C LEU U 226 -77.57 -29.51 45.85
N THR U 227 -77.78 -28.25 46.25
CA THR U 227 -78.47 -27.29 45.40
C THR U 227 -77.62 -26.07 45.05
N GLU U 228 -76.72 -25.66 45.93
CA GLU U 228 -75.89 -24.49 45.68
C GLU U 228 -74.64 -24.92 44.90
N LEU U 229 -74.24 -24.11 43.93
CA LEU U 229 -73.12 -24.42 43.06
C LEU U 229 -72.00 -23.42 43.29
N THR U 230 -70.88 -23.88 43.84
CA THR U 230 -69.73 -23.02 44.06
C THR U 230 -68.86 -22.99 42.81
N ALA U 231 -67.69 -22.36 42.94
CA ALA U 231 -66.75 -22.31 41.81
C ALA U 231 -66.09 -23.66 41.58
N GLU U 232 -65.73 -24.35 42.65
CA GLU U 232 -65.03 -25.62 42.51
C GLU U 232 -66.00 -26.79 42.40
N LYS U 233 -67.16 -26.69 43.03
CA LYS U 233 -68.19 -27.71 42.91
C LYS U 233 -69.04 -27.40 41.69
N GLY U 234 -68.74 -28.05 40.57
CA GLY U 234 -69.41 -27.77 39.32
C GLY U 234 -70.73 -28.49 39.18
N GLU U 235 -71.31 -28.37 37.99
CA GLU U 235 -72.61 -28.95 37.73
C GLU U 235 -72.57 -30.47 37.80
N MET U 236 -71.50 -31.08 37.28
CA MET U 236 -71.41 -32.53 37.24
C MET U 236 -71.41 -33.16 38.62
N PHE U 237 -71.10 -32.39 39.67
CA PHE U 237 -71.14 -32.92 41.02
C PHE U 237 -72.56 -33.20 41.49
N GLN U 238 -73.56 -32.92 40.65
CA GLN U 238 -74.95 -33.15 41.02
C GLN U 238 -75.51 -34.46 40.51
N LYS U 239 -74.71 -35.24 39.79
CA LYS U 239 -75.14 -36.53 39.26
C LYS U 239 -74.61 -37.66 40.13
N ILE U 240 -75.46 -38.66 40.38
CA ILE U 240 -75.07 -39.76 41.26
C ILE U 240 -73.96 -40.59 40.64
N LYS U 241 -74.05 -40.87 39.35
CA LYS U 241 -73.04 -41.70 38.69
C LYS U 241 -71.66 -41.07 38.77
N ILE U 242 -71.58 -39.76 38.54
CA ILE U 242 -70.30 -39.07 38.57
C ILE U 242 -69.68 -39.13 39.96
N VAL U 243 -70.47 -38.85 40.98
CA VAL U 243 -69.93 -38.85 42.34
C VAL U 243 -69.52 -40.27 42.74
N ASP U 244 -70.26 -41.28 42.28
CA ASP U 244 -69.91 -42.66 42.61
C ASP U 244 -68.58 -43.05 41.98
N THR U 245 -68.40 -42.74 40.69
CA THR U 245 -67.13 -43.10 40.06
C THR U 245 -65.96 -42.33 40.66
N LEU U 246 -66.17 -41.05 41.01
CA LEU U 246 -65.12 -40.31 41.69
C LEU U 246 -64.79 -40.96 43.03
N ASP U 247 -65.80 -41.42 43.76
CA ASP U 247 -65.57 -41.99 45.07
C ASP U 247 -64.76 -43.29 44.97
N ILE U 248 -65.10 -44.14 44.02
CA ILE U 248 -64.36 -45.40 43.89
C ILE U 248 -62.94 -45.13 43.41
N ILE U 249 -62.76 -44.15 42.53
CA ILE U 249 -61.42 -43.76 42.12
C ILE U 249 -60.59 -43.36 43.34
N HIS U 250 -61.17 -42.50 44.18
CA HIS U 250 -60.48 -42.04 45.38
C HIS U 250 -60.08 -43.22 46.26
N SER U 251 -61.03 -44.12 46.54
CA SER U 251 -60.75 -45.23 47.44
C SER U 251 -59.63 -46.11 46.90
N ASP U 252 -59.71 -46.47 45.61
CA ASP U 252 -58.70 -47.37 45.05
C ASP U 252 -57.32 -46.73 45.05
N ILE U 253 -57.23 -45.47 44.63
CA ILE U 253 -55.91 -44.83 44.56
C ILE U 253 -55.33 -44.69 45.96
N ARG U 254 -56.16 -44.30 46.94
CA ARG U 254 -55.66 -44.18 48.30
C ARG U 254 -55.18 -45.51 48.83
N LYS U 255 -55.92 -46.59 48.58
CA LYS U 255 -55.50 -47.89 49.08
C LYS U 255 -54.17 -48.32 48.46
N VAL U 256 -54.02 -48.13 47.15
CA VAL U 256 -52.76 -48.48 46.50
C VAL U 256 -51.61 -47.69 47.10
N ILE U 257 -51.82 -46.38 47.27
CA ILE U 257 -50.76 -45.52 47.80
C ILE U 257 -50.34 -45.97 49.19
N ILE U 258 -51.30 -46.18 50.08
CA ILE U 258 -50.95 -46.54 51.45
C ILE U 258 -50.34 -47.93 51.51
N ASP U 259 -50.76 -48.83 50.61
CA ASP U 259 -50.29 -50.20 50.69
C ASP U 259 -48.88 -50.35 50.15
N ASP U 260 -48.49 -49.58 49.13
CA ASP U 260 -47.23 -49.83 48.44
C ASP U 260 -46.16 -48.78 48.71
N TYR U 261 -46.46 -47.51 48.48
CA TYR U 261 -45.43 -46.48 48.37
C TYR U 261 -45.24 -45.68 49.66
N ILE U 262 -45.87 -46.08 50.77
CA ILE U 262 -45.73 -45.35 52.02
C ILE U 262 -44.69 -46.05 52.87
N GLY U 263 -43.59 -45.36 53.16
CA GLY U 263 -42.57 -45.89 54.02
C GLY U 263 -41.78 -47.05 53.46
N LYS U 264 -41.77 -47.24 52.14
CA LYS U 264 -41.03 -48.32 51.52
C LYS U 264 -40.19 -47.90 50.33
N VAL U 265 -40.34 -46.68 49.84
CA VAL U 265 -39.61 -46.20 48.67
C VAL U 265 -38.99 -44.85 48.99
N THR U 266 -37.76 -44.65 48.54
CA THR U 266 -37.06 -43.40 48.80
C THR U 266 -37.58 -42.29 47.90
N ASN U 267 -37.76 -41.12 48.48
CA ASN U 267 -38.29 -39.97 47.74
C ASN U 267 -37.20 -39.44 46.83
N SER U 268 -37.17 -39.92 45.59
CA SER U 268 -36.24 -39.43 44.58
C SER U 268 -37.00 -39.31 43.27
N TYR U 269 -36.41 -38.60 42.32
CA TYR U 269 -37.09 -38.32 41.06
C TYR U 269 -37.54 -39.63 40.38
N ASP U 270 -36.67 -40.63 40.35
CA ASP U 270 -37.01 -41.87 39.67
C ASP U 270 -38.19 -42.56 40.33
N ASN U 271 -38.25 -42.53 41.66
CA ASN U 271 -39.40 -43.11 42.35
C ASN U 271 -40.67 -42.30 42.04
N LYS U 272 -40.55 -40.98 41.91
CA LYS U 272 -41.69 -40.18 41.49
C LYS U 272 -42.18 -40.61 40.11
N CYS U 273 -41.25 -40.83 39.18
CA CYS U 273 -41.65 -41.27 37.84
C CYS U 273 -42.32 -42.63 37.89
N LEU U 274 -41.81 -43.54 38.71
CA LEU U 274 -42.43 -44.85 38.83
C LEU U 274 -43.85 -44.75 39.40
N LEU U 275 -44.04 -43.88 40.41
CA LEU U 275 -45.37 -43.69 40.96
C LEU U 275 -46.32 -43.09 39.92
N ILE U 276 -45.83 -42.14 39.13
CA ILE U 276 -46.63 -41.56 38.06
C ILE U 276 -47.04 -42.64 37.07
N VAL U 277 -46.10 -43.52 36.71
CA VAL U 277 -46.40 -44.58 35.76
C VAL U 277 -47.46 -45.53 36.32
N ALA U 278 -47.34 -45.87 37.61
CA ALA U 278 -48.33 -46.76 38.21
C ALA U 278 -49.71 -46.12 38.22
N ILE U 279 -49.79 -44.84 38.55
CA ILE U 279 -51.07 -44.14 38.57
C ILE U 279 -51.67 -44.10 37.17
N LYS U 280 -50.85 -43.79 36.17
CA LYS U 280 -51.35 -43.76 34.80
C LYS U 280 -51.82 -45.13 34.36
N SER U 281 -51.12 -46.18 34.78
CA SER U 281 -51.55 -47.53 34.43
C SER U 281 -52.91 -47.84 35.02
N TYR U 282 -53.12 -47.48 36.29
CA TYR U 282 -54.43 -47.72 36.90
C TYR U 282 -55.52 -46.93 36.18
N LEU U 283 -55.24 -45.68 35.83
CA LEU U 283 -56.23 -44.87 35.15
C LEU U 283 -56.57 -45.44 33.77
N GLU U 284 -55.57 -45.93 33.05
CA GLU U 284 -55.84 -46.55 31.76
C GLU U 284 -56.67 -47.82 31.94
N GLU U 285 -56.37 -48.59 32.99
CA GLU U 285 -57.17 -49.78 33.27
C GLU U 285 -58.63 -49.42 33.52
N LEU U 286 -58.86 -48.35 34.28
CA LEU U 286 -60.24 -47.88 34.48
C LEU U 286 -60.86 -47.40 33.17
N GLU U 287 -60.06 -46.78 32.31
CA GLU U 287 -60.57 -46.33 31.01
C GLU U 287 -61.04 -47.49 30.18
N LYS U 288 -60.32 -48.61 30.21
CA LYS U 288 -60.73 -49.78 29.45
C LYS U 288 -62.11 -50.27 29.85
N SER U 289 -62.54 -49.98 31.09
CA SER U 289 -63.87 -50.35 31.54
C SER U 289 -64.94 -49.35 31.12
N ALA U 290 -64.55 -48.31 30.37
CA ALA U 290 -65.45 -47.27 29.86
C ALA U 290 -66.10 -46.46 30.97
N LEU U 291 -65.32 -45.99 31.94
CA LEU U 291 -65.85 -45.07 32.95
C LEU U 291 -65.28 -43.67 32.79
N ILE U 292 -64.10 -43.53 32.19
CA ILE U 292 -63.52 -42.23 31.92
C ILE U 292 -63.13 -42.17 30.45
N GLU U 293 -62.74 -40.98 29.99
CA GLU U 293 -62.36 -40.83 28.59
C GLU U 293 -61.01 -41.48 28.33
N SER U 294 -60.64 -41.53 27.04
CA SER U 294 -59.46 -42.28 26.63
C SER U 294 -58.17 -41.65 27.16
N ASP U 295 -58.01 -40.35 26.96
CA ASP U 295 -56.74 -39.68 27.23
C ASP U 295 -56.77 -39.02 28.59
N SER U 296 -55.84 -39.41 29.46
CA SER U 296 -55.65 -38.79 30.76
C SER U 296 -54.15 -38.59 30.99
N THR U 297 -53.79 -37.47 31.60
CA THR U 297 -52.39 -37.12 31.80
C THR U 297 -52.14 -36.91 33.28
N VAL U 298 -51.08 -37.53 33.79
CA VAL U 298 -50.63 -37.38 35.17
C VAL U 298 -49.17 -37.00 35.15
N GLU U 299 -48.82 -35.95 35.89
CA GLU U 299 -47.43 -35.52 35.96
C GLU U 299 -47.22 -34.72 37.24
N ILE U 300 -45.94 -34.44 37.53
CA ILE U 300 -45.58 -33.78 38.78
C ILE U 300 -46.10 -32.35 38.78
N ASP U 301 -46.64 -31.94 39.92
CA ASP U 301 -47.20 -30.60 40.08
C ASP U 301 -46.08 -29.60 40.34
N PHE U 302 -45.79 -28.77 39.34
CA PHE U 302 -44.68 -27.82 39.46
C PHE U 302 -45.01 -26.65 40.37
N GLU U 303 -46.24 -26.14 40.32
CA GLU U 303 -46.57 -24.92 41.06
C GLU U 303 -46.47 -25.13 42.56
N ALA U 304 -47.05 -26.22 43.06
CA ALA U 304 -47.00 -26.50 44.49
C ALA U 304 -45.58 -26.74 44.95
N GLN U 305 -44.79 -27.45 44.14
CA GLN U 305 -43.38 -27.69 44.50
C GLN U 305 -42.61 -26.38 44.57
N LYS U 306 -42.82 -25.49 43.60
CA LYS U 306 -42.15 -24.19 43.62
C LYS U 306 -42.54 -23.38 44.84
N SER U 307 -43.84 -23.38 45.17
CA SER U 307 -44.29 -22.65 46.36
C SER U 307 -43.67 -23.23 47.62
N TYR U 308 -43.61 -24.55 47.73
CA TYR U 308 -43.00 -25.18 48.89
C TYR U 308 -41.53 -24.84 49.00
N LEU U 309 -40.81 -24.88 47.87
CA LEU U 309 -39.39 -24.56 47.89
C LEU U 309 -39.15 -23.14 48.33
N LYS U 310 -39.96 -22.20 47.82
CA LYS U 310 -39.84 -20.82 48.27
C LYS U 310 -40.18 -20.68 49.75
N SER U 311 -41.14 -21.47 50.23
CA SER U 311 -41.50 -21.40 51.64
C SER U 311 -40.37 -21.88 52.53
N LYS U 312 -39.42 -22.62 51.97
CA LYS U 312 -38.25 -23.09 52.73
C LYS U 312 -37.10 -22.12 52.69
N GLY U 313 -36.95 -21.35 51.61
CA GLY U 313 -35.92 -20.34 51.54
C GLY U 313 -34.89 -20.54 50.44
N VAL U 314 -35.14 -21.44 49.49
CA VAL U 314 -34.21 -21.60 48.38
C VAL U 314 -34.41 -20.47 47.38
N ASP U 315 -33.35 -20.16 46.62
CA ASP U 315 -33.42 -19.11 45.60
C ASP U 315 -33.33 -19.78 44.23
N LEU U 316 -34.49 -20.00 43.62
CA LEU U 316 -34.56 -20.71 42.36
C LEU U 316 -34.60 -19.78 41.16
N SER U 317 -34.10 -18.55 41.31
CA SER U 317 -34.13 -17.61 40.20
C SER U 317 -33.27 -18.09 39.04
N TYR U 318 -32.20 -18.84 39.33
CA TYR U 318 -31.33 -19.31 38.26
C TYR U 318 -31.75 -20.70 37.79
N MET U 319 -32.22 -21.55 38.70
CA MET U 319 -32.48 -22.94 38.35
C MET U 319 -33.57 -23.04 37.29
N THR U 320 -33.32 -23.89 36.29
CA THR U 320 -34.26 -24.13 35.21
C THR U 320 -35.46 -24.93 35.71
N LEU U 321 -36.54 -24.88 34.95
CA LEU U 321 -37.74 -25.64 35.29
C LEU U 321 -37.42 -27.10 35.55
N GLN U 322 -36.64 -27.71 34.66
CA GLN U 322 -36.27 -29.11 34.84
C GLN U 322 -35.49 -29.30 36.14
N GLU U 323 -34.54 -28.41 36.42
CA GLU U 323 -33.78 -28.49 37.67
C GLU U 323 -34.67 -28.21 38.87
N ILE U 324 -35.70 -27.37 38.70
CA ILE U 324 -36.64 -27.15 39.80
C ILE U 324 -37.39 -28.44 40.12
N LYS U 325 -37.82 -29.17 39.09
CA LYS U 325 -38.45 -30.46 39.33
C LYS U 325 -37.45 -31.47 39.86
N GLU U 326 -36.15 -31.24 39.62
CA GLU U 326 -35.12 -32.13 40.16
C GLU U 326 -35.06 -32.07 41.67
N ALA U 327 -35.41 -30.92 42.25
CA ALA U 327 -35.02 -30.60 43.61
C ALA U 327 -35.60 -31.59 44.63
N ASN U 328 -34.83 -31.84 45.68
CA ASN U 328 -35.28 -32.69 46.76
C ASN U 328 -36.38 -32.00 47.55
N THR U 329 -37.38 -32.78 47.97
CA THR U 329 -38.51 -32.26 48.72
C THR U 329 -38.60 -32.81 50.14
N GLY U 330 -37.93 -33.92 50.44
CA GLY U 330 -37.94 -34.45 51.78
C GLY U 330 -39.26 -35.04 52.22
N SER U 331 -39.65 -36.18 51.64
CA SER U 331 -40.82 -36.96 52.03
C SER U 331 -42.13 -36.28 51.66
N LYS U 332 -42.08 -35.26 50.80
CA LYS U 332 -43.31 -34.69 50.25
C LYS U 332 -43.38 -34.89 48.75
N VAL U 333 -44.56 -35.23 48.27
CA VAL U 333 -44.80 -35.49 46.85
C VAL U 333 -45.97 -34.62 46.39
N PHE U 334 -45.81 -33.96 45.25
CA PHE U 334 -46.85 -33.13 44.67
C PHE U 334 -47.13 -33.58 43.25
N LEU U 335 -48.40 -33.91 42.98
CA LEU U 335 -48.80 -34.43 41.67
C LEU U 335 -50.13 -33.83 41.28
N LYS U 336 -50.36 -33.73 39.96
CA LYS U 336 -51.60 -33.23 39.41
C LYS U 336 -52.06 -34.17 38.30
N ALA U 337 -53.38 -34.22 38.06
CA ALA U 337 -53.95 -35.15 37.10
C ALA U 337 -55.09 -34.48 36.34
N LYS U 338 -55.36 -34.99 35.14
CA LYS U 338 -56.44 -34.51 34.29
C LYS U 338 -57.22 -35.71 33.76
N ILE U 339 -58.53 -35.73 34.02
CA ILE U 339 -59.41 -36.79 33.55
C ILE U 339 -60.75 -36.19 33.15
N LYS U 340 -61.49 -36.95 32.34
CA LYS U 340 -62.86 -36.61 31.95
C LYS U 340 -63.75 -37.81 32.20
N VAL U 341 -64.85 -37.59 32.93
CA VAL U 341 -65.73 -38.67 33.35
C VAL U 341 -66.88 -38.77 32.35
N LEU U 342 -67.10 -39.97 31.84
CA LEU U 342 -68.22 -40.20 30.92
C LEU U 342 -69.53 -40.25 31.69
N ASP U 343 -70.63 -40.11 30.94
CA ASP U 343 -71.97 -40.19 31.51
C ASP U 343 -72.88 -40.94 30.54
N ALA U 344 -73.92 -41.57 31.09
CA ALA U 344 -74.86 -42.31 30.26
C ALA U 344 -75.76 -41.35 29.49
N MET U 345 -76.27 -41.82 28.35
CA MET U 345 -77.16 -41.00 27.54
C MET U 345 -78.40 -40.60 28.34
N GLU U 346 -78.63 -39.30 28.43
CA GLU U 346 -79.69 -38.76 29.26
C GLU U 346 -80.73 -37.97 28.48
N ASP U 347 -80.33 -37.23 27.44
CA ASP U 347 -81.24 -36.43 26.64
C ASP U 347 -80.86 -36.59 25.18
N ILE U 348 -81.86 -36.81 24.33
CA ILE U 348 -81.63 -37.13 22.93
C ILE U 348 -82.30 -36.07 22.07
N ASP U 349 -81.56 -35.54 21.10
CA ASP U 349 -82.07 -34.59 20.13
C ASP U 349 -82.19 -35.27 18.77
N LEU U 350 -83.22 -34.92 18.02
CA LEU U 350 -83.46 -35.50 16.71
C LEU U 350 -84.31 -34.56 15.87
N SER U 351 -83.76 -34.12 14.75
CA SER U 351 -84.49 -33.31 13.77
C SER U 351 -84.55 -34.07 12.46
N ILE U 352 -85.75 -34.25 11.94
CA ILE U 352 -85.98 -35.02 10.71
C ILE U 352 -86.52 -34.08 9.66
N GLU U 353 -85.90 -34.10 8.48
CA GLU U 353 -86.35 -33.31 7.34
C GLU U 353 -87.12 -34.22 6.40
N ILE U 354 -88.24 -33.74 5.89
CA ILE U 354 -89.07 -34.54 5.00
C ILE U 354 -88.59 -34.37 3.57
N ALA V 2 -81.13 -25.92 33.43
CA ALA V 2 -80.79 -26.57 34.69
C ALA V 2 -81.05 -28.07 34.61
N ILE V 3 -81.35 -28.66 35.75
CA ILE V 3 -81.67 -30.09 35.78
C ILE V 3 -83.17 -30.28 35.72
N GLY V 4 -83.63 -30.99 34.69
CA GLY V 4 -85.04 -31.23 34.49
C GLY V 4 -85.28 -32.67 34.05
N LEU V 5 -86.54 -32.94 33.73
CA LEU V 5 -86.91 -34.28 33.29
C LEU V 5 -86.24 -34.59 31.96
N PRO V 6 -85.94 -35.85 31.68
CA PRO V 6 -85.32 -36.21 30.40
C PRO V 6 -86.19 -35.79 29.23
N SER V 7 -85.54 -35.32 28.17
CA SER V 7 -86.23 -34.80 26.99
C SER V 7 -85.93 -35.68 25.80
N ILE V 8 -86.96 -36.26 25.20
CA ILE V 8 -86.87 -36.95 23.92
C ILE V 8 -87.86 -36.29 22.98
N ASN V 9 -87.36 -35.71 21.90
CA ASN V 9 -88.20 -34.99 20.97
C ASN V 9 -87.85 -35.35 19.54
N ILE V 10 -88.88 -35.55 18.73
CA ILE V 10 -88.76 -35.79 17.31
C ILE V 10 -89.42 -34.63 16.58
N SER V 11 -88.67 -33.97 15.70
CA SER V 11 -89.15 -32.79 15.00
C SER V 11 -89.13 -33.05 13.51
N PHE V 12 -90.22 -32.70 12.84
CA PHE V 12 -90.37 -32.85 11.40
C PHE V 12 -90.47 -31.45 10.79
N LYS V 13 -89.69 -31.20 9.75
CA LYS V 13 -89.68 -29.90 9.07
C LYS V 13 -89.91 -30.10 7.59
N GLU V 14 -90.80 -29.27 7.02
CA GLU V 14 -91.04 -29.30 5.58
C GLU V 14 -89.85 -28.71 4.83
N LEU V 15 -89.48 -29.35 3.73
CA LEU V 15 -88.41 -28.85 2.86
C LEU V 15 -88.95 -27.66 2.06
N ALA V 16 -88.71 -26.47 2.61
CA ALA V 16 -89.23 -25.25 2.00
C ALA V 16 -88.41 -24.87 0.77
N THR V 17 -88.59 -25.59 -0.33
CA THR V 17 -87.96 -25.19 -1.59
C THR V 17 -88.50 -23.85 -2.03
N THR V 18 -87.66 -22.83 -1.94
CA THR V 18 -88.12 -21.45 -2.07
C THR V 18 -87.44 -20.78 -3.26
N VAL V 19 -88.28 -20.19 -4.11
CA VAL V 19 -87.84 -19.25 -5.13
C VAL V 19 -88.38 -17.88 -4.73
N LYS V 20 -87.49 -16.89 -4.68
CA LYS V 20 -87.86 -15.61 -4.10
C LYS V 20 -88.98 -14.95 -4.88
N GLU V 21 -89.90 -14.32 -4.16
CA GLU V 21 -91.00 -13.60 -4.77
C GLU V 21 -90.54 -12.21 -5.20
N ARG V 22 -90.85 -11.85 -6.43
CA ARG V 22 -90.53 -10.53 -6.96
C ARG V 22 -91.80 -9.73 -7.17
N SER V 23 -91.61 -8.45 -7.48
CA SER V 23 -92.75 -7.54 -7.64
C SER V 23 -93.65 -8.02 -8.79
N ALA V 24 -94.95 -7.91 -8.58
CA ALA V 24 -95.91 -8.36 -9.59
C ALA V 24 -95.86 -7.46 -10.81
N ARG V 25 -96.06 -8.05 -11.98
CA ARG V 25 -96.09 -7.34 -13.24
C ARG V 25 -97.32 -7.75 -14.05
N GLY V 26 -97.88 -6.81 -14.80
CA GLY V 26 -99.03 -7.08 -15.62
C GLY V 26 -100.36 -6.60 -15.08
N ILE V 27 -100.38 -5.91 -13.96
CA ILE V 27 -101.61 -5.44 -13.34
C ILE V 27 -102.04 -4.14 -13.99
N ILE V 28 -103.30 -4.09 -14.42
CA ILE V 28 -103.87 -2.91 -15.07
C ILE V 28 -104.80 -2.23 -14.09
N ALA V 29 -104.65 -0.91 -13.95
CA ALA V 29 -105.53 -0.09 -13.13
C ALA V 29 -106.61 0.49 -14.03
N MET V 30 -107.86 0.19 -13.72
CA MET V 30 -109.00 0.62 -14.53
C MET V 30 -109.86 1.58 -13.71
N VAL V 31 -110.13 2.75 -14.28
CA VAL V 31 -110.95 3.77 -13.64
C VAL V 31 -112.12 4.07 -14.57
N LEU V 32 -113.33 4.12 -14.00
CA LEU V 32 -114.53 4.29 -14.79
C LEU V 32 -115.58 4.97 -13.90
N LYS V 33 -116.38 5.84 -14.51
CA LYS V 33 -117.34 6.64 -13.76
C LYS V 33 -118.75 6.11 -13.98
N ASP V 34 -119.47 5.89 -12.88
CA ASP V 34 -120.82 5.35 -12.94
C ASP V 34 -121.55 5.67 -11.65
N ALA V 35 -122.78 5.17 -11.55
CA ALA V 35 -123.61 5.30 -10.36
C ALA V 35 -123.84 3.97 -9.65
N LYS V 36 -123.33 2.87 -10.20
CA LYS V 36 -123.54 1.55 -9.64
C LYS V 36 -122.21 0.92 -9.25
N ALA V 37 -122.23 0.17 -8.15
CA ALA V 37 -121.08 -0.60 -7.68
C ALA V 37 -119.84 0.28 -7.53
N LEU V 38 -120.00 1.38 -6.80
CA LEU V 38 -118.89 2.29 -6.58
C LEU V 38 -117.80 1.62 -5.77
N GLY V 39 -116.58 2.13 -5.91
CA GLY V 39 -115.42 1.49 -5.32
C GLY V 39 -114.78 0.52 -6.28
N LEU V 40 -113.77 -0.19 -5.77
CA LEU V 40 -113.12 -1.21 -6.56
C LEU V 40 -114.06 -2.37 -6.81
N ASN V 41 -113.83 -3.09 -7.91
CA ASN V 41 -114.62 -4.27 -8.22
C ASN V 41 -113.79 -5.54 -8.35
N GLU V 42 -112.47 -5.41 -8.52
CA GLU V 42 -111.54 -6.53 -8.39
C GLU V 42 -111.88 -7.66 -9.36
N ILE V 43 -111.70 -7.37 -10.65
CA ILE V 43 -111.99 -8.35 -11.71
C ILE V 43 -110.67 -9.08 -11.98
N HIS V 44 -110.39 -10.09 -11.15
CA HIS V 44 -109.23 -10.93 -11.40
C HIS V 44 -109.50 -11.91 -12.52
N GLU V 45 -110.71 -12.43 -12.58
CA GLU V 45 -111.09 -13.47 -13.54
C GLU V 45 -111.80 -12.84 -14.73
N LYS V 46 -111.47 -13.34 -15.93
CA LYS V 46 -112.13 -12.87 -17.14
C LYS V 46 -113.64 -13.05 -17.07
N GLU V 47 -114.11 -14.14 -16.48
CA GLU V 47 -115.54 -14.47 -16.56
C GLU V 47 -116.38 -13.53 -15.70
N ASP V 48 -115.99 -13.30 -14.45
CA ASP V 48 -116.87 -12.63 -13.50
C ASP V 48 -116.88 -11.13 -13.77
N ILE V 49 -118.08 -10.58 -13.88
CA ILE V 49 -118.28 -9.15 -14.13
C ILE V 49 -119.44 -8.68 -13.24
N PRO V 50 -119.32 -7.54 -12.56
CA PRO V 50 -120.46 -7.00 -11.83
C PRO V 50 -121.62 -6.69 -12.78
N VAL V 51 -122.84 -6.92 -12.28
CA VAL V 51 -124.00 -6.91 -13.17
C VAL V 51 -124.60 -5.53 -13.32
N ASP V 52 -124.51 -4.68 -12.29
CA ASP V 52 -125.21 -3.40 -12.32
C ASP V 52 -124.54 -2.38 -13.24
N LEU V 53 -123.34 -2.69 -13.75
CA LEU V 53 -122.62 -1.74 -14.58
C LEU V 53 -123.30 -1.56 -15.93
N SER V 54 -123.00 -0.44 -16.57
CA SER V 54 -123.55 -0.14 -17.88
C SER V 54 -123.02 -1.10 -18.94
N ALA V 55 -123.86 -1.40 -19.93
CA ALA V 55 -123.48 -2.36 -20.96
C ALA V 55 -122.27 -1.89 -21.74
N GLU V 56 -122.23 -0.61 -22.11
CA GLU V 56 -121.07 -0.07 -22.80
C GLU V 56 -119.82 -0.17 -21.94
N ASN V 57 -119.97 0.06 -20.63
CA ASN V 57 -118.86 -0.14 -19.72
C ASN V 57 -118.42 -1.60 -19.69
N LYS V 58 -119.38 -2.52 -19.69
CA LYS V 58 -119.04 -3.93 -19.75
C LYS V 58 -118.26 -4.27 -21.01
N GLU V 59 -118.63 -3.67 -22.15
CA GLU V 59 -117.90 -3.95 -23.38
C GLU V 59 -116.53 -3.32 -23.37
N TYR V 60 -116.37 -2.16 -22.71
CA TYR V 60 -115.02 -1.63 -22.52
C TYR V 60 -114.15 -2.58 -21.72
N ILE V 61 -114.70 -3.15 -20.64
CA ILE V 61 -113.94 -4.15 -19.91
C ILE V 61 -113.61 -5.33 -20.83
N ASN V 62 -114.59 -5.80 -21.60
CA ASN V 62 -114.35 -6.93 -22.50
C ASN V 62 -113.19 -6.64 -23.45
N LEU V 63 -113.09 -5.41 -23.96
CA LEU V 63 -111.90 -5.02 -24.70
C LEU V 63 -110.66 -5.11 -23.83
N ALA V 64 -110.79 -4.78 -22.55
CA ALA V 64 -109.64 -4.83 -21.66
C ALA V 64 -109.10 -6.23 -21.44
N LEU V 65 -109.98 -7.20 -21.23
CA LEU V 65 -109.57 -8.56 -20.91
C LEU V 65 -108.73 -9.28 -21.96
N MET V 66 -109.02 -9.05 -23.22
CA MET V 66 -108.36 -9.79 -24.30
C MET V 66 -106.89 -9.37 -24.41
N GLY V 67 -106.00 -10.26 -23.98
CA GLY V 67 -104.58 -9.96 -23.93
C GLY V 67 -103.89 -10.22 -25.26
N ASN V 68 -102.69 -9.66 -25.40
CA ASN V 68 -101.95 -9.79 -26.65
C ASN V 68 -101.43 -11.21 -26.84
N VAL V 69 -100.57 -11.68 -25.94
CA VAL V 69 -100.13 -13.07 -25.92
C VAL V 69 -100.96 -13.89 -24.94
N ASN V 70 -101.14 -13.38 -23.72
CA ASN V 70 -101.92 -14.08 -22.70
C ASN V 70 -102.76 -13.07 -21.95
N THR V 71 -103.71 -13.58 -21.18
CA THR V 71 -104.59 -12.74 -20.41
C THR V 71 -103.78 -11.96 -19.37
N PRO V 72 -104.11 -10.69 -19.13
CA PRO V 72 -103.48 -9.98 -18.00
C PRO V 72 -103.72 -10.74 -16.70
N ASN V 73 -102.67 -10.82 -15.89
CA ASN V 73 -102.73 -11.67 -14.70
C ASN V 73 -103.73 -11.13 -13.68
N LYS V 74 -103.92 -9.82 -13.63
CA LYS V 74 -104.80 -9.23 -12.63
C LYS V 74 -105.30 -7.89 -13.14
N LEU V 75 -106.59 -7.63 -12.94
CA LEU V 75 -107.22 -6.39 -13.37
C LEU V 75 -107.89 -5.73 -12.16
N LEU V 76 -107.56 -4.47 -11.92
CA LEU V 76 -108.17 -3.66 -10.87
C LEU V 76 -109.02 -2.59 -11.53
N VAL V 77 -110.31 -2.59 -11.24
CA VAL V 77 -111.26 -1.65 -11.84
C VAL V 77 -111.90 -0.83 -10.73
N TYR V 78 -111.89 0.48 -10.89
CA TYR V 78 -112.47 1.40 -9.92
C TYR V 78 -113.68 2.10 -10.53
N VAL V 79 -114.78 2.13 -9.80
CA VAL V 79 -115.96 2.88 -10.17
C VAL V 79 -116.03 4.13 -9.32
N ILE V 80 -116.08 5.29 -9.98
CA ILE V 80 -116.06 6.58 -9.31
C ILE V 80 -117.35 7.31 -9.62
N GLU V 81 -117.88 8.01 -8.61
CA GLU V 81 -119.08 8.80 -8.79
C GLU V 81 -118.81 9.94 -9.77
N GLY V 82 -119.85 10.31 -10.52
CA GLY V 82 -119.70 11.37 -11.50
C GLY V 82 -119.37 12.69 -10.83
N GLU V 83 -118.63 13.54 -11.55
CA GLU V 83 -118.19 14.87 -11.13
C GLU V 83 -117.38 14.86 -9.85
N ALA V 84 -116.92 13.69 -9.39
CA ALA V 84 -116.11 13.63 -8.18
C ALA V 84 -114.67 14.06 -8.40
N ASP V 85 -114.34 14.58 -9.59
CA ASP V 85 -112.99 14.96 -9.96
C ASP V 85 -112.07 13.73 -9.94
N ILE V 86 -110.77 13.95 -10.05
CA ILE V 86 -109.85 12.84 -10.29
C ILE V 86 -109.11 12.43 -9.02
N GLN V 87 -108.78 13.40 -8.17
CA GLN V 87 -107.95 13.11 -7.01
C GLN V 87 -108.64 12.16 -6.05
N THR V 88 -109.98 12.17 -6.01
CA THR V 88 -110.71 11.25 -5.14
C THR V 88 -110.38 9.80 -5.48
N ALA V 89 -110.38 9.46 -6.76
CA ALA V 89 -109.90 8.14 -7.17
C ALA V 89 -108.39 8.02 -6.99
N LEU V 90 -107.66 9.09 -7.28
CA LEU V 90 -106.21 9.04 -7.32
C LEU V 90 -105.61 8.63 -5.99
N ASP V 91 -106.19 9.09 -4.88
CA ASP V 91 -105.69 8.70 -3.56
C ASP V 91 -105.80 7.19 -3.37
N PHE V 92 -106.97 6.63 -3.70
CA PHE V 92 -107.17 5.19 -3.53
C PHE V 92 -106.21 4.42 -4.43
N LEU V 93 -105.99 4.92 -5.65
CA LEU V 93 -105.06 4.24 -6.55
C LEU V 93 -103.63 4.28 -6.02
N GLU V 94 -103.17 5.42 -5.50
CA GLU V 94 -101.81 5.43 -4.96
C GLU V 94 -101.72 4.58 -3.70
N THR V 95 -102.86 4.29 -3.06
CA THR V 95 -102.83 3.38 -1.92
C THR V 95 -102.37 1.98 -2.36
N LYS V 96 -102.84 1.50 -3.52
CA LYS V 96 -102.47 0.18 -4.03
C LYS V 96 -101.34 0.27 -5.04
N GLU V 97 -100.92 -0.90 -5.51
CA GLU V 97 -99.91 -0.99 -6.56
C GLU V 97 -100.56 -1.37 -7.88
N PHE V 98 -99.92 -0.96 -8.98
CA PHE V 98 -100.41 -1.25 -10.33
C PHE V 98 -99.31 -0.90 -11.32
N ASN V 99 -99.61 -1.13 -12.59
CA ASN V 99 -98.65 -0.86 -13.67
C ASN V 99 -99.19 0.13 -14.69
N TYR V 100 -100.41 -0.07 -15.20
CA TYR V 100 -100.95 0.75 -16.27
C TYR V 100 -102.33 1.26 -15.89
N LEU V 101 -102.59 2.52 -16.22
CA LEU V 101 -103.82 3.21 -15.87
C LEU V 101 -104.43 3.81 -17.13
N CYS V 102 -105.76 3.74 -17.25
CA CYS V 102 -106.42 4.25 -18.44
C CYS V 102 -107.83 4.69 -18.12
N MET V 103 -108.29 5.71 -18.85
CA MET V 103 -109.61 6.33 -18.71
C MET V 103 -110.27 6.44 -20.06
N PRO V 104 -111.38 5.72 -20.28
CA PRO V 104 -112.11 5.87 -21.56
C PRO V 104 -112.75 7.23 -21.72
N LYS V 105 -113.51 7.66 -20.73
CA LYS V 105 -114.25 8.92 -20.77
C LYS V 105 -113.52 9.98 -19.96
N ALA V 106 -112.97 10.99 -20.64
CA ALA V 106 -112.22 12.02 -19.95
C ALA V 106 -112.13 13.25 -20.84
N VAL V 107 -112.21 14.42 -20.20
CA VAL V 107 -111.99 15.69 -20.87
C VAL V 107 -110.50 15.99 -20.87
N GLU V 108 -110.09 16.97 -21.68
CA GLU V 108 -108.67 17.32 -21.76
C GLU V 108 -108.12 17.79 -20.42
N ALA V 109 -108.97 18.39 -19.58
CA ALA V 109 -108.54 18.74 -18.24
C ALA V 109 -108.21 17.49 -17.43
N ASP V 110 -109.00 16.43 -17.59
CA ASP V 110 -108.71 15.18 -16.92
C ASP V 110 -107.36 14.62 -17.35
N LYS V 111 -107.10 14.61 -18.66
CA LYS V 111 -105.84 14.10 -19.16
C LYS V 111 -104.68 14.92 -18.62
N THR V 112 -104.82 16.25 -18.60
CA THR V 112 -103.76 17.09 -18.06
C THR V 112 -103.50 16.77 -16.59
N ALA V 113 -104.57 16.64 -15.80
CA ALA V 113 -104.39 16.38 -14.38
C ALA V 113 -103.70 15.05 -14.12
N ILE V 114 -104.12 14.00 -14.83
CA ILE V 114 -103.46 12.70 -14.67
C ILE V 114 -102.01 12.78 -15.13
N LYS V 115 -101.76 13.58 -16.17
CA LYS V 115 -100.38 13.75 -16.62
C LYS V 115 -99.51 14.33 -15.52
N ASN V 116 -99.93 15.45 -14.93
CA ASN V 116 -99.13 16.06 -13.87
C ASN V 116 -99.00 15.13 -12.68
N TRP V 117 -100.07 14.39 -12.36
CA TRP V 117 -100.00 13.45 -11.25
C TRP V 117 -98.94 12.40 -11.48
N ILE V 118 -98.87 11.85 -12.70
CA ILE V 118 -97.86 10.84 -12.97
C ILE V 118 -96.47 11.44 -12.97
N ILE V 119 -96.32 12.65 -13.51
CA ILE V 119 -95.00 13.29 -13.52
C ILE V 119 -94.49 13.46 -12.10
N LYS V 120 -95.35 13.95 -11.20
CA LYS V 120 -94.90 14.16 -9.82
C LYS V 120 -94.69 12.83 -9.10
N LEU V 121 -95.49 11.82 -9.42
CA LEU V 121 -95.42 10.57 -8.67
C LEU V 121 -94.21 9.73 -9.07
N ARG V 122 -93.80 9.80 -10.34
CA ARG V 122 -92.67 8.98 -10.77
C ARG V 122 -91.35 9.51 -10.24
N ASP V 123 -91.31 10.78 -9.83
CA ASP V 123 -90.04 11.37 -9.41
C ASP V 123 -90.02 11.68 -7.92
N ILE V 124 -91.03 12.39 -7.42
CA ILE V 124 -91.05 12.78 -6.01
C ILE V 124 -91.19 11.54 -5.12
N ASP V 125 -92.14 10.67 -5.44
CA ASP V 125 -92.46 9.53 -4.60
C ASP V 125 -91.70 8.26 -4.99
N LYS V 126 -90.92 8.30 -6.06
CA LYS V 126 -90.13 7.15 -6.50
C LYS V 126 -91.00 5.91 -6.69
N VAL V 127 -92.18 6.11 -7.27
CA VAL V 127 -93.10 5.01 -7.60
C VAL V 127 -93.26 4.99 -9.11
N LYS V 128 -93.09 3.83 -9.71
CA LYS V 128 -92.98 3.69 -11.15
C LYS V 128 -94.28 3.15 -11.74
N VAL V 129 -95.06 4.03 -12.35
CA VAL V 129 -96.29 3.67 -13.03
C VAL V 129 -96.33 4.36 -14.38
N LYS V 130 -97.21 3.90 -15.26
CA LYS V 130 -97.42 4.49 -16.57
C LYS V 130 -98.90 4.52 -16.90
N ALA V 131 -99.24 5.28 -17.95
CA ALA V 131 -100.63 5.38 -18.40
C ALA V 131 -100.66 5.70 -19.88
N VAL V 132 -101.83 5.45 -20.49
CA VAL V 132 -102.05 5.68 -21.91
C VAL V 132 -103.12 6.75 -22.07
N LEU V 133 -102.82 7.78 -22.85
CA LEU V 133 -103.74 8.90 -23.05
C LEU V 133 -103.98 9.12 -24.54
N GLY V 134 -105.21 9.55 -24.86
CA GLY V 134 -105.59 9.71 -26.25
C GLY V 134 -104.88 10.85 -26.94
N LYS V 135 -104.97 12.06 -26.37
CA LYS V 135 -104.37 13.23 -27.01
C LYS V 135 -103.61 14.02 -25.92
N VAL V 136 -102.34 13.68 -25.73
CA VAL V 136 -101.45 14.44 -24.86
C VAL V 136 -100.08 14.49 -25.53
N VAL V 137 -99.32 15.53 -25.22
CA VAL V 137 -97.99 15.71 -25.76
C VAL V 137 -97.00 15.70 -24.61
N GLY V 138 -97.26 14.87 -23.61
CA GLY V 138 -96.33 14.76 -22.50
C GLY V 138 -94.95 14.33 -22.96
N ASN V 139 -93.93 15.04 -22.47
CA ASN V 139 -92.55 14.79 -22.84
C ASN V 139 -91.84 13.90 -21.83
N HIS V 140 -92.58 12.98 -21.20
CA HIS V 140 -92.01 12.05 -20.23
C HIS V 140 -92.27 10.63 -20.67
N GLU V 141 -91.37 9.72 -20.27
CA GLU V 141 -91.51 8.32 -20.64
C GLU V 141 -92.72 7.68 -19.99
N GLY V 142 -93.29 8.32 -18.97
CA GLY V 142 -94.40 7.75 -18.24
C GLY V 142 -95.74 7.80 -18.92
N ILE V 143 -95.84 8.45 -20.08
CA ILE V 143 -97.11 8.59 -20.79
C ILE V 143 -96.93 8.02 -22.19
N ILE V 144 -97.90 7.21 -22.62
CA ILE V 144 -97.95 6.68 -23.97
C ILE V 144 -99.11 7.37 -24.69
N ASN V 145 -98.80 8.00 -25.82
CA ASN V 145 -99.80 8.78 -26.56
C ASN V 145 -100.18 8.00 -27.81
N PHE V 146 -101.28 7.27 -27.72
CA PHE V 146 -101.81 6.52 -28.87
C PHE V 146 -102.91 7.34 -29.52
N THR V 147 -102.86 7.46 -30.84
CA THR V 147 -103.79 8.32 -31.56
C THR V 147 -104.18 7.65 -32.87
N THR V 148 -105.42 7.15 -32.93
CA THR V 148 -105.97 6.59 -34.16
C THR V 148 -107.47 6.77 -34.11
N GLU V 149 -107.99 7.67 -34.94
CA GLU V 149 -109.38 8.07 -34.88
C GLU V 149 -110.25 7.18 -35.75
N ASP V 150 -111.50 6.98 -35.30
CA ASP V 150 -112.53 6.31 -36.09
C ASP V 150 -112.13 4.88 -36.45
N VAL V 151 -111.93 4.06 -35.42
CA VAL V 151 -111.64 2.65 -35.62
C VAL V 151 -112.94 1.86 -35.58
N LEU V 152 -112.95 0.69 -36.21
CA LEU V 152 -114.14 -0.16 -36.27
C LEU V 152 -113.77 -1.56 -35.79
N VAL V 153 -114.47 -2.03 -34.76
CA VAL V 153 -114.27 -3.37 -34.23
C VAL V 153 -115.65 -4.00 -34.02
N GLY V 154 -115.94 -5.05 -34.79
CA GLY V 154 -117.21 -5.76 -34.65
C GLY V 154 -118.42 -4.90 -34.88
N GLU V 155 -118.40 -4.13 -35.98
CA GLU V 155 -119.50 -3.22 -36.34
C GLU V 155 -119.74 -2.22 -35.20
N LYS V 156 -118.77 -1.35 -34.96
CA LYS V 156 -118.90 -0.30 -33.98
C LYS V 156 -117.75 0.69 -34.14
N LYS V 157 -118.08 1.97 -34.09
CA LYS V 157 -117.08 3.03 -34.11
C LYS V 157 -116.61 3.33 -32.70
N TYR V 158 -115.30 3.43 -32.53
CA TYR V 158 -114.70 3.72 -31.24
C TYR V 158 -113.81 4.95 -31.35
N SER V 159 -113.99 5.88 -30.43
CA SER V 159 -113.06 6.99 -30.31
C SER V 159 -111.73 6.47 -29.78
N VAL V 160 -110.68 7.27 -29.98
CA VAL V 160 -109.35 6.89 -29.52
C VAL V 160 -109.36 6.70 -28.00
N ASP V 161 -110.08 7.56 -27.29
CA ASP V 161 -110.15 7.44 -25.83
C ASP V 161 -110.81 6.13 -25.42
N GLU V 162 -111.79 5.65 -26.20
CA GLU V 162 -112.38 4.35 -25.92
C GLU V 162 -111.42 3.22 -26.23
N PHE V 163 -110.64 3.36 -27.31
CA PHE V 163 -109.69 2.32 -27.71
C PHE V 163 -108.46 2.28 -26.80
N THR V 164 -108.30 3.29 -25.94
CA THR V 164 -107.21 3.29 -24.99
C THR V 164 -107.22 2.04 -24.12
N SER V 165 -108.40 1.56 -23.73
CA SER V 165 -108.48 0.36 -22.92
C SER V 165 -107.91 -0.84 -23.68
N ARG V 166 -108.29 -0.99 -24.94
CA ARG V 166 -107.80 -2.11 -25.73
C ARG V 166 -106.29 -2.06 -25.90
N VAL V 167 -105.75 -0.88 -26.22
CA VAL V 167 -104.30 -0.80 -26.45
C VAL V 167 -103.55 -1.04 -25.14
N ALA V 168 -104.09 -0.54 -24.02
CA ALA V 168 -103.45 -0.77 -22.73
C ALA V 168 -103.44 -2.26 -22.39
N GLY V 169 -104.56 -2.96 -22.64
CA GLY V 169 -104.57 -4.39 -22.43
C GLY V 169 -103.57 -5.10 -23.34
N LEU V 170 -103.40 -4.58 -24.56
CA LEU V 170 -102.41 -5.14 -25.47
C LEU V 170 -101.00 -5.03 -24.92
N ILE V 171 -100.65 -3.86 -24.37
CA ILE V 171 -99.32 -3.71 -23.79
C ILE V 171 -99.16 -4.60 -22.57
N ALA V 172 -100.19 -4.68 -21.72
CA ALA V 172 -100.07 -5.46 -20.49
C ALA V 172 -99.98 -6.95 -20.76
N GLY V 173 -100.64 -7.42 -21.82
CA GLY V 173 -100.67 -8.86 -22.08
C GLY V 173 -99.31 -9.44 -22.43
N THR V 174 -98.52 -8.69 -23.19
CA THR V 174 -97.28 -9.24 -23.73
C THR V 174 -96.27 -9.50 -22.61
N PRO V 175 -95.42 -10.52 -22.77
CA PRO V 175 -94.36 -10.75 -21.78
C PRO V 175 -93.27 -9.69 -21.85
N LEU V 176 -92.22 -9.86 -21.05
CA LEU V 176 -91.11 -8.92 -21.09
C LEU V 176 -90.02 -9.36 -22.05
N SER V 177 -90.16 -10.53 -22.67
CA SER V 177 -89.15 -11.01 -23.60
C SER V 177 -89.33 -10.36 -24.98
N GLN V 178 -90.47 -10.61 -25.62
CA GLN V 178 -90.74 -10.02 -26.92
C GLN V 178 -91.35 -8.64 -26.75
N SER V 179 -91.42 -7.90 -27.85
CA SER V 179 -91.90 -6.53 -27.85
C SER V 179 -93.34 -6.45 -28.34
N VAL V 180 -93.87 -5.22 -28.37
CA VAL V 180 -95.22 -4.99 -28.86
C VAL V 180 -95.23 -4.55 -30.32
N THR V 181 -94.05 -4.39 -30.92
CA THR V 181 -93.96 -3.90 -32.30
C THR V 181 -94.49 -4.94 -33.28
N TYR V 182 -95.28 -4.48 -34.25
CA TYR V 182 -95.61 -5.24 -35.45
C TYR V 182 -96.42 -6.48 -35.11
N THR V 183 -97.48 -6.27 -34.33
CA THR V 183 -98.34 -7.34 -33.84
C THR V 183 -99.75 -7.16 -34.34
N LYS V 184 -100.34 -8.25 -34.83
CA LYS V 184 -101.66 -8.21 -35.45
C LYS V 184 -102.76 -7.94 -34.44
N LEU V 185 -103.83 -7.32 -34.92
CA LEU V 185 -105.08 -7.15 -34.18
C LEU V 185 -106.22 -7.67 -35.06
N SER V 186 -106.63 -8.90 -34.84
CA SER V 186 -107.69 -9.49 -35.64
C SER V 186 -109.05 -8.85 -35.39
N ASP V 187 -109.23 -8.15 -34.27
CA ASP V 187 -110.53 -7.59 -33.94
C ASP V 187 -110.86 -6.40 -34.83
N VAL V 188 -109.91 -5.50 -35.03
CA VAL V 188 -110.16 -4.32 -35.87
C VAL V 188 -110.25 -4.75 -37.33
N VAL V 189 -111.08 -4.04 -38.09
CA VAL V 189 -111.39 -4.48 -39.45
C VAL V 189 -111.24 -3.35 -40.46
N ASP V 190 -111.26 -2.09 -40.01
CA ASP V 190 -110.90 -1.00 -40.93
C ASP V 190 -110.38 0.20 -40.17
N ILE V 191 -109.48 0.92 -40.82
CA ILE V 191 -108.91 2.17 -40.31
C ILE V 191 -108.82 3.18 -41.44
N PRO V 192 -109.05 4.46 -41.13
CA PRO V 192 -108.96 5.49 -42.18
C PRO V 192 -107.65 5.44 -42.95
N LYS V 193 -107.77 5.58 -44.26
CA LYS V 193 -106.63 5.48 -45.17
C LYS V 193 -105.67 6.64 -44.93
N MET V 194 -104.38 6.31 -44.84
CA MET V 194 -103.37 7.28 -44.45
C MET V 194 -102.02 6.82 -45.00
N THR V 195 -101.23 7.78 -45.48
CA THR V 195 -100.05 7.46 -46.27
C THR V 195 -98.84 7.14 -45.38
N LYS V 196 -97.86 6.46 -45.98
CA LYS V 196 -96.73 5.95 -45.22
C LYS V 196 -95.80 7.07 -44.73
N VAL V 197 -95.55 8.07 -45.57
CA VAL V 197 -94.65 9.14 -45.17
C VAL V 197 -95.24 9.93 -43.99
N ASP V 198 -96.56 10.11 -44.00
CA ASP V 198 -97.21 10.73 -42.85
C ASP V 198 -97.04 9.89 -41.60
N ALA V 199 -97.11 8.57 -41.74
CA ALA V 199 -96.89 7.68 -40.60
C ALA V 199 -95.48 7.82 -40.07
N GLU V 200 -94.50 7.91 -40.96
CA GLU V 200 -93.11 8.08 -40.53
C GLU V 200 -92.93 9.40 -39.79
N SER V 201 -93.51 10.47 -40.33
CA SER V 201 -93.43 11.77 -39.65
C SER V 201 -94.10 11.70 -38.29
N ARG V 202 -95.26 11.04 -38.21
CA ARG V 202 -95.98 10.92 -36.95
C ARG V 202 -95.18 10.12 -35.93
N VAL V 203 -94.50 9.06 -36.37
CA VAL V 203 -93.65 8.28 -35.49
C VAL V 203 -92.51 9.14 -34.95
N ASN V 204 -91.93 9.98 -35.80
CA ASN V 204 -90.86 10.86 -35.32
C ASN V 204 -91.35 11.81 -34.23
N LYS V 205 -92.66 12.06 -34.17
CA LYS V 205 -93.20 12.94 -33.13
C LYS V 205 -93.41 12.23 -31.80
N GLY V 206 -92.99 10.96 -31.68
CA GLY V 206 -93.27 10.20 -30.48
C GLY V 206 -94.69 9.67 -30.38
N GLU V 207 -95.51 9.92 -31.41
CA GLU V 207 -96.89 9.50 -31.39
C GLU V 207 -97.00 8.02 -31.74
N LEU V 208 -97.92 7.32 -31.10
CA LEU V 208 -98.15 5.91 -31.39
C LEU V 208 -99.30 5.79 -32.39
N ILE V 209 -99.06 5.04 -33.47
CA ILE V 209 -99.98 4.99 -34.60
C ILE V 209 -100.26 3.55 -34.97
N LEU V 210 -101.49 3.30 -35.39
CA LEU V 210 -101.92 2.01 -35.92
C LEU V 210 -101.88 2.07 -37.45
N ILE V 211 -101.23 1.10 -38.07
CA ILE V 211 -100.95 1.15 -39.50
C ILE V 211 -101.40 -0.14 -40.18
N LYS V 212 -101.61 -0.04 -41.49
CA LYS V 212 -101.95 -1.17 -42.35
C LYS V 212 -100.68 -1.60 -43.07
N GLU V 213 -100.27 -2.84 -42.83
CA GLU V 213 -99.15 -3.44 -43.56
C GLU V 213 -99.28 -4.95 -43.49
N ALA V 214 -98.72 -5.61 -44.50
CA ALA V 214 -98.80 -7.07 -44.65
C ALA V 214 -100.28 -7.47 -44.63
N GLY V 215 -100.59 -8.62 -44.05
CA GLY V 215 -101.95 -9.14 -44.12
C GLY V 215 -102.97 -8.37 -43.31
N ALA V 216 -102.62 -7.98 -42.08
CA ALA V 216 -103.59 -7.43 -41.15
C ALA V 216 -103.07 -6.13 -40.54
N ILE V 217 -103.88 -5.57 -39.64
CA ILE V 217 -103.52 -4.34 -38.94
C ILE V 217 -102.49 -4.67 -37.87
N ARG V 218 -101.49 -3.81 -37.71
CA ARG V 218 -100.43 -4.04 -36.75
C ARG V 218 -99.97 -2.72 -36.15
N ILE V 219 -99.37 -2.82 -34.96
CA ILE V 219 -98.82 -1.65 -34.29
C ILE V 219 -97.41 -1.39 -34.80
N ALA V 220 -97.10 -0.12 -35.04
CA ALA V 220 -95.84 0.28 -35.66
C ALA V 220 -94.89 0.84 -34.61
N ARG V 221 -94.01 -0.02 -34.09
CA ARG V 221 -92.88 0.37 -33.26
C ARG V 221 -93.34 1.28 -32.11
N GLY V 222 -94.04 0.67 -31.17
CA GLY V 222 -94.50 1.39 -30.00
C GLY V 222 -93.40 2.08 -29.23
N VAL V 223 -93.55 3.39 -29.01
CA VAL V 223 -92.59 4.19 -28.27
C VAL V 223 -93.35 5.08 -27.29
N ASN V 224 -92.63 5.59 -26.29
CA ASN V 224 -93.22 6.50 -25.32
C ASN V 224 -93.41 7.87 -25.96
N SER V 225 -93.89 8.81 -25.14
CA SER V 225 -94.27 10.11 -25.68
C SER V 225 -93.17 11.15 -25.58
N LEU V 226 -92.01 10.81 -25.03
CA LEU V 226 -90.95 11.79 -24.91
C LEU V 226 -90.30 12.04 -26.26
N THR V 227 -89.98 13.31 -26.54
CA THR V 227 -89.40 13.70 -27.81
C THR V 227 -88.06 14.40 -27.69
N GLU V 228 -87.82 15.09 -26.57
CA GLU V 228 -86.57 15.81 -26.39
C GLU V 228 -85.54 14.88 -25.77
N LEU V 229 -84.30 14.93 -26.26
CA LEU V 229 -83.24 14.03 -25.83
C LEU V 229 -82.19 14.83 -25.09
N THR V 230 -82.07 14.60 -23.78
CA THR V 230 -81.06 15.26 -22.98
C THR V 230 -79.75 14.45 -23.01
N ALA V 231 -78.77 14.88 -22.22
CA ALA V 231 -77.50 14.17 -22.17
C ALA V 231 -77.62 12.87 -21.39
N GLU V 232 -78.40 12.88 -20.31
CA GLU V 232 -78.53 11.67 -19.48
C GLU V 232 -79.67 10.79 -19.97
N LYS V 233 -80.72 11.38 -20.52
CA LYS V 233 -81.82 10.60 -21.10
C LYS V 233 -81.48 10.30 -22.55
N GLY V 234 -80.91 9.13 -22.80
CA GLY V 234 -80.45 8.78 -24.12
C GLY V 234 -81.55 8.27 -25.03
N GLU V 235 -81.13 7.75 -26.18
CA GLU V 235 -82.08 7.27 -27.18
C GLU V 235 -82.88 6.08 -26.65
N MET V 236 -82.20 5.13 -26.00
CA MET V 236 -82.86 3.90 -25.56
C MET V 236 -84.01 4.18 -24.60
N PHE V 237 -84.03 5.34 -23.94
CA PHE V 237 -85.15 5.67 -23.07
C PHE V 237 -86.44 5.90 -23.84
N GLN V 238 -86.42 5.76 -25.16
CA GLN V 238 -87.60 6.00 -25.97
C GLN V 238 -88.37 4.72 -26.31
N LYS V 239 -87.86 3.55 -25.93
CA LYS V 239 -88.51 2.28 -26.23
C LYS V 239 -89.28 1.79 -25.01
N ILE V 240 -90.49 1.26 -25.27
CA ILE V 240 -91.34 0.81 -24.16
C ILE V 240 -90.71 -0.36 -23.43
N LYS V 241 -90.14 -1.32 -24.18
CA LYS V 241 -89.54 -2.48 -23.55
C LYS V 241 -88.39 -2.09 -22.63
N ILE V 242 -87.56 -1.13 -23.08
CA ILE V 242 -86.41 -0.71 -22.29
C ILE V 242 -86.87 -0.10 -20.98
N VAL V 243 -87.82 0.82 -21.03
CA VAL V 243 -88.28 1.49 -19.82
C VAL V 243 -88.98 0.50 -18.91
N ASP V 244 -89.67 -0.49 -19.47
CA ASP V 244 -90.38 -1.45 -18.65
C ASP V 244 -89.41 -2.34 -17.87
N THR V 245 -88.39 -2.87 -18.55
CA THR V 245 -87.43 -3.69 -17.83
C THR V 245 -86.64 -2.88 -16.81
N LEU V 246 -86.28 -1.63 -17.14
CA LEU V 246 -85.63 -0.79 -16.14
C LEU V 246 -86.55 -0.58 -14.93
N ASP V 247 -87.84 -0.39 -15.19
CA ASP V 247 -88.76 -0.10 -14.10
C ASP V 247 -88.89 -1.29 -13.16
N ILE V 248 -89.00 -2.49 -13.73
CA ILE V 248 -89.13 -3.68 -12.87
C ILE V 248 -87.83 -3.93 -12.11
N ILE V 249 -86.68 -3.65 -12.73
CA ILE V 249 -85.41 -3.75 -12.01
C ILE V 249 -85.43 -2.83 -10.80
N HIS V 250 -85.84 -1.58 -11.01
CA HIS V 250 -85.91 -0.62 -9.92
C HIS V 250 -86.79 -1.15 -8.80
N SER V 251 -88.00 -1.60 -9.14
CA SER V 251 -88.94 -2.03 -8.10
C SER V 251 -88.39 -3.20 -7.31
N ASP V 252 -87.85 -4.21 -7.99
CA ASP V 252 -87.37 -5.39 -7.29
C ASP V 252 -86.19 -5.05 -6.38
N ILE V 253 -85.22 -4.29 -6.89
CA ILE V 253 -84.05 -3.98 -6.08
C ILE V 253 -84.45 -3.15 -4.87
N ARG V 254 -85.33 -2.17 -5.07
CA ARG V 254 -85.79 -1.35 -3.95
C ARG V 254 -86.48 -2.20 -2.91
N LYS V 255 -87.35 -3.13 -3.33
CA LYS V 255 -88.07 -3.95 -2.37
C LYS V 255 -87.12 -4.82 -1.57
N VAL V 256 -86.14 -5.45 -2.24
CA VAL V 256 -85.17 -6.27 -1.52
C VAL V 256 -84.42 -5.42 -0.50
N ILE V 257 -83.98 -4.23 -0.93
CA ILE V 257 -83.20 -3.36 -0.04
C ILE V 257 -83.99 -3.00 1.20
N ILE V 258 -85.23 -2.55 1.03
CA ILE V 258 -85.99 -2.13 2.20
C ILE V 258 -86.35 -3.34 3.07
N ASP V 259 -86.59 -4.49 2.46
CA ASP V 259 -87.08 -5.63 3.22
C ASP V 259 -85.98 -6.26 4.05
N ASP V 260 -84.74 -6.25 3.57
CA ASP V 260 -83.69 -7.01 4.25
C ASP V 260 -82.65 -6.15 4.96
N TYR V 261 -82.07 -5.18 4.26
CA TYR V 261 -80.83 -4.54 4.70
C TYR V 261 -81.05 -3.19 5.38
N ILE V 262 -82.29 -2.83 5.70
CA ILE V 262 -82.58 -1.54 6.32
C ILE V 262 -82.82 -1.78 7.80
N GLY V 263 -81.94 -1.21 8.63
CA GLY V 263 -82.10 -1.28 10.07
C GLY V 263 -81.91 -2.66 10.66
N LYS V 264 -81.22 -3.54 9.93
CA LYS V 264 -80.95 -4.89 10.41
C LYS V 264 -79.52 -5.34 10.23
N VAL V 265 -78.69 -4.59 9.51
CA VAL V 265 -77.30 -4.95 9.28
C VAL V 265 -76.43 -3.76 9.63
N THR V 266 -75.29 -4.02 10.26
CA THR V 266 -74.38 -2.95 10.65
C THR V 266 -73.55 -2.50 9.45
N ASN V 267 -73.40 -1.19 9.31
CA ASN V 267 -72.67 -0.61 8.20
C ASN V 267 -71.19 -0.87 8.38
N SER V 268 -70.66 -1.87 7.67
CA SER V 268 -69.24 -2.19 7.72
C SER V 268 -68.82 -2.66 6.34
N TYR V 269 -67.50 -2.78 6.17
CA TYR V 269 -66.97 -3.20 4.87
C TYR V 269 -67.50 -4.56 4.46
N ASP V 270 -67.52 -5.52 5.39
CA ASP V 270 -67.95 -6.87 5.07
C ASP V 270 -69.43 -6.90 4.72
N ASN V 271 -70.25 -6.15 5.45
CA ASN V 271 -71.67 -6.08 5.13
C ASN V 271 -71.90 -5.46 3.77
N LYS V 272 -71.10 -4.44 3.42
CA LYS V 272 -71.19 -3.86 2.08
C LYS V 272 -70.83 -4.88 1.02
N CYS V 273 -69.79 -5.68 1.27
CA CYS V 273 -69.43 -6.72 0.31
C CYS V 273 -70.55 -7.73 0.15
N LEU V 274 -71.21 -8.11 1.26
CA LEU V 274 -72.33 -9.04 1.18
C LEU V 274 -73.48 -8.45 0.38
N LEU V 275 -73.78 -7.16 0.59
CA LEU V 275 -74.83 -6.51 -0.18
C LEU V 275 -74.51 -6.48 -1.66
N ILE V 276 -73.24 -6.19 -1.98
CA ILE V 276 -72.80 -6.21 -3.38
C ILE V 276 -73.02 -7.59 -3.98
N VAL V 277 -72.65 -8.64 -3.23
CA VAL V 277 -72.81 -10.00 -3.73
C VAL V 277 -74.28 -10.32 -3.98
N ALA V 278 -75.16 -9.91 -3.06
CA ALA V 278 -76.57 -10.17 -3.23
C ALA V 278 -77.12 -9.46 -4.47
N ILE V 279 -76.72 -8.21 -4.67
CA ILE V 279 -77.18 -7.46 -5.83
C ILE V 279 -76.70 -8.13 -7.12
N LYS V 280 -75.44 -8.54 -7.14
CA LYS V 280 -74.91 -9.23 -8.32
C LYS V 280 -75.65 -10.53 -8.57
N SER V 281 -76.01 -11.24 -7.50
CA SER V 281 -76.77 -12.48 -7.67
C SER V 281 -78.13 -12.20 -8.29
N TYR V 282 -78.82 -11.15 -7.83
CA TYR V 282 -80.12 -10.83 -8.44
C TYR V 282 -79.97 -10.46 -9.90
N LEU V 283 -78.95 -9.67 -10.25
CA LEU V 283 -78.75 -9.30 -11.64
C LEU V 283 -78.43 -10.52 -12.48
N GLU V 284 -77.65 -11.45 -11.94
CA GLU V 284 -77.35 -12.70 -12.65
C GLU V 284 -78.64 -13.49 -12.90
N GLU V 285 -79.49 -13.59 -11.87
CA GLU V 285 -80.76 -14.29 -12.04
C GLU V 285 -81.58 -13.65 -13.15
N LEU V 286 -81.60 -12.31 -13.20
CA LEU V 286 -82.29 -11.64 -14.31
C LEU V 286 -81.62 -11.94 -15.64
N GLU V 287 -80.30 -12.09 -15.65
CA GLU V 287 -79.59 -12.39 -16.88
C GLU V 287 -80.03 -13.73 -17.46
N LYS V 288 -80.23 -14.73 -16.59
CA LYS V 288 -80.73 -16.02 -17.10
C LYS V 288 -82.07 -15.87 -17.80
N SER V 289 -82.89 -14.90 -17.41
CA SER V 289 -84.15 -14.69 -18.09
C SER V 289 -84.00 -14.02 -19.45
N ALA V 290 -82.76 -13.70 -19.84
CA ALA V 290 -82.44 -13.07 -21.13
C ALA V 290 -83.05 -11.69 -21.27
N LEU V 291 -82.92 -10.83 -20.25
CA LEU V 291 -83.37 -9.46 -20.37
C LEU V 291 -82.21 -8.48 -20.39
N ILE V 292 -81.05 -8.88 -19.88
CA ILE V 292 -79.87 -8.02 -19.92
C ILE V 292 -78.69 -8.83 -20.45
N GLU V 293 -77.60 -8.14 -20.77
CA GLU V 293 -76.40 -8.80 -21.28
C GLU V 293 -75.75 -9.63 -20.16
N SER V 294 -74.91 -10.59 -20.57
CA SER V 294 -74.36 -11.56 -19.64
C SER V 294 -73.51 -10.88 -18.56
N ASP V 295 -72.56 -10.05 -18.96
CA ASP V 295 -71.57 -9.51 -18.03
C ASP V 295 -72.07 -8.18 -17.45
N SER V 296 -72.24 -8.15 -16.13
CA SER V 296 -72.58 -6.94 -15.41
C SER V 296 -71.72 -6.85 -14.17
N THR V 297 -71.31 -5.64 -13.80
CA THR V 297 -70.40 -5.42 -12.68
C THR V 297 -71.05 -4.48 -11.69
N VAL V 298 -71.00 -4.84 -10.41
CA VAL V 298 -71.45 -4.00 -9.32
C VAL V 298 -70.28 -3.81 -8.36
N GLU V 299 -70.03 -2.57 -7.98
CA GLU V 299 -68.88 -2.25 -7.15
C GLU V 299 -69.17 -1.00 -6.35
N ILE V 300 -68.35 -0.78 -5.30
CA ILE V 300 -68.55 0.36 -4.43
C ILE V 300 -68.18 1.64 -5.16
N ASP V 301 -68.98 2.68 -4.95
CA ASP V 301 -68.77 3.96 -5.63
C ASP V 301 -67.72 4.76 -4.90
N PHE V 302 -66.51 4.81 -5.45
CA PHE V 302 -65.40 5.48 -4.79
C PHE V 302 -65.50 6.99 -4.83
N GLU V 303 -65.95 7.57 -5.96
CA GLU V 303 -65.93 9.01 -6.10
C GLU V 303 -66.87 9.68 -5.11
N ALA V 304 -68.11 9.18 -5.01
CA ALA V 304 -69.06 9.78 -4.08
C ALA V 304 -68.60 9.61 -2.64
N GLN V 305 -68.02 8.45 -2.32
CA GLN V 305 -67.53 8.22 -0.97
C GLN V 305 -66.41 9.20 -0.62
N LYS V 306 -65.47 9.41 -1.54
CA LYS V 306 -64.39 10.36 -1.28
C LYS V 306 -64.93 11.78 -1.13
N SER V 307 -65.90 12.15 -1.97
CA SER V 307 -66.49 13.49 -1.85
C SER V 307 -67.19 13.66 -0.50
N TYR V 308 -67.92 12.64 -0.06
CA TYR V 308 -68.58 12.70 1.24
C TYR V 308 -67.56 12.81 2.37
N LEU V 309 -66.48 12.04 2.29
CA LEU V 309 -65.45 12.11 3.32
C LEU V 309 -64.83 13.49 3.38
N LYS V 310 -64.53 14.08 2.22
CA LYS V 310 -63.99 15.43 2.19
C LYS V 310 -65.00 16.43 2.76
N SER V 311 -66.29 16.19 2.53
CA SER V 311 -67.31 17.07 3.11
C SER V 311 -67.30 16.99 4.64
N LYS V 312 -66.71 15.94 5.20
CA LYS V 312 -66.57 15.81 6.64
C LYS V 312 -65.25 16.35 7.16
N GLY V 313 -64.39 16.84 6.27
CA GLY V 313 -63.14 17.45 6.69
C GLY V 313 -61.99 16.51 6.92
N VAL V 314 -62.17 15.20 6.73
CA VAL V 314 -61.07 14.26 6.91
C VAL V 314 -60.01 14.51 5.85
N ASP V 315 -58.75 14.25 6.22
CA ASP V 315 -57.61 14.45 5.31
C ASP V 315 -57.26 13.11 4.68
N LEU V 316 -57.64 12.93 3.42
CA LEU V 316 -57.38 11.70 2.69
C LEU V 316 -56.23 11.82 1.71
N SER V 317 -55.34 12.81 1.91
CA SER V 317 -54.17 12.94 1.04
C SER V 317 -53.25 11.74 1.18
N TYR V 318 -53.19 11.14 2.38
CA TYR V 318 -52.25 10.05 2.60
C TYR V 318 -52.91 8.69 2.43
N MET V 319 -54.20 8.56 2.78
CA MET V 319 -54.83 7.25 2.76
C MET V 319 -54.92 6.70 1.34
N THR V 320 -54.58 5.42 1.21
CA THR V 320 -54.59 4.71 -0.05
C THR V 320 -56.03 4.47 -0.50
N LEU V 321 -56.19 4.17 -1.79
CA LEU V 321 -57.51 3.88 -2.35
C LEU V 321 -58.23 2.81 -1.54
N GLN V 322 -57.53 1.72 -1.22
CA GLN V 322 -58.15 0.64 -0.46
C GLN V 322 -58.57 1.13 0.92
N GLU V 323 -57.71 1.92 1.58
CA GLU V 323 -58.05 2.47 2.88
C GLU V 323 -59.22 3.43 2.79
N ILE V 324 -59.28 4.23 1.72
CA ILE V 324 -60.39 5.15 1.55
C ILE V 324 -61.70 4.38 1.41
N LYS V 325 -61.68 3.28 0.63
CA LYS V 325 -62.87 2.45 0.54
C LYS V 325 -63.22 1.83 1.89
N GLU V 326 -62.20 1.48 2.68
CA GLU V 326 -62.45 0.82 3.95
C GLU V 326 -62.99 1.79 5.00
N ALA V 327 -62.91 3.10 4.73
CA ALA V 327 -63.24 4.09 5.74
C ALA V 327 -64.71 4.01 6.13
N ASN V 328 -64.99 4.35 7.39
CA ASN V 328 -66.37 4.33 7.88
C ASN V 328 -67.16 5.49 7.27
N THR V 329 -68.43 5.23 6.98
CA THR V 329 -69.31 6.23 6.38
C THR V 329 -70.48 6.63 7.28
N GLY V 330 -70.81 5.81 8.28
CA GLY V 330 -71.89 6.18 9.18
C GLY V 330 -73.27 6.09 8.57
N SER V 331 -73.75 4.88 8.28
CA SER V 331 -75.11 4.62 7.83
C SER V 331 -75.39 5.13 6.42
N LYS V 332 -74.34 5.40 5.65
CA LYS V 332 -74.52 5.74 4.25
C LYS V 332 -73.72 4.78 3.36
N VAL V 333 -74.34 4.36 2.26
CA VAL V 333 -73.76 3.42 1.33
C VAL V 333 -73.78 4.03 -0.06
N PHE V 334 -72.67 3.90 -0.79
CA PHE V 334 -72.56 4.40 -2.15
C PHE V 334 -72.13 3.27 -3.07
N LEU V 335 -72.92 3.02 -4.11
CA LEU V 335 -72.66 1.92 -5.03
C LEU V 335 -72.93 2.36 -6.45
N LYS V 336 -72.20 1.78 -7.39
CA LYS V 336 -72.42 2.01 -8.81
C LYS V 336 -72.42 0.68 -9.54
N ALA V 337 -73.15 0.60 -10.65
CA ALA V 337 -73.30 -0.63 -11.40
C ALA V 337 -73.39 -0.35 -12.89
N LYS V 338 -73.03 -1.34 -13.70
CA LYS V 338 -73.09 -1.23 -15.16
C LYS V 338 -73.85 -2.44 -15.71
N ILE V 339 -74.89 -2.17 -16.50
CA ILE V 339 -75.66 -3.22 -17.15
C ILE V 339 -75.93 -2.81 -18.60
N LYS V 340 -76.17 -3.81 -19.44
CA LYS V 340 -76.53 -3.62 -20.83
C LYS V 340 -77.81 -4.37 -21.12
N VAL V 341 -78.85 -3.64 -21.51
CA VAL V 341 -80.20 -4.21 -21.64
C VAL V 341 -80.40 -4.61 -23.10
N LEU V 342 -80.89 -5.83 -23.31
CA LEU V 342 -81.12 -6.33 -24.65
C LEU V 342 -82.41 -5.74 -25.23
N ASP V 343 -82.59 -5.93 -26.52
CA ASP V 343 -83.81 -5.51 -27.22
C ASP V 343 -84.15 -6.53 -28.30
N ALA V 344 -85.43 -6.60 -28.65
CA ALA V 344 -85.89 -7.56 -29.65
C ALA V 344 -85.54 -7.06 -31.05
N MET V 345 -85.35 -8.00 -31.97
CA MET V 345 -84.98 -7.65 -33.33
C MET V 345 -86.06 -6.78 -33.97
N GLU V 346 -85.65 -5.65 -34.53
CA GLU V 346 -86.57 -4.68 -35.09
C GLU V 346 -86.28 -4.35 -36.54
N ASP V 347 -85.02 -4.35 -36.96
CA ASP V 347 -84.62 -3.99 -38.30
C ASP V 347 -83.57 -4.98 -38.78
N ILE V 348 -83.73 -5.49 -39.99
CA ILE V 348 -82.90 -6.57 -40.50
C ILE V 348 -82.20 -6.09 -41.78
N ASP V 349 -80.89 -6.31 -41.84
CA ASP V 349 -80.09 -5.99 -43.01
C ASP V 349 -79.70 -7.28 -43.71
N LEU V 350 -79.94 -7.34 -45.02
CA LEU V 350 -79.61 -8.52 -45.81
C LEU V 350 -79.14 -8.10 -47.19
N SER V 351 -77.92 -8.47 -47.53
CA SER V 351 -77.35 -8.24 -48.85
C SER V 351 -76.96 -9.58 -49.44
N ILE V 352 -77.48 -9.88 -50.62
CA ILE V 352 -77.27 -11.17 -51.27
C ILE V 352 -76.50 -10.94 -52.56
N GLU V 353 -75.42 -11.70 -52.74
CA GLU V 353 -74.62 -11.65 -53.96
C GLU V 353 -75.07 -12.79 -54.86
N ILE V 354 -75.17 -12.51 -56.15
CA ILE V 354 -75.60 -13.52 -57.10
C ILE V 354 -74.40 -14.30 -57.61
N ALA W 2 -83.18 8.24 -37.12
CA ALA W 2 -84.03 8.42 -35.97
C ALA W 2 -85.00 7.26 -35.81
N ILE W 3 -86.17 7.54 -35.25
CA ILE W 3 -87.18 6.50 -35.09
C ILE W 3 -88.11 6.49 -36.29
N GLY W 4 -88.18 5.36 -36.97
CA GLY W 4 -89.03 5.19 -38.13
C GLY W 4 -89.66 3.81 -38.16
N LEU W 5 -90.39 3.55 -39.23
CA LEU W 5 -91.03 2.26 -39.38
C LEU W 5 -89.98 1.16 -39.51
N PRO W 6 -90.30 -0.07 -39.13
CA PRO W 6 -89.32 -1.16 -39.29
C PRO W 6 -88.91 -1.33 -40.74
N SER W 7 -87.63 -1.62 -40.94
CA SER W 7 -87.07 -1.76 -42.28
C SER W 7 -86.61 -3.19 -42.49
N ILE W 8 -87.20 -3.86 -43.48
CA ILE W 8 -86.75 -5.16 -43.95
C ILE W 8 -86.45 -5.01 -45.44
N ASN W 9 -85.19 -5.21 -45.81
CA ASN W 9 -84.77 -5.00 -47.18
C ASN W 9 -83.89 -6.15 -47.64
N ILE W 10 -84.19 -6.65 -48.84
CA ILE W 10 -83.39 -7.67 -49.50
C ILE W 10 -82.75 -7.02 -50.73
N SER W 11 -81.43 -7.10 -50.83
CA SER W 11 -80.69 -6.46 -51.90
C SER W 11 -79.92 -7.51 -52.68
N PHE W 12 -80.02 -7.44 -54.00
CA PHE W 12 -79.31 -8.34 -54.91
C PHE W 12 -78.29 -7.52 -55.69
N LYS W 13 -77.07 -8.04 -55.81
CA LYS W 13 -76.01 -7.35 -56.53
C LYS W 13 -75.31 -8.32 -57.47
N GLU W 14 -75.07 -7.88 -58.69
CA GLU W 14 -74.38 -8.71 -59.66
C GLU W 14 -72.89 -8.81 -59.31
N LEU W 15 -72.35 -10.02 -59.45
CA LEU W 15 -70.91 -10.24 -59.24
C LEU W 15 -70.14 -9.68 -60.43
N ALA W 16 -69.75 -8.42 -60.30
CA ALA W 16 -69.09 -7.72 -61.40
C ALA W 16 -67.66 -8.17 -61.57
N THR W 17 -67.46 -9.38 -62.10
CA THR W 17 -66.12 -9.84 -62.45
C THR W 17 -65.53 -8.90 -63.49
N THR W 18 -64.52 -8.15 -63.10
CA THR W 18 -64.03 -7.05 -63.92
C THR W 18 -62.55 -7.22 -64.22
N VAL W 19 -62.21 -7.10 -65.50
CA VAL W 19 -60.84 -6.94 -65.95
C VAL W 19 -60.72 -5.52 -66.49
N LYS W 20 -59.71 -4.79 -66.02
CA LYS W 20 -59.61 -3.37 -66.32
C LYS W 20 -59.50 -3.14 -67.84
N GLU W 21 -60.17 -2.11 -68.32
CA GLU W 21 -60.11 -1.72 -69.72
C GLU W 21 -58.85 -0.91 -69.97
N ARG W 22 -58.14 -1.24 -71.04
CA ARG W 22 -56.95 -0.53 -71.44
C ARG W 22 -57.18 0.18 -72.78
N SER W 23 -56.22 1.01 -73.16
CA SER W 23 -56.36 1.80 -74.38
C SER W 23 -56.47 0.88 -75.59
N ALA W 24 -57.31 1.27 -76.54
CA ALA W 24 -57.56 0.44 -77.71
C ALA W 24 -56.33 0.41 -78.62
N ARG W 25 -56.15 -0.72 -79.30
CA ARG W 25 -55.07 -0.90 -80.26
C ARG W 25 -55.64 -1.47 -81.55
N GLY W 26 -55.00 -1.14 -82.67
CA GLY W 26 -55.43 -1.64 -83.95
C GLY W 26 -56.33 -0.74 -84.76
N ILE W 27 -56.54 0.49 -84.33
CA ILE W 27 -57.39 1.43 -85.03
C ILE W 27 -56.56 2.19 -86.06
N ILE W 28 -57.00 2.16 -87.31
CA ILE W 28 -56.29 2.80 -88.41
C ILE W 28 -57.12 3.98 -88.91
N ALA W 29 -56.47 5.12 -89.07
CA ALA W 29 -57.12 6.35 -89.52
C ALA W 29 -56.96 6.46 -91.03
N MET W 30 -58.08 6.51 -91.74
CA MET W 30 -58.10 6.57 -93.19
C MET W 30 -58.62 7.94 -93.61
N VAL W 31 -57.83 8.66 -94.39
CA VAL W 31 -58.21 9.97 -94.88
C VAL W 31 -58.15 9.96 -96.41
N LEU W 32 -59.22 10.47 -97.03
CA LEU W 32 -59.35 10.39 -98.48
C LEU W 32 -60.18 11.57 -98.95
N LYS W 33 -59.91 12.02 -100.17
CA LYS W 33 -60.57 13.19 -100.73
C LYS W 33 -61.58 12.78 -101.78
N ASP W 34 -62.80 13.29 -101.65
CA ASP W 34 -63.89 12.95 -102.56
C ASP W 34 -64.97 14.01 -102.46
N ALA W 35 -65.98 13.88 -103.33
CA ALA W 35 -67.15 14.75 -103.31
C ALA W 35 -68.40 14.04 -102.78
N LYS W 36 -68.28 12.78 -102.36
CA LYS W 36 -69.41 12.01 -101.88
C LYS W 36 -69.18 11.57 -100.44
N ALA W 37 -70.24 11.65 -99.65
CA ALA W 37 -70.24 11.20 -98.25
C ALA W 37 -69.10 11.85 -97.47
N LEU W 38 -69.08 13.19 -97.47
CA LEU W 38 -68.06 13.92 -96.76
C LEU W 38 -68.20 13.69 -95.26
N GLY W 39 -67.10 13.86 -94.54
CA GLY W 39 -67.04 13.50 -93.15
C GLY W 39 -66.57 12.07 -92.96
N LEU W 40 -66.51 11.65 -91.70
CA LEU W 40 -66.12 10.28 -91.41
C LEU W 40 -67.22 9.31 -91.81
N ASN W 41 -66.84 8.05 -92.01
CA ASN W 41 -67.80 7.03 -92.41
C ASN W 41 -67.84 5.83 -91.48
N GLU W 42 -66.81 5.64 -90.65
CA GLU W 42 -66.84 4.66 -89.56
C GLU W 42 -67.10 3.26 -90.13
N ILE W 43 -66.12 2.75 -90.84
CA ILE W 43 -66.19 1.38 -91.40
C ILE W 43 -65.63 0.46 -90.33
N HIS W 44 -66.49 0.10 -89.37
CA HIS W 44 -66.09 -0.86 -88.35
C HIS W 44 -66.12 -2.28 -88.90
N GLU W 45 -67.04 -2.54 -89.82
CA GLU W 45 -67.24 -3.87 -90.37
C GLU W 45 -66.64 -3.96 -91.76
N LYS W 46 -65.97 -5.08 -92.04
CA LYS W 46 -65.38 -5.31 -93.35
C LYS W 46 -66.43 -5.24 -94.46
N GLU W 47 -67.65 -5.72 -94.20
CA GLU W 47 -68.63 -5.86 -95.27
C GLU W 47 -69.19 -4.51 -95.71
N ASP W 48 -69.57 -3.66 -94.77
CA ASP W 48 -70.34 -2.46 -95.10
C ASP W 48 -69.41 -1.39 -95.67
N ILE W 49 -69.80 -0.84 -96.82
CA ILE W 49 -69.04 0.21 -97.51
C ILE W 49 -70.03 1.25 -98.02
N PRO W 50 -69.77 2.54 -97.85
CA PRO W 50 -70.62 3.55 -98.47
C PRO W 50 -70.63 3.41 -99.98
N VAL W 51 -71.80 3.66 -100.57
CA VAL W 51 -71.99 3.32 -101.98
C VAL W 51 -71.59 4.46 -102.91
N ASP W 52 -71.73 5.71 -102.48
CA ASP W 52 -71.50 6.83 -103.38
C ASP W 52 -70.02 7.07 -103.68
N LEU W 53 -69.12 6.39 -102.98
CA LEU W 53 -67.70 6.63 -103.15
C LEU W 53 -67.23 6.14 -104.52
N SER W 54 -66.07 6.65 -104.93
CA SER W 54 -65.47 6.22 -106.20
C SER W 54 -65.00 4.77 -106.09
N ALA W 55 -65.12 4.04 -107.21
CA ALA W 55 -64.81 2.61 -107.21
C ALA W 55 -63.36 2.35 -106.84
N GLU W 56 -62.43 3.13 -107.40
CA GLU W 56 -61.03 2.97 -107.04
C GLU W 56 -60.82 3.23 -105.55
N ASN W 57 -61.56 4.19 -105.00
CA ASN W 57 -61.49 4.41 -103.56
C ASN W 57 -62.00 3.20 -102.78
N LYS W 58 -63.08 2.56 -103.26
CA LYS W 58 -63.53 1.33 -102.63
C LYS W 58 -62.43 0.26 -102.68
N GLU W 59 -61.71 0.16 -103.81
CA GLU W 59 -60.68 -0.87 -103.90
C GLU W 59 -59.51 -0.55 -102.98
N TYR W 60 -59.20 0.73 -102.79
CA TYR W 60 -58.20 1.09 -101.78
C TYR W 60 -58.66 0.66 -100.39
N ILE W 61 -59.94 0.89 -100.07
CA ILE W 61 -60.46 0.39 -98.81
C ILE W 61 -60.28 -1.13 -98.72
N ASN W 62 -60.61 -1.84 -99.80
CA ASN W 62 -60.49 -3.30 -99.80
C ASN W 62 -59.06 -3.73 -99.52
N LEU W 63 -58.08 -3.05 -100.12
CA LEU W 63 -56.69 -3.28 -99.72
C LEU W 63 -56.51 -3.03 -98.24
N ALA W 64 -57.20 -2.04 -97.69
CA ALA W 64 -57.02 -1.72 -96.28
C ALA W 64 -57.57 -2.77 -95.33
N LEU W 65 -58.77 -3.27 -95.59
CA LEU W 65 -59.42 -4.20 -94.68
C LEU W 65 -58.72 -5.52 -94.41
N MET W 66 -58.09 -6.07 -95.44
CA MET W 66 -57.49 -7.40 -95.32
C MET W 66 -56.24 -7.36 -94.44
N GLY W 67 -56.36 -7.90 -93.23
CA GLY W 67 -55.31 -7.77 -92.23
C GLY W 67 -54.20 -8.80 -92.40
N ASN W 68 -53.10 -8.57 -91.68
CA ASN W 68 -51.93 -9.44 -91.81
C ASN W 68 -52.18 -10.79 -91.13
N VAL W 69 -52.39 -10.79 -89.83
CA VAL W 69 -52.81 -11.99 -89.11
C VAL W 69 -54.32 -12.05 -88.95
N ASN W 70 -54.93 -10.94 -88.53
CA ASN W 70 -56.36 -10.88 -88.34
C ASN W 70 -56.85 -9.52 -88.83
N THR W 71 -58.18 -9.37 -88.84
CA THR W 71 -58.76 -8.13 -89.31
C THR W 71 -58.35 -6.98 -88.39
N PRO W 72 -58.11 -5.79 -88.93
CA PRO W 72 -57.86 -4.63 -88.07
C PRO W 72 -59.04 -4.38 -87.15
N ASN W 73 -58.73 -3.90 -85.95
CA ASN W 73 -59.74 -3.78 -84.91
C ASN W 73 -60.88 -2.87 -85.32
N LYS W 74 -60.55 -1.73 -85.93
CA LYS W 74 -61.57 -0.76 -86.32
C LYS W 74 -60.95 0.20 -87.32
N LEU W 75 -61.71 0.53 -88.37
CA LEU W 75 -61.25 1.44 -89.41
C LEU W 75 -62.07 2.71 -89.38
N LEU W 76 -61.38 3.85 -89.31
CA LEU W 76 -62.00 5.17 -89.38
C LEU W 76 -61.58 5.83 -90.68
N VAL W 77 -62.54 6.04 -91.58
CA VAL W 77 -62.27 6.62 -92.89
C VAL W 77 -62.89 8.01 -92.94
N TYR W 78 -62.07 9.00 -93.29
CA TYR W 78 -62.52 10.37 -93.42
C TYR W 78 -62.52 10.80 -94.88
N VAL W 79 -63.64 11.36 -95.34
CA VAL W 79 -63.77 11.92 -96.67
C VAL W 79 -63.67 13.43 -96.55
N ILE W 80 -62.74 14.03 -97.30
CA ILE W 80 -62.48 15.46 -97.22
C ILE W 80 -62.72 16.06 -98.61
N GLU W 81 -63.27 17.27 -98.62
CA GLU W 81 -63.48 17.98 -99.87
C GLU W 81 -62.14 18.31 -100.52
N GLY W 82 -62.15 18.31 -101.86
CA GLY W 82 -60.92 18.60 -102.59
C GLY W 82 -60.44 20.02 -102.31
N GLU W 83 -59.13 20.20 -102.38
CA GLU W 83 -58.43 21.47 -102.18
C GLU W 83 -58.69 22.09 -100.81
N ALA W 84 -59.29 21.35 -99.88
CA ALA W 84 -59.55 21.88 -98.54
C ALA W 84 -58.32 21.88 -97.66
N ASP W 85 -57.15 21.55 -98.20
CA ASP W 85 -55.90 21.45 -97.45
C ASP W 85 -56.01 20.36 -96.40
N ILE W 86 -55.01 20.25 -95.53
CA ILE W 86 -54.93 19.10 -94.63
C ILE W 86 -55.45 19.44 -93.24
N GLN W 87 -55.19 20.65 -92.75
CA GLN W 87 -55.51 20.97 -91.36
C GLN W 87 -56.99 20.83 -91.06
N THR W 88 -57.85 21.05 -92.07
CA THR W 88 -59.28 20.85 -91.87
C THR W 88 -59.58 19.42 -91.46
N ALA W 89 -58.93 18.45 -92.11
CA ALA W 89 -59.05 17.06 -91.67
C ALA W 89 -58.31 16.83 -90.37
N LEU W 90 -57.17 17.50 -90.19
CA LEU W 90 -56.29 17.22 -89.06
C LEU W 90 -56.96 17.55 -87.73
N ASP W 91 -57.72 18.66 -87.68
CA ASP W 91 -58.44 18.98 -86.46
C ASP W 91 -59.45 17.90 -86.10
N PHE W 92 -60.27 17.51 -87.08
CA PHE W 92 -61.30 16.52 -86.84
C PHE W 92 -60.65 15.21 -86.39
N LEU W 93 -59.46 14.92 -86.93
CA LEU W 93 -58.74 13.72 -86.51
C LEU W 93 -58.20 13.83 -85.09
N GLU W 94 -57.57 14.95 -84.73
CA GLU W 94 -57.01 15.05 -83.39
C GLU W 94 -58.11 15.09 -82.35
N THR W 95 -59.36 15.28 -82.79
CA THR W 95 -60.49 15.17 -81.89
C THR W 95 -60.49 13.83 -81.14
N LYS W 96 -60.18 12.74 -81.83
CA LYS W 96 -60.32 11.40 -81.26
C LYS W 96 -58.97 10.69 -81.20
N GLU W 97 -59.03 9.42 -80.80
CA GLU W 97 -57.85 8.57 -80.76
C GLU W 97 -57.75 7.72 -82.03
N PHE W 98 -56.52 7.31 -82.34
CA PHE W 98 -56.23 6.41 -83.45
C PHE W 98 -54.77 5.99 -83.34
N ASN W 99 -54.34 5.11 -84.24
CA ASN W 99 -52.98 4.60 -84.22
C ASN W 99 -52.19 4.93 -85.48
N TYR W 100 -52.72 4.62 -86.66
CA TYR W 100 -52.00 4.76 -87.91
C TYR W 100 -52.82 5.58 -88.90
N LEU W 101 -52.14 6.47 -89.62
CA LEU W 101 -52.77 7.36 -90.59
C LEU W 101 -52.06 7.22 -91.93
N CYS W 102 -52.83 7.31 -93.02
CA CYS W 102 -52.25 7.15 -94.35
C CYS W 102 -53.07 7.93 -95.36
N MET W 103 -52.39 8.35 -96.43
CA MET W 103 -53.00 9.10 -97.52
C MET W 103 -52.59 8.45 -98.84
N PRO W 104 -53.54 7.91 -99.61
CA PRO W 104 -53.20 7.33 -100.91
C PRO W 104 -52.69 8.37 -101.89
N LYS W 105 -53.46 9.43 -102.10
CA LYS W 105 -53.12 10.48 -103.05
C LYS W 105 -52.72 11.74 -102.30
N ALA W 106 -51.46 12.16 -102.48
CA ALA W 106 -50.97 13.34 -101.81
C ALA W 106 -49.72 13.85 -102.52
N VAL W 107 -49.54 15.16 -102.49
CA VAL W 107 -48.34 15.79 -103.04
C VAL W 107 -47.28 15.85 -101.96
N GLU W 108 -46.04 16.12 -102.37
CA GLU W 108 -44.93 16.16 -101.42
C GLU W 108 -45.16 17.25 -100.37
N ALA W 109 -45.83 18.34 -100.75
CA ALA W 109 -46.18 19.36 -99.76
C ALA W 109 -47.12 18.80 -98.71
N ASP W 110 -48.08 17.97 -99.13
CA ASP W 110 -48.97 17.32 -98.18
C ASP W 110 -48.18 16.45 -97.21
N LYS W 111 -47.26 15.62 -97.73
CA LYS W 111 -46.48 14.76 -96.86
C LYS W 111 -45.63 15.58 -95.89
N THR W 112 -45.06 16.68 -96.36
CA THR W 112 -44.32 17.55 -95.46
C THR W 112 -45.20 18.09 -94.35
N ALA W 113 -46.41 18.53 -94.70
CA ALA W 113 -47.31 19.07 -93.69
C ALA W 113 -47.68 18.02 -92.66
N ILE W 114 -47.97 16.79 -93.11
CA ILE W 114 -48.31 15.73 -92.16
C ILE W 114 -47.10 15.39 -91.29
N LYS W 115 -45.90 15.41 -91.87
CA LYS W 115 -44.71 15.11 -91.08
C LYS W 115 -44.51 16.15 -89.97
N ASN W 116 -44.69 17.43 -90.29
CA ASN W 116 -44.57 18.45 -89.25
C ASN W 116 -45.66 18.29 -88.20
N TRP W 117 -46.89 18.01 -88.65
CA TRP W 117 -47.99 17.84 -87.71
C TRP W 117 -47.70 16.71 -86.74
N ILE W 118 -47.20 15.58 -87.24
CA ILE W 118 -46.95 14.45 -86.37
C ILE W 118 -45.77 14.71 -85.43
N ILE W 119 -44.69 15.32 -85.94
CA ILE W 119 -43.53 15.52 -85.07
C ILE W 119 -43.88 16.50 -83.95
N LYS W 120 -44.71 17.50 -84.25
CA LYS W 120 -45.11 18.43 -83.19
C LYS W 120 -46.14 17.79 -82.25
N LEU W 121 -47.00 16.92 -82.78
CA LEU W 121 -48.06 16.36 -81.95
C LEU W 121 -47.54 15.28 -81.01
N ARG W 122 -46.50 14.55 -81.41
CA ARG W 122 -45.97 13.50 -80.57
C ARG W 122 -45.21 14.06 -79.36
N ASP W 123 -44.79 15.32 -79.43
CA ASP W 123 -43.96 15.87 -78.38
C ASP W 123 -44.67 16.97 -77.59
N ILE W 124 -45.26 17.95 -78.29
CA ILE W 124 -45.89 19.07 -77.60
C ILE W 124 -47.15 18.60 -76.88
N ASP W 125 -47.99 17.83 -77.57
CA ASP W 125 -49.27 17.41 -77.00
C ASP W 125 -49.21 16.06 -76.31
N LYS W 126 -48.06 15.38 -76.34
CA LYS W 126 -47.89 14.09 -75.69
C LYS W 126 -48.95 13.08 -76.12
N VAL W 127 -49.28 13.09 -77.41
CA VAL W 127 -50.21 12.14 -78.00
C VAL W 127 -49.44 11.32 -79.02
N LYS W 128 -49.57 10.00 -78.92
CA LYS W 128 -48.70 9.06 -79.63
C LYS W 128 -49.42 8.47 -80.82
N VAL W 129 -49.07 8.95 -82.02
CA VAL W 129 -49.60 8.42 -83.27
C VAL W 129 -48.44 8.25 -84.25
N LYS W 130 -48.69 7.47 -85.29
CA LYS W 130 -47.73 7.24 -86.36
C LYS W 130 -48.43 7.25 -87.71
N ALA W 131 -47.63 7.31 -88.77
CA ALA W 131 -48.17 7.30 -90.13
C ALA W 131 -47.16 6.72 -91.09
N VAL W 132 -47.63 6.33 -92.26
CA VAL W 132 -46.81 5.75 -93.32
C VAL W 132 -46.85 6.67 -94.52
N LEU W 133 -45.67 7.06 -95.01
CA LEU W 133 -45.54 7.99 -96.12
C LEU W 133 -44.72 7.38 -97.24
N GLY W 134 -45.06 7.75 -98.48
CA GLY W 134 -44.43 7.13 -99.63
C GLY W 134 -42.95 7.47 -99.76
N LYS W 135 -42.64 8.76 -99.84
CA LYS W 135 -41.25 9.17 -100.03
C LYS W 135 -40.97 10.34 -99.08
N VAL W 136 -40.54 10.02 -97.86
CA VAL W 136 -40.24 10.99 -96.83
C VAL W 136 -39.02 10.51 -96.04
N VAL W 137 -38.12 11.44 -95.76
CA VAL W 137 -36.84 11.12 -95.12
C VAL W 137 -36.87 11.63 -93.68
N GLY W 138 -38.06 11.68 -93.09
CA GLY W 138 -38.18 12.15 -91.73
C GLY W 138 -37.33 11.33 -90.77
N ASN W 139 -36.61 12.02 -89.90
CA ASN W 139 -35.69 11.40 -88.94
C ASN W 139 -36.34 11.18 -87.59
N HIS W 140 -37.64 10.94 -87.56
CA HIS W 140 -38.38 10.68 -86.34
C HIS W 140 -38.99 9.29 -86.39
N GLU W 141 -39.11 8.66 -85.21
CA GLU W 141 -39.65 7.30 -85.16
C GLU W 141 -41.12 7.26 -85.51
N GLY W 142 -41.78 8.41 -85.55
CA GLY W 142 -43.20 8.46 -85.83
C GLY W 142 -43.58 8.32 -87.28
N ILE W 143 -42.62 8.23 -88.19
CA ILE W 143 -42.88 8.13 -89.62
C ILE W 143 -42.24 6.85 -90.14
N ILE W 144 -42.99 6.09 -90.92
CA ILE W 144 -42.50 4.89 -91.60
C ILE W 144 -42.42 5.21 -93.08
N ASN W 145 -41.23 5.02 -93.66
CA ASN W 145 -40.99 5.36 -95.06
C ASN W 145 -40.89 4.08 -95.86
N PHE W 146 -42.01 3.66 -96.46
CA PHE W 146 -42.04 2.49 -97.32
C PHE W 146 -41.94 2.95 -98.77
N THR W 147 -41.04 2.33 -99.53
CA THR W 147 -40.80 2.75 -100.90
C THR W 147 -40.54 1.52 -101.76
N THR W 148 -41.49 1.21 -102.63
CA THR W 148 -41.34 0.14 -103.61
C THR W 148 -42.22 0.45 -104.80
N GLU W 149 -41.59 0.78 -105.93
CA GLU W 149 -42.31 1.29 -107.09
C GLU W 149 -42.77 0.15 -107.99
N ASP W 150 -43.83 0.44 -108.76
CA ASP W 150 -44.34 -0.48 -109.78
C ASP W 150 -44.75 -1.82 -109.18
N VAL W 151 -45.77 -1.79 -108.33
CA VAL W 151 -46.27 -3.00 -107.68
C VAL W 151 -47.50 -3.50 -108.44
N LEU W 152 -47.53 -4.79 -108.74
CA LEU W 152 -48.65 -5.41 -109.44
C LEU W 152 -49.35 -6.38 -108.48
N VAL W 153 -50.65 -6.18 -108.30
CA VAL W 153 -51.51 -7.09 -107.55
C VAL W 153 -52.86 -7.16 -108.24
N GLY W 154 -53.27 -8.38 -108.60
CA GLY W 154 -54.55 -8.59 -109.26
C GLY W 154 -54.67 -7.88 -110.59
N GLU W 155 -53.60 -7.95 -111.40
CA GLU W 155 -53.55 -7.30 -112.70
C GLU W 155 -53.84 -5.80 -112.56
N LYS W 156 -52.94 -5.09 -111.88
CA LYS W 156 -53.06 -3.65 -111.72
C LYS W 156 -51.76 -3.09 -111.14
N LYS W 157 -51.27 -2.03 -111.76
CA LYS W 157 -50.12 -1.30 -111.25
C LYS W 157 -50.55 -0.35 -110.14
N TYR W 158 -49.70 -0.24 -109.12
CA TYR W 158 -49.95 0.63 -107.98
C TYR W 158 -48.73 1.47 -107.67
N SER W 159 -48.95 2.75 -107.44
CA SER W 159 -47.89 3.62 -106.95
C SER W 159 -47.61 3.29 -105.48
N VAL W 160 -46.42 3.66 -105.03
CA VAL W 160 -46.04 3.43 -103.64
C VAL W 160 -47.01 4.14 -102.70
N ASP W 161 -47.39 5.38 -103.05
CA ASP W 161 -48.37 6.10 -102.25
C ASP W 161 -49.70 5.36 -102.22
N GLU W 162 -50.05 4.70 -103.32
CA GLU W 162 -51.27 3.90 -103.33
C GLU W 162 -51.12 2.65 -102.47
N PHE W 163 -49.94 2.04 -102.47
CA PHE W 163 -49.70 0.82 -101.72
C PHE W 163 -49.57 1.08 -100.22
N THR W 164 -49.38 2.34 -99.82
CA THR W 164 -49.25 2.66 -98.40
C THR W 164 -50.46 2.21 -97.60
N SER W 165 -51.65 2.18 -98.21
CA SER W 165 -52.84 1.74 -97.49
C SER W 165 -52.74 0.28 -97.09
N ARG W 166 -52.39 -0.59 -98.05
CA ARG W 166 -52.20 -2.00 -97.74
C ARG W 166 -51.05 -2.19 -96.75
N VAL W 167 -50.00 -1.39 -96.89
CA VAL W 167 -48.88 -1.49 -95.95
C VAL W 167 -49.33 -1.20 -94.52
N ALA W 168 -50.09 -0.11 -94.35
CA ALA W 168 -50.58 0.26 -93.03
C ALA W 168 -51.53 -0.78 -92.48
N GLY W 169 -52.41 -1.32 -93.33
CA GLY W 169 -53.30 -2.38 -92.87
C GLY W 169 -52.55 -3.61 -92.40
N LEU W 170 -51.50 -3.98 -93.14
CA LEU W 170 -50.68 -5.11 -92.73
C LEU W 170 -49.99 -4.83 -91.40
N ILE W 171 -49.50 -3.61 -91.21
CA ILE W 171 -48.84 -3.28 -89.94
C ILE W 171 -49.83 -3.36 -88.80
N ALA W 172 -51.03 -2.83 -88.99
CA ALA W 172 -52.00 -2.78 -87.90
C ALA W 172 -52.60 -4.15 -87.61
N GLY W 173 -52.63 -5.04 -88.61
CA GLY W 173 -53.26 -6.33 -88.42
C GLY W 173 -52.53 -7.21 -87.42
N THR W 174 -51.20 -7.15 -87.41
CA THR W 174 -50.42 -8.06 -86.60
C THR W 174 -50.61 -7.78 -85.11
N PRO W 175 -50.53 -8.81 -84.26
CA PRO W 175 -50.58 -8.58 -82.81
C PRO W 175 -49.32 -7.89 -82.29
N LEU W 176 -49.24 -7.70 -80.97
CA LEU W 176 -48.05 -7.10 -80.39
C LEU W 176 -47.02 -8.14 -79.97
N SER W 177 -47.35 -9.42 -80.10
CA SER W 177 -46.39 -10.46 -79.73
C SER W 177 -45.36 -10.67 -80.83
N GLN W 178 -45.81 -11.11 -82.00
CA GLN W 178 -44.90 -11.33 -83.12
C GLN W 178 -44.66 -10.03 -83.87
N SER W 179 -43.66 -10.05 -84.75
CA SER W 179 -43.23 -8.87 -85.47
C SER W 179 -43.74 -8.90 -86.91
N VAL W 180 -43.28 -7.91 -87.70
CA VAL W 180 -43.67 -7.81 -89.09
C VAL W 180 -42.60 -8.32 -90.05
N THR W 181 -41.43 -8.68 -89.52
CA THR W 181 -40.32 -9.12 -90.36
C THR W 181 -40.65 -10.44 -91.04
N TYR W 182 -40.34 -10.54 -92.34
CA TYR W 182 -40.43 -11.78 -93.09
C TYR W 182 -41.84 -12.34 -93.07
N THR W 183 -42.77 -11.57 -93.64
CA THR W 183 -44.17 -11.97 -93.70
C THR W 183 -44.63 -11.97 -95.15
N LYS W 184 -45.22 -13.09 -95.57
CA LYS W 184 -45.62 -13.28 -96.95
C LYS W 184 -46.79 -12.38 -97.31
N LEU W 185 -46.85 -12.01 -98.59
CA LEU W 185 -47.98 -11.29 -99.18
C LEU W 185 -48.39 -12.07 -100.43
N SER W 186 -49.38 -12.94 -100.30
CA SER W 186 -49.87 -13.68 -101.45
C SER W 186 -50.53 -12.78 -102.48
N ASP W 187 -50.89 -11.55 -102.11
CA ASP W 187 -51.58 -10.66 -103.04
C ASP W 187 -50.65 -10.22 -104.16
N VAL W 188 -49.46 -9.73 -103.83
CA VAL W 188 -48.55 -9.20 -104.84
C VAL W 188 -48.00 -10.34 -105.69
N VAL W 189 -47.71 -10.05 -106.95
CA VAL W 189 -47.35 -11.09 -107.90
C VAL W 189 -45.97 -10.83 -108.51
N ASP W 190 -45.54 -9.56 -108.57
CA ASP W 190 -44.22 -9.28 -109.11
C ASP W 190 -43.74 -7.91 -108.65
N ILE W 191 -42.42 -7.79 -108.50
CA ILE W 191 -41.75 -6.54 -108.15
C ILE W 191 -40.52 -6.38 -109.01
N PRO W 192 -40.20 -5.14 -109.39
CA PRO W 192 -39.02 -4.91 -110.23
C PRO W 192 -37.76 -5.54 -109.65
N LYS W 193 -36.98 -6.14 -110.54
CA LYS W 193 -35.79 -6.88 -110.17
C LYS W 193 -34.75 -5.95 -109.55
N MET W 194 -34.20 -6.35 -108.41
CA MET W 194 -33.29 -5.51 -107.64
C MET W 194 -32.36 -6.39 -106.83
N THR W 195 -31.11 -5.94 -106.68
CA THR W 195 -30.07 -6.79 -106.12
C THR W 195 -30.04 -6.70 -104.60
N LYS W 196 -29.39 -7.69 -103.98
CA LYS W 196 -29.44 -7.82 -102.53
C LYS W 196 -28.59 -6.76 -101.83
N VAL W 197 -27.42 -6.43 -102.40
CA VAL W 197 -26.54 -5.45 -101.76
C VAL W 197 -27.19 -4.07 -101.76
N ASP W 198 -27.92 -3.75 -102.84
CA ASP W 198 -28.67 -2.50 -102.86
C ASP W 198 -29.75 -2.49 -101.81
N ALA W 199 -30.40 -3.65 -101.60
CA ALA W 199 -31.41 -3.74 -100.55
C ALA W 199 -30.80 -3.53 -99.17
N GLU W 200 -29.62 -4.10 -98.93
CA GLU W 200 -28.95 -3.92 -97.66
C GLU W 200 -28.59 -2.45 -97.44
N SER W 201 -28.05 -1.80 -98.47
CA SER W 201 -27.74 -0.38 -98.36
C SER W 201 -28.99 0.44 -98.09
N ARG W 202 -30.09 0.10 -98.77
CA ARG W 202 -31.34 0.82 -98.57
C ARG W 202 -31.88 0.62 -97.16
N VAL W 203 -31.74 -0.59 -96.63
CA VAL W 203 -32.17 -0.86 -95.25
C VAL W 203 -31.37 -0.02 -94.28
N ASN W 204 -30.05 0.09 -94.50
CA ASN W 204 -29.26 0.94 -93.62
C ASN W 204 -29.68 2.40 -93.67
N LYS W 205 -30.40 2.80 -94.72
CA LYS W 205 -30.91 4.16 -94.81
C LYS W 205 -32.20 4.36 -94.03
N GLY W 206 -32.66 3.37 -93.28
CA GLY W 206 -33.93 3.46 -92.60
C GLY W 206 -35.14 3.26 -93.48
N GLU W 207 -34.93 2.92 -94.75
CA GLU W 207 -36.02 2.77 -95.70
C GLU W 207 -36.61 1.36 -95.59
N LEU W 208 -37.93 1.25 -95.78
CA LEU W 208 -38.60 -0.03 -95.75
C LEU W 208 -38.97 -0.44 -97.17
N ILE W 209 -38.62 -1.67 -97.55
CA ILE W 209 -38.74 -2.12 -98.93
C ILE W 209 -39.13 -3.59 -98.97
N LEU W 210 -39.96 -3.94 -99.94
CA LEU W 210 -40.33 -5.33 -100.22
C LEU W 210 -39.22 -6.01 -101.00
N ILE W 211 -38.93 -7.26 -100.66
CA ILE W 211 -37.86 -8.01 -101.29
C ILE W 211 -38.37 -9.38 -101.70
N LYS W 212 -37.65 -10.00 -102.63
CA LYS W 212 -37.91 -11.35 -103.12
C LYS W 212 -36.95 -12.31 -102.42
N GLU W 213 -37.50 -13.23 -101.63
CA GLU W 213 -36.72 -14.27 -101.01
C GLU W 213 -37.64 -15.42 -100.63
N ALA W 214 -37.05 -16.60 -100.49
CA ALA W 214 -37.79 -17.83 -100.17
C ALA W 214 -38.89 -17.99 -101.23
N GLY W 215 -40.03 -18.56 -100.85
CA GLY W 215 -41.07 -18.85 -101.82
C GLY W 215 -41.76 -17.64 -102.39
N ALA W 216 -42.10 -16.65 -101.55
CA ALA W 216 -42.93 -15.54 -101.96
C ALA W 216 -42.35 -14.22 -101.46
N ILE W 217 -43.01 -13.13 -101.82
CA ILE W 217 -42.59 -11.79 -101.41
C ILE W 217 -42.82 -11.63 -99.92
N ARG W 218 -41.86 -11.03 -99.23
CA ARG W 218 -41.97 -10.82 -97.79
C ARG W 218 -41.37 -9.47 -97.40
N ILE W 219 -41.85 -8.94 -96.27
CA ILE W 219 -41.32 -7.71 -95.73
C ILE W 219 -39.97 -7.97 -95.09
N ALA W 220 -39.03 -7.05 -95.31
CA ALA W 220 -37.65 -7.20 -94.86
C ALA W 220 -37.39 -6.28 -93.67
N ARG W 221 -37.60 -6.81 -92.46
CA ARG W 221 -37.17 -6.16 -91.21
C ARG W 221 -37.69 -4.71 -91.15
N GLY W 222 -39.00 -4.62 -90.95
CA GLY W 222 -39.63 -3.32 -90.80
C GLY W 222 -39.02 -2.47 -89.70
N VAL W 223 -38.62 -1.24 -90.04
CA VAL W 223 -37.99 -0.33 -89.10
C VAL W 223 -38.54 1.07 -89.32
N ASN W 224 -38.27 1.95 -88.35
CA ASN W 224 -38.70 3.33 -88.46
C ASN W 224 -37.83 4.08 -89.46
N SER W 225 -38.11 5.37 -89.61
CA SER W 225 -37.39 6.17 -90.60
C SER W 225 -36.25 6.96 -90.02
N LEU W 226 -36.05 6.93 -88.70
CA LEU W 226 -34.94 7.69 -88.12
C LEU W 226 -33.61 6.98 -88.42
N THR W 227 -32.58 7.78 -88.69
CA THR W 227 -31.27 7.27 -89.04
C THR W 227 -30.16 7.72 -88.11
N GLU W 228 -30.29 8.89 -87.50
CA GLU W 228 -29.27 9.39 -86.59
C GLU W 228 -29.54 8.84 -85.20
N LEU W 229 -28.49 8.55 -84.45
CA LEU W 229 -28.59 7.95 -83.13
C LEU W 229 -27.99 8.90 -82.11
N THR W 230 -28.80 9.35 -81.16
CA THR W 230 -28.32 10.19 -80.08
C THR W 230 -27.83 9.33 -78.92
N ALA W 231 -27.51 9.98 -77.80
CA ALA W 231 -27.15 9.24 -76.60
C ALA W 231 -28.38 8.64 -75.92
N GLU W 232 -29.50 9.37 -75.96
CA GLU W 232 -30.71 8.89 -75.30
C GLU W 232 -31.57 8.06 -76.25
N LYS W 233 -31.59 8.42 -77.53
CA LYS W 233 -32.31 7.64 -78.53
C LYS W 233 -31.42 6.51 -79.00
N GLY W 234 -31.53 5.36 -78.36
CA GLY W 234 -30.63 4.25 -78.61
C GLY W 234 -31.00 3.45 -79.84
N GLU W 235 -30.30 2.32 -79.99
CA GLU W 235 -30.50 1.46 -81.16
C GLU W 235 -31.90 0.88 -81.19
N MET W 236 -32.42 0.46 -80.03
CA MET W 236 -33.72 -0.21 -80.00
C MET W 236 -34.86 0.69 -80.47
N PHE W 237 -34.66 2.01 -80.46
CA PHE W 237 -35.71 2.91 -80.91
C PHE W 237 -35.93 2.84 -82.42
N GLN W 238 -35.21 1.95 -83.11
CA GLN W 238 -35.34 1.84 -84.56
C GLN W 238 -36.27 0.71 -84.97
N LYS W 239 -36.68 -0.15 -84.05
CA LYS W 239 -37.55 -1.28 -84.36
C LYS W 239 -39.01 -0.89 -84.12
N ILE W 240 -39.89 -1.31 -85.03
CA ILE W 240 -41.28 -0.92 -84.94
C ILE W 240 -41.95 -1.53 -83.71
N LYS W 241 -41.67 -2.81 -83.45
CA LYS W 241 -42.30 -3.47 -82.30
C LYS W 241 -41.93 -2.78 -81.00
N ILE W 242 -40.67 -2.37 -80.86
CA ILE W 242 -40.21 -1.74 -79.64
C ILE W 242 -40.96 -0.44 -79.39
N VAL W 243 -41.03 0.41 -80.43
CA VAL W 243 -41.69 1.70 -80.26
C VAL W 243 -43.17 1.51 -80.04
N ASP W 244 -43.77 0.49 -80.66
CA ASP W 244 -45.21 0.27 -80.48
C ASP W 244 -45.53 -0.13 -79.05
N THR W 245 -44.78 -1.10 -78.50
CA THR W 245 -45.05 -1.50 -77.13
C THR W 245 -44.76 -0.39 -76.13
N LEU W 246 -43.69 0.38 -76.35
CA LEU W 246 -43.45 1.53 -75.48
C LEU W 246 -44.59 2.54 -75.56
N ASP W 247 -45.12 2.75 -76.76
CA ASP W 247 -46.17 3.74 -76.94
C ASP W 247 -47.43 3.32 -76.21
N ILE W 248 -47.79 2.04 -76.31
CA ILE W 248 -48.97 1.56 -75.61
C ILE W 248 -48.77 1.61 -74.10
N ILE W 249 -47.55 1.36 -73.64
CA ILE W 249 -47.26 1.48 -72.21
C ILE W 249 -47.53 2.91 -71.76
N HIS W 250 -47.02 3.87 -72.52
CA HIS W 250 -47.24 5.28 -72.21
C HIS W 250 -48.73 5.59 -72.13
N SER W 251 -49.49 5.18 -73.14
CA SER W 251 -50.91 5.52 -73.18
C SER W 251 -51.65 4.95 -71.99
N ASP W 252 -51.44 3.66 -71.70
CA ASP W 252 -52.16 3.02 -70.61
C ASP W 252 -51.83 3.67 -69.27
N ILE W 253 -50.53 3.88 -69.00
CA ILE W 253 -50.15 4.44 -67.71
C ILE W 253 -50.70 5.85 -67.56
N ARG W 254 -50.64 6.65 -68.63
CA ARG W 254 -51.18 8.00 -68.55
C ARG W 254 -52.67 7.99 -68.29
N LYS W 255 -53.40 7.09 -68.96
CA LYS W 255 -54.85 7.05 -68.75
C LYS W 255 -55.18 6.66 -67.31
N VAL W 256 -54.50 5.65 -66.77
CA VAL W 256 -54.76 5.24 -65.39
C VAL W 256 -54.48 6.41 -64.44
N ILE W 257 -53.34 7.07 -64.65
CA ILE W 257 -52.94 8.18 -63.78
C ILE W 257 -53.98 9.29 -63.79
N ILE W 258 -54.39 9.72 -64.99
CA ILE W 258 -55.32 10.84 -65.06
C ILE W 258 -56.69 10.43 -64.55
N ASP W 259 -57.06 9.15 -64.71
CA ASP W 259 -58.41 8.73 -64.34
C ASP W 259 -58.55 8.57 -62.83
N ASP W 260 -57.50 8.13 -62.13
CA ASP W 260 -57.67 7.74 -60.73
C ASP W 260 -57.00 8.70 -59.74
N TYR W 261 -55.72 9.01 -59.93
CA TYR W 261 -54.91 9.62 -58.88
C TYR W 261 -54.77 11.14 -59.04
N ILE W 262 -55.51 11.76 -59.94
CA ILE W 262 -55.40 13.20 -60.16
C ILE W 262 -56.54 13.88 -59.42
N GLY W 263 -56.18 14.71 -58.44
CA GLY W 263 -57.16 15.48 -57.71
C GLY W 263 -58.11 14.65 -56.86
N LYS W 264 -57.68 13.45 -56.47
CA LYS W 264 -58.50 12.58 -55.65
C LYS W 264 -57.77 11.95 -54.48
N VAL W 265 -56.45 12.06 -54.42
CA VAL W 265 -55.66 11.44 -53.36
C VAL W 265 -54.67 12.46 -52.84
N THR W 266 -54.46 12.46 -51.53
CA THR W 266 -53.56 13.43 -50.90
C THR W 266 -52.12 13.01 -51.08
N ASN W 267 -51.27 14.00 -51.40
CA ASN W 267 -49.85 13.75 -51.62
C ASN W 267 -49.18 13.46 -50.29
N SER W 268 -48.94 12.17 -50.01
CA SER W 268 -48.26 11.75 -48.81
C SER W 268 -47.49 10.48 -49.13
N TYR W 269 -46.60 10.08 -48.20
CA TYR W 269 -45.76 8.91 -48.45
C TYR W 269 -46.59 7.69 -48.77
N ASP W 270 -47.63 7.42 -47.97
CA ASP W 270 -48.39 6.19 -48.14
C ASP W 270 -49.13 6.18 -49.48
N ASN W 271 -49.67 7.33 -49.90
CA ASN W 271 -50.30 7.39 -51.21
C ASN W 271 -49.29 7.17 -52.32
N LYS W 272 -48.08 7.70 -52.17
CA LYS W 272 -47.03 7.43 -53.14
C LYS W 272 -46.72 5.93 -53.21
N CYS W 273 -46.65 5.28 -52.06
CA CYS W 273 -46.40 3.84 -52.04
C CYS W 273 -47.51 3.08 -52.74
N LEU W 274 -48.76 3.48 -52.52
CA LEU W 274 -49.88 2.82 -53.18
C LEU W 274 -49.81 3.02 -54.69
N LEU W 275 -49.45 4.23 -55.14
CA LEU W 275 -49.30 4.46 -56.57
C LEU W 275 -48.19 3.60 -57.16
N ILE W 276 -47.06 3.48 -56.44
CA ILE W 276 -45.98 2.61 -56.88
C ILE W 276 -46.47 1.17 -57.01
N VAL W 277 -47.24 0.71 -56.03
CA VAL W 277 -47.75 -0.66 -56.07
C VAL W 277 -48.66 -0.86 -57.26
N ALA W 278 -49.53 0.11 -57.55
CA ALA W 278 -50.42 0.00 -58.70
C ALA W 278 -49.64 -0.07 -60.01
N ILE W 279 -48.61 0.78 -60.13
CA ILE W 279 -47.78 0.76 -61.34
C ILE W 279 -47.09 -0.58 -61.50
N LYS W 280 -46.54 -1.11 -60.40
CA LYS W 280 -45.89 -2.42 -60.45
C LYS W 280 -46.87 -3.50 -60.84
N SER W 281 -48.10 -3.42 -60.34
CA SER W 281 -49.12 -4.40 -60.70
C SER W 281 -49.43 -4.35 -62.20
N TYR W 282 -49.56 -3.15 -62.76
CA TYR W 282 -49.81 -3.06 -64.20
C TYR W 282 -48.64 -3.62 -64.99
N LEU W 283 -47.41 -3.31 -64.57
CA LEU W 283 -46.25 -3.84 -65.27
C LEU W 283 -46.19 -5.35 -65.19
N GLU W 284 -46.57 -5.92 -64.04
CA GLU W 284 -46.63 -7.37 -63.91
C GLU W 284 -47.65 -7.95 -64.88
N GLU W 285 -48.82 -7.31 -64.97
CA GLU W 285 -49.84 -7.78 -65.91
C GLU W 285 -49.33 -7.76 -67.33
N LEU W 286 -48.59 -6.71 -67.71
CA LEU W 286 -47.99 -6.67 -69.04
C LEU W 286 -46.94 -7.76 -69.22
N GLU W 287 -46.17 -8.03 -68.17
CA GLU W 287 -45.17 -9.10 -68.24
C GLU W 287 -45.82 -10.43 -68.52
N LYS W 288 -47.00 -10.68 -67.95
CA LYS W 288 -47.69 -11.94 -68.21
C LYS W 288 -48.00 -12.12 -69.69
N SER W 289 -48.19 -11.04 -70.43
CA SER W 289 -48.44 -11.13 -71.86
C SER W 289 -47.17 -11.34 -72.67
N ALA W 290 -46.01 -11.46 -72.01
CA ALA W 290 -44.72 -11.67 -72.65
C ALA W 290 -44.31 -10.51 -73.55
N LEU W 291 -44.44 -9.27 -73.07
CA LEU W 291 -43.95 -8.13 -73.83
C LEU W 291 -42.73 -7.49 -73.18
N ILE W 292 -42.54 -7.68 -71.89
CA ILE W 292 -41.36 -7.18 -71.20
C ILE W 292 -40.74 -8.32 -70.40
N GLU W 293 -39.54 -8.09 -69.87
CA GLU W 293 -38.86 -9.12 -69.09
C GLU W 293 -39.57 -9.30 -67.74
N SER W 294 -39.18 -10.35 -67.03
CA SER W 294 -39.87 -10.73 -65.81
C SER W 294 -39.71 -9.69 -64.71
N ASP W 295 -38.48 -9.26 -64.45
CA ASP W 295 -38.19 -8.43 -63.29
C ASP W 295 -38.15 -6.96 -63.70
N SER W 296 -39.02 -6.15 -63.07
CA SER W 296 -39.02 -4.72 -63.25
C SER W 296 -39.16 -4.05 -61.88
N THR W 297 -38.48 -2.92 -61.70
CA THR W 297 -38.45 -2.24 -60.42
C THR W 297 -38.93 -0.81 -60.58
N VAL W 298 -39.85 -0.40 -59.72
CA VAL W 298 -40.36 0.97 -59.68
C VAL W 298 -40.26 1.47 -58.25
N GLU W 299 -39.67 2.66 -58.08
CA GLU W 299 -39.60 3.27 -56.76
C GLU W 299 -39.41 4.77 -56.93
N ILE W 300 -39.42 5.48 -55.79
CA ILE W 300 -39.41 6.93 -55.81
C ILE W 300 -38.07 7.44 -56.33
N ASP W 301 -38.12 8.54 -57.07
CA ASP W 301 -36.91 9.13 -57.63
C ASP W 301 -36.27 10.05 -56.62
N PHE W 302 -35.12 9.62 -56.08
CA PHE W 302 -34.45 10.37 -55.01
C PHE W 302 -33.77 11.62 -55.53
N GLU W 303 -33.08 11.52 -56.68
CA GLU W 303 -32.26 12.63 -57.15
C GLU W 303 -33.11 13.85 -57.50
N ALA W 304 -34.19 13.64 -58.25
CA ALA W 304 -35.04 14.76 -58.64
C ALA W 304 -35.69 15.40 -57.43
N GLN W 305 -36.11 14.58 -56.47
CA GLN W 305 -36.71 15.12 -55.25
C GLN W 305 -35.72 15.96 -54.46
N LYS W 306 -34.48 15.47 -54.34
CA LYS W 306 -33.45 16.23 -53.63
C LYS W 306 -33.15 17.55 -54.33
N SER W 307 -33.08 17.52 -55.66
CA SER W 307 -32.84 18.74 -56.42
C SER W 307 -33.98 19.73 -56.23
N TYR W 308 -35.22 19.23 -56.26
CA TYR W 308 -36.38 20.09 -56.04
C TYR W 308 -36.35 20.72 -54.66
N LEU W 309 -36.02 19.93 -53.63
CA LEU W 309 -35.96 20.47 -52.28
C LEU W 309 -34.89 21.54 -52.16
N LYS W 310 -33.73 21.31 -52.75
CA LYS W 310 -32.70 22.36 -52.77
C LYS W 310 -33.17 23.60 -53.51
N SER W 311 -33.95 23.42 -54.58
CA SER W 311 -34.45 24.56 -55.33
C SER W 311 -35.41 25.41 -54.50
N LYS W 312 -35.96 24.84 -53.43
CA LYS W 312 -36.84 25.59 -52.54
C LYS W 312 -36.10 26.23 -51.38
N GLY W 313 -34.96 25.69 -50.97
CA GLY W 313 -34.17 26.32 -49.93
C GLY W 313 -34.05 25.53 -48.64
N VAL W 314 -34.48 24.27 -48.60
CA VAL W 314 -34.31 23.47 -47.41
C VAL W 314 -32.85 23.04 -47.28
N ASP W 315 -32.43 22.77 -46.06
CA ASP W 315 -31.06 22.34 -45.77
C ASP W 315 -31.09 20.87 -45.35
N LEU W 316 -30.89 19.98 -46.31
CA LEU W 316 -30.91 18.55 -46.06
C LEU W 316 -29.53 17.99 -45.74
N SER W 317 -28.62 18.82 -45.24
CA SER W 317 -27.28 18.34 -44.91
C SER W 317 -27.33 17.28 -43.80
N TYR W 318 -28.32 17.38 -42.91
CA TYR W 318 -28.38 16.46 -41.78
C TYR W 318 -29.38 15.34 -42.03
N MET W 319 -30.48 15.64 -42.74
CA MET W 319 -31.56 14.67 -42.88
C MET W 319 -31.07 13.42 -43.61
N THR W 320 -31.45 12.26 -43.07
CA THR W 320 -31.11 10.98 -43.67
C THR W 320 -31.86 10.80 -44.98
N LEU W 321 -31.29 9.98 -45.87
CA LEU W 321 -31.91 9.76 -47.18
C LEU W 321 -33.35 9.27 -47.04
N GLN W 322 -33.62 8.46 -46.02
CA GLN W 322 -34.99 8.01 -45.78
C GLN W 322 -35.88 9.19 -45.42
N GLU W 323 -35.39 10.07 -44.55
CA GLU W 323 -36.13 11.29 -44.22
C GLU W 323 -36.27 12.19 -45.43
N ILE W 324 -35.25 12.23 -46.30
CA ILE W 324 -35.34 13.03 -47.52
C ILE W 324 -36.49 12.51 -48.38
N LYS W 325 -36.61 11.19 -48.51
CA LYS W 325 -37.77 10.64 -49.20
C LYS W 325 -39.06 10.92 -48.45
N GLU W 326 -38.95 11.13 -47.13
CA GLU W 326 -40.14 11.38 -46.31
C GLU W 326 -40.70 12.77 -46.54
N ALA W 327 -39.88 13.68 -47.07
CA ALA W 327 -40.21 15.09 -47.06
C ALA W 327 -41.45 15.40 -47.89
N ASN W 328 -42.19 16.42 -47.48
CA ASN W 328 -43.34 16.87 -48.23
C ASN W 328 -42.89 17.57 -49.52
N THR W 329 -43.65 17.37 -50.59
CA THR W 329 -43.32 17.94 -51.88
C THR W 329 -44.39 18.89 -52.40
N GLY W 330 -45.62 18.81 -51.90
CA GLY W 330 -46.65 19.73 -52.33
C GLY W 330 -47.14 19.50 -53.74
N SER W 331 -47.87 18.40 -53.97
CA SER W 331 -48.52 18.08 -55.24
C SER W 331 -47.52 17.74 -56.34
N LYS W 332 -46.29 17.43 -55.97
CA LYS W 332 -45.34 16.91 -56.95
C LYS W 332 -44.92 15.49 -56.59
N VAL W 333 -44.83 14.63 -57.60
CA VAL W 333 -44.41 13.25 -57.43
C VAL W 333 -43.30 12.96 -58.42
N PHE W 334 -42.24 12.29 -57.96
CA PHE W 334 -41.10 11.94 -58.79
C PHE W 334 -40.85 10.44 -58.69
N LEU W 335 -40.84 9.76 -59.84
CA LEU W 335 -40.71 8.31 -59.88
C LEU W 335 -39.80 7.92 -61.04
N LYS W 336 -39.10 6.80 -60.87
CA LYS W 336 -38.25 6.24 -61.90
C LYS W 336 -38.50 4.74 -61.99
N ALA W 337 -38.24 4.15 -63.16
CA ALA W 337 -38.58 2.75 -63.42
C ALA W 337 -37.48 2.07 -64.21
N LYS W 338 -37.38 0.76 -64.02
CA LYS W 338 -36.44 -0.10 -64.74
C LYS W 338 -37.21 -1.21 -65.43
N ILE W 339 -37.18 -1.23 -66.77
CA ILE W 339 -37.83 -2.27 -67.54
C ILE W 339 -36.90 -2.75 -68.65
N LYS W 340 -37.17 -3.94 -69.15
CA LYS W 340 -36.46 -4.52 -70.28
C LYS W 340 -37.47 -5.14 -71.23
N VAL W 341 -37.51 -4.64 -72.47
CA VAL W 341 -38.55 -4.99 -73.43
C VAL W 341 -38.02 -6.10 -74.32
N LEU W 342 -38.82 -7.15 -74.50
CA LEU W 342 -38.42 -8.27 -75.33
C LEU W 342 -38.58 -7.95 -76.81
N ASP W 343 -37.96 -8.77 -77.66
CA ASP W 343 -38.06 -8.64 -79.10
C ASP W 343 -38.18 -10.02 -79.72
N ALA W 344 -38.79 -10.08 -80.91
CA ALA W 344 -39.00 -11.34 -81.59
C ALA W 344 -37.70 -11.87 -82.18
N MET W 345 -37.61 -13.19 -82.35
CA MET W 345 -36.44 -13.79 -82.94
C MET W 345 -36.22 -13.24 -84.34
N GLU W 346 -35.01 -12.73 -84.59
CA GLU W 346 -34.71 -12.03 -85.83
C GLU W 346 -33.50 -12.59 -86.57
N ASP W 347 -32.48 -13.07 -85.85
CA ASP W 347 -31.27 -13.59 -86.47
C ASP W 347 -30.83 -14.82 -85.70
N ILE W 348 -30.52 -15.90 -86.41
CA ILE W 348 -30.22 -17.18 -85.80
C ILE W 348 -28.80 -17.59 -86.17
N ASP W 349 -28.02 -17.96 -85.16
CA ASP W 349 -26.67 -18.48 -85.33
C ASP W 349 -26.67 -19.96 -85.00
N LEU W 350 -26.08 -20.77 -85.87
CA LEU W 350 -26.02 -22.22 -85.68
C LEU W 350 -24.70 -22.75 -86.19
N SER W 351 -23.93 -23.37 -85.30
CA SER W 351 -22.67 -24.00 -85.65
C SER W 351 -22.79 -25.49 -85.36
N ILE W 352 -22.53 -26.32 -86.37
CA ILE W 352 -22.66 -27.77 -86.26
C ILE W 352 -21.28 -28.39 -86.47
N GLU W 353 -20.89 -29.27 -85.56
CA GLU W 353 -19.64 -30.00 -85.66
C GLU W 353 -19.96 -31.40 -86.17
N ILE W 354 -19.10 -31.91 -87.06
CA ILE W 354 -19.32 -33.22 -87.64
C ILE W 354 -18.67 -34.29 -86.76
N ALA X 2 -24.74 -3.10 -88.06
CA ALA X 2 -25.87 -2.16 -88.16
C ALA X 2 -27.16 -2.90 -88.44
N ILE X 3 -28.06 -2.25 -89.17
CA ILE X 3 -29.32 -2.88 -89.53
C ILE X 3 -29.21 -3.47 -90.93
N GLY X 4 -29.37 -4.80 -91.02
CA GLY X 4 -29.27 -5.50 -92.27
C GLY X 4 -30.33 -6.58 -92.38
N LEU X 5 -30.32 -7.27 -93.51
CA LEU X 5 -31.30 -8.31 -93.76
C LEU X 5 -31.14 -9.43 -92.73
N PRO X 6 -32.21 -10.18 -92.45
CA PRO X 6 -32.09 -11.29 -91.49
C PRO X 6 -31.04 -12.29 -91.92
N SER X 7 -30.28 -12.79 -90.95
CA SER X 7 -29.19 -13.73 -91.21
C SER X 7 -29.53 -15.09 -90.61
N ILE X 8 -29.68 -16.09 -91.47
CA ILE X 8 -29.80 -17.48 -91.06
C ILE X 8 -28.67 -18.24 -91.73
N ASN X 9 -27.77 -18.81 -90.92
CA ASN X 9 -26.62 -19.51 -91.46
C ASN X 9 -26.41 -20.83 -90.73
N ILE X 10 -25.96 -21.83 -91.48
CA ILE X 10 -25.61 -23.14 -90.95
C ILE X 10 -24.15 -23.39 -91.30
N SER X 11 -23.34 -23.70 -90.29
CA SER X 11 -21.91 -23.89 -90.48
C SER X 11 -21.52 -25.30 -90.03
N PHE X 12 -20.76 -25.99 -90.88
CA PHE X 12 -20.24 -27.31 -90.59
C PHE X 12 -18.72 -27.22 -90.51
N LYS X 13 -18.15 -27.82 -89.46
CA LYS X 13 -16.71 -27.83 -89.27
C LYS X 13 -16.24 -29.24 -89.00
N GLU X 14 -15.19 -29.66 -89.71
CA GLU X 14 -14.60 -30.97 -89.50
C GLU X 14 -13.94 -31.03 -88.13
N LEU X 15 -14.14 -32.15 -87.43
CA LEU X 15 -13.48 -32.37 -86.13
C LEU X 15 -12.01 -32.69 -86.39
N ALA X 16 -11.19 -31.64 -86.31
CA ALA X 16 -9.77 -31.77 -86.60
C ALA X 16 -9.02 -32.43 -85.45
N THR X 17 -9.18 -33.74 -85.29
CA THR X 17 -8.39 -34.48 -84.31
C THR X 17 -6.93 -34.39 -84.69
N THR X 18 -6.16 -33.64 -83.90
CA THR X 18 -4.82 -33.27 -84.27
C THR X 18 -3.81 -33.82 -83.28
N VAL X 19 -2.79 -34.48 -83.80
CA VAL X 19 -1.60 -34.84 -83.04
C VAL X 19 -0.46 -34.00 -83.59
N LYS X 20 0.23 -33.28 -82.71
CA LYS X 20 1.22 -32.31 -83.15
C LYS X 20 2.33 -32.98 -83.97
N GLU X 21 2.72 -32.32 -85.06
CA GLU X 21 3.79 -32.79 -85.90
C GLU X 21 5.13 -32.47 -85.26
N ARG X 22 6.07 -33.41 -85.33
CA ARG X 22 7.41 -33.21 -84.82
C ARG X 22 8.42 -33.38 -85.95
N SER X 23 9.67 -33.02 -85.67
CA SER X 23 10.72 -33.05 -86.68
C SER X 23 10.90 -34.47 -87.20
N ALA X 24 11.08 -34.58 -88.51
CA ALA X 24 11.24 -35.90 -89.14
C ALA X 24 12.58 -36.51 -88.74
N ARG X 25 12.57 -37.83 -88.57
CA ARG X 25 13.77 -38.59 -88.21
C ARG X 25 13.92 -39.79 -89.12
N GLY X 26 15.15 -40.04 -89.55
CA GLY X 26 15.44 -41.18 -90.41
C GLY X 26 15.87 -40.84 -91.81
N ILE X 27 15.98 -39.57 -92.16
CA ILE X 27 16.35 -39.15 -93.51
C ILE X 27 17.86 -39.26 -93.66
N ILE X 28 18.29 -39.91 -94.74
CA ILE X 28 19.70 -40.11 -95.03
C ILE X 28 20.07 -39.24 -96.23
N ALA X 29 21.15 -38.47 -96.09
CA ALA X 29 21.69 -37.65 -97.16
C ALA X 29 22.76 -38.44 -97.89
N MET X 30 22.55 -38.68 -99.18
CA MET X 30 23.45 -39.48 -100.00
C MET X 30 24.11 -38.58 -101.03
N VAL X 31 25.44 -38.56 -101.03
CA VAL X 31 26.21 -37.75 -101.97
C VAL X 31 27.09 -38.68 -102.79
N LEU X 32 27.07 -38.49 -104.11
CA LEU X 32 27.83 -39.34 -105.01
C LEU X 32 28.23 -38.51 -106.23
N LYS X 33 29.37 -38.83 -106.80
CA LYS X 33 29.91 -38.10 -107.94
C LYS X 33 29.72 -38.90 -109.21
N ASP X 34 29.12 -38.28 -110.22
CA ASP X 34 28.81 -38.95 -111.48
C ASP X 34 28.57 -37.91 -112.56
N ALA X 35 28.38 -38.40 -113.79
CA ALA X 35 28.11 -37.54 -114.93
C ALA X 35 26.68 -37.63 -115.44
N LYS X 36 25.79 -38.28 -114.70
CA LYS X 36 24.40 -38.45 -115.11
C LYS X 36 23.47 -38.05 -113.97
N ALA X 37 22.35 -37.42 -114.35
CA ALA X 37 21.31 -37.00 -113.42
C ALA X 37 21.89 -36.17 -112.27
N LEU X 38 22.56 -35.08 -112.63
CA LEU X 38 23.17 -34.22 -111.63
C LEU X 38 22.11 -33.53 -110.79
N GLY X 39 22.50 -33.11 -109.60
CA GLY X 39 21.56 -32.62 -108.62
C GLY X 39 20.98 -33.74 -107.79
N LEU X 40 20.01 -33.39 -106.96
CA LEU X 40 19.36 -34.40 -106.14
C LEU X 40 18.43 -35.25 -107.00
N ASN X 41 18.24 -36.51 -106.58
CA ASN X 41 17.35 -37.42 -107.29
C ASN X 41 16.14 -37.84 -106.49
N GLU X 42 16.15 -37.65 -105.16
CA GLU X 42 14.96 -37.77 -104.32
C GLU X 42 14.35 -39.18 -104.44
N ILE X 43 15.09 -40.16 -103.92
CA ILE X 43 14.64 -41.56 -103.95
C ILE X 43 13.90 -41.80 -102.64
N HIS X 44 12.60 -41.51 -102.67
CA HIS X 44 11.76 -41.80 -101.50
C HIS X 44 11.42 -43.28 -101.45
N GLU X 45 11.24 -43.91 -102.61
CA GLU X 45 10.77 -45.29 -102.69
C GLU X 45 11.93 -46.22 -103.00
N LYS X 46 11.92 -47.38 -102.35
CA LYS X 46 12.93 -48.40 -102.60
C LYS X 46 12.97 -48.81 -104.07
N GLU X 47 11.81 -48.88 -104.72
CA GLU X 47 11.74 -49.46 -106.06
C GLU X 47 12.34 -48.54 -107.11
N ASP X 48 12.02 -47.24 -107.07
CA ASP X 48 12.36 -46.35 -108.17
C ASP X 48 13.83 -45.92 -108.06
N ILE X 49 14.56 -46.06 -109.16
CA ILE X 49 15.98 -45.70 -109.23
C ILE X 49 16.21 -45.00 -110.57
N PRO X 50 16.95 -43.89 -110.60
CA PRO X 50 17.30 -43.29 -111.89
C PRO X 50 18.12 -44.25 -112.73
N VAL X 51 17.88 -44.21 -114.04
CA VAL X 51 18.42 -45.25 -114.92
C VAL X 51 19.80 -44.87 -115.46
N ASP X 52 20.06 -43.58 -115.67
CA ASP X 52 21.31 -43.18 -116.31
C ASP X 52 22.54 -43.38 -115.42
N LEU X 53 22.33 -43.66 -114.14
CA LEU X 53 23.44 -43.84 -113.22
C LEU X 53 24.21 -45.13 -113.54
N SER X 54 25.47 -45.16 -113.14
CA SER X 54 26.29 -46.35 -113.33
C SER X 54 25.82 -47.47 -112.42
N ALA X 55 26.07 -48.71 -112.85
CA ALA X 55 25.55 -49.88 -112.13
C ALA X 55 26.12 -49.96 -110.71
N GLU X 56 27.41 -49.65 -110.55
CA GLU X 56 28.01 -49.68 -109.21
C GLU X 56 27.31 -48.69 -108.29
N ASN X 57 26.96 -47.52 -108.81
CA ASN X 57 26.19 -46.58 -108.02
C ASN X 57 24.84 -47.16 -107.61
N LYS X 58 24.18 -47.85 -108.53
CA LYS X 58 22.92 -48.50 -108.19
C LYS X 58 23.11 -49.51 -107.07
N GLU X 59 24.20 -50.28 -107.11
CA GLU X 59 24.39 -51.29 -106.07
C GLU X 59 24.72 -50.65 -104.73
N TYR X 60 25.43 -49.51 -104.74
CA TYR X 60 25.64 -48.78 -103.48
C TYR X 60 24.30 -48.31 -102.92
N ILE X 61 23.43 -47.79 -103.79
CA ILE X 61 22.11 -47.39 -103.34
C ILE X 61 21.37 -48.59 -102.76
N ASN X 62 21.47 -49.75 -103.43
CA ASN X 62 20.80 -50.95 -102.94
C ASN X 62 21.28 -51.34 -101.56
N LEU X 63 22.60 -51.25 -101.31
CA LEU X 63 23.08 -51.41 -99.94
C LEU X 63 22.45 -50.38 -99.02
N ALA X 64 22.21 -49.18 -99.52
CA ALA X 64 21.62 -48.14 -98.68
C ALA X 64 20.18 -48.42 -98.27
N LEU X 65 19.35 -48.86 -99.20
CA LEU X 65 17.92 -49.04 -98.93
C LEU X 65 17.57 -50.05 -97.84
N MET X 66 18.33 -51.12 -97.75
CA MET X 66 17.99 -52.21 -96.85
C MET X 66 18.17 -51.79 -95.38
N GLY X 67 17.06 -51.53 -94.72
CA GLY X 67 17.09 -51.01 -93.36
C GLY X 67 17.30 -52.10 -92.32
N ASN X 68 17.67 -51.68 -91.11
CA ASN X 68 17.99 -52.62 -90.05
C ASN X 68 16.73 -53.30 -89.51
N VAL X 69 15.82 -52.53 -88.91
CA VAL X 69 14.51 -53.03 -88.52
C VAL X 69 13.49 -52.80 -89.63
N ASN X 70 13.49 -51.60 -90.22
CA ASN X 70 12.56 -51.25 -91.27
C ASN X 70 13.24 -50.30 -92.23
N THR X 71 12.63 -50.12 -93.39
CA THR X 71 13.21 -49.28 -94.43
C THR X 71 13.34 -47.85 -93.91
N PRO X 72 14.41 -47.14 -94.25
CA PRO X 72 14.48 -45.71 -93.93
C PRO X 72 13.30 -44.97 -94.55
N ASN X 73 12.74 -44.04 -93.77
CA ASN X 73 11.50 -43.40 -94.17
C ASN X 73 11.68 -42.55 -95.42
N LYS X 74 12.88 -41.98 -95.61
CA LYS X 74 13.12 -41.11 -96.74
C LYS X 74 14.61 -41.08 -97.03
N LEU X 75 14.96 -41.10 -98.31
CA LEU X 75 16.35 -41.07 -98.75
C LEU X 75 16.55 -39.92 -99.72
N LEU X 76 17.58 -39.12 -99.47
CA LEU X 76 17.98 -38.02 -100.35
C LEU X 76 19.34 -38.36 -100.95
N VAL X 77 19.40 -38.40 -102.27
CA VAL X 77 20.62 -38.75 -102.99
C VAL X 77 21.02 -37.58 -103.87
N TYR X 78 22.26 -37.14 -103.74
CA TYR X 78 22.79 -36.03 -104.53
C TYR X 78 23.86 -36.54 -105.48
N VAL X 79 23.78 -36.10 -106.74
CA VAL X 79 24.79 -36.38 -107.74
C VAL X 79 25.56 -35.10 -108.01
N ILE X 80 26.88 -35.16 -107.89
CA ILE X 80 27.74 -34.00 -108.06
C ILE X 80 28.71 -34.28 -109.21
N GLU X 81 28.97 -33.24 -109.99
CA GLU X 81 29.94 -33.33 -111.07
C GLU X 81 31.33 -33.59 -110.50
N GLY X 82 32.14 -34.31 -111.27
CA GLY X 82 33.48 -34.63 -110.82
C GLY X 82 34.31 -33.39 -110.60
N GLU X 83 35.24 -33.46 -109.64
CA GLU X 83 36.17 -32.40 -109.28
C GLU X 83 35.48 -31.11 -108.84
N ALA X 84 34.19 -31.16 -108.54
CA ALA X 84 33.47 -29.96 -108.13
C ALA X 84 33.69 -29.62 -106.65
N ASP X 85 34.66 -30.25 -106.00
CA ASP X 85 34.99 -30.02 -104.59
C ASP X 85 33.80 -30.44 -103.74
N ILE X 86 33.83 -30.15 -102.44
CA ILE X 86 32.73 -30.60 -101.58
C ILE X 86 31.74 -29.48 -101.29
N GLN X 87 32.20 -28.25 -101.15
CA GLN X 87 31.32 -27.17 -100.69
C GLN X 87 30.18 -26.92 -101.68
N THR X 88 30.40 -27.18 -102.97
CA THR X 88 29.33 -27.00 -103.95
C THR X 88 28.13 -27.87 -103.60
N ALA X 89 28.37 -29.13 -103.23
CA ALA X 89 27.28 -29.96 -102.73
C ALA X 89 26.84 -29.52 -101.35
N LEU X 90 27.79 -29.09 -100.51
CA LEU X 90 27.51 -28.80 -99.12
C LEU X 90 26.47 -27.70 -98.97
N ASP X 91 26.52 -26.69 -99.86
CA ASP X 91 25.52 -25.62 -99.80
C ASP X 91 24.12 -26.18 -100.02
N PHE X 92 23.96 -26.99 -101.05
CA PHE X 92 22.64 -27.54 -101.37
C PHE X 92 22.17 -28.46 -100.24
N LEU X 93 23.13 -29.15 -99.60
CA LEU X 93 22.76 -29.97 -98.45
C LEU X 93 22.31 -29.14 -97.25
N GLU X 94 23.02 -28.06 -96.94
CA GLU X 94 22.59 -27.24 -95.82
C GLU X 94 21.30 -26.49 -96.15
N THR X 95 20.90 -26.50 -97.41
CA THR X 95 19.62 -25.88 -97.77
C THR X 95 18.46 -26.55 -97.04
N LYS X 96 18.39 -27.88 -97.04
CA LYS X 96 17.32 -28.60 -96.35
C LYS X 96 17.83 -29.45 -95.20
N GLU X 97 16.89 -30.18 -94.59
CA GLU X 97 17.14 -30.96 -93.40
C GLU X 97 17.44 -32.41 -93.73
N PHE X 98 18.19 -33.06 -92.84
CA PHE X 98 18.55 -34.48 -92.95
C PHE X 98 19.26 -34.89 -91.68
N ASN X 99 19.61 -36.18 -91.61
CA ASN X 99 20.18 -36.76 -90.40
C ASN X 99 21.59 -37.31 -90.61
N TYR X 100 21.78 -38.19 -91.59
CA TYR X 100 23.05 -38.88 -91.76
C TYR X 100 23.58 -38.69 -93.17
N LEU X 101 24.89 -38.51 -93.27
CA LEU X 101 25.56 -38.23 -94.54
C LEU X 101 26.71 -39.20 -94.73
N CYS X 102 26.86 -39.71 -95.95
CA CYS X 102 27.92 -40.66 -96.29
C CYS X 102 28.29 -40.49 -97.75
N MET X 103 29.57 -40.72 -98.07
CA MET X 103 30.02 -40.39 -99.41
C MET X 103 31.02 -41.53 -99.68
N PRO X 104 30.66 -42.54 -100.48
CA PRO X 104 31.51 -43.74 -100.59
C PRO X 104 32.91 -43.50 -101.13
N LYS X 105 33.04 -42.80 -102.25
CA LYS X 105 34.34 -42.56 -102.85
C LYS X 105 34.86 -41.19 -102.43
N ALA X 106 35.88 -41.19 -101.57
CA ALA X 106 36.40 -39.92 -101.06
C ALA X 106 37.87 -40.05 -100.71
N VAL X 107 38.60 -38.98 -100.96
CA VAL X 107 39.99 -38.88 -100.55
C VAL X 107 40.03 -38.27 -99.15
N GLU X 108 41.19 -38.40 -98.49
CA GLU X 108 41.32 -37.91 -97.11
C GLU X 108 41.06 -36.41 -97.03
N ALA X 109 41.34 -35.67 -98.10
CA ALA X 109 41.02 -34.25 -98.13
C ALA X 109 39.52 -34.02 -98.04
N ASP X 110 38.75 -34.83 -98.76
CA ASP X 110 37.29 -34.74 -98.66
C ASP X 110 36.82 -35.04 -97.25
N LYS X 111 37.38 -36.08 -96.62
CA LYS X 111 37.00 -36.42 -95.26
C LYS X 111 37.31 -35.28 -94.30
N THR X 112 38.48 -34.67 -94.45
CA THR X 112 38.82 -33.52 -93.59
C THR X 112 37.85 -32.39 -93.79
N ALA X 113 37.53 -32.07 -95.06
CA ALA X 113 36.60 -30.98 -95.34
C ALA X 113 35.24 -31.24 -94.70
N ILE X 114 34.73 -32.47 -94.83
CA ILE X 114 33.43 -32.80 -94.25
C ILE X 114 33.49 -32.72 -92.73
N LYS X 115 34.61 -33.17 -92.14
CA LYS X 115 34.71 -33.13 -90.69
C LYS X 115 34.70 -31.69 -90.16
N ASN X 116 35.43 -30.79 -90.83
CA ASN X 116 35.41 -29.39 -90.40
C ASN X 116 34.03 -28.79 -90.63
N TRP X 117 33.40 -29.10 -91.76
CA TRP X 117 32.08 -28.57 -92.04
C TRP X 117 31.09 -28.98 -90.96
N ILE X 118 31.11 -30.26 -90.55
CA ILE X 118 30.16 -30.74 -89.57
C ILE X 118 30.45 -30.15 -88.19
N ILE X 119 31.73 -30.09 -87.80
CA ILE X 119 32.03 -29.60 -86.46
C ILE X 119 31.67 -28.13 -86.35
N LYS X 120 31.84 -27.36 -87.43
CA LYS X 120 31.45 -25.96 -87.37
C LYS X 120 29.93 -25.80 -87.46
N LEU X 121 29.26 -26.68 -88.20
CA LEU X 121 27.82 -26.52 -88.40
C LEU X 121 27.03 -26.96 -87.18
N ARG X 122 27.57 -27.89 -86.39
CA ARG X 122 26.84 -28.35 -85.21
C ARG X 122 26.90 -27.32 -84.09
N ASP X 123 27.87 -26.41 -84.12
CA ASP X 123 28.05 -25.49 -83.01
C ASP X 123 27.73 -24.05 -83.38
N ILE X 124 28.25 -23.58 -84.52
CA ILE X 124 28.01 -22.19 -84.93
C ILE X 124 26.56 -21.99 -85.33
N ASP X 125 26.02 -22.90 -86.15
CA ASP X 125 24.69 -22.73 -86.72
C ASP X 125 23.59 -23.43 -85.94
N LYS X 126 23.93 -24.13 -84.86
CA LYS X 126 22.95 -24.80 -84.00
C LYS X 126 22.07 -25.76 -84.79
N VAL X 127 22.69 -26.48 -85.73
CA VAL X 127 22.01 -27.51 -86.52
C VAL X 127 22.63 -28.85 -86.17
N LYS X 128 21.80 -29.83 -85.86
CA LYS X 128 22.25 -31.13 -85.38
C LYS X 128 22.25 -32.11 -86.54
N VAL X 129 23.41 -32.72 -86.78
CA VAL X 129 23.61 -33.60 -87.92
C VAL X 129 24.84 -34.46 -87.68
N LYS X 130 24.79 -35.70 -88.14
CA LYS X 130 25.87 -36.66 -87.99
C LYS X 130 26.25 -37.24 -89.34
N ALA X 131 27.44 -37.84 -89.40
CA ALA X 131 27.89 -38.53 -90.60
C ALA X 131 28.85 -39.64 -90.20
N VAL X 132 28.97 -40.63 -91.08
CA VAL X 132 29.85 -41.77 -90.89
C VAL X 132 31.00 -41.66 -91.88
N LEU X 133 32.24 -41.79 -91.38
CA LEU X 133 33.44 -41.63 -92.17
C LEU X 133 34.29 -42.88 -92.08
N GLY X 134 35.08 -43.13 -93.13
CA GLY X 134 35.88 -44.35 -93.17
C GLY X 134 37.01 -44.34 -92.18
N LYS X 135 37.96 -43.40 -92.34
CA LYS X 135 39.16 -43.40 -91.51
C LYS X 135 39.41 -41.96 -91.06
N VAL X 136 38.86 -41.60 -89.90
CA VAL X 136 39.08 -40.29 -89.29
C VAL X 136 39.29 -40.49 -87.80
N VAL X 137 39.87 -39.48 -87.16
CA VAL X 137 40.12 -39.53 -85.72
C VAL X 137 39.39 -38.32 -85.13
N GLY X 138 38.22 -38.02 -85.68
CA GLY X 138 37.44 -36.90 -85.16
C GLY X 138 37.07 -37.12 -83.70
N ASN X 139 37.36 -36.12 -82.87
CA ASN X 139 37.07 -36.18 -81.45
C ASN X 139 35.75 -35.48 -81.12
N HIS X 140 34.79 -35.51 -82.04
CA HIS X 140 33.49 -34.92 -81.85
C HIS X 140 32.42 -35.99 -81.96
N GLU X 141 31.33 -35.82 -81.20
CA GLU X 141 30.26 -36.82 -81.21
C GLU X 141 29.57 -36.89 -82.55
N GLY X 142 29.73 -35.88 -83.40
CA GLY X 142 29.04 -35.83 -84.67
C GLY X 142 29.63 -36.68 -85.78
N ILE X 143 30.73 -37.38 -85.53
CA ILE X 143 31.38 -38.21 -86.52
C ILE X 143 31.44 -39.64 -85.99
N ILE X 144 31.03 -40.59 -86.82
CA ILE X 144 31.13 -42.02 -86.51
C ILE X 144 32.24 -42.60 -87.36
N ASN X 145 33.22 -43.22 -86.71
CA ASN X 145 34.40 -43.75 -87.39
C ASN X 145 34.29 -45.27 -87.45
N PHE X 146 33.80 -45.78 -88.57
CA PHE X 146 33.68 -47.21 -88.77
C PHE X 146 34.84 -47.71 -89.61
N THR X 147 35.48 -48.79 -89.16
CA THR X 147 36.68 -49.28 -89.83
C THR X 147 36.66 -50.80 -89.82
N THR X 148 36.45 -51.39 -91.00
CA THR X 148 36.54 -52.83 -91.18
C THR X 148 36.88 -53.10 -92.63
N GLU X 149 38.13 -53.51 -92.87
CA GLU X 149 38.65 -53.61 -94.22
C GLU X 149 38.37 -54.98 -94.82
N ASP X 150 38.18 -54.99 -96.15
CA ASP X 150 38.08 -56.21 -96.92
C ASP X 150 36.91 -57.07 -96.47
N VAL X 151 35.71 -56.52 -96.59
CA VAL X 151 34.48 -57.27 -96.29
C VAL X 151 33.98 -57.91 -97.57
N LEU X 152 33.17 -58.97 -97.42
CA LEU X 152 32.62 -59.70 -98.55
C LEU X 152 31.11 -59.84 -98.39
N VAL X 153 30.37 -59.27 -99.33
CA VAL X 153 28.91 -59.38 -99.36
C VAL X 153 28.49 -59.80 -100.77
N GLY X 154 27.88 -60.98 -100.87
CA GLY X 154 27.39 -61.46 -102.15
C GLY X 154 28.46 -61.61 -103.21
N GLU X 155 29.60 -62.22 -102.84
CA GLU X 155 30.72 -62.43 -103.74
C GLU X 155 31.20 -61.09 -104.29
N LYS X 156 31.74 -60.24 -103.40
CA LYS X 156 32.31 -58.97 -103.80
C LYS X 156 33.07 -58.37 -102.62
N LYS X 157 34.27 -57.86 -102.91
CA LYS X 157 35.06 -57.14 -101.92
C LYS X 157 34.65 -55.67 -101.88
N TYR X 158 34.47 -55.15 -100.68
CA TYR X 158 34.09 -53.76 -100.48
C TYR X 158 35.10 -53.08 -99.57
N SER X 159 35.53 -51.89 -99.97
CA SER X 159 36.33 -51.05 -99.10
C SER X 159 35.48 -50.54 -97.95
N VAL X 160 36.14 -50.15 -96.86
CA VAL X 160 35.42 -49.61 -95.70
C VAL X 160 34.64 -48.37 -96.10
N ASP X 161 35.25 -47.51 -96.94
CA ASP X 161 34.55 -46.33 -97.43
C ASP X 161 33.33 -46.72 -98.26
N GLU X 162 33.40 -47.87 -98.93
CA GLU X 162 32.22 -48.37 -99.64
C GLU X 162 31.17 -48.88 -98.68
N PHE X 163 31.59 -49.58 -97.63
CA PHE X 163 30.66 -50.15 -96.67
C PHE X 163 30.03 -49.08 -95.77
N THR X 164 30.55 -47.86 -95.83
CA THR X 164 29.97 -46.76 -95.07
C THR X 164 28.49 -46.57 -95.38
N SER X 165 28.10 -46.74 -96.65
CA SER X 165 26.69 -46.59 -97.01
C SER X 165 25.83 -47.61 -96.29
N ARG X 166 26.27 -48.88 -96.28
CA ARG X 166 25.49 -49.91 -95.62
C ARG X 166 25.39 -49.68 -94.12
N VAL X 167 26.51 -49.31 -93.47
CA VAL X 167 26.44 -49.12 -92.02
C VAL X 167 25.58 -47.90 -91.70
N ALA X 168 25.64 -46.86 -92.52
CA ALA X 168 24.78 -45.70 -92.29
C ALA X 168 23.31 -46.04 -92.44
N GLY X 169 22.98 -46.82 -93.47
CA GLY X 169 21.59 -47.26 -93.61
C GLY X 169 21.15 -48.12 -92.44
N LEU X 170 22.05 -48.97 -91.95
CA LEU X 170 21.75 -49.78 -90.78
C LEU X 170 21.46 -48.91 -89.56
N ILE X 171 22.27 -47.87 -89.36
CA ILE X 171 22.06 -46.98 -88.21
C ILE X 171 20.74 -46.25 -88.34
N ALA X 172 20.44 -45.74 -89.54
CA ALA X 172 19.22 -44.95 -89.71
C ALA X 172 17.97 -45.82 -89.65
N GLY X 173 18.08 -47.10 -89.99
CA GLY X 173 16.91 -47.95 -90.03
C GLY X 173 16.29 -48.18 -88.66
N THR X 174 17.13 -48.31 -87.63
CA THR X 174 16.65 -48.71 -86.32
C THR X 174 15.78 -47.61 -85.70
N PRO X 175 14.80 -47.99 -84.89
CA PRO X 175 14.01 -46.98 -84.16
C PRO X 175 14.82 -46.31 -83.07
N LEU X 176 14.18 -45.43 -82.30
CA LEU X 176 14.85 -44.77 -81.20
C LEU X 176 14.68 -45.51 -79.88
N SER X 177 13.92 -46.61 -79.88
CA SER X 177 13.75 -47.37 -78.65
C SER X 177 14.93 -48.30 -78.41
N GLN X 178 15.17 -49.24 -79.33
CA GLN X 178 16.28 -50.16 -79.20
C GLN X 178 17.55 -49.56 -79.81
N SER X 179 18.66 -50.21 -79.56
CA SER X 179 19.97 -49.73 -79.97
C SER X 179 20.51 -50.52 -81.16
N VAL X 180 21.75 -50.21 -81.54
CA VAL X 180 22.40 -50.89 -82.65
C VAL X 180 23.38 -51.95 -82.20
N THR X 181 23.60 -52.07 -80.89
CA THR X 181 24.55 -53.06 -80.37
C THR X 181 24.04 -54.47 -80.59
N TYR X 182 24.94 -55.36 -81.01
CA TYR X 182 24.66 -56.79 -81.11
C TYR X 182 23.50 -57.06 -82.08
N THR X 183 23.71 -56.68 -83.34
CA THR X 183 22.70 -56.84 -84.38
C THR X 183 23.30 -57.55 -85.57
N LYS X 184 22.64 -58.62 -86.02
CA LYS X 184 23.14 -59.48 -87.09
C LYS X 184 23.04 -58.79 -88.43
N LEU X 185 23.97 -59.15 -89.32
CA LEU X 185 23.96 -58.75 -90.73
C LEU X 185 24.09 -60.02 -91.56
N SER X 186 22.97 -60.54 -92.06
CA SER X 186 23.00 -61.76 -92.84
C SER X 186 23.70 -61.59 -94.18
N ASP X 187 23.89 -60.35 -94.65
CA ASP X 187 24.45 -60.15 -95.98
C ASP X 187 25.95 -60.44 -96.01
N VAL X 188 26.69 -59.97 -95.00
CA VAL X 188 28.12 -60.19 -94.97
C VAL X 188 28.41 -61.65 -94.62
N VAL X 189 29.45 -62.21 -95.24
CA VAL X 189 29.68 -63.64 -95.15
C VAL X 189 31.09 -63.97 -94.67
N ASP X 190 32.03 -63.03 -94.77
CA ASP X 190 33.33 -63.26 -94.16
C ASP X 190 34.03 -61.95 -93.83
N ILE X 191 34.85 -62.00 -92.78
CA ILE X 191 35.66 -60.86 -92.32
C ILE X 191 37.04 -61.35 -91.95
N PRO X 192 38.06 -60.53 -92.18
CA PRO X 192 39.41 -60.91 -91.76
C PRO X 192 39.47 -61.30 -90.28
N LYS X 193 40.21 -62.35 -90.00
CA LYS X 193 40.31 -62.92 -88.66
C LYS X 193 41.10 -61.99 -87.74
N MET X 194 40.56 -61.76 -86.54
CA MET X 194 41.13 -60.78 -85.62
C MET X 194 40.72 -61.15 -84.20
N THR X 195 41.63 -60.93 -83.26
CA THR X 195 41.47 -61.43 -81.90
C THR X 195 40.59 -60.51 -81.06
N LYS X 196 40.10 -61.06 -79.95
CA LYS X 196 39.15 -60.35 -79.10
C LYS X 196 39.81 -59.17 -78.37
N VAL X 197 41.04 -59.36 -77.89
CA VAL X 197 41.72 -58.29 -77.16
C VAL X 197 41.98 -57.10 -78.09
N ASP X 198 42.29 -57.39 -79.35
CA ASP X 198 42.44 -56.30 -80.32
C ASP X 198 41.13 -55.54 -80.50
N ALA X 199 40.00 -56.27 -80.54
CA ALA X 199 38.71 -55.60 -80.65
C ALA X 199 38.43 -54.74 -79.43
N GLU X 200 38.77 -55.23 -78.23
CA GLU X 200 38.57 -54.46 -77.02
C GLU X 200 39.40 -53.18 -77.05
N SER X 201 40.67 -53.29 -77.45
CA SER X 201 41.52 -52.10 -77.57
C SER X 201 40.95 -51.13 -78.59
N ARG X 202 40.50 -51.65 -79.74
CA ARG X 202 39.95 -50.79 -80.79
C ARG X 202 38.70 -50.07 -80.32
N VAL X 203 37.83 -50.76 -79.57
CA VAL X 203 36.64 -50.12 -79.02
C VAL X 203 37.04 -49.02 -78.04
N ASN X 204 38.05 -49.28 -77.21
CA ASN X 204 38.51 -48.26 -76.28
C ASN X 204 39.00 -47.00 -76.99
N LYS X 205 39.40 -47.12 -78.26
CA LYS X 205 39.84 -45.96 -79.02
C LYS X 205 38.69 -45.18 -79.63
N GLY X 206 37.44 -45.55 -79.34
CA GLY X 206 36.30 -44.94 -79.98
C GLY X 206 36.02 -45.43 -81.37
N GLU X 207 36.79 -46.38 -81.87
CA GLU X 207 36.63 -46.90 -83.21
C GLU X 207 35.44 -47.86 -83.25
N LEU X 208 34.74 -47.89 -84.39
CA LEU X 208 33.63 -48.81 -84.58
C LEU X 208 34.11 -50.01 -85.37
N ILE X 209 33.82 -51.21 -84.87
CA ILE X 209 34.39 -52.44 -85.40
C ILE X 209 33.28 -53.47 -85.59
N LEU X 210 33.48 -54.33 -86.58
CA LEU X 210 32.59 -55.45 -86.85
C LEU X 210 33.26 -56.75 -86.40
N ILE X 211 32.59 -57.51 -85.54
CA ILE X 211 33.20 -58.66 -84.89
C ILE X 211 32.37 -59.90 -85.14
N LYS X 212 33.01 -61.05 -84.91
CA LYS X 212 32.41 -62.37 -85.09
C LYS X 212 32.14 -62.99 -83.72
N GLU X 213 30.86 -63.09 -83.37
CA GLU X 213 30.45 -63.79 -82.17
C GLU X 213 29.08 -64.42 -82.40
N ALA X 214 28.77 -65.40 -81.58
CA ALA X 214 27.50 -66.14 -81.65
C ALA X 214 27.33 -66.69 -83.08
N GLY X 215 26.09 -66.78 -83.55
CA GLY X 215 25.84 -67.41 -84.84
C GLY X 215 26.34 -66.65 -86.04
N ALA X 216 26.14 -65.34 -86.06
CA ALA X 216 26.37 -64.54 -87.27
C ALA X 216 27.19 -63.31 -86.96
N ILE X 217 27.46 -62.53 -88.01
CA ILE X 217 28.23 -61.29 -87.86
C ILE X 217 27.34 -60.23 -87.22
N ARG X 218 27.91 -59.48 -86.29
CA ARG X 218 27.14 -58.52 -85.50
C ARG X 218 27.99 -57.33 -85.12
N ILE X 219 27.33 -56.17 -84.98
CA ILE X 219 28.00 -54.94 -84.61
C ILE X 219 28.23 -54.92 -83.10
N ALA X 220 29.42 -54.48 -82.69
CA ALA X 220 29.83 -54.53 -81.30
C ALA X 220 29.80 -53.13 -80.70
N ARG X 221 28.67 -52.79 -80.06
CA ARG X 221 28.53 -51.61 -79.22
C ARG X 221 28.98 -50.34 -79.97
N GLY X 222 28.16 -49.96 -80.93
CA GLY X 222 28.40 -48.74 -81.68
C GLY X 222 28.50 -47.50 -80.81
N VAL X 223 29.57 -46.73 -80.98
CA VAL X 223 29.83 -45.54 -80.19
C VAL X 223 30.34 -44.43 -81.09
N ASN X 224 30.26 -43.20 -80.59
CA ASN X 224 30.78 -42.06 -81.32
C ASN X 224 32.31 -42.09 -81.34
N SER X 225 32.88 -41.16 -82.12
CA SER X 225 34.32 -41.17 -82.32
C SER X 225 35.07 -40.30 -81.32
N LEU X 226 34.37 -39.61 -80.41
CA LEU X 226 35.09 -38.81 -79.43
C LEU X 226 35.74 -39.71 -78.39
N THR X 227 36.95 -39.32 -77.97
CA THR X 227 37.72 -40.12 -77.03
C THR X 227 38.07 -39.38 -75.75
N GLU X 228 38.21 -38.05 -75.81
CA GLU X 228 38.60 -37.28 -74.64
C GLU X 228 37.34 -36.84 -73.92
N LEU X 229 37.33 -36.99 -72.60
CA LEU X 229 36.16 -36.71 -71.76
C LEU X 229 36.43 -35.46 -70.94
N THR X 230 35.57 -34.45 -71.09
CA THR X 230 35.72 -33.22 -70.34
C THR X 230 34.84 -33.26 -69.09
N ALA X 231 34.76 -32.12 -68.40
CA ALA X 231 33.92 -32.03 -67.21
C ALA X 231 32.44 -32.04 -67.59
N GLU X 232 32.08 -31.34 -68.66
CA GLU X 232 30.68 -31.28 -69.08
C GLU X 232 30.34 -32.41 -70.04
N LYS X 233 31.29 -32.82 -70.87
CA LYS X 233 31.09 -33.95 -71.77
C LYS X 233 31.47 -35.23 -71.05
N GLY X 234 30.52 -35.82 -70.34
CA GLY X 234 30.75 -37.04 -69.60
C GLY X 234 30.61 -38.28 -70.46
N GLU X 235 30.49 -39.42 -69.78
CA GLU X 235 30.53 -40.71 -70.46
C GLU X 235 29.36 -40.87 -71.42
N MET X 236 28.14 -40.56 -70.97
CA MET X 236 26.95 -40.88 -71.77
C MET X 236 26.93 -40.16 -73.12
N PHE X 237 27.74 -39.12 -73.30
CA PHE X 237 27.84 -38.50 -74.62
C PHE X 237 28.57 -39.39 -75.62
N GLN X 238 29.04 -40.56 -75.19
CA GLN X 238 29.76 -41.47 -76.08
C GLN X 238 28.87 -42.55 -76.68
N LYS X 239 27.58 -42.58 -76.34
CA LYS X 239 26.66 -43.57 -76.87
C LYS X 239 25.81 -42.95 -77.98
N ILE X 240 25.62 -43.70 -79.06
CA ILE X 240 24.89 -43.17 -80.21
C ILE X 240 23.43 -42.90 -79.86
N LYS X 241 22.80 -43.81 -79.12
CA LYS X 241 21.39 -43.65 -78.78
C LYS X 241 21.16 -42.38 -77.97
N ILE X 242 22.03 -42.12 -77.00
CA ILE X 242 21.87 -40.95 -76.13
C ILE X 242 22.01 -39.67 -76.95
N VAL X 243 23.02 -39.59 -77.80
CA VAL X 243 23.23 -38.37 -78.57
C VAL X 243 22.08 -38.18 -79.56
N ASP X 244 21.53 -39.28 -80.09
CA ASP X 244 20.44 -39.16 -81.05
C ASP X 244 19.17 -38.64 -80.38
N THR X 245 18.83 -39.20 -79.20
CA THR X 245 17.65 -38.71 -78.52
C THR X 245 17.82 -37.27 -78.06
N LEU X 246 19.02 -36.88 -77.62
CA LEU X 246 19.26 -35.49 -77.30
C LEU X 246 19.07 -34.61 -78.53
N ASP X 247 19.53 -35.07 -79.69
CA ASP X 247 19.44 -34.27 -80.91
C ASP X 247 17.99 -34.04 -81.30
N ILE X 248 17.16 -35.10 -81.25
CA ILE X 248 15.76 -34.92 -81.63
C ILE X 248 15.03 -34.06 -80.61
N ILE X 249 15.37 -34.18 -79.33
CA ILE X 249 14.80 -33.29 -78.32
C ILE X 249 15.10 -31.84 -78.68
N HIS X 250 16.37 -31.55 -78.97
CA HIS X 250 16.77 -30.20 -79.34
C HIS X 250 15.96 -29.69 -80.53
N SER X 251 15.89 -30.48 -81.60
CA SER X 251 15.22 -30.03 -82.80
C SER X 251 13.74 -29.73 -82.54
N ASP X 252 13.05 -30.64 -81.84
CA ASP X 252 11.62 -30.45 -81.60
C ASP X 252 11.37 -29.21 -80.73
N ILE X 253 12.12 -29.07 -79.64
CA ILE X 253 11.88 -27.93 -78.75
C ILE X 253 12.17 -26.63 -79.47
N ARG X 254 13.26 -26.58 -80.24
CA ARG X 254 13.58 -25.37 -80.96
C ARG X 254 12.49 -25.01 -81.97
N LYS X 255 11.98 -26.02 -82.69
CA LYS X 255 10.94 -25.73 -83.68
C LYS X 255 9.67 -25.21 -83.01
N VAL X 256 9.27 -25.82 -81.89
CA VAL X 256 8.09 -25.35 -81.17
C VAL X 256 8.29 -23.90 -80.73
N ILE X 257 9.46 -23.62 -80.15
CA ILE X 257 9.74 -22.28 -79.64
C ILE X 257 9.66 -21.25 -80.76
N ILE X 258 10.33 -21.51 -81.88
CA ILE X 258 10.35 -20.52 -82.95
C ILE X 258 8.99 -20.39 -83.60
N ASP X 259 8.20 -21.47 -83.63
CA ASP X 259 6.93 -21.41 -84.33
C ASP X 259 5.87 -20.67 -83.51
N ASP X 260 5.89 -20.80 -82.19
CA ASP X 260 4.77 -20.31 -81.39
C ASP X 260 5.10 -19.06 -80.58
N TYR X 261 6.16 -19.10 -79.78
CA TYR X 261 6.35 -18.10 -78.72
C TYR X 261 7.32 -16.99 -79.11
N ILE X 262 7.73 -16.91 -80.37
CA ILE X 262 8.66 -15.87 -80.81
C ILE X 262 7.86 -14.76 -81.46
N GLY X 263 7.89 -13.58 -80.85
CA GLY X 263 7.26 -12.40 -81.41
C GLY X 263 5.75 -12.44 -81.43
N LYS X 264 5.15 -13.28 -80.58
CA LYS X 264 3.70 -13.37 -80.50
C LYS X 264 3.15 -13.34 -79.10
N VAL X 265 3.98 -13.41 -78.06
CA VAL X 265 3.53 -13.42 -76.69
C VAL X 265 4.35 -12.41 -75.90
N THR X 266 3.67 -11.69 -75.00
CA THR X 266 4.35 -10.67 -74.21
C THR X 266 5.14 -11.31 -73.08
N ASN X 267 6.35 -10.80 -72.86
CA ASN X 267 7.24 -11.35 -71.85
C ASN X 267 6.73 -10.92 -70.48
N SER X 268 5.90 -11.75 -69.86
CA SER X 268 5.42 -11.51 -68.51
C SER X 268 5.45 -12.84 -67.77
N TYR X 269 5.33 -12.77 -66.44
CA TYR X 269 5.46 -13.97 -65.62
C TYR X 269 4.47 -15.05 -66.07
N ASP X 270 3.22 -14.66 -66.32
CA ASP X 270 2.21 -15.64 -66.68
C ASP X 270 2.56 -16.33 -68.00
N ASN X 271 3.08 -15.59 -68.97
CA ASN X 271 3.53 -16.21 -70.21
C ASN X 271 4.70 -17.15 -69.96
N LYS X 272 5.59 -16.80 -69.04
CA LYS X 272 6.67 -17.70 -68.67
C LYS X 272 6.12 -19.00 -68.11
N CYS X 273 5.12 -18.91 -67.23
CA CYS X 273 4.51 -20.11 -66.67
C CYS X 273 3.86 -20.95 -67.75
N LEU X 274 3.19 -20.31 -68.70
CA LEU X 274 2.56 -21.06 -69.80
C LEU X 274 3.61 -21.77 -70.65
N LEU X 275 4.73 -21.09 -70.93
CA LEU X 275 5.80 -21.74 -71.68
C LEU X 275 6.37 -22.92 -70.92
N ILE X 276 6.56 -22.77 -69.61
CA ILE X 276 7.06 -23.87 -68.79
C ILE X 276 6.09 -25.05 -68.87
N VAL X 277 4.79 -24.77 -68.79
CA VAL X 277 3.80 -25.84 -68.85
C VAL X 277 3.84 -26.55 -70.19
N ALA X 278 3.99 -25.78 -71.28
CA ALA X 278 4.06 -26.40 -72.61
C ALA X 278 5.29 -27.30 -72.73
N ILE X 279 6.44 -26.83 -72.23
CA ILE X 279 7.66 -27.63 -72.30
C ILE X 279 7.49 -28.91 -71.47
N LYS X 280 6.92 -28.79 -70.27
CA LYS X 280 6.70 -29.96 -69.44
C LYS X 280 5.75 -30.95 -70.12
N SER X 281 4.73 -30.44 -70.80
CA SER X 281 3.82 -31.31 -71.52
C SER X 281 4.53 -32.07 -72.62
N TYR X 282 5.40 -31.39 -73.38
CA TYR X 282 6.15 -32.08 -74.42
C TYR X 282 7.05 -33.15 -73.82
N LEU X 283 7.72 -32.83 -72.71
CA LEU X 283 8.59 -33.81 -72.07
C LEU X 283 7.79 -35.01 -71.57
N GLU X 284 6.59 -34.77 -71.05
CA GLU X 284 5.73 -35.88 -70.64
C GLU X 284 5.37 -36.75 -71.84
N GLU X 285 5.02 -36.13 -72.96
CA GLU X 285 4.70 -36.89 -74.16
C GLU X 285 5.88 -37.74 -74.59
N LEU X 286 7.09 -37.20 -74.52
CA LEU X 286 8.28 -37.99 -74.84
C LEU X 286 8.48 -39.13 -73.84
N GLU X 287 8.20 -38.87 -72.56
CA GLU X 287 8.34 -39.90 -71.54
C GLU X 287 7.41 -41.08 -71.83
N LYS X 288 6.19 -40.79 -72.29
CA LYS X 288 5.26 -41.87 -72.59
C LYS X 288 5.80 -42.80 -73.67
N SER X 289 6.69 -42.31 -74.53
CA SER X 289 7.32 -43.15 -75.54
C SER X 289 8.48 -43.95 -74.98
N ALA X 290 8.79 -43.81 -73.69
CA ALA X 290 9.86 -44.52 -73.01
C ALA X 290 11.24 -44.16 -73.55
N LEU X 291 11.54 -42.87 -73.68
CA LEU X 291 12.89 -42.45 -74.06
C LEU X 291 13.61 -41.76 -72.92
N ILE X 292 12.86 -41.17 -71.98
CA ILE X 292 13.45 -40.55 -70.79
C ILE X 292 12.77 -41.10 -69.56
N GLU X 293 13.30 -40.77 -68.37
CA GLU X 293 12.72 -41.27 -67.15
C GLU X 293 11.38 -40.58 -66.86
N SER X 294 10.69 -41.09 -65.83
CA SER X 294 9.33 -40.63 -65.57
C SER X 294 9.30 -39.18 -65.13
N ASP X 295 10.12 -38.80 -64.15
CA ASP X 295 10.02 -37.50 -63.52
C ASP X 295 11.05 -36.54 -64.10
N SER X 296 10.56 -35.42 -64.62
CA SER X 296 11.41 -34.34 -65.10
C SER X 296 10.84 -33.01 -64.61
N THR X 297 11.71 -32.07 -64.28
CA THR X 297 11.31 -30.79 -63.72
C THR X 297 11.85 -29.67 -64.59
N VAL X 298 10.98 -28.72 -64.94
CA VAL X 298 11.36 -27.53 -65.68
C VAL X 298 10.86 -26.32 -64.91
N GLU X 299 11.72 -25.34 -64.70
CA GLU X 299 11.34 -24.13 -64.00
C GLU X 299 12.30 -23.00 -64.36
N ILE X 300 11.91 -21.79 -63.98
CA ILE X 300 12.67 -20.60 -64.35
C ILE X 300 14.05 -20.63 -63.68
N ASP X 301 15.06 -20.23 -64.45
CA ASP X 301 16.43 -20.23 -63.95
C ASP X 301 16.69 -18.96 -63.15
N PHE X 302 16.80 -19.10 -61.84
CA PHE X 302 16.97 -17.95 -60.97
C PHE X 302 18.37 -17.35 -61.05
N GLU X 303 19.40 -18.18 -61.14
CA GLU X 303 20.77 -17.69 -61.06
C GLU X 303 21.09 -16.76 -62.23
N ALA X 304 20.77 -17.19 -63.45
CA ALA X 304 21.07 -16.36 -64.62
C ALA X 304 20.27 -15.07 -64.60
N GLN X 305 19.00 -15.15 -64.16
CA GLN X 305 18.19 -13.95 -64.06
C GLN X 305 18.75 -12.96 -63.06
N LYS X 306 19.20 -13.46 -61.90
CA LYS X 306 19.79 -12.58 -60.90
C LYS X 306 21.07 -11.95 -61.41
N SER X 307 21.90 -12.73 -62.11
CA SER X 307 23.13 -12.18 -62.67
C SER X 307 22.82 -11.10 -63.70
N TYR X 308 21.83 -11.35 -64.56
CA TYR X 308 21.44 -10.35 -65.55
C TYR X 308 20.92 -9.08 -64.91
N LEU X 309 20.09 -9.22 -63.87
CA LEU X 309 19.57 -8.06 -63.18
C LEU X 309 20.69 -7.25 -62.54
N LYS X 310 21.65 -7.92 -61.90
CA LYS X 310 22.79 -7.21 -61.35
C LYS X 310 23.61 -6.54 -62.45
N SER X 311 23.66 -7.14 -63.63
CA SER X 311 24.37 -6.52 -64.73
C SER X 311 23.69 -5.23 -65.19
N LYS X 312 22.43 -5.04 -64.83
CA LYS X 312 21.70 -3.82 -65.15
C LYS X 312 21.75 -2.79 -64.03
N GLY X 313 22.40 -3.10 -62.91
CA GLY X 313 22.56 -2.15 -61.84
C GLY X 313 21.44 -2.10 -60.83
N VAL X 314 20.39 -2.90 -61.00
CA VAL X 314 19.31 -2.91 -60.02
C VAL X 314 19.82 -3.47 -58.69
N ASP X 315 19.21 -3.02 -57.60
CA ASP X 315 19.61 -3.45 -56.25
C ASP X 315 18.57 -4.43 -55.72
N LEU X 316 18.94 -5.71 -55.72
CA LEU X 316 18.06 -6.77 -55.24
C LEU X 316 18.45 -7.28 -53.86
N SER X 317 19.12 -6.45 -53.06
CA SER X 317 19.52 -6.88 -51.72
C SER X 317 18.31 -7.18 -50.85
N TYR X 318 17.25 -6.37 -50.99
CA TYR X 318 16.09 -6.53 -50.13
C TYR X 318 15.03 -7.43 -50.78
N MET X 319 14.97 -7.45 -52.10
CA MET X 319 13.90 -8.17 -52.79
C MET X 319 13.95 -9.66 -52.48
N THR X 320 12.78 -10.23 -52.22
CA THR X 320 12.64 -11.65 -51.94
C THR X 320 12.87 -12.45 -53.22
N LEU X 321 13.22 -13.73 -53.06
CA LEU X 321 13.40 -14.63 -54.20
C LEU X 321 12.20 -14.58 -55.13
N GLN X 322 10.99 -14.66 -54.57
CA GLN X 322 9.79 -14.62 -55.40
C GLN X 322 9.71 -13.30 -56.17
N GLU X 323 9.98 -12.19 -55.49
CA GLU X 323 9.96 -10.89 -56.16
C GLU X 323 11.08 -10.78 -57.18
N ILE X 324 12.21 -11.46 -56.94
CA ILE X 324 13.28 -11.46 -57.93
C ILE X 324 12.82 -12.17 -59.19
N LYS X 325 12.12 -13.30 -59.04
CA LYS X 325 11.58 -13.97 -60.21
C LYS X 325 10.44 -13.16 -60.83
N GLU X 326 9.86 -12.24 -60.06
CA GLU X 326 8.81 -11.36 -60.60
C GLU X 326 9.38 -10.40 -61.63
N ALA X 327 10.65 -10.04 -61.50
CA ALA X 327 11.18 -8.85 -62.16
C ALA X 327 11.09 -8.95 -63.67
N ASN X 328 10.86 -7.81 -64.30
CA ASN X 328 10.83 -7.72 -65.76
C ASN X 328 12.23 -7.92 -66.32
N THR X 329 12.32 -8.65 -67.43
CA THR X 329 13.59 -8.93 -68.07
C THR X 329 13.72 -8.29 -69.46
N GLY X 330 12.62 -7.91 -70.09
CA GLY X 330 12.70 -7.25 -71.38
C GLY X 330 13.12 -8.16 -72.51
N SER X 331 12.26 -9.11 -72.90
CA SER X 331 12.45 -9.97 -74.07
C SER X 331 13.55 -11.01 -73.86
N LYS X 332 13.97 -11.21 -72.61
CA LYS X 332 14.87 -12.32 -72.32
C LYS X 332 14.22 -13.32 -71.39
N VAL X 333 14.42 -14.60 -71.66
CA VAL X 333 13.84 -15.69 -70.88
C VAL X 333 14.98 -16.62 -70.45
N PHE X 334 14.98 -17.00 -69.18
CA PHE X 334 15.98 -17.92 -68.64
C PHE X 334 15.27 -19.09 -67.98
N LEU X 335 15.59 -20.30 -68.42
CA LEU X 335 14.94 -21.51 -67.93
C LEU X 335 15.97 -22.62 -67.77
N LYS X 336 15.68 -23.53 -66.84
CA LYS X 336 16.54 -24.68 -66.59
C LYS X 336 15.67 -25.93 -66.51
N ALA X 337 16.24 -27.09 -66.82
CA ALA X 337 15.51 -28.35 -66.86
C ALA X 337 16.39 -29.49 -66.39
N LYS X 338 15.75 -30.55 -65.89
CA LYS X 338 16.42 -31.75 -65.43
C LYS X 338 15.73 -32.97 -66.01
N ILE X 339 16.47 -33.76 -66.79
CA ILE X 339 15.94 -34.98 -67.41
C ILE X 339 16.95 -36.10 -67.23
N LYS X 340 16.45 -37.33 -67.34
CA LYS X 340 17.28 -38.53 -67.28
C LYS X 340 16.97 -39.40 -68.49
N VAL X 341 18.00 -39.72 -69.27
CA VAL X 341 17.84 -40.43 -70.53
C VAL X 341 18.03 -41.92 -70.25
N LEU X 342 17.07 -42.73 -70.70
CA LEU X 342 17.17 -44.17 -70.56
C LEU X 342 18.12 -44.74 -71.60
N ASP X 343 18.52 -45.99 -71.40
CA ASP X 343 19.39 -46.70 -72.33
C ASP X 343 18.97 -48.17 -72.39
N ALA X 344 19.24 -48.80 -73.53
CA ALA X 344 18.89 -50.20 -73.71
C ALA X 344 19.82 -51.09 -72.90
N MET X 345 19.33 -52.27 -72.54
CA MET X 345 20.15 -53.22 -71.79
C MET X 345 21.40 -53.59 -72.57
N GLU X 346 22.55 -53.40 -71.94
CA GLU X 346 23.83 -53.57 -72.60
C GLU X 346 24.72 -54.62 -71.94
N ASP X 347 24.69 -54.74 -70.62
CA ASP X 347 25.51 -55.70 -69.89
C ASP X 347 24.65 -56.31 -68.79
N ILE X 348 24.75 -57.63 -68.64
CA ILE X 348 23.88 -58.37 -67.73
C ILE X 348 24.73 -59.08 -66.68
N ASP X 349 24.34 -58.93 -65.42
CA ASP X 349 24.98 -59.60 -64.30
C ASP X 349 24.04 -60.68 -63.77
N LEU X 350 24.61 -61.86 -63.50
CA LEU X 350 23.83 -62.99 -62.99
C LEU X 350 24.71 -63.88 -62.14
N SER X 351 24.33 -64.04 -60.88
CA SER X 351 25.01 -64.96 -59.96
C SER X 351 23.99 -65.98 -59.48
N ILE X 352 24.32 -67.26 -59.62
CA ILE X 352 23.42 -68.35 -59.29
C ILE X 352 24.03 -69.15 -58.14
N GLU X 353 23.24 -69.37 -57.10
CA GLU X 353 23.63 -70.18 -55.96
C GLU X 353 23.06 -71.57 -56.14
N ILE X 354 23.86 -72.58 -55.83
CA ILE X 354 23.43 -73.96 -55.98
C ILE X 354 22.78 -74.44 -54.69
N ALA Y 2 -28.61 91.89 -7.93
CA ALA Y 2 -30.02 92.05 -8.25
C ALA Y 2 -30.69 90.70 -8.42
N ILE Y 3 -31.71 90.45 -7.60
CA ILE Y 3 -32.42 89.18 -7.68
C ILE Y 3 -33.31 89.17 -8.92
N GLY Y 4 -33.16 88.12 -9.73
CA GLY Y 4 -33.94 87.96 -10.93
C GLY Y 4 -34.74 86.66 -10.89
N LEU Y 5 -35.32 86.33 -12.04
CA LEU Y 5 -36.02 85.07 -12.15
C LEU Y 5 -35.02 83.92 -12.07
N PRO Y 6 -35.43 82.75 -11.56
CA PRO Y 6 -34.51 81.61 -11.49
C PRO Y 6 -33.96 81.26 -12.87
N SER Y 7 -32.66 80.96 -12.92
CA SER Y 7 -31.96 80.71 -14.17
C SER Y 7 -31.51 79.26 -14.22
N ILE Y 8 -32.02 78.53 -15.21
CA ILE Y 8 -31.54 77.18 -15.52
C ILE Y 8 -31.05 77.21 -16.96
N ASN Y 9 -29.75 77.01 -17.15
CA ASN Y 9 -29.16 77.07 -18.46
C ASN Y 9 -28.30 75.84 -18.70
N ILE Y 10 -28.48 75.22 -19.87
CA ILE Y 10 -27.67 74.11 -20.33
C ILE Y 10 -26.94 74.55 -21.58
N SER Y 11 -25.62 74.43 -21.57
CA SER Y 11 -24.76 74.91 -22.65
C SER Y 11 -24.06 73.73 -23.30
N PHE Y 12 -24.11 73.68 -24.62
CA PHE Y 12 -23.39 72.69 -25.40
C PHE Y 12 -22.22 73.37 -26.11
N LYS Y 13 -21.02 72.82 -25.94
CA LYS Y 13 -19.83 73.36 -26.56
C LYS Y 13 -19.00 72.23 -27.13
N GLU Y 14 -18.21 72.53 -28.15
CA GLU Y 14 -17.36 71.52 -28.77
C GLU Y 14 -15.98 71.48 -28.12
N LEU Y 15 -15.35 70.32 -28.15
CA LEU Y 15 -13.96 70.19 -27.77
C LEU Y 15 -13.11 70.66 -28.94
N ALA Y 16 -12.80 71.96 -28.92
CA ALA Y 16 -12.11 72.59 -30.03
C ALA Y 16 -10.65 72.17 -30.09
N THR Y 17 -10.40 70.90 -30.42
CA THR Y 17 -9.03 70.44 -30.61
C THR Y 17 -8.35 71.27 -31.69
N THR Y 18 -7.27 71.94 -31.32
CA THR Y 18 -6.68 72.95 -32.19
C THR Y 18 -5.20 72.65 -32.39
N VAL Y 19 -4.78 72.72 -33.65
CA VAL Y 19 -3.37 72.73 -34.01
C VAL Y 19 -3.04 74.14 -34.49
N LYS Y 20 -1.94 74.70 -33.98
CA LYS Y 20 -1.58 76.06 -34.34
C LYS Y 20 -1.32 76.17 -35.83
N GLU Y 21 -1.86 77.22 -36.43
CA GLU Y 21 -1.83 77.40 -37.87
C GLU Y 21 -0.62 78.27 -38.22
N ARG Y 22 0.23 77.76 -39.11
CA ARG Y 22 1.51 78.38 -39.41
C ARG Y 22 1.55 78.93 -40.83
N SER Y 23 2.56 79.77 -41.08
CA SER Y 23 2.63 80.51 -42.34
C SER Y 23 2.60 79.57 -43.53
N ALA Y 24 1.81 79.95 -44.54
CA ALA Y 24 1.60 79.08 -45.70
C ALA Y 24 2.93 78.84 -46.43
N ARG Y 25 3.18 77.58 -46.76
CA ARG Y 25 4.39 77.15 -47.42
C ARG Y 25 4.02 76.37 -48.68
N GLY Y 26 4.82 76.55 -49.73
CA GLY Y 26 4.60 75.84 -50.98
C GLY Y 26 3.77 76.55 -52.01
N ILE Y 27 3.32 77.76 -51.73
CA ILE Y 27 2.54 78.54 -52.70
C ILE Y 27 3.51 79.24 -53.64
N ILE Y 28 3.06 79.43 -54.88
CA ILE Y 28 3.88 80.06 -55.92
C ILE Y 28 3.17 81.31 -56.38
N ALA Y 29 3.95 82.35 -56.70
CA ALA Y 29 3.44 83.55 -57.32
C ALA Y 29 4.02 83.65 -58.72
N MET Y 30 3.14 83.75 -59.71
CA MET Y 30 3.54 83.94 -61.09
C MET Y 30 2.89 85.22 -61.60
N VAL Y 31 3.61 85.97 -62.42
CA VAL Y 31 3.09 87.19 -63.02
C VAL Y 31 3.54 87.26 -64.47
N LEU Y 32 2.59 87.59 -65.36
CA LEU Y 32 2.78 87.47 -66.80
C LEU Y 32 2.07 88.63 -67.49
N LYS Y 33 2.38 88.84 -68.76
CA LYS Y 33 1.83 89.91 -69.56
C LYS Y 33 0.88 89.36 -70.62
N ASP Y 34 -0.30 89.96 -70.72
CA ASP Y 34 -1.28 89.58 -71.74
C ASP Y 34 -2.22 90.75 -71.97
N ALA Y 35 -3.10 90.58 -72.95
CA ALA Y 35 -4.17 91.54 -73.22
C ALA Y 35 -5.53 91.05 -72.74
N LYS Y 36 -5.59 89.87 -72.11
CA LYS Y 36 -6.84 89.30 -71.64
C LYS Y 36 -6.74 88.96 -70.16
N ALA Y 37 -7.87 89.06 -69.46
CA ALA Y 37 -7.97 88.69 -68.06
C ALA Y 37 -6.89 89.36 -67.22
N LEU Y 38 -6.78 90.68 -67.37
CA LEU Y 38 -5.72 91.42 -66.70
C LEU Y 38 -5.90 91.37 -65.18
N GLY Y 39 -4.78 91.43 -64.47
CA GLY Y 39 -4.79 91.30 -63.03
C GLY Y 39 -4.56 89.87 -62.58
N LEU Y 40 -4.70 89.68 -61.28
CA LEU Y 40 -4.54 88.36 -60.70
C LEU Y 40 -5.63 87.41 -61.19
N ASN Y 41 -5.31 86.12 -61.24
CA ASN Y 41 -6.22 85.13 -61.81
C ASN Y 41 -6.58 84.01 -60.86
N GLU Y 42 -5.79 83.76 -59.82
CA GLU Y 42 -6.16 82.88 -58.71
C GLU Y 42 -6.45 81.45 -59.19
N ILE Y 43 -5.42 80.80 -59.73
CA ILE Y 43 -5.54 79.40 -60.16
C ILE Y 43 -5.19 78.55 -58.94
N HIS Y 44 -6.21 78.28 -58.13
CA HIS Y 44 -6.03 77.44 -56.96
C HIS Y 44 -5.93 75.97 -57.34
N GLU Y 45 -6.68 75.56 -58.36
CA GLU Y 45 -6.77 74.16 -58.77
C GLU Y 45 -6.09 74.01 -60.13
N LYS Y 46 -5.31 72.93 -60.27
CA LYS Y 46 -4.64 72.64 -61.53
C LYS Y 46 -5.62 72.56 -62.69
N GLU Y 47 -6.84 72.08 -62.46
CA GLU Y 47 -7.75 71.83 -63.56
C GLU Y 47 -8.24 73.14 -64.19
N ASP Y 48 -8.82 74.03 -63.39
CA ASP Y 48 -9.43 75.25 -63.93
C ASP Y 48 -8.35 76.19 -64.43
N ILE Y 49 -8.52 76.70 -65.64
CA ILE Y 49 -7.60 77.65 -66.25
C ILE Y 49 -8.42 78.63 -67.08
N PRO Y 50 -8.20 79.94 -66.93
CA PRO Y 50 -8.91 80.91 -67.76
C PRO Y 50 -8.66 80.67 -69.24
N VAL Y 51 -9.70 80.84 -70.04
CA VAL Y 51 -9.64 80.44 -71.44
C VAL Y 51 -9.07 81.54 -72.32
N ASP Y 52 -9.35 82.81 -72.00
CA ASP Y 52 -8.98 83.90 -72.89
C ASP Y 52 -7.47 84.11 -73.00
N LEU Y 53 -6.70 83.59 -72.06
CA LEU Y 53 -5.25 83.79 -72.11
C LEU Y 53 -4.63 82.92 -73.21
N SER Y 54 -3.44 83.34 -73.65
CA SER Y 54 -2.81 82.76 -74.83
C SER Y 54 -2.41 81.31 -74.60
N ALA Y 55 -2.35 80.56 -75.70
CA ALA Y 55 -2.02 79.14 -75.63
C ALA Y 55 -0.59 78.92 -75.14
N GLU Y 56 0.35 79.77 -75.57
CA GLU Y 56 1.71 79.66 -75.05
C GLU Y 56 1.73 79.92 -73.55
N ASN Y 57 0.91 80.86 -73.07
CA ASN Y 57 0.78 81.03 -71.63
C ASN Y 57 0.05 79.85 -70.99
N LYS Y 58 -0.84 79.19 -71.72
CA LYS Y 58 -1.44 77.96 -71.21
C LYS Y 58 -0.37 76.91 -70.95
N GLU Y 59 0.53 76.71 -71.91
CA GLU Y 59 1.59 75.72 -71.75
C GLU Y 59 2.58 76.16 -70.67
N TYR Y 60 2.80 77.47 -70.54
CA TYR Y 60 3.69 77.96 -69.50
C TYR Y 60 3.12 77.65 -68.13
N ILE Y 61 1.83 77.92 -67.94
CA ILE Y 61 1.14 77.54 -66.72
C ILE Y 61 1.26 76.04 -66.49
N ASN Y 62 1.06 75.25 -67.56
CA ASN Y 62 1.15 73.80 -67.43
C ASN Y 62 2.51 73.37 -66.90
N LEU Y 63 3.60 73.88 -67.49
CA LEU Y 63 4.93 73.57 -66.97
C LEU Y 63 5.04 73.97 -65.51
N ALA Y 64 4.47 75.11 -65.14
CA ALA Y 64 4.48 75.51 -63.74
C ALA Y 64 3.60 74.63 -62.87
N LEU Y 65 2.73 73.80 -63.47
CA LEU Y 65 1.72 73.08 -62.69
C LEU Y 65 2.29 71.85 -62.00
N MET Y 66 2.74 70.85 -62.77
CA MET Y 66 3.13 69.59 -62.14
C MET Y 66 4.39 69.79 -61.28
N GLY Y 67 4.32 69.30 -60.04
CA GLY Y 67 5.37 69.54 -59.07
C GLY Y 67 6.36 68.38 -59.00
N ASN Y 68 7.33 68.50 -58.09
CA ASN Y 68 8.31 67.44 -57.91
C ASN Y 68 7.70 66.23 -57.23
N VAL Y 69 7.31 66.38 -55.97
CA VAL Y 69 6.74 65.30 -55.18
C VAL Y 69 5.24 65.50 -54.95
N ASN Y 70 4.83 66.74 -54.66
CA ASN Y 70 3.43 67.05 -54.46
C ASN Y 70 3.06 68.21 -55.36
N THR Y 71 1.78 68.31 -55.65
CA THR Y 71 1.28 69.45 -56.42
C THR Y 71 1.43 70.72 -55.60
N PRO Y 72 1.66 71.87 -56.24
CA PRO Y 72 1.69 73.13 -55.49
C PRO Y 72 0.38 73.38 -54.79
N ASN Y 73 0.47 73.92 -53.56
CA ASN Y 73 -0.73 74.18 -52.78
C ASN Y 73 -1.57 75.29 -53.39
N LYS Y 74 -0.93 76.35 -53.86
CA LYS Y 74 -1.66 77.49 -54.39
C LYS Y 74 -0.78 78.23 -55.38
N LEU Y 75 -1.32 78.48 -56.58
CA LEU Y 75 -0.60 79.20 -57.62
C LEU Y 75 -1.29 80.54 -57.85
N LEU Y 76 -0.51 81.62 -57.74
CA LEU Y 76 -0.98 82.97 -57.97
C LEU Y 76 -0.45 83.45 -59.31
N VAL Y 77 -1.35 83.83 -60.21
CA VAL Y 77 -0.98 84.34 -61.53
C VAL Y 77 -1.64 85.69 -61.71
N TYR Y 78 -0.83 86.72 -61.94
CA TYR Y 78 -1.32 88.07 -62.20
C TYR Y 78 -0.95 88.45 -63.62
N VAL Y 79 -1.94 88.87 -64.39
CA VAL Y 79 -1.75 89.30 -65.77
C VAL Y 79 -1.52 90.81 -65.78
N ILE Y 80 -0.43 91.23 -66.42
CA ILE Y 80 -0.06 92.63 -66.48
C ILE Y 80 -0.24 93.12 -67.91
N GLU Y 81 -0.41 94.44 -68.05
CA GLU Y 81 -0.54 95.05 -69.35
C GLU Y 81 0.84 95.24 -69.99
N GLY Y 82 0.88 95.18 -71.31
CA GLY Y 82 2.14 95.32 -72.02
C GLY Y 82 2.79 96.67 -71.72
N GLU Y 83 4.11 96.65 -71.57
CA GLU Y 83 4.93 97.82 -71.24
C GLU Y 83 4.43 98.58 -70.02
N ALA Y 84 3.78 97.90 -69.08
CA ALA Y 84 3.37 98.53 -67.82
C ALA Y 84 4.49 98.57 -66.80
N ASP Y 85 5.73 98.24 -67.20
CA ASP Y 85 6.87 98.12 -66.31
C ASP Y 85 6.64 97.01 -65.29
N ILE Y 86 7.50 96.92 -64.29
CA ILE Y 86 7.44 95.81 -63.35
C ILE Y 86 6.96 96.26 -61.98
N GLN Y 87 7.21 97.52 -61.60
CA GLN Y 87 6.78 97.98 -60.28
C GLN Y 87 5.28 97.89 -60.09
N THR Y 88 4.51 98.01 -61.18
CA THR Y 88 3.07 97.93 -61.08
C THR Y 88 2.62 96.57 -60.56
N ALA Y 89 3.23 95.49 -61.06
CA ALA Y 89 2.94 94.17 -60.53
C ALA Y 89 3.63 93.93 -59.20
N LEU Y 90 4.79 94.57 -58.98
CA LEU Y 90 5.51 94.40 -57.72
C LEU Y 90 4.69 94.92 -56.54
N ASP Y 91 4.01 96.04 -56.72
CA ASP Y 91 3.14 96.54 -55.65
C ASP Y 91 2.02 95.55 -55.35
N PHE Y 92 1.36 95.06 -56.40
CA PHE Y 92 0.31 94.05 -56.25
C PHE Y 92 0.82 92.85 -55.47
N LEU Y 93 2.01 92.37 -55.80
CA LEU Y 93 2.58 91.24 -55.07
C LEU Y 93 2.89 91.62 -53.63
N GLU Y 94 3.33 92.87 -53.40
CA GLU Y 94 3.64 93.32 -52.06
C GLU Y 94 2.41 93.29 -51.16
N THR Y 95 1.23 93.63 -51.69
CA THR Y 95 0.04 93.58 -50.87
C THR Y 95 -0.27 92.16 -50.40
N LYS Y 96 -0.04 91.16 -51.26
CA LYS Y 96 -0.34 89.77 -50.94
C LYS Y 96 0.91 89.05 -50.44
N GLU Y 97 0.70 87.80 -50.01
CA GLU Y 97 1.79 86.95 -49.56
C GLU Y 97 2.10 85.88 -50.60
N PHE Y 98 3.36 85.43 -50.62
CA PHE Y 98 3.81 84.44 -51.59
C PHE Y 98 5.16 83.89 -51.14
N ASN Y 99 5.59 82.82 -51.80
CA ASN Y 99 6.86 82.18 -51.50
C ASN Y 99 7.85 82.26 -52.66
N TYR Y 100 7.41 81.97 -53.88
CA TYR Y 100 8.29 81.94 -55.04
C TYR Y 100 7.69 82.79 -56.17
N LEU Y 101 8.57 83.46 -56.92
CA LEU Y 101 8.17 84.38 -57.98
C LEU Y 101 8.97 84.08 -59.24
N CYS Y 102 8.32 84.17 -60.40
CA CYS Y 102 9.02 83.91 -61.66
C CYS Y 102 8.37 84.68 -62.81
N MET Y 103 9.19 84.97 -63.82
CA MET Y 103 8.81 85.52 -65.13
C MET Y 103 9.44 84.69 -66.23
N PRO Y 104 8.65 83.94 -67.00
CA PRO Y 104 9.19 83.33 -68.23
C PRO Y 104 9.73 84.38 -69.21
N LYS Y 105 9.04 85.51 -69.32
CA LYS Y 105 9.41 86.55 -70.29
C LYS Y 105 9.96 87.76 -69.55
N ALA Y 106 11.18 88.15 -69.87
CA ALA Y 106 11.79 89.28 -69.20
C ALA Y 106 12.97 89.78 -70.01
N VAL Y 107 13.24 91.08 -69.88
CA VAL Y 107 14.43 91.67 -70.47
C VAL Y 107 15.43 91.91 -69.35
N GLU Y 108 16.70 92.12 -69.73
CA GLU Y 108 17.77 92.19 -68.74
C GLU Y 108 17.56 93.32 -67.74
N ALA Y 109 17.10 94.49 -68.21
CA ALA Y 109 16.80 95.58 -67.30
C ALA Y 109 15.64 95.21 -66.37
N ASP Y 110 14.66 94.47 -66.89
CA ASP Y 110 13.57 94.01 -66.05
C ASP Y 110 14.08 93.10 -64.93
N LYS Y 111 14.97 92.15 -65.28
CA LYS Y 111 15.54 91.29 -64.25
C LYS Y 111 16.35 92.09 -63.25
N THR Y 112 17.06 93.12 -63.70
CA THR Y 112 17.79 93.98 -62.78
C THR Y 112 16.84 94.65 -61.80
N ALA Y 113 15.72 95.18 -62.29
CA ALA Y 113 14.74 95.80 -61.41
C ALA Y 113 14.18 94.77 -60.42
N ILE Y 114 13.89 93.56 -60.89
CA ILE Y 114 13.35 92.53 -60.01
C ILE Y 114 14.34 92.21 -58.90
N LYS Y 115 15.61 92.00 -59.26
CA LYS Y 115 16.58 91.59 -58.25
C LYS Y 115 16.83 92.73 -57.25
N ASN Y 116 16.83 93.97 -57.73
CA ASN Y 116 16.93 95.10 -56.79
C ASN Y 116 15.75 95.10 -55.82
N TRP Y 117 14.54 94.87 -56.33
CA TRP Y 117 13.38 94.85 -55.44
C TRP Y 117 13.48 93.71 -54.43
N ILE Y 118 13.93 92.53 -54.85
CA ILE Y 118 14.05 91.42 -53.90
C ILE Y 118 15.10 91.73 -52.83
N ILE Y 119 16.26 92.26 -53.23
CA ILE Y 119 17.31 92.50 -52.24
C ILE Y 119 16.89 93.59 -51.28
N LYS Y 120 16.13 94.58 -51.74
CA LYS Y 120 15.68 95.62 -50.83
C LYS Y 120 14.55 95.13 -49.93
N LEU Y 121 13.67 94.28 -50.46
CA LEU Y 121 12.51 93.84 -49.67
C LEU Y 121 12.92 92.83 -48.62
N ARG Y 122 13.92 92.00 -48.91
CA ARG Y 122 14.32 90.98 -47.94
C ARG Y 122 15.02 91.58 -46.73
N ASP Y 123 15.40 92.85 -46.79
CA ASP Y 123 16.10 93.46 -45.67
C ASP Y 123 15.31 94.62 -45.06
N ILE Y 124 14.92 95.61 -45.85
CA ILE Y 124 14.20 96.76 -45.31
C ILE Y 124 12.82 96.34 -44.82
N ASP Y 125 12.11 95.54 -45.60
CA ASP Y 125 10.76 95.11 -45.24
C ASP Y 125 10.75 93.88 -44.34
N LYS Y 126 11.89 93.20 -44.19
CA LYS Y 126 11.98 92.02 -43.33
C LYS Y 126 10.96 90.95 -43.71
N VAL Y 127 10.71 90.83 -45.01
CA VAL Y 127 9.78 89.83 -45.55
C VAL Y 127 10.58 88.88 -46.42
N LYS Y 128 10.38 87.59 -46.21
CA LYS Y 128 11.25 86.55 -46.77
C LYS Y 128 10.58 85.90 -47.96
N VAL Y 129 11.09 86.19 -49.16
CA VAL Y 129 10.61 85.60 -50.40
C VAL Y 129 11.81 85.27 -51.27
N LYS Y 130 11.56 84.48 -52.32
CA LYS Y 130 12.60 84.10 -53.27
C LYS Y 130 12.02 84.10 -54.68
N ALA Y 131 12.93 84.15 -55.66
CA ALA Y 131 12.55 84.16 -57.06
C ALA Y 131 13.58 83.40 -57.88
N VAL Y 132 13.16 82.94 -59.05
CA VAL Y 132 14.00 82.20 -59.97
C VAL Y 132 14.19 83.02 -61.24
N LEU Y 133 15.44 83.35 -61.56
CA LEU Y 133 15.74 84.26 -62.64
C LEU Y 133 16.56 83.55 -63.72
N GLY Y 134 16.39 83.99 -64.96
CA GLY Y 134 16.96 83.27 -66.08
C GLY Y 134 18.47 83.32 -66.14
N LYS Y 135 19.04 84.52 -65.97
CA LYS Y 135 20.49 84.68 -66.07
C LYS Y 135 20.89 85.94 -65.29
N VAL Y 136 21.35 85.75 -64.07
CA VAL Y 136 21.79 86.83 -63.20
C VAL Y 136 23.03 86.39 -62.43
N VAL Y 137 23.68 87.37 -61.80
CA VAL Y 137 24.94 87.14 -61.09
C VAL Y 137 24.73 87.61 -59.65
N GLY Y 138 23.49 87.96 -59.32
CA GLY Y 138 23.20 88.48 -58.00
C GLY Y 138 23.65 87.53 -56.91
N ASN Y 139 24.20 88.10 -55.83
CA ASN Y 139 24.90 87.35 -54.80
C ASN Y 139 24.13 87.30 -53.49
N HIS Y 140 22.81 87.16 -53.56
CA HIS Y 140 21.97 87.14 -52.37
C HIS Y 140 21.27 85.79 -52.26
N GLU Y 141 20.94 85.42 -51.01
CA GLU Y 141 20.29 84.14 -50.77
C GLU Y 141 18.90 84.08 -51.39
N GLY Y 142 18.28 85.23 -51.62
CA GLY Y 142 16.91 85.27 -52.07
C GLY Y 142 16.68 85.00 -53.54
N ILE Y 143 17.73 84.75 -54.31
CA ILE Y 143 17.62 84.50 -55.74
C ILE Y 143 18.27 83.17 -56.06
N ILE Y 144 17.76 82.50 -57.09
CA ILE Y 144 18.29 81.22 -57.55
C ILE Y 144 18.61 81.36 -59.03
N ASN Y 145 19.85 81.04 -59.40
CA ASN Y 145 20.33 81.26 -60.76
C ASN Y 145 20.38 79.93 -61.49
N PHE Y 146 19.43 79.73 -62.41
CA PHE Y 146 19.39 78.55 -63.26
C PHE Y 146 19.73 78.99 -64.68
N THR Y 147 20.78 78.40 -65.25
CA THR Y 147 21.11 78.67 -66.66
C THR Y 147 21.49 77.37 -67.35
N THR Y 148 20.66 76.96 -68.32
CA THR Y 148 21.05 75.96 -69.30
C THR Y 148 20.30 76.28 -70.58
N GLU Y 149 20.87 75.91 -71.72
CA GLU Y 149 20.40 76.40 -73.01
C GLU Y 149 19.78 75.29 -73.83
N ASP Y 150 18.85 75.68 -74.70
CA ASP Y 150 18.24 74.79 -75.70
C ASP Y 150 17.65 73.55 -75.05
N VAL Y 151 16.68 73.76 -74.17
CA VAL Y 151 16.00 72.66 -73.51
C VAL Y 151 14.92 72.12 -74.43
N LEU Y 152 14.91 70.80 -74.64
CA LEU Y 152 13.95 70.15 -75.52
C LEU Y 152 12.99 69.33 -74.67
N VAL Y 153 11.76 69.83 -74.52
CA VAL Y 153 10.71 69.15 -73.78
C VAL Y 153 9.48 69.03 -74.67
N GLY Y 154 9.04 67.80 -74.90
CA GLY Y 154 7.85 67.56 -75.70
C GLY Y 154 7.94 68.10 -77.12
N GLU Y 155 9.08 67.82 -77.78
CA GLU Y 155 9.33 68.26 -79.15
C GLU Y 155 9.16 69.78 -79.25
N LYS Y 156 9.89 70.51 -78.42
CA LYS Y 156 9.91 71.96 -78.48
C LYS Y 156 11.17 72.47 -77.77
N LYS Y 157 11.78 73.50 -78.35
CA LYS Y 157 12.98 74.10 -77.77
C LYS Y 157 12.58 75.21 -76.80
N TYR Y 158 13.14 75.15 -75.60
CA TYR Y 158 12.84 76.13 -74.56
C TYR Y 158 14.09 76.89 -74.18
N SER Y 159 13.95 78.20 -74.05
CA SER Y 159 15.01 79.01 -73.48
C SER Y 159 15.06 78.82 -71.97
N VAL Y 160 16.14 79.29 -71.36
CA VAL Y 160 16.29 79.17 -69.92
C VAL Y 160 15.23 80.00 -69.20
N ASP Y 161 14.93 81.19 -69.73
CA ASP Y 161 13.98 82.08 -69.07
C ASP Y 161 12.59 81.46 -69.00
N GLU Y 162 12.16 80.81 -70.08
CA GLU Y 162 10.83 80.19 -70.06
C GLU Y 162 10.84 78.89 -69.26
N PHE Y 163 12.01 78.29 -69.07
CA PHE Y 163 12.12 77.12 -68.21
C PHE Y 163 12.26 77.49 -66.74
N THR Y 164 12.43 78.79 -66.44
CA THR Y 164 12.40 79.22 -65.05
C THR Y 164 11.08 78.85 -64.37
N SER Y 165 9.98 78.84 -65.13
CA SER Y 165 8.70 78.42 -64.56
C SER Y 165 8.75 76.96 -64.15
N ARG Y 166 9.32 76.10 -65.00
CA ARG Y 166 9.44 74.68 -64.66
C ARG Y 166 10.30 74.49 -63.42
N VAL Y 167 11.45 75.14 -63.35
CA VAL Y 167 12.33 74.89 -62.21
C VAL Y 167 11.69 75.44 -60.93
N ALA Y 168 11.01 76.58 -61.03
CA ALA Y 168 10.34 77.13 -59.85
C ALA Y 168 9.24 76.20 -59.35
N GLY Y 169 8.44 75.65 -60.27
CA GLY Y 169 7.46 74.65 -59.86
C GLY Y 169 8.12 73.43 -59.25
N LEU Y 170 9.30 73.08 -59.78
CA LEU Y 170 10.05 71.94 -59.25
C LEU Y 170 10.41 72.16 -57.78
N ILE Y 171 10.96 73.32 -57.46
CA ILE Y 171 11.30 73.62 -56.05
C ILE Y 171 10.04 73.69 -55.21
N ALA Y 172 8.98 74.29 -55.73
CA ALA Y 172 7.77 74.44 -54.95
C ALA Y 172 7.12 73.09 -54.63
N GLY Y 173 7.26 72.11 -55.53
CA GLY Y 173 6.61 70.83 -55.32
C GLY Y 173 7.18 70.04 -54.16
N THR Y 174 8.50 70.11 -53.98
CA THR Y 174 9.15 69.22 -53.01
C THR Y 174 8.78 69.60 -51.58
N PRO Y 175 8.76 68.63 -50.67
CA PRO Y 175 8.53 68.94 -49.25
C PRO Y 175 9.75 69.55 -48.59
N LEU Y 176 9.66 69.84 -47.29
CA LEU Y 176 10.78 70.42 -46.57
C LEU Y 176 11.78 69.38 -46.08
N SER Y 177 11.32 68.15 -45.80
CA SER Y 177 12.21 67.13 -45.29
C SER Y 177 13.24 66.73 -46.33
N GLN Y 178 12.88 66.77 -47.61
CA GLN Y 178 13.76 66.35 -48.68
C GLN Y 178 14.40 67.54 -49.37
N SER Y 179 15.38 67.27 -50.21
CA SER Y 179 16.07 68.30 -50.96
C SER Y 179 15.87 68.09 -52.45
N VAL Y 180 16.21 69.13 -53.23
CA VAL Y 180 16.05 69.07 -54.67
C VAL Y 180 17.19 68.30 -55.34
N THR Y 181 18.25 68.02 -54.60
CA THR Y 181 19.42 67.37 -55.18
C THR Y 181 19.06 66.03 -55.79
N TYR Y 182 19.51 65.83 -57.03
CA TYR Y 182 19.47 64.53 -57.70
C TYR Y 182 18.03 64.08 -57.91
N THR Y 183 17.26 64.90 -58.61
CA THR Y 183 15.83 64.67 -58.81
C THR Y 183 15.55 64.44 -60.29
N LYS Y 184 14.79 63.40 -60.59
CA LYS Y 184 14.52 62.99 -61.95
C LYS Y 184 13.58 63.96 -62.64
N LEU Y 185 13.87 64.24 -63.91
CA LEU Y 185 13.01 65.05 -64.78
C LEU Y 185 12.67 64.22 -66.00
N SER Y 186 11.54 63.51 -65.96
CA SER Y 186 11.12 62.72 -67.11
C SER Y 186 10.64 63.58 -68.27
N ASP Y 187 10.29 64.83 -68.02
CA ASP Y 187 9.77 65.69 -69.09
C ASP Y 187 10.83 65.98 -70.14
N VAL Y 188 12.01 66.42 -69.70
CA VAL Y 188 13.07 66.78 -70.64
C VAL Y 188 13.61 65.52 -71.30
N VAL Y 189 14.00 65.66 -72.57
CA VAL Y 189 14.43 64.50 -73.34
C VAL Y 189 15.84 64.72 -73.88
N ASP Y 190 16.31 65.96 -73.92
CA ASP Y 190 17.62 66.23 -74.48
C ASP Y 190 18.23 67.45 -73.83
N ILE Y 191 19.49 67.31 -73.42
CA ILE Y 191 20.32 68.38 -72.89
C ILE Y 191 21.61 68.44 -73.68
N PRO Y 192 22.00 69.65 -74.12
CA PRO Y 192 23.19 69.76 -74.97
C PRO Y 192 24.44 69.27 -74.25
N LYS Y 193 25.34 68.66 -75.03
CA LYS Y 193 26.51 67.99 -74.50
C LYS Y 193 27.44 69.00 -73.82
N MET Y 194 27.88 68.63 -72.61
CA MET Y 194 28.78 69.47 -71.83
C MET Y 194 29.50 68.58 -70.82
N THR Y 195 30.77 68.89 -70.58
CA THR Y 195 31.64 67.98 -69.85
C THR Y 195 31.47 68.14 -68.33
N LYS Y 196 31.95 67.13 -67.61
CA LYS Y 196 31.78 67.09 -66.16
C LYS Y 196 32.57 68.19 -65.46
N VAL Y 197 33.80 68.44 -65.93
CA VAL Y 197 34.61 69.48 -65.30
C VAL Y 197 33.98 70.85 -65.49
N ASP Y 198 33.31 71.06 -66.63
CA ASP Y 198 32.58 72.30 -66.82
C ASP Y 198 31.45 72.42 -65.81
N ALA Y 199 30.73 71.32 -65.55
CA ALA Y 199 29.69 71.34 -64.54
C ALA Y 199 30.26 71.67 -63.17
N GLU Y 200 31.40 71.07 -62.83
CA GLU Y 200 32.09 71.41 -61.58
C GLU Y 200 32.39 72.91 -61.51
N SER Y 201 32.89 73.47 -62.60
CA SER Y 201 33.23 74.89 -62.63
C SER Y 201 31.99 75.75 -62.38
N ARG Y 202 30.92 75.52 -63.13
CA ARG Y 202 29.73 76.35 -62.99
C ARG Y 202 29.07 76.17 -61.64
N VAL Y 203 29.06 74.95 -61.10
CA VAL Y 203 28.52 74.74 -59.77
C VAL Y 203 29.34 75.51 -58.74
N ASN Y 204 30.66 75.52 -58.91
CA ASN Y 204 31.50 76.30 -58.00
C ASN Y 204 31.21 77.79 -58.08
N LYS Y 205 30.65 78.25 -59.21
CA LYS Y 205 30.26 79.65 -59.34
C LYS Y 205 28.97 79.98 -58.60
N GLY Y 206 28.30 78.98 -58.04
CA GLY Y 206 26.97 79.17 -57.49
C GLY Y 206 25.85 78.96 -58.49
N GLU Y 207 26.19 78.66 -59.75
CA GLU Y 207 25.20 78.47 -60.80
C GLU Y 207 24.54 77.10 -60.66
N LEU Y 208 23.25 77.02 -60.95
CA LEU Y 208 22.51 75.77 -60.94
C LEU Y 208 22.42 75.22 -62.36
N ILE Y 209 22.74 73.93 -62.53
CA ILE Y 209 22.90 73.35 -63.86
C ILE Y 209 22.24 71.97 -63.88
N LEU Y 210 21.67 71.63 -65.04
CA LEU Y 210 21.12 70.31 -65.32
C LEU Y 210 22.24 69.41 -65.84
N ILE Y 211 22.24 68.15 -65.40
CA ILE Y 211 23.33 67.23 -65.70
C ILE Y 211 22.75 65.90 -66.17
N LYS Y 212 23.39 65.33 -67.21
CA LYS Y 212 23.09 64.00 -67.72
C LYS Y 212 24.01 63.01 -67.01
N GLU Y 213 23.42 62.11 -66.22
CA GLU Y 213 24.20 61.15 -65.46
C GLU Y 213 23.32 59.94 -65.20
N ALA Y 214 23.83 58.77 -65.54
CA ALA Y 214 23.12 57.49 -65.46
C ALA Y 214 21.81 57.61 -66.22
N GLY Y 215 20.73 57.08 -65.64
CA GLY Y 215 19.52 56.85 -66.40
C GLY Y 215 18.84 58.09 -66.92
N ALA Y 216 18.73 59.14 -66.13
CA ALA Y 216 17.88 60.26 -66.47
C ALA Y 216 18.59 61.59 -66.20
N ILE Y 217 17.97 62.65 -66.71
CA ILE Y 217 18.40 64.03 -66.42
C ILE Y 217 18.04 64.35 -64.99
N ARG Y 218 18.98 64.93 -64.25
CA ARG Y 218 18.79 65.18 -62.83
C ARG Y 218 19.36 66.53 -62.43
N ILE Y 219 18.83 67.06 -61.33
CA ILE Y 219 19.38 68.28 -60.73
C ILE Y 219 20.71 67.97 -60.07
N ALA Y 220 21.64 68.93 -60.16
CA ALA Y 220 22.99 68.76 -59.64
C ALA Y 220 23.19 69.62 -58.40
N ARG Y 221 22.84 69.07 -57.24
CA ARG Y 221 23.15 69.68 -55.94
C ARG Y 221 22.68 71.13 -55.89
N GLY Y 222 21.35 71.27 -55.85
CA GLY Y 222 20.71 72.58 -55.82
C GLY Y 222 21.33 73.55 -54.83
N VAL Y 223 21.92 74.62 -55.35
CA VAL Y 223 22.63 75.60 -54.55
C VAL Y 223 22.22 77.00 -54.98
N ASN Y 224 22.03 77.87 -54.01
CA ASN Y 224 21.62 79.24 -54.28
C ASN Y 224 22.77 80.08 -54.81
N SER Y 225 22.45 81.31 -55.22
CA SER Y 225 23.27 82.04 -56.18
C SER Y 225 24.47 82.76 -55.56
N LEU Y 226 24.52 82.94 -54.25
CA LEU Y 226 25.59 83.79 -53.70
C LEU Y 226 26.94 83.10 -53.83
N THR Y 227 27.98 83.91 -54.02
CA THR Y 227 29.34 83.38 -54.20
C THR Y 227 30.28 83.74 -53.06
N GLU Y 228 30.39 85.02 -52.70
CA GLU Y 228 31.29 85.44 -51.65
C GLU Y 228 30.76 84.97 -50.29
N LEU Y 229 31.67 84.63 -49.38
CA LEU Y 229 31.33 84.17 -48.04
C LEU Y 229 31.92 85.13 -47.02
N THR Y 230 31.08 85.63 -46.12
CA THR Y 230 31.53 86.54 -45.09
C THR Y 230 31.66 85.82 -43.75
N ALA Y 231 32.13 86.54 -42.73
CA ALA Y 231 32.28 85.94 -41.41
C ALA Y 231 30.92 85.58 -40.81
N GLU Y 232 29.94 86.48 -40.94
CA GLU Y 232 28.62 86.21 -40.39
C GLU Y 232 27.87 85.17 -41.20
N LYS Y 233 27.94 85.27 -42.53
CA LYS Y 233 27.22 84.36 -43.41
C LYS Y 233 28.05 83.09 -43.58
N GLY Y 234 27.63 82.02 -42.92
CA GLY Y 234 28.36 80.76 -42.96
C GLY Y 234 28.16 80.03 -44.28
N GLU Y 235 28.85 78.89 -44.38
CA GLU Y 235 28.78 78.08 -45.59
C GLU Y 235 27.40 77.46 -45.77
N MET Y 236 26.75 77.08 -44.66
CA MET Y 236 25.45 76.42 -44.75
C MET Y 236 24.38 77.32 -45.35
N PHE Y 237 24.65 78.63 -45.43
CA PHE Y 237 23.72 79.54 -46.09
C PHE Y 237 23.67 79.31 -47.60
N GLN Y 238 24.57 78.50 -48.14
CA GLN Y 238 24.59 78.22 -49.57
C GLN Y 238 23.59 77.16 -49.99
N LYS Y 239 23.00 76.44 -49.05
CA LYS Y 239 22.07 75.36 -49.37
C LYS Y 239 20.63 75.87 -49.39
N ILE Y 240 19.88 75.43 -50.40
CA ILE Y 240 18.48 75.86 -50.53
C ILE Y 240 17.67 75.38 -49.34
N LYS Y 241 17.87 74.12 -48.92
CA LYS Y 241 17.10 73.58 -47.81
C LYS Y 241 17.34 74.37 -46.53
N ILE Y 242 18.59 74.73 -46.26
CA ILE Y 242 18.92 75.41 -45.02
C ILE Y 242 18.28 76.80 -44.98
N VAL Y 243 18.43 77.56 -46.07
CA VAL Y 243 17.86 78.90 -46.09
C VAL Y 243 16.33 78.83 -46.07
N ASP Y 244 15.75 77.80 -46.70
CA ASP Y 244 14.30 77.66 -46.70
C ASP Y 244 13.78 77.41 -45.28
N THR Y 245 14.38 76.46 -44.56
CA THR Y 245 13.91 76.18 -43.22
C THR Y 245 14.16 77.36 -42.28
N LEU Y 246 15.30 78.05 -42.42
CA LEU Y 246 15.51 79.25 -41.63
C LEU Y 246 14.45 80.29 -41.92
N ASP Y 247 14.08 80.44 -43.19
CA ASP Y 247 13.11 81.46 -43.57
C ASP Y 247 11.74 81.16 -42.99
N ILE Y 248 11.31 79.90 -43.06
CA ILE Y 248 9.99 79.56 -42.52
C ILE Y 248 10.00 79.68 -41.00
N ILE Y 249 11.11 79.33 -40.36
CA ILE Y 249 11.22 79.54 -38.92
C ILE Y 249 11.03 81.01 -38.57
N HIS Y 250 11.73 81.88 -39.31
CA HIS Y 250 11.63 83.31 -39.03
C HIS Y 250 10.20 83.81 -39.23
N SER Y 251 9.55 83.39 -40.31
CA SER Y 251 8.20 83.87 -40.57
C SER Y 251 7.23 83.42 -39.48
N ASP Y 252 7.31 82.15 -39.09
CA ASP Y 252 6.40 81.65 -38.06
C ASP Y 252 6.63 82.36 -36.73
N ILE Y 253 7.90 82.53 -36.35
CA ILE Y 253 8.18 83.18 -35.08
C ILE Y 253 7.67 84.61 -35.09
N ARG Y 254 7.91 85.33 -36.20
CA ARG Y 254 7.45 86.70 -36.31
C ARG Y 254 5.94 86.79 -36.19
N LYS Y 255 5.21 85.92 -36.90
CA LYS Y 255 3.76 86.02 -36.90
C LYS Y 255 3.19 85.69 -35.53
N VAL Y 256 3.77 84.68 -34.85
CA VAL Y 256 3.32 84.35 -33.50
C VAL Y 256 3.54 85.53 -32.57
N ILE Y 257 4.73 86.14 -32.65
CA ILE Y 257 5.07 87.23 -31.75
C ILE Y 257 4.14 88.41 -31.96
N ILE Y 258 3.90 88.79 -33.23
CA ILE Y 258 3.06 89.96 -33.45
C ILE Y 258 1.61 89.66 -33.07
N ASP Y 259 1.13 88.43 -33.32
CA ASP Y 259 -0.28 88.15 -33.09
C ASP Y 259 -0.59 88.03 -31.60
N ASP Y 260 0.32 87.45 -30.81
CA ASP Y 260 0.00 87.18 -29.42
C ASP Y 260 0.56 88.22 -28.44
N TYR Y 261 1.87 88.43 -28.43
CA TYR Y 261 2.52 89.15 -27.34
C TYR Y 261 2.94 90.56 -27.71
N ILE Y 262 2.20 91.24 -28.58
CA ILE Y 262 2.51 92.61 -28.94
C ILE Y 262 1.47 93.52 -28.29
N GLY Y 263 1.91 94.34 -27.34
CA GLY Y 263 1.05 95.30 -26.68
C GLY Y 263 -0.01 94.70 -25.79
N LYS Y 264 0.04 93.40 -25.54
CA LYS Y 264 -0.99 92.73 -24.73
C LYS Y 264 -0.45 92.09 -23.47
N VAL Y 265 0.87 92.06 -23.27
CA VAL Y 265 1.48 91.41 -22.11
C VAL Y 265 2.41 92.38 -21.42
N THR Y 266 2.37 92.40 -20.09
CA THR Y 266 3.21 93.29 -19.32
C THR Y 266 4.68 92.87 -19.44
N ASN Y 267 5.55 93.87 -19.60
CA ASN Y 267 6.98 93.62 -19.73
C ASN Y 267 7.55 93.31 -18.34
N SER Y 268 7.55 92.03 -17.99
CA SER Y 268 8.00 91.59 -16.67
C SER Y 268 8.71 90.25 -16.81
N TYR Y 269 9.46 89.89 -15.76
CA TYR Y 269 10.32 88.71 -15.83
C TYR Y 269 9.51 87.46 -16.17
N ASP Y 270 8.42 87.22 -15.44
CA ASP Y 270 7.64 86.00 -15.66
C ASP Y 270 7.06 85.97 -17.07
N ASN Y 271 6.74 87.13 -17.63
CA ASN Y 271 6.29 87.19 -19.01
C ASN Y 271 7.40 86.75 -19.96
N LYS Y 272 8.64 87.17 -19.69
CA LYS Y 272 9.76 86.70 -20.49
C LYS Y 272 9.96 85.20 -20.36
N CYS Y 273 9.76 84.66 -19.16
CA CYS Y 273 9.85 83.22 -18.98
C CYS Y 273 8.78 82.51 -19.80
N LEU Y 274 7.57 83.07 -19.84
CA LEU Y 274 6.50 82.49 -20.65
C LEU Y 274 6.85 82.54 -22.13
N LEU Y 275 7.45 83.64 -22.58
CA LEU Y 275 7.92 83.72 -23.96
C LEU Y 275 8.96 82.64 -24.26
N ILE Y 276 9.90 82.45 -23.34
CA ILE Y 276 10.93 81.42 -23.52
C ILE Y 276 10.28 80.05 -23.62
N VAL Y 277 9.32 79.77 -22.74
CA VAL Y 277 8.66 78.46 -22.74
C VAL Y 277 7.92 78.25 -24.06
N ALA Y 278 7.19 79.26 -24.53
CA ALA Y 278 6.45 79.13 -25.78
C ALA Y 278 7.40 78.90 -26.96
N ILE Y 279 8.51 79.65 -26.98
CA ILE Y 279 9.47 79.50 -28.06
C ILE Y 279 10.07 78.11 -28.07
N LYS Y 280 10.42 77.61 -26.87
CA LYS Y 280 11.00 76.27 -26.78
C LYS Y 280 9.99 75.21 -27.18
N SER Y 281 8.72 75.40 -26.84
CA SER Y 281 7.69 74.45 -27.25
C SER Y 281 7.55 74.43 -28.76
N TYR Y 282 7.56 75.60 -29.40
CA TYR Y 282 7.52 75.65 -30.86
C TYR Y 282 8.72 74.95 -31.46
N LEU Y 283 9.90 75.16 -30.87
CA LEU Y 283 11.11 74.51 -31.37
C LEU Y 283 11.02 72.99 -31.25
N GLU Y 284 10.49 72.50 -30.12
CA GLU Y 284 10.31 71.06 -29.97
C GLU Y 284 9.33 70.51 -31.01
N GLU Y 285 8.24 71.24 -31.24
CA GLU Y 285 7.26 70.78 -32.23
C GLU Y 285 7.89 70.71 -33.61
N LEU Y 286 8.71 71.71 -33.96
CA LEU Y 286 9.44 71.65 -35.23
C LEU Y 286 10.42 70.50 -35.27
N GLU Y 287 11.12 70.25 -34.16
CA GLU Y 287 12.06 69.14 -34.09
C GLU Y 287 11.37 67.80 -34.33
N LYS Y 288 10.14 67.66 -33.83
CA LYS Y 288 9.40 66.42 -34.04
C LYS Y 288 9.25 66.11 -35.52
N SER Y 289 9.22 67.13 -36.37
CA SER Y 289 9.18 66.92 -37.81
C SER Y 289 10.54 66.56 -38.39
N ALA Y 290 11.58 66.47 -37.56
CA ALA Y 290 12.93 66.12 -37.96
C ALA Y 290 13.53 67.10 -38.96
N LEU Y 291 13.25 68.39 -38.81
CA LEU Y 291 13.89 69.40 -39.66
C LEU Y 291 15.10 70.03 -38.98
N ILE Y 292 15.12 70.05 -37.65
CA ILE Y 292 16.27 70.56 -36.92
C ILE Y 292 16.70 69.53 -35.88
N GLU Y 293 17.92 69.66 -35.38
CA GLU Y 293 18.44 68.70 -34.42
C GLU Y 293 17.73 68.87 -33.08
N SER Y 294 17.71 67.80 -32.29
CA SER Y 294 16.78 67.69 -31.18
C SER Y 294 17.00 68.77 -30.12
N ASP Y 295 18.23 68.91 -29.63
CA ASP Y 295 18.50 69.72 -28.45
C ASP Y 295 18.70 71.18 -28.86
N SER Y 296 17.84 72.06 -28.36
CA SER Y 296 17.93 73.49 -28.60
C SER Y 296 17.71 74.22 -27.28
N THR Y 297 18.43 75.33 -27.11
CA THR Y 297 18.35 76.11 -25.88
C THR Y 297 17.99 77.56 -26.21
N VAL Y 298 17.00 78.09 -25.49
CA VAL Y 298 16.61 79.49 -25.61
C VAL Y 298 16.72 80.13 -24.23
N GLU Y 299 17.46 81.22 -24.14
CA GLU Y 299 17.68 81.89 -22.87
C GLU Y 299 17.70 83.40 -23.10
N ILE Y 300 17.42 84.14 -22.02
CA ILE Y 300 17.43 85.59 -22.10
C ILE Y 300 18.85 86.07 -22.33
N ASP Y 301 19.02 86.92 -23.34
CA ASP Y 301 20.35 87.41 -23.70
C ASP Y 301 20.90 88.32 -22.61
N PHE Y 302 22.19 88.17 -22.33
CA PHE Y 302 22.86 88.99 -21.33
C PHE Y 302 23.45 90.26 -21.92
N GLU Y 303 24.35 90.14 -22.89
CA GLU Y 303 25.21 91.25 -23.29
C GLU Y 303 24.39 92.43 -23.81
N ALA Y 304 23.37 92.15 -24.63
CA ALA Y 304 22.55 93.23 -25.17
C ALA Y 304 21.82 93.97 -24.04
N GLN Y 305 21.29 93.24 -23.07
CA GLN Y 305 20.60 93.87 -21.95
C GLN Y 305 21.57 94.70 -21.12
N LYS Y 306 22.78 94.17 -20.88
CA LYS Y 306 23.78 94.93 -20.12
C LYS Y 306 24.15 96.22 -20.84
N SER Y 307 24.35 96.13 -22.16
CA SER Y 307 24.67 97.33 -22.93
C SER Y 307 23.53 98.34 -22.88
N TYR Y 308 22.29 97.86 -23.00
CA TYR Y 308 21.15 98.77 -22.95
C TYR Y 308 21.04 99.46 -21.60
N LEU Y 309 21.23 98.71 -20.52
CA LEU Y 309 21.19 99.30 -19.19
C LEU Y 309 22.31 100.32 -19.01
N LYS Y 310 23.52 99.98 -19.45
CA LYS Y 310 24.65 100.90 -19.32
C LYS Y 310 24.44 102.15 -20.18
N SER Y 311 23.67 102.02 -21.27
CA SER Y 311 23.42 103.16 -22.14
C SER Y 311 22.58 104.22 -21.44
N LYS Y 312 21.82 103.84 -20.42
CA LYS Y 312 21.01 104.78 -19.66
C LYS Y 312 21.77 105.37 -18.47
N GLY Y 313 23.03 105.01 -18.29
CA GLY Y 313 23.83 105.56 -17.21
C GLY Y 313 23.66 104.87 -15.87
N VAL Y 314 22.84 103.82 -15.80
CA VAL Y 314 22.66 103.11 -14.54
C VAL Y 314 23.93 102.35 -14.18
N ASP Y 315 24.15 102.16 -12.88
CA ASP Y 315 25.36 101.51 -12.38
C ASP Y 315 25.03 100.07 -12.02
N LEU Y 316 25.72 99.14 -12.68
CA LEU Y 316 25.57 97.72 -12.41
C LEU Y 316 26.84 97.09 -11.85
N SER Y 317 27.69 97.87 -11.18
CA SER Y 317 28.92 97.33 -10.62
C SER Y 317 28.63 96.33 -9.51
N TYR Y 318 27.77 96.70 -8.56
CA TYR Y 318 27.44 95.81 -7.46
C TYR Y 318 26.32 94.84 -7.86
N MET Y 319 25.51 95.23 -8.84
CA MET Y 319 24.30 94.49 -9.14
C MET Y 319 24.63 93.17 -9.82
N THR Y 320 24.08 92.08 -9.29
CA THR Y 320 24.54 90.75 -9.63
C THR Y 320 23.78 90.21 -10.85
N LEU Y 321 24.26 89.08 -11.38
CA LEU Y 321 23.82 88.57 -12.69
C LEU Y 321 22.31 88.42 -12.77
N GLN Y 322 21.70 87.71 -11.82
CA GLN Y 322 20.26 87.51 -11.89
C GLN Y 322 19.53 88.83 -11.68
N GLU Y 323 20.14 89.75 -10.94
CA GLU Y 323 19.58 91.09 -10.84
C GLU Y 323 19.66 91.82 -12.18
N ILE Y 324 20.76 91.63 -12.92
CA ILE Y 324 20.84 92.19 -14.27
C ILE Y 324 19.70 91.67 -15.12
N LYS Y 325 19.44 90.36 -15.03
CA LYS Y 325 18.36 89.79 -15.84
C LYS Y 325 16.99 90.26 -15.36
N GLU Y 326 16.86 90.56 -14.07
CA GLU Y 326 15.56 90.93 -13.52
C GLU Y 326 15.24 92.41 -13.76
N ALA Y 327 16.26 93.20 -14.12
CA ALA Y 327 16.07 94.64 -14.26
C ALA Y 327 15.08 94.94 -15.38
N ASN Y 328 14.24 95.96 -15.16
CA ASN Y 328 13.27 96.37 -16.17
C ASN Y 328 13.98 96.94 -17.38
N THR Y 329 13.44 96.66 -18.57
CA THR Y 329 14.03 97.10 -19.82
C THR Y 329 13.16 98.07 -20.59
N GLY Y 330 11.96 98.37 -20.11
CA GLY Y 330 11.10 99.31 -20.80
C GLY Y 330 10.52 98.80 -22.10
N SER Y 331 9.71 97.74 -22.04
CA SER Y 331 8.95 97.22 -23.18
C SER Y 331 9.83 96.62 -24.27
N LYS Y 332 11.13 96.50 -24.00
CA LYS Y 332 12.01 95.87 -24.98
C LYS Y 332 12.56 94.55 -24.43
N VAL Y 333 12.69 93.56 -25.32
CA VAL Y 333 13.10 92.21 -24.94
C VAL Y 333 14.32 91.82 -25.76
N PHE Y 334 15.26 91.11 -25.14
CA PHE Y 334 16.47 90.65 -25.79
C PHE Y 334 16.65 89.16 -25.54
N LEU Y 335 16.45 88.35 -26.59
CA LEU Y 335 16.62 86.91 -26.51
C LEU Y 335 17.55 86.46 -27.62
N LYS Y 336 18.27 85.37 -27.35
CA LYS Y 336 19.14 84.74 -28.33
C LYS Y 336 19.18 83.25 -28.08
N ALA Y 337 19.11 82.46 -29.16
CA ALA Y 337 19.09 81.01 -29.08
C ALA Y 337 19.95 80.42 -30.17
N LYS Y 338 20.45 79.21 -29.95
CA LYS Y 338 21.27 78.50 -30.91
C LYS Y 338 20.65 77.14 -31.22
N ILE Y 339 20.57 76.82 -32.52
CA ILE Y 339 19.97 75.57 -32.98
C ILE Y 339 20.88 74.96 -34.04
N LYS Y 340 20.69 73.68 -34.29
CA LYS Y 340 21.42 72.95 -35.32
C LYS Y 340 20.43 72.42 -36.35
N VAL Y 341 20.70 72.69 -37.62
CA VAL Y 341 19.78 72.37 -38.71
C VAL Y 341 20.31 71.12 -39.42
N LEU Y 342 19.43 70.15 -39.64
CA LEU Y 342 19.82 68.94 -40.34
C LEU Y 342 19.81 69.16 -41.85
N ASP Y 343 20.40 68.20 -42.57
CA ASP Y 343 20.46 68.23 -44.02
C ASP Y 343 20.28 66.82 -44.56
N ALA Y 344 19.89 66.73 -45.82
CA ALA Y 344 19.73 65.42 -46.45
C ALA Y 344 21.08 64.84 -46.84
N MET Y 345 21.15 63.52 -46.96
CA MET Y 345 22.38 62.88 -47.40
C MET Y 345 22.68 63.24 -48.84
N GLU Y 346 23.88 63.77 -49.08
CA GLU Y 346 24.31 64.16 -50.41
C GLU Y 346 25.63 63.56 -50.83
N ASP Y 347 26.53 63.26 -49.90
CA ASP Y 347 27.80 62.63 -50.20
C ASP Y 347 28.00 61.44 -49.29
N ILE Y 348 28.30 60.29 -49.87
CA ILE Y 348 28.46 59.05 -49.13
C ILE Y 348 29.84 58.48 -49.43
N ASP Y 349 30.59 58.16 -48.38
CA ASP Y 349 31.93 57.59 -48.50
C ASP Y 349 31.91 56.22 -47.83
N LEU Y 350 32.19 55.18 -48.60
CA LEU Y 350 32.17 53.81 -48.12
C LEU Y 350 33.52 53.16 -48.39
N SER Y 351 34.09 52.54 -47.35
CA SER Y 351 35.37 51.85 -47.45
C SER Y 351 35.15 50.37 -47.20
N ILE Y 352 35.37 49.55 -48.22
CA ILE Y 352 35.23 48.11 -48.13
C ILE Y 352 36.62 47.50 -48.12
N GLU Y 353 36.93 46.76 -47.07
CA GLU Y 353 38.21 46.06 -46.98
C GLU Y 353 37.93 44.57 -47.14
N ILE Y 354 38.76 43.90 -47.93
CA ILE Y 354 38.54 42.49 -48.24
C ILE Y 354 38.96 41.61 -47.09
N ALA Z 2 34.31 74.25 -51.41
CA ALA Z 2 33.73 74.40 -52.74
C ALA Z 2 32.74 73.27 -53.02
N ILE Z 3 31.47 73.64 -53.17
CA ILE Z 3 30.45 72.63 -53.45
C ILE Z 3 30.65 72.09 -54.86
N GLY Z 4 30.67 70.77 -54.96
CA GLY Z 4 30.81 70.11 -56.25
C GLY Z 4 29.67 69.12 -56.47
N LEU Z 5 29.83 68.32 -57.52
CA LEU Z 5 28.86 67.27 -57.78
C LEU Z 5 28.87 66.27 -56.63
N PRO Z 6 27.71 65.71 -56.27
CA PRO Z 6 27.68 64.75 -55.16
C PRO Z 6 28.55 63.53 -55.46
N SER Z 7 29.24 63.05 -54.43
CA SER Z 7 30.24 62.00 -54.57
C SER Z 7 29.78 60.74 -53.85
N ILE Z 8 29.70 59.64 -54.60
CA ILE Z 8 29.50 58.31 -54.04
C ILE Z 8 30.68 57.46 -54.48
N ASN Z 9 31.49 57.02 -53.52
CA ASN Z 9 32.68 56.26 -53.83
C ASN Z 9 32.74 55.00 -52.97
N ILE Z 10 33.07 53.89 -53.62
CA ILE Z 10 33.26 52.60 -52.96
C ILE Z 10 34.69 52.17 -53.21
N SER Z 11 35.41 51.89 -52.13
CA SER Z 11 36.83 51.55 -52.20
C SER Z 11 37.03 50.13 -51.70
N PHE Z 12 37.80 49.34 -52.46
CA PHE Z 12 38.18 48.00 -52.07
C PHE Z 12 39.66 48.00 -51.74
N LYS Z 13 40.01 47.51 -50.54
CA LYS Z 13 41.40 47.48 -50.09
C LYS Z 13 41.68 46.12 -49.47
N GLU Z 14 42.95 45.72 -49.51
CA GLU Z 14 43.35 44.43 -48.96
C GLU Z 14 43.71 44.55 -47.49
N LEU Z 15 43.57 43.44 -46.77
CA LEU Z 15 44.16 43.32 -45.43
C LEU Z 15 45.62 42.93 -45.60
N ALA Z 16 46.45 43.96 -45.77
CA ALA Z 16 47.87 43.74 -46.05
C ALA Z 16 48.60 43.25 -44.81
N THR Z 17 48.31 42.01 -44.41
CA THR Z 17 49.02 41.41 -43.29
C THR Z 17 50.51 41.37 -43.60
N THR Z 18 51.29 42.00 -42.73
CA THR Z 18 52.70 42.25 -43.04
C THR Z 18 53.58 41.67 -41.94
N VAL Z 19 54.61 40.96 -42.37
CA VAL Z 19 55.72 40.56 -41.51
C VAL Z 19 56.92 41.37 -41.94
N LYS Z 20 57.58 42.02 -40.98
CA LYS Z 20 58.68 42.91 -41.32
C LYS Z 20 59.82 42.13 -41.95
N GLU Z 21 60.40 42.69 -43.01
CA GLU Z 21 61.49 42.04 -43.72
C GLU Z 21 62.81 42.41 -43.09
N ARG Z 22 63.61 41.40 -42.77
CA ARG Z 22 64.92 41.60 -42.15
C ARG Z 22 66.02 41.25 -43.15
N SER Z 23 67.25 41.54 -42.76
CA SER Z 23 68.39 41.35 -43.64
C SER Z 23 68.49 39.90 -44.10
N ALA Z 24 68.76 39.71 -45.39
CA ALA Z 24 68.87 38.37 -45.95
C ALA Z 24 70.02 37.62 -45.29
N ARG Z 25 69.76 36.38 -44.90
CA ARG Z 25 70.73 35.54 -44.23
C ARG Z 25 70.90 34.24 -45.01
N GLY Z 26 72.13 33.76 -45.08
CA GLY Z 26 72.43 32.50 -45.74
C GLY Z 26 72.82 32.61 -47.21
N ILE Z 27 73.00 33.82 -47.72
CA ILE Z 27 73.43 34.00 -49.10
C ILE Z 27 74.95 33.94 -49.15
N ILE Z 28 75.47 33.42 -50.26
CA ILE Z 28 76.90 33.19 -50.44
C ILE Z 28 77.37 34.02 -51.61
N ALA Z 29 78.55 34.63 -51.47
CA ALA Z 29 79.22 35.31 -52.57
C ALA Z 29 80.53 34.57 -52.85
N MET Z 30 80.72 34.17 -54.10
CA MET Z 30 81.91 33.46 -54.55
C MET Z 30 82.54 34.25 -55.68
N VAL Z 31 83.86 34.40 -55.63
CA VAL Z 31 84.61 35.10 -56.67
C VAL Z 31 85.68 34.17 -57.21
N LEU Z 32 85.83 34.17 -58.54
CA LEU Z 32 86.70 33.23 -59.22
C LEU Z 32 87.26 33.89 -60.47
N LYS Z 33 88.30 33.27 -61.04
CA LYS Z 33 88.97 33.80 -62.23
C LYS Z 33 88.75 32.86 -63.41
N ASP Z 34 88.41 33.43 -64.56
CA ASP Z 34 88.22 32.69 -65.78
C ASP Z 34 88.42 33.62 -66.97
N ALA Z 35 88.33 33.05 -68.17
CA ALA Z 35 88.35 33.80 -69.40
C ALA Z 35 86.99 33.89 -70.08
N LYS Z 36 85.95 33.28 -69.49
CA LYS Z 36 84.62 33.27 -70.06
C LYS Z 36 83.62 33.78 -69.05
N ALA Z 37 82.55 34.39 -69.55
CA ALA Z 37 81.43 34.88 -68.73
C ALA Z 37 81.94 35.78 -67.60
N LEU Z 38 82.76 36.75 -67.97
CA LEU Z 38 83.36 37.63 -66.98
C LEU Z 38 82.31 38.45 -66.25
N GLY Z 39 82.61 38.79 -65.00
CA GLY Z 39 81.65 39.47 -64.15
C GLY Z 39 80.81 38.49 -63.34
N LEU Z 40 79.87 39.06 -62.61
CA LEU Z 40 78.97 38.25 -61.80
C LEU Z 40 78.09 37.38 -62.69
N ASN Z 41 77.72 36.20 -62.18
CA ASN Z 41 76.96 35.24 -62.96
C ASN Z 41 75.57 34.95 -62.39
N GLU Z 42 75.34 35.25 -61.10
CA GLU Z 42 74.01 35.27 -60.51
C GLU Z 42 73.33 33.89 -60.57
N ILE Z 43 73.95 32.93 -59.89
CA ILE Z 43 73.39 31.55 -59.85
C ILE Z 43 72.43 31.52 -58.66
N HIS Z 44 71.19 31.91 -58.93
CA HIS Z 44 70.16 31.87 -57.89
C HIS Z 44 69.74 30.44 -57.59
N GLU Z 45 69.68 29.60 -58.62
CA GLU Z 45 69.17 28.24 -58.50
C GLU Z 45 70.29 27.24 -58.74
N LYS Z 46 70.26 26.14 -57.99
CA LYS Z 46 71.28 25.10 -58.12
C LYS Z 46 71.36 24.55 -59.54
N GLU Z 47 70.22 24.39 -60.21
CA GLU Z 47 70.22 23.69 -61.49
C GLU Z 47 70.96 24.48 -62.57
N ASP Z 48 70.64 25.76 -62.74
CA ASP Z 48 71.20 26.53 -63.84
C ASP Z 48 72.67 26.82 -63.57
N ILE Z 49 73.52 26.55 -64.56
CA ILE Z 49 74.95 26.81 -64.47
C ILE Z 49 75.42 27.27 -65.85
N PRO Z 50 76.16 28.38 -65.94
CA PRO Z 50 76.67 28.83 -67.24
C PRO Z 50 77.59 27.78 -67.85
N VAL Z 51 77.51 27.65 -69.18
CA VAL Z 51 78.18 26.54 -69.84
C VAL Z 51 79.63 26.87 -70.19
N ASP Z 52 79.92 28.13 -70.52
CA ASP Z 52 81.25 28.47 -71.01
C ASP Z 52 82.32 28.38 -69.93
N LEU Z 53 81.95 28.33 -68.65
CA LEU Z 53 82.95 28.27 -67.61
C LEU Z 53 83.57 26.86 -67.53
N SER Z 54 84.77 26.80 -66.98
CA SER Z 54 85.56 25.58 -66.98
C SER Z 54 84.90 24.47 -66.17
N ALA Z 55 85.19 23.23 -66.54
CA ALA Z 55 84.61 22.08 -65.85
C ALA Z 55 85.07 22.01 -64.40
N GLU Z 56 86.35 22.30 -64.14
CA GLU Z 56 86.83 22.31 -62.76
C GLU Z 56 86.13 23.38 -61.94
N ASN Z 57 85.90 24.56 -62.52
CA ASN Z 57 85.13 25.56 -61.81
C ASN Z 57 83.68 25.13 -61.65
N LYS Z 58 83.15 24.37 -62.61
CA LYS Z 58 81.82 23.81 -62.44
C LYS Z 58 81.76 22.90 -61.23
N GLU Z 59 82.76 22.04 -61.05
CA GLU Z 59 82.79 21.15 -59.90
C GLU Z 59 83.01 21.95 -58.61
N TYR Z 60 83.74 23.06 -58.68
CA TYR Z 60 83.90 23.92 -57.52
C TYR Z 60 82.56 24.51 -57.09
N ILE Z 61 81.78 25.00 -58.05
CA ILE Z 61 80.43 25.45 -57.75
C ILE Z 61 79.62 24.31 -57.17
N ASN Z 62 79.76 23.11 -57.74
CA ASN Z 62 79.00 21.96 -57.27
C ASN Z 62 79.28 21.67 -55.80
N LEU Z 63 80.56 21.70 -55.40
CA LEU Z 63 80.89 21.57 -53.99
C LEU Z 63 80.23 22.68 -53.17
N ALA Z 64 80.27 23.91 -53.69
CA ALA Z 64 79.65 25.01 -52.97
C ALA Z 64 78.13 24.91 -52.92
N LEU Z 65 77.53 24.03 -53.71
CA LEU Z 65 76.07 23.99 -53.85
C LEU Z 65 75.40 23.25 -52.70
N MET Z 66 75.72 21.97 -52.52
CA MET Z 66 74.99 21.15 -51.55
C MET Z 66 75.29 21.61 -50.13
N GLY Z 67 74.26 22.15 -49.48
CA GLY Z 67 74.42 22.72 -48.15
C GLY Z 67 74.31 21.66 -47.06
N ASN Z 68 74.57 22.08 -45.82
CA ASN Z 68 74.50 21.18 -44.69
C ASN Z 68 73.08 20.67 -44.46
N VAL Z 69 72.17 21.57 -44.09
CA VAL Z 69 70.81 21.23 -43.76
C VAL Z 69 69.83 21.72 -44.82
N ASN Z 70 69.99 22.95 -45.28
CA ASN Z 70 69.17 23.51 -46.34
C ASN Z 70 70.08 24.01 -47.44
N THR Z 71 69.54 24.05 -48.65
CA THR Z 71 70.28 24.61 -49.77
C THR Z 71 70.51 26.11 -49.53
N PRO Z 72 71.62 26.66 -50.01
CA PRO Z 72 71.83 28.10 -49.89
C PRO Z 72 70.72 28.87 -50.62
N ASN Z 73 70.28 29.95 -49.99
CA ASN Z 73 69.16 30.71 -50.54
C ASN Z 73 69.55 31.40 -51.85
N LYS Z 74 70.76 31.97 -51.90
CA LYS Z 74 71.17 32.77 -53.05
C LYS Z 74 72.69 32.77 -53.11
N LEU Z 75 73.23 32.32 -54.25
CA LEU Z 75 74.67 32.15 -54.42
C LEU Z 75 75.14 33.05 -55.55
N LEU Z 76 76.21 33.80 -55.31
CA LEU Z 76 76.77 34.73 -56.28
C LEU Z 76 78.16 34.26 -56.71
N VAL Z 77 78.38 34.18 -58.02
CA VAL Z 77 79.69 33.90 -58.59
C VAL Z 77 80.09 35.07 -59.47
N TYR Z 78 81.24 35.67 -59.17
CA TYR Z 78 81.86 36.65 -60.04
C TYR Z 78 83.09 36.06 -60.69
N VAL Z 79 83.16 36.18 -62.01
CA VAL Z 79 84.32 35.78 -62.81
C VAL Z 79 85.22 37.00 -62.99
N ILE Z 80 86.48 36.86 -62.62
CA ILE Z 80 87.44 37.95 -62.74
C ILE Z 80 88.44 37.60 -63.82
N GLU Z 81 89.00 38.65 -64.45
CA GLU Z 81 90.02 38.46 -65.45
C GLU Z 81 91.33 38.06 -64.78
N GLY Z 82 92.11 37.23 -65.48
CA GLY Z 82 93.39 36.82 -64.93
C GLY Z 82 94.29 38.01 -64.66
N GLU Z 83 94.97 37.95 -63.51
CA GLU Z 83 95.90 38.98 -63.04
C GLU Z 83 95.24 40.34 -62.87
N ALA Z 84 93.93 40.39 -62.67
CA ALA Z 84 93.24 41.65 -62.41
C ALA Z 84 93.35 42.10 -60.96
N ASP Z 85 94.17 41.42 -60.15
CA ASP Z 85 94.29 41.68 -58.72
C ASP Z 85 92.96 41.42 -58.02
N ILE Z 86 92.85 41.83 -56.76
CA ILE Z 86 91.66 41.47 -55.99
C ILE Z 86 90.78 42.69 -55.74
N GLN Z 87 91.35 43.90 -55.63
CA GLN Z 87 90.54 45.08 -55.36
C GLN Z 87 89.47 45.30 -56.42
N THR Z 88 89.72 44.86 -57.65
CA THR Z 88 88.74 45.04 -58.72
C THR Z 88 87.44 44.32 -58.40
N ALA Z 89 87.52 43.08 -57.93
CA ALA Z 89 86.31 42.37 -57.50
C ALA Z 89 85.86 42.83 -56.12
N LEU Z 90 86.79 43.34 -55.31
CA LEU Z 90 86.42 43.80 -53.97
C LEU Z 90 85.48 44.99 -54.04
N ASP Z 91 85.72 45.91 -54.98
CA ASP Z 91 84.81 47.03 -55.17
C ASP Z 91 83.43 46.55 -55.57
N PHE Z 92 83.38 45.60 -56.50
CA PHE Z 92 82.10 45.02 -56.93
C PHE Z 92 81.35 44.44 -55.73
N LEU Z 93 82.06 43.66 -54.90
CA LEU Z 93 81.42 43.06 -53.74
C LEU Z 93 80.97 44.12 -52.74
N GLU Z 94 81.78 45.17 -52.56
CA GLU Z 94 81.41 46.27 -51.68
C GLU Z 94 80.14 46.95 -52.16
N THR Z 95 79.90 46.95 -53.46
CA THR Z 95 78.69 47.58 -53.99
C THR Z 95 77.43 46.87 -53.48
N LYS Z 96 77.43 45.55 -53.43
CA LYS Z 96 76.26 44.77 -53.05
C LYS Z 96 76.43 44.08 -51.70
N GLU Z 97 75.41 43.33 -51.32
CA GLU Z 97 75.41 42.69 -50.00
C GLU Z 97 75.68 41.19 -50.12
N PHE Z 98 76.21 40.63 -49.04
CA PHE Z 98 76.56 39.22 -48.98
C PHE Z 98 76.89 38.85 -47.55
N ASN Z 99 77.03 37.55 -47.31
CA ASN Z 99 77.31 37.00 -45.98
C ASN Z 99 78.64 36.27 -45.91
N TYR Z 100 78.95 35.45 -46.92
CA TYR Z 100 80.15 34.62 -46.90
C TYR Z 100 80.90 34.77 -48.22
N LEU Z 101 82.23 34.76 -48.13
CA LEU Z 101 83.10 34.92 -49.30
C LEU Z 101 84.13 33.81 -49.30
N CYS Z 102 84.40 33.25 -50.48
CA CYS Z 102 85.37 32.18 -50.61
C CYS Z 102 86.06 32.28 -51.97
N MET Z 103 87.31 31.82 -52.01
CA MET Z 103 88.09 31.72 -53.24
C MET Z 103 88.95 30.48 -53.17
N PRO Z 104 88.62 29.43 -53.92
CA PRO Z 104 89.44 28.21 -53.90
C PRO Z 104 90.87 28.44 -54.37
N LYS Z 105 91.05 29.33 -55.36
CA LYS Z 105 92.36 29.63 -55.90
C LYS Z 105 92.84 30.97 -55.34
N ALA Z 106 93.98 30.96 -54.66
CA ALA Z 106 94.46 32.18 -54.03
C ALA Z 106 95.97 32.14 -53.88
N VAL Z 107 96.58 33.32 -53.97
CA VAL Z 107 97.98 33.52 -53.66
C VAL Z 107 98.08 34.07 -52.25
N GLU Z 108 99.11 33.64 -51.51
CA GLU Z 108 99.20 34.03 -50.09
C GLU Z 108 99.18 35.53 -49.92
N ALA Z 109 99.81 36.28 -50.82
CA ALA Z 109 99.70 37.74 -50.78
C ALA Z 109 98.27 38.17 -51.06
N ASP Z 110 97.59 37.47 -51.97
CA ASP Z 110 96.18 37.76 -52.24
C ASP Z 110 95.33 37.51 -51.01
N LYS Z 111 95.59 36.41 -50.28
CA LYS Z 111 94.87 36.17 -49.04
C LYS Z 111 95.16 37.26 -48.01
N THR Z 112 96.40 37.74 -47.96
CA THR Z 112 96.71 38.85 -47.05
C THR Z 112 95.89 40.09 -47.42
N ALA Z 113 95.79 40.38 -48.71
CA ALA Z 113 94.95 41.50 -49.16
C ALA Z 113 93.51 41.30 -48.74
N ILE Z 114 93.00 40.07 -48.90
CA ILE Z 114 91.60 39.79 -48.55
C ILE Z 114 91.37 39.99 -47.07
N LYS Z 115 92.27 39.48 -46.23
CA LYS Z 115 92.06 39.59 -44.79
C LYS Z 115 92.15 41.04 -44.33
N ASN Z 116 93.07 41.81 -44.92
CA ASN Z 116 93.11 43.24 -44.62
C ASN Z 116 91.81 43.92 -45.04
N TRP Z 117 91.30 43.55 -46.21
CA TRP Z 117 90.02 44.08 -46.69
C TRP Z 117 88.92 43.85 -45.66
N ILE Z 118 88.79 42.60 -45.19
CA ILE Z 118 87.73 42.27 -44.23
C ILE Z 118 87.94 43.02 -42.92
N ILE Z 119 89.16 43.02 -42.39
CA ILE Z 119 89.37 43.58 -41.06
C ILE Z 119 89.09 45.09 -41.07
N LYS Z 120 89.44 45.77 -42.16
CA LYS Z 120 89.19 47.20 -42.18
C LYS Z 120 87.73 47.51 -42.53
N LEU Z 121 87.10 46.64 -43.33
CA LEU Z 121 85.68 46.84 -43.64
C LEU Z 121 84.81 46.68 -42.40
N ARG Z 122 85.11 45.68 -41.56
CA ARG Z 122 84.23 45.40 -40.43
C ARG Z 122 84.29 46.50 -39.38
N ASP Z 123 85.29 47.38 -39.44
CA ASP Z 123 85.40 48.43 -38.44
C ASP Z 123 85.13 49.82 -39.00
N ILE Z 124 85.81 50.20 -40.08
CA ILE Z 124 85.59 51.53 -40.65
C ILE Z 124 84.23 51.62 -41.31
N ASP Z 125 83.85 50.61 -42.08
CA ASP Z 125 82.59 50.62 -42.81
C ASP Z 125 81.42 50.10 -41.99
N LYS Z 126 81.67 49.50 -40.84
CA LYS Z 126 80.62 48.98 -39.95
C LYS Z 126 79.69 48.01 -40.71
N VAL Z 127 80.29 47.18 -41.55
CA VAL Z 127 79.57 46.18 -42.34
C VAL Z 127 80.05 44.81 -41.91
N LYS Z 128 79.11 43.90 -41.65
CA LYS Z 128 79.42 42.62 -41.02
C LYS Z 128 79.37 41.52 -42.07
N VAL Z 129 80.55 41.00 -42.44
CA VAL Z 129 80.67 39.95 -43.44
C VAL Z 129 81.68 38.92 -42.96
N LYS Z 130 81.60 37.72 -43.54
CA LYS Z 130 82.47 36.60 -43.18
C LYS Z 130 83.22 36.11 -44.42
N ALA Z 131 84.33 35.42 -44.17
CA ALA Z 131 85.11 34.81 -45.25
C ALA Z 131 85.94 33.68 -44.67
N VAL Z 132 86.17 32.64 -45.49
CA VAL Z 132 86.96 31.48 -45.11
C VAL Z 132 88.18 31.41 -46.02
N LEU Z 133 89.32 30.97 -45.47
CA LEU Z 133 90.58 30.95 -46.18
C LEU Z 133 91.33 29.65 -45.91
N GLY Z 134 92.22 29.30 -46.85
CA GLY Z 134 92.94 28.04 -46.74
C GLY Z 134 93.90 28.00 -45.58
N LYS Z 135 94.72 29.04 -45.42
CA LYS Z 135 95.73 29.08 -44.36
C LYS Z 135 95.96 30.54 -43.98
N VAL Z 136 95.39 30.94 -42.85
CA VAL Z 136 95.56 32.28 -42.31
C VAL Z 136 95.68 32.20 -40.80
N VAL Z 137 96.25 33.23 -40.20
CA VAL Z 137 96.53 33.22 -38.77
C VAL Z 137 95.83 34.43 -38.15
N GLY Z 138 95.11 35.19 -38.98
CA GLY Z 138 94.53 36.43 -38.53
C GLY Z 138 93.64 36.24 -37.31
N ASN Z 139 93.71 37.19 -36.40
CA ASN Z 139 93.08 37.09 -35.07
C ASN Z 139 91.74 37.81 -34.99
N HIS Z 140 90.95 37.77 -36.05
CA HIS Z 140 89.67 38.47 -36.06
C HIS Z 140 88.53 37.48 -36.26
N GLU Z 141 87.35 37.85 -35.76
CA GLU Z 141 86.18 37.01 -35.94
C GLU Z 141 85.77 36.90 -37.40
N GLY Z 142 86.16 37.87 -38.22
CA GLY Z 142 85.74 37.92 -39.60
C GLY Z 142 86.29 36.85 -40.50
N ILE Z 143 87.27 36.09 -40.04
CA ILE Z 143 87.92 35.07 -40.86
C ILE Z 143 87.76 33.72 -40.16
N ILE Z 144 87.53 32.68 -40.95
CA ILE Z 144 87.42 31.31 -40.47
C ILE Z 144 88.59 30.54 -41.05
N ASN Z 145 89.42 29.96 -40.19
CA ASN Z 145 90.63 29.27 -40.62
C ASN Z 145 90.37 27.77 -40.63
N PHE Z 146 90.28 27.21 -41.83
CA PHE Z 146 90.11 25.77 -42.02
C PHE Z 146 91.42 25.24 -42.60
N THR Z 147 91.96 24.19 -41.98
CA THR Z 147 93.19 23.58 -42.50
C THR Z 147 93.12 22.07 -42.33
N THR Z 148 92.88 21.37 -43.43
CA THR Z 148 93.00 19.91 -43.48
C THR Z 148 93.59 19.52 -44.82
N GLU Z 149 94.74 18.87 -44.78
CA GLU Z 149 95.50 18.54 -45.99
C GLU Z 149 94.99 17.26 -46.63
N ASP Z 150 95.29 17.11 -47.92
CA ASP Z 150 95.12 15.85 -48.64
C ASP Z 150 93.67 15.35 -48.58
N VAL Z 151 92.73 16.25 -48.84
CA VAL Z 151 91.31 15.92 -48.80
C VAL Z 151 90.97 15.08 -50.03
N LEU Z 152 90.32 13.94 -49.80
CA LEU Z 152 89.91 13.04 -50.87
C LEU Z 152 88.40 12.96 -50.88
N VAL Z 153 87.78 13.50 -51.93
CA VAL Z 153 86.33 13.46 -52.10
C VAL Z 153 86.03 12.97 -53.52
N GLY Z 154 85.26 11.88 -53.62
CA GLY Z 154 84.84 11.37 -54.91
C GLY Z 154 85.98 10.96 -55.82
N GLU Z 155 86.95 10.21 -55.27
CA GLU Z 155 88.11 9.74 -56.01
C GLU Z 155 88.84 10.91 -56.68
N LYS Z 156 89.17 11.91 -55.87
CA LYS Z 156 89.95 13.05 -56.34
C LYS Z 156 90.58 13.74 -55.15
N LYS Z 157 91.82 14.20 -55.33
CA LYS Z 157 92.56 14.85 -54.26
C LYS Z 157 92.30 16.35 -54.27
N TYR Z 158 91.92 16.87 -53.11
CA TYR Z 158 91.61 18.29 -52.96
C TYR Z 158 92.56 18.92 -51.97
N SER Z 159 93.06 20.10 -52.30
CA SER Z 159 93.77 20.91 -51.33
C SER Z 159 92.78 21.59 -50.40
N VAL Z 160 93.29 22.14 -49.30
CA VAL Z 160 92.44 22.85 -48.35
C VAL Z 160 91.80 24.07 -48.99
N ASP Z 161 92.57 24.79 -49.83
CA ASP Z 161 92.06 26.00 -50.44
C ASP Z 161 90.85 25.72 -51.31
N GLU Z 162 90.92 24.67 -52.14
CA GLU Z 162 89.78 24.37 -53.01
C GLU Z 162 88.64 23.74 -52.20
N PHE Z 163 88.94 23.19 -51.03
CA PHE Z 163 87.91 22.67 -50.15
C PHE Z 163 87.21 23.76 -49.35
N THR Z 164 87.79 24.97 -49.31
CA THR Z 164 87.15 26.08 -48.60
C THR Z 164 85.78 26.39 -49.17
N SER Z 165 85.56 26.14 -50.46
CA SER Z 165 84.24 26.36 -51.04
C SER Z 165 83.21 25.43 -50.41
N ARG Z 166 83.55 24.15 -50.28
CA ARG Z 166 82.67 23.19 -49.62
C ARG Z 166 82.43 23.60 -48.17
N VAL Z 167 83.48 24.02 -47.48
CA VAL Z 167 83.32 24.43 -46.08
C VAL Z 167 82.38 25.62 -45.97
N ALA Z 168 82.54 26.62 -46.83
CA ALA Z 168 81.68 27.79 -46.80
C ALA Z 168 80.23 27.42 -47.09
N GLY Z 169 80.01 26.54 -48.08
CA GLY Z 169 78.67 26.08 -48.34
C GLY Z 169 78.07 25.34 -47.16
N LEU Z 170 78.90 24.57 -46.46
CA LEU Z 170 78.44 23.87 -45.27
C LEU Z 170 77.99 24.84 -44.19
N ILE Z 171 78.80 25.88 -43.93
CA ILE Z 171 78.41 26.86 -42.92
C ILE Z 171 77.15 27.59 -43.33
N ALA Z 172 77.05 27.97 -44.60
CA ALA Z 172 75.88 28.74 -45.03
C ALA Z 172 74.61 27.89 -45.04
N GLY Z 173 74.74 26.59 -45.25
CA GLY Z 173 73.56 25.74 -45.36
C GLY Z 173 72.79 25.62 -44.06
N THR Z 174 73.49 25.56 -42.93
CA THR Z 174 72.85 25.29 -41.66
C THR Z 174 72.02 26.50 -41.21
N PRO Z 175 70.94 26.26 -40.46
CA PRO Z 175 70.17 27.38 -39.91
C PRO Z 175 70.87 28.04 -38.75
N LEU Z 176 70.21 29.01 -38.10
CA LEU Z 176 70.82 29.69 -36.96
C LEU Z 176 70.65 28.91 -35.66
N SER Z 177 69.53 28.21 -35.50
CA SER Z 177 69.30 27.47 -34.26
C SER Z 177 70.33 26.37 -34.07
N GLN Z 178 70.66 25.64 -35.13
CA GLN Z 178 71.64 24.57 -35.07
C GLN Z 178 73.05 25.14 -35.11
N SER Z 179 74.03 24.28 -34.83
CA SER Z 179 75.44 24.63 -34.92
C SER Z 179 76.16 23.66 -35.85
N VAL Z 180 77.34 24.07 -36.29
CA VAL Z 180 78.12 23.28 -37.24
C VAL Z 180 78.78 22.07 -36.60
N THR Z 181 78.87 22.05 -35.27
CA THR Z 181 79.65 21.03 -34.57
C THR Z 181 79.09 19.64 -34.81
N TYR Z 182 79.99 18.67 -35.03
CA TYR Z 182 79.65 17.26 -35.07
C TYR Z 182 78.66 16.97 -36.20
N THR Z 183 79.04 17.35 -37.41
CA THR Z 183 78.20 17.22 -38.59
C THR Z 183 78.84 16.25 -39.56
N LYS Z 184 78.05 15.28 -40.03
CA LYS Z 184 78.53 14.24 -40.91
C LYS Z 184 78.74 14.80 -42.31
N LEU Z 185 79.84 14.37 -42.94
CA LEU Z 185 80.14 14.71 -44.33
C LEU Z 185 80.31 13.40 -45.10
N SER Z 186 79.22 12.92 -45.70
CA SER Z 186 79.29 11.70 -46.50
C SER Z 186 80.13 11.87 -47.75
N ASP Z 187 80.40 13.11 -48.17
CA ASP Z 187 81.18 13.33 -49.39
C ASP Z 187 82.61 12.84 -49.23
N VAL Z 188 83.28 13.26 -48.15
CA VAL Z 188 84.67 12.87 -47.93
C VAL Z 188 84.74 11.39 -47.60
N VAL Z 189 85.84 10.75 -48.00
CA VAL Z 189 85.96 9.31 -47.84
C VAL Z 189 87.27 8.97 -47.11
N ASP Z 190 88.20 9.93 -47.07
CA ASP Z 190 89.49 9.65 -46.46
C ASP Z 190 90.10 10.96 -45.95
N ILE Z 191 90.63 10.90 -44.73
CA ILE Z 191 91.35 12.01 -44.12
C ILE Z 191 92.67 11.51 -43.58
N PRO Z 192 93.74 12.29 -43.76
CA PRO Z 192 95.05 11.86 -43.27
C PRO Z 192 95.04 11.56 -41.77
N LYS Z 193 95.77 10.52 -41.40
CA LYS Z 193 95.80 10.05 -40.01
C LYS Z 193 96.49 11.08 -39.13
N MET Z 194 95.82 11.42 -38.02
CA MET Z 194 96.35 12.39 -37.07
C MET Z 194 95.75 12.11 -35.70
N THR Z 195 96.58 12.23 -34.67
CA THR Z 195 96.19 11.80 -33.33
C THR Z 195 95.24 12.80 -32.68
N LYS Z 196 94.55 12.33 -31.64
CA LYS Z 196 93.56 13.14 -30.97
C LYS Z 196 94.19 14.34 -30.26
N VAL Z 197 95.36 14.14 -29.65
CA VAL Z 197 96.01 15.24 -28.95
C VAL Z 197 96.43 16.33 -29.93
N ASP Z 198 96.81 15.94 -31.15
CA ASP Z 198 97.13 16.93 -32.17
C ASP Z 198 95.91 17.75 -32.52
N ALA Z 199 94.75 17.11 -32.65
CA ALA Z 199 93.51 17.84 -32.91
C ALA Z 199 93.18 18.77 -31.77
N GLU Z 200 93.37 18.31 -30.53
CA GLU Z 200 93.15 19.18 -29.38
C GLU Z 200 94.04 20.41 -29.42
N SER Z 201 95.32 20.21 -29.72
CA SER Z 201 96.25 21.34 -29.78
C SER Z 201 95.86 22.32 -30.88
N ARG Z 202 95.51 21.79 -32.06
CA ARG Z 202 95.21 22.68 -33.18
C ARG Z 202 93.90 23.42 -32.97
N VAL Z 203 92.93 22.77 -32.32
CA VAL Z 203 91.71 23.48 -31.93
C VAL Z 203 92.04 24.60 -30.96
N ASN Z 204 92.92 24.32 -30.00
CA ASN Z 204 93.33 25.35 -29.05
C ASN Z 204 94.04 26.51 -29.76
N LYS Z 205 94.57 26.27 -30.96
CA LYS Z 205 95.17 27.34 -31.75
C LYS Z 205 94.13 28.18 -32.49
N GLY Z 206 92.84 27.89 -32.32
CA GLY Z 206 91.82 28.55 -33.08
C GLY Z 206 91.58 27.97 -34.46
N GLU Z 207 92.34 26.96 -34.85
CA GLU Z 207 92.22 26.34 -36.16
C GLU Z 207 91.02 25.40 -36.20
N LEU Z 208 90.33 25.35 -37.33
CA LEU Z 208 89.21 24.43 -37.52
C LEU Z 208 89.71 23.17 -38.21
N ILE Z 209 89.35 22.01 -37.67
CA ILE Z 209 89.92 20.73 -38.09
C ILE Z 209 88.79 19.75 -38.38
N LEU Z 210 88.99 18.96 -39.43
CA LEU Z 210 88.13 17.82 -39.75
C LEU Z 210 88.67 16.58 -39.04
N ILE Z 211 87.79 15.88 -38.32
CA ILE Z 211 88.21 14.78 -37.47
C ILE Z 211 87.35 13.57 -37.80
N LYS Z 212 87.98 12.39 -37.80
CA LYS Z 212 87.30 11.12 -37.93
C LYS Z 212 86.95 10.61 -36.54
N GLU Z 213 85.65 10.51 -36.25
CA GLU Z 213 85.19 9.97 -34.99
C GLU Z 213 83.80 9.38 -35.20
N ALA Z 214 83.43 8.44 -34.33
CA ALA Z 214 82.16 7.73 -34.45
C ALA Z 214 82.08 7.09 -35.83
N GLY Z 215 80.91 7.14 -36.46
CA GLY Z 215 80.73 6.44 -37.72
C GLY Z 215 81.32 7.15 -38.93
N ALA Z 216 81.38 8.47 -38.92
CA ALA Z 216 81.73 9.24 -40.11
C ALA Z 216 82.66 10.40 -39.78
N ILE Z 217 83.25 10.97 -40.82
CA ILE Z 217 84.10 12.14 -40.69
C ILE Z 217 83.22 13.35 -40.35
N ARG Z 218 83.65 14.14 -39.38
CA ARG Z 218 82.77 15.13 -38.77
C ARG Z 218 83.52 16.42 -38.44
N ILE Z 219 82.77 17.52 -38.40
CA ILE Z 219 83.32 18.80 -37.98
C ILE Z 219 83.56 18.79 -36.47
N ALA Z 220 84.63 19.47 -36.04
CA ALA Z 220 85.02 19.49 -34.64
C ALA Z 220 84.91 20.91 -34.09
N ARG Z 221 83.73 21.28 -33.62
CA ARG Z 221 83.54 22.46 -32.78
C ARG Z 221 84.08 23.73 -33.44
N GLY Z 222 83.38 24.13 -34.50
CA GLY Z 222 83.77 25.30 -35.26
C GLY Z 222 83.92 26.56 -34.45
N VAL Z 223 85.07 27.23 -34.60
CA VAL Z 223 85.38 28.46 -33.87
C VAL Z 223 86.11 29.40 -34.81
N ASN Z 224 86.07 30.69 -34.47
CA ASN Z 224 86.77 31.69 -35.27
C ASN Z 224 88.28 31.58 -35.09
N SER Z 225 89.01 32.33 -35.91
CA SER Z 225 90.45 32.22 -35.92
C SER Z 225 91.12 33.05 -34.83
N LEU Z 226 90.38 33.89 -34.12
CA LEU Z 226 90.99 34.69 -33.08
C LEU Z 226 91.43 33.83 -31.91
N THR Z 227 92.57 34.20 -31.31
CA THR Z 227 93.14 33.45 -30.20
C THR Z 227 93.28 34.27 -28.92
N GLU Z 228 93.76 35.50 -29.01
CA GLU Z 228 93.94 36.34 -27.84
C GLU Z 228 92.58 36.85 -27.37
N LEU Z 229 92.41 36.96 -26.06
CA LEU Z 229 91.16 37.40 -25.46
C LEU Z 229 91.41 38.68 -24.67
N THR Z 230 90.72 39.74 -25.05
CA THR Z 230 90.83 41.02 -24.35
C THR Z 230 89.73 41.13 -23.31
N ALA Z 231 89.75 42.24 -22.56
CA ALA Z 231 88.73 42.47 -21.53
C ALA Z 231 87.36 42.68 -22.17
N GLU Z 232 87.29 43.47 -23.24
CA GLU Z 232 86.01 43.71 -23.89
C GLU Z 232 85.54 42.48 -24.65
N LYS Z 233 86.44 41.85 -25.40
CA LYS Z 233 86.09 40.68 -26.21
C LYS Z 233 86.04 39.46 -25.31
N GLY Z 234 84.83 39.02 -24.96
CA GLY Z 234 84.66 37.88 -24.08
C GLY Z 234 84.94 36.57 -24.78
N GLU Z 235 84.89 35.49 -23.99
CA GLU Z 235 85.20 34.17 -24.53
C GLU Z 235 84.09 33.67 -25.45
N MET Z 236 82.86 34.14 -25.25
CA MET Z 236 81.77 33.69 -26.12
C MET Z 236 81.96 34.18 -27.55
N PHE Z 237 82.84 35.15 -27.77
CA PHE Z 237 83.11 35.63 -29.12
C PHE Z 237 83.86 34.59 -29.95
N GLN Z 238 84.35 33.53 -29.33
CA GLN Z 238 85.05 32.48 -30.07
C GLN Z 238 84.11 31.52 -30.78
N LYS Z 239 82.82 31.52 -30.44
CA LYS Z 239 81.87 30.60 -31.04
C LYS Z 239 81.28 31.19 -32.31
N ILE Z 240 81.17 30.36 -33.34
CA ILE Z 240 80.64 30.82 -34.63
C ILE Z 240 79.19 31.24 -34.49
N LYS Z 241 78.38 30.45 -33.78
CA LYS Z 241 76.96 30.76 -33.65
C LYS Z 241 76.74 32.08 -32.95
N ILE Z 242 77.51 32.34 -31.89
CA ILE Z 242 77.33 33.57 -31.11
C ILE Z 242 77.64 34.79 -31.96
N VAL Z 243 78.78 34.76 -32.65
CA VAL Z 243 79.15 35.92 -33.47
C VAL Z 243 78.18 36.08 -34.63
N ASP Z 244 77.69 34.96 -35.14
CA ASP Z 244 76.72 34.94 -36.25
C ASP Z 244 75.39 35.59 -35.88
N THR Z 245 74.87 35.29 -34.68
CA THR Z 245 73.61 35.88 -34.24
C THR Z 245 73.80 37.33 -33.82
N LEU Z 246 74.94 37.67 -33.19
CA LEU Z 246 75.22 39.06 -32.89
C LEU Z 246 75.29 39.88 -34.17
N ASP Z 247 75.93 39.33 -35.20
CA ASP Z 247 76.08 40.05 -36.45
C ASP Z 247 74.71 40.34 -37.06
N ILE Z 248 73.83 39.34 -37.07
CA ILE Z 248 72.55 39.53 -37.74
C ILE Z 248 71.67 40.50 -36.96
N ILE Z 249 71.70 40.46 -35.62
CA ILE Z 249 70.88 41.40 -34.88
C ILE Z 249 71.39 42.81 -35.09
N HIS Z 250 72.72 42.97 -35.16
CA HIS Z 250 73.27 44.30 -35.45
C HIS Z 250 72.80 44.82 -36.80
N SER Z 251 72.87 43.97 -37.83
CA SER Z 251 72.46 44.40 -39.16
C SER Z 251 70.98 44.77 -39.19
N ASP Z 252 70.14 43.95 -38.55
CA ASP Z 252 68.71 44.21 -38.54
C ASP Z 252 68.39 45.51 -37.83
N ILE Z 253 69.01 45.74 -36.68
CA ILE Z 253 68.75 46.96 -35.93
C ILE Z 253 69.20 48.17 -36.73
N ARG Z 254 70.37 48.08 -37.36
CA ARG Z 254 70.85 49.18 -38.19
C ARG Z 254 69.88 49.49 -39.32
N LYS Z 255 69.39 48.46 -40.00
CA LYS Z 255 68.48 48.68 -41.11
C LYS Z 255 67.19 49.34 -40.65
N VAL Z 256 66.62 48.85 -39.54
CA VAL Z 256 65.38 49.43 -39.02
C VAL Z 256 65.60 50.90 -38.67
N ILE Z 257 66.70 51.19 -37.98
CA ILE Z 257 66.96 52.56 -37.52
C ILE Z 257 67.12 53.50 -38.71
N ILE Z 258 67.91 53.10 -39.71
CA ILE Z 258 68.13 54.01 -40.83
C ILE Z 258 66.85 54.18 -41.63
N ASP Z 259 66.06 53.11 -41.80
CA ASP Z 259 64.90 53.19 -42.66
C ASP Z 259 63.79 54.02 -42.03
N ASP Z 260 63.58 53.90 -40.71
CA ASP Z 260 62.39 54.47 -40.10
C ASP Z 260 62.65 55.77 -39.35
N TYR Z 261 63.55 55.76 -38.37
CA TYR Z 261 63.65 56.89 -37.44
C TYR Z 261 64.86 57.78 -37.70
N ILE Z 262 65.29 57.91 -38.96
CA ILE Z 262 66.40 58.78 -39.30
C ILE Z 262 65.84 60.03 -39.99
N GLY Z 263 65.99 61.17 -39.33
CA GLY Z 263 65.61 62.44 -39.91
C GLY Z 263 64.12 62.65 -40.09
N LYS Z 264 63.31 61.73 -39.56
CA LYS Z 264 61.87 61.80 -39.73
C LYS Z 264 61.09 61.85 -38.42
N VAL Z 265 61.75 61.80 -37.27
CA VAL Z 265 61.10 61.87 -35.98
C VAL Z 265 61.76 62.95 -35.14
N THR Z 266 60.97 63.67 -34.36
CA THR Z 266 61.50 64.70 -33.48
C THR Z 266 62.25 64.09 -32.32
N ASN Z 267 63.37 64.70 -31.96
CA ASN Z 267 64.19 64.23 -30.86
C ASN Z 267 63.56 64.69 -29.54
N SER Z 268 62.78 63.81 -28.91
CA SER Z 268 62.08 64.14 -27.69
C SER Z 268 61.94 62.87 -26.85
N TYR Z 269 61.44 63.05 -25.61
CA TYR Z 269 61.30 61.91 -24.71
C TYR Z 269 60.32 60.87 -25.27
N ASP Z 270 59.15 61.30 -25.74
CA ASP Z 270 58.15 60.33 -26.17
C ASP Z 270 58.62 59.56 -27.39
N ASN Z 271 59.34 60.22 -28.30
CA ASN Z 271 59.91 59.52 -29.43
C ASN Z 271 60.95 58.49 -28.98
N LYS Z 272 61.75 58.84 -27.97
CA LYS Z 272 62.72 57.89 -27.44
C LYS Z 272 62.02 56.69 -26.81
N CYS Z 273 60.93 56.94 -26.09
CA CYS Z 273 60.18 55.83 -25.50
C CYS Z 273 59.58 54.94 -26.59
N LEU Z 274 59.10 55.54 -27.68
CA LEU Z 274 58.59 54.73 -28.79
C LEU Z 274 59.71 53.89 -29.42
N LEU Z 275 60.90 54.48 -29.56
CA LEU Z 275 62.05 53.71 -30.06
C LEU Z 275 62.39 52.55 -29.14
N ILE Z 276 62.36 52.79 -27.83
CA ILE Z 276 62.61 51.73 -26.85
C ILE Z 276 61.57 50.61 -27.01
N VAL Z 277 60.30 50.99 -27.16
CA VAL Z 277 59.25 50.00 -27.30
C VAL Z 277 59.44 49.17 -28.56
N ALA Z 278 59.79 49.83 -29.67
CA ALA Z 278 60.00 49.11 -30.92
C ALA Z 278 61.18 48.15 -30.80
N ILE Z 279 62.27 48.61 -30.18
CA ILE Z 279 63.44 47.76 -30.01
C ILE Z 279 63.11 46.55 -29.15
N LYS Z 280 62.39 46.77 -28.05
CA LYS Z 280 62.00 45.66 -27.19
C LYS Z 280 61.09 44.68 -27.91
N SER Z 281 60.17 45.20 -28.74
CA SER Z 281 59.30 44.32 -29.50
C SER Z 281 60.09 43.46 -30.48
N TYR Z 282 61.08 44.05 -31.15
CA TYR Z 282 61.93 43.27 -32.03
C TYR Z 282 62.70 42.21 -31.25
N LEU Z 283 63.17 42.57 -30.05
CA LEU Z 283 63.90 41.61 -29.23
C LEU Z 283 63.01 40.44 -28.83
N GLU Z 284 61.76 40.73 -28.46
CA GLU Z 284 60.83 39.64 -28.14
C GLU Z 284 60.56 38.78 -29.36
N GLU Z 285 60.43 39.39 -30.53
CA GLU Z 285 60.23 38.63 -31.76
C GLU Z 285 61.39 37.69 -32.00
N LEU Z 286 62.62 38.18 -31.84
CA LEU Z 286 63.79 37.32 -32.00
C LEU Z 286 63.82 36.23 -30.94
N GLU Z 287 63.42 36.55 -29.72
CA GLU Z 287 63.40 35.55 -28.65
C GLU Z 287 62.42 34.43 -28.96
N LYS Z 288 61.29 34.76 -29.58
CA LYS Z 288 60.32 33.73 -29.94
C LYS Z 288 60.94 32.64 -30.82
N SER Z 289 61.95 33.00 -31.61
CA SER Z 289 62.68 32.02 -32.39
C SER Z 289 63.66 31.21 -31.56
N ALA Z 290 63.72 31.46 -30.25
CA ALA Z 290 64.60 30.76 -29.32
C ALA Z 290 66.08 30.91 -29.67
N LEU Z 291 66.49 32.10 -30.10
CA LEU Z 291 67.92 32.34 -30.33
C LEU Z 291 68.57 33.07 -29.16
N ILE Z 292 67.80 33.85 -28.42
CA ILE Z 292 68.32 34.55 -27.24
C ILE Z 292 67.41 34.26 -26.05
N GLU Z 293 67.88 34.60 -24.85
CA GLU Z 293 67.11 34.36 -23.64
C GLU Z 293 65.87 35.25 -23.61
N SER Z 294 64.87 34.81 -22.85
CA SER Z 294 63.58 35.49 -22.85
C SER Z 294 63.68 36.91 -22.31
N ASP Z 295 64.32 37.08 -21.15
CA ASP Z 295 64.30 38.36 -20.44
C ASP Z 295 65.40 39.27 -20.95
N SER Z 296 65.01 40.39 -21.55
CA SER Z 296 65.94 41.42 -22.00
C SER Z 296 65.38 42.78 -21.63
N THR Z 297 66.27 43.72 -21.30
CA THR Z 297 65.88 45.05 -20.87
C THR Z 297 66.54 46.08 -21.78
N VAL Z 298 65.78 47.11 -22.16
CA VAL Z 298 66.28 48.21 -22.97
C VAL Z 298 65.91 49.52 -22.27
N GLU Z 299 66.90 50.38 -22.06
CA GLU Z 299 66.66 51.66 -21.42
C GLU Z 299 67.69 52.66 -21.93
N ILE Z 300 67.35 53.95 -21.79
CA ILE Z 300 68.26 55.00 -22.23
C ILE Z 300 69.51 55.00 -21.36
N ASP Z 301 70.66 55.10 -22.01
CA ASP Z 301 71.92 55.13 -21.29
C ASP Z 301 72.04 56.43 -20.50
N PHE Z 302 72.42 56.34 -19.24
CA PHE Z 302 72.46 57.50 -18.36
C PHE Z 302 73.85 58.14 -18.33
N GLU Z 303 74.90 57.34 -18.23
CA GLU Z 303 76.24 57.90 -18.02
C GLU Z 303 76.71 58.67 -19.25
N ALA Z 304 76.42 58.14 -20.44
CA ALA Z 304 76.80 58.87 -21.66
C ALA Z 304 76.08 60.20 -21.75
N GLN Z 305 74.80 60.23 -21.39
CA GLN Z 305 74.05 61.48 -21.40
C GLN Z 305 74.62 62.46 -20.37
N LYS Z 306 74.99 61.95 -19.19
CA LYS Z 306 75.60 62.81 -18.19
C LYS Z 306 76.90 63.41 -18.70
N SER Z 307 77.74 62.59 -19.33
CA SER Z 307 79.00 63.09 -19.88
C SER Z 307 78.75 64.13 -20.96
N TYR Z 308 77.75 63.88 -21.82
CA TYR Z 308 77.44 64.85 -22.87
C TYR Z 308 76.98 66.17 -22.26
N LEU Z 309 76.10 66.11 -21.26
CA LEU Z 309 75.62 67.34 -20.63
C LEU Z 309 76.75 68.08 -19.95
N LYS Z 310 77.69 67.37 -19.34
CA LYS Z 310 78.89 68.02 -18.81
C LYS Z 310 79.71 68.66 -19.91
N SER Z 311 79.78 68.00 -21.07
CA SER Z 311 80.65 68.48 -22.15
C SER Z 311 80.23 69.85 -22.65
N LYS Z 312 78.93 70.16 -22.62
CA LYS Z 312 78.45 71.48 -23.04
C LYS Z 312 78.56 72.52 -21.93
N GLY Z 313 78.99 72.12 -20.74
CA GLY Z 313 79.16 73.05 -19.64
C GLY Z 313 77.93 73.35 -18.84
N VAL Z 314 76.87 72.55 -18.97
CA VAL Z 314 75.65 72.80 -18.22
C VAL Z 314 75.89 72.48 -16.74
N ASP Z 315 75.08 73.10 -15.88
CA ASP Z 315 75.14 72.84 -14.45
C ASP Z 315 73.97 71.93 -14.09
N LEU Z 316 74.26 70.63 -14.01
CA LEU Z 316 73.26 69.62 -13.71
C LEU Z 316 73.41 69.06 -12.30
N SER Z 317 73.98 69.84 -11.38
CA SER Z 317 74.12 69.38 -10.00
C SER Z 317 72.76 69.24 -9.33
N TYR Z 318 71.92 70.27 -9.43
CA TYR Z 318 70.59 70.21 -8.83
C TYR Z 318 69.65 69.37 -9.67
N MET Z 319 70.01 69.12 -10.93
CA MET Z 319 69.10 68.46 -11.86
C MET Z 319 68.91 67.01 -11.45
N THR Z 320 67.66 66.64 -11.15
CA THR Z 320 67.34 65.33 -10.65
C THR Z 320 67.41 64.31 -11.78
N LEU Z 321 67.62 63.03 -11.41
CA LEU Z 321 67.96 61.99 -12.37
C LEU Z 321 66.99 61.94 -13.55
N GLN Z 322 65.68 61.98 -13.29
CA GLN Z 322 64.73 61.87 -14.39
C GLN Z 322 64.71 63.15 -15.21
N GLU Z 323 65.00 64.29 -14.57
CA GLU Z 323 65.18 65.52 -15.33
C GLU Z 323 66.37 65.42 -16.27
N ILE Z 324 67.47 64.82 -15.80
CA ILE Z 324 68.61 64.60 -16.68
C ILE Z 324 68.21 63.67 -17.83
N LYS Z 325 67.37 62.68 -17.53
CA LYS Z 325 66.85 61.84 -18.59
C LYS Z 325 66.00 62.65 -19.57
N GLU Z 326 65.38 63.73 -19.08
CA GLU Z 326 64.45 64.50 -19.92
C GLU Z 326 65.16 65.56 -20.75
N ALA Z 327 66.40 65.89 -20.40
CA ALA Z 327 67.09 67.00 -21.05
C ALA Z 327 67.27 66.75 -22.54
N ASN Z 328 67.12 67.80 -23.34
CA ASN Z 328 67.30 67.70 -24.78
C ASN Z 328 68.77 67.43 -25.10
N THR Z 329 68.98 66.57 -26.10
CA THR Z 329 70.32 66.19 -26.53
C THR Z 329 70.71 66.68 -27.94
N GLY Z 330 69.77 67.27 -28.68
CA GLY Z 330 70.10 67.76 -30.01
C GLY Z 330 70.32 66.66 -31.03
N SER Z 331 69.29 65.86 -31.31
CA SER Z 331 69.28 64.88 -32.39
C SER Z 331 70.21 63.69 -32.13
N LYS Z 332 70.82 63.63 -30.96
CA LYS Z 332 71.65 62.48 -30.61
C LYS Z 332 70.99 61.66 -29.51
N VAL Z 333 70.95 60.35 -29.69
CA VAL Z 333 70.24 59.44 -28.78
C VAL Z 333 71.23 58.41 -28.28
N PHE Z 334 71.11 58.04 -27.00
CA PHE Z 334 72.00 57.07 -26.37
C PHE Z 334 71.18 55.95 -25.77
N LEU Z 335 71.50 54.71 -26.16
CA LEU Z 335 70.83 53.53 -25.62
C LEU Z 335 71.87 52.49 -25.28
N LYS Z 336 71.53 51.63 -24.32
CA LYS Z 336 72.36 50.48 -23.96
C LYS Z 336 71.47 49.39 -23.40
N ALA Z 337 71.74 48.15 -23.80
CA ALA Z 337 70.92 47.00 -23.40
C ALA Z 337 71.81 45.79 -23.17
N LYS Z 338 71.32 44.87 -22.34
CA LYS Z 338 72.01 43.62 -22.07
C LYS Z 338 71.10 42.45 -22.40
N ILE Z 339 71.62 41.48 -23.15
CA ILE Z 339 70.88 40.30 -23.56
C ILE Z 339 71.73 39.07 -23.30
N LYS Z 340 71.08 37.92 -23.23
CA LYS Z 340 71.74 36.64 -23.04
C LYS Z 340 71.49 35.77 -24.26
N VAL Z 341 72.56 35.26 -24.85
CA VAL Z 341 72.51 34.50 -26.10
C VAL Z 341 72.61 33.02 -25.77
N LEU Z 342 71.70 32.23 -26.31
CA LEU Z 342 71.72 30.79 -26.09
C LEU Z 342 72.72 30.12 -27.02
N ASP Z 343 73.04 28.87 -26.70
CA ASP Z 343 73.94 28.05 -27.51
C ASP Z 343 73.40 26.63 -27.55
N ALA Z 344 73.80 25.87 -28.57
CA ALA Z 344 73.41 24.47 -28.65
C ALA Z 344 74.18 23.65 -27.63
N MET Z 345 73.60 22.53 -27.23
CA MET Z 345 74.30 21.65 -26.29
C MET Z 345 75.57 21.10 -26.92
N GLU Z 346 76.70 21.32 -26.24
CA GLU Z 346 78.01 20.96 -26.75
C GLU Z 346 78.72 19.91 -25.91
N ASP Z 347 78.64 20.00 -24.58
CA ASP Z 347 79.30 19.07 -23.69
C ASP Z 347 78.30 18.62 -22.64
N ILE Z 348 78.13 17.30 -22.52
CA ILE Z 348 77.15 16.72 -21.59
C ILE Z 348 77.89 15.81 -20.62
N ASP Z 349 77.64 16.02 -19.33
CA ASP Z 349 78.26 15.26 -18.26
C ASP Z 349 77.16 14.52 -17.50
N LEU Z 350 77.27 13.20 -17.45
CA LEU Z 350 76.26 12.35 -16.82
C LEU Z 350 76.91 11.53 -15.72
N SER Z 351 76.29 11.55 -14.54
CA SER Z 351 76.77 10.82 -13.38
C SER Z 351 75.72 9.78 -12.99
N ILE Z 352 76.03 8.51 -13.20
CA ILE Z 352 75.12 7.41 -12.88
C ILE Z 352 75.67 6.70 -11.65
N GLU Z 353 74.85 6.60 -10.62
CA GLU Z 353 75.23 5.90 -9.40
C GLU Z 353 74.36 4.66 -9.28
N ILE Z 354 74.98 3.52 -8.99
CA ILE Z 354 74.28 2.25 -8.93
C ILE Z 354 73.47 2.14 -7.65
N ALA AA 2 89.99 27.08 -22.57
CA ALA AA 2 90.51 26.42 -23.76
C ALA AA 2 89.46 25.49 -24.36
N ILE AA 3 88.99 25.83 -25.56
CA ILE AA 3 87.99 25.00 -26.22
C ILE AA 3 88.64 23.71 -26.70
N GLY AA 4 88.05 22.59 -26.31
CA GLY AA 4 88.53 21.29 -26.73
C GLY AA 4 87.45 20.53 -27.49
N LEU AA 5 87.78 19.30 -27.83
CA LEU AA 5 86.80 18.45 -28.50
C LEU AA 5 85.60 18.22 -27.59
N PRO AA 6 84.40 18.10 -28.14
CA PRO AA 6 83.21 17.91 -27.29
C PRO AA 6 83.34 16.67 -26.43
N SER AA 7 82.90 16.80 -25.18
CA SER AA 7 83.07 15.75 -24.18
C SER AA 7 81.71 15.18 -23.80
N ILE AA 8 81.54 13.87 -23.98
CA ILE AA 8 80.40 13.13 -23.48
C ILE AA 8 80.94 12.02 -22.59
N ASN AA 9 80.63 12.09 -21.30
CA ASN AA 9 81.15 11.12 -20.35
C ASN AA 9 80.04 10.61 -19.45
N ILE AA 10 80.00 9.29 -19.30
CA ILE AA 10 79.07 8.61 -18.41
C ILE AA 10 79.88 7.93 -17.32
N SER AA 11 79.57 8.23 -16.07
CA SER AA 11 80.33 7.73 -14.93
C SER AA 11 79.45 6.83 -14.10
N PHE AA 12 79.99 5.67 -13.71
CA PHE AA 12 79.32 4.73 -12.83
C PHE AA 12 80.04 4.73 -11.49
N LYS AA 13 79.30 4.98 -10.41
CA LYS AA 13 79.86 5.04 -9.08
C LYS AA 13 78.98 4.25 -8.12
N GLU AA 14 79.59 3.68 -7.09
CA GLU AA 14 78.85 2.89 -6.12
C GLU AA 14 78.24 3.76 -5.05
N LEU AA 15 77.13 3.28 -4.47
CA LEU AA 15 76.59 3.86 -3.25
C LEU AA 15 77.38 3.30 -2.06
N ALA AA 16 78.50 3.94 -1.77
CA ALA AA 16 79.43 3.44 -0.77
C ALA AA 16 78.86 3.61 0.63
N THR AA 17 77.83 2.85 0.96
CA THR AA 17 77.29 2.87 2.31
C THR AA 17 78.38 2.45 3.29
N THR AA 18 78.66 3.31 4.26
CA THR AA 18 79.84 3.17 5.10
C THR AA 18 79.45 3.23 6.56
N VAL AA 19 79.98 2.27 7.33
CA VAL AA 19 79.95 2.32 8.78
C VAL AA 19 81.38 2.55 9.25
N LYS AA 20 81.56 3.52 10.16
CA LYS AA 20 82.90 3.88 10.58
C LYS AA 20 83.58 2.72 11.29
N GLU AA 21 84.84 2.49 10.97
CA GLU AA 21 85.62 1.42 11.57
C GLU AA 21 86.26 1.91 12.86
N ARG AA 22 86.02 1.18 13.95
CA ARG AA 22 86.55 1.52 15.25
C ARG AA 22 87.65 0.54 15.64
N SER AA 23 88.30 0.83 16.76
CA SER AA 23 89.42 0.02 17.22
C SER AA 23 88.99 -1.42 17.43
N ALA AA 24 89.82 -2.35 16.98
CA ALA AA 24 89.51 -3.78 17.11
C ALA AA 24 89.44 -4.16 18.57
N ARG AA 25 88.40 -4.91 18.93
CA ARG AA 25 88.18 -5.37 20.28
C ARG AA 25 88.10 -6.88 20.30
N GLY AA 26 88.66 -7.49 21.34
CA GLY AA 26 88.60 -8.94 21.51
C GLY AA 26 89.77 -9.71 20.96
N ILE AA 27 90.81 -9.04 20.47
CA ILE AA 27 92.00 -9.72 19.98
C ILE AA 27 92.92 -10.01 21.15
N ILE AA 28 93.66 -11.10 21.05
CA ILE AA 28 94.54 -11.57 22.12
C ILE AA 28 95.97 -11.61 21.60
N ALA AA 29 96.91 -11.20 22.44
CA ALA AA 29 98.33 -11.35 22.16
C ALA AA 29 98.94 -12.28 23.20
N MET AA 30 99.62 -13.32 22.74
CA MET AA 30 100.26 -14.30 23.61
C MET AA 30 101.72 -14.41 23.21
N VAL AA 31 102.61 -14.52 24.19
CA VAL AA 31 104.04 -14.66 23.95
C VAL AA 31 104.55 -15.87 24.72
N LEU AA 32 105.46 -16.62 24.11
CA LEU AA 32 105.95 -17.86 24.68
C LEU AA 32 107.39 -18.07 24.23
N LYS AA 33 108.06 -19.02 24.86
CA LYS AA 33 109.45 -19.33 24.56
C LYS AA 33 109.56 -20.74 23.98
N ASP AA 34 110.41 -20.90 22.96
CA ASP AA 34 110.60 -22.18 22.30
C ASP AA 34 111.95 -22.20 21.60
N ALA AA 35 112.21 -23.31 20.92
CA ALA AA 35 113.34 -23.45 20.02
C ALA AA 35 112.94 -23.55 18.56
N LYS AA 36 111.65 -23.40 18.25
CA LYS AA 36 111.15 -23.51 16.89
C LYS AA 36 110.12 -22.43 16.62
N ALA AA 37 109.96 -22.10 15.34
CA ALA AA 37 108.98 -21.12 14.87
C ALA AA 37 109.13 -19.80 15.61
N LEU AA 38 110.37 -19.36 15.76
CA LEU AA 38 110.65 -18.15 16.52
C LEU AA 38 110.00 -16.93 15.88
N GLY AA 39 109.58 -16.00 16.73
CA GLY AA 39 108.85 -14.84 16.28
C GLY AA 39 107.35 -15.03 16.38
N LEU AA 40 106.62 -14.02 15.90
CA LEU AA 40 105.17 -14.10 15.89
C LEU AA 40 104.71 -15.20 14.95
N ASN AA 41 103.54 -15.78 15.27
CA ASN AA 41 103.05 -16.91 14.51
C ASN AA 41 101.70 -16.68 13.85
N GLU AA 42 100.93 -15.69 14.31
CA GLU AA 42 99.73 -15.21 13.61
C GLU AA 42 98.69 -16.33 13.44
N ILE AA 43 98.18 -16.83 14.57
CA ILE AA 43 97.10 -17.83 14.55
C ILE AA 43 95.80 -17.03 14.53
N HIS AA 44 95.40 -16.62 13.32
CA HIS AA 44 94.14 -15.92 13.17
C HIS AA 44 92.96 -16.87 13.27
N GLU AA 45 93.14 -18.10 12.81
CA GLU AA 45 92.08 -19.11 12.79
C GLU AA 45 92.40 -20.20 13.80
N LYS AA 46 91.38 -20.65 14.53
CA LYS AA 46 91.55 -21.70 15.52
C LYS AA 46 92.14 -22.97 14.92
N GLU AA 47 91.73 -23.32 13.70
CA GLU AA 47 92.11 -24.62 13.13
C GLU AA 47 93.61 -24.71 12.87
N ASP AA 48 94.18 -23.72 12.17
CA ASP AA 48 95.57 -23.80 11.77
C ASP AA 48 96.47 -23.55 12.98
N ILE AA 49 97.43 -24.43 13.19
CA ILE AA 49 98.41 -24.30 14.27
C ILE AA 49 99.75 -24.80 13.75
N PRO AA 50 100.84 -24.05 13.94
CA PRO AA 50 102.15 -24.54 13.50
C PRO AA 50 102.53 -25.84 14.18
N VAL AA 51 103.19 -26.72 13.42
CA VAL AA 51 103.42 -28.08 13.89
C VAL AA 51 104.74 -28.20 14.65
N ASP AA 52 105.73 -27.40 14.31
CA ASP AA 52 107.06 -27.55 14.91
C ASP AA 52 107.07 -27.21 16.40
N LEU AA 53 106.09 -26.47 16.88
CA LEU AA 53 106.07 -26.12 18.30
C LEU AA 53 105.62 -27.32 19.14
N SER AA 54 105.95 -27.27 20.43
CA SER AA 54 105.80 -28.41 21.32
C SER AA 54 104.33 -28.75 21.53
N ALA AA 55 104.08 -30.01 21.90
CA ALA AA 55 102.71 -30.47 22.13
C ALA AA 55 102.08 -29.74 23.31
N GLU AA 56 102.83 -29.55 24.39
CA GLU AA 56 102.30 -28.78 25.52
C GLU AA 56 102.00 -27.35 25.10
N ASN AA 57 102.79 -26.81 24.17
CA ASN AA 57 102.48 -25.50 23.61
C ASN AA 57 101.17 -25.53 22.86
N LYS AA 58 100.93 -26.58 22.07
CA LYS AA 58 99.62 -26.77 21.47
C LYS AA 58 98.54 -26.78 22.56
N GLU AA 59 98.87 -27.34 23.73
CA GLU AA 59 97.89 -27.43 24.80
C GLU AA 59 97.54 -26.05 25.36
N TYR AA 60 98.54 -25.22 25.65
CA TYR AA 60 98.22 -23.88 26.16
C TYR AA 60 97.51 -23.05 25.10
N ILE AA 61 97.91 -23.20 23.83
CA ILE AA 61 97.19 -22.51 22.77
C ILE AA 61 95.73 -22.94 22.75
N ASN AA 62 95.48 -24.25 22.86
CA ASN AA 62 94.11 -24.75 22.85
C ASN AA 62 93.30 -24.20 24.01
N LEU AA 63 93.89 -24.17 25.21
CA LEU AA 63 93.18 -23.55 26.34
C LEU AA 63 92.85 -22.10 26.03
N ALA AA 64 93.76 -21.38 25.38
CA ALA AA 64 93.48 -20.00 25.03
C ALA AA 64 92.50 -19.87 23.87
N LEU AA 65 92.25 -20.94 23.13
CA LEU AA 65 91.46 -20.83 21.91
C LEU AA 65 89.97 -20.67 22.20
N MET AA 66 89.35 -21.66 22.83
CA MET AA 66 87.90 -21.61 22.98
C MET AA 66 87.51 -20.53 23.98
N GLY AA 67 86.52 -19.72 23.60
CA GLY AA 67 86.14 -18.56 24.38
C GLY AA 67 84.92 -18.83 25.24
N ASN AA 68 84.43 -17.77 25.90
CA ASN AA 68 83.24 -17.91 26.73
C ASN AA 68 81.98 -17.95 25.88
N VAL AA 69 81.69 -16.87 25.15
CA VAL AA 69 80.50 -16.77 24.33
C VAL AA 69 80.83 -16.81 22.85
N ASN AA 70 81.86 -16.09 22.43
CA ASN AA 70 82.30 -16.09 21.05
C ASN AA 70 83.79 -16.43 21.01
N THR AA 71 84.22 -17.00 19.89
CA THR AA 71 85.63 -17.28 19.71
C THR AA 71 86.39 -15.95 19.60
N PRO AA 72 87.65 -15.91 20.04
CA PRO AA 72 88.46 -14.71 19.85
C PRO AA 72 88.59 -14.37 18.38
N ASN AA 73 88.50 -13.07 18.07
CA ASN AA 73 88.55 -12.63 16.68
C ASN AA 73 89.91 -12.91 16.07
N LYS AA 74 90.98 -12.66 16.80
CA LYS AA 74 92.33 -12.80 16.25
C LYS AA 74 93.30 -13.01 17.40
N LEU AA 75 94.08 -14.09 17.32
CA LEU AA 75 95.03 -14.47 18.36
C LEU AA 75 96.44 -14.31 17.83
N LEU AA 76 97.30 -13.68 18.62
CA LEU AA 76 98.70 -13.48 18.27
C LEU AA 76 99.56 -14.29 19.24
N VAL AA 77 100.38 -15.17 18.69
CA VAL AA 77 101.33 -15.95 19.48
C VAL AA 77 102.73 -15.66 18.96
N TYR AA 78 103.59 -15.15 19.83
CA TYR AA 78 104.97 -14.86 19.49
C TYR AA 78 105.89 -15.80 20.25
N VAL AA 79 106.82 -16.42 19.52
CA VAL AA 79 107.80 -17.33 20.10
C VAL AA 79 109.08 -16.56 20.36
N ILE AA 80 109.61 -16.67 21.57
CA ILE AA 80 110.84 -15.98 21.96
C ILE AA 80 111.92 -17.01 22.21
N GLU AA 81 113.16 -16.60 22.05
CA GLU AA 81 114.29 -17.45 22.33
C GLU AA 81 114.48 -17.58 23.84
N GLY AA 82 114.98 -18.75 24.26
CA GLY AA 82 115.21 -18.97 25.67
C GLY AA 82 116.19 -17.97 26.24
N GLU AA 83 115.87 -17.44 27.42
CA GLU AA 83 116.65 -16.46 28.16
C GLU AA 83 116.85 -15.16 27.40
N ALA AA 84 115.98 -14.84 26.44
CA ALA AA 84 116.07 -13.58 25.72
C ALA AA 84 115.47 -12.42 26.51
N ASP AA 85 115.12 -12.63 27.79
CA ASP AA 85 114.47 -11.64 28.63
C ASP AA 85 113.11 -11.25 28.07
N ILE AA 86 112.51 -10.21 28.63
CA ILE AA 86 111.13 -9.87 28.28
C ILE AA 86 111.08 -8.63 27.41
N GLN AA 87 112.04 -7.71 27.56
CA GLN AA 87 112.03 -6.46 26.80
C GLN AA 87 112.04 -6.71 25.30
N THR AA 88 112.69 -7.79 24.85
CA THR AA 88 112.75 -8.08 23.43
C THR AA 88 111.36 -8.31 22.85
N ALA AA 89 110.52 -9.08 23.56
CA ALA AA 89 109.15 -9.26 23.11
C ALA AA 89 108.30 -8.03 23.41
N LEU AA 90 108.65 -7.28 24.45
CA LEU AA 90 107.90 -6.08 24.78
C LEU AA 90 107.98 -5.05 23.67
N ASP AA 91 109.16 -4.87 23.09
CA ASP AA 91 109.31 -3.94 21.96
C ASP AA 91 108.45 -4.39 20.78
N PHE AA 92 108.53 -5.69 20.45
CA PHE AA 92 107.78 -6.22 19.31
C PHE AA 92 106.28 -6.03 19.50
N LEU AA 93 105.79 -6.27 20.71
CA LEU AA 93 104.38 -6.02 21.00
C LEU AA 93 104.07 -4.53 20.91
N GLU AA 94 104.99 -3.69 21.37
CA GLU AA 94 104.79 -2.24 21.31
C GLU AA 94 104.63 -1.76 19.87
N THR AA 95 105.28 -2.42 18.92
CA THR AA 95 105.07 -2.03 17.52
C THR AA 95 103.62 -2.21 17.09
N LYS AA 96 102.98 -3.30 17.51
CA LYS AA 96 101.64 -3.64 17.05
C LYS AA 96 100.59 -3.26 18.09
N GLU AA 97 99.34 -3.57 17.75
CA GLU AA 97 98.23 -3.35 18.66
C GLU AA 97 97.72 -4.66 19.22
N PHE AA 98 97.12 -4.59 20.41
CA PHE AA 98 96.56 -5.76 21.07
C PHE AA 98 95.66 -5.30 22.21
N ASN AA 99 94.98 -6.27 22.83
CA ASN AA 99 94.07 -6.00 23.94
C ASN AA 99 94.46 -6.73 25.21
N TYR AA 100 94.87 -8.00 25.10
CA TYR AA 100 95.19 -8.81 26.27
C TYR AA 100 96.51 -9.54 26.06
N LEU AA 101 97.28 -9.68 27.14
CA LEU AA 101 98.57 -10.34 27.10
C LEU AA 101 98.66 -11.34 28.26
N CYS AA 102 99.31 -12.48 28.00
CA CYS AA 102 99.41 -13.52 29.01
C CYS AA 102 100.62 -14.40 28.72
N MET AA 103 101.08 -15.10 29.76
CA MET AA 103 102.19 -16.03 29.68
C MET AA 103 101.96 -17.19 30.64
N PRO AA 104 101.93 -18.43 30.15
CA PRO AA 104 101.82 -19.57 31.06
C PRO AA 104 103.04 -19.72 31.96
N LYS AA 105 104.23 -19.70 31.37
CA LYS AA 105 105.48 -19.87 32.10
C LYS AA 105 106.18 -18.52 32.24
N ALA AA 106 106.51 -18.15 33.48
CA ALA AA 106 107.18 -16.89 33.74
C ALA AA 106 107.90 -16.96 35.07
N VAL AA 107 108.88 -16.08 35.23
CA VAL AA 107 109.59 -15.91 36.48
C VAL AA 107 108.99 -14.74 37.25
N GLU AA 108 109.04 -14.80 38.58
CA GLU AA 108 108.43 -13.74 39.38
C GLU AA 108 109.07 -12.38 39.07
N ALA AA 109 110.40 -12.35 38.88
CA ALA AA 109 111.04 -11.13 38.43
C ALA AA 109 110.56 -10.75 37.03
N ASP AA 110 110.32 -11.75 36.18
CA ASP AA 110 109.77 -11.48 34.86
C ASP AA 110 108.37 -10.87 34.97
N LYS AA 111 107.53 -11.38 35.88
CA LYS AA 111 106.23 -10.78 36.10
C LYS AA 111 106.37 -9.35 36.61
N THR AA 112 107.37 -9.09 37.46
CA THR AA 112 107.60 -7.73 37.93
C THR AA 112 107.95 -6.82 36.75
N ALA AA 113 108.80 -7.28 35.85
CA ALA AA 113 109.11 -6.51 34.65
C ALA AA 113 107.86 -6.25 33.83
N ILE AA 114 107.02 -7.28 33.66
CA ILE AA 114 105.81 -7.12 32.85
C ILE AA 114 104.89 -6.08 33.47
N LYS AA 115 104.68 -6.13 34.79
CA LYS AA 115 103.76 -5.19 35.41
C LYS AA 115 104.32 -3.77 35.37
N ASN AA 116 105.63 -3.63 35.55
CA ASN AA 116 106.23 -2.30 35.41
C ASN AA 116 106.03 -1.76 34.00
N TRP AA 117 106.22 -2.60 32.99
CA TRP AA 117 106.04 -2.16 31.61
C TRP AA 117 104.59 -1.80 31.33
N ILE AA 118 103.64 -2.55 31.89
CA ILE AA 118 102.23 -2.19 31.77
C ILE AA 118 101.96 -0.83 32.38
N ILE AA 119 102.41 -0.62 33.63
CA ILE AA 119 102.04 0.61 34.33
C ILE AA 119 102.69 1.81 33.67
N LYS AA 120 103.91 1.66 33.15
CA LYS AA 120 104.53 2.79 32.47
C LYS AA 120 103.86 3.07 31.14
N LEU AA 121 103.49 2.01 30.39
CA LEU AA 121 102.94 2.25 29.06
C LEU AA 121 101.53 2.85 29.16
N ARG AA 122 100.75 2.44 30.15
CA ARG AA 122 99.38 2.93 30.23
C ARG AA 122 99.31 4.40 30.59
N ASP AA 123 100.42 5.00 31.01
CA ASP AA 123 100.38 6.41 31.39
C ASP AA 123 101.25 7.28 30.49
N ILE AA 124 102.52 6.89 30.29
CA ILE AA 124 103.39 7.69 29.43
C ILE AA 124 102.97 7.57 27.98
N ASP AA 125 102.65 6.35 27.54
CA ASP AA 125 102.28 6.12 26.14
C ASP AA 125 100.79 6.27 25.88
N LYS AA 126 99.97 6.40 26.92
CA LYS AA 126 98.54 6.70 26.78
C LYS AA 126 97.84 5.68 25.88
N VAL AA 127 98.20 4.40 26.04
CA VAL AA 127 97.56 3.30 25.32
C VAL AA 127 96.99 2.33 26.35
N LYS AA 128 95.74 1.93 26.16
CA LYS AA 128 94.99 1.14 27.13
C LYS AA 128 95.04 -0.33 26.71
N VAL AA 129 95.85 -1.12 27.41
CA VAL AA 129 95.94 -2.55 27.18
C VAL AA 129 95.91 -3.27 28.54
N LYS AA 130 95.61 -4.56 28.48
CA LYS AA 130 95.39 -5.37 29.67
C LYS AA 130 96.36 -6.55 29.69
N ALA AA 131 96.54 -7.13 30.87
CA ALA AA 131 97.36 -8.32 31.03
C ALA AA 131 96.84 -9.13 32.22
N VAL AA 132 97.09 -10.44 32.16
CA VAL AA 132 96.67 -11.38 33.19
C VAL AA 132 97.90 -12.10 33.72
N LEU AA 133 98.10 -12.07 35.03
CA LEU AA 133 99.29 -12.62 35.66
C LEU AA 133 98.92 -13.62 36.74
N GLY AA 134 99.82 -14.57 36.96
CA GLY AA 134 99.51 -15.68 37.85
C GLY AA 134 99.34 -15.28 39.30
N LYS AA 135 100.23 -14.42 39.80
CA LYS AA 135 100.17 -14.01 41.20
C LYS AA 135 100.87 -12.66 41.31
N VAL AA 136 100.09 -11.60 41.42
CA VAL AA 136 100.60 -10.24 41.49
C VAL AA 136 99.76 -9.45 42.49
N VAL AA 137 100.34 -8.35 42.97
CA VAL AA 137 99.72 -7.54 44.01
C VAL AA 137 99.60 -6.10 43.52
N GLY AA 138 99.84 -5.88 42.23
CA GLY AA 138 99.81 -4.52 41.71
C GLY AA 138 98.45 -3.88 41.91
N ASN AA 139 98.46 -2.59 42.23
CA ASN AA 139 97.26 -1.82 42.55
C ASN AA 139 96.78 -0.98 41.37
N HIS AA 140 96.95 -1.47 40.14
CA HIS AA 140 96.61 -0.70 38.95
C HIS AA 140 95.53 -1.42 38.17
N GLU AA 141 94.79 -0.64 37.37
CA GLU AA 141 93.76 -1.22 36.51
C GLU AA 141 94.37 -2.08 35.42
N GLY AA 142 95.66 -1.91 35.13
CA GLY AA 142 96.30 -2.59 34.02
C GLY AA 142 96.54 -4.07 34.20
N ILE AA 143 96.37 -4.59 35.42
CA ILE AA 143 96.67 -5.98 35.72
C ILE AA 143 95.41 -6.64 36.26
N ILE AA 144 95.27 -7.94 36.02
CA ILE AA 144 94.15 -8.73 36.50
C ILE AA 144 94.73 -9.93 37.24
N ASN AA 145 94.43 -10.05 38.52
CA ASN AA 145 95.07 -11.05 39.38
C ASN AA 145 94.11 -12.23 39.57
N PHE AA 146 94.45 -13.35 38.95
CA PHE AA 146 93.74 -14.60 39.15
C PHE AA 146 94.62 -15.58 39.90
N THR AA 147 94.09 -16.15 40.98
CA THR AA 147 94.89 -17.08 41.79
C THR AA 147 94.00 -18.24 42.23
N THR AA 148 94.23 -19.40 41.64
CA THR AA 148 93.55 -20.62 42.04
C THR AA 148 94.51 -21.79 41.82
N GLU AA 149 94.92 -22.42 42.91
CA GLU AA 149 95.91 -23.49 42.88
C GLU AA 149 95.25 -24.83 42.55
N ASP AA 150 96.08 -25.78 42.13
CA ASP AA 150 95.68 -27.18 42.01
C ASP AA 150 94.47 -27.34 41.09
N VAL AA 151 94.55 -26.73 39.92
CA VAL AA 151 93.44 -26.75 38.97
C VAL AA 151 93.52 -28.02 38.14
N LEU AA 152 92.41 -28.75 38.07
CA LEU AA 152 92.33 -30.00 37.32
C LEU AA 152 91.38 -29.81 36.14
N VAL AA 153 91.93 -29.89 34.93
CA VAL AA 153 91.16 -29.85 33.69
C VAL AA 153 91.59 -31.00 32.80
N GLY AA 154 90.64 -31.87 32.45
CA GLY AA 154 90.91 -32.96 31.55
C GLY AA 154 91.96 -33.93 32.04
N GLU AA 155 91.86 -34.34 33.31
CA GLU AA 155 92.77 -35.31 33.91
C GLU AA 155 94.22 -34.84 33.75
N LYS AA 156 94.48 -33.61 34.17
CA LYS AA 156 95.82 -33.04 34.17
C LYS AA 156 95.88 -31.93 35.20
N LYS AA 157 97.05 -31.76 35.80
CA LYS AA 157 97.26 -30.74 36.83
C LYS AA 157 97.78 -29.47 36.18
N TYR AA 158 97.18 -28.33 36.55
CA TYR AA 158 97.52 -27.04 35.96
C TYR AA 158 97.88 -26.05 37.05
N SER AA 159 98.95 -25.29 36.82
CA SER AA 159 99.33 -24.21 37.71
C SER AA 159 98.48 -22.97 37.41
N VAL AA 160 98.46 -22.05 38.39
CA VAL AA 160 97.73 -20.79 38.20
C VAL AA 160 98.34 -19.99 37.06
N ASP AA 161 99.67 -19.93 36.99
CA ASP AA 161 100.32 -19.25 35.88
C ASP AA 161 99.97 -19.91 34.55
N GLU AA 162 99.88 -21.24 34.54
CA GLU AA 162 99.39 -21.94 33.36
C GLU AA 162 97.95 -21.54 33.04
N PHE AA 163 97.09 -21.51 34.05
CA PHE AA 163 95.68 -21.25 33.83
C PHE AA 163 95.39 -19.79 33.48
N THR AA 164 96.38 -18.90 33.59
CA THR AA 164 96.19 -17.53 33.17
C THR AA 164 95.80 -17.43 31.69
N SER AA 165 96.31 -18.35 30.86
CA SER AA 165 95.94 -18.35 29.45
C SER AA 165 94.43 -18.63 29.28
N ARG AA 166 93.93 -19.63 30.00
CA ARG AA 166 92.50 -19.90 29.99
C ARG AA 166 91.71 -18.71 30.49
N VAL AA 167 92.19 -18.06 31.56
CA VAL AA 167 91.48 -16.90 32.11
C VAL AA 167 91.40 -15.79 31.08
N ALA AA 168 92.53 -15.49 30.42
CA ALA AA 168 92.56 -14.42 29.44
C ALA AA 168 91.67 -14.73 28.24
N GLY AA 169 91.71 -15.97 27.75
CA GLY AA 169 90.82 -16.35 26.68
C GLY AA 169 89.36 -16.24 27.08
N LEU AA 170 89.06 -16.58 28.34
CA LEU AA 170 87.71 -16.45 28.84
C LEU AA 170 87.24 -15.01 28.81
N ILE AA 171 88.08 -14.08 29.30
CA ILE AA 171 87.69 -12.68 29.31
C ILE AA 171 87.53 -12.16 27.88
N ALA AA 172 88.45 -12.55 26.99
CA ALA AA 172 88.36 -12.07 25.61
C ALA AA 172 87.15 -12.62 24.89
N GLY AA 173 86.68 -13.80 25.27
CA GLY AA 173 85.57 -14.42 24.57
C GLY AA 173 84.26 -13.67 24.72
N THR AA 174 84.03 -13.07 25.89
CA THR AA 174 82.74 -12.48 26.18
C THR AA 174 82.47 -11.26 25.29
N PRO AA 175 81.20 -10.98 24.99
CA PRO AA 175 80.87 -9.71 24.33
C PRO AA 175 81.05 -8.55 25.29
N LEU AA 176 80.75 -7.33 24.86
CA LEU AA 176 80.95 -6.19 25.73
C LEU AA 176 79.74 -5.93 26.62
N SER AA 177 78.53 -6.24 26.14
CA SER AA 177 77.34 -6.04 26.96
C SER AA 177 77.32 -6.95 28.17
N GLN AA 178 77.74 -8.21 28.00
CA GLN AA 178 77.74 -9.17 29.09
C GLN AA 178 78.94 -8.96 30.00
N SER AA 179 78.88 -9.58 31.17
CA SER AA 179 79.96 -9.56 32.14
C SER AA 179 80.44 -10.97 32.46
N VAL AA 180 81.64 -11.06 33.04
CA VAL AA 180 82.24 -12.35 33.35
C VAL AA 180 81.63 -13.00 34.59
N THR AA 181 80.92 -12.23 35.41
CA THR AA 181 80.42 -12.71 36.68
C THR AA 181 79.54 -13.95 36.50
N TYR AA 182 79.81 -14.98 37.32
CA TYR AA 182 78.98 -16.18 37.41
C TYR AA 182 78.86 -16.87 36.06
N THR AA 183 80.00 -17.32 35.55
CA THR AA 183 80.08 -18.00 34.26
C THR AA 183 80.60 -19.42 34.46
N LYS AA 184 79.86 -20.39 33.95
CA LYS AA 184 80.21 -21.79 34.10
C LYS AA 184 81.42 -22.15 33.25
N LEU AA 185 82.27 -23.02 33.79
CA LEU AA 185 83.43 -23.56 33.09
C LEU AA 185 83.31 -25.08 33.10
N SER AA 186 82.73 -25.64 32.05
CA SER AA 186 82.58 -27.08 31.98
C SER AA 186 83.90 -27.82 31.88
N ASP AA 187 84.99 -27.12 31.53
CA ASP AA 187 86.28 -27.78 31.37
C ASP AA 187 86.83 -28.25 32.71
N VAL AA 188 86.83 -27.37 33.73
CA VAL AA 188 87.34 -27.74 35.03
C VAL AA 188 86.39 -28.75 35.68
N VAL AA 189 86.97 -29.67 36.45
CA VAL AA 189 86.18 -30.74 37.04
C VAL AA 189 86.35 -30.76 38.55
N ASP AA 190 87.41 -30.15 39.05
CA ASP AA 190 87.66 -30.19 40.48
C ASP AA 190 88.47 -28.97 40.89
N ILE AA 191 88.05 -28.36 42.00
CA ILE AA 191 88.78 -27.24 42.61
C ILE AA 191 88.95 -27.52 44.09
N PRO AA 192 90.11 -27.19 44.64
CA PRO AA 192 90.38 -27.48 46.05
C PRO AA 192 89.32 -26.88 46.97
N LYS AA 193 88.97 -27.64 48.00
CA LYS AA 193 87.94 -27.21 48.94
C LYS AA 193 88.38 -25.93 49.65
N MET AA 194 87.47 -24.97 49.72
CA MET AA 194 87.78 -23.65 50.23
C MET AA 194 86.48 -22.94 50.62
N THR AA 195 86.47 -22.35 51.80
CA THR AA 195 85.24 -21.91 52.44
C THR AA 195 84.76 -20.56 51.90
N LYS AA 196 83.48 -20.29 52.13
CA LYS AA 196 82.84 -19.11 51.55
C LYS AA 196 83.39 -17.82 52.15
N VAL AA 197 83.62 -17.78 53.45
CA VAL AA 197 84.13 -16.57 54.09
C VAL AA 197 85.53 -16.25 53.58
N ASP AA 198 86.33 -17.28 53.32
CA ASP AA 198 87.65 -17.05 52.73
C ASP AA 198 87.51 -16.48 51.32
N ALA AA 199 86.50 -16.95 50.57
CA ALA AA 199 86.24 -16.37 49.26
C ALA AA 199 85.88 -14.90 49.37
N GLU AA 200 85.04 -14.55 50.34
CA GLU AA 200 84.71 -13.15 50.56
C GLU AA 200 85.94 -12.33 50.88
N SER AA 201 86.82 -12.87 51.74
CA SER AA 201 88.04 -12.14 52.09
C SER AA 201 88.94 -11.94 50.88
N ARG AA 202 89.16 -13.00 50.09
CA ARG AA 202 90.06 -12.89 48.95
C ARG AA 202 89.48 -11.99 47.87
N VAL AA 203 88.17 -12.00 47.68
CA VAL AA 203 87.55 -11.05 46.77
C VAL AA 203 87.75 -9.63 47.27
N ASN AA 204 87.62 -9.42 48.57
CA ASN AA 204 87.86 -8.09 49.14
C ASN AA 204 89.30 -7.63 48.95
N LYS AA 205 90.21 -8.58 48.71
CA LYS AA 205 91.61 -8.23 48.45
C LYS AA 205 91.84 -7.79 47.02
N GLY AA 206 90.80 -7.71 46.19
CA GLY AA 206 90.98 -7.46 44.78
C GLY AA 206 91.35 -8.69 43.97
N GLU AA 207 91.44 -9.84 44.61
CA GLU AA 207 91.86 -11.07 43.94
C GLU AA 207 90.67 -11.73 43.26
N LEU AA 208 90.89 -12.27 42.06
CA LEU AA 208 89.86 -12.99 41.33
C LEU AA 208 90.03 -14.49 41.57
N ILE AA 209 88.94 -15.16 41.96
CA ILE AA 209 89.01 -16.55 42.37
C ILE AA 209 87.98 -17.37 41.61
N LEU AA 210 88.11 -18.70 41.74
CA LEU AA 210 87.13 -19.64 41.22
C LEU AA 210 86.36 -20.23 42.38
N ILE AA 211 85.03 -20.29 42.24
CA ILE AA 211 84.16 -20.71 43.33
C ILE AA 211 83.25 -21.82 42.82
N LYS AA 212 82.98 -22.77 43.70
CA LYS AA 212 82.01 -23.84 43.43
C LYS AA 212 80.67 -23.43 44.02
N GLU AA 213 79.72 -23.10 43.14
CA GLU AA 213 78.38 -22.72 43.55
C GLU AA 213 77.40 -23.19 42.49
N ALA AA 214 76.16 -23.44 42.92
CA ALA AA 214 75.09 -23.91 42.04
C ALA AA 214 75.56 -25.21 41.38
N GLY AA 215 75.18 -25.41 40.11
CA GLY AA 215 75.46 -26.67 39.45
C GLY AA 215 76.93 -26.95 39.19
N ALA AA 216 77.69 -25.94 38.75
CA ALA AA 216 79.05 -26.15 38.32
C ALA AA 216 79.95 -25.01 38.79
N ILE AA 217 81.24 -25.16 38.54
CA ILE AA 217 82.24 -24.17 38.93
C ILE AA 217 82.03 -22.91 38.10
N ARG AA 218 81.99 -21.76 38.76
CA ARG AA 218 81.69 -20.50 38.10
C ARG AA 218 82.64 -19.40 38.57
N ILE AA 219 82.77 -18.37 37.74
CA ILE AA 219 83.54 -17.19 38.11
C ILE AA 219 82.79 -16.43 39.20
N ALA AA 220 83.54 -15.80 40.11
CA ALA AA 220 82.96 -15.10 41.26
C ALA AA 220 83.21 -13.60 41.12
N ARG AA 221 82.30 -12.91 40.44
CA ARG AA 221 82.28 -11.45 40.40
C ARG AA 221 83.64 -10.89 40.01
N GLY AA 222 83.98 -11.11 38.73
CA GLY AA 222 85.23 -10.61 38.18
C GLY AA 222 85.51 -9.16 38.55
N VAL AA 223 86.56 -8.96 39.33
CA VAL AA 223 86.90 -7.66 39.88
C VAL AA 223 88.39 -7.39 39.63
N ASN AA 224 88.68 -6.15 39.24
CA ASN AA 224 90.03 -5.80 38.86
C ASN AA 224 90.91 -5.67 40.11
N SER AA 225 92.23 -5.68 39.91
CA SER AA 225 93.16 -5.96 40.99
C SER AA 225 93.39 -4.80 41.95
N LEU AA 226 93.04 -3.56 41.59
CA LEU AA 226 93.39 -2.45 42.47
C LEU AA 226 92.57 -2.51 43.75
N THR AA 227 93.17 -2.07 44.85
CA THR AA 227 92.53 -2.13 46.15
C THR AA 227 92.26 -0.76 46.77
N GLU AA 228 93.25 0.13 46.80
CA GLU AA 228 93.07 1.45 47.39
C GLU AA 228 92.23 2.31 46.46
N LEU AA 229 91.38 3.16 47.05
CA LEU AA 229 90.50 4.03 46.29
C LEU AA 229 90.85 5.48 46.60
N THR AA 230 91.14 6.26 45.56
CA THR AA 230 91.44 7.66 45.72
C THR AA 230 90.21 8.51 45.42
N ALA AA 231 90.35 9.82 45.59
CA ALA AA 231 89.23 10.73 45.31
C ALA AA 231 88.89 10.74 43.84
N GLU AA 232 89.91 10.79 42.97
CA GLU AA 232 89.65 10.81 41.53
C GLU AA 232 89.19 9.45 41.03
N LYS AA 233 89.86 8.38 41.47
CA LYS AA 233 89.57 7.04 41.00
C LYS AA 233 88.36 6.52 41.77
N GLY AA 234 87.21 6.45 41.09
CA GLY AA 234 85.98 6.02 41.73
C GLY AA 234 85.93 4.52 41.95
N GLU AA 235 84.87 4.09 42.64
CA GLU AA 235 84.69 2.68 42.92
C GLU AA 235 84.43 1.91 41.64
N MET AA 236 83.73 2.53 40.69
CA MET AA 236 83.40 1.87 39.44
C MET AA 236 84.63 1.45 38.66
N PHE AA 237 85.80 2.02 38.97
CA PHE AA 237 87.03 1.64 38.28
C PHE AA 237 87.49 0.24 38.67
N GLN AA 238 86.85 -0.38 39.67
CA GLN AA 238 87.23 -1.73 40.09
C GLN AA 238 86.55 -2.82 39.26
N LYS AA 239 85.63 -2.46 38.38
CA LYS AA 239 84.90 -3.45 37.60
C LYS AA 239 85.57 -3.64 36.24
N ILE AA 240 85.64 -4.90 35.80
CA ILE AA 240 86.25 -5.21 34.52
C ILE AA 240 85.49 -4.55 33.39
N LYS AA 241 84.16 -4.67 33.40
CA LYS AA 241 83.35 -4.14 32.30
C LYS AA 241 83.49 -2.63 32.19
N ILE AA 242 83.48 -1.93 33.32
CA ILE AA 242 83.51 -0.46 33.30
C ILE AA 242 84.85 0.03 32.74
N VAL AA 243 85.95 -0.52 33.25
CA VAL AA 243 87.26 -0.06 32.77
C VAL AA 243 87.46 -0.46 31.32
N ASP AA 244 86.93 -1.62 30.91
CA ASP AA 244 87.09 -2.07 29.53
C ASP AA 244 86.35 -1.13 28.57
N THR AA 245 85.10 -0.79 28.90
CA THR AA 245 84.37 0.12 28.02
C THR AA 245 84.96 1.52 28.05
N LEU AA 246 85.47 1.97 29.19
CA LEU AA 246 86.16 3.26 29.21
C LEU AA 246 87.38 3.25 28.30
N ASP AA 247 88.14 2.15 28.33
CA ASP AA 247 89.31 2.03 27.46
C ASP AA 247 88.91 2.08 26.00
N ILE AA 248 87.81 1.40 25.64
CA ILE AA 248 87.42 1.38 24.24
C ILE AA 248 86.93 2.76 23.80
N ILE AA 249 86.23 3.48 24.68
CA ILE AA 249 85.82 4.85 24.35
C ILE AA 249 87.04 5.72 24.11
N HIS AA 250 88.03 5.62 25.01
CA HIS AA 250 89.23 6.43 24.87
C HIS AA 250 89.94 6.14 23.56
N SER AA 251 90.11 4.85 23.23
CA SER AA 251 90.82 4.48 22.02
C SER AA 251 90.09 4.98 20.77
N ASP AA 252 88.78 4.79 20.72
CA ASP AA 252 88.03 5.21 19.54
C ASP AA 252 88.06 6.72 19.37
N ILE AA 253 87.88 7.46 20.47
CA ILE AA 253 87.90 8.91 20.38
C ILE AA 253 89.26 9.40 19.93
N ARG AA 254 90.33 8.82 20.49
CA ARG AA 254 91.67 9.22 20.10
C ARG AA 254 91.91 8.95 18.62
N LYS AA 255 91.50 7.78 18.13
CA LYS AA 255 91.72 7.45 16.72
C LYS AA 255 90.98 8.42 15.82
N VAL AA 256 89.71 8.71 16.13
CA VAL AA 256 88.95 9.65 15.31
C VAL AA 256 89.63 11.01 15.29
N ILE AA 257 90.03 11.50 16.47
CA ILE AA 257 90.62 12.82 16.56
C ILE AA 257 91.91 12.91 15.76
N ILE AA 258 92.79 11.91 15.90
CA ILE AA 258 94.05 12.01 15.19
C ILE AA 258 93.85 11.85 13.69
N ASP AA 259 92.96 10.95 13.27
CA ASP AA 259 92.82 10.70 11.84
C ASP AA 259 92.13 11.85 11.12
N ASP AA 260 91.19 12.53 11.76
CA ASP AA 260 90.32 13.46 11.03
C ASP AA 260 90.67 14.93 11.26
N TYR AA 261 90.71 15.37 12.52
CA TYR AA 261 90.78 16.81 12.82
C TYR AA 261 92.13 17.25 13.35
N ILE AA 262 93.22 16.57 12.99
CA ILE AA 262 94.55 16.95 13.44
C ILE AA 262 95.25 17.66 12.28
N GLY AA 263 95.56 18.94 12.49
CA GLY AA 263 96.29 19.72 11.52
C GLY AA 263 95.57 19.99 10.22
N LYS AA 264 94.27 19.68 10.14
CA LYS AA 264 93.53 19.82 8.91
C LYS AA 264 92.29 20.70 9.03
N VAL AA 265 92.01 21.24 10.20
CA VAL AA 265 90.84 22.09 10.42
C VAL AA 265 91.29 23.36 11.13
N THR AA 266 90.74 24.49 10.70
CA THR AA 266 91.06 25.77 11.32
C THR AA 266 90.53 25.82 12.74
N ASN AA 267 91.36 26.34 13.65
CA ASN AA 267 90.99 26.46 15.05
C ASN AA 267 90.05 27.65 15.21
N SER AA 268 88.75 27.39 15.17
CA SER AA 268 87.75 28.45 15.25
C SER AA 268 86.52 27.93 15.97
N TYR AA 269 85.57 28.84 16.21
CA TYR AA 269 84.37 28.47 16.96
C TYR AA 269 83.55 27.41 16.22
N ASP AA 270 83.32 27.62 14.93
CA ASP AA 270 82.46 26.71 14.18
C ASP AA 270 83.08 25.32 14.06
N ASN AA 271 84.39 25.25 13.91
CA ASN AA 271 85.07 23.95 13.91
C ASN AA 271 84.91 23.25 15.24
N LYS AA 272 84.99 24.00 16.35
CA LYS AA 272 84.77 23.42 17.66
C LYS AA 272 83.35 22.90 17.81
N CYS AA 273 82.37 23.65 17.29
CA CYS AA 273 80.99 23.18 17.31
C CYS AA 273 80.84 21.90 16.50
N LEU AA 274 81.53 21.81 15.36
CA LEU AA 274 81.48 20.59 14.56
C LEU AA 274 82.10 19.42 15.31
N LEU AA 275 83.20 19.66 16.04
CA LEU AA 275 83.77 18.62 16.88
C LEU AA 275 82.78 18.16 17.94
N ILE AA 276 82.09 19.11 18.58
CA ILE AA 276 81.10 18.75 19.58
C ILE AA 276 80.00 17.90 18.98
N VAL AA 277 79.53 18.28 17.79
CA VAL AA 277 78.47 17.53 17.12
C VAL AA 277 78.93 16.12 16.79
N ALA AA 278 80.16 15.99 16.28
CA ALA AA 278 80.67 14.67 15.93
C ALA AA 278 80.82 13.78 17.17
N ILE AA 279 81.32 14.35 18.26
CA ILE AA 279 81.48 13.59 19.49
C ILE AA 279 80.12 13.14 20.02
N LYS AA 280 79.14 14.05 20.00
CA LYS AA 280 77.80 13.70 20.44
C LYS AA 280 77.20 12.60 19.58
N SER AA 281 77.41 12.66 18.26
CA SER AA 281 76.89 11.63 17.38
C SER AA 281 77.52 10.27 17.68
N TYR AA 282 78.83 10.26 17.92
CA TYR AA 282 79.47 9.00 18.30
C TYR AA 282 78.92 8.48 19.62
N LEU AA 283 78.66 9.37 20.57
CA LEU AA 283 78.11 8.94 21.85
C LEU AA 283 76.71 8.36 21.68
N GLU AA 284 75.88 8.98 20.83
CA GLU AA 284 74.57 8.41 20.57
C GLU AA 284 74.67 7.05 19.89
N GLU AA 285 75.60 6.91 18.95
CA GLU AA 285 75.80 5.61 18.32
C GLU AA 285 76.19 4.55 19.34
N LEU AA 286 77.08 4.91 20.28
CA LEU AA 286 77.47 3.96 21.32
C LEU AA 286 76.31 3.61 22.24
N GLU AA 287 75.53 4.61 22.66
CA GLU AA 287 74.43 4.34 23.57
C GLU AA 287 73.34 3.52 22.90
N LYS AA 288 73.24 3.61 21.56
CA LYS AA 288 72.32 2.73 20.85
C LYS AA 288 72.62 1.27 21.12
N SER AA 289 73.88 0.93 21.35
CA SER AA 289 74.25 -0.44 21.69
C SER AA 289 73.94 -0.79 23.14
N ALA AA 290 73.26 0.09 23.87
CA ALA AA 290 72.91 -0.10 25.28
C ALA AA 290 74.14 -0.28 26.17
N LEU AA 291 75.23 0.41 25.86
CA LEU AA 291 76.44 0.27 26.65
C LEU AA 291 76.60 1.40 27.66
N ILE AA 292 76.10 2.59 27.32
CA ILE AA 292 76.10 3.71 28.26
C ILE AA 292 74.69 4.30 28.30
N GLU AA 293 74.39 5.05 29.35
CA GLU AA 293 73.06 5.59 29.54
C GLU AA 293 72.81 6.69 28.51
N SER AA 294 71.54 6.85 28.13
CA SER AA 294 71.21 7.53 26.88
C SER AA 294 71.65 8.99 26.88
N ASP AA 295 71.24 9.76 27.88
CA ASP AA 295 71.42 11.20 27.85
C ASP AA 295 72.84 11.56 28.26
N SER AA 296 73.59 12.13 27.34
CA SER AA 296 74.96 12.56 27.56
C SER AA 296 75.16 13.94 26.97
N THR AA 297 75.95 14.77 27.64
CA THR AA 297 76.16 16.15 27.22
C THR AA 297 77.65 16.41 27.01
N VAL AA 298 77.97 17.01 25.87
CA VAL AA 298 79.34 17.44 25.56
C VAL AA 298 79.30 18.92 25.24
N GLU AA 299 80.08 19.71 25.96
CA GLU AA 299 80.12 21.14 25.77
C GLU AA 299 81.54 21.63 26.00
N ILE AA 300 81.82 22.84 25.51
CA ILE AA 300 83.16 23.39 25.63
C ILE AA 300 83.48 23.64 27.10
N ASP AA 301 84.71 23.30 27.48
CA ASP AA 301 85.15 23.53 28.85
C ASP AA 301 85.54 24.99 29.02
N PHE AA 302 84.96 25.64 30.01
CA PHE AA 302 85.16 27.08 30.17
C PHE AA 302 86.25 27.42 31.19
N GLU AA 303 86.36 26.63 32.27
CA GLU AA 303 87.31 26.97 33.33
C GLU AA 303 88.74 26.87 32.83
N ALA AA 304 89.06 25.79 32.11
CA ALA AA 304 90.42 25.63 31.59
C ALA AA 304 90.74 26.70 30.57
N GLN AA 305 89.77 27.05 29.72
CA GLN AA 305 89.99 28.11 28.74
C GLN AA 305 90.22 29.45 29.41
N LYS AA 306 89.45 29.75 30.46
CA LYS AA 306 89.66 31.01 31.19
C LYS AA 306 91.03 31.03 31.85
N SER AA 307 91.44 29.89 32.42
CA SER AA 307 92.78 29.81 33.02
C SER AA 307 93.85 30.04 31.96
N TYR AA 308 93.67 29.47 30.78
CA TYR AA 308 94.62 29.68 29.69
C TYR AA 308 94.70 31.15 29.33
N LEU AA 309 93.54 31.79 29.13
CA LEU AA 309 93.55 33.21 28.76
C LEU AA 309 94.21 34.06 29.83
N LYS AA 310 93.92 33.77 31.10
CA LYS AA 310 94.57 34.51 32.19
C LYS AA 310 96.08 34.26 32.19
N SER AA 311 96.50 33.06 31.80
CA SER AA 311 97.93 32.74 31.80
C SER AA 311 98.69 33.57 30.79
N LYS AA 312 98.03 34.05 29.74
CA LYS AA 312 98.65 34.90 28.75
C LYS AA 312 98.62 36.38 29.14
N GLY AA 313 98.02 36.70 30.28
CA GLY AA 313 97.96 38.08 30.73
C GLY AA 313 96.84 38.90 30.13
N VAL AA 314 95.95 38.28 29.35
CA VAL AA 314 94.85 39.03 28.75
C VAL AA 314 93.88 39.47 29.84
N ASP AA 315 93.18 40.57 29.58
CA ASP AA 315 92.20 41.11 30.53
C ASP AA 315 90.81 40.69 30.10
N LEU AA 316 90.21 39.80 30.87
CA LEU AA 316 88.88 39.27 30.59
C LEU AA 316 87.84 39.72 31.62
N SER AA 317 88.13 40.78 32.38
CA SER AA 317 87.18 41.25 33.39
C SER AA 317 85.88 41.72 32.75
N TYR AA 318 85.98 42.56 31.72
CA TYR AA 318 84.78 43.04 31.04
C TYR AA 318 84.23 41.99 30.09
N MET AA 319 85.07 41.05 29.66
CA MET AA 319 84.68 40.08 28.65
C MET AA 319 83.62 39.14 29.20
N THR AA 320 82.52 38.99 28.45
CA THR AA 320 81.39 38.20 28.91
C THR AA 320 81.61 36.72 28.57
N LEU AA 321 80.75 35.88 29.16
CA LEU AA 321 80.95 34.43 29.14
C LEU AA 321 81.10 33.90 27.72
N GLN AA 322 80.14 34.21 26.85
CA GLN AA 322 80.19 33.65 25.50
C GLN AA 322 81.34 34.28 24.71
N GLU AA 323 81.71 35.52 25.02
CA GLU AA 323 82.90 36.10 24.42
C GLU AA 323 84.15 35.33 24.82
N ILE AA 324 84.27 34.97 26.10
CA ILE AA 324 85.40 34.17 26.54
C ILE AA 324 85.41 32.82 25.84
N LYS AA 325 84.22 32.26 25.61
CA LYS AA 325 84.14 31.04 24.80
C LYS AA 325 84.63 31.29 23.37
N GLU AA 326 84.36 32.49 22.83
CA GLU AA 326 84.66 32.75 21.43
C GLU AA 326 86.14 33.07 21.23
N ALA AA 327 86.86 33.39 22.29
CA ALA AA 327 88.23 33.85 22.16
C ALA AA 327 89.12 32.77 21.55
N ASN AA 328 90.06 33.20 20.71
CA ASN AA 328 90.97 32.26 20.06
C ASN AA 328 91.87 31.60 21.10
N THR AA 329 92.21 30.34 20.86
CA THR AA 329 92.99 29.55 21.80
C THR AA 329 94.30 29.03 21.21
N GLY AA 330 94.65 29.45 19.99
CA GLY AA 330 95.93 29.05 19.43
C GLY AA 330 96.10 27.57 19.20
N SER AA 331 95.16 26.93 18.49
CA SER AA 331 95.23 25.54 18.08
C SER AA 331 95.04 24.56 19.24
N LYS AA 332 94.73 25.08 20.43
CA LYS AA 332 94.40 24.21 21.55
C LYS AA 332 92.90 24.21 21.80
N VAL AA 333 92.37 23.04 22.11
CA VAL AA 333 90.94 22.85 22.35
C VAL AA 333 90.75 22.24 23.73
N PHE AA 334 89.78 22.76 24.48
CA PHE AA 334 89.48 22.26 25.82
C PHE AA 334 88.03 21.80 25.86
N LEU AA 335 87.83 20.52 26.14
CA LEU AA 335 86.50 19.92 26.12
C LEU AA 335 86.32 19.09 27.38
N LYS AA 336 85.09 19.10 27.90
CA LYS AA 336 84.71 18.27 29.04
C LYS AA 336 83.37 17.62 28.75
N ALA AA 337 83.18 16.40 29.25
CA ALA AA 337 81.97 15.63 29.02
C ALA AA 337 81.61 14.82 30.25
N LYS AA 338 80.34 14.50 30.38
CA LYS AA 338 79.83 13.67 31.47
C LYS AA 338 78.91 12.60 30.91
N ILE AA 339 79.15 11.35 31.30
CA ILE AA 339 78.36 10.21 30.83
C ILE AA 339 78.10 9.28 32.00
N LYS AA 340 77.10 8.43 31.84
CA LYS AA 340 76.76 7.40 32.82
C LYS AA 340 76.88 6.04 32.16
N VAL AA 341 77.63 5.14 32.79
CA VAL AA 341 77.95 3.83 32.23
C VAL AA 341 77.07 2.79 32.90
N LEU AA 342 76.43 1.95 32.10
CA LEU AA 342 75.57 0.90 32.63
C LEU AA 342 76.41 -0.31 33.05
N ASP AA 343 75.78 -1.19 33.81
CA ASP AA 343 76.40 -2.42 34.27
C ASP AA 343 75.37 -3.54 34.25
N ALA AA 344 75.84 -4.78 34.19
CA ALA AA 344 74.94 -5.92 34.22
C ALA AA 344 74.42 -6.15 35.64
N MET AA 345 73.24 -6.76 35.73
CA MET AA 345 72.69 -7.08 37.03
C MET AA 345 73.53 -8.12 37.74
N GLU AA 346 73.96 -7.81 38.97
CA GLU AA 346 74.79 -8.72 39.74
C GLU AA 346 74.23 -9.03 41.11
N ASP AA 347 73.44 -8.13 41.70
CA ASP AA 347 72.82 -8.37 43.00
C ASP AA 347 71.34 -8.04 42.89
N ILE AA 348 70.49 -8.96 43.32
CA ILE AA 348 69.04 -8.82 43.21
C ILE AA 348 68.43 -9.00 44.59
N ASP AA 349 67.59 -8.06 45.00
CA ASP AA 349 66.92 -8.10 46.29
C ASP AA 349 65.42 -8.15 46.05
N LEU AA 350 64.78 -9.23 46.48
CA LEU AA 350 63.35 -9.43 46.29
C LEU AA 350 62.68 -9.60 47.64
N SER AA 351 61.63 -8.83 47.87
CA SER AA 351 60.85 -8.89 49.10
C SER AA 351 59.45 -9.36 48.79
N ILE AA 352 59.10 -10.55 49.29
CA ILE AA 352 57.79 -11.15 49.07
C ILE AA 352 57.03 -11.10 50.39
N GLU AA 353 55.85 -10.50 50.37
CA GLU AA 353 54.99 -10.44 51.54
C GLU AA 353 53.75 -11.26 51.27
N ILE AA 354 53.37 -12.11 52.22
CA ILE AA 354 52.26 -13.03 52.04
C ILE AA 354 50.93 -12.29 52.18
N ALA BA 2 82.66 -2.58 49.86
CA ALA BA 2 83.43 -3.81 49.70
C ALA BA 2 82.70 -4.79 48.80
N ILE BA 3 83.32 -5.11 47.65
CA ILE BA 3 82.71 -6.04 46.72
C ILE BA 3 82.74 -7.44 47.32
N GLY BA 4 81.58 -8.11 47.31
CA GLY BA 4 81.47 -9.46 47.80
C GLY BA 4 80.93 -10.38 46.73
N LEU BA 5 80.63 -11.61 47.14
CA LEU BA 5 79.99 -12.55 46.24
C LEU BA 5 78.61 -12.04 45.85
N PRO BA 6 78.13 -12.35 44.64
CA PRO BA 6 76.80 -11.88 44.24
C PRO BA 6 75.74 -12.34 45.23
N SER BA 7 74.92 -11.39 45.68
CA SER BA 7 73.91 -11.66 46.70
C SER BA 7 72.52 -11.47 46.11
N ILE BA 8 71.78 -12.56 45.96
CA ILE BA 8 70.37 -12.52 45.62
C ILE BA 8 69.61 -13.22 46.74
N ASN BA 9 68.53 -12.59 47.22
CA ASN BA 9 67.82 -13.09 48.38
C ASN BA 9 66.31 -12.90 48.18
N ILE BA 10 65.57 -13.90 48.63
CA ILE BA 10 64.11 -13.87 48.62
C ILE BA 10 63.63 -13.93 50.06
N SER BA 11 62.83 -12.94 50.47
CA SER BA 11 62.36 -12.80 51.83
C SER BA 11 60.85 -12.95 51.88
N PHE BA 12 60.36 -13.74 52.82
CA PHE BA 12 58.94 -13.92 53.05
C PHE BA 12 58.58 -13.27 54.38
N LYS BA 13 57.57 -12.39 54.37
CA LYS BA 13 57.12 -11.70 55.56
C LYS BA 13 55.60 -11.72 55.59
N GLU BA 14 55.03 -11.61 56.78
CA GLU BA 14 53.58 -11.64 56.93
C GLU BA 14 52.98 -10.29 56.57
N LEU BA 15 51.65 -10.25 56.50
CA LEU BA 15 50.91 -8.98 56.56
C LEU BA 15 50.47 -8.77 58.00
N ALA BA 16 51.34 -8.09 58.75
CA ALA BA 16 51.15 -7.97 60.19
C ALA BA 16 50.01 -7.00 60.51
N THR BA 17 48.78 -7.39 60.16
CA THR BA 17 47.62 -6.60 60.54
C THR BA 17 47.52 -6.55 62.06
N THR BA 18 47.51 -5.34 62.60
CA THR BA 18 47.67 -5.16 64.04
C THR BA 18 46.58 -4.23 64.56
N VAL BA 19 45.97 -4.65 65.65
CA VAL BA 19 45.09 -3.80 66.44
C VAL BA 19 45.82 -3.47 67.74
N LYS BA 20 45.84 -2.19 68.09
CA LYS BA 20 46.57 -1.76 69.28
C LYS BA 20 45.97 -2.41 70.53
N GLU BA 21 46.86 -2.90 71.39
CA GLU BA 21 46.47 -3.67 72.56
C GLU BA 21 46.33 -2.71 73.73
N ARG BA 22 45.17 -2.73 74.39
CA ARG BA 22 44.84 -1.76 75.43
C ARG BA 22 44.71 -2.44 76.79
N SER BA 23 44.72 -1.60 77.84
CA SER BA 23 44.77 -2.11 79.20
C SER BA 23 43.62 -3.07 79.48
N ALA BA 24 43.95 -4.19 80.13
CA ALA BA 24 42.96 -5.24 80.36
C ALA BA 24 41.83 -4.73 81.25
N ARG BA 25 40.60 -5.02 80.83
CA ARG BA 25 39.40 -4.62 81.55
C ARG BA 25 38.57 -5.85 81.85
N GLY BA 26 37.95 -5.86 83.03
CA GLY BA 26 37.09 -6.95 83.44
C GLY BA 26 37.74 -8.01 84.28
N ILE BA 27 38.99 -7.83 84.70
CA ILE BA 27 39.66 -8.79 85.55
C ILE BA 27 39.35 -8.44 87.01
N ILE BA 28 39.27 -9.48 87.84
CA ILE BA 28 38.93 -9.32 89.25
C ILE BA 28 40.08 -9.84 90.09
N ALA BA 29 40.38 -9.14 91.19
CA ALA BA 29 41.36 -9.59 92.17
C ALA BA 29 40.61 -9.90 93.47
N MET BA 30 40.77 -11.12 93.96
CA MET BA 30 40.17 -11.54 95.21
C MET BA 30 41.28 -12.06 96.11
N VAL BA 31 41.27 -11.64 97.37
CA VAL BA 31 42.23 -12.09 98.36
C VAL BA 31 41.47 -12.67 99.54
N LEU BA 32 42.01 -13.75 100.11
CA LEU BA 32 41.30 -14.53 101.11
C LEU BA 32 42.31 -15.19 102.03
N LYS BA 33 41.83 -15.68 103.17
CA LYS BA 33 42.66 -16.30 104.18
C LYS BA 33 42.34 -17.79 104.29
N ASP BA 34 43.40 -18.61 104.36
CA ASP BA 34 43.25 -20.05 104.51
C ASP BA 34 44.55 -20.61 105.06
N ALA BA 35 44.55 -21.92 105.28
CA ALA BA 35 45.74 -22.66 105.67
C ALA BA 35 46.30 -23.52 104.55
N LYS BA 36 45.68 -23.51 103.37
CA LYS BA 36 46.09 -24.34 102.25
C LYS BA 36 46.30 -23.47 101.02
N ALA BA 37 47.24 -23.89 100.18
CA ALA BA 37 47.52 -23.24 98.89
C ALA BA 37 47.77 -21.74 99.07
N LEU BA 38 48.65 -21.41 100.02
CA LEU BA 38 48.91 -20.02 100.35
C LEU BA 38 49.52 -19.28 99.16
N GLY BA 39 49.19 -18.01 99.04
CA GLY BA 39 49.62 -17.21 97.92
C GLY BA 39 48.56 -17.14 96.83
N LEU BA 40 48.96 -16.52 95.72
CA LEU BA 40 48.06 -16.40 94.58
C LEU BA 40 47.77 -17.77 93.99
N ASN BA 41 46.59 -17.90 93.37
CA ASN BA 41 46.13 -19.18 92.88
C ASN BA 41 45.82 -19.21 91.38
N GLU BA 42 45.57 -18.05 90.77
CA GLU BA 42 45.50 -17.92 89.31
C GLU BA 42 44.39 -18.79 88.71
N ILE BA 43 43.15 -18.49 89.07
CA ILE BA 43 41.99 -19.21 88.51
C ILE BA 43 41.59 -18.44 87.26
N HIS BA 44 42.23 -18.81 86.14
CA HIS BA 44 41.88 -18.19 84.86
C HIS BA 44 40.58 -18.75 84.33
N GLU BA 45 40.32 -20.03 84.54
CA GLU BA 45 39.17 -20.71 83.99
C GLU BA 45 38.18 -21.02 85.11
N LYS BA 46 36.90 -20.77 84.85
CA LYS BA 46 35.85 -21.06 85.82
C LYS BA 46 35.91 -22.51 86.29
N GLU BA 47 36.21 -23.45 85.40
CA GLU BA 47 36.12 -24.86 85.74
C GLU BA 47 37.17 -25.26 86.78
N ASP BA 48 38.44 -24.91 86.55
CA ASP BA 48 39.52 -25.36 87.42
C ASP BA 48 39.46 -24.63 88.75
N ILE BA 49 39.54 -25.37 89.84
CA ILE BA 49 39.55 -24.81 91.19
C ILE BA 49 40.49 -25.65 92.05
N PRO BA 50 41.43 -25.05 92.77
CA PRO BA 50 42.28 -25.84 93.67
C PRO BA 50 41.45 -26.55 94.72
N VAL BA 51 41.86 -27.79 95.04
CA VAL BA 51 41.00 -28.66 95.83
C VAL BA 51 41.20 -28.46 97.32
N ASP BA 52 42.43 -28.18 97.76
CA ASP BA 52 42.72 -28.15 99.20
C ASP BA 52 42.02 -27.02 99.92
N LEU BA 53 41.56 -25.99 99.22
CA LEU BA 53 40.92 -24.87 99.89
C LEU BA 53 39.52 -25.26 100.38
N SER BA 54 39.05 -24.51 101.37
CA SER BA 54 37.83 -24.88 102.10
C SER BA 54 36.60 -24.81 101.20
N ALA BA 55 35.61 -25.65 101.53
CA ALA BA 55 34.39 -25.73 100.73
C ALA BA 55 33.62 -24.41 100.74
N GLU BA 56 33.58 -23.73 101.90
CA GLU BA 56 32.93 -22.43 101.95
C GLU BA 56 33.64 -21.45 101.03
N ASN BA 57 34.97 -21.53 100.96
CA ASN BA 57 35.69 -20.69 100.00
C ASN BA 57 35.43 -21.14 98.56
N LYS BA 58 35.17 -22.44 98.35
CA LYS BA 58 34.75 -22.88 97.02
C LYS BA 58 33.44 -22.20 96.63
N GLU BA 59 32.46 -22.17 97.54
CA GLU BA 59 31.19 -21.52 97.23
C GLU BA 59 31.38 -20.02 97.07
N TYR BA 60 32.31 -19.43 97.81
CA TYR BA 60 32.58 -18.00 97.68
C TYR BA 60 33.12 -17.68 96.30
N ILE BA 61 34.10 -18.46 95.85
CA ILE BA 61 34.59 -18.33 94.47
C ILE BA 61 33.46 -18.53 93.49
N ASN BA 62 32.59 -19.51 93.75
CA ASN BA 62 31.48 -19.80 92.84
C ASN BA 62 30.56 -18.59 92.69
N LEU BA 63 30.23 -17.93 93.80
CA LEU BA 63 29.46 -16.69 93.70
C LEU BA 63 30.23 -15.64 92.90
N ALA BA 64 31.55 -15.54 93.12
CA ALA BA 64 32.34 -14.59 92.36
C ALA BA 64 32.48 -14.96 90.89
N LEU BA 65 32.11 -16.18 90.51
CA LEU BA 65 32.39 -16.68 89.15
C LEU BA 65 31.36 -16.18 88.15
N MET BA 66 30.10 -16.52 88.35
CA MET BA 66 29.07 -16.19 87.37
C MET BA 66 28.92 -14.68 87.23
N GLY BA 67 28.91 -14.20 85.99
CA GLY BA 67 28.91 -12.78 85.72
C GLY BA 67 27.52 -12.27 85.37
N ASN BA 68 27.44 -10.95 85.12
CA ASN BA 68 26.17 -10.36 84.72
C ASN BA 68 25.83 -10.73 83.28
N VAL BA 69 26.63 -10.26 82.33
CA VAL BA 69 26.40 -10.52 80.92
C VAL BA 69 27.45 -11.47 80.34
N ASN BA 70 28.70 -11.29 80.72
CA ASN BA 70 29.78 -12.16 80.27
C ASN BA 70 30.55 -12.66 81.47
N THR BA 71 31.21 -13.80 81.29
CA THR BA 71 32.07 -14.32 82.35
C THR BA 71 33.27 -13.40 82.55
N PRO BA 72 33.80 -13.30 83.76
CA PRO BA 72 35.02 -12.51 83.98
C PRO BA 72 36.17 -13.05 83.15
N ASN BA 73 36.97 -12.13 82.60
CA ASN BA 73 38.09 -12.52 81.75
C ASN BA 73 39.16 -13.24 82.55
N LYS BA 74 39.49 -12.73 83.73
CA LYS BA 74 40.56 -13.30 84.54
C LYS BA 74 40.30 -12.98 86.00
N LEU BA 75 40.27 -14.01 86.84
CA LEU BA 75 39.96 -13.86 88.25
C LEU BA 75 41.16 -14.32 89.06
N LEU BA 76 41.55 -13.52 90.05
CA LEU BA 76 42.72 -13.77 90.88
C LEU BA 76 42.27 -14.09 92.30
N VAL BA 77 42.79 -15.18 92.85
CA VAL BA 77 42.63 -15.49 94.27
C VAL BA 77 44.02 -15.62 94.88
N TYR BA 78 44.29 -14.81 95.90
CA TYR BA 78 45.51 -14.91 96.68
C TYR BA 78 45.14 -15.36 98.09
N VAL BA 79 45.77 -16.44 98.54
CA VAL BA 79 45.51 -17.00 99.87
C VAL BA 79 46.52 -16.42 100.85
N ILE BA 80 46.02 -15.87 101.95
CA ILE BA 80 46.86 -15.24 102.95
C ILE BA 80 46.80 -16.07 104.22
N GLU BA 81 47.86 -15.97 105.03
CA GLU BA 81 47.90 -16.67 106.30
C GLU BA 81 47.06 -15.95 107.34
N GLY BA 82 46.49 -16.73 108.26
CA GLY BA 82 45.69 -16.15 109.32
C GLY BA 82 46.50 -15.15 110.14
N GLU BA 83 45.89 -13.99 110.40
CA GLU BA 83 46.47 -12.90 111.17
C GLU BA 83 47.73 -12.32 110.54
N ALA BA 84 47.91 -12.47 109.23
CA ALA BA 84 49.05 -11.86 108.55
C ALA BA 84 48.82 -10.39 108.22
N ASP BA 85 47.76 -9.79 108.76
CA ASP BA 85 47.37 -8.41 108.45
C ASP BA 85 47.01 -8.27 106.98
N ILE BA 86 46.85 -7.05 106.51
CA ILE BA 86 46.35 -6.83 105.16
C ILE BA 86 47.46 -6.29 104.24
N GLN BA 87 48.43 -5.55 104.81
CA GLN BA 87 49.48 -4.97 103.97
C GLN BA 87 50.30 -6.04 103.26
N THR BA 88 50.40 -7.23 103.85
CA THR BA 88 51.14 -8.31 103.20
C THR BA 88 50.53 -8.69 101.87
N ALA BA 89 49.20 -8.78 101.81
CA ALA BA 89 48.53 -9.02 100.54
C ALA BA 89 48.46 -7.77 99.68
N LEU BA 90 48.41 -6.60 100.31
CA LEU BA 90 48.35 -5.35 99.56
C LEU BA 90 49.61 -5.14 98.73
N ASP BA 91 50.77 -5.48 99.28
CA ASP BA 91 52.00 -5.38 98.50
C ASP BA 91 51.97 -6.32 97.29
N PHE BA 92 51.57 -7.57 97.53
CA PHE BA 92 51.42 -8.55 96.44
C PHE BA 92 50.52 -8.01 95.35
N LEU BA 93 49.39 -7.41 95.72
CA LEU BA 93 48.49 -6.84 94.74
C LEU BA 93 49.12 -5.65 94.04
N GLU BA 94 49.92 -4.86 94.76
CA GLU BA 94 50.58 -3.71 94.17
C GLU BA 94 51.54 -4.12 93.07
N THR BA 95 52.24 -5.25 93.24
CA THR BA 95 53.14 -5.69 92.18
C THR BA 95 52.38 -6.02 90.89
N LYS BA 96 51.19 -6.60 91.01
CA LYS BA 96 50.41 -7.01 89.86
C LYS BA 96 49.36 -5.96 89.50
N GLU BA 97 48.66 -6.21 88.39
CA GLU BA 97 47.58 -5.33 87.95
C GLU BA 97 46.23 -5.99 88.17
N PHE BA 98 45.21 -5.17 88.37
CA PHE BA 98 43.86 -5.66 88.62
C PHE BA 98 42.88 -4.50 88.45
N ASN BA 99 41.59 -4.84 88.46
CA ASN BA 99 40.53 -3.86 88.32
C ASN BA 99 39.64 -3.76 89.55
N TYR BA 100 39.26 -4.89 90.13
CA TYR BA 100 38.35 -4.90 91.28
C TYR BA 100 38.92 -5.80 92.37
N LEU BA 101 38.68 -5.41 93.62
CA LEU BA 101 39.19 -6.12 94.78
C LEU BA 101 38.06 -6.32 95.78
N CYS BA 102 38.02 -7.49 96.42
CA CYS BA 102 36.97 -7.77 97.39
C CYS BA 102 37.47 -8.80 98.40
N MET BA 103 36.95 -8.68 99.62
CA MET BA 103 37.18 -9.66 100.69
C MET BA 103 35.84 -9.95 101.36
N PRO BA 104 35.29 -11.14 101.17
CA PRO BA 104 34.05 -11.49 101.89
C PRO BA 104 34.22 -11.47 103.40
N LYS BA 105 35.39 -11.86 103.89
CA LYS BA 105 35.70 -11.83 105.31
C LYS BA 105 36.56 -10.62 105.61
N ALA BA 106 36.13 -9.79 106.56
CA ALA BA 106 36.85 -8.57 106.86
C ALA BA 106 36.55 -8.12 108.27
N VAL BA 107 37.53 -7.44 108.87
CA VAL BA 107 37.38 -6.78 110.15
C VAL BA 107 37.25 -5.29 109.90
N GLU BA 108 36.44 -4.61 110.70
CA GLU BA 108 36.16 -3.20 110.44
C GLU BA 108 37.45 -2.37 110.44
N ALA BA 109 38.37 -2.65 111.35
CA ALA BA 109 39.69 -2.03 111.27
C ALA BA 109 40.41 -2.45 110.00
N ASP BA 110 40.27 -3.71 109.60
CA ASP BA 110 40.86 -4.17 108.35
C ASP BA 110 40.25 -3.43 107.16
N LYS BA 111 38.93 -3.23 107.16
CA LYS BA 111 38.30 -2.45 106.09
C LYS BA 111 38.81 -1.01 106.09
N THR BA 112 39.03 -0.44 107.28
CA THR BA 112 39.59 0.90 107.34
C THR BA 112 40.97 0.95 106.71
N ALA BA 113 41.80 -0.05 106.99
CA ALA BA 113 43.12 -0.12 106.37
C ALA BA 113 43.00 -0.23 104.86
N ILE BA 114 42.08 -1.07 104.38
CA ILE BA 114 41.90 -1.24 102.95
C ILE BA 114 41.50 0.08 102.29
N LYS BA 115 40.52 0.78 102.88
CA LYS BA 115 40.05 2.01 102.25
C LYS BA 115 41.13 3.09 102.28
N ASN BA 116 41.91 3.14 103.35
CA ASN BA 116 43.04 4.07 103.38
C ASN BA 116 44.03 3.75 102.27
N TRP BA 117 44.33 2.46 102.06
CA TRP BA 117 45.25 2.11 100.98
C TRP BA 117 44.69 2.49 99.61
N ILE BA 118 43.39 2.27 99.39
CA ILE BA 118 42.82 2.63 98.10
C ILE BA 118 42.89 4.14 97.88
N ILE BA 119 42.52 4.92 98.89
CA ILE BA 119 42.48 6.37 98.69
C ILE BA 119 43.90 6.91 98.48
N LYS BA 120 44.89 6.33 99.14
CA LYS BA 120 46.26 6.81 98.93
C LYS BA 120 46.81 6.34 97.58
N LEU BA 121 46.48 5.12 97.17
CA LEU BA 121 47.05 4.60 95.92
C LEU BA 121 46.42 5.26 94.71
N ARG BA 122 45.14 5.64 94.79
CA ARG BA 122 44.49 6.23 93.64
C ARG BA 122 45.03 7.63 93.34
N ASP BA 123 45.76 8.23 94.27
CA ASP BA 123 46.25 9.59 94.06
C ASP BA 123 47.77 9.66 94.02
N ILE BA 124 48.44 9.15 95.05
CA ILE BA 124 49.91 9.23 95.08
C ILE BA 124 50.52 8.35 93.99
N ASP BA 125 50.00 7.14 93.83
CA ASP BA 125 50.53 6.21 92.84
C ASP BA 125 49.92 6.39 91.46
N LYS BA 126 48.85 7.18 91.34
CA LYS BA 126 48.20 7.46 90.06
C LYS BA 126 47.80 6.17 89.34
N VAL BA 127 47.36 5.18 90.11
CA VAL BA 127 46.92 3.89 89.59
C VAL BA 127 45.44 3.74 89.94
N LYS BA 128 44.64 3.36 88.95
CA LYS BA 128 43.19 3.42 89.04
C LYS BA 128 42.63 2.02 89.28
N VAL BA 129 42.14 1.79 90.50
CA VAL BA 129 41.51 0.53 90.87
C VAL BA 129 40.29 0.83 91.74
N LYS BA 130 39.44 -0.17 91.92
CA LYS BA 130 38.25 -0.04 92.75
C LYS BA 130 38.08 -1.29 93.60
N ALA BA 131 37.24 -1.17 94.63
CA ALA BA 131 36.96 -2.29 95.52
C ALA BA 131 35.54 -2.19 96.04
N VAL BA 132 35.01 -3.33 96.49
CA VAL BA 132 33.65 -3.44 97.02
C VAL BA 132 33.74 -3.82 98.48
N LEU BA 133 33.18 -2.99 99.36
CA LEU BA 133 33.34 -3.13 100.80
C LEU BA 133 31.98 -3.31 101.47
N GLY BA 134 31.98 -4.03 102.60
CA GLY BA 134 30.74 -4.44 103.21
C GLY BA 134 29.93 -3.29 103.80
N LYS BA 135 30.57 -2.48 104.65
CA LYS BA 135 29.88 -1.35 105.27
C LYS BA 135 30.92 -0.27 105.54
N VAL BA 136 30.98 0.74 104.66
CA VAL BA 136 31.90 1.86 104.82
C VAL BA 136 31.16 3.14 104.43
N VAL BA 137 31.74 4.27 104.83
CA VAL BA 137 31.13 5.57 104.64
C VAL BA 137 32.11 6.40 103.83
N GLY BA 138 33.18 5.74 103.37
CA GLY BA 138 34.21 6.44 102.63
C GLY BA 138 33.63 7.16 101.41
N ASN BA 139 34.18 8.34 101.14
CA ASN BA 139 33.59 9.29 100.19
C ASN BA 139 34.46 9.46 98.95
N HIS BA 140 35.03 8.38 98.44
CA HIS BA 140 35.88 8.44 97.26
C HIS BA 140 35.28 7.64 96.12
N GLU BA 141 35.62 8.02 94.89
CA GLU BA 141 35.09 7.34 93.73
C GLU BA 141 35.55 5.90 93.64
N GLY BA 142 36.68 5.58 94.26
CA GLY BA 142 37.28 4.26 94.12
C GLY BA 142 36.67 3.17 94.95
N ILE BA 143 35.64 3.46 95.73
CA ILE BA 143 35.00 2.46 96.59
C ILE BA 143 33.52 2.44 96.27
N ILE BA 144 32.91 1.27 96.41
CA ILE BA 144 31.49 1.07 96.18
C ILE BA 144 30.89 0.47 97.44
N ASN BA 145 29.87 1.13 97.99
CA ASN BA 145 29.29 0.75 99.28
C ASN BA 145 27.98 0.01 99.03
N PHE BA 146 28.01 -1.29 99.31
CA PHE BA 146 26.81 -2.13 99.23
C PHE BA 146 26.43 -2.53 100.64
N THR BA 147 25.21 -2.21 101.06
CA THR BA 147 24.69 -2.70 102.34
C THR BA 147 23.24 -3.15 102.16
N THR BA 148 23.02 -4.47 102.18
CA THR BA 148 21.71 -5.04 102.44
C THR BA 148 21.92 -6.26 103.31
N GLU BA 149 20.93 -6.59 104.13
CA GLU BA 149 21.09 -7.58 105.17
C GLU BA 149 20.25 -8.82 104.87
N ASP BA 150 20.59 -9.91 105.56
CA ASP BA 150 19.76 -11.13 105.60
C ASP BA 150 19.51 -11.67 104.19
N VAL BA 151 20.59 -11.84 103.43
CA VAL BA 151 20.47 -12.30 102.06
C VAL BA 151 20.29 -13.81 102.04
N LEU BA 152 19.29 -14.28 101.30
CA LEU BA 152 18.99 -15.70 101.19
C LEU BA 152 19.17 -16.13 99.74
N VAL BA 153 20.23 -16.87 99.46
CA VAL BA 153 20.51 -17.38 98.12
C VAL BA 153 20.74 -18.88 98.22
N GLY BA 154 19.93 -19.65 97.50
CA GLY BA 154 20.08 -21.10 97.46
C GLY BA 154 19.91 -21.78 98.80
N GLU BA 155 18.88 -21.38 99.55
CA GLU BA 155 18.59 -21.94 100.87
C GLU BA 155 19.82 -21.79 101.77
N LYS BA 156 20.32 -20.57 101.89
CA LYS BA 156 21.42 -20.26 102.79
C LYS BA 156 21.43 -18.78 103.08
N LYS BA 157 21.75 -18.42 104.32
CA LYS BA 157 21.77 -17.03 104.74
C LYS BA 157 23.16 -16.44 104.51
N TYR BA 158 23.20 -15.27 103.87
CA TYR BA 158 24.44 -14.58 103.57
C TYR BA 158 24.44 -13.20 104.19
N SER BA 159 25.58 -12.83 104.78
CA SER BA 159 25.77 -11.45 105.19
C SER BA 159 26.15 -10.59 103.98
N VAL BA 160 26.14 -9.28 104.19
CA VAL BA 160 26.49 -8.36 103.11
C VAL BA 160 27.96 -8.53 102.71
N ASP BA 161 28.83 -8.74 103.70
CA ASP BA 161 30.25 -8.85 103.42
C ASP BA 161 30.56 -10.02 102.50
N GLU BA 162 29.96 -11.18 102.77
CA GLU BA 162 30.21 -12.35 101.92
C GLU BA 162 29.49 -12.21 100.58
N PHE BA 163 28.47 -11.37 100.51
CA PHE BA 163 27.79 -11.10 99.25
C PHE BA 163 28.53 -10.09 98.39
N THR BA 164 29.49 -9.37 98.98
CA THR BA 164 30.29 -8.44 98.18
C THR BA 164 31.01 -9.13 97.05
N SER BA 165 31.35 -10.41 97.22
CA SER BA 165 31.97 -11.17 96.12
C SER BA 165 31.00 -11.30 94.95
N ARG BA 166 29.75 -11.63 95.25
CA ARG BA 166 28.72 -11.69 94.21
C ARG BA 166 28.57 -10.34 93.52
N VAL BA 167 28.55 -9.26 94.29
CA VAL BA 167 28.39 -7.93 93.70
C VAL BA 167 29.57 -7.59 92.82
N ALA BA 168 30.79 -7.90 93.27
CA ALA BA 168 31.98 -7.62 92.48
C ALA BA 168 31.96 -8.40 91.17
N GLY BA 169 31.60 -9.69 91.22
CA GLY BA 169 31.46 -10.45 90.00
C GLY BA 169 30.39 -9.87 89.09
N LEU BA 170 29.30 -9.39 89.69
CA LEU BA 170 28.22 -8.77 88.91
C LEU BA 170 28.73 -7.56 88.14
N ILE BA 171 29.44 -6.67 88.83
CA ILE BA 171 29.96 -5.46 88.18
C ILE BA 171 30.99 -5.81 87.11
N ALA BA 172 31.87 -6.76 87.41
CA ALA BA 172 32.91 -7.11 86.46
C ALA BA 172 32.34 -7.79 85.22
N GLY BA 173 31.22 -8.51 85.37
CA GLY BA 173 30.66 -9.24 84.25
C GLY BA 173 30.14 -8.35 83.14
N THR BA 174 29.54 -7.21 83.51
CA THR BA 174 28.87 -6.38 82.52
C THR BA 174 29.87 -5.71 81.58
N PRO BA 175 29.47 -5.44 80.34
CA PRO BA 175 30.35 -4.70 79.42
C PRO BA 175 30.39 -3.22 79.76
N LEU BA 176 31.12 -2.43 78.97
CA LEU BA 176 31.22 -1.00 79.22
C LEU BA 176 30.07 -0.23 78.60
N SER BA 177 29.50 -0.74 77.51
CA SER BA 177 28.42 -0.02 76.84
C SER BA 177 27.17 0.04 77.72
N GLN BA 178 26.95 -0.98 78.52
CA GLN BA 178 25.75 -1.05 79.35
C GLN BA 178 26.08 -0.65 80.79
N SER BA 179 25.03 -0.50 81.59
CA SER BA 179 25.15 -0.14 83.00
C SER BA 179 24.60 -1.25 83.88
N VAL BA 180 24.93 -1.17 85.17
CA VAL BA 180 24.50 -2.18 86.13
C VAL BA 180 23.05 -2.00 86.53
N THR BA 181 22.47 -0.83 86.25
CA THR BA 181 21.15 -0.50 86.77
C THR BA 181 20.09 -1.48 86.28
N TYR BA 182 19.25 -1.93 87.21
CA TYR BA 182 18.02 -2.65 86.88
C TYR BA 182 18.35 -4.00 86.24
N THR BA 183 19.14 -4.79 86.95
CA THR BA 183 19.66 -6.06 86.44
C THR BA 183 19.07 -7.20 87.25
N LYS BA 184 18.58 -8.22 86.54
CA LYS BA 184 17.92 -9.35 87.18
C LYS BA 184 18.94 -10.19 87.94
N LEU BA 185 18.55 -10.61 89.15
CA LEU BA 185 19.34 -11.53 89.97
C LEU BA 185 18.47 -12.74 90.25
N SER BA 186 18.54 -13.76 89.39
CA SER BA 186 17.77 -14.97 89.61
C SER BA 186 18.28 -15.80 90.79
N ASP BA 187 19.52 -15.57 91.23
CA ASP BA 187 20.08 -16.37 92.30
C ASP BA 187 19.38 -16.09 93.62
N VAL BA 188 19.21 -14.82 93.98
CA VAL BA 188 18.59 -14.47 95.25
C VAL BA 188 17.10 -14.78 95.19
N VAL BA 189 16.54 -15.17 96.34
CA VAL BA 189 15.15 -15.61 96.38
C VAL BA 189 14.37 -14.79 97.40
N ASP BA 190 15.06 -14.11 98.32
CA ASP BA 190 14.35 -13.38 99.34
C ASP BA 190 15.19 -12.20 99.83
N ILE BA 191 14.52 -11.04 99.88
CA ILE BA 191 15.08 -9.80 100.44
C ILE BA 191 14.14 -9.30 101.51
N PRO BA 192 14.70 -8.94 102.68
CA PRO BA 192 13.85 -8.50 103.78
C PRO BA 192 13.02 -7.27 103.42
N LYS BA 193 11.81 -7.21 103.96
CA LYS BA 193 10.85 -6.18 103.60
C LYS BA 193 11.40 -4.80 103.93
N MET BA 194 11.27 -3.89 102.97
CA MET BA 194 11.85 -2.55 103.11
C MET BA 194 11.12 -1.61 102.17
N THR BA 195 10.78 -0.42 102.67
CA THR BA 195 9.86 0.45 101.97
C THR BA 195 10.57 1.30 100.92
N LYS BA 196 9.78 1.86 100.01
CA LYS BA 196 10.32 2.61 98.88
C LYS BA 196 10.96 3.92 99.31
N VAL BA 197 10.33 4.64 100.25
CA VAL BA 197 10.87 5.92 100.68
C VAL BA 197 12.21 5.72 101.40
N ASP BA 198 12.32 4.64 102.16
CA ASP BA 198 13.60 4.33 102.79
C ASP BA 198 14.65 4.00 101.72
N ALA BA 199 14.25 3.33 100.65
CA ALA BA 199 15.17 3.07 99.54
C ALA BA 199 15.64 4.38 98.93
N GLU BA 200 14.72 5.33 98.74
CA GLU BA 200 15.10 6.65 98.24
C GLU BA 200 16.11 7.31 99.17
N SER BA 201 15.87 7.22 100.48
CA SER BA 201 16.78 7.83 101.44
C SER BA 201 18.17 7.21 101.35
N ARG BA 202 18.25 5.87 101.36
CA ARG BA 202 19.55 5.21 101.33
C ARG BA 202 20.28 5.47 100.02
N VAL BA 203 19.56 5.50 98.89
CA VAL BA 203 20.19 5.82 97.63
C VAL BA 203 20.74 7.24 97.66
N ASN BA 204 19.99 8.17 98.26
CA ASN BA 204 20.48 9.53 98.40
C ASN BA 204 21.73 9.59 99.29
N LYS BA 205 21.92 8.59 100.15
CA LYS BA 205 23.12 8.54 100.99
C LYS BA 205 24.34 8.03 100.24
N GLY BA 206 24.25 7.84 98.93
CA GLY BA 206 25.33 7.23 98.18
C GLY BA 206 25.41 5.74 98.32
N GLU BA 207 24.44 5.11 98.99
CA GLU BA 207 24.49 3.69 99.29
C GLU BA 207 23.87 2.89 98.15
N LEU BA 208 24.45 1.73 97.85
CA LEU BA 208 23.91 0.83 96.84
C LEU BA 208 23.08 -0.25 97.52
N ILE BA 209 21.86 -0.47 97.03
CA ILE BA 209 20.90 -1.34 97.70
C ILE BA 209 20.25 -2.29 96.69
N LEU BA 210 19.53 -3.27 97.24
CA LEU BA 210 18.77 -4.24 96.47
C LEU BA 210 17.28 -3.98 96.66
N ILE BA 211 16.51 -4.00 95.57
CA ILE BA 211 15.12 -3.58 95.59
C ILE BA 211 14.26 -4.65 94.93
N LYS BA 212 13.11 -4.91 95.55
CA LYS BA 212 12.08 -5.79 95.02
C LYS BA 212 11.07 -4.95 94.25
N GLU BA 213 11.02 -5.13 92.93
CA GLU BA 213 10.07 -4.38 92.13
C GLU BA 213 9.77 -5.20 90.88
N ALA BA 214 8.48 -5.33 90.58
CA ALA BA 214 7.95 -6.17 89.50
C ALA BA 214 8.46 -7.61 89.71
N GLY BA 215 8.86 -8.26 88.62
CA GLY BA 215 9.03 -9.70 88.64
C GLY BA 215 10.16 -10.20 89.52
N ALA BA 216 11.30 -9.52 89.53
CA ALA BA 216 12.50 -10.06 90.15
C ALA BA 216 13.25 -9.01 90.94
N ILE BA 217 14.22 -9.48 91.72
CA ILE BA 217 15.12 -8.63 92.47
C ILE BA 217 16.09 -7.98 91.50
N ARG BA 218 16.30 -6.67 91.64
CA ARG BA 218 17.15 -5.94 90.73
C ARG BA 218 18.01 -4.92 91.48
N ILE BA 219 19.09 -4.50 90.82
CA ILE BA 219 19.91 -3.41 91.34
C ILE BA 219 19.20 -2.09 91.10
N ALA BA 220 19.37 -1.15 92.03
CA ALA BA 220 18.68 0.13 91.98
C ALA BA 220 19.68 1.24 91.69
N ARG BA 221 19.88 1.53 90.39
CA ARG BA 221 20.63 2.69 89.94
C ARG BA 221 22.01 2.73 90.59
N GLY BA 222 22.85 1.78 90.18
CA GLY BA 222 24.20 1.66 90.69
C GLY BA 222 24.96 2.95 90.78
N VAL BA 223 25.28 3.37 92.00
CA VAL BA 223 25.91 4.65 92.27
C VAL BA 223 27.05 4.43 93.27
N ASN BA 224 28.16 5.12 93.03
CA ASN BA 224 29.33 5.00 93.89
C ASN BA 224 29.15 5.79 95.18
N SER BA 225 30.14 5.66 96.08
CA SER BA 225 29.92 5.93 97.49
C SER BA 225 30.00 7.40 97.88
N LEU BA 226 30.61 8.27 97.08
CA LEU BA 226 30.83 9.64 97.55
C LEU BA 226 29.52 10.40 97.62
N THR BA 227 29.44 11.33 98.57
CA THR BA 227 28.24 12.13 98.78
C THR BA 227 28.46 13.62 98.61
N GLU BA 228 29.57 14.16 99.11
CA GLU BA 228 29.85 15.58 98.97
C GLU BA 228 30.27 15.89 97.54
N LEU BA 229 29.84 17.03 97.02
CA LEU BA 229 30.13 17.45 95.66
C LEU BA 229 30.90 18.76 95.69
N THR BA 230 32.10 18.75 95.12
CA THR BA 230 32.92 19.95 95.06
C THR BA 230 32.74 20.64 93.71
N ALA BA 231 33.41 21.78 93.56
CA ALA BA 231 33.34 22.52 92.30
C ALA BA 231 34.01 21.73 91.17
N GLU BA 232 35.17 21.15 91.45
CA GLU BA 232 35.87 20.38 90.42
C GLU BA 232 35.17 19.06 90.14
N LYS BA 233 34.76 18.35 91.18
CA LYS BA 233 34.13 17.04 91.03
C LYS BA 233 32.66 17.25 90.68
N GLY BA 234 32.31 17.03 89.41
CA GLY BA 234 30.95 17.23 88.95
C GLY BA 234 30.01 16.12 89.38
N GLU BA 235 28.75 16.30 89.03
CA GLU BA 235 27.73 15.31 89.41
C GLU BA 235 27.95 13.99 88.69
N MET BA 236 28.39 14.03 87.45
CA MET BA 236 28.55 12.80 86.67
C MET BA 236 29.60 11.88 87.26
N PHE BA 237 30.44 12.37 88.18
CA PHE BA 237 31.39 11.52 88.85
C PHE BA 237 30.71 10.52 89.79
N GLN BA 238 29.42 10.70 90.06
CA GLN BA 238 28.72 9.80 90.95
C GLN BA 238 28.26 8.51 90.26
N LYS BA 239 28.37 8.42 88.94
CA LYS BA 239 27.92 7.24 88.22
C LYS BA 239 29.07 6.27 88.00
N ILE BA 240 28.77 4.98 88.18
CA ILE BA 240 29.80 3.94 88.02
C ILE BA 240 30.30 3.91 86.57
N LYS BA 241 29.38 3.98 85.61
CA LYS BA 241 29.77 3.91 84.21
C LYS BA 241 30.71 5.04 83.83
N ILE BA 242 30.42 6.25 84.30
CA ILE BA 242 31.22 7.42 83.92
C ILE BA 242 32.63 7.30 84.49
N VAL BA 243 32.73 6.96 85.78
CA VAL BA 243 34.06 6.85 86.38
C VAL BA 243 34.82 5.69 85.76
N ASP BA 244 34.14 4.62 85.40
CA ASP BA 244 34.80 3.47 84.79
C ASP BA 244 35.39 3.84 83.44
N THR BA 245 34.60 4.50 82.58
CA THR BA 245 35.12 4.86 81.27
C THR BA 245 36.23 5.91 81.38
N LEU BA 246 36.10 6.87 82.31
CA LEU BA 246 37.19 7.81 82.53
C LEU BA 246 38.44 7.09 82.97
N ASP BA 247 38.30 6.09 83.84
CA ASP BA 247 39.46 5.39 84.37
C ASP BA 247 40.18 4.63 83.26
N ILE BA 248 39.43 3.94 82.41
CA ILE BA 248 40.08 3.18 81.34
C ILE BA 248 40.71 4.11 80.33
N ILE BA 249 40.07 5.27 80.06
CA ILE BA 249 40.68 6.26 79.18
C ILE BA 249 42.02 6.70 79.74
N HIS BA 250 42.06 7.01 81.03
CA HIS BA 250 43.30 7.46 81.66
C HIS BA 250 44.38 6.39 81.57
N SER BA 251 44.02 5.14 81.87
CA SER BA 251 45.01 4.07 81.86
C SER BA 251 45.58 3.86 80.46
N ASP BA 252 44.73 3.81 79.44
CA ASP BA 252 45.21 3.61 78.08
C ASP BA 252 46.09 4.76 77.63
N ILE BA 253 45.68 6.00 77.91
CA ILE BA 253 46.47 7.14 77.48
C ILE BA 253 47.84 7.12 78.17
N ARG BA 254 47.85 6.82 79.47
CA ARG BA 254 49.10 6.76 80.21
C ARG BA 254 50.04 5.70 79.63
N LYS BA 255 49.51 4.51 79.36
CA LYS BA 255 50.37 3.43 78.90
C LYS BA 255 50.91 3.72 77.51
N VAL BA 256 50.08 4.30 76.63
CA VAL BA 256 50.56 4.67 75.31
C VAL BA 256 51.67 5.70 75.41
N ILE BA 257 51.46 6.72 76.26
CA ILE BA 257 52.42 7.80 76.38
C ILE BA 257 53.75 7.27 76.90
N ILE BA 258 53.72 6.44 77.93
CA ILE BA 258 54.99 5.96 78.49
C ILE BA 258 55.67 5.01 77.51
N ASP BA 259 54.91 4.18 76.81
CA ASP BA 259 55.55 3.16 75.99
C ASP BA 259 56.14 3.76 74.72
N ASP BA 260 55.50 4.78 74.13
CA ASP BA 260 55.97 5.30 72.85
C ASP BA 260 56.81 6.57 72.98
N TYR BA 261 56.26 7.63 73.56
CA TYR BA 261 56.85 8.96 73.44
C TYR BA 261 57.56 9.43 74.70
N ILE BA 262 58.22 8.53 75.43
CA ILE BA 262 58.98 8.91 76.62
C ILE BA 262 60.46 8.74 76.30
N GLY BA 263 61.18 9.86 76.24
CA GLY BA 263 62.61 9.84 76.04
C GLY BA 263 63.05 9.41 74.66
N LYS BA 264 62.10 9.21 73.75
CA LYS BA 264 62.41 8.74 72.41
C LYS BA 264 62.05 9.72 71.31
N VAL BA 265 61.44 10.85 71.63
CA VAL BA 265 61.01 11.82 70.63
C VAL BA 265 61.50 13.20 71.04
N THR BA 266 62.00 13.96 70.06
CA THR BA 266 62.50 15.30 70.33
C THR BA 266 61.35 16.23 70.70
N ASN BA 267 61.58 17.06 71.71
CA ASN BA 267 60.58 18.02 72.17
C ASN BA 267 60.53 19.18 71.19
N SER BA 268 59.67 19.07 70.18
CA SER BA 268 59.57 20.08 69.13
C SER BA 268 58.12 20.17 68.69
N TYR BA 269 57.81 21.27 67.98
CA TYR BA 269 56.42 21.57 67.64
C TYR BA 269 55.78 20.42 66.84
N ASP BA 270 56.45 19.95 65.80
CA ASP BA 270 55.88 18.91 64.96
C ASP BA 270 55.65 17.63 65.75
N ASN BA 271 56.50 17.37 66.74
CA ASN BA 271 56.28 16.23 67.62
C ASN BA 271 55.01 16.40 68.45
N LYS BA 272 54.75 17.62 68.91
CA LYS BA 272 53.51 17.90 69.62
C LYS BA 272 52.30 17.72 68.70
N CYS BA 273 52.43 18.14 67.44
CA CYS BA 273 51.35 17.92 66.49
C CYS BA 273 51.10 16.43 66.28
N LEU BA 274 52.16 15.64 66.22
CA LEU BA 274 52.01 14.20 66.08
C LEU BA 274 51.32 13.60 67.30
N LEU BA 275 51.67 14.09 68.49
CA LEU BA 275 50.97 13.65 69.71
C LEU BA 275 49.49 13.99 69.64
N ILE BA 276 49.16 15.20 69.18
CA ILE BA 276 47.77 15.59 69.04
C ILE BA 276 47.04 14.65 68.09
N VAL BA 277 47.67 14.35 66.95
CA VAL BA 277 47.05 13.48 65.96
C VAL BA 277 46.82 12.09 66.54
N ALA BA 278 47.81 11.55 67.24
CA ALA BA 278 47.66 10.21 67.82
C ALA BA 278 46.54 10.18 68.86
N ILE BA 279 46.49 11.20 69.72
CA ILE BA 279 45.46 11.26 70.75
C ILE BA 279 44.08 11.36 70.12
N LYS BA 280 43.95 12.21 69.09
CA LYS BA 280 42.66 12.37 68.43
C LYS BA 280 42.24 11.07 67.73
N SER BA 281 43.20 10.35 67.14
CA SER BA 281 42.87 9.08 66.52
C SER BA 281 42.40 8.06 67.56
N TYR BA 282 43.06 8.01 68.71
CA TYR BA 282 42.59 7.14 69.77
C TYR BA 282 41.18 7.52 70.23
N LEU BA 283 40.92 8.82 70.34
CA LEU BA 283 39.59 9.27 70.75
C LEU BA 283 38.53 8.88 69.73
N GLU BA 284 38.84 9.01 68.43
CA GLU BA 284 37.91 8.58 67.41
C GLU BA 284 37.65 7.08 67.47
N GLU BA 285 38.70 6.29 67.69
CA GLU BA 285 38.52 4.85 67.77
C GLU BA 285 37.63 4.49 68.96
N LEU BA 286 37.83 5.17 70.10
CA LEU BA 286 36.95 4.97 71.24
C LEU BA 286 35.51 5.39 70.94
N GLU BA 287 35.34 6.50 70.23
CA GLU BA 287 34.01 6.97 69.87
C GLU BA 287 33.29 5.96 68.99
N LYS BA 288 34.03 5.28 68.11
CA LYS BA 288 33.42 4.25 67.28
C LYS BA 288 32.73 3.18 68.11
N SER BA 289 33.22 2.94 69.33
CA SER BA 289 32.56 2.00 70.22
C SER BA 289 31.34 2.59 70.90
N ALA BA 290 31.00 3.85 70.60
CA ALA BA 290 29.86 4.57 71.17
C ALA BA 290 29.94 4.70 72.69
N LEU BA 291 31.13 4.92 73.24
CA LEU BA 291 31.23 5.17 74.67
C LEU BA 291 31.31 6.66 74.98
N ILE BA 292 31.82 7.46 74.04
CA ILE BA 292 31.87 8.90 74.23
C ILE BA 292 31.27 9.59 73.00
N GLU BA 293 30.89 10.86 73.16
CA GLU BA 293 30.19 11.56 72.09
C GLU BA 293 31.19 11.92 71.00
N SER BA 294 30.66 12.09 69.77
CA SER BA 294 31.50 12.01 68.58
C SER BA 294 32.56 13.11 68.54
N ASP BA 295 32.17 14.36 68.68
CA ASP BA 295 33.07 15.48 68.39
C ASP BA 295 33.94 15.78 69.61
N SER BA 296 35.25 15.62 69.45
CA SER BA 296 36.22 15.86 70.50
C SER BA 296 37.38 16.67 69.93
N THR BA 297 37.90 17.60 70.72
CA THR BA 297 38.96 18.48 70.28
C THR BA 297 40.13 18.40 71.25
N VAL BA 298 41.33 18.21 70.70
CA VAL BA 298 42.56 18.19 71.49
C VAL BA 298 43.51 19.25 70.92
N GLU BA 299 43.98 20.14 71.79
CA GLU BA 299 44.90 21.19 71.38
C GLU BA 299 45.88 21.43 72.52
N ILE BA 300 47.06 21.95 72.15
CA ILE BA 300 48.07 22.24 73.16
C ILE BA 300 47.60 23.39 74.03
N ASP BA 301 47.74 23.23 75.33
CA ASP BA 301 47.22 24.21 76.28
C ASP BA 301 48.02 25.50 76.18
N PHE BA 302 47.31 26.63 76.30
CA PHE BA 302 47.94 27.94 76.26
C PHE BA 302 48.37 28.41 77.65
N GLU BA 303 47.43 28.49 78.59
CA GLU BA 303 47.67 29.20 79.84
C GLU BA 303 48.81 28.58 80.63
N ALA BA 304 48.86 27.25 80.70
CA ALA BA 304 49.94 26.59 81.44
C ALA BA 304 51.29 26.89 80.80
N GLN BA 305 51.37 26.86 79.47
CA GLN BA 305 52.61 27.17 78.79
C GLN BA 305 53.03 28.62 79.03
N LYS BA 306 52.07 29.55 78.97
CA LYS BA 306 52.38 30.94 79.23
C LYS BA 306 52.89 31.15 80.64
N SER BA 307 52.25 30.50 81.62
CA SER BA 307 52.72 30.60 83.00
C SER BA 307 54.11 30.03 83.15
N TYR BA 308 54.39 28.89 82.50
CA TYR BA 308 55.71 28.29 82.60
C TYR BA 308 56.77 29.20 81.99
N LEU BA 309 56.47 29.79 80.83
CA LEU BA 309 57.41 30.72 80.21
C LEU BA 309 57.65 31.93 81.10
N LYS BA 310 56.58 32.49 81.67
CA LYS BA 310 56.73 33.65 82.55
C LYS BA 310 57.50 33.28 83.81
N SER BA 311 57.45 32.01 84.21
CA SER BA 311 58.13 31.59 85.44
C SER BA 311 59.63 31.72 85.32
N LYS BA 312 60.18 31.57 84.11
CA LYS BA 312 61.61 31.71 83.88
C LYS BA 312 62.03 33.14 83.63
N GLY BA 313 61.11 34.09 83.67
CA GLY BA 313 61.43 35.49 83.49
C GLY BA 313 61.52 35.95 82.04
N VAL BA 314 61.15 35.10 81.09
CA VAL BA 314 61.17 35.52 79.69
C VAL BA 314 60.07 36.52 79.43
N ASP BA 315 60.24 37.35 78.39
CA ASP BA 315 59.30 38.42 78.07
C ASP BA 315 58.53 38.04 76.81
N LEU BA 316 57.22 37.91 76.95
CA LEU BA 316 56.33 37.64 75.83
C LEU BA 316 55.35 38.78 75.57
N SER BA 317 55.71 40.01 75.95
CA SER BA 317 54.84 41.16 75.68
C SER BA 317 54.69 41.38 74.18
N TYR BA 318 55.79 41.27 73.43
CA TYR BA 318 55.72 41.44 71.98
C TYR BA 318 55.44 40.11 71.30
N MET BA 319 55.76 39.01 71.96
CA MET BA 319 55.71 37.70 71.32
C MET BA 319 54.26 37.31 71.05
N THR BA 320 53.98 36.93 69.81
CA THR BA 320 52.61 36.73 69.37
C THR BA 320 52.13 35.32 69.69
N LEU BA 321 50.80 35.13 69.60
CA LEU BA 321 50.14 33.91 70.03
C LEU BA 321 50.85 32.65 69.53
N GLN BA 322 50.91 32.47 68.21
CA GLN BA 322 51.49 31.24 67.68
C GLN BA 322 52.98 31.16 68.01
N GLU BA 323 53.64 32.31 68.13
CA GLU BA 323 55.03 32.30 68.58
C GLU BA 323 55.13 31.77 70.00
N ILE BA 324 54.24 32.21 70.89
CA ILE BA 324 54.23 31.68 72.26
C ILE BA 324 54.00 30.18 72.25
N LYS BA 325 53.13 29.71 71.36
CA LYS BA 325 52.89 28.28 71.26
C LYS BA 325 54.11 27.54 70.72
N GLU BA 326 54.92 28.22 69.90
CA GLU BA 326 56.06 27.56 69.26
C GLU BA 326 57.28 27.55 70.17
N ALA BA 327 57.25 28.34 71.25
CA ALA BA 327 58.42 28.46 72.11
C ALA BA 327 58.78 27.12 72.75
N ASN BA 328 60.09 26.88 72.87
CA ASN BA 328 60.56 25.64 73.48
C ASN BA 328 60.19 25.62 74.97
N THR BA 329 59.79 24.43 75.43
CA THR BA 329 59.42 24.22 76.82
C THR BA 329 60.38 23.37 77.64
N GLY BA 330 61.39 22.77 77.00
CA GLY BA 330 62.34 21.94 77.74
C GLY BA 330 61.77 20.61 78.20
N SER BA 331 61.41 19.74 77.26
CA SER BA 331 61.00 18.36 77.53
C SER BA 331 59.67 18.27 78.27
N LYS BA 332 58.99 19.39 78.45
CA LYS BA 332 57.68 19.37 79.09
C LYS BA 332 56.58 19.73 78.10
N VAL BA 333 55.47 19.03 78.19
CA VAL BA 333 54.34 19.21 77.27
C VAL BA 333 53.09 19.53 78.09
N PHE BA 334 52.28 20.46 77.59
CA PHE BA 334 51.04 20.84 78.24
C PHE BA 334 49.88 20.66 77.27
N LEU BA 335 49.00 19.72 77.58
CA LEU BA 335 47.86 19.40 76.72
C LEU BA 335 46.59 19.46 77.54
N LYS BA 336 45.49 19.83 76.87
CA LYS BA 336 44.17 19.83 77.49
C LYS BA 336 43.11 19.63 76.42
N ALA BA 337 42.13 18.77 76.71
CA ALA BA 337 41.07 18.45 75.77
C ALA BA 337 39.77 18.30 76.53
N LYS BA 338 38.66 18.49 75.83
CA LYS BA 338 37.32 18.37 76.40
C LYS BA 338 36.51 17.35 75.60
N ILE BA 339 35.84 16.44 76.32
CA ILE BA 339 35.03 15.40 75.71
C ILE BA 339 33.71 15.32 76.47
N LYS BA 340 32.73 14.69 75.82
CA LYS BA 340 31.43 14.44 76.41
C LYS BA 340 31.19 12.94 76.47
N VAL BA 341 30.81 12.44 77.64
CA VAL BA 341 30.66 11.01 77.89
C VAL BA 341 29.18 10.66 77.86
N LEU BA 342 28.84 9.62 77.11
CA LEU BA 342 27.46 9.18 77.04
C LEU BA 342 27.08 8.35 78.25
N ASP BA 343 25.79 8.10 78.40
CA ASP BA 343 25.25 7.29 79.49
C ASP BA 343 24.08 6.48 78.97
N ALA BA 344 23.75 5.40 79.68
CA ALA BA 344 22.62 4.58 79.29
C ALA BA 344 21.31 5.25 79.69
N MET BA 345 20.23 4.88 79.01
CA MET BA 345 18.93 5.42 79.36
C MET BA 345 18.53 4.96 80.76
N GLU BA 346 18.19 5.93 81.61
CA GLU BA 346 17.87 5.64 83.00
C GLU BA 346 16.50 6.15 83.42
N ASP BA 347 16.07 7.30 82.92
CA ASP BA 347 14.76 7.86 83.26
C ASP BA 347 14.06 8.24 81.98
N ILE BA 348 12.82 7.80 81.82
CA ILE BA 348 12.05 8.03 80.60
C ILE BA 348 10.77 8.75 80.97
N ASP BA 349 10.51 9.87 80.30
CA ASP BA 349 9.31 10.67 80.52
C ASP BA 349 8.51 10.69 79.23
N LEU BA 350 7.29 10.18 79.29
CA LEU BA 350 6.42 10.08 78.13
C LEU BA 350 5.10 10.78 78.41
N SER BA 351 4.71 11.68 77.51
CA SER BA 351 3.47 12.43 77.63
C SER BA 351 2.54 12.04 76.49
N ILE BA 352 1.35 11.57 76.84
CA ILE BA 352 0.35 11.13 75.87
C ILE BA 352 -0.87 12.02 76.00
N GLU BA 353 -1.28 12.65 74.90
CA GLU BA 353 -2.52 13.40 74.84
C GLU BA 353 -3.47 12.68 73.90
N ILE BA 354 -4.72 12.55 74.33
CA ILE BA 354 -5.73 11.79 73.58
C ILE BA 354 -6.21 12.59 72.38
N ALA CA 2 19.73 15.10 93.36
CA ALA CA 2 19.67 13.90 94.19
C ALA CA 2 19.26 12.69 93.38
N ILE CA 3 20.16 11.72 93.26
CA ILE CA 3 19.87 10.52 92.49
C ILE CA 3 18.84 9.69 93.25
N GLY CA 4 17.77 9.30 92.55
CA GLY CA 4 16.73 8.49 93.12
C GLY CA 4 16.53 7.22 92.32
N LEU CA 5 15.44 6.52 92.64
CA LEU CA 5 15.08 5.35 91.87
C LEU CA 5 14.73 5.76 90.44
N PRO CA 6 15.04 4.95 89.44
CA PRO CA 6 14.71 5.32 88.06
C PRO CA 6 13.21 5.50 87.87
N SER CA 7 12.85 6.50 87.09
CA SER CA 7 11.45 6.91 86.93
C SER CA 7 10.99 6.65 85.50
N ILE CA 8 9.93 5.88 85.36
CA ILE CA 8 9.22 5.70 84.10
C ILE CA 8 7.77 6.13 84.34
N ASN CA 9 7.34 7.18 83.66
CA ASN CA 9 6.01 7.72 83.86
C ASN CA 9 5.33 7.94 82.52
N ILE CA 10 4.07 7.53 82.45
CA ILE CA 10 3.22 7.75 81.28
C ILE CA 10 2.03 8.57 81.72
N SER CA 11 1.79 9.68 81.01
CA SER CA 11 0.76 10.65 81.39
C SER CA 11 -0.27 10.74 80.27
N PHE CA 12 -1.55 10.72 80.65
CA PHE CA 12 -2.65 10.89 79.72
C PHE CA 12 -3.34 12.22 80.02
N LYS CA 13 -3.49 13.05 78.99
CA LYS CA 13 -4.16 14.33 79.10
C LYS CA 13 -5.06 14.51 77.90
N GLU CA 14 -6.05 15.40 78.03
CA GLU CA 14 -7.00 15.60 76.95
C GLU CA 14 -6.42 16.54 75.90
N LEU CA 15 -7.17 16.74 74.83
CA LEU CA 15 -6.99 17.91 73.96
C LEU CA 15 -8.06 18.94 74.35
N ALA CA 16 -7.74 19.70 75.38
CA ALA CA 16 -8.74 20.55 76.02
C ALA CA 16 -9.08 21.74 75.13
N THR CA 17 -9.77 21.49 74.02
CA THR CA 17 -10.26 22.56 73.18
C THR CA 17 -11.18 23.46 73.99
N THR CA 18 -10.90 24.76 73.98
CA THR CA 18 -11.56 25.68 74.88
C THR CA 18 -12.09 26.87 74.10
N VAL CA 19 -13.33 27.23 74.39
CA VAL CA 19 -13.92 28.49 73.94
C VAL CA 19 -14.09 29.37 75.17
N LYS CA 20 -13.62 30.61 75.08
CA LYS CA 20 -13.65 31.48 76.25
C LYS CA 20 -15.09 31.78 76.64
N GLU CA 21 -15.36 31.73 77.95
CA GLU CA 21 -16.69 31.96 78.45
C GLU CA 21 -16.90 33.44 78.71
N ARG CA 22 -17.98 33.98 78.16
CA ARG CA 22 -18.32 35.38 78.31
C ARG CA 22 -19.54 35.53 79.23
N SER CA 23 -19.83 36.79 79.56
CA SER CA 23 -20.91 37.08 80.49
C SER CA 23 -22.24 36.50 79.99
N ALA CA 24 -22.98 35.90 80.92
CA ALA CA 24 -24.26 35.31 80.56
C ALA CA 24 -25.23 36.37 80.06
N ARG CA 25 -25.90 36.08 78.95
CA ARG CA 25 -26.84 36.99 78.33
C ARG CA 25 -28.19 36.30 78.21
N GLY CA 26 -29.27 37.08 78.37
CA GLY CA 26 -30.60 36.56 78.21
C GLY CA 26 -31.27 36.06 79.47
N ILE CA 27 -30.65 36.23 80.62
CA ILE CA 27 -31.25 35.82 81.89
C ILE CA 27 -32.12 36.96 82.41
N ILE CA 28 -33.19 36.59 83.11
CA ILE CA 28 -34.14 37.57 83.65
C ILE CA 28 -34.17 37.40 85.16
N ALA CA 29 -34.26 38.51 85.87
CA ALA CA 29 -34.53 38.52 87.31
C ALA CA 29 -35.90 39.14 87.53
N MET CA 30 -36.76 38.43 88.25
CA MET CA 30 -38.12 38.87 88.55
C MET CA 30 -38.27 38.90 90.07
N VAL CA 31 -38.84 39.98 90.58
CA VAL CA 31 -39.08 40.12 92.01
C VAL CA 31 -40.57 40.38 92.23
N LEU CA 32 -41.12 39.72 93.25
CA LEU CA 32 -42.56 39.71 93.49
C LEU CA 32 -42.80 39.56 94.99
N LYS CA 33 -44.03 39.85 95.40
CA LYS CA 33 -44.41 39.78 96.81
C LYS CA 33 -45.44 38.68 97.03
N ASP CA 34 -45.23 37.88 98.07
CA ASP CA 34 -46.14 36.81 98.44
C ASP CA 34 -45.95 36.49 99.92
N ALA CA 35 -46.77 35.57 100.41
CA ALA CA 35 -46.65 35.05 101.76
C ALA CA 35 -46.08 33.63 101.80
N LYS CA 36 -45.77 33.05 100.65
CA LYS CA 36 -45.27 31.68 100.57
C LYS CA 36 -43.98 31.66 99.77
N ALA CA 37 -43.11 30.70 100.12
CA ALA CA 37 -41.85 30.47 99.41
C ALA CA 37 -41.03 31.76 99.31
N LEU CA 38 -40.86 32.42 100.45
CA LEU CA 38 -40.16 33.70 100.48
C LEU CA 38 -38.71 33.54 100.05
N GLY CA 39 -38.17 34.59 99.46
CA GLY CA 39 -36.84 34.55 98.90
C GLY CA 39 -36.85 34.14 97.44
N LEU CA 40 -35.65 34.01 96.89
CA LEU CA 40 -35.50 33.59 95.51
C LEU CA 40 -36.01 32.17 95.33
N ASN CA 41 -36.53 31.87 94.14
CA ASN CA 41 -37.13 30.57 93.86
C ASN CA 41 -36.40 29.78 92.78
N GLU CA 42 -35.58 30.45 91.95
CA GLU CA 42 -34.62 29.79 91.07
C GLU CA 42 -35.32 28.88 90.06
N ILE CA 43 -36.15 29.49 89.22
CA ILE CA 43 -36.88 28.74 88.17
C ILE CA 43 -35.98 28.73 86.94
N HIS CA 44 -35.09 27.74 86.89
CA HIS CA 44 -34.21 27.58 85.74
C HIS CA 44 -34.98 27.00 84.56
N GLU CA 45 -35.96 26.16 84.83
CA GLU CA 45 -36.68 25.44 83.79
C GLU CA 45 -38.13 25.92 83.74
N LYS CA 46 -38.65 26.08 82.52
CA LYS CA 46 -40.04 26.50 82.33
C LYS CA 46 -41.02 25.57 83.03
N GLU CA 47 -40.76 24.26 83.00
CA GLU CA 47 -41.74 23.30 83.51
C GLU CA 47 -41.93 23.43 85.01
N ASP CA 48 -40.85 23.42 85.78
CA ASP CA 48 -40.95 23.42 87.24
C ASP CA 48 -41.45 24.77 87.73
N ILE CA 49 -42.43 24.74 88.62
CA ILE CA 49 -42.99 25.95 89.23
C ILE CA 49 -43.38 25.62 90.66
N PRO CA 50 -42.96 26.42 91.64
CA PRO CA 50 -43.36 26.16 93.03
C PRO CA 50 -44.87 26.22 93.18
N VAL CA 51 -45.40 25.34 94.04
CA VAL CA 51 -46.85 25.17 94.11
C VAL CA 51 -47.50 26.15 95.08
N ASP CA 52 -46.82 26.50 96.17
CA ASP CA 52 -47.44 27.31 97.21
C ASP CA 52 -47.72 28.74 96.77
N LEU CA 53 -47.10 29.20 95.69
CA LEU CA 53 -47.32 30.58 95.24
C LEU CA 53 -48.70 30.70 94.60
N SER CA 54 -49.19 31.93 94.58
CA SER CA 54 -50.56 32.21 94.15
C SER CA 54 -50.75 31.91 92.66
N ALA CA 55 -52.00 31.59 92.30
CA ALA CA 55 -52.30 31.26 90.91
C ALA CA 55 -52.09 32.46 89.99
N GLU CA 56 -52.46 33.65 90.44
CA GLU CA 56 -52.23 34.84 89.62
C GLU CA 56 -50.74 35.07 89.40
N ASN CA 57 -49.93 34.87 90.44
CA ASN CA 57 -48.48 34.96 90.25
C ASN CA 57 -47.98 33.84 89.36
N LYS CA 58 -48.62 32.67 89.41
CA LYS CA 58 -48.27 31.61 88.47
C LYS CA 58 -48.50 32.03 87.04
N GLU CA 59 -49.63 32.69 86.77
CA GLU CA 59 -49.90 33.16 85.41
C GLU CA 59 -48.95 34.29 85.04
N TYR CA 60 -48.53 35.09 86.02
CA TYR CA 60 -47.55 36.14 85.75
C TYR CA 60 -46.22 35.53 85.30
N ILE CA 61 -45.76 34.50 86.02
CA ILE CA 61 -44.58 33.77 85.58
C ILE CA 61 -44.80 33.18 84.19
N ASN CA 62 -46.00 32.65 83.95
CA ASN CA 62 -46.29 32.04 82.64
C ASN CA 62 -46.14 33.06 81.52
N LEU CA 63 -46.66 34.28 81.71
CA LEU CA 63 -46.43 35.33 80.73
C LEU CA 63 -44.94 35.61 80.57
N ALA CA 64 -44.21 35.65 81.69
CA ALA CA 64 -42.77 35.90 81.60
C ALA CA 64 -42.00 34.76 80.95
N LEU CA 65 -42.63 33.59 80.80
CA LEU CA 65 -41.90 32.41 80.34
C LEU CA 65 -41.73 32.40 78.83
N MET CA 66 -42.82 32.48 78.07
CA MET CA 66 -42.75 32.33 76.63
C MET CA 66 -41.98 33.50 76.00
N GLY CA 67 -40.80 33.18 75.45
CA GLY CA 67 -39.95 34.19 74.86
C GLY CA 67 -40.31 34.48 73.41
N ASN CA 68 -39.68 35.52 72.86
CA ASN CA 68 -39.93 35.90 71.48
C ASN CA 68 -39.48 34.81 70.51
N VAL CA 69 -38.17 34.58 70.43
CA VAL CA 69 -37.59 33.64 69.48
C VAL CA 69 -37.10 32.39 70.17
N ASN CA 70 -36.43 32.53 71.30
CA ASN CA 70 -35.95 31.40 72.08
C ASN CA 70 -36.46 31.54 73.50
N THR CA 71 -36.55 30.41 74.19
CA THR CA 71 -36.91 30.43 75.59
C THR CA 71 -35.82 31.15 76.39
N PRO CA 72 -36.18 31.84 77.46
CA PRO CA 72 -35.15 32.46 78.31
C PRO CA 72 -34.22 31.41 78.88
N ASN CA 73 -32.93 31.74 78.91
CA ASN CA 73 -31.94 30.80 79.41
C ASN CA 73 -32.12 30.51 80.89
N LYS CA 74 -32.41 31.54 81.68
CA LYS CA 74 -32.47 31.37 83.12
C LYS CA 74 -33.33 32.49 83.71
N LEU CA 75 -34.30 32.12 84.52
CA LEU CA 75 -35.23 33.06 85.13
C LEU CA 75 -35.06 33.02 86.64
N LEU CA 76 -34.96 34.19 87.25
CA LEU CA 76 -34.85 34.34 88.70
C LEU CA 76 -36.11 35.01 89.21
N VAL CA 77 -36.80 34.36 90.13
CA VAL CA 77 -37.98 34.92 90.77
C VAL CA 77 -37.72 34.97 92.27
N TYR CA 78 -37.81 36.16 92.84
CA TYR CA 78 -37.70 36.37 94.28
C TYR CA 78 -39.05 36.77 94.86
N VAL CA 79 -39.44 36.08 95.92
CA VAL CA 79 -40.63 36.41 96.69
C VAL CA 79 -40.22 37.29 97.85
N ILE CA 80 -40.88 38.44 97.99
CA ILE CA 80 -40.59 39.37 99.06
C ILE CA 80 -41.78 39.40 100.01
N GLU CA 81 -41.50 39.73 101.26
CA GLU CA 81 -42.55 39.86 102.26
C GLU CA 81 -43.31 41.17 102.02
N GLY CA 82 -44.60 41.14 102.34
CA GLY CA 82 -45.43 42.32 102.15
C GLY CA 82 -44.90 43.51 102.95
N GLU CA 83 -44.99 44.70 102.35
CA GLU CA 83 -44.52 45.96 102.92
C GLU CA 83 -43.07 45.89 103.38
N ALA CA 84 -42.24 45.03 102.78
CA ALA CA 84 -40.82 44.98 103.11
C ALA CA 84 -40.01 46.04 102.38
N ASP CA 85 -40.67 46.97 101.69
CA ASP CA 85 -40.02 47.97 100.85
C ASP CA 85 -39.25 47.30 99.72
N ILE CA 86 -38.43 48.06 99.01
CA ILE CA 86 -37.79 47.53 97.83
C ILE CA 86 -36.29 47.33 98.04
N GLN CA 87 -35.64 48.15 98.88
CA GLN CA 87 -34.20 48.00 99.08
C GLN CA 87 -33.85 46.62 99.59
N THR CA 88 -34.75 45.97 100.32
CA THR CA 88 -34.47 44.63 100.84
C THR CA 88 -34.21 43.64 99.72
N ALA CA 89 -35.03 43.66 98.67
CA ALA CA 89 -34.76 42.82 97.52
C ALA CA 89 -33.67 43.40 96.64
N LEU CA 90 -33.48 44.72 96.69
CA LEU CA 90 -32.45 45.35 95.86
C LEU CA 90 -31.07 44.91 96.28
N ASP CA 91 -30.83 44.77 97.58
CA ASP CA 91 -29.55 44.26 98.07
C ASP CA 91 -29.31 42.84 97.57
N PHE CA 92 -30.34 41.99 97.67
CA PHE CA 92 -30.26 40.62 97.16
C PHE CA 92 -29.87 40.62 95.69
N LEU CA 93 -30.55 41.45 94.89
CA LEU CA 93 -30.24 41.51 93.47
C LEU CA 93 -28.83 42.02 93.21
N GLU CA 94 -28.40 43.02 93.99
CA GLU CA 94 -27.05 43.53 93.86
C GLU CA 94 -26.02 42.45 94.16
N THR CA 95 -26.36 41.50 95.02
CA THR CA 95 -25.42 40.43 95.32
C THR CA 95 -25.09 39.58 94.10
N LYS CA 96 -26.09 39.28 93.27
CA LYS CA 96 -25.92 38.40 92.12
C LYS CA 96 -26.07 39.15 90.80
N GLU CA 97 -25.93 38.41 89.71
CA GLU CA 97 -25.94 39.01 88.37
C GLU CA 97 -27.28 38.76 87.69
N PHE CA 98 -27.62 39.65 86.76
CA PHE CA 98 -28.86 39.59 86.01
C PHE CA 98 -28.80 40.58 84.86
N ASN CA 99 -29.78 40.50 83.98
CA ASN CA 99 -29.86 41.35 82.80
C ASN CA 99 -31.11 42.23 82.79
N TYR CA 100 -32.27 41.68 83.15
CA TYR CA 100 -33.51 42.43 83.09
C TYR CA 100 -34.29 42.25 84.39
N LEU CA 101 -35.00 43.30 84.79
CA LEU CA 101 -35.76 43.31 86.04
C LEU CA 101 -37.18 43.79 85.75
N CYS CA 102 -38.15 43.17 86.43
CA CYS CA 102 -39.54 43.53 86.22
C CYS CA 102 -40.34 43.27 87.49
N MET CA 103 -41.36 44.09 87.71
CA MET CA 103 -42.31 43.92 88.81
C MET CA 103 -43.69 44.32 88.33
N PRO CA 104 -44.58 43.37 88.08
CA PRO CA 104 -45.94 43.71 87.65
C PRO CA 104 -46.71 44.55 88.65
N LYS CA 105 -46.50 44.30 89.95
CA LYS CA 105 -47.17 45.04 91.01
C LYS CA 105 -46.21 46.08 91.57
N ALA CA 106 -46.59 47.35 91.48
CA ALA CA 106 -45.68 48.41 91.91
C ALA CA 106 -46.47 49.64 92.32
N VAL CA 107 -45.92 50.36 93.29
CA VAL CA 107 -46.41 51.66 93.70
C VAL CA 107 -45.55 52.72 93.04
N GLU CA 108 -46.16 53.84 92.63
CA GLU CA 108 -45.43 54.84 91.87
C GLU CA 108 -44.19 55.33 92.62
N ALA CA 109 -44.29 55.48 93.94
CA ALA CA 109 -43.11 55.78 94.74
C ALA CA 109 -42.10 54.64 94.67
N ASP CA 110 -42.60 53.40 94.68
CA ASP CA 110 -41.71 52.25 94.54
C ASP CA 110 -41.01 52.26 93.19
N LYS CA 111 -41.73 52.61 92.12
CA LYS CA 111 -41.08 52.73 90.81
C LYS CA 111 -40.05 53.84 90.81
N THR CA 112 -40.32 54.95 91.51
CA THR CA 112 -39.33 56.01 91.63
C THR CA 112 -38.07 55.49 92.33
N ALA CA 113 -38.25 54.73 93.40
CA ALA CA 113 -37.11 54.12 94.09
C ALA CA 113 -36.34 53.21 93.15
N ILE CA 114 -37.04 52.40 92.36
CA ILE CA 114 -36.38 51.47 91.45
C ILE CA 114 -35.56 52.24 90.40
N LYS CA 115 -36.15 53.28 89.82
CA LYS CA 115 -35.44 54.01 88.76
C LYS CA 115 -34.23 54.73 89.33
N ASN CA 116 -34.35 55.28 90.54
CA ASN CA 116 -33.17 55.87 91.18
C ASN CA 116 -32.10 54.81 91.41
N TRP CA 117 -32.51 53.62 91.87
CA TRP CA 117 -31.60 52.50 92.06
C TRP CA 117 -30.81 52.23 90.79
N ILE CA 118 -31.51 52.07 89.66
CA ILE CA 118 -30.84 51.74 88.41
C ILE CA 118 -29.94 52.89 87.94
N ILE CA 119 -30.42 54.12 88.01
CA ILE CA 119 -29.64 55.22 87.44
C ILE CA 119 -28.36 55.42 88.24
N LYS CA 120 -28.39 55.24 89.56
CA LYS CA 120 -27.15 55.40 90.31
C LYS CA 120 -26.27 54.15 90.21
N LEU CA 121 -26.88 52.98 90.07
CA LEU CA 121 -26.11 51.76 89.90
C LEU CA 121 -25.31 51.80 88.60
N ARG CA 122 -25.92 52.27 87.52
CA ARG CA 122 -25.30 52.15 86.20
C ARG CA 122 -24.10 53.07 86.06
N ASP CA 123 -23.92 54.01 86.98
CA ASP CA 123 -22.80 54.94 86.90
C ASP CA 123 -21.81 54.76 88.05
N ILE CA 124 -22.29 54.75 89.30
CA ILE CA 124 -21.36 54.62 90.42
C ILE CA 124 -20.80 53.20 90.48
N ASP CA 125 -21.65 52.20 90.30
CA ASP CA 125 -21.22 50.80 90.41
C ASP CA 125 -20.69 50.24 89.10
N LYS CA 126 -20.87 50.94 87.98
CA LYS CA 126 -20.34 50.52 86.68
C LYS CA 126 -20.77 49.10 86.32
N VAL CA 127 -22.02 48.77 86.63
CA VAL CA 127 -22.61 47.48 86.30
C VAL CA 127 -23.82 47.73 85.41
N LYS CA 128 -23.92 46.98 84.31
CA LYS CA 128 -24.85 47.29 83.22
C LYS CA 128 -26.07 46.39 83.30
N VAL CA 129 -27.19 46.96 83.75
CA VAL CA 129 -28.46 46.25 83.84
C VAL CA 129 -29.57 47.16 83.34
N LYS CA 130 -30.72 46.55 83.02
CA LYS CA 130 -31.89 47.27 82.57
C LYS CA 130 -33.14 46.73 83.26
N ALA CA 131 -34.21 47.51 83.18
CA ALA CA 131 -35.49 47.12 83.76
C ALA CA 131 -36.63 47.71 82.94
N VAL CA 132 -37.80 47.11 83.08
CA VAL CA 132 -39.01 47.51 82.37
C VAL CA 132 -40.05 47.94 83.39
N LEU CA 133 -40.60 49.14 83.21
CA LEU CA 133 -41.52 49.72 84.18
C LEU CA 133 -42.83 50.09 83.51
N GLY CA 134 -43.90 50.10 84.31
CA GLY CA 134 -45.23 50.32 83.77
C GLY CA 134 -45.42 51.71 83.17
N LYS CA 135 -44.97 52.74 83.89
CA LYS CA 135 -45.16 54.11 83.42
C LYS CA 135 -44.11 54.99 84.12
N VAL CA 136 -43.06 55.34 83.39
CA VAL CA 136 -42.01 56.21 83.90
C VAL CA 136 -41.57 57.16 82.79
N VAL CA 137 -40.88 58.22 83.18
CA VAL CA 137 -40.53 59.30 82.27
C VAL CA 137 -39.01 59.46 82.27
N GLY CA 138 -38.34 58.61 83.03
CA GLY CA 138 -36.91 58.78 83.23
C GLY CA 138 -36.15 58.77 81.91
N ASN CA 139 -35.08 59.57 81.85
CA ASN CA 139 -34.34 59.85 80.62
C ASN CA 139 -33.06 59.03 80.52
N HIS CA 140 -33.06 57.78 80.98
CA HIS CA 140 -31.86 56.96 80.94
C HIS CA 140 -32.08 55.74 80.08
N GLU CA 141 -31.00 55.25 79.47
CA GLU CA 141 -31.08 54.07 78.63
C GLU CA 141 -31.46 52.83 79.42
N GLY CA 142 -31.15 52.81 80.72
CA GLY CA 142 -31.38 51.64 81.52
C GLY CA 142 -32.82 51.31 81.82
N ILE CA 143 -33.76 52.17 81.44
CA ILE CA 143 -35.18 51.94 81.68
C ILE CA 143 -35.91 51.91 80.34
N ILE CA 144 -36.85 50.99 80.22
CA ILE CA 144 -37.70 50.84 79.04
C ILE CA 144 -39.13 51.20 79.45
N ASN CA 145 -39.69 52.20 78.79
CA ASN CA 145 -41.03 52.69 79.12
C ASN CA 145 -42.02 52.11 78.14
N PHE CA 146 -42.82 51.16 78.62
CA PHE CA 146 -43.90 50.56 77.83
C PHE CA 146 -45.21 51.03 78.43
N THR CA 147 -46.10 51.58 77.60
CA THR CA 147 -47.40 52.03 78.09
C THR CA 147 -48.46 51.69 77.05
N THR CA 148 -49.29 50.68 77.36
CA THR CA 148 -50.47 50.38 76.56
C THR CA 148 -51.56 49.91 77.52
N GLU CA 149 -52.66 50.65 77.56
CA GLU CA 149 -53.73 50.40 78.51
C GLU CA 149 -54.69 49.35 77.99
N ASP CA 150 -55.45 48.76 78.91
CA ASP CA 150 -56.56 47.86 78.59
C ASP CA 150 -56.12 46.69 77.70
N VAL CA 151 -55.03 46.04 78.11
CA VAL CA 151 -54.52 44.90 77.36
C VAL CA 151 -55.39 43.68 77.63
N LEU CA 152 -55.83 43.03 76.55
CA LEU CA 152 -56.69 41.86 76.65
C LEU CA 152 -55.94 40.66 76.07
N VAL CA 153 -55.56 39.73 76.94
CA VAL CA 153 -54.87 38.50 76.53
C VAL CA 153 -55.57 37.32 77.19
N GLY CA 154 -55.99 36.36 76.37
CA GLY CA 154 -56.61 35.15 76.88
C GLY CA 154 -57.89 35.38 77.66
N GLU CA 155 -58.75 36.24 77.14
CA GLU CA 155 -60.04 36.57 77.76
C GLU CA 155 -59.79 37.04 79.20
N LYS CA 156 -58.91 38.03 79.35
CA LYS CA 156 -58.65 38.65 80.65
C LYS CA 156 -58.03 40.01 80.42
N LYS CA 157 -58.42 40.96 81.26
CA LYS CA 157 -57.93 42.33 81.15
C LYS CA 157 -56.65 42.52 81.93
N TYR CA 158 -55.63 43.05 81.27
CA TYR CA 158 -54.34 43.28 81.89
C TYR CA 158 -54.01 44.77 81.86
N SER CA 159 -53.52 45.29 82.97
CA SER CA 159 -52.97 46.63 82.94
C SER CA 159 -51.55 46.60 82.38
N VAL CA 160 -51.02 47.79 82.10
CA VAL CA 160 -49.68 47.89 81.55
C VAL CA 160 -48.65 47.31 82.52
N ASP CA 161 -48.85 47.56 83.81
CA ASP CA 161 -47.91 47.08 84.82
C ASP CA 161 -47.84 45.56 84.82
N GLU CA 162 -48.98 44.88 84.73
CA GLU CA 162 -48.97 43.42 84.69
C GLU CA 162 -48.43 42.91 83.36
N PHE CA 163 -48.51 43.71 82.31
CA PHE CA 163 -47.96 43.33 81.02
C PHE CA 163 -46.47 43.60 80.92
N THR CA 164 -45.90 44.29 81.91
CA THR CA 164 -44.45 44.51 81.93
C THR CA 164 -43.69 43.19 81.95
N SER CA 165 -44.21 42.19 82.65
CA SER CA 165 -43.55 40.88 82.65
C SER CA 165 -43.52 40.29 81.26
N ARG CA 166 -44.64 40.37 80.54
CA ARG CA 166 -44.70 39.84 79.18
C ARG CA 166 -43.72 40.55 78.27
N VAL CA 167 -43.68 41.89 78.32
CA VAL CA 167 -42.80 42.61 77.40
C VAL CA 167 -41.33 42.33 77.76
N ALA CA 168 -41.03 42.22 79.05
CA ALA CA 168 -39.66 41.91 79.46
C ALA CA 168 -39.24 40.54 78.96
N GLY CA 169 -40.11 39.55 79.09
CA GLY CA 169 -39.81 38.24 78.54
C GLY CA 169 -39.64 38.27 77.03
N LEU CA 170 -40.43 39.12 76.36
CA LEU CA 170 -40.30 39.28 74.92
C LEU CA 170 -38.91 39.79 74.55
N ILE CA 171 -38.45 40.84 75.23
CA ILE CA 171 -37.12 41.37 74.95
C ILE CA 171 -36.04 40.33 75.26
N ALA CA 172 -36.20 39.62 76.38
CA ALA CA 172 -35.18 38.65 76.77
C ALA CA 172 -35.11 37.48 75.80
N GLY CA 173 -36.24 37.10 75.19
CA GLY CA 173 -36.25 35.93 74.33
C GLY CA 173 -35.42 36.10 73.07
N THR CA 174 -35.45 37.29 72.48
CA THR CA 174 -34.86 37.48 71.17
C THR CA 174 -33.32 37.42 71.24
N PRO CA 175 -32.67 36.97 70.17
CA PRO CA 175 -31.20 36.98 70.14
C PRO CA 175 -30.65 38.39 69.94
N LEU CA 176 -29.32 38.51 69.86
CA LEU CA 176 -28.71 39.81 69.65
C LEU CA 176 -28.77 40.26 68.20
N SER CA 177 -28.65 39.33 67.26
CA SER CA 177 -28.64 39.71 65.84
C SER CA 177 -29.96 40.33 65.43
N GLN CA 178 -31.07 39.76 65.86
CA GLN CA 178 -32.39 40.28 65.54
C GLN CA 178 -32.72 41.46 66.43
N SER CA 179 -33.79 42.16 66.07
CA SER CA 179 -34.29 43.28 66.84
C SER CA 179 -35.76 43.05 67.22
N VAL CA 180 -36.22 43.81 68.21
CA VAL CA 180 -37.59 43.67 68.70
C VAL CA 180 -38.60 44.28 67.75
N THR CA 181 -38.15 45.12 66.82
CA THR CA 181 -39.06 45.84 65.94
C THR CA 181 -39.89 44.89 65.10
N TYR CA 182 -41.20 45.16 65.02
CA TYR CA 182 -42.10 44.47 64.11
C TYR CA 182 -42.15 42.97 64.43
N THR CA 183 -42.61 42.66 65.64
CA THR CA 183 -42.70 41.28 66.12
C THR CA 183 -44.16 40.96 66.44
N LYS CA 184 -44.63 39.84 65.92
CA LYS CA 184 -46.01 39.42 66.11
C LYS CA 184 -46.23 38.90 67.53
N LEU CA 185 -47.38 39.23 68.09
CA LEU CA 185 -47.81 38.73 69.40
C LEU CA 185 -49.17 38.07 69.23
N SER CA 186 -49.17 36.76 68.99
CA SER CA 186 -50.42 36.04 68.85
C SER CA 186 -51.22 35.96 70.14
N ASP CA 187 -50.59 36.23 71.28
CA ASP CA 187 -51.27 36.13 72.56
C ASP CA 187 -52.38 37.17 72.68
N VAL CA 188 -52.05 38.43 72.41
CA VAL CA 188 -53.02 39.51 72.54
C VAL CA 188 -54.05 39.41 71.42
N VAL CA 189 -55.28 39.83 71.70
CA VAL CA 189 -56.36 39.72 70.75
C VAL CA 189 -57.02 41.06 70.50
N ASP CA 190 -56.82 42.01 71.42
CA ASP CA 190 -57.48 43.30 71.29
C ASP CA 190 -56.63 44.38 71.95
N ILE CA 191 -56.52 45.51 71.27
CA ILE CA 191 -55.82 46.69 71.77
C ILE CA 191 -56.75 47.90 71.58
N PRO CA 192 -56.77 48.85 72.50
CA PRO CA 192 -57.64 50.01 72.34
C PRO CA 192 -57.36 50.77 71.05
N LYS CA 193 -58.42 51.28 70.45
CA LYS CA 193 -58.32 52.00 69.19
C LYS CA 193 -57.57 53.32 69.39
N MET CA 194 -56.55 53.54 68.57
CA MET CA 194 -55.74 54.74 68.64
C MET CA 194 -55.13 55.01 67.28
N THR CA 195 -55.11 56.29 66.90
CA THR CA 195 -54.75 56.67 65.54
C THR CA 195 -53.25 56.61 65.32
N LYS CA 196 -52.86 56.56 64.03
CA LYS CA 196 -51.46 56.42 63.68
C LYS CA 196 -50.64 57.64 64.09
N VAL CA 197 -51.20 58.84 63.97
CA VAL CA 197 -50.46 60.05 64.33
C VAL CA 197 -50.21 60.07 65.83
N ASP CA 198 -51.15 59.55 66.63
CA ASP CA 198 -50.92 59.45 68.07
C ASP CA 198 -49.76 58.52 68.36
N ALA CA 199 -49.69 57.39 67.66
CA ALA CA 199 -48.56 56.48 67.84
C ALA CA 199 -47.26 57.15 67.44
N GLU CA 200 -47.26 57.90 66.34
CA GLU CA 200 -46.07 58.64 65.93
C GLU CA 200 -45.62 59.61 67.02
N SER CA 201 -46.55 60.40 67.55
CA SER CA 201 -46.21 61.38 68.56
C SER CA 201 -45.66 60.70 69.82
N ARG CA 202 -46.31 59.62 70.26
CA ARG CA 202 -45.90 58.99 71.50
C ARG CA 202 -44.58 58.23 71.34
N VAL CA 203 -44.32 57.70 70.14
CA VAL CA 203 -42.99 57.17 69.86
C VAL CA 203 -41.95 58.27 69.93
N ASN CA 204 -42.27 59.45 69.38
CA ASN CA 204 -41.35 60.58 69.46
C ASN CA 204 -41.11 61.00 70.90
N LYS CA 205 -42.00 60.63 71.82
CA LYS CA 205 -41.80 60.89 73.23
C LYS CA 205 -40.87 59.89 73.88
N GLY CA 206 -40.32 58.93 73.13
CA GLY CA 206 -39.54 57.87 73.69
C GLY CA 206 -40.34 56.72 74.26
N GLU CA 207 -41.67 56.78 74.17
CA GLU CA 207 -42.53 55.76 74.73
C GLU CA 207 -42.63 54.58 73.75
N LEU CA 208 -42.71 53.36 74.30
CA LEU CA 208 -42.86 52.15 73.49
C LEU CA 208 -44.33 51.79 73.40
N ILE CA 209 -44.80 51.47 72.18
CA ILE CA 209 -46.21 51.31 71.90
C ILE CA 209 -46.46 49.99 71.18
N LEU CA 210 -47.62 49.41 71.47
CA LEU CA 210 -48.17 48.26 70.76
C LEU CA 210 -49.17 48.74 69.71
N ILE CA 211 -49.00 48.29 68.47
CA ILE CA 211 -49.73 48.86 67.34
C ILE CA 211 -50.34 47.72 66.52
N LYS CA 212 -51.58 47.92 66.09
CA LYS CA 212 -52.26 47.05 65.14
C LYS CA 212 -52.04 47.54 63.72
N GLU CA 213 -51.32 46.75 62.93
CA GLU CA 213 -51.21 46.97 61.50
C GLU CA 213 -50.76 45.65 60.88
N ALA CA 214 -51.07 45.48 59.60
CA ALA CA 214 -50.97 44.20 58.89
C ALA CA 214 -51.83 43.17 59.62
N GLY CA 215 -51.33 41.92 59.69
CA GLY CA 215 -52.17 40.82 60.13
C GLY CA 215 -52.34 40.71 61.64
N ALA CA 216 -51.34 41.11 62.41
CA ALA CA 216 -51.34 40.90 63.85
C ALA CA 216 -50.88 42.15 64.59
N ILE CA 217 -51.03 42.11 65.91
CA ILE CA 217 -50.55 43.17 66.79
C ILE CA 217 -49.04 43.04 66.93
N ARG CA 218 -48.32 44.14 66.76
CA ARG CA 218 -46.87 44.08 66.62
C ARG CA 218 -46.20 45.19 67.40
N ILE CA 219 -44.95 44.92 67.79
CA ILE CA 219 -44.12 45.93 68.43
C ILE CA 219 -43.72 46.99 67.41
N ALA CA 220 -43.63 48.24 67.85
CA ALA CA 220 -43.32 49.36 66.97
C ALA CA 220 -42.01 49.99 67.40
N ARG CA 221 -40.90 49.48 66.85
CA ARG CA 221 -39.60 50.16 66.88
C ARG CA 221 -39.18 50.50 68.30
N GLY CA 222 -38.84 49.44 69.04
CA GLY CA 222 -38.43 49.58 70.42
C GLY CA 222 -37.27 50.52 70.65
N VAL CA 223 -37.43 51.47 71.57
CA VAL CA 223 -36.41 52.47 71.88
C VAL CA 223 -36.42 52.71 73.39
N ASN CA 224 -35.31 53.22 73.90
CA ASN CA 224 -35.21 53.53 75.32
C ASN CA 224 -36.04 54.75 75.66
N SER CA 225 -36.14 55.02 76.96
CA SER CA 225 -37.01 56.09 77.45
C SER CA 225 -36.36 57.46 77.37
N LEU CA 226 -35.06 57.53 77.10
CA LEU CA 226 -34.40 58.83 77.04
C LEU CA 226 -34.87 59.62 75.84
N THR CA 227 -34.99 60.94 76.01
CA THR CA 227 -35.46 61.83 74.97
C THR CA 227 -34.46 62.90 74.59
N GLU CA 228 -33.82 63.55 75.55
CA GLU CA 228 -32.86 64.61 75.25
C GLU CA 228 -31.57 63.98 74.73
N LEU CA 229 -30.91 64.66 73.80
CA LEU CA 229 -29.69 64.18 73.17
C LEU CA 229 -28.57 65.17 73.45
N THR CA 230 -27.52 64.70 74.11
CA THR CA 230 -26.36 65.53 74.40
C THR CA 230 -25.30 65.33 73.31
N ALA CA 231 -24.21 66.10 73.43
CA ALA CA 231 -23.13 65.98 72.46
C ALA CA 231 -22.44 64.63 72.55
N GLU CA 232 -22.20 64.15 73.79
CA GLU CA 232 -21.54 62.85 73.95
C GLU CA 232 -22.49 61.71 73.62
N LYS CA 233 -23.73 61.77 74.11
CA LYS CA 233 -24.70 60.71 73.87
C LYS CA 233 -25.28 60.89 72.47
N GLY CA 234 -24.84 60.05 71.53
CA GLY CA 234 -25.30 60.14 70.17
C GLY CA 234 -26.71 59.60 70.00
N GLU CA 235 -27.22 59.78 68.78
CA GLU CA 235 -28.58 59.37 68.48
C GLU CA 235 -28.72 57.85 68.46
N MET CA 236 -27.63 57.13 68.13
CA MET CA 236 -27.70 55.68 68.10
C MET CA 236 -27.95 55.10 69.49
N PHE CA 237 -27.75 55.89 70.54
CA PHE CA 237 -28.01 55.42 71.89
C PHE CA 237 -29.51 55.23 72.15
N GLN CA 238 -30.36 55.71 71.24
CA GLN CA 238 -31.79 55.54 71.40
C GLN CA 238 -32.27 54.15 71.03
N LYS CA 239 -31.47 53.35 70.33
CA LYS CA 239 -31.89 52.05 69.88
C LYS CA 239 -31.57 50.99 70.93
N ILE CA 240 -32.52 50.07 71.14
CA ILE CA 240 -32.34 49.03 72.15
C ILE CA 240 -31.18 48.11 71.79
N LYS CA 241 -31.10 47.70 70.52
CA LYS CA 241 -30.07 46.75 70.12
C LYS CA 241 -28.67 47.35 70.29
N ILE CA 242 -28.51 48.63 69.95
CA ILE CA 242 -27.20 49.27 70.04
C ILE CA 242 -26.74 49.33 71.49
N VAL CA 243 -27.61 49.78 72.39
CA VAL CA 243 -27.22 49.88 73.79
C VAL CA 243 -27.00 48.50 74.38
N ASP CA 244 -27.76 47.50 73.92
CA ASP CA 244 -27.58 46.14 74.43
C ASP CA 244 -26.19 45.60 74.04
N THR CA 245 -25.83 45.74 72.76
CA THR CA 245 -24.54 45.21 72.34
C THR CA 245 -23.39 45.98 72.96
N LEU CA 246 -23.52 47.30 73.11
CA LEU CA 246 -22.50 48.06 73.83
C LEU CA 246 -22.38 47.57 75.27
N ASP CA 247 -23.52 47.29 75.90
CA ASP CA 247 -23.50 46.84 77.29
C ASP CA 247 -22.75 45.52 77.42
N ILE CA 248 -23.04 44.59 76.51
CA ILE CA 248 -22.44 43.25 76.64
C ILE CA 248 -20.95 43.31 76.34
N ILE CA 249 -20.53 44.12 75.36
CA ILE CA 249 -19.08 44.17 75.08
C ILE CA 249 -18.36 44.82 76.27
N HIS CA 250 -18.98 45.83 76.89
CA HIS CA 250 -18.36 46.42 78.07
C HIS CA 250 -18.20 45.39 79.18
N SER CA 251 -19.27 44.63 79.45
CA SER CA 251 -19.19 43.64 80.52
C SER CA 251 -18.14 42.59 80.24
N ASP CA 252 -18.07 42.11 78.98
CA ASP CA 252 -17.10 41.08 78.63
C ASP CA 252 -15.68 41.59 78.77
N ILE CA 253 -15.42 42.81 78.29
CA ILE CA 253 -14.08 43.36 78.38
C ILE CA 253 -13.69 43.55 79.84
N ARG CA 254 -14.61 44.05 80.66
CA ARG CA 254 -14.32 44.22 82.07
C ARG CA 254 -13.97 42.89 82.73
N LYS CA 255 -14.75 41.85 82.44
CA LYS CA 255 -14.49 40.54 83.06
C LYS CA 255 -13.12 40.01 82.64
N VAL CA 256 -12.79 40.10 81.35
CA VAL CA 256 -11.49 39.61 80.88
C VAL CA 256 -10.37 40.36 81.57
N ILE CA 257 -10.48 41.69 81.63
CA ILE CA 257 -9.41 42.50 82.21
C ILE CA 257 -9.22 42.18 83.68
N ILE CA 258 -10.31 42.09 84.44
CA ILE CA 258 -10.13 41.84 85.87
C ILE CA 258 -9.61 40.44 86.12
N ASP CA 259 -10.09 39.45 85.35
CA ASP CA 259 -9.72 38.07 85.64
C ASP CA 259 -8.27 37.77 85.22
N ASP CA 260 -7.78 38.40 84.15
CA ASP CA 260 -6.52 37.97 83.56
C ASP CA 260 -5.36 38.93 83.79
N TYR CA 261 -5.54 40.22 83.50
CA TYR CA 261 -4.42 41.15 83.48
C TYR CA 261 -4.46 42.16 84.63
N ILE CA 262 -5.00 41.80 85.79
CA ILE CA 262 -5.03 42.69 86.93
C ILE CA 262 -4.03 42.18 87.97
N GLY CA 263 -2.99 42.96 88.20
CA GLY CA 263 -2.02 42.66 89.25
C GLY CA 263 -1.11 41.49 88.97
N LYS CA 264 -1.21 40.90 87.78
CA LYS CA 264 -0.40 39.74 87.43
C LYS CA 264 0.51 39.94 86.24
N VAL CA 265 0.53 41.12 85.63
CA VAL CA 265 1.38 41.40 84.49
C VAL CA 265 2.15 42.68 84.77
N THR CA 266 3.40 42.71 84.32
CA THR CA 266 4.22 43.90 84.48
C THR CA 266 3.76 45.02 83.55
N ASN CA 267 3.80 46.24 84.05
CA ASN CA 267 3.40 47.41 83.26
C ASN CA 267 4.56 47.80 82.35
N SER CA 268 4.55 47.30 81.12
CA SER CA 268 5.63 47.55 80.19
C SER CA 268 5.06 47.58 78.78
N TYR CA 269 5.87 48.09 77.84
CA TYR CA 269 5.40 48.26 76.46
C TYR CA 269 4.92 46.95 75.85
N ASP CA 270 5.71 45.88 76.00
CA ASP CA 270 5.35 44.61 75.38
C ASP CA 270 4.05 44.06 75.98
N ASN CA 271 3.85 44.26 77.28
CA ASN CA 271 2.60 43.84 77.91
C ASN CA 271 1.42 44.62 77.35
N LYS CA 272 1.59 45.92 77.13
CA LYS CA 272 0.54 46.72 76.52
C LYS CA 272 0.24 46.24 75.10
N CYS CA 273 1.28 45.89 74.34
CA CYS CA 273 1.06 45.36 73.00
C CYS CA 273 0.30 44.04 73.05
N LEU CA 274 0.62 43.18 74.02
CA LEU CA 274 -0.12 41.93 74.17
C LEU CA 274 -1.58 42.19 74.52
N LEU CA 275 -1.83 43.17 75.40
CA LEU CA 275 -3.21 43.54 75.71
C LEU CA 275 -3.95 44.04 74.48
N ILE CA 276 -3.29 44.86 73.66
CA ILE CA 276 -3.90 45.34 72.42
C ILE CA 276 -4.23 44.17 71.51
N VAL CA 277 -3.31 43.20 71.39
CA VAL CA 277 -3.55 42.05 70.53
C VAL CA 277 -4.74 41.25 71.03
N ALA CA 278 -4.83 41.03 72.34
CA ALA CA 278 -5.95 40.28 72.89
C ALA CA 278 -7.27 41.00 72.65
N ILE CA 279 -7.27 42.32 72.84
CA ILE CA 279 -8.49 43.10 72.65
C ILE CA 279 -8.93 43.01 71.18
N LYS CA 280 -7.99 43.15 70.26
CA LYS CA 280 -8.33 43.09 68.84
C LYS CA 280 -8.82 41.70 68.46
N SER CA 281 -8.21 40.66 69.04
CA SER CA 281 -8.68 39.30 68.77
C SER CA 281 -10.11 39.10 69.25
N TYR CA 282 -10.43 39.62 70.43
CA TYR CA 282 -11.81 39.54 70.91
C TYR CA 282 -12.75 40.30 69.98
N LEU CA 283 -12.31 41.45 69.48
CA LEU CA 283 -13.15 42.22 68.57
C LEU CA 283 -13.40 41.47 67.26
N GLU CA 284 -12.37 40.79 66.74
CA GLU CA 284 -12.56 39.99 65.54
C GLU CA 284 -13.51 38.83 65.81
N GLU CA 285 -13.39 38.21 66.99
CA GLU CA 285 -14.33 37.15 67.35
C GLU CA 285 -15.77 37.69 67.37
N LEU CA 286 -15.96 38.88 67.94
CA LEU CA 286 -17.30 39.45 67.98
C LEU CA 286 -17.83 39.77 66.58
N GLU CA 287 -17.00 40.37 65.72
CA GLU CA 287 -17.50 40.73 64.40
C GLU CA 287 -17.75 39.50 63.55
N LYS CA 288 -17.09 38.38 63.87
CA LYS CA 288 -17.43 37.13 63.22
C LYS CA 288 -18.89 36.78 63.41
N SER CA 289 -19.47 37.16 64.54
CA SER CA 289 -20.90 36.98 64.77
C SER CA 289 -21.75 38.00 64.05
N ALA CA 290 -21.13 38.90 63.26
CA ALA CA 290 -21.81 39.93 62.50
C ALA CA 290 -22.61 40.89 63.37
N LEU CA 291 -22.08 41.27 64.53
CA LEU CA 291 -22.75 42.28 65.36
C LEU CA 291 -22.13 43.65 65.17
N ILE CA 292 -20.84 43.73 64.85
CA ILE CA 292 -20.18 45.00 64.59
C ILE CA 292 -19.47 44.92 63.25
N GLU CA 293 -19.02 46.08 62.74
CA GLU CA 293 -18.33 46.11 61.47
C GLU CA 293 -16.98 45.40 61.57
N SER CA 294 -16.52 44.89 60.44
CA SER CA 294 -15.31 44.07 60.44
C SER CA 294 -14.08 44.87 60.85
N ASP CA 295 -13.90 46.04 60.26
CA ASP CA 295 -12.66 46.80 60.43
C ASP CA 295 -12.73 47.64 61.71
N SER CA 296 -11.96 47.23 62.71
CA SER CA 296 -11.85 47.97 63.97
C SER CA 296 -10.38 48.08 64.34
N THR CA 297 -10.00 49.22 64.92
CA THR CA 297 -8.62 49.48 65.30
C THR CA 297 -8.56 49.87 66.77
N VAL CA 298 -7.57 49.33 67.47
CA VAL CA 298 -7.34 49.65 68.88
C VAL CA 298 -5.86 50.01 69.04
N GLU CA 299 -5.59 51.11 69.75
CA GLU CA 299 -4.23 51.54 69.99
C GLU CA 299 -4.19 52.33 71.30
N ILE CA 300 -2.99 52.49 71.84
CA ILE CA 300 -2.84 53.25 73.08
C ILE CA 300 -3.23 54.70 72.86
N ASP CA 301 -3.89 55.27 73.86
CA ASP CA 301 -4.30 56.67 73.79
C ASP CA 301 -3.09 57.56 74.07
N PHE CA 302 -2.84 58.51 73.17
CA PHE CA 302 -1.67 59.36 73.31
C PHE CA 302 -1.93 60.63 74.12
N GLU CA 303 -3.10 61.25 73.94
CA GLU CA 303 -3.36 62.53 74.59
C GLU CA 303 -3.49 62.36 76.10
N ALA CA 304 -4.16 61.30 76.55
CA ALA CA 304 -4.27 61.04 77.98
C ALA CA 304 -2.90 60.77 78.59
N GLN CA 305 -2.06 60.02 77.89
CA GLN CA 305 -0.71 59.77 78.38
C GLN CA 305 0.10 61.05 78.45
N LYS CA 306 -0.05 61.93 77.45
CA LYS CA 306 0.63 63.22 77.49
C LYS CA 306 0.17 64.05 78.68
N SER CA 307 -1.14 64.07 78.94
CA SER CA 307 -1.65 64.81 80.08
C SER CA 307 -1.11 64.25 81.39
N TYR CA 308 -1.07 62.92 81.50
CA TYR CA 308 -0.56 62.29 82.72
C TYR CA 308 0.91 62.61 82.93
N LEU CA 309 1.71 62.56 81.85
CA LEU CA 309 3.12 62.90 81.97
C LEU CA 309 3.31 64.36 82.34
N LYS CA 310 2.47 65.24 81.78
CA LYS CA 310 2.52 66.65 82.18
C LYS CA 310 2.17 66.82 83.64
N SER CA 311 1.24 65.98 84.14
CA SER CA 311 0.77 66.14 85.52
C SER CA 311 1.89 65.93 86.53
N LYS CA 312 2.86 65.07 86.24
CA LYS CA 312 3.99 64.84 87.13
C LYS CA 312 5.11 65.85 86.93
N GLY CA 313 4.98 66.76 85.98
CA GLY CA 313 5.97 67.80 85.77
C GLY CA 313 7.16 67.39 84.93
N VAL CA 314 7.08 66.28 84.20
CA VAL CA 314 8.20 65.86 83.37
C VAL CA 314 8.34 66.78 82.18
N ASP CA 315 9.56 66.88 81.65
CA ASP CA 315 9.83 67.70 80.47
C ASP CA 315 10.03 66.78 79.28
N LEU CA 316 9.01 66.69 78.45
CA LEU CA 316 9.04 65.85 77.25
C LEU CA 316 8.98 66.66 75.96
N SER CA 317 9.49 67.88 75.97
CA SER CA 317 9.51 68.69 74.75
C SER CA 317 10.39 68.04 73.68
N TYR CA 318 11.58 67.58 74.08
CA TYR CA 318 12.45 66.89 73.13
C TYR CA 318 11.99 65.45 72.92
N MET CA 319 11.19 64.93 73.83
CA MET CA 319 10.83 63.52 73.81
C MET CA 319 9.88 63.24 72.65
N THR CA 320 10.26 62.28 71.80
CA THR CA 320 9.58 62.07 70.54
C THR CA 320 8.35 61.20 70.74
N LEU CA 321 7.46 61.20 69.72
CA LEU CA 321 6.17 60.53 69.80
C LEU CA 321 6.27 59.12 70.36
N GLN CA 322 7.01 58.24 69.68
CA GLN CA 322 7.06 56.85 70.13
C GLN CA 322 7.79 56.73 71.45
N GLU CA 323 8.73 57.67 71.73
CA GLU CA 323 9.32 57.70 73.05
C GLU CA 323 8.30 58.01 74.12
N ILE CA 324 7.41 58.97 73.86
CA ILE CA 324 6.33 59.27 74.80
C ILE CA 324 5.44 58.05 74.98
N LYS CA 325 5.21 57.30 73.89
CA LYS CA 325 4.49 56.05 74.01
C LYS CA 325 5.23 55.06 74.91
N GLU CA 326 6.56 55.07 74.85
CA GLU CA 326 7.35 54.07 75.58
C GLU CA 326 7.46 54.40 77.06
N ALA CA 327 7.22 55.66 77.42
CA ALA CA 327 7.47 56.12 78.79
C ALA CA 327 6.62 55.35 79.79
N ASN CA 328 7.22 55.03 80.94
CA ASN CA 328 6.49 54.31 81.99
C ASN CA 328 5.39 55.19 82.56
N THR CA 329 4.27 54.55 82.87
CA THR CA 329 3.10 55.24 83.43
C THR CA 329 2.76 54.89 84.89
N GLY CA 330 3.44 53.90 85.47
CA GLY CA 330 3.15 53.53 86.84
C GLY CA 330 1.86 52.77 87.04
N SER CA 331 1.73 51.59 86.43
CA SER CA 331 0.62 50.66 86.63
C SER CA 331 -0.70 51.18 86.07
N LYS CA 332 -0.69 52.33 85.43
CA LYS CA 332 -1.90 52.83 84.79
C LYS CA 332 -1.76 52.77 83.28
N VAL CA 333 -2.80 52.27 82.61
CA VAL CA 333 -2.77 52.01 81.18
C VAL CA 333 -3.92 52.77 80.53
N PHE CA 334 -3.68 53.35 79.35
CA PHE CA 334 -4.65 54.14 78.64
C PHE CA 334 -4.85 53.58 77.24
N LEU CA 335 -6.10 53.25 76.89
CA LEU CA 335 -6.43 52.77 75.55
C LEU CA 335 -7.68 53.49 75.07
N LYS CA 336 -7.81 53.58 73.74
CA LYS CA 336 -9.01 54.09 73.12
C LYS CA 336 -9.14 53.47 71.72
N ALA CA 337 -10.35 53.06 71.38
CA ALA CA 337 -10.62 52.40 70.10
C ALA CA 337 -11.97 52.85 69.58
N LYS CA 338 -12.16 52.73 68.26
CA LYS CA 338 -13.40 53.11 67.60
C LYS CA 338 -13.94 51.92 66.82
N ILE CA 339 -15.24 51.65 66.99
CA ILE CA 339 -15.90 50.54 66.32
C ILE CA 339 -17.21 51.05 65.73
N LYS CA 340 -17.72 50.31 64.74
CA LYS CA 340 -18.98 50.61 64.08
C LYS CA 340 -19.95 49.47 64.35
N VAL CA 341 -21.14 49.80 64.86
CA VAL CA 341 -22.12 48.81 65.28
C VAL CA 341 -23.18 48.71 64.18
N LEU CA 342 -23.47 47.48 63.76
CA LEU CA 342 -24.49 47.27 62.75
C LEU CA 342 -25.89 47.28 63.39
N ASP CA 343 -26.90 47.43 62.54
CA ASP CA 343 -28.29 47.43 62.95
C ASP CA 343 -29.10 46.61 61.96
N ALA CA 344 -30.26 46.12 62.40
CA ALA CA 344 -31.14 45.40 61.51
C ALA CA 344 -31.84 46.36 60.55
N MET CA 345 -32.24 45.84 59.39
CA MET CA 345 -32.97 46.67 58.44
C MET CA 345 -34.30 47.09 59.03
N GLU CA 346 -34.55 48.39 59.07
CA GLU CA 346 -35.73 48.96 59.69
C GLU CA 346 -36.55 49.83 58.75
N ASP CA 347 -35.91 50.59 57.86
CA ASP CA 347 -36.62 51.42 56.89
C ASP CA 347 -36.05 51.13 55.51
N ILE CA 348 -36.91 50.77 54.57
CA ILE CA 348 -36.51 50.43 53.21
C ILE CA 348 -37.25 51.31 52.23
N ASP CA 349 -36.51 51.93 51.32
CA ASP CA 349 -37.04 52.83 50.31
C ASP CA 349 -36.71 52.26 48.95
N LEU CA 350 -37.73 52.03 48.13
CA LEU CA 350 -37.57 51.41 46.82
C LEU CA 350 -38.19 52.31 45.76
N SER CA 351 -37.44 52.57 44.69
CA SER CA 351 -37.89 53.39 43.58
C SER CA 351 -37.98 52.52 42.33
N ILE CA 352 -39.16 52.44 41.75
CA ILE CA 352 -39.39 51.65 40.54
C ILE CA 352 -39.81 52.61 39.43
N GLU CA 353 -39.10 52.56 38.31
CA GLU CA 353 -39.43 53.39 37.15
C GLU CA 353 -39.92 52.47 36.05
N ILE CA 354 -41.02 52.85 35.41
CA ILE CA 354 -41.64 52.02 34.40
C ILE CA 354 -40.89 52.10 33.08
N ALA DA 2 -35.91 62.31 64.58
CA ALA DA 2 -37.13 61.84 65.22
C ALA DA 2 -37.49 60.43 64.73
N ILE DA 3 -37.41 59.46 65.63
CA ILE DA 3 -37.74 58.10 65.27
C ILE DA 3 -39.25 57.97 65.10
N GLY DA 4 -39.67 57.46 63.93
CA GLY DA 4 -41.06 57.23 63.65
C GLY DA 4 -41.33 55.76 63.34
N LEU DA 5 -42.56 55.49 62.97
CA LEU DA 5 -42.92 54.13 62.60
C LEU DA 5 -42.11 53.72 61.37
N PRO DA 6 -41.71 52.46 61.28
CA PRO DA 6 -40.90 52.01 60.13
C PRO DA 6 -41.61 52.28 58.81
N SER DA 7 -40.84 52.72 57.83
CA SER DA 7 -41.39 53.14 56.54
C SER DA 7 -40.95 52.18 55.45
N ILE DA 8 -41.91 51.59 54.75
CA ILE DA 8 -41.67 50.81 53.55
C ILE DA 8 -42.49 51.45 52.44
N ASN DA 9 -41.82 52.01 51.44
CA ASN DA 9 -42.51 52.69 50.36
C ASN DA 9 -41.97 52.24 49.01
N ILE DA 10 -42.90 52.00 48.09
CA ILE DA 10 -42.59 51.65 46.71
C ILE DA 10 -43.16 52.74 45.81
N SER DA 11 -42.30 53.31 44.97
CA SER DA 11 -42.68 54.44 44.12
C SER DA 11 -42.59 54.02 42.66
N PHE DA 12 -43.64 54.32 41.90
CA PHE DA 12 -43.67 54.10 40.46
C PHE DA 12 -43.60 55.45 39.76
N LYS DA 13 -42.62 55.62 38.89
CA LYS DA 13 -42.43 56.87 38.15
C LYS DA 13 -42.24 56.56 36.68
N GLU DA 14 -42.76 57.43 35.83
CA GLU DA 14 -42.58 57.26 34.39
C GLU DA 14 -41.18 57.68 33.96
N LEU DA 15 -40.65 56.98 32.95
CA LEU DA 15 -39.43 57.41 32.29
C LEU DA 15 -39.82 58.51 31.29
N ALA DA 16 -39.93 59.73 31.81
CA ALA DA 16 -40.49 60.83 31.04
C ALA DA 16 -39.51 61.31 29.97
N THR DA 17 -39.37 60.54 28.89
CA THR DA 17 -38.59 60.99 27.75
C THR DA 17 -39.19 62.29 27.22
N THR DA 18 -38.33 63.30 27.08
CA THR DA 18 -38.81 64.66 26.82
C THR DA 18 -38.06 65.24 25.64
N VAL DA 19 -38.83 65.88 24.75
CA VAL DA 19 -38.28 66.71 23.70
C VAL DA 19 -38.66 68.16 24.03
N LYS DA 20 -37.67 69.05 23.99
CA LYS DA 20 -37.92 70.43 24.39
C LYS DA 20 -38.89 71.09 23.42
N GLU DA 21 -39.83 71.84 23.97
CA GLU DA 21 -40.84 72.52 23.16
C GLU DA 21 -40.33 73.89 22.72
N ARG DA 22 -40.40 74.15 21.43
CA ARG DA 22 -39.96 75.40 20.85
C ARG DA 22 -41.16 76.22 20.39
N SER DA 23 -40.89 77.46 20.00
CA SER DA 23 -41.95 78.37 19.60
C SER DA 23 -42.74 77.79 18.43
N ALA DA 24 -44.07 77.91 18.51
CA ALA DA 24 -44.93 77.38 17.47
C ALA DA 24 -44.67 78.09 16.15
N ARG DA 25 -44.55 77.31 15.07
CA ARG DA 25 -44.32 77.84 13.74
C ARG DA 25 -45.43 77.39 12.81
N GLY DA 26 -45.82 78.26 11.90
CA GLY DA 26 -46.83 77.94 10.91
C GLY DA 26 -48.24 78.33 11.26
N ILE DA 27 -48.46 79.04 12.35
CA ILE DA 27 -49.79 79.50 12.73
C ILE DA 27 -50.04 80.84 12.06
N ILE DA 28 -51.31 81.10 11.73
CA ILE DA 28 -51.71 82.32 11.04
C ILE DA 28 -52.72 83.05 11.91
N ALA DA 29 -52.63 84.38 11.90
CA ALA DA 29 -53.64 85.23 12.53
C ALA DA 29 -54.33 86.02 11.42
N MET DA 30 -55.66 85.97 11.40
CA MET DA 30 -56.46 86.68 10.42
C MET DA 30 -57.46 87.55 11.16
N VAL DA 31 -57.65 88.78 10.68
CA VAL DA 31 -58.57 89.73 11.29
C VAL DA 31 -59.48 90.27 10.20
N LEU DA 32 -60.78 90.32 10.49
CA LEU DA 32 -61.78 90.70 9.50
C LEU DA 32 -62.90 91.45 10.20
N LYS DA 33 -63.72 92.13 9.41
CA LYS DA 33 -64.83 92.94 9.92
C LYS DA 33 -66.16 92.30 9.55
N ASP DA 34 -67.05 92.19 10.53
CA ASP DA 34 -68.39 91.67 10.32
C ASP DA 34 -69.31 92.21 11.40
N ALA DA 35 -70.59 91.86 11.30
CA ALA DA 35 -71.59 92.18 12.31
C ALA DA 35 -72.00 90.96 13.13
N LYS DA 36 -71.40 89.79 12.86
CA LYS DA 36 -71.75 88.56 13.56
C LYS DA 36 -70.49 87.93 14.14
N ALA DA 37 -70.66 87.24 15.27
CA ALA DA 37 -69.57 86.51 15.93
C ALA DA 37 -68.36 87.41 16.16
N LEU DA 38 -68.62 88.58 16.73
CA LEU DA 38 -67.56 89.56 16.95
C LEU DA 38 -66.51 89.01 17.91
N GLY DA 39 -65.26 89.37 17.67
CA GLY DA 39 -64.16 88.84 18.43
C GLY DA 39 -63.47 87.69 17.73
N LEU DA 40 -62.50 87.11 18.44
CA LEU DA 40 -61.77 85.97 17.92
C LEU DA 40 -62.70 84.78 17.74
N ASN DA 41 -62.38 83.91 16.78
CA ASN DA 41 -63.25 82.80 16.45
C ASN DA 41 -62.59 81.43 16.57
N GLU DA 42 -61.26 81.38 16.57
CA GLU DA 42 -60.50 80.18 16.97
C GLU DA 42 -60.80 78.98 16.07
N ILE DA 43 -60.48 79.13 14.78
CA ILE DA 43 -60.69 78.04 13.81
C ILE DA 43 -59.40 77.21 13.82
N HIS DA 44 -59.36 76.24 14.74
CA HIS DA 44 -58.22 75.33 14.80
C HIS DA 44 -58.28 74.30 13.69
N GLU DA 45 -59.47 73.87 13.32
CA GLU DA 45 -59.67 72.80 12.35
C GLU DA 45 -60.29 73.38 11.09
N LYS DA 46 -59.78 72.93 9.94
CA LYS DA 46 -60.31 73.38 8.65
C LYS DA 46 -61.81 73.14 8.54
N GLU DA 47 -62.31 72.03 9.09
CA GLU DA 47 -63.71 71.66 8.89
C GLU DA 47 -64.66 72.64 9.55
N ASP DA 48 -64.46 72.94 10.83
CA ASP DA 48 -65.41 73.75 11.59
C ASP DA 48 -65.30 75.21 11.15
N ILE DA 49 -66.45 75.82 10.85
CA ILE DA 49 -66.52 77.23 10.46
C ILE DA 49 -67.78 77.81 11.06
N PRO DA 50 -67.71 78.97 11.73
CA PRO DA 50 -68.92 79.60 12.26
C PRO DA 50 -69.89 79.94 11.13
N VAL DA 51 -71.18 79.79 11.42
CA VAL DA 51 -72.18 79.87 10.37
C VAL DA 51 -72.66 81.31 10.15
N ASP DA 52 -72.70 82.12 11.22
CA ASP DA 52 -73.29 83.45 11.10
C ASP DA 52 -72.46 84.40 10.27
N LEU DA 53 -71.19 84.09 10.03
CA LEU DA 53 -70.35 85.00 9.24
C LEU DA 53 -70.72 84.93 7.76
N SER DA 54 -70.37 85.99 7.04
CA SER DA 54 -70.81 86.16 5.66
C SER DA 54 -70.21 85.11 4.75
N ALA DA 55 -70.93 84.82 3.66
CA ALA DA 55 -70.47 83.81 2.71
C ALA DA 55 -69.17 84.21 2.04
N GLU DA 56 -69.02 85.49 1.69
CA GLU DA 56 -67.77 85.95 1.08
C GLU DA 56 -66.61 85.84 2.08
N ASN DA 57 -66.87 86.11 3.35
CA ASN DA 57 -65.83 85.90 4.35
C ASN DA 57 -65.55 84.42 4.54
N LYS DA 58 -66.55 83.56 4.40
CA LYS DA 58 -66.30 82.12 4.38
C LYS DA 58 -65.39 81.76 3.23
N GLU DA 59 -65.59 82.38 2.06
CA GLU DA 59 -64.72 82.14 0.92
C GLU DA 59 -63.29 82.60 1.20
N TYR DA 60 -63.15 83.76 1.86
CA TYR DA 60 -61.84 84.24 2.24
C TYR DA 60 -61.13 83.27 3.17
N ILE DA 61 -61.85 82.78 4.19
CA ILE DA 61 -61.28 81.78 5.09
C ILE DA 61 -60.88 80.55 4.31
N ASN DA 62 -61.73 80.12 3.36
CA ASN DA 62 -61.40 78.94 2.56
C ASN DA 62 -60.11 79.14 1.79
N LEU DA 63 -59.95 80.28 1.11
CA LEU DA 63 -58.69 80.55 0.44
C LEU DA 63 -57.52 80.49 1.41
N ALA DA 64 -57.72 81.00 2.63
CA ALA DA 64 -56.67 80.90 3.64
C ALA DA 64 -56.47 79.48 4.15
N LEU DA 65 -57.39 78.56 3.87
CA LEU DA 65 -57.34 77.25 4.50
C LEU DA 65 -56.31 76.32 3.86
N MET DA 66 -56.50 75.96 2.59
CA MET DA 66 -55.60 74.96 2.01
C MET DA 66 -54.20 75.55 1.84
N GLY DA 67 -53.21 74.81 2.33
CA GLY DA 67 -51.84 75.31 2.36
C GLY DA 67 -51.07 74.92 1.10
N ASN DA 68 -49.78 75.24 1.11
CA ASN DA 68 -48.92 74.87 -0.01
C ASN DA 68 -48.57 73.38 0.05
N VAL DA 69 -47.87 72.97 1.11
CA VAL DA 69 -47.44 71.60 1.28
C VAL DA 69 -48.19 70.92 2.42
N ASN DA 70 -48.34 71.62 3.55
CA ASN DA 70 -49.06 71.09 4.69
C ASN DA 70 -50.15 72.09 5.08
N THR DA 71 -51.19 71.57 5.70
CA THR DA 71 -52.25 72.43 6.19
C THR DA 71 -51.73 73.29 7.34
N PRO DA 72 -52.24 74.50 7.51
CA PRO DA 72 -51.81 75.33 8.64
C PRO DA 72 -52.11 74.64 9.97
N ASN DA 73 -51.19 74.79 10.92
CA ASN DA 73 -51.37 74.16 12.23
C ASN DA 73 -52.49 74.82 13.02
N LYS DA 74 -52.59 76.15 12.95
CA LYS DA 74 -53.55 76.86 13.77
C LYS DA 74 -53.84 78.20 13.11
N LEU DA 75 -55.12 78.48 12.86
CA LEU DA 75 -55.55 79.70 12.18
C LEU DA 75 -56.43 80.49 13.14
N LEU DA 76 -56.15 81.77 13.28
CA LEU DA 76 -56.91 82.67 14.14
C LEU DA 76 -57.70 83.64 13.27
N VAL DA 77 -59.00 83.74 13.52
CA VAL DA 77 -59.85 84.73 12.88
C VAL DA 77 -60.50 85.57 13.96
N TYR DA 78 -60.29 86.89 13.92
CA TYR DA 78 -60.95 87.83 14.80
C TYR DA 78 -61.88 88.72 13.98
N VAL DA 79 -63.13 88.81 14.42
CA VAL DA 79 -64.13 89.65 13.80
C VAL DA 79 -64.15 90.99 14.52
N ILE DA 80 -64.02 92.07 13.75
CA ILE DA 80 -64.00 93.41 14.31
C ILE DA 80 -65.29 94.12 13.90
N GLU DA 81 -65.69 95.08 14.73
CA GLU DA 81 -66.85 95.90 14.43
C GLU DA 81 -66.51 96.91 13.34
N GLY DA 82 -67.50 97.22 12.51
CA GLY DA 82 -67.27 98.18 11.43
C GLY DA 82 -66.84 99.53 11.98
N GLU DA 83 -65.84 100.11 11.32
CA GLU DA 83 -65.25 101.41 11.67
C GLU DA 83 -64.66 101.45 13.07
N ALA DA 84 -64.27 100.29 13.63
CA ALA DA 84 -63.62 100.27 14.93
C ALA DA 84 -62.12 100.57 14.83
N ASP DA 85 -61.63 100.98 13.67
CA ASP DA 85 -60.22 101.24 13.42
C ASP DA 85 -59.40 99.96 13.58
N ILE DA 86 -58.07 100.10 13.57
CA ILE DA 86 -57.21 98.93 13.53
C ILE DA 86 -56.55 98.69 14.89
N GLN DA 87 -56.33 99.76 15.66
CA GLN DA 87 -55.65 99.64 16.94
C GLN DA 87 -56.38 98.69 17.89
N THR DA 88 -57.71 98.64 17.80
CA THR DA 88 -58.48 97.76 18.67
C THR DA 88 -58.10 96.30 18.46
N ALA DA 89 -57.97 95.87 17.20
CA ALA DA 89 -57.51 94.52 16.93
C ALA DA 89 -56.01 94.38 17.15
N LEU DA 90 -55.26 95.47 16.98
CA LEU DA 90 -53.83 95.42 17.19
C LEU DA 90 -53.49 95.10 18.64
N ASP DA 91 -54.23 95.69 19.58
CA ASP DA 91 -54.01 95.38 21.00
C ASP DA 91 -54.31 93.92 21.28
N PHE DA 92 -55.42 93.41 20.74
CA PHE DA 92 -55.80 92.02 20.93
C PHE DA 92 -54.71 91.09 20.40
N LEU DA 93 -54.19 91.39 19.21
CA LEU DA 93 -53.13 90.56 18.64
C LEU DA 93 -51.84 90.68 19.43
N GLU DA 94 -51.53 91.88 19.93
CA GLU DA 94 -50.35 92.06 20.76
C GLU DA 94 -50.43 91.23 22.02
N THR DA 95 -51.64 91.03 22.56
CA THR DA 95 -51.79 90.17 23.73
C THR DA 95 -51.36 88.74 23.44
N LYS DA 96 -51.73 88.22 22.26
CA LYS DA 96 -51.48 86.84 21.90
C LYS DA 96 -50.30 86.70 20.95
N GLU DA 97 -50.02 85.46 20.55
CA GLU DA 97 -48.89 85.17 19.68
C GLU DA 97 -49.38 84.71 18.32
N PHE DA 98 -48.56 84.96 17.30
CA PHE DA 98 -48.88 84.58 15.93
C PHE DA 98 -47.62 84.70 15.08
N ASN DA 99 -47.75 84.30 13.81
CA ASN DA 99 -46.65 84.36 12.86
C ASN DA 99 -46.96 85.20 11.65
N TYR DA 100 -48.19 85.13 11.12
CA TYR DA 100 -48.56 85.82 9.91
C TYR DA 100 -49.91 86.50 10.08
N LEU DA 101 -50.03 87.71 9.53
CA LEU DA 101 -51.25 88.51 9.65
C LEU DA 101 -51.67 88.99 8.27
N CYS DA 102 -52.97 89.06 8.04
CA CYS DA 102 -53.48 89.46 6.73
C CYS DA 102 -54.89 90.02 6.86
N MET DA 103 -55.27 90.81 5.86
CA MET DA 103 -56.57 91.47 5.76
C MET DA 103 -57.01 91.53 4.31
N PRO DA 104 -58.05 90.77 3.91
CA PRO DA 104 -58.56 90.88 2.55
C PRO DA 104 -59.08 92.28 2.21
N LYS DA 105 -59.76 92.92 3.16
CA LYS DA 105 -60.36 94.23 2.93
C LYS DA 105 -59.60 95.28 3.73
N ALA DA 106 -59.05 96.27 3.05
CA ALA DA 106 -58.19 97.23 3.74
C ALA DA 106 -58.28 98.59 3.06
N VAL DA 107 -58.03 99.62 3.86
CA VAL DA 107 -57.93 100.99 3.39
C VAL DA 107 -56.46 101.39 3.39
N GLU DA 108 -56.05 102.18 2.40
CA GLU DA 108 -54.64 102.53 2.28
C GLU DA 108 -54.11 103.19 3.56
N ALA DA 109 -54.92 104.04 4.19
CA ALA DA 109 -54.54 104.56 5.49
C ALA DA 109 -54.47 103.44 6.53
N ASP DA 110 -55.41 102.49 6.46
CA ASP DA 110 -55.35 101.35 7.36
C ASP DA 110 -54.09 100.53 7.13
N LYS DA 111 -53.70 100.32 5.87
CA LYS DA 111 -52.45 99.62 5.60
C LYS DA 111 -51.25 100.39 6.13
N THR DA 112 -51.29 101.73 6.03
CA THR DA 112 -50.21 102.54 6.59
C THR DA 112 -50.12 102.33 8.11
N ALA DA 113 -51.26 102.33 8.78
CA ALA DA 113 -51.26 102.07 10.22
C ALA DA 113 -50.70 100.68 10.52
N ILE DA 114 -51.09 99.69 9.74
CA ILE DA 114 -50.62 98.32 9.97
C ILE DA 114 -49.11 98.24 9.82
N LYS DA 115 -48.56 98.85 8.76
CA LYS DA 115 -47.13 98.74 8.54
C LYS DA 115 -46.35 99.52 9.60
N ASN DA 116 -46.89 100.66 10.03
CA ASN DA 116 -46.24 101.38 11.13
C ASN DA 116 -46.22 100.55 12.40
N TRP DA 117 -47.34 99.88 12.70
CA TRP DA 117 -47.39 99.05 13.90
C TRP DA 117 -46.44 97.86 13.78
N ILE DA 118 -46.32 97.27 12.59
CA ILE DA 118 -45.36 96.20 12.38
C ILE DA 118 -43.94 96.68 12.63
N ILE DA 119 -43.55 97.80 12.01
CA ILE DA 119 -42.17 98.25 12.12
C ILE DA 119 -41.84 98.68 13.55
N LYS DA 120 -42.81 99.26 14.25
CA LYS DA 120 -42.54 99.66 15.63
C LYS DA 120 -42.44 98.44 16.54
N LEU DA 121 -43.30 97.43 16.33
CA LEU DA 121 -43.28 96.28 17.23
C LEU DA 121 -42.05 95.42 16.99
N ARG DA 122 -41.59 95.32 15.75
CA ARG DA 122 -40.45 94.45 15.47
C ARG DA 122 -39.15 94.99 16.08
N ASP DA 123 -39.14 96.25 16.52
CA ASP DA 123 -37.92 96.81 17.08
C ASP DA 123 -38.06 97.17 18.55
N ILE DA 124 -39.10 97.92 18.92
CA ILE DA 124 -39.27 98.30 20.32
C ILE DA 124 -39.68 97.09 21.15
N ASP DA 125 -40.58 96.26 20.63
CA ASP DA 125 -41.07 95.10 21.37
C ASP DA 125 -40.25 93.84 21.13
N LYS DA 126 -39.34 93.85 20.16
CA LYS DA 126 -38.41 92.74 19.93
C LYS DA 126 -39.14 91.42 19.72
N VAL DA 127 -40.27 91.46 19.02
CA VAL DA 127 -41.03 90.28 18.66
C VAL DA 127 -41.11 90.18 17.15
N LYS DA 128 -40.81 89.00 16.62
CA LYS DA 128 -40.69 88.79 15.18
C LYS DA 128 -41.99 88.21 14.65
N VAL DA 129 -42.78 89.04 13.97
CA VAL DA 129 -44.01 88.62 13.33
C VAL DA 129 -44.04 89.19 11.91
N LYS DA 130 -44.88 88.58 11.08
CA LYS DA 130 -44.92 88.88 9.66
C LYS DA 130 -46.34 89.28 9.25
N ALA DA 131 -46.43 90.00 8.14
CA ALA DA 131 -47.71 90.36 7.56
C ALA DA 131 -47.55 90.56 6.05
N VAL DA 132 -48.63 90.31 5.32
CA VAL DA 132 -48.67 90.48 3.88
C VAL DA 132 -49.72 91.54 3.55
N LEU DA 133 -49.38 92.42 2.60
CA LEU DA 133 -50.22 93.55 2.24
C LEU DA 133 -50.30 93.68 0.73
N GLY DA 134 -51.38 94.29 0.25
CA GLY DA 134 -51.61 94.36 -1.19
C GLY DA 134 -50.71 95.38 -1.88
N LYS DA 135 -50.86 96.66 -1.52
CA LYS DA 135 -50.12 97.73 -2.20
C LYS DA 135 -49.32 98.48 -1.13
N VAL DA 136 -48.05 98.13 -1.00
CA VAL DA 136 -47.16 98.74 -0.01
C VAL DA 136 -45.77 98.83 -0.61
N VAL DA 137 -44.95 99.71 -0.02
CA VAL DA 137 -43.64 100.03 -0.56
C VAL DA 137 -42.61 99.90 0.57
N GLY DA 138 -43.10 99.64 1.78
CA GLY DA 138 -42.25 99.72 2.95
C GLY DA 138 -40.99 98.87 2.81
N ASN DA 139 -39.88 99.41 3.31
CA ASN DA 139 -38.54 98.86 3.09
C ASN DA 139 -38.06 98.02 4.25
N HIS DA 140 -38.96 97.30 4.92
CA HIS DA 140 -38.59 96.53 6.10
C HIS DA 140 -38.86 95.05 5.86
N GLU DA 141 -38.17 94.21 6.64
CA GLU DA 141 -38.41 92.78 6.55
C GLU DA 141 -39.81 92.41 7.02
N GLY DA 142 -40.46 93.29 7.78
CA GLY DA 142 -41.73 92.99 8.39
C GLY DA 142 -42.91 92.90 7.46
N ILE DA 143 -42.77 93.33 6.20
CA ILE DA 143 -43.86 93.34 5.25
C ILE DA 143 -43.46 92.52 4.04
N ILE DA 144 -44.44 91.91 3.39
CA ILE DA 144 -44.25 91.16 2.16
C ILE DA 144 -45.24 91.70 1.14
N ASN DA 145 -44.73 92.27 0.06
CA ASN DA 145 -45.56 92.98 -0.91
C ASN DA 145 -45.83 92.06 -2.10
N PHE DA 146 -47.09 91.69 -2.26
CA PHE DA 146 -47.52 90.89 -3.39
C PHE DA 146 -48.46 91.72 -4.26
N THR DA 147 -48.26 91.67 -5.58
CA THR DA 147 -49.04 92.51 -6.50
C THR DA 147 -49.38 91.70 -7.74
N THR DA 148 -50.65 91.36 -7.90
CA THR DA 148 -51.13 90.73 -9.12
C THR DA 148 -52.59 91.10 -9.30
N GLU DA 149 -52.88 91.94 -10.29
CA GLU DA 149 -54.22 92.44 -10.54
C GLU DA 149 -55.03 91.43 -11.34
N ASP DA 150 -56.35 91.54 -11.25
CA ASP DA 150 -57.28 90.76 -12.06
C ASP DA 150 -57.06 89.25 -11.91
N VAL DA 151 -56.93 88.82 -10.66
CA VAL DA 151 -56.73 87.40 -10.37
C VAL DA 151 -58.04 86.67 -10.57
N LEU DA 152 -58.01 85.59 -11.35
CA LEU DA 152 -59.19 84.77 -11.63
C LEU DA 152 -58.98 83.39 -11.03
N VAL DA 153 -59.70 83.09 -9.97
CA VAL DA 153 -59.66 81.78 -9.32
C VAL DA 153 -61.08 81.27 -9.19
N GLY DA 154 -61.38 80.16 -9.85
CA GLY DA 154 -62.69 79.55 -9.76
C GLY DA 154 -63.81 80.43 -10.28
N GLU DA 155 -63.74 80.79 -11.57
CA GLU DA 155 -64.73 81.63 -12.23
C GLU DA 155 -65.15 82.83 -11.39
N LYS DA 156 -64.17 83.54 -10.81
CA LYS DA 156 -64.45 84.72 -10.02
C LYS DA 156 -63.23 85.63 -10.04
N LYS DA 157 -63.49 86.93 -10.07
CA LYS DA 157 -62.44 87.93 -10.12
C LYS DA 157 -62.02 88.34 -8.71
N TYR DA 158 -60.71 88.30 -8.46
CA TYR DA 158 -60.17 88.67 -7.17
C TYR DA 158 -59.18 89.82 -7.33
N SER DA 159 -59.25 90.78 -6.42
CA SER DA 159 -58.24 91.82 -6.35
C SER DA 159 -57.02 91.29 -5.60
N VAL DA 160 -55.96 92.10 -5.60
CA VAL DA 160 -54.74 91.73 -4.90
C VAL DA 160 -54.98 91.63 -3.39
N ASP DA 161 -55.74 92.58 -2.85
CA ASP DA 161 -55.96 92.62 -1.40
C ASP DA 161 -56.66 91.37 -0.91
N GLU DA 162 -57.70 90.93 -1.63
CA GLU DA 162 -58.43 89.73 -1.19
C GLU DA 162 -57.65 88.47 -1.50
N PHE DA 163 -56.69 88.54 -2.43
CA PHE DA 163 -55.83 87.39 -2.72
C PHE DA 163 -54.64 87.31 -1.75
N THR DA 164 -54.42 88.36 -0.96
CA THR DA 164 -53.36 88.29 0.05
C THR DA 164 -53.62 87.17 1.05
N SER DA 165 -54.89 86.84 1.30
CA SER DA 165 -55.19 85.72 2.19
C SER DA 165 -54.66 84.40 1.61
N ARG DA 166 -54.90 84.18 0.32
CA ARG DA 166 -54.36 83.01 -0.35
C ARG DA 166 -52.83 83.01 -0.30
N VAL DA 167 -52.23 84.18 -0.53
CA VAL DA 167 -50.77 84.27 -0.52
C VAL DA 167 -50.22 83.91 0.86
N ALA DA 168 -50.82 84.46 1.91
CA ALA DA 168 -50.35 84.19 3.27
C ALA DA 168 -50.54 82.73 3.64
N GLY DA 169 -51.67 82.14 3.25
CA GLY DA 169 -51.85 80.71 3.46
C GLY DA 169 -50.80 79.89 2.75
N LEU DA 170 -50.44 80.32 1.54
CA LEU DA 170 -49.37 79.66 0.79
C LEU DA 170 -48.06 79.69 1.56
N ILE DA 171 -47.68 80.86 2.06
CA ILE DA 171 -46.41 80.95 2.79
C ILE DA 171 -46.46 80.10 4.05
N ALA DA 172 -47.57 80.15 4.78
CA ALA DA 172 -47.66 79.41 6.03
C ALA DA 172 -47.67 77.90 5.80
N GLY DA 173 -48.21 77.45 4.68
CA GLY DA 173 -48.32 76.02 4.45
C GLY DA 173 -46.99 75.31 4.30
N THR DA 174 -46.02 75.99 3.69
CA THR DA 174 -44.77 75.33 3.33
C THR DA 174 -43.97 74.97 4.59
N PRO DA 175 -43.16 73.91 4.52
CA PRO DA 175 -42.26 73.61 5.64
C PRO DA 175 -41.11 74.60 5.70
N LEU DA 176 -40.18 74.40 6.64
CA LEU DA 176 -39.10 75.36 6.77
C LEU DA 176 -37.92 75.02 5.86
N SER DA 177 -37.69 73.74 5.59
CA SER DA 177 -36.59 73.35 4.70
C SER DA 177 -36.85 73.85 3.28
N GLN DA 178 -38.07 73.70 2.79
CA GLN DA 178 -38.42 74.12 1.44
C GLN DA 178 -38.58 75.63 1.37
N SER DA 179 -38.63 76.14 0.15
CA SER DA 179 -38.84 77.56 -0.11
C SER DA 179 -40.08 77.76 -0.97
N VAL DA 180 -40.68 78.95 -0.84
CA VAL DA 180 -41.89 79.26 -1.59
C VAL DA 180 -41.64 79.42 -3.07
N THR DA 181 -40.38 79.58 -3.48
CA THR DA 181 -40.06 79.88 -4.86
C THR DA 181 -40.53 78.78 -5.81
N TYR DA 182 -41.13 79.20 -6.91
CA TYR DA 182 -41.34 78.34 -8.08
C TYR DA 182 -42.30 77.19 -7.73
N THR DA 183 -43.47 77.56 -7.22
CA THR DA 183 -44.46 76.60 -6.75
C THR DA 183 -45.76 76.78 -7.52
N LYS DA 184 -46.33 75.67 -7.96
CA LYS DA 184 -47.54 75.68 -8.78
C LYS DA 184 -48.76 76.03 -7.95
N LEU DA 185 -49.68 76.75 -8.57
CA LEU DA 185 -50.98 77.07 -7.98
C LEU DA 185 -52.06 76.57 -8.94
N SER DA 186 -52.59 75.37 -8.67
CA SER DA 186 -53.63 74.83 -9.54
C SER DA 186 -54.95 75.61 -9.42
N ASP DA 187 -55.11 76.41 -8.37
CA ASP DA 187 -56.36 77.13 -8.18
C ASP DA 187 -56.54 78.23 -9.24
N VAL DA 188 -55.51 79.05 -9.44
CA VAL DA 188 -55.60 80.12 -10.41
C VAL DA 188 -55.66 79.55 -11.81
N VAL DA 189 -56.40 80.22 -12.70
CA VAL DA 189 -56.63 79.70 -14.04
C VAL DA 189 -56.18 80.71 -15.09
N ASP DA 190 -56.07 81.98 -14.71
CA ASP DA 190 -55.71 82.99 -15.70
C ASP DA 190 -55.05 84.15 -14.97
N ILE DA 191 -53.97 84.64 -15.56
CA ILE DA 191 -53.25 85.83 -15.06
C ILE DA 191 -53.03 86.79 -16.21
N PRO DA 192 -53.20 88.08 -15.95
CA PRO DA 192 -53.04 89.08 -17.02
C PRO DA 192 -51.67 88.99 -17.67
N LYS DA 193 -51.66 89.15 -19.00
CA LYS DA 193 -50.44 89.01 -19.77
C LYS DA 193 -49.46 90.13 -19.46
N MET DA 194 -48.20 89.76 -19.23
CA MET DA 194 -47.15 90.72 -18.95
C MET DA 194 -45.82 90.10 -19.33
N THR DA 195 -44.93 90.92 -19.89
CA THR DA 195 -43.69 90.42 -20.47
C THR DA 195 -42.69 90.03 -19.39
N LYS DA 196 -41.71 89.23 -19.79
CA LYS DA 196 -40.72 88.70 -18.85
C LYS DA 196 -39.83 89.81 -18.30
N VAL DA 197 -39.46 90.78 -19.14
CA VAL DA 197 -38.61 91.88 -18.67
C VAL DA 197 -39.34 92.71 -17.63
N ASP DA 198 -40.66 92.85 -17.78
CA ASP DA 198 -41.45 93.54 -16.76
C ASP DA 198 -41.40 92.79 -15.44
N ALA DA 199 -41.51 91.46 -15.48
CA ALA DA 199 -41.40 90.67 -14.27
C ALA DA 199 -40.02 90.83 -13.64
N GLU DA 200 -38.97 90.82 -14.46
CA GLU DA 200 -37.63 91.04 -13.94
C GLU DA 200 -37.50 92.39 -13.25
N SER DA 201 -38.01 93.43 -13.89
CA SER DA 201 -37.92 94.77 -13.30
C SER DA 201 -38.69 94.84 -11.99
N ARG DA 202 -39.90 94.28 -11.95
CA ARG DA 202 -40.71 94.37 -10.75
C ARG DA 202 -40.12 93.55 -9.61
N VAL DA 203 -39.55 92.38 -9.94
CA VAL DA 203 -38.84 91.60 -8.92
C VAL DA 203 -37.66 92.40 -8.38
N ASN DA 204 -36.95 93.10 -9.26
CA ASN DA 204 -35.84 93.94 -8.82
C ASN DA 204 -36.32 95.05 -7.88
N LYS DA 205 -37.60 95.42 -7.96
CA LYS DA 205 -38.16 96.41 -7.05
C LYS DA 205 -38.48 95.84 -5.68
N GLY DA 206 -38.14 94.59 -5.41
CA GLY DA 206 -38.55 93.94 -4.19
C GLY DA 206 -39.98 93.44 -4.20
N GLU DA 207 -40.67 93.56 -5.33
CA GLU DA 207 -42.08 93.17 -5.41
C GLU DA 207 -42.20 91.69 -5.74
N LEU DA 208 -43.20 91.03 -5.15
CA LEU DA 208 -43.47 89.62 -5.42
C LEU DA 208 -44.52 89.52 -6.51
N ILE DA 209 -44.27 88.67 -7.52
CA ILE DA 209 -45.10 88.59 -8.70
C ILE DA 209 -45.41 87.13 -9.01
N LEU DA 210 -46.64 86.89 -9.46
CA LEU DA 210 -47.05 85.62 -10.03
C LEU DA 210 -46.69 85.61 -11.51
N ILE DA 211 -46.15 84.47 -11.97
CA ILE DA 211 -45.64 84.36 -13.33
C ILE DA 211 -46.21 83.10 -13.96
N LYS DA 212 -46.61 83.22 -15.22
CA LYS DA 212 -47.03 82.10 -16.05
C LYS DA 212 -45.85 81.63 -16.89
N GLU DA 213 -45.32 80.45 -16.55
CA GLU DA 213 -44.24 79.86 -17.32
C GLU DA 213 -44.22 78.37 -16.99
N ALA DA 214 -43.75 77.59 -17.96
CA ALA DA 214 -43.87 76.11 -17.94
C ALA DA 214 -45.36 75.75 -17.88
N GLY DA 215 -45.68 74.66 -17.17
CA GLY DA 215 -47.03 74.12 -17.23
C GLY DA 215 -48.11 74.99 -16.63
N ALA DA 216 -47.86 75.59 -15.48
CA ALA DA 216 -48.89 76.30 -14.75
C ALA DA 216 -48.36 77.60 -14.15
N ILE DA 217 -49.25 78.36 -13.55
CA ILE DA 217 -48.90 79.61 -12.88
C ILE DA 217 -48.12 79.27 -11.61
N ARG DA 218 -47.02 79.99 -11.39
CA ARG DA 218 -46.11 79.66 -10.31
C ARG DA 218 -45.57 80.92 -9.66
N ILE DA 219 -45.13 80.77 -8.40
CA ILE DA 219 -44.46 81.86 -7.70
C ILE DA 219 -43.08 82.11 -8.34
N ALA DA 220 -42.67 83.36 -8.36
CA ALA DA 220 -41.41 83.76 -8.99
C ALA DA 220 -40.45 84.30 -7.94
N ARG DA 221 -39.66 83.40 -7.34
CA ARG DA 221 -38.56 83.77 -6.46
C ARG DA 221 -39.03 84.72 -5.35
N GLY DA 222 -39.81 84.14 -4.45
CA GLY DA 222 -40.30 84.87 -3.30
C GLY DA 222 -39.22 85.68 -2.60
N VAL DA 223 -39.34 87.00 -2.68
CA VAL DA 223 -38.32 87.93 -2.19
C VAL DA 223 -39.00 88.98 -1.32
N ASN DA 224 -38.38 89.27 -0.18
CA ASN DA 224 -38.98 90.17 0.78
C ASN DA 224 -38.88 91.61 0.27
N SER DA 225 -39.70 92.49 0.87
CA SER DA 225 -40.02 93.77 0.25
C SER DA 225 -38.90 94.81 0.33
N LEU DA 226 -37.91 94.64 1.20
CA LEU DA 226 -36.93 95.71 1.36
C LEU DA 226 -36.06 95.83 0.12
N THR DA 227 -35.64 97.06 -0.19
CA THR DA 227 -34.88 97.32 -1.40
C THR DA 227 -33.48 97.87 -1.13
N GLU DA 228 -33.33 98.85 -0.24
CA GLU DA 228 -32.03 99.41 0.04
C GLU DA 228 -31.23 98.45 0.90
N LEU DA 229 -29.92 98.39 0.69
CA LEU DA 229 -29.03 97.49 1.42
C LEU DA 229 -28.00 98.32 2.16
N THR DA 230 -27.93 98.14 3.48
CA THR DA 230 -26.95 98.84 4.29
C THR DA 230 -25.76 97.94 4.57
N ALA DA 231 -24.76 98.48 5.27
CA ALA DA 231 -23.59 97.70 5.61
C ALA DA 231 -23.92 96.55 6.56
N GLU DA 232 -24.73 96.83 7.59
CA GLU DA 232 -25.09 95.77 8.53
C GLU DA 232 -26.09 94.80 7.91
N LYS DA 233 -27.11 95.33 7.22
CA LYS DA 233 -28.14 94.50 6.62
C LYS DA 233 -27.59 93.87 5.35
N GLY DA 234 -27.25 92.58 5.42
CA GLY DA 234 -26.72 91.87 4.28
C GLY DA 234 -27.77 91.55 3.25
N GLU DA 235 -27.31 91.05 2.10
CA GLU DA 235 -28.23 90.75 1.00
C GLU DA 235 -29.00 89.48 1.26
N MET DA 236 -28.51 88.61 2.15
CA MET DA 236 -29.31 87.43 2.50
C MET DA 236 -30.60 87.80 3.20
N PHE DA 237 -30.68 89.02 3.74
CA PHE DA 237 -31.88 89.44 4.45
C PHE DA 237 -33.06 89.64 3.51
N GLN DA 238 -32.83 89.61 2.19
CA GLN DA 238 -33.90 89.77 1.23
C GLN DA 238 -34.66 88.47 0.97
N LYS DA 239 -34.15 87.34 1.44
CA LYS DA 239 -34.79 86.05 1.21
C LYS DA 239 -35.78 85.73 2.32
N ILE DA 240 -36.96 85.24 1.93
CA ILE DA 240 -37.98 84.92 2.91
C ILE DA 240 -37.51 83.82 3.85
N LYS DA 241 -36.90 82.76 3.29
CA LYS DA 241 -36.47 81.63 4.10
C LYS DA 241 -35.42 82.04 5.13
N ILE DA 242 -34.47 82.88 4.72
CA ILE DA 242 -33.38 83.27 5.59
C ILE DA 242 -33.91 84.08 6.77
N VAL DA 243 -34.73 85.09 6.49
CA VAL DA 243 -35.25 85.93 7.58
C VAL DA 243 -36.19 85.12 8.46
N ASP DA 244 -36.94 84.19 7.89
CA ASP DA 244 -37.87 83.39 8.68
C ASP DA 244 -37.10 82.48 9.65
N THR DA 245 -36.06 81.81 9.16
CA THR DA 245 -35.29 80.95 10.07
C THR DA 245 -34.53 81.79 11.10
N LEU DA 246 -34.05 82.96 10.73
CA LEU DA 246 -33.41 83.83 11.71
C LEU DA 246 -34.39 84.23 12.80
N ASP DA 247 -35.63 84.56 12.42
CA ASP DA 247 -36.65 84.91 13.40
C ASP DA 247 -36.93 83.75 14.33
N ILE DA 248 -37.00 82.53 13.79
CA ILE DA 248 -37.32 81.39 14.65
C ILE DA 248 -36.16 81.11 15.60
N ILE DA 249 -34.92 81.27 15.14
CA ILE DA 249 -33.78 81.12 16.05
C ILE DA 249 -33.86 82.14 17.18
N HIS DA 250 -34.14 83.40 16.83
CA HIS DA 250 -34.22 84.44 17.83
C HIS DA 250 -35.29 84.13 18.86
N SER DA 251 -36.48 83.73 18.40
CA SER DA 251 -37.58 83.47 19.31
C SER DA 251 -37.26 82.30 20.24
N ASP DA 252 -36.73 81.21 19.69
CA ASP DA 252 -36.43 80.05 20.52
C ASP DA 252 -35.35 80.37 21.55
N ILE DA 253 -34.30 81.06 21.13
CA ILE DA 253 -33.23 81.40 22.06
C ILE DA 253 -33.75 82.31 23.16
N ARG DA 254 -34.57 83.31 22.79
CA ARG DA 254 -35.13 84.20 23.79
C ARG DA 254 -35.98 83.45 24.80
N LYS DA 255 -36.84 82.54 24.33
CA LYS DA 255 -37.72 81.81 25.24
C LYS DA 255 -36.90 80.93 26.19
N VAL DA 256 -35.89 80.24 25.66
CA VAL DA 256 -35.06 79.40 26.51
C VAL DA 256 -34.38 80.25 27.58
N ILE DA 257 -33.81 81.38 27.17
CA ILE DA 257 -33.06 82.23 28.10
C ILE DA 257 -33.97 82.76 29.20
N ILE DA 258 -35.15 83.24 28.83
CA ILE DA 258 -36.02 83.83 29.86
C ILE DA 258 -36.55 82.75 30.78
N ASP DA 259 -36.91 81.58 30.24
CA ASP DA 259 -37.55 80.56 31.07
C ASP DA 259 -36.55 79.90 32.01
N ASP DA 260 -35.30 79.74 31.58
CA ASP DA 260 -34.39 78.86 32.32
C ASP DA 260 -33.34 79.61 33.14
N TYR DA 261 -32.66 80.60 32.55
CA TYR DA 261 -31.50 81.21 33.20
C TYR DA 261 -31.70 82.68 33.55
N ILE DA 262 -32.93 83.09 33.87
CA ILE DA 262 -33.18 84.48 34.25
C ILE DA 262 -33.41 84.51 35.76
N GLY DA 263 -32.51 85.20 36.47
CA GLY DA 263 -32.67 85.43 37.90
C GLY DA 263 -32.55 84.19 38.75
N LYS DA 264 -32.14 83.08 38.15
CA LYS DA 264 -32.06 81.80 38.85
C LYS DA 264 -30.70 81.13 38.78
N VAL DA 265 -29.70 81.78 38.18
CA VAL DA 265 -28.36 81.23 38.10
C VAL DA 265 -27.37 82.31 38.50
N THR DA 266 -26.36 81.92 39.27
CA THR DA 266 -25.33 82.86 39.70
C THR DA 266 -24.49 83.32 38.51
N ASN DA 267 -24.22 84.62 38.47
CA ASN DA 267 -23.42 85.20 37.40
C ASN DA 267 -21.96 84.88 37.65
N SER DA 268 -21.46 83.81 37.05
CA SER DA 268 -20.09 83.36 37.27
C SER DA 268 -19.56 82.71 36.00
N TYR DA 269 -18.27 82.37 36.03
CA TYR DA 269 -17.64 81.79 34.84
C TYR DA 269 -18.28 80.47 34.46
N ASP DA 270 -18.47 79.57 35.43
CA ASP DA 270 -18.96 78.24 35.12
C ASP DA 270 -20.40 78.28 34.60
N ASN DA 271 -21.21 79.19 35.14
CA ASN DA 271 -22.56 79.35 34.62
C ASN DA 271 -22.53 79.85 33.18
N LYS DA 272 -21.60 80.74 32.87
CA LYS DA 272 -21.45 81.21 31.49
C LYS DA 272 -21.03 80.07 30.57
N CYS DA 273 -20.13 79.21 31.05
CA CYS DA 273 -19.74 78.04 30.25
C CYS DA 273 -20.92 77.12 30.02
N LEU DA 274 -21.76 76.95 31.04
CA LEU DA 274 -22.95 76.12 30.87
C LEU DA 274 -23.92 76.73 29.85
N LEU DA 275 -24.06 78.06 29.88
CA LEU DA 275 -24.86 78.73 28.86
C LEU DA 275 -24.30 78.49 27.46
N ILE DA 276 -22.98 78.59 27.32
CA ILE DA 276 -22.36 78.34 26.02
C ILE DA 276 -22.64 76.92 25.56
N VAL DA 277 -22.51 75.95 26.48
CA VAL DA 277 -22.74 74.56 26.13
C VAL DA 277 -24.19 74.34 25.69
N ALA DA 278 -25.14 74.92 26.43
CA ALA DA 278 -26.55 74.75 26.08
C ALA DA 278 -26.86 75.39 24.73
N ILE DA 279 -26.31 76.57 24.47
CA ILE DA 279 -26.54 77.25 23.20
C ILE DA 279 -25.97 76.42 22.06
N LYS DA 280 -24.76 75.91 22.23
CA LYS DA 280 -24.14 75.08 21.20
C LYS DA 280 -24.96 73.81 20.96
N SER DA 281 -25.47 73.20 22.03
CA SER DA 281 -26.29 72.00 21.87
C SER DA 281 -27.55 72.30 21.08
N TYR DA 282 -28.21 73.42 21.37
CA TYR DA 282 -29.39 73.80 20.59
C TYR DA 282 -29.02 74.04 19.14
N LEU DA 283 -27.86 74.67 18.90
CA LEU DA 283 -27.43 74.91 17.53
C LEU DA 283 -27.17 73.61 16.78
N GLU DA 284 -26.55 72.63 17.44
CA GLU DA 284 -26.36 71.33 16.80
C GLU DA 284 -27.70 70.66 16.52
N GLU DA 285 -28.65 70.76 17.45
CA GLU DA 285 -29.96 70.19 17.22
C GLU DA 285 -30.63 70.80 16.01
N LEU DA 286 -30.56 72.13 15.88
CA LEU DA 286 -31.12 72.78 14.70
C LEU DA 286 -30.37 72.38 13.43
N GLU DA 287 -29.05 72.22 13.52
CA GLU DA 287 -28.27 71.79 12.37
C GLU DA 287 -28.68 70.42 11.88
N LYS DA 288 -29.01 69.51 12.82
CA LYS DA 288 -29.43 68.17 12.44
C LYS DA 288 -30.62 68.20 11.49
N SER DA 289 -31.47 69.22 11.60
CA SER DA 289 -32.58 69.38 10.67
C SER DA 289 -32.15 69.91 9.31
N ALA DA 290 -30.84 70.03 9.06
CA ALA DA 290 -30.28 70.53 7.82
C ALA DA 290 -30.75 71.94 7.49
N LEU DA 291 -30.88 72.80 8.50
CA LEU DA 291 -31.35 74.16 8.28
C LEU DA 291 -30.20 75.16 8.26
N ILE DA 292 -29.14 74.90 9.02
CA ILE DA 292 -27.96 75.76 9.01
C ILE DA 292 -26.73 74.88 8.80
N GLU DA 293 -25.59 75.50 8.49
CA GLU DA 293 -24.38 74.75 8.26
C GLU DA 293 -23.92 74.08 9.55
N SER DA 294 -23.21 72.95 9.39
CA SER DA 294 -22.88 72.11 10.54
C SER DA 294 -22.01 72.85 11.55
N ASP DA 295 -20.93 73.47 11.09
CA ASP DA 295 -19.90 74.01 11.98
C ASP DA 295 -20.31 75.40 12.46
N SER DA 296 -20.62 75.52 13.75
CA SER DA 296 -20.94 76.80 14.37
C SER DA 296 -20.17 76.90 15.69
N THR DA 297 -19.72 78.11 16.01
CA THR DA 297 -18.93 78.34 17.21
C THR DA 297 -19.60 79.42 18.06
N VAL DA 298 -19.73 79.16 19.35
CA VAL DA 298 -20.26 80.11 20.31
C VAL DA 298 -19.19 80.34 21.38
N GLU DA 299 -18.79 81.60 21.55
CA GLU DA 299 -17.77 81.95 22.53
C GLU DA 299 -18.15 83.25 23.19
N ILE DA 300 -17.62 83.46 24.40
CA ILE DA 300 -17.92 84.67 25.14
C ILE DA 300 -17.30 85.87 24.44
N ASP DA 301 -18.12 86.88 24.18
CA ASP DA 301 -17.66 88.09 23.51
C ASP DA 301 -16.69 88.83 24.42
N PHE DA 302 -15.53 89.22 23.88
CA PHE DA 302 -14.51 89.84 24.70
C PHE DA 302 -14.47 91.36 24.54
N GLU DA 303 -14.75 91.88 23.35
CA GLU DA 303 -14.60 93.32 23.14
C GLU DA 303 -15.62 94.11 23.95
N ALA DA 304 -16.87 93.65 23.97
CA ALA DA 304 -17.89 94.33 24.76
C ALA DA 304 -17.58 94.25 26.24
N GLN DA 305 -17.08 93.11 26.72
CA GLN DA 305 -16.70 92.98 28.12
C GLN DA 305 -15.54 93.90 28.46
N LYS DA 306 -14.55 94.02 27.57
CA LYS DA 306 -13.45 94.95 27.80
C LYS DA 306 -13.94 96.38 27.85
N SER DA 307 -14.85 96.74 26.96
CA SER DA 307 -15.41 98.10 26.98
C SER DA 307 -16.16 98.35 28.27
N TYR DA 308 -16.91 97.36 28.75
CA TYR DA 308 -17.62 97.51 30.02
C TYR DA 308 -16.63 97.70 31.16
N LEU DA 309 -15.57 96.89 31.18
CA LEU DA 309 -14.58 97.01 32.26
C LEU DA 309 -13.91 98.37 32.25
N LYS DA 310 -13.57 98.88 31.06
CA LYS DA 310 -13.00 100.21 30.97
C LYS DA 310 -14.02 101.27 31.39
N SER DA 311 -15.31 101.00 31.16
CA SER DA 311 -16.34 101.99 31.45
C SER DA 311 -16.44 102.28 32.94
N LYS DA 312 -16.22 101.28 33.78
CA LYS DA 312 -16.27 101.47 35.23
C LYS DA 312 -14.97 102.02 35.79
N GLY DA 313 -13.96 102.23 34.96
CA GLY DA 313 -12.71 102.82 35.41
C GLY DA 313 -11.69 101.83 35.95
N VAL DA 314 -11.86 100.53 35.69
CA VAL DA 314 -10.91 99.56 36.19
C VAL DA 314 -9.60 99.67 35.44
N ASP DA 315 -8.51 99.24 36.09
CA ASP DA 315 -7.20 99.21 35.46
C ASP DA 315 -6.91 97.78 35.03
N LEU DA 316 -7.12 97.51 33.74
CA LEU DA 316 -6.95 96.18 33.18
C LEU DA 316 -5.74 96.10 32.25
N SER DA 317 -4.78 97.02 32.38
CA SER DA 317 -3.59 96.98 31.54
C SER DA 317 -2.77 95.72 31.80
N TYR DA 318 -2.50 95.43 33.07
CA TYR DA 318 -1.72 94.23 33.40
C TYR DA 318 -2.58 92.98 33.29
N MET DA 319 -3.90 93.12 33.36
CA MET DA 319 -4.78 91.97 33.39
C MET DA 319 -4.72 91.22 32.07
N THR DA 320 -4.48 89.91 32.14
CA THR DA 320 -4.30 89.09 30.96
C THR DA 320 -5.66 88.70 30.37
N LEU DA 321 -5.60 88.18 29.13
CA LEU DA 321 -6.81 87.90 28.36
C LEU DA 321 -7.83 87.09 29.15
N GLN DA 322 -7.46 85.87 29.56
CA GLN DA 322 -8.43 85.01 30.25
C GLN DA 322 -8.82 85.59 31.59
N GLU DA 323 -7.94 86.36 32.21
CA GLU DA 323 -8.32 87.08 33.43
C GLU DA 323 -9.42 88.09 33.13
N ILE DA 324 -9.31 88.82 32.02
CA ILE DA 324 -10.36 89.76 31.64
C ILE DA 324 -11.67 89.01 31.38
N LYS DA 325 -11.59 87.82 30.77
CA LYS DA 325 -12.80 87.02 30.60
C LYS DA 325 -13.37 86.59 31.94
N GLU DA 326 -12.50 86.37 32.94
CA GLU DA 326 -12.96 85.84 34.22
C GLU DA 326 -13.58 86.92 35.10
N ALA DA 327 -13.33 88.18 34.79
CA ALA DA 327 -13.78 89.26 35.65
C ALA DA 327 -15.29 89.28 35.78
N ASN DA 328 -15.77 89.60 36.98
CA ASN DA 328 -17.20 89.67 37.23
C ASN DA 328 -17.82 90.81 36.42
N THR DA 329 -19.03 90.58 35.91
CA THR DA 329 -19.70 91.53 35.04
C THR DA 329 -21.01 92.06 35.61
N GLY DA 330 -21.30 91.78 36.88
CA GLY DA 330 -22.48 92.36 37.51
C GLY DA 330 -23.80 91.93 36.90
N SER DA 331 -24.02 90.63 36.74
CA SER DA 331 -25.28 90.04 36.29
C SER DA 331 -25.55 90.33 34.81
N LYS DA 332 -24.57 90.89 34.11
CA LYS DA 332 -24.72 91.08 32.67
C LYS DA 332 -23.78 90.14 31.92
N VAL DA 333 -24.27 89.53 30.85
CA VAL DA 333 -23.54 88.52 30.10
C VAL DA 333 -23.46 88.96 28.64
N PHE DA 334 -22.31 88.73 28.02
CA PHE DA 334 -22.07 89.11 26.64
C PHE DA 334 -21.65 87.90 25.83
N LEU DA 335 -22.40 87.61 24.77
CA LEU DA 335 -22.09 86.49 23.88
C LEU DA 335 -22.17 86.98 22.45
N LYS DA 336 -21.40 86.33 21.58
CA LYS DA 336 -21.47 86.56 20.15
C LYS DA 336 -21.04 85.29 19.42
N ALA DA 337 -21.79 84.91 18.39
CA ALA DA 337 -21.53 83.69 17.64
C ALA DA 337 -21.79 83.94 16.16
N LYS DA 338 -21.15 83.14 15.32
CA LYS DA 338 -21.31 83.23 13.87
C LYS DA 338 -21.76 81.88 13.32
N ILE DA 339 -22.79 81.90 12.49
CA ILE DA 339 -23.35 80.70 11.88
C ILE DA 339 -23.53 80.96 10.39
N LYS DA 340 -23.68 79.87 9.64
CA LYS DA 340 -23.92 79.92 8.21
C LYS DA 340 -25.26 79.26 7.91
N VAL DA 341 -26.12 79.97 7.19
CA VAL DA 341 -27.49 79.53 6.93
C VAL DA 341 -27.57 78.99 5.52
N LEU DA 342 -28.15 77.81 5.37
CA LEU DA 342 -28.30 77.20 4.06
C LEU DA 342 -29.51 77.78 3.33
N ASP DA 343 -29.58 77.53 2.03
CA ASP DA 343 -30.68 77.96 1.19
C ASP DA 343 -31.00 76.87 0.18
N ALA DA 344 -32.22 76.88 -0.33
CA ALA DA 344 -32.62 75.89 -1.32
C ALA DA 344 -31.97 76.20 -2.67
N MET DA 345 -31.81 75.15 -3.50
CA MET DA 345 -31.28 75.35 -4.83
C MET DA 345 -32.25 76.19 -5.67
N GLU DA 346 -31.74 77.28 -6.23
CA GLU DA 346 -32.57 78.20 -6.98
C GLU DA 346 -32.05 78.50 -8.38
N ASP DA 347 -30.74 78.55 -8.58
CA ASP DA 347 -30.16 78.80 -9.89
C ASP DA 347 -29.14 77.71 -10.18
N ILE DA 348 -29.28 77.06 -11.33
CA ILE DA 348 -28.44 75.93 -11.71
C ILE DA 348 -27.78 76.24 -13.04
N ASP DA 349 -26.45 76.11 -13.08
CA ASP DA 349 -25.66 76.34 -14.27
C ASP DA 349 -24.96 75.04 -14.65
N LEU DA 350 -25.29 74.52 -15.83
CA LEU DA 350 -24.74 73.27 -16.32
C LEU DA 350 -24.01 73.52 -17.62
N SER DA 351 -22.76 73.05 -17.70
CA SER DA 351 -21.94 73.18 -18.89
C SER DA 351 -21.67 71.79 -19.45
N ILE DA 352 -22.19 71.51 -20.64
CA ILE DA 352 -22.02 70.23 -21.31
C ILE DA 352 -21.09 70.44 -22.50
N GLU DA 353 -19.99 69.69 -22.54
CA GLU DA 353 -19.07 69.74 -23.67
C GLU DA 353 -19.13 68.39 -24.37
N ILE DA 354 -19.25 68.43 -25.70
CA ILE DA 354 -19.44 67.22 -26.48
C ILE DA 354 -18.11 66.47 -26.64
#